data_3K1Q
#
_entry.id   3K1Q
#
_cell.length_a   1.000
_cell.length_b   1.000
_cell.length_c   1.000
_cell.angle_alpha   90.00
_cell.angle_beta   90.00
_cell.angle_gamma   90.00
#
_symmetry.space_group_name_H-M   'P 1'
#
loop_
_entity.id
_entity.type
_entity.pdbx_description
1 polymer VP1
2 polymer VP3A
3 polymer VP3B
4 polymer 'Core protein VP6'
5 polymer 'Outer capsid VP7'
6 polymer 'Outer capsid VP5'
#
loop_
_entity_poly.entity_id
_entity_poly.type
_entity_poly.pdbx_seq_one_letter_code
_entity_poly.pdbx_strand_id
1 'polypeptide(L)'
;MAAVFGIQLVPKLNTSTTRRTFLPLRFDLLLDRLQSTNLHGVLYRALDFNPVDRSATVIQTYPPLNAWSPHHAFIENPLD
YRDWTEFIHDRALAFVGVLTQRYPLTQNAQRYTNPLVLGAAFGDFLNARSIDIFLDRLFYDPTQDSPITAITKFPYQWTI
DSNVTTDSVRTSAGCKYITLYGYDPSRPSTPATYGKHRPTYATVFYYSTLPARSRLLANLAAGPTVLEHFDSPTYGPHLL
LPQTGDVLGYSSSLISQAALLMVESVMDALRDNANASASTAVTRLDQSYHPVTSFDPSTFNTLLQRATNLALLAVQGVQS
ESAIPAIPTMSDVRSFVARLMAEGDPQQWFPYRVDQILYWPESPFVPPIGPFYAPFRPVNFPFTTGSYTVVPDASRPLRL
LPQYRNATITVQQADDAYEDTALSPLITTHGFCVTGGVFTSIYDISGDPTAYPPAQLVDAPNDYFDRERMARRDLFRRLR
APADRSAIKDRAVFDFLASLVNPTTANPVLDTSFSMAYLGASSAHANADEPVILADIRSGSIPGLPIPRRIVQFGYDVVH
GSLLDLSRAVPTGTFGLVYADLDQVEDAGTDMPAANRAAIAMLGTALQMTTAGGVSVLKVNFPTRAFWTQVFNLYATHAT
TLHLVKPTIVNSSEVFLVFGGRQSNGALRSTTALQRALLSLYARNAAIDRAVTHIPFFGVPDDGTSDLGIDAVRLFDPMF
SDAVANLPSNALASLVSRVVPSSIMFTRVPSNGPVSTTIYGKRTFLSNRRRARLRDVPMLITTTLVHQRRFTTPPTFTLF
SSEAVPVTTLVAAGYNSFISEQTRNPNLAHLLDLGTGPECRILSLIPPTLQVTMSDSRPCAELMASFDPALTAYVQGDYS
TAAFWNGIRCDSATAIFTIGAAAAAAGTDLIAFVQQLIPRIVAAGGTRMWLQLNTPLYEVSSLPDLIEIDLRDHVYRFNG
GERVEPYADPVPLQQAIAALLPAAALSWHTLSPTCDWLPYIIGVGSPLNLSDINTAISYSRLTPILHIDTTTPPLRVNPV
PTPLNQQCAIRITSLDPAAVLSVQHNGVEVIGGTPGNVISVAGAAALQYILANQEFLLQFTPTLPGIFDVFLTTLGQPPV
PRGSFTITPPPTTVALNMPPPRQLDFTDVGNDARITCDPYYQLAVCIFKDGQYVRVNPEKASVVTNAPNRDLHFVLDLAD
NHVLLYLCDVTPSGLGDRIAFPIVDIYRIAFPRNTPVRASLPYTGGGAHLTSGGNPFMSLTTPPAVLPAGVALAALSTSV
ATQYPTYTLPAGVYEYVIE
;
A
2 'polypeptide(L)'
;ANGPELIIEDTGLCTSFMLLDNIPSAHLTKELIGFTWFMQMYQMTPPLPEGAVNRIVCMTNWASLGDEGRGLEVRLPPPT
DSSVHAYKTVLSRGYIDNAQFNPLALRSNVLLMLLQFTLSNLKINKSSTFTSDVTTITSGRMIRAFEGRPELLALAYPGR
AVLPTQTKNAQFLSTAIADRIGRLDRANLIGGEVSAMVECMELCDALTLHIRETYIMLLRSMHQDPTQIVQIVNECANNL
LNSTIPISLRPTILCPWFASSEDLRLQEVMHLVNISSNTAAALPLVEALSTLLRSVTPLVLDPTVLTNAITTISESTTQT
ISPISEILRLLQPMGNDYAAFWKCIASWAYNGLVTTVLSEDAFPDSSQSITHLPSMWKCLFLTLAGPMTSDPHSPVKVFM
ALANLLAQPEPIAIGVPGMHQTTPASQFSHPGVWPPGFLNPQLINPQQAPLLRAFAEHIRANWPQPSEFGYGSTLQGSAN
LFIPSNRMVYPWPNQPLPRLTVAPTYDSAMSNWISTTIAFFIRVVNSVNMTATVNDLTRRTMTGVMTAMRQVKTMTPFYI
QHMCPTELSVLASVTVTPPFQVPFTRLVQNDVITNVLVARVDPAQRGDAAVDIRATHATFAAALPVDPAAIVVAMLCGQT
ETNLIPSHHYGKAFAPLFASNAMFTRNQRAVITREAFVCARSAVAQCQDAGFLVPRPLDALRQFDVTSAAAAEIMHAVND
AFKTAFDLDGALLDGLALYGDPRIADLSAAYLQYGGNVVREHVPPGPSHIHRALQQVESTFMAEMNLFNVARGNLYLVQT
ATNGNWSPMAPVAAPPFVRGGPNVRVVGRFGTIVPRPNGLEPQLIDDGNVPRDIAGDWVYPSDVLQVSVAVFRDYVWPMV
KAGRTRVLVELGHYVYTLHYYDPQISLDEAPILEEWLSKINPAGIPPVPFCIPIPQVYPCITARRVHYAFTSENNNDSLF
STNAASIDTAFGENAAVSPLRWPGLVDPNYRVGTNDLPNRITLYNSLYRYNFTYPTLDGIMYVRSAT
;
B
3 'polypeptide(L)'
;TNVVPAKDAPTTNSPPSTTSPNQAAADANQQQAGIVSSQSGPNAVGDSAPSSSVNNDGDIITRPTSDSIAAVANATKPAA
VVSDPQSMKVTPIVNPSSYVCNVCNARFSTMSALSEHLRSDHRDDASTLLATPMINNAIRSFLTAWDDIRILSPDVSSKS
LSAYLDSAVANGPELIIEDTGLCTSFMLLDNIPSAHLTKELIGFTWFMQMYQMTPPLPEGAVNRIVCMTNWASLGDEGRG
LEVRLPPPTDSSVHAYKTVLSRGYIDNAQFNPLALRSNVLLMLLQFTLSNLKINKSSTFTSDVTTITSGRMIRAFEGRPE
LLALAYPGRAVLPTQTKNAQFLSTAIADRIGRLDRANLIGGEVSAMVECMELCDALTLHIRETYIMLLRSMHQDPTQIVQ
IVNECANNLLNSTIPISLRPTILCPWFASSEDLRLQQVMHLVNISSNTAAALPLVEALSTLLRSVTPLVLDPTVLTNAIT
TISESTTQTISPISEILRLLQPMGNDYAAFWKCIASWAYNGLVTTVLSEDAFPDSSQSITHLPSMWKCLFLTLAGPMTSD
PHSPVKVFMALANLLAQPEPIAIGVPGMHQTTPASQFSHPGVWPPGFLNPQLINPQQAPLLRAFAEHIRANWPQPSEFGY
GSTLQGSANLFIPSNRMVYPWPNQPLPRLTVAPTYDSAMSNWISTTIAFFIRVVNSVNMTATVNDLTRRTMTGVMTAMRQ
VKTMTPFYIQHMCPTELSVLASVTVTPPFQVPFTRLVQNDVITNVLVARVDPAQRGDAAVDIRATHATFAAALPVDPAAI
VVAMLCGQTETNLIPSHHYGKAFAPLFASNAMFTRNQRAVITREAFVCARSAVAQCQDAGFLVPRPLDALRQFDVTSAAA
AEIMHAVNDAFKTAFDLDGALLDGLALYGDPRIADLSAAYLQYGGNVVREHVPPGPSHIHRALQQVESTFMAEMNLFNVA
RGNLYLVQTATNGNWSPMAPVAAPPFVRGGPNVRVVGRFGTIVPRPNGLEPQLIDDGNVPRDIAGDWVYPSDVLQVSVAV
FRDYVWPMVKAGRTRVLVELGHYVYTLHYYDPQISLDEAPILEEWLSKINPAGIPPVPFCIPIPQVYPCITARRVHYAFT
SENNNDSLFSTNAASIDTAFGENAAVSPLRWPGLVDPNYRVGTNDLPNRITLYNSLYRYNFTYPTLDGIMYVRSAT
;
C
4 'polypeptide(L)'
;MAQRQFFGLTYNFYGQPAPLFDLNDLQELAGCYARPWTSRFSHLAISTGSLPVWSARYPSVASRNIVVNTLLGAHLNPFA
GGQITSHQGITWRDPVLSSLAPVPAIQPPPVWAVAENVLLDSNNYPTYVLNLSSMWPINQDVHIMTMWALSDQGPIYHLE
VPVDPMPAATTAALMAYTGVPIAHLAQTAYRFAGQLPQSPDSTMVSTIRWLSAIWFGSLTGRLNRSRTCNGFYFEFAKPA
LNPDQAVLKWNDGARAAPPAAAQSSYIRCISPHWQHQIVEVAGALMSQSVTAVTGLPALIDEATLPAWSQGVANLTGNGQ
GVVPCLDYNPVPMAAARHLQWRQDGLITAAQEAQLNNDYTAYALTIERHLTAMLVANPIAAGRMPIQPFNAADFGQAGQT
AAAVALAQAMFV
;
D,E
5 'polypeptide(L)'
;MPLHMIPQVAHAMVRAAAAGRLTLYTRTRTETTNFDHAEYVTCGRYTICAFCLTTLAPHANVKTIQDSHACSRQPNEAIR
SLVEVSDKAQTALVGSRTVDYHELDVKAGFVAPTADETIAPSKDIVELPFRTCDLDDSSATACVRNHCQAGHDGVIHLPI
LSGDFKLPNEHPTKPLDDTHPHDKVLTRCPKTGLLLVHDTHAHATAVVATAATRAILMHDLLTSANADDGHQARSACYGP
AFNNLTFACHSTCASDMAHFDCGQIVGLDLHVEPSD
;
F,G,H,L,M,N,R,S,T,Y
6 'polypeptide(L)'
;TYNITGDGNSFTPTSDMTSTAAPAIDLKPGVLNPTGKLWRPVGTSVATIDSLAIVSDRFGQYSFVNEGMRETFSKALFDI
NMWQPLFQATKTGCGPIVLSSFTTTTSGYVGATAGDALDNPVTNGVFISTVQIMNLQRTIAARMRDVALWQKHLDTAMTM
LTPDISAGSASCNWKSLLAFAKDILPLDNLCLTYPNEFYNVAIHRYPALKPGNPDTKLPDAQAHPLGEVAGAFNAATSEV
GSLVGSSSTLSQAISTMAGKDLDLIEADTPLPVSVFTPSLAPRSYRPAFIKPEDAKWIAEFNNSSLIRKTLTYSGATYTV
QLGPGPTRVIDMNAMIDSVLTLDVSGTILPYDTNPDLSTSVPAFVLIQTSVPIQQVTTAANITAITVVSAAGASAINLAI
NVRGQPRFNMLHLQATFERETITGIPYIYGLGTFLIPSPTSSSNFSNPTLMDGLLTVTPVLLRETTYKGEVVDAIVPATV
MANQTSEEVASALANDAIVLVSNHLNKLANVVGDAIPVASRTDDSATSAIVSRLAVQHKLSQVGQASPTPPDYPLLWRRA
KRAASMFVSNPSLALQVGIPVLTQSGMLSALTSGVGTALRTGSLGKGVTDASEKLRARQSLTVAKQAFFDQIGSLWPGK
;
I,J,K,O,P,Q,U,V,W,X
#
# COMPACT_ATOMS: atom_id res chain seq x y z
N MET A 1 -6.85 15.87 64.79
CA MET A 1 -7.06 17.06 65.63
C MET A 1 -7.82 16.79 66.92
N ALA A 2 -8.48 17.86 67.37
CA ALA A 2 -9.37 18.01 68.50
C ALA A 2 -8.85 17.49 69.82
N ALA A 3 -9.16 16.23 70.16
CA ALA A 3 -8.82 15.71 71.47
C ALA A 3 -7.44 15.08 71.48
N VAL A 4 -6.46 15.96 71.71
CA VAL A 4 -5.04 15.65 71.69
C VAL A 4 -4.53 15.52 73.12
N PHE A 5 -4.59 14.25 73.54
CA PHE A 5 -4.44 13.99 74.96
C PHE A 5 -5.41 14.78 75.82
N GLY A 6 -4.93 15.67 76.70
CA GLY A 6 -5.78 16.56 77.45
C GLY A 6 -5.72 18.03 77.02
N ILE A 7 -5.53 18.16 75.71
CA ILE A 7 -5.47 19.42 74.98
C ILE A 7 -6.46 19.48 73.82
N GLN A 8 -7.56 20.11 74.22
CA GLN A 8 -8.66 20.38 73.30
C GLN A 8 -8.34 21.49 72.32
N LEU A 9 -8.18 21.08 71.06
CA LEU A 9 -7.95 22.00 69.97
C LEU A 9 -9.31 22.49 69.47
N VAL A 10 -9.19 23.41 68.51
CA VAL A 10 -10.30 24.05 67.85
C VAL A 10 -10.83 23.41 66.57
N PRO A 11 -12.11 23.61 66.20
CA PRO A 11 -12.55 23.15 64.90
C PRO A 11 -11.96 23.71 63.62
N LYS A 12 -11.14 24.73 63.88
CA LYS A 12 -10.59 25.53 62.80
C LYS A 12 -9.07 25.56 62.68
N LEU A 13 -8.56 25.16 61.51
CA LEU A 13 -7.16 25.41 61.23
C LEU A 13 -6.82 26.76 60.61
N ASN A 14 -5.62 27.21 60.97
CA ASN A 14 -5.19 28.52 60.51
C ASN A 14 -3.68 28.51 60.39
N THR A 15 -3.27 29.10 59.26
CA THR A 15 -1.88 29.25 58.88
C THR A 15 -1.58 30.69 58.50
N SER A 16 -0.27 30.97 58.51
CA SER A 16 0.39 32.13 57.93
C SER A 16 1.15 31.85 56.65
N THR A 17 1.05 32.72 55.65
CA THR A 17 1.66 32.47 54.36
C THR A 17 3.03 33.03 53.96
N THR A 18 3.31 34.27 54.35
CA THR A 18 4.54 34.98 54.07
C THR A 18 5.63 34.94 55.15
N ARG A 19 6.82 34.49 54.77
CA ARG A 19 7.94 34.72 55.65
C ARG A 19 9.11 35.49 55.04
N ARG A 20 9.63 36.29 55.98
CA ARG A 20 10.83 37.06 55.77
C ARG A 20 12.16 36.36 55.52
N THR A 21 13.07 37.05 54.83
CA THR A 21 14.41 36.60 54.52
C THR A 21 15.43 37.08 55.54
N PHE A 22 16.39 36.21 55.83
CA PHE A 22 17.51 36.52 56.71
C PHE A 22 18.63 37.41 56.20
N LEU A 23 18.30 38.64 56.60
CA LEU A 23 19.19 39.74 56.31
C LEU A 23 20.52 39.87 57.04
N PRO A 24 21.62 40.13 56.31
CA PRO A 24 22.96 40.16 56.87
C PRO A 24 23.22 41.23 57.92
N LEU A 25 24.33 40.97 58.61
CA LEU A 25 24.87 41.71 59.74
C LEU A 25 25.82 42.76 59.17
N ARG A 26 25.25 43.95 58.92
CA ARG A 26 25.99 45.16 58.65
C ARG A 26 26.85 45.65 59.81
N PHE A 27 28.13 45.88 59.52
CA PHE A 27 29.07 46.45 60.47
C PHE A 27 28.73 47.78 61.13
N ASP A 28 28.24 48.67 60.27
CA ASP A 28 27.55 49.88 60.68
C ASP A 28 26.46 49.72 61.73
N LEU A 29 25.65 48.72 61.38
CA LEU A 29 24.46 48.47 62.17
C LEU A 29 24.78 47.98 63.58
N LEU A 30 25.73 47.05 63.71
CA LEU A 30 26.27 46.70 65.01
C LEU A 30 26.93 47.83 65.78
N LEU A 31 27.76 48.62 65.09
CA LEU A 31 28.33 49.80 65.70
C LEU A 31 27.25 50.69 66.31
N ASP A 32 26.19 50.92 65.54
CA ASP A 32 24.99 51.55 66.05
C ASP A 32 24.25 50.94 67.23
N ARG A 33 24.06 49.62 67.11
CA ARG A 33 23.59 48.89 68.26
C ARG A 33 24.39 48.83 69.56
N LEU A 34 25.71 48.68 69.40
CA LEU A 34 26.67 48.85 70.47
C LEU A 34 26.76 50.20 71.15
N GLN A 35 26.35 51.21 70.37
CA GLN A 35 26.20 52.56 70.86
C GLN A 35 24.98 52.85 71.73
N SER A 36 24.06 51.89 71.81
CA SER A 36 22.90 52.12 72.65
C SER A 36 23.17 52.42 74.11
N THR A 37 22.63 53.60 74.42
CA THR A 37 22.54 54.16 75.75
C THR A 37 21.36 53.65 76.59
N ASN A 38 20.15 53.74 76.06
CA ASN A 38 18.92 53.27 76.69
C ASN A 38 18.53 51.81 76.56
N LEU A 39 19.55 50.99 76.29
CA LEU A 39 19.51 49.55 76.13
C LEU A 39 18.34 48.66 76.53
N HIS A 40 17.74 48.92 77.70
CA HIS A 40 16.51 48.29 78.12
C HIS A 40 15.55 47.62 77.15
N GLY A 41 15.38 48.26 75.98
CA GLY A 41 14.51 47.81 74.92
C GLY A 41 15.17 47.74 73.55
N VAL A 42 16.45 47.38 73.64
CA VAL A 42 17.23 47.21 72.43
C VAL A 42 17.83 45.84 72.16
N LEU A 43 19.01 45.58 72.72
CA LEU A 43 19.68 44.30 72.57
C LEU A 43 19.26 43.13 73.45
N TYR A 44 17.95 43.06 73.69
CA TYR A 44 17.32 42.22 74.68
C TYR A 44 15.85 42.53 74.99
N ARG A 45 15.16 41.55 75.56
CA ARG A 45 13.86 41.97 76.05
C ARG A 45 13.78 41.93 77.57
N ALA A 46 14.07 43.10 78.10
CA ALA A 46 14.11 43.29 79.54
C ALA A 46 12.97 43.62 80.49
N LEU A 47 12.74 42.68 81.41
CA LEU A 47 11.71 42.91 82.39
C LEU A 47 11.97 43.53 83.76
N ASP A 48 11.34 44.68 83.96
CA ASP A 48 11.40 45.54 85.13
C ASP A 48 10.03 45.86 85.71
N PHE A 49 9.95 46.02 87.03
CA PHE A 49 8.83 46.51 87.79
C PHE A 49 9.11 47.92 88.29
N ASN A 50 8.92 48.78 87.29
CA ASN A 50 9.05 50.21 87.42
C ASN A 50 8.40 50.99 88.54
N PRO A 51 7.15 50.73 88.91
CA PRO A 51 6.58 51.45 90.03
C PRO A 51 7.31 51.72 91.33
N VAL A 52 7.98 50.68 91.84
CA VAL A 52 8.78 50.81 93.04
C VAL A 52 10.29 50.81 92.80
N ASP A 53 10.62 51.35 91.61
CA ASP A 53 12.01 51.44 91.21
C ASP A 53 12.90 50.21 91.20
N ARG A 54 12.17 49.11 90.96
CA ARG A 54 12.65 47.75 91.00
C ARG A 54 12.57 46.92 89.72
N SER A 55 13.48 45.95 89.71
CA SER A 55 13.66 44.93 88.69
C SER A 55 12.51 43.94 88.66
N ALA A 56 12.28 43.46 87.44
CA ALA A 56 11.51 42.24 87.35
C ALA A 56 12.29 40.94 87.29
N THR A 57 12.27 40.21 86.17
CA THR A 57 12.66 38.81 86.12
C THR A 57 13.81 38.46 85.19
N VAL A 58 13.66 38.90 83.94
CA VAL A 58 14.44 38.33 82.86
C VAL A 58 14.87 39.23 81.70
N ILE A 59 16.19 39.25 81.56
CA ILE A 59 16.77 39.95 80.43
C ILE A 59 16.96 38.88 79.36
N GLN A 60 16.06 38.97 78.38
CA GLN A 60 16.21 38.05 77.27
C GLN A 60 17.11 38.50 76.14
N THR A 61 18.40 38.20 76.39
CA THR A 61 19.48 38.53 75.48
C THR A 61 19.42 38.19 73.99
N TYR A 62 19.85 39.11 73.13
CA TYR A 62 19.72 38.91 71.69
C TYR A 62 21.12 38.84 71.09
N PRO A 63 21.16 38.93 69.76
CA PRO A 63 22.47 39.10 69.17
C PRO A 63 22.75 40.53 68.70
N PRO A 64 23.82 41.07 69.28
CA PRO A 64 24.72 40.46 70.23
C PRO A 64 24.19 40.27 71.64
N LEU A 65 25.01 39.61 72.46
CA LEU A 65 24.80 39.13 73.81
C LEU A 65 24.54 37.65 74.02
N ASN A 66 23.98 37.09 72.95
CA ASN A 66 23.88 35.64 72.81
C ASN A 66 24.98 34.63 73.07
N ALA A 67 26.18 35.09 73.43
CA ALA A 67 27.31 34.29 73.85
C ALA A 67 27.72 34.35 75.32
N TRP A 68 26.69 34.55 76.13
CA TRP A 68 26.67 34.48 77.58
C TRP A 68 26.16 33.15 78.13
N SER A 69 26.94 32.56 79.05
CA SER A 69 26.88 31.19 79.51
C SER A 69 28.09 30.53 80.15
N PRO A 70 29.29 30.73 79.60
CA PRO A 70 30.46 29.96 79.95
C PRO A 70 30.72 29.80 81.44
N HIS A 71 30.70 30.97 82.07
CA HIS A 71 30.69 31.11 83.52
C HIS A 71 29.69 32.05 84.17
N HIS A 72 28.53 32.23 83.55
CA HIS A 72 27.54 33.18 84.04
C HIS A 72 27.33 33.31 85.54
N ALA A 73 27.40 32.19 86.26
CA ALA A 73 27.12 32.17 87.68
C ALA A 73 28.19 32.76 88.58
N PHE A 74 29.40 32.56 88.06
CA PHE A 74 30.58 33.23 88.58
C PHE A 74 30.46 34.73 88.77
N ILE A 75 29.82 35.37 87.79
CA ILE A 75 29.58 36.79 87.68
C ILE A 75 28.73 37.47 88.74
N GLU A 76 27.84 36.59 89.25
CA GLU A 76 26.73 37.00 90.07
C GLU A 76 25.80 38.09 89.57
N ASN A 77 24.56 38.07 90.07
CA ASN A 77 23.55 39.02 89.65
C ASN A 77 23.64 40.42 90.23
N PRO A 78 23.44 41.40 89.33
CA PRO A 78 23.41 42.77 89.78
C PRO A 78 22.19 43.19 90.59
N LEU A 79 22.39 44.24 91.40
CA LEU A 79 21.41 44.70 92.35
C LEU A 79 19.98 45.01 91.93
N ASP A 80 19.95 45.35 90.65
CA ASP A 80 18.67 45.60 89.99
C ASP A 80 18.79 45.61 88.48
N TYR A 81 17.66 45.48 87.79
CA TYR A 81 17.60 45.57 86.35
C TYR A 81 18.10 46.86 85.72
N ARG A 82 17.59 47.87 86.43
CA ARG A 82 17.99 49.25 86.19
C ARG A 82 19.48 49.55 86.23
N ASP A 83 20.06 48.93 87.26
CA ASP A 83 21.50 48.82 87.44
C ASP A 83 22.37 48.04 86.48
N TRP A 84 21.79 46.90 86.09
CA TRP A 84 22.33 46.10 85.01
C TRP A 84 22.39 46.70 83.61
N THR A 85 21.41 47.56 83.34
CA THR A 85 21.28 48.47 82.21
C THR A 85 22.59 49.24 82.09
N GLU A 86 22.80 50.12 83.07
CA GLU A 86 24.04 50.85 83.23
C GLU A 86 25.30 50.06 82.89
N PHE A 87 25.55 49.07 83.75
CA PHE A 87 26.73 48.24 83.70
C PHE A 87 27.13 47.74 82.32
N ILE A 88 26.17 47.07 81.66
CA ILE A 88 26.41 46.59 80.31
C ILE A 88 26.42 47.68 79.26
N HIS A 89 25.68 48.78 79.36
CA HIS A 89 25.95 50.00 78.63
C HIS A 89 27.39 50.48 78.52
N ASP A 90 27.89 50.55 79.77
CA ASP A 90 29.24 50.86 80.12
C ASP A 90 30.31 50.04 79.42
N ARG A 91 30.18 48.75 79.73
CA ARG A 91 31.06 47.71 79.25
C ARG A 91 30.99 47.51 77.74
N ALA A 92 29.75 47.59 77.27
CA ALA A 92 29.58 47.57 75.83
C ALA A 92 30.27 48.64 75.00
N LEU A 93 30.14 49.82 75.62
CA LEU A 93 30.78 51.06 75.24
C LEU A 93 32.29 50.98 75.13
N ALA A 94 32.85 50.19 76.04
CA ALA A 94 34.28 49.93 76.06
C ALA A 94 34.78 49.09 74.90
N PHE A 95 33.85 48.18 74.59
CA PHE A 95 34.01 47.17 73.55
C PHE A 95 33.94 47.61 72.10
N VAL A 96 32.97 48.49 71.85
CA VAL A 96 32.82 49.19 70.60
C VAL A 96 34.07 49.91 70.10
N GLY A 97 34.72 50.53 71.07
CA GLY A 97 36.02 51.14 70.93
C GLY A 97 37.13 50.17 70.54
N VAL A 98 37.09 49.01 71.19
CA VAL A 98 38.07 48.00 70.84
C VAL A 98 38.06 47.63 69.36
N LEU A 99 36.81 47.34 68.97
CA LEU A 99 36.53 46.97 67.59
C LEU A 99 36.99 47.93 66.50
N THR A 100 36.71 49.20 66.82
CA THR A 100 37.05 50.38 66.04
C THR A 100 38.54 50.68 65.90
N GLN A 101 39.26 50.52 67.00
CA GLN A 101 40.71 50.53 67.00
C GLN A 101 41.34 49.76 65.86
N ARG A 102 40.93 48.50 65.83
CA ARG A 102 41.25 47.65 64.70
C ARG A 102 40.55 47.89 63.37
N TYR A 103 39.26 48.26 63.37
CA TYR A 103 38.53 48.55 62.14
C TYR A 103 37.90 49.93 62.08
N PRO A 104 38.49 50.83 61.29
CA PRO A 104 37.93 52.10 60.86
C PRO A 104 36.75 52.03 59.92
N LEU A 105 35.62 52.44 60.49
CA LEU A 105 34.48 52.72 59.64
C LEU A 105 34.64 53.23 58.23
N THR A 106 35.32 54.38 58.10
CA THR A 106 35.68 55.05 56.86
C THR A 106 36.08 54.16 55.69
N GLN A 107 36.80 53.16 56.21
CA GLN A 107 37.35 52.05 55.45
C GLN A 107 36.61 50.74 55.22
N ASN A 108 35.87 50.51 56.30
CA ASN A 108 35.02 49.36 56.53
C ASN A 108 33.51 49.36 56.39
N ALA A 109 33.02 50.53 55.98
CA ALA A 109 31.60 50.79 56.00
C ALA A 109 30.63 49.83 55.32
N GLN A 110 31.13 49.18 54.27
CA GLN A 110 30.42 48.08 53.67
C GLN A 110 30.62 46.61 54.05
N ARG A 111 31.76 46.37 54.72
CA ARG A 111 32.04 44.98 55.06
C ARG A 111 31.21 44.26 56.11
N TYR A 112 30.66 43.13 55.67
CA TYR A 112 29.86 42.41 56.63
C TYR A 112 30.56 41.68 57.78
N THR A 113 29.85 41.37 58.86
CA THR A 113 30.39 40.68 60.02
C THR A 113 29.90 39.26 60.21
N ASN A 114 30.81 38.49 60.82
CA ASN A 114 30.53 37.16 61.30
C ASN A 114 29.76 37.15 62.62
N PRO A 115 28.51 36.70 62.66
CA PRO A 115 27.63 36.80 63.80
C PRO A 115 28.19 36.03 64.99
N LEU A 116 28.74 34.86 64.65
CA LEU A 116 29.17 33.96 65.72
C LEU A 116 30.37 34.47 66.52
N VAL A 117 31.39 34.80 65.73
CA VAL A 117 32.54 35.56 66.18
C VAL A 117 32.20 36.82 66.98
N LEU A 118 31.28 37.61 66.42
CA LEU A 118 30.72 38.67 67.21
C LEU A 118 30.16 38.40 68.60
N GLY A 119 29.27 37.40 68.58
CA GLY A 119 28.66 36.92 69.81
C GLY A 119 29.63 36.66 70.94
N ALA A 120 30.54 35.86 70.39
CA ALA A 120 31.71 35.22 70.96
C ALA A 120 32.64 36.22 71.64
N ALA A 121 32.94 37.22 70.81
CA ALA A 121 33.71 38.39 71.21
C ALA A 121 33.27 39.26 72.38
N PHE A 122 32.00 39.64 72.35
CA PHE A 122 31.32 40.34 73.42
C PHE A 122 31.13 39.50 74.67
N GLY A 123 30.81 38.22 74.46
CA GLY A 123 30.66 37.28 75.55
C GLY A 123 31.96 37.08 76.30
N ASP A 124 33.03 36.72 75.56
CA ASP A 124 34.30 36.67 76.24
C ASP A 124 34.81 37.89 76.97
N PHE A 125 34.75 39.02 76.27
CA PHE A 125 34.94 40.34 76.84
C PHE A 125 34.20 40.64 78.14
N LEU A 126 32.88 40.44 78.05
CA LEU A 126 32.06 40.33 79.24
C LEU A 126 32.48 39.45 80.41
N ASN A 127 33.13 38.33 80.08
CA ASN A 127 33.66 37.40 81.06
C ASN A 127 35.16 37.33 81.24
N ALA A 128 35.75 38.52 81.07
CA ALA A 128 37.16 38.85 81.07
C ALA A 128 38.20 38.00 80.36
N ARG A 129 37.86 37.71 79.10
CA ARG A 129 38.67 36.84 78.28
C ARG A 129 39.23 37.36 76.96
N SER A 130 40.24 36.69 76.42
CA SER A 130 40.88 37.16 75.20
C SER A 130 39.90 37.23 74.03
N ILE A 131 39.86 38.38 73.38
CA ILE A 131 39.07 38.61 72.19
C ILE A 131 39.69 39.00 70.86
N ASP A 132 40.82 39.70 71.00
CA ASP A 132 41.72 40.02 69.90
C ASP A 132 42.08 38.92 68.92
N ILE A 133 42.24 37.69 69.42
CA ILE A 133 42.59 36.55 68.59
C ILE A 133 41.69 36.16 67.43
N PHE A 134 40.40 36.45 67.66
CA PHE A 134 39.30 36.32 66.72
C PHE A 134 39.25 37.29 65.54
N LEU A 135 39.81 38.48 65.71
CA LEU A 135 39.67 39.54 64.72
C LEU A 135 40.15 39.35 63.29
N ASP A 136 41.12 38.43 63.21
CA ASP A 136 41.57 38.02 61.90
C ASP A 136 40.54 37.35 61.00
N ARG A 137 39.45 36.83 61.56
CA ARG A 137 38.32 36.36 60.80
C ARG A 137 36.98 37.01 61.12
N LEU A 138 37.05 38.20 61.71
CA LEU A 138 35.84 38.97 62.00
C LEU A 138 35.07 39.48 60.79
N PHE A 139 35.85 40.14 59.93
CA PHE A 139 35.35 40.45 58.61
C PHE A 139 35.06 39.17 57.84
N TYR A 140 33.74 39.10 57.68
CA TYR A 140 33.19 37.99 56.93
C TYR A 140 31.94 38.36 56.15
N ASP A 141 31.99 37.99 54.86
CA ASP A 141 30.78 38.09 54.08
C ASP A 141 29.85 36.88 54.07
N PRO A 142 28.64 36.98 54.61
CA PRO A 142 27.73 35.85 54.52
C PRO A 142 27.39 35.12 53.24
N THR A 143 27.47 35.93 52.18
CA THR A 143 27.37 35.48 50.80
C THR A 143 28.14 34.25 50.35
N GLN A 144 29.24 34.04 51.06
CA GLN A 144 30.15 32.93 50.90
C GLN A 144 30.26 32.16 52.23
N ASP A 145 29.56 31.02 52.20
CA ASP A 145 29.44 30.22 53.41
C ASP A 145 30.48 29.11 53.50
N SER A 146 31.66 29.67 53.79
CA SER A 146 32.93 28.98 53.92
C SER A 146 33.93 29.37 55.00
N PRO A 147 33.57 29.13 56.27
CA PRO A 147 34.44 29.21 57.43
C PRO A 147 35.60 28.22 57.39
N ILE A 148 35.29 27.11 56.72
CA ILE A 148 36.17 26.01 56.35
C ILE A 148 37.59 26.28 55.88
N THR A 149 37.73 27.35 55.09
CA THR A 149 38.94 27.81 54.46
C THR A 149 40.18 27.98 55.34
N ALA A 150 39.90 28.84 56.32
CA ALA A 150 40.93 29.23 57.26
C ALA A 150 40.88 28.73 58.70
N ILE A 151 39.69 28.28 59.12
CA ILE A 151 39.49 27.62 60.40
C ILE A 151 39.79 26.13 60.21
N THR A 152 41.10 25.91 60.33
CA THR A 152 41.91 24.72 60.29
C THR A 152 42.29 24.06 61.60
N LYS A 153 41.84 24.72 62.66
CA LYS A 153 42.12 24.47 64.06
C LYS A 153 41.48 25.56 64.91
N PHE A 154 42.21 26.67 65.00
CA PHE A 154 41.65 27.92 65.48
C PHE A 154 41.34 27.95 66.97
N PRO A 155 40.11 28.10 67.48
CA PRO A 155 39.83 27.73 68.85
C PRO A 155 39.07 26.42 69.03
N TYR A 156 39.21 25.87 70.24
CA TYR A 156 38.30 24.87 70.77
C TYR A 156 37.70 25.33 72.09
N GLN A 157 37.03 26.47 71.92
CA GLN A 157 36.67 27.29 73.05
C GLN A 157 35.24 27.81 73.05
N TRP A 158 35.04 28.90 72.31
CA TRP A 158 33.78 29.23 71.66
C TRP A 158 33.22 28.46 70.47
N THR A 159 34.22 27.87 69.82
CA THR A 159 33.92 26.97 68.72
C THR A 159 34.57 25.62 68.95
N ILE A 160 33.80 24.61 68.54
CA ILE A 160 34.24 23.24 68.39
C ILE A 160 33.96 22.87 66.94
N ASP A 161 34.96 23.31 66.20
CA ASP A 161 35.01 23.09 64.77
C ASP A 161 35.71 21.78 64.43
N SER A 162 35.25 21.04 63.42
CA SER A 162 35.94 19.82 63.06
C SER A 162 37.28 19.97 62.36
N ASN A 163 38.20 20.59 63.12
CA ASN A 163 39.49 21.09 62.70
C ASN A 163 39.57 21.95 61.44
N VAL A 164 39.64 21.42 60.22
CA VAL A 164 39.33 22.14 59.01
C VAL A 164 37.88 22.54 58.80
N THR A 165 37.00 21.93 59.61
CA THR A 165 35.60 22.19 59.82
C THR A 165 34.81 21.68 58.61
N THR A 166 35.43 20.71 57.94
CA THR A 166 34.82 20.07 56.78
C THR A 166 33.45 19.44 56.96
N ASP A 167 33.20 18.97 58.17
CA ASP A 167 31.93 18.45 58.64
C ASP A 167 30.87 19.26 59.36
N SER A 168 31.45 20.15 60.16
CA SER A 168 30.71 20.92 61.13
C SER A 168 31.54 21.94 61.92
N VAL A 169 30.78 22.96 62.34
CA VAL A 169 31.18 24.01 63.26
C VAL A 169 30.25 24.20 64.45
N ARG A 170 30.65 23.77 65.65
CA ARG A 170 29.98 24.15 66.88
C ARG A 170 30.09 25.64 67.19
N THR A 171 29.02 26.16 67.79
CA THR A 171 28.94 27.46 68.40
C THR A 171 28.34 27.33 69.80
N SER A 172 29.10 28.12 70.54
CA SER A 172 28.75 28.51 71.89
C SER A 172 27.28 28.75 72.17
N ALA A 173 26.91 28.18 73.32
CA ALA A 173 25.58 28.05 73.88
C ALA A 173 24.81 29.34 74.11
N GLY A 174 24.20 29.70 72.98
CA GLY A 174 23.22 30.76 72.91
C GLY A 174 22.04 30.85 73.86
N CYS A 175 22.46 31.30 75.04
CA CYS A 175 21.51 31.35 76.13
C CYS A 175 20.74 32.66 76.21
N LYS A 176 19.47 32.49 76.58
CA LYS A 176 18.37 33.39 76.31
C LYS A 176 17.64 34.12 77.44
N TYR A 177 17.15 33.29 78.36
CA TYR A 177 16.51 33.88 79.52
C TYR A 177 17.47 34.09 80.68
N ILE A 178 18.05 35.30 80.66
CA ILE A 178 18.99 35.68 81.69
C ILE A 178 18.36 36.19 82.98
N THR A 179 18.33 35.31 83.97
CA THR A 179 17.69 35.55 85.25
C THR A 179 18.16 36.82 85.93
N LEU A 180 17.25 37.49 86.66
CA LEU A 180 17.49 38.66 87.49
C LEU A 180 17.43 38.54 89.00
N TYR A 181 18.38 39.27 89.61
CA TYR A 181 18.73 39.26 91.01
C TYR A 181 17.89 38.48 91.99
N GLY A 182 16.78 39.21 92.17
CA GLY A 182 15.71 38.83 93.06
C GLY A 182 14.99 37.49 92.94
N TYR A 183 15.16 36.98 91.72
CA TYR A 183 14.58 35.70 91.38
C TYR A 183 15.54 34.53 91.58
N ASP A 184 15.42 34.01 92.80
CA ASP A 184 16.11 32.80 93.20
C ASP A 184 15.24 31.63 93.65
N PRO A 185 14.13 31.86 94.35
CA PRO A 185 13.24 30.82 94.80
C PRO A 185 12.18 30.52 93.75
N SER A 186 11.89 29.25 93.46
CA SER A 186 10.73 28.90 92.66
C SER A 186 9.41 29.53 93.06
N ARG A 187 8.99 30.39 92.12
CA ARG A 187 7.75 31.12 92.25
C ARG A 187 6.77 30.80 91.14
N PRO A 188 5.51 30.46 91.43
CA PRO A 188 4.51 30.23 90.41
C PRO A 188 4.10 31.35 89.47
N SER A 189 4.28 32.59 89.92
CA SER A 189 3.89 33.80 89.22
C SER A 189 5.04 34.49 88.48
N THR A 190 5.92 33.61 88.00
CA THR A 190 7.02 34.08 87.20
C THR A 190 7.02 33.62 85.74
N PRO A 191 7.77 34.34 84.91
CA PRO A 191 7.99 33.75 83.61
C PRO A 191 8.77 32.44 83.51
N ALA A 192 8.43 31.60 82.53
CA ALA A 192 9.11 30.34 82.28
C ALA A 192 10.45 30.53 81.58
N THR A 193 11.40 30.94 82.43
CA THR A 193 12.82 30.98 82.14
C THR A 193 13.50 29.69 81.73
N TYR A 194 12.99 28.60 82.30
CA TYR A 194 13.42 27.23 82.21
C TYR A 194 14.94 27.13 82.39
N GLY A 195 15.38 28.12 83.16
CA GLY A 195 16.79 28.24 83.43
C GLY A 195 17.75 28.19 82.26
N LYS A 196 17.35 28.74 81.12
CA LYS A 196 18.13 28.79 79.89
C LYS A 196 19.01 30.03 79.80
N HIS A 197 19.96 29.95 80.73
CA HIS A 197 20.93 30.91 81.21
C HIS A 197 22.10 30.17 81.81
N ARG A 198 22.25 28.91 81.39
CA ARG A 198 23.16 27.93 81.97
C ARG A 198 24.34 27.63 81.06
N PRO A 199 25.44 27.17 81.68
CA PRO A 199 26.57 26.68 80.94
C PRO A 199 26.28 25.49 80.03
N THR A 200 25.82 24.44 80.73
CA THR A 200 25.15 23.23 80.29
C THR A 200 23.87 23.60 79.55
N TYR A 201 23.96 23.76 78.23
CA TYR A 201 22.87 24.20 77.39
C TYR A 201 22.46 23.33 76.21
N ALA A 202 23.17 23.67 75.14
CA ALA A 202 23.07 23.10 73.81
C ALA A 202 24.06 23.64 72.79
N THR A 203 24.66 22.59 72.20
CA THR A 203 25.61 22.80 71.12
C THR A 203 24.94 23.29 69.84
N VAL A 204 25.28 24.50 69.41
CA VAL A 204 24.68 25.10 68.24
C VAL A 204 25.46 24.68 66.99
N PHE A 205 25.14 23.45 66.57
CA PHE A 205 25.83 22.87 65.43
C PHE A 205 25.31 23.25 64.06
N TYR A 206 26.17 23.93 63.30
CA TYR A 206 25.95 24.20 61.89
C TYR A 206 26.73 23.19 61.07
N TYR A 207 26.16 22.85 59.91
CA TYR A 207 26.79 21.94 58.98
C TYR A 207 26.80 22.45 57.55
N SER A 208 27.92 22.27 56.84
CA SER A 208 27.95 22.82 55.50
C SER A 208 26.95 22.48 54.41
N THR A 209 26.76 21.17 54.28
CA THR A 209 25.98 20.38 53.35
C THR A 209 25.47 19.05 53.89
N LEU A 210 24.67 18.37 53.06
CA LEU A 210 24.06 17.10 53.38
C LEU A 210 25.02 16.03 53.85
N PRO A 211 26.10 15.71 53.15
CA PRO A 211 26.98 14.67 53.66
C PRO A 211 27.73 15.00 54.93
N ALA A 212 28.01 16.29 55.12
CA ALA A 212 28.43 16.81 56.39
C ALA A 212 27.48 16.50 57.54
N ARG A 213 26.22 16.84 57.30
CA ARG A 213 25.17 16.42 58.20
C ARG A 213 25.05 14.96 58.62
N SER A 214 25.10 14.13 57.57
CA SER A 214 25.11 12.68 57.72
C SER A 214 26.23 12.04 58.53
N ARG A 215 27.44 12.59 58.37
CA ARG A 215 28.64 12.12 59.02
C ARG A 215 28.76 12.54 60.48
N LEU A 216 28.16 13.71 60.75
CA LEU A 216 27.89 14.21 62.08
C LEU A 216 26.99 13.35 62.95
N LEU A 217 25.95 12.86 62.28
CA LEU A 217 25.03 11.98 62.95
C LEU A 217 25.62 10.70 63.53
N ALA A 218 26.52 10.09 62.73
CA ALA A 218 27.47 9.08 63.10
C ALA A 218 28.51 9.50 64.13
N ASN A 219 29.01 10.71 63.89
CA ASN A 219 29.95 11.31 64.81
C ASN A 219 29.51 11.27 66.28
N LEU A 220 28.22 11.62 66.33
CA LEU A 220 27.49 11.77 67.57
C LEU A 220 26.96 10.47 68.15
N ALA A 221 27.85 9.64 68.70
CA ALA A 221 27.51 8.33 69.21
C ALA A 221 26.86 8.49 70.58
N ALA A 222 25.61 8.95 70.59
CA ALA A 222 24.81 9.18 71.77
C ALA A 222 23.38 9.53 71.38
N GLY A 223 22.48 9.37 72.35
CA GLY A 223 21.08 9.73 72.21
C GLY A 223 20.35 10.68 73.15
N PRO A 224 21.08 11.69 73.63
CA PRO A 224 20.44 12.99 73.77
C PRO A 224 20.06 13.54 72.41
N THR A 225 18.89 14.20 72.45
CA THR A 225 18.12 14.82 71.40
C THR A 225 18.81 15.88 70.55
N VAL A 226 18.73 15.70 69.23
CA VAL A 226 19.27 16.50 68.14
C VAL A 226 18.10 17.11 67.39
N LEU A 227 18.05 18.41 67.67
CA LEU A 227 17.04 19.31 67.16
C LEU A 227 17.45 20.18 65.98
N GLU A 228 17.28 19.55 64.82
CA GLU A 228 17.69 20.08 63.53
C GLU A 228 16.69 21.02 62.89
N HIS A 229 17.07 22.25 62.56
CA HIS A 229 16.06 23.17 62.07
C HIS A 229 15.63 23.00 60.62
N PHE A 230 14.30 23.04 60.50
CA PHE A 230 13.65 23.12 59.21
C PHE A 230 12.68 24.28 59.02
N ASP A 231 13.29 25.35 58.50
CA ASP A 231 12.67 26.59 58.10
C ASP A 231 13.67 27.64 57.63
N SER A 232 14.14 28.30 58.70
CA SER A 232 15.16 29.33 58.60
C SER A 232 16.28 29.34 59.63
N PRO A 233 17.36 28.61 59.37
CA PRO A 233 18.42 28.32 60.31
C PRO A 233 19.48 29.40 60.52
N THR A 234 19.29 30.04 61.67
CA THR A 234 20.21 31.00 62.26
C THR A 234 21.27 31.72 61.44
N TYR A 235 22.49 31.17 61.48
CA TYR A 235 23.49 31.39 60.44
C TYR A 235 24.03 30.26 59.58
N GLY A 236 23.04 29.43 59.23
CA GLY A 236 23.19 28.29 58.35
C GLY A 236 22.40 27.07 58.82
N PRO A 237 22.44 26.03 57.96
CA PRO A 237 21.87 24.76 58.33
C PRO A 237 22.42 24.07 59.56
N HIS A 238 21.55 24.01 60.58
CA HIS A 238 21.86 23.68 61.95
C HIS A 238 21.02 22.66 62.70
N LEU A 239 21.56 22.30 63.86
CA LEU A 239 20.93 21.64 64.99
C LEU A 239 21.22 22.32 66.32
N LEU A 240 20.33 22.04 67.27
CA LEU A 240 20.58 22.16 68.68
C LEU A 240 20.55 20.82 69.40
N LEU A 241 21.72 20.52 69.97
CA LEU A 241 21.88 19.38 70.85
C LEU A 241 21.99 19.67 72.33
N PRO A 242 20.87 19.53 73.05
CA PRO A 242 20.85 19.54 74.50
C PRO A 242 21.79 18.58 75.20
N GLN A 243 22.26 19.12 76.33
CA GLN A 243 23.11 18.42 77.27
C GLN A 243 22.33 17.48 78.18
N THR A 244 22.99 16.41 78.61
CA THR A 244 22.41 15.49 79.59
C THR A 244 22.36 16.15 80.96
N GLY A 245 21.17 16.69 81.21
CA GLY A 245 20.86 17.42 82.42
C GLY A 245 19.37 17.33 82.74
N ASP A 246 19.04 17.30 84.03
CA ASP A 246 17.64 17.18 84.40
C ASP A 246 17.17 18.42 85.14
N VAL A 247 16.19 19.13 84.57
CA VAL A 247 15.62 20.36 85.05
C VAL A 247 14.41 19.96 85.88
N LEU A 248 14.53 20.29 87.17
CA LEU A 248 13.46 20.11 88.12
C LEU A 248 12.57 21.30 88.46
N GLY A 249 12.60 22.30 87.58
CA GLY A 249 11.91 23.56 87.80
C GLY A 249 10.40 23.50 87.95
N TYR A 250 9.80 22.38 87.54
CA TYR A 250 8.40 22.13 87.29
C TYR A 250 8.03 20.81 87.95
N SER A 251 7.32 20.84 89.08
CA SER A 251 7.02 19.61 89.77
C SER A 251 5.91 18.82 89.08
N SER A 252 6.07 17.51 88.88
CA SER A 252 7.23 16.77 89.31
C SER A 252 8.14 16.14 88.26
N SER A 253 8.22 16.94 87.19
CA SER A 253 8.96 16.53 86.01
C SER A 253 10.47 16.74 86.09
N LEU A 254 11.18 15.65 85.78
CA LEU A 254 12.63 15.58 85.70
C LEU A 254 13.13 15.30 84.29
N ILE A 255 13.14 16.43 83.57
CA ILE A 255 13.38 16.41 82.14
C ILE A 255 14.64 17.06 81.58
N SER A 256 15.14 16.68 80.40
CA SER A 256 16.17 17.45 79.75
C SER A 256 15.62 18.55 78.85
N GLN A 257 16.50 19.51 78.59
CA GLN A 257 16.34 20.70 77.78
C GLN A 257 15.53 20.52 76.51
N ALA A 258 15.70 19.36 75.88
CA ALA A 258 14.97 18.86 74.73
C ALA A 258 13.45 19.07 74.68
N ALA A 259 12.88 18.64 75.80
CA ALA A 259 11.45 18.82 75.99
C ALA A 259 10.91 20.23 76.11
N LEU A 260 11.81 21.00 76.75
CA LEU A 260 11.63 22.41 76.97
C LEU A 260 11.75 23.33 75.76
N LEU A 261 12.67 22.96 74.86
CA LEU A 261 12.79 23.46 73.51
C LEU A 261 11.52 23.21 72.71
N MET A 262 11.26 21.91 72.59
CA MET A 262 10.01 21.47 72.01
C MET A 262 8.80 22.34 72.32
N VAL A 263 8.33 22.13 73.55
CA VAL A 263 7.15 22.82 74.02
C VAL A 263 7.25 24.32 73.88
N GLU A 264 8.38 24.98 74.18
CA GLU A 264 8.46 26.40 73.90
C GLU A 264 8.05 26.84 72.51
N SER A 265 8.85 26.40 71.53
CA SER A 265 8.70 26.66 70.12
C SER A 265 7.30 26.27 69.66
N VAL A 266 6.90 25.07 70.05
CA VAL A 266 5.56 24.62 69.74
C VAL A 266 4.40 25.47 70.20
N MET A 267 4.53 25.97 71.43
CA MET A 267 3.66 27.02 71.90
C MET A 267 3.69 28.35 71.17
N ASP A 268 4.92 28.74 70.83
CA ASP A 268 5.07 29.90 69.97
C ASP A 268 4.35 29.94 68.63
N ALA A 269 4.28 28.71 68.10
CA ALA A 269 3.60 28.37 66.87
C ALA A 269 2.08 28.38 66.96
N LEU A 270 1.59 27.63 67.94
CA LEU A 270 0.20 27.75 68.32
C LEU A 270 -0.51 29.08 68.51
N ARG A 271 0.27 29.94 69.17
CA ARG A 271 0.04 31.36 69.35
C ARG A 271 0.07 32.14 68.04
N ASP A 272 1.09 31.89 67.21
CA ASP A 272 1.25 32.47 65.89
C ASP A 272 0.16 32.15 64.88
N ASN A 273 -0.34 30.92 65.01
CA ASN A 273 -1.43 30.32 64.27
C ASN A 273 -2.77 31.02 64.39
N ALA A 274 -3.06 31.24 65.68
CA ALA A 274 -4.11 32.18 66.01
C ALA A 274 -4.08 33.61 65.48
N ASN A 275 -2.86 34.14 65.43
CA ASN A 275 -2.49 35.44 64.89
C ASN A 275 -2.15 35.66 63.43
N ALA A 276 -2.24 34.50 62.77
CA ALA A 276 -1.78 34.27 61.42
C ALA A 276 -2.44 35.16 60.38
N SER A 277 -1.64 36.05 59.80
CA SER A 277 -1.96 36.88 58.64
C SER A 277 -1.38 36.46 57.29
N ALA A 278 -2.21 36.56 56.24
CA ALA A 278 -1.84 36.09 54.93
C ALA A 278 -0.87 36.97 54.15
N SER A 279 -1.08 38.28 54.26
CA SER A 279 -0.16 39.23 53.66
C SER A 279 0.75 40.00 54.61
N THR A 280 0.92 39.57 55.86
CA THR A 280 1.85 40.17 56.79
C THR A 280 2.97 39.16 56.99
N ALA A 281 4.12 39.54 56.43
CA ALA A 281 5.36 38.82 56.58
C ALA A 281 5.82 38.50 57.99
N VAL A 282 5.67 37.23 58.36
CA VAL A 282 6.06 36.68 59.64
C VAL A 282 7.53 36.27 59.53
N THR A 283 8.34 36.37 60.57
CA THR A 283 9.76 36.08 60.54
C THR A 283 10.10 34.68 60.06
N ARG A 284 9.50 33.62 60.62
CA ARG A 284 9.65 32.22 60.25
C ARG A 284 8.28 31.56 60.18
N LEU A 285 7.84 31.00 59.05
CA LEU A 285 6.63 30.19 59.09
C LEU A 285 6.56 29.05 60.07
N ASP A 286 7.29 27.96 59.77
CA ASP A 286 7.68 26.91 60.70
C ASP A 286 8.65 27.38 61.78
N GLN A 287 8.08 27.83 62.89
CA GLN A 287 8.84 28.18 64.08
C GLN A 287 9.37 27.03 64.93
N SER A 288 9.64 25.91 64.26
CA SER A 288 9.82 24.61 64.85
C SER A 288 11.11 23.86 64.52
N TYR A 289 11.48 22.96 65.43
CA TYR A 289 12.57 22.00 65.34
C TYR A 289 12.29 20.51 65.29
N HIS A 290 13.13 19.80 64.53
CA HIS A 290 12.95 18.40 64.28
C HIS A 290 13.95 17.52 65.02
N PRO A 291 13.43 16.51 65.71
CA PRO A 291 14.36 15.68 66.45
C PRO A 291 14.82 14.49 65.63
N VAL A 292 16.04 14.12 66.01
CA VAL A 292 16.64 12.91 65.48
C VAL A 292 17.06 11.79 66.44
N THR A 293 18.22 11.86 67.09
CA THR A 293 18.48 10.95 68.18
C THR A 293 17.38 10.82 69.22
N SER A 294 17.57 9.80 70.06
CA SER A 294 16.63 9.59 71.13
C SER A 294 15.21 9.06 70.94
N PHE A 295 14.74 9.17 69.70
CA PHE A 295 13.65 8.38 69.16
C PHE A 295 13.60 6.85 69.17
N ASP A 296 14.24 6.35 70.23
CA ASP A 296 14.27 4.95 70.57
C ASP A 296 12.86 4.48 70.92
N PRO A 297 12.01 5.28 71.57
CA PRO A 297 10.59 4.98 71.68
C PRO A 297 9.88 5.19 70.35
N SER A 298 8.87 4.33 70.24
CA SER A 298 7.98 4.15 69.11
C SER A 298 6.52 4.51 69.35
N THR A 299 6.14 4.31 70.61
CA THR A 299 4.92 4.77 71.26
C THR A 299 4.99 5.96 72.20
N PHE A 300 3.84 6.62 72.32
CA PHE A 300 3.58 7.81 73.08
C PHE A 300 3.38 7.56 74.57
N ASN A 301 4.56 7.39 75.16
CA ASN A 301 4.57 7.11 76.59
C ASN A 301 5.27 8.22 77.37
N THR A 302 6.01 9.05 76.62
CA THR A 302 6.84 10.13 77.12
C THR A 302 6.33 11.49 76.66
N LEU A 303 6.62 12.52 77.46
CA LEU A 303 6.55 13.91 77.05
C LEU A 303 7.23 14.26 75.74
N LEU A 304 8.35 13.55 75.58
CA LEU A 304 9.16 13.81 74.40
C LEU A 304 8.52 13.36 73.09
N GLN A 305 7.78 12.27 73.30
CA GLN A 305 6.96 11.63 72.29
C GLN A 305 5.66 12.30 71.90
N ARG A 306 4.92 12.72 72.94
CA ARG A 306 3.77 13.60 72.88
C ARG A 306 3.96 14.98 72.27
N ALA A 307 5.11 15.55 72.65
CA ALA A 307 5.67 16.76 72.10
C ALA A 307 5.85 16.69 70.59
N THR A 308 6.14 15.49 70.05
CA THR A 308 6.29 15.34 68.63
C THR A 308 5.03 15.41 67.78
N ASN A 309 3.94 14.85 68.32
CA ASN A 309 2.62 15.02 67.76
C ASN A 309 2.25 16.50 67.71
N LEU A 310 2.30 17.19 68.86
CA LEU A 310 2.06 18.62 68.92
C LEU A 310 2.76 19.46 67.86
N ALA A 311 4.06 19.22 67.86
CA ALA A 311 4.95 19.75 66.85
C ALA A 311 4.42 19.42 65.47
N LEU A 312 4.09 18.17 65.15
CA LEU A 312 3.58 17.84 63.82
C LEU A 312 2.28 18.47 63.37
N LEU A 313 1.29 18.58 64.26
CA LEU A 313 0.04 19.24 63.99
C LEU A 313 0.00 20.76 63.98
N ALA A 314 0.93 21.38 64.70
CA ALA A 314 1.04 22.83 64.71
C ALA A 314 1.66 23.41 63.45
N VAL A 315 2.71 22.72 63.01
CA VAL A 315 3.19 22.93 61.67
C VAL A 315 2.14 22.67 60.59
N GLN A 316 1.41 21.57 60.76
CA GLN A 316 0.29 21.25 59.90
C GLN A 316 -0.75 22.37 59.85
N GLY A 317 -0.76 23.36 60.75
CA GLY A 317 -1.73 24.42 60.88
C GLY A 317 -2.77 24.38 61.99
N VAL A 318 -2.48 23.69 63.11
CA VAL A 318 -3.45 23.67 64.18
C VAL A 318 -3.42 24.68 65.32
N GLN A 319 -4.60 24.93 65.88
CA GLN A 319 -4.90 25.93 66.88
C GLN A 319 -5.41 25.38 68.20
N SER A 320 -4.84 25.79 69.33
CA SER A 320 -5.39 25.62 70.66
C SER A 320 -6.58 26.54 70.90
N GLU A 321 -7.38 26.24 71.92
CA GLU A 321 -8.35 27.14 72.49
C GLU A 321 -7.69 28.38 73.09
N SER A 322 -7.67 28.53 74.43
CA SER A 322 -6.93 29.56 75.13
C SER A 322 -5.47 29.42 74.77
N ALA A 323 -4.97 30.45 74.07
CA ALA A 323 -3.58 30.58 73.67
C ALA A 323 -2.72 31.13 74.80
N ILE A 324 -1.44 30.77 74.73
CA ILE A 324 -0.40 31.09 75.69
C ILE A 324 -0.07 32.57 75.77
N PRO A 325 0.18 33.09 76.97
CA PRO A 325 0.71 34.43 77.18
C PRO A 325 2.07 34.57 76.53
N ALA A 326 2.38 35.81 76.15
CA ALA A 326 3.66 36.35 75.77
C ALA A 326 4.98 35.73 76.24
N ILE A 327 5.24 35.84 77.54
CA ILE A 327 6.20 34.91 78.12
C ILE A 327 5.38 34.10 79.10
N PRO A 328 5.28 32.80 78.82
CA PRO A 328 4.39 31.88 79.51
C PRO A 328 4.83 31.71 80.96
N THR A 329 3.81 31.81 81.80
CA THR A 329 3.96 31.67 83.25
C THR A 329 4.21 30.27 83.78
N MET A 330 4.92 30.14 84.89
CA MET A 330 5.20 28.84 85.48
C MET A 330 3.99 27.93 85.63
N SER A 331 3.00 28.63 86.19
CA SER A 331 1.59 28.32 86.29
C SER A 331 0.83 27.76 85.11
N ASP A 332 0.96 28.46 83.98
CA ASP A 332 0.42 28.02 82.72
C ASP A 332 1.07 26.89 81.94
N VAL A 333 2.40 26.89 82.03
CA VAL A 333 3.21 25.80 81.52
C VAL A 333 2.90 24.52 82.29
N ARG A 334 2.90 24.61 83.63
CA ARG A 334 2.60 23.47 84.46
C ARG A 334 1.19 22.91 84.32
N SER A 335 0.28 23.83 84.03
CA SER A 335 -1.07 23.50 83.61
C SER A 335 -1.17 22.74 82.30
N PHE A 336 -0.47 23.32 81.32
CA PHE A 336 -0.47 22.83 79.95
C PHE A 336 0.16 21.46 79.79
N VAL A 337 1.29 21.31 80.48
CA VAL A 337 1.92 20.01 80.63
C VAL A 337 1.07 18.95 81.30
N ALA A 338 0.43 19.35 82.41
CA ALA A 338 -0.46 18.42 83.08
C ALA A 338 -1.60 17.83 82.26
N ARG A 339 -2.11 18.76 81.45
CA ARG A 339 -3.06 18.45 80.41
C ARG A 339 -2.65 17.54 79.26
N LEU A 340 -1.43 17.87 78.86
CA LEU A 340 -0.81 17.03 77.84
C LEU A 340 -0.53 15.57 78.12
N MET A 341 -0.11 15.36 79.37
CA MET A 341 0.21 14.05 79.90
C MET A 341 -0.96 13.23 80.40
N ALA A 342 -1.94 13.27 79.49
CA ALA A 342 -3.17 12.50 79.54
C ALA A 342 -3.23 11.43 78.46
N GLU A 343 -4.45 11.07 78.08
CA GLU A 343 -4.77 10.09 77.06
C GLU A 343 -5.50 10.57 75.81
N GLY A 344 -5.24 9.83 74.74
CA GLY A 344 -5.97 9.93 73.49
C GLY A 344 -4.97 10.09 72.35
N ASP A 345 -5.27 9.47 71.20
CA ASP A 345 -4.26 9.34 70.17
C ASP A 345 -4.66 10.01 68.87
N PRO A 346 -3.80 10.77 68.17
CA PRO A 346 -4.01 11.23 66.82
C PRO A 346 -4.37 10.29 65.68
N GLN A 347 -4.67 10.78 64.48
CA GLN A 347 -4.77 10.08 63.22
C GLN A 347 -3.53 10.09 62.33
N GLN A 348 -2.90 11.22 62.06
CA GLN A 348 -1.72 11.33 61.22
C GLN A 348 -0.41 11.24 61.99
N TRP A 349 -0.07 9.95 62.00
CA TRP A 349 1.25 9.59 62.49
C TRP A 349 2.33 9.99 61.51
N PHE A 350 3.57 9.55 61.77
CA PHE A 350 4.72 9.99 61.01
C PHE A 350 5.79 8.92 61.17
N PRO A 351 6.53 8.78 60.06
CA PRO A 351 7.82 8.13 60.08
C PRO A 351 8.91 9.09 60.53
N TYR A 352 9.90 8.57 61.25
CA TYR A 352 10.99 9.33 61.84
C TYR A 352 12.13 9.75 60.93
N ARG A 353 11.89 9.42 59.66
CA ARG A 353 12.82 9.75 58.60
C ARG A 353 12.58 11.02 57.82
N VAL A 354 11.44 11.65 58.15
CA VAL A 354 10.83 12.74 57.44
C VAL A 354 9.88 13.57 58.30
N ASP A 355 9.63 14.84 57.99
CA ASP A 355 8.49 15.59 58.50
C ASP A 355 7.34 15.66 57.50
N GLN A 356 6.13 15.50 58.04
CA GLN A 356 4.93 15.20 57.30
C GLN A 356 3.95 16.32 57.61
N ILE A 357 3.81 17.21 56.62
CA ILE A 357 3.06 18.44 56.77
C ILE A 357 1.80 18.54 55.92
N LEU A 358 0.66 18.22 56.53
CA LEU A 358 -0.66 18.18 55.93
C LEU A 358 -0.86 18.16 54.42
N TYR A 359 -1.41 17.04 53.96
CA TYR A 359 -1.76 16.83 52.57
C TYR A 359 -2.84 17.73 52.00
N TRP A 360 -3.91 18.04 52.75
CA TRP A 360 -4.77 19.17 52.49
C TRP A 360 -4.09 20.53 52.58
N PRO A 361 -3.79 21.08 51.40
CA PRO A 361 -2.89 22.20 51.23
C PRO A 361 -3.29 23.58 51.72
N GLU A 362 -3.76 23.64 52.97
CA GLU A 362 -3.83 24.85 53.77
C GLU A 362 -2.47 25.29 54.29
N SER A 363 -1.74 24.31 54.83
CA SER A 363 -0.39 24.56 55.26
C SER A 363 0.51 25.25 54.25
N PRO A 364 1.27 26.29 54.58
CA PRO A 364 2.03 27.09 53.63
C PRO A 364 3.31 26.44 53.13
N PHE A 365 3.47 25.12 53.25
CA PHE A 365 4.66 24.36 52.95
C PHE A 365 5.44 24.67 51.69
N VAL A 366 6.45 25.48 52.02
CA VAL A 366 7.58 25.78 51.16
C VAL A 366 8.33 24.58 50.63
N PRO A 367 9.53 24.68 50.05
CA PRO A 367 10.39 23.51 49.97
C PRO A 367 11.49 23.42 51.02
N PRO A 368 11.33 22.81 52.20
CA PRO A 368 12.25 22.61 53.29
C PRO A 368 13.24 21.49 52.96
N ILE A 369 14.40 21.63 53.60
CA ILE A 369 15.58 20.82 53.38
C ILE A 369 15.26 19.33 53.45
N GLY A 370 14.69 18.99 54.61
CA GLY A 370 14.45 17.61 54.97
C GLY A 370 13.03 17.06 54.88
N PRO A 371 12.03 17.78 55.37
CA PRO A 371 10.65 17.43 55.08
C PRO A 371 10.26 17.29 53.61
N PHE A 372 9.70 16.10 53.36
CA PHE A 372 9.19 15.91 52.01
C PHE A 372 8.01 16.79 51.62
N TYR A 373 6.87 16.47 52.22
CA TYR A 373 5.57 17.09 52.27
C TYR A 373 4.51 16.40 53.13
N ALA A 374 3.20 16.50 52.91
CA ALA A 374 2.15 15.69 53.51
C ALA A 374 2.43 14.51 54.42
N PRO A 375 1.44 14.01 55.18
CA PRO A 375 1.57 12.59 55.47
C PRO A 375 1.40 11.82 54.17
N PHE A 376 2.27 10.80 54.03
CA PHE A 376 2.20 9.88 52.91
C PHE A 376 0.89 9.21 52.54
N ARG A 377 0.04 9.35 53.55
CA ARG A 377 -1.20 8.59 53.51
C ARG A 377 -2.34 9.58 53.73
N PRO A 378 -3.00 9.90 52.61
CA PRO A 378 -4.23 10.68 52.62
C PRO A 378 -5.34 9.70 52.98
N VAL A 379 -5.89 9.90 54.17
CA VAL A 379 -6.86 9.06 54.85
C VAL A 379 -8.22 9.73 54.63
N ASN A 380 -8.78 10.17 55.77
CA ASN A 380 -9.99 10.95 55.78
C ASN A 380 -10.40 11.45 57.15
N PHE A 381 -10.54 12.78 57.17
CA PHE A 381 -10.88 13.67 58.26
C PHE A 381 -11.18 15.13 57.92
N PRO A 382 -12.16 15.75 58.58
CA PRO A 382 -12.44 17.15 58.36
C PRO A 382 -11.35 18.14 58.71
N PHE A 383 -11.42 19.27 57.98
CA PHE A 383 -10.57 20.40 58.28
C PHE A 383 -11.25 21.66 57.79
N THR A 384 -10.72 22.86 58.05
CA THR A 384 -11.20 24.16 57.62
C THR A 384 -10.27 25.29 58.03
N THR A 385 -10.48 26.48 57.48
CA THR A 385 -9.74 27.68 57.83
C THR A 385 -10.63 28.70 58.52
N GLY A 386 -9.95 29.30 59.50
CA GLY A 386 -10.57 30.27 60.37
C GLY A 386 -9.63 30.82 61.43
N SER A 387 -9.61 32.13 61.64
CA SER A 387 -8.92 32.76 62.76
C SER A 387 -9.64 32.77 64.09
N TYR A 388 -8.82 32.95 65.13
CA TYR A 388 -9.35 33.00 66.48
C TYR A 388 -9.80 34.36 66.97
N THR A 389 -11.05 34.38 67.45
CA THR A 389 -11.58 35.51 68.19
C THR A 389 -10.93 35.80 69.54
N VAL A 390 -10.10 36.84 69.55
CA VAL A 390 -9.49 37.27 70.79
C VAL A 390 -10.41 37.82 71.86
N VAL A 391 -11.05 36.92 72.62
CA VAL A 391 -11.98 37.26 73.68
C VAL A 391 -11.32 37.23 75.05
N PRO A 392 -11.22 38.32 75.81
CA PRO A 392 -10.80 38.42 77.19
C PRO A 392 -11.52 37.50 78.16
N ASP A 393 -10.81 37.19 79.25
CA ASP A 393 -11.38 36.51 80.39
C ASP A 393 -12.60 37.17 81.03
N ALA A 394 -13.72 36.47 80.81
CA ALA A 394 -15.01 36.99 81.22
C ALA A 394 -15.35 36.67 82.67
N SER A 395 -15.20 37.77 83.41
CA SER A 395 -15.39 37.66 84.85
C SER A 395 -16.79 37.44 85.40
N ARG A 396 -17.66 36.92 84.52
CA ARG A 396 -19.05 36.56 84.74
C ARG A 396 -19.44 35.16 84.30
N PRO A 397 -20.17 34.53 85.22
CA PRO A 397 -20.89 33.30 84.93
C PRO A 397 -21.75 33.39 83.68
N LEU A 398 -21.81 32.33 82.85
CA LEU A 398 -22.53 32.25 81.60
C LEU A 398 -23.68 31.26 81.53
N ARG A 399 -24.77 31.87 81.06
CA ARG A 399 -25.92 31.17 80.54
C ARG A 399 -25.88 30.37 79.24
N LEU A 400 -26.55 29.23 79.26
CA LEU A 400 -26.66 28.28 78.17
C LEU A 400 -28.03 27.85 77.67
N LEU A 401 -28.33 28.25 76.43
CA LEU A 401 -29.45 27.70 75.69
C LEU A 401 -29.15 26.31 75.16
N PRO A 402 -29.67 25.28 75.83
CA PRO A 402 -29.54 23.92 75.35
C PRO A 402 -30.37 23.46 74.15
N GLN A 403 -29.79 23.85 73.02
CA GLN A 403 -30.28 23.44 71.71
C GLN A 403 -30.06 21.95 71.51
N TYR A 404 -31.10 21.18 71.18
CA TYR A 404 -30.96 19.74 71.14
C TYR A 404 -30.68 18.99 69.84
N ARG A 405 -29.89 17.93 70.07
CA ARG A 405 -29.54 17.02 69.01
C ARG A 405 -30.09 15.64 69.33
N ASN A 406 -30.53 15.02 68.23
CA ASN A 406 -31.20 13.74 68.24
C ASN A 406 -30.69 12.40 68.75
N ALA A 407 -29.66 12.52 69.60
CA ALA A 407 -29.10 11.32 70.19
C ALA A 407 -29.43 11.19 71.68
N THR A 408 -30.40 10.31 71.96
CA THR A 408 -31.19 10.35 73.17
C THR A 408 -30.95 9.28 74.22
N ILE A 409 -30.01 9.51 75.14
CA ILE A 409 -29.64 8.66 76.24
C ILE A 409 -30.77 8.30 77.19
N THR A 410 -30.67 7.02 77.54
CA THR A 410 -31.40 6.36 78.60
C THR A 410 -31.20 6.91 80.01
N VAL A 411 -32.33 7.19 80.66
CA VAL A 411 -32.51 7.83 81.95
C VAL A 411 -31.52 7.48 83.05
N GLN A 412 -31.35 6.17 83.24
CA GLN A 412 -30.35 5.63 84.15
C GLN A 412 -28.89 6.03 83.98
N GLN A 413 -28.47 6.05 82.72
CA GLN A 413 -27.18 6.51 82.25
C GLN A 413 -26.95 8.01 82.40
N ALA A 414 -27.96 8.77 81.95
CA ALA A 414 -28.06 10.18 82.28
C ALA A 414 -27.78 10.60 83.71
N ASP A 415 -28.56 9.93 84.55
CA ASP A 415 -28.45 10.01 85.99
C ASP A 415 -27.11 9.67 86.63
N ASP A 416 -26.75 8.43 86.32
CA ASP A 416 -25.39 7.95 86.46
C ASP A 416 -24.23 8.87 86.14
N ALA A 417 -24.22 9.43 84.93
CA ALA A 417 -23.23 10.37 84.46
C ALA A 417 -23.24 11.70 85.21
N TYR A 418 -24.46 12.09 85.58
CA TYR A 418 -24.58 13.17 86.54
C TYR A 418 -23.85 13.04 87.88
N GLU A 419 -24.18 11.85 88.40
CA GLU A 419 -23.53 11.36 89.59
C GLU A 419 -22.02 11.33 89.55
N ASP A 420 -21.53 10.95 88.38
CA ASP A 420 -20.13 10.88 88.01
C ASP A 420 -19.41 12.22 87.94
N THR A 421 -20.05 13.25 87.40
CA THR A 421 -19.49 14.57 87.17
C THR A 421 -19.89 15.65 88.16
N ALA A 422 -20.93 15.46 88.98
CA ALA A 422 -21.43 16.42 89.94
C ALA A 422 -20.33 16.92 90.88
N LEU A 423 -20.32 18.25 91.00
CA LEU A 423 -19.63 19.00 92.03
C LEU A 423 -20.41 19.09 93.34
N SER A 424 -21.73 19.05 93.21
CA SER A 424 -22.69 18.78 94.26
C SER A 424 -22.57 17.47 95.03
N PRO A 425 -22.79 17.49 96.33
CA PRO A 425 -23.41 18.51 97.17
C PRO A 425 -22.56 19.75 97.40
N LEU A 426 -23.21 20.88 97.66
CA LEU A 426 -22.58 22.08 98.17
C LEU A 426 -23.54 22.99 98.94
N ILE A 427 -22.97 23.75 99.87
CA ILE A 427 -23.75 24.64 100.71
C ILE A 427 -24.24 25.90 100.01
N THR A 428 -25.51 25.74 99.66
CA THR A 428 -26.41 26.72 99.09
C THR A 428 -26.61 28.01 99.88
N THR A 429 -26.06 29.09 99.32
CA THR A 429 -26.45 30.44 99.68
C THR A 429 -27.95 30.57 99.46
N HIS A 430 -28.72 30.67 100.54
CA HIS A 430 -30.14 30.96 100.45
C HIS A 430 -30.68 32.16 99.70
N GLY A 431 -30.12 33.29 100.16
CA GLY A 431 -30.50 34.59 99.64
C GLY A 431 -31.76 35.10 100.32
N PHE A 432 -32.66 35.70 99.54
CA PHE A 432 -33.97 36.07 100.03
C PHE A 432 -35.23 35.51 99.39
N CYS A 433 -36.13 35.08 100.28
CA CYS A 433 -37.50 34.76 99.94
C CYS A 433 -38.28 35.93 99.38
N VAL A 434 -38.03 37.02 100.11
CA VAL A 434 -38.77 38.26 99.91
C VAL A 434 -37.75 39.40 99.89
N THR A 435 -37.94 40.25 98.88
CA THR A 435 -37.22 41.50 98.83
C THR A 435 -38.20 42.66 98.75
N GLY A 436 -38.66 42.99 99.96
CA GLY A 436 -39.70 43.99 100.14
C GLY A 436 -40.91 43.39 100.83
N GLY A 437 -40.94 43.51 102.16
CA GLY A 437 -41.96 42.96 103.01
C GLY A 437 -42.64 44.16 103.66
N VAL A 438 -43.50 44.76 102.85
CA VAL A 438 -44.18 46.01 103.15
C VAL A 438 -45.61 46.01 102.63
N PHE A 439 -46.61 46.03 103.51
CA PHE A 439 -47.99 46.10 103.11
C PHE A 439 -48.75 46.44 104.38
N THR A 440 -49.93 47.01 104.19
CA THR A 440 -50.90 47.32 105.23
C THR A 440 -52.29 46.76 104.97
N SER A 441 -52.63 45.76 105.80
CA SER A 441 -53.93 45.13 105.79
C SER A 441 -54.87 45.74 106.83
N ILE A 442 -55.84 46.46 106.27
CA ILE A 442 -56.89 47.04 107.08
C ILE A 442 -57.99 46.15 107.64
N TYR A 443 -58.42 46.51 108.85
CA TYR A 443 -59.64 46.11 109.52
C TYR A 443 -60.32 47.39 110.00
N ASP A 444 -61.65 47.42 109.82
CA ASP A 444 -62.41 48.59 110.15
C ASP A 444 -63.84 48.50 110.65
N ILE A 445 -64.16 49.49 111.49
CA ILE A 445 -65.51 49.97 111.73
C ILE A 445 -66.37 50.13 110.49
N SER A 446 -67.67 49.98 110.75
CA SER A 446 -68.74 50.15 109.79
C SER A 446 -70.12 50.17 110.43
N GLY A 447 -70.99 51.01 109.88
CA GLY A 447 -72.39 50.90 110.26
C GLY A 447 -73.20 49.68 109.82
N ASP A 448 -72.45 48.59 109.68
CA ASP A 448 -73.01 47.31 109.28
C ASP A 448 -73.30 46.24 110.33
N PRO A 449 -72.73 46.28 111.53
CA PRO A 449 -73.04 45.27 112.52
C PRO A 449 -74.40 45.41 113.17
N THR A 450 -75.17 44.36 112.85
CA THR A 450 -76.50 44.29 113.42
C THR A 450 -76.64 43.18 114.45
N ALA A 451 -76.43 41.95 113.99
CA ALA A 451 -76.40 40.80 114.87
C ALA A 451 -75.23 39.85 114.70
N TYR A 452 -74.04 40.41 114.92
CA TYR A 452 -72.80 39.67 114.85
C TYR A 452 -72.02 39.72 116.15
N PRO A 453 -72.27 38.75 117.02
CA PRO A 453 -71.56 38.49 118.25
C PRO A 453 -70.28 37.69 118.13
N PRO A 454 -69.44 37.38 119.12
CA PRO A 454 -68.49 36.29 119.11
C PRO A 454 -68.96 35.03 118.42
N ALA A 455 -70.21 34.69 118.73
CA ALA A 455 -70.84 33.54 118.12
C ALA A 455 -70.95 33.34 116.62
N GLN A 456 -70.71 34.47 115.96
CA GLN A 456 -70.49 34.60 114.53
C GLN A 456 -69.06 34.34 114.05
N LEU A 457 -68.14 34.72 114.94
CA LEU A 457 -66.73 34.63 114.66
C LEU A 457 -66.10 33.24 114.65
N VAL A 458 -65.74 32.83 113.43
CA VAL A 458 -65.11 31.56 113.13
C VAL A 458 -63.70 31.35 113.65
N ASP A 459 -63.57 30.42 114.60
CA ASP A 459 -62.39 30.31 115.43
C ASP A 459 -61.11 29.89 114.72
N ALA A 460 -60.08 30.67 115.07
CA ALA A 460 -58.71 30.37 114.69
C ALA A 460 -58.31 28.94 114.34
N PRO A 461 -57.36 28.81 113.41
CA PRO A 461 -56.85 27.50 113.11
C PRO A 461 -56.31 26.66 114.26
N ASN A 462 -57.09 25.65 114.63
CA ASN A 462 -56.90 24.76 115.76
C ASN A 462 -55.73 23.78 115.79
N ASP A 463 -54.70 24.26 115.10
CA ASP A 463 -53.55 23.62 114.51
C ASP A 463 -52.30 24.48 114.32
N TYR A 464 -52.54 25.77 114.60
CA TYR A 464 -51.52 26.76 114.31
C TYR A 464 -50.12 26.68 114.88
N PHE A 465 -50.00 25.77 115.85
CA PHE A 465 -48.77 25.46 116.53
C PHE A 465 -48.55 23.98 116.29
N ASP A 466 -47.73 23.88 115.24
CA ASP A 466 -47.16 22.67 114.68
C ASP A 466 -45.71 22.89 114.26
N ARG A 467 -44.91 21.91 114.64
CA ARG A 467 -43.53 21.79 114.20
C ARG A 467 -43.16 22.49 112.91
N GLU A 468 -43.80 21.90 111.90
CA GLU A 468 -43.56 22.31 110.53
C GLU A 468 -43.91 23.77 110.26
N ARG A 469 -45.04 24.16 110.85
CA ARG A 469 -45.58 25.50 110.80
C ARG A 469 -44.74 26.60 111.43
N MET A 470 -44.13 26.25 112.56
CA MET A 470 -43.09 27.06 113.19
C MET A 470 -41.84 27.15 112.32
N ALA A 471 -41.32 26.03 111.82
CA ALA A 471 -40.21 26.14 110.90
C ALA A 471 -40.28 27.08 109.70
N ARG A 472 -41.51 26.97 109.19
CA ARG A 472 -42.01 27.86 108.17
C ARG A 472 -41.93 29.34 108.49
N ARG A 473 -42.34 29.67 109.72
CA ARG A 473 -42.26 31.07 110.10
C ARG A 473 -40.84 31.61 110.27
N ASP A 474 -40.01 30.73 110.82
CA ASP A 474 -38.62 31.09 110.99
C ASP A 474 -37.98 31.28 109.62
N LEU A 475 -38.13 30.26 108.78
CA LEU A 475 -37.62 30.22 107.42
C LEU A 475 -37.84 31.48 106.60
N PHE A 476 -39.12 31.87 106.62
CA PHE A 476 -39.51 33.10 105.97
C PHE A 476 -38.96 34.41 106.50
N ARG A 477 -39.07 34.51 107.82
CA ARG A 477 -38.48 35.57 108.62
C ARG A 477 -37.01 35.79 108.29
N ARG A 478 -36.29 34.68 108.47
CA ARG A 478 -34.91 34.69 108.02
C ARG A 478 -34.67 35.31 106.64
N LEU A 479 -35.48 34.87 105.68
CA LEU A 479 -35.18 35.10 104.29
C LEU A 479 -35.70 36.42 103.72
N ARG A 480 -35.69 37.35 104.66
CA ARG A 480 -36.09 38.75 104.63
C ARG A 480 -35.34 39.60 105.63
N ALA A 481 -34.35 40.34 105.10
CA ALA A 481 -33.55 41.24 105.89
C ALA A 481 -33.73 42.71 105.53
N PRO A 482 -34.61 43.32 106.33
CA PRO A 482 -34.81 44.76 106.28
C PRO A 482 -34.16 45.52 107.43
N ALA A 483 -34.19 44.88 108.61
CA ALA A 483 -33.97 45.43 109.93
C ALA A 483 -34.85 46.57 110.40
N ASP A 484 -35.42 47.40 109.52
CA ASP A 484 -36.40 48.40 109.90
C ASP A 484 -37.89 48.09 109.94
N ARG A 485 -38.03 46.97 110.65
CA ARG A 485 -39.34 46.37 110.79
C ARG A 485 -40.43 47.10 111.55
N SER A 486 -40.04 47.57 112.73
CA SER A 486 -40.72 48.45 113.67
C SER A 486 -41.07 49.84 113.15
N ALA A 487 -40.21 50.23 112.21
CA ALA A 487 -40.32 51.56 111.65
C ALA A 487 -41.48 51.70 110.68
N ILE A 488 -41.39 50.81 109.68
CA ILE A 488 -42.39 50.64 108.66
C ILE A 488 -43.79 50.47 109.23
N LYS A 489 -43.73 49.60 110.25
CA LYS A 489 -44.83 49.30 111.13
C LYS A 489 -45.64 50.51 111.58
N ASP A 490 -44.92 51.31 112.36
CA ASP A 490 -45.53 52.47 112.99
C ASP A 490 -45.89 53.67 112.13
N ARG A 491 -45.00 53.85 111.16
CA ARG A 491 -45.22 54.88 110.16
C ARG A 491 -46.51 54.70 109.38
N ALA A 492 -46.70 53.44 108.98
CA ALA A 492 -48.00 53.00 108.52
C ALA A 492 -49.29 53.17 109.31
N VAL A 493 -49.23 52.76 110.57
CA VAL A 493 -50.29 52.90 111.56
C VAL A 493 -50.66 54.32 111.92
N PHE A 494 -49.61 55.11 112.03
CA PHE A 494 -49.68 56.53 112.32
C PHE A 494 -50.21 57.37 111.15
N ASP A 495 -50.01 56.82 109.95
CA ASP A 495 -50.60 57.40 108.76
C ASP A 495 -52.10 57.17 108.68
N PHE A 496 -52.41 55.90 108.93
CA PHE A 496 -53.77 55.47 109.17
C PHE A 496 -54.66 56.13 110.22
N LEU A 497 -54.11 56.22 111.43
CA LEU A 497 -54.67 56.93 112.57
C LEU A 497 -54.84 58.42 112.31
N ALA A 498 -53.91 59.03 111.56
CA ALA A 498 -54.02 60.45 111.28
C ALA A 498 -55.16 60.80 110.32
N SER A 499 -55.41 59.84 109.43
CA SER A 499 -56.41 59.82 108.37
C SER A 499 -57.88 59.98 108.73
N LEU A 500 -58.12 59.71 110.01
CA LEU A 500 -59.30 60.16 110.71
C LEU A 500 -59.37 61.67 110.87
N VAL A 501 -59.76 62.30 109.76
CA VAL A 501 -59.86 63.73 109.65
C VAL A 501 -61.36 64.02 109.65
N ASN A 502 -61.78 64.98 110.48
CA ASN A 502 -63.21 65.08 110.66
C ASN A 502 -63.80 66.40 110.18
N PRO A 503 -64.89 66.40 109.42
CA PRO A 503 -65.47 67.62 108.87
C PRO A 503 -65.79 68.74 109.84
N THR A 504 -66.64 68.35 110.79
CA THR A 504 -67.17 69.14 111.88
C THR A 504 -66.25 69.98 112.75
N THR A 505 -65.04 69.43 112.91
CA THR A 505 -63.94 70.20 113.45
C THR A 505 -62.90 70.83 112.55
N ALA A 506 -62.85 70.49 111.26
CA ALA A 506 -61.78 70.74 110.32
C ALA A 506 -60.46 70.01 110.53
N ASN A 507 -60.38 69.35 111.69
CA ASN A 507 -59.22 68.65 112.18
C ASN A 507 -59.31 67.13 112.28
N PRO A 508 -58.20 66.40 112.22
CA PRO A 508 -57.99 65.03 112.67
C PRO A 508 -58.40 64.86 114.12
N VAL A 509 -58.41 63.56 114.44
CA VAL A 509 -58.53 63.14 115.82
C VAL A 509 -57.65 63.79 116.87
N LEU A 510 -56.38 64.06 116.53
CA LEU A 510 -55.28 64.45 117.38
C LEU A 510 -54.85 65.82 116.88
N ASP A 511 -54.56 66.78 117.75
CA ASP A 511 -53.78 67.91 117.30
C ASP A 511 -52.31 67.71 117.67
N THR A 512 -51.61 68.84 117.64
CA THR A 512 -50.24 69.17 117.95
C THR A 512 -49.89 69.09 119.43
N SER A 513 -48.64 68.68 119.69
CA SER A 513 -48.08 68.50 121.02
C SER A 513 -48.85 67.58 121.95
N PHE A 514 -49.21 66.44 121.37
CA PHE A 514 -50.11 65.47 121.98
C PHE A 514 -49.40 64.45 122.86
N SER A 515 -49.99 63.27 123.08
CA SER A 515 -49.56 62.28 124.04
C SER A 515 -49.44 60.84 123.60
N MET A 516 -48.28 60.24 123.90
CA MET A 516 -48.02 58.85 123.62
C MET A 516 -47.58 58.07 124.86
N ALA A 517 -48.28 56.94 125.03
CA ALA A 517 -47.90 55.97 126.02
C ALA A 517 -47.39 54.74 125.28
N TYR A 518 -46.16 54.89 124.79
CA TYR A 518 -45.47 53.73 124.27
C TYR A 518 -45.01 52.76 125.35
N LEU A 519 -45.81 51.69 125.37
CA LEU A 519 -45.59 50.56 126.25
C LEU A 519 -45.29 49.28 125.50
N GLY A 520 -44.55 48.40 126.16
CA GLY A 520 -43.89 47.24 125.58
C GLY A 520 -42.69 47.59 124.72
N ALA A 521 -41.79 48.33 125.36
CA ALA A 521 -40.70 49.04 124.73
C ALA A 521 -39.38 48.27 124.68
N SER A 522 -38.60 48.66 123.67
CA SER A 522 -37.35 47.96 123.45
C SER A 522 -36.14 48.78 123.00
N SER A 523 -34.95 48.32 123.39
CA SER A 523 -33.65 48.81 122.99
C SER A 523 -33.17 48.70 121.54
N ALA A 524 -34.19 48.39 120.73
CA ALA A 524 -34.11 48.29 119.29
C ALA A 524 -32.77 48.60 118.63
N HIS A 525 -31.84 47.64 118.70
CA HIS A 525 -30.49 47.69 118.19
C HIS A 525 -30.30 47.67 116.69
N ALA A 526 -31.37 48.10 116.00
CA ALA A 526 -31.33 48.24 114.57
C ALA A 526 -30.82 49.60 114.12
N ASN A 527 -29.51 49.77 114.23
CA ASN A 527 -28.80 51.03 114.09
C ASN A 527 -29.06 52.24 114.96
N ALA A 528 -30.20 52.21 115.66
CA ALA A 528 -30.45 53.22 116.67
C ALA A 528 -30.12 53.10 118.15
N ASP A 529 -30.23 51.85 118.60
CA ASP A 529 -30.21 51.45 119.99
C ASP A 529 -31.35 51.77 120.95
N GLU A 530 -32.36 52.38 120.31
CA GLU A 530 -33.69 52.80 120.69
C GLU A 530 -34.73 52.56 119.62
N PRO A 531 -36.02 52.64 119.95
CA PRO A 531 -37.04 52.57 118.94
C PRO A 531 -36.99 53.67 117.89
N VAL A 532 -36.48 53.11 116.79
CA VAL A 532 -36.28 53.88 115.58
C VAL A 532 -37.31 54.94 115.23
N ILE A 533 -38.58 54.65 115.47
CA ILE A 533 -39.68 55.59 115.35
C ILE A 533 -39.60 56.90 116.12
N LEU A 534 -39.15 56.83 117.36
CA LEU A 534 -39.29 57.88 118.36
C LEU A 534 -38.61 59.19 118.00
N ALA A 535 -37.29 59.10 117.83
CA ALA A 535 -36.49 60.11 117.16
C ALA A 535 -37.13 60.83 115.98
N ASP A 536 -37.70 60.09 115.02
CA ASP A 536 -38.42 60.65 113.90
C ASP A 536 -39.70 61.37 114.31
N ILE A 537 -40.57 60.70 115.07
CA ILE A 537 -41.75 61.38 115.58
C ILE A 537 -41.56 62.71 116.29
N ARG A 538 -40.58 62.65 117.20
CA ARG A 538 -40.23 63.84 117.94
C ARG A 538 -39.75 65.09 117.22
N SER A 539 -39.03 64.73 116.15
CA SER A 539 -38.49 65.68 115.20
C SER A 539 -39.32 66.22 114.04
N GLY A 540 -40.38 65.45 113.84
CA GLY A 540 -41.42 65.85 112.91
C GLY A 540 -41.46 64.99 111.65
N SER A 541 -41.55 63.70 111.97
CA SER A 541 -41.55 62.83 110.81
C SER A 541 -42.86 62.07 110.63
N ILE A 542 -43.99 62.75 110.86
CA ILE A 542 -45.31 62.19 110.64
C ILE A 542 -45.97 63.03 109.56
N PRO A 543 -46.19 62.45 108.37
CA PRO A 543 -46.94 63.16 107.35
C PRO A 543 -48.27 63.58 107.95
N GLY A 544 -48.61 64.81 107.54
CA GLY A 544 -49.83 65.46 107.97
C GLY A 544 -50.02 65.97 109.39
N LEU A 545 -49.92 65.03 110.35
CA LEU A 545 -49.86 65.38 111.75
C LEU A 545 -48.44 65.76 112.17
N PRO A 546 -48.37 66.81 112.97
CA PRO A 546 -47.10 67.16 113.58
C PRO A 546 -46.87 66.47 114.92
N ILE A 547 -45.71 66.83 115.50
CA ILE A 547 -45.31 66.48 116.85
C ILE A 547 -46.29 66.08 117.94
N PRO A 548 -45.86 65.02 118.63
CA PRO A 548 -46.22 64.99 120.03
C PRO A 548 -45.32 65.72 121.02
N ARG A 549 -45.95 65.95 122.17
CA ARG A 549 -45.27 66.28 123.40
C ARG A 549 -44.64 64.99 123.90
N ARG A 550 -45.51 64.27 124.61
CA ARG A 550 -45.08 63.32 125.63
C ARG A 550 -45.09 61.82 125.35
N ILE A 551 -43.83 61.39 125.35
CA ILE A 551 -43.57 59.99 125.09
C ILE A 551 -42.76 59.25 126.15
N VAL A 552 -43.30 58.06 126.41
CA VAL A 552 -42.67 57.07 127.27
C VAL A 552 -42.23 55.80 126.56
N GLN A 553 -41.15 55.27 127.14
CA GLN A 553 -40.48 54.01 126.89
C GLN A 553 -40.61 53.14 128.12
N PHE A 554 -41.81 52.56 128.20
CA PHE A 554 -42.08 51.62 129.27
C PHE A 554 -41.89 50.13 128.97
N GLY A 555 -41.19 49.39 129.83
CA GLY A 555 -40.99 47.97 129.60
C GLY A 555 -40.10 47.19 130.55
N TYR A 556 -39.37 46.36 129.80
CA TYR A 556 -38.52 45.31 130.32
C TYR A 556 -37.06 45.36 129.89
N ASP A 557 -36.88 45.57 128.58
CA ASP A 557 -35.62 45.79 127.90
C ASP A 557 -35.71 47.21 127.37
N VAL A 558 -35.43 48.19 128.24
CA VAL A 558 -35.60 49.61 128.05
C VAL A 558 -34.38 50.41 128.48
N VAL A 559 -34.19 51.56 127.82
CA VAL A 559 -33.03 52.39 127.98
C VAL A 559 -33.51 53.78 128.41
N HIS A 560 -34.51 54.39 127.77
CA HIS A 560 -35.04 55.67 128.19
C HIS A 560 -36.51 55.70 128.59
N GLY A 561 -36.72 55.34 129.86
CA GLY A 561 -38.00 55.08 130.48
C GLY A 561 -37.87 54.39 131.83
N SER A 562 -38.77 53.44 132.07
CA SER A 562 -38.78 52.63 133.27
C SER A 562 -39.33 51.21 133.19
N LEU A 563 -38.72 50.45 134.09
CA LEU A 563 -39.05 49.07 134.37
C LEU A 563 -40.39 48.82 135.06
N LEU A 564 -41.41 48.62 134.23
CA LEU A 564 -42.71 48.26 134.77
C LEU A 564 -43.34 47.02 134.14
N ASP A 565 -44.10 46.27 134.95
CA ASP A 565 -44.91 45.18 134.45
C ASP A 565 -46.30 45.63 133.99
N LEU A 566 -46.39 45.89 132.69
CA LEU A 566 -47.43 46.59 131.97
C LEU A 566 -48.87 46.08 132.09
N SER A 567 -48.91 44.75 132.02
CA SER A 567 -50.04 43.89 132.30
C SER A 567 -50.81 44.07 133.60
N ARG A 568 -50.03 44.18 134.68
CA ARG A 568 -50.62 44.46 135.97
C ARG A 568 -50.72 45.96 136.26
N ALA A 569 -51.48 46.20 137.33
CA ALA A 569 -51.64 47.48 137.99
C ALA A 569 -50.39 48.26 138.34
N VAL A 570 -50.16 49.21 137.43
CA VAL A 570 -49.05 50.14 137.37
C VAL A 570 -49.49 51.59 137.45
N PRO A 571 -48.60 52.38 138.05
CA PRO A 571 -48.76 53.79 138.37
C PRO A 571 -49.55 54.52 137.30
N THR A 572 -50.78 54.79 137.74
CA THR A 572 -51.81 55.36 136.90
C THR A 572 -51.52 56.76 136.37
N GLY A 573 -50.88 56.82 135.20
CA GLY A 573 -50.71 58.04 134.45
C GLY A 573 -51.30 58.04 133.04
N THR A 574 -52.01 59.15 132.84
CA THR A 574 -53.00 59.41 131.81
C THR A 574 -52.58 59.95 130.45
N PHE A 575 -52.82 59.07 129.47
CA PHE A 575 -52.31 59.30 128.13
C PHE A 575 -53.31 59.11 127.00
N GLY A 576 -53.24 60.04 126.05
CA GLY A 576 -54.04 60.08 124.84
C GLY A 576 -54.02 59.08 123.69
N LEU A 577 -52.78 58.66 123.48
CA LEU A 577 -52.41 57.66 122.51
C LEU A 577 -51.64 56.55 123.22
N VAL A 578 -52.35 55.51 123.65
CA VAL A 578 -51.76 54.37 124.32
C VAL A 578 -51.31 53.32 123.32
N TYR A 579 -50.01 53.29 122.99
CA TYR A 579 -49.47 52.17 122.23
C TYR A 579 -48.98 51.01 123.08
N ALA A 580 -49.88 50.05 123.27
CA ALA A 580 -49.52 48.80 123.92
C ALA A 580 -48.93 47.74 123.01
N ASP A 581 -47.76 47.26 123.45
CA ASP A 581 -47.02 46.27 122.70
C ASP A 581 -46.56 45.00 123.40
N LEU A 582 -47.35 43.94 123.25
CA LEU A 582 -47.00 42.65 123.80
C LEU A 582 -45.87 41.91 123.11
N ASP A 583 -44.65 42.27 123.49
CA ASP A 583 -43.54 41.35 123.25
C ASP A 583 -43.69 40.08 124.08
N GLN A 584 -44.38 39.13 123.45
CA GLN A 584 -44.70 37.81 123.95
C GLN A 584 -43.55 36.80 124.00
N VAL A 585 -42.92 37.00 125.15
CA VAL A 585 -41.68 36.31 125.43
C VAL A 585 -41.76 35.16 126.42
N GLU A 586 -42.07 33.99 125.85
CA GLU A 586 -42.22 32.77 126.59
C GLU A 586 -42.02 31.52 125.73
N ASP A 587 -41.43 30.49 126.33
CA ASP A 587 -41.32 29.25 125.58
C ASP A 587 -42.48 28.31 125.25
N ALA A 588 -43.31 28.30 126.29
CA ALA A 588 -44.47 27.44 126.48
C ALA A 588 -45.76 27.96 125.87
N GLY A 589 -45.73 28.04 124.53
CA GLY A 589 -46.88 28.39 123.73
C GLY A 589 -48.09 27.47 123.75
N THR A 590 -47.88 26.25 124.25
CA THR A 590 -48.99 25.41 124.65
C THR A 590 -50.15 25.86 125.53
N ASP A 591 -49.88 26.90 126.32
CA ASP A 591 -50.84 27.56 127.17
C ASP A 591 -51.43 28.80 126.51
N MET A 592 -52.41 28.44 125.66
CA MET A 592 -53.31 29.42 125.10
C MET A 592 -54.10 30.32 126.04
N PRO A 593 -54.76 29.83 127.09
CA PRO A 593 -55.35 30.54 128.20
C PRO A 593 -54.45 31.66 128.70
N ALA A 594 -53.23 31.33 129.11
CA ALA A 594 -52.31 32.33 129.63
C ALA A 594 -51.95 33.45 128.65
N ALA A 595 -51.85 33.07 127.37
CA ALA A 595 -51.66 33.94 126.24
C ALA A 595 -52.73 35.01 126.03
N ASN A 596 -53.99 34.60 126.16
CA ASN A 596 -55.15 35.48 126.18
C ASN A 596 -55.40 36.23 127.47
N ARG A 597 -55.17 35.58 128.61
CA ARG A 597 -55.30 36.32 129.85
C ARG A 597 -54.34 37.49 130.04
N ALA A 598 -53.11 37.34 129.55
CA ALA A 598 -52.19 38.45 129.47
C ALA A 598 -52.69 39.64 128.68
N ALA A 599 -53.30 39.39 127.51
CA ALA A 599 -53.86 40.39 126.61
C ALA A 599 -55.04 41.19 127.13
N ILE A 600 -55.84 40.41 127.85
CA ILE A 600 -56.93 40.88 128.67
C ILE A 600 -56.47 41.82 129.78
N ALA A 601 -55.42 41.34 130.46
CA ALA A 601 -54.88 42.21 131.49
C ALA A 601 -54.32 43.59 131.15
N MET A 602 -53.45 43.59 130.13
CA MET A 602 -53.01 44.85 129.57
C MET A 602 -54.04 45.64 128.77
N LEU A 603 -55.18 45.05 128.40
CA LEU A 603 -56.27 45.76 127.78
C LEU A 603 -57.00 46.66 128.78
N GLY A 604 -57.15 46.01 129.94
CA GLY A 604 -57.51 46.73 131.15
C GLY A 604 -56.67 47.93 131.55
N THR A 605 -55.38 47.63 131.72
CA THR A 605 -54.41 48.67 131.96
C THR A 605 -54.35 49.85 130.99
N ALA A 606 -54.61 49.59 129.71
CA ALA A 606 -54.68 50.60 128.69
C ALA A 606 -55.89 51.51 128.75
N LEU A 607 -57.01 50.90 129.11
CA LEU A 607 -58.16 51.67 129.54
C LEU A 607 -58.03 52.54 130.78
N GLN A 608 -57.36 51.98 131.79
CA GLN A 608 -57.01 52.72 132.98
C GLN A 608 -56.18 53.96 132.74
N MET A 609 -55.27 53.76 131.78
CA MET A 609 -54.44 54.77 131.16
C MET A 609 -55.04 55.86 130.29
N THR A 610 -56.18 55.66 129.61
CA THR A 610 -56.72 56.66 128.71
C THR A 610 -57.40 57.92 129.22
N THR A 611 -56.93 59.09 128.81
CA THR A 611 -57.67 60.33 129.00
C THR A 611 -58.93 60.43 128.15
N ALA A 612 -59.89 61.11 128.78
CA ALA A 612 -61.26 61.15 128.30
C ALA A 612 -61.53 61.35 126.81
N GLY A 613 -61.79 60.25 126.11
CA GLY A 613 -61.94 60.13 124.68
C GLY A 613 -60.98 59.21 123.93
N GLY A 614 -59.86 59.01 124.63
CA GLY A 614 -58.58 58.52 124.18
C GLY A 614 -58.48 57.22 123.39
N VAL A 615 -57.46 57.22 122.53
CA VAL A 615 -57.26 56.05 121.70
C VAL A 615 -56.10 55.21 122.20
N SER A 616 -56.16 53.93 121.81
CA SER A 616 -55.27 52.87 122.26
C SER A 616 -55.00 51.86 121.17
N VAL A 617 -53.75 51.40 121.01
CA VAL A 617 -53.33 50.39 120.08
C VAL A 617 -52.89 49.12 120.81
N LEU A 618 -53.38 47.96 120.36
CA LEU A 618 -53.08 46.73 121.05
C LEU A 618 -52.52 45.72 120.07
N LYS A 619 -51.20 45.63 120.17
CA LYS A 619 -50.43 44.68 119.38
C LYS A 619 -50.60 43.34 120.08
N VAL A 620 -51.44 42.51 119.45
CA VAL A 620 -51.63 41.15 119.92
C VAL A 620 -51.27 40.10 118.88
N ASN A 621 -50.40 39.24 119.41
CA ASN A 621 -49.81 38.11 118.72
C ASN A 621 -50.66 36.95 118.21
N PHE A 622 -51.27 36.30 119.20
CA PHE A 622 -52.28 35.28 119.00
C PHE A 622 -53.70 35.82 119.15
N PRO A 623 -54.44 36.06 118.06
CA PRO A 623 -55.86 36.32 118.19
C PRO A 623 -56.65 35.02 118.32
N THR A 624 -57.86 35.11 118.88
CA THR A 624 -58.80 34.03 119.08
C THR A 624 -60.15 34.66 119.36
N ARG A 625 -61.14 33.78 119.16
CA ARG A 625 -62.50 34.02 119.58
C ARG A 625 -62.66 34.49 121.03
N ALA A 626 -62.01 33.79 121.96
CA ALA A 626 -62.15 34.12 123.36
C ALA A 626 -61.65 35.51 123.74
N PHE A 627 -60.56 35.90 123.07
CA PHE A 627 -60.13 37.29 123.09
C PHE A 627 -61.06 38.39 122.62
N TRP A 628 -61.59 38.13 121.42
CA TRP A 628 -62.56 39.00 120.77
C TRP A 628 -63.81 39.17 121.63
N THR A 629 -64.22 38.02 122.16
CA THR A 629 -65.16 37.90 123.24
C THR A 629 -64.98 38.87 124.40
N GLN A 630 -63.86 38.71 125.12
CA GLN A 630 -63.53 39.60 126.20
C GLN A 630 -63.36 41.10 125.96
N VAL A 631 -62.90 41.33 124.72
CA VAL A 631 -62.91 42.69 124.23
C VAL A 631 -64.27 43.37 124.20
N PHE A 632 -65.16 42.69 123.47
CA PHE A 632 -66.55 43.02 123.24
C PHE A 632 -67.26 43.31 124.55
N ASN A 633 -67.41 42.20 125.27
CA ASN A 633 -68.01 42.17 126.59
C ASN A 633 -67.54 43.05 127.74
N LEU A 634 -66.22 43.30 127.76
CA LEU A 634 -65.62 44.01 128.86
C LEU A 634 -65.28 45.47 128.59
N TYR A 635 -65.23 45.82 127.30
CA TYR A 635 -64.71 47.10 126.86
C TYR A 635 -65.52 47.99 125.93
N ALA A 636 -66.19 47.30 125.00
CA ALA A 636 -66.90 47.91 123.90
C ALA A 636 -67.94 48.97 124.24
N THR A 637 -68.69 48.70 125.31
CA THR A 637 -69.41 49.61 126.17
C THR A 637 -68.97 51.06 126.31
N HIS A 638 -67.65 51.17 126.51
CA HIS A 638 -66.85 52.36 126.72
C HIS A 638 -65.81 52.73 125.67
N ALA A 639 -66.21 52.34 124.46
CA ALA A 639 -65.37 52.65 123.31
C ALA A 639 -66.37 52.92 122.20
N THR A 640 -66.11 53.96 121.40
CA THR A 640 -66.95 54.33 120.27
C THR A 640 -66.67 53.70 118.92
N THR A 641 -65.39 53.47 118.59
CA THR A 641 -64.94 52.98 117.30
C THR A 641 -63.83 51.94 117.33
N LEU A 642 -63.86 50.93 116.45
CA LEU A 642 -62.88 49.88 116.27
C LEU A 642 -62.19 49.82 114.91
N HIS A 643 -60.86 50.00 114.95
CA HIS A 643 -59.95 49.79 113.84
C HIS A 643 -58.91 48.78 114.25
N LEU A 644 -58.28 48.20 113.23
CA LEU A 644 -57.25 47.20 113.46
C LEU A 644 -56.43 47.14 112.18
N VAL A 645 -55.13 46.84 112.29
CA VAL A 645 -54.20 46.60 111.22
C VAL A 645 -53.17 45.51 111.40
N LYS A 646 -52.73 45.01 110.24
CA LYS A 646 -51.55 44.18 110.14
C LYS A 646 -50.55 44.74 109.13
N PRO A 647 -49.43 45.23 109.67
CA PRO A 647 -48.19 45.39 108.94
C PRO A 647 -47.65 44.07 108.41
N THR A 648 -47.77 43.87 107.09
CA THR A 648 -47.43 42.66 106.39
C THR A 648 -46.04 42.62 105.74
N ILE A 649 -45.12 42.23 106.62
CA ILE A 649 -43.68 42.15 106.54
C ILE A 649 -43.16 40.76 106.25
N VAL A 650 -43.62 39.93 107.19
CA VAL A 650 -43.49 38.49 107.32
C VAL A 650 -44.83 37.81 107.61
N ASN A 651 -44.76 36.50 107.43
CA ASN A 651 -45.90 35.63 107.69
C ASN A 651 -46.10 35.20 109.13
N SER A 652 -47.08 35.88 109.72
CA SER A 652 -47.44 35.74 111.12
C SER A 652 -48.73 36.41 111.56
N SER A 653 -49.31 35.89 112.65
CA SER A 653 -50.58 36.30 113.20
C SER A 653 -50.71 37.48 114.15
N GLU A 654 -50.00 38.58 113.85
CA GLU A 654 -49.80 39.64 114.82
C GLU A 654 -50.56 40.88 114.37
N VAL A 655 -51.75 40.94 114.97
CA VAL A 655 -52.67 42.05 114.85
C VAL A 655 -52.62 43.15 115.91
N PHE A 656 -52.81 44.32 115.32
CA PHE A 656 -52.90 45.60 116.00
C PHE A 656 -54.28 46.20 116.22
N LEU A 657 -54.74 46.02 117.45
CA LEU A 657 -56.06 46.47 117.81
C LEU A 657 -56.18 47.95 118.14
N VAL A 658 -56.65 48.70 117.14
CA VAL A 658 -56.47 50.14 117.16
C VAL A 658 -57.85 50.67 117.57
N PHE A 659 -58.02 50.83 118.88
CA PHE A 659 -59.33 51.30 119.28
C PHE A 659 -59.33 52.79 119.61
N GLY A 660 -60.47 53.33 119.16
CA GLY A 660 -60.87 54.72 119.29
C GLY A 660 -62.13 54.98 120.12
N GLY A 661 -61.98 56.14 120.75
CA GLY A 661 -62.99 56.67 121.66
C GLY A 661 -63.25 56.02 123.00
N ARG A 662 -62.15 55.92 123.75
CA ARG A 662 -62.11 55.40 125.12
C ARG A 662 -62.59 56.26 126.27
N GLN A 663 -63.21 55.50 127.18
CA GLN A 663 -63.98 55.95 128.33
C GLN A 663 -65.21 56.79 128.04
N SER A 664 -65.85 56.33 126.96
CA SER A 664 -67.12 56.92 126.59
C SER A 664 -68.14 55.89 126.14
N ASN A 665 -69.44 56.11 126.28
CA ASN A 665 -70.44 55.16 125.80
C ASN A 665 -70.46 54.86 124.31
N GLY A 666 -70.57 53.57 124.02
CA GLY A 666 -70.64 52.95 122.72
C GLY A 666 -71.31 51.59 122.72
N ALA A 667 -71.89 51.23 121.57
CA ALA A 667 -72.51 49.93 121.40
C ALA A 667 -72.05 49.15 120.18
N LEU A 668 -70.72 49.04 120.13
CA LEU A 668 -69.89 48.31 119.19
C LEU A 668 -70.23 46.83 119.19
N ARG A 669 -70.08 46.25 118.00
CA ARG A 669 -70.33 44.85 117.73
C ARG A 669 -69.50 44.40 116.53
N SER A 670 -69.28 43.10 116.36
CA SER A 670 -68.51 42.56 115.26
C SER A 670 -69.00 42.83 113.84
N THR A 671 -68.10 43.24 112.96
CA THR A 671 -68.57 43.81 111.71
C THR A 671 -68.31 42.84 110.57
N THR A 672 -69.14 42.87 109.53
CA THR A 672 -68.85 42.14 108.31
C THR A 672 -67.49 42.35 107.67
N ALA A 673 -67.04 43.61 107.79
CA ALA A 673 -65.74 44.05 107.32
C ALA A 673 -64.65 43.25 108.01
N LEU A 674 -64.72 43.35 109.35
CA LEU A 674 -63.90 42.65 110.30
C LEU A 674 -63.92 41.16 110.03
N GLN A 675 -65.12 40.58 109.85
CA GLN A 675 -65.06 39.22 109.36
C GLN A 675 -64.31 38.89 108.08
N ARG A 676 -64.68 39.56 106.99
CA ARG A 676 -63.91 39.39 105.78
C ARG A 676 -62.40 39.50 105.97
N ALA A 677 -62.04 40.55 106.71
CA ALA A 677 -60.64 40.74 106.98
C ALA A 677 -59.85 39.75 107.83
N LEU A 678 -60.54 39.29 108.87
CA LEU A 678 -60.11 38.06 109.52
C LEU A 678 -59.81 36.78 108.77
N LEU A 679 -60.75 36.62 107.83
CA LEU A 679 -60.67 35.43 107.00
C LEU A 679 -59.57 35.40 105.95
N SER A 680 -59.48 36.59 105.36
CA SER A 680 -58.43 36.94 104.42
C SER A 680 -56.97 36.90 104.89
N LEU A 681 -56.87 37.42 106.11
CA LEU A 681 -55.64 37.33 106.87
C LEU A 681 -55.19 35.90 107.14
N TYR A 682 -56.06 35.17 107.84
CA TYR A 682 -55.84 33.78 108.15
C TYR A 682 -55.47 32.91 106.96
N ALA A 683 -56.16 33.19 105.85
CA ALA A 683 -56.02 32.49 104.59
C ALA A 683 -54.69 32.80 103.93
N ARG A 684 -54.29 34.08 103.89
CA ARG A 684 -52.96 34.52 103.51
C ARG A 684 -51.82 33.82 104.24
N ASN A 685 -51.99 33.83 105.57
CA ASN A 685 -51.11 33.09 106.46
C ASN A 685 -50.92 31.62 106.11
N ALA A 686 -52.08 30.98 105.94
CA ALA A 686 -52.19 29.58 105.62
C ALA A 686 -51.61 29.11 104.29
N ALA A 687 -51.99 29.86 103.25
CA ALA A 687 -51.54 29.62 101.89
C ALA A 687 -50.03 29.69 101.73
N ILE A 688 -49.44 30.73 102.31
CA ILE A 688 -48.02 31.01 102.36
C ILE A 688 -47.25 30.02 103.22
N ASP A 689 -47.94 29.70 104.31
CA ASP A 689 -47.54 28.61 105.17
C ASP A 689 -47.23 27.26 104.53
N ARG A 690 -48.20 26.83 103.71
CA ARG A 690 -48.07 25.60 102.97
C ARG A 690 -46.95 25.52 101.95
N ALA A 691 -46.86 26.59 101.14
CA ALA A 691 -45.64 26.83 100.39
C ALA A 691 -44.33 26.79 101.16
N VAL A 692 -44.12 27.76 102.06
CA VAL A 692 -42.85 27.94 102.73
C VAL A 692 -42.27 26.68 103.37
N THR A 693 -43.20 25.89 103.89
CA THR A 693 -42.91 24.59 104.46
C THR A 693 -42.12 23.55 103.68
N HIS A 694 -42.08 23.89 102.39
CA HIS A 694 -41.44 23.16 101.32
C HIS A 694 -40.04 23.55 100.88
N ILE A 695 -39.67 24.74 101.36
CA ILE A 695 -38.41 25.41 101.09
C ILE A 695 -37.30 24.79 101.94
N PRO A 696 -36.08 24.52 101.47
CA PRO A 696 -34.99 24.01 102.27
C PRO A 696 -34.50 24.83 103.45
N PHE A 697 -34.39 24.17 104.60
CA PHE A 697 -33.74 24.78 105.74
C PHE A 697 -32.28 25.13 105.55
N PHE A 698 -31.92 26.04 106.45
CA PHE A 698 -30.56 26.42 106.78
C PHE A 698 -29.61 25.24 106.98
N GLY A 699 -28.45 25.41 106.34
CA GLY A 699 -27.45 24.37 106.39
C GLY A 699 -27.89 22.96 105.99
N VAL A 700 -28.47 22.91 104.79
CA VAL A 700 -28.91 21.72 104.08
C VAL A 700 -27.99 21.35 102.93
N PRO A 701 -27.32 20.20 103.10
CA PRO A 701 -26.71 19.59 101.93
C PRO A 701 -27.78 19.13 100.96
N ASP A 702 -27.32 19.10 99.71
CA ASP A 702 -28.13 18.46 98.69
C ASP A 702 -28.49 16.99 98.88
N ASP A 703 -29.78 16.75 99.12
CA ASP A 703 -30.37 15.43 99.29
C ASP A 703 -31.19 14.84 98.15
N GLY A 704 -31.36 15.64 97.09
CA GLY A 704 -32.17 15.24 95.95
C GLY A 704 -33.63 15.63 96.08
N THR A 705 -34.11 15.48 97.32
CA THR A 705 -35.49 15.64 97.70
C THR A 705 -36.17 16.99 97.88
N SER A 706 -35.39 17.93 98.42
CA SER A 706 -35.84 19.30 98.59
C SER A 706 -36.38 19.95 97.33
N ASP A 707 -37.55 20.56 97.53
CA ASP A 707 -38.28 21.17 96.45
C ASP A 707 -37.49 22.05 95.48
N LEU A 708 -36.42 22.60 96.04
CA LEU A 708 -35.36 23.44 95.51
C LEU A 708 -33.99 22.98 95.98
N GLY A 709 -33.03 23.11 95.07
CA GLY A 709 -31.62 22.89 95.36
C GLY A 709 -30.68 22.97 94.17
N ILE A 710 -29.38 22.85 94.43
CA ILE A 710 -28.39 23.02 93.38
C ILE A 710 -27.67 21.74 92.99
N ASP A 711 -27.97 21.42 91.72
CA ASP A 711 -27.32 20.34 91.01
C ASP A 711 -26.49 20.97 89.89
N ALA A 712 -25.19 20.93 90.16
CA ALA A 712 -24.13 21.27 89.23
C ALA A 712 -23.20 20.07 89.08
N VAL A 713 -22.94 19.90 87.78
CA VAL A 713 -21.99 18.95 87.22
C VAL A 713 -20.76 19.61 86.63
N ARG A 714 -19.60 18.94 86.68
CA ARG A 714 -18.45 19.58 86.06
C ARG A 714 -17.75 18.73 85.00
N LEU A 715 -17.17 19.45 84.04
CA LEU A 715 -16.46 18.83 82.94
C LEU A 715 -14.99 19.16 83.10
N PHE A 716 -14.29 18.11 83.53
CA PHE A 716 -12.86 18.07 83.82
C PHE A 716 -12.05 18.05 82.53
N ASP A 717 -11.55 19.25 82.24
CA ASP A 717 -10.88 19.46 80.97
C ASP A 717 -11.71 19.22 79.72
N PRO A 718 -12.16 20.27 79.01
CA PRO A 718 -13.43 20.19 78.32
C PRO A 718 -13.43 19.18 77.18
N MET A 719 -14.22 18.12 77.35
CA MET A 719 -14.51 17.18 76.29
C MET A 719 -15.91 17.22 75.69
N PHE A 720 -16.34 18.43 75.32
CA PHE A 720 -17.60 18.69 74.65
C PHE A 720 -17.91 17.81 73.45
N SER A 721 -17.00 17.94 72.47
CA SER A 721 -16.90 17.13 71.28
C SER A 721 -18.20 16.96 70.51
N ASP A 722 -18.87 15.81 70.52
CA ASP A 722 -20.08 15.49 69.79
C ASP A 722 -21.05 14.58 70.52
N ALA A 723 -21.83 13.77 69.81
CA ALA A 723 -22.69 12.81 70.48
C ALA A 723 -21.99 11.55 70.99
N VAL A 724 -21.16 10.95 70.14
CA VAL A 724 -20.41 9.75 70.41
C VAL A 724 -19.63 9.59 71.72
N ALA A 725 -19.13 10.72 72.22
CA ALA A 725 -18.47 10.90 73.49
C ALA A 725 -19.23 10.43 74.72
N ASN A 726 -20.57 10.48 74.65
CA ASN A 726 -21.47 10.00 75.69
C ASN A 726 -21.39 10.53 77.11
N LEU A 727 -20.34 10.13 77.81
CA LEU A 727 -20.35 10.45 79.22
C LEU A 727 -20.43 11.94 79.52
N PRO A 728 -19.72 12.77 78.75
CA PRO A 728 -19.85 14.21 78.93
C PRO A 728 -21.25 14.70 78.59
N SER A 729 -21.61 14.50 77.32
CA SER A 729 -22.85 14.84 76.66
C SER A 729 -24.10 14.39 77.42
N ASN A 730 -24.10 13.12 77.85
CA ASN A 730 -25.13 12.62 78.73
C ASN A 730 -25.29 13.26 80.10
N ALA A 731 -24.16 13.59 80.74
CA ALA A 731 -24.22 14.28 82.00
C ALA A 731 -24.79 15.69 82.01
N LEU A 732 -24.30 16.42 81.00
CA LEU A 732 -24.89 17.59 80.41
C LEU A 732 -26.41 17.59 80.23
N ALA A 733 -26.80 16.69 79.33
CA ALA A 733 -28.18 16.31 79.08
C ALA A 733 -29.08 16.05 80.28
N SER A 734 -28.46 15.28 81.17
CA SER A 734 -29.04 14.90 82.44
C SER A 734 -29.42 16.10 83.31
N LEU A 735 -28.40 16.95 83.39
CA LEU A 735 -28.55 18.19 84.14
C LEU A 735 -29.64 19.12 83.65
N VAL A 736 -29.70 19.11 82.31
CA VAL A 736 -30.75 19.78 81.59
C VAL A 736 -32.14 19.18 81.77
N SER A 737 -32.27 17.86 81.84
CA SER A 737 -33.50 17.20 82.27
C SER A 737 -34.04 17.43 83.67
N ARG A 738 -33.07 17.50 84.58
CA ARG A 738 -33.38 17.95 85.92
C ARG A 738 -33.93 19.34 86.17
N VAL A 739 -33.39 20.24 85.35
CA VAL A 739 -33.68 21.66 85.44
C VAL A 739 -34.80 22.25 84.61
N VAL A 740 -34.92 21.62 83.44
CA VAL A 740 -35.97 21.92 82.49
C VAL A 740 -36.19 23.43 82.36
N PRO A 741 -35.67 24.02 81.28
CA PRO A 741 -35.62 25.45 81.07
C PRO A 741 -36.07 26.48 82.09
N SER A 742 -35.32 26.36 83.20
CA SER A 742 -35.34 27.44 84.17
C SER A 742 -33.97 28.04 84.42
N SER A 743 -33.14 27.20 85.05
CA SER A 743 -31.74 27.52 85.24
C SER A 743 -30.71 26.64 84.54
N ILE A 744 -29.78 27.37 83.93
CA ILE A 744 -28.74 26.69 83.18
C ILE A 744 -27.46 27.44 82.82
N MET A 745 -26.40 27.19 83.59
CA MET A 745 -25.13 27.88 83.49
C MET A 745 -24.06 26.92 83.01
N PHE A 746 -23.13 27.48 82.24
CA PHE A 746 -21.83 26.90 81.99
C PHE A 746 -20.73 27.93 82.01
N THR A 747 -19.59 27.48 82.56
CA THR A 747 -18.41 28.31 82.67
C THR A 747 -17.14 27.49 82.65
N ARG A 748 -16.25 27.82 81.70
CA ARG A 748 -14.90 27.31 81.65
C ARG A 748 -13.86 28.02 82.51
N VAL A 749 -13.69 27.51 83.73
CA VAL A 749 -13.11 28.36 84.76
C VAL A 749 -11.63 28.64 84.54
N PRO A 750 -11.29 29.93 84.52
CA PRO A 750 -9.91 30.32 84.77
C PRO A 750 -9.32 29.63 85.99
N SER A 751 -8.39 28.73 85.65
CA SER A 751 -7.75 27.78 86.54
C SER A 751 -6.54 27.08 85.94
N ASN A 752 -5.55 26.73 86.77
CA ASN A 752 -4.35 26.15 86.20
C ASN A 752 -4.14 24.71 86.66
N GLY A 753 -4.25 23.74 85.75
CA GLY A 753 -4.46 22.31 85.90
C GLY A 753 -5.66 21.77 85.14
N PRO A 754 -6.53 20.95 85.74
CA PRO A 754 -7.70 20.49 85.00
C PRO A 754 -8.64 21.68 84.98
N VAL A 755 -8.93 22.20 83.78
CA VAL A 755 -9.74 23.35 83.44
C VAL A 755 -11.21 22.99 83.46
N SER A 756 -11.76 23.20 84.65
CA SER A 756 -13.16 22.90 84.90
C SER A 756 -14.24 23.71 84.20
N THR A 757 -15.05 23.00 83.42
CA THR A 757 -16.22 23.63 82.85
C THR A 757 -17.49 23.18 83.54
N THR A 758 -17.65 23.85 84.69
CA THR A 758 -18.77 23.67 85.59
C THR A 758 -20.08 24.08 84.92
N ILE A 759 -21.03 23.15 85.03
CA ILE A 759 -22.38 23.37 84.55
C ILE A 759 -23.35 23.37 85.72
N TYR A 760 -24.06 24.48 85.92
CA TYR A 760 -24.91 24.68 87.08
C TYR A 760 -26.41 24.82 86.91
N GLY A 761 -27.14 24.05 87.72
CA GLY A 761 -28.57 24.18 87.89
C GLY A 761 -29.24 24.05 89.25
N LYS A 762 -30.50 24.49 89.19
CA LYS A 762 -31.44 24.53 90.28
C LYS A 762 -32.65 23.64 90.04
N ARG A 763 -32.94 22.66 90.91
CA ARG A 763 -34.12 21.83 90.83
C ARG A 763 -35.31 22.56 91.44
N THR A 764 -36.42 22.37 90.70
CA THR A 764 -37.77 22.70 91.07
C THR A 764 -38.88 21.66 90.94
N PHE A 765 -39.91 21.73 91.79
CA PHE A 765 -41.04 20.86 91.57
C PHE A 765 -41.49 20.78 90.11
N LEU A 766 -41.52 21.97 89.50
CA LEU A 766 -41.78 22.15 88.08
C LEU A 766 -40.96 21.45 87.00
N SER A 767 -39.64 21.66 87.13
CA SER A 767 -38.70 20.88 86.36
C SER A 767 -38.86 19.37 86.44
N ASN A 768 -39.19 18.86 87.62
CA ASN A 768 -39.47 17.46 87.82
C ASN A 768 -40.59 16.77 87.06
N ARG A 769 -41.63 17.60 86.90
CA ARG A 769 -42.85 17.22 86.22
C ARG A 769 -42.56 16.86 84.77
N ARG A 770 -41.88 17.79 84.10
CA ARG A 770 -41.30 17.56 82.80
C ARG A 770 -40.36 16.38 82.68
N ARG A 771 -39.42 16.19 83.61
CA ARG A 771 -38.49 15.09 83.60
C ARG A 771 -39.19 13.74 83.53
N ALA A 772 -40.31 13.76 84.26
CA ALA A 772 -41.19 12.61 84.43
C ALA A 772 -41.93 12.13 83.21
N ARG A 773 -42.24 13.13 82.37
CA ARG A 773 -42.82 12.99 81.05
C ARG A 773 -41.84 12.48 79.99
N LEU A 774 -40.55 12.60 80.27
CA LEU A 774 -39.53 12.05 79.39
C LEU A 774 -39.39 10.54 79.26
N ARG A 775 -39.29 10.23 77.97
CA ARG A 775 -38.68 8.98 77.57
C ARG A 775 -37.17 8.76 77.65
N ASP A 776 -36.58 9.88 77.24
CA ASP A 776 -35.14 9.90 77.15
C ASP A 776 -34.70 11.36 76.96
N VAL A 777 -33.39 11.48 77.15
CA VAL A 777 -32.73 12.75 77.27
C VAL A 777 -31.84 13.14 76.09
N PRO A 778 -32.28 14.08 75.26
CA PRO A 778 -31.49 14.50 74.12
C PRO A 778 -30.13 15.10 74.46
N MET A 779 -29.05 14.47 74.00
CA MET A 779 -27.73 15.07 74.03
C MET A 779 -27.76 16.29 73.12
N LEU A 780 -27.90 17.48 73.71
CA LEU A 780 -27.84 18.75 73.02
C LEU A 780 -26.62 19.04 72.15
N ILE A 781 -26.81 19.79 71.06
CA ILE A 781 -25.76 20.07 70.11
C ILE A 781 -24.50 20.76 70.63
N THR A 782 -23.46 19.93 70.71
CA THR A 782 -22.17 20.30 71.25
C THR A 782 -21.48 21.60 70.83
N THR A 783 -21.87 22.03 69.63
CA THR A 783 -21.33 23.18 68.95
C THR A 783 -21.62 24.56 69.55
N THR A 784 -22.78 24.65 70.19
CA THR A 784 -23.28 25.82 70.88
C THR A 784 -22.43 26.17 72.09
N LEU A 785 -22.05 25.06 72.73
CA LEU A 785 -21.02 25.15 73.74
C LEU A 785 -19.59 25.50 73.37
N VAL A 786 -19.11 24.91 72.27
CA VAL A 786 -17.79 25.02 71.71
C VAL A 786 -17.48 26.43 71.22
N HIS A 787 -18.49 27.08 70.63
CA HIS A 787 -18.31 28.50 70.40
C HIS A 787 -17.57 29.46 71.33
N GLN A 788 -17.56 29.21 72.65
CA GLN A 788 -16.85 29.92 73.68
C GLN A 788 -15.41 29.45 73.93
N ARG A 789 -14.50 30.09 73.18
CA ARG A 789 -13.12 29.72 73.02
C ARG A 789 -12.16 30.17 74.12
N ARG A 790 -12.72 30.71 75.20
CA ARG A 790 -11.96 31.36 76.25
C ARG A 790 -12.14 30.88 77.68
N PHE A 791 -11.83 31.80 78.59
CA PHE A 791 -12.03 31.63 80.02
C PHE A 791 -13.14 32.45 80.65
N THR A 792 -14.07 31.63 81.16
CA THR A 792 -15.18 32.09 81.97
C THR A 792 -15.16 31.63 83.42
N THR A 793 -15.32 32.68 84.24
CA THR A 793 -15.22 32.56 85.68
C THR A 793 -16.36 31.77 86.30
N PRO A 794 -16.24 31.12 87.46
CA PRO A 794 -17.26 30.31 88.11
C PRO A 794 -18.41 31.13 88.67
N PRO A 795 -19.58 30.49 88.75
CA PRO A 795 -20.70 31.06 89.46
C PRO A 795 -20.44 30.98 90.96
N THR A 796 -20.99 31.96 91.68
CA THR A 796 -21.05 32.14 93.11
C THR A 796 -21.86 31.18 93.98
N PHE A 797 -22.75 30.48 93.27
CA PHE A 797 -23.70 29.57 93.85
C PHE A 797 -24.76 30.10 94.81
N THR A 798 -25.95 30.39 94.28
CA THR A 798 -27.07 31.00 94.98
C THR A 798 -28.44 30.47 94.60
N LEU A 799 -29.19 30.02 95.60
CA LEU A 799 -30.56 29.55 95.53
C LEU A 799 -31.64 30.51 95.05
N PHE A 800 -31.64 31.65 95.75
CA PHE A 800 -32.53 32.73 95.41
C PHE A 800 -31.82 33.73 94.51
N SER A 801 -32.67 34.50 93.83
CA SER A 801 -32.26 35.41 92.77
C SER A 801 -32.23 36.89 93.12
N SER A 802 -33.23 37.61 92.61
CA SER A 802 -33.26 39.06 92.53
C SER A 802 -34.57 39.67 92.98
N GLU A 803 -35.64 39.61 92.19
CA GLU A 803 -36.93 40.24 92.34
C GLU A 803 -38.09 39.78 91.44
N ALA A 804 -39.29 40.16 91.86
CA ALA A 804 -40.56 39.88 91.21
C ALA A 804 -41.06 41.05 90.38
N VAL A 805 -40.88 40.90 89.07
CA VAL A 805 -41.47 41.68 88.00
C VAL A 805 -42.98 41.52 88.02
N PRO A 806 -43.70 42.64 88.16
CA PRO A 806 -45.15 42.68 88.05
C PRO A 806 -45.72 41.82 86.94
N VAL A 807 -45.48 42.17 85.67
CA VAL A 807 -45.85 41.29 84.58
C VAL A 807 -45.74 39.78 84.69
N THR A 808 -44.55 39.29 85.09
CA THR A 808 -44.27 37.90 85.35
C THR A 808 -45.08 37.22 86.46
N THR A 809 -45.29 37.86 87.60
CA THR A 809 -46.27 37.54 88.63
C THR A 809 -47.64 37.22 88.08
N LEU A 810 -48.16 38.13 87.24
CA LEU A 810 -49.48 38.03 86.64
C LEU A 810 -49.61 36.84 85.69
N VAL A 811 -48.55 36.56 84.94
CA VAL A 811 -48.53 35.42 84.05
C VAL A 811 -48.53 34.11 84.83
N ALA A 812 -47.55 34.00 85.73
CA ALA A 812 -47.61 32.99 86.76
C ALA A 812 -48.87 32.63 87.55
N ALA A 813 -49.65 33.66 87.89
CA ALA A 813 -51.04 33.52 88.28
C ALA A 813 -52.14 32.93 87.42
N GLY A 814 -52.08 33.26 86.12
CA GLY A 814 -52.80 32.50 85.12
C GLY A 814 -52.37 31.05 85.00
N TYR A 815 -51.07 30.80 84.97
CA TYR A 815 -50.45 29.49 85.01
C TYR A 815 -50.74 28.53 86.14
N ASN A 816 -50.74 29.08 87.35
CA ASN A 816 -51.23 28.42 88.54
C ASN A 816 -52.66 27.92 88.40
N SER A 817 -53.49 28.87 87.95
CA SER A 817 -54.88 28.66 87.61
C SER A 817 -55.18 27.52 86.65
N PHE A 818 -54.39 27.44 85.57
CA PHE A 818 -54.39 26.32 84.65
C PHE A 818 -54.22 24.95 85.31
N ILE A 819 -53.08 24.84 85.98
CA ILE A 819 -52.60 23.69 86.72
C ILE A 819 -53.65 23.09 87.65
N SER A 820 -54.21 24.02 88.45
CA SER A 820 -55.17 23.68 89.46
C SER A 820 -56.61 23.54 88.97
N GLU A 821 -56.88 24.02 87.75
CA GLU A 821 -58.12 23.64 87.10
C GLU A 821 -58.20 22.61 85.97
N GLN A 822 -57.54 21.47 86.18
CA GLN A 822 -57.55 20.37 85.25
C GLN A 822 -58.83 19.55 85.33
N THR A 823 -59.64 19.69 84.28
CA THR A 823 -60.82 18.85 84.18
C THR A 823 -61.85 19.00 85.29
N ARG A 824 -61.70 18.12 86.29
CA ARG A 824 -62.71 18.09 87.32
C ARG A 824 -61.96 18.05 88.64
N ASN A 825 -61.43 19.24 88.92
CA ASN A 825 -60.38 19.39 89.92
C ASN A 825 -59.13 18.53 89.86
N PRO A 826 -57.99 19.15 89.54
CA PRO A 826 -56.86 18.41 89.01
C PRO A 826 -56.97 16.94 88.67
N ASN A 827 -57.78 16.71 87.63
CA ASN A 827 -58.29 15.39 87.33
C ASN A 827 -57.91 14.74 86.00
N LEU A 828 -56.73 15.05 85.47
CA LEU A 828 -56.28 14.69 84.14
C LEU A 828 -56.98 15.15 82.86
N ALA A 829 -56.23 15.71 81.90
CA ALA A 829 -56.82 16.64 80.96
C ALA A 829 -56.31 16.49 79.54
N HIS A 830 -57.26 16.30 78.62
CA HIS A 830 -57.00 16.45 77.20
C HIS A 830 -57.23 17.89 76.78
N LEU A 831 -56.05 18.49 76.57
CA LEU A 831 -56.01 19.88 76.17
C LEU A 831 -55.18 20.23 74.94
N LEU A 832 -55.39 21.50 74.57
CA LEU A 832 -54.56 22.36 73.74
C LEU A 832 -53.92 23.55 74.41
N ASP A 833 -52.72 23.76 73.85
CA ASP A 833 -52.04 25.04 73.93
C ASP A 833 -52.24 25.85 72.65
N LEU A 834 -52.90 26.98 72.90
CA LEU A 834 -53.07 28.01 71.90
C LEU A 834 -52.02 29.10 72.10
N GLY A 835 -50.98 28.85 71.31
CA GLY A 835 -49.77 29.64 71.17
C GLY A 835 -48.51 29.19 71.88
N THR A 836 -48.12 27.93 71.64
CA THR A 836 -47.10 27.25 72.39
C THR A 836 -45.74 27.91 72.24
N GLY A 837 -45.46 28.65 73.31
CA GLY A 837 -44.20 29.36 73.40
C GLY A 837 -43.03 28.41 73.15
N PRO A 838 -41.94 28.75 72.45
CA PRO A 838 -40.91 27.86 71.97
C PRO A 838 -40.33 26.88 72.98
N GLU A 839 -40.16 27.45 74.17
CA GLU A 839 -39.75 26.68 75.34
C GLU A 839 -40.67 25.63 75.93
N CYS A 840 -41.96 25.73 75.60
CA CYS A 840 -43.02 24.83 75.99
C CYS A 840 -43.32 24.68 77.48
N ARG A 841 -43.23 25.81 78.18
CA ARG A 841 -43.52 25.75 79.60
C ARG A 841 -44.75 25.05 80.16
N ILE A 842 -45.77 25.04 79.30
CA ILE A 842 -46.97 24.24 79.46
C ILE A 842 -46.69 22.83 79.94
N LEU A 843 -45.61 22.21 79.47
CA LEU A 843 -45.37 20.84 79.86
C LEU A 843 -44.98 20.56 81.30
N SER A 844 -44.26 21.59 81.76
CA SER A 844 -43.94 21.81 83.16
C SER A 844 -45.06 22.17 84.12
N LEU A 845 -46.22 22.56 83.57
CA LEU A 845 -47.45 22.84 84.29
C LEU A 845 -48.57 21.81 84.31
N ILE A 846 -48.59 21.13 83.15
CA ILE A 846 -49.35 19.90 83.01
C ILE A 846 -48.76 18.70 83.71
N PRO A 847 -49.51 17.99 84.56
CA PRO A 847 -49.07 16.67 84.99
C PRO A 847 -48.71 15.68 83.91
N PRO A 848 -47.57 15.01 84.12
CA PRO A 848 -47.03 14.10 83.14
C PRO A 848 -47.92 13.11 82.40
N THR A 849 -49.01 12.74 83.07
CA THR A 849 -50.04 11.94 82.46
C THR A 849 -50.86 12.57 81.34
N LEU A 850 -51.01 13.89 81.43
CA LEU A 850 -51.89 14.55 80.49
C LEU A 850 -51.56 14.45 79.01
N GLN A 851 -52.71 14.46 78.33
CA GLN A 851 -52.88 14.24 76.91
C GLN A 851 -53.20 15.49 76.10
N VAL A 852 -52.16 16.06 75.49
CA VAL A 852 -52.06 17.44 75.06
C VAL A 852 -51.88 17.52 73.55
N THR A 853 -52.41 18.60 72.98
CA THR A 853 -52.29 19.23 71.67
C THR A 853 -51.50 20.50 71.84
N MET A 854 -50.63 20.74 70.86
CA MET A 854 -49.79 21.92 70.90
C MET A 854 -49.71 22.69 69.59
N SER A 855 -50.49 23.76 69.45
CA SER A 855 -50.31 24.73 68.39
C SER A 855 -49.15 25.68 68.56
N ASP A 856 -47.98 25.26 68.09
CA ASP A 856 -46.79 26.09 68.10
C ASP A 856 -46.68 26.78 66.76
N SER A 857 -47.37 27.92 66.73
CA SER A 857 -47.40 28.81 65.60
C SER A 857 -46.04 29.18 65.01
N ARG A 858 -45.12 29.62 65.87
CA ARG A 858 -43.72 29.73 65.52
C ARG A 858 -42.99 28.40 65.37
N PRO A 859 -42.09 28.33 64.39
CA PRO A 859 -41.27 27.14 64.20
C PRO A 859 -40.30 26.80 65.31
N CYS A 860 -40.80 25.86 66.11
CA CYS A 860 -40.04 25.45 67.26
C CYS A 860 -39.33 24.12 67.06
N ALA A 861 -38.06 24.14 67.48
CA ALA A 861 -37.18 23.00 67.51
C ALA A 861 -36.66 22.48 68.84
N GLU A 862 -36.37 23.41 69.76
CA GLU A 862 -35.72 23.20 71.03
C GLU A 862 -36.65 22.46 71.98
N LEU A 863 -36.40 21.16 72.18
CA LEU A 863 -37.20 20.37 73.09
C LEU A 863 -38.70 20.32 72.83
N MET A 864 -39.01 20.41 71.54
CA MET A 864 -40.39 20.44 71.11
C MET A 864 -41.15 19.13 71.10
N ALA A 865 -41.24 18.50 69.93
CA ALA A 865 -41.95 17.24 69.82
C ALA A 865 -41.36 15.85 70.04
N SER A 866 -40.03 15.88 70.04
CA SER A 866 -39.23 14.68 70.04
C SER A 866 -39.69 13.38 70.70
N PHE A 867 -40.19 13.54 71.92
CA PHE A 867 -40.75 12.47 72.74
C PHE A 867 -42.26 12.56 72.67
N ASP A 868 -42.88 11.96 71.64
CA ASP A 868 -44.31 11.75 71.56
C ASP A 868 -45.09 10.82 72.48
N PRO A 869 -44.60 9.71 73.02
CA PRO A 869 -45.22 8.76 73.92
C PRO A 869 -46.49 9.28 74.58
N ALA A 870 -46.27 10.02 75.67
CA ALA A 870 -47.32 10.80 76.31
C ALA A 870 -47.72 11.93 75.38
N LEU A 871 -48.89 11.70 74.77
CA LEU A 871 -49.40 12.49 73.67
C LEU A 871 -49.12 13.98 73.67
N THR A 872 -48.06 14.27 72.90
CA THR A 872 -47.56 15.62 72.69
C THR A 872 -47.74 15.91 71.20
N ALA A 873 -49.02 16.25 71.03
CA ALA A 873 -49.47 16.46 69.68
C ALA A 873 -49.29 17.83 69.03
N TYR A 874 -48.06 18.01 68.54
CA TYR A 874 -47.72 19.27 67.91
C TYR A 874 -48.33 19.60 66.56
N VAL A 875 -49.11 20.69 66.60
CA VAL A 875 -49.73 21.23 65.40
C VAL A 875 -49.17 22.60 65.07
N GLN A 876 -48.04 22.62 64.36
CA GLN A 876 -47.45 23.84 63.86
C GLN A 876 -48.38 24.73 63.04
N GLY A 877 -48.26 26.05 63.15
CA GLY A 877 -49.18 26.99 62.51
C GLY A 877 -50.23 27.77 63.28
N ASP A 878 -50.65 28.85 62.62
CA ASP A 878 -51.42 29.85 63.33
C ASP A 878 -52.92 29.83 63.08
N TYR A 879 -53.62 28.97 63.82
CA TYR A 879 -55.05 28.91 64.01
C TYR A 879 -56.04 30.02 63.71
N SER A 880 -55.57 31.26 63.85
CA SER A 880 -56.36 32.44 63.57
C SER A 880 -56.89 32.68 62.16
N THR A 881 -56.08 32.13 61.26
CA THR A 881 -56.30 32.07 59.83
C THR A 881 -57.49 31.21 59.40
N ALA A 882 -58.10 31.51 58.24
CA ALA A 882 -59.17 30.65 57.78
C ALA A 882 -58.81 29.20 57.55
N ALA A 883 -59.58 28.24 58.09
CA ALA A 883 -59.34 26.82 58.00
C ALA A 883 -57.95 26.30 58.35
N PHE A 884 -57.88 25.54 59.44
CA PHE A 884 -56.67 25.07 60.08
C PHE A 884 -57.07 24.43 61.40
N TRP A 885 -57.89 25.11 62.21
CA TRP A 885 -58.45 24.61 63.46
C TRP A 885 -59.04 23.22 63.31
N ASN A 886 -59.75 23.05 62.19
CA ASN A 886 -60.20 21.80 61.62
C ASN A 886 -60.02 20.44 62.29
N GLY A 887 -58.73 20.13 62.31
CA GLY A 887 -58.17 18.92 62.89
C GLY A 887 -58.03 18.73 64.39
N ILE A 888 -58.12 19.81 65.15
CA ILE A 888 -57.89 19.82 66.58
C ILE A 888 -59.09 19.53 67.46
N ARG A 889 -58.93 18.40 68.15
CA ARG A 889 -59.75 18.00 69.27
C ARG A 889 -58.98 18.02 70.58
N CYS A 890 -59.70 18.51 71.59
CA CYS A 890 -59.33 18.60 72.99
C CYS A 890 -60.55 18.96 73.83
N ASP A 891 -60.36 18.95 75.15
CA ASP A 891 -61.28 19.56 76.10
C ASP A 891 -60.84 20.72 76.97
N SER A 892 -59.84 21.46 76.49
CA SER A 892 -59.40 22.68 77.14
C SER A 892 -58.45 23.39 76.18
N ALA A 893 -58.95 24.56 75.78
CA ALA A 893 -58.28 25.49 74.89
C ALA A 893 -57.63 26.72 75.48
N THR A 894 -56.34 26.57 75.79
CA THR A 894 -55.68 27.53 76.64
C THR A 894 -55.08 28.73 75.92
N ALA A 895 -55.65 29.90 76.20
CA ALA A 895 -55.30 31.18 75.65
C ALA A 895 -55.34 32.38 76.59
N ILE A 896 -54.08 32.60 76.95
CA ILE A 896 -53.70 33.72 77.79
C ILE A 896 -52.79 34.67 77.00
N PHE A 897 -53.26 35.91 76.94
CA PHE A 897 -52.73 37.02 76.18
C PHE A 897 -52.88 36.95 74.67
N THR A 898 -52.70 35.72 74.19
CA THR A 898 -52.64 35.36 72.79
C THR A 898 -53.63 35.91 71.77
N ILE A 899 -54.89 35.77 72.19
CA ILE A 899 -56.08 36.37 71.64
C ILE A 899 -56.17 37.86 71.35
N GLY A 900 -55.66 38.59 72.34
CA GLY A 900 -55.30 39.99 72.28
C GLY A 900 -54.51 40.29 71.01
N ALA A 901 -53.23 39.91 71.05
CA ALA A 901 -52.33 39.94 69.91
C ALA A 901 -52.78 39.54 68.52
N ALA A 902 -53.45 38.38 68.59
CA ALA A 902 -54.25 37.91 67.48
C ALA A 902 -55.36 38.74 66.86
N ALA A 903 -56.17 39.37 67.71
CA ALA A 903 -57.10 40.33 67.16
C ALA A 903 -56.39 41.56 66.61
N ALA A 904 -55.34 42.05 67.27
CA ALA A 904 -54.63 43.14 66.63
C ALA A 904 -54.03 42.83 65.26
N ALA A 905 -53.57 41.59 65.15
CA ALA A 905 -52.99 41.12 63.90
C ALA A 905 -53.94 41.16 62.72
N ALA A 906 -55.17 40.81 63.12
CA ALA A 906 -56.30 40.86 62.21
C ALA A 906 -57.07 42.09 61.82
N GLY A 907 -56.76 43.19 62.52
CA GLY A 907 -57.48 44.44 62.43
C GLY A 907 -58.99 44.53 62.36
N THR A 908 -59.64 43.75 63.25
CA THR A 908 -61.04 43.39 63.22
C THR A 908 -61.79 43.87 64.45
N ASP A 909 -63.11 43.95 64.25
CA ASP A 909 -64.05 44.12 65.34
C ASP A 909 -64.04 42.91 66.26
N LEU A 910 -63.49 43.13 67.46
CA LEU A 910 -63.35 42.09 68.46
C LEU A 910 -64.49 41.10 68.69
N ILE A 911 -65.67 41.69 68.56
CA ILE A 911 -66.97 41.06 68.45
C ILE A 911 -67.11 39.99 67.37
N ALA A 912 -66.54 40.39 66.23
CA ALA A 912 -66.65 39.57 65.06
C ALA A 912 -65.68 38.40 65.16
N PHE A 913 -64.41 38.75 65.37
CA PHE A 913 -63.41 37.77 65.73
C PHE A 913 -63.57 36.67 66.76
N VAL A 914 -64.05 37.18 67.90
CA VAL A 914 -64.52 36.32 68.97
C VAL A 914 -65.65 35.40 68.54
N GLN A 915 -66.64 36.07 67.95
CA GLN A 915 -67.73 35.35 67.32
C GLN A 915 -67.35 34.19 66.42
N GLN A 916 -66.57 34.48 65.38
CA GLN A 916 -66.04 33.44 64.53
C GLN A 916 -65.29 32.29 65.19
N LEU A 917 -64.68 32.66 66.31
CA LEU A 917 -63.96 31.78 67.22
C LEU A 917 -64.77 30.78 68.03
N ILE A 918 -65.94 31.21 68.50
CA ILE A 918 -66.99 30.32 68.96
C ILE A 918 -67.46 29.29 67.94
N PRO A 919 -68.19 29.53 66.84
CA PRO A 919 -68.32 28.50 65.85
C PRO A 919 -67.18 27.57 65.45
N ARG A 920 -65.99 28.14 65.26
CA ARG A 920 -64.78 27.35 65.24
C ARG A 920 -64.74 26.15 66.16
N ILE A 921 -64.72 26.51 67.45
CA ILE A 921 -64.65 25.67 68.62
C ILE A 921 -65.89 24.91 69.06
N VAL A 922 -66.99 25.50 68.60
CA VAL A 922 -68.26 24.81 68.53
C VAL A 922 -68.21 23.45 67.85
N ALA A 923 -67.34 23.33 66.86
CA ALA A 923 -67.26 22.12 66.05
C ALA A 923 -66.25 21.08 66.54
N ALA A 924 -65.74 21.30 67.74
CA ALA A 924 -64.64 20.51 68.29
C ALA A 924 -65.11 19.95 69.62
N GLY A 925 -64.36 18.94 70.08
CA GLY A 925 -64.74 18.27 71.30
C GLY A 925 -64.25 18.89 72.60
N GLY A 926 -64.66 20.16 72.73
CA GLY A 926 -64.00 21.09 73.62
C GLY A 926 -64.76 21.57 74.85
N THR A 927 -64.24 21.63 76.07
CA THR A 927 -64.99 22.12 77.22
C THR A 927 -64.52 23.44 77.81
N ARG A 928 -63.30 23.39 78.35
CA ARG A 928 -62.64 24.56 78.91
C ARG A 928 -62.07 25.60 77.96
N MET A 929 -62.83 26.66 77.65
CA MET A 929 -62.33 27.74 76.82
C MET A 929 -61.68 28.81 77.69
N TRP A 930 -60.35 28.83 77.59
CA TRP A 930 -59.64 29.70 78.51
C TRP A 930 -59.18 30.90 77.69
N LEU A 931 -60.12 31.84 77.56
CA LEU A 931 -60.06 33.10 76.86
C LEU A 931 -59.76 34.28 77.77
N GLN A 932 -58.47 34.61 77.81
CA GLN A 932 -57.92 35.73 78.55
C GLN A 932 -57.73 36.92 77.62
N LEU A 933 -58.85 37.57 77.33
CA LEU A 933 -58.84 38.86 76.66
C LEU A 933 -58.56 39.91 77.71
N ASN A 934 -57.79 40.95 77.37
CA ASN A 934 -57.66 42.26 77.96
C ASN A 934 -58.98 42.98 78.10
N THR A 935 -59.76 42.62 79.13
CA THR A 935 -61.05 43.24 79.34
C THR A 935 -61.19 43.60 80.81
N PRO A 936 -61.75 44.78 81.13
CA PRO A 936 -62.00 45.12 82.51
C PRO A 936 -63.07 44.25 83.15
N LEU A 937 -62.89 44.00 84.45
CA LEU A 937 -64.00 43.45 85.21
C LEU A 937 -65.05 44.44 85.69
N TYR A 938 -64.57 45.63 86.08
CA TYR A 938 -65.48 46.70 86.47
C TYR A 938 -65.12 47.98 85.75
N GLU A 939 -65.54 49.11 86.35
CA GLU A 939 -65.07 50.45 86.12
C GLU A 939 -63.62 50.79 85.84
N VAL A 940 -63.44 51.10 84.56
CA VAL A 940 -62.11 51.45 84.06
C VAL A 940 -61.27 52.49 84.77
N SER A 941 -60.21 51.95 85.40
CA SER A 941 -59.07 52.73 85.83
C SER A 941 -57.76 52.52 85.07
N SER A 942 -57.27 53.61 84.47
CA SER A 942 -55.95 53.54 83.89
C SER A 942 -54.81 53.27 84.87
N LEU A 943 -53.93 52.39 84.41
CA LEU A 943 -52.78 52.07 85.23
C LEU A 943 -51.45 52.59 84.70
N PRO A 944 -51.06 53.82 85.08
CA PRO A 944 -49.87 54.38 84.48
C PRO A 944 -48.61 53.59 84.79
N ASP A 945 -47.69 53.73 83.83
CA ASP A 945 -46.49 52.93 83.74
C ASP A 945 -46.65 51.43 83.57
N LEU A 946 -47.87 51.05 83.16
CA LEU A 946 -48.40 49.75 82.82
C LEU A 946 -49.39 49.68 81.67
N ILE A 947 -50.62 49.98 82.11
CA ILE A 947 -51.79 49.92 81.25
C ILE A 947 -52.38 51.31 81.08
N GLU A 948 -52.41 51.75 79.82
CA GLU A 948 -53.20 52.86 79.34
C GLU A 948 -54.29 52.37 78.39
N ILE A 949 -55.47 52.94 78.67
CA ILE A 949 -56.70 52.63 77.99
C ILE A 949 -57.21 53.60 76.93
N ASP A 950 -57.30 53.03 75.73
CA ASP A 950 -57.81 53.73 74.57
C ASP A 950 -58.99 53.00 73.95
N LEU A 951 -60.06 53.80 73.85
CA LEU A 951 -61.40 53.39 73.47
C LEU A 951 -61.79 53.62 72.02
N ARG A 952 -61.35 54.77 71.51
CA ARG A 952 -61.50 55.12 70.12
C ARG A 952 -61.11 54.03 69.13
N ASP A 953 -59.95 53.48 69.47
CA ASP A 953 -59.61 52.13 69.06
C ASP A 953 -59.31 51.37 70.34
N HIS A 954 -60.33 50.59 70.72
CA HIS A 954 -60.44 49.77 71.90
C HIS A 954 -59.31 48.82 72.23
N VAL A 955 -58.19 49.42 72.65
CA VAL A 955 -56.83 48.94 72.74
C VAL A 955 -56.18 49.44 74.03
N TYR A 956 -55.41 48.54 74.63
CA TYR A 956 -54.37 48.93 75.56
C TYR A 956 -53.06 49.31 74.90
N ARG A 957 -52.65 50.51 75.31
CA ARG A 957 -51.29 50.96 75.17
C ARG A 957 -50.38 50.75 76.37
N PHE A 958 -49.91 49.50 76.38
CA PHE A 958 -48.92 49.00 77.32
C PHE A 958 -47.55 49.66 77.39
N ASN A 959 -47.31 50.07 78.63
CA ASN A 959 -46.13 50.87 78.94
C ASN A 959 -44.71 50.35 78.87
N GLY A 960 -44.58 49.04 79.11
CA GLY A 960 -43.32 48.42 78.71
C GLY A 960 -42.76 48.42 77.29
N GLY A 961 -42.01 49.51 77.10
CA GLY A 961 -41.82 50.07 75.78
C GLY A 961 -43.03 50.58 75.01
N GLU A 962 -43.62 49.54 74.41
CA GLU A 962 -44.84 49.59 73.64
C GLU A 962 -45.39 48.20 73.33
N ARG A 963 -46.51 47.90 73.99
CA ARG A 963 -47.30 46.75 73.58
C ARG A 963 -48.79 47.01 73.40
N VAL A 964 -49.08 47.09 72.10
CA VAL A 964 -50.47 47.08 71.68
C VAL A 964 -51.25 45.81 72.01
N GLU A 965 -51.93 45.85 73.16
CA GLU A 965 -52.86 44.83 73.60
C GLU A 965 -54.32 45.24 73.42
N PRO A 966 -55.08 44.79 72.42
CA PRO A 966 -56.49 45.08 72.25
C PRO A 966 -57.32 44.87 73.51
N TYR A 967 -58.19 45.80 73.86
CA TYR A 967 -59.00 45.68 75.06
C TYR A 967 -60.48 45.86 74.76
N ALA A 968 -61.31 45.11 75.49
CA ALA A 968 -62.73 45.34 75.59
C ALA A 968 -63.44 45.73 76.88
N ASP A 969 -64.37 46.69 76.79
CA ASP A 969 -65.23 46.98 77.92
C ASP A 969 -66.10 45.78 78.26
N PRO A 970 -66.34 45.49 79.54
CA PRO A 970 -67.21 44.41 79.95
C PRO A 970 -68.64 44.23 79.49
N VAL A 971 -69.32 45.36 79.27
CA VAL A 971 -70.70 45.37 78.83
C VAL A 971 -70.81 45.07 77.35
N PRO A 972 -70.11 45.73 76.41
CA PRO A 972 -70.12 45.16 75.07
C PRO A 972 -69.78 43.70 74.87
N LEU A 973 -68.73 43.17 75.51
CA LEU A 973 -68.53 41.74 75.68
C LEU A 973 -69.78 41.00 76.15
N GLN A 974 -70.35 41.33 77.31
CA GLN A 974 -71.52 40.71 77.89
C GLN A 974 -72.73 40.74 76.96
N GLN A 975 -72.75 41.86 76.25
CA GLN A 975 -73.71 42.16 75.20
C GLN A 975 -73.67 41.24 73.99
N ALA A 976 -72.46 40.90 73.53
CA ALA A 976 -72.11 39.93 72.52
C ALA A 976 -72.33 38.44 72.79
N ILE A 977 -72.06 38.13 74.07
CA ILE A 977 -72.41 36.86 74.65
C ILE A 977 -73.91 36.58 74.77
N ALA A 978 -74.59 37.56 75.39
CA ALA A 978 -76.03 37.57 75.44
C ALA A 978 -76.81 37.42 74.13
N ALA A 979 -76.38 38.20 73.14
CA ALA A 979 -76.93 38.20 71.80
C ALA A 979 -76.80 36.95 70.96
N LEU A 980 -75.66 36.29 71.16
CA LEU A 980 -75.33 34.97 70.65
C LEU A 980 -76.15 33.85 71.27
N LEU A 981 -75.77 33.63 72.53
CA LEU A 981 -76.26 32.58 73.40
C LEU A 981 -75.50 32.60 74.72
N PRO A 982 -76.17 32.05 75.73
CA PRO A 982 -75.56 31.84 77.03
C PRO A 982 -75.37 30.42 77.52
N ALA A 983 -75.48 29.50 76.57
CA ALA A 983 -75.49 28.07 76.81
C ALA A 983 -74.29 27.37 77.43
N ALA A 984 -73.58 28.08 78.31
CA ALA A 984 -72.25 27.73 78.78
C ALA A 984 -71.90 28.26 80.16
N ALA A 985 -70.99 27.59 80.86
CA ALA A 985 -70.53 28.11 82.13
C ALA A 985 -69.59 29.31 82.06
N LEU A 986 -69.93 30.38 82.78
CA LEU A 986 -69.26 31.67 82.78
C LEU A 986 -68.60 32.02 84.11
N SER A 987 -67.29 31.76 84.14
CA SER A 987 -66.39 31.90 85.26
C SER A 987 -65.18 32.78 85.01
N TRP A 988 -64.88 33.63 86.00
CA TRP A 988 -63.71 34.50 86.03
C TRP A 988 -62.68 34.09 87.08
N HIS A 989 -61.44 34.16 86.58
CA HIS A 989 -60.39 33.76 87.49
C HIS A 989 -59.98 34.71 88.61
N THR A 990 -60.60 34.57 89.79
CA THR A 990 -60.37 35.38 90.97
C THR A 990 -59.03 35.62 91.64
N LEU A 991 -58.07 36.09 90.85
CA LEU A 991 -56.71 36.11 91.35
C LEU A 991 -56.41 37.17 92.40
N SER A 992 -57.07 38.32 92.26
CA SER A 992 -56.81 39.55 92.96
C SER A 992 -56.89 39.57 94.49
N PRO A 993 -57.59 38.65 95.14
CA PRO A 993 -57.42 38.54 96.57
C PRO A 993 -56.56 37.43 97.16
N THR A 994 -56.45 36.39 96.36
CA THR A 994 -56.12 35.03 96.75
C THR A 994 -54.62 34.82 96.66
N CYS A 995 -54.08 34.28 97.75
CA CYS A 995 -52.67 33.97 97.84
C CYS A 995 -52.04 32.78 97.13
N ASP A 996 -52.94 31.85 96.80
CA ASP A 996 -52.71 30.53 96.25
C ASP A 996 -51.78 30.44 95.05
N TRP A 997 -51.90 31.39 94.13
CA TRP A 997 -50.99 31.44 92.99
C TRP A 997 -49.56 31.90 93.20
N LEU A 998 -49.41 32.71 94.25
CA LEU A 998 -48.09 33.09 94.73
C LEU A 998 -47.07 32.06 95.16
N PRO A 999 -47.45 30.92 95.75
CA PRO A 999 -46.61 29.75 95.90
C PRO A 999 -45.94 29.29 94.61
N TYR A 1000 -46.72 29.45 93.54
CA TYR A 1000 -46.05 29.18 92.29
C TYR A 1000 -44.77 29.95 92.00
N ILE A 1001 -44.91 31.29 92.02
CA ILE A 1001 -43.79 32.19 92.11
C ILE A 1001 -42.66 31.87 93.06
N ILE A 1002 -42.98 31.59 94.34
CA ILE A 1002 -41.95 31.22 95.29
C ILE A 1002 -41.08 30.03 94.90
N GLY A 1003 -41.79 29.11 94.24
CA GLY A 1003 -41.37 27.81 93.74
C GLY A 1003 -40.19 27.88 92.76
N VAL A 1004 -40.09 28.99 92.03
CA VAL A 1004 -39.08 29.17 91.01
C VAL A 1004 -37.96 30.11 91.43
N GLY A 1005 -37.48 29.87 92.65
CA GLY A 1005 -36.44 30.66 93.27
C GLY A 1005 -36.44 32.17 93.09
N SER A 1006 -37.57 32.76 93.48
CA SER A 1006 -37.89 34.15 93.18
C SER A 1006 -38.20 35.11 94.31
N PRO A 1007 -37.32 36.00 94.75
CA PRO A 1007 -37.54 37.04 95.74
C PRO A 1007 -38.78 37.86 95.43
N LEU A 1008 -39.82 37.39 96.13
CA LEU A 1008 -41.08 38.09 96.17
C LEU A 1008 -41.01 39.54 96.62
N ASN A 1009 -42.01 40.29 96.13
CA ASN A 1009 -42.35 41.60 96.65
C ASN A 1009 -43.82 41.91 96.90
N LEU A 1010 -43.98 42.45 98.11
CA LEU A 1010 -45.34 42.68 98.55
C LEU A 1010 -46.06 43.88 97.93
N SER A 1011 -45.36 44.98 97.70
CA SER A 1011 -45.88 46.06 96.88
C SER A 1011 -46.09 45.72 95.40
N ASP A 1012 -45.21 44.94 94.78
CA ASP A 1012 -45.34 44.40 93.44
C ASP A 1012 -46.50 43.43 93.26
N ILE A 1013 -46.83 42.78 94.38
CA ILE A 1013 -48.04 41.99 94.45
C ILE A 1013 -49.36 42.70 94.21
N ASN A 1014 -49.52 43.78 95.00
CA ASN A 1014 -50.79 44.48 94.83
C ASN A 1014 -50.98 45.12 93.46
N THR A 1015 -49.89 45.66 92.90
CA THR A 1015 -49.89 46.26 91.58
C THR A 1015 -50.38 45.34 90.47
N ALA A 1016 -49.84 44.13 90.53
CA ALA A 1016 -50.33 43.04 89.72
C ALA A 1016 -51.81 42.72 89.92
N ILE A 1017 -52.13 42.60 91.21
CA ILE A 1017 -53.49 42.50 91.69
C ILE A 1017 -54.61 43.34 91.10
N SER A 1018 -54.25 44.63 91.00
CA SER A 1018 -54.94 45.62 90.21
C SER A 1018 -55.09 45.36 88.71
N TYR A 1019 -53.93 44.94 88.19
CA TYR A 1019 -53.73 44.70 86.77
C TYR A 1019 -54.45 43.50 86.17
N SER A 1020 -54.48 42.40 86.94
CA SER A 1020 -55.44 41.32 86.75
C SER A 1020 -56.91 41.57 86.49
N ARG A 1021 -57.37 42.59 87.21
CA ARG A 1021 -58.74 43.04 87.04
C ARG A 1021 -59.12 43.55 85.65
N LEU A 1022 -58.08 43.95 84.92
CA LEU A 1022 -58.14 44.32 83.53
C LEU A 1022 -57.63 43.29 82.53
N THR A 1023 -56.86 42.36 83.09
CA THR A 1023 -56.42 41.17 82.40
C THR A 1023 -56.69 39.88 83.18
N PRO A 1024 -57.95 39.46 83.16
CA PRO A 1024 -58.37 38.16 83.66
C PRO A 1024 -58.50 37.08 82.61
N ILE A 1025 -58.58 35.83 83.07
CA ILE A 1025 -58.85 34.69 82.21
C ILE A 1025 -60.33 34.38 82.27
N LEU A 1026 -61.00 34.74 81.17
CA LEU A 1026 -62.35 34.26 81.01
C LEU A 1026 -62.50 32.81 80.58
N HIS A 1027 -62.91 32.10 81.63
CA HIS A 1027 -63.11 30.66 81.61
C HIS A 1027 -64.58 30.32 81.41
N ILE A 1028 -64.66 29.78 80.20
CA ILE A 1028 -65.92 29.40 79.59
C ILE A 1028 -65.98 27.93 79.20
N ASP A 1029 -66.91 27.30 79.93
CA ASP A 1029 -67.06 25.86 79.83
C ASP A 1029 -68.32 25.45 79.08
N THR A 1030 -68.10 24.65 78.03
CA THR A 1030 -69.17 24.23 77.15
C THR A 1030 -70.34 23.49 77.79
N THR A 1031 -70.14 22.18 77.84
CA THR A 1031 -71.10 21.19 78.31
C THR A 1031 -71.29 21.36 79.81
N THR A 1032 -72.16 22.32 80.12
CA THR A 1032 -72.54 22.83 81.42
C THR A 1032 -73.79 23.70 81.53
N PRO A 1033 -74.43 23.89 82.68
CA PRO A 1033 -75.53 24.82 82.84
C PRO A 1033 -75.22 26.30 82.72
N PRO A 1034 -75.97 26.95 81.83
CA PRO A 1034 -75.82 28.38 81.73
C PRO A 1034 -75.77 29.11 83.08
N LEU A 1035 -74.80 29.98 83.29
CA LEU A 1035 -74.81 30.88 84.42
C LEU A 1035 -75.31 32.29 84.08
N ARG A 1036 -76.15 32.83 84.97
CA ARG A 1036 -77.00 33.97 84.73
C ARG A 1036 -76.50 35.21 85.44
N VAL A 1037 -75.80 36.05 84.67
CA VAL A 1037 -75.42 37.30 85.29
C VAL A 1037 -76.03 38.58 84.73
N ASN A 1038 -76.76 39.17 85.68
CA ASN A 1038 -77.42 40.45 85.54
C ASN A 1038 -77.09 41.50 86.58
N PRO A 1039 -76.07 42.36 86.42
CA PRO A 1039 -75.84 43.45 87.36
C PRO A 1039 -75.96 44.90 86.92
N VAL A 1040 -76.97 45.15 86.09
CA VAL A 1040 -77.17 46.41 85.43
C VAL A 1040 -78.39 47.27 85.76
N PRO A 1041 -79.50 46.63 86.12
CA PRO A 1041 -80.61 47.43 86.57
C PRO A 1041 -80.48 47.85 88.02
N THR A 1042 -80.99 49.05 88.31
CA THR A 1042 -80.88 49.59 89.65
C THR A 1042 -79.68 49.27 90.51
N PRO A 1043 -78.45 49.60 90.08
CA PRO A 1043 -77.20 49.35 90.77
C PRO A 1043 -77.10 50.13 92.08
N LEU A 1044 -76.74 51.39 91.87
CA LEU A 1044 -76.66 52.43 92.88
C LEU A 1044 -76.71 52.19 94.39
N ASN A 1045 -75.99 51.16 94.86
CA ASN A 1045 -76.25 50.57 96.17
C ASN A 1045 -77.66 50.16 96.55
N GLN A 1046 -78.34 49.61 95.54
CA GLN A 1046 -79.77 49.36 95.47
C GLN A 1046 -80.04 47.89 95.21
N GLN A 1047 -80.20 47.41 93.97
CA GLN A 1047 -80.38 46.03 93.60
C GLN A 1047 -80.65 45.53 92.19
N CYS A 1048 -79.92 44.50 91.77
CA CYS A 1048 -80.00 43.74 90.54
C CYS A 1048 -81.03 42.62 90.60
N ALA A 1049 -81.73 42.29 89.52
CA ALA A 1049 -82.73 41.26 89.45
C ALA A 1049 -82.45 40.22 88.38
N ILE A 1050 -82.77 38.97 88.70
CA ILE A 1050 -82.35 37.81 87.93
C ILE A 1050 -82.82 36.49 88.53
N ARG A 1051 -82.77 35.45 87.69
CA ARG A 1051 -83.22 34.15 88.13
C ARG A 1051 -82.21 33.04 87.90
N ILE A 1052 -82.00 32.20 88.93
CA ILE A 1052 -81.15 31.04 88.78
C ILE A 1052 -82.01 29.82 88.48
N THR A 1053 -81.76 29.19 87.33
CA THR A 1053 -82.65 28.26 86.67
C THR A 1053 -82.36 26.78 86.90
N SER A 1054 -83.26 25.92 86.41
CA SER A 1054 -83.07 24.48 86.46
C SER A 1054 -82.60 23.84 87.75
N LEU A 1055 -83.05 24.38 88.89
CA LEU A 1055 -82.63 23.89 90.18
C LEU A 1055 -83.82 23.40 90.99
N ASP A 1056 -83.41 22.52 91.91
CA ASP A 1056 -84.29 21.80 92.79
C ASP A 1056 -85.18 22.74 93.59
N PRO A 1057 -86.49 22.56 93.70
CA PRO A 1057 -87.42 23.34 94.50
C PRO A 1057 -86.85 23.74 95.85
N ALA A 1058 -86.25 22.83 96.61
CA ALA A 1058 -85.53 23.18 97.81
C ALA A 1058 -84.05 23.18 97.50
N ALA A 1059 -83.66 24.44 97.26
CA ALA A 1059 -82.24 24.67 97.09
C ALA A 1059 -81.43 25.25 98.24
N VAL A 1060 -80.22 24.74 98.43
CA VAL A 1060 -79.26 25.24 99.41
C VAL A 1060 -78.16 25.97 98.64
N LEU A 1061 -78.51 27.26 98.57
CA LEU A 1061 -77.73 28.22 97.83
C LEU A 1061 -76.34 28.69 98.29
N SER A 1062 -75.40 27.75 98.25
CA SER A 1062 -73.96 27.95 98.29
C SER A 1062 -73.33 28.83 97.23
N VAL A 1063 -73.45 30.14 97.49
CA VAL A 1063 -72.67 31.19 96.85
C VAL A 1063 -71.57 31.77 97.73
N GLN A 1064 -70.36 31.70 97.18
CA GLN A 1064 -69.09 32.01 97.80
C GLN A 1064 -67.96 32.76 97.12
N HIS A 1065 -67.13 33.38 97.96
CA HIS A 1065 -65.97 34.05 97.37
C HIS A 1065 -64.63 33.48 97.79
N ASN A 1066 -64.36 32.31 97.20
CA ASN A 1066 -63.24 31.47 97.54
C ASN A 1066 -63.21 31.26 99.05
N GLY A 1067 -64.13 30.35 99.41
CA GLY A 1067 -64.52 30.02 100.76
C GLY A 1067 -65.47 30.87 101.60
N VAL A 1068 -65.30 32.16 101.31
CA VAL A 1068 -66.07 33.29 101.79
C VAL A 1068 -67.56 33.26 101.52
N GLU A 1069 -68.23 32.55 102.43
CA GLU A 1069 -69.64 32.27 102.24
C GLU A 1069 -70.56 33.44 102.57
N VAL A 1070 -70.87 34.20 101.52
CA VAL A 1070 -71.83 35.28 101.63
C VAL A 1070 -73.27 34.80 101.65
N ILE A 1071 -73.45 34.00 100.59
CA ILE A 1071 -74.83 33.66 100.27
C ILE A 1071 -75.05 32.16 100.38
N GLY A 1072 -75.61 31.77 101.52
CA GLY A 1072 -75.92 30.39 101.85
C GLY A 1072 -77.18 29.67 101.36
N GLY A 1073 -78.00 30.59 100.84
CA GLY A 1073 -79.40 30.33 100.56
C GLY A 1073 -80.26 30.25 101.83
N THR A 1074 -80.86 29.08 101.99
CA THR A 1074 -81.50 28.60 103.21
C THR A 1074 -80.70 28.72 104.50
N PRO A 1075 -79.42 28.37 104.47
CA PRO A 1075 -78.45 28.89 105.42
C PRO A 1075 -78.09 30.36 105.40
N GLY A 1076 -79.10 31.16 105.78
CA GLY A 1076 -78.97 32.60 105.90
C GLY A 1076 -78.11 33.32 106.92
N ASN A 1077 -77.54 32.47 107.76
CA ASN A 1077 -76.62 32.83 108.83
C ASN A 1077 -75.22 33.33 108.46
N VAL A 1078 -75.08 33.62 107.18
CA VAL A 1078 -73.90 34.04 106.44
C VAL A 1078 -73.97 35.39 105.74
N ILE A 1079 -75.21 35.87 105.67
CA ILE A 1079 -75.52 37.16 105.06
C ILE A 1079 -74.71 38.30 105.66
N SER A 1080 -73.63 38.38 104.87
CA SER A 1080 -72.52 39.27 105.13
C SER A 1080 -72.35 40.46 104.20
N VAL A 1081 -73.18 40.39 103.15
CA VAL A 1081 -73.16 41.45 102.17
C VAL A 1081 -73.62 42.77 102.77
N ALA A 1082 -73.06 43.89 102.31
CA ALA A 1082 -73.72 45.16 102.49
C ALA A 1082 -74.80 45.35 101.43
N GLY A 1083 -76.04 45.16 101.87
CA GLY A 1083 -77.25 45.08 101.06
C GLY A 1083 -78.24 43.93 101.00
N ALA A 1084 -79.27 44.04 100.17
CA ALA A 1084 -80.37 43.10 100.17
C ALA A 1084 -80.23 41.90 99.24
N ALA A 1085 -80.52 40.72 99.78
CA ALA A 1085 -80.69 39.48 99.05
C ALA A 1085 -82.00 38.76 99.33
N ALA A 1086 -82.60 38.34 98.22
CA ALA A 1086 -83.93 37.77 98.22
C ALA A 1086 -83.86 36.49 97.39
N LEU A 1087 -84.57 35.53 98.00
CA LEU A 1087 -84.53 34.15 97.53
C LEU A 1087 -85.92 33.52 97.51
N GLN A 1088 -86.51 33.44 96.32
CA GLN A 1088 -87.84 32.90 96.15
C GLN A 1088 -87.84 31.67 95.25
N TYR A 1089 -88.28 30.61 95.94
CA TYR A 1089 -88.47 29.26 95.46
C TYR A 1089 -89.68 28.90 94.61
N ILE A 1090 -89.36 28.68 93.34
CA ILE A 1090 -90.37 28.47 92.33
C ILE A 1090 -90.40 27.10 91.66
N LEU A 1091 -91.00 26.22 92.47
CA LEU A 1091 -91.22 24.84 92.07
C LEU A 1091 -91.34 24.39 90.62
N ALA A 1092 -92.50 24.79 90.10
CA ALA A 1092 -92.87 24.58 88.71
C ALA A 1092 -91.88 24.97 87.62
N ASN A 1093 -91.17 26.05 87.93
CA ASN A 1093 -90.16 26.64 87.07
C ASN A 1093 -88.69 26.27 87.23
N GLN A 1094 -88.38 25.51 88.28
CA GLN A 1094 -87.04 25.26 88.79
C GLN A 1094 -86.04 26.39 88.94
N GLU A 1095 -86.62 27.51 89.37
CA GLU A 1095 -85.95 28.79 89.43
C GLU A 1095 -86.13 29.38 90.82
N PHE A 1096 -85.04 30.07 91.18
CA PHE A 1096 -84.88 30.90 92.36
C PHE A 1096 -84.54 32.32 91.96
N LEU A 1097 -85.46 33.21 92.35
CA LEU A 1097 -85.24 34.63 92.10
C LEU A 1097 -84.18 35.19 93.04
N LEU A 1098 -83.26 35.84 92.33
CA LEU A 1098 -82.11 36.43 92.97
C LEU A 1098 -82.09 37.94 92.75
N GLN A 1099 -82.41 38.60 93.87
CA GLN A 1099 -82.25 40.03 94.07
C GLN A 1099 -81.10 40.37 94.99
N PHE A 1100 -80.08 40.91 94.34
CA PHE A 1100 -78.84 41.16 95.06
C PHE A 1100 -78.50 42.64 94.95
N THR A 1101 -77.87 43.26 95.94
CA THR A 1101 -77.38 44.61 95.87
C THR A 1101 -76.01 44.80 95.24
N PRO A 1102 -75.90 45.54 94.14
CA PRO A 1102 -74.64 46.07 93.64
C PRO A 1102 -74.06 47.05 94.64
N THR A 1103 -73.18 46.41 95.41
CA THR A 1103 -72.27 47.04 96.34
C THR A 1103 -70.81 46.82 95.94
N LEU A 1104 -70.13 46.00 96.75
CA LEU A 1104 -68.73 45.62 96.71
C LEU A 1104 -68.25 44.85 95.50
N PRO A 1105 -67.07 45.15 94.96
CA PRO A 1105 -66.42 44.36 93.93
C PRO A 1105 -66.09 43.04 94.60
N GLY A 1106 -66.60 42.07 93.83
CA GLY A 1106 -66.56 40.68 94.23
C GLY A 1106 -67.16 39.74 93.19
N ILE A 1107 -66.43 38.64 93.00
CA ILE A 1107 -66.83 37.71 91.96
C ILE A 1107 -67.12 36.35 92.57
N PHE A 1108 -68.39 36.05 92.87
CA PHE A 1108 -68.88 34.96 93.68
C PHE A 1108 -69.21 33.68 92.93
N ASP A 1109 -68.52 32.70 93.50
CA ASP A 1109 -68.58 31.33 93.04
C ASP A 1109 -69.65 30.40 93.59
N VAL A 1110 -70.42 29.88 92.64
CA VAL A 1110 -71.65 29.18 92.91
C VAL A 1110 -71.46 27.71 92.57
N PHE A 1111 -72.00 26.88 93.46
CA PHE A 1111 -71.86 25.44 93.38
C PHE A 1111 -73.26 24.82 93.35
N LEU A 1112 -73.26 23.62 92.75
CA LEU A 1112 -74.52 22.97 92.44
C LEU A 1112 -75.37 22.39 93.57
N THR A 1113 -76.60 22.85 93.74
CA THR A 1113 -77.55 22.25 94.65
C THR A 1113 -78.68 21.47 94.01
N THR A 1114 -78.69 20.20 94.43
CA THR A 1114 -79.61 19.09 94.26
C THR A 1114 -79.20 17.95 95.19
N LEU A 1115 -80.15 17.56 96.03
CA LEU A 1115 -79.88 16.47 96.93
C LEU A 1115 -78.51 16.17 97.53
N GLY A 1116 -77.84 15.21 96.90
CA GLY A 1116 -76.63 14.54 97.33
C GLY A 1116 -75.36 15.37 97.41
N GLN A 1117 -75.50 16.55 96.82
CA GLN A 1117 -74.52 17.61 96.73
C GLN A 1117 -73.12 17.32 96.20
N PRO A 1118 -73.01 17.07 94.89
CA PRO A 1118 -71.81 16.57 94.26
C PRO A 1118 -70.79 17.69 94.10
N PRO A 1119 -69.49 17.49 94.30
CA PRO A 1119 -68.51 18.47 93.89
C PRO A 1119 -68.32 18.97 92.47
N VAL A 1120 -69.01 20.09 92.20
CA VAL A 1120 -69.01 20.75 90.90
C VAL A 1120 -69.49 22.18 91.06
N PRO A 1121 -68.77 23.15 90.48
CA PRO A 1121 -69.22 24.53 90.44
C PRO A 1121 -69.85 24.84 89.09
N ARG A 1122 -70.63 25.92 89.12
CA ARG A 1122 -71.29 26.51 87.98
C ARG A 1122 -70.70 27.74 87.33
N GLY A 1123 -70.15 28.55 88.23
CA GLY A 1123 -69.56 29.81 87.82
C GLY A 1123 -69.64 30.95 88.83
N SER A 1124 -69.36 32.12 88.25
CA SER A 1124 -69.18 33.36 88.96
C SER A 1124 -70.13 34.54 88.80
N PHE A 1125 -70.68 35.06 89.91
CA PHE A 1125 -71.60 36.18 89.89
C PHE A 1125 -70.93 37.44 90.45
N THR A 1126 -71.05 38.52 89.68
CA THR A 1126 -70.41 39.79 89.92
C THR A 1126 -71.27 40.92 90.49
N ILE A 1127 -70.81 41.28 91.69
CA ILE A 1127 -71.41 42.42 92.36
C ILE A 1127 -70.60 43.68 92.06
N THR A 1128 -71.40 44.73 91.89
CA THR A 1128 -71.04 45.96 91.21
C THR A 1128 -71.11 47.27 91.98
N PRO A 1129 -70.05 48.09 91.88
CA PRO A 1129 -69.86 49.40 92.46
C PRO A 1129 -70.88 50.41 91.93
N PRO A 1130 -71.30 51.23 92.90
CA PRO A 1130 -72.42 52.14 92.74
C PRO A 1130 -72.12 53.43 91.97
N PRO A 1131 -73.03 53.95 91.15
CA PRO A 1131 -72.93 55.35 90.77
C PRO A 1131 -73.19 56.44 91.79
N THR A 1132 -72.06 57.01 92.23
CA THR A 1132 -72.05 58.10 93.18
C THR A 1132 -71.62 59.40 92.51
N THR A 1133 -72.52 60.30 92.13
CA THR A 1133 -72.13 61.64 91.72
C THR A 1133 -72.52 62.76 92.67
N VAL A 1134 -71.63 63.73 92.89
CA VAL A 1134 -71.88 64.89 93.73
C VAL A 1134 -71.68 66.16 92.90
N ALA A 1135 -72.76 66.92 92.80
CA ALA A 1135 -72.81 68.14 92.02
C ALA A 1135 -73.41 69.33 92.78
N LEU A 1136 -72.56 70.36 92.86
CA LEU A 1136 -73.05 71.67 93.27
C LEU A 1136 -73.89 72.47 92.30
N ASN A 1137 -74.97 72.98 92.90
CA ASN A 1137 -76.09 73.68 92.32
C ASN A 1137 -75.96 75.11 92.83
N MET A 1138 -76.45 75.98 91.94
CA MET A 1138 -76.38 77.41 92.19
C MET A 1138 -77.19 78.06 93.30
N PRO A 1139 -76.69 79.10 93.98
CA PRO A 1139 -77.54 79.85 94.89
C PRO A 1139 -78.65 80.44 94.03
N PRO A 1140 -79.88 80.11 94.42
CA PRO A 1140 -81.08 80.42 93.67
C PRO A 1140 -81.39 81.88 93.34
N PRO A 1141 -81.38 82.78 94.33
CA PRO A 1141 -81.33 84.19 94.01
C PRO A 1141 -79.96 84.64 93.51
N ARG A 1142 -79.97 85.50 92.50
CA ARG A 1142 -78.81 86.28 92.10
C ARG A 1142 -78.15 87.27 93.04
N GLN A 1143 -78.28 86.91 94.31
CA GLN A 1143 -77.89 87.80 95.40
C GLN A 1143 -76.81 87.20 96.29
N LEU A 1144 -75.86 88.08 96.63
CA LEU A 1144 -74.61 87.76 97.30
C LEU A 1144 -74.65 87.97 98.81
N ASP A 1145 -75.02 86.91 99.51
CA ASP A 1145 -75.12 86.97 100.96
C ASP A 1145 -73.87 86.93 101.82
N PHE A 1146 -73.09 88.01 101.72
CA PHE A 1146 -71.84 88.24 102.42
C PHE A 1146 -71.99 88.54 103.90
N THR A 1147 -72.89 87.78 104.54
CA THR A 1147 -73.12 87.88 105.97
C THR A 1147 -72.92 86.55 106.67
N ASP A 1148 -73.43 86.46 107.90
CA ASP A 1148 -73.48 85.32 108.79
C ASP A 1148 -74.38 84.18 108.34
N VAL A 1149 -75.43 84.51 107.60
CA VAL A 1149 -76.42 83.65 106.98
C VAL A 1149 -75.85 82.94 105.76
N GLY A 1150 -74.94 83.60 105.04
CA GLY A 1150 -74.38 83.16 103.78
C GLY A 1150 -75.44 82.76 102.77
N ASN A 1151 -75.11 81.95 101.77
CA ASN A 1151 -76.09 81.47 100.82
C ASN A 1151 -76.10 80.04 100.29
N ASP A 1152 -77.34 79.60 99.99
CA ASP A 1152 -77.67 78.29 99.46
C ASP A 1152 -77.20 77.75 98.12
N ALA A 1153 -76.02 77.14 98.23
CA ALA A 1153 -75.40 76.46 97.12
C ALA A 1153 -75.68 74.96 97.31
N ARG A 1154 -76.93 74.67 96.96
CA ARG A 1154 -77.34 73.28 96.94
C ARG A 1154 -76.48 72.17 96.37
N ILE A 1155 -76.64 70.92 96.79
CA ILE A 1155 -75.96 69.72 96.36
C ILE A 1155 -76.99 68.72 95.83
N THR A 1156 -76.61 68.14 94.70
CA THR A 1156 -77.20 66.95 94.11
C THR A 1156 -76.18 65.83 94.23
N CYS A 1157 -76.40 65.01 95.27
CA CYS A 1157 -75.69 63.82 95.68
C CYS A 1157 -76.51 62.57 95.93
N ASP A 1158 -75.98 61.44 95.44
CA ASP A 1158 -76.35 60.13 95.92
C ASP A 1158 -76.03 59.95 97.40
N PRO A 1159 -77.00 59.62 98.25
CA PRO A 1159 -76.98 59.74 99.70
C PRO A 1159 -75.92 58.94 100.45
N TYR A 1160 -74.69 59.44 100.46
CA TYR A 1160 -73.52 58.84 101.09
C TYR A 1160 -72.81 59.58 102.21
N TYR A 1161 -72.67 60.89 102.07
CA TYR A 1161 -71.92 61.82 102.89
C TYR A 1161 -72.46 63.23 103.14
N GLN A 1162 -72.42 63.59 104.43
CA GLN A 1162 -73.00 64.85 104.86
C GLN A 1162 -71.96 65.72 105.54
N LEU A 1163 -72.04 67.01 105.18
CA LEU A 1163 -71.05 67.99 105.61
C LEU A 1163 -69.64 67.85 105.05
N ALA A 1164 -69.71 68.11 103.74
CA ALA A 1164 -68.79 67.56 102.78
C ALA A 1164 -67.83 68.50 102.06
N VAL A 1165 -67.22 69.46 102.76
CA VAL A 1165 -66.35 70.42 102.09
C VAL A 1165 -64.95 70.33 102.70
N CYS A 1166 -64.01 70.26 101.76
CA CYS A 1166 -62.59 70.04 102.04
C CYS A 1166 -61.53 70.62 101.14
N ILE A 1167 -60.36 70.68 101.77
CA ILE A 1167 -59.14 71.07 101.09
C ILE A 1167 -57.96 70.18 101.46
N PHE A 1168 -56.69 70.59 101.34
CA PHE A 1168 -55.65 69.60 101.57
C PHE A 1168 -54.62 69.85 102.66
N LYS A 1169 -54.31 68.80 103.41
CA LYS A 1169 -53.30 68.94 104.43
C LYS A 1169 -52.15 67.95 104.26
N ASP A 1170 -50.94 68.46 104.47
CA ASP A 1170 -49.75 67.72 104.11
C ASP A 1170 -49.89 66.22 103.81
N GLY A 1171 -50.33 65.91 102.60
CA GLY A 1171 -50.49 64.51 102.23
C GLY A 1171 -51.84 63.81 102.28
N GLN A 1172 -52.63 64.27 103.24
CA GLN A 1172 -54.06 64.00 103.23
C GLN A 1172 -54.86 65.27 102.93
N TYR A 1173 -56.08 65.31 103.43
CA TYR A 1173 -57.01 66.41 103.25
C TYR A 1173 -57.52 67.01 104.55
N VAL A 1174 -57.56 68.34 104.43
CA VAL A 1174 -57.90 69.12 105.60
C VAL A 1174 -59.34 69.64 105.52
N ARG A 1175 -60.02 69.25 106.59
CA ARG A 1175 -61.42 69.60 106.76
C ARG A 1175 -61.71 71.07 107.02
N VAL A 1176 -62.80 71.44 106.33
CA VAL A 1176 -63.36 72.77 106.27
C VAL A 1176 -63.58 73.40 107.64
N ASN A 1177 -63.61 74.73 107.73
CA ASN A 1177 -64.12 75.49 108.86
C ASN A 1177 -65.54 75.01 109.09
N PRO A 1178 -65.90 74.65 110.33
CA PRO A 1178 -67.26 74.32 110.72
C PRO A 1178 -68.34 75.37 110.78
N GLU A 1179 -67.98 76.65 110.85
CA GLU A 1179 -68.98 77.70 110.84
C GLU A 1179 -69.63 77.91 109.49
N LYS A 1180 -68.79 78.18 108.50
CA LYS A 1180 -69.15 78.57 107.15
C LYS A 1180 -69.68 77.57 106.12
N ALA A 1181 -69.44 76.29 106.39
CA ALA A 1181 -69.68 75.28 105.39
C ALA A 1181 -70.77 74.28 105.75
N SER A 1182 -71.84 74.96 106.18
CA SER A 1182 -72.99 74.22 106.67
C SER A 1182 -73.93 73.54 105.67
N VAL A 1183 -73.50 72.36 105.26
CA VAL A 1183 -74.42 71.44 104.61
C VAL A 1183 -75.46 70.92 105.61
N VAL A 1184 -76.68 71.45 105.46
CA VAL A 1184 -77.76 71.28 106.40
C VAL A 1184 -79.07 70.95 105.71
N THR A 1185 -79.89 70.31 106.55
CA THR A 1185 -81.33 70.15 106.39
C THR A 1185 -81.99 69.21 105.39
N ASN A 1186 -83.15 68.73 105.85
CA ASN A 1186 -84.07 67.85 105.18
C ASN A 1186 -84.92 68.64 104.19
N ALA A 1187 -84.18 69.45 103.43
CA ALA A 1187 -84.62 70.12 102.22
C ALA A 1187 -84.50 69.39 100.89
N PRO A 1188 -84.77 69.98 99.71
CA PRO A 1188 -84.09 69.39 98.58
C PRO A 1188 -82.62 68.98 98.68
N ASN A 1189 -82.48 67.65 98.76
CA ASN A 1189 -81.27 66.87 98.71
C ASN A 1189 -80.27 67.18 99.83
N ARG A 1190 -79.25 67.96 99.49
CA ARG A 1190 -78.21 68.48 100.36
C ARG A 1190 -78.13 69.99 100.30
N ASP A 1191 -78.41 70.74 101.36
CA ASP A 1191 -78.44 72.18 101.19
C ASP A 1191 -77.28 72.94 101.82
N LEU A 1192 -76.33 73.45 101.03
CA LEU A 1192 -75.24 74.23 101.55
C LEU A 1192 -75.41 75.73 101.76
N HIS A 1193 -75.37 76.06 103.05
CA HIS A 1193 -75.50 77.47 103.39
C HIS A 1193 -74.18 78.08 103.81
N PHE A 1194 -73.47 78.55 102.78
CA PHE A 1194 -72.07 78.92 102.86
C PHE A 1194 -71.71 80.40 103.00
N VAL A 1195 -71.04 80.70 104.10
CA VAL A 1195 -70.69 82.08 104.38
C VAL A 1195 -69.58 82.56 103.45
N LEU A 1196 -69.93 83.46 102.54
CA LEU A 1196 -68.93 84.02 101.66
C LEU A 1196 -67.70 84.69 102.25
N ASP A 1197 -66.54 84.48 101.63
CA ASP A 1197 -65.36 85.15 102.14
C ASP A 1197 -64.28 85.38 101.10
N LEU A 1198 -63.73 86.60 101.08
CA LEU A 1198 -62.72 86.92 100.09
C LEU A 1198 -61.50 86.02 100.05
N ALA A 1199 -61.20 85.33 101.15
CA ALA A 1199 -60.25 84.23 101.19
C ALA A 1199 -60.08 83.39 99.93
N ASP A 1200 -61.32 83.18 99.49
CA ASP A 1200 -61.60 82.41 98.28
C ASP A 1200 -60.95 82.87 96.98
N ASN A 1201 -60.38 84.07 96.87
CA ASN A 1201 -59.46 84.51 95.84
C ASN A 1201 -58.12 83.81 95.65
N HIS A 1202 -57.60 83.28 96.76
CA HIS A 1202 -56.36 82.54 96.77
C HIS A 1202 -56.52 81.11 97.29
N VAL A 1203 -57.70 80.57 96.97
CA VAL A 1203 -58.12 79.27 97.42
C VAL A 1203 -59.41 78.63 96.89
N LEU A 1204 -59.27 77.38 96.42
CA LEU A 1204 -60.32 76.52 95.94
C LEU A 1204 -60.63 75.36 96.89
N LEU A 1205 -61.90 75.03 97.12
CA LEU A 1205 -62.35 73.98 97.99
C LEU A 1205 -63.00 72.96 97.07
N TYR A 1206 -62.91 71.71 97.53
CA TYR A 1206 -63.61 70.54 97.05
C TYR A 1206 -64.70 69.81 97.83
N LEU A 1207 -65.90 69.67 97.26
CA LEU A 1207 -67.00 68.90 97.80
C LEU A 1207 -66.84 67.40 97.88
N CYS A 1208 -66.50 66.90 99.07
CA CYS A 1208 -65.62 65.76 99.26
C CYS A 1208 -66.28 64.65 100.06
N ASP A 1209 -65.98 63.43 99.64
CA ASP A 1209 -66.33 62.22 100.36
C ASP A 1209 -65.90 62.22 101.82
N VAL A 1210 -66.92 62.09 102.68
CA VAL A 1210 -66.63 61.97 104.09
C VAL A 1210 -66.43 60.56 104.61
N THR A 1211 -67.42 59.72 104.33
CA THR A 1211 -67.62 58.44 104.99
C THR A 1211 -66.56 57.41 105.35
N PRO A 1212 -65.64 57.14 104.42
CA PRO A 1212 -64.36 56.55 104.74
C PRO A 1212 -63.22 57.25 105.47
N SER A 1213 -62.40 56.52 106.23
CA SER A 1213 -61.21 57.02 106.87
C SER A 1213 -60.07 57.37 105.92
N GLY A 1214 -60.49 58.22 104.99
CA GLY A 1214 -59.76 58.70 103.84
C GLY A 1214 -60.59 59.53 102.87
N LEU A 1215 -60.11 60.74 102.59
CA LEU A 1215 -60.96 61.70 101.91
C LEU A 1215 -60.85 61.85 100.40
N GLY A 1216 -61.96 61.70 99.67
CA GLY A 1216 -61.95 61.74 98.22
C GLY A 1216 -61.98 60.40 97.51
N ASP A 1217 -62.28 59.31 98.23
CA ASP A 1217 -62.58 58.06 97.56
C ASP A 1217 -63.83 58.06 96.69
N ARG A 1218 -65.01 58.31 97.26
CA ARG A 1218 -66.23 58.55 96.53
C ARG A 1218 -66.35 60.00 96.08
N ILE A 1219 -65.30 60.32 95.31
CA ILE A 1219 -64.98 61.64 94.79
C ILE A 1219 -65.09 62.91 95.62
N ALA A 1220 -64.39 63.91 95.08
CA ALA A 1220 -64.54 65.29 95.47
C ALA A 1220 -64.83 66.24 94.31
N PHE A 1221 -65.90 67.01 94.48
CA PHE A 1221 -66.37 68.02 93.54
C PHE A 1221 -65.66 69.37 93.61
N PRO A 1222 -64.74 69.71 92.71
CA PRO A 1222 -64.02 70.96 92.72
C PRO A 1222 -65.07 72.04 92.53
N ILE A 1223 -65.29 72.80 93.61
CA ILE A 1223 -66.29 73.84 93.73
C ILE A 1223 -65.94 75.19 93.12
N VAL A 1224 -65.82 75.17 91.79
CA VAL A 1224 -65.50 76.40 91.08
C VAL A 1224 -66.34 77.65 91.29
N ASP A 1225 -67.62 77.33 91.53
CA ASP A 1225 -68.76 78.18 91.77
C ASP A 1225 -68.58 79.22 92.87
N ILE A 1226 -67.99 78.73 93.95
CA ILE A 1226 -67.69 79.59 95.08
C ILE A 1226 -66.56 80.60 94.97
N TYR A 1227 -65.57 80.30 94.11
CA TYR A 1227 -64.36 81.06 93.89
C TYR A 1227 -64.71 82.40 93.25
N ARG A 1228 -65.76 82.44 92.44
CA ARG A 1228 -66.18 83.62 91.71
C ARG A 1228 -66.92 84.69 92.50
N ILE A 1229 -66.12 85.13 93.48
CA ILE A 1229 -66.47 86.24 94.34
C ILE A 1229 -66.42 87.64 93.76
N ALA A 1230 -67.54 88.35 93.96
CA ALA A 1230 -67.67 89.70 93.43
C ALA A 1230 -67.58 90.74 94.54
N PHE A 1231 -67.04 91.89 94.11
CA PHE A 1231 -66.72 93.00 94.97
C PHE A 1231 -67.62 94.20 94.74
N PRO A 1232 -68.84 94.31 95.25
CA PRO A 1232 -69.66 95.49 94.99
C PRO A 1232 -69.36 96.63 95.96
N ARG A 1233 -69.56 97.80 95.38
CA ARG A 1233 -69.45 99.06 96.12
C ARG A 1233 -70.73 99.56 96.77
N ASN A 1234 -71.37 98.59 97.40
CA ASN A 1234 -72.58 98.84 98.17
C ASN A 1234 -72.91 97.88 99.30
N THR A 1235 -72.58 96.59 99.23
CA THR A 1235 -72.46 95.64 100.32
C THR A 1235 -71.02 95.27 100.66
N PRO A 1236 -70.71 95.39 101.96
CA PRO A 1236 -69.37 95.06 102.42
C PRO A 1236 -68.93 93.65 102.06
N VAL A 1237 -67.61 93.55 102.09
CA VAL A 1237 -66.86 92.38 101.67
C VAL A 1237 -66.01 91.81 102.80
N ARG A 1238 -66.29 90.58 103.23
CA ARG A 1238 -65.54 90.00 104.32
C ARG A 1238 -64.38 89.09 103.98
N ALA A 1239 -63.22 89.48 104.52
CA ALA A 1239 -61.96 88.83 104.25
C ALA A 1239 -61.32 88.12 105.42
N SER A 1240 -60.96 86.86 105.16
CA SER A 1240 -60.32 86.06 106.19
C SER A 1240 -59.08 85.33 105.69
N LEU A 1241 -58.08 85.23 106.57
CA LEU A 1241 -56.83 84.58 106.24
C LEU A 1241 -56.67 83.40 105.28
N PRO A 1242 -56.41 83.67 104.00
CA PRO A 1242 -56.66 82.69 102.96
C PRO A 1242 -55.74 81.48 103.08
N TYR A 1243 -54.54 81.70 103.61
CA TYR A 1243 -53.54 80.86 104.23
C TYR A 1243 -52.49 81.64 105.00
N THR A 1244 -51.66 80.83 105.66
CA THR A 1244 -50.70 81.34 106.63
C THR A 1244 -49.57 82.21 106.11
N GLY A 1245 -49.44 82.37 104.79
CA GLY A 1245 -48.52 83.25 104.11
C GLY A 1245 -49.07 84.67 104.02
N GLY A 1246 -48.04 85.46 103.70
CA GLY A 1246 -48.03 86.91 103.72
C GLY A 1246 -48.86 87.63 102.66
N GLY A 1247 -50.09 87.93 103.07
CA GLY A 1247 -50.97 88.77 102.28
C GLY A 1247 -51.19 90.18 102.83
N ALA A 1248 -50.10 90.93 102.74
CA ALA A 1248 -50.13 92.34 103.07
C ALA A 1248 -50.67 93.28 102.00
N HIS A 1249 -50.66 92.72 100.79
CA HIS A 1249 -50.98 93.40 99.56
C HIS A 1249 -52.45 93.62 99.22
N LEU A 1250 -53.22 93.56 100.30
CA LEU A 1250 -54.66 93.69 100.28
C LEU A 1250 -54.96 95.17 100.14
N THR A 1251 -55.62 95.55 99.05
CA THR A 1251 -55.58 96.93 98.61
C THR A 1251 -56.86 97.45 97.97
N SER A 1252 -57.31 98.64 98.35
CA SER A 1252 -58.35 99.34 97.62
C SER A 1252 -57.75 100.43 96.75
N GLY A 1253 -57.80 100.11 95.46
CA GLY A 1253 -57.11 100.77 94.36
C GLY A 1253 -55.67 101.08 94.75
N GLY A 1254 -54.96 100.06 95.24
CA GLY A 1254 -53.59 100.33 95.62
C GLY A 1254 -53.20 100.53 97.08
N ASN A 1255 -54.03 101.34 97.74
CA ASN A 1255 -53.87 101.67 99.14
C ASN A 1255 -53.94 100.43 100.01
N PRO A 1256 -53.04 100.30 100.99
CA PRO A 1256 -53.13 99.12 101.82
C PRO A 1256 -54.21 99.24 102.89
N PHE A 1257 -54.87 98.13 103.21
CA PHE A 1257 -55.85 98.07 104.29
C PHE A 1257 -55.57 97.27 105.55
N MET A 1258 -56.56 96.59 106.11
CA MET A 1258 -56.36 95.41 106.94
C MET A 1258 -55.75 94.17 106.30
N SER A 1259 -54.44 94.37 106.14
CA SER A 1259 -53.61 93.40 105.46
C SER A 1259 -53.69 91.97 105.99
N LEU A 1260 -53.52 90.92 105.19
CA LEU A 1260 -53.55 89.53 105.58
C LEU A 1260 -52.21 89.11 106.18
N THR A 1261 -52.26 89.07 107.51
CA THR A 1261 -51.16 88.78 108.41
C THR A 1261 -50.06 89.82 108.29
N THR A 1262 -50.07 90.78 109.22
CA THR A 1262 -49.12 91.85 109.46
C THR A 1262 -49.29 92.48 110.84
N PRO A 1263 -48.19 92.89 111.46
CA PRO A 1263 -48.16 93.70 112.66
C PRO A 1263 -48.72 95.08 112.34
N PRO A 1264 -49.56 95.59 113.24
CA PRO A 1264 -50.71 96.43 112.95
C PRO A 1264 -51.06 96.82 111.52
N ALA A 1265 -52.16 96.19 111.09
CA ALA A 1265 -52.84 96.57 109.87
C ALA A 1265 -53.57 97.90 109.94
N VAL A 1266 -53.65 98.55 108.78
CA VAL A 1266 -54.26 99.85 108.56
C VAL A 1266 -55.77 99.71 108.56
N LEU A 1267 -56.36 99.81 109.76
CA LEU A 1267 -57.80 99.73 109.90
C LEU A 1267 -58.50 101.07 109.73
N PRO A 1268 -59.09 101.35 108.56
CA PRO A 1268 -59.83 102.59 108.37
C PRO A 1268 -61.20 102.53 109.03
N ALA A 1269 -61.87 103.68 108.97
CA ALA A 1269 -63.22 103.85 109.46
C ALA A 1269 -64.43 103.10 108.91
N GLY A 1270 -64.18 102.27 107.89
CA GLY A 1270 -65.12 101.29 107.38
C GLY A 1270 -64.88 99.80 107.60
N VAL A 1271 -63.86 99.50 108.40
CA VAL A 1271 -63.39 98.15 108.67
C VAL A 1271 -63.47 97.73 110.13
N ALA A 1272 -63.87 96.46 110.28
CA ALA A 1272 -63.97 95.93 111.63
C ALA A 1272 -63.98 94.41 111.62
N LEU A 1273 -63.43 93.83 112.69
CA LEU A 1273 -63.19 92.40 112.69
C LEU A 1273 -64.36 91.50 113.08
N ALA A 1274 -64.48 90.43 112.29
CA ALA A 1274 -65.62 89.55 112.34
C ALA A 1274 -65.57 88.39 113.31
N ALA A 1275 -66.26 88.60 114.44
CA ALA A 1275 -66.22 87.66 115.54
C ALA A 1275 -66.35 86.19 115.16
N LEU A 1276 -67.27 85.99 114.22
CA LEU A 1276 -67.42 84.79 113.41
C LEU A 1276 -66.13 84.50 112.67
N SER A 1277 -65.25 83.72 113.30
CA SER A 1277 -63.95 83.29 112.81
C SER A 1277 -64.12 82.22 111.75
N THR A 1278 -64.50 82.82 110.62
CA THR A 1278 -64.55 82.11 109.35
C THR A 1278 -63.29 82.20 108.51
N SER A 1279 -62.20 81.67 109.08
CA SER A 1279 -60.86 81.66 108.52
C SER A 1279 -60.41 80.21 108.50
N VAL A 1280 -59.80 79.82 107.37
CA VAL A 1280 -59.16 78.55 107.10
C VAL A 1280 -58.06 78.34 108.14
N ALA A 1281 -57.54 79.46 108.64
CA ALA A 1281 -56.52 79.37 109.68
C ALA A 1281 -56.71 80.10 111.00
N THR A 1282 -56.11 79.50 112.03
CA THR A 1282 -56.21 79.91 113.42
C THR A 1282 -55.64 81.25 113.86
N GLN A 1283 -54.47 81.56 113.28
CA GLN A 1283 -53.69 82.72 113.61
C GLN A 1283 -54.42 84.05 113.42
N TYR A 1284 -55.02 84.27 112.25
CA TYR A 1284 -55.88 85.41 111.94
C TYR A 1284 -57.30 85.17 111.48
N PRO A 1285 -58.29 85.81 112.11
CA PRO A 1285 -59.68 85.60 111.76
C PRO A 1285 -60.23 86.64 110.78
N THR A 1286 -61.44 86.30 110.33
CA THR A 1286 -62.16 87.13 109.40
C THR A 1286 -62.34 88.56 109.91
N TYR A 1287 -62.23 89.50 108.97
CA TYR A 1287 -62.69 90.87 109.10
C TYR A 1287 -63.64 91.39 108.03
N THR A 1288 -64.31 92.49 108.37
CA THR A 1288 -65.14 93.19 107.41
C THR A 1288 -64.43 94.38 106.79
N LEU A 1289 -64.26 94.26 105.46
CA LEU A 1289 -63.97 95.40 104.64
C LEU A 1289 -65.25 95.99 104.08
N PRO A 1290 -65.32 97.32 103.96
CA PRO A 1290 -66.50 98.03 103.52
C PRO A 1290 -66.90 97.78 102.07
N ALA A 1291 -67.92 98.59 101.72
CA ALA A 1291 -68.43 98.60 100.36
C ALA A 1291 -67.32 99.02 99.43
N GLY A 1292 -66.59 98.04 98.86
CA GLY A 1292 -65.27 98.31 98.33
C GLY A 1292 -64.58 97.17 97.60
N VAL A 1293 -63.85 97.63 96.58
CA VAL A 1293 -63.15 96.76 95.65
C VAL A 1293 -61.70 96.62 96.10
N TYR A 1294 -61.28 95.42 96.51
CA TYR A 1294 -59.98 95.20 97.08
C TYR A 1294 -59.17 94.17 96.32
N GLU A 1295 -57.97 94.57 95.87
CA GLU A 1295 -57.04 93.63 95.27
C GLU A 1295 -56.43 92.62 96.24
N TYR A 1296 -57.06 91.45 96.08
CA TYR A 1296 -56.62 90.26 96.76
C TYR A 1296 -55.28 89.73 96.24
N VAL A 1297 -54.22 90.25 96.85
CA VAL A 1297 -52.83 89.86 96.67
C VAL A 1297 -51.85 89.75 97.82
N ILE A 1298 -51.27 88.54 97.71
CA ILE A 1298 -50.01 88.11 98.28
C ILE A 1298 -48.81 88.97 97.91
N GLU A 1299 -47.60 88.57 98.33
CA GLU A 1299 -46.31 89.20 98.11
C GLU A 1299 -45.41 88.84 96.93
N ALA B 1 54.22 -16.76 74.90
CA ALA B 1 52.89 -16.53 74.32
C ALA B 1 52.39 -17.47 73.24
N ASN B 2 51.34 -18.22 73.60
CA ASN B 2 50.63 -19.08 72.67
C ASN B 2 49.96 -18.59 71.40
N GLY B 3 50.75 -18.08 70.45
CA GLY B 3 50.25 -17.77 69.12
C GLY B 3 49.64 -18.87 68.27
N PRO B 4 48.60 -18.67 67.45
CA PRO B 4 48.06 -19.69 66.58
C PRO B 4 49.02 -20.19 65.51
N GLU B 5 48.88 -21.50 65.26
CA GLU B 5 49.55 -22.17 64.17
C GLU B 5 48.73 -22.17 62.88
N LEU B 6 48.58 -21.00 62.26
CA LEU B 6 47.90 -20.91 60.98
C LEU B 6 48.60 -21.49 59.76
N ILE B 7 49.89 -21.21 59.61
CA ILE B 7 50.69 -21.65 58.48
C ILE B 7 51.39 -22.99 58.36
N ILE B 8 50.58 -23.90 57.81
CA ILE B 8 50.99 -25.28 57.67
C ILE B 8 51.12 -25.61 56.19
N GLU B 9 52.31 -26.12 55.92
CA GLU B 9 52.79 -26.28 54.57
C GLU B 9 52.97 -27.72 54.09
N ASP B 10 52.37 -28.06 52.95
CA ASP B 10 52.62 -29.31 52.27
C ASP B 10 53.45 -29.21 51.00
N THR B 11 54.58 -29.92 50.92
CA THR B 11 55.09 -30.30 49.62
C THR B 11 55.06 -31.79 49.28
N GLY B 12 55.12 -32.20 48.02
CA GLY B 12 55.08 -33.62 47.75
C GLY B 12 53.85 -34.05 46.97
N LEU B 13 52.85 -34.47 47.74
CA LEU B 13 51.59 -34.83 47.10
C LEU B 13 50.29 -34.57 47.84
N CYS B 14 49.36 -33.97 47.11
CA CYS B 14 48.09 -33.73 47.75
C CYS B 14 47.10 -34.88 47.69
N THR B 15 47.30 -35.89 48.53
CA THR B 15 46.59 -37.15 48.66
C THR B 15 46.56 -37.93 49.97
N SER B 16 45.39 -38.10 50.56
CA SER B 16 45.11 -38.86 51.76
C SER B 16 44.50 -40.23 51.49
N PHE B 17 44.59 -40.72 50.25
CA PHE B 17 44.36 -42.09 49.88
C PHE B 17 45.45 -42.73 49.02
N MET B 18 45.58 -44.01 49.36
CA MET B 18 46.63 -44.86 48.81
C MET B 18 46.12 -45.95 47.89
N LEU B 19 46.77 -45.91 46.73
CA LEU B 19 46.72 -47.02 45.81
C LEU B 19 47.67 -48.15 46.19
N LEU B 20 47.08 -49.27 46.62
CA LEU B 20 47.75 -50.42 47.19
C LEU B 20 47.50 -51.83 46.66
N ASP B 21 48.64 -52.47 46.35
CA ASP B 21 48.63 -53.89 46.09
C ASP B 21 48.52 -54.68 47.40
N ASN B 22 47.60 -55.63 47.50
CA ASN B 22 47.44 -56.56 48.61
C ASN B 22 48.01 -57.97 48.46
N ILE B 23 48.16 -58.43 47.22
CA ILE B 23 48.89 -59.65 46.98
C ILE B 23 49.46 -59.74 45.57
N PRO B 24 50.78 -59.52 45.51
CA PRO B 24 51.58 -59.94 44.37
C PRO B 24 51.78 -61.46 44.30
N SER B 25 52.18 -61.91 43.12
CA SER B 25 52.36 -63.33 42.86
C SER B 25 53.72 -63.92 42.54
N ALA B 26 54.26 -64.77 43.43
CA ALA B 26 55.51 -65.50 43.33
C ALA B 26 55.53 -66.69 42.37
N HIS B 27 56.35 -66.69 41.32
CA HIS B 27 56.20 -67.69 40.28
C HIS B 27 54.87 -68.42 40.10
N LEU B 28 54.02 -67.86 39.25
CA LEU B 28 52.72 -68.42 38.95
C LEU B 28 52.29 -68.55 37.49
N THR B 29 52.27 -69.71 36.83
CA THR B 29 52.47 -71.06 37.31
C THR B 29 53.71 -71.72 36.75
N LYS B 30 54.02 -72.97 37.10
CA LYS B 30 55.16 -73.71 36.58
C LYS B 30 55.19 -73.80 35.06
N GLU B 31 54.12 -74.34 34.47
CA GLU B 31 53.98 -74.44 33.04
C GLU B 31 53.59 -73.16 32.32
N LEU B 32 54.14 -72.05 32.83
CA LEU B 32 53.87 -70.75 32.25
C LEU B 32 54.93 -69.76 32.72
N ILE B 33 54.58 -68.88 33.66
CA ILE B 33 55.27 -67.70 34.13
C ILE B 33 54.28 -66.81 34.88
N GLY B 34 54.78 -65.96 35.79
CA GLY B 34 53.92 -65.01 36.47
C GLY B 34 53.99 -63.65 35.78
N PHE B 35 53.06 -63.34 34.88
CA PHE B 35 53.18 -62.14 34.07
C PHE B 35 53.46 -60.81 34.77
N THR B 36 52.94 -60.87 36.00
CA THR B 36 53.21 -59.98 37.11
C THR B 36 54.71 -59.81 37.36
N TRP B 37 55.49 -60.88 37.20
CA TRP B 37 56.88 -60.91 37.58
C TRP B 37 57.87 -59.97 36.91
N PHE B 38 57.45 -59.60 35.69
CA PHE B 38 58.13 -58.74 34.75
C PHE B 38 58.67 -57.39 35.21
N MET B 39 58.17 -56.90 36.35
CA MET B 39 58.57 -55.71 37.07
C MET B 39 60.06 -55.49 37.24
N GLN B 40 60.60 -56.37 38.08
CA GLN B 40 62.04 -56.48 38.29
C GLN B 40 62.84 -56.90 37.07
N MET B 41 62.22 -57.73 36.24
CA MET B 41 62.81 -58.20 35.00
C MET B 41 63.42 -57.20 34.02
N TYR B 42 62.76 -56.04 33.92
CA TYR B 42 63.26 -54.93 33.14
C TYR B 42 63.89 -53.78 33.91
N GLN B 43 64.21 -54.12 35.15
CA GLN B 43 64.72 -53.32 36.24
C GLN B 43 63.96 -52.10 36.75
N MET B 44 63.11 -51.54 35.89
CA MET B 44 62.15 -50.52 36.28
C MET B 44 61.13 -50.94 37.33
N THR B 45 60.80 -49.89 38.09
CA THR B 45 59.74 -49.91 39.08
C THR B 45 58.45 -49.30 38.54
N PRO B 46 57.40 -50.11 38.39
CA PRO B 46 56.12 -49.63 37.91
C PRO B 46 55.52 -48.53 38.76
N PRO B 47 54.97 -47.49 38.13
CA PRO B 47 54.14 -46.50 38.79
C PRO B 47 52.79 -46.93 39.34
N LEU B 48 52.22 -47.96 38.70
CA LEU B 48 50.98 -48.55 39.18
C LEU B 48 51.14 -49.88 39.89
N PRO B 49 50.29 -50.14 40.89
CA PRO B 49 50.28 -51.43 41.55
C PRO B 49 49.87 -52.66 40.75
N GLU B 50 50.90 -53.43 40.37
CA GLU B 50 50.73 -54.63 39.57
C GLU B 50 50.99 -55.99 40.20
N GLY B 51 49.91 -56.45 40.84
CA GLY B 51 49.65 -57.84 41.17
C GLY B 51 48.22 -58.32 41.07
N ALA B 52 48.02 -59.46 41.75
CA ALA B 52 46.74 -60.15 41.75
C ALA B 52 45.49 -59.54 42.34
N VAL B 53 45.65 -59.18 43.63
CA VAL B 53 44.66 -58.38 44.30
C VAL B 53 45.15 -57.00 44.70
N ASN B 54 44.49 -55.96 44.18
CA ASN B 54 44.89 -54.65 44.66
C ASN B 54 43.65 -53.84 45.00
N ARG B 55 43.82 -53.14 46.13
CA ARG B 55 42.86 -52.23 46.72
C ARG B 55 43.12 -50.74 46.94
N ILE B 56 42.15 -49.91 47.30
CA ILE B 56 42.50 -48.61 47.84
C ILE B 56 42.02 -48.39 49.26
N VAL B 57 42.89 -47.65 49.97
CA VAL B 57 42.82 -47.50 51.41
C VAL B 57 43.15 -46.08 51.83
N CYS B 58 42.47 -45.68 52.90
CA CYS B 58 42.52 -44.35 53.47
C CYS B 58 43.68 -44.07 54.41
N MET B 59 44.68 -43.38 53.86
CA MET B 59 45.93 -43.02 54.49
C MET B 59 46.36 -41.56 54.42
N THR B 60 46.16 -40.84 55.53
CA THR B 60 46.14 -39.40 55.52
C THR B 60 47.53 -38.80 55.37
N ASN B 61 47.74 -38.05 54.29
CA ASN B 61 49.10 -37.56 54.06
C ASN B 61 50.22 -38.51 53.71
N TRP B 62 49.79 -39.72 53.34
CA TRP B 62 50.70 -40.78 52.96
C TRP B 62 51.83 -40.44 51.99
N ALA B 63 51.56 -39.48 51.10
CA ALA B 63 52.47 -38.96 50.10
C ALA B 63 52.92 -37.52 50.28
N SER B 64 52.98 -37.15 51.56
CA SER B 64 53.54 -35.92 52.08
C SER B 64 55.05 -35.86 52.23
N LEU B 65 55.65 -35.12 51.30
CA LEU B 65 57.08 -34.93 51.27
C LEU B 65 57.55 -33.54 51.68
N GLY B 66 57.07 -33.30 52.91
CA GLY B 66 57.25 -32.06 53.64
C GLY B 66 58.04 -32.29 54.92
N ASP B 67 58.82 -31.27 55.29
CA ASP B 67 59.50 -31.36 56.56
C ASP B 67 58.62 -31.07 57.78
N GLU B 68 57.33 -30.82 57.51
CA GLU B 68 56.30 -30.36 58.42
C GLU B 68 55.33 -31.49 58.74
N GLY B 69 55.41 -31.79 60.04
CA GLY B 69 54.50 -32.75 60.64
C GLY B 69 53.41 -32.35 61.62
N ARG B 70 52.14 -32.46 61.21
CA ARG B 70 51.04 -32.05 62.06
C ARG B 70 50.54 -33.06 63.09
N GLY B 71 50.84 -34.31 62.71
CA GLY B 71 50.72 -35.36 63.71
C GLY B 71 49.37 -35.72 64.30
N LEU B 72 48.36 -35.34 63.51
CA LEU B 72 47.01 -35.81 63.72
C LEU B 72 46.36 -36.63 62.61
N GLU B 73 47.19 -37.50 62.01
CA GLU B 73 46.81 -38.20 60.80
C GLU B 73 45.90 -39.40 60.96
N VAL B 74 45.02 -39.66 59.99
CA VAL B 74 44.04 -40.73 60.04
C VAL B 74 44.61 -41.86 59.20
N ARG B 75 45.09 -42.87 59.93
CA ARG B 75 45.62 -44.04 59.25
C ARG B 75 44.78 -45.30 59.39
N LEU B 76 44.40 -45.81 58.22
CA LEU B 76 43.56 -46.98 58.09
C LEU B 76 44.34 -48.14 57.47
N PRO B 77 44.17 -49.37 57.94
CA PRO B 77 44.67 -50.58 57.32
C PRO B 77 43.85 -51.18 56.20
N PRO B 78 44.47 -51.90 55.24
CA PRO B 78 43.78 -52.61 54.19
C PRO B 78 42.57 -53.40 54.70
N PRO B 79 41.42 -53.44 54.03
CA PRO B 79 40.26 -54.19 54.49
C PRO B 79 40.50 -55.65 54.84
N THR B 80 41.58 -56.19 54.28
CA THR B 80 42.17 -57.48 54.62
C THR B 80 42.44 -57.76 56.09
N ASP B 81 42.79 -56.68 56.78
CA ASP B 81 43.14 -56.67 58.19
C ASP B 81 42.13 -55.84 58.98
N SER B 82 41.89 -56.24 60.22
CA SER B 82 40.90 -55.64 61.08
C SER B 82 41.16 -54.27 61.68
N SER B 83 40.40 -53.31 61.16
CA SER B 83 40.54 -51.89 61.44
C SER B 83 39.67 -51.45 62.62
N VAL B 84 39.10 -52.42 63.35
CA VAL B 84 38.25 -52.29 64.50
C VAL B 84 38.44 -51.14 65.49
N HIS B 85 39.73 -50.90 65.73
CA HIS B 85 40.24 -49.93 66.68
C HIS B 85 39.90 -48.50 66.25
N ALA B 86 39.83 -48.22 64.95
CA ALA B 86 39.52 -46.87 64.52
C ALA B 86 38.15 -46.33 64.92
N TYR B 87 37.26 -47.30 65.13
CA TYR B 87 35.85 -47.01 65.25
C TYR B 87 35.13 -47.21 66.58
N LYS B 88 36.03 -47.45 67.55
CA LYS B 88 35.74 -47.66 68.95
C LYS B 88 36.36 -46.75 70.01
N THR B 89 37.13 -45.85 69.40
CA THR B 89 37.94 -44.89 70.12
C THR B 89 37.34 -43.92 71.14
N VAL B 90 36.18 -43.41 70.75
CA VAL B 90 35.45 -42.33 71.38
C VAL B 90 34.60 -42.64 72.61
N LEU B 91 33.76 -43.66 72.43
CA LEU B 91 32.80 -44.07 73.44
C LEU B 91 32.74 -45.50 73.95
N SER B 92 33.64 -46.35 73.45
CA SER B 92 33.64 -47.76 73.76
C SER B 92 34.41 -48.11 75.03
N ARG B 93 34.30 -47.16 75.95
CA ARG B 93 34.87 -47.08 77.28
C ARG B 93 34.56 -48.32 78.10
N GLY B 94 33.27 -48.61 78.28
CA GLY B 94 32.53 -49.76 78.74
C GLY B 94 32.67 -51.10 78.04
N TYR B 95 33.27 -51.04 76.85
CA TYR B 95 33.37 -52.27 76.09
C TYR B 95 34.81 -52.54 75.64
N ILE B 96 35.52 -52.97 76.70
CA ILE B 96 36.95 -53.19 76.66
C ILE B 96 37.49 -54.19 75.65
N ASP B 97 36.63 -55.06 75.11
CA ASP B 97 37.11 -56.16 74.29
C ASP B 97 37.55 -55.74 72.89
N ASN B 98 38.87 -55.66 72.77
CA ASN B 98 39.54 -55.49 71.49
C ASN B 98 39.09 -56.01 70.14
N ALA B 99 38.40 -57.15 70.12
CA ALA B 99 37.76 -57.63 68.92
C ALA B 99 36.50 -56.96 68.40
N GLN B 100 35.74 -56.62 69.44
CA GLN B 100 34.44 -56.00 69.31
C GLN B 100 34.26 -54.51 69.55
N PHE B 101 33.40 -53.95 68.71
CA PHE B 101 33.00 -52.55 68.88
C PHE B 101 31.51 -52.32 69.08
N ASN B 102 31.13 -51.20 69.71
CA ASN B 102 29.74 -50.95 70.03
C ASN B 102 29.04 -50.31 68.83
N PRO B 103 28.07 -51.00 68.23
CA PRO B 103 27.44 -50.48 67.04
C PRO B 103 26.78 -49.12 67.12
N LEU B 104 26.18 -48.86 68.29
CA LEU B 104 25.49 -47.61 68.54
C LEU B 104 26.40 -46.39 68.53
N ALA B 105 27.64 -46.62 68.96
CA ALA B 105 28.67 -45.62 69.06
C ALA B 105 29.32 -45.19 67.75
N LEU B 106 28.90 -45.88 66.70
CA LEU B 106 29.43 -45.75 65.36
C LEU B 106 29.37 -44.44 64.59
N ARG B 107 28.22 -43.78 64.54
CA ARG B 107 28.03 -42.45 63.98
C ARG B 107 28.88 -41.41 64.70
N SER B 108 28.87 -41.53 66.04
CA SER B 108 29.79 -40.63 66.71
C SER B 108 31.23 -40.81 66.29
N ASN B 109 31.75 -42.01 66.60
CA ASN B 109 33.12 -42.25 66.21
C ASN B 109 33.50 -41.92 64.77
N VAL B 110 32.67 -42.23 63.77
CA VAL B 110 32.99 -41.82 62.42
C VAL B 110 33.10 -40.32 62.16
N LEU B 111 32.21 -39.63 62.88
CA LEU B 111 32.12 -38.19 62.81
C LEU B 111 33.32 -37.37 63.27
N LEU B 112 33.95 -37.89 64.32
CA LEU B 112 35.27 -37.43 64.76
C LEU B 112 36.46 -37.67 63.86
N MET B 113 36.39 -38.87 63.26
CA MET B 113 37.41 -39.36 62.35
C MET B 113 37.51 -38.41 61.16
N LEU B 114 36.30 -38.14 60.67
CA LEU B 114 36.12 -37.15 59.62
C LEU B 114 36.51 -35.71 59.87
N LEU B 115 36.19 -35.36 61.11
CA LEU B 115 36.66 -34.12 61.70
C LEU B 115 38.18 -34.00 61.68
N GLN B 116 38.86 -34.99 62.25
CA GLN B 116 40.30 -35.10 62.13
C GLN B 116 40.95 -35.30 60.77
N PHE B 117 40.27 -35.98 59.86
CA PHE B 117 40.68 -36.05 58.47
C PHE B 117 40.87 -34.70 57.82
N THR B 118 39.86 -33.87 58.10
CA THR B 118 39.83 -32.47 57.73
C THR B 118 40.94 -31.59 58.28
N LEU B 119 41.05 -31.64 59.61
CA LEU B 119 42.10 -30.96 60.34
C LEU B 119 43.56 -31.31 60.11
N SER B 120 43.95 -32.58 60.01
CA SER B 120 45.28 -32.94 59.55
C SER B 120 45.70 -32.87 58.08
N ASN B 121 44.75 -32.20 57.42
CA ASN B 121 44.80 -31.66 56.08
C ASN B 121 44.64 -30.18 55.77
N LEU B 122 44.95 -29.33 56.75
CA LEU B 122 44.84 -27.91 56.52
C LEU B 122 46.14 -27.25 56.05
N LYS B 123 46.36 -27.30 54.74
CA LYS B 123 47.73 -27.34 54.23
C LYS B 123 47.86 -26.59 52.92
N ILE B 124 48.82 -25.66 52.98
CA ILE B 124 49.41 -24.91 51.89
C ILE B 124 50.33 -25.81 51.07
N ASN B 125 49.67 -26.28 50.02
CA ASN B 125 50.33 -26.85 48.85
C ASN B 125 51.26 -25.86 48.17
N LYS B 126 52.53 -26.09 48.54
CA LYS B 126 53.59 -25.20 48.11
C LYS B 126 54.38 -25.65 46.90
N SER B 127 54.75 -24.81 45.93
CA SER B 127 55.57 -25.17 44.80
C SER B 127 56.99 -25.50 45.25
N SER B 128 57.49 -26.63 44.73
CA SER B 128 58.92 -26.85 44.75
C SER B 128 59.60 -26.25 43.53
N THR B 129 60.41 -27.07 42.87
CA THR B 129 60.99 -26.76 41.57
C THR B 129 60.47 -27.60 40.42
N PHE B 130 60.75 -27.12 39.20
CA PHE B 130 60.36 -27.61 37.89
C PHE B 130 61.41 -27.86 36.81
N THR B 131 61.34 -29.05 36.22
CA THR B 131 62.24 -29.42 35.15
C THR B 131 61.57 -29.78 33.82
N SER B 132 62.19 -29.18 32.79
CA SER B 132 61.97 -29.25 31.37
C SER B 132 62.47 -30.61 30.91
N ASP B 133 61.57 -31.60 30.97
CA ASP B 133 61.79 -32.98 30.56
C ASP B 133 61.68 -33.24 29.07
N VAL B 134 62.86 -32.99 28.49
CA VAL B 134 63.16 -33.27 27.10
C VAL B 134 63.98 -34.54 27.01
N THR B 135 63.23 -35.55 26.58
CA THR B 135 63.54 -36.97 26.56
C THR B 135 62.67 -37.76 25.60
N THR B 136 62.81 -39.08 25.60
CA THR B 136 61.89 -39.96 24.90
C THR B 136 60.60 -40.25 25.66
N ILE B 137 60.74 -40.31 26.98
CA ILE B 137 59.64 -40.76 27.80
C ILE B 137 58.47 -39.82 28.08
N THR B 138 58.85 -38.56 27.90
CA THR B 138 58.15 -37.31 28.12
C THR B 138 58.24 -36.34 26.94
N SER B 139 57.06 -35.78 26.74
CA SER B 139 56.84 -35.01 25.53
C SER B 139 57.32 -33.57 25.59
N GLY B 140 58.53 -33.43 26.14
CA GLY B 140 58.98 -32.18 26.72
C GLY B 140 58.12 -31.65 27.86
N ARG B 141 58.16 -32.47 28.91
CA ARG B 141 57.22 -32.27 29.99
C ARG B 141 57.82 -31.77 31.30
N MET B 142 57.04 -30.87 31.90
CA MET B 142 57.54 -30.16 33.06
C MET B 142 57.15 -30.77 34.39
N ILE B 143 58.04 -31.65 34.82
CA ILE B 143 58.05 -32.44 36.04
C ILE B 143 58.55 -31.74 37.29
N ARG B 144 57.84 -31.96 38.39
CA ARG B 144 58.20 -31.57 39.74
C ARG B 144 59.48 -32.20 40.28
N ALA B 145 60.60 -31.48 40.31
CA ALA B 145 61.81 -32.15 40.75
C ALA B 145 61.92 -32.04 42.26
N PHE B 146 61.37 -33.10 42.84
CA PHE B 146 61.54 -33.27 44.26
C PHE B 146 62.97 -33.66 44.60
N GLU B 147 63.56 -32.65 45.25
CA GLU B 147 64.85 -32.76 45.90
C GLU B 147 65.10 -34.03 46.72
N GLY B 148 65.13 -35.18 46.05
CA GLY B 148 65.21 -36.46 46.72
C GLY B 148 64.07 -37.38 46.32
N ARG B 149 64.37 -38.67 46.55
CA ARG B 149 63.50 -39.79 46.29
C ARG B 149 62.92 -39.65 44.89
N PRO B 150 63.64 -40.22 43.92
CA PRO B 150 62.98 -40.35 42.64
C PRO B 150 61.70 -41.14 42.41
N GLU B 151 61.54 -42.18 43.24
CA GLU B 151 60.33 -42.96 43.40
C GLU B 151 59.01 -42.25 43.18
N LEU B 152 58.91 -41.18 43.97
CA LEU B 152 57.69 -40.39 44.02
C LEU B 152 57.21 -39.94 42.65
N LEU B 153 58.09 -39.45 41.77
CA LEU B 153 57.81 -39.10 40.39
C LEU B 153 56.99 -40.07 39.56
N ALA B 154 57.40 -41.34 39.68
CA ALA B 154 56.74 -42.43 38.98
C ALA B 154 55.27 -42.47 39.34
N LEU B 155 55.07 -42.59 40.66
CA LEU B 155 53.73 -42.59 41.21
C LEU B 155 52.82 -41.40 40.96
N ALA B 156 53.44 -40.22 41.05
CA ALA B 156 52.87 -38.94 40.67
C ALA B 156 52.52 -38.71 39.22
N TYR B 157 53.22 -39.43 38.34
CA TYR B 157 53.18 -39.43 36.90
C TYR B 157 53.30 -40.81 36.27
N PRO B 158 52.19 -41.56 36.25
CA PRO B 158 51.99 -42.83 35.59
C PRO B 158 52.45 -42.78 34.14
N GLY B 159 51.85 -41.82 33.43
CA GLY B 159 52.13 -41.53 32.03
C GLY B 159 53.51 -41.54 31.41
N ARG B 160 54.47 -41.20 32.29
CA ARG B 160 55.88 -41.43 32.04
C ARG B 160 56.46 -42.76 31.58
N ALA B 161 55.66 -43.76 31.94
CA ALA B 161 56.04 -45.15 31.75
C ALA B 161 55.85 -45.72 30.36
N VAL B 162 56.91 -46.43 29.99
CA VAL B 162 56.91 -47.18 28.75
C VAL B 162 56.27 -48.57 28.84
N LEU B 163 55.81 -49.05 27.68
CA LEU B 163 55.01 -50.24 27.50
C LEU B 163 55.68 -51.54 27.06
N PRO B 164 56.24 -52.37 27.93
CA PRO B 164 56.79 -53.65 27.51
C PRO B 164 55.86 -54.82 27.26
N THR B 165 54.66 -54.74 27.84
CA THR B 165 53.75 -55.86 27.74
C THR B 165 52.40 -55.41 27.21
N GLN B 166 51.66 -56.40 26.72
CA GLN B 166 50.29 -56.22 26.26
C GLN B 166 49.19 -56.69 27.19
N THR B 167 49.36 -56.09 28.37
CA THR B 167 48.69 -56.42 29.60
C THR B 167 47.55 -55.48 30.00
N LYS B 168 46.78 -55.99 30.95
CA LYS B 168 45.60 -55.27 31.40
C LYS B 168 45.82 -53.82 31.80
N ASN B 169 46.84 -53.68 32.66
CA ASN B 169 47.29 -52.34 32.92
C ASN B 169 47.81 -51.52 31.75
N ALA B 170 48.70 -52.11 30.95
CA ALA B 170 49.11 -51.46 29.72
C ALA B 170 48.10 -50.86 28.76
N GLN B 171 47.10 -51.73 28.69
CA GLN B 171 45.90 -51.48 27.91
C GLN B 171 45.11 -50.22 28.25
N PHE B 172 44.88 -50.14 29.56
CA PHE B 172 44.36 -48.92 30.14
C PHE B 172 45.13 -47.63 29.89
N LEU B 173 46.43 -47.70 30.20
CA LEU B 173 47.36 -46.61 30.04
C LEU B 173 47.50 -46.17 28.58
N SER B 174 47.41 -47.20 27.74
CA SER B 174 47.53 -46.89 26.33
C SER B 174 46.29 -46.38 25.60
N THR B 175 45.17 -46.44 26.33
CA THR B 175 43.94 -45.79 25.94
C THR B 175 43.64 -44.42 26.54
N ALA B 176 44.56 -43.87 27.34
CA ALA B 176 44.41 -42.57 27.97
C ALA B 176 45.31 -41.47 27.42
N ILE B 177 44.84 -40.24 27.61
CA ILE B 177 45.40 -39.00 27.11
C ILE B 177 46.68 -38.64 27.83
N ALA B 178 47.83 -38.82 27.18
CA ALA B 178 49.15 -38.81 27.76
C ALA B 178 49.73 -37.44 28.08
N ASP B 179 49.46 -36.48 27.19
CA ASP B 179 50.06 -35.18 27.36
C ASP B 179 49.98 -34.39 28.67
N ARG B 180 48.87 -34.69 29.34
CA ARG B 180 48.62 -34.07 30.63
C ARG B 180 49.41 -34.56 31.83
N ILE B 181 50.73 -34.40 31.65
CA ILE B 181 51.66 -34.86 32.65
C ILE B 181 52.68 -33.76 32.93
N GLY B 182 52.46 -33.33 34.18
CA GLY B 182 53.25 -32.26 34.79
C GLY B 182 52.69 -30.88 34.46
N ARG B 183 53.61 -29.96 34.20
CA ARG B 183 53.23 -28.57 34.24
C ARG B 183 52.90 -27.93 32.91
N LEU B 184 51.59 -27.68 32.80
CA LEU B 184 51.08 -26.93 31.67
C LEU B 184 51.42 -25.45 31.64
N ASP B 185 51.28 -24.72 32.73
CA ASP B 185 51.59 -23.30 32.84
C ASP B 185 52.17 -22.88 34.19
N ARG B 186 53.14 -21.97 34.18
CA ARG B 186 53.70 -21.36 35.37
C ARG B 186 53.33 -19.88 35.48
N ALA B 187 53.00 -19.40 36.67
CA ALA B 187 52.43 -18.07 36.77
C ALA B 187 53.24 -17.02 37.53
N ASN B 188 54.02 -16.34 36.69
CA ASN B 188 54.68 -15.10 37.03
C ASN B 188 54.86 -14.24 35.78
N LEU B 189 54.68 -12.93 35.91
CA LEU B 189 54.99 -11.87 34.98
C LEU B 189 55.94 -10.74 35.33
N ILE B 190 56.55 -11.05 36.48
CA ILE B 190 57.18 -9.87 37.05
C ILE B 190 58.60 -9.88 36.50
N GLY B 191 59.35 -9.52 35.46
CA GLY B 191 60.58 -10.16 35.03
C GLY B 191 61.75 -10.47 35.94
N GLY B 192 62.94 -11.07 36.10
CA GLY B 192 63.64 -11.26 37.36
C GLY B 192 63.16 -11.48 38.78
N GLU B 193 62.08 -12.22 39.01
CA GLU B 193 61.43 -12.91 40.11
C GLU B 193 60.88 -14.27 39.74
N VAL B 194 60.89 -15.14 40.75
CA VAL B 194 60.27 -16.44 40.60
C VAL B 194 58.74 -16.41 40.64
N SER B 195 58.24 -17.56 40.20
CA SER B 195 56.80 -17.75 40.11
C SER B 195 55.97 -17.67 41.38
N ALA B 196 54.82 -17.01 41.23
CA ALA B 196 53.66 -17.05 42.11
C ALA B 196 52.90 -18.36 42.28
N MET B 197 52.76 -19.11 41.19
CA MET B 197 52.24 -20.46 41.23
C MET B 197 52.62 -21.29 40.02
N VAL B 198 52.45 -22.60 40.24
CA VAL B 198 52.51 -23.56 39.16
C VAL B 198 51.16 -24.26 38.99
N GLU B 199 50.83 -24.58 37.75
CA GLU B 199 49.68 -25.33 37.29
C GLU B 199 50.03 -26.69 36.70
N CYS B 200 50.06 -27.73 37.54
CA CYS B 200 50.54 -29.06 37.23
C CYS B 200 49.57 -30.22 37.36
N MET B 201 49.53 -30.99 36.26
CA MET B 201 48.76 -32.21 36.27
C MET B 201 49.56 -33.30 36.97
N GLU B 202 49.00 -33.64 38.12
CA GLU B 202 49.53 -34.44 39.22
C GLU B 202 48.54 -35.52 39.64
N LEU B 203 48.99 -36.66 40.18
CA LEU B 203 48.22 -37.55 41.02
C LEU B 203 47.70 -36.90 42.30
N CYS B 204 46.44 -36.44 42.23
CA CYS B 204 45.81 -35.63 43.26
C CYS B 204 44.33 -35.88 43.49
N ASP B 205 44.16 -36.06 44.80
CA ASP B 205 42.90 -36.31 45.47
C ASP B 205 41.91 -35.16 45.60
N ALA B 206 40.87 -35.13 44.78
CA ALA B 206 39.88 -34.07 44.68
C ALA B 206 39.34 -33.61 46.02
N LEU B 207 39.09 -34.61 46.87
CA LEU B 207 38.47 -34.28 48.13
C LEU B 207 39.43 -33.48 49.00
N THR B 208 40.63 -34.03 49.10
CA THR B 208 41.74 -33.38 49.78
C THR B 208 42.05 -32.03 49.16
N LEU B 209 42.23 -31.99 47.84
CA LEU B 209 42.35 -30.72 47.16
C LEU B 209 41.36 -29.65 47.60
N HIS B 210 40.09 -30.05 47.57
CA HIS B 210 38.97 -29.24 48.00
C HIS B 210 39.07 -28.59 49.38
N ILE B 211 39.50 -29.45 50.30
CA ILE B 211 39.82 -29.09 51.67
C ILE B 211 40.87 -27.99 51.67
N ARG B 212 41.95 -28.33 50.97
CA ARG B 212 43.04 -27.38 50.93
C ARG B 212 42.84 -26.04 50.22
N GLU B 213 42.05 -26.17 49.15
CA GLU B 213 41.48 -25.05 48.44
C GLU B 213 40.73 -24.00 49.23
N THR B 214 39.72 -24.45 49.98
CA THR B 214 38.94 -23.79 51.00
C THR B 214 39.77 -23.04 52.03
N TYR B 215 40.69 -23.79 52.64
CA TYR B 215 41.60 -23.28 53.65
C TYR B 215 42.32 -22.04 53.14
N ILE B 216 42.82 -22.18 51.91
CA ILE B 216 43.46 -21.09 51.20
C ILE B 216 42.62 -19.86 50.91
N MET B 217 41.37 -20.17 50.56
CA MET B 217 40.40 -19.12 50.44
C MET B 217 40.00 -18.33 51.69
N LEU B 218 40.09 -19.08 52.78
CA LEU B 218 39.98 -18.51 54.11
C LEU B 218 41.11 -17.62 54.58
N LEU B 219 42.33 -18.14 54.40
CA LEU B 219 43.56 -17.39 54.54
C LEU B 219 43.65 -16.11 53.71
N ARG B 220 43.23 -16.23 52.45
CA ARG B 220 43.19 -15.11 51.53
C ARG B 220 42.29 -13.93 51.86
N SER B 221 41.08 -14.35 52.23
CA SER B 221 40.24 -13.41 52.94
C SER B 221 40.70 -12.54 54.11
N MET B 222 41.58 -13.11 54.93
CA MET B 222 42.21 -12.38 56.00
C MET B 222 43.44 -11.56 55.67
N HIS B 223 44.01 -11.89 54.50
CA HIS B 223 45.25 -11.25 54.11
C HIS B 223 45.10 -9.80 53.64
N GLN B 224 46.05 -9.03 54.18
CA GLN B 224 46.07 -7.59 54.05
C GLN B 224 47.29 -7.06 53.31
N ASP B 225 47.03 -6.05 52.47
CA ASP B 225 48.03 -5.32 51.70
C ASP B 225 48.70 -4.16 52.39
N PRO B 226 49.95 -3.83 52.03
CA PRO B 226 50.70 -2.78 52.68
C PRO B 226 49.94 -1.51 53.00
N THR B 227 49.35 -0.93 51.95
CA THR B 227 48.59 0.28 52.20
C THR B 227 47.58 0.32 53.34
N GLN B 228 46.76 -0.73 53.32
CA GLN B 228 45.76 -0.86 54.36
C GLN B 228 46.37 -0.98 55.75
N ILE B 229 47.48 -1.71 55.85
CA ILE B 229 48.29 -1.91 57.03
C ILE B 229 48.79 -0.56 57.51
N VAL B 230 49.19 0.27 56.54
CA VAL B 230 49.65 1.61 56.85
C VAL B 230 48.67 2.51 57.58
N GLN B 231 47.49 2.55 56.95
CA GLN B 231 46.27 3.05 57.54
C GLN B 231 45.88 2.77 58.98
N ILE B 232 45.97 1.46 59.22
CA ILE B 232 45.64 0.84 60.50
C ILE B 232 46.53 1.40 61.60
N VAL B 233 47.83 1.33 61.32
CA VAL B 233 48.89 1.87 62.15
C VAL B 233 48.83 3.38 62.32
N ASN B 234 48.85 4.16 61.23
CA ASN B 234 48.60 5.59 61.33
C ASN B 234 47.40 6.07 62.13
N GLU B 235 46.34 5.29 61.91
CA GLU B 235 45.16 5.59 62.70
C GLU B 235 45.35 5.33 64.18
N CYS B 236 45.84 4.14 64.49
CA CYS B 236 46.17 3.73 65.85
C CYS B 236 47.15 4.60 66.63
N ALA B 237 48.14 5.06 65.87
CA ALA B 237 49.13 6.05 66.25
C ALA B 237 48.71 7.48 66.54
N ASN B 238 47.52 7.82 66.07
CA ASN B 238 47.00 9.16 66.14
C ASN B 238 47.95 10.31 65.83
N ASN B 239 48.65 10.05 64.72
CA ASN B 239 49.80 10.74 64.19
C ASN B 239 51.01 11.00 65.10
N LEU B 240 51.02 10.69 66.39
CA LEU B 240 52.11 10.77 67.33
C LEU B 240 53.39 9.98 67.05
N LEU B 241 53.07 8.89 66.35
CA LEU B 241 54.04 7.89 65.99
C LEU B 241 54.09 7.64 64.49
N ASN B 242 55.29 7.35 63.96
CA ASN B 242 55.51 7.38 62.53
C ASN B 242 56.42 6.39 61.83
N SER B 243 55.84 5.95 60.70
CA SER B 243 56.22 4.75 59.98
C SER B 243 56.44 5.20 58.54
N THR B 244 57.28 4.44 57.85
CA THR B 244 57.80 4.69 56.52
C THR B 244 57.16 3.81 55.46
N ILE B 245 56.24 4.58 54.90
CA ILE B 245 55.44 4.29 53.72
C ILE B 245 56.32 4.07 52.50
N PRO B 246 56.43 2.82 52.03
CA PRO B 246 57.24 2.52 50.87
C PRO B 246 56.46 2.60 49.57
N ILE B 247 57.06 3.18 48.52
CA ILE B 247 56.54 3.14 47.17
C ILE B 247 57.23 2.04 46.37
N SER B 248 56.67 0.84 46.52
CA SER B 248 57.20 -0.36 45.91
C SER B 248 56.05 -1.25 45.46
N LEU B 249 56.23 -1.95 44.34
CA LEU B 249 55.33 -3.01 43.94
C LEU B 249 55.24 -4.16 44.92
N ARG B 250 54.01 -4.68 44.98
CA ARG B 250 53.67 -5.72 45.94
C ARG B 250 53.95 -7.19 45.68
N PRO B 251 54.99 -7.60 46.39
CA PRO B 251 55.60 -8.91 46.30
C PRO B 251 54.85 -9.98 47.08
N THR B 252 53.71 -10.38 46.51
CA THR B 252 52.91 -11.48 47.02
C THR B 252 52.88 -11.70 48.53
N ILE B 253 52.46 -10.68 49.27
CA ILE B 253 52.55 -10.58 50.71
C ILE B 253 51.63 -11.28 51.71
N LEU B 254 52.05 -12.47 52.13
CA LEU B 254 51.25 -13.26 53.05
C LEU B 254 51.27 -12.95 54.55
N CYS B 255 50.28 -12.11 54.84
CA CYS B 255 49.89 -11.77 56.19
C CYS B 255 48.39 -11.80 56.43
N PRO B 256 47.99 -13.01 56.82
CA PRO B 256 46.67 -13.17 57.37
C PRO B 256 46.62 -12.80 58.84
N TRP B 257 46.43 -11.51 59.11
CA TRP B 257 46.22 -11.12 60.49
C TRP B 257 44.85 -10.52 60.79
N PHE B 258 44.01 -10.20 59.81
CA PHE B 258 42.96 -9.25 60.04
C PHE B 258 41.78 -10.14 60.43
N ALA B 259 41.26 -9.77 61.59
CA ALA B 259 39.96 -10.27 62.00
C ALA B 259 38.86 -9.32 62.42
N SER B 260 37.68 -9.65 61.87
CA SER B 260 36.46 -8.95 62.19
C SER B 260 36.15 -8.79 63.67
N SER B 261 35.48 -7.71 64.08
CA SER B 261 35.15 -7.44 65.47
C SER B 261 34.49 -8.57 66.23
N GLU B 262 33.62 -9.14 65.39
CA GLU B 262 32.77 -10.28 65.65
C GLU B 262 33.47 -11.38 66.44
N ASP B 263 34.55 -11.76 65.77
CA ASP B 263 35.36 -12.61 66.62
C ASP B 263 36.10 -12.30 67.92
N LEU B 264 36.53 -11.04 67.88
CA LEU B 264 37.13 -10.43 69.05
C LEU B 264 36.17 -10.37 70.23
N ARG B 265 34.93 -10.07 69.81
CA ARG B 265 33.75 -10.07 70.65
C ARG B 265 33.47 -11.40 71.33
N LEU B 266 33.39 -12.46 70.53
CA LEU B 266 33.25 -13.77 71.14
C LEU B 266 34.45 -14.27 71.93
N GLN B 267 35.68 -13.88 71.55
CA GLN B 267 36.82 -14.13 72.41
C GLN B 267 36.69 -13.47 73.78
N GLU B 268 36.38 -12.17 73.75
CA GLU B 268 36.04 -11.38 74.93
C GLU B 268 35.06 -11.97 75.92
N VAL B 269 33.93 -12.40 75.35
CA VAL B 269 32.93 -13.02 76.20
C VAL B 269 33.45 -14.30 76.87
N MET B 270 33.99 -15.19 76.04
CA MET B 270 34.72 -16.35 76.51
C MET B 270 35.71 -16.21 77.66
N HIS B 271 36.57 -15.20 77.50
CA HIS B 271 37.36 -14.56 78.53
C HIS B 271 36.55 -14.19 79.76
N LEU B 272 35.50 -13.39 79.57
CA LEU B 272 34.64 -13.03 80.68
C LEU B 272 33.97 -14.14 81.49
N VAL B 273 33.58 -15.17 80.74
CA VAL B 273 32.93 -16.31 81.34
C VAL B 273 33.81 -17.19 82.21
N ASN B 274 35.04 -17.39 81.73
CA ASN B 274 36.07 -18.07 82.48
C ASN B 274 36.53 -17.37 83.75
N ILE B 275 36.12 -16.12 83.99
CA ILE B 275 36.36 -15.47 85.25
C ILE B 275 35.30 -15.90 86.27
N SER B 276 35.63 -17.05 86.85
CA SER B 276 34.88 -17.67 87.94
C SER B 276 34.79 -16.86 89.22
N SER B 277 33.60 -16.27 89.30
CA SER B 277 32.96 -15.80 90.52
C SER B 277 33.65 -14.89 91.53
N ASN B 278 34.97 -14.97 91.62
CA ASN B 278 35.64 -14.06 92.54
C ASN B 278 36.30 -12.80 92.01
N THR B 279 35.87 -11.70 92.64
CA THR B 279 36.06 -10.31 92.27
C THR B 279 37.50 -9.88 92.02
N ALA B 280 38.31 -10.53 92.84
CA ALA B 280 39.76 -10.39 92.75
C ALA B 280 40.53 -10.76 91.49
N ALA B 281 39.87 -11.57 90.65
CA ALA B 281 40.51 -11.96 89.41
C ALA B 281 40.85 -10.84 88.44
N ALA B 282 39.98 -9.84 88.33
CA ALA B 282 40.18 -8.58 87.66
C ALA B 282 41.35 -7.71 88.10
N LEU B 283 41.58 -7.76 89.41
CA LEU B 283 42.64 -6.98 90.04
C LEU B 283 44.06 -7.06 89.52
N PRO B 284 44.66 -8.24 89.34
CA PRO B 284 45.97 -8.30 88.74
C PRO B 284 46.16 -7.63 87.39
N LEU B 285 45.17 -7.82 86.52
CA LEU B 285 45.14 -7.14 85.23
C LEU B 285 45.09 -5.62 85.24
N VAL B 286 44.12 -5.15 86.01
CA VAL B 286 43.98 -3.73 86.23
C VAL B 286 45.17 -3.11 86.97
N GLU B 287 45.78 -3.92 87.84
CA GLU B 287 47.01 -3.53 88.49
C GLU B 287 48.16 -3.31 87.52
N ALA B 288 48.26 -4.30 86.63
CA ALA B 288 49.33 -4.30 85.66
C ALA B 288 49.33 -3.14 84.67
N LEU B 289 48.09 -2.79 84.31
CA LEU B 289 47.81 -1.61 83.52
C LEU B 289 48.09 -0.23 84.10
N SER B 290 47.89 -0.28 85.42
CA SER B 290 48.31 0.85 86.22
C SER B 290 49.81 1.09 86.34
N THR B 291 50.57 0.01 86.52
CA THR B 291 52.01 0.08 86.43
C THR B 291 52.55 0.52 85.07
N LEU B 292 52.04 -0.07 83.99
CA LEU B 292 52.31 0.33 82.63
C LEU B 292 52.09 1.81 82.33
N LEU B 293 50.93 2.25 82.84
CA LEU B 293 50.52 3.65 82.81
C LEU B 293 51.44 4.61 83.55
N ARG B 294 51.78 4.19 84.78
CA ARG B 294 52.71 4.89 85.63
C ARG B 294 54.06 5.01 84.95
N SER B 295 54.60 3.91 84.42
CA SER B 295 55.86 3.96 83.71
C SER B 295 55.89 4.77 82.42
N VAL B 296 54.74 4.92 81.76
CA VAL B 296 54.65 5.70 80.54
C VAL B 296 54.37 7.20 80.63
N THR B 297 53.64 7.60 81.67
CA THR B 297 53.26 8.99 81.81
C THR B 297 54.29 10.07 82.06
N PRO B 298 54.34 11.17 81.29
CA PRO B 298 55.08 12.36 81.68
C PRO B 298 54.28 13.04 82.79
N LEU B 299 54.52 12.52 84.00
CA LEU B 299 54.01 13.08 85.23
C LEU B 299 54.86 12.89 86.48
N VAL B 300 54.70 13.84 87.40
CA VAL B 300 55.52 13.91 88.60
C VAL B 300 54.58 14.15 89.79
N LEU B 301 54.56 13.13 90.64
CA LEU B 301 53.95 13.19 91.94
C LEU B 301 54.92 13.28 93.11
N ASP B 302 55.12 14.58 93.39
CA ASP B 302 56.11 15.01 94.36
C ASP B 302 55.55 15.69 95.60
N PRO B 303 54.86 14.93 96.45
CA PRO B 303 53.94 15.43 97.44
C PRO B 303 54.48 16.57 98.29
N THR B 304 55.76 16.32 98.61
CA THR B 304 56.75 17.20 99.21
C THR B 304 56.70 18.70 98.99
N VAL B 305 56.25 18.91 97.76
CA VAL B 305 55.97 20.24 97.24
C VAL B 305 54.91 21.02 97.99
N LEU B 306 53.85 20.24 98.23
CA LEU B 306 52.75 20.57 99.12
C LEU B 306 53.03 21.13 100.50
N THR B 307 53.91 20.32 101.11
CA THR B 307 54.35 20.48 102.47
C THR B 307 55.06 21.81 102.68
N ASN B 308 56.01 22.07 101.78
CA ASN B 308 56.46 23.44 101.68
C ASN B 308 55.43 24.57 101.60
N ALA B 309 54.49 24.41 100.67
CA ALA B 309 53.41 25.37 100.66
C ALA B 309 52.59 25.71 101.89
N ILE B 310 52.23 24.61 102.58
CA ILE B 310 51.64 24.80 103.90
C ILE B 310 52.47 25.30 105.07
N THR B 311 53.76 24.96 105.00
CA THR B 311 54.69 25.57 105.93
C THR B 311 54.99 27.04 106.12
N THR B 312 54.25 27.77 105.28
CA THR B 312 54.30 29.21 105.05
C THR B 312 53.40 29.91 106.06
N ILE B 313 52.57 29.11 106.76
CA ILE B 313 51.59 29.78 107.57
C ILE B 313 52.19 29.73 108.97
N SER B 314 52.26 30.95 109.52
CA SER B 314 52.77 31.15 110.86
C SER B 314 51.57 31.47 111.76
N GLU B 315 51.63 30.83 112.93
CA GLU B 315 50.62 31.00 113.95
C GLU B 315 51.06 30.79 115.39
N SER B 316 50.24 31.33 116.30
CA SER B 316 50.45 31.15 117.72
C SER B 316 50.44 29.69 118.19
N THR B 317 51.54 29.20 118.75
CA THR B 317 51.78 27.95 119.43
C THR B 317 50.86 27.47 120.54
N THR B 318 50.17 28.47 121.11
CA THR B 318 49.14 28.29 122.13
C THR B 318 48.04 27.33 121.73
N GLN B 319 47.70 27.25 120.45
CA GLN B 319 46.62 26.39 120.01
C GLN B 319 46.96 24.91 119.86
N THR B 320 46.26 24.02 120.56
CA THR B 320 46.37 22.58 120.43
C THR B 320 46.07 22.09 119.03
N ILE B 321 45.21 22.83 118.32
CA ILE B 321 44.86 22.51 116.95
C ILE B 321 45.99 22.57 115.93
N SER B 322 46.38 21.39 115.48
CA SER B 322 47.19 21.26 114.28
C SER B 322 46.51 20.60 113.09
N PRO B 323 45.79 21.35 112.26
CA PRO B 323 45.28 20.97 110.95
C PRO B 323 46.38 20.41 110.06
N ILE B 324 47.48 21.15 110.01
CA ILE B 324 48.67 20.74 109.29
C ILE B 324 49.22 19.34 109.52
N SER B 325 49.40 19.04 110.81
CA SER B 325 49.93 17.73 111.13
C SER B 325 48.88 16.66 110.88
N GLU B 326 47.62 16.94 111.24
CA GLU B 326 46.57 15.97 111.01
C GLU B 326 46.55 15.49 109.58
N ILE B 327 46.43 16.49 108.71
CA ILE B 327 46.50 16.18 107.30
C ILE B 327 47.61 15.25 106.82
N LEU B 328 48.85 15.66 107.06
CA LEU B 328 50.08 14.95 106.75
C LEU B 328 49.99 13.50 107.18
N ARG B 329 49.80 13.32 108.49
CA ARG B 329 49.63 12.01 109.09
C ARG B 329 48.57 11.04 108.59
N LEU B 330 47.45 11.72 108.26
CA LEU B 330 46.36 11.02 107.59
C LEU B 330 46.66 10.50 106.20
N LEU B 331 47.49 11.27 105.48
CA LEU B 331 47.79 11.05 104.09
C LEU B 331 48.67 9.88 103.70
N GLN B 332 49.12 9.19 104.75
CA GLN B 332 50.12 8.15 104.68
C GLN B 332 51.37 8.46 103.88
N PRO B 333 52.19 9.37 104.41
CA PRO B 333 53.46 9.67 103.79
C PRO B 333 54.37 8.53 103.38
N MET B 334 54.36 8.29 102.06
CA MET B 334 54.96 7.14 101.43
C MET B 334 55.54 7.27 100.02
N GLY B 335 54.69 7.91 99.21
CA GLY B 335 55.01 8.16 97.82
C GLY B 335 55.12 7.00 96.85
N ASN B 336 54.72 5.85 97.39
CA ASN B 336 54.60 4.60 96.66
C ASN B 336 53.20 4.10 96.33
N ASP B 337 52.32 4.46 97.26
CA ASP B 337 50.89 4.27 97.26
C ASP B 337 50.05 4.49 96.01
N TYR B 338 50.69 5.09 95.00
CA TYR B 338 49.98 5.59 93.85
C TYR B 338 49.01 4.69 93.09
N ALA B 339 49.21 3.40 93.37
CA ALA B 339 48.29 2.40 92.89
C ALA B 339 46.80 2.75 92.87
N ALA B 340 46.25 3.32 93.94
CA ALA B 340 44.86 3.68 94.04
C ALA B 340 44.28 4.69 93.05
N PHE B 341 45.24 5.59 92.77
CA PHE B 341 44.98 6.74 91.92
C PHE B 341 45.01 6.33 90.45
N TRP B 342 46.09 5.68 90.05
CA TRP B 342 46.17 5.01 88.77
C TRP B 342 45.04 4.08 88.37
N LYS B 343 44.74 3.24 89.37
CA LYS B 343 43.54 2.42 89.25
C LYS B 343 42.21 3.05 88.90
N CYS B 344 41.98 4.21 89.53
CA CYS B 344 40.85 5.05 89.20
C CYS B 344 40.71 5.39 87.72
N ILE B 345 41.72 6.08 87.19
CA ILE B 345 41.85 6.38 85.77
C ILE B 345 41.62 5.18 84.89
N ALA B 346 42.41 4.12 85.08
CA ALA B 346 42.22 2.85 84.42
C ALA B 346 40.87 2.16 84.38
N SER B 347 40.25 2.24 85.56
CA SER B 347 38.89 1.81 85.80
C SER B 347 37.82 2.57 85.03
N TRP B 348 38.11 3.81 84.63
CA TRP B 348 37.12 4.48 83.80
C TRP B 348 36.79 3.82 82.47
N ALA B 349 37.79 3.11 81.95
CA ALA B 349 37.58 2.30 80.77
C ALA B 349 36.93 0.93 80.79
N TYR B 350 36.69 0.50 82.02
CA TYR B 350 36.11 -0.82 82.26
C TYR B 350 34.94 -0.97 83.22
N ASN B 351 34.08 0.05 83.16
CA ASN B 351 32.93 0.21 84.04
C ASN B 351 31.83 -0.85 83.93
N GLY B 352 31.83 -1.36 82.70
CA GLY B 352 31.01 -2.50 82.36
C GLY B 352 31.23 -3.80 83.12
N LEU B 353 32.36 -3.83 83.84
CA LEU B 353 32.77 -4.98 84.62
C LEU B 353 33.81 -4.91 85.73
N VAL B 354 34.77 -3.99 85.58
CA VAL B 354 35.81 -3.83 86.57
C VAL B 354 35.46 -2.49 87.22
N THR B 355 35.23 -2.47 88.54
CA THR B 355 34.90 -1.23 89.21
C THR B 355 35.74 -0.77 90.39
N THR B 356 35.87 0.55 90.43
CA THR B 356 36.45 1.21 91.57
C THR B 356 35.37 1.75 92.51
N VAL B 357 35.26 1.24 93.74
CA VAL B 357 34.40 1.76 94.78
C VAL B 357 34.96 2.40 96.04
N LEU B 358 34.24 3.44 96.50
CA LEU B 358 34.71 4.33 97.54
C LEU B 358 34.63 3.73 98.94
N SER B 359 35.81 3.51 99.53
CA SER B 359 35.89 2.55 100.60
C SER B 359 35.91 3.06 102.04
N GLU B 360 35.46 2.14 102.90
CA GLU B 360 35.26 2.37 104.32
C GLU B 360 36.50 2.46 105.20
N ASP B 361 37.51 3.08 104.59
CA ASP B 361 38.71 3.41 105.33
C ASP B 361 38.76 4.87 105.75
N ALA B 362 39.04 5.72 104.77
CA ALA B 362 39.03 7.17 104.88
C ALA B 362 37.67 7.84 105.01
N PHE B 363 36.89 7.12 105.83
CA PHE B 363 35.50 7.36 106.14
C PHE B 363 35.43 7.95 107.55
N PRO B 364 34.65 9.02 107.69
CA PRO B 364 34.48 9.64 109.00
C PRO B 364 34.30 8.68 110.17
N ASP B 365 35.43 8.53 110.85
CA ASP B 365 35.53 7.47 111.82
C ASP B 365 34.72 7.60 113.11
N SER B 366 34.73 8.86 113.55
CA SER B 366 34.04 9.37 114.72
C SER B 366 32.56 9.62 114.49
N SER B 367 32.21 9.80 113.21
CA SER B 367 31.09 10.56 112.72
C SER B 367 30.92 11.86 113.49
N GLN B 368 30.16 11.65 114.57
CA GLN B 368 29.71 12.64 115.52
C GLN B 368 29.04 13.81 114.81
N SER B 369 29.17 15.02 115.35
CA SER B 369 28.71 16.28 114.81
C SER B 369 29.88 16.97 114.14
N ILE B 370 29.88 18.30 114.29
CA ILE B 370 31.01 19.07 113.79
C ILE B 370 31.95 19.62 114.85
N THR B 371 32.39 18.61 115.59
CA THR B 371 33.33 18.75 116.69
C THR B 371 34.76 18.78 116.20
N HIS B 372 35.03 17.65 115.54
CA HIS B 372 36.36 17.38 115.05
C HIS B 372 36.60 17.86 113.62
N LEU B 373 37.35 18.96 113.56
CA LEU B 373 38.07 19.29 112.35
C LEU B 373 38.77 18.28 111.46
N PRO B 374 39.33 17.22 112.06
CA PRO B 374 39.74 16.03 111.34
C PRO B 374 38.68 15.43 110.42
N SER B 375 37.51 15.15 110.98
CA SER B 375 36.32 14.71 110.28
C SER B 375 35.62 15.51 109.20
N MET B 376 35.90 16.80 109.33
CA MET B 376 35.79 17.74 108.24
C MET B 376 36.67 17.46 107.03
N TRP B 377 37.98 17.42 107.33
CA TRP B 377 39.00 17.02 106.39
C TRP B 377 38.73 15.71 105.66
N LYS B 378 38.27 14.74 106.45
CA LYS B 378 37.69 13.49 106.01
C LYS B 378 36.65 13.48 104.89
N CYS B 379 35.72 14.43 105.01
CA CYS B 379 34.80 14.75 103.93
C CYS B 379 35.39 15.36 102.68
N LEU B 380 36.29 16.32 102.92
CA LEU B 380 37.02 16.91 101.82
C LEU B 380 37.82 15.92 101.00
N PHE B 381 38.26 14.85 101.67
CA PHE B 381 38.99 13.82 100.96
C PHE B 381 38.03 13.08 100.03
N LEU B 382 36.88 12.72 100.59
CA LEU B 382 35.86 11.98 99.89
C LEU B 382 35.31 12.69 98.65
N THR B 383 34.71 13.85 98.94
CA THR B 383 34.21 14.66 97.86
C THR B 383 35.13 14.93 96.67
N LEU B 384 36.43 15.02 96.95
CA LEU B 384 37.45 15.03 95.91
C LEU B 384 37.66 13.74 95.13
N ALA B 385 37.82 12.66 95.89
CA ALA B 385 37.98 11.28 95.45
C ALA B 385 36.86 10.75 94.57
N GLY B 386 35.67 10.94 95.14
CA GLY B 386 34.44 10.34 94.65
C GLY B 386 34.22 10.29 93.14
N PRO B 387 34.20 11.46 92.52
CA PRO B 387 34.07 11.62 91.08
C PRO B 387 35.04 10.86 90.19
N MET B 388 36.17 10.46 90.78
CA MET B 388 37.15 9.57 90.20
C MET B 388 36.91 8.07 90.09
N THR B 389 36.02 7.62 90.98
CA THR B 389 35.54 6.25 91.01
C THR B 389 34.57 5.87 89.90
N SER B 390 34.72 4.71 89.27
CA SER B 390 33.70 4.14 88.41
C SER B 390 32.37 3.69 88.99
N ASP B 391 32.15 4.30 90.17
CA ASP B 391 30.92 4.12 90.89
C ASP B 391 29.78 5.04 90.45
N PRO B 392 28.73 4.54 89.79
CA PRO B 392 27.53 5.33 89.58
C PRO B 392 26.83 6.03 90.74
N HIS B 393 27.13 5.44 91.89
CA HIS B 393 26.50 5.79 93.15
C HIS B 393 27.19 6.79 94.07
N SER B 394 28.32 7.27 93.55
CA SER B 394 29.21 8.17 94.24
C SER B 394 28.70 9.51 94.75
N PRO B 395 27.89 10.25 93.98
CA PRO B 395 27.30 11.46 94.51
C PRO B 395 26.44 11.32 95.76
N VAL B 396 25.66 10.24 95.80
CA VAL B 396 24.95 9.79 96.99
C VAL B 396 25.89 9.63 98.18
N LYS B 397 26.90 8.77 98.08
CA LYS B 397 27.87 8.68 99.15
C LYS B 397 28.57 9.98 99.57
N VAL B 398 28.90 10.75 98.53
CA VAL B 398 29.47 12.07 98.71
C VAL B 398 28.66 13.04 99.56
N PHE B 399 27.36 13.13 99.29
CA PHE B 399 26.44 13.76 100.21
C PHE B 399 26.40 13.14 101.60
N MET B 400 26.05 11.86 101.60
CA MET B 400 25.72 11.13 102.80
C MET B 400 26.82 11.02 103.84
N ALA B 401 28.06 11.09 103.34
CA ALA B 401 29.24 11.33 104.13
C ALA B 401 29.22 12.43 105.20
N LEU B 402 28.77 13.54 104.63
CA LEU B 402 28.49 14.76 105.37
C LEU B 402 27.26 14.84 106.26
N ALA B 403 26.24 14.23 105.67
CA ALA B 403 24.94 14.04 106.30
C ALA B 403 24.97 13.26 107.61
N ASN B 404 25.89 12.30 107.61
CA ASN B 404 26.43 11.54 108.71
C ASN B 404 27.09 12.41 109.78
N LEU B 405 28.06 13.22 109.34
CA LEU B 405 28.60 14.22 110.24
C LEU B 405 27.65 15.22 110.90
N LEU B 406 26.61 15.53 110.12
CA LEU B 406 25.57 16.46 110.50
C LEU B 406 24.45 15.96 111.40
N ALA B 407 24.66 14.72 111.85
CA ALA B 407 23.82 14.08 112.84
C ALA B 407 23.93 14.80 114.18
N GLN B 408 22.90 15.57 114.55
CA GLN B 408 22.68 16.26 115.79
C GLN B 408 22.55 17.77 115.72
N PRO B 409 23.32 18.45 114.87
CA PRO B 409 23.08 19.87 114.71
C PRO B 409 21.73 20.22 114.11
N GLU B 410 21.48 19.50 113.02
CA GLU B 410 20.13 19.60 112.48
C GLU B 410 19.68 18.19 112.16
N PRO B 411 18.44 17.85 112.52
CA PRO B 411 17.71 16.79 111.87
C PRO B 411 17.53 16.90 110.37
N ILE B 412 17.55 15.76 109.67
CA ILE B 412 17.36 15.66 108.24
C ILE B 412 16.28 14.67 107.85
N ALA B 413 15.77 14.80 106.62
CA ALA B 413 14.78 13.85 106.16
C ALA B 413 15.30 12.48 105.72
N ILE B 414 15.39 11.57 106.70
CA ILE B 414 15.80 10.21 106.43
C ILE B 414 14.70 9.25 106.02
N GLY B 415 15.08 8.13 105.42
CA GLY B 415 14.14 7.08 105.08
C GLY B 415 13.49 6.22 106.14
N VAL B 416 13.51 4.93 105.76
CA VAL B 416 13.09 3.88 106.66
C VAL B 416 14.04 3.67 107.84
N PRO B 417 13.84 2.69 108.73
CA PRO B 417 14.83 2.43 109.76
C PRO B 417 16.12 1.92 109.14
N GLY B 418 16.04 1.25 107.98
CA GLY B 418 17.19 1.07 107.14
C GLY B 418 18.19 2.20 106.93
N MET B 419 17.54 3.28 106.49
CA MET B 419 18.02 4.54 105.96
C MET B 419 17.93 5.64 107.02
N HIS B 420 18.21 5.14 108.22
CA HIS B 420 18.45 5.96 109.40
C HIS B 420 19.54 7.01 109.34
N GLN B 421 19.38 8.05 110.16
CA GLN B 421 20.32 9.13 110.36
C GLN B 421 21.80 8.75 110.46
N THR B 422 22.01 7.58 111.06
CA THR B 422 23.36 7.08 111.30
C THR B 422 23.92 5.88 110.55
N THR B 423 23.19 5.62 109.46
CA THR B 423 23.65 4.61 108.53
C THR B 423 24.75 5.20 107.67
N PRO B 424 25.85 4.45 107.49
CA PRO B 424 27.01 4.98 106.79
C PRO B 424 26.64 5.13 105.33
N ALA B 425 27.27 6.14 104.73
CA ALA B 425 27.24 6.50 103.33
C ALA B 425 27.46 5.35 102.34
N SER B 426 28.45 4.54 102.72
CA SER B 426 28.88 3.35 102.02
C SER B 426 27.79 2.40 101.53
N GLN B 427 26.79 2.21 102.39
CA GLN B 427 25.63 1.38 102.11
C GLN B 427 24.74 1.72 100.92
N PHE B 428 24.84 3.00 100.56
CA PHE B 428 24.05 3.63 99.54
C PHE B 428 24.58 3.45 98.13
N SER B 429 24.66 2.17 97.76
CA SER B 429 25.23 1.74 96.50
C SER B 429 24.25 1.10 95.53
N HIS B 430 22.98 1.47 95.69
CA HIS B 430 21.87 1.02 94.88
C HIS B 430 20.87 2.10 94.50
N PRO B 431 20.50 2.26 93.22
CA PRO B 431 19.49 3.13 92.67
C PRO B 431 18.28 3.21 93.57
N GLY B 432 17.76 2.09 94.07
CA GLY B 432 16.63 2.09 94.98
C GLY B 432 16.75 2.83 96.30
N VAL B 433 18.01 3.02 96.70
CA VAL B 433 18.43 3.73 97.89
C VAL B 433 18.89 5.18 97.79
N TRP B 434 18.47 5.83 96.71
CA TRP B 434 18.82 7.21 96.46
C TRP B 434 17.91 8.14 97.25
N PRO B 435 18.44 8.83 98.26
CA PRO B 435 17.68 9.49 99.30
C PRO B 435 16.77 10.63 98.84
N PRO B 436 15.56 10.73 99.37
CA PRO B 436 14.64 11.81 99.06
C PRO B 436 15.26 13.20 99.12
N GLY B 437 15.94 13.53 100.22
CA GLY B 437 16.72 14.74 100.39
C GLY B 437 17.66 15.13 99.25
N PHE B 438 18.61 14.22 99.07
CA PHE B 438 19.48 14.20 97.91
C PHE B 438 18.79 14.46 96.57
N LEU B 439 17.78 13.63 96.32
CA LEU B 439 16.99 13.79 95.12
C LEU B 439 16.20 15.09 94.96
N ASN B 440 15.61 15.60 96.04
CA ASN B 440 15.15 16.98 96.13
C ASN B 440 15.85 17.87 97.14
N PRO B 441 16.89 18.59 96.75
CA PRO B 441 17.62 19.50 97.60
C PRO B 441 16.73 20.66 98.03
N GLN B 442 15.98 21.09 97.01
CA GLN B 442 15.17 22.29 97.05
C GLN B 442 14.10 22.31 98.14
N LEU B 443 13.55 21.15 98.52
CA LEU B 443 12.84 20.90 99.76
C LEU B 443 13.47 21.08 101.14
N ILE B 444 14.79 20.93 101.21
CA ILE B 444 15.48 20.93 102.48
C ILE B 444 15.62 22.30 103.14
N ASN B 445 14.68 22.56 104.05
CA ASN B 445 14.68 23.78 104.84
C ASN B 445 15.85 24.75 104.78
N PRO B 446 15.82 25.78 103.93
CA PRO B 446 16.91 26.72 103.75
C PRO B 446 17.52 27.42 104.95
N GLN B 447 16.63 27.78 105.88
CA GLN B 447 16.85 28.35 107.20
C GLN B 447 17.46 27.44 108.25
N GLN B 448 17.10 26.15 108.19
CA GLN B 448 17.52 25.11 109.10
C GLN B 448 18.78 24.27 108.90
N ALA B 449 18.96 23.95 107.62
CA ALA B 449 20.16 23.32 107.12
C ALA B 449 20.82 23.92 105.89
N PRO B 450 21.27 25.18 106.03
CA PRO B 450 21.76 25.97 104.92
C PRO B 450 22.99 25.30 104.32
N LEU B 451 23.97 24.91 105.13
CA LEU B 451 25.22 24.34 104.67
C LEU B 451 25.17 23.04 103.87
N LEU B 452 24.29 22.17 104.38
CA LEU B 452 24.08 20.87 103.78
C LEU B 452 23.38 20.91 102.43
N ARG B 453 22.32 21.73 102.41
CA ARG B 453 21.73 22.22 101.18
C ARG B 453 22.65 22.78 100.11
N ALA B 454 23.50 23.68 100.58
CA ALA B 454 24.55 24.22 99.75
C ALA B 454 25.39 23.15 99.07
N PHE B 455 25.98 22.28 99.89
CA PHE B 455 26.69 21.10 99.47
C PHE B 455 25.95 20.20 98.49
N ALA B 456 24.71 19.79 98.76
CA ALA B 456 23.97 19.08 97.73
C ALA B 456 23.77 19.82 96.42
N GLU B 457 23.45 21.11 96.54
CA GLU B 457 23.32 21.97 95.38
C GLU B 457 24.58 22.07 94.53
N HIS B 458 25.73 22.06 95.21
CA HIS B 458 27.07 21.97 94.65
C HIS B 458 27.32 20.66 93.89
N ILE B 459 26.86 19.57 94.50
CA ILE B 459 26.88 18.22 93.97
C ILE B 459 26.15 18.12 92.63
N ARG B 460 24.87 18.49 92.63
CA ARG B 460 24.00 18.52 91.47
C ARG B 460 24.58 19.35 90.33
N ALA B 461 25.04 20.54 90.71
CA ALA B 461 25.44 21.54 89.74
C ALA B 461 26.81 21.44 89.09
N ASN B 462 27.73 21.04 89.97
CA ASN B 462 29.15 20.97 89.68
C ASN B 462 29.89 19.65 89.50
N TRP B 463 29.05 18.64 89.70
CA TRP B 463 29.39 17.27 89.36
C TRP B 463 29.86 17.18 87.92
N PRO B 464 30.91 16.40 87.66
CA PRO B 464 31.52 16.21 86.35
C PRO B 464 30.59 15.47 85.38
N GLN B 465 30.71 15.86 84.11
CA GLN B 465 29.98 15.17 83.07
C GLN B 465 30.80 14.18 82.27
N PRO B 466 30.07 13.21 81.73
CA PRO B 466 30.72 12.27 80.83
C PRO B 466 30.80 12.89 79.45
N SER B 467 31.98 12.66 78.87
CA SER B 467 32.37 12.95 77.51
C SER B 467 32.91 11.69 76.83
N GLU B 468 33.20 11.80 75.53
CA GLU B 468 33.52 10.74 74.59
C GLU B 468 34.77 10.94 73.73
N PHE B 469 35.47 9.85 73.42
CA PHE B 469 36.61 9.91 72.51
C PHE B 469 36.95 8.62 71.76
N GLY B 470 37.57 8.89 70.61
CA GLY B 470 38.03 7.92 69.63
C GLY B 470 39.24 7.06 69.94
N TYR B 471 39.37 5.95 69.21
CA TYR B 471 40.48 5.02 69.31
C TYR B 471 40.22 3.89 68.31
N GLY B 472 41.32 3.22 67.95
CA GLY B 472 41.24 2.10 67.03
C GLY B 472 41.62 2.37 65.58
N SER B 473 40.65 2.13 64.72
CA SER B 473 40.90 2.36 63.30
C SER B 473 39.53 2.17 62.68
N THR B 474 39.28 2.80 61.53
CA THR B 474 38.07 2.65 60.75
C THR B 474 37.90 1.34 59.99
N LEU B 475 38.89 0.90 59.21
CA LEU B 475 38.84 -0.27 58.36
C LEU B 475 38.22 -1.58 58.84
N GLN B 476 38.48 -1.72 60.13
CA GLN B 476 38.11 -2.89 60.92
C GLN B 476 36.95 -2.62 61.87
N GLY B 477 36.82 -1.38 62.34
CA GLY B 477 36.02 -1.08 63.50
C GLY B 477 36.68 -1.24 64.87
N SER B 478 35.81 -1.73 65.77
CA SER B 478 36.18 -2.04 67.13
C SER B 478 35.38 -3.23 67.66
N ALA B 479 36.15 -3.81 68.58
CA ALA B 479 35.58 -4.82 69.45
C ALA B 479 34.74 -4.55 70.69
N ASN B 480 34.31 -3.28 70.72
CA ASN B 480 33.06 -2.82 71.29
C ASN B 480 31.70 -3.52 71.23
N LEU B 481 31.59 -4.18 72.38
CA LEU B 481 30.26 -4.63 72.71
C LEU B 481 29.05 -3.72 72.90
N PHE B 482 28.91 -3.14 74.08
CA PHE B 482 27.87 -2.17 74.36
C PHE B 482 27.99 -0.75 73.83
N ILE B 483 29.22 -0.49 73.36
CA ILE B 483 29.54 0.84 72.87
C ILE B 483 29.82 0.98 71.38
N PRO B 484 29.45 2.09 70.75
CA PRO B 484 29.71 2.35 69.34
C PRO B 484 31.18 2.13 69.00
N SER B 485 31.38 1.71 67.75
CA SER B 485 32.65 1.49 67.09
C SER B 485 33.54 2.72 67.17
N ASN B 486 34.77 2.42 67.59
CA ASN B 486 35.91 3.31 67.75
C ASN B 486 35.78 4.31 68.90
N ARG B 487 34.64 4.23 69.60
CA ARG B 487 34.40 5.22 70.63
C ARG B 487 34.38 4.67 72.04
N MET B 488 35.10 5.47 72.83
CA MET B 488 35.12 5.32 74.27
C MET B 488 34.59 6.51 75.06
N VAL B 489 34.06 6.16 76.23
CA VAL B 489 33.60 7.24 77.09
C VAL B 489 34.54 7.41 78.27
N TYR B 490 34.61 8.69 78.61
CA TYR B 490 35.27 9.35 79.71
C TYR B 490 34.22 10.01 80.60
N PRO B 491 34.17 9.66 81.89
CA PRO B 491 33.35 10.24 82.93
C PRO B 491 33.53 11.71 83.26
N TRP B 492 34.83 12.06 83.12
CA TRP B 492 35.34 13.41 83.02
C TRP B 492 35.15 14.06 81.66
N PRO B 493 35.18 15.40 81.58
CA PRO B 493 35.12 15.99 80.25
C PRO B 493 36.43 16.03 79.47
N ASN B 494 36.34 15.84 78.15
CA ASN B 494 37.50 15.79 77.29
C ASN B 494 37.73 17.15 76.62
N GLN B 495 38.84 17.77 77.00
CA GLN B 495 39.42 18.98 76.45
C GLN B 495 40.64 18.66 75.59
N PRO B 496 40.61 18.91 74.27
CA PRO B 496 41.70 18.54 73.41
C PRO B 496 43.10 19.08 73.65
N LEU B 497 44.09 18.21 73.45
CA LEU B 497 45.49 18.54 73.59
C LEU B 497 46.15 18.88 72.27
N PRO B 498 46.67 20.11 72.21
CA PRO B 498 47.55 20.64 71.19
C PRO B 498 49.02 20.33 71.47
N ARG B 499 49.66 20.22 70.31
CA ARG B 499 51.10 20.04 70.22
C ARG B 499 51.95 21.26 70.55
N LEU B 500 51.90 21.51 71.87
CA LEU B 500 52.48 22.69 72.49
C LEU B 500 53.50 22.39 73.57
N THR B 501 53.69 23.31 74.52
CA THR B 501 54.56 23.15 75.67
C THR B 501 53.74 23.10 76.93
N VAL B 502 54.24 23.67 78.03
CA VAL B 502 53.59 23.64 79.33
C VAL B 502 52.64 24.76 79.71
N ALA B 503 51.69 24.46 80.60
CA ALA B 503 50.81 25.44 81.21
C ALA B 503 50.11 25.00 82.49
N PRO B 504 50.12 25.75 83.60
CA PRO B 504 49.19 25.46 84.67
C PRO B 504 47.80 26.06 84.56
N THR B 505 46.94 25.39 83.80
CA THR B 505 45.60 25.83 83.45
C THR B 505 44.55 25.42 84.49
N TYR B 506 44.31 26.42 85.35
CA TYR B 506 43.29 26.29 86.37
C TYR B 506 41.85 26.10 85.89
N ASP B 507 41.57 26.51 84.66
CA ASP B 507 40.24 26.42 84.07
C ASP B 507 39.72 25.02 83.78
N SER B 508 39.69 24.14 84.78
CA SER B 508 39.22 22.77 84.69
C SER B 508 37.98 22.37 85.48
N ALA B 509 37.27 21.33 85.04
CA ALA B 509 36.14 20.91 85.83
C ALA B 509 36.34 20.59 87.30
N MET B 510 37.41 19.79 87.39
CA MET B 510 37.97 19.33 88.65
C MET B 510 38.41 20.53 89.50
N SER B 511 39.10 21.55 88.97
CA SER B 511 39.55 22.69 89.75
C SER B 511 38.42 23.41 90.47
N ASN B 512 37.39 23.58 89.64
CA ASN B 512 36.15 24.12 90.13
C ASN B 512 35.54 23.44 91.34
N TRP B 513 35.51 22.10 91.26
CA TRP B 513 35.09 21.30 92.39
C TRP B 513 35.94 21.31 93.65
N ILE B 514 37.26 21.43 93.46
CA ILE B 514 38.14 21.71 94.59
C ILE B 514 37.88 23.00 95.35
N SER B 515 38.00 24.09 94.60
CA SER B 515 37.51 25.38 95.06
C SER B 515 36.18 25.42 95.81
N THR B 516 35.09 25.00 95.17
CA THR B 516 33.77 25.11 95.77
C THR B 516 33.67 24.34 97.08
N THR B 517 34.22 23.13 97.08
CA THR B 517 34.31 22.36 98.31
C THR B 517 35.04 23.02 99.47
N ILE B 518 36.17 23.67 99.15
CA ILE B 518 36.95 24.44 100.08
C ILE B 518 36.24 25.67 100.61
N ALA B 519 35.53 26.35 99.71
CA ALA B 519 34.68 27.47 100.08
C ALA B 519 33.49 27.03 100.92
N PHE B 520 33.04 25.81 100.62
CA PHE B 520 31.98 25.20 101.39
C PHE B 520 32.30 24.95 102.87
N PHE B 521 33.43 24.29 103.07
CA PHE B 521 34.02 24.11 104.38
C PHE B 521 34.37 25.42 105.09
N ILE B 522 34.82 26.40 104.30
CA ILE B 522 35.08 27.70 104.89
C ILE B 522 33.83 28.30 105.52
N ARG B 523 32.73 28.19 104.77
CA ARG B 523 31.42 28.58 105.26
C ARG B 523 30.94 27.88 106.52
N VAL B 524 31.05 26.55 106.50
CA VAL B 524 30.96 25.76 107.70
C VAL B 524 31.64 26.28 108.97
N VAL B 525 32.94 26.51 108.80
CA VAL B 525 33.78 27.12 109.80
C VAL B 525 33.30 28.48 110.28
N ASN B 526 32.96 29.33 109.31
CA ASN B 526 32.37 30.62 109.60
C ASN B 526 30.91 30.83 109.93
N SER B 527 30.14 29.73 109.88
CA SER B 527 28.73 29.75 110.22
C SER B 527 28.50 30.07 111.68
N VAL B 528 27.54 30.98 111.85
CA VAL B 528 27.25 31.67 113.09
C VAL B 528 27.27 30.79 114.33
N ASN B 529 26.48 29.75 114.10
CA ASN B 529 26.39 28.64 115.03
C ASN B 529 27.58 27.89 115.62
N MET B 530 28.61 27.91 114.78
CA MET B 530 29.94 27.41 115.07
C MET B 530 30.93 28.48 115.52
N THR B 531 30.91 29.64 114.85
CA THR B 531 31.80 30.74 115.18
C THR B 531 31.90 31.16 116.65
N ALA B 532 30.73 31.21 117.29
CA ALA B 532 30.51 31.56 118.68
C ALA B 532 31.17 30.63 119.69
N THR B 533 31.26 29.37 119.24
CA THR B 533 31.80 28.21 119.93
C THR B 533 33.31 27.98 119.84
N VAL B 534 33.96 28.81 119.03
CA VAL B 534 35.34 28.51 118.69
C VAL B 534 36.33 29.62 119.03
N ASN B 535 37.57 29.27 119.37
CA ASN B 535 38.60 30.28 119.33
C ASN B 535 38.82 30.90 117.96
N ASP B 536 38.48 32.19 117.89
CA ASP B 536 38.52 33.03 116.71
C ASP B 536 39.81 32.97 115.90
N LEU B 537 40.86 32.98 116.73
CA LEU B 537 42.21 32.76 116.24
C LEU B 537 42.35 31.51 115.40
N THR B 538 41.75 30.46 115.96
CA THR B 538 41.56 29.16 115.34
C THR B 538 40.81 29.15 114.02
N ARG B 539 39.72 29.91 114.07
CA ARG B 539 38.90 30.09 112.88
C ARG B 539 39.65 30.66 111.70
N ARG B 540 40.42 31.71 112.01
CA ARG B 540 41.41 32.28 111.11
C ARG B 540 42.39 31.38 110.39
N THR B 541 43.01 30.61 111.29
CA THR B 541 44.00 29.68 110.80
C THR B 541 43.39 28.66 109.84
N MET B 542 42.27 28.09 110.31
CA MET B 542 41.48 27.16 109.55
C MET B 542 41.25 27.36 108.06
N THR B 543 40.70 28.58 108.00
CA THR B 543 40.42 29.25 106.75
C THR B 543 41.59 29.59 105.83
N GLY B 544 42.70 29.95 106.48
CA GLY B 544 44.00 30.19 105.90
C GLY B 544 44.56 28.99 105.17
N VAL B 545 44.70 27.95 105.98
CA VAL B 545 44.95 26.65 105.41
C VAL B 545 44.20 26.42 104.10
N MET B 546 42.90 26.18 104.29
CA MET B 546 41.89 25.92 103.29
C MET B 546 42.12 26.64 101.97
N THR B 547 42.22 27.97 102.13
CA THR B 547 42.65 28.83 101.06
C THR B 547 44.02 28.73 100.41
N ALA B 548 45.04 28.54 101.24
CA ALA B 548 46.33 28.20 100.69
C ALA B 548 46.44 26.95 99.83
N MET B 549 45.62 25.97 100.22
CA MET B 549 45.47 24.67 99.60
C MET B 549 44.80 24.86 98.24
N ARG B 550 43.75 25.68 98.25
CA ARG B 550 43.14 26.08 97.00
C ARG B 550 44.02 26.86 96.02
N GLN B 551 44.84 27.76 96.55
CA GLN B 551 45.85 28.39 95.73
C GLN B 551 47.02 27.69 95.07
N VAL B 552 47.25 26.48 95.60
CA VAL B 552 48.27 25.59 95.09
C VAL B 552 48.24 25.39 93.58
N LYS B 553 49.45 25.44 93.02
CA LYS B 553 49.74 25.02 91.66
C LYS B 553 49.71 23.55 91.28
N THR B 554 48.54 22.97 90.98
CA THR B 554 48.28 21.57 90.71
C THR B 554 47.85 21.19 89.30
N MET B 555 48.77 20.60 88.55
CA MET B 555 48.70 20.17 87.16
C MET B 555 47.64 19.11 86.94
N THR B 556 47.60 18.13 87.85
CA THR B 556 46.67 17.02 87.76
C THR B 556 45.31 17.25 87.11
N PRO B 557 44.63 18.36 87.44
CA PRO B 557 43.36 18.62 86.80
C PRO B 557 43.35 18.94 85.32
N PHE B 558 44.44 19.62 84.94
CA PHE B 558 44.74 19.96 83.57
C PHE B 558 45.03 18.69 82.78
N TYR B 559 45.81 17.80 83.39
CA TYR B 559 46.13 16.49 82.87
C TYR B 559 44.92 15.58 82.68
N ILE B 560 43.99 15.52 83.64
CA ILE B 560 42.72 14.84 83.56
C ILE B 560 41.84 15.22 82.37
N GLN B 561 41.70 16.54 82.29
CA GLN B 561 40.97 17.10 81.17
C GLN B 561 41.56 17.05 79.77
N HIS B 562 42.90 17.01 79.73
CA HIS B 562 43.64 17.10 78.49
C HIS B 562 44.37 15.93 77.85
N MET B 563 44.95 15.14 78.76
CA MET B 563 45.86 14.11 78.33
C MET B 563 45.35 12.70 78.57
N CYS B 564 44.69 12.48 79.72
CA CYS B 564 44.04 11.22 79.98
C CYS B 564 43.14 10.55 78.94
N PRO B 565 42.43 11.37 78.17
CA PRO B 565 41.73 10.83 77.02
C PRO B 565 42.58 10.02 76.05
N THR B 566 43.60 10.64 75.45
CA THR B 566 44.52 9.94 74.58
C THR B 566 45.34 8.81 75.17
N GLU B 567 45.60 8.94 76.48
CA GLU B 567 46.31 8.00 77.31
C GLU B 567 45.73 6.60 77.33
N LEU B 568 44.40 6.72 77.46
CA LEU B 568 43.51 5.59 77.36
C LEU B 568 43.26 5.09 75.94
N SER B 569 43.28 5.97 74.94
CA SER B 569 43.31 5.53 73.57
C SER B 569 44.45 4.56 73.29
N VAL B 570 45.66 5.09 73.47
CA VAL B 570 46.91 4.35 73.33
C VAL B 570 47.11 3.02 74.03
N LEU B 571 46.66 3.05 75.29
CA LEU B 571 46.42 1.80 76.00
C LEU B 571 45.52 0.79 75.33
N ALA B 572 44.31 1.24 75.00
CA ALA B 572 43.15 0.52 74.52
C ALA B 572 43.45 -0.41 73.35
N SER B 573 44.33 0.01 72.45
CA SER B 573 44.71 -0.78 71.29
C SER B 573 45.61 -2.00 71.45
N VAL B 574 46.43 -1.89 72.51
CA VAL B 574 47.34 -2.94 72.90
C VAL B 574 47.15 -3.51 74.29
N THR B 575 46.03 -3.22 74.94
CA THR B 575 45.58 -3.89 76.15
C THR B 575 45.25 -5.36 75.99
N VAL B 576 45.61 -6.11 77.03
CA VAL B 576 45.29 -7.52 77.16
C VAL B 576 43.80 -7.75 76.96
N THR B 577 43.03 -6.90 77.65
CA THR B 577 41.60 -6.84 77.48
C THR B 577 41.06 -5.57 76.83
N PRO B 578 40.69 -5.58 75.56
CA PRO B 578 39.88 -4.51 75.01
C PRO B 578 38.81 -3.88 75.90
N PRO B 579 38.66 -2.56 75.76
CA PRO B 579 37.66 -1.82 76.51
C PRO B 579 36.26 -2.40 76.42
N PHE B 580 35.76 -2.69 77.63
CA PHE B 580 34.41 -3.12 77.92
C PHE B 580 33.59 -2.13 78.74
N GLN B 581 32.92 -1.27 77.98
CA GLN B 581 32.06 -0.28 78.59
C GLN B 581 30.57 -0.43 78.34
N VAL B 582 29.87 -0.06 79.42
CA VAL B 582 28.42 -0.07 79.51
C VAL B 582 28.08 1.35 79.98
N PRO B 583 27.19 2.08 79.31
CA PRO B 583 26.92 3.50 79.47
C PRO B 583 27.05 4.04 80.89
N PHE B 584 28.00 4.96 81.02
CA PHE B 584 28.27 5.62 82.27
C PHE B 584 27.29 6.78 82.44
N THR B 585 26.37 6.55 83.39
CA THR B 585 25.52 7.67 83.75
C THR B 585 26.17 8.78 84.56
N ARG B 586 25.37 9.67 85.14
CA ARG B 586 25.84 10.81 85.90
C ARG B 586 25.40 10.90 87.36
N LEU B 587 24.16 11.37 87.49
CA LEU B 587 23.33 11.15 88.66
C LEU B 587 21.87 10.77 88.53
N VAL B 588 21.65 10.07 87.41
CA VAL B 588 20.31 9.82 86.94
C VAL B 588 19.66 8.50 87.36
N GLN B 589 18.97 8.54 88.49
CA GLN B 589 18.30 7.42 89.12
C GLN B 589 17.55 6.48 88.18
N ASN B 590 16.62 7.01 87.37
CA ASN B 590 15.84 6.14 86.52
C ASN B 590 16.63 5.34 85.49
N ASP B 591 17.90 5.69 85.33
CA ASP B 591 18.81 4.90 84.52
C ASP B 591 20.15 4.64 85.18
N VAL B 592 20.13 3.69 86.12
CA VAL B 592 21.36 3.22 86.71
C VAL B 592 21.49 1.70 86.70
N ILE B 593 22.70 1.27 86.34
CA ILE B 593 23.06 -0.10 86.04
C ILE B 593 23.09 -0.91 87.34
N THR B 594 22.43 -2.05 87.23
CA THR B 594 22.52 -3.09 88.25
C THR B 594 23.59 -4.16 88.07
N ASN B 595 23.76 -4.54 86.80
CA ASN B 595 24.73 -5.50 86.29
C ASN B 595 24.83 -5.65 84.78
N VAL B 596 25.84 -6.46 84.45
CA VAL B 596 26.08 -6.91 83.09
C VAL B 596 26.07 -8.43 83.07
N LEU B 597 25.53 -9.06 82.03
CA LEU B 597 25.20 -10.47 82.01
C LEU B 597 25.71 -11.40 80.92
N VAL B 598 26.03 -12.67 81.13
CA VAL B 598 26.28 -13.63 80.07
C VAL B 598 25.45 -14.90 79.97
N ALA B 599 24.83 -15.08 78.79
CA ALA B 599 23.98 -16.20 78.46
C ALA B 599 24.62 -17.25 77.56
N ARG B 600 24.78 -18.43 78.15
CA ARG B 600 25.40 -19.57 77.49
C ARG B 600 24.48 -20.58 76.82
N VAL B 601 23.23 -20.55 77.31
CA VAL B 601 22.16 -21.47 77.01
C VAL B 601 20.75 -20.92 77.23
N ASP B 602 19.93 -21.56 76.39
CA ASP B 602 18.50 -21.34 76.32
C ASP B 602 17.63 -22.58 76.32
N PRO B 603 16.88 -22.89 77.39
CA PRO B 603 15.96 -24.00 77.34
C PRO B 603 14.73 -23.79 76.45
N ALA B 604 15.02 -24.28 75.25
CA ALA B 604 14.20 -24.21 74.06
C ALA B 604 13.78 -22.82 73.60
N GLN B 605 12.79 -22.23 74.26
CA GLN B 605 12.44 -20.87 73.88
C GLN B 605 12.15 -19.86 74.99
N ARG B 606 12.86 -20.02 76.10
CA ARG B 606 12.75 -19.00 77.14
C ARG B 606 13.21 -17.63 76.68
N GLY B 607 12.23 -16.74 76.73
CA GLY B 607 12.39 -15.31 76.54
C GLY B 607 12.12 -14.36 77.69
N ASP B 608 12.24 -14.95 78.88
CA ASP B 608 11.91 -14.32 80.16
C ASP B 608 13.00 -13.40 80.68
N ALA B 609 13.61 -12.67 79.74
CA ALA B 609 14.77 -11.82 79.87
C ALA B 609 15.10 -11.28 81.26
N ALA B 610 14.62 -10.06 81.49
CA ALA B 610 14.81 -9.60 82.85
C ALA B 610 14.24 -10.38 84.02
N VAL B 611 13.17 -11.12 83.76
CA VAL B 611 12.52 -11.80 84.87
C VAL B 611 13.33 -12.97 85.39
N ASP B 612 13.86 -13.79 84.48
CA ASP B 612 14.89 -14.79 84.67
C ASP B 612 16.38 -14.48 84.81
N ILE B 613 16.84 -13.60 83.91
CA ILE B 613 18.27 -13.36 83.82
C ILE B 613 18.92 -12.80 85.08
N ARG B 614 18.16 -11.90 85.71
CA ARG B 614 18.56 -11.30 86.96
C ARG B 614 18.87 -12.30 88.05
N ALA B 615 17.95 -13.26 88.11
CA ALA B 615 18.12 -14.32 89.08
C ALA B 615 18.65 -15.70 88.75
N THR B 616 18.78 -16.06 87.48
CA THR B 616 19.13 -17.38 86.99
C THR B 616 20.45 -17.46 86.24
N HIS B 617 20.93 -16.35 85.68
CA HIS B 617 22.17 -16.30 84.92
C HIS B 617 23.30 -15.44 85.44
N ALA B 618 24.47 -15.71 84.86
CA ALA B 618 25.73 -15.21 85.40
C ALA B 618 25.86 -13.70 85.28
N THR B 619 25.74 -13.11 86.47
CA THR B 619 25.83 -11.67 86.60
C THR B 619 27.28 -11.25 86.77
N PHE B 620 27.82 -10.70 85.68
CA PHE B 620 29.10 -10.05 85.52
C PHE B 620 29.23 -8.56 85.78
N ALA B 621 29.51 -8.30 87.06
CA ALA B 621 30.20 -7.14 87.58
C ALA B 621 31.07 -7.40 88.80
N ALA B 622 32.39 -7.27 88.66
CA ALA B 622 33.32 -7.35 89.77
C ALA B 622 33.52 -5.97 90.41
N ALA B 623 33.74 -6.03 91.71
CA ALA B 623 33.86 -4.90 92.61
C ALA B 623 35.18 -4.74 93.34
N LEU B 624 35.81 -3.56 93.31
CA LEU B 624 37.11 -3.30 93.89
C LEU B 624 37.30 -2.07 94.75
N PRO B 625 37.38 -2.31 96.06
CA PRO B 625 37.51 -1.33 97.12
C PRO B 625 38.78 -0.49 97.03
N VAL B 626 38.64 0.73 96.50
CA VAL B 626 39.77 1.62 96.30
C VAL B 626 39.84 2.71 97.35
N ASP B 627 41.06 3.17 97.62
CA ASP B 627 41.45 3.85 98.85
C ASP B 627 41.48 5.37 98.69
N PRO B 628 40.54 6.05 99.35
CA PRO B 628 40.31 7.48 99.29
C PRO B 628 41.56 8.34 99.44
N ALA B 629 42.16 8.18 100.62
CA ALA B 629 43.32 8.98 100.94
C ALA B 629 44.35 9.28 99.86
N ALA B 630 44.96 8.26 99.24
CA ALA B 630 45.91 8.35 98.16
C ALA B 630 45.64 9.10 96.87
N ILE B 631 44.37 8.95 96.47
CA ILE B 631 43.70 9.72 95.44
C ILE B 631 43.82 11.22 95.59
N VAL B 632 43.32 11.59 96.78
CA VAL B 632 43.26 12.98 97.19
C VAL B 632 44.63 13.63 97.38
N VAL B 633 45.58 12.82 97.86
CA VAL B 633 46.96 13.25 97.82
C VAL B 633 47.55 13.74 96.51
N ALA B 634 47.29 12.84 95.56
CA ALA B 634 47.71 12.94 94.17
C ALA B 634 47.06 14.08 93.41
N MET B 635 45.73 14.09 93.56
CA MET B 635 44.98 15.26 93.16
C MET B 635 45.40 16.64 93.66
N LEU B 636 45.78 16.71 94.94
CA LEU B 636 46.24 17.94 95.54
C LEU B 636 47.64 18.30 95.09
N CYS B 637 48.52 17.35 94.81
CA CYS B 637 49.92 17.59 94.49
C CYS B 637 50.28 16.90 93.19
N GLY B 638 49.95 17.58 92.08
CA GLY B 638 50.19 17.15 90.72
C GLY B 638 51.13 18.11 90.02
N GLN B 639 52.27 17.56 89.61
CA GLN B 639 53.20 18.30 88.78
C GLN B 639 53.76 17.55 87.59
N THR B 640 54.08 18.29 86.54
CA THR B 640 54.84 17.77 85.42
C THR B 640 56.32 18.16 85.40
N GLU B 641 56.86 18.22 84.17
CA GLU B 641 58.26 18.58 84.08
C GLU B 641 58.42 20.06 83.80
N THR B 642 59.61 20.60 84.10
CA THR B 642 59.97 21.95 83.73
C THR B 642 59.92 22.28 82.24
N ASN B 643 60.74 21.58 81.46
CA ASN B 643 60.67 21.69 80.02
C ASN B 643 59.89 20.61 79.28
N LEU B 644 58.59 20.77 79.55
CA LEU B 644 57.60 19.90 78.95
C LEU B 644 57.17 20.39 77.57
N ILE B 645 57.30 19.49 76.60
CA ILE B 645 56.80 19.62 75.24
C ILE B 645 56.04 18.35 74.91
N PRO B 646 54.73 18.24 75.14
CA PRO B 646 54.05 16.97 74.96
C PRO B 646 54.21 16.15 73.68
N SER B 647 54.22 16.91 72.59
CA SER B 647 54.32 16.42 71.23
C SER B 647 55.47 15.42 71.09
N HIS B 648 56.64 16.05 71.21
CA HIS B 648 57.93 15.48 71.55
C HIS B 648 57.93 14.33 72.54
N HIS B 649 57.46 14.49 73.77
CA HIS B 649 57.47 13.54 74.86
C HIS B 649 56.75 12.24 74.50
N TYR B 650 55.53 12.41 74.02
CA TYR B 650 54.67 11.34 73.54
C TYR B 650 55.19 10.51 72.38
N GLY B 651 55.85 11.21 71.45
CA GLY B 651 56.58 10.61 70.35
C GLY B 651 57.55 9.54 70.82
N LYS B 652 58.45 9.99 71.71
CA LYS B 652 59.39 9.07 72.31
C LYS B 652 58.71 7.99 73.14
N ALA B 653 57.90 8.44 74.10
CA ALA B 653 57.31 7.53 75.06
C ALA B 653 56.48 6.36 74.56
N PHE B 654 55.55 6.71 73.67
CA PHE B 654 54.76 5.71 72.97
C PHE B 654 55.47 4.79 71.98
N ALA B 655 56.55 5.29 71.40
CA ALA B 655 57.29 4.43 70.49
C ALA B 655 57.68 2.96 70.51
N PRO B 656 58.14 2.50 71.67
CA PRO B 656 58.31 1.06 71.82
C PRO B 656 57.03 0.26 71.89
N LEU B 657 56.02 0.95 72.42
CA LEU B 657 54.77 0.27 72.69
C LEU B 657 54.19 -0.29 71.41
N PHE B 658 54.05 0.63 70.46
CA PHE B 658 53.58 0.09 69.21
C PHE B 658 54.49 -0.72 68.30
N ALA B 659 55.64 -1.13 68.85
CA ALA B 659 56.54 -2.09 68.25
C ALA B 659 56.21 -3.55 68.48
N SER B 660 55.38 -3.82 69.49
CA SER B 660 54.77 -5.09 69.83
C SER B 660 53.61 -5.54 68.95
N ASN B 661 54.00 -6.31 67.93
CA ASN B 661 53.23 -7.00 66.92
C ASN B 661 52.24 -7.99 67.49
N ALA B 662 52.31 -8.25 68.80
CA ALA B 662 51.45 -9.18 69.50
C ALA B 662 49.95 -8.96 69.40
N MET B 663 49.61 -7.68 69.36
CA MET B 663 48.28 -7.26 68.99
C MET B 663 47.65 -8.03 67.83
N PHE B 664 48.35 -8.07 66.68
CA PHE B 664 47.79 -8.75 65.53
C PHE B 664 47.52 -10.24 65.68
N THR B 665 48.35 -10.90 66.50
CA THR B 665 48.30 -12.33 66.77
C THR B 665 47.08 -12.81 67.52
N ARG B 666 46.49 -11.82 68.21
CA ARG B 666 45.24 -11.94 68.94
C ARG B 666 43.99 -12.23 68.13
N ASN B 667 43.99 -11.43 67.06
CA ASN B 667 43.08 -11.60 65.94
C ASN B 667 42.93 -13.00 65.37
N GLN B 668 44.11 -13.59 65.19
CA GLN B 668 44.19 -14.91 64.58
C GLN B 668 43.58 -15.93 65.52
N ARG B 669 43.88 -15.79 66.81
CA ARG B 669 43.25 -16.61 67.83
C ARG B 669 41.73 -16.59 67.84
N ALA B 670 41.23 -15.35 67.89
CA ALA B 670 39.81 -15.10 67.82
C ALA B 670 39.05 -15.73 66.67
N VAL B 671 39.62 -15.81 65.46
CA VAL B 671 39.00 -16.49 64.34
C VAL B 671 38.87 -18.00 64.47
N ILE B 672 39.88 -18.59 65.10
CA ILE B 672 39.76 -20.00 65.36
C ILE B 672 38.75 -20.35 66.45
N THR B 673 38.70 -19.44 67.41
CA THR B 673 37.61 -19.44 68.37
C THR B 673 36.17 -19.54 67.88
N ARG B 674 35.92 -18.61 66.96
CA ARG B 674 34.70 -18.54 66.19
C ARG B 674 34.39 -19.84 65.46
N GLU B 675 35.41 -20.26 64.72
CA GLU B 675 35.41 -21.49 63.96
C GLU B 675 35.12 -22.84 64.61
N ALA B 676 35.72 -22.88 65.80
CA ALA B 676 35.50 -23.96 66.74
C ALA B 676 34.08 -23.95 67.28
N PHE B 677 33.53 -22.80 67.69
CA PHE B 677 32.16 -22.64 68.10
C PHE B 677 31.16 -23.28 67.14
N VAL B 678 31.16 -22.75 65.92
CA VAL B 678 30.44 -23.18 64.74
C VAL B 678 30.53 -24.67 64.44
N CYS B 679 31.78 -25.14 64.42
CA CYS B 679 32.04 -26.53 64.15
C CYS B 679 31.44 -27.50 65.16
N ALA B 680 31.70 -27.23 66.43
CA ALA B 680 31.02 -27.83 67.55
C ALA B 680 29.51 -28.02 67.51
N ARG B 681 28.88 -26.93 67.07
CA ARG B 681 27.45 -26.88 66.91
C ARG B 681 27.00 -27.88 65.85
N SER B 682 27.50 -27.69 64.63
CA SER B 682 27.09 -28.54 63.53
C SER B 682 27.33 -30.03 63.73
N ALA B 683 28.44 -30.43 64.36
CA ALA B 683 28.74 -31.82 64.69
C ALA B 683 27.80 -32.42 65.72
N VAL B 684 27.57 -31.62 66.77
CA VAL B 684 26.70 -32.06 67.84
C VAL B 684 25.24 -32.18 67.44
N ALA B 685 24.93 -31.39 66.41
CA ALA B 685 23.67 -31.52 65.73
C ALA B 685 23.43 -32.65 64.74
N GLN B 686 24.50 -33.39 64.45
CA GLN B 686 24.32 -34.73 63.94
C GLN B 686 24.15 -35.94 64.84
N CYS B 687 24.28 -35.76 66.16
CA CYS B 687 23.95 -36.83 67.07
C CYS B 687 22.75 -36.45 67.93
N GLN B 688 22.67 -35.14 68.16
CA GLN B 688 21.66 -34.42 68.92
C GLN B 688 20.81 -33.49 68.08
N ASP B 689 19.51 -33.60 68.38
CA ASP B 689 18.51 -32.67 67.91
C ASP B 689 18.79 -31.24 68.39
N ALA B 690 19.18 -30.35 67.49
CA ALA B 690 19.39 -28.96 67.81
C ALA B 690 18.49 -27.98 67.05
N GLY B 691 18.44 -26.81 67.68
CA GLY B 691 17.69 -25.69 67.14
C GLY B 691 18.01 -24.95 65.85
N PHE B 692 18.81 -25.70 65.09
CA PHE B 692 19.82 -25.24 64.16
C PHE B 692 19.71 -26.00 62.85
N LEU B 693 19.41 -25.24 61.80
CA LEU B 693 19.55 -26.02 60.58
C LEU B 693 20.99 -26.38 60.26
N VAL B 694 20.99 -27.72 60.22
CA VAL B 694 22.10 -28.48 59.68
C VAL B 694 21.67 -29.47 58.61
N PRO B 695 22.67 -29.78 57.77
CA PRO B 695 22.53 -31.00 57.00
C PRO B 695 22.72 -32.22 57.89
N ARG B 696 21.85 -33.20 57.57
CA ARG B 696 21.99 -34.50 58.20
C ARG B 696 22.06 -35.63 57.19
N PRO B 697 23.27 -36.19 57.03
CA PRO B 697 23.53 -37.30 56.14
C PRO B 697 23.55 -38.70 56.75
N LEU B 698 24.21 -38.92 57.88
CA LEU B 698 24.44 -40.22 58.49
C LEU B 698 23.32 -40.77 59.36
N ASP B 699 22.09 -40.41 59.00
CA ASP B 699 20.91 -40.89 59.69
C ASP B 699 20.49 -42.36 59.69
N ALA B 700 21.01 -42.99 58.63
CA ALA B 700 21.07 -44.44 58.56
C ALA B 700 22.08 -45.22 59.40
N LEU B 701 23.07 -44.43 59.82
CA LEU B 701 24.10 -44.93 60.72
C LEU B 701 23.65 -44.97 62.17
N ARG B 702 23.13 -46.15 62.52
CA ARG B 702 22.60 -46.41 63.84
C ARG B 702 23.44 -46.05 65.06
N GLN B 703 22.88 -45.06 65.76
CA GLN B 703 23.44 -44.44 66.95
C GLN B 703 22.47 -44.53 68.12
N PHE B 704 23.02 -44.69 69.33
CA PHE B 704 22.32 -44.64 70.60
C PHE B 704 21.46 -43.43 70.86
N ASP B 705 20.51 -43.47 71.81
CA ASP B 705 19.80 -42.30 72.26
C ASP B 705 20.62 -41.29 73.05
N VAL B 706 21.34 -40.46 72.29
CA VAL B 706 22.28 -39.52 72.86
C VAL B 706 21.73 -38.62 73.96
N THR B 707 22.25 -38.77 75.18
CA THR B 707 22.06 -37.77 76.21
C THR B 707 22.98 -36.56 76.15
N SER B 708 22.51 -35.61 76.96
CA SER B 708 23.29 -34.48 77.42
C SER B 708 24.71 -34.85 77.86
N ALA B 709 24.85 -35.91 78.66
CA ALA B 709 26.14 -36.33 79.15
C ALA B 709 27.07 -36.67 77.98
N ALA B 710 26.42 -37.42 77.09
CA ALA B 710 27.14 -37.94 75.94
C ALA B 710 27.57 -36.89 74.92
N ALA B 711 26.60 -35.99 74.71
CA ALA B 711 26.92 -34.85 73.89
C ALA B 711 28.08 -34.05 74.45
N ALA B 712 28.13 -33.90 75.78
CA ALA B 712 29.23 -33.25 76.46
C ALA B 712 30.61 -33.86 76.34
N GLU B 713 30.59 -35.20 76.26
CA GLU B 713 31.75 -36.02 75.96
C GLU B 713 32.34 -35.79 74.58
N ILE B 714 31.37 -35.84 73.67
CA ILE B 714 31.70 -35.58 72.27
C ILE B 714 32.28 -34.20 71.99
N MET B 715 31.64 -33.24 72.65
CA MET B 715 32.10 -31.86 72.60
C MET B 715 33.54 -31.71 73.08
N HIS B 716 33.81 -32.20 74.28
CA HIS B 716 35.21 -32.16 74.70
C HIS B 716 36.30 -32.73 73.82
N ALA B 717 36.01 -33.95 73.36
CA ALA B 717 36.94 -34.44 72.35
C ALA B 717 37.20 -33.74 71.02
N VAL B 718 36.11 -33.16 70.52
CA VAL B 718 36.16 -32.26 69.38
C VAL B 718 36.97 -30.99 69.62
N ASN B 719 36.73 -30.50 70.84
CA ASN B 719 37.37 -29.31 71.38
C ASN B 719 38.85 -29.59 71.58
N ASP B 720 39.22 -30.74 72.12
CA ASP B 720 40.61 -31.10 72.29
C ASP B 720 41.39 -31.33 71.01
N ALA B 721 40.68 -31.90 70.03
CA ALA B 721 41.10 -31.99 68.65
C ALA B 721 41.60 -30.73 67.96
N PHE B 722 40.85 -29.64 68.08
CA PHE B 722 41.17 -28.31 67.59
C PHE B 722 42.47 -27.88 68.25
N LYS B 723 42.45 -27.91 69.59
CA LYS B 723 43.54 -27.49 70.43
C LYS B 723 44.90 -28.08 70.06
N THR B 724 44.84 -29.40 69.91
CA THR B 724 45.96 -30.11 69.32
C THR B 724 46.48 -29.61 67.98
N ALA B 725 45.49 -29.48 67.10
CA ALA B 725 45.75 -29.15 65.72
C ALA B 725 46.46 -27.85 65.39
N PHE B 726 45.94 -26.79 66.02
CA PHE B 726 46.61 -25.50 66.01
C PHE B 726 47.64 -25.15 67.08
N ASP B 727 48.06 -26.16 67.84
CA ASP B 727 49.08 -26.08 68.86
C ASP B 727 48.98 -24.98 69.92
N LEU B 728 47.89 -25.12 70.67
CA LEU B 728 47.30 -24.18 71.61
C LEU B 728 46.94 -24.69 73.00
N ASP B 729 47.76 -24.09 73.86
CA ASP B 729 47.73 -24.24 75.31
C ASP B 729 46.57 -23.57 76.02
N GLY B 730 46.29 -22.33 75.60
CA GLY B 730 45.19 -21.61 76.20
C GLY B 730 43.81 -22.22 75.99
N ALA B 731 42.95 -21.77 76.90
CA ALA B 731 41.58 -22.22 76.98
C ALA B 731 40.68 -21.80 75.83
N LEU B 732 40.17 -22.78 75.07
CA LEU B 732 39.21 -22.70 73.99
C LEU B 732 37.92 -23.44 74.28
N LEU B 733 36.80 -22.71 74.29
CA LEU B 733 35.50 -23.28 74.54
C LEU B 733 35.17 -23.78 75.94
N ASP B 734 36.09 -24.50 76.60
CA ASP B 734 36.11 -25.09 77.91
C ASP B 734 35.26 -24.57 79.07
N GLY B 735 35.48 -23.25 79.19
CA GLY B 735 34.57 -22.39 79.91
C GLY B 735 33.12 -22.85 80.00
N LEU B 736 32.53 -22.95 78.81
CA LEU B 736 31.16 -23.39 78.57
C LEU B 736 30.88 -24.81 79.03
N ALA B 737 31.88 -25.70 78.96
CA ALA B 737 31.70 -27.06 79.43
C ALA B 737 31.49 -27.30 80.91
N LEU B 738 32.14 -26.44 81.70
CA LEU B 738 32.06 -26.41 83.15
C LEU B 738 30.70 -26.28 83.81
N TYR B 739 29.75 -25.79 83.03
CA TYR B 739 28.39 -25.43 83.39
C TYR B 739 27.31 -26.51 83.24
N GLY B 740 27.83 -27.71 83.48
CA GLY B 740 27.09 -28.97 83.51
C GLY B 740 26.60 -29.46 82.16
N ASP B 741 25.98 -28.59 81.36
CA ASP B 741 25.53 -28.94 80.01
C ASP B 741 25.87 -28.04 78.82
N PRO B 742 26.85 -28.44 78.01
CA PRO B 742 27.31 -27.63 76.90
C PRO B 742 26.53 -27.73 75.61
N ARG B 743 25.64 -28.73 75.50
CA ARG B 743 24.97 -29.07 74.26
C ARG B 743 24.23 -27.98 73.49
N ILE B 744 23.84 -26.88 74.14
CA ILE B 744 23.09 -25.76 73.60
C ILE B 744 23.88 -24.47 73.67
N ALA B 745 24.70 -24.25 72.63
CA ALA B 745 25.31 -22.94 72.71
C ALA B 745 24.47 -21.91 71.97
N ASP B 746 23.61 -21.38 72.85
CA ASP B 746 22.89 -20.18 72.48
C ASP B 746 23.34 -18.97 73.29
N LEU B 747 24.14 -18.12 72.62
CA LEU B 747 24.86 -17.06 73.28
C LEU B 747 24.28 -15.66 73.08
N SER B 748 24.27 -15.03 74.26
CA SER B 748 23.78 -13.68 74.47
C SER B 748 24.74 -12.83 75.29
N ALA B 749 24.97 -11.64 74.76
CA ALA B 749 25.69 -10.57 75.42
C ALA B 749 24.84 -9.50 76.09
N ALA B 750 24.57 -9.68 77.39
CA ALA B 750 23.55 -8.92 78.09
C ALA B 750 24.07 -8.15 79.29
N TYR B 751 23.21 -7.19 79.65
CA TYR B 751 23.38 -6.24 80.74
C TYR B 751 22.00 -5.96 81.33
N LEU B 752 22.05 -5.49 82.58
CA LEU B 752 20.88 -5.01 83.28
C LEU B 752 21.01 -3.63 83.90
N GLN B 753 19.95 -2.87 83.61
CA GLN B 753 19.73 -1.60 84.28
C GLN B 753 18.52 -1.86 85.16
N TYR B 754 18.58 -1.28 86.36
CA TYR B 754 17.62 -1.48 87.42
C TYR B 754 16.16 -1.37 86.99
N GLY B 755 15.82 -0.32 86.25
CA GLY B 755 14.61 -0.11 85.49
C GLY B 755 14.48 -0.94 84.22
N GLY B 756 14.49 -2.24 84.51
CA GLY B 756 14.28 -3.31 83.56
C GLY B 756 14.83 -3.32 82.14
N ASN B 757 16.00 -2.70 82.01
CA ASN B 757 16.60 -2.46 80.71
C ASN B 757 17.77 -3.35 80.35
N VAL B 758 17.32 -4.43 79.71
CA VAL B 758 18.22 -5.37 79.07
C VAL B 758 18.51 -5.10 77.60
N VAL B 759 19.81 -4.97 77.35
CA VAL B 759 20.34 -5.09 76.01
C VAL B 759 21.01 -6.44 75.89
N ARG B 760 20.17 -7.39 75.49
CA ARG B 760 20.70 -8.69 75.08
C ARG B 760 20.88 -8.86 73.59
N GLU B 761 22.18 -8.96 73.28
CA GLU B 761 22.84 -8.91 71.98
C GLU B 761 23.36 -10.25 71.50
N HIS B 762 22.69 -10.70 70.43
CA HIS B 762 22.96 -11.98 69.80
C HIS B 762 23.76 -11.88 68.51
N VAL B 763 24.76 -12.77 68.56
CA VAL B 763 25.75 -12.77 67.51
C VAL B 763 25.65 -13.98 66.59
N PRO B 764 25.03 -13.83 65.41
CA PRO B 764 25.07 -14.91 64.45
C PRO B 764 26.43 -15.18 63.82
N PRO B 765 26.88 -16.42 63.69
CA PRO B 765 28.14 -16.70 63.02
C PRO B 765 28.41 -16.86 61.53
N GLY B 766 29.31 -16.03 61.01
CA GLY B 766 29.54 -15.78 59.60
C GLY B 766 30.16 -17.09 59.17
N PRO B 767 30.25 -17.13 57.83
CA PRO B 767 30.59 -18.27 57.01
C PRO B 767 31.71 -19.19 57.50
N SER B 768 31.74 -20.47 57.16
CA SER B 768 32.66 -21.41 57.78
C SER B 768 33.10 -22.50 56.82
N HIS B 769 34.26 -22.19 56.25
CA HIS B 769 34.98 -23.02 55.30
C HIS B 769 35.25 -24.45 55.76
N ILE B 770 35.55 -24.48 57.06
CA ILE B 770 35.81 -25.73 57.75
C ILE B 770 34.61 -26.63 57.98
N HIS B 771 33.52 -26.04 58.47
CA HIS B 771 32.24 -26.71 58.56
C HIS B 771 31.74 -27.25 57.23
N ARG B 772 31.84 -26.33 56.28
CA ARG B 772 31.44 -26.70 54.94
C ARG B 772 32.18 -27.86 54.28
N ALA B 773 33.49 -27.86 54.50
CA ALA B 773 34.32 -28.98 54.08
C ALA B 773 33.95 -30.31 54.71
N LEU B 774 33.70 -30.22 56.01
CA LEU B 774 33.30 -31.36 56.81
C LEU B 774 32.05 -32.03 56.26
N GLN B 775 31.07 -31.15 56.08
CA GLN B 775 29.82 -31.62 55.50
C GLN B 775 29.79 -32.25 54.12
N GLN B 776 30.78 -31.77 53.38
CA GLN B 776 31.18 -32.18 52.05
C GLN B 776 31.78 -33.58 51.96
N VAL B 777 32.67 -33.78 52.93
CA VAL B 777 33.25 -35.05 53.33
C VAL B 777 32.21 -36.08 53.72
N GLU B 778 31.25 -35.53 54.47
CA GLU B 778 30.06 -36.22 54.88
C GLU B 778 29.14 -36.78 53.79
N SER B 779 28.99 -35.93 52.77
CA SER B 779 28.14 -36.30 51.65
C SER B 779 28.78 -37.29 50.70
N THR B 780 30.04 -36.99 50.40
CA THR B 780 30.95 -37.89 49.70
C THR B 780 31.11 -39.24 50.38
N PHE B 781 31.23 -39.18 51.71
CA PHE B 781 31.13 -40.42 52.47
C PHE B 781 29.91 -41.29 52.25
N MET B 782 28.73 -40.68 52.10
CA MET B 782 27.52 -41.44 51.85
C MET B 782 27.52 -42.43 50.70
N ALA B 783 28.36 -42.13 49.70
CA ALA B 783 28.64 -43.00 48.58
C ALA B 783 29.95 -43.78 48.68
N GLU B 784 31.04 -43.09 49.01
CA GLU B 784 32.38 -43.63 49.15
C GLU B 784 32.85 -44.35 50.41
N MET B 785 31.88 -44.83 51.20
CA MET B 785 32.08 -45.52 52.46
C MET B 785 33.04 -46.70 52.54
N ASN B 786 33.03 -47.56 51.52
CA ASN B 786 33.94 -48.70 51.54
C ASN B 786 35.42 -48.33 51.46
N LEU B 787 35.75 -47.07 51.17
CA LEU B 787 37.10 -46.56 51.28
C LEU B 787 37.74 -46.32 52.64
N PHE B 788 36.75 -46.25 53.55
CA PHE B 788 36.89 -46.17 54.99
C PHE B 788 36.60 -47.50 55.67
N ASN B 789 36.66 -48.56 54.85
CA ASN B 789 36.26 -49.91 55.22
C ASN B 789 34.84 -50.04 55.72
N VAL B 790 34.01 -49.07 55.32
CA VAL B 790 32.64 -49.17 55.80
C VAL B 790 31.70 -49.64 54.71
N ALA B 791 30.95 -50.68 55.08
CA ALA B 791 30.02 -51.32 54.18
C ALA B 791 28.55 -51.13 54.49
N ARG B 792 27.75 -51.39 53.46
CA ARG B 792 26.32 -51.16 53.39
C ARG B 792 25.46 -52.42 53.30
N GLY B 793 24.33 -52.34 54.01
CA GLY B 793 23.28 -53.34 53.99
C GLY B 793 23.13 -54.28 55.18
N ASN B 794 22.30 -55.29 54.90
CA ASN B 794 22.03 -56.34 55.84
C ASN B 794 22.65 -57.62 55.29
N LEU B 795 23.02 -58.52 56.22
CA LEU B 795 23.43 -59.86 55.85
C LEU B 795 22.35 -60.93 55.81
N TYR B 796 22.35 -61.79 54.78
CA TYR B 796 21.57 -63.00 54.85
C TYR B 796 22.51 -64.20 54.89
N LEU B 797 22.38 -65.09 55.88
CA LEU B 797 23.26 -66.22 56.09
C LEU B 797 22.60 -67.46 55.51
N VAL B 798 23.14 -67.86 54.36
CA VAL B 798 22.69 -69.03 53.64
C VAL B 798 23.79 -70.00 53.25
N GLN B 799 23.50 -71.29 53.49
CA GLN B 799 24.23 -72.38 52.87
C GLN B 799 24.46 -72.33 51.37
N THR B 800 25.61 -71.78 50.98
CA THR B 800 25.93 -71.90 49.57
C THR B 800 27.18 -72.75 49.41
N ALA B 801 26.87 -73.94 48.89
CA ALA B 801 27.75 -75.01 48.49
C ALA B 801 27.96 -75.26 47.00
N THR B 802 28.84 -74.43 46.43
CA THR B 802 28.90 -74.13 45.02
C THR B 802 30.27 -74.28 44.36
N ASN B 803 30.18 -74.16 43.03
CA ASN B 803 31.32 -74.19 42.15
C ASN B 803 31.20 -72.91 41.34
N GLY B 804 31.97 -71.92 41.79
CA GLY B 804 32.05 -70.62 41.16
C GLY B 804 32.22 -69.42 42.08
N ASN B 805 32.63 -68.30 41.50
CA ASN B 805 33.01 -67.10 42.23
C ASN B 805 31.99 -65.99 42.48
N TRP B 806 30.95 -66.34 43.24
CA TRP B 806 30.06 -65.39 43.88
C TRP B 806 30.65 -64.53 44.99
N SER B 807 31.15 -63.39 44.53
CA SER B 807 31.68 -62.43 45.47
C SER B 807 30.76 -61.95 46.58
N PRO B 808 31.09 -62.25 47.84
CA PRO B 808 30.34 -61.80 48.98
C PRO B 808 30.13 -60.30 49.05
N MET B 809 31.14 -59.62 48.51
CA MET B 809 31.36 -58.19 48.40
C MET B 809 30.48 -57.47 47.37
N ALA B 810 30.15 -58.25 46.34
CA ALA B 810 29.18 -57.84 45.35
C ALA B 810 28.05 -58.86 45.13
N PRO B 811 27.01 -58.70 45.94
CA PRO B 811 25.79 -59.49 45.80
C PRO B 811 24.71 -58.80 44.97
N VAL B 812 24.34 -59.58 43.95
CA VAL B 812 23.22 -59.24 43.12
C VAL B 812 21.86 -59.63 43.68
N ALA B 813 21.71 -59.02 44.86
CA ALA B 813 20.70 -59.15 45.89
C ALA B 813 19.22 -59.43 45.70
N ALA B 814 18.82 -60.16 44.66
CA ALA B 814 17.46 -60.55 44.37
C ALA B 814 16.74 -61.61 45.19
N PRO B 815 17.41 -62.40 46.03
CA PRO B 815 16.67 -63.23 46.95
C PRO B 815 15.68 -62.47 47.83
N PRO B 816 14.70 -63.15 48.43
CA PRO B 816 13.77 -62.47 49.31
C PRO B 816 14.34 -62.06 50.67
N PHE B 817 15.19 -61.03 50.56
CA PHE B 817 15.74 -60.18 51.58
C PHE B 817 14.84 -59.20 52.33
N VAL B 818 13.56 -59.16 51.94
CA VAL B 818 12.62 -58.13 52.35
C VAL B 818 11.41 -58.63 53.12
N ARG B 819 10.71 -57.66 53.68
CA ARG B 819 9.52 -57.90 54.48
C ARG B 819 8.40 -58.55 53.67
N GLY B 820 8.07 -57.96 52.52
CA GLY B 820 7.21 -58.59 51.55
C GLY B 820 7.61 -59.84 50.79
N GLY B 821 8.55 -60.54 51.44
CA GLY B 821 9.21 -61.75 50.99
C GLY B 821 8.42 -63.02 51.31
N PRO B 822 8.43 -64.02 50.43
CA PRO B 822 7.80 -65.30 50.63
C PRO B 822 8.44 -66.17 51.69
N ASN B 823 7.72 -66.32 52.81
CA ASN B 823 8.19 -66.98 54.01
C ASN B 823 9.38 -66.36 54.71
N VAL B 824 9.37 -65.02 54.69
CA VAL B 824 10.44 -64.17 55.17
C VAL B 824 9.91 -63.44 56.40
N ARG B 825 10.02 -64.19 57.50
CA ARG B 825 9.37 -63.87 58.75
C ARG B 825 10.26 -63.21 59.80
N VAL B 826 9.64 -62.24 60.47
CA VAL B 826 10.38 -61.41 61.40
C VAL B 826 10.19 -61.97 62.81
N VAL B 827 11.34 -61.87 63.48
CA VAL B 827 11.43 -62.07 64.91
C VAL B 827 12.33 -61.08 65.64
N GLY B 828 11.67 -60.02 66.10
CA GLY B 828 12.10 -59.21 67.21
C GLY B 828 11.07 -59.21 68.35
N ARG B 829 11.28 -60.31 69.06
CA ARG B 829 10.80 -60.50 70.41
C ARG B 829 11.90 -61.08 71.27
N PHE B 830 11.77 -60.82 72.57
CA PHE B 830 12.80 -60.96 73.59
C PHE B 830 12.72 -62.15 74.52
N GLY B 831 13.66 -63.07 74.33
CA GLY B 831 13.78 -64.19 75.24
C GLY B 831 13.09 -65.48 74.83
N THR B 832 11.85 -65.20 74.41
CA THR B 832 10.77 -66.11 74.14
C THR B 832 11.10 -67.26 73.20
N ILE B 833 10.81 -68.44 73.75
CA ILE B 833 11.05 -69.70 73.09
C ILE B 833 10.02 -70.75 73.50
N VAL B 834 9.74 -71.67 72.57
CA VAL B 834 8.98 -72.89 72.79
C VAL B 834 9.92 -74.08 72.67
N PRO B 835 10.13 -74.77 73.80
CA PRO B 835 10.97 -75.93 73.96
C PRO B 835 10.33 -77.15 73.31
N ARG B 836 10.31 -78.35 73.90
CA ARG B 836 9.58 -79.45 73.31
C ARG B 836 8.32 -79.83 74.06
N PRO B 837 7.13 -79.37 73.63
CA PRO B 837 5.86 -79.93 74.02
C PRO B 837 5.28 -80.91 73.00
N ASN B 838 4.45 -81.85 73.45
CA ASN B 838 3.79 -82.80 72.56
C ASN B 838 4.37 -83.45 71.32
N GLY B 839 5.67 -83.73 71.38
CA GLY B 839 6.45 -84.37 70.34
C GLY B 839 7.07 -83.43 69.30
N LEU B 840 6.48 -82.24 69.33
CA LEU B 840 6.84 -81.15 68.43
C LEU B 840 8.30 -80.74 68.54
N GLU B 841 8.85 -80.27 67.42
CA GLU B 841 10.07 -79.48 67.44
C GLU B 841 10.04 -78.18 68.23
N PRO B 842 11.16 -77.90 68.90
CA PRO B 842 11.37 -76.60 69.51
C PRO B 842 11.34 -75.45 68.51
N GLN B 843 10.36 -74.58 68.82
CA GLN B 843 9.91 -73.45 68.04
C GLN B 843 10.03 -72.05 68.64
N LEU B 844 10.23 -71.14 67.69
CA LEU B 844 10.28 -69.72 67.99
C LEU B 844 8.94 -69.02 67.91
N ILE B 845 8.79 -67.95 68.68
CA ILE B 845 7.60 -67.12 68.64
C ILE B 845 7.88 -66.08 67.56
N ASP B 846 7.20 -66.21 66.41
CA ASP B 846 7.19 -65.17 65.40
C ASP B 846 6.57 -63.85 65.84
N ASP B 847 6.81 -62.81 65.05
CA ASP B 847 6.08 -61.57 65.25
C ASP B 847 4.63 -61.66 64.81
N GLY B 848 3.79 -61.89 65.83
CA GLY B 848 2.43 -62.31 65.66
C GLY B 848 2.06 -63.68 66.21
N ASN B 849 2.78 -63.99 67.29
CA ASN B 849 2.46 -65.07 68.20
C ASN B 849 2.70 -66.53 67.84
N VAL B 850 2.39 -66.77 66.56
CA VAL B 850 2.65 -68.04 65.89
C VAL B 850 4.01 -68.68 66.13
N PRO B 851 3.99 -69.86 66.76
CA PRO B 851 5.19 -70.66 66.88
C PRO B 851 5.68 -71.40 65.66
N ARG B 852 6.93 -71.23 65.23
CA ARG B 852 7.43 -71.76 63.98
C ARG B 852 8.79 -72.43 64.16
N ASP B 853 8.84 -73.68 63.71
CA ASP B 853 10.10 -74.38 63.58
C ASP B 853 11.32 -73.46 63.45
N ILE B 854 12.46 -73.89 63.97
CA ILE B 854 13.75 -73.36 63.59
C ILE B 854 14.38 -73.60 62.23
N ALA B 855 13.49 -73.70 61.23
CA ALA B 855 13.79 -73.72 59.81
C ALA B 855 12.93 -72.63 59.19
N GLY B 856 13.60 -71.92 58.29
CA GLY B 856 13.00 -70.91 57.44
C GLY B 856 13.81 -69.73 56.94
N ASP B 857 13.01 -68.65 56.80
CA ASP B 857 13.45 -67.28 56.67
C ASP B 857 13.19 -66.37 57.85
N TRP B 858 14.15 -66.15 58.77
CA TRP B 858 14.20 -65.33 59.96
C TRP B 858 14.88 -63.99 59.76
N VAL B 859 14.08 -62.96 60.02
CA VAL B 859 14.60 -61.62 60.08
C VAL B 859 14.74 -61.25 61.55
N TYR B 860 15.97 -60.86 61.86
CA TYR B 860 16.33 -60.39 63.17
C TYR B 860 17.08 -59.06 63.14
N PRO B 861 16.51 -58.12 63.90
CA PRO B 861 17.22 -56.90 64.26
C PRO B 861 18.44 -57.24 65.11
N SER B 862 19.58 -56.75 64.61
CA SER B 862 20.82 -56.80 65.36
C SER B 862 20.73 -56.92 66.87
N ASP B 863 20.28 -55.83 67.50
CA ASP B 863 19.98 -55.74 68.92
C ASP B 863 19.22 -56.92 69.52
N VAL B 864 18.25 -57.46 68.78
CA VAL B 864 17.51 -58.63 69.20
C VAL B 864 18.50 -59.77 69.40
N LEU B 865 19.26 -60.01 68.33
CA LEU B 865 20.37 -60.93 68.43
C LEU B 865 21.23 -60.70 69.68
N GLN B 866 21.76 -59.47 69.69
CA GLN B 866 22.61 -59.03 70.77
C GLN B 866 22.26 -59.32 72.22
N VAL B 867 21.01 -58.98 72.55
CA VAL B 867 20.49 -59.24 73.87
C VAL B 867 20.32 -60.68 74.35
N SER B 868 20.30 -61.63 73.41
CA SER B 868 20.01 -63.03 73.59
C SER B 868 20.85 -63.98 72.74
N VAL B 869 22.14 -63.68 72.63
CA VAL B 869 23.04 -64.33 71.69
C VAL B 869 23.08 -65.86 71.61
N ALA B 870 23.40 -66.37 72.80
CA ALA B 870 23.67 -67.77 73.08
C ALA B 870 22.65 -68.78 72.58
N VAL B 871 21.41 -68.28 72.61
CA VAL B 871 20.25 -69.05 72.24
C VAL B 871 20.23 -69.46 70.77
N PHE B 872 20.66 -68.46 70.00
CA PHE B 872 20.66 -68.47 68.56
C PHE B 872 21.69 -69.46 68.03
N ARG B 873 22.84 -69.25 68.67
CA ARG B 873 24.02 -70.07 68.45
C ARG B 873 23.77 -71.55 68.69
N ASP B 874 22.96 -71.81 69.71
CA ASP B 874 22.47 -73.11 70.12
C ASP B 874 21.38 -73.70 69.24
N TYR B 875 20.34 -72.90 69.02
CA TYR B 875 19.23 -73.38 68.21
C TYR B 875 19.11 -73.18 66.71
N VAL B 876 19.56 -72.01 66.26
CA VAL B 876 19.51 -71.67 64.85
C VAL B 876 20.75 -72.07 64.06
N TRP B 877 21.89 -71.68 64.62
CA TRP B 877 23.12 -72.14 64.02
C TRP B 877 23.17 -73.54 63.39
N PRO B 878 22.78 -74.58 64.12
CA PRO B 878 22.63 -75.88 63.52
C PRO B 878 22.15 -76.00 62.08
N MET B 879 20.97 -75.37 62.01
CA MET B 879 20.28 -75.18 60.76
C MET B 879 20.89 -74.26 59.72
N VAL B 880 21.73 -73.35 60.23
CA VAL B 880 22.56 -72.61 59.30
C VAL B 880 23.61 -73.43 58.56
N LYS B 881 24.29 -74.06 59.53
CA LYS B 881 25.41 -74.92 59.25
C LYS B 881 25.08 -76.18 58.46
N ALA B 882 23.99 -76.86 58.81
CA ALA B 882 23.70 -78.11 58.15
C ALA B 882 22.28 -78.31 57.64
N GLY B 883 21.46 -77.24 57.68
CA GLY B 883 20.10 -77.37 57.23
C GLY B 883 19.81 -76.26 56.22
N ARG B 884 18.81 -75.46 56.61
CA ARG B 884 18.42 -74.29 55.85
C ARG B 884 17.36 -73.43 56.55
N THR B 885 17.95 -72.53 57.34
CA THR B 885 17.26 -71.37 57.87
C THR B 885 18.10 -70.16 57.46
N ARG B 886 17.55 -69.58 56.39
CA ARG B 886 18.20 -68.38 55.91
C ARG B 886 17.91 -67.16 56.77
N VAL B 887 18.92 -66.88 57.59
CA VAL B 887 18.94 -65.82 58.57
C VAL B 887 19.38 -64.40 58.25
N LEU B 888 18.41 -63.47 58.33
CA LEU B 888 18.56 -62.09 57.93
C LEU B 888 18.96 -61.18 59.08
N VAL B 889 20.15 -60.60 58.98
CA VAL B 889 20.73 -59.86 60.08
C VAL B 889 20.70 -58.36 59.79
N GLU B 890 19.62 -57.71 60.22
CA GLU B 890 19.51 -56.28 60.08
C GLU B 890 20.49 -55.45 60.90
N LEU B 891 21.45 -54.99 60.10
CA LEU B 891 22.63 -54.27 60.51
C LEU B 891 22.74 -52.86 59.94
N GLY B 892 22.02 -52.46 58.90
CA GLY B 892 22.23 -51.14 58.34
C GLY B 892 23.51 -50.96 57.55
N HIS B 893 24.57 -50.55 58.26
CA HIS B 893 25.94 -50.42 57.82
C HIS B 893 26.86 -51.02 58.87
N TYR B 894 28.04 -51.43 58.39
CA TYR B 894 28.96 -52.24 59.15
C TYR B 894 30.39 -52.31 58.62
N VAL B 895 31.27 -52.89 59.44
CA VAL B 895 32.62 -53.00 58.92
C VAL B 895 32.99 -54.43 58.57
N TYR B 896 33.90 -54.61 57.62
CA TYR B 896 34.31 -55.89 57.07
C TYR B 896 35.80 -56.23 57.03
N THR B 897 36.15 -57.44 57.44
CA THR B 897 37.52 -57.91 57.37
C THR B 897 37.69 -59.08 56.40
N LEU B 898 38.41 -58.73 55.33
CA LEU B 898 38.64 -59.59 54.19
C LEU B 898 39.57 -60.79 54.29
N HIS B 899 39.22 -61.91 53.66
CA HIS B 899 40.14 -63.03 53.54
C HIS B 899 40.32 -63.50 52.11
N TYR B 900 41.55 -63.89 51.78
CA TYR B 900 41.87 -64.38 50.46
C TYR B 900 42.38 -65.81 50.49
N TYR B 901 41.68 -66.57 49.64
CA TYR B 901 41.97 -67.99 49.59
C TYR B 901 42.09 -68.57 48.19
N ASP B 902 42.82 -69.69 48.20
CA ASP B 902 43.19 -70.50 47.05
C ASP B 902 42.07 -71.11 46.24
N PRO B 903 41.62 -70.46 45.17
CA PRO B 903 40.43 -70.87 44.45
C PRO B 903 40.33 -72.33 44.01
N GLN B 904 41.51 -72.94 43.89
CA GLN B 904 41.55 -74.31 43.44
C GLN B 904 41.32 -75.47 44.39
N ILE B 905 40.98 -75.04 45.61
CA ILE B 905 40.58 -75.89 46.72
C ILE B 905 39.34 -75.65 47.57
N SER B 906 38.82 -76.80 47.99
CA SER B 906 37.67 -77.02 48.85
C SER B 906 37.58 -76.45 50.25
N LEU B 907 36.93 -75.29 50.36
CA LEU B 907 36.74 -74.51 51.56
C LEU B 907 35.29 -74.49 52.03
N ASP B 908 35.22 -74.47 53.36
CA ASP B 908 34.04 -74.13 54.12
C ASP B 908 34.10 -72.96 55.10
N GLU B 909 33.18 -72.01 55.02
CA GLU B 909 33.19 -70.91 55.95
C GLU B 909 32.91 -71.08 57.43
N ALA B 910 32.42 -72.29 57.74
CA ALA B 910 31.79 -72.57 59.01
C ALA B 910 32.53 -72.33 60.31
N PRO B 911 33.79 -72.73 60.48
CA PRO B 911 34.54 -72.33 61.65
C PRO B 911 34.66 -70.83 61.90
N ILE B 912 34.82 -70.11 60.78
CA ILE B 912 34.96 -68.68 60.75
C ILE B 912 33.81 -67.85 61.30
N LEU B 913 32.66 -68.32 60.78
CA LEU B 913 31.36 -67.76 61.08
C LEU B 913 30.82 -68.15 62.45
N GLU B 914 31.17 -69.37 62.84
CA GLU B 914 30.95 -69.90 64.18
C GLU B 914 31.51 -69.05 65.30
N GLU B 915 32.76 -68.66 65.05
CA GLU B 915 33.47 -67.65 65.80
C GLU B 915 32.83 -66.27 65.93
N TRP B 916 32.41 -65.75 64.78
CA TRP B 916 31.58 -64.56 64.72
C TRP B 916 30.32 -64.41 65.56
N LEU B 917 29.63 -65.55 65.41
CA LEU B 917 28.35 -65.90 66.00
C LEU B 917 28.36 -65.98 67.52
N SER B 918 29.39 -66.68 67.99
CA SER B 918 29.60 -66.84 69.41
C SER B 918 30.15 -65.62 70.13
N LYS B 919 30.94 -64.85 69.38
CA LYS B 919 31.50 -63.57 69.75
C LYS B 919 30.61 -62.37 70.09
N ILE B 920 29.52 -62.31 69.32
CA ILE B 920 28.46 -61.34 69.49
C ILE B 920 28.00 -61.27 70.93
N ASN B 921 27.99 -59.99 71.34
CA ASN B 921 27.68 -59.55 72.68
C ASN B 921 26.57 -58.52 72.72
N PRO B 922 25.68 -58.47 73.70
CA PRO B 922 24.76 -57.35 73.90
C PRO B 922 25.43 -56.00 73.75
N ALA B 923 26.73 -55.93 74.06
CA ALA B 923 27.45 -54.68 73.97
C ALA B 923 28.54 -54.47 72.92
N GLY B 924 28.66 -55.45 72.01
CA GLY B 924 29.50 -55.28 70.84
C GLY B 924 29.48 -56.36 69.76
N ILE B 925 29.97 -55.91 68.60
CA ILE B 925 30.11 -56.73 67.42
C ILE B 925 31.54 -56.80 66.91
N PRO B 926 31.98 -57.95 66.42
CA PRO B 926 33.24 -58.07 65.71
C PRO B 926 33.18 -57.86 64.20
N PRO B 927 34.21 -57.26 63.60
CA PRO B 927 34.20 -57.14 62.16
C PRO B 927 33.76 -58.39 61.39
N VAL B 928 33.02 -58.05 60.33
CA VAL B 928 32.44 -58.98 59.40
C VAL B 928 33.44 -59.79 58.61
N PRO B 929 33.40 -61.13 58.69
CA PRO B 929 34.26 -62.01 57.92
C PRO B 929 33.83 -62.24 56.49
N PHE B 930 34.49 -61.62 55.50
CA PHE B 930 34.32 -61.81 54.07
C PHE B 930 35.44 -62.52 53.32
N CYS B 931 35.37 -63.85 53.37
CA CYS B 931 36.37 -64.70 52.74
C CYS B 931 36.00 -64.84 51.28
N ILE B 932 37.06 -64.65 50.48
CA ILE B 932 37.04 -64.64 49.03
C ILE B 932 38.15 -65.39 48.31
N PRO B 933 37.85 -66.18 47.28
CA PRO B 933 38.85 -66.76 46.41
C PRO B 933 39.49 -65.74 45.47
N ILE B 934 40.80 -65.96 45.30
CA ILE B 934 41.56 -65.08 44.44
C ILE B 934 41.24 -65.11 42.96
N PRO B 935 41.18 -64.00 42.23
CA PRO B 935 41.09 -64.10 40.79
C PRO B 935 42.32 -64.78 40.22
N GLN B 936 42.07 -65.72 39.31
CA GLN B 936 43.16 -66.41 38.66
C GLN B 936 43.11 -66.23 37.15
N VAL B 937 44.36 -66.16 36.66
CA VAL B 937 44.69 -65.83 35.28
C VAL B 937 44.92 -67.00 34.34
N TYR B 938 44.28 -68.16 34.53
CA TYR B 938 44.51 -69.39 33.79
C TYR B 938 43.38 -70.39 33.99
N PRO B 939 42.98 -71.12 32.95
CA PRO B 939 42.10 -72.28 32.90
C PRO B 939 42.58 -73.35 33.87
N CYS B 940 41.91 -73.23 35.02
CA CYS B 940 41.96 -74.27 36.03
C CYS B 940 40.65 -74.92 36.46
N ILE B 941 40.77 -76.10 37.08
CA ILE B 941 39.63 -76.87 37.53
C ILE B 941 38.65 -76.26 38.51
N THR B 942 37.69 -77.01 39.05
CA THR B 942 36.72 -76.52 40.00
C THR B 942 36.84 -77.11 41.40
N ALA B 943 36.63 -76.28 42.43
CA ALA B 943 36.57 -76.69 43.81
C ALA B 943 35.38 -76.29 44.68
N ARG B 944 35.11 -76.94 45.82
CA ARG B 944 33.87 -76.63 46.50
C ARG B 944 34.08 -75.47 47.45
N ARG B 945 33.17 -74.54 47.16
CA ARG B 945 33.17 -73.20 47.73
C ARG B 945 31.91 -72.84 48.50
N VAL B 946 32.01 -73.00 49.82
CA VAL B 946 30.94 -72.79 50.76
C VAL B 946 31.17 -71.52 51.55
N HIS B 947 30.24 -70.64 51.19
CA HIS B 947 30.05 -69.31 51.73
C HIS B 947 28.64 -69.18 52.30
N TYR B 948 28.43 -68.13 53.10
CA TYR B 948 27.21 -67.95 53.86
C TYR B 948 26.59 -66.56 53.81
N ALA B 949 27.49 -65.60 53.92
CA ALA B 949 27.20 -64.19 54.05
C ALA B 949 27.16 -63.44 52.72
N PHE B 950 25.95 -62.95 52.46
CA PHE B 950 25.53 -62.09 51.37
C PHE B 950 24.69 -60.90 51.79
N THR B 951 25.12 -59.81 51.16
CA THR B 951 24.68 -58.47 51.50
C THR B 951 23.78 -57.72 50.54
N SER B 952 22.76 -57.10 51.12
CA SER B 952 21.79 -56.26 50.44
C SER B 952 22.32 -55.30 49.39
N GLU B 953 23.56 -54.86 49.63
CA GLU B 953 24.23 -53.85 48.84
C GLU B 953 25.60 -54.27 48.33
N ASN B 954 25.87 -53.83 47.10
CA ASN B 954 27.24 -53.89 46.65
C ASN B 954 28.21 -53.03 47.43
N ASN B 955 29.24 -53.71 47.92
CA ASN B 955 30.34 -53.04 48.59
C ASN B 955 31.76 -53.01 48.03
N ASN B 956 31.78 -53.56 46.82
CA ASN B 956 32.96 -53.86 46.03
C ASN B 956 33.77 -52.68 45.53
N ASP B 957 33.37 -51.44 45.83
CA ASP B 957 33.91 -50.21 45.31
C ASP B 957 35.36 -49.85 45.57
N SER B 958 35.81 -50.22 46.78
CA SER B 958 37.18 -50.16 47.25
C SER B 958 38.35 -50.94 46.66
N LEU B 959 37.88 -51.89 45.84
CA LEU B 959 38.75 -52.73 45.05
C LEU B 959 39.20 -52.00 43.80
N PHE B 960 40.50 -51.70 43.87
CA PHE B 960 41.11 -50.88 42.83
C PHE B 960 41.51 -51.50 41.50
N SER B 961 41.87 -52.78 41.53
CA SER B 961 42.31 -53.61 40.42
C SER B 961 42.56 -55.07 40.75
N THR B 962 42.40 -55.86 39.68
CA THR B 962 42.80 -57.26 39.73
C THR B 962 43.68 -57.65 38.56
N ASN B 963 44.74 -58.32 39.04
CA ASN B 963 45.78 -58.99 38.27
C ASN B 963 46.83 -58.12 37.61
N ALA B 964 46.29 -57.07 36.99
CA ALA B 964 47.01 -56.03 36.30
C ALA B 964 48.07 -56.18 35.23
N ALA B 965 49.09 -56.85 35.76
CA ALA B 965 50.28 -57.19 35.01
C ALA B 965 50.17 -58.55 34.33
N SER B 966 48.91 -58.84 34.01
CA SER B 966 48.49 -60.10 33.41
C SER B 966 47.74 -59.95 32.09
N ILE B 967 47.86 -61.00 31.28
CA ILE B 967 47.32 -61.09 29.93
C ILE B 967 45.84 -61.41 29.77
N ASP B 968 45.28 -62.24 30.66
CA ASP B 968 43.89 -62.63 30.73
C ASP B 968 43.66 -63.01 32.18
N THR B 969 42.57 -62.50 32.75
CA THR B 969 41.88 -63.04 33.92
C THR B 969 40.68 -63.92 33.63
N ALA B 970 40.88 -65.17 34.04
CA ALA B 970 39.92 -66.19 33.66
C ALA B 970 39.09 -66.74 34.81
N PHE B 971 39.67 -67.70 35.52
CA PHE B 971 39.08 -68.26 36.72
C PHE B 971 38.95 -67.33 37.91
N GLY B 972 37.73 -67.20 38.46
CA GLY B 972 37.63 -66.19 39.48
C GLY B 972 37.62 -64.77 38.92
N GLU B 973 37.31 -64.64 37.64
CA GLU B 973 37.22 -63.35 36.97
C GLU B 973 36.61 -62.20 37.75
N ASN B 974 37.24 -61.05 37.52
CA ASN B 974 36.97 -59.77 38.16
C ASN B 974 37.08 -58.57 37.22
N ALA B 975 37.10 -57.38 37.83
CA ALA B 975 37.26 -56.18 37.04
C ALA B 975 38.61 -55.52 37.28
N ALA B 976 38.89 -54.64 36.31
CA ALA B 976 40.12 -53.88 36.37
C ALA B 976 39.96 -52.49 36.99
N VAL B 977 40.92 -51.62 36.71
CA VAL B 977 40.92 -50.31 37.34
C VAL B 977 39.68 -49.53 36.95
N SER B 978 39.37 -48.50 37.74
CA SER B 978 38.25 -47.63 37.40
C SER B 978 38.64 -46.34 36.70
N PRO B 979 38.38 -46.23 35.40
CA PRO B 979 38.65 -44.96 34.73
C PRO B 979 38.01 -43.70 35.25
N LEU B 980 36.82 -43.85 35.83
CA LEU B 980 36.21 -42.72 36.49
C LEU B 980 37.01 -41.95 37.53
N ARG B 981 37.91 -42.67 38.20
CA ARG B 981 38.95 -42.14 39.04
C ARG B 981 39.90 -41.08 38.50
N TRP B 982 40.15 -41.04 37.18
CA TRP B 982 41.01 -40.06 36.54
C TRP B 982 40.46 -39.45 35.27
N PRO B 983 39.24 -38.91 35.31
CA PRO B 983 38.47 -38.57 34.12
C PRO B 983 39.22 -37.81 33.03
N GLY B 984 39.87 -36.76 33.54
CA GLY B 984 40.76 -35.96 32.71
C GLY B 984 41.95 -36.68 32.09
N LEU B 985 42.69 -37.46 32.88
CA LEU B 985 43.76 -38.21 32.27
C LEU B 985 43.46 -39.33 31.27
N VAL B 986 42.31 -39.90 31.65
CA VAL B 986 41.79 -41.00 30.86
C VAL B 986 41.41 -40.51 29.48
N ASP B 987 40.50 -39.54 29.60
CA ASP B 987 39.64 -39.15 28.50
C ASP B 987 39.82 -37.69 28.11
N PRO B 988 40.24 -37.35 26.89
CA PRO B 988 40.66 -36.02 26.52
C PRO B 988 39.61 -34.92 26.65
N ASN B 989 38.37 -35.42 26.75
CA ASN B 989 37.19 -34.60 26.90
C ASN B 989 37.04 -33.67 28.10
N TYR B 990 37.71 -34.15 29.15
CA TYR B 990 37.50 -33.55 30.44
C TYR B 990 38.52 -32.51 30.88
N ARG B 991 38.12 -31.23 30.87
CA ARG B 991 38.98 -30.22 31.44
C ARG B 991 39.02 -30.07 32.95
N VAL B 992 39.78 -31.01 33.50
CA VAL B 992 40.19 -31.27 34.87
C VAL B 992 39.87 -30.27 35.98
N GLY B 993 38.56 -30.09 36.12
CA GLY B 993 37.83 -29.39 37.15
C GLY B 993 36.33 -29.32 36.88
N THR B 994 35.68 -30.47 36.75
CA THR B 994 34.27 -30.83 36.63
C THR B 994 33.51 -31.51 37.75
N ASN B 995 32.23 -31.17 37.97
CA ASN B 995 31.57 -31.35 39.25
C ASN B 995 31.42 -32.87 39.36
N ASP B 996 32.31 -33.51 40.14
CA ASP B 996 32.41 -34.92 40.43
C ASP B 996 31.80 -35.31 41.77
N LEU B 997 31.31 -34.34 42.54
CA LEU B 997 30.80 -34.63 43.87
C LEU B 997 29.29 -34.77 43.89
N PRO B 998 28.81 -35.70 44.70
CA PRO B 998 29.56 -36.65 45.49
C PRO B 998 29.85 -38.06 44.98
N ASN B 999 29.83 -38.22 43.66
CA ASN B 999 29.90 -39.47 42.92
C ASN B 999 31.19 -40.26 43.13
N ARG B 1000 32.26 -39.62 42.64
CA ARG B 1000 33.57 -40.25 42.61
C ARG B 1000 34.65 -39.25 42.99
N ILE B 1001 35.58 -39.84 43.74
CA ILE B 1001 36.86 -39.25 44.09
C ILE B 1001 37.88 -39.52 43.00
N THR B 1002 38.10 -38.42 42.29
CA THR B 1002 39.17 -38.26 41.31
C THR B 1002 40.52 -38.27 41.99
N LEU B 1003 41.43 -39.00 41.34
CA LEU B 1003 42.82 -39.13 41.73
C LEU B 1003 44.07 -38.59 41.03
N TYR B 1004 43.70 -37.88 39.97
CA TYR B 1004 44.66 -37.24 39.09
C TYR B 1004 43.99 -36.12 38.31
N ASN B 1005 44.49 -34.91 38.56
CA ASN B 1005 43.94 -33.68 38.02
C ASN B 1005 44.91 -32.51 38.11
N SER B 1006 44.53 -31.29 37.71
CA SER B 1006 45.35 -30.11 37.91
C SER B 1006 45.47 -29.82 39.40
N LEU B 1007 46.68 -30.00 39.94
CA LEU B 1007 47.06 -29.42 41.21
C LEU B 1007 47.66 -28.02 41.20
N TYR B 1008 47.10 -27.12 42.01
CA TYR B 1008 47.71 -25.81 42.06
C TYR B 1008 48.72 -25.66 43.18
N ARG B 1009 49.99 -25.43 42.85
CA ARG B 1009 50.93 -25.15 43.92
C ARG B 1009 51.65 -23.81 43.93
N TYR B 1010 51.75 -23.20 45.11
CA TYR B 1010 52.03 -21.79 45.28
C TYR B 1010 53.27 -21.30 46.03
N ASN B 1011 53.76 -20.08 45.83
CA ASN B 1011 54.98 -19.57 46.41
C ASN B 1011 54.75 -18.27 47.18
N PHE B 1012 54.42 -18.43 48.46
CA PHE B 1012 54.11 -17.34 49.36
C PHE B 1012 54.87 -17.13 50.65
N THR B 1013 55.60 -16.01 50.63
CA THR B 1013 56.35 -15.67 51.82
C THR B 1013 55.54 -15.09 52.97
N TYR B 1014 55.94 -15.46 54.20
CA TYR B 1014 55.44 -14.80 55.39
C TYR B 1014 56.37 -13.74 55.96
N PRO B 1015 56.12 -12.47 55.62
CA PRO B 1015 56.90 -11.34 56.10
C PRO B 1015 56.30 -10.83 57.39
N THR B 1016 57.12 -10.37 58.35
CA THR B 1016 56.65 -9.71 59.55
C THR B 1016 55.90 -8.41 59.26
N LEU B 1017 54.97 -8.07 60.14
CA LEU B 1017 54.29 -6.79 60.08
C LEU B 1017 55.13 -5.56 60.35
N ASP B 1018 56.07 -5.81 61.26
CA ASP B 1018 57.18 -4.91 61.48
C ASP B 1018 58.28 -4.71 60.45
N GLY B 1019 58.33 -5.74 59.60
CA GLY B 1019 59.21 -5.77 58.45
C GLY B 1019 58.69 -5.17 57.15
N ILE B 1020 57.41 -5.39 56.84
CA ILE B 1020 56.82 -4.87 55.62
C ILE B 1020 57.07 -3.42 55.27
N MET B 1021 57.03 -2.63 56.35
CA MET B 1021 57.30 -1.23 56.50
C MET B 1021 58.58 -0.89 57.24
N TYR B 1022 59.21 0.19 56.77
CA TYR B 1022 60.42 0.78 57.32
C TYR B 1022 60.06 1.58 58.57
N VAL B 1023 60.92 1.65 59.59
CA VAL B 1023 60.63 2.51 60.71
C VAL B 1023 61.12 3.95 60.58
N ARG B 1024 60.50 4.89 61.30
CA ARG B 1024 60.98 6.23 61.56
C ARG B 1024 61.00 6.39 63.07
N SER B 1025 62.20 6.07 63.57
CA SER B 1025 62.54 6.28 64.95
C SER B 1025 62.61 7.70 65.52
N ALA B 1026 62.68 8.46 64.42
CA ALA B 1026 62.76 9.86 64.81
C ALA B 1026 61.29 10.20 65.07
N THR B 1027 60.64 10.03 66.22
CA THR B 1027 59.31 10.35 66.65
C THR B 1027 59.11 11.53 67.59
N THR C 1 179.14 -17.85 -22.06
CA THR C 1 180.45 -17.25 -21.74
C THR C 1 180.44 -16.34 -20.51
N ASN C 2 181.33 -16.76 -19.62
CA ASN C 2 181.64 -15.98 -18.44
C ASN C 2 181.93 -14.50 -18.60
N VAL C 3 182.39 -14.26 -19.83
CA VAL C 3 182.79 -12.94 -20.26
C VAL C 3 181.76 -11.85 -19.98
N VAL C 4 180.50 -12.20 -20.23
CA VAL C 4 179.34 -11.41 -19.85
C VAL C 4 179.09 -11.00 -18.41
N PRO C 5 179.06 -11.95 -17.47
CA PRO C 5 178.96 -11.59 -16.08
C PRO C 5 179.98 -10.53 -15.68
N ALA C 6 181.23 -10.91 -15.93
CA ALA C 6 182.32 -9.98 -15.73
C ALA C 6 182.19 -8.56 -16.28
N LYS C 7 181.69 -8.62 -17.52
CA LYS C 7 181.30 -7.46 -18.28
C LYS C 7 180.41 -6.45 -17.58
N ASP C 8 179.36 -7.09 -17.06
CA ASP C 8 178.28 -6.40 -16.38
C ASP C 8 178.60 -5.46 -15.23
N ALA C 9 179.60 -5.78 -14.40
CA ALA C 9 179.98 -4.94 -13.30
C ALA C 9 180.47 -3.52 -13.56
N PRO C 10 181.16 -3.37 -14.69
CA PRO C 10 181.39 -2.07 -15.30
C PRO C 10 180.18 -1.26 -15.73
N THR C 11 179.36 -1.93 -16.54
CA THR C 11 178.11 -1.40 -17.07
C THR C 11 177.29 -0.75 -15.97
N THR C 12 177.14 -1.48 -14.87
CA THR C 12 176.28 -1.10 -13.76
C THR C 12 176.50 0.31 -13.23
N ASN C 13 177.77 0.70 -13.17
CA ASN C 13 178.31 1.99 -12.81
C ASN C 13 179.35 2.61 -13.72
N SER C 14 178.57 3.29 -14.56
CA SER C 14 179.11 4.32 -15.42
C SER C 14 179.58 5.69 -14.98
N PRO C 15 179.11 6.04 -13.77
CA PRO C 15 179.79 7.08 -13.01
C PRO C 15 180.61 6.52 -11.86
N PRO C 16 181.83 6.00 -12.05
CA PRO C 16 182.84 5.78 -11.04
C PRO C 16 183.23 7.02 -10.25
N SER C 17 182.53 7.12 -9.12
CA SER C 17 182.87 8.11 -8.12
C SER C 17 183.11 7.38 -6.81
N THR C 18 184.36 7.48 -6.36
CA THR C 18 184.95 6.96 -5.14
C THR C 18 184.84 7.85 -3.91
N THR C 19 185.46 9.03 -4.04
CA THR C 19 185.61 10.03 -3.00
C THR C 19 185.04 11.39 -3.36
N SER C 20 185.29 12.45 -2.59
CA SER C 20 185.09 13.82 -3.03
C SER C 20 186.29 14.75 -2.94
N PRO C 21 187.08 14.74 -4.02
CA PRO C 21 188.11 15.71 -4.35
C PRO C 21 187.75 16.46 -5.63
N ASN C 22 188.49 17.55 -5.77
CA ASN C 22 188.62 18.22 -7.04
C ASN C 22 188.84 17.31 -8.25
N GLN C 23 188.38 17.82 -9.39
CA GLN C 23 188.47 17.19 -10.69
C GLN C 23 189.78 16.54 -11.10
N ALA C 24 190.87 17.21 -10.74
CA ALA C 24 192.17 16.63 -11.01
C ALA C 24 192.62 15.44 -10.18
N ALA C 25 192.26 15.53 -8.90
CA ALA C 25 192.44 14.45 -7.96
C ALA C 25 191.61 13.19 -8.19
N ALA C 26 190.34 13.40 -8.54
CA ALA C 26 189.48 12.31 -8.96
C ALA C 26 190.01 11.52 -10.14
N ASP C 27 190.63 12.30 -11.04
CA ASP C 27 191.42 11.76 -12.13
C ASP C 27 192.63 10.90 -11.77
N ALA C 28 193.31 11.31 -10.68
CA ALA C 28 194.39 10.48 -10.20
C ALA C 28 194.00 9.19 -9.50
N ASN C 29 192.96 9.35 -8.66
CA ASN C 29 192.29 8.25 -8.01
C ASN C 29 191.77 7.17 -8.94
N GLN C 30 191.00 7.57 -9.96
CA GLN C 30 190.55 6.56 -10.92
C GLN C 30 191.69 5.91 -11.67
N GLN C 31 192.71 6.68 -12.05
CA GLN C 31 193.94 6.13 -12.58
C GLN C 31 194.69 5.02 -11.85
N GLN C 32 194.80 5.25 -10.55
CA GLN C 32 195.39 4.29 -9.64
C GLN C 32 194.49 3.09 -9.44
N ALA C 33 193.19 3.29 -9.63
CA ALA C 33 192.19 2.24 -9.48
C ALA C 33 192.21 1.28 -10.67
N GLY C 34 192.13 1.93 -11.83
CA GLY C 34 192.11 1.37 -13.16
C GLY C 34 193.40 0.58 -13.40
N ILE C 35 194.54 1.28 -13.53
CA ILE C 35 195.89 0.91 -13.92
C ILE C 35 196.99 1.54 -13.08
N VAL C 36 198.20 1.59 -13.65
CA VAL C 36 199.35 2.20 -13.02
C VAL C 36 200.01 3.29 -13.86
N SER C 37 199.62 4.53 -13.56
CA SER C 37 199.94 5.68 -14.37
C SER C 37 201.20 6.39 -13.87
N SER C 38 202.22 5.54 -13.75
CA SER C 38 203.45 5.86 -13.06
C SER C 38 204.53 6.19 -14.09
N GLN C 39 204.84 7.48 -14.18
CA GLN C 39 205.79 8.02 -15.12
C GLN C 39 205.48 7.74 -16.58
N SER C 40 204.18 7.89 -16.89
CA SER C 40 203.65 7.84 -18.23
C SER C 40 204.14 8.94 -19.18
N GLY C 41 204.56 8.50 -20.36
CA GLY C 41 204.82 9.38 -21.47
C GLY C 41 203.99 10.64 -21.66
N PRO C 42 202.72 10.35 -21.95
CA PRO C 42 201.76 11.42 -22.12
C PRO C 42 201.42 12.23 -20.87
N ASN C 43 201.38 13.53 -21.17
CA ASN C 43 200.98 14.66 -20.36
C ASN C 43 199.51 14.88 -20.04
N ALA C 44 198.94 13.86 -19.39
CA ALA C 44 197.56 13.86 -18.94
C ALA C 44 196.78 14.95 -18.24
N VAL C 45 197.45 16.10 -18.11
CA VAL C 45 197.18 17.18 -17.19
C VAL C 45 195.81 17.83 -17.11
N GLY C 46 195.23 17.82 -18.32
CA GLY C 46 193.87 18.27 -18.44
C GLY C 46 192.70 17.33 -18.16
N ASP C 47 193.04 16.04 -18.01
CA ASP C 47 191.99 15.05 -17.88
C ASP C 47 191.19 14.98 -16.59
N SER C 48 189.88 14.74 -16.61
CA SER C 48 189.02 14.83 -15.43
C SER C 48 188.14 13.60 -15.30
N ALA C 49 187.77 13.33 -14.04
CA ALA C 49 187.03 12.14 -13.72
C ALA C 49 185.80 12.44 -12.88
N PRO C 50 184.62 11.91 -13.24
CA PRO C 50 183.42 12.21 -12.49
C PRO C 50 183.55 11.93 -11.00
N SER C 51 183.09 12.92 -10.24
CA SER C 51 183.20 13.01 -8.80
C SER C 51 181.97 13.61 -8.13
N SER C 52 181.71 13.20 -6.89
CA SER C 52 180.71 13.80 -6.02
C SER C 52 180.92 15.25 -5.60
N SER C 53 182.08 15.80 -5.95
CA SER C 53 182.40 17.17 -5.61
C SER C 53 181.43 18.05 -6.39
N VAL C 54 181.11 17.73 -7.64
CA VAL C 54 180.22 18.53 -8.46
C VAL C 54 178.93 17.87 -8.92
N ASN C 55 177.92 18.71 -9.17
CA ASN C 55 176.72 18.50 -9.96
C ASN C 55 176.71 18.86 -11.43
N ASN C 56 175.51 18.78 -12.00
CA ASN C 56 175.28 19.09 -13.40
C ASN C 56 175.42 20.54 -13.84
N ASP C 57 175.48 21.38 -12.79
CA ASP C 57 175.69 22.81 -12.86
C ASP C 57 177.03 23.40 -12.47
N GLY C 58 178.04 22.58 -12.17
CA GLY C 58 179.33 23.03 -11.69
C GLY C 58 179.30 23.57 -10.26
N ASP C 59 178.41 22.98 -9.46
CA ASP C 59 178.32 23.46 -8.10
C ASP C 59 178.84 22.41 -7.12
N ILE C 60 179.56 22.89 -6.10
CA ILE C 60 180.11 22.06 -5.05
C ILE C 60 179.16 21.49 -4.02
N ILE C 61 179.01 20.18 -4.18
CA ILE C 61 178.16 19.39 -3.32
C ILE C 61 178.88 19.05 -2.02
N THR C 62 178.53 19.96 -1.10
CA THR C 62 178.72 19.83 0.33
C THR C 62 177.97 18.70 1.02
N ARG C 63 176.70 18.71 0.64
CA ARG C 63 175.76 17.64 0.91
C ARG C 63 174.76 17.49 -0.23
N PRO C 64 174.44 16.30 -0.72
CA PRO C 64 173.63 16.08 -1.90
C PRO C 64 172.56 17.11 -2.25
N THR C 65 172.80 17.86 -3.33
CA THR C 65 172.05 19.06 -3.69
C THR C 65 170.54 19.06 -3.56
N SER C 66 170.02 17.83 -3.67
CA SER C 66 168.63 17.53 -3.44
C SER C 66 168.20 17.76 -2.00
N ASP C 67 169.01 17.18 -1.09
CA ASP C 67 168.81 17.34 0.34
C ASP C 67 168.97 18.74 0.90
N SER C 68 169.81 19.48 0.18
CA SER C 68 169.98 20.89 0.41
C SER C 68 168.79 21.74 0.01
N ILE C 69 168.32 21.37 -1.18
CA ILE C 69 167.14 22.07 -1.65
C ILE C 69 165.87 21.89 -0.83
N ALA C 70 165.65 20.65 -0.38
CA ALA C 70 164.53 20.32 0.47
C ALA C 70 164.64 20.90 1.87
N ALA C 71 165.82 20.84 2.50
CA ALA C 71 166.01 21.59 3.71
C ALA C 71 165.99 23.12 3.68
N VAL C 72 166.51 23.66 2.58
CA VAL C 72 166.31 25.06 2.24
C VAL C 72 164.89 25.56 2.11
N ALA C 73 164.02 24.83 1.38
CA ALA C 73 162.61 25.14 1.38
C ALA C 73 161.94 25.31 2.74
N ASN C 74 162.34 24.50 3.72
CA ASN C 74 161.85 24.69 5.08
C ASN C 74 162.09 26.03 5.75
N ALA C 75 163.05 26.81 5.24
CA ALA C 75 163.35 28.19 5.56
C ALA C 75 162.12 29.09 5.58
N THR C 76 161.27 28.89 4.58
CA THR C 76 160.11 29.67 4.19
C THR C 76 158.82 29.39 4.94
N LYS C 77 158.97 29.09 6.24
CA LYS C 77 157.84 28.86 7.10
C LYS C 77 157.62 29.81 8.27
N PRO C 78 156.54 30.60 8.24
CA PRO C 78 156.18 31.49 9.32
C PRO C 78 155.51 30.73 10.45
N ALA C 79 154.96 31.48 11.41
CA ALA C 79 154.22 30.83 12.48
C ALA C 79 152.83 30.31 12.17
N ALA C 80 152.75 28.98 12.10
CA ALA C 80 151.53 28.36 11.61
C ALA C 80 150.20 29.09 11.75
N VAL C 81 149.61 28.87 12.92
CA VAL C 81 148.34 29.52 13.21
C VAL C 81 148.30 30.24 14.55
N VAL C 82 148.84 31.46 14.49
CA VAL C 82 148.82 32.37 15.61
C VAL C 82 147.82 33.48 15.33
N SER C 83 146.70 33.30 16.01
CA SER C 83 145.65 34.29 16.00
C SER C 83 145.55 35.09 17.30
N ASP C 84 145.58 36.42 17.24
CA ASP C 84 145.83 37.25 18.40
C ASP C 84 144.65 38.09 18.89
N PRO C 85 143.99 38.90 18.06
CA PRO C 85 142.72 39.49 18.44
C PRO C 85 141.65 38.45 18.75
N GLN C 86 140.76 38.82 19.67
CA GLN C 86 139.58 38.11 20.11
C GLN C 86 138.55 38.02 18.98
N SER C 87 138.11 36.80 18.67
CA SER C 87 137.03 36.51 17.75
C SER C 87 135.73 36.14 18.44
N MET C 88 134.67 36.19 17.65
CA MET C 88 133.31 35.83 18.02
C MET C 88 132.80 34.90 16.94
N LYS C 89 133.02 33.60 17.13
CA LYS C 89 132.67 32.50 16.25
C LYS C 89 132.02 31.39 17.06
N VAL C 90 130.70 31.59 17.11
CA VAL C 90 129.85 30.68 17.85
C VAL C 90 129.50 29.38 17.13
N THR C 91 128.66 28.55 17.76
CA THR C 91 128.33 27.22 17.30
C THR C 91 127.00 26.74 17.86
N PRO C 92 126.20 25.98 17.12
CA PRO C 92 125.10 25.15 17.59
C PRO C 92 125.64 24.16 18.62
N ILE C 93 124.80 23.74 19.55
CA ILE C 93 125.13 22.89 20.67
C ILE C 93 125.78 21.54 20.41
N VAL C 94 127.01 21.43 20.92
CA VAL C 94 127.72 20.17 20.84
C VAL C 94 127.74 19.33 22.11
N ASN C 95 126.90 18.30 22.12
CA ASN C 95 126.72 17.26 23.11
C ASN C 95 125.45 16.45 22.85
N PRO C 96 124.22 16.99 22.91
CA PRO C 96 123.05 16.21 22.62
C PRO C 96 122.97 15.86 21.14
N SER C 97 123.02 14.54 20.91
CA SER C 97 122.83 13.94 19.61
C SER C 97 123.16 14.60 18.28
N SER C 98 124.47 14.79 18.12
CA SER C 98 125.10 15.63 17.12
C SER C 98 125.36 15.05 15.75
N TYR C 99 124.53 14.06 15.38
CA TYR C 99 124.39 13.64 14.01
C TYR C 99 123.24 14.45 13.43
N VAL C 100 122.07 14.64 14.05
CA VAL C 100 121.07 15.59 13.60
C VAL C 100 120.77 16.80 14.46
N CYS C 101 121.22 16.52 15.68
CA CYS C 101 121.04 17.31 16.89
C CYS C 101 119.56 17.34 17.26
N ASN C 102 119.28 16.26 17.99
CA ASN C 102 117.93 15.76 18.19
C ASN C 102 117.04 15.56 16.97
N VAL C 103 116.20 14.53 16.97
CA VAL C 103 115.17 14.23 15.99
C VAL C 103 113.80 14.45 16.61
N CYS C 104 113.17 13.31 16.90
CA CYS C 104 111.87 13.09 17.49
C CYS C 104 111.49 13.54 18.88
N ASN C 105 111.98 14.74 19.19
CA ASN C 105 111.66 15.47 20.40
C ASN C 105 112.24 14.95 21.70
N ALA C 106 111.99 13.66 21.88
CA ALA C 106 112.48 12.94 23.04
C ALA C 106 113.97 13.15 23.25
N ARG C 107 114.23 13.29 24.56
CA ARG C 107 115.59 13.43 25.05
C ARG C 107 116.64 12.43 24.61
N PHE C 108 117.78 12.95 24.16
CA PHE C 108 118.87 12.13 23.70
C PHE C 108 120.15 12.33 24.50
N SER C 109 121.02 11.32 24.42
CA SER C 109 122.35 11.39 25.00
C SER C 109 123.52 11.33 24.02
N THR C 110 124.38 10.32 24.15
CA THR C 110 125.40 9.99 23.17
C THR C 110 124.99 10.06 21.71
N MET C 111 125.97 10.23 20.82
CA MET C 111 125.70 10.23 19.39
C MET C 111 125.19 8.91 18.82
N SER C 112 125.78 7.82 19.33
CA SER C 112 125.26 6.47 19.23
C SER C 112 123.79 6.37 19.63
N ALA C 113 123.56 6.93 20.81
CA ALA C 113 122.17 6.88 21.25
C ALA C 113 121.02 7.38 20.38
N LEU C 114 121.38 8.44 19.66
CA LEU C 114 120.53 8.83 18.56
C LEU C 114 120.09 7.85 17.48
N SER C 115 121.09 7.20 16.88
CA SER C 115 120.92 6.04 16.03
C SER C 115 120.15 4.82 16.53
N GLU C 116 120.46 4.64 17.81
CA GLU C 116 119.79 3.63 18.59
C GLU C 116 118.35 3.92 19.02
N HIS C 117 118.03 5.15 19.41
CA HIS C 117 116.68 5.67 19.53
C HIS C 117 115.86 5.78 18.26
N LEU C 118 116.51 6.36 17.24
CA LEU C 118 116.00 6.45 15.89
C LEU C 118 115.37 5.21 15.28
N ARG C 119 116.05 4.13 15.66
CA ARG C 119 115.51 2.82 15.32
C ARG C 119 114.05 2.52 15.65
N SER C 120 113.64 2.90 16.86
CA SER C 120 112.22 2.84 17.17
C SER C 120 111.12 3.64 16.49
N ASP C 121 111.68 4.64 15.80
CA ASP C 121 110.92 5.50 14.92
C ASP C 121 111.01 5.13 13.44
N HIS C 122 111.52 3.93 13.19
CA HIS C 122 111.88 3.30 11.94
C HIS C 122 112.99 4.05 11.22
N ARG C 123 113.07 3.94 9.89
CA ARG C 123 114.17 4.42 9.10
C ARG C 123 115.57 3.87 9.33
N ASP C 124 116.05 4.29 10.51
CA ASP C 124 117.31 3.77 11.01
C ASP C 124 117.34 2.31 11.45
N ASP C 125 117.67 1.52 10.42
CA ASP C 125 117.76 0.08 10.52
C ASP C 125 116.53 -0.65 11.03
N ALA C 126 115.34 -0.17 10.68
CA ALA C 126 114.08 -0.61 11.24
C ALA C 126 112.73 -0.18 10.67
N SER C 127 112.74 -0.06 9.33
CA SER C 127 111.57 0.21 8.53
C SER C 127 111.02 -1.15 8.13
N THR C 128 110.13 -1.63 9.00
CA THR C 128 109.42 -2.90 8.92
C THR C 128 110.08 -4.14 8.36
N LEU C 129 111.18 -4.48 9.05
CA LEU C 129 112.12 -5.47 8.59
C LEU C 129 111.57 -6.89 8.61
N LEU C 130 110.86 -7.15 7.51
CA LEU C 130 110.06 -8.34 7.33
C LEU C 130 109.09 -8.81 8.40
N ALA C 131 109.61 -8.96 9.62
CA ALA C 131 108.93 -9.40 10.83
C ALA C 131 108.96 -8.43 12.00
N THR C 132 108.13 -8.80 13.00
CA THR C 132 107.82 -8.05 14.19
C THR C 132 107.30 -9.01 15.26
N PRO C 133 107.41 -8.63 16.54
CA PRO C 133 106.58 -9.20 17.58
C PRO C 133 105.07 -9.20 17.45
N MET C 134 104.54 -8.70 16.34
CA MET C 134 103.12 -8.56 16.08
C MET C 134 102.38 -7.55 16.94
N ILE C 135 102.06 -8.11 18.10
CA ILE C 135 101.41 -7.40 19.19
C ILE C 135 102.42 -6.83 20.17
N ASN C 136 102.91 -5.69 19.71
CA ASN C 136 103.95 -4.98 20.43
C ASN C 136 103.54 -4.21 21.68
N ASN C 137 104.36 -4.07 22.72
CA ASN C 137 103.95 -3.42 23.95
C ASN C 137 103.74 -1.91 23.90
N ALA C 138 103.35 -1.32 25.03
CA ALA C 138 103.06 0.08 25.28
C ALA C 138 101.83 0.66 24.58
N ILE C 139 101.63 0.22 23.33
CA ILE C 139 100.51 0.75 22.58
C ILE C 139 100.34 2.22 22.18
N ARG C 140 100.24 3.03 23.23
CA ARG C 140 100.11 4.48 23.27
C ARG C 140 101.36 5.14 23.83
N SER C 141 101.90 6.18 23.20
CA SER C 141 103.00 6.93 23.76
C SER C 141 102.80 8.43 23.60
N PHE C 142 102.57 9.04 24.76
CA PHE C 142 102.33 10.45 25.00
C PHE C 142 103.68 11.13 25.08
N LEU C 143 104.05 11.80 23.99
CA LEU C 143 105.33 12.49 23.91
C LEU C 143 105.26 14.01 23.93
N THR C 144 106.30 14.64 24.51
CA THR C 144 106.48 16.07 24.51
C THR C 144 107.76 16.36 25.28
N ALA C 145 108.20 17.61 25.09
CA ALA C 145 109.43 18.10 25.67
C ALA C 145 109.50 17.99 27.18
N TRP C 146 108.36 18.28 27.82
CA TRP C 146 108.18 18.16 29.25
C TRP C 146 107.94 16.80 29.89
N ASP C 147 107.49 15.85 29.07
CA ASP C 147 107.26 14.47 29.44
C ASP C 147 107.28 13.50 28.26
N ASP C 148 108.31 12.66 28.20
CA ASP C 148 108.29 11.51 27.30
C ASP C 148 107.96 10.13 27.81
N ILE C 149 106.70 9.77 27.56
CA ILE C 149 106.00 8.72 28.27
C ILE C 149 105.12 7.72 27.53
N ARG C 150 105.23 6.49 28.04
CA ARG C 150 104.43 5.40 27.51
C ARG C 150 103.54 4.63 28.48
N ILE C 151 102.48 3.97 27.99
CA ILE C 151 101.71 2.99 28.72
C ILE C 151 102.06 1.54 28.43
N LEU C 152 101.18 0.56 28.66
CA LEU C 152 101.34 -0.78 28.13
C LEU C 152 100.11 -1.56 27.68
N SER C 153 100.43 -2.85 27.61
CA SER C 153 99.39 -3.84 27.38
C SER C 153 98.29 -3.91 28.43
N PRO C 154 97.05 -4.27 28.09
CA PRO C 154 95.92 -4.33 28.99
C PRO C 154 95.85 -5.42 30.05
N ASP C 155 97.00 -5.96 30.46
CA ASP C 155 97.03 -6.90 31.56
C ASP C 155 97.69 -6.31 32.79
N VAL C 156 96.77 -6.19 33.76
CA VAL C 156 97.04 -5.63 35.06
C VAL C 156 97.43 -6.67 36.10
N SER C 157 98.75 -6.90 36.06
CA SER C 157 99.32 -7.91 36.93
C SER C 157 99.17 -7.77 38.44
N SER C 158 99.09 -6.48 38.75
CA SER C 158 98.97 -6.00 40.12
C SER C 158 97.55 -5.90 40.64
N LYS C 159 96.78 -6.95 40.33
CA LYS C 159 95.41 -7.02 40.80
C LYS C 159 95.38 -7.67 42.19
N SER C 160 95.89 -6.73 42.98
CA SER C 160 95.95 -6.97 44.41
C SER C 160 95.35 -5.89 45.30
N LEU C 161 94.08 -6.15 45.61
CA LEU C 161 93.30 -5.25 46.42
C LEU C 161 93.05 -3.80 46.03
N SER C 162 93.16 -3.58 44.72
CA SER C 162 93.01 -2.35 43.97
C SER C 162 91.70 -1.60 44.23
N ALA C 163 91.90 -0.29 44.33
CA ALA C 163 90.82 0.66 44.57
C ALA C 163 89.53 0.41 43.82
N TYR C 164 89.71 0.44 42.50
CA TYR C 164 88.73 0.00 41.54
C TYR C 164 88.28 -1.44 41.74
N LEU C 165 87.38 -1.57 42.71
CA LEU C 165 86.81 -2.83 43.17
C LEU C 165 86.05 -3.61 42.12
N ASP C 166 86.34 -4.90 42.19
CA ASP C 166 86.15 -5.84 41.11
C ASP C 166 86.84 -5.72 39.77
N SER C 167 86.09 -5.42 38.71
CA SER C 167 86.73 -5.33 37.41
C SER C 167 86.33 -4.03 36.73
N ALA C 168 87.43 -3.27 36.58
CA ALA C 168 87.64 -2.07 35.81
C ALA C 168 88.59 -2.04 34.62
N VAL C 169 89.37 -3.13 34.58
CA VAL C 169 90.50 -3.26 33.67
C VAL C 169 89.93 -3.58 32.31
N ALA C 170 90.37 -2.87 31.26
CA ALA C 170 89.96 -2.96 29.87
C ALA C 170 90.45 -4.18 29.11
N ASN C 171 89.73 -5.27 29.38
CA ASN C 171 89.79 -6.48 28.58
C ASN C 171 89.48 -6.26 27.11
N GLY C 172 90.55 -5.89 26.42
CA GLY C 172 90.59 -5.84 24.98
C GLY C 172 91.01 -7.09 24.24
N PRO C 173 90.28 -7.50 23.19
CA PRO C 173 90.57 -8.54 22.23
C PRO C 173 91.77 -8.36 21.30
N GLU C 174 92.67 -9.35 21.22
CA GLU C 174 93.69 -9.09 20.22
C GLU C 174 93.29 -9.51 18.81
N LEU C 175 92.76 -8.51 18.11
CA LEU C 175 92.32 -8.67 16.73
C LEU C 175 93.21 -9.04 15.57
N ILE C 176 94.46 -8.88 15.98
CA ILE C 176 95.64 -9.13 15.17
C ILE C 176 96.30 -10.43 15.57
N ILE C 177 95.93 -11.49 14.83
CA ILE C 177 96.44 -12.84 14.88
C ILE C 177 97.04 -13.32 13.56
N GLU C 178 98.37 -13.23 13.49
CA GLU C 178 99.18 -13.67 12.38
C GLU C 178 99.39 -15.15 12.11
N ASP C 179 99.36 -15.60 10.86
CA ASP C 179 99.52 -16.97 10.43
C ASP C 179 100.32 -17.26 9.17
N THR C 180 101.51 -17.80 9.40
CA THR C 180 102.36 -18.54 8.49
C THR C 180 101.93 -19.98 8.25
N GLY C 181 102.30 -20.56 7.10
CA GLY C 181 101.82 -21.89 6.79
C GLY C 181 100.96 -22.03 5.56
N LEU C 182 99.96 -22.90 5.71
CA LEU C 182 98.85 -22.97 4.78
C LEU C 182 97.40 -22.90 5.24
N CYS C 183 96.65 -21.98 4.63
CA CYS C 183 95.26 -21.70 4.92
C CYS C 183 94.43 -22.98 4.78
N THR C 184 94.33 -23.76 5.85
CA THR C 184 93.65 -25.03 5.82
C THR C 184 92.70 -25.22 7.00
N SER C 185 91.65 -25.88 6.51
CA SER C 185 90.48 -26.30 7.25
C SER C 185 90.26 -27.78 7.49
N PHE C 186 90.53 -28.46 6.37
CA PHE C 186 90.33 -29.88 6.13
C PHE C 186 91.65 -30.38 5.56
N MET C 187 91.94 -31.53 6.16
CA MET C 187 92.98 -32.42 5.69
C MET C 187 92.40 -33.45 4.72
N LEU C 188 93.18 -33.51 3.65
CA LEU C 188 93.11 -34.61 2.72
C LEU C 188 93.79 -35.85 3.28
N LEU C 189 93.01 -36.72 3.94
CA LEU C 189 93.51 -37.77 4.79
C LEU C 189 93.38 -39.13 4.13
N ASP C 190 94.55 -39.76 4.25
CA ASP C 190 94.88 -41.04 3.65
C ASP C 190 94.52 -42.08 4.70
N ASN C 191 93.21 -42.31 4.68
CA ASN C 191 92.63 -43.24 5.62
C ASN C 191 93.18 -44.65 5.52
N ILE C 192 93.16 -45.25 4.33
CA ILE C 192 93.60 -46.62 4.24
C ILE C 192 94.76 -46.62 3.27
N PRO C 193 96.00 -46.57 3.76
CA PRO C 193 97.14 -46.58 2.85
C PRO C 193 97.24 -47.81 1.97
N SER C 194 98.03 -47.66 0.91
CA SER C 194 98.23 -48.64 -0.14
C SER C 194 99.18 -49.78 0.16
N ALA C 195 98.59 -50.96 0.41
CA ALA C 195 99.20 -52.20 0.81
C ALA C 195 100.38 -52.91 0.16
N HIS C 196 101.38 -52.06 -0.12
CA HIS C 196 102.63 -52.52 -0.69
C HIS C 196 102.53 -53.02 -2.12
N LEU C 197 103.03 -52.07 -2.92
CA LEU C 197 103.16 -52.36 -4.33
C LEU C 197 104.56 -52.13 -4.86
N THR C 198 104.85 -52.97 -5.86
CA THR C 198 106.09 -53.09 -6.61
C THR C 198 106.24 -52.09 -7.74
N LYS C 199 107.34 -51.33 -7.80
CA LYS C 199 107.53 -50.41 -8.90
C LYS C 199 108.88 -50.45 -9.61
N GLU C 200 108.82 -50.05 -10.87
CA GLU C 200 109.95 -49.84 -11.76
C GLU C 200 110.82 -48.69 -11.30
N LEU C 201 111.27 -47.83 -12.20
CA LEU C 201 112.04 -46.64 -11.89
C LEU C 201 111.33 -45.54 -11.11
N ILE C 202 111.39 -45.65 -9.78
CA ILE C 202 110.91 -44.68 -8.81
C ILE C 202 111.95 -43.64 -8.42
N GLY C 203 111.74 -42.50 -9.08
CA GLY C 203 112.70 -41.43 -9.08
C GLY C 203 113.33 -41.32 -10.46
N PHE C 204 113.67 -40.05 -10.67
CA PHE C 204 114.36 -39.62 -11.88
C PHE C 204 115.86 -39.55 -11.67
N THR C 205 116.43 -40.62 -12.23
CA THR C 205 117.87 -40.81 -12.27
C THR C 205 118.53 -39.70 -13.08
N TRP C 206 118.98 -38.66 -12.38
CA TRP C 206 119.66 -37.65 -13.17
C TRP C 206 121.17 -37.79 -13.03
N PHE C 207 121.80 -38.54 -13.95
CA PHE C 207 123.16 -38.98 -13.75
C PHE C 207 123.72 -39.54 -12.46
N MET C 208 124.61 -38.75 -11.85
CA MET C 208 124.97 -39.07 -10.49
C MET C 208 124.07 -38.62 -9.35
N GLN C 209 122.81 -38.32 -9.69
CA GLN C 209 121.79 -37.89 -8.76
C GLN C 209 120.39 -38.47 -8.84
N MET C 210 119.72 -38.55 -7.68
CA MET C 210 118.35 -39.01 -7.59
C MET C 210 117.37 -37.90 -7.23
N TYR C 211 116.29 -37.79 -8.02
CA TYR C 211 115.21 -36.88 -7.73
C TYR C 211 113.90 -37.56 -7.37
N GLN C 212 113.83 -37.74 -6.06
CA GLN C 212 112.71 -38.46 -5.48
C GLN C 212 111.38 -37.73 -5.43
N MET C 213 110.51 -38.14 -6.35
CA MET C 213 109.19 -37.61 -6.69
C MET C 213 108.11 -37.82 -5.65
N THR C 214 108.23 -37.04 -4.58
CA THR C 214 107.44 -37.12 -3.37
C THR C 214 105.95 -36.92 -3.58
N PRO C 215 105.15 -37.94 -3.27
CA PRO C 215 103.82 -37.97 -3.86
C PRO C 215 102.89 -36.86 -3.39
N PRO C 216 102.42 -36.09 -4.38
CA PRO C 216 101.54 -34.97 -4.15
C PRO C 216 100.14 -35.35 -3.68
N LEU C 217 99.75 -36.56 -4.07
CA LEU C 217 98.50 -37.19 -3.63
C LEU C 217 98.62 -38.28 -2.57
N PRO C 218 97.68 -38.36 -1.62
CA PRO C 218 97.66 -39.51 -0.74
C PRO C 218 97.75 -40.87 -1.41
N GLU C 219 98.84 -41.61 -1.19
CA GLU C 219 99.02 -42.92 -1.80
C GLU C 219 98.57 -44.07 -0.91
N GLY C 220 97.24 -43.97 -0.87
CA GLY C 220 96.26 -44.83 -0.22
C GLY C 220 95.39 -45.59 -1.21
N ALA C 221 94.95 -46.71 -0.62
CA ALA C 221 93.76 -47.37 -1.11
C ALA C 221 92.42 -46.67 -0.89
N VAL C 222 92.40 -46.05 0.30
CA VAL C 222 91.25 -45.26 0.67
C VAL C 222 91.68 -43.93 1.26
N ASN C 223 91.05 -42.90 0.66
CA ASN C 223 91.43 -41.58 1.11
C ASN C 223 90.18 -40.69 1.10
N ARG C 224 90.03 -40.05 2.26
CA ARG C 224 88.86 -39.30 2.70
C ARG C 224 89.10 -37.86 3.11
N ILE C 225 88.25 -36.93 2.71
CA ILE C 225 88.35 -35.57 3.20
C ILE C 225 87.89 -35.62 4.65
N VAL C 226 88.65 -34.93 5.50
CA VAL C 226 88.54 -34.89 6.95
C VAL C 226 88.80 -33.48 7.47
N CYS C 227 87.81 -32.87 8.13
CA CYS C 227 87.93 -31.57 8.76
C CYS C 227 88.86 -31.59 9.97
N MET C 228 89.80 -30.67 9.78
CA MET C 228 90.92 -30.40 10.66
C MET C 228 91.47 -28.99 10.75
N THR C 229 90.82 -28.15 11.55
CA THR C 229 91.06 -26.72 11.50
C THR C 229 92.51 -26.35 11.79
N ASN C 230 93.18 -25.91 10.72
CA ASN C 230 94.57 -25.50 10.80
C ASN C 230 95.60 -26.62 10.89
N TRP C 231 95.31 -27.71 10.19
CA TRP C 231 96.14 -28.89 10.09
C TRP C 231 97.60 -28.66 9.73
N ALA C 232 97.67 -27.82 8.71
CA ALA C 232 98.93 -27.45 8.10
C ALA C 232 99.37 -26.01 8.36
N SER C 233 98.67 -25.34 9.28
CA SER C 233 98.70 -23.92 9.55
C SER C 233 99.54 -23.62 10.79
N LEU C 234 100.83 -23.40 10.54
CA LEU C 234 101.82 -23.15 11.57
C LEU C 234 102.10 -21.65 11.69
N GLY C 235 101.26 -21.05 12.52
CA GLY C 235 101.15 -19.64 12.81
C GLY C 235 101.80 -19.18 14.11
N ASP C 236 101.26 -18.05 14.59
CA ASP C 236 101.70 -17.55 15.88
C ASP C 236 101.64 -18.45 17.11
N GLU C 237 100.68 -19.38 17.09
CA GLU C 237 100.50 -20.34 18.15
C GLU C 237 99.29 -21.19 17.78
N GLY C 238 98.14 -20.51 17.75
CA GLY C 238 96.86 -21.15 17.54
C GLY C 238 95.81 -20.79 18.57
N ARG C 239 94.62 -20.50 18.03
CA ARG C 239 93.43 -20.37 18.85
C ARG C 239 93.05 -21.30 19.98
N GLY C 240 93.52 -22.54 19.83
CA GLY C 240 93.01 -23.66 20.60
C GLY C 240 91.71 -24.35 20.24
N LEU C 241 90.83 -23.48 19.72
CA LEU C 241 89.52 -23.92 19.28
C LEU C 241 89.46 -24.79 18.04
N GLU C 242 90.33 -25.80 17.98
CA GLU C 242 90.59 -26.67 16.85
C GLU C 242 89.58 -27.79 16.69
N VAL C 243 88.86 -27.66 15.57
CA VAL C 243 87.85 -28.65 15.26
C VAL C 243 88.50 -29.84 14.57
N ARG C 244 88.79 -30.84 15.40
CA ARG C 244 89.64 -31.95 15.03
C ARG C 244 88.81 -33.23 14.85
N LEU C 245 88.64 -33.64 13.60
CA LEU C 245 88.06 -34.93 13.30
C LEU C 245 89.00 -36.11 13.11
N PRO C 246 88.73 -37.21 13.82
CA PRO C 246 89.32 -38.49 13.54
C PRO C 246 88.99 -39.03 12.16
N PRO C 247 89.72 -39.98 11.58
CA PRO C 247 89.28 -40.74 10.43
C PRO C 247 88.03 -41.57 10.65
N PRO C 248 87.12 -41.64 9.68
CA PRO C 248 85.83 -42.31 9.82
C PRO C 248 85.76 -43.66 10.50
N THR C 249 86.85 -44.40 10.26
CA THR C 249 87.20 -45.63 10.93
C THR C 249 87.16 -45.66 12.45
N ASP C 250 87.53 -44.53 13.07
CA ASP C 250 87.48 -44.30 14.49
C ASP C 250 86.22 -43.51 14.81
N SER C 251 85.74 -43.81 16.02
CA SER C 251 84.61 -43.18 16.65
C SER C 251 84.57 -41.66 16.85
N SER C 252 84.04 -40.96 15.84
CA SER C 252 83.94 -39.51 15.80
C SER C 252 83.05 -38.76 16.77
N VAL C 253 82.39 -39.51 17.66
CA VAL C 253 81.44 -39.18 18.70
C VAL C 253 81.79 -38.16 19.77
N HIS C 254 83.07 -38.21 20.15
CA HIS C 254 83.76 -37.18 20.89
C HIS C 254 83.38 -35.74 20.58
N ALA C 255 83.48 -35.44 19.28
CA ALA C 255 83.18 -34.15 18.68
C ALA C 255 81.81 -33.57 18.97
N TYR C 256 80.92 -34.54 19.16
CA TYR C 256 79.54 -34.25 19.47
C TYR C 256 79.03 -34.23 20.91
N LYS C 257 79.88 -34.49 21.90
CA LYS C 257 79.56 -34.59 23.30
C LYS C 257 79.64 -33.30 24.12
N THR C 258 79.04 -32.30 23.46
CA THR C 258 79.10 -30.91 23.87
C THR C 258 78.01 -30.34 24.77
N VAL C 259 76.77 -30.59 24.33
CA VAL C 259 75.57 -29.93 24.82
C VAL C 259 74.81 -30.72 25.86
N LEU C 260 73.77 -31.45 25.46
CA LEU C 260 72.89 -32.04 26.45
C LEU C 260 73.42 -33.18 27.30
N SER C 261 74.56 -33.77 26.88
CA SER C 261 75.30 -34.83 27.50
C SER C 261 75.71 -34.84 28.96
N ARG C 262 75.59 -33.70 29.65
CA ARG C 262 75.69 -33.58 31.09
C ARG C 262 75.22 -34.74 31.97
N GLY C 263 74.03 -35.15 31.52
CA GLY C 263 73.34 -36.20 32.26
C GLY C 263 73.76 -37.60 31.88
N TYR C 264 73.62 -37.83 30.57
CA TYR C 264 73.95 -39.16 30.09
C TYR C 264 75.41 -39.51 29.79
N ILE C 265 76.16 -40.06 30.75
CA ILE C 265 77.55 -40.39 30.54
C ILE C 265 78.02 -41.52 29.63
N ASP C 266 77.09 -41.77 28.72
CA ASP C 266 77.21 -42.61 27.54
C ASP C 266 78.22 -42.19 26.47
N ASN C 267 79.46 -42.62 26.67
CA ASN C 267 80.55 -42.23 25.80
C ASN C 267 80.34 -42.68 24.37
N ALA C 268 79.91 -43.93 24.20
CA ALA C 268 79.25 -44.39 22.99
C ALA C 268 77.75 -44.13 23.06
N GLN C 269 77.50 -43.04 22.33
CA GLN C 269 76.22 -42.44 22.04
C GLN C 269 76.18 -40.93 22.08
N PHE C 270 75.47 -40.42 21.07
CA PHE C 270 75.09 -39.03 21.04
C PHE C 270 73.58 -38.85 21.21
N ASN C 271 73.11 -37.81 21.89
CA ASN C 271 71.69 -37.54 21.92
C ASN C 271 71.25 -36.94 20.59
N PRO C 272 70.40 -37.61 19.81
CA PRO C 272 69.99 -37.19 18.48
C PRO C 272 69.15 -35.92 18.32
N LEU C 273 68.29 -35.80 19.34
CA LEU C 273 67.42 -34.65 19.47
C LEU C 273 68.07 -33.29 19.72
N ALA C 274 69.30 -33.35 20.25
CA ALA C 274 70.25 -32.27 20.39
C ALA C 274 71.39 -32.07 19.39
N LEU C 275 71.23 -32.81 18.30
CA LEU C 275 72.13 -32.77 17.16
C LEU C 275 72.36 -31.38 16.58
N ARG C 276 71.30 -30.70 16.14
CA ARG C 276 71.31 -29.33 15.68
C ARG C 276 72.08 -28.37 16.58
N SER C 277 71.76 -28.52 17.87
CA SER C 277 72.56 -27.94 18.93
C SER C 277 74.05 -28.15 18.78
N ASN C 278 74.45 -29.41 19.01
CA ASN C 278 75.78 -29.93 18.81
C ASN C 278 76.49 -29.30 17.63
N VAL C 279 75.91 -29.53 16.45
CA VAL C 279 76.43 -28.95 15.23
C VAL C 279 76.56 -27.44 15.13
N LEU C 280 75.70 -26.69 15.82
CA LEU C 280 75.79 -25.24 15.76
C LEU C 280 76.95 -24.50 16.40
N LEU C 281 77.20 -25.14 17.56
CA LEU C 281 78.39 -24.72 18.26
C LEU C 281 79.75 -25.20 17.76
N MET C 282 79.65 -26.38 17.14
CA MET C 282 80.78 -26.88 16.39
C MET C 282 81.28 -26.04 15.22
N LEU C 283 80.24 -25.61 14.50
CA LEU C 283 80.44 -24.68 13.40
C LEU C 283 80.99 -23.31 13.76
N LEU C 284 80.49 -22.91 14.94
CA LEU C 284 80.94 -21.68 15.56
C LEU C 284 82.43 -21.66 15.85
N GLN C 285 82.82 -22.81 16.40
CA GLN C 285 84.20 -23.15 16.70
C GLN C 285 85.18 -23.32 15.54
N PHE C 286 84.64 -23.91 14.47
CA PHE C 286 85.32 -23.90 13.20
C PHE C 286 85.63 -22.57 12.52
N THR C 287 84.65 -21.68 12.72
CA THR C 287 84.72 -20.26 12.40
C THR C 287 85.75 -19.56 13.28
N LEU C 288 85.49 -19.72 14.58
CA LEU C 288 86.46 -19.13 15.49
C LEU C 288 87.92 -19.54 15.39
N SER C 289 88.18 -20.85 15.32
CA SER C 289 89.52 -21.32 15.00
C SER C 289 90.25 -21.04 13.69
N ASN C 290 89.48 -20.39 12.83
CA ASN C 290 89.96 -20.06 11.51
C ASN C 290 90.12 -18.60 11.12
N LEU C 291 89.75 -17.80 12.12
CA LEU C 291 89.98 -16.37 12.06
C LEU C 291 91.35 -15.71 12.22
N LYS C 292 92.11 -15.78 11.12
CA LYS C 292 93.51 -15.39 11.14
C LYS C 292 93.98 -14.59 9.93
N ILE C 293 94.80 -13.60 10.31
CA ILE C 293 95.41 -12.81 9.27
C ILE C 293 96.53 -13.57 8.56
N ASN C 294 96.20 -14.25 7.46
CA ASN C 294 97.13 -15.05 6.69
C ASN C 294 98.27 -14.28 6.05
N LYS C 295 99.38 -14.29 6.81
CA LYS C 295 100.49 -13.38 6.64
C LYS C 295 101.19 -13.52 5.30
N SER C 296 101.74 -12.35 4.94
CA SER C 296 102.52 -12.18 3.74
C SER C 296 103.87 -12.87 3.90
N SER C 297 104.17 -13.34 2.70
CA SER C 297 104.99 -14.53 2.51
C SER C 297 106.16 -13.79 1.87
N THR C 298 107.33 -14.43 1.94
CA THR C 298 108.47 -14.62 1.07
C THR C 298 108.48 -15.64 -0.07
N PHE C 299 108.61 -15.28 -1.34
CA PHE C 299 108.44 -16.19 -2.45
C PHE C 299 109.77 -16.38 -3.18
N THR C 300 110.14 -17.58 -3.59
CA THR C 300 111.34 -17.79 -4.38
C THR C 300 111.04 -18.41 -5.74
N SER C 301 112.09 -18.43 -6.57
CA SER C 301 112.22 -19.22 -7.78
C SER C 301 112.45 -20.70 -7.50
N ASP C 302 112.04 -21.45 -8.53
CA ASP C 302 112.16 -22.89 -8.45
C ASP C 302 113.59 -23.36 -8.72
N VAL C 303 114.37 -23.24 -7.65
CA VAL C 303 115.73 -23.74 -7.62
C VAL C 303 116.14 -25.17 -7.97
N THR C 304 115.11 -26.02 -7.88
CA THR C 304 115.42 -27.42 -8.03
C THR C 304 115.53 -27.73 -9.53
N THR C 305 116.55 -28.51 -9.87
CA THR C 305 116.92 -28.82 -11.23
C THR C 305 116.00 -29.69 -12.09
N ILE C 306 114.71 -29.36 -11.96
CA ILE C 306 113.59 -29.99 -12.63
C ILE C 306 113.26 -28.99 -13.74
N THR C 307 112.25 -28.14 -13.54
CA THR C 307 111.90 -27.00 -14.38
C THR C 307 111.95 -25.64 -13.70
N SER C 308 113.17 -25.11 -13.62
CA SER C 308 113.40 -23.87 -12.91
C SER C 308 112.70 -22.68 -13.54
N GLY C 309 112.35 -21.81 -12.59
CA GLY C 309 111.47 -20.67 -12.67
C GLY C 309 110.48 -20.32 -11.56
N ARG C 310 109.41 -21.12 -11.58
CA ARG C 310 108.23 -20.88 -10.77
C ARG C 310 108.47 -20.36 -9.36
N MET C 311 107.55 -19.47 -8.97
CA MET C 311 107.63 -18.77 -7.71
C MET C 311 106.76 -19.40 -6.62
N ILE C 312 107.52 -19.94 -5.66
CA ILE C 312 107.02 -20.82 -4.63
C ILE C 312 107.14 -20.26 -3.22
N ARG C 313 106.16 -20.64 -2.39
CA ARG C 313 106.20 -20.27 -0.99
C ARG C 313 107.43 -20.81 -0.25
N ALA C 314 108.02 -19.91 0.53
CA ALA C 314 109.03 -20.31 1.49
C ALA C 314 108.37 -20.68 2.82
N PHE C 315 107.86 -21.91 2.88
CA PHE C 315 107.14 -22.53 3.98
C PHE C 315 107.72 -22.22 5.35
N GLU C 316 106.77 -22.11 6.28
CA GLU C 316 107.03 -21.82 7.68
C GLU C 316 108.07 -22.74 8.29
N GLY C 317 109.26 -22.18 8.52
CA GLY C 317 110.38 -22.88 9.10
C GLY C 317 111.07 -23.85 8.14
N ARG C 318 110.58 -25.10 8.21
CA ARG C 318 111.04 -26.05 7.23
C ARG C 318 110.20 -26.30 6.00
N PRO C 319 110.71 -26.69 4.83
CA PRO C 319 109.97 -27.07 3.64
C PRO C 319 109.34 -28.44 3.72
N GLU C 320 108.20 -28.49 4.42
CA GLU C 320 107.57 -29.75 4.80
C GLU C 320 106.63 -30.35 3.76
N LEU C 321 105.36 -29.96 3.92
CA LEU C 321 104.33 -30.26 2.94
C LEU C 321 104.30 -29.67 1.54
N LEU C 322 105.47 -29.54 0.91
CA LEU C 322 105.54 -29.06 -0.45
C LEU C 322 104.85 -29.79 -1.59
N ALA C 323 104.89 -31.12 -1.56
CA ALA C 323 104.16 -31.92 -2.53
C ALA C 323 102.68 -31.60 -2.55
N LEU C 324 102.10 -31.36 -1.37
CA LEU C 324 100.70 -31.06 -1.17
C LEU C 324 100.32 -29.61 -1.45
N ALA C 325 101.23 -28.74 -1.00
CA ALA C 325 101.18 -27.32 -1.32
C ALA C 325 101.06 -26.91 -2.78
N TYR C 326 101.81 -27.72 -3.53
CA TYR C 326 102.09 -27.54 -4.93
C TYR C 326 102.18 -28.90 -5.61
N PRO C 327 101.01 -29.36 -6.06
CA PRO C 327 100.90 -30.54 -6.91
C PRO C 327 101.88 -30.67 -8.07
N GLY C 328 102.12 -29.49 -8.66
CA GLY C 328 102.96 -29.31 -9.83
C GLY C 328 104.47 -29.50 -9.74
N ARG C 329 104.93 -29.48 -8.49
CA ARG C 329 106.30 -29.77 -8.16
C ARG C 329 106.73 -31.21 -8.38
N ALA C 330 105.74 -32.10 -8.44
CA ALA C 330 105.95 -33.49 -8.73
C ALA C 330 106.05 -33.77 -10.22
N VAL C 331 107.21 -34.22 -10.70
CA VAL C 331 107.56 -34.22 -12.11
C VAL C 331 106.62 -34.92 -13.07
N LEU C 332 106.89 -36.19 -13.32
CA LEU C 332 106.08 -37.13 -14.10
C LEU C 332 106.36 -38.61 -13.90
N PRO C 333 105.60 -39.30 -13.05
CA PRO C 333 106.04 -40.61 -12.61
C PRO C 333 105.77 -41.70 -13.62
N THR C 334 104.64 -42.40 -13.53
CA THR C 334 104.23 -43.54 -14.33
C THR C 334 102.84 -43.36 -14.91
N GLN C 335 102.07 -44.45 -14.97
CA GLN C 335 100.72 -44.49 -15.52
C GLN C 335 99.73 -45.00 -14.49
N THR C 336 99.39 -44.04 -13.63
CA THR C 336 98.57 -44.29 -12.46
C THR C 336 97.34 -43.41 -12.33
N LYS C 337 96.50 -43.61 -11.31
CA LYS C 337 95.50 -42.61 -11.01
C LYS C 337 95.90 -41.23 -10.54
N ASN C 338 96.98 -41.37 -9.77
CA ASN C 338 97.69 -40.16 -9.44
C ASN C 338 98.19 -39.33 -10.62
N ALA C 339 98.98 -40.08 -11.39
CA ALA C 339 99.38 -39.52 -12.67
C ALA C 339 98.36 -39.00 -13.68
N GLN C 340 97.23 -39.72 -13.74
CA GLN C 340 96.16 -39.24 -14.57
C GLN C 340 95.55 -37.89 -14.24
N PHE C 341 95.48 -37.62 -12.94
CA PHE C 341 95.24 -36.30 -12.39
C PHE C 341 96.27 -35.24 -12.78
N LEU C 342 97.53 -35.62 -12.58
CA LEU C 342 98.57 -34.66 -12.92
C LEU C 342 98.61 -34.32 -14.40
N SER C 343 98.48 -35.41 -15.15
CA SER C 343 98.24 -35.27 -16.58
C SER C 343 97.23 -34.26 -17.10
N THR C 344 96.06 -34.35 -16.46
CA THR C 344 95.00 -33.38 -16.67
C THR C 344 95.13 -31.91 -16.29
N ALA C 345 96.08 -31.57 -15.41
CA ALA C 345 96.32 -30.26 -14.88
C ALA C 345 97.45 -29.58 -15.65
N ILE C 346 97.47 -28.24 -15.63
CA ILE C 346 98.51 -27.44 -16.24
C ILE C 346 99.40 -26.88 -15.13
N ALA C 347 100.68 -26.82 -15.49
CA ALA C 347 101.75 -26.42 -14.60
C ALA C 347 101.69 -25.02 -14.00
N ASP C 348 101.39 -24.06 -14.88
CA ASP C 348 101.27 -22.63 -14.67
C ASP C 348 100.64 -22.17 -13.35
N ARG C 349 99.62 -22.94 -13.02
CA ARG C 349 98.86 -22.61 -11.83
C ARG C 349 99.47 -22.64 -10.44
N ILE C 350 100.44 -23.54 -10.33
CA ILE C 350 101.17 -23.55 -9.08
C ILE C 350 102.17 -22.45 -8.76
N GLY C 351 101.58 -21.52 -8.01
CA GLY C 351 102.49 -20.61 -7.35
C GLY C 351 102.05 -19.15 -7.28
N ARG C 352 103.00 -18.34 -6.81
CA ARG C 352 102.88 -16.90 -6.93
C ARG C 352 102.76 -16.30 -8.33
N LEU C 353 101.62 -15.68 -8.63
CA LEU C 353 101.13 -15.22 -9.92
C LEU C 353 101.18 -13.71 -10.08
N ASP C 354 101.16 -13.01 -8.95
CA ASP C 354 101.04 -11.57 -8.87
C ASP C 354 101.20 -11.05 -7.44
N ARG C 355 102.20 -10.21 -7.24
CA ARG C 355 102.48 -9.79 -5.87
C ARG C 355 102.39 -8.26 -5.81
N ALA C 356 101.61 -7.70 -4.88
CA ALA C 356 101.62 -6.25 -4.78
C ALA C 356 103.00 -5.63 -4.79
N ASN C 357 103.34 -5.27 -6.03
CA ASN C 357 104.65 -4.74 -6.32
C ASN C 357 105.11 -3.39 -5.79
N LEU C 358 104.23 -2.39 -5.75
CA LEU C 358 104.16 -1.01 -5.30
C LEU C 358 104.32 -0.98 -3.78
N ILE C 359 105.41 -1.43 -3.16
CA ILE C 359 105.57 -1.52 -1.72
C ILE C 359 106.66 -0.55 -1.31
N GLY C 360 106.24 0.50 -0.60
CA GLY C 360 107.20 1.32 0.12
C GLY C 360 108.33 0.50 0.72
N GLY C 361 109.38 0.16 -0.04
CA GLY C 361 110.34 -0.83 0.42
C GLY C 361 109.96 -2.27 0.11
N GLU C 362 109.36 -2.94 1.09
CA GLU C 362 108.63 -4.13 0.68
C GLU C 362 107.48 -4.68 1.51
N VAL C 363 106.77 -3.66 2.01
CA VAL C 363 105.55 -3.85 2.75
C VAL C 363 104.42 -4.21 1.80
N SER C 364 104.08 -5.50 1.64
CA SER C 364 103.01 -5.83 0.73
C SER C 364 101.66 -5.69 1.42
N ALA C 365 100.74 -5.30 0.55
CA ALA C 365 99.33 -5.36 0.87
C ALA C 365 98.66 -6.72 0.69
N MET C 366 99.02 -7.41 -0.39
CA MET C 366 98.75 -8.80 -0.72
C MET C 366 99.73 -9.42 -1.70
N VAL C 367 99.96 -10.71 -1.43
CA VAL C 367 100.66 -11.47 -2.43
C VAL C 367 99.51 -12.31 -2.98
N GLU C 368 99.31 -12.39 -4.29
CA GLU C 368 98.39 -13.27 -4.99
C GLU C 368 99.21 -14.43 -5.54
N CYS C 369 99.11 -15.47 -4.70
CA CYS C 369 99.78 -16.72 -5.01
C CYS C 369 98.80 -17.87 -4.87
N MET C 370 98.63 -18.78 -5.82
CA MET C 370 97.70 -19.91 -5.74
C MET C 370 98.42 -21.08 -5.07
N GLU C 371 97.68 -21.57 -4.06
CA GLU C 371 98.26 -22.65 -3.30
C GLU C 371 97.23 -23.64 -2.77
N LEU C 372 97.71 -24.62 -2.01
CA LEU C 372 96.75 -25.46 -1.32
C LEU C 372 96.16 -24.68 -0.15
N CYS C 373 94.86 -24.45 -0.36
CA CYS C 373 94.05 -23.70 0.58
C CYS C 373 92.58 -24.04 0.35
N ASP C 374 91.71 -23.87 1.34
CA ASP C 374 90.29 -24.12 1.29
C ASP C 374 89.33 -22.97 1.03
N ALA C 375 88.70 -23.03 -0.15
CA ALA C 375 87.93 -21.88 -0.56
C ALA C 375 87.03 -21.16 0.45
N LEU C 376 86.40 -22.02 1.25
CA LEU C 376 85.63 -21.60 2.39
C LEU C 376 86.33 -20.76 3.45
N THR C 377 87.36 -21.34 4.06
CA THR C 377 88.25 -20.77 5.06
C THR C 377 88.74 -19.42 4.56
N LEU C 378 89.24 -19.51 3.32
CA LEU C 378 89.71 -18.36 2.60
C LEU C 378 88.76 -17.17 2.59
N HIS C 379 87.58 -17.47 2.02
CA HIS C 379 86.48 -16.53 2.12
C HIS C 379 85.95 -15.94 3.42
N ILE C 380 86.15 -16.80 4.42
CA ILE C 380 86.01 -16.44 5.82
C ILE C 380 86.97 -15.36 6.27
N ARG C 381 88.25 -15.70 6.11
CA ARG C 381 89.31 -14.79 6.49
C ARG C 381 89.29 -13.46 5.74
N GLU C 382 89.06 -13.48 4.43
CA GLU C 382 88.83 -12.28 3.66
C GLU C 382 87.77 -11.31 4.18
N THR C 383 86.62 -11.83 4.61
CA THR C 383 85.60 -11.05 5.29
C THR C 383 85.96 -10.61 6.70
N TYR C 384 86.74 -11.43 7.40
CA TYR C 384 87.37 -10.97 8.63
C TYR C 384 88.29 -9.78 8.45
N ILE C 385 89.17 -9.83 7.44
CA ILE C 385 90.15 -8.80 7.16
C ILE C 385 89.55 -7.52 6.57
N MET C 386 88.51 -7.66 5.77
CA MET C 386 87.54 -6.59 5.57
C MET C 386 86.96 -5.83 6.75
N LEU C 387 86.59 -6.65 7.72
CA LEU C 387 86.10 -6.07 8.95
C LEU C 387 87.12 -5.15 9.61
N LEU C 388 88.30 -5.75 9.74
CA LEU C 388 89.44 -5.04 10.30
C LEU C 388 89.80 -3.72 9.63
N ARG C 389 89.88 -3.82 8.31
CA ARG C 389 90.28 -2.69 7.50
C ARG C 389 89.30 -1.54 7.68
N SER C 390 88.01 -1.87 7.65
CA SER C 390 86.98 -0.86 7.81
C SER C 390 87.05 0.02 9.04
N MET C 391 87.44 -0.64 10.13
CA MET C 391 87.93 -0.11 11.38
C MET C 391 89.17 0.78 11.46
N HIS C 392 89.86 0.96 10.34
CA HIS C 392 91.00 1.83 10.17
C HIS C 392 90.85 3.33 10.38
N GLN C 393 91.34 3.72 11.56
CA GLN C 393 91.51 5.11 11.89
C GLN C 393 92.88 5.66 11.49
N ASP C 394 92.86 6.93 11.07
CA ASP C 394 94.10 7.67 10.90
C ASP C 394 94.47 8.52 12.10
N PRO C 395 95.74 8.61 12.50
CA PRO C 395 96.15 9.44 13.61
C PRO C 395 95.80 10.92 13.49
N THR C 396 95.72 11.43 12.26
CA THR C 396 95.14 12.72 11.96
C THR C 396 93.80 13.02 12.63
N GLN C 397 92.82 12.17 12.34
CA GLN C 397 91.52 12.22 12.97
C GLN C 397 91.57 12.34 14.49
N ILE C 398 92.46 11.46 14.98
CA ILE C 398 92.64 11.33 16.40
C ILE C 398 93.05 12.64 17.07
N VAL C 399 94.00 13.36 16.47
CA VAL C 399 94.39 14.72 16.82
C VAL C 399 93.19 15.60 17.14
N GLN C 400 92.47 15.81 16.04
CA GLN C 400 91.29 16.66 15.99
C GLN C 400 90.21 16.36 17.01
N ILE C 401 89.95 15.07 17.09
CA ILE C 401 89.16 14.39 18.11
C ILE C 401 89.50 14.89 19.50
N VAL C 402 90.68 14.44 19.93
CA VAL C 402 91.18 14.59 21.28
C VAL C 402 91.27 16.05 21.73
N ASN C 403 91.87 16.80 20.82
CA ASN C 403 91.91 18.25 20.90
C ASN C 403 90.61 19.00 21.16
N GLU C 404 89.62 18.67 20.33
CA GLU C 404 88.27 19.16 20.43
C GLU C 404 87.66 18.83 21.78
N CYS C 405 87.73 17.56 22.19
CA CYS C 405 87.45 17.08 23.53
C CYS C 405 88.06 17.79 24.74
N ALA C 406 89.31 18.19 24.56
CA ALA C 406 90.01 18.98 25.56
C ALA C 406 89.57 20.42 25.75
N ASN C 407 88.54 20.84 25.00
CA ASN C 407 87.99 22.18 25.05
C ASN C 407 88.92 23.33 24.67
N ASN C 408 89.84 22.88 23.83
CA ASN C 408 90.93 23.68 23.31
C ASN C 408 92.24 23.81 24.08
N LEU C 409 92.25 23.14 25.23
CA LEU C 409 93.43 23.17 26.07
C LEU C 409 94.72 22.60 25.51
N LEU C 410 94.54 21.49 24.78
CA LEU C 410 95.65 20.72 24.29
C LEU C 410 95.52 20.51 22.78
N ASN C 411 96.73 20.43 22.23
CA ASN C 411 96.95 19.96 20.88
C ASN C 411 97.91 18.77 20.93
N SER C 412 97.37 17.62 20.55
CA SER C 412 98.15 16.42 20.39
C SER C 412 98.58 16.11 18.96
N THR C 413 99.29 17.09 18.39
CA THR C 413 100.09 16.91 17.19
C THR C 413 100.82 15.58 17.12
N ILE C 414 100.44 14.83 16.08
CA ILE C 414 100.94 13.52 15.75
C ILE C 414 101.71 13.53 14.44
N PRO C 415 103.04 13.41 14.50
CA PRO C 415 103.68 13.08 13.24
C PRO C 415 103.28 11.71 12.72
N ILE C 416 103.32 11.65 11.39
CA ILE C 416 103.04 10.47 10.60
C ILE C 416 103.79 10.47 9.28
N SER C 417 104.12 9.28 8.77
CA SER C 417 104.78 9.10 7.50
C SER C 417 103.85 8.48 6.47
N LEU C 418 104.27 8.65 5.21
CA LEU C 418 103.56 8.21 4.04
C LEU C 418 103.69 6.70 3.82
N ARG C 419 102.94 5.95 4.62
CA ARG C 419 102.81 4.51 4.71
C ARG C 419 101.41 3.90 4.74
N PRO C 420 101.02 3.43 3.56
CA PRO C 420 99.72 2.85 3.28
C PRO C 420 99.40 1.50 3.92
N THR C 421 100.47 0.90 4.43
CA THR C 421 100.46 -0.39 5.09
C THR C 421 100.32 -0.28 6.59
N ILE C 422 99.69 0.80 7.04
CA ILE C 422 99.27 0.87 8.43
C ILE C 422 97.86 0.38 8.69
N LEU C 423 97.67 -0.27 9.86
CA LEU C 423 96.40 -0.80 10.29
C LEU C 423 96.08 -0.42 11.73
N CYS C 424 95.09 0.46 11.84
CA CYS C 424 94.39 0.98 12.99
C CYS C 424 92.95 0.62 13.29
N PRO C 425 92.62 -0.61 13.66
CA PRO C 425 91.27 -0.98 14.07
C PRO C 425 90.54 -0.48 15.30
N TRP C 426 89.99 0.72 15.11
CA TRP C 426 89.32 1.48 16.15
C TRP C 426 87.92 2.02 15.89
N PHE C 427 87.58 2.36 14.65
CA PHE C 427 86.33 3.04 14.42
C PHE C 427 85.04 2.23 14.51
N ALA C 428 84.16 2.89 15.26
CA ALA C 428 82.84 2.39 15.61
C ALA C 428 81.64 3.27 15.32
N SER C 429 80.47 2.62 15.36
CA SER C 429 79.20 3.31 15.34
C SER C 429 78.61 3.46 16.74
N SER C 430 77.93 4.59 16.88
CA SER C 430 77.18 4.95 18.07
C SER C 430 76.20 3.91 18.57
N GLU C 431 75.76 3.23 17.51
CA GLU C 431 74.86 2.09 17.64
C GLU C 431 75.46 0.99 18.50
N ASP C 432 76.76 0.73 18.29
CA ASP C 432 77.56 -0.34 18.87
C ASP C 432 77.73 -0.02 20.35
N LEU C 433 77.97 1.24 20.71
CA LEU C 433 78.28 1.70 22.05
C LEU C 433 77.05 1.78 22.94
N ARG C 434 75.98 2.19 22.25
CA ARG C 434 74.68 2.21 22.88
C ARG C 434 74.24 0.82 23.33
N LEU C 435 74.32 -0.12 22.40
CA LEU C 435 73.99 -1.50 22.69
C LEU C 435 74.88 -2.19 23.71
N GLN C 436 76.16 -1.81 23.71
CA GLN C 436 77.10 -2.32 24.69
C GLN C 436 76.83 -1.80 26.09
N GLN C 437 76.54 -0.50 26.14
CA GLN C 437 76.23 0.17 27.38
C GLN C 437 74.85 -0.17 27.95
N VAL C 438 73.97 -0.65 27.08
CA VAL C 438 72.71 -1.30 27.41
C VAL C 438 73.00 -2.48 28.33
N MET C 439 73.87 -3.40 27.92
CA MET C 439 74.44 -4.48 28.69
C MET C 439 74.92 -4.12 30.10
N HIS C 440 75.73 -3.06 30.11
CA HIS C 440 76.31 -2.49 31.31
C HIS C 440 75.45 -1.91 32.42
N LEU C 441 74.27 -1.54 31.90
CA LEU C 441 73.14 -1.03 32.65
C LEU C 441 72.37 -2.21 33.23
N VAL C 442 72.07 -3.14 32.33
CA VAL C 442 71.58 -4.43 32.77
C VAL C 442 72.45 -5.16 33.79
N ASN C 443 73.75 -4.93 33.64
CA ASN C 443 74.82 -5.50 34.43
C ASN C 443 74.76 -5.18 35.92
N ILE C 444 74.27 -3.96 36.12
CA ILE C 444 74.00 -3.40 37.43
C ILE C 444 73.00 -4.18 38.25
N SER C 445 71.81 -4.50 37.72
CA SER C 445 70.68 -5.12 38.36
C SER C 445 70.56 -5.14 39.89
N SER C 446 70.40 -3.91 40.35
CA SER C 446 70.16 -3.56 41.74
C SER C 446 71.19 -4.10 42.72
N ASN C 447 72.39 -4.22 42.14
CA ASN C 447 73.58 -4.56 42.90
C ASN C 447 74.54 -3.37 42.83
N THR C 448 74.58 -2.66 43.96
CA THR C 448 75.37 -1.48 44.22
C THR C 448 76.86 -1.67 44.03
N ALA C 449 77.33 -2.91 44.22
CA ALA C 449 78.71 -3.28 44.02
C ALA C 449 79.20 -3.05 42.60
N ALA C 450 78.30 -3.14 41.62
CA ALA C 450 78.68 -2.61 40.33
C ALA C 450 78.97 -1.11 40.19
N ALA C 451 78.11 -0.42 40.94
CA ALA C 451 77.94 1.01 40.86
C ALA C 451 79.07 1.84 41.43
N LEU C 452 79.51 1.30 42.57
CA LEU C 452 80.44 1.97 43.46
C LEU C 452 81.83 2.24 42.92
N PRO C 453 82.58 1.30 42.33
CA PRO C 453 83.82 1.50 41.61
C PRO C 453 83.78 2.61 40.57
N LEU C 454 82.68 2.64 39.81
CA LEU C 454 82.35 3.66 38.83
C LEU C 454 82.28 5.08 39.37
N VAL C 455 81.60 5.14 40.51
CA VAL C 455 81.48 6.38 41.25
C VAL C 455 82.70 6.95 41.98
N GLU C 456 83.25 6.08 42.81
CA GLU C 456 84.55 6.24 43.43
C GLU C 456 85.61 6.63 42.41
N ALA C 457 85.69 5.90 41.29
CA ALA C 457 86.71 6.09 40.27
C ALA C 457 86.72 7.54 39.80
N LEU C 458 85.57 7.86 39.22
CA LEU C 458 85.42 9.22 38.71
C LEU C 458 85.63 10.38 39.66
N SER C 459 85.08 10.13 40.85
CA SER C 459 85.27 11.08 41.93
C SER C 459 86.65 11.29 42.53
N THR C 460 87.42 10.21 42.56
CA THR C 460 88.87 10.18 42.75
C THR C 460 89.72 10.91 41.73
N LEU C 461 89.55 10.47 40.49
CA LEU C 461 90.20 11.20 39.42
C LEU C 461 89.91 12.70 39.35
N LEU C 462 88.62 13.00 39.25
CA LEU C 462 88.19 14.38 39.26
C LEU C 462 88.73 15.15 40.45
N ARG C 463 88.84 14.54 41.65
CA ARG C 463 89.48 15.20 42.77
C ARG C 463 90.81 15.87 42.41
N SER C 464 91.68 14.94 42.02
CA SER C 464 93.03 15.20 41.52
C SER C 464 93.16 16.29 40.47
N VAL C 465 92.27 16.22 39.48
CA VAL C 465 91.98 17.15 38.39
C VAL C 465 91.59 18.58 38.75
N THR C 466 90.94 18.66 39.91
CA THR C 466 90.32 19.89 40.38
C THR C 466 91.23 20.81 41.18
N PRO C 467 91.66 21.96 40.66
CA PRO C 467 92.36 23.03 41.34
C PRO C 467 91.55 23.91 42.30
N LEU C 468 91.44 23.29 43.48
CA LEU C 468 90.55 23.83 44.50
C LEU C 468 91.22 23.86 45.86
N VAL C 469 90.89 24.85 46.70
CA VAL C 469 91.22 24.76 48.11
C VAL C 469 89.98 24.81 48.97
N LEU C 470 89.54 23.61 49.33
CA LEU C 470 88.53 23.54 50.36
C LEU C 470 89.05 24.08 51.68
N ASP C 471 88.29 25.03 52.25
CA ASP C 471 88.70 25.63 53.50
C ASP C 471 87.74 25.59 54.68
N PRO C 472 87.42 24.44 55.28
CA PRO C 472 86.61 24.43 56.49
C PRO C 472 87.04 25.35 57.62
N THR C 473 88.34 25.59 57.80
CA THR C 473 89.06 26.47 58.70
C THR C 473 88.53 27.90 58.76
N VAL C 474 88.02 28.37 57.62
CA VAL C 474 87.40 29.68 57.53
C VAL C 474 86.13 29.75 58.37
N LEU C 475 85.24 28.76 58.36
CA LEU C 475 84.13 28.62 59.29
C LEU C 475 84.56 28.53 60.75
N THR C 476 85.66 27.83 60.97
CA THR C 476 86.29 27.59 62.26
C THR C 476 86.57 28.93 62.92
N ASN C 477 87.26 29.83 62.21
CA ASN C 477 87.61 31.17 62.65
C ASN C 477 86.39 32.07 62.78
N ALA C 478 85.45 31.91 61.84
CA ALA C 478 84.30 32.79 61.96
C ALA C 478 83.53 32.72 63.27
N ILE C 479 83.17 31.50 63.64
CA ILE C 479 82.47 31.17 64.87
C ILE C 479 83.25 31.57 66.11
N THR C 480 84.53 31.22 66.14
CA THR C 480 85.36 31.53 67.30
C THR C 480 85.41 32.98 67.76
N THR C 481 85.53 33.83 66.73
CA THR C 481 85.51 35.28 66.81
C THR C 481 84.26 35.98 67.32
N ILE C 482 83.12 35.51 66.80
CA ILE C 482 81.84 36.05 67.19
C ILE C 482 80.80 35.06 67.69
N SER C 483 80.29 35.26 68.90
CA SER C 483 79.26 34.39 69.44
C SER C 483 78.51 34.89 70.66
N GLU C 484 78.09 36.15 70.50
CA GLU C 484 77.59 36.98 71.56
C GLU C 484 78.67 37.38 72.56
N SER C 485 79.22 36.36 73.22
CA SER C 485 80.14 36.58 74.33
C SER C 485 81.48 35.87 74.19
N THR C 486 82.08 35.49 75.32
CA THR C 486 83.19 34.56 75.29
C THR C 486 82.79 33.18 74.76
N THR C 487 83.17 32.94 73.51
CA THR C 487 82.86 31.69 72.85
C THR C 487 83.38 30.48 73.62
N GLN C 488 82.46 29.99 74.46
CA GLN C 488 82.40 28.87 75.37
C GLN C 488 81.04 28.71 76.03
N THR C 489 80.07 29.38 75.41
CA THR C 489 78.66 29.34 75.77
C THR C 489 78.00 27.99 75.51
N ILE C 490 76.92 27.84 76.28
CA ILE C 490 76.06 26.67 76.26
C ILE C 490 74.63 26.69 75.75
N SER C 491 74.44 26.07 74.58
CA SER C 491 73.20 25.67 73.95
C SER C 491 72.99 26.22 72.54
N PRO C 492 73.03 27.51 72.26
CA PRO C 492 73.14 27.96 70.88
C PRO C 492 74.41 27.58 70.14
N ILE C 493 75.50 28.30 70.43
CA ILE C 493 76.76 28.34 69.73
C ILE C 493 77.41 26.97 69.63
N SER C 494 77.21 26.17 70.68
CA SER C 494 77.60 24.77 70.67
C SER C 494 76.94 23.78 69.71
N GLU C 495 75.62 23.95 69.60
CA GLU C 495 74.86 23.16 68.65
C GLU C 495 75.30 23.26 67.21
N ILE C 496 75.62 24.46 66.72
CA ILE C 496 76.23 24.77 65.43
C ILE C 496 77.57 24.08 65.23
N LEU C 497 78.43 24.24 66.24
CA LEU C 497 79.65 23.46 66.29
C LEU C 497 79.55 21.94 66.20
N ARG C 498 78.56 21.42 66.93
CA ARG C 498 78.31 20.00 66.88
C ARG C 498 77.85 19.36 65.58
N LEU C 499 76.90 20.06 64.96
CA LEU C 499 76.40 19.65 63.66
C LEU C 499 77.39 19.76 62.51
N LEU C 500 78.19 20.83 62.47
CA LEU C 500 79.17 21.02 61.43
C LEU C 500 80.53 20.33 61.54
N GLN C 501 80.92 20.09 62.80
CA GLN C 501 82.15 19.46 63.22
C GLN C 501 83.41 20.09 62.64
N PRO C 502 83.79 21.20 63.27
CA PRO C 502 85.02 21.91 63.01
C PRO C 502 86.35 21.23 62.71
N MET C 503 86.48 20.08 63.36
CA MET C 503 87.44 19.02 63.12
C MET C 503 87.70 18.57 61.69
N GLY C 504 86.61 18.61 60.92
CA GLY C 504 86.52 17.96 59.63
C GLY C 504 87.63 17.16 58.97
N ASN C 505 87.72 15.98 59.57
CA ASN C 505 88.85 15.10 59.35
C ASN C 505 88.94 14.31 58.05
N ASP C 506 88.30 14.82 57.00
CA ASP C 506 88.04 14.13 55.74
C ASP C 506 87.52 14.97 54.59
N TYR C 507 88.48 15.83 54.27
CA TYR C 507 88.32 16.71 53.13
C TYR C 507 87.86 16.13 51.81
N ALA C 508 88.21 14.87 51.54
CA ALA C 508 87.76 14.12 50.38
C ALA C 508 86.26 13.98 50.18
N ALA C 509 85.57 13.54 51.24
CA ALA C 509 84.13 13.37 51.25
C ALA C 509 83.29 14.54 50.76
N PHE C 510 83.80 15.71 51.15
CA PHE C 510 83.27 16.99 50.73
C PHE C 510 83.19 17.09 49.22
N TRP C 511 84.36 17.19 48.60
CA TRP C 511 84.42 17.28 47.14
C TRP C 511 83.81 16.18 46.30
N LYS C 512 84.02 14.97 46.82
CA LYS C 512 83.43 13.72 46.37
C LYS C 512 81.93 13.93 46.19
N CYS C 513 81.22 14.31 47.25
CA CYS C 513 79.79 14.53 47.32
C CYS C 513 79.20 15.51 46.31
N ILE C 514 79.87 16.64 46.10
CA ILE C 514 79.65 17.47 44.94
C ILE C 514 79.84 16.76 43.60
N ALA C 515 81.01 16.13 43.39
CA ALA C 515 81.23 15.40 42.16
C ALA C 515 80.13 14.42 41.77
N SER C 516 79.61 13.82 42.84
CA SER C 516 78.60 12.78 42.82
C SER C 516 77.25 13.16 42.23
N TRP C 517 76.92 14.45 42.36
CA TRP C 517 75.78 14.98 41.65
C TRP C 517 75.73 14.84 40.14
N ALA C 518 76.95 14.96 39.60
CA ALA C 518 77.14 14.85 38.16
C ALA C 518 77.05 13.51 37.46
N TYR C 519 77.25 12.45 38.25
CA TYR C 519 76.99 11.09 37.86
C TYR C 519 75.73 10.76 37.07
N ASN C 520 74.56 10.94 37.68
CA ASN C 520 73.21 10.96 37.15
C ASN C 520 72.57 9.78 36.42
N GLY C 521 73.42 8.90 35.90
CA GLY C 521 72.92 7.70 35.26
C GLY C 521 72.47 6.52 36.12
N LEU C 522 71.16 6.49 36.29
CA LEU C 522 70.50 5.43 37.01
C LEU C 522 70.67 5.51 38.52
N VAL C 523 71.95 5.43 38.88
CA VAL C 523 72.48 5.70 40.20
C VAL C 523 72.34 7.18 40.53
N THR C 524 71.17 7.52 41.08
CA THR C 524 70.80 8.86 41.48
C THR C 524 71.08 9.16 42.94
N THR C 525 71.46 10.39 43.30
CA THR C 525 71.73 10.82 44.65
C THR C 525 70.56 11.46 45.38
N VAL C 526 70.32 11.00 46.61
CA VAL C 526 69.37 11.46 47.60
C VAL C 526 69.76 12.02 48.96
N LEU C 527 68.95 12.97 49.42
CA LEU C 527 69.11 13.51 50.75
C LEU C 527 68.77 12.51 51.86
N SER C 528 69.74 12.21 52.71
CA SER C 528 69.48 11.15 53.67
C SER C 528 68.55 11.53 54.81
N GLU C 529 67.72 10.53 55.09
CA GLU C 529 66.65 10.61 56.07
C GLU C 529 66.82 11.06 57.51
N ASP C 530 68.03 10.72 57.97
CA ASP C 530 68.48 11.07 59.31
C ASP C 530 68.91 12.51 59.51
N ALA C 531 68.52 13.32 58.52
CA ALA C 531 68.50 14.76 58.50
C ALA C 531 67.23 15.48 58.94
N PHE C 532 66.08 14.90 58.58
CA PHE C 532 64.76 15.36 58.96
C PHE C 532 64.44 15.27 60.45
N PRO C 533 63.87 16.35 60.99
CA PRO C 533 63.26 16.41 62.30
C PRO C 533 62.15 15.37 62.45
N ASP C 534 62.39 14.53 63.45
CA ASP C 534 61.26 13.67 63.79
C ASP C 534 60.05 14.30 64.47
N SER C 535 58.95 13.63 64.13
CA SER C 535 57.66 14.10 64.61
C SER C 535 57.15 15.49 64.29
N SER C 536 57.56 15.98 63.12
CA SER C 536 57.31 17.29 62.58
C SER C 536 58.06 18.46 63.22
N GLN C 537 57.82 18.38 64.53
CA GLN C 537 58.22 19.46 65.41
C GLN C 537 57.69 20.85 65.11
N SER C 538 58.24 21.96 65.59
CA SER C 538 57.79 23.31 65.29
C SER C 538 59.02 24.21 65.23
N ILE C 539 58.97 25.24 64.38
CA ILE C 539 60.12 26.08 64.10
C ILE C 539 60.69 26.87 65.27
N THR C 540 59.99 26.85 66.40
CA THR C 540 60.54 27.29 67.66
C THR C 540 62.00 27.02 68.02
N HIS C 541 62.33 25.78 67.65
CA HIS C 541 63.60 25.10 67.83
C HIS C 541 64.77 25.57 67.00
N LEU C 542 65.56 26.43 67.65
CA LEU C 542 66.91 26.73 67.22
C LEU C 542 67.77 25.65 66.57
N PRO C 543 67.70 24.44 67.13
CA PRO C 543 68.41 23.35 66.49
C PRO C 543 68.00 23.04 65.06
N SER C 544 66.68 22.95 64.95
CA SER C 544 65.86 22.66 63.80
C SER C 544 66.02 23.67 62.68
N MET C 545 66.13 24.94 63.10
CA MET C 545 66.43 26.07 62.26
C MET C 545 67.64 25.87 61.35
N TRP C 546 68.78 25.59 62.00
CA TRP C 546 70.05 25.30 61.35
C TRP C 546 69.84 24.11 60.44
N LYS C 547 69.29 22.99 60.95
CA LYS C 547 69.03 21.78 60.21
C LYS C 547 68.36 21.99 58.86
N CYS C 548 67.23 22.70 58.86
CA CYS C 548 66.50 23.06 57.65
C CYS C 548 67.27 23.95 56.70
N LEU C 549 67.95 24.93 57.29
CA LEU C 549 69.00 25.64 56.57
C LEU C 549 70.07 24.84 55.84
N PHE C 550 70.55 23.85 56.60
CA PHE C 550 71.45 22.87 56.03
C PHE C 550 70.89 22.13 54.82
N LEU C 551 69.77 21.47 55.14
CA LEU C 551 69.01 20.70 54.19
C LEU C 551 68.75 21.43 52.88
N THR C 552 68.20 22.64 53.00
CA THR C 552 67.93 23.51 51.88
C THR C 552 69.02 23.95 50.90
N LEU C 553 70.16 24.35 51.46
CA LEU C 553 71.34 24.56 50.64
C LEU C 553 71.96 23.31 50.01
N ALA C 554 71.93 22.20 50.75
CA ALA C 554 72.38 21.04 50.02
C ALA C 554 71.45 20.39 49.01
N GLY C 555 70.17 20.61 49.26
CA GLY C 555 69.12 20.13 48.39
C GLY C 555 69.42 20.06 46.90
N PRO C 556 69.56 21.13 46.11
CA PRO C 556 69.71 21.00 44.67
C PRO C 556 70.93 20.25 44.19
N MET C 557 71.90 19.94 45.07
CA MET C 557 72.94 19.05 44.61
C MET C 557 72.73 17.55 44.75
N THR C 558 71.47 17.16 44.55
CA THR C 558 71.00 15.79 44.55
C THR C 558 70.54 15.50 43.13
N SER C 559 70.84 14.28 42.71
CA SER C 559 70.16 13.77 41.54
C SER C 559 68.64 13.59 41.57
N ASP C 560 68.23 13.43 42.84
CA ASP C 560 66.82 13.35 43.16
C ASP C 560 66.00 14.48 42.55
N PRO C 561 65.11 14.16 41.61
CA PRO C 561 64.06 15.05 41.13
C PRO C 561 63.11 15.70 42.11
N HIS C 562 62.71 14.81 43.02
CA HIS C 562 61.84 15.20 44.12
C HIS C 562 62.28 16.21 45.17
N SER C 563 63.55 16.61 45.21
CA SER C 563 64.09 17.58 46.14
C SER C 563 63.48 18.96 46.43
N PRO C 564 62.80 19.58 45.47
CA PRO C 564 61.93 20.70 45.77
C PRO C 564 60.73 20.46 46.67
N VAL C 565 60.16 19.26 46.51
CA VAL C 565 59.05 18.85 47.34
C VAL C 565 59.49 18.63 48.78
N LYS C 566 60.61 17.89 48.79
CA LYS C 566 61.32 17.87 50.05
C LYS C 566 61.68 19.13 50.83
N VAL C 567 62.34 20.07 50.14
CA VAL C 567 62.71 21.38 50.63
C VAL C 567 61.48 22.01 51.28
N PHE C 568 60.43 22.15 50.45
CA PHE C 568 59.19 22.74 50.89
C PHE C 568 58.64 22.06 52.14
N MET C 569 58.52 20.73 51.98
CA MET C 569 57.89 19.93 53.00
C MET C 569 58.52 19.85 54.38
N ALA C 570 59.85 20.01 54.40
CA ALA C 570 60.54 20.03 55.67
C ALA C 570 60.20 21.29 56.46
N LEU C 571 60.19 22.45 55.80
CA LEU C 571 59.64 23.65 56.40
C LEU C 571 58.18 23.61 56.84
N ALA C 572 57.30 23.06 56.01
CA ALA C 572 55.88 22.90 56.31
C ALA C 572 55.61 22.04 57.54
N ASN C 573 56.39 20.96 57.69
CA ASN C 573 56.49 20.22 58.94
C ASN C 573 56.81 20.95 60.23
N LEU C 574 57.74 21.91 60.18
CA LEU C 574 58.04 22.74 61.33
C LEU C 574 57.12 23.93 61.54
N LEU C 575 56.47 24.44 60.49
CA LEU C 575 55.30 25.29 60.53
C LEU C 575 53.99 24.75 61.10
N ALA C 576 54.01 23.43 61.29
CA ALA C 576 52.83 22.92 61.94
C ALA C 576 52.67 23.42 63.38
N GLN C 577 51.44 23.62 63.83
CA GLN C 577 51.14 24.09 65.16
C GLN C 577 50.96 25.59 65.34
N PRO C 578 51.79 26.44 64.72
CA PRO C 578 51.46 27.84 64.65
C PRO C 578 50.36 28.20 63.66
N GLU C 579 50.31 27.35 62.64
CA GLU C 579 49.40 27.61 61.54
C GLU C 579 48.70 26.33 61.12
N PRO C 580 47.41 26.35 60.77
CA PRO C 580 46.88 25.17 60.11
C PRO C 580 47.26 25.12 58.64
N ILE C 581 48.02 24.07 58.30
CA ILE C 581 48.38 23.88 56.92
C ILE C 581 47.26 23.34 56.05
N ALA C 582 46.82 24.15 55.10
CA ALA C 582 45.85 23.71 54.11
C ALA C 582 46.23 22.51 53.26
N ILE C 583 45.75 21.36 53.72
CA ILE C 583 45.96 20.08 53.06
C ILE C 583 45.79 20.20 51.56
N GLY C 584 46.72 19.71 50.74
CA GLY C 584 46.52 19.56 49.31
C GLY C 584 46.20 18.25 48.60
N VAL C 585 46.71 17.21 49.28
CA VAL C 585 46.39 15.85 48.89
C VAL C 585 45.84 14.98 50.00
N PRO C 586 44.85 14.10 49.80
CA PRO C 586 44.31 13.25 50.85
C PRO C 586 45.28 12.43 51.68
N GLY C 587 46.23 11.92 50.90
CA GLY C 587 47.43 11.28 51.39
C GLY C 587 48.39 12.16 52.18
N MET C 588 48.36 13.43 51.77
CA MET C 588 49.30 14.38 52.35
C MET C 588 48.70 15.17 53.50
N HIS C 589 49.24 14.88 54.68
CA HIS C 589 48.90 15.52 55.93
C HIS C 589 49.92 16.47 56.51
N GLN C 590 49.53 17.24 57.52
CA GLN C 590 50.49 18.07 58.22
C GLN C 590 51.70 17.39 58.86
N THR C 591 51.39 16.14 59.19
CA THR C 591 52.29 15.24 59.89
C THR C 591 53.15 14.34 59.02
N THR C 592 52.80 14.10 57.75
CA THR C 592 53.46 13.16 56.87
C THR C 592 54.88 13.53 56.47
N PRO C 593 55.86 12.83 57.04
CA PRO C 593 57.27 13.10 56.86
C PRO C 593 57.58 13.19 55.38
N ALA C 594 58.56 14.04 55.11
CA ALA C 594 59.03 14.18 53.75
C ALA C 594 59.61 13.00 52.98
N SER C 595 60.14 12.12 53.84
CA SER C 595 60.73 10.85 53.47
C SER C 595 59.89 9.90 52.63
N GLN C 596 58.63 9.90 53.07
CA GLN C 596 57.55 9.21 52.38
C GLN C 596 56.98 9.79 51.10
N PHE C 597 57.50 10.94 50.65
CA PHE C 597 57.02 11.53 49.42
C PHE C 597 57.86 11.15 48.21
N SER C 598 57.93 9.84 47.93
CA SER C 598 58.75 9.22 46.90
C SER C 598 58.26 9.13 45.47
N HIS C 599 57.10 9.72 45.20
CA HIS C 599 56.45 9.67 43.90
C HIS C 599 55.87 10.99 43.41
N PRO C 600 56.03 11.40 42.15
CA PRO C 600 55.43 12.61 41.63
C PRO C 600 53.96 12.90 41.87
N GLY C 601 53.12 11.87 41.86
CA GLY C 601 51.78 11.83 42.39
C GLY C 601 51.46 12.66 43.62
N VAL C 602 52.47 12.98 44.42
CA VAL C 602 52.37 13.68 45.69
C VAL C 602 52.70 15.16 45.72
N TRP C 603 53.27 15.72 44.65
CA TRP C 603 53.52 17.15 44.58
C TRP C 603 52.31 18.06 44.79
N PRO C 604 52.22 18.68 45.97
CA PRO C 604 50.99 19.29 46.43
C PRO C 604 50.44 20.26 45.39
N PRO C 605 49.11 20.29 45.27
CA PRO C 605 48.49 21.26 44.39
C PRO C 605 48.78 22.69 44.81
N GLY C 606 48.66 22.96 46.11
CA GLY C 606 49.23 24.14 46.73
C GLY C 606 50.70 24.53 46.62
N PHE C 607 51.51 23.51 46.35
CA PHE C 607 52.85 23.85 45.91
C PHE C 607 52.96 24.40 44.49
N LEU C 608 52.36 23.60 43.61
CA LEU C 608 52.29 23.84 42.19
C LEU C 608 51.61 25.15 41.81
N ASN C 609 50.57 25.53 42.55
CA ASN C 609 49.98 26.85 42.51
C ASN C 609 49.90 27.53 43.88
N PRO C 610 50.97 28.16 44.36
CA PRO C 610 50.99 28.73 45.70
C PRO C 610 50.11 29.97 45.84
N GLN C 611 49.87 30.63 44.71
CA GLN C 611 48.82 31.60 44.51
C GLN C 611 47.48 31.31 45.16
N LEU C 612 47.07 30.04 45.13
CA LEU C 612 45.94 29.51 45.86
C LEU C 612 46.00 29.74 47.35
N ILE C 613 47.19 29.62 47.94
CA ILE C 613 47.40 29.76 49.38
C ILE C 613 47.48 31.19 49.88
N ASN C 614 46.42 31.52 50.60
CA ASN C 614 46.17 32.85 51.14
C ASN C 614 47.32 33.33 52.00
N PRO C 615 47.98 34.33 51.43
CA PRO C 615 49.16 34.85 52.12
C PRO C 615 49.03 35.65 53.41
N GLN C 616 47.99 35.33 54.17
CA GLN C 616 47.90 35.74 55.56
C GLN C 616 48.16 34.68 56.62
N GLN C 617 47.44 33.57 56.46
CA GLN C 617 47.62 32.44 57.35
C GLN C 617 48.95 31.70 57.18
N ALA C 618 49.44 31.53 55.96
CA ALA C 618 50.71 30.87 55.74
C ALA C 618 51.72 31.80 55.10
N PRO C 619 52.01 32.97 55.65
CA PRO C 619 52.81 33.95 54.95
C PRO C 619 54.18 33.52 54.47
N LEU C 620 54.91 32.91 55.40
CA LEU C 620 56.20 32.27 55.23
C LEU C 620 56.20 31.12 54.23
N LEU C 621 55.23 30.21 54.37
CA LEU C 621 55.08 29.20 53.34
C LEU C 621 54.87 29.55 51.88
N ARG C 622 54.14 30.66 51.77
CA ARG C 622 53.93 31.24 50.45
C ARG C 622 55.19 31.78 49.80
N ALA C 623 55.93 32.52 50.63
CA ALA C 623 57.23 33.06 50.26
C ALA C 623 58.22 31.99 49.86
N PHE C 624 58.37 30.97 50.70
CA PHE C 624 59.30 29.86 50.57
C PHE C 624 59.06 29.15 49.26
N ALA C 625 57.77 28.95 48.97
CA ALA C 625 57.32 28.30 47.75
C ALA C 625 57.60 29.02 46.44
N GLU C 626 57.33 30.32 46.55
CA GLU C 626 57.68 31.22 45.47
C GLU C 626 59.16 31.34 45.13
N HIS C 627 59.94 31.32 46.21
CA HIS C 627 61.38 31.31 46.26
C HIS C 627 62.02 30.12 45.56
N ILE C 628 61.42 28.95 45.82
CA ILE C 628 61.69 27.71 45.12
C ILE C 628 61.54 27.83 43.61
N ARG C 629 60.26 28.05 43.29
CA ARG C 629 59.85 28.14 41.90
C ARG C 629 60.54 29.22 41.07
N ALA C 630 60.77 30.34 41.74
CA ALA C 630 61.56 31.39 41.13
C ALA C 630 63.05 31.14 40.98
N ASN C 631 63.67 30.80 42.10
CA ASN C 631 65.11 30.60 42.22
C ASN C 631 65.94 29.34 42.38
N TRP C 632 65.25 28.21 42.56
CA TRP C 632 65.86 26.92 42.33
C TRP C 632 66.67 26.79 41.05
N PRO C 633 67.87 26.20 40.99
CA PRO C 633 68.63 26.23 39.75
C PRO C 633 67.84 25.88 38.51
N GLN C 634 68.12 26.61 37.43
CA GLN C 634 67.61 26.13 36.16
C GLN C 634 68.44 25.16 35.34
N PRO C 635 67.85 24.19 34.64
CA PRO C 635 68.51 23.29 33.72
C PRO C 635 69.12 23.80 32.42
N SER C 636 70.38 23.42 32.25
CA SER C 636 71.23 23.70 31.11
C SER C 636 71.83 22.46 30.48
N GLU C 637 72.88 22.56 29.65
CA GLU C 637 73.59 21.53 28.93
C GLU C 637 75.05 21.88 28.67
N PHE C 638 75.90 20.86 28.71
CA PHE C 638 77.30 20.96 28.30
C PHE C 638 77.56 20.10 27.08
N GLY C 639 78.62 20.46 26.34
CA GLY C 639 79.22 19.73 25.25
C GLY C 639 80.06 18.50 25.50
N TYR C 640 79.48 17.34 25.18
CA TYR C 640 80.15 16.09 25.47
C TYR C 640 80.85 15.48 24.26
N GLY C 641 82.17 15.68 24.38
CA GLY C 641 83.05 14.90 23.53
C GLY C 641 83.32 15.20 22.06
N SER C 642 83.54 14.08 21.37
CA SER C 642 83.73 14.20 19.94
C SER C 642 83.15 13.09 19.08
N THR C 643 83.09 13.32 17.77
CA THR C 643 82.37 12.45 16.87
C THR C 643 82.90 11.03 16.70
N LEU C 644 84.10 10.77 17.20
CA LEU C 644 84.64 9.43 17.11
C LEU C 644 83.74 8.31 17.60
N GLN C 645 83.08 8.66 18.71
CA GLN C 645 82.02 7.84 19.25
C GLN C 645 80.65 8.42 19.57
N GLY C 646 80.63 9.76 19.59
CA GLY C 646 79.59 10.53 20.24
C GLY C 646 79.68 10.52 21.76
N SER C 647 78.96 9.52 22.27
CA SER C 647 78.79 9.14 23.66
C SER C 647 77.89 7.96 23.96
N ALA C 648 77.95 7.54 25.22
CA ALA C 648 77.14 6.42 25.64
C ALA C 648 75.75 6.86 26.07
N ASN C 649 75.26 7.99 25.56
CA ASN C 649 73.92 8.47 25.86
C ASN C 649 72.88 7.97 24.88
N LEU C 650 71.70 7.75 25.47
CA LEU C 650 70.51 7.29 24.79
C LEU C 650 69.51 8.41 24.55
N PHE C 651 68.77 8.86 25.57
CA PHE C 651 67.75 9.89 25.55
C PHE C 651 68.19 11.28 25.09
N ILE C 652 69.47 11.59 25.28
CA ILE C 652 70.06 12.88 25.01
C ILE C 652 70.98 12.75 23.81
N PRO C 653 70.87 13.64 22.83
CA PRO C 653 71.77 13.62 21.69
C PRO C 653 73.23 13.61 22.10
N SER C 654 73.92 12.59 21.57
CA SER C 654 75.30 12.23 21.85
C SER C 654 76.36 13.26 22.22
N ASN C 655 76.20 14.33 21.45
CA ASN C 655 76.72 15.68 21.62
C ASN C 655 76.64 16.42 22.94
N ARG C 656 75.69 16.03 23.80
CA ARG C 656 75.27 16.56 25.07
C ARG C 656 75.54 15.75 26.33
N MET C 657 76.06 16.58 27.24
CA MET C 657 75.93 16.39 28.66
C MET C 657 74.81 17.34 29.05
N VAL C 658 74.21 17.00 30.18
CA VAL C 658 73.26 17.90 30.82
C VAL C 658 73.68 18.26 32.24
N TYR C 659 73.67 19.59 32.39
CA TYR C 659 73.96 20.23 33.65
C TYR C 659 72.70 20.85 34.25
N PRO C 660 72.03 20.19 35.20
CA PRO C 660 70.79 20.68 35.77
C PRO C 660 71.09 22.05 36.36
N TRP C 661 72.29 22.19 36.91
CA TRP C 661 72.82 23.51 37.20
C TRP C 661 73.06 24.26 35.90
N PRO C 662 72.84 25.57 35.86
CA PRO C 662 73.19 26.35 34.69
C PRO C 662 74.65 26.73 34.57
N ASN C 663 75.27 26.01 33.63
CA ASN C 663 76.67 26.22 33.34
C ASN C 663 76.93 27.49 32.54
N GLN C 664 77.95 28.22 33.01
CA GLN C 664 78.48 29.37 32.31
C GLN C 664 79.90 29.32 31.77
N PRO C 665 80.16 30.02 30.67
CA PRO C 665 81.49 30.27 30.16
C PRO C 665 82.62 30.60 31.13
N LEU C 666 83.88 30.56 30.69
CA LEU C 666 85.01 31.16 31.37
C LEU C 666 85.68 32.37 30.76
N PRO C 667 85.20 33.57 31.14
CA PRO C 667 85.85 34.83 30.85
C PRO C 667 86.70 35.14 32.08
N ARG C 668 86.78 36.45 32.25
CA ARG C 668 87.51 36.96 33.39
C ARG C 668 86.73 36.90 34.70
N LEU C 669 86.76 35.74 35.36
CA LEU C 669 85.95 35.52 36.55
C LEU C 669 86.44 36.07 37.89
N THR C 670 87.48 36.88 37.75
CA THR C 670 88.22 37.54 38.81
C THR C 670 87.58 38.78 39.41
N VAL C 671 86.25 38.67 39.41
CA VAL C 671 85.31 39.71 39.80
C VAL C 671 84.60 39.10 41.00
N ALA C 672 85.42 39.16 42.05
CA ALA C 672 85.12 38.69 43.39
C ALA C 672 83.70 38.59 43.89
N PRO C 673 82.81 39.58 43.71
CA PRO C 673 81.39 39.33 43.82
C PRO C 673 80.65 38.90 42.56
N THR C 674 80.99 37.67 42.16
CA THR C 674 80.29 36.87 41.18
C THR C 674 79.02 36.14 41.62
N TYR C 675 78.24 36.92 42.37
CA TYR C 675 77.01 36.49 43.01
C TYR C 675 75.82 36.30 42.08
N ASP C 676 75.91 36.87 40.88
CA ASP C 676 74.92 36.57 39.86
C ASP C 676 74.69 35.10 39.52
N SER C 677 75.57 34.23 40.01
CA SER C 677 75.38 32.80 39.87
C SER C 677 74.14 32.25 40.55
N ALA C 678 73.28 31.58 39.79
CA ALA C 678 72.20 30.81 40.39
C ALA C 678 72.44 30.29 41.79
N MET C 679 73.58 29.61 41.95
CA MET C 679 74.01 28.99 43.18
C MET C 679 74.09 29.94 44.36
N SER C 680 74.85 31.02 44.16
CA SER C 680 74.93 32.08 45.16
C SER C 680 73.71 32.91 45.51
N ASN C 681 72.90 33.04 44.47
CA ASN C 681 71.57 33.56 44.72
C ASN C 681 70.66 32.82 45.69
N TRP C 682 70.61 31.51 45.43
CA TRP C 682 69.94 30.56 46.29
C TRP C 682 70.27 30.56 47.78
N ILE C 683 71.58 30.78 47.92
CA ILE C 683 72.14 30.77 49.25
C ILE C 683 71.56 31.91 50.06
N SER C 684 71.88 33.14 49.61
CA SER C 684 71.23 34.34 50.08
C SER C 684 69.75 34.39 50.44
N THR C 685 68.96 34.13 49.41
CA THR C 685 67.53 33.96 49.54
C THR C 685 66.92 32.97 50.53
N THR C 686 67.55 31.80 50.63
CA THR C 686 67.32 30.92 51.77
C THR C 686 67.62 31.56 53.12
N ILE C 687 68.83 32.12 53.25
CA ILE C 687 69.18 32.80 54.48
C ILE C 687 68.28 33.93 54.94
N ALA C 688 67.96 34.76 53.94
CA ALA C 688 66.93 35.77 53.93
C ALA C 688 65.55 35.36 54.43
N PHE C 689 65.05 34.29 53.82
CA PHE C 689 63.79 33.77 54.31
C PHE C 689 63.83 33.39 55.79
N PHE C 690 64.89 32.68 56.17
CA PHE C 690 65.08 32.48 57.59
C PHE C 690 65.08 33.66 58.56
N ILE C 691 65.82 34.69 58.13
CA ILE C 691 65.80 35.95 58.83
C ILE C 691 64.35 36.40 58.98
N ARG C 692 63.63 36.56 57.87
CA ARG C 692 62.20 36.79 57.91
C ARG C 692 61.24 36.12 58.88
N VAL C 693 61.56 34.82 58.92
CA VAL C 693 60.96 33.80 59.75
C VAL C 693 61.20 34.26 61.18
N VAL C 694 62.45 34.19 61.65
CA VAL C 694 62.86 34.60 62.97
C VAL C 694 62.70 36.03 63.46
N ASN C 695 62.57 36.96 62.51
CA ASN C 695 62.51 38.39 62.80
C ASN C 695 61.48 38.85 63.82
N SER C 696 60.35 38.16 63.85
CA SER C 696 59.37 38.32 64.90
C SER C 696 59.39 37.86 66.35
N VAL C 697 60.15 36.78 66.58
CA VAL C 697 60.80 36.50 67.85
C VAL C 697 59.77 36.18 68.93
N ASN C 698 58.56 36.22 68.38
CA ASN C 698 57.46 35.74 69.19
C ASN C 698 57.41 34.29 69.62
N MET C 699 57.86 33.44 68.69
CA MET C 699 58.08 32.03 68.91
C MET C 699 59.04 31.42 69.91
N THR C 700 59.56 32.30 70.78
CA THR C 700 60.65 31.90 71.65
C THR C 700 60.27 31.84 73.13
N ALA C 701 59.01 31.44 73.28
CA ALA C 701 58.51 31.00 74.57
C ALA C 701 59.40 29.88 75.10
N THR C 702 59.79 30.19 76.34
CA THR C 702 60.70 29.36 77.12
C THR C 702 62.15 29.29 76.67
N VAL C 703 62.48 30.21 75.76
CA VAL C 703 63.88 30.44 75.46
C VAL C 703 64.26 31.89 75.71
N ASN C 704 64.57 32.15 76.97
CA ASN C 704 64.78 33.51 77.44
C ASN C 704 65.98 34.34 77.01
N ASP C 705 66.79 33.73 76.16
CA ASP C 705 67.94 34.37 75.56
C ASP C 705 67.71 34.75 74.10
N LEU C 706 68.00 36.04 73.90
CA LEU C 706 67.78 36.72 72.63
C LEU C 706 68.40 36.10 71.39
N THR C 707 67.53 35.37 70.70
CA THR C 707 67.92 34.62 69.53
C THR C 707 68.38 35.44 68.34
N ARG C 708 67.54 36.42 68.00
CA ARG C 708 67.72 37.23 66.81
C ARG C 708 69.10 37.81 66.55
N ARG C 709 69.64 38.44 67.58
CA ARG C 709 71.02 38.88 67.61
C ARG C 709 72.01 37.86 67.08
N THR C 710 72.13 36.83 67.92
CA THR C 710 72.81 35.56 67.79
C THR C 710 72.73 34.83 66.46
N MET C 711 71.49 34.63 66.03
CA MET C 711 71.21 33.93 64.79
C MET C 711 71.54 34.72 63.53
N THR C 712 71.21 36.01 63.47
CA THR C 712 71.64 37.02 62.54
C THR C 712 73.14 37.19 62.34
N GLY C 713 73.76 37.18 63.53
CA GLY C 713 75.20 37.17 63.57
C GLY C 713 75.86 35.97 62.92
N VAL C 714 75.29 34.78 63.19
CA VAL C 714 75.79 33.55 62.63
C VAL C 714 75.54 33.44 61.13
N MET C 715 74.30 33.76 60.80
CA MET C 715 73.89 33.81 59.41
C MET C 715 74.65 34.74 58.49
N THR C 716 74.70 36.02 58.89
CA THR C 716 75.63 36.98 58.32
C THR C 716 77.10 36.58 58.23
N ALA C 717 77.54 35.88 59.28
CA ALA C 717 78.76 35.11 59.24
C ALA C 717 78.90 34.18 58.04
N MET C 718 77.88 33.34 57.80
CA MET C 718 77.77 32.47 56.65
C MET C 718 77.93 33.19 55.31
N ARG C 719 77.14 34.26 55.21
CA ARG C 719 77.13 35.13 54.06
C ARG C 719 78.42 35.88 53.72
N GLN C 720 79.10 36.29 54.78
CA GLN C 720 80.38 36.96 54.61
C GLN C 720 81.55 36.15 54.07
N VAL C 721 81.46 34.84 54.32
CA VAL C 721 82.47 33.94 53.79
C VAL C 721 82.69 33.83 52.29
N LYS C 722 83.54 34.69 51.72
CA LYS C 722 83.80 34.69 50.30
C LYS C 722 84.30 33.35 49.80
N THR C 723 83.32 32.68 49.18
CA THR C 723 83.45 31.32 48.71
C THR C 723 83.22 31.27 47.20
N MET C 724 84.09 30.51 46.53
CA MET C 724 84.19 30.45 45.08
C MET C 724 83.48 29.30 44.38
N THR C 725 83.17 28.42 45.34
CA THR C 725 82.59 27.13 45.01
C THR C 725 81.34 27.18 44.13
N PRO C 726 80.33 28.02 44.36
CA PRO C 726 79.33 28.36 43.37
C PRO C 726 79.82 28.70 41.96
N PHE C 727 80.91 29.46 41.92
CA PHE C 727 81.47 29.89 40.66
C PHE C 727 82.20 28.81 39.86
N TYR C 728 83.07 28.15 40.63
CA TYR C 728 83.90 27.06 40.17
C TYR C 728 83.14 25.85 39.65
N ILE C 729 82.00 25.63 40.32
CA ILE C 729 81.09 24.54 40.02
C ILE C 729 80.22 24.81 38.80
N GLN C 730 79.79 26.06 38.62
CA GLN C 730 79.02 26.49 37.48
C GLN C 730 79.76 26.92 36.22
N HIS C 731 81.07 27.00 36.44
CA HIS C 731 81.97 27.46 35.40
C HIS C 731 83.06 26.45 35.06
N MET C 732 84.03 26.36 35.96
CA MET C 732 85.21 25.54 35.74
C MET C 732 84.95 24.03 35.72
N CYS C 733 84.26 23.55 36.75
CA CYS C 733 83.90 22.15 36.82
C CYS C 733 83.18 21.41 35.71
N PRO C 734 82.15 21.95 35.04
CA PRO C 734 81.57 21.33 33.87
C PRO C 734 82.50 20.95 32.72
N THR C 735 83.27 21.98 32.36
CA THR C 735 84.48 21.75 31.57
C THR C 735 85.39 20.58 31.89
N GLU C 736 85.79 20.65 33.17
CA GLU C 736 86.51 19.63 33.89
C GLU C 736 86.02 18.22 33.59
N LEU C 737 84.70 18.17 33.75
CA LEU C 737 83.90 16.99 33.52
C LEU C 737 83.77 16.52 32.08
N SER C 738 83.36 17.45 31.20
CA SER C 738 83.45 17.27 29.76
C SER C 738 84.70 16.65 29.18
N VAL C 739 85.83 17.15 29.70
CA VAL C 739 87.13 16.69 29.25
C VAL C 739 87.38 15.20 29.49
N LEU C 740 86.87 14.85 30.68
CA LEU C 740 87.01 13.47 31.11
C LEU C 740 86.03 12.48 30.51
N ALA C 741 84.77 12.90 30.38
CA ALA C 741 83.66 12.09 29.94
C ALA C 741 83.82 11.09 28.80
N SER C 742 84.37 11.58 27.68
CA SER C 742 84.80 10.77 26.56
C SER C 742 85.90 9.73 26.72
N VAL C 743 86.86 10.01 27.62
CA VAL C 743 87.81 8.97 27.88
C VAL C 743 87.61 7.85 28.89
N THR C 744 86.63 8.13 29.74
CA THR C 744 86.28 7.31 30.88
C THR C 744 85.82 5.93 30.44
N VAL C 745 86.24 4.89 31.16
CA VAL C 745 85.85 3.50 31.11
C VAL C 745 84.43 3.15 30.71
N THR C 746 83.56 3.78 31.49
CA THR C 746 82.13 3.96 31.36
C THR C 746 81.61 5.38 31.23
N PRO C 747 81.38 5.82 29.99
CA PRO C 747 80.96 7.17 29.69
C PRO C 747 79.66 7.64 30.33
N PRO C 748 79.52 8.85 30.88
CA PRO C 748 78.33 9.32 31.56
C PRO C 748 77.04 9.29 30.74
N PHE C 749 76.03 8.76 31.46
CA PHE C 749 74.75 8.44 30.87
C PHE C 749 73.74 9.23 31.68
N GLN C 750 72.93 10.06 31.01
CA GLN C 750 72.07 11.02 31.68
C GLN C 750 70.64 11.19 31.18
N VAL C 751 69.75 11.64 32.05
CA VAL C 751 68.40 11.96 31.61
C VAL C 751 68.03 13.41 31.87
N PRO C 752 67.33 14.16 31.01
CA PRO C 752 66.99 15.54 31.26
C PRO C 752 66.34 15.85 32.62
N PHE C 753 66.95 16.77 33.35
CA PHE C 753 66.45 17.22 34.63
C PHE C 753 65.43 18.32 34.39
N THR C 754 64.29 18.03 35.04
CA THR C 754 63.25 19.04 35.04
C THR C 754 62.90 19.50 36.44
N ARG C 755 63.05 20.78 36.73
CA ARG C 755 62.81 21.28 38.08
C ARG C 755 61.40 20.98 38.56
N LEU C 756 60.57 21.87 38.02
CA LEU C 756 59.18 21.91 38.42
C LEU C 756 58.10 21.32 37.52
N VAL C 757 58.63 20.76 36.43
CA VAL C 757 57.74 20.19 35.45
C VAL C 757 57.46 18.76 35.84
N GLN C 758 56.38 18.61 36.61
CA GLN C 758 56.00 17.35 37.21
C GLN C 758 55.77 16.23 36.19
N ASN C 759 55.09 16.57 35.10
CA ASN C 759 54.83 15.60 34.06
C ASN C 759 55.98 15.00 33.26
N ASP C 760 57.02 15.83 33.17
CA ASP C 760 58.31 15.49 32.62
C ASP C 760 59.42 14.93 33.51
N VAL C 761 59.21 15.03 34.83
CA VAL C 761 60.10 14.43 35.80
C VAL C 761 60.39 12.94 35.68
N ILE C 762 61.59 12.50 36.07
CA ILE C 762 62.15 11.18 35.93
C ILE C 762 61.22 10.22 36.67
N THR C 763 60.70 9.27 35.88
CA THR C 763 59.68 8.41 36.43
C THR C 763 59.84 6.89 36.34
N ASN C 764 60.18 6.47 35.12
CA ASN C 764 60.52 5.08 34.90
C ASN C 764 61.47 4.74 33.76
N VAL C 765 62.33 3.73 33.97
CA VAL C 765 63.36 3.19 33.10
C VAL C 765 63.24 1.74 32.67
N LEU C 766 62.87 1.63 31.39
CA LEU C 766 62.55 0.37 30.73
C LEU C 766 63.59 -0.31 29.87
N VAL C 767 63.24 -1.58 29.63
CA VAL C 767 64.00 -2.52 28.84
C VAL C 767 63.08 -3.61 28.29
N ALA C 768 63.43 -4.15 27.12
CA ALA C 768 62.71 -5.23 26.46
C ALA C 768 63.42 -5.89 25.30
N ARG C 769 64.00 -7.08 25.48
CA ARG C 769 64.66 -7.84 24.44
C ARG C 769 63.67 -8.31 23.38
N VAL C 770 62.36 -8.20 23.57
CA VAL C 770 61.40 -8.54 22.53
C VAL C 770 60.60 -7.29 22.19
N ASP C 771 60.00 -7.38 20.99
CA ASP C 771 59.21 -6.27 20.52
C ASP C 771 58.20 -5.79 21.54
N PRO C 772 58.25 -4.52 21.96
CA PRO C 772 57.33 -3.95 22.93
C PRO C 772 55.88 -4.34 22.67
N ALA C 773 55.45 -4.24 21.41
CA ALA C 773 54.07 -4.55 21.06
C ALA C 773 53.67 -6.02 21.04
N GLN C 774 54.50 -6.71 20.26
CA GLN C 774 54.42 -8.15 20.13
C GLN C 774 55.39 -9.13 20.80
N ARG C 775 55.20 -8.97 22.11
CA ARG C 775 55.94 -9.75 23.08
C ARG C 775 54.91 -10.43 23.98
N GLY C 776 55.54 -10.90 25.05
CA GLY C 776 54.87 -11.33 26.25
C GLY C 776 54.88 -10.40 27.46
N ASP C 777 53.71 -10.32 28.11
CA ASP C 777 53.65 -9.55 29.33
C ASP C 777 54.85 -9.76 30.25
N ALA C 778 55.77 -8.86 29.93
CA ALA C 778 57.10 -8.83 30.51
C ALA C 778 57.27 -9.24 31.97
N ALA C 779 56.97 -10.49 32.34
CA ALA C 779 57.56 -10.97 33.57
C ALA C 779 58.78 -10.83 34.47
N VAL C 780 59.41 -11.11 35.60
CA VAL C 780 60.21 -10.31 36.53
C VAL C 780 60.73 -8.93 36.17
N ASP C 781 60.56 -7.97 35.26
CA ASP C 781 61.63 -7.25 34.59
C ASP C 781 62.25 -6.51 35.76
N ILE C 782 63.56 -6.51 35.57
CA ILE C 782 64.50 -5.74 36.36
C ILE C 782 64.06 -4.39 36.91
N ARG C 783 63.45 -3.73 35.93
CA ARG C 783 62.81 -2.44 36.10
C ARG C 783 62.18 -2.17 37.45
N ALA C 784 61.31 -3.14 37.72
CA ALA C 784 60.52 -3.20 38.94
C ALA C 784 61.21 -3.36 40.29
N THR C 785 62.50 -3.71 40.29
CA THR C 785 63.35 -3.89 41.45
C THR C 785 63.59 -2.58 42.20
N HIS C 786 63.78 -1.49 41.45
CA HIS C 786 64.01 -0.17 41.97
C HIS C 786 62.88 0.43 42.80
N ALA C 787 63.22 0.84 44.02
CA ALA C 787 62.33 1.64 44.84
C ALA C 787 61.91 3.03 44.39
N THR C 788 62.78 3.49 43.48
CA THR C 788 62.54 4.75 42.82
C THR C 788 62.54 4.64 41.31
N PHE C 789 62.28 5.81 40.72
CA PHE C 789 62.47 6.07 39.32
C PHE C 789 63.76 5.51 38.71
N ALA C 790 64.78 5.73 39.54
CA ALA C 790 66.08 5.13 39.32
C ALA C 790 66.96 5.00 40.55
N ALA C 791 67.52 3.79 40.71
CA ALA C 791 68.37 3.33 41.78
C ALA C 791 69.15 4.43 42.49
N ALA C 792 68.71 4.70 43.72
CA ALA C 792 69.24 5.83 44.46
C ALA C 792 70.19 5.57 45.61
N LEU C 793 71.13 6.52 45.70
CA LEU C 793 72.13 6.48 46.74
C LEU C 793 71.98 7.71 47.62
N PRO C 794 71.91 7.54 48.94
CA PRO C 794 71.81 8.59 49.93
C PRO C 794 73.13 9.21 50.41
N VAL C 795 73.13 10.53 50.39
CA VAL C 795 74.27 11.39 50.67
C VAL C 795 74.23 12.21 51.94
N ASP C 796 75.23 13.05 52.25
CA ASP C 796 75.25 13.83 53.47
C ASP C 796 75.08 15.33 53.36
N PRO C 797 73.94 15.88 53.80
CA PRO C 797 73.75 17.31 53.73
C PRO C 797 74.72 18.28 54.41
N ALA C 798 75.15 17.94 55.63
CA ALA C 798 76.26 18.57 56.30
C ALA C 798 77.50 18.90 55.48
N ALA C 799 77.97 17.76 54.96
CA ALA C 799 79.19 17.87 54.18
C ALA C 799 79.16 18.80 52.98
N ILE C 800 78.07 18.69 52.22
CA ILE C 800 77.83 19.47 51.02
C ILE C 800 77.71 20.95 51.32
N VAL C 801 77.04 21.24 52.44
CA VAL C 801 76.91 22.55 53.04
C VAL C 801 78.26 23.15 53.39
N VAL C 802 79.10 22.41 54.11
CA VAL C 802 80.38 22.96 54.50
C VAL C 802 81.20 23.34 53.27
N ALA C 803 81.30 22.41 52.33
CA ALA C 803 81.93 22.54 51.03
C ALA C 803 81.35 23.65 50.17
N MET C 804 80.04 23.83 50.13
CA MET C 804 79.57 25.03 49.46
C MET C 804 79.92 26.43 49.91
N LEU C 805 80.00 26.43 51.24
CA LEU C 805 80.37 27.63 51.97
C LEU C 805 81.85 27.85 52.19
N CYS C 806 82.59 26.74 52.14
CA CYS C 806 84.02 26.74 52.41
C CYS C 806 84.94 26.21 51.31
N GLY C 807 84.68 26.70 50.09
CA GLY C 807 85.41 26.23 48.93
C GLY C 807 85.98 27.39 48.11
N GLN C 808 87.29 27.58 48.21
CA GLN C 808 88.07 28.69 47.69
C GLN C 808 89.00 28.32 46.54
N THR C 809 89.42 29.31 45.75
CA THR C 809 90.34 29.24 44.64
C THR C 809 91.78 29.67 44.86
N GLU C 810 92.73 29.14 44.09
CA GLU C 810 94.13 29.32 44.42
C GLU C 810 94.68 30.71 44.10
N THR C 811 95.54 31.19 45.00
CA THR C 811 96.37 32.33 44.70
C THR C 811 97.00 32.41 43.31
N ASN C 812 97.64 31.31 42.93
CA ASN C 812 98.42 31.31 41.72
C ASN C 812 97.73 30.51 40.63
N LEU C 813 96.53 30.96 40.24
CA LEU C 813 95.58 30.28 39.39
C LEU C 813 95.73 30.84 37.98
N ILE C 814 96.32 29.87 37.28
CA ILE C 814 96.47 29.89 35.84
C ILE C 814 95.80 28.75 35.06
N PRO C 815 94.50 28.86 34.82
CA PRO C 815 93.75 27.77 34.22
C PRO C 815 94.45 26.95 33.16
N SER C 816 94.83 27.73 32.15
CA SER C 816 95.57 27.18 31.03
C SER C 816 96.77 26.33 31.41
N HIS C 817 97.65 26.83 32.28
CA HIS C 817 98.61 25.98 32.94
C HIS C 817 98.13 24.77 33.74
N HIS C 818 97.16 25.02 34.62
CA HIS C 818 96.67 23.92 35.43
C HIS C 818 96.08 22.68 34.78
N TYR C 819 95.07 22.97 33.95
CA TYR C 819 94.40 21.96 33.16
C TYR C 819 95.23 21.18 32.16
N GLY C 820 96.32 21.83 31.75
CA GLY C 820 97.28 21.20 30.86
C GLY C 820 98.02 20.09 31.59
N LYS C 821 98.60 20.43 32.74
CA LYS C 821 99.10 19.46 33.68
C LYS C 821 98.14 18.46 34.30
N ALA C 822 96.86 18.82 34.40
CA ALA C 822 95.92 17.84 34.86
C ALA C 822 95.49 16.80 33.83
N PHE C 823 95.37 17.28 32.58
CA PHE C 823 95.05 16.43 31.46
C PHE C 823 96.03 15.40 30.92
N ALA C 824 97.27 15.90 30.95
CA ALA C 824 98.33 15.14 30.33
C ALA C 824 98.67 13.80 30.95
N PRO C 825 99.03 13.67 32.23
CA PRO C 825 99.20 12.34 32.80
C PRO C 825 97.94 11.52 32.59
N LEU C 826 96.82 12.13 32.95
CA LEU C 826 95.57 11.42 32.79
C LEU C 826 95.23 10.75 31.47
N PHE C 827 95.13 11.54 30.39
CA PHE C 827 95.05 11.05 29.03
C PHE C 827 96.12 10.11 28.52
N ALA C 828 97.32 10.30 29.07
CA ALA C 828 98.35 9.32 28.78
C ALA C 828 98.01 7.86 29.05
N SER C 829 97.30 7.65 30.16
CA SER C 829 96.76 6.37 30.55
C SER C 829 95.34 6.02 30.13
N ASN C 830 94.94 6.62 29.01
CA ASN C 830 93.61 6.43 28.46
C ASN C 830 93.40 5.00 27.99
N ALA C 831 92.13 4.59 28.06
CA ALA C 831 91.66 3.33 27.53
C ALA C 831 90.77 3.33 26.29
N MET C 832 90.20 4.49 25.98
CA MET C 832 89.41 4.86 24.82
C MET C 832 89.39 3.93 23.61
N PHE C 833 90.57 3.81 22.99
CA PHE C 833 90.61 3.00 21.79
C PHE C 833 90.34 1.50 21.94
N THR C 834 90.81 0.90 23.03
CA THR C 834 90.63 -0.51 23.32
C THR C 834 89.25 -0.99 23.72
N ARG C 835 88.54 -0.03 24.34
CA ARG C 835 87.13 -0.14 24.60
C ARG C 835 86.20 -0.07 23.39
N ASN C 836 86.62 0.73 22.42
CA ASN C 836 86.01 0.73 21.11
C ASN C 836 86.07 -0.59 20.35
N GLN C 837 87.21 -1.22 20.57
CA GLN C 837 87.30 -2.60 20.11
C GLN C 837 86.34 -3.59 20.77
N ARG C 838 86.50 -3.64 22.09
CA ARG C 838 85.58 -4.40 22.92
C ARG C 838 84.11 -4.43 22.52
N ALA C 839 83.68 -3.18 22.37
CA ALA C 839 82.36 -2.75 21.96
C ALA C 839 81.77 -3.40 20.72
N VAL C 840 82.62 -3.42 19.68
CA VAL C 840 82.29 -3.98 18.38
C VAL C 840 82.12 -5.49 18.44
N ILE C 841 83.01 -6.12 19.20
CA ILE C 841 82.91 -7.49 19.64
C ILE C 841 81.64 -7.92 20.36
N THR C 842 81.32 -7.09 21.34
CA THR C 842 80.15 -7.35 22.15
C THR C 842 78.87 -7.35 21.32
N ARG C 843 78.84 -6.32 20.48
CA ARG C 843 77.83 -6.22 19.44
C ARG C 843 77.56 -7.45 18.59
N GLU C 844 78.63 -7.91 17.91
CA GLU C 844 78.71 -9.18 17.22
C GLU C 844 78.45 -10.49 17.95
N ALA C 845 78.75 -10.49 19.24
CA ALA C 845 78.37 -11.58 20.11
C ALA C 845 76.86 -11.66 20.22
N PHE C 846 76.25 -10.57 20.70
CA PHE C 846 74.81 -10.42 20.70
C PHE C 846 74.03 -10.84 19.47
N VAL C 847 74.50 -10.32 18.34
CA VAL C 847 73.90 -10.67 17.07
C VAL C 847 74.04 -12.11 16.61
N CYS C 848 75.24 -12.65 16.85
CA CYS C 848 75.42 -14.05 16.51
C CYS C 848 74.64 -15.07 17.34
N ALA C 849 74.57 -14.60 18.58
CA ALA C 849 73.75 -15.20 19.62
C ALA C 849 72.27 -15.24 19.30
N ARG C 850 71.77 -14.18 18.65
CA ARG C 850 70.40 -14.15 18.19
C ARG C 850 70.06 -15.24 17.19
N SER C 851 70.80 -15.12 16.09
CA SER C 851 70.68 -16.04 14.96
C SER C 851 70.82 -17.54 15.09
N ALA C 852 71.86 -17.86 15.87
CA ALA C 852 72.09 -19.19 16.39
C ALA C 852 70.90 -19.74 17.15
N VAL C 853 70.52 -19.02 18.21
CA VAL C 853 69.41 -19.49 19.01
C VAL C 853 68.05 -19.73 18.35
N ALA C 854 67.80 -18.84 17.40
CA ALA C 854 66.60 -18.85 16.59
C ALA C 854 66.44 -20.07 15.68
N GLN C 855 67.54 -20.73 15.33
CA GLN C 855 67.60 -22.08 14.80
C GLN C 855 67.39 -23.23 15.77
N CYS C 856 67.37 -22.98 17.08
CA CYS C 856 67.09 -23.90 18.16
C CYS C 856 65.64 -23.95 18.61
N GLN C 857 65.00 -22.78 18.62
CA GLN C 857 63.57 -22.71 18.84
C GLN C 857 62.82 -21.93 17.77
N ASP C 858 61.51 -22.21 17.77
CA ASP C 858 60.60 -21.49 16.90
C ASP C 858 60.42 -20.04 17.35
N ALA C 859 61.31 -19.25 16.78
CA ALA C 859 61.32 -17.81 16.89
C ALA C 859 61.14 -17.02 15.60
N GLY C 860 60.39 -15.94 15.73
CA GLY C 860 60.07 -15.13 14.56
C GLY C 860 61.09 -14.03 14.30
N PHE C 861 62.33 -14.31 14.69
CA PHE C 861 63.45 -13.45 14.36
C PHE C 861 63.82 -13.76 12.92
N LEU C 862 64.17 -12.63 12.31
CA LEU C 862 64.53 -12.68 10.91
C LEU C 862 65.85 -13.30 10.45
N VAL C 863 65.56 -14.58 10.18
CA VAL C 863 66.48 -15.52 9.57
C VAL C 863 65.93 -16.77 8.91
N PRO C 864 66.26 -17.18 7.69
CA PRO C 864 65.96 -18.50 7.17
C PRO C 864 66.64 -19.58 8.01
N ARG C 865 65.92 -20.70 7.95
CA ARG C 865 66.17 -21.87 8.78
C ARG C 865 66.61 -23.07 7.95
N PRO C 866 67.83 -22.98 7.42
CA PRO C 866 68.39 -23.95 6.50
C PRO C 866 68.40 -25.36 7.10
N LEU C 867 68.92 -25.45 8.32
CA LEU C 867 69.09 -26.69 9.05
C LEU C 867 67.88 -27.34 9.71
N ASP C 868 66.73 -27.02 9.11
CA ASP C 868 65.47 -27.54 9.58
C ASP C 868 65.26 -29.05 9.65
N ALA C 869 65.97 -29.81 8.82
CA ALA C 869 65.91 -31.25 8.80
C ALA C 869 66.79 -32.14 9.68
N LEU C 870 67.71 -31.39 10.27
CA LEU C 870 68.65 -31.92 11.24
C LEU C 870 68.01 -31.97 12.63
N ARG C 871 68.05 -33.13 13.29
CA ARG C 871 67.32 -33.40 14.52
C ARG C 871 67.62 -32.44 15.66
N GLN C 872 66.51 -31.90 16.16
CA GLN C 872 66.42 -30.92 17.22
C GLN C 872 65.02 -30.77 17.81
N PHE C 873 65.04 -30.94 19.13
CA PHE C 873 63.90 -30.54 19.94
C PHE C 873 63.68 -29.05 20.16
N ASP C 874 62.42 -28.64 20.19
CA ASP C 874 62.09 -27.25 20.45
C ASP C 874 62.46 -26.70 21.83
N VAL C 875 63.60 -26.00 21.90
CA VAL C 875 64.11 -25.66 23.20
C VAL C 875 63.32 -24.66 24.04
N THR C 876 63.44 -24.79 25.36
CA THR C 876 62.89 -23.83 26.30
C THR C 876 63.78 -22.68 26.75
N SER C 877 63.25 -21.58 27.27
CA SER C 877 63.96 -20.63 28.10
C SER C 877 65.24 -21.10 28.77
N ALA C 878 65.11 -22.03 29.71
CA ALA C 878 66.19 -22.71 30.41
C ALA C 878 67.29 -23.37 29.60
N ALA C 879 66.81 -24.09 28.58
CA ALA C 879 67.74 -24.74 27.68
C ALA C 879 68.54 -23.79 26.80
N ALA C 880 67.81 -22.96 26.06
CA ALA C 880 68.35 -21.80 25.39
C ALA C 880 69.45 -21.07 26.15
N ALA C 881 69.19 -20.57 27.36
CA ALA C 881 70.23 -20.21 28.29
C ALA C 881 71.58 -20.91 28.38
N GLU C 882 71.46 -22.23 28.58
CA GLU C 882 72.55 -23.18 28.60
C GLU C 882 73.43 -23.26 27.36
N ILE C 883 72.79 -23.33 26.19
CA ILE C 883 73.45 -23.27 24.91
C ILE C 883 74.18 -21.94 24.78
N MET C 884 73.38 -20.91 25.06
CA MET C 884 73.82 -19.55 24.91
C MET C 884 75.05 -19.14 25.71
N HIS C 885 75.08 -19.75 26.90
CA HIS C 885 76.28 -19.71 27.71
C HIS C 885 77.60 -20.27 27.22
N ALA C 886 77.52 -21.43 26.58
CA ALA C 886 78.46 -21.92 25.59
C ALA C 886 78.86 -20.92 24.51
N VAL C 887 77.87 -20.44 23.75
CA VAL C 887 78.14 -19.40 22.76
C VAL C 887 79.05 -18.26 23.21
N ASN C 888 78.46 -17.72 24.27
CA ASN C 888 79.12 -16.72 25.09
C ASN C 888 80.61 -16.94 25.36
N ASP C 889 80.80 -18.05 26.08
CA ASP C 889 82.09 -18.61 26.46
C ASP C 889 83.14 -18.80 25.36
N ALA C 890 82.73 -19.53 24.32
CA ALA C 890 83.50 -19.63 23.10
C ALA C 890 84.03 -18.29 22.62
N PHE C 891 83.11 -17.32 22.58
CA PHE C 891 83.49 -16.00 22.15
C PHE C 891 84.60 -15.32 22.95
N LYS C 892 84.36 -15.44 24.25
CA LYS C 892 85.30 -15.16 25.31
C LYS C 892 86.75 -15.58 25.15
N THR C 893 86.80 -16.90 24.99
CA THR C 893 88.08 -17.55 24.80
C THR C 893 88.85 -17.27 23.52
N ALA C 894 88.06 -17.28 22.44
CA ALA C 894 88.52 -16.91 21.12
C ALA C 894 89.24 -15.58 20.90
N PHE C 895 88.70 -14.68 21.71
CA PHE C 895 89.15 -13.31 21.68
C PHE C 895 89.89 -12.83 22.93
N ASP C 896 90.42 -13.75 23.73
CA ASP C 896 91.06 -13.54 25.01
C ASP C 896 90.30 -12.79 26.09
N LEU C 897 88.97 -12.82 25.96
CA LEU C 897 88.10 -12.10 26.88
C LEU C 897 87.67 -12.80 28.16
N ASP C 898 88.50 -12.52 29.16
CA ASP C 898 88.44 -13.09 30.49
C ASP C 898 87.51 -12.46 31.52
N GLY C 899 87.19 -11.19 31.24
CA GLY C 899 86.16 -10.51 32.00
C GLY C 899 84.74 -11.03 31.87
N ALA C 900 84.22 -11.75 32.87
CA ALA C 900 82.87 -12.28 32.72
C ALA C 900 81.77 -11.24 32.77
N LEU C 901 82.18 -10.04 33.22
CA LEU C 901 81.36 -8.85 33.15
C LEU C 901 81.30 -8.23 31.75
N LEU C 902 81.17 -9.16 30.81
CA LEU C 902 81.02 -8.95 29.38
C LEU C 902 80.20 -10.16 28.94
N ASP C 903 78.95 -9.91 28.53
CA ASP C 903 78.07 -10.89 27.92
C ASP C 903 77.34 -11.93 28.75
N GLY C 904 78.14 -12.32 29.74
CA GLY C 904 77.61 -13.04 30.89
C GLY C 904 76.11 -12.97 31.13
N LEU C 905 75.75 -11.90 31.83
CA LEU C 905 74.43 -11.50 32.27
C LEU C 905 73.22 -11.34 31.36
N ALA C 906 73.49 -11.69 30.10
CA ALA C 906 72.53 -11.70 29.02
C ALA C 906 71.51 -12.82 29.11
N LEU C 907 71.83 -13.83 29.93
CA LEU C 907 70.94 -14.96 30.07
C LEU C 907 70.22 -15.13 31.40
N TYR C 908 69.94 -13.95 31.98
CA TYR C 908 69.32 -13.84 33.28
C TYR C 908 67.85 -13.47 33.16
N GLY C 909 67.14 -14.52 32.72
CA GLY C 909 65.71 -14.42 32.52
C GLY C 909 65.34 -14.42 31.05
N ASP C 910 64.30 -15.19 30.71
CA ASP C 910 63.95 -15.31 29.31
C ASP C 910 64.94 -14.89 28.23
N PRO C 911 65.88 -15.75 27.90
CA PRO C 911 66.93 -15.51 26.91
C PRO C 911 66.47 -15.73 25.48
N ARG C 912 65.22 -15.27 25.30
CA ARG C 912 64.54 -15.33 24.02
C ARG C 912 64.70 -14.00 23.30
N ILE C 913 65.99 -13.71 23.25
CA ILE C 913 66.49 -12.50 22.61
C ILE C 913 66.27 -12.27 21.13
N ALA C 914 65.53 -11.21 20.77
CA ALA C 914 65.18 -10.89 19.40
C ALA C 914 65.54 -9.54 18.80
N ASP C 915 65.19 -8.54 19.61
CA ASP C 915 65.37 -7.11 19.49
C ASP C 915 65.74 -6.37 20.77
N LEU C 916 67.00 -6.49 21.21
CA LEU C 916 67.47 -5.90 22.45
C LEU C 916 67.44 -4.39 22.33
N SER C 917 66.59 -3.72 23.09
CA SER C 917 66.46 -2.27 23.16
C SER C 917 66.06 -1.67 24.49
N ALA C 918 66.39 -0.40 24.73
CA ALA C 918 65.98 0.34 25.89
C ALA C 918 65.11 1.58 25.76
N ALA C 919 64.34 1.83 26.82
CA ALA C 919 63.43 2.96 26.93
C ALA C 919 63.40 3.71 28.26
N TYR C 920 62.82 4.91 28.21
CA TYR C 920 62.42 5.79 29.29
C TYR C 920 60.93 6.06 29.26
N LEU C 921 60.32 6.12 30.46
CA LEU C 921 58.95 6.46 30.72
C LEU C 921 58.76 7.71 31.57
N GLN C 922 57.94 8.57 30.95
CA GLN C 922 57.61 9.90 31.42
C GLN C 922 56.17 9.88 31.93
N TYR C 923 56.00 10.57 33.06
CA TYR C 923 54.76 10.63 33.80
C TYR C 923 53.52 11.22 33.16
N GLY C 924 53.82 12.19 32.29
CA GLY C 924 52.88 12.68 31.30
C GLY C 924 52.46 11.79 30.14
N GLY C 925 52.41 10.51 30.51
CA GLY C 925 51.84 9.47 29.69
C GLY C 925 52.65 8.82 28.57
N ASN C 926 53.93 9.20 28.51
CA ASN C 926 54.70 8.92 27.31
C ASN C 926 56.01 8.23 27.62
N VAL C 927 56.36 7.52 26.55
CA VAL C 927 57.53 6.66 26.47
C VAL C 927 58.34 6.92 25.21
N VAL C 928 59.61 7.00 25.59
CA VAL C 928 60.72 7.14 24.65
C VAL C 928 61.61 5.92 24.52
N ARG C 929 61.31 5.23 23.42
CA ARG C 929 61.99 3.98 23.15
C ARG C 929 63.06 4.23 22.10
N GLU C 930 64.31 3.93 22.48
CA GLU C 930 65.48 3.78 21.63
C GLU C 930 65.74 2.33 21.27
N HIS C 931 65.46 2.07 19.99
CA HIS C 931 65.64 0.80 19.32
C HIS C 931 66.97 0.94 18.60
N VAL C 932 68.00 0.27 19.15
CA VAL C 932 69.31 0.41 18.55
C VAL C 932 69.70 -0.79 17.69
N PRO C 933 69.72 -0.52 16.39
CA PRO C 933 70.02 -1.54 15.42
C PRO C 933 71.51 -1.80 15.24
N PRO C 934 71.75 -3.08 14.94
CA PRO C 934 73.05 -3.46 14.43
C PRO C 934 72.93 -3.42 12.91
N GLY C 935 74.06 -3.03 12.30
CA GLY C 935 74.13 -2.94 10.85
C GLY C 935 74.89 -4.11 10.24
N PRO C 936 76.17 -3.83 9.97
CA PRO C 936 77.05 -4.90 9.54
C PRO C 936 77.19 -6.01 10.58
N SER C 937 77.15 -7.23 10.06
CA SER C 937 77.46 -8.48 10.73
C SER C 937 78.25 -9.45 9.85
N HIS C 938 79.55 -9.15 9.80
CA HIS C 938 80.43 -10.03 9.05
C HIS C 938 80.59 -11.46 9.54
N ILE C 939 80.80 -11.57 10.86
CA ILE C 939 80.78 -12.90 11.42
C ILE C 939 79.60 -13.82 11.19
N HIS C 940 78.47 -13.19 11.52
CA HIS C 940 77.16 -13.75 11.26
C HIS C 940 76.96 -14.17 9.81
N ARG C 941 77.29 -13.34 8.81
CA ARG C 941 77.23 -13.64 7.39
C ARG C 941 78.09 -14.83 6.99
N ALA C 942 79.28 -14.93 7.57
CA ALA C 942 80.21 -16.02 7.37
C ALA C 942 79.64 -17.30 7.98
N LEU C 943 78.98 -17.18 9.14
CA LEU C 943 78.37 -18.33 9.77
C LEU C 943 77.26 -18.95 8.92
N GLN C 944 76.35 -18.05 8.53
CA GLN C 944 75.32 -18.42 7.58
C GLN C 944 75.80 -19.09 6.30
N GLN C 945 76.92 -18.53 5.83
CA GLN C 945 77.39 -19.03 4.55
C GLN C 945 77.97 -20.42 4.70
N VAL C 946 78.69 -20.61 5.80
CA VAL C 946 79.12 -21.90 6.31
C VAL C 946 78.01 -22.95 6.48
N GLU C 947 76.85 -22.47 6.91
CA GLU C 947 75.70 -23.34 6.96
C GLU C 947 75.21 -23.79 5.59
N SER C 948 75.07 -22.79 4.73
CA SER C 948 74.58 -23.05 3.38
C SER C 948 75.35 -24.12 2.64
N THR C 949 76.67 -23.98 2.81
CA THR C 949 77.64 -24.92 2.29
C THR C 949 77.58 -26.30 2.92
N PHE C 950 77.50 -26.25 4.25
CA PHE C 950 77.17 -27.42 5.05
C PHE C 950 76.00 -28.26 4.53
N MET C 951 74.91 -27.55 4.25
CA MET C 951 73.80 -28.21 3.59
C MET C 951 74.09 -29.19 2.46
N ALA C 952 75.14 -28.89 1.71
CA ALA C 952 75.60 -29.80 0.66
C ALA C 952 76.78 -30.71 0.93
N GLU C 953 77.66 -30.20 1.79
CA GLU C 953 78.80 -31.00 2.17
C GLU C 953 78.85 -31.60 3.57
N MET C 954 77.68 -32.01 4.08
CA MET C 954 77.57 -32.54 5.42
C MET C 954 78.45 -33.73 5.77
N ASN C 955 78.68 -34.63 4.81
CA ASN C 955 79.49 -35.80 5.07
C ASN C 955 80.92 -35.52 5.52
N LEU C 956 81.45 -34.39 5.08
CA LEU C 956 82.78 -33.89 5.42
C LEU C 956 82.96 -33.67 6.91
N PHE C 957 81.87 -33.21 7.53
CA PHE C 957 81.60 -33.12 8.94
C PHE C 957 80.82 -34.24 9.62
N ASN C 958 81.22 -35.37 9.05
CA ASN C 958 80.73 -36.65 9.53
C ASN C 958 79.25 -36.71 9.86
N VAL C 959 78.45 -35.94 9.12
CA VAL C 959 77.00 -35.97 9.15
C VAL C 959 76.40 -36.46 7.84
N ALA C 960 76.04 -37.73 8.06
CA ALA C 960 75.40 -38.50 7.01
C ALA C 960 73.90 -38.59 7.22
N ARG C 961 73.25 -38.45 6.06
CA ARG C 961 71.84 -38.23 5.79
C ARG C 961 71.27 -39.45 5.08
N GLY C 962 70.10 -39.88 5.55
CA GLY C 962 69.30 -41.02 5.17
C GLY C 962 68.76 -41.86 6.33
N ASN C 963 68.53 -43.11 5.93
CA ASN C 963 68.06 -44.16 6.81
C ASN C 963 68.74 -45.47 6.44
N LEU C 964 68.50 -46.50 7.25
CA LEU C 964 68.89 -47.88 7.03
C LEU C 964 67.74 -48.86 6.80
N TYR C 965 68.12 -49.91 6.08
CA TYR C 965 67.39 -51.15 5.93
C TYR C 965 68.16 -52.36 6.44
N LEU C 966 67.42 -53.23 7.13
CA LEU C 966 67.86 -54.49 7.69
C LEU C 966 67.26 -55.66 6.91
N VAL C 967 68.10 -56.17 6.03
CA VAL C 967 67.82 -57.14 4.98
C VAL C 967 68.83 -58.26 4.75
N GLN C 968 68.26 -59.46 4.83
CA GLN C 968 69.04 -60.66 4.61
C GLN C 968 69.82 -60.77 3.30
N THR C 969 71.10 -60.45 3.48
CA THR C 969 72.07 -60.49 2.41
C THR C 969 73.37 -61.22 2.68
N ALA C 970 73.41 -62.42 2.10
CA ALA C 970 74.62 -63.23 2.07
C ALA C 970 75.03 -63.66 0.67
N THR C 971 76.32 -63.37 0.46
CA THR C 971 76.87 -63.32 -0.88
C THR C 971 78.39 -63.11 -0.85
N ASN C 972 79.03 -63.76 -1.82
CA ASN C 972 80.36 -63.47 -2.33
C ASN C 972 80.65 -62.13 -2.97
N GLY C 973 79.62 -61.60 -3.63
CA GLY C 973 79.77 -60.39 -4.42
C GLY C 973 78.83 -59.27 -4.01
N ASN C 974 79.24 -58.44 -3.06
CA ASN C 974 78.44 -57.35 -2.56
C ASN C 974 79.18 -56.03 -2.47
N TRP C 975 78.58 -54.88 -2.78
CA TRP C 975 79.20 -53.59 -2.54
C TRP C 975 79.55 -53.23 -1.11
N SER C 976 79.03 -52.05 -0.74
CA SER C 976 79.09 -51.50 0.60
C SER C 976 77.69 -51.08 1.04
N PRO C 977 77.35 -51.01 2.33
CA PRO C 977 76.20 -50.32 2.89
C PRO C 977 76.05 -48.84 2.54
N MET C 978 77.13 -48.24 2.04
CA MET C 978 77.27 -46.92 1.45
C MET C 978 77.07 -46.78 -0.05
N ALA C 979 76.93 -47.91 -0.74
CA ALA C 979 76.43 -48.01 -2.09
C ALA C 979 75.21 -48.86 -2.41
N PRO C 980 74.04 -48.26 -2.11
CA PRO C 980 72.80 -48.92 -2.45
C PRO C 980 72.45 -49.03 -3.93
N VAL C 981 71.86 -50.11 -4.45
CA VAL C 981 71.23 -50.09 -5.76
C VAL C 981 69.77 -50.52 -5.74
N ALA C 982 68.95 -49.47 -5.80
CA ALA C 982 67.52 -49.50 -6.04
C ALA C 982 66.56 -50.24 -5.12
N ALA C 983 66.90 -51.49 -4.81
CA ALA C 983 66.15 -52.43 -3.99
C ALA C 983 65.97 -52.23 -2.50
N PRO C 984 66.98 -51.78 -1.75
CA PRO C 984 66.82 -51.47 -0.34
C PRO C 984 65.63 -50.62 0.08
N PRO C 985 65.26 -49.58 -0.67
CA PRO C 985 63.97 -48.92 -0.54
C PRO C 985 62.78 -49.77 -0.93
N PHE C 986 61.72 -49.42 -0.19
CA PHE C 986 60.42 -50.04 -0.30
C PHE C 986 59.32 -49.01 -0.13
N VAL C 987 58.07 -49.48 -0.28
CA VAL C 987 56.84 -48.72 -0.23
C VAL C 987 55.78 -49.37 0.64
N ARG C 988 55.02 -48.44 1.24
CA ARG C 988 53.75 -48.69 1.90
C ARG C 988 52.73 -49.61 1.25
N GLY C 989 52.49 -49.25 -0.01
CA GLY C 989 51.56 -49.94 -0.88
C GLY C 989 52.27 -50.83 -1.89
N GLY C 990 52.82 -51.87 -1.27
CA GLY C 990 53.51 -52.96 -1.94
C GLY C 990 52.90 -54.34 -1.73
N PRO C 991 52.52 -55.14 -2.73
CA PRO C 991 52.15 -56.50 -2.41
C PRO C 991 52.96 -57.29 -1.39
N ASN C 992 52.20 -57.91 -0.50
CA ASN C 992 52.64 -58.74 0.61
C ASN C 992 53.35 -58.00 1.73
N VAL C 993 53.89 -56.81 1.44
CA VAL C 993 54.57 -56.06 2.47
C VAL C 993 53.67 -55.25 3.38
N ARG C 994 53.95 -55.18 4.68
CA ARG C 994 53.28 -54.35 5.67
C ARG C 994 54.20 -53.41 6.41
N VAL C 995 53.70 -52.17 6.44
CA VAL C 995 54.29 -50.92 6.88
C VAL C 995 53.64 -50.32 8.11
N VAL C 996 54.46 -50.43 9.16
CA VAL C 996 54.13 -50.02 10.50
C VAL C 996 55.09 -48.99 11.08
N GLY C 997 54.54 -48.09 11.89
CA GLY C 997 55.24 -47.14 12.73
C GLY C 997 54.54 -47.05 14.08
N ARG C 998 55.32 -47.54 15.05
CA ARG C 998 55.10 -47.68 16.46
C ARG C 998 55.75 -48.97 16.94
N PHE C 999 56.52 -48.80 18.01
CA PHE C 999 56.98 -49.96 18.77
C PHE C 999 56.66 -49.86 20.25
N GLY C 1000 56.18 -51.01 20.75
CA GLY C 1000 55.37 -51.16 21.94
C GLY C 1000 54.06 -51.85 21.62
N THR C 1001 53.55 -51.62 20.40
CA THR C 1001 52.36 -52.22 19.85
C THR C 1001 52.62 -53.59 19.24
N ILE C 1002 52.92 -54.48 20.19
CA ILE C 1002 53.18 -55.87 19.94
C ILE C 1002 52.39 -56.85 20.80
N VAL C 1003 52.04 -58.01 20.23
CA VAL C 1003 51.28 -59.07 20.84
C VAL C 1003 52.19 -60.28 20.72
N PRO C 1004 52.54 -60.83 21.88
CA PRO C 1004 53.17 -62.13 21.90
C PRO C 1004 52.50 -63.29 21.16
N ARG C 1005 52.95 -64.49 21.53
CA ARG C 1005 52.47 -65.73 20.97
C ARG C 1005 51.78 -66.77 21.84
N PRO C 1006 50.95 -66.31 22.78
CA PRO C 1006 50.59 -67.13 23.92
C PRO C 1006 49.62 -68.26 23.63
N ASN C 1007 50.01 -69.45 24.08
CA ASN C 1007 49.37 -70.70 23.74
C ASN C 1007 48.69 -70.81 22.37
N GLY C 1008 49.61 -71.04 21.42
CA GLY C 1008 49.42 -71.14 19.99
C GLY C 1008 49.06 -69.94 19.13
N LEU C 1009 48.59 -68.92 19.86
CA LEU C 1009 48.38 -67.62 19.26
C LEU C 1009 49.52 -67.15 18.35
N GLU C 1010 49.13 -66.64 17.17
CA GLU C 1010 50.08 -65.97 16.32
C GLU C 1010 50.88 -64.79 16.87
N PRO C 1011 52.21 -64.76 16.91
CA PRO C 1011 53.04 -63.64 17.33
C PRO C 1011 52.75 -62.49 16.38
N GLN C 1012 52.14 -61.47 16.99
CA GLN C 1012 51.68 -60.27 16.30
C GLN C 1012 52.19 -58.92 16.79
N LEU C 1013 51.95 -57.95 15.91
CA LEU C 1013 52.09 -56.53 16.10
C LEU C 1013 50.79 -55.76 15.87
N ILE C 1014 50.61 -54.67 16.61
CA ILE C 1014 49.47 -53.80 16.44
C ILE C 1014 49.78 -52.63 15.52
N ASP C 1015 49.52 -53.05 14.27
CA ASP C 1015 49.79 -52.36 13.02
C ASP C 1015 49.09 -51.01 12.89
N ASP C 1016 49.89 -50.05 13.34
CA ASP C 1016 49.70 -48.63 13.22
C ASP C 1016 48.37 -48.12 13.76
N GLY C 1017 47.39 -48.26 12.85
CA GLY C 1017 45.97 -48.06 13.06
C GLY C 1017 45.17 -49.21 13.68
N ASN C 1018 45.83 -49.93 14.59
CA ASN C 1018 45.37 -51.11 15.27
C ASN C 1018 45.02 -52.42 14.57
N VAL C 1019 46.07 -53.05 14.03
CA VAL C 1019 45.92 -54.30 13.34
C VAL C 1019 46.74 -55.45 13.90
N PRO C 1020 46.20 -56.53 14.48
CA PRO C 1020 46.97 -57.70 14.87
C PRO C 1020 47.60 -58.50 13.75
N ARG C 1021 48.88 -58.19 13.52
CA ARG C 1021 49.59 -58.83 12.43
C ARG C 1021 50.93 -59.48 12.68
N ASP C 1022 51.05 -60.70 12.15
CA ASP C 1022 52.23 -61.54 12.22
C ASP C 1022 53.55 -60.82 11.99
N ILE C 1023 54.52 -61.18 12.83
CA ILE C 1023 55.83 -60.56 12.70
C ILE C 1023 56.69 -61.19 11.61
N ALA C 1024 56.39 -60.63 10.43
CA ALA C 1024 57.07 -60.72 9.16
C ALA C 1024 56.38 -59.72 8.23
N GLY C 1025 57.25 -59.16 7.39
CA GLY C 1025 56.84 -57.97 6.66
C GLY C 1025 57.87 -56.87 6.48
N ASP C 1026 57.36 -55.63 6.47
CA ASP C 1026 58.13 -54.45 6.18
C ASP C 1026 57.96 -53.50 7.35
N TRP C 1027 58.62 -53.79 8.48
CA TRP C 1027 58.54 -52.96 9.66
C TRP C 1027 59.36 -51.69 9.73
N VAL C 1028 58.69 -50.58 10.05
CA VAL C 1028 59.28 -49.27 10.25
C VAL C 1028 59.37 -48.86 11.72
N TYR C 1029 60.58 -48.37 11.98
CA TYR C 1029 60.93 -47.76 13.24
C TYR C 1029 61.35 -46.31 13.04
N PRO C 1030 60.40 -45.45 13.42
CA PRO C 1030 60.77 -44.07 13.68
C PRO C 1030 61.83 -44.06 14.77
N SER C 1031 63.02 -43.51 14.53
CA SER C 1031 64.03 -43.42 15.58
C SER C 1031 63.64 -43.46 17.06
N ASP C 1032 62.85 -42.52 17.57
CA ASP C 1032 62.30 -42.49 18.91
C ASP C 1032 61.51 -43.71 19.34
N VAL C 1033 60.91 -44.34 18.33
CA VAL C 1033 60.23 -45.57 18.68
C VAL C 1033 61.13 -46.79 18.81
N LEU C 1034 62.18 -46.87 17.99
CA LEU C 1034 63.27 -47.78 18.25
C LEU C 1034 63.94 -47.69 19.62
N GLN C 1035 64.17 -46.45 20.06
CA GLN C 1035 64.75 -46.09 21.33
C GLN C 1035 63.88 -46.45 22.53
N VAL C 1036 62.56 -46.46 22.33
CA VAL C 1036 61.67 -46.99 23.34
C VAL C 1036 61.78 -48.47 23.68
N SER C 1037 61.30 -49.31 22.76
CA SER C 1037 61.13 -50.71 23.08
C SER C 1037 62.35 -51.62 23.18
N VAL C 1038 63.48 -51.11 23.66
CA VAL C 1038 64.73 -51.85 23.60
C VAL C 1038 64.86 -53.36 23.67
N ALA C 1039 64.56 -53.83 24.88
CA ALA C 1039 64.72 -55.26 25.14
C ALA C 1039 63.76 -56.14 24.35
N VAL C 1040 62.54 -55.62 24.19
CA VAL C 1040 61.53 -56.38 23.51
C VAL C 1040 61.81 -56.49 22.02
N PHE C 1041 62.20 -55.37 21.42
CA PHE C 1041 62.59 -55.23 20.03
C PHE C 1041 63.84 -56.01 19.65
N ARG C 1042 64.75 -55.98 20.63
CA ARG C 1042 66.00 -56.71 20.52
C ARG C 1042 65.68 -58.18 20.26
N ASP C 1043 64.87 -58.70 21.18
CA ASP C 1043 64.52 -60.10 21.21
C ASP C 1043 63.78 -60.58 19.97
N TYR C 1044 62.91 -59.69 19.49
CA TYR C 1044 61.98 -60.15 18.48
C TYR C 1044 62.40 -60.05 17.01
N VAL C 1045 62.87 -58.85 16.66
CA VAL C 1045 63.22 -58.56 15.29
C VAL C 1045 64.47 -59.23 14.73
N TRP C 1046 65.51 -59.25 15.56
CA TRP C 1046 66.79 -59.85 15.22
C TRP C 1046 66.77 -61.28 14.71
N PRO C 1047 65.96 -62.12 15.37
CA PRO C 1047 65.70 -63.45 14.85
C PRO C 1047 65.00 -63.52 13.50
N MET C 1048 63.92 -62.75 13.36
CA MET C 1048 63.22 -62.52 12.11
C MET C 1048 63.92 -61.90 10.92
N VAL C 1049 64.90 -61.08 11.30
CA VAL C 1049 65.89 -60.57 10.38
C VAL C 1049 66.79 -61.70 9.92
N LYS C 1050 67.50 -62.18 10.95
CA LYS C 1050 68.40 -63.29 10.79
C LYS C 1050 68.00 -64.58 10.08
N ALA C 1051 66.79 -65.00 10.44
CA ALA C 1051 66.27 -66.20 9.83
C ALA C 1051 64.94 -66.20 9.09
N GLY C 1052 64.71 -65.06 8.46
CA GLY C 1052 63.55 -64.79 7.63
C GLY C 1052 63.67 -63.46 6.88
N ARG C 1053 62.54 -63.03 6.33
CA ARG C 1053 62.45 -61.72 5.72
C ARG C 1053 61.55 -60.67 6.37
N THR C 1054 62.27 -59.69 6.93
CA THR C 1054 61.73 -58.63 7.76
C THR C 1054 62.48 -57.33 7.54
N ARG C 1055 61.85 -56.57 6.64
CA ARG C 1055 62.41 -55.37 6.04
C ARG C 1055 62.27 -54.08 6.85
N VAL C 1056 63.16 -54.12 7.84
CA VAL C 1056 63.23 -53.04 8.80
C VAL C 1056 63.83 -51.81 8.13
N LEU C 1057 62.96 -50.80 8.25
CA LEU C 1057 63.11 -49.40 7.91
C LEU C 1057 63.40 -48.50 9.10
N VAL C 1058 64.70 -48.43 9.39
CA VAL C 1058 65.16 -47.67 10.54
C VAL C 1058 65.25 -46.17 10.30
N GLU C 1059 64.08 -45.53 10.38
CA GLU C 1059 63.86 -44.13 10.08
C GLU C 1059 64.72 -43.24 10.95
N LEU C 1060 65.80 -42.77 10.31
CA LEU C 1060 66.87 -41.99 10.88
C LEU C 1060 66.85 -40.48 10.69
N GLY C 1061 66.72 -40.12 9.41
CA GLY C 1061 66.90 -38.77 8.91
C GLY C 1061 68.37 -38.40 8.89
N HIS C 1062 68.84 -38.02 10.07
CA HIS C 1062 70.27 -37.87 10.22
C HIS C 1062 71.04 -38.84 11.11
N TYR C 1063 72.35 -38.98 10.95
CA TYR C 1063 73.27 -39.81 11.70
C TYR C 1063 74.76 -39.61 11.46
N VAL C 1064 75.47 -39.90 12.56
CA VAL C 1064 76.91 -39.76 12.58
C VAL C 1064 77.42 -41.17 12.30
N TYR C 1065 78.44 -41.15 11.44
CA TYR C 1065 78.80 -42.31 10.64
C TYR C 1065 80.22 -42.76 10.93
N THR C 1066 80.44 -44.06 11.15
CA THR C 1066 81.68 -44.77 11.36
C THR C 1066 81.83 -45.96 10.43
N LEU C 1067 83.01 -45.90 9.82
CA LEU C 1067 83.43 -46.77 8.72
C LEU C 1067 84.43 -47.86 9.08
N HIS C 1068 84.29 -49.02 8.44
CA HIS C 1068 85.21 -50.12 8.67
C HIS C 1068 85.59 -50.89 7.41
N TYR C 1069 86.89 -51.22 7.36
CA TYR C 1069 87.49 -51.78 6.17
C TYR C 1069 87.98 -53.20 6.42
N TYR C 1070 87.46 -54.07 5.57
CA TYR C 1070 87.76 -55.49 5.52
C TYR C 1070 88.12 -55.96 4.13
N ASP C 1071 88.48 -57.25 4.08
CA ASP C 1071 88.78 -58.01 2.88
C ASP C 1071 87.71 -58.99 2.44
N PRO C 1072 87.13 -58.87 1.25
CA PRO C 1072 86.37 -59.88 0.56
C PRO C 1072 86.91 -61.27 0.20
N GLN C 1073 87.95 -61.62 0.97
CA GLN C 1073 88.62 -62.90 0.90
C GLN C 1073 88.28 -63.97 1.93
N ILE C 1074 87.96 -63.49 3.14
CA ILE C 1074 87.46 -64.39 4.16
C ILE C 1074 85.99 -64.32 4.54
N SER C 1075 85.35 -65.46 4.80
CA SER C 1075 84.00 -65.51 5.32
C SER C 1075 83.54 -64.83 6.61
N LEU C 1076 82.92 -63.66 6.44
CA LEU C 1076 82.37 -62.81 7.47
C LEU C 1076 80.89 -62.46 7.45
N ASP C 1077 80.41 -62.46 8.69
CA ASP C 1077 79.04 -62.16 9.07
C ASP C 1077 78.96 -60.93 9.95
N GLU C 1078 78.01 -60.05 9.65
CA GLU C 1078 77.66 -58.91 10.48
C GLU C 1078 77.11 -59.02 11.88
N ALA C 1079 76.94 -60.22 12.46
CA ALA C 1079 76.39 -60.36 13.78
C ALA C 1079 76.92 -59.65 15.03
N PRO C 1080 78.24 -59.72 15.18
CA PRO C 1080 78.93 -59.08 16.27
C PRO C 1080 78.55 -57.61 16.42
N ILE C 1081 78.78 -56.82 15.37
CA ILE C 1081 78.46 -55.41 15.31
C ILE C 1081 76.99 -55.06 15.44
N LEU C 1082 76.16 -55.97 14.90
CA LEU C 1082 74.72 -55.96 15.00
C LEU C 1082 74.20 -55.98 16.43
N GLU C 1083 74.69 -57.01 17.13
CA GLU C 1083 74.38 -57.24 18.52
C GLU C 1083 74.95 -56.08 19.32
N GLU C 1084 76.19 -55.65 19.11
CA GLU C 1084 76.72 -54.51 19.84
C GLU C 1084 75.88 -53.26 19.76
N TRP C 1085 75.45 -52.92 18.54
CA TRP C 1085 74.52 -51.85 18.26
C TRP C 1085 73.24 -51.85 19.09
N LEU C 1086 72.61 -53.01 18.95
CA LEU C 1086 71.46 -53.28 19.79
C LEU C 1086 71.69 -53.25 21.30
N SER C 1087 72.81 -53.85 21.74
CA SER C 1087 73.15 -53.80 23.14
C SER C 1087 73.39 -52.46 23.84
N LYS C 1088 73.75 -51.56 22.92
CA LYS C 1088 74.12 -50.19 23.17
C LYS C 1088 73.21 -49.09 22.64
N ILE C 1089 71.93 -49.44 22.57
CA ILE C 1089 70.90 -48.44 22.39
C ILE C 1089 70.17 -48.22 23.71
N ASN C 1090 70.18 -46.92 24.03
CA ASN C 1090 69.57 -46.40 25.23
C ASN C 1090 68.35 -45.59 24.81
N PRO C 1091 67.21 -45.71 25.50
CA PRO C 1091 66.10 -44.79 25.36
C PRO C 1091 66.36 -43.32 25.06
N ALA C 1092 67.46 -42.78 25.58
CA ALA C 1092 67.95 -41.45 25.30
C ALA C 1092 69.06 -41.08 24.33
N GLY C 1093 69.51 -42.17 23.70
CA GLY C 1093 70.77 -42.23 22.98
C GLY C 1093 70.80 -43.08 21.72
N ILE C 1094 71.85 -42.92 20.91
CA ILE C 1094 72.26 -43.64 19.72
C ILE C 1094 73.75 -43.57 19.41
N PRO C 1095 74.42 -44.69 19.12
CA PRO C 1095 75.81 -44.66 18.72
C PRO C 1095 76.02 -44.14 17.31
N PRO C 1096 77.25 -43.74 17.01
CA PRO C 1096 77.75 -43.61 15.65
C PRO C 1096 77.48 -44.88 14.87
N VAL C 1097 76.95 -44.76 13.65
CA VAL C 1097 76.39 -45.94 13.02
C VAL C 1097 77.55 -46.63 12.30
N PRO C 1098 77.92 -47.86 12.67
CA PRO C 1098 78.96 -48.57 11.95
C PRO C 1098 78.42 -48.97 10.60
N PHE C 1099 79.42 -49.01 9.71
CA PHE C 1099 79.22 -49.42 8.34
C PHE C 1099 80.43 -50.20 7.83
N CYS C 1100 80.27 -51.26 7.02
CA CYS C 1100 81.36 -52.03 6.46
C CYS C 1100 81.65 -51.94 4.97
N ILE C 1101 82.94 -51.89 4.63
CA ILE C 1101 83.34 -51.71 3.25
C ILE C 1101 84.36 -52.77 2.85
N PRO C 1102 84.14 -53.47 1.73
CA PRO C 1102 85.20 -54.26 1.12
C PRO C 1102 86.27 -53.32 0.56
N ILE C 1103 87.48 -53.76 0.89
CA ILE C 1103 88.71 -53.17 0.40
C ILE C 1103 88.79 -52.94 -1.10
N PRO C 1104 89.35 -51.81 -1.54
CA PRO C 1104 89.59 -51.52 -2.94
C PRO C 1104 90.23 -52.53 -3.87
N GLN C 1105 89.31 -53.07 -4.66
CA GLN C 1105 89.49 -54.21 -5.55
C GLN C 1105 90.62 -54.07 -6.55
N VAL C 1106 91.71 -54.77 -6.23
CA VAL C 1106 92.83 -54.98 -7.12
C VAL C 1106 93.40 -56.39 -7.26
N TYR C 1107 92.55 -57.41 -7.13
CA TYR C 1107 92.89 -58.82 -7.10
C TYR C 1107 92.41 -59.76 -8.20
N PRO C 1108 93.31 -60.57 -8.78
CA PRO C 1108 92.91 -61.69 -9.61
C PRO C 1108 92.59 -62.90 -8.76
N CYS C 1109 91.34 -62.98 -8.30
CA CYS C 1109 90.74 -64.02 -7.48
C CYS C 1109 89.25 -63.88 -7.21
N ILE C 1110 88.65 -65.06 -6.99
CA ILE C 1110 87.26 -65.10 -6.61
C ILE C 1110 86.99 -64.39 -5.29
N THR C 1111 85.73 -63.95 -5.17
CA THR C 1111 85.29 -63.50 -3.86
C THR C 1111 84.60 -64.50 -2.93
N ALA C 1112 85.02 -64.39 -1.67
CA ALA C 1112 84.42 -65.15 -0.60
C ALA C 1112 83.06 -64.68 -0.10
N ARG C 1113 82.31 -65.65 0.44
CA ARG C 1113 81.08 -65.23 1.08
C ARG C 1113 81.06 -64.29 2.28
N ARG C 1114 80.18 -63.29 2.19
CA ARG C 1114 79.94 -62.25 3.17
C ARG C 1114 78.47 -62.08 3.54
N VAL C 1115 78.21 -61.80 4.82
CA VAL C 1115 76.88 -61.59 5.35
C VAL C 1115 76.62 -60.19 5.89
N HIS C 1116 75.91 -59.40 5.06
CA HIS C 1116 75.50 -58.05 5.37
C HIS C 1116 74.00 -57.82 5.50
N TYR C 1117 73.67 -56.83 6.33
CA TYR C 1117 72.29 -56.47 6.59
C TYR C 1117 71.73 -55.08 6.36
N ALA C 1118 72.32 -54.10 7.06
CA ALA C 1118 72.08 -52.68 6.92
C ALA C 1118 72.74 -52.03 5.71
N PHE C 1119 71.89 -51.44 4.88
CA PHE C 1119 72.09 -50.60 3.73
C PHE C 1119 71.49 -49.21 3.81
N THR C 1120 72.31 -48.23 3.45
CA THR C 1120 71.81 -46.87 3.36
C THR C 1120 70.71 -46.65 2.33
N SER C 1121 69.85 -45.67 2.62
CA SER C 1121 68.97 -45.23 1.55
C SER C 1121 69.61 -44.53 0.36
N GLU C 1122 70.73 -43.91 0.73
CA GLU C 1122 71.37 -42.97 -0.15
C GLU C 1122 72.90 -43.02 -0.15
N ASN C 1123 73.51 -42.71 -1.30
CA ASN C 1123 74.93 -42.71 -1.59
C ASN C 1123 75.58 -41.48 -0.96
N ASN C 1124 76.11 -41.84 0.21
CA ASN C 1124 76.80 -40.96 1.12
C ASN C 1124 78.32 -40.95 1.07
N ASN C 1125 78.88 -41.52 0.01
CA ASN C 1125 80.31 -41.70 -0.18
C ASN C 1125 81.08 -40.51 -0.73
N ASP C 1126 80.51 -39.34 -0.44
CA ASP C 1126 81.03 -38.11 -0.98
C ASP C 1126 82.36 -37.60 -0.42
N SER C 1127 82.47 -37.99 0.85
CA SER C 1127 83.68 -37.85 1.63
C SER C 1127 84.98 -38.51 1.21
N LEU C 1128 84.81 -39.58 0.42
CA LEU C 1128 85.76 -40.17 -0.50
C LEU C 1128 86.35 -39.28 -1.58
N PHE C 1129 87.63 -39.02 -1.39
CA PHE C 1129 88.50 -38.23 -2.25
C PHE C 1129 89.06 -39.06 -3.39
N SER C 1130 89.44 -40.30 -3.10
CA SER C 1130 90.08 -41.20 -4.04
C SER C 1130 90.18 -42.65 -3.57
N THR C 1131 89.97 -43.56 -4.51
CA THR C 1131 90.34 -44.95 -4.27
C THR C 1131 91.85 -45.17 -4.14
N ASN C 1132 92.39 -46.17 -4.82
CA ASN C 1132 93.73 -46.68 -4.65
C ASN C 1132 94.66 -46.06 -5.68
N ALA C 1133 94.98 -44.82 -5.32
CA ALA C 1133 95.60 -43.80 -6.15
C ALA C 1133 96.88 -44.20 -6.87
N ALA C 1134 97.52 -45.10 -6.13
CA ALA C 1134 98.83 -45.52 -6.57
C ALA C 1134 98.91 -46.73 -7.49
N SER C 1135 97.76 -47.25 -7.94
CA SER C 1135 97.54 -48.37 -8.82
C SER C 1135 97.10 -47.89 -10.20
N ILE C 1136 97.36 -48.77 -11.17
CA ILE C 1136 96.90 -48.57 -12.53
C ILE C 1136 95.46 -49.02 -12.71
N ASP C 1137 95.02 -49.84 -11.76
CA ASP C 1137 93.92 -50.73 -12.02
C ASP C 1137 93.06 -51.05 -10.80
N THR C 1138 91.78 -51.27 -11.08
CA THR C 1138 90.83 -51.77 -10.10
C THR C 1138 90.28 -53.16 -10.41
N ALA C 1139 89.10 -53.53 -9.92
CA ALA C 1139 88.51 -54.81 -10.27
C ALA C 1139 87.00 -54.92 -10.41
N PHE C 1140 86.39 -54.66 -9.25
CA PHE C 1140 84.95 -54.84 -9.11
C PHE C 1140 84.14 -53.59 -8.83
N GLY C 1141 82.95 -53.50 -9.43
CA GLY C 1141 82.05 -52.36 -9.33
C GLY C 1141 82.63 -51.03 -9.76
N GLU C 1142 82.45 -50.82 -11.06
CA GLU C 1142 83.00 -49.68 -11.75
C GLU C 1142 82.75 -48.32 -11.09
N ASN C 1143 83.86 -47.96 -10.45
CA ASN C 1143 84.02 -46.80 -9.59
C ASN C 1143 84.64 -45.64 -10.35
N ALA C 1144 84.66 -44.48 -9.69
CA ALA C 1144 85.48 -43.33 -10.01
C ALA C 1144 86.63 -43.03 -9.07
N ALA C 1145 87.64 -42.39 -9.65
CA ALA C 1145 88.80 -41.79 -9.01
C ALA C 1145 88.51 -40.33 -8.74
N VAL C 1146 89.36 -39.62 -7.99
CA VAL C 1146 89.32 -38.19 -7.74
C VAL C 1146 88.72 -37.40 -8.89
N SER C 1147 88.01 -36.37 -8.44
CA SER C 1147 87.23 -35.51 -9.31
C SER C 1147 87.91 -34.19 -9.65
N PRO C 1148 87.91 -33.81 -10.93
CA PRO C 1148 88.24 -32.44 -11.24
C PRO C 1148 87.60 -31.25 -10.55
N LEU C 1149 86.36 -31.47 -10.10
CA LEU C 1149 85.50 -30.50 -9.45
C LEU C 1149 86.05 -29.81 -8.20
N ARG C 1150 86.66 -30.60 -7.31
CA ARG C 1150 87.39 -30.09 -6.17
C ARG C 1150 88.62 -29.24 -6.43
N TRP C 1151 89.14 -29.40 -7.65
CA TRP C 1151 90.28 -28.69 -8.17
C TRP C 1151 90.04 -27.79 -9.37
N PRO C 1152 88.85 -27.22 -9.57
CA PRO C 1152 88.57 -26.41 -10.74
C PRO C 1152 89.56 -25.30 -11.10
N GLY C 1153 89.97 -24.49 -10.13
CA GLY C 1153 91.00 -23.53 -10.42
C GLY C 1153 92.32 -24.04 -11.00
N LEU C 1154 92.88 -25.13 -10.46
CA LEU C 1154 94.05 -25.74 -11.04
C LEU C 1154 93.86 -26.43 -12.38
N VAL C 1155 92.78 -27.20 -12.52
CA VAL C 1155 92.51 -28.03 -13.67
C VAL C 1155 91.83 -27.39 -14.87
N ASP C 1156 90.97 -26.40 -14.63
CA ASP C 1156 90.29 -25.72 -15.72
C ASP C 1156 90.93 -24.37 -16.04
N PRO C 1157 91.48 -24.27 -17.24
CA PRO C 1157 92.06 -23.03 -17.71
C PRO C 1157 91.08 -21.88 -17.89
N ASN C 1158 89.86 -22.20 -18.33
CA ASN C 1158 88.84 -21.19 -18.47
C ASN C 1158 88.39 -20.40 -17.25
N TYR C 1159 88.89 -20.72 -16.07
CA TYR C 1159 88.50 -20.20 -14.77
C TYR C 1159 89.59 -19.35 -14.13
N ARG C 1160 89.09 -18.24 -13.61
CA ARG C 1160 89.80 -17.38 -12.69
C ARG C 1160 90.37 -18.13 -11.50
N VAL C 1161 91.58 -17.69 -11.16
CA VAL C 1161 92.30 -18.38 -10.11
C VAL C 1161 91.70 -18.38 -8.71
N GLY C 1162 90.89 -17.36 -8.46
CA GLY C 1162 90.17 -17.22 -7.21
C GLY C 1162 89.04 -18.22 -7.05
N THR C 1163 88.27 -18.32 -8.14
CA THR C 1163 86.88 -18.70 -8.05
C THR C 1163 86.54 -20.01 -7.36
N ASN C 1164 85.40 -19.94 -6.66
CA ASN C 1164 84.99 -21.14 -5.94
C ASN C 1164 83.78 -21.78 -6.61
N ASP C 1165 83.23 -22.82 -5.97
CA ASP C 1165 81.93 -23.33 -6.33
C ASP C 1165 81.02 -23.58 -5.14
N LEU C 1166 80.83 -22.44 -4.44
CA LEU C 1166 79.95 -22.44 -3.28
C LEU C 1166 78.50 -22.01 -3.51
N PRO C 1167 77.68 -22.47 -2.57
CA PRO C 1167 77.77 -23.51 -1.56
C PRO C 1167 77.91 -24.97 -1.98
N ASN C 1168 77.88 -25.33 -3.25
CA ASN C 1168 78.05 -26.72 -3.64
C ASN C 1168 79.30 -27.53 -3.32
N ARG C 1169 80.43 -27.00 -3.81
CA ARG C 1169 81.71 -27.62 -3.64
C ARG C 1169 82.80 -26.77 -2.99
N ILE C 1170 83.59 -27.31 -2.07
CA ILE C 1170 84.70 -26.63 -1.45
C ILE C 1170 85.97 -26.96 -2.22
N THR C 1171 86.41 -25.89 -2.88
CA THR C 1171 87.66 -25.89 -3.60
C THR C 1171 88.92 -26.06 -2.76
N LEU C 1172 89.76 -26.92 -3.34
CA LEU C 1172 91.03 -27.26 -2.74
C LEU C 1172 92.22 -26.29 -2.82
N TYR C 1173 92.08 -25.62 -3.96
CA TYR C 1173 93.20 -24.88 -4.49
C TYR C 1173 92.73 -23.61 -5.18
N ASN C 1174 92.82 -22.53 -4.40
CA ASN C 1174 92.51 -21.12 -4.54
C ASN C 1174 93.69 -20.18 -4.40
N SER C 1175 93.52 -19.17 -5.25
CA SER C 1175 94.62 -18.22 -5.37
C SER C 1175 94.54 -17.43 -4.08
N LEU C 1176 95.52 -17.83 -3.26
CA LEU C 1176 95.75 -17.24 -1.95
C LEU C 1176 96.40 -15.86 -1.93
N TYR C 1177 95.87 -15.15 -0.93
CA TYR C 1177 96.40 -13.87 -0.51
C TYR C 1177 97.11 -13.73 0.82
N ARG C 1178 98.40 -13.40 0.67
CA ARG C 1178 99.27 -13.28 1.82
C ARG C 1178 99.49 -11.82 2.18
N TYR C 1179 98.88 -11.56 3.33
CA TYR C 1179 98.74 -10.28 4.00
C TYR C 1179 99.32 -10.07 5.40
N ASN C 1180 99.92 -8.89 5.55
CA ASN C 1180 100.47 -8.39 6.79
C ASN C 1180 100.67 -6.90 6.63
N PHE C 1181 100.46 -6.20 7.75
CA PHE C 1181 100.61 -4.78 7.97
C PHE C 1181 101.68 -4.32 8.96
N THR C 1182 101.94 -3.01 8.95
CA THR C 1182 102.58 -2.25 9.99
C THR C 1182 101.53 -2.13 11.09
N TYR C 1183 101.90 -2.56 12.30
CA TYR C 1183 101.11 -2.25 13.48
C TYR C 1183 101.90 -1.32 14.38
N PRO C 1184 101.77 0.00 14.22
CA PRO C 1184 102.61 0.95 14.92
C PRO C 1184 102.09 1.31 16.31
N THR C 1185 103.05 1.78 17.11
CA THR C 1185 102.79 2.46 18.37
C THR C 1185 102.38 3.92 18.20
N LEU C 1186 101.47 4.46 19.02
CA LEU C 1186 101.03 5.83 18.85
C LEU C 1186 101.97 6.88 19.43
N ASP C 1187 102.85 7.38 18.58
CA ASP C 1187 103.86 8.37 18.92
C ASP C 1187 103.66 9.82 18.49
N GLY C 1188 102.98 10.55 19.38
CA GLY C 1188 102.59 11.92 19.19
C GLY C 1188 103.22 12.93 20.13
N ILE C 1189 103.23 14.21 19.72
CA ILE C 1189 103.73 15.30 20.52
C ILE C 1189 102.62 16.23 20.98
N MET C 1190 102.60 16.44 22.30
CA MET C 1190 101.66 17.27 23.02
C MET C 1190 102.03 18.66 23.50
N TYR C 1191 101.29 19.62 22.92
CA TYR C 1191 101.49 21.04 23.11
C TYR C 1191 100.27 21.87 23.47
N VAL C 1192 100.52 22.67 24.51
CA VAL C 1192 99.48 23.47 25.12
C VAL C 1192 98.75 24.61 24.43
N ARG C 1193 97.70 24.16 23.74
CA ARG C 1193 97.00 24.92 22.72
C ARG C 1193 96.58 26.32 23.13
N SER C 1194 95.60 26.37 24.04
CA SER C 1194 94.90 27.49 24.65
C SER C 1194 95.84 28.55 25.23
N ALA C 1195 96.82 28.03 25.97
CA ALA C 1195 97.91 28.86 26.43
C ALA C 1195 98.82 29.57 25.43
N THR C 1196 98.87 29.25 24.14
CA THR C 1196 99.63 29.93 23.12
C THR C 1196 99.22 31.24 22.45
N MET D 1 26.01 9.27 52.47
CA MET D 1 26.16 7.83 52.73
C MET D 1 24.91 7.01 53.03
N ALA D 2 24.24 7.36 54.15
CA ALA D 2 22.90 6.86 54.35
C ALA D 2 21.93 7.45 53.34
N GLN D 3 21.91 6.80 52.18
CA GLN D 3 20.96 7.04 51.11
C GLN D 3 19.58 6.58 51.59
N ARG D 4 18.91 7.48 52.30
CA ARG D 4 17.65 7.27 52.98
C ARG D 4 16.72 6.23 52.37
N GLN D 5 16.19 6.53 51.18
CA GLN D 5 15.38 5.59 50.44
C GLN D 5 16.11 4.48 49.70
N PHE D 6 16.72 3.64 50.53
CA PHE D 6 17.51 2.46 50.21
C PHE D 6 16.60 1.36 49.70
N PHE D 7 15.57 1.78 48.96
CA PHE D 7 14.65 0.77 48.46
C PHE D 7 15.18 -0.31 47.53
N GLY D 8 15.07 -1.56 47.98
CA GLY D 8 15.45 -2.80 47.32
C GLY D 8 14.35 -3.71 46.81
N LEU D 9 14.58 -4.38 45.68
CA LEU D 9 13.59 -5.06 44.86
C LEU D 9 13.81 -6.56 44.99
N THR D 10 12.77 -7.25 45.45
CA THR D 10 12.71 -8.70 45.60
C THR D 10 12.26 -9.30 44.28
N TYR D 11 12.69 -10.53 44.01
CA TYR D 11 12.39 -11.18 42.76
C TYR D 11 10.96 -11.66 42.53
N ASN D 12 10.53 -11.52 41.28
CA ASN D 12 9.30 -12.15 40.81
C ASN D 12 9.35 -13.67 40.67
N PHE D 13 8.15 -14.26 40.62
CA PHE D 13 8.11 -15.67 40.32
C PHE D 13 7.66 -16.04 38.92
N TYR D 14 8.30 -16.99 38.24
CA TYR D 14 8.01 -17.49 36.91
C TYR D 14 6.63 -18.13 36.80
N GLY D 15 5.55 -17.35 36.83
CA GLY D 15 4.17 -17.77 36.75
C GLY D 15 3.82 -18.85 37.75
N GLN D 16 4.40 -18.61 38.93
CA GLN D 16 4.37 -19.48 40.08
C GLN D 16 3.49 -18.94 41.19
N PRO D 17 2.66 -19.76 41.84
CA PRO D 17 1.96 -19.35 43.04
C PRO D 17 2.86 -18.95 44.20
N ALA D 18 4.09 -19.47 44.16
CA ALA D 18 5.01 -19.28 45.26
C ALA D 18 6.36 -18.68 44.92
N PRO D 19 7.10 -18.01 45.83
CA PRO D 19 8.44 -17.54 45.60
C PRO D 19 9.39 -18.69 45.28
N LEU D 20 10.42 -18.37 44.48
CA LEU D 20 11.27 -19.36 43.83
C LEU D 20 12.29 -20.22 44.56
N PHE D 21 11.64 -21.27 45.07
CA PHE D 21 12.15 -22.35 45.90
C PHE D 21 10.99 -23.20 46.38
N ASP D 22 11.27 -24.49 46.63
CA ASP D 22 10.31 -25.18 47.48
C ASP D 22 10.71 -25.29 48.94
N LEU D 23 9.76 -25.70 49.80
CA LEU D 23 10.04 -25.77 51.22
C LEU D 23 11.31 -26.47 51.68
N ASN D 24 11.57 -27.55 50.93
CA ASN D 24 12.77 -28.32 51.19
C ASN D 24 14.09 -27.61 50.94
N ASP D 25 14.05 -26.85 49.84
CA ASP D 25 15.14 -26.02 49.38
C ASP D 25 15.41 -24.89 50.35
N LEU D 26 14.33 -24.29 50.85
CA LEU D 26 14.44 -23.21 51.80
C LEU D 26 14.94 -23.61 53.18
N GLN D 27 14.47 -24.78 53.62
CA GLN D 27 14.92 -25.56 54.75
C GLN D 27 16.44 -25.71 54.65
N GLU D 28 16.87 -26.34 53.56
CA GLU D 28 18.27 -26.45 53.19
C GLU D 28 19.02 -25.17 53.52
N LEU D 29 18.61 -24.14 52.78
CA LEU D 29 19.12 -22.80 52.99
C LEU D 29 19.17 -22.44 54.47
N ALA D 30 18.01 -22.13 55.06
CA ALA D 30 17.98 -21.56 56.40
C ALA D 30 18.64 -22.28 57.58
N GLY D 31 17.78 -23.30 57.61
CA GLY D 31 18.59 -24.24 58.36
C GLY D 31 19.96 -24.92 58.41
N CYS D 32 20.57 -25.14 57.24
CA CYS D 32 21.80 -25.91 57.16
C CYS D 32 22.72 -24.70 57.29
N TYR D 33 22.20 -23.48 57.19
CA TYR D 33 23.09 -22.34 57.33
C TYR D 33 22.89 -21.66 58.68
N ALA D 34 23.13 -20.35 58.80
CA ALA D 34 22.73 -19.59 59.96
C ALA D 34 22.69 -18.08 59.80
N ARG D 35 23.86 -17.45 59.66
CA ARG D 35 23.94 -16.08 59.24
C ARG D 35 23.36 -15.58 57.91
N PRO D 36 22.54 -14.53 57.93
CA PRO D 36 22.14 -13.79 56.74
C PRO D 36 23.11 -13.01 55.86
N TRP D 37 24.38 -13.27 56.17
CA TRP D 37 25.52 -12.65 55.53
C TRP D 37 26.47 -13.53 54.73
N THR D 38 26.79 -12.99 53.55
CA THR D 38 27.28 -13.65 52.36
C THR D 38 28.54 -14.52 52.43
N SER D 39 29.09 -14.63 53.64
CA SER D 39 30.24 -15.48 53.89
C SER D 39 30.32 -16.88 53.31
N ARG D 40 29.20 -17.58 53.56
CA ARG D 40 28.87 -18.91 53.10
C ARG D 40 28.78 -19.01 51.58
N PHE D 41 28.07 -18.02 51.04
CA PHE D 41 27.91 -17.91 49.60
C PHE D 41 29.21 -17.67 48.85
N SER D 42 29.95 -16.71 49.39
CA SER D 42 31.27 -16.42 48.88
C SER D 42 32.31 -17.53 48.95
N HIS D 43 32.23 -18.31 50.03
CA HIS D 43 33.00 -19.53 50.17
C HIS D 43 32.98 -20.48 48.99
N LEU D 44 31.74 -20.75 48.58
CA LEU D 44 31.51 -21.46 47.34
C LEU D 44 32.03 -20.92 46.01
N ALA D 45 31.70 -19.63 45.90
CA ALA D 45 32.12 -18.88 44.73
C ALA D 45 33.60 -18.68 44.45
N ILE D 46 34.29 -18.45 45.56
CA ILE D 46 35.72 -18.21 45.52
C ILE D 46 36.67 -19.20 44.89
N SER D 47 36.41 -20.49 45.10
CA SER D 47 37.24 -21.60 44.65
C SER D 47 37.56 -21.74 43.16
N THR D 48 38.59 -20.96 42.81
CA THR D 48 38.89 -20.46 41.48
C THR D 48 38.49 -21.27 40.25
N GLY D 49 37.21 -21.39 39.94
CA GLY D 49 36.58 -22.26 38.97
C GLY D 49 36.98 -23.73 38.85
N SER D 50 37.55 -24.30 39.91
CA SER D 50 37.92 -25.69 40.00
C SER D 50 36.75 -26.66 40.18
N LEU D 51 36.12 -26.59 41.35
CA LEU D 51 34.97 -27.40 41.69
C LEU D 51 33.77 -27.30 40.77
N PRO D 52 33.18 -28.41 40.35
CA PRO D 52 32.02 -28.23 39.49
C PRO D 52 30.85 -27.57 40.21
N VAL D 53 30.28 -26.67 39.42
CA VAL D 53 29.31 -25.73 39.97
C VAL D 53 27.94 -26.33 40.25
N TRP D 54 27.83 -27.51 39.64
CA TRP D 54 26.73 -28.43 39.82
C TRP D 54 26.57 -29.11 41.16
N SER D 55 25.32 -29.16 41.61
CA SER D 55 24.88 -30.00 42.71
C SER D 55 23.39 -30.31 42.63
N ALA D 56 22.88 -31.19 43.50
CA ALA D 56 21.46 -31.52 43.50
C ALA D 56 20.37 -30.48 43.73
N ARG D 57 20.84 -29.60 44.61
CA ARG D 57 20.18 -28.36 44.98
C ARG D 57 20.54 -27.15 44.14
N TYR D 58 21.85 -27.04 43.93
CA TYR D 58 22.48 -25.88 43.34
C TYR D 58 23.17 -26.25 42.05
N PRO D 59 22.50 -26.15 40.90
CA PRO D 59 23.06 -26.28 39.57
C PRO D 59 24.28 -25.47 39.14
N SER D 60 24.28 -24.18 39.47
CA SER D 60 25.41 -23.31 39.25
C SER D 60 25.75 -22.39 40.41
N VAL D 61 26.84 -21.61 40.33
CA VAL D 61 27.05 -20.53 41.26
C VAL D 61 25.91 -19.52 41.20
N ALA D 62 25.59 -19.29 39.93
CA ALA D 62 24.50 -18.37 39.70
C ALA D 62 23.09 -18.76 40.17
N SER D 63 22.91 -20.08 40.14
CA SER D 63 21.77 -20.71 40.77
C SER D 63 21.54 -20.27 42.21
N ARG D 64 22.62 -20.56 42.92
CA ARG D 64 22.69 -20.19 44.32
C ARG D 64 22.50 -18.70 44.55
N ASN D 65 23.04 -17.95 43.59
CA ASN D 65 22.80 -16.53 43.49
C ASN D 65 21.32 -16.13 43.52
N ILE D 66 20.60 -16.80 42.61
CA ILE D 66 19.16 -16.68 42.52
C ILE D 66 18.37 -17.15 43.74
N VAL D 67 18.60 -18.32 44.32
CA VAL D 67 17.97 -18.74 45.55
C VAL D 67 18.35 -18.03 46.85
N VAL D 68 19.56 -17.46 46.76
CA VAL D 68 19.95 -16.46 47.74
C VAL D 68 19.07 -15.22 47.79
N ASN D 69 18.89 -14.60 46.62
CA ASN D 69 17.91 -13.57 46.40
C ASN D 69 16.48 -13.93 46.82
N THR D 70 15.97 -15.07 46.36
CA THR D 70 14.60 -15.42 46.63
C THR D 70 14.33 -15.64 48.12
N LEU D 71 15.35 -16.22 48.76
CA LEU D 71 15.42 -16.46 50.19
C LEU D 71 15.20 -15.17 50.98
N LEU D 72 16.16 -14.27 50.71
CA LEU D 72 16.05 -12.87 51.05
C LEU D 72 14.63 -12.37 50.82
N GLY D 73 14.25 -12.33 49.53
CA GLY D 73 12.97 -11.83 49.12
C GLY D 73 11.77 -12.26 49.94
N ALA D 74 11.76 -13.56 50.23
CA ALA D 74 10.70 -14.11 51.05
C ALA D 74 10.73 -13.80 52.54
N HIS D 75 11.90 -14.12 53.10
CA HIS D 75 12.09 -13.91 54.53
C HIS D 75 12.18 -12.51 55.13
N LEU D 76 12.38 -11.53 54.25
CA LEU D 76 12.32 -10.12 54.62
C LEU D 76 10.95 -9.55 54.88
N ASN D 77 10.05 -9.98 54.00
CA ASN D 77 8.63 -9.75 54.20
C ASN D 77 7.90 -10.00 55.51
N PRO D 78 8.46 -11.02 56.16
CA PRO D 78 8.39 -11.07 57.61
C PRO D 78 8.67 -9.77 58.36
N PHE D 79 9.93 -9.61 58.80
CA PHE D 79 10.33 -8.47 59.60
C PHE D 79 10.25 -7.05 59.08
N ALA D 80 10.37 -6.90 57.76
CA ALA D 80 10.17 -5.68 57.02
C ALA D 80 8.70 -5.33 56.77
N GLY D 81 7.89 -6.33 57.10
CA GLY D 81 6.48 -6.01 57.15
C GLY D 81 6.01 -4.92 58.10
N GLY D 82 4.90 -4.35 57.63
CA GLY D 82 4.31 -3.18 58.24
C GLY D 82 4.22 -3.14 59.77
N GLN D 83 3.84 -4.27 60.36
CA GLN D 83 3.75 -4.47 61.79
C GLN D 83 4.48 -5.69 62.35
N ILE D 84 5.50 -6.13 61.60
CA ILE D 84 6.32 -7.29 61.88
C ILE D 84 5.59 -8.62 61.82
N THR D 85 5.96 -9.39 60.80
CA THR D 85 5.55 -10.77 60.63
C THR D 85 6.77 -11.67 60.76
N SER D 86 6.58 -12.93 61.13
CA SER D 86 7.59 -13.96 61.03
C SER D 86 7.22 -15.32 61.61
N HIS D 87 6.96 -16.31 60.77
CA HIS D 87 6.71 -17.69 61.14
C HIS D 87 6.67 -18.53 59.88
N GLN D 88 6.38 -19.81 60.07
CA GLN D 88 6.68 -20.80 59.05
C GLN D 88 8.16 -20.78 58.72
N GLY D 89 8.90 -21.68 59.38
CA GLY D 89 10.34 -21.74 59.27
C GLY D 89 11.16 -20.67 59.98
N ILE D 90 11.05 -19.48 59.38
CA ILE D 90 11.69 -18.28 59.85
C ILE D 90 10.84 -17.39 60.75
N THR D 91 11.23 -17.35 62.02
CA THR D 91 11.02 -16.33 63.04
C THR D 91 12.37 -15.81 63.52
N TRP D 92 12.63 -14.57 63.11
CA TRP D 92 13.96 -14.00 63.22
C TRP D 92 14.59 -14.08 64.60
N ARG D 93 15.80 -14.64 64.66
CA ARG D 93 16.67 -14.61 65.82
C ARG D 93 17.04 -13.18 66.17
N ASP D 94 16.23 -12.63 67.09
CA ASP D 94 16.23 -11.23 67.45
C ASP D 94 15.79 -10.33 66.31
N PRO D 95 14.97 -9.33 66.63
CA PRO D 95 14.63 -8.11 65.93
C PRO D 95 15.82 -7.61 65.13
N VAL D 96 17.05 -7.50 65.65
CA VAL D 96 18.23 -7.11 64.89
C VAL D 96 18.70 -8.11 63.85
N LEU D 97 17.79 -9.02 63.50
CA LEU D 97 18.05 -9.94 62.42
C LEU D 97 19.24 -10.88 62.33
N SER D 98 19.58 -11.22 63.58
CA SER D 98 20.83 -11.92 63.77
C SER D 98 21.12 -13.23 63.06
N SER D 99 20.07 -14.03 62.93
CA SER D 99 20.14 -15.39 62.45
C SER D 99 18.76 -15.98 62.14
N LEU D 100 18.79 -16.79 61.08
CA LEU D 100 17.70 -17.53 60.49
C LEU D 100 17.06 -18.57 61.40
N ALA D 101 16.10 -18.18 62.24
CA ALA D 101 15.65 -19.10 63.26
C ALA D 101 14.40 -19.89 62.90
N PRO D 102 14.36 -21.20 63.12
CA PRO D 102 13.15 -22.02 63.09
C PRO D 102 12.27 -21.74 64.29
N VAL D 103 11.30 -20.92 63.88
CA VAL D 103 10.18 -20.62 64.75
C VAL D 103 10.27 -20.83 66.26
N PRO D 104 10.79 -19.87 67.03
CA PRO D 104 10.57 -19.72 68.46
C PRO D 104 9.18 -19.98 69.05
N ALA D 105 9.18 -21.17 69.66
CA ALA D 105 8.10 -21.70 70.45
C ALA D 105 6.74 -21.14 70.85
N ILE D 106 6.88 -20.00 71.51
CA ILE D 106 5.70 -19.36 72.07
C ILE D 106 5.39 -18.02 71.41
N GLN D 107 5.84 -17.96 70.15
CA GLN D 107 5.89 -16.83 69.25
C GLN D 107 5.02 -16.83 68.00
N PRO D 108 3.89 -17.53 67.94
CA PRO D 108 3.13 -17.40 66.71
C PRO D 108 2.65 -16.10 66.09
N PRO D 109 2.20 -15.07 66.81
CA PRO D 109 1.52 -13.90 66.32
C PRO D 109 1.93 -13.13 65.07
N PRO D 110 3.22 -13.05 64.73
CA PRO D 110 3.75 -12.52 63.49
C PRO D 110 3.69 -13.54 62.36
N VAL D 111 2.59 -13.33 61.63
CA VAL D 111 2.30 -14.12 60.45
C VAL D 111 3.34 -14.28 59.36
N TRP D 112 3.13 -15.23 58.45
CA TRP D 112 3.85 -15.28 57.18
C TRP D 112 3.17 -14.53 56.04
N ALA D 113 3.67 -13.29 55.98
CA ALA D 113 3.20 -12.35 54.98
C ALA D 113 3.33 -12.91 53.58
N VAL D 114 2.21 -13.43 53.08
CA VAL D 114 2.10 -13.76 51.67
C VAL D 114 2.20 -12.71 50.58
N ALA D 115 3.35 -12.07 50.32
CA ALA D 115 3.55 -11.10 49.26
C ALA D 115 3.73 -11.63 47.84
N GLU D 116 3.37 -10.68 46.96
CA GLU D 116 3.59 -10.91 45.55
C GLU D 116 4.89 -10.33 45.03
N ASN D 117 4.93 -9.52 43.97
CA ASN D 117 6.23 -9.06 43.51
C ASN D 117 6.51 -7.59 43.83
N VAL D 118 7.29 -7.40 44.90
CA VAL D 118 7.29 -6.19 45.69
C VAL D 118 8.67 -5.84 46.26
N LEU D 119 9.13 -4.74 45.67
CA LEU D 119 10.01 -3.77 46.28
C LEU D 119 9.72 -3.26 47.69
N LEU D 120 10.78 -3.10 48.47
CA LEU D 120 10.58 -2.58 49.80
C LEU D 120 11.56 -1.47 50.16
N ASP D 121 11.15 -0.57 51.07
CA ASP D 121 12.04 0.52 51.39
C ASP D 121 12.61 0.32 52.78
N SER D 122 13.91 -0.01 52.82
CA SER D 122 14.47 -0.46 54.07
C SER D 122 14.31 0.49 55.26
N ASN D 123 14.67 1.74 54.97
CA ASN D 123 14.47 2.85 55.88
C ASN D 123 13.08 3.27 56.34
N ASN D 124 12.02 2.79 55.67
CA ASN D 124 10.66 3.02 56.14
C ASN D 124 10.22 2.12 57.29
N TYR D 125 11.02 1.09 57.57
CA TYR D 125 10.72 0.22 58.68
C TYR D 125 11.46 0.65 59.94
N PRO D 126 10.82 1.18 60.99
CA PRO D 126 11.55 1.63 62.16
C PRO D 126 12.68 0.81 62.78
N THR D 127 12.55 -0.52 62.82
CA THR D 127 13.62 -1.36 63.31
C THR D 127 14.88 -1.21 62.48
N TYR D 128 14.68 -1.30 61.17
CA TYR D 128 15.68 -1.25 60.12
C TYR D 128 16.54 0.00 60.17
N VAL D 129 15.84 1.13 60.20
CA VAL D 129 16.44 2.44 60.33
C VAL D 129 17.09 2.84 61.65
N LEU D 130 16.58 2.25 62.74
CA LEU D 130 17.27 2.38 63.99
C LEU D 130 18.71 1.90 63.89
N ASN D 131 18.79 0.65 63.40
CA ASN D 131 20.02 -0.11 63.22
C ASN D 131 20.81 0.05 61.94
N LEU D 132 21.00 1.34 61.61
CA LEU D 132 21.70 1.89 60.48
C LEU D 132 23.13 1.44 60.22
N SER D 133 23.81 1.34 61.37
CA SER D 133 25.07 0.63 61.34
C SER D 133 25.01 -0.81 60.85
N SER D 134 24.24 -1.68 61.51
CA SER D 134 24.09 -3.07 61.12
C SER D 134 23.37 -3.43 59.83
N MET D 135 22.51 -2.48 59.46
CA MET D 135 21.90 -2.30 58.16
C MET D 135 22.89 -2.24 57.01
N TRP D 136 24.03 -1.57 57.24
CA TRP D 136 25.01 -1.43 56.19
C TRP D 136 25.65 -2.60 55.46
N PRO D 137 26.07 -3.60 56.23
CA PRO D 137 26.48 -4.83 55.59
C PRO D 137 25.44 -5.60 54.78
N ILE D 138 24.24 -5.74 55.33
CA ILE D 138 23.13 -6.28 54.59
C ILE D 138 22.60 -5.51 53.38
N ASN D 139 22.72 -4.18 53.36
CA ASN D 139 22.32 -3.39 52.22
C ASN D 139 23.10 -3.80 50.97
N GLN D 140 24.40 -4.01 51.17
CA GLN D 140 25.29 -4.54 50.16
C GLN D 140 24.77 -5.79 49.47
N ASP D 141 24.38 -6.74 50.31
CA ASP D 141 23.69 -7.97 49.97
C ASP D 141 22.38 -7.76 49.23
N VAL D 142 21.60 -6.81 49.75
CA VAL D 142 20.38 -6.29 49.18
C VAL D 142 20.56 -5.87 47.73
N HIS D 143 21.42 -4.87 47.52
CA HIS D 143 21.74 -4.49 46.16
C HIS D 143 21.93 -5.64 45.18
N ILE D 144 22.66 -6.67 45.62
CA ILE D 144 23.01 -7.81 44.81
C ILE D 144 21.81 -8.56 44.25
N MET D 145 20.94 -8.75 45.24
CA MET D 145 19.55 -9.12 45.04
C MET D 145 18.80 -8.35 43.96
N THR D 146 18.46 -7.10 44.26
CA THR D 146 17.82 -6.10 43.42
C THR D 146 18.36 -6.06 41.99
N MET D 147 19.69 -5.95 41.95
CA MET D 147 20.31 -5.86 40.64
C MET D 147 20.49 -7.07 39.73
N TRP D 148 20.10 -8.21 40.30
CA TRP D 148 19.80 -9.35 39.45
C TRP D 148 18.31 -9.32 39.18
N ALA D 149 17.52 -9.15 40.24
CA ALA D 149 16.08 -9.29 40.23
C ALA D 149 15.26 -8.34 39.37
N LEU D 150 15.78 -7.13 39.26
CA LEU D 150 15.21 -6.14 38.36
C LEU D 150 14.67 -6.57 37.00
N SER D 151 15.46 -7.46 36.41
CA SER D 151 15.32 -8.11 35.12
C SER D 151 15.13 -9.62 35.11
N ASP D 152 15.04 -10.18 33.90
CA ASP D 152 15.07 -11.62 33.67
C ASP D 152 16.33 -12.18 33.03
N GLN D 153 17.37 -11.34 33.02
CA GLN D 153 18.63 -11.70 32.40
C GLN D 153 19.75 -11.97 33.39
N GLY D 154 20.94 -12.17 32.83
CA GLY D 154 22.24 -12.05 33.45
C GLY D 154 22.42 -10.66 34.06
N PRO D 155 23.24 -10.47 35.10
CA PRO D 155 23.26 -9.34 36.01
C PRO D 155 23.45 -7.97 35.39
N ILE D 156 22.79 -7.00 36.05
CA ILE D 156 22.98 -5.64 35.60
C ILE D 156 24.18 -5.09 36.35
N TYR D 157 25.27 -5.08 35.60
CA TYR D 157 26.55 -4.59 36.09
C TYR D 157 26.81 -3.16 35.67
N HIS D 158 27.20 -2.29 36.61
CA HIS D 158 27.68 -0.94 36.39
C HIS D 158 29.18 -0.71 36.29
N LEU D 159 29.56 0.22 35.40
CA LEU D 159 30.93 0.61 35.09
C LEU D 159 31.19 2.08 35.39
N GLU D 160 32.42 2.48 35.74
CA GLU D 160 32.82 3.86 35.90
C GLU D 160 34.27 4.21 35.60
N VAL D 161 34.60 5.13 34.68
CA VAL D 161 35.97 5.58 34.52
C VAL D 161 36.12 7.07 34.78
N PRO D 162 36.37 7.42 36.04
CA PRO D 162 36.68 8.81 36.28
C PRO D 162 38.01 9.27 35.71
N VAL D 163 38.06 10.11 34.67
CA VAL D 163 39.34 10.40 34.03
C VAL D 163 39.98 11.68 34.56
N ASP D 164 41.25 11.52 34.94
CA ASP D 164 42.23 12.57 35.17
C ASP D 164 42.86 12.70 36.55
N PRO D 165 42.12 13.21 37.53
CA PRO D 165 42.49 12.98 38.92
C PRO D 165 42.29 11.52 39.35
N MET D 166 43.45 10.87 39.35
CA MET D 166 43.72 9.47 39.60
C MET D 166 44.69 9.38 40.77
N PRO D 167 44.33 8.78 41.91
CA PRO D 167 45.23 8.86 43.05
C PRO D 167 46.49 8.03 42.88
N ALA D 168 47.62 8.67 43.23
CA ALA D 168 48.91 8.02 43.16
C ALA D 168 49.07 6.84 44.10
N ALA D 169 48.48 6.98 45.28
CA ALA D 169 48.25 5.97 46.30
C ALA D 169 47.54 4.68 45.91
N THR D 170 46.55 4.88 45.04
CA THR D 170 45.81 3.79 44.43
C THR D 170 46.68 2.92 43.52
N THR D 171 47.39 3.58 42.61
CA THR D 171 48.40 3.02 41.74
C THR D 171 49.33 2.07 42.49
N ALA D 172 50.03 2.68 43.43
CA ALA D 172 51.03 2.03 44.26
C ALA D 172 50.59 0.73 44.91
N ALA D 173 49.47 0.85 45.62
CA ALA D 173 48.87 -0.30 46.26
C ALA D 173 48.49 -1.36 45.25
N LEU D 174 47.62 -0.96 44.33
CA LEU D 174 47.06 -1.87 43.34
C LEU D 174 48.05 -2.77 42.63
N MET D 175 49.26 -2.23 42.45
CA MET D 175 50.36 -3.00 41.93
C MET D 175 50.94 -4.20 42.66
N ALA D 176 50.80 -3.89 43.96
CA ALA D 176 50.96 -5.17 44.61
C ALA D 176 50.23 -6.51 44.62
N TYR D 177 49.03 -6.25 44.08
CA TYR D 177 48.12 -7.34 43.83
C TYR D 177 48.22 -8.07 42.49
N THR D 178 49.25 -7.68 41.73
CA THR D 178 49.47 -8.16 40.38
C THR D 178 49.83 -9.64 40.44
N GLY D 179 49.13 -10.44 39.63
CA GLY D 179 49.18 -11.88 39.74
C GLY D 179 47.93 -12.66 40.13
N VAL D 180 47.09 -11.90 40.83
CA VAL D 180 45.84 -12.49 41.25
C VAL D 180 44.67 -12.30 40.29
N PRO D 181 43.72 -13.23 40.27
CA PRO D 181 42.51 -13.10 39.48
C PRO D 181 41.50 -12.17 40.13
N ILE D 182 40.73 -11.45 39.30
CA ILE D 182 39.66 -10.58 39.75
C ILE D 182 38.83 -11.02 40.94
N ALA D 183 38.57 -12.34 40.89
CA ALA D 183 37.88 -13.00 41.98
C ALA D 183 38.38 -12.76 43.40
N HIS D 184 39.66 -13.12 43.55
CA HIS D 184 40.08 -12.69 44.86
C HIS D 184 40.23 -11.28 45.43
N LEU D 185 40.59 -10.41 44.47
CA LEU D 185 40.38 -9.02 44.81
C LEU D 185 38.99 -8.55 45.22
N ALA D 186 38.02 -9.16 44.54
CA ALA D 186 36.64 -8.79 44.78
C ALA D 186 36.17 -9.12 46.19
N GLN D 187 36.53 -10.37 46.48
CA GLN D 187 36.31 -10.99 47.77
C GLN D 187 36.80 -10.16 48.95
N THR D 188 38.06 -9.74 48.96
CA THR D 188 38.63 -8.83 49.94
C THR D 188 37.91 -7.51 50.12
N ALA D 189 37.72 -6.83 48.98
CA ALA D 189 36.84 -5.69 48.82
C ALA D 189 35.48 -5.78 49.48
N TYR D 190 34.67 -6.76 49.10
CA TYR D 190 33.37 -6.98 49.73
C TYR D 190 33.41 -7.16 51.24
N ARG D 191 34.41 -7.94 51.64
CA ARG D 191 34.70 -8.19 53.03
C ARG D 191 35.01 -7.03 53.95
N PHE D 192 35.80 -6.13 53.37
CA PHE D 192 36.14 -4.82 53.92
C PHE D 192 34.99 -3.83 54.06
N ALA D 193 34.30 -3.77 52.92
CA ALA D 193 33.15 -2.90 52.78
C ALA D 193 32.00 -3.22 53.73
N GLY D 194 31.86 -4.52 54.00
CA GLY D 194 30.94 -5.04 54.99
C GLY D 194 31.42 -4.83 56.41
N GLN D 195 32.63 -5.32 56.66
CA GLN D 195 33.30 -5.19 57.94
C GLN D 195 33.37 -3.82 58.58
N LEU D 196 33.49 -2.82 57.70
CA LEU D 196 33.34 -1.49 58.24
C LEU D 196 32.13 -0.74 57.69
N PRO D 197 31.15 -0.40 58.52
CA PRO D 197 30.00 0.41 58.17
C PRO D 197 30.41 1.51 57.20
N GLN D 198 29.82 1.56 56.00
CA GLN D 198 30.54 2.12 54.88
C GLN D 198 30.93 3.59 54.82
N SER D 199 32.21 3.71 54.44
CA SER D 199 32.90 4.98 54.50
C SER D 199 32.73 5.85 53.27
N PRO D 200 32.61 7.17 53.46
CA PRO D 200 32.80 8.16 52.43
C PRO D 200 34.16 8.27 51.78
N ASP D 201 35.11 7.56 52.40
CA ASP D 201 36.47 7.53 51.91
C ASP D 201 36.66 6.79 50.59
N SER D 202 36.62 7.63 49.56
CA SER D 202 36.55 7.24 48.16
C SER D 202 37.63 6.28 47.67
N THR D 203 38.70 6.13 48.46
CA THR D 203 39.81 5.22 48.22
C THR D 203 39.58 3.86 47.58
N MET D 204 38.91 3.11 48.47
CA MET D 204 38.33 1.82 48.21
C MET D 204 37.48 1.78 46.94
N VAL D 205 36.71 2.87 46.95
CA VAL D 205 35.60 3.07 46.03
C VAL D 205 36.08 3.24 44.61
N SER D 206 36.89 4.28 44.39
CA SER D 206 37.68 4.57 43.21
C SER D 206 38.35 3.32 42.64
N THR D 207 39.04 2.60 43.52
CA THR D 207 39.80 1.40 43.22
C THR D 207 39.02 0.28 42.56
N ILE D 208 37.86 0.02 43.18
CA ILE D 208 36.94 -0.95 42.61
C ILE D 208 36.44 -0.60 41.22
N ARG D 209 36.14 0.70 41.13
CA ARG D 209 35.60 1.28 39.91
C ARG D 209 36.61 1.20 38.78
N TRP D 210 37.86 1.60 39.01
CA TRP D 210 38.93 1.47 38.04
C TRP D 210 39.13 0.04 37.55
N LEU D 211 39.29 -0.84 38.53
CA LEU D 211 39.30 -2.28 38.31
C LEU D 211 38.34 -2.98 37.36
N SER D 212 37.08 -2.57 37.52
CA SER D 212 35.89 -2.88 36.77
C SER D 212 35.99 -2.51 35.29
N ALA D 213 36.42 -1.27 35.08
CA ALA D 213 36.78 -0.77 33.77
C ALA D 213 37.87 -1.58 33.07
N ILE D 214 38.99 -1.71 33.78
CA ILE D 214 40.14 -2.43 33.26
C ILE D 214 39.77 -3.85 32.87
N TRP D 215 38.93 -4.48 33.68
CA TRP D 215 38.43 -5.80 33.34
C TRP D 215 37.59 -5.89 32.07
N PHE D 216 36.53 -5.06 32.12
CA PHE D 216 35.64 -4.83 31.00
C PHE D 216 36.31 -4.43 29.69
N GLY D 217 37.24 -3.50 29.83
CA GLY D 217 38.08 -3.08 28.73
C GLY D 217 38.98 -4.10 28.05
N SER D 218 39.53 -4.90 28.96
CA SER D 218 40.20 -6.14 28.64
C SER D 218 39.35 -7.14 27.88
N LEU D 219 38.20 -7.44 28.48
CA LEU D 219 37.27 -8.43 27.98
C LEU D 219 36.64 -8.24 26.61
N THR D 220 36.45 -6.95 26.32
CA THR D 220 36.05 -6.37 25.05
C THR D 220 37.08 -6.54 23.93
N GLY D 221 38.35 -6.29 24.23
CA GLY D 221 39.35 -6.09 23.21
C GLY D 221 40.14 -4.79 23.30
N ARG D 222 39.45 -3.80 23.88
CA ARG D 222 40.02 -2.47 23.88
C ARG D 222 41.39 -2.31 24.53
N LEU D 223 41.48 -3.09 25.61
CA LEU D 223 42.58 -3.29 26.52
C LEU D 223 43.24 -4.65 26.36
N ASN D 224 44.57 -4.65 26.28
CA ASN D 224 45.43 -5.79 26.03
C ASN D 224 46.89 -5.45 26.33
N ARG D 225 47.76 -6.45 26.11
CA ARG D 225 49.17 -6.20 26.27
C ARG D 225 49.89 -4.96 25.76
N SER D 226 49.41 -4.56 24.59
CA SER D 226 49.93 -3.39 23.92
C SER D 226 49.13 -2.10 24.07
N ARG D 227 47.82 -2.18 24.29
CA ARG D 227 46.98 -1.07 24.69
C ARG D 227 46.46 -1.18 26.12
N THR D 228 47.23 -0.48 26.94
CA THR D 228 46.93 -0.49 28.36
C THR D 228 46.43 0.81 28.97
N CYS D 229 45.80 0.65 30.13
CA CYS D 229 45.53 1.68 31.11
C CYS D 229 46.82 1.78 31.91
N ASN D 230 47.79 2.47 31.30
CA ASN D 230 49.07 2.80 31.89
C ASN D 230 50.10 1.71 32.15
N GLY D 231 49.63 0.51 31.79
CA GLY D 231 50.21 -0.75 32.21
C GLY D 231 49.19 -1.84 32.52
N PHE D 232 48.02 -1.31 32.89
CA PHE D 232 46.90 -2.16 33.24
C PHE D 232 46.10 -2.78 32.10
N TYR D 233 46.13 -4.11 32.16
CA TYR D 233 45.06 -4.84 31.53
C TYR D 233 44.75 -6.16 32.22
N PHE D 234 43.78 -6.96 31.80
CA PHE D 234 43.51 -8.29 32.34
C PHE D 234 43.81 -9.34 31.28
N GLU D 235 44.66 -10.27 31.75
CA GLU D 235 45.17 -11.35 30.92
C GLU D 235 44.40 -12.65 31.07
N PHE D 236 43.92 -13.11 29.90
CA PHE D 236 43.03 -14.24 29.73
C PHE D 236 43.79 -15.55 29.60
N ALA D 237 44.26 -16.02 30.75
CA ALA D 237 45.00 -17.27 30.82
C ALA D 237 44.39 -18.65 30.63
N LYS D 238 45.05 -19.25 29.64
CA LYS D 238 44.87 -20.56 29.04
C LYS D 238 44.07 -20.52 27.75
N PRO D 239 44.62 -20.23 26.57
CA PRO D 239 44.01 -20.09 25.26
C PRO D 239 43.39 -21.28 24.55
N ALA D 240 43.08 -22.37 25.25
CA ALA D 240 42.51 -23.57 24.69
C ALA D 240 41.03 -23.60 25.03
N LEU D 241 40.62 -24.52 25.91
CA LEU D 241 39.24 -24.48 26.34
C LEU D 241 38.90 -23.12 26.94
N ASN D 242 37.68 -22.68 26.68
CA ASN D 242 37.07 -21.48 27.23
C ASN D 242 37.41 -20.96 28.62
N PRO D 243 37.87 -21.77 29.57
CA PRO D 243 38.39 -21.18 30.79
C PRO D 243 39.67 -20.38 30.57
N ASP D 244 39.49 -19.11 30.24
CA ASP D 244 40.53 -18.11 30.04
C ASP D 244 40.47 -17.00 31.06
N GLN D 245 41.15 -17.38 32.15
CA GLN D 245 41.09 -16.67 33.42
C GLN D 245 41.80 -15.33 33.42
N ALA D 246 40.96 -14.32 33.70
CA ALA D 246 41.34 -12.92 33.74
C ALA D 246 42.05 -12.63 35.05
N VAL D 247 43.37 -12.55 34.85
CA VAL D 247 44.21 -12.02 35.90
C VAL D 247 44.56 -10.57 35.57
N LEU D 248 44.47 -9.64 36.53
CA LEU D 248 45.24 -8.42 36.55
C LEU D 248 46.70 -8.58 36.17
N LYS D 249 47.00 -7.94 35.03
CA LYS D 249 48.34 -7.79 34.51
C LYS D 249 48.75 -6.37 34.14
N TRP D 250 49.94 -6.10 34.70
CA TRP D 250 50.67 -4.88 34.46
C TRP D 250 51.82 -5.06 33.48
N ASN D 251 51.62 -4.72 32.20
CA ASN D 251 52.66 -4.47 31.22
C ASN D 251 52.59 -3.15 30.47
N ASP D 252 53.73 -2.46 30.47
CA ASP D 252 54.01 -1.23 29.76
C ASP D 252 54.17 -1.35 28.24
N GLY D 253 53.13 -0.99 27.51
CA GLY D 253 53.15 -0.87 26.06
C GLY D 253 52.86 0.54 25.58
N ALA D 254 51.55 0.78 25.54
CA ALA D 254 51.08 2.15 25.53
C ALA D 254 50.07 2.51 26.60
N ARG D 255 50.13 3.81 26.91
CA ARG D 255 49.07 4.41 27.69
C ARG D 255 47.95 4.90 26.79
N ALA D 256 46.84 4.16 26.85
CA ALA D 256 45.65 4.40 26.05
C ALA D 256 45.04 5.76 26.35
N ALA D 257 44.54 6.29 25.24
CA ALA D 257 43.91 7.59 25.16
C ALA D 257 42.91 8.04 26.22
N PRO D 258 43.34 8.93 27.10
CA PRO D 258 42.47 9.44 28.14
C PRO D 258 41.10 9.94 27.71
N PRO D 259 39.98 9.32 28.08
CA PRO D 259 38.64 9.70 27.68
C PRO D 259 38.33 11.13 28.13
N ALA D 260 37.21 11.60 27.57
CA ALA D 260 36.57 12.78 28.11
C ALA D 260 35.80 12.55 29.40
N ALA D 261 36.57 12.70 30.48
CA ALA D 261 36.12 12.98 31.82
C ALA D 261 35.43 11.93 32.68
N ALA D 262 34.16 11.59 32.42
CA ALA D 262 33.47 10.55 33.14
C ALA D 262 32.57 9.66 32.28
N GLN D 263 33.12 8.45 32.16
CA GLN D 263 32.52 7.41 31.34
C GLN D 263 31.92 6.28 32.16
N SER D 264 30.63 6.11 31.87
CA SER D 264 29.68 5.22 32.54
C SER D 264 28.88 4.37 31.56
N SER D 265 28.99 3.08 31.88
CA SER D 265 28.11 2.11 31.25
C SER D 265 27.47 1.18 32.27
N TYR D 266 26.39 0.54 31.81
CA TYR D 266 25.95 -0.70 32.41
C TYR D 266 25.68 -1.80 31.40
N ILE D 267 26.21 -2.97 31.73
CA ILE D 267 26.06 -4.20 31.00
C ILE D 267 25.10 -5.21 31.63
N ARG D 268 24.28 -5.78 30.73
CA ARG D 268 23.72 -7.09 31.01
C ARG D 268 23.96 -8.19 29.99
N CYS D 269 23.91 -9.38 30.58
CA CYS D 269 24.06 -10.57 29.77
C CYS D 269 22.77 -11.30 29.41
N ILE D 270 22.39 -11.26 28.13
CA ILE D 270 21.11 -11.81 27.74
C ILE D 270 20.93 -13.33 27.73
N SER D 271 22.13 -13.93 27.65
CA SER D 271 22.23 -15.37 27.58
C SER D 271 22.48 -16.23 28.80
N PRO D 272 21.67 -17.23 29.15
CA PRO D 272 21.79 -17.96 30.41
C PRO D 272 23.17 -18.46 30.78
N HIS D 273 24.00 -18.70 29.76
CA HIS D 273 25.40 -18.97 30.03
C HIS D 273 26.22 -18.20 31.06
N TRP D 274 25.74 -17.00 31.40
CA TRP D 274 26.31 -16.19 32.46
C TRP D 274 26.62 -16.85 33.78
N GLN D 275 25.62 -17.69 34.06
CA GLN D 275 25.74 -18.74 35.04
C GLN D 275 27.01 -19.49 35.43
N HIS D 276 27.77 -19.85 34.40
CA HIS D 276 29.08 -20.47 34.48
C HIS D 276 30.31 -19.63 34.18
N GLN D 277 30.01 -18.32 34.17
CA GLN D 277 31.06 -17.33 33.95
C GLN D 277 31.37 -16.41 35.11
N ILE D 278 32.22 -16.94 36.00
CA ILE D 278 32.59 -16.28 37.25
C ILE D 278 33.13 -14.87 37.11
N VAL D 279 33.75 -14.62 35.95
CA VAL D 279 34.23 -13.32 35.54
C VAL D 279 33.19 -12.20 35.53
N GLU D 280 32.17 -12.50 34.73
CA GLU D 280 30.99 -11.67 34.50
C GLU D 280 30.31 -11.36 35.82
N VAL D 281 30.07 -12.45 36.55
CA VAL D 281 29.45 -12.33 37.86
C VAL D 281 30.18 -11.48 38.89
N ALA D 282 31.50 -11.68 38.93
CA ALA D 282 32.39 -10.91 39.79
C ALA D 282 32.48 -9.42 39.52
N GLY D 283 32.40 -8.93 38.28
CA GLY D 283 32.14 -7.52 38.01
C GLY D 283 30.86 -6.96 38.57
N ALA D 284 29.77 -7.70 38.35
CA ALA D 284 28.49 -7.35 38.94
C ALA D 284 28.43 -7.20 40.46
N LEU D 285 29.13 -8.10 41.15
CA LEU D 285 29.41 -7.94 42.57
C LEU D 285 30.29 -6.82 43.11
N MET D 286 31.25 -6.51 42.25
CA MET D 286 31.93 -5.23 42.34
C MET D 286 31.15 -3.93 42.25
N SER D 287 30.25 -3.86 41.26
CA SER D 287 29.42 -2.72 40.99
C SER D 287 28.38 -2.55 42.09
N GLN D 288 28.00 -3.65 42.77
CA GLN D 288 27.15 -3.53 43.94
C GLN D 288 27.77 -2.74 45.09
N SER D 289 29.03 -3.07 45.39
CA SER D 289 29.76 -2.36 46.42
C SER D 289 29.85 -0.86 46.22
N VAL D 290 30.19 -0.52 44.98
CA VAL D 290 30.12 0.80 44.41
C VAL D 290 28.85 1.56 44.79
N THR D 291 27.71 0.88 44.67
CA THR D 291 26.36 1.36 44.90
C THR D 291 26.06 1.90 46.30
N ALA D 292 26.63 1.13 47.23
CA ALA D 292 26.51 1.44 48.65
C ALA D 292 27.00 2.81 49.08
N VAL D 293 28.09 3.16 48.39
CA VAL D 293 28.69 4.47 48.46
C VAL D 293 28.04 5.62 47.71
N THR D 294 27.53 5.25 46.54
CA THR D 294 27.19 6.18 45.49
C THR D 294 25.79 6.13 44.88
N GLY D 295 25.20 7.28 44.53
CA GLY D 295 23.84 7.33 44.03
C GLY D 295 23.82 7.41 42.51
N LEU D 296 24.01 6.19 42.01
CA LEU D 296 24.08 5.80 40.62
C LEU D 296 22.88 6.33 39.86
N PRO D 297 23.02 6.73 38.59
CA PRO D 297 21.94 7.23 37.77
C PRO D 297 20.84 6.19 37.68
N ALA D 298 19.74 6.73 38.20
CA ALA D 298 18.45 6.07 38.36
C ALA D 298 18.21 5.04 37.28
N LEU D 299 18.44 3.83 37.78
CA LEU D 299 18.34 2.56 37.08
C LEU D 299 17.64 2.29 35.77
N ILE D 300 18.50 1.67 34.96
CA ILE D 300 18.10 1.17 33.65
C ILE D 300 16.61 1.18 33.36
N ASP D 301 16.35 2.16 32.52
CA ASP D 301 15.00 2.57 32.15
C ASP D 301 14.28 1.39 31.52
N GLU D 302 13.12 1.20 32.15
CA GLU D 302 12.04 0.33 31.75
C GLU D 302 11.81 -0.10 30.30
N ALA D 303 12.45 0.59 29.36
CA ALA D 303 12.44 0.11 28.00
C ALA D 303 12.87 -1.32 27.71
N THR D 304 13.81 -1.86 28.51
CA THR D 304 14.23 -3.23 28.28
C THR D 304 13.80 -4.23 29.35
N LEU D 305 12.70 -3.82 29.99
CA LEU D 305 12.29 -4.45 31.23
C LEU D 305 10.90 -5.06 31.25
N PRO D 306 10.74 -6.29 31.75
CA PRO D 306 9.47 -6.94 31.95
C PRO D 306 8.47 -6.07 32.71
N ALA D 307 7.20 -6.24 32.36
CA ALA D 307 6.19 -5.43 32.99
C ALA D 307 6.07 -5.29 34.50
N TRP D 308 6.44 -6.37 35.21
CA TRP D 308 6.42 -6.35 36.66
C TRP D 308 7.47 -5.41 37.24
N SER D 309 8.50 -5.04 36.47
CA SER D 309 9.59 -4.24 36.98
C SER D 309 9.78 -2.91 36.27
N GLN D 310 8.60 -2.45 35.85
CA GLN D 310 8.30 -1.12 35.40
C GLN D 310 7.60 -0.31 36.49
N GLY D 311 7.91 0.99 36.41
CA GLY D 311 7.36 2.03 37.25
C GLY D 311 7.80 1.98 38.71
N VAL D 312 8.95 1.33 38.93
CA VAL D 312 9.52 1.21 40.26
C VAL D 312 10.16 2.44 40.88
N ALA D 313 9.38 2.81 41.90
CA ALA D 313 9.71 3.92 42.77
C ALA D 313 10.54 5.03 42.17
N ASN D 314 11.82 5.02 42.56
CA ASN D 314 12.72 6.01 42.02
C ASN D 314 13.86 5.37 41.25
N LEU D 315 13.58 4.17 40.74
CA LEU D 315 14.57 3.34 40.09
C LEU D 315 14.59 3.39 38.56
N THR D 316 13.62 2.78 37.90
CA THR D 316 13.45 2.99 36.47
C THR D 316 12.82 4.35 36.24
N GLY D 317 13.33 4.97 35.17
CA GLY D 317 12.74 6.16 34.59
C GLY D 317 12.75 6.15 33.07
N ASN D 318 12.86 7.36 32.52
CA ASN D 318 12.90 7.61 31.10
C ASN D 318 13.83 8.64 30.47
N GLY D 319 14.19 9.59 31.33
CA GLY D 319 15.04 10.70 30.95
C GLY D 319 16.10 11.02 32.00
N GLN D 320 16.96 10.01 32.17
CA GLN D 320 18.03 10.03 33.15
C GLN D 320 19.36 9.52 32.59
N GLY D 321 20.23 9.21 33.56
CA GLY D 321 21.45 8.53 33.20
C GLY D 321 21.35 7.11 32.66
N VAL D 322 22.04 6.89 31.53
CA VAL D 322 21.98 5.56 30.95
C VAL D 322 20.58 5.00 30.78
N VAL D 323 19.89 5.57 29.79
CA VAL D 323 18.55 5.13 29.46
C VAL D 323 18.56 3.70 28.95
N PRO D 324 19.41 3.32 28.00
CA PRO D 324 19.43 1.93 27.56
C PRO D 324 20.50 1.07 28.20
N CYS D 325 20.37 -0.22 28.49
CA CYS D 325 21.42 -1.07 29.00
C CYS D 325 22.15 -1.69 27.82
N LEU D 326 23.47 -1.76 28.03
CA LEU D 326 24.36 -2.46 27.13
C LEU D 326 24.34 -3.97 27.34
N ASP D 327 23.98 -4.66 26.26
CA ASP D 327 23.59 -6.06 26.24
C ASP D 327 24.40 -6.94 25.32
N TYR D 328 24.79 -8.07 25.91
CA TYR D 328 25.61 -9.09 25.26
C TYR D 328 25.27 -10.55 25.53
N ASN D 329 25.62 -11.28 24.46
CA ASN D 329 25.78 -12.72 24.42
C ASN D 329 27.26 -13.10 24.42
N PRO D 330 27.70 -13.82 25.45
CA PRO D 330 29.10 -13.97 25.80
C PRO D 330 29.98 -14.54 24.69
N VAL D 331 29.43 -15.47 23.91
CA VAL D 331 30.25 -16.13 22.90
C VAL D 331 30.56 -15.26 21.69
N PRO D 332 29.58 -14.48 21.22
CA PRO D 332 29.89 -13.45 20.25
C PRO D 332 30.90 -12.34 20.58
N MET D 333 30.95 -12.00 21.86
CA MET D 333 31.98 -11.08 22.32
C MET D 333 33.44 -11.47 22.21
N ALA D 334 33.67 -12.75 22.53
CA ALA D 334 35.00 -13.32 22.36
C ALA D 334 35.61 -13.24 20.97
N ALA D 335 34.64 -13.30 20.07
CA ALA D 335 34.83 -13.04 18.66
C ALA D 335 35.14 -11.61 18.26
N ALA D 336 34.38 -10.77 18.98
CA ALA D 336 34.55 -9.33 18.95
C ALA D 336 35.94 -8.84 19.35
N ARG D 337 36.35 -9.35 20.52
CA ARG D 337 37.70 -9.22 21.02
C ARG D 337 38.86 -9.67 20.15
N HIS D 338 38.63 -10.83 19.53
CA HIS D 338 39.58 -11.29 18.55
C HIS D 338 39.67 -10.44 17.29
N LEU D 339 38.53 -10.05 16.72
CA LEU D 339 38.38 -8.96 15.78
C LEU D 339 39.26 -7.74 15.98
N GLN D 340 39.12 -7.07 17.13
CA GLN D 340 39.88 -5.88 17.49
C GLN D 340 41.36 -6.19 17.43
N TRP D 341 41.68 -7.29 18.12
CA TRP D 341 43.05 -7.77 18.19
C TRP D 341 43.81 -7.99 16.88
N ARG D 342 43.02 -8.62 16.01
CA ARG D 342 43.40 -8.75 14.62
C ARG D 342 43.43 -7.44 13.84
N GLN D 343 42.43 -6.56 13.94
CA GLN D 343 42.40 -5.23 13.38
C GLN D 343 43.60 -4.34 13.71
N ASP D 344 44.07 -4.49 14.95
CA ASP D 344 45.30 -3.89 15.43
C ASP D 344 46.63 -4.47 14.98
N GLY D 345 46.51 -5.68 14.43
CA GLY D 345 47.57 -6.60 14.09
C GLY D 345 48.50 -7.16 15.16
N LEU D 346 47.94 -7.24 16.37
CA LEU D 346 48.47 -7.86 17.56
C LEU D 346 48.92 -9.29 17.33
N ILE D 347 48.05 -9.89 16.50
CA ILE D 347 48.04 -11.32 16.21
C ILE D 347 47.40 -11.70 14.88
N THR D 348 47.87 -12.81 14.29
CA THR D 348 47.25 -13.51 13.19
C THR D 348 46.00 -14.23 13.66
N ALA D 349 44.92 -13.98 12.91
CA ALA D 349 43.77 -14.84 13.08
C ALA D 349 43.99 -16.32 12.83
N ALA D 350 44.77 -16.58 11.78
CA ALA D 350 45.21 -17.88 11.33
C ALA D 350 44.93 -19.09 12.22
N GLN D 351 45.71 -19.14 13.29
CA GLN D 351 45.50 -20.14 14.32
C GLN D 351 44.91 -19.77 15.67
N GLU D 352 45.12 -18.52 16.06
CA GLU D 352 44.75 -18.03 17.38
C GLU D 352 43.24 -17.90 17.49
N ALA D 353 42.69 -17.09 16.58
CA ALA D 353 41.28 -16.79 16.51
C ALA D 353 40.37 -17.98 16.19
N GLN D 354 40.79 -18.70 15.14
CA GLN D 354 40.13 -19.97 14.93
C GLN D 354 40.01 -20.94 16.08
N LEU D 355 41.19 -21.22 16.66
CA LEU D 355 41.19 -22.13 17.79
C LEU D 355 40.24 -21.76 18.91
N ASN D 356 40.39 -20.59 19.52
CA ASN D 356 39.52 -20.22 20.64
C ASN D 356 38.04 -20.10 20.33
N ASN D 357 37.69 -19.61 19.13
CA ASN D 357 36.30 -19.65 18.71
C ASN D 357 35.73 -21.06 18.61
N ASP D 358 36.55 -22.00 18.15
CA ASP D 358 36.28 -23.42 18.25
C ASP D 358 35.97 -23.90 19.66
N TYR D 359 36.77 -23.50 20.65
CA TYR D 359 36.56 -23.94 22.02
C TYR D 359 35.38 -23.36 22.78
N THR D 360 35.16 -22.08 22.50
CA THR D 360 33.98 -21.42 23.04
C THR D 360 32.62 -21.81 22.47
N ALA D 361 32.69 -22.31 21.22
CA ALA D 361 31.57 -22.98 20.61
C ALA D 361 31.11 -24.27 21.25
N TYR D 362 32.14 -25.04 21.61
CA TYR D 362 32.07 -26.19 22.47
C TYR D 362 31.51 -25.92 23.85
N ALA D 363 32.15 -24.97 24.55
CA ALA D 363 31.66 -24.48 25.82
C ALA D 363 30.24 -23.94 25.96
N LEU D 364 29.82 -23.14 24.97
CA LEU D 364 28.41 -22.85 24.73
C LEU D 364 27.40 -23.98 24.80
N THR D 365 27.67 -24.96 23.94
CA THR D 365 26.98 -26.21 23.67
C THR D 365 26.76 -27.03 24.94
N ILE D 366 27.87 -27.17 25.65
CA ILE D 366 27.92 -27.89 26.91
C ILE D 366 27.04 -27.30 28.00
N GLU D 367 27.33 -26.01 28.18
CA GLU D 367 26.56 -25.10 29.02
C GLU D 367 25.09 -25.14 28.62
N ARG D 368 24.76 -24.89 27.36
CA ARG D 368 23.40 -24.74 26.90
C ARG D 368 22.56 -25.97 27.22
N HIS D 369 23.17 -27.09 26.88
CA HIS D 369 22.57 -28.38 27.17
C HIS D 369 22.40 -28.76 28.64
N LEU D 370 23.38 -28.32 29.43
CA LEU D 370 23.27 -28.55 30.85
C LEU D 370 22.20 -27.67 31.51
N THR D 371 22.24 -26.37 31.22
CA THR D 371 21.23 -25.45 31.69
C THR D 371 19.79 -25.75 31.32
N ALA D 372 19.60 -26.13 30.05
CA ALA D 372 18.33 -26.70 29.64
C ALA D 372 17.79 -27.96 30.30
N MET D 373 18.72 -28.91 30.47
CA MET D 373 18.42 -30.19 31.09
C MET D 373 18.12 -29.98 32.57
N LEU D 374 18.98 -29.21 33.24
CA LEU D 374 18.62 -28.86 34.59
C LEU D 374 17.31 -28.11 34.79
N VAL D 375 17.01 -27.12 33.93
CA VAL D 375 15.80 -26.33 33.99
C VAL D 375 14.56 -27.21 33.84
N ALA D 376 14.67 -28.34 33.15
CA ALA D 376 13.59 -29.29 32.96
C ALA D 376 12.89 -29.75 34.23
N ASN D 377 13.71 -29.99 35.25
CA ASN D 377 13.18 -30.40 36.53
C ASN D 377 12.30 -29.32 37.14
N PRO D 378 12.80 -28.13 37.47
CA PRO D 378 11.97 -27.03 37.92
C PRO D 378 10.84 -26.76 36.94
N ILE D 379 11.09 -26.92 35.64
CA ILE D 379 10.00 -26.80 34.70
C ILE D 379 9.13 -28.04 34.54
N ALA D 380 8.75 -28.55 35.72
CA ALA D 380 7.86 -29.68 35.94
C ALA D 380 7.49 -29.96 37.38
N ALA D 381 8.37 -29.58 38.30
CA ALA D 381 8.18 -29.66 39.73
C ALA D 381 8.05 -28.26 40.29
N GLY D 382 7.25 -28.21 41.36
CA GLY D 382 7.08 -27.09 42.27
C GLY D 382 8.27 -26.34 42.85
N ARG D 383 9.45 -26.90 42.55
CA ARG D 383 10.70 -26.34 43.02
C ARG D 383 11.49 -25.61 41.95
N MET D 384 12.06 -24.48 42.38
CA MET D 384 12.92 -23.73 41.49
C MET D 384 14.24 -23.22 42.06
N PRO D 385 15.31 -24.00 41.85
CA PRO D 385 16.64 -23.57 42.20
C PRO D 385 17.46 -23.09 41.01
N ILE D 386 16.90 -22.24 40.16
CA ILE D 386 17.51 -21.85 38.92
C ILE D 386 16.80 -20.71 38.20
N GLN D 387 17.59 -19.97 37.42
CA GLN D 387 17.11 -18.95 36.52
C GLN D 387 16.06 -19.46 35.54
N PRO D 388 14.94 -18.72 35.46
CA PRO D 388 13.96 -19.12 34.48
C PRO D 388 14.19 -18.50 33.10
N PHE D 389 14.00 -19.33 32.08
CA PHE D 389 14.40 -19.18 30.70
C PHE D 389 14.39 -20.13 29.50
N ASN D 390 13.70 -19.66 28.45
CA ASN D 390 13.30 -20.36 27.25
C ASN D 390 14.48 -20.64 26.32
N ALA D 391 14.31 -21.65 25.46
CA ALA D 391 15.39 -21.90 24.53
C ALA D 391 15.76 -20.79 23.56
N ALA D 392 14.80 -20.12 22.92
CA ALA D 392 15.01 -18.84 22.28
C ALA D 392 15.77 -17.66 22.89
N ASP D 393 15.99 -17.80 24.20
CA ASP D 393 16.79 -16.85 24.95
C ASP D 393 18.30 -16.84 24.76
N PHE D 394 18.75 -18.04 24.34
CA PHE D 394 20.12 -18.28 24.00
C PHE D 394 20.70 -17.56 22.78
N GLY D 395 19.76 -17.06 21.98
CA GLY D 395 19.93 -16.34 20.73
C GLY D 395 21.09 -15.35 20.74
N GLN D 396 21.86 -15.48 19.66
CA GLN D 396 22.98 -14.60 19.37
C GLN D 396 22.80 -13.11 19.15
N ALA D 397 21.80 -12.53 19.82
CA ALA D 397 21.32 -11.20 19.53
C ALA D 397 21.42 -10.30 20.75
N GLY D 398 20.37 -9.57 21.14
CA GLY D 398 20.45 -8.84 22.40
C GLY D 398 21.52 -7.76 22.48
N GLN D 399 21.80 -7.16 21.32
CA GLN D 399 22.61 -5.96 21.25
C GLN D 399 24.09 -5.97 21.58
N THR D 400 24.49 -7.25 21.61
CA THR D 400 25.86 -7.70 21.63
C THR D 400 26.89 -6.85 20.91
N ALA D 401 26.68 -6.55 19.62
CA ALA D 401 27.76 -5.78 19.06
C ALA D 401 27.83 -4.28 19.34
N ALA D 402 26.63 -3.79 19.61
CA ALA D 402 26.52 -2.41 20.02
C ALA D 402 27.25 -2.17 21.34
N ALA D 403 26.96 -2.99 22.34
CA ALA D 403 27.70 -2.95 23.59
C ALA D 403 29.21 -2.76 23.61
N VAL D 404 29.76 -3.55 22.69
CA VAL D 404 31.17 -3.64 22.38
C VAL D 404 31.68 -2.33 21.81
N ALA D 405 30.86 -1.84 20.87
CA ALA D 405 31.26 -0.60 20.26
C ALA D 405 31.19 0.62 21.17
N LEU D 406 30.12 0.63 21.98
CA LEU D 406 30.02 1.60 23.04
C LEU D 406 31.11 1.57 24.09
N ALA D 407 31.41 0.37 24.58
CA ALA D 407 32.53 0.19 25.48
C ALA D 407 33.85 0.77 25.01
N GLN D 408 34.08 0.52 23.72
CA GLN D 408 35.22 1.06 23.01
C GLN D 408 35.35 2.56 22.88
N ALA D 409 34.27 3.19 22.40
CA ALA D 409 34.16 4.63 22.24
C ALA D 409 34.35 5.33 23.58
N MET D 410 33.83 4.74 24.66
CA MET D 410 34.09 5.07 26.04
C MET D 410 35.50 5.29 26.58
N PHE D 411 36.31 4.41 25.97
CA PHE D 411 37.74 4.43 26.10
C PHE D 411 38.46 5.54 25.35
N VAL D 412 37.78 6.15 24.38
CA VAL D 412 38.35 7.31 23.71
C VAL D 412 38.50 8.57 24.54
N MET E 1 106.47 0.67 -21.18
CA MET E 1 105.29 0.24 -21.95
C MET E 1 105.47 -0.55 -23.24
N ALA E 2 104.45 -1.42 -23.30
CA ALA E 2 104.25 -2.23 -24.49
C ALA E 2 103.72 -1.65 -25.79
N GLN E 3 103.18 -0.43 -25.67
CA GLN E 3 102.48 0.30 -26.70
C GLN E 3 103.12 1.64 -27.03
N ARG E 4 103.52 1.80 -28.29
CA ARG E 4 104.03 2.95 -29.02
C ARG E 4 103.44 4.34 -28.91
N GLN E 5 102.87 4.61 -27.73
CA GLN E 5 102.32 5.85 -27.23
C GLN E 5 103.11 6.61 -26.16
N PHE E 6 104.20 7.21 -26.63
CA PHE E 6 105.04 8.14 -25.90
C PHE E 6 104.92 9.58 -26.35
N PHE E 7 103.90 10.18 -25.73
CA PHE E 7 103.33 11.46 -26.11
C PHE E 7 103.10 12.36 -24.90
N GLY E 8 103.77 13.51 -25.03
CA GLY E 8 103.70 14.60 -24.08
C GLY E 8 103.72 16.05 -24.52
N LEU E 9 102.51 16.62 -24.49
CA LEU E 9 102.44 18.00 -24.93
C LEU E 9 103.01 19.07 -24.02
N THR E 10 103.96 19.86 -24.52
CA THR E 10 104.41 21.01 -23.77
C THR E 10 103.34 22.09 -23.55
N TYR E 11 103.41 22.72 -22.40
CA TYR E 11 102.63 23.89 -22.05
C TYR E 11 102.99 25.26 -22.60
N ASN E 12 102.00 25.75 -23.34
CA ASN E 12 102.21 27.00 -24.05
C ASN E 12 102.43 28.23 -23.18
N PHE E 13 103.08 29.20 -23.84
CA PHE E 13 103.58 30.46 -23.32
C PHE E 13 102.43 31.45 -23.23
N TYR E 14 102.21 31.91 -22.00
CA TYR E 14 101.06 32.71 -21.64
C TYR E 14 101.36 34.18 -21.87
N GLY E 15 101.38 34.57 -23.15
CA GLY E 15 101.80 35.85 -23.68
C GLY E 15 103.31 36.13 -23.73
N GLN E 16 103.99 35.44 -22.82
CA GLN E 16 105.41 35.57 -22.57
C GLN E 16 106.33 35.02 -23.64
N PRO E 17 107.45 35.69 -23.92
CA PRO E 17 108.37 35.34 -24.98
C PRO E 17 109.25 34.11 -24.83
N ALA E 18 108.77 33.24 -23.92
CA ALA E 18 109.47 32.29 -23.08
C ALA E 18 108.60 31.19 -22.49
N PRO E 19 109.11 30.02 -22.14
CA PRO E 19 108.43 29.09 -21.26
C PRO E 19 108.41 29.67 -19.85
N LEU E 20 107.29 29.43 -19.18
CA LEU E 20 107.02 29.97 -17.86
C LEU E 20 107.70 29.24 -16.71
N PHE E 21 109.02 29.46 -16.65
CA PHE E 21 109.96 28.98 -15.66
C PHE E 21 110.85 30.04 -15.04
N ASP E 22 111.49 29.68 -13.92
CA ASP E 22 112.61 30.47 -13.45
C ASP E 22 113.70 29.50 -13.04
N LEU E 23 114.84 29.77 -13.69
CA LEU E 23 116.01 28.93 -13.55
C LEU E 23 116.51 28.73 -12.14
N ASN E 24 116.59 29.85 -11.42
CA ASN E 24 116.92 29.96 -10.02
C ASN E 24 116.13 29.10 -9.03
N ASP E 25 114.83 29.18 -9.30
CA ASP E 25 113.86 28.43 -8.51
C ASP E 25 113.76 26.93 -8.73
N LEU E 26 114.05 26.53 -9.96
CA LEU E 26 114.06 25.14 -10.38
C LEU E 26 115.28 24.38 -9.88
N GLN E 27 116.43 25.05 -9.82
CA GLN E 27 117.69 24.65 -9.20
C GLN E 27 117.60 24.46 -7.70
N GLU E 28 117.08 25.52 -7.07
CA GLU E 28 116.76 25.52 -5.66
C GLU E 28 115.88 24.37 -5.20
N LEU E 29 114.89 24.04 -6.03
CA LEU E 29 113.96 22.95 -5.81
C LEU E 29 114.51 21.53 -5.88
N ALA E 30 115.74 21.35 -6.35
CA ALA E 30 116.39 20.07 -6.44
C ALA E 30 117.14 19.60 -5.20
N GLY E 31 116.64 19.97 -4.02
CA GLY E 31 117.29 19.72 -2.75
C GLY E 31 117.41 18.31 -2.17
N CYS E 32 116.37 17.52 -2.42
CA CYS E 32 116.48 16.13 -2.01
C CYS E 32 116.39 14.95 -2.98
N TYR E 33 116.63 15.37 -4.23
CA TYR E 33 116.32 14.60 -5.41
C TYR E 33 117.00 15.21 -6.63
N ALA E 34 116.86 14.65 -7.83
CA ALA E 34 117.38 15.16 -9.09
C ALA E 34 116.60 14.76 -10.34
N ARG E 35 115.92 13.63 -10.15
CA ARG E 35 114.98 13.13 -11.14
C ARG E 35 113.86 14.13 -11.39
N PRO E 36 113.26 14.01 -12.58
CA PRO E 36 111.98 14.59 -12.89
C PRO E 36 110.86 14.26 -11.91
N TRP E 37 109.57 14.28 -12.27
CA TRP E 37 108.45 14.05 -11.39
C TRP E 37 108.25 12.59 -11.02
N THR E 38 108.69 12.37 -9.78
CA THR E 38 108.67 11.09 -9.11
C THR E 38 107.90 11.25 -7.80
N SER E 39 107.74 10.15 -7.06
CA SER E 39 107.21 10.06 -5.71
C SER E 39 107.72 11.13 -4.75
N ARG E 40 109.03 11.36 -4.84
CA ARG E 40 109.65 12.38 -4.03
C ARG E 40 109.07 13.79 -3.98
N PHE E 41 108.68 14.26 -5.17
CA PHE E 41 107.95 15.51 -5.34
C PHE E 41 106.57 15.58 -4.71
N SER E 42 105.77 14.54 -4.99
CA SER E 42 104.46 14.27 -4.45
C SER E 42 104.35 14.09 -2.93
N HIS E 43 105.37 13.41 -2.40
CA HIS E 43 105.40 13.33 -0.96
C HIS E 43 105.90 14.51 -0.14
N LEU E 44 106.47 15.47 -0.87
CA LEU E 44 106.75 16.77 -0.29
C LEU E 44 105.60 17.76 -0.44
N ALA E 45 105.10 17.78 -1.67
CA ALA E 45 103.90 18.52 -2.02
C ALA E 45 102.60 18.26 -1.26
N ILE E 46 102.26 16.97 -1.27
CA ILE E 46 101.29 16.38 -0.38
C ILE E 46 102.00 15.53 0.67
N SER E 47 102.66 16.24 1.59
CA SER E 47 103.40 15.69 2.71
C SER E 47 102.53 15.10 3.82
N THR E 48 103.13 14.15 4.52
CA THR E 48 102.65 13.63 5.78
C THR E 48 102.97 14.47 7.01
N GLY E 49 103.69 15.56 6.76
CA GLY E 49 104.09 16.52 7.76
C GLY E 49 103.56 17.95 7.76
N SER E 50 103.27 18.31 6.51
CA SER E 50 102.89 19.64 6.12
C SER E 50 102.16 19.87 4.82
N LEU E 51 101.23 20.84 4.81
CA LEU E 51 100.72 21.45 3.61
C LEU E 51 100.74 22.98 3.63
N PRO E 52 101.91 23.43 3.16
CA PRO E 52 102.29 24.81 3.31
C PRO E 52 101.35 25.77 2.59
N VAL E 53 100.47 26.34 3.42
CA VAL E 53 99.62 27.44 3.02
C VAL E 53 100.27 28.74 2.57
N TRP E 54 100.32 28.89 1.25
CA TRP E 54 101.03 29.83 0.40
C TRP E 54 102.53 29.85 0.62
N SER E 55 103.28 29.05 -0.13
CA SER E 55 104.71 28.89 0.02
C SER E 55 105.20 29.95 -0.97
N ALA E 56 106.29 30.56 -0.51
CA ALA E 56 106.98 31.68 -1.12
C ALA E 56 107.17 31.71 -2.63
N ARG E 57 107.60 30.58 -3.20
CA ARG E 57 107.64 30.32 -4.63
C ARG E 57 106.54 29.47 -5.25
N TYR E 58 105.89 28.74 -4.35
CA TYR E 58 104.79 27.89 -4.78
C TYR E 58 103.45 28.10 -4.11
N PRO E 59 102.61 29.04 -4.55
CA PRO E 59 101.44 29.44 -3.78
C PRO E 59 100.46 28.33 -3.38
N SER E 60 100.25 27.40 -4.30
CA SER E 60 99.50 26.19 -4.01
C SER E 60 100.21 24.90 -4.40
N VAL E 61 99.59 23.76 -4.13
CA VAL E 61 100.01 22.46 -4.62
C VAL E 61 100.04 22.45 -6.14
N ALA E 62 99.03 23.07 -6.77
CA ALA E 62 98.84 23.15 -8.21
C ALA E 62 100.02 23.89 -8.86
N SER E 63 100.47 24.93 -8.17
CA SER E 63 101.60 25.73 -8.57
C SER E 63 102.81 24.92 -9.02
N ARG E 64 102.97 23.88 -8.20
CA ARG E 64 103.98 22.85 -8.37
C ARG E 64 103.90 21.92 -9.55
N ASN E 65 102.62 21.65 -9.78
CA ASN E 65 102.19 20.98 -10.99
C ASN E 65 102.47 21.74 -12.27
N ILE E 66 101.92 22.95 -12.28
CA ILE E 66 102.18 23.84 -13.40
C ILE E 66 103.64 24.12 -13.71
N VAL E 67 104.46 24.17 -12.66
CA VAL E 67 105.86 24.45 -12.94
C VAL E 67 106.61 23.27 -13.52
N VAL E 68 106.31 22.14 -12.86
CA VAL E 68 106.73 20.85 -13.36
C VAL E 68 106.47 20.56 -14.84
N ASN E 69 105.27 20.99 -15.24
CA ASN E 69 104.91 20.93 -16.64
C ASN E 69 105.87 21.71 -17.52
N THR E 70 106.08 22.97 -17.11
CA THR E 70 106.92 23.86 -17.88
C THR E 70 108.41 23.58 -17.90
N LEU E 71 108.82 22.98 -16.78
CA LEU E 71 110.16 22.45 -16.60
C LEU E 71 110.54 21.37 -17.62
N LEU E 72 109.84 20.23 -17.55
CA LEU E 72 109.83 19.21 -18.57
C LEU E 72 109.70 19.83 -19.96
N GLY E 73 108.63 20.59 -20.18
CA GLY E 73 108.45 21.34 -21.41
C GLY E 73 109.64 21.99 -22.11
N ALA E 74 110.44 22.63 -21.25
CA ALA E 74 111.69 23.18 -21.72
C ALA E 74 112.69 22.08 -22.02
N HIS E 75 113.40 21.64 -20.96
CA HIS E 75 114.54 20.79 -21.24
C HIS E 75 114.36 19.33 -21.64
N LEU E 76 113.19 18.81 -21.28
CA LEU E 76 112.86 17.46 -21.67
C LEU E 76 112.60 17.31 -23.15
N ASN E 77 111.90 18.26 -23.76
CA ASN E 77 111.74 18.32 -25.20
C ASN E 77 112.93 18.10 -26.13
N PRO E 78 114.15 18.54 -25.83
CA PRO E 78 115.42 18.11 -26.39
C PRO E 78 115.60 16.64 -26.72
N PHE E 79 115.10 15.88 -25.75
CA PHE E 79 115.09 14.44 -25.84
C PHE E 79 114.31 13.80 -27.00
N ALA E 80 113.19 14.42 -27.34
CA ALA E 80 112.38 13.88 -28.41
C ALA E 80 112.90 13.97 -29.84
N GLY E 81 113.88 14.85 -30.00
CA GLY E 81 114.71 14.89 -31.19
C GLY E 81 115.76 13.79 -31.07
N GLY E 82 115.82 13.09 -32.20
CA GLY E 82 116.64 11.90 -32.39
C GLY E 82 118.15 11.80 -32.21
N GLN E 83 118.55 12.39 -31.09
CA GLN E 83 119.92 12.66 -30.71
C GLN E 83 120.08 13.37 -29.36
N ILE E 84 119.00 13.86 -28.77
CA ILE E 84 118.99 14.64 -27.55
C ILE E 84 119.56 16.03 -27.78
N THR E 85 118.73 16.97 -28.21
CA THR E 85 119.18 18.35 -28.26
C THR E 85 119.46 19.06 -26.94
N SER E 86 120.24 18.35 -26.13
CA SER E 86 120.49 18.68 -24.74
C SER E 86 121.52 19.75 -24.42
N HIS E 87 120.90 20.92 -24.25
CA HIS E 87 121.40 21.97 -23.36
C HIS E 87 120.35 23.02 -23.03
N GLN E 88 120.71 24.00 -22.20
CA GLN E 88 120.14 25.30 -21.91
C GLN E 88 120.18 25.82 -20.48
N GLY E 89 121.45 26.13 -20.24
CA GLY E 89 121.94 26.01 -18.87
C GLY E 89 122.15 24.56 -18.45
N ILE E 90 120.99 24.00 -18.08
CA ILE E 90 120.80 22.60 -17.82
C ILE E 90 120.96 21.67 -19.02
N THR E 91 121.20 20.42 -18.65
CA THR E 91 121.44 19.36 -19.61
C THR E 91 121.44 17.98 -18.96
N TRP E 92 120.92 16.99 -19.69
CA TRP E 92 120.83 15.62 -19.22
C TRP E 92 122.21 15.01 -19.07
N ARG E 93 122.43 14.48 -17.87
CA ARG E 93 123.62 13.81 -17.40
C ARG E 93 124.08 12.61 -18.21
N ASP E 94 123.17 12.04 -19.01
CA ASP E 94 123.21 10.69 -19.53
C ASP E 94 122.12 10.32 -20.54
N PRO E 95 122.34 9.45 -21.53
CA PRO E 95 121.44 9.26 -22.65
C PRO E 95 119.98 8.91 -22.45
N VAL E 96 119.83 8.19 -21.34
CA VAL E 96 118.53 7.86 -20.81
C VAL E 96 117.90 8.82 -19.80
N LEU E 97 118.37 10.07 -19.83
CA LEU E 97 117.99 11.15 -18.94
C LEU E 97 117.84 11.16 -17.42
N SER E 98 118.06 9.96 -16.89
CA SER E 98 118.19 9.64 -15.48
C SER E 98 118.51 10.54 -14.30
N SER E 99 118.98 11.71 -14.74
CA SER E 99 119.27 12.90 -13.96
C SER E 99 119.64 14.12 -14.79
N LEU E 100 119.43 15.30 -14.20
CA LEU E 100 119.81 16.55 -14.84
C LEU E 100 121.01 17.23 -14.21
N ALA E 101 121.86 17.83 -15.05
CA ALA E 101 122.90 18.71 -14.56
C ALA E 101 122.63 20.16 -14.94
N PRO E 102 122.84 21.19 -14.12
CA PRO E 102 122.51 22.56 -14.48
C PRO E 102 123.57 23.26 -15.32
N VAL E 103 124.28 22.46 -16.11
CA VAL E 103 125.48 22.91 -16.76
C VAL E 103 126.10 21.81 -17.61
N PRO E 104 126.63 22.15 -18.79
CA PRO E 104 127.23 21.13 -19.62
C PRO E 104 128.60 20.68 -19.13
N ALA E 105 128.79 19.39 -19.41
CA ALA E 105 130.10 18.83 -19.16
C ALA E 105 131.19 19.16 -20.17
N ILE E 106 132.43 18.71 -19.94
CA ILE E 106 133.42 18.63 -20.99
C ILE E 106 132.98 18.55 -22.44
N GLN E 107 132.00 17.68 -22.73
CA GLN E 107 131.32 17.60 -24.00
C GLN E 107 129.99 18.35 -23.95
N PRO E 108 130.01 19.54 -24.57
CA PRO E 108 128.79 20.22 -24.95
C PRO E 108 128.22 20.18 -26.36
N PRO E 109 128.56 19.24 -27.26
CA PRO E 109 127.98 19.26 -28.60
C PRO E 109 126.49 19.39 -28.79
N PRO E 110 125.66 18.82 -27.92
CA PRO E 110 124.22 18.89 -28.16
C PRO E 110 123.52 20.22 -28.38
N VAL E 111 123.18 20.59 -29.61
CA VAL E 111 122.53 21.88 -29.82
C VAL E 111 121.13 21.97 -29.27
N TRP E 112 120.67 23.22 -29.14
CA TRP E 112 119.27 23.51 -28.88
C TRP E 112 118.86 24.63 -29.81
N ALA E 113 117.81 24.25 -30.54
CA ALA E 113 117.08 25.16 -31.39
C ALA E 113 115.90 25.85 -30.72
N VAL E 114 115.74 27.14 -31.02
CA VAL E 114 114.80 27.91 -30.24
C VAL E 114 113.35 27.46 -30.16
N ALA E 115 113.07 26.67 -29.12
CA ALA E 115 111.84 25.92 -28.96
C ALA E 115 110.52 26.61 -28.68
N GLU E 116 109.40 26.22 -29.28
CA GLU E 116 108.12 26.85 -29.01
C GLU E 116 107.15 25.95 -28.28
N ASN E 117 106.04 25.50 -28.88
CA ASN E 117 105.30 24.39 -28.32
C ASN E 117 105.37 23.07 -29.05
N VAL E 118 105.83 22.00 -28.39
CA VAL E 118 106.12 20.71 -29.01
C VAL E 118 105.60 19.48 -28.31
N LEU E 119 105.33 18.44 -29.11
CA LEU E 119 104.80 17.15 -28.68
C LEU E 119 105.92 16.14 -28.52
N LEU E 120 106.35 16.06 -27.26
CA LEU E 120 107.33 15.08 -26.82
C LEU E 120 107.00 13.64 -27.14
N ASP E 121 107.55 13.24 -28.29
CA ASP E 121 107.47 11.98 -29.02
C ASP E 121 108.67 11.05 -28.93
N SER E 122 108.74 10.49 -27.73
CA SER E 122 109.74 9.51 -27.35
C SER E 122 109.77 8.25 -28.21
N ASN E 123 108.65 7.96 -28.84
CA ASN E 123 108.54 6.92 -29.84
C ASN E 123 109.55 6.92 -30.98
N ASN E 124 109.83 8.15 -31.43
CA ASN E 124 110.96 8.44 -32.29
C ASN E 124 112.37 8.47 -31.71
N TYR E 125 112.56 8.09 -30.45
CA TYR E 125 113.80 8.20 -29.71
C TYR E 125 114.29 6.81 -29.39
N PRO E 126 115.18 6.25 -30.22
CA PRO E 126 115.55 4.86 -30.25
C PRO E 126 115.82 4.21 -28.89
N THR E 127 116.70 4.88 -28.16
CA THR E 127 117.08 4.54 -26.80
C THR E 127 115.92 4.28 -25.84
N TYR E 128 114.91 5.14 -25.97
CA TYR E 128 113.77 5.07 -25.07
C TYR E 128 113.05 3.73 -25.19
N VAL E 129 112.75 3.53 -26.46
CA VAL E 129 112.10 2.30 -26.89
C VAL E 129 112.81 1.00 -26.55
N LEU E 130 114.11 1.13 -26.80
CA LEU E 130 115.12 0.15 -26.44
C LEU E 130 114.91 -0.37 -25.02
N ASN E 131 114.89 0.58 -24.07
CA ASN E 131 114.63 0.19 -22.71
C ASN E 131 113.37 0.75 -22.06
N LEU E 132 112.29 0.19 -22.61
CA LEU E 132 110.95 0.51 -22.19
C LEU E 132 110.70 0.22 -20.72
N SER E 133 111.17 -0.96 -20.33
CA SER E 133 111.20 -1.35 -18.93
C SER E 133 111.57 -0.46 -17.76
N SER E 134 112.62 0.31 -18.11
CA SER E 134 113.22 1.30 -17.23
C SER E 134 112.75 2.71 -17.52
N MET E 135 112.67 3.07 -18.80
CA MET E 135 112.11 4.35 -19.19
C MET E 135 110.68 4.62 -18.76
N TRP E 136 109.92 3.55 -18.51
CA TRP E 136 108.54 3.53 -18.06
C TRP E 136 108.02 4.69 -17.22
N PRO E 137 108.73 5.15 -16.18
CA PRO E 137 108.34 6.31 -15.41
C PRO E 137 108.15 7.64 -16.12
N ILE E 138 108.93 7.93 -17.16
CA ILE E 138 108.66 9.07 -18.02
C ILE E 138 107.30 9.15 -18.68
N ASN E 139 106.94 7.96 -19.19
CA ASN E 139 105.63 7.84 -19.76
C ASN E 139 104.41 8.26 -18.94
N GLN E 140 104.45 7.92 -17.66
CA GLN E 140 103.53 8.45 -16.67
C GLN E 140 103.39 9.96 -16.58
N ASP E 141 104.51 10.69 -16.43
CA ASP E 141 104.64 12.13 -16.54
C ASP E 141 104.16 12.75 -17.85
N VAL E 142 104.57 12.19 -18.99
CA VAL E 142 104.24 12.78 -20.27
C VAL E 142 102.75 12.96 -20.54
N HIS E 143 102.05 11.85 -20.26
CA HIS E 143 100.61 11.88 -20.35
C HIS E 143 99.86 12.84 -19.45
N ILE E 144 100.07 12.78 -18.13
CA ILE E 144 99.64 13.87 -17.27
C ILE E 144 100.01 15.32 -17.53
N MET E 145 101.20 15.45 -18.13
CA MET E 145 101.65 16.74 -18.61
C MET E 145 100.78 17.34 -19.72
N THR E 146 100.50 16.43 -20.64
CA THR E 146 99.63 16.58 -21.79
C THR E 146 98.27 17.08 -21.31
N MET E 147 97.75 16.45 -20.27
CA MET E 147 96.46 16.76 -19.70
C MET E 147 96.20 18.02 -18.88
N TRP E 148 97.29 18.79 -18.85
CA TRP E 148 97.40 20.17 -18.41
C TRP E 148 97.73 21.14 -19.52
N ALA E 149 98.16 20.65 -20.68
CA ALA E 149 98.57 21.46 -21.81
C ALA E 149 97.68 21.44 -23.05
N LEU E 150 96.87 20.39 -23.18
CA LEU E 150 95.84 20.32 -24.19
C LEU E 150 94.77 21.39 -24.22
N SER E 151 94.69 21.98 -23.02
CA SER E 151 93.72 23.04 -22.81
C SER E 151 94.33 24.18 -22.02
N ASP E 152 93.57 25.26 -21.84
CA ASP E 152 93.80 26.43 -21.02
C ASP E 152 93.26 26.46 -19.60
N GLN E 153 92.76 25.30 -19.16
CA GLN E 153 92.24 25.17 -17.81
C GLN E 153 92.50 23.88 -17.06
N GLY E 154 91.96 23.80 -15.84
CA GLY E 154 92.19 22.67 -14.95
C GLY E 154 91.91 21.27 -15.45
N PRO E 155 92.71 20.26 -15.09
CA PRO E 155 92.81 18.93 -15.67
C PRO E 155 91.77 18.41 -16.65
N ILE E 156 92.32 17.88 -17.74
CA ILE E 156 91.46 17.10 -18.60
C ILE E 156 91.46 15.66 -18.13
N TYR E 157 90.32 15.24 -17.60
CA TYR E 157 90.17 13.91 -17.05
C TYR E 157 89.13 12.99 -17.67
N HIS E 158 89.45 11.71 -17.84
CA HIS E 158 88.61 10.71 -18.49
C HIS E 158 87.90 9.82 -17.48
N LEU E 159 86.66 9.53 -17.86
CA LEU E 159 85.79 8.72 -17.04
C LEU E 159 85.24 7.52 -17.80
N GLU E 160 84.93 6.48 -17.03
CA GLU E 160 84.62 5.12 -17.44
C GLU E 160 83.69 4.38 -16.49
N VAL E 161 82.58 3.93 -17.08
CA VAL E 161 81.71 3.06 -16.31
C VAL E 161 81.46 1.73 -17.01
N PRO E 162 81.85 0.58 -16.46
CA PRO E 162 81.44 -0.76 -16.85
C PRO E 162 79.97 -1.10 -16.62
N VAL E 163 79.61 -2.33 -17.01
CA VAL E 163 78.39 -2.90 -16.49
C VAL E 163 78.76 -4.03 -15.53
N ASP E 164 77.97 -5.10 -15.46
CA ASP E 164 78.32 -6.27 -14.67
C ASP E 164 79.74 -6.79 -14.65
N PRO E 165 80.61 -6.49 -15.61
CA PRO E 165 82.05 -6.72 -15.48
C PRO E 165 82.88 -6.15 -14.35
N MET E 166 82.52 -6.63 -13.17
CA MET E 166 83.38 -6.56 -12.00
C MET E 166 83.48 -7.95 -11.39
N PRO E 167 84.29 -8.85 -11.94
CA PRO E 167 84.46 -10.22 -11.49
C PRO E 167 84.90 -10.34 -10.04
N ALA E 168 84.44 -11.40 -9.37
CA ALA E 168 84.88 -11.73 -8.02
C ALA E 168 86.17 -11.19 -7.42
N ALA E 169 87.30 -11.41 -8.10
CA ALA E 169 88.62 -10.91 -7.75
C ALA E 169 88.61 -9.44 -7.40
N THR E 170 88.17 -8.65 -8.39
CA THR E 170 88.14 -7.21 -8.29
C THR E 170 87.37 -6.54 -7.17
N THR E 171 86.14 -7.06 -7.11
CA THR E 171 85.18 -6.69 -6.08
C THR E 171 85.54 -6.96 -4.63
N ALA E 172 86.26 -8.09 -4.59
CA ALA E 172 86.88 -8.55 -3.36
C ALA E 172 87.97 -7.65 -2.82
N ALA E 173 88.88 -7.45 -3.78
CA ALA E 173 90.04 -6.63 -3.53
C ALA E 173 89.79 -5.14 -3.36
N LEU E 174 88.63 -4.73 -3.86
CA LEU E 174 88.15 -3.39 -3.62
C LEU E 174 87.69 -3.10 -2.20
N MET E 175 87.18 -4.14 -1.51
CA MET E 175 86.92 -4.22 -0.10
C MET E 175 88.06 -3.91 0.86
N ALA E 176 89.30 -4.22 0.48
CA ALA E 176 90.45 -3.75 1.23
C ALA E 176 90.60 -2.25 1.35
N TYR E 177 90.10 -1.51 0.36
CA TYR E 177 90.11 -0.06 0.38
C TYR E 177 89.12 0.62 1.31
N THR E 178 88.08 -0.12 1.71
CA THR E 178 87.15 0.33 2.71
C THR E 178 87.74 1.01 3.94
N GLY E 179 87.50 2.32 4.08
CA GLY E 179 88.00 3.17 5.14
C GLY E 179 89.15 4.12 4.81
N VAL E 180 89.84 3.83 3.71
CA VAL E 180 90.87 4.66 3.12
C VAL E 180 90.34 5.84 2.32
N PRO E 181 90.77 7.07 2.64
CA PRO E 181 90.37 8.25 1.91
C PRO E 181 91.26 8.35 0.69
N ILE E 182 90.75 8.92 -0.40
CA ILE E 182 91.57 9.20 -1.56
C ILE E 182 92.83 10.04 -1.36
N ALA E 183 92.66 11.01 -0.46
CA ALA E 183 93.84 11.62 0.13
C ALA E 183 95.17 10.89 0.26
N HIS E 184 95.04 9.76 0.96
CA HIS E 184 96.14 8.84 1.07
C HIS E 184 96.41 7.87 -0.08
N LEU E 185 95.30 7.28 -0.52
CA LEU E 185 95.30 6.33 -1.60
C LEU E 185 95.97 6.76 -2.90
N ALA E 186 95.74 8.05 -3.16
CA ALA E 186 96.38 8.72 -4.27
C ALA E 186 97.87 8.53 -4.52
N GLN E 187 98.57 8.71 -3.40
CA GLN E 187 100.02 8.64 -3.29
C GLN E 187 100.55 7.29 -3.71
N THR E 188 100.13 6.17 -3.09
CA THR E 188 100.31 4.75 -3.35
C THR E 188 99.94 4.33 -4.76
N ALA E 189 98.78 4.82 -5.16
CA ALA E 189 98.12 4.56 -6.43
C ALA E 189 98.84 5.07 -7.68
N TYR E 190 99.31 6.30 -7.53
CA TYR E 190 100.33 6.95 -8.34
C TYR E 190 101.64 6.17 -8.47
N ARG E 191 102.24 5.89 -7.31
CA ARG E 191 103.47 5.13 -7.35
C ARG E 191 103.44 3.81 -8.11
N PHE E 192 102.23 3.25 -8.12
CA PHE E 192 102.00 2.20 -9.08
C PHE E 192 102.35 2.03 -10.55
N ALA E 193 102.09 3.22 -11.09
CA ALA E 193 102.55 3.40 -12.45
C ALA E 193 104.05 3.32 -12.70
N GLY E 194 104.73 3.82 -11.65
CA GLY E 194 106.18 3.86 -11.71
C GLY E 194 106.90 2.52 -11.70
N GLN E 195 106.17 1.66 -11.00
CA GLN E 195 106.77 0.42 -10.53
C GLN E 195 107.33 -0.55 -11.57
N LEU E 196 106.62 -0.73 -12.69
CA LEU E 196 106.99 -1.64 -13.76
C LEU E 196 105.97 -1.73 -14.87
N PRO E 197 106.40 -2.10 -16.08
CA PRO E 197 105.40 -2.39 -17.09
C PRO E 197 104.63 -3.65 -16.69
N GLN E 198 103.37 -3.35 -16.36
CA GLN E 198 102.37 -4.35 -16.06
C GLN E 198 101.55 -4.64 -17.31
N SER E 199 100.44 -5.33 -17.03
CA SER E 199 99.53 -5.70 -18.08
C SER E 199 98.28 -4.84 -18.26
N PRO E 200 98.08 -4.29 -19.46
CA PRO E 200 96.80 -3.70 -19.77
C PRO E 200 95.49 -4.35 -19.34
N ASP E 201 95.50 -5.66 -19.50
CA ASP E 201 94.38 -6.51 -19.16
C ASP E 201 94.25 -6.95 -17.71
N SER E 202 94.95 -6.22 -16.83
CA SER E 202 94.99 -6.55 -15.41
C SER E 202 94.07 -5.78 -14.47
N THR E 203 93.84 -6.41 -13.31
CA THR E 203 93.08 -5.92 -12.19
C THR E 203 93.31 -4.48 -11.73
N MET E 204 94.58 -4.09 -11.75
CA MET E 204 95.00 -2.73 -11.49
C MET E 204 94.21 -1.66 -12.23
N VAL E 205 94.33 -1.71 -13.55
CA VAL E 205 93.57 -0.83 -14.42
C VAL E 205 92.06 -0.78 -14.22
N SER E 206 91.44 -1.96 -14.12
CA SER E 206 90.04 -2.07 -13.73
C SER E 206 89.64 -1.34 -12.46
N THR E 207 90.34 -1.65 -11.38
CA THR E 207 90.15 -0.99 -10.10
C THR E 207 90.22 0.52 -10.05
N ILE E 208 91.27 1.10 -10.64
CA ILE E 208 91.54 2.52 -10.61
C ILE E 208 90.49 3.35 -11.32
N ARG E 209 90.19 2.77 -12.47
CA ARG E 209 89.11 3.22 -13.32
C ARG E 209 87.75 3.29 -12.64
N TRP E 210 87.46 2.24 -11.87
CA TRP E 210 86.27 2.06 -11.05
C TRP E 210 86.08 2.94 -9.83
N LEU E 211 87.17 3.09 -9.09
CA LEU E 211 87.38 4.11 -8.08
C LEU E 211 87.16 5.55 -8.50
N SER E 212 87.56 5.86 -9.73
CA SER E 212 87.39 7.18 -10.32
C SER E 212 85.93 7.53 -10.59
N ALA E 213 85.26 6.47 -11.03
CA ALA E 213 83.83 6.53 -11.26
C ALA E 213 83.06 6.76 -9.97
N ILE E 214 83.50 6.08 -8.91
CA ILE E 214 82.96 6.21 -7.58
C ILE E 214 83.11 7.61 -7.00
N TRP E 215 84.29 8.19 -7.21
CA TRP E 215 84.56 9.52 -6.72
C TRP E 215 83.78 10.70 -7.29
N PHE E 216 83.72 10.71 -8.62
CA PHE E 216 82.84 11.58 -9.39
C PHE E 216 81.35 11.50 -9.12
N GLY E 217 80.89 10.25 -9.17
CA GLY E 217 79.48 10.05 -8.91
C GLY E 217 78.95 10.38 -7.52
N SER E 218 79.88 10.19 -6.59
CA SER E 218 79.77 10.69 -5.24
C SER E 218 79.83 12.21 -5.16
N LEU E 219 80.93 12.77 -5.67
CA LEU E 219 81.14 14.20 -5.77
C LEU E 219 79.93 15.03 -6.21
N THR E 220 79.31 14.57 -7.29
CA THR E 220 78.15 15.12 -7.96
C THR E 220 76.86 14.96 -7.17
N GLY E 221 76.80 13.81 -6.48
CA GLY E 221 75.68 13.46 -5.63
C GLY E 221 74.89 12.21 -5.95
N ARG E 222 74.79 11.93 -7.25
CA ARG E 222 73.98 10.83 -7.72
C ARG E 222 74.36 9.43 -7.24
N LEU E 223 75.57 9.30 -6.70
CA LEU E 223 75.96 8.22 -5.81
C LEU E 223 76.29 8.75 -4.41
N ASN E 224 75.93 7.87 -3.48
CA ASN E 224 75.73 8.14 -2.07
C ASN E 224 75.33 6.88 -1.30
N ARG E 225 75.12 6.98 0.00
CA ARG E 225 74.59 5.98 0.91
C ARG E 225 73.41 5.15 0.40
N SER E 226 72.53 5.93 -0.22
CA SER E 226 71.26 5.47 -0.78
C SER E 226 71.25 4.91 -2.18
N ARG E 227 72.35 5.20 -2.88
CA ARG E 227 72.67 4.94 -4.27
C ARG E 227 74.14 4.56 -4.35
N THR E 228 74.31 3.27 -4.07
CA THR E 228 75.65 2.70 -4.02
C THR E 228 76.00 1.77 -5.18
N CYS E 229 77.25 1.75 -5.63
CA CYS E 229 77.70 0.77 -6.59
C CYS E 229 78.23 -0.47 -5.88
N ASN E 230 77.22 -1.18 -5.37
CA ASN E 230 77.38 -2.37 -4.57
C ASN E 230 78.05 -2.10 -3.24
N GLY E 231 77.40 -1.26 -2.44
CA GLY E 231 78.07 -0.65 -1.31
C GLY E 231 79.06 0.50 -1.42
N PHE E 232 79.89 0.27 -2.44
CA PHE E 232 80.81 1.33 -2.82
C PHE E 232 80.29 2.72 -3.14
N TYR E 233 80.91 3.71 -2.48
CA TYR E 233 80.75 5.14 -2.66
C TYR E 233 81.56 5.91 -1.62
N PHE E 234 81.95 7.12 -2.01
CA PHE E 234 82.60 8.06 -1.10
C PHE E 234 81.67 8.88 -0.22
N GLU E 235 82.07 8.92 1.05
CA GLU E 235 81.55 10.01 1.86
C GLU E 235 82.50 11.19 1.97
N PHE E 236 82.02 12.36 1.52
CA PHE E 236 82.79 13.59 1.52
C PHE E 236 83.03 14.37 2.80
N ALA E 237 83.13 13.48 3.78
CA ALA E 237 83.24 13.72 5.20
C ALA E 237 82.33 14.81 5.74
N LYS E 238 82.64 16.05 5.34
CA LYS E 238 81.79 17.20 5.56
C LYS E 238 81.12 17.59 4.26
N PRO E 239 79.79 17.45 4.17
CA PRO E 239 79.10 17.72 2.93
C PRO E 239 78.82 19.14 2.45
N ALA E 240 79.07 19.27 1.15
CA ALA E 240 78.92 20.48 0.36
C ALA E 240 79.64 21.76 0.73
N LEU E 241 80.44 21.59 1.79
CA LEU E 241 81.40 22.54 2.32
C LEU E 241 82.68 22.51 1.50
N ASN E 242 83.31 23.67 1.33
CA ASN E 242 84.70 23.75 0.94
C ASN E 242 85.66 22.71 1.47
N PRO E 243 85.78 22.45 2.78
CA PRO E 243 86.56 21.36 3.33
C PRO E 243 85.67 20.13 3.44
N ASP E 244 85.90 19.36 2.37
CA ASP E 244 85.30 18.06 2.14
C ASP E 244 86.29 17.11 1.47
N GLN E 245 86.48 16.02 2.20
CA GLN E 245 87.35 14.91 1.90
C GLN E 245 86.62 13.57 1.77
N ALA E 246 87.13 12.83 0.77
CA ALA E 246 86.43 11.67 0.29
C ALA E 246 87.03 10.44 0.96
N VAL E 247 86.17 9.73 1.68
CA VAL E 247 86.38 8.51 2.43
C VAL E 247 85.54 7.30 2.01
N LEU E 248 86.14 6.15 1.71
CA LEU E 248 85.32 5.11 1.12
C LEU E 248 84.50 4.34 2.14
N LYS E 249 83.19 4.31 1.88
CA LYS E 249 82.26 3.50 2.64
C LYS E 249 81.52 2.42 1.87
N TRP E 250 81.35 1.19 2.35
CA TRP E 250 80.47 0.21 1.75
C TRP E 250 79.10 0.11 2.41
N ASN E 251 78.21 0.92 1.85
CA ASN E 251 76.82 1.07 2.27
C ASN E 251 76.04 0.00 1.51
N ASP E 252 76.21 -1.25 1.94
CA ASP E 252 75.39 -2.38 1.53
C ASP E 252 73.89 -2.15 1.39
N GLY E 253 73.30 -2.88 0.44
CA GLY E 253 71.85 -2.74 0.36
C GLY E 253 71.38 -2.03 -0.89
N ALA E 254 71.13 -0.73 -0.75
CA ALA E 254 70.65 0.11 -1.83
C ALA E 254 71.63 0.35 -2.97
N ARG E 255 71.57 -0.64 -3.85
CA ARG E 255 72.50 -0.80 -4.95
C ARG E 255 72.06 -0.43 -6.35
N ALA E 256 72.80 0.53 -6.91
CA ALA E 256 72.54 1.14 -8.19
C ALA E 256 72.45 0.17 -9.37
N ALA E 257 71.61 0.56 -10.33
CA ALA E 257 71.11 -0.19 -11.46
C ALA E 257 72.19 -0.46 -12.50
N PRO E 258 72.23 -1.66 -13.07
CA PRO E 258 73.15 -1.99 -14.15
C PRO E 258 72.90 -1.16 -15.41
N PRO E 259 73.81 -0.28 -15.79
CA PRO E 259 73.72 0.50 -17.01
C PRO E 259 73.73 -0.25 -18.34
N ALA E 260 73.26 0.49 -19.35
CA ALA E 260 73.19 -0.02 -20.70
C ALA E 260 74.48 -0.02 -21.51
N ALA E 261 74.99 -1.25 -21.61
CA ALA E 261 76.27 -1.65 -22.17
C ALA E 261 77.59 -1.12 -21.65
N ALA E 262 77.69 0.20 -21.45
CA ALA E 262 78.82 0.96 -20.95
C ALA E 262 78.65 2.47 -21.00
N GLN E 263 79.51 3.14 -20.24
CA GLN E 263 79.66 4.58 -20.30
C GLN E 263 81.09 5.09 -20.42
N SER E 264 81.29 6.12 -21.23
CA SER E 264 82.47 6.94 -21.34
C SER E 264 82.29 8.44 -21.50
N SER E 265 83.11 9.18 -20.76
CA SER E 265 83.13 10.63 -20.68
C SER E 265 84.42 11.29 -20.22
N TYR E 266 84.56 12.59 -20.51
CA TYR E 266 85.60 13.50 -20.11
C TYR E 266 85.17 14.69 -19.27
N ILE E 267 86.00 15.10 -18.31
CA ILE E 267 85.79 16.34 -17.60
C ILE E 267 87.01 17.21 -17.32
N ARG E 268 86.76 18.51 -17.21
CA ARG E 268 87.70 19.60 -17.06
C ARG E 268 87.15 20.61 -16.05
N CYS E 269 88.00 20.89 -15.07
CA CYS E 269 87.66 21.87 -14.06
C CYS E 269 88.03 23.26 -14.55
N ILE E 270 87.06 24.03 -15.04
CA ILE E 270 87.30 25.33 -15.62
C ILE E 270 87.29 26.52 -14.65
N SER E 271 87.91 26.30 -13.49
CA SER E 271 87.95 27.40 -12.55
C SER E 271 89.34 27.44 -11.93
N PRO E 272 90.04 28.57 -11.83
CA PRO E 272 91.27 28.63 -11.06
C PRO E 272 91.23 28.07 -9.65
N HIS E 273 90.03 27.96 -9.09
CA HIS E 273 89.84 27.41 -7.77
C HIS E 273 90.28 25.97 -7.56
N TRP E 274 90.44 25.27 -8.69
CA TRP E 274 91.04 23.95 -8.56
C TRP E 274 92.47 23.81 -8.06
N GLN E 275 93.13 24.96 -8.15
CA GLN E 275 94.42 25.23 -7.53
C GLN E 275 94.46 25.06 -6.02
N HIS E 276 93.35 25.15 -5.28
CA HIS E 276 93.22 24.84 -3.87
C HIS E 276 92.34 23.68 -3.41
N GLN E 277 92.11 22.80 -4.40
CA GLN E 277 91.21 21.67 -4.38
C GLN E 277 91.97 20.39 -4.72
N ILE E 278 92.88 20.09 -3.78
CA ILE E 278 93.93 19.11 -3.93
C ILE E 278 93.46 17.74 -4.41
N VAL E 279 92.35 17.40 -3.74
CA VAL E 279 91.55 16.29 -4.21
C VAL E 279 91.29 15.97 -5.68
N GLU E 280 90.59 16.85 -6.41
CA GLU E 280 90.35 16.82 -7.84
C GLU E 280 91.62 16.74 -8.67
N VAL E 281 92.67 17.43 -8.20
CA VAL E 281 93.95 17.36 -8.89
C VAL E 281 94.69 16.03 -8.97
N ALA E 282 94.75 15.40 -7.80
CA ALA E 282 95.27 14.10 -7.46
C ALA E 282 94.51 13.02 -8.22
N GLY E 283 93.20 13.24 -8.29
CA GLY E 283 92.27 12.59 -9.20
C GLY E 283 92.55 12.27 -10.66
N ALA E 284 92.96 13.40 -11.26
CA ALA E 284 93.42 13.40 -12.63
C ALA E 284 94.81 12.79 -12.74
N LEU E 285 95.69 13.07 -11.78
CA LEU E 285 96.95 12.36 -11.75
C LEU E 285 96.74 10.85 -11.73
N MET E 286 95.95 10.38 -10.77
CA MET E 286 95.61 8.97 -10.70
C MET E 286 95.20 8.30 -12.01
N SER E 287 94.17 8.91 -12.60
CA SER E 287 93.60 8.43 -13.84
C SER E 287 94.51 8.57 -15.06
N GLN E 288 95.25 9.67 -15.26
CA GLN E 288 96.39 9.65 -16.15
C GLN E 288 97.47 8.58 -16.05
N SER E 289 97.61 8.01 -14.85
CA SER E 289 98.44 6.83 -14.69
C SER E 289 97.94 5.50 -15.23
N VAL E 290 96.61 5.39 -15.24
CA VAL E 290 95.85 4.39 -15.95
C VAL E 290 96.01 4.47 -17.46
N THR E 291 95.88 5.69 -17.98
CA THR E 291 96.18 6.08 -19.35
C THR E 291 97.49 5.54 -19.91
N ALA E 292 98.55 5.77 -19.15
CA ALA E 292 99.87 5.21 -19.41
C ALA E 292 99.98 3.75 -19.83
N VAL E 293 99.05 2.98 -19.27
CA VAL E 293 98.82 1.60 -19.66
C VAL E 293 97.75 1.18 -20.66
N THR E 294 96.94 2.17 -21.01
CA THR E 294 95.79 2.01 -21.86
C THR E 294 95.64 2.92 -23.08
N GLY E 295 94.98 2.49 -24.15
CA GLY E 295 94.68 3.29 -25.31
C GLY E 295 93.34 4.02 -25.16
N LEU E 296 93.65 5.22 -24.65
CA LEU E 296 92.56 6.11 -24.32
C LEU E 296 91.62 6.44 -25.47
N PRO E 297 90.34 6.10 -25.27
CA PRO E 297 89.33 6.24 -26.31
C PRO E 297 88.65 7.59 -26.36
N ALA E 298 88.14 7.87 -27.56
CA ALA E 298 87.26 9.01 -27.78
C ALA E 298 87.89 10.40 -27.68
N LEU E 299 88.30 10.73 -28.91
CA LEU E 299 89.07 11.94 -29.11
C LEU E 299 88.30 13.23 -28.91
N ILE E 300 88.95 14.32 -28.51
CA ILE E 300 88.31 15.57 -28.14
C ILE E 300 88.20 16.52 -29.32
N ASP E 301 86.97 17.00 -29.53
CA ASP E 301 86.58 17.96 -30.54
C ASP E 301 87.28 19.31 -30.46
N GLU E 302 87.49 19.78 -31.69
CA GLU E 302 88.23 21.02 -31.87
C GLU E 302 87.75 22.25 -31.12
N ALA E 303 86.48 22.55 -31.36
CA ALA E 303 85.77 23.70 -30.81
C ALA E 303 85.94 23.88 -29.31
N THR E 304 85.74 22.77 -28.58
CA THR E 304 85.82 22.78 -27.13
C THR E 304 87.14 23.17 -26.48
N LEU E 305 88.17 23.38 -27.30
CA LEU E 305 89.52 23.64 -26.84
C LEU E 305 89.80 25.11 -27.10
N PRO E 306 90.68 25.76 -26.34
CA PRO E 306 91.27 27.06 -26.62
C PRO E 306 92.13 27.20 -27.86
N ALA E 307 92.00 28.33 -28.54
CA ALA E 307 92.89 28.73 -29.61
C ALA E 307 94.25 28.10 -29.81
N TRP E 308 95.10 28.30 -28.80
CA TRP E 308 96.39 27.64 -28.88
C TRP E 308 96.56 26.14 -29.03
N SER E 309 95.63 25.47 -28.35
CA SER E 309 95.53 24.02 -28.41
C SER E 309 94.58 23.33 -29.37
N GLN E 310 94.68 23.88 -30.59
CA GLN E 310 93.92 23.46 -31.75
C GLN E 310 94.71 22.67 -32.79
N GLY E 311 94.02 21.66 -33.34
CA GLY E 311 94.64 20.75 -34.27
C GLY E 311 95.86 19.93 -33.89
N VAL E 312 95.51 19.04 -32.96
CA VAL E 312 96.53 18.35 -32.19
C VAL E 312 96.41 16.86 -32.49
N ALA E 313 97.28 16.45 -33.40
CA ALA E 313 97.52 15.08 -33.79
C ALA E 313 96.65 14.02 -33.14
N ASN E 314 97.08 13.46 -32.00
CA ASN E 314 96.26 12.52 -31.27
C ASN E 314 94.82 12.87 -30.90
N LEU E 315 94.75 14.15 -30.55
CA LEU E 315 93.62 14.73 -29.84
C LEU E 315 92.33 15.12 -30.56
N THR E 316 92.47 15.79 -31.70
CA THR E 316 91.32 16.35 -32.39
C THR E 316 90.43 15.29 -33.02
N GLY E 317 89.14 15.40 -32.66
CA GLY E 317 88.14 14.51 -33.20
C GLY E 317 86.80 15.15 -33.54
N ASN E 318 86.06 14.46 -34.41
CA ASN E 318 84.69 14.81 -34.75
C ASN E 318 83.65 14.09 -33.92
N GLY E 319 83.04 13.04 -34.46
CA GLY E 319 82.12 12.13 -33.81
C GLY E 319 82.76 11.16 -32.81
N GLN E 320 83.37 11.83 -31.83
CA GLN E 320 84.12 11.38 -30.69
C GLN E 320 83.56 11.85 -29.35
N GLY E 321 84.48 11.99 -28.39
CA GLY E 321 84.09 12.21 -27.01
C GLY E 321 84.48 13.60 -26.54
N VAL E 322 83.41 14.31 -26.18
CA VAL E 322 83.39 15.61 -25.54
C VAL E 322 83.87 15.64 -24.10
N VAL E 323 84.38 16.84 -23.81
CA VAL E 323 84.75 17.29 -22.49
C VAL E 323 83.70 18.24 -21.96
N PRO E 324 82.70 17.74 -21.21
CA PRO E 324 82.00 18.55 -20.23
C PRO E 324 83.01 19.01 -19.19
N CYS E 325 82.64 20.18 -18.68
CA CYS E 325 83.52 20.98 -17.83
C CYS E 325 83.54 20.43 -16.42
N LEU E 326 82.66 20.98 -15.58
CA LEU E 326 82.50 20.57 -14.21
C LEU E 326 81.53 21.55 -13.54
N ASP E 327 81.07 21.17 -12.35
CA ASP E 327 80.64 22.11 -11.33
C ASP E 327 81.56 23.29 -11.06
N TYR E 328 82.85 22.96 -11.11
CA TYR E 328 83.90 23.94 -11.22
C TYR E 328 84.23 24.84 -10.02
N ASN E 329 83.13 25.24 -9.39
CA ASN E 329 83.08 25.96 -8.13
C ASN E 329 82.25 25.12 -7.18
N PRO E 330 82.75 24.74 -6.00
CA PRO E 330 82.10 23.83 -5.08
C PRO E 330 80.65 24.12 -4.70
N VAL E 331 80.36 25.42 -4.68
CA VAL E 331 79.00 25.87 -4.43
C VAL E 331 77.90 25.26 -5.28
N PRO E 332 77.99 25.19 -6.62
CA PRO E 332 77.06 24.44 -7.43
C PRO E 332 76.90 23.01 -6.95
N MET E 333 78.04 22.32 -6.96
CA MET E 333 78.05 20.97 -6.43
C MET E 333 77.25 20.72 -5.16
N ALA E 334 77.40 21.69 -4.25
CA ALA E 334 76.58 21.69 -3.06
C ALA E 334 75.10 21.41 -3.25
N ALA E 335 74.59 22.39 -4.00
CA ALA E 335 73.20 22.36 -4.39
C ALA E 335 72.78 21.00 -4.92
N ALA E 336 73.46 20.52 -5.96
CA ALA E 336 73.14 19.19 -6.46
C ALA E 336 73.03 18.04 -5.48
N ARG E 337 74.14 18.00 -4.74
CA ARG E 337 74.20 17.01 -3.68
C ARG E 337 73.14 17.08 -2.58
N HIS E 338 72.86 18.34 -2.24
CA HIS E 338 71.74 18.54 -1.35
C HIS E 338 70.39 18.22 -1.99
N LEU E 339 70.13 18.62 -3.24
CA LEU E 339 68.85 18.11 -3.68
C LEU E 339 68.52 16.66 -4.05
N GLN E 340 69.62 15.93 -4.26
CA GLN E 340 69.55 14.50 -4.16
C GLN E 340 69.01 14.01 -2.81
N TRP E 341 69.74 14.45 -1.79
CA TRP E 341 69.38 14.08 -0.44
C TRP E 341 68.02 14.43 0.16
N ARG E 342 67.51 15.56 -0.34
CA ARG E 342 66.20 16.16 -0.11
C ARG E 342 65.02 15.48 -0.78
N GLN E 343 65.32 15.12 -2.03
CA GLN E 343 64.47 14.25 -2.82
C GLN E 343 64.34 12.86 -2.21
N ASP E 344 65.49 12.36 -1.76
CA ASP E 344 65.69 11.11 -1.04
C ASP E 344 64.91 10.91 0.25
N GLY E 345 64.92 12.09 0.86
CA GLY E 345 64.63 12.16 2.28
C GLY E 345 65.62 11.54 3.25
N LEU E 346 66.87 11.82 2.88
CA LEU E 346 68.01 11.47 3.70
C LEU E 346 68.27 12.39 4.88
N ILE E 347 68.01 13.68 4.66
CA ILE E 347 68.34 14.80 5.51
C ILE E 347 67.27 15.88 5.40
N THR E 348 67.23 16.83 6.34
CA THR E 348 66.38 18.00 6.29
C THR E 348 66.39 18.96 5.10
N ALA E 349 65.24 18.84 4.44
CA ALA E 349 64.87 19.62 3.28
C ALA E 349 65.34 21.05 3.09
N ALA E 350 65.22 21.83 4.16
CA ALA E 350 65.72 23.20 4.26
C ALA E 350 66.52 23.75 5.42
N GLN E 351 67.38 22.93 6.02
CA GLN E 351 68.15 23.23 7.21
C GLN E 351 69.66 23.14 7.01
N GLU E 352 70.22 21.92 7.02
CA GLU E 352 71.65 21.68 6.92
C GLU E 352 72.30 22.24 5.66
N ALA E 353 71.62 21.92 4.56
CA ALA E 353 72.02 22.41 3.26
C ALA E 353 72.22 23.88 3.00
N GLN E 354 71.29 24.68 3.52
CA GLN E 354 71.49 26.12 3.62
C GLN E 354 72.63 26.66 4.48
N LEU E 355 72.84 25.97 5.60
CA LEU E 355 74.04 26.11 6.41
C LEU E 355 75.35 25.89 5.68
N ASN E 356 75.42 24.75 4.99
CA ASN E 356 76.58 24.50 4.17
C ASN E 356 76.97 25.46 3.05
N ASN E 357 75.89 25.77 2.33
CA ASN E 357 75.91 26.73 1.25
C ASN E 357 76.57 28.03 1.68
N ASP E 358 75.94 28.71 2.64
CA ASP E 358 76.40 29.94 3.25
C ASP E 358 77.87 29.93 3.63
N TYR E 359 78.26 28.93 4.42
CA TYR E 359 79.65 28.76 4.79
C TYR E 359 80.60 28.58 3.62
N THR E 360 80.22 27.72 2.67
CA THR E 360 80.89 27.41 1.42
C THR E 360 81.15 28.60 0.50
N ALA E 361 80.14 29.45 0.33
CA ALA E 361 80.27 30.74 -0.30
C ALA E 361 81.16 31.74 0.41
N TYR E 362 81.07 31.83 1.74
CA TYR E 362 82.06 32.49 2.57
C TYR E 362 83.50 32.09 2.28
N ALA E 363 83.78 30.84 2.65
CA ALA E 363 84.99 30.11 2.28
C ALA E 363 85.57 30.31 0.89
N LEU E 364 84.66 30.17 -0.08
CA LEU E 364 84.88 30.50 -1.48
C LEU E 364 85.52 31.86 -1.70
N THR E 365 84.72 32.84 -1.30
CA THR E 365 85.13 34.22 -1.47
C THR E 365 86.55 34.57 -1.04
N ILE E 366 86.90 34.08 0.15
CA ILE E 366 88.21 34.17 0.75
C ILE E 366 89.28 33.49 -0.08
N GLU E 367 89.17 32.19 -0.37
CA GLU E 367 90.18 31.47 -1.12
C GLU E 367 90.33 31.95 -2.55
N ARG E 368 89.14 32.32 -3.02
CA ARG E 368 89.06 32.90 -4.35
C ARG E 368 89.79 34.19 -4.67
N HIS E 369 89.51 35.10 -3.73
CA HIS E 369 90.12 36.41 -3.78
C HIS E 369 91.63 36.45 -3.58
N LEU E 370 92.07 35.58 -2.66
CA LEU E 370 93.44 35.25 -2.36
C LEU E 370 94.20 34.63 -3.54
N THR E 371 93.70 33.49 -4.02
CA THR E 371 94.25 32.83 -5.18
C THR E 371 94.42 33.83 -6.31
N ALA E 372 93.32 34.53 -6.58
CA ALA E 372 93.28 35.50 -7.65
C ALA E 372 94.20 36.70 -7.52
N MET E 373 94.25 37.21 -6.29
CA MET E 373 95.16 38.32 -6.07
C MET E 373 96.61 37.91 -6.25
N LEU E 374 96.88 36.73 -5.68
CA LEU E 374 98.19 36.17 -5.97
C LEU E 374 98.62 35.74 -7.37
N VAL E 375 97.62 35.48 -8.22
CA VAL E 375 97.84 35.38 -9.65
C VAL E 375 98.18 36.71 -10.29
N ALA E 376 97.65 37.75 -9.65
CA ALA E 376 98.10 39.07 -10.03
C ALA E 376 99.57 39.45 -9.92
N ASN E 377 100.11 38.87 -8.85
CA ASN E 377 101.45 38.95 -8.29
C ASN E 377 102.72 38.60 -9.05
N PRO E 378 102.72 37.56 -9.88
CA PRO E 378 103.70 37.41 -10.94
C PRO E 378 104.51 38.55 -11.55
N ILE E 379 103.84 39.18 -12.52
CA ILE E 379 104.32 40.30 -13.30
C ILE E 379 105.73 40.38 -13.88
N ALA E 380 105.68 40.45 -15.20
CA ALA E 380 106.86 40.76 -15.99
C ALA E 380 107.95 39.73 -16.22
N ALA E 381 108.47 39.13 -15.14
CA ALA E 381 109.43 38.05 -15.14
C ALA E 381 108.91 36.75 -15.73
N GLY E 382 109.86 35.97 -16.22
CA GLY E 382 109.58 34.71 -16.89
C GLY E 382 109.16 33.45 -16.15
N ARG E 383 108.58 33.80 -14.99
CA ARG E 383 108.13 32.78 -14.08
C ARG E 383 106.65 32.51 -14.28
N MET E 384 105.74 33.26 -13.65
CA MET E 384 104.41 32.78 -13.36
C MET E 384 104.27 31.47 -12.58
N PRO E 385 104.24 31.57 -11.24
CA PRO E 385 104.18 30.36 -10.45
C PRO E 385 102.80 29.73 -10.26
N ILE E 386 101.90 29.88 -11.23
CA ILE E 386 100.47 29.63 -11.16
C ILE E 386 99.58 29.80 -12.37
N GLN E 387 98.51 29.00 -12.44
CA GLN E 387 97.70 29.09 -13.65
C GLN E 387 96.93 30.41 -13.62
N PRO E 388 97.04 31.10 -14.75
CA PRO E 388 96.33 32.36 -14.90
C PRO E 388 94.86 32.51 -14.52
N PHE E 389 94.50 33.74 -14.14
CA PHE E 389 93.15 34.14 -13.80
C PHE E 389 92.45 34.92 -14.91
N ASN E 390 91.18 34.51 -14.98
CA ASN E 390 90.17 35.23 -15.73
C ASN E 390 88.85 35.41 -15.01
N ALA E 391 88.35 36.64 -15.15
CA ALA E 391 87.10 37.07 -14.57
C ALA E 391 85.93 36.16 -14.93
N ALA E 392 85.93 35.66 -16.16
CA ALA E 392 85.05 34.72 -16.83
C ALA E 392 84.90 33.38 -16.14
N ASP E 393 86.02 32.91 -15.59
CA ASP E 393 86.13 31.67 -14.85
C ASP E 393 85.32 31.46 -13.57
N PHE E 394 84.94 32.65 -13.10
CA PHE E 394 84.04 32.81 -11.98
C PHE E 394 82.55 32.67 -12.30
N GLY E 395 82.27 32.56 -13.60
CA GLY E 395 81.02 32.08 -14.14
C GLY E 395 80.46 30.78 -13.59
N GLN E 396 79.14 30.64 -13.67
CA GLN E 396 78.63 29.32 -13.37
C GLN E 396 77.94 28.41 -14.38
N ALA E 397 78.04 28.93 -15.60
CA ALA E 397 77.55 28.14 -16.71
C ALA E 397 78.23 26.83 -17.08
N GLY E 398 79.55 26.75 -17.08
CA GLY E 398 80.33 25.66 -17.65
C GLY E 398 79.95 24.19 -17.69
N GLN E 399 78.96 23.84 -18.52
CA GLN E 399 78.39 22.52 -18.73
C GLN E 399 77.83 21.85 -17.48
N THR E 400 77.35 22.77 -16.64
CA THR E 400 76.83 22.33 -15.35
C THR E 400 75.78 21.32 -15.78
N ALA E 401 74.76 21.92 -16.37
CA ALA E 401 73.57 21.20 -16.79
C ALA E 401 73.68 19.76 -17.27
N ALA E 402 74.70 19.75 -18.11
CA ALA E 402 75.19 18.56 -18.78
C ALA E 402 75.76 17.47 -17.89
N ALA E 403 76.55 18.01 -16.96
CA ALA E 403 77.13 17.16 -15.94
C ALA E 403 76.11 16.47 -15.04
N VAL E 404 75.13 17.28 -14.64
CA VAL E 404 74.00 16.84 -13.83
C VAL E 404 73.25 15.69 -14.48
N ALA E 405 72.86 16.00 -15.72
CA ALA E 405 72.26 14.98 -16.55
C ALA E 405 73.00 13.66 -16.73
N LEU E 406 74.32 13.79 -16.86
CA LEU E 406 75.19 12.64 -16.95
C LEU E 406 75.18 11.75 -15.71
N ALA E 407 75.40 12.41 -14.56
CA ALA E 407 75.39 11.69 -13.30
C ALA E 407 74.04 11.02 -13.08
N GLN E 408 72.96 11.76 -13.39
CA GLN E 408 71.64 11.16 -13.39
C GLN E 408 71.42 9.86 -14.14
N ALA E 409 71.89 10.01 -15.39
CA ALA E 409 72.06 8.84 -16.22
C ALA E 409 72.69 7.59 -15.60
N MET E 410 73.83 7.84 -14.95
CA MET E 410 74.53 6.82 -14.21
C MET E 410 73.94 5.82 -13.22
N PHE E 411 73.02 6.36 -12.42
CA PHE E 411 72.27 5.50 -11.52
C PHE E 411 71.51 4.27 -11.99
N VAL E 412 70.97 4.48 -13.21
CA VAL E 412 70.42 3.40 -13.99
C VAL E 412 71.38 2.56 -14.83
N MET F 1 -71.16 -31.99 16.84
CA MET F 1 -72.51 -32.04 17.42
C MET F 1 -72.90 -33.44 17.86
N PRO F 2 -72.59 -33.69 19.13
CA PRO F 2 -73.27 -34.54 20.09
C PRO F 2 -74.41 -33.76 20.74
N LEU F 3 -75.53 -34.47 20.63
CA LEU F 3 -76.80 -34.02 21.17
C LEU F 3 -76.79 -33.72 22.67
N HIS F 4 -77.42 -32.57 22.94
CA HIS F 4 -77.62 -32.23 24.34
C HIS F 4 -79.03 -31.72 24.58
N MET F 5 -79.51 -31.82 25.82
CA MET F 5 -80.92 -31.80 26.18
C MET F 5 -81.77 -32.73 25.33
N ILE F 6 -81.42 -34.01 25.51
CA ILE F 6 -81.88 -34.99 24.55
C ILE F 6 -83.38 -35.10 24.37
N PRO F 7 -84.17 -35.34 25.42
CA PRO F 7 -85.61 -35.40 25.28
C PRO F 7 -86.31 -34.22 24.62
N GLN F 8 -85.78 -33.01 24.70
CA GLN F 8 -86.25 -31.76 24.13
C GLN F 8 -86.05 -31.42 22.66
N VAL F 9 -84.76 -31.55 22.34
CA VAL F 9 -84.36 -31.57 20.94
C VAL F 9 -84.96 -32.67 20.09
N ALA F 10 -85.25 -33.77 20.81
CA ALA F 10 -86.12 -34.84 20.39
C ALA F 10 -87.57 -34.43 20.16
N HIS F 11 -88.03 -33.66 21.13
CA HIS F 11 -89.28 -32.92 21.09
C HIS F 11 -89.64 -32.11 19.85
N ALA F 12 -88.59 -31.31 19.60
CA ALA F 12 -88.49 -30.47 18.43
C ALA F 12 -88.42 -31.20 17.10
N MET F 13 -87.57 -32.23 17.13
CA MET F 13 -87.54 -33.13 15.99
C MET F 13 -88.92 -33.57 15.53
N VAL F 14 -89.58 -34.16 16.54
CA VAL F 14 -90.90 -34.72 16.42
C VAL F 14 -92.02 -33.74 16.06
N ARG F 15 -91.83 -32.49 16.48
CA ARG F 15 -92.65 -31.37 16.05
C ARG F 15 -92.62 -30.95 14.58
N ALA F 16 -91.41 -31.15 14.06
CA ALA F 16 -91.24 -31.23 12.63
C ALA F 16 -91.85 -32.34 11.78
N ALA F 17 -91.80 -33.50 12.45
CA ALA F 17 -92.55 -34.68 12.04
C ALA F 17 -94.06 -34.48 12.05
N ALA F 18 -94.53 -33.91 13.16
CA ALA F 18 -95.95 -33.72 13.36
C ALA F 18 -96.67 -32.74 12.45
N ALA F 19 -95.87 -31.77 12.00
CA ALA F 19 -96.19 -30.79 10.99
C ALA F 19 -95.53 -30.99 9.62
N GLY F 20 -95.44 -32.29 9.37
CA GLY F 20 -95.02 -32.91 8.13
C GLY F 20 -93.58 -32.75 7.65
N ARG F 21 -93.11 -31.51 7.56
CA ARG F 21 -91.75 -31.14 7.28
C ARG F 21 -90.66 -31.40 8.31
N LEU F 22 -90.08 -32.59 8.08
CA LEU F 22 -88.94 -33.01 8.88
C LEU F 22 -87.85 -33.36 7.86
N THR F 23 -86.71 -32.69 7.89
CA THR F 23 -85.56 -33.09 7.10
C THR F 23 -84.86 -34.40 7.43
N LEU F 24 -85.46 -35.46 6.87
CA LEU F 24 -85.05 -36.82 7.10
C LEU F 24 -84.00 -37.51 6.22
N TYR F 25 -82.82 -36.89 6.25
CA TYR F 25 -81.84 -37.20 5.23
C TYR F 25 -80.69 -38.15 5.58
N THR F 26 -80.73 -39.35 5.01
CA THR F 26 -79.55 -40.18 5.14
C THR F 26 -78.57 -39.91 4.01
N ARG F 27 -77.32 -40.32 4.25
CA ARG F 27 -76.16 -39.80 3.56
C ARG F 27 -76.34 -39.09 2.23
N THR F 28 -76.63 -39.91 1.22
CA THR F 28 -76.96 -39.49 -0.12
C THR F 28 -78.41 -39.24 -0.49
N ARG F 29 -79.31 -39.95 0.19
CA ARG F 29 -80.73 -39.95 -0.09
C ARG F 29 -81.57 -39.11 0.88
N THR F 30 -82.25 -38.17 0.23
CA THR F 30 -82.99 -37.10 0.86
C THR F 30 -84.09 -37.37 1.87
N GLU F 31 -84.78 -38.50 1.70
CA GLU F 31 -85.69 -38.90 2.75
C GLU F 31 -85.37 -40.36 3.05
N THR F 32 -85.39 -40.74 4.32
CA THR F 32 -85.42 -42.09 4.85
C THR F 32 -86.81 -42.67 4.61
N THR F 33 -87.01 -42.92 3.32
CA THR F 33 -88.20 -43.51 2.74
C THR F 33 -88.41 -44.99 3.10
N ASN F 34 -87.40 -45.76 2.66
CA ASN F 34 -87.05 -47.05 3.21
C ASN F 34 -86.28 -46.80 4.50
N PHE F 35 -86.29 -47.83 5.33
CA PHE F 35 -85.72 -47.76 6.66
C PHE F 35 -84.23 -47.69 6.94
N ASP F 36 -83.56 -47.02 5.99
CA ASP F 36 -82.14 -46.73 6.05
C ASP F 36 -81.75 -45.44 6.77
N HIS F 37 -81.81 -45.62 8.08
CA HIS F 37 -81.33 -44.75 9.13
C HIS F 37 -80.69 -43.51 8.53
N ALA F 38 -81.42 -42.42 8.75
CA ALA F 38 -80.98 -41.06 8.46
C ALA F 38 -79.68 -40.61 9.12
N GLU F 39 -79.04 -39.60 8.54
CA GLU F 39 -77.83 -38.93 8.98
C GLU F 39 -77.96 -37.46 9.33
N TYR F 40 -78.79 -36.74 8.57
CA TYR F 40 -79.03 -35.32 8.75
C TYR F 40 -80.45 -34.78 8.75
N VAL F 41 -81.04 -34.83 9.96
CA VAL F 41 -82.29 -34.15 10.24
C VAL F 41 -82.01 -32.86 11.01
N THR F 42 -82.05 -31.72 10.32
CA THR F 42 -81.76 -30.36 10.71
C THR F 42 -82.61 -29.84 11.85
N CYS F 43 -82.31 -30.17 13.11
CA CYS F 43 -83.15 -29.64 14.16
C CYS F 43 -82.64 -28.29 14.66
N GLY F 44 -82.99 -27.35 13.78
CA GLY F 44 -82.30 -26.09 14.00
C GLY F 44 -80.78 -26.12 14.16
N ARG F 45 -80.17 -26.36 13.00
CA ARG F 45 -78.80 -26.78 13.05
C ARG F 45 -78.39 -28.14 13.62
N TYR F 46 -79.08 -28.73 14.60
CA TYR F 46 -78.80 -30.06 15.08
C TYR F 46 -79.14 -31.17 14.10
N THR F 47 -78.19 -31.60 13.26
CA THR F 47 -78.27 -32.79 12.44
C THR F 47 -78.40 -34.14 13.12
N ILE F 48 -79.66 -34.46 13.40
CA ILE F 48 -80.13 -35.76 13.83
C ILE F 48 -79.87 -36.95 12.92
N CYS F 49 -79.38 -37.98 13.60
CA CYS F 49 -78.85 -39.20 13.02
C CYS F 49 -79.53 -40.43 13.57
N ALA F 50 -80.42 -40.90 12.70
CA ALA F 50 -81.24 -42.08 12.93
C ALA F 50 -80.55 -43.43 13.11
N PHE F 51 -79.41 -43.46 12.42
CA PHE F 51 -78.32 -44.35 12.75
C PHE F 51 -78.02 -44.71 14.20
N CYS F 52 -78.09 -43.66 15.01
CA CYS F 52 -77.89 -43.83 16.44
C CYS F 52 -79.03 -43.25 17.28
N LEU F 53 -80.13 -42.86 16.64
CA LEU F 53 -81.05 -41.93 17.25
C LEU F 53 -80.57 -40.58 17.77
N THR F 54 -79.28 -40.62 18.13
CA THR F 54 -78.48 -39.45 18.45
C THR F 54 -78.20 -38.60 17.23
N THR F 55 -77.04 -37.96 17.06
CA THR F 55 -76.74 -37.00 16.02
C THR F 55 -75.36 -37.19 15.41
N LEU F 56 -75.31 -36.78 14.13
CA LEU F 56 -74.23 -36.92 13.17
C LEU F 56 -73.78 -38.32 12.80
N ALA F 57 -73.19 -38.92 13.84
CA ALA F 57 -72.50 -40.18 13.62
C ALA F 57 -73.32 -41.33 14.16
N PRO F 58 -73.29 -42.48 13.49
CA PRO F 58 -73.80 -43.75 13.97
C PRO F 58 -73.17 -44.32 15.23
N HIS F 59 -73.96 -45.06 16.02
CA HIS F 59 -73.45 -45.79 17.16
C HIS F 59 -72.44 -46.91 16.98
N ALA F 60 -72.77 -47.67 15.94
CA ALA F 60 -71.80 -48.65 15.47
C ALA F 60 -71.80 -48.86 13.95
N ASN F 61 -70.90 -49.74 13.51
CA ASN F 61 -70.99 -50.40 12.21
C ASN F 61 -71.88 -51.61 12.02
N VAL F 62 -72.82 -51.75 12.95
CA VAL F 62 -73.76 -52.85 13.02
C VAL F 62 -75.07 -52.35 12.43
N LYS F 63 -75.06 -52.33 11.10
CA LYS F 63 -76.19 -51.86 10.34
C LYS F 63 -77.56 -52.44 10.69
N THR F 64 -77.59 -53.62 11.32
CA THR F 64 -78.79 -54.09 11.98
C THR F 64 -79.32 -53.29 13.16
N ILE F 65 -78.49 -52.97 14.15
CA ILE F 65 -78.89 -52.10 15.25
C ILE F 65 -79.16 -50.63 14.92
N GLN F 66 -78.33 -50.22 13.97
CA GLN F 66 -78.33 -48.90 13.37
C GLN F 66 -79.57 -48.50 12.59
N ASP F 67 -80.00 -49.49 11.80
CA ASP F 67 -81.37 -49.54 11.31
C ASP F 67 -82.48 -49.70 12.35
N SER F 68 -82.15 -50.47 13.39
CA SER F 68 -82.98 -50.60 14.57
C SER F 68 -83.23 -49.28 15.27
N HIS F 69 -82.20 -48.44 15.46
CA HIS F 69 -82.32 -47.05 15.84
C HIS F 69 -83.37 -46.29 15.04
N ALA F 70 -83.27 -46.56 13.74
CA ALA F 70 -84.23 -46.14 12.74
C ALA F 70 -85.66 -46.65 12.93
N CYS F 71 -85.82 -47.97 12.77
CA CYS F 71 -86.99 -48.68 13.22
C CYS F 71 -87.72 -48.30 14.50
N SER F 72 -86.93 -47.94 15.51
CA SER F 72 -87.42 -47.31 16.73
C SER F 72 -88.32 -46.10 16.67
N ARG F 73 -87.87 -45.21 15.78
CA ARG F 73 -88.71 -44.15 15.27
C ARG F 73 -89.58 -44.46 14.06
N GLN F 74 -90.00 -45.71 13.90
CA GLN F 74 -91.15 -46.02 13.07
C GLN F 74 -92.39 -45.19 13.32
N PRO F 75 -92.75 -44.86 14.57
CA PRO F 75 -93.74 -43.86 14.86
C PRO F 75 -93.52 -42.47 14.28
N ASN F 76 -92.27 -42.02 14.29
CA ASN F 76 -91.88 -40.71 13.82
C ASN F 76 -91.90 -40.61 12.30
N GLU F 77 -91.31 -41.65 11.72
CA GLU F 77 -91.36 -41.77 10.27
C GLU F 77 -92.74 -41.76 9.64
N ALA F 78 -93.56 -42.70 10.12
CA ALA F 78 -94.97 -42.80 9.83
C ALA F 78 -95.89 -41.61 10.05
N ILE F 79 -95.67 -40.96 11.20
CA ILE F 79 -96.36 -39.70 11.41
C ILE F 79 -96.00 -38.59 10.44
N ARG F 80 -94.69 -38.49 10.22
CA ARG F 80 -94.18 -37.47 9.33
C ARG F 80 -94.76 -37.57 7.92
N SER F 81 -94.60 -38.80 7.44
CA SER F 81 -95.08 -39.06 6.10
C SER F 81 -96.56 -38.84 5.83
N LEU F 82 -97.27 -39.33 6.85
CA LEU F 82 -98.71 -39.38 6.97
C LEU F 82 -99.33 -37.98 6.99
N VAL F 83 -98.74 -37.11 7.80
CA VAL F 83 -99.14 -35.72 7.95
C VAL F 83 -98.84 -34.93 6.67
N GLU F 84 -97.68 -35.25 6.08
CA GLU F 84 -97.42 -34.74 4.75
C GLU F 84 -98.58 -35.05 3.81
N VAL F 85 -98.77 -36.34 3.59
CA VAL F 85 -99.90 -36.93 2.90
C VAL F 85 -101.22 -36.20 3.12
N SER F 86 -101.80 -36.21 4.32
CA SER F 86 -103.08 -35.62 4.64
C SER F 86 -103.19 -34.16 4.23
N ASP F 87 -102.04 -33.48 4.30
CA ASP F 87 -101.83 -32.07 4.05
C ASP F 87 -101.23 -31.73 2.70
N LYS F 88 -101.82 -32.51 1.80
CA LYS F 88 -101.56 -32.64 0.38
C LYS F 88 -102.54 -33.41 -0.47
N ALA F 89 -102.87 -34.60 0.04
CA ALA F 89 -103.90 -35.44 -0.53
C ALA F 89 -104.19 -36.67 0.31
N GLN F 90 -105.49 -36.86 0.55
CA GLN F 90 -106.06 -37.83 1.45
C GLN F 90 -107.54 -38.05 1.16
N THR F 91 -108.05 -39.00 1.95
CA THR F 91 -109.35 -39.64 1.83
C THR F 91 -110.45 -38.76 1.27
N ALA F 92 -110.81 -38.97 0.00
CA ALA F 92 -111.65 -37.95 -0.60
C ALA F 92 -113.00 -37.54 -0.01
N LEU F 93 -113.39 -36.27 -0.15
CA LEU F 93 -114.68 -35.73 0.23
C LEU F 93 -115.83 -36.38 -0.53
N VAL F 94 -116.21 -37.56 -0.02
CA VAL F 94 -117.37 -38.33 -0.42
C VAL F 94 -118.58 -37.83 0.35
N GLY F 95 -119.30 -36.96 -0.36
CA GLY F 95 -120.49 -36.32 0.17
C GLY F 95 -120.40 -35.35 1.34
N SER F 96 -121.32 -34.41 1.57
CA SER F 96 -121.18 -33.48 2.67
C SER F 96 -122.49 -33.28 3.43
N ARG F 97 -122.21 -33.43 4.73
CA ARG F 97 -123.18 -33.70 5.77
C ARG F 97 -124.48 -32.95 6.03
N THR F 98 -124.35 -31.66 6.32
CA THR F 98 -125.46 -30.82 6.73
C THR F 98 -126.40 -30.26 5.67
N VAL F 99 -126.63 -31.16 4.72
CA VAL F 99 -127.31 -30.76 3.50
C VAL F 99 -126.78 -29.50 2.82
N ASP F 100 -127.26 -28.34 3.28
CA ASP F 100 -126.95 -27.02 2.77
C ASP F 100 -127.39 -25.81 3.58
N TYR F 101 -126.58 -25.39 4.55
CA TYR F 101 -126.83 -24.22 5.37
C TYR F 101 -126.21 -22.92 4.85
N HIS F 102 -125.75 -22.95 3.61
CA HIS F 102 -125.14 -21.82 2.95
C HIS F 102 -125.64 -21.52 1.55
N GLU F 103 -125.35 -20.29 1.11
CA GLU F 103 -125.73 -19.82 -0.21
C GLU F 103 -124.81 -18.77 -0.83
N LEU F 104 -124.58 -18.93 -2.13
CA LEU F 104 -123.93 -18.07 -3.09
C LEU F 104 -124.77 -17.38 -4.15
N ASP F 105 -125.25 -16.20 -3.77
CA ASP F 105 -126.17 -15.51 -4.66
C ASP F 105 -125.47 -14.40 -5.43
N VAL F 106 -124.78 -14.74 -6.51
CA VAL F 106 -123.96 -13.78 -7.22
C VAL F 106 -124.58 -12.68 -8.08
N LYS F 107 -125.61 -12.11 -7.47
CA LYS F 107 -126.66 -11.50 -8.27
C LYS F 107 -126.60 -9.98 -8.11
N ALA F 108 -125.55 -9.41 -8.71
CA ALA F 108 -125.06 -8.05 -8.59
C ALA F 108 -124.40 -7.68 -7.27
N GLY F 109 -125.27 -7.62 -6.25
CA GLY F 109 -124.83 -7.62 -4.87
C GLY F 109 -124.82 -9.07 -4.39
N PHE F 110 -123.64 -9.55 -4.02
CA PHE F 110 -123.42 -10.93 -3.66
C PHE F 110 -123.99 -11.30 -2.30
N VAL F 111 -125.21 -11.83 -2.39
CA VAL F 111 -125.91 -12.39 -1.26
C VAL F 111 -125.32 -13.73 -0.86
N ALA F 112 -124.30 -13.78 -0.01
CA ALA F 112 -123.68 -15.01 0.45
C ALA F 112 -123.87 -15.21 1.94
N PRO F 113 -124.99 -15.86 2.27
CA PRO F 113 -125.24 -16.43 3.58
C PRO F 113 -124.54 -17.72 4.01
N THR F 114 -124.09 -17.53 5.25
CA THR F 114 -123.58 -18.52 6.18
C THR F 114 -124.57 -18.69 7.32
N ALA F 115 -125.14 -19.89 7.46
CA ALA F 115 -126.09 -20.20 8.51
C ALA F 115 -125.75 -21.39 9.37
N ASP F 116 -125.63 -21.15 10.68
CA ASP F 116 -125.30 -22.16 11.66
C ASP F 116 -124.19 -23.11 11.22
N GLU F 117 -124.63 -24.30 10.78
CA GLU F 117 -123.81 -25.47 10.59
C GLU F 117 -123.71 -25.88 9.13
N THR F 118 -123.00 -25.03 8.39
CA THR F 118 -123.06 -25.07 6.94
C THR F 118 -123.10 -26.33 6.09
N ILE F 119 -121.98 -26.54 5.42
CA ILE F 119 -121.45 -27.71 4.74
C ILE F 119 -120.05 -27.53 4.16
N ALA F 120 -119.43 -28.54 3.56
CA ALA F 120 -118.08 -28.51 3.03
C ALA F 120 -117.85 -28.94 1.58
N PRO F 121 -117.97 -28.01 0.62
CA PRO F 121 -117.32 -28.14 -0.67
C PRO F 121 -115.79 -28.21 -0.70
N SER F 122 -115.24 -27.34 0.15
CA SER F 122 -113.79 -27.26 0.25
C SER F 122 -113.04 -28.53 0.56
N LYS F 123 -111.97 -28.72 -0.22
CA LYS F 123 -111.00 -29.76 0.05
C LYS F 123 -109.62 -29.34 0.52
N ASP F 124 -109.16 -28.19 0.03
CA ASP F 124 -107.82 -27.70 0.32
C ASP F 124 -106.57 -28.54 0.16
N ILE F 125 -106.45 -29.56 1.01
CA ILE F 125 -105.29 -30.41 0.97
C ILE F 125 -103.84 -29.92 0.98
N VAL F 126 -103.44 -29.62 -0.26
CA VAL F 126 -102.08 -29.44 -0.74
C VAL F 126 -101.26 -28.39 0.01
N GLU F 127 -99.97 -28.45 -0.32
CA GLU F 127 -99.00 -27.41 -0.01
C GLU F 127 -98.68 -27.25 1.48
N LEU F 128 -98.66 -28.35 2.23
CA LEU F 128 -98.13 -28.28 3.58
C LEU F 128 -96.74 -27.69 3.77
N PRO F 129 -95.72 -27.91 2.94
CA PRO F 129 -94.49 -27.14 2.92
C PRO F 129 -94.68 -25.67 2.57
N PHE F 130 -95.03 -24.98 3.66
CA PHE F 130 -95.14 -23.54 3.80
C PHE F 130 -95.84 -22.73 2.72
N ARG F 131 -96.86 -23.34 2.12
CA ARG F 131 -97.64 -22.63 1.14
C ARG F 131 -99.15 -22.73 1.31
N THR F 132 -99.88 -21.87 0.61
CA THR F 132 -101.33 -21.95 0.70
C THR F 132 -101.96 -23.11 -0.06
N CYS F 133 -102.65 -23.92 0.74
CA CYS F 133 -103.00 -25.23 0.21
C CYS F 133 -103.36 -25.36 -1.27
N ASP F 134 -104.35 -24.54 -1.63
CA ASP F 134 -104.70 -24.46 -3.03
C ASP F 134 -104.10 -23.21 -3.66
N LEU F 135 -102.94 -23.44 -4.30
CA LEU F 135 -102.11 -22.42 -4.91
C LEU F 135 -101.63 -21.24 -4.07
N ASP F 136 -101.98 -20.03 -4.47
CA ASP F 136 -102.06 -18.87 -3.60
C ASP F 136 -103.47 -18.37 -3.29
N ASP F 137 -104.38 -19.35 -3.30
CA ASP F 137 -105.76 -18.92 -3.37
C ASP F 137 -106.57 -19.16 -2.12
N SER F 138 -106.20 -20.19 -1.36
CA SER F 138 -106.63 -20.45 0.00
C SER F 138 -107.15 -19.38 0.96
N SER F 139 -106.23 -18.41 0.88
CA SER F 139 -106.42 -17.15 1.56
C SER F 139 -107.73 -16.40 1.31
N ALA F 140 -107.94 -16.10 0.03
CA ALA F 140 -109.08 -15.41 -0.56
C ALA F 140 -110.33 -16.26 -0.55
N THR F 141 -110.22 -17.54 -0.91
CA THR F 141 -111.43 -18.32 -0.96
C THR F 141 -112.06 -18.65 0.39
N ALA F 142 -111.19 -18.85 1.38
CA ALA F 142 -111.66 -18.94 2.74
C ALA F 142 -112.42 -17.77 3.36
N CYS F 143 -112.16 -16.55 2.89
CA CYS F 143 -112.95 -15.35 3.13
C CYS F 143 -114.45 -15.53 2.98
N VAL F 144 -114.72 -15.96 1.75
CA VAL F 144 -116.02 -16.47 1.37
C VAL F 144 -116.43 -17.68 2.20
N ARG F 145 -115.54 -18.67 2.31
CA ARG F 145 -115.87 -19.93 2.95
C ARG F 145 -115.86 -19.95 4.48
N ASN F 146 -116.03 -18.78 5.10
CA ASN F 146 -116.26 -18.73 6.53
C ASN F 146 -117.33 -17.73 6.92
N HIS F 147 -117.09 -16.52 6.38
CA HIS F 147 -117.96 -15.41 6.70
C HIS F 147 -119.17 -15.29 5.80
N CYS F 148 -118.80 -15.36 4.52
CA CYS F 148 -119.76 -15.25 3.43
C CYS F 148 -120.68 -16.41 3.10
N GLN F 149 -119.99 -17.48 2.69
CA GLN F 149 -120.58 -18.74 2.32
C GLN F 149 -119.75 -19.95 2.70
N ALA F 150 -119.75 -20.09 4.02
CA ALA F 150 -118.84 -20.98 4.71
C ALA F 150 -118.71 -22.45 4.35
N GLY F 151 -117.73 -22.74 3.49
CA GLY F 151 -117.64 -24.07 2.94
C GLY F 151 -116.83 -25.15 3.67
N HIS F 152 -117.03 -25.07 4.98
CA HIS F 152 -116.28 -25.85 5.93
C HIS F 152 -117.05 -26.61 6.99
N ASP F 153 -117.56 -25.81 7.93
CA ASP F 153 -118.36 -26.17 9.09
C ASP F 153 -119.55 -27.07 8.80
N GLY F 154 -120.22 -27.55 9.86
CA GLY F 154 -121.39 -28.38 9.79
C GLY F 154 -121.80 -28.94 11.14
N VAL F 155 -121.99 -30.26 11.10
CA VAL F 155 -122.52 -30.95 12.25
C VAL F 155 -121.74 -30.75 13.54
N ILE F 156 -120.62 -31.46 13.69
CA ILE F 156 -119.84 -31.30 14.91
C ILE F 156 -118.64 -30.40 14.73
N HIS F 157 -118.91 -29.25 14.11
CA HIS F 157 -117.90 -28.49 13.39
C HIS F 157 -117.71 -26.98 13.46
N LEU F 158 -116.48 -26.57 13.75
CA LEU F 158 -116.15 -25.16 13.83
C LEU F 158 -117.08 -24.31 14.68
N PRO F 159 -116.63 -23.84 15.85
CA PRO F 159 -117.45 -23.12 16.80
C PRO F 159 -117.25 -21.63 16.52
N ILE F 160 -117.82 -21.23 15.37
CA ILE F 160 -117.70 -19.86 14.90
C ILE F 160 -118.49 -18.82 15.69
N LEU F 161 -119.74 -18.70 15.25
CA LEU F 161 -120.64 -17.62 15.62
C LEU F 161 -121.19 -17.59 17.04
N SER F 162 -120.62 -18.54 17.79
CA SER F 162 -120.39 -18.65 19.22
C SER F 162 -118.98 -18.95 19.69
N GLY F 163 -118.13 -17.93 19.89
CA GLY F 163 -116.73 -18.11 20.20
C GLY F 163 -115.72 -17.47 19.26
N ASP F 164 -115.43 -18.29 18.24
CA ASP F 164 -114.49 -17.92 17.19
C ASP F 164 -115.07 -17.35 15.91
N PHE F 165 -115.87 -16.31 16.16
CA PHE F 165 -116.69 -15.49 15.28
C PHE F 165 -116.54 -15.52 13.76
N LYS F 166 -115.43 -14.88 13.38
CA LYS F 166 -115.14 -14.71 11.97
C LYS F 166 -113.74 -15.27 11.79
N LEU F 167 -113.61 -16.41 11.10
CA LEU F 167 -112.34 -16.93 10.62
C LEU F 167 -111.70 -16.32 9.37
N PRO F 168 -112.31 -15.38 8.65
CA PRO F 168 -111.52 -14.32 8.06
C PRO F 168 -110.59 -13.46 8.90
N ASN F 169 -110.95 -13.35 10.18
CA ASN F 169 -110.24 -12.47 11.09
C ASN F 169 -109.46 -12.91 12.32
N GLU F 170 -110.03 -14.04 12.73
CA GLU F 170 -109.56 -14.84 13.84
C GLU F 170 -108.78 -16.11 13.53
N HIS F 171 -107.63 -16.26 14.20
CA HIS F 171 -106.70 -17.35 13.95
C HIS F 171 -106.99 -18.79 13.55
N PRO F 172 -107.85 -19.54 14.23
CA PRO F 172 -107.82 -20.99 14.13
C PRO F 172 -108.22 -21.68 12.84
N THR F 173 -108.51 -22.98 12.91
CA THR F 173 -108.70 -23.79 11.72
C THR F 173 -110.11 -24.34 11.59
N LYS F 174 -110.52 -24.60 10.35
CA LYS F 174 -111.87 -24.85 9.90
C LYS F 174 -112.13 -26.29 9.47
N PRO F 175 -112.95 -27.05 10.20
CA PRO F 175 -113.31 -28.42 9.89
C PRO F 175 -114.26 -28.62 8.73
N LEU F 176 -113.90 -29.71 8.05
CA LEU F 176 -114.58 -30.16 6.84
C LEU F 176 -115.73 -31.12 7.12
N ASP F 177 -116.93 -30.56 6.96
CA ASP F 177 -118.23 -31.20 6.96
C ASP F 177 -118.19 -32.20 5.82
N ASP F 178 -117.93 -33.48 6.14
CA ASP F 178 -117.91 -34.53 5.16
C ASP F 178 -118.46 -35.86 5.64
N THR F 179 -119.41 -36.40 4.87
CA THR F 179 -119.95 -37.73 5.08
C THR F 179 -118.94 -38.87 5.22
N HIS F 180 -118.07 -38.86 4.21
CA HIS F 180 -116.87 -39.67 4.35
C HIS F 180 -116.02 -39.50 5.61
N PRO F 181 -115.72 -40.67 6.19
CA PRO F 181 -115.24 -40.79 7.55
C PRO F 181 -114.07 -39.89 7.91
N HIS F 182 -114.49 -38.86 8.66
CA HIS F 182 -113.53 -37.95 9.23
C HIS F 182 -112.42 -37.30 8.40
N ASP F 183 -112.67 -37.05 7.11
CA ASP F 183 -111.72 -36.40 6.23
C ASP F 183 -111.54 -34.89 6.41
N LYS F 184 -111.68 -34.50 7.67
CA LYS F 184 -111.54 -33.17 8.24
C LYS F 184 -110.23 -32.40 8.12
N VAL F 185 -110.09 -31.75 6.95
CA VAL F 185 -108.94 -30.99 6.52
C VAL F 185 -109.16 -29.54 6.92
N LEU F 186 -108.65 -29.27 8.13
CA LEU F 186 -108.85 -28.00 8.79
C LEU F 186 -108.09 -26.78 8.28
N THR F 187 -108.65 -26.21 7.21
CA THR F 187 -108.16 -25.00 6.58
C THR F 187 -107.94 -23.82 7.51
N ARG F 188 -106.71 -23.28 7.55
CA ARG F 188 -106.35 -22.15 8.38
C ARG F 188 -107.10 -20.87 8.08
N CYS F 189 -107.17 -19.87 8.96
CA CYS F 189 -107.72 -18.56 8.70
C CYS F 189 -107.03 -17.70 7.65
N PRO F 190 -107.81 -16.94 6.88
CA PRO F 190 -107.26 -15.94 5.98
C PRO F 190 -106.27 -14.99 6.62
N LYS F 191 -106.55 -14.52 7.84
CA LYS F 191 -105.57 -13.70 8.53
C LYS F 191 -104.21 -14.22 8.99
N THR F 192 -104.25 -15.53 9.24
CA THR F 192 -103.07 -16.36 9.44
C THR F 192 -102.12 -16.25 8.26
N GLY F 193 -102.59 -15.73 7.13
CA GLY F 193 -101.71 -15.43 6.01
C GLY F 193 -101.16 -16.58 5.19
N LEU F 194 -100.65 -17.55 5.95
CA LEU F 194 -100.30 -18.81 5.33
C LEU F 194 -101.24 -19.95 5.69
N LEU F 195 -102.03 -20.30 4.67
CA LEU F 195 -103.12 -21.24 4.84
C LEU F 195 -102.78 -22.68 4.47
N LEU F 196 -102.42 -23.37 5.55
CA LEU F 196 -102.19 -24.80 5.58
C LEU F 196 -103.46 -25.48 6.06
N VAL F 197 -103.36 -26.79 5.81
CA VAL F 197 -104.42 -27.73 6.15
C VAL F 197 -103.93 -28.76 7.16
N HIS F 198 -104.66 -29.02 8.25
CA HIS F 198 -104.46 -30.09 9.20
C HIS F 198 -105.64 -31.03 9.38
N ASP F 199 -105.53 -32.14 8.65
CA ASP F 199 -106.53 -33.17 8.79
C ASP F 199 -106.56 -33.80 10.18
N THR F 200 -107.60 -33.47 10.94
CA THR F 200 -107.92 -34.17 12.18
C THR F 200 -108.50 -35.58 12.10
N HIS F 201 -107.56 -36.50 11.92
CA HIS F 201 -107.73 -37.94 11.93
C HIS F 201 -108.60 -38.58 13.01
N ALA F 202 -108.69 -37.86 14.12
CA ALA F 202 -109.64 -38.05 15.19
C ALA F 202 -110.03 -36.71 15.79
N HIS F 203 -111.30 -36.41 15.53
CA HIS F 203 -111.85 -35.08 15.50
C HIS F 203 -112.62 -34.63 16.74
N ALA F 204 -111.83 -33.99 17.60
CA ALA F 204 -112.24 -33.04 18.62
C ALA F 204 -110.99 -32.38 19.19
N THR F 205 -110.11 -33.13 19.86
CA THR F 205 -108.95 -32.54 20.48
C THR F 205 -107.69 -32.36 19.63
N ALA F 206 -106.50 -32.12 20.18
CA ALA F 206 -105.24 -32.01 19.48
C ALA F 206 -104.63 -33.33 19.04
N VAL F 207 -105.10 -34.45 19.59
CA VAL F 207 -104.62 -35.80 19.41
C VAL F 207 -103.23 -36.34 19.07
N VAL F 208 -102.67 -35.75 18.02
CA VAL F 208 -101.29 -36.03 17.68
C VAL F 208 -100.20 -35.76 18.71
N ALA F 209 -100.48 -34.72 19.49
CA ALA F 209 -99.52 -34.28 20.48
C ALA F 209 -98.93 -35.29 21.45
N THR F 210 -99.76 -36.17 22.02
CA THR F 210 -99.24 -37.25 22.83
C THR F 210 -98.55 -38.29 21.96
N ALA F 211 -99.36 -38.72 20.99
CA ALA F 211 -98.88 -39.72 20.05
C ALA F 211 -97.49 -39.53 19.47
N ALA F 212 -97.29 -38.29 19.05
CA ALA F 212 -96.01 -37.91 18.49
C ALA F 212 -94.89 -37.88 19.52
N THR F 213 -95.04 -37.05 20.57
CA THR F 213 -94.09 -37.02 21.66
C THR F 213 -93.65 -38.25 22.44
N ARG F 214 -94.61 -39.17 22.58
CA ARG F 214 -94.42 -40.56 22.97
C ARG F 214 -93.35 -41.34 22.21
N ALA F 215 -93.11 -41.10 20.92
CA ALA F 215 -92.02 -41.66 20.14
C ALA F 215 -90.60 -41.26 20.52
N ILE F 216 -90.50 -40.16 21.28
CA ILE F 216 -89.26 -39.81 21.95
C ILE F 216 -88.92 -40.83 23.01
N LEU F 217 -89.86 -41.59 23.57
CA LEU F 217 -89.45 -42.69 24.43
C LEU F 217 -88.48 -43.64 23.75
N MET F 218 -88.87 -44.14 22.57
CA MET F 218 -88.01 -44.91 21.70
C MET F 218 -86.68 -44.23 21.36
N HIS F 219 -86.69 -42.96 20.96
CA HIS F 219 -85.52 -42.11 20.98
C HIS F 219 -84.65 -42.23 22.23
N ASP F 220 -85.11 -41.72 23.37
CA ASP F 220 -84.41 -41.72 24.63
C ASP F 220 -83.78 -43.02 25.13
N LEU F 221 -84.40 -44.14 24.77
CA LEU F 221 -83.91 -45.44 25.16
C LEU F 221 -82.64 -45.82 24.40
N LEU F 222 -82.66 -45.79 23.06
CA LEU F 222 -81.48 -46.16 22.30
C LEU F 222 -80.41 -45.12 21.98
N THR F 223 -80.82 -43.88 22.28
CA THR F 223 -79.81 -42.88 22.52
C THR F 223 -79.09 -42.81 23.87
N SER F 224 -79.90 -42.55 24.89
CA SER F 224 -79.38 -42.41 26.23
C SER F 224 -79.76 -43.50 27.23
N ALA F 225 -79.50 -44.67 26.63
CA ALA F 225 -79.71 -45.92 27.33
C ALA F 225 -81.06 -46.39 27.85
N ASN F 226 -81.75 -45.53 28.60
CA ASN F 226 -83.14 -45.69 28.96
C ASN F 226 -83.87 -44.38 29.15
N ALA F 227 -85.11 -44.43 28.69
CA ALA F 227 -86.02 -43.30 28.72
C ALA F 227 -86.42 -42.87 30.12
N ASP F 228 -85.69 -41.87 30.61
CA ASP F 228 -85.89 -41.36 31.95
C ASP F 228 -87.18 -40.58 32.17
N ASP F 229 -88.12 -41.20 32.87
CA ASP F 229 -89.50 -40.84 33.07
C ASP F 229 -90.34 -40.56 31.83
N GLY F 230 -89.96 -39.57 31.04
CA GLY F 230 -90.48 -39.21 29.73
C GLY F 230 -92.01 -39.12 29.70
N HIS F 231 -92.62 -40.19 29.20
CA HIS F 231 -94.06 -40.30 29.17
C HIS F 231 -94.84 -40.05 30.46
N GLN F 232 -94.25 -40.41 31.60
CA GLN F 232 -94.83 -40.17 32.90
C GLN F 232 -95.30 -38.73 33.11
N ALA F 233 -94.48 -37.86 32.52
CA ALA F 233 -94.66 -36.44 32.24
C ALA F 233 -95.32 -36.04 30.94
N ARG F 234 -94.90 -36.66 29.84
CA ARG F 234 -95.47 -36.56 28.51
C ARG F 234 -96.94 -36.83 28.24
N SER F 235 -97.47 -37.73 29.07
CA SER F 235 -98.83 -38.22 29.07
C SER F 235 -99.82 -37.08 29.30
N ALA F 236 -99.72 -36.38 30.44
CA ALA F 236 -100.38 -35.11 30.62
C ALA F 236 -100.01 -33.96 29.69
N CYS F 237 -98.71 -33.70 29.68
CA CYS F 237 -98.09 -32.66 28.88
C CYS F 237 -98.53 -32.29 27.46
N TYR F 238 -98.75 -33.42 26.76
CA TYR F 238 -99.18 -33.32 25.39
C TYR F 238 -100.58 -33.78 25.00
N GLY F 239 -101.35 -32.84 24.45
CA GLY F 239 -102.68 -33.00 23.91
C GLY F 239 -103.15 -34.39 23.52
N PRO F 240 -104.32 -34.84 23.99
CA PRO F 240 -104.64 -36.24 24.18
C PRO F 240 -104.76 -37.13 22.97
N ALA F 241 -103.98 -38.21 22.92
CA ALA F 241 -104.22 -39.28 21.97
C ALA F 241 -105.44 -40.12 22.31
N PHE F 242 -106.45 -39.92 21.47
CA PHE F 242 -107.64 -40.74 21.36
C PHE F 242 -107.93 -41.26 19.96
N ASN F 243 -108.15 -42.57 20.02
CA ASN F 243 -108.33 -43.41 18.86
C ASN F 243 -107.15 -43.46 17.89
N ASN F 244 -107.16 -44.52 17.07
CA ASN F 244 -106.31 -44.78 15.92
C ASN F 244 -105.45 -43.81 15.11
N LEU F 245 -106.03 -42.62 15.06
CA LEU F 245 -105.57 -41.60 14.13
C LEU F 245 -105.45 -41.79 12.61
N THR F 246 -106.53 -42.47 12.23
CA THR F 246 -106.87 -42.64 10.84
C THR F 246 -108.37 -42.36 10.70
N PHE F 247 -108.59 -41.25 10.00
CA PHE F 247 -109.89 -40.65 9.76
C PHE F 247 -111.11 -41.34 10.37
N ALA F 248 -111.26 -41.07 11.67
CA ALA F 248 -112.22 -41.53 12.65
C ALA F 248 -112.73 -40.52 13.66
N CYS F 249 -113.99 -40.78 13.99
CA CYS F 249 -114.73 -40.03 14.97
C CYS F 249 -114.03 -39.03 15.89
N HIS F 250 -113.48 -39.57 16.99
CA HIS F 250 -113.22 -38.87 18.23
C HIS F 250 -114.34 -38.11 18.91
N SER F 251 -115.21 -37.44 18.15
CA SER F 251 -116.46 -36.88 18.65
C SER F 251 -116.41 -35.93 19.83
N THR F 252 -117.08 -36.23 20.94
CA THR F 252 -116.69 -35.69 22.23
C THR F 252 -116.79 -34.17 22.35
N CYS F 253 -115.64 -33.50 22.36
CA CYS F 253 -115.51 -32.05 22.35
C CYS F 253 -116.04 -31.29 21.14
N ALA F 254 -115.58 -31.73 19.96
CA ALA F 254 -116.15 -31.19 18.73
C ALA F 254 -117.62 -31.53 18.59
N SER F 255 -118.08 -32.60 19.23
CA SER F 255 -119.48 -32.95 19.34
C SER F 255 -120.45 -32.03 20.09
N ASP F 256 -119.87 -31.29 21.04
CA ASP F 256 -120.58 -30.40 21.93
C ASP F 256 -120.32 -28.95 21.55
N MET F 257 -119.08 -28.55 21.82
CA MET F 257 -118.62 -27.25 21.39
C MET F 257 -118.84 -26.76 19.97
N ALA F 258 -118.13 -27.34 19.00
CA ALA F 258 -118.17 -27.00 17.60
C ALA F 258 -119.54 -27.17 16.93
N HIS F 259 -120.26 -28.19 17.39
CA HIS F 259 -121.57 -28.52 16.84
C HIS F 259 -122.46 -27.33 17.15
N PHE F 260 -122.66 -26.99 18.42
CA PHE F 260 -123.44 -25.82 18.74
C PHE F 260 -122.94 -24.40 18.52
N ASP F 261 -121.70 -24.21 18.98
CA ASP F 261 -121.04 -22.94 18.81
C ASP F 261 -120.62 -22.54 17.40
N CYS F 262 -121.09 -23.38 16.49
CA CYS F 262 -121.00 -23.01 15.08
C CYS F 262 -121.81 -21.79 14.66
N GLY F 263 -122.97 -21.91 15.29
CA GLY F 263 -124.04 -20.92 15.17
C GLY F 263 -124.20 -20.30 16.54
N GLN F 264 -124.86 -21.08 17.40
CA GLN F 264 -125.35 -20.82 18.74
C GLN F 264 -125.90 -19.45 19.14
N ILE F 265 -125.01 -18.48 19.29
CA ILE F 265 -125.43 -17.11 19.47
C ILE F 265 -125.95 -16.46 18.18
N VAL F 266 -125.06 -15.71 17.53
CA VAL F 266 -125.40 -14.92 16.36
C VAL F 266 -125.99 -15.80 15.27
N GLY F 267 -125.53 -17.04 15.15
CA GLY F 267 -126.01 -18.05 14.23
C GLY F 267 -125.71 -17.85 12.75
N LEU F 268 -125.68 -16.55 12.42
CA LEU F 268 -125.55 -16.02 11.08
C LEU F 268 -124.24 -15.27 10.79
N ASP F 269 -123.77 -15.50 9.56
CA ASP F 269 -122.70 -14.72 8.97
C ASP F 269 -123.00 -14.35 7.53
N LEU F 270 -123.00 -13.07 7.15
CA LEU F 270 -123.20 -12.62 5.79
C LEU F 270 -122.25 -11.74 5.00
N HIS F 271 -122.27 -11.94 3.68
CA HIS F 271 -121.69 -11.06 2.70
C HIS F 271 -122.70 -10.74 1.60
N VAL F 272 -122.81 -9.43 1.35
CA VAL F 272 -123.54 -8.95 0.19
C VAL F 272 -122.92 -8.22 -0.99
N GLU F 273 -121.62 -7.96 -0.85
CA GLU F 273 -120.84 -7.23 -1.83
C GLU F 273 -120.17 -8.05 -2.92
N PRO F 274 -120.27 -7.54 -4.16
CA PRO F 274 -119.62 -8.22 -5.27
C PRO F 274 -118.14 -8.51 -5.05
N SER F 275 -117.84 -9.77 -4.75
CA SER F 275 -116.54 -10.32 -4.42
C SER F 275 -116.45 -11.83 -4.54
N ASP F 276 -117.03 -12.45 -3.51
CA ASP F 276 -117.33 -13.86 -3.40
C ASP F 276 -117.34 -14.72 -4.65
N MET G 1 -56.51 18.03 20.81
CA MET G 1 -56.99 17.43 19.56
C MET G 1 -55.98 17.54 18.42
N PRO G 2 -55.19 16.47 18.35
CA PRO G 2 -54.60 15.86 17.18
C PRO G 2 -55.58 14.89 16.55
N LEU G 3 -55.68 15.20 15.24
CA LEU G 3 -56.51 14.45 14.33
C LEU G 3 -56.23 12.96 14.27
N HIS G 4 -57.36 12.23 14.30
CA HIS G 4 -57.25 10.80 14.08
C HIS G 4 -58.33 10.30 13.13
N MET G 5 -58.08 9.16 12.48
CA MET G 5 -58.73 8.73 11.27
C MET G 5 -58.78 9.81 10.20
N ILE G 6 -57.55 10.16 9.80
CA ILE G 6 -57.39 11.39 9.05
C ILE G 6 -58.20 11.49 7.76
N PRO G 7 -58.08 10.57 6.81
CA PRO G 7 -58.86 10.62 5.60
C PRO G 7 -60.37 10.75 5.74
N GLN G 8 -60.98 10.24 6.81
CA GLN G 8 -62.38 10.28 7.15
C GLN G 8 -63.04 11.52 7.74
N VAL G 9 -62.35 11.96 8.79
CA VAL G 9 -62.61 13.27 9.35
C VAL G 9 -62.38 14.44 8.40
N ALA G 10 -61.46 14.16 7.48
CA ALA G 10 -61.26 14.90 6.24
C ALA G 10 -62.44 14.88 5.27
N HIS G 11 -62.95 13.66 5.15
CA HIS G 11 -64.21 13.34 4.50
C HIS G 11 -65.45 14.16 4.82
N ALA G 12 -65.58 14.15 6.15
CA ALA G 12 -66.56 14.93 6.87
C ALA G 12 -66.43 16.44 6.74
N MET G 13 -65.17 16.85 6.91
CA MET G 13 -64.87 18.24 6.65
C MET G 13 -65.44 18.74 5.34
N VAL G 14 -65.00 17.99 4.33
CA VAL G 14 -65.35 18.24 2.94
C VAL G 14 -66.81 18.13 2.57
N ARG G 15 -67.53 17.29 3.32
CA ARG G 15 -68.97 17.21 3.29
C ARG G 15 -69.78 18.41 3.76
N ALA G 16 -69.16 19.04 4.76
CA ALA G 16 -69.50 20.41 5.09
C ALA G 16 -69.28 21.57 4.12
N ALA G 17 -68.13 21.39 3.45
CA ALA G 17 -67.80 22.17 2.28
C ALA G 17 -68.75 21.99 1.11
N ALA G 18 -69.06 20.72 0.85
CA ALA G 18 -69.91 20.38 -0.27
C ALA G 18 -71.37 20.81 -0.20
N ALA G 19 -71.83 20.91 1.05
CA ALA G 19 -73.11 21.46 1.44
C ALA G 19 -73.06 22.82 2.11
N GLY G 20 -72.11 23.57 1.53
CA GLY G 20 -71.83 24.98 1.76
C GLY G 20 -71.35 25.44 3.12
N ARG G 21 -72.08 25.08 4.19
CA ARG G 21 -71.71 25.28 5.58
C ARG G 21 -70.55 24.50 6.17
N LEU G 22 -69.41 25.19 6.06
CA LEU G 22 -68.19 24.69 6.67
C LEU G 22 -67.68 25.82 7.56
N THR G 23 -67.57 25.61 8.87
CA THR G 23 -66.90 26.56 9.74
C THR G 23 -65.40 26.79 9.58
N LEU G 24 -65.13 27.67 8.61
CA LEU G 24 -63.78 28.00 8.22
C LEU G 24 -62.99 29.13 8.86
N TYR G 25 -62.80 28.95 10.17
CA TYR G 25 -62.38 30.06 10.99
C TYR G 25 -60.92 30.18 11.41
N THR G 26 -60.22 31.15 10.82
CA THR G 26 -58.91 31.41 11.35
C THR G 26 -58.97 32.41 12.49
N ARG G 27 -57.88 32.43 13.27
CA ARG G 27 -57.88 32.95 14.63
C ARG G 27 -58.99 33.89 15.06
N THR G 28 -58.86 35.12 14.56
CA THR G 28 -59.83 36.18 14.72
C THR G 28 -60.95 36.34 13.69
N ARG G 29 -60.66 35.92 12.46
CA ARG G 29 -61.53 36.09 11.31
C ARG G 29 -62.29 34.84 10.90
N THR G 30 -63.61 35.03 10.93
CA THR G 30 -64.61 34.00 10.77
C THR G 30 -64.66 33.10 9.55
N GLU G 31 -64.23 33.65 8.41
CA GLU G 31 -64.05 32.77 7.27
C GLU G 31 -62.66 33.06 6.71
N THR G 32 -61.94 32.02 6.29
CA THR G 32 -60.73 32.04 5.47
C THR G 32 -61.14 32.40 4.05
N THR G 33 -61.51 33.68 3.96
CA THR G 33 -61.90 34.35 2.74
C THR G 33 -60.77 34.58 1.74
N ASN G 34 -59.78 35.32 2.24
CA ASN G 34 -58.42 35.33 1.76
C ASN G 34 -57.74 34.10 2.34
N PHE G 35 -56.66 33.71 1.66
CA PHE G 35 -55.95 32.49 1.97
C PHE G 35 -55.11 32.29 3.21
N ASP G 36 -55.57 32.97 4.26
CA ASP G 36 -55.00 32.89 5.60
C ASP G 36 -55.52 31.77 6.48
N HIS G 37 -54.96 30.60 6.13
CA HIS G 37 -55.00 29.34 6.82
C HIS G 37 -55.79 29.46 8.11
N ALA G 38 -56.95 28.82 8.04
CA ALA G 38 -57.84 28.60 9.17
C ALA G 38 -57.25 27.89 10.39
N GLU G 39 -57.89 28.09 11.54
CA GLU G 39 -57.57 27.50 12.83
C GLU G 39 -58.65 26.62 13.44
N TYR G 40 -59.92 26.99 13.24
CA TYR G 40 -61.06 26.28 13.77
C TYR G 40 -62.25 25.99 12.86
N VAL G 41 -62.12 24.86 12.16
CA VAL G 41 -63.22 24.27 11.43
C VAL G 41 -63.79 23.09 12.20
N THR G 42 -64.92 23.29 12.87
CA THR G 42 -65.66 22.44 13.79
C THR G 42 -66.13 21.13 13.17
N CYS G 43 -65.28 20.11 13.04
CA CYS G 43 -65.77 18.88 12.44
C CYS G 43 -66.35 17.96 13.50
N GLY G 44 -67.57 18.37 13.86
CA GLY G 44 -68.11 17.78 15.07
C GLY G 44 -67.27 17.69 16.34
N ARG G 45 -67.05 18.91 16.84
CA ARG G 45 -65.96 19.11 17.77
C ARG G 45 -64.51 19.10 17.30
N TYR G 46 -64.10 18.38 16.25
CA TYR G 46 -62.76 18.45 15.71
C TYR G 46 -62.44 19.76 15.01
N THR G 47 -61.90 20.77 15.71
CA THR G 47 -61.30 21.96 15.15
C THR G 47 -60.11 21.83 14.21
N ILE G 48 -60.46 21.61 12.94
CA ILE G 48 -59.56 21.68 11.80
C ILE G 48 -58.83 22.99 11.53
N CYS G 49 -57.54 22.78 11.30
CA CYS G 49 -56.52 23.81 11.21
C CYS G 49 -55.77 23.72 9.89
N ALA G 50 -56.20 24.64 9.04
CA ALA G 50 -55.67 24.83 7.70
C ALA G 50 -54.20 25.21 7.55
N PHE G 51 -53.79 25.94 8.59
CA PHE G 51 -52.40 26.02 8.98
C PHE G 51 -51.46 24.84 8.81
N CYS G 52 -52.02 23.69 9.18
CA CYS G 52 -51.30 22.45 9.02
C CYS G 52 -52.06 21.37 8.25
N LEU G 53 -53.17 21.76 7.64
CA LEU G 53 -54.17 20.79 7.25
C LEU G 53 -54.76 19.83 8.28
N THR G 54 -53.91 19.58 9.28
CA THR G 54 -54.25 18.90 10.51
C THR G 54 -55.17 19.74 11.39
N THR G 55 -55.08 19.72 12.72
CA THR G 55 -56.01 20.34 13.65
C THR G 55 -55.34 21.06 14.80
N LEU G 56 -56.05 22.09 15.25
CA LEU G 56 -55.70 23.09 16.23
C LEU G 56 -54.50 23.99 15.95
N ALA G 57 -53.36 23.30 15.94
CA ALA G 57 -52.11 24.02 15.90
C ALA G 57 -51.48 23.89 14.52
N PRO G 58 -50.84 24.95 14.03
CA PRO G 58 -49.97 24.95 12.88
C PRO G 58 -48.75 24.03 12.90
N HIS G 59 -48.35 23.54 11.73
CA HIS G 59 -47.12 22.79 11.59
C HIS G 59 -45.77 23.44 11.88
N ALA G 60 -45.73 24.68 11.37
CA ALA G 60 -44.63 25.54 11.73
C ALA G 60 -44.99 27.02 11.87
N ASN G 61 -43.99 27.82 12.22
CA ASN G 61 -43.98 29.25 12.02
C ASN G 61 -43.60 29.83 10.66
N VAL G 62 -43.69 28.98 9.65
CA VAL G 62 -43.34 29.27 8.28
C VAL G 62 -44.65 29.53 7.55
N LYS G 63 -45.12 30.77 7.77
CA LYS G 63 -46.36 31.22 7.19
C LYS G 63 -46.53 31.04 5.69
N THR G 64 -45.43 30.89 4.95
CA THR G 64 -45.49 30.38 3.59
C THR G 64 -45.99 28.96 3.38
N ILE G 65 -45.43 27.96 4.09
CA ILE G 65 -45.94 26.60 4.03
C ILE G 65 -47.31 26.34 4.63
N GLN G 66 -47.50 27.11 5.70
CA GLN G 66 -48.72 27.18 6.49
C GLN G 66 -49.98 27.67 5.78
N ASP G 67 -49.74 28.74 5.03
CA ASP G 67 -50.60 29.13 3.93
C ASP G 67 -50.73 28.17 2.75
N SER G 68 -49.61 27.51 2.46
CA SER G 68 -49.54 26.42 1.51
C SER G 68 -50.45 25.25 1.88
N HIS G 69 -50.46 24.82 3.15
CA HIS G 69 -51.45 23.95 3.73
C HIS G 69 -52.88 24.33 3.37
N ALA G 70 -53.08 25.64 3.53
CA ALA G 70 -54.27 26.36 3.10
C ALA G 70 -54.59 26.28 1.62
N CYS G 71 -53.73 26.91 0.81
CA CYS G 71 -53.68 26.70 -0.62
C CYS G 71 -53.92 25.32 -1.23
N SER G 72 -53.41 24.30 -0.54
CA SER G 72 -53.71 22.91 -0.81
C SER G 72 -55.16 22.46 -0.93
N ARG G 73 -55.90 22.96 0.07
CA ARG G 73 -57.35 22.99 0.00
C ARG G 73 -58.01 24.16 -0.69
N GLN G 74 -57.33 24.76 -1.67
CA GLN G 74 -58.02 25.58 -2.67
C GLN G 74 -59.24 24.95 -3.32
N PRO G 75 -59.25 23.65 -3.64
CA PRO G 75 -60.45 22.95 -4.01
C PRO G 75 -61.60 22.97 -2.99
N ASN G 76 -61.26 22.88 -1.71
CA ASN G 76 -62.21 22.83 -0.61
C ASN G 76 -62.83 24.20 -0.34
N GLU G 77 -61.91 25.16 -0.30
CA GLU G 77 -62.34 26.55 -0.17
C GLU G 77 -63.32 27.05 -1.22
N ALA G 78 -62.88 26.90 -2.47
CA ALA G 78 -63.68 27.11 -3.66
C ALA G 78 -65.02 26.42 -3.84
N ILE G 79 -64.99 25.13 -3.49
CA ILE G 79 -66.25 24.41 -3.45
C ILE G 79 -67.24 24.91 -2.41
N ARG G 80 -66.68 25.15 -1.22
CA ARG G 80 -67.49 25.62 -0.12
C ARG G 80 -68.21 26.93 -0.44
N SER G 81 -67.36 27.85 -0.87
CA SER G 81 -67.89 29.16 -1.19
C SER G 81 -68.96 29.22 -2.28
N LEU G 82 -68.61 28.42 -3.29
CA LEU G 82 -69.33 28.24 -4.53
C LEU G 82 -70.72 27.66 -4.33
N VAL G 83 -70.79 26.63 -3.50
CA VAL G 83 -72.01 25.94 -3.12
C VAL G 83 -72.89 26.84 -2.28
N GLU G 84 -72.23 27.57 -1.38
CA GLU G 84 -72.93 28.63 -0.67
C GLU G 84 -73.65 29.55 -1.65
N VAL G 85 -72.84 30.22 -2.46
CA VAL G 85 -73.25 31.01 -3.60
C VAL G 85 -74.46 30.46 -4.36
N SER G 86 -74.35 29.32 -5.02
CA SER G 86 -75.38 28.71 -5.84
C SER G 86 -76.70 28.54 -5.10
N ASP G 87 -76.56 28.29 -3.80
CA ASP G 87 -77.62 27.99 -2.84
C ASP G 87 -78.02 29.15 -1.95
N LYS G 88 -78.05 30.25 -2.71
CA LYS G 88 -78.30 31.63 -2.33
C LYS G 88 -78.55 32.65 -3.43
N ALA G 89 -77.64 32.59 -4.41
CA ALA G 89 -77.76 33.38 -5.61
C ALA G 89 -76.69 33.05 -6.64
N GLN G 90 -77.17 32.82 -7.87
CA GLN G 90 -76.43 32.31 -9.00
C GLN G 90 -77.18 32.57 -10.30
N THR G 91 -76.46 32.17 -11.35
CA THR G 91 -76.71 32.44 -12.75
C THR G 91 -78.18 32.56 -13.13
N ALA G 92 -78.65 33.79 -13.32
CA ALA G 92 -80.10 33.91 -13.42
C ALA G 92 -80.94 33.13 -14.42
N LEU G 93 -82.17 32.75 -14.05
CA LEU G 93 -83.16 32.12 -14.90
C LEU G 93 -83.54 33.00 -16.08
N VAL G 94 -82.68 32.95 -17.10
CA VAL G 94 -82.87 33.53 -18.41
C VAL G 94 -83.64 32.55 -19.28
N GLY G 95 -84.94 32.85 -19.33
CA GLY G 95 -85.89 32.04 -20.06
C GLY G 95 -86.18 30.60 -19.66
N SER G 96 -87.32 29.98 -19.98
CA SER G 96 -87.58 28.62 -19.54
C SER G 96 -88.18 27.76 -20.64
N ARG G 97 -87.46 26.63 -20.70
CA ARG G 97 -87.42 25.70 -21.81
C ARG G 97 -88.61 25.11 -22.54
N THR G 98 -89.43 24.36 -21.80
CA THR G 98 -90.52 23.60 -22.36
C THR G 98 -91.83 24.31 -22.68
N VAL G 99 -91.60 25.52 -23.20
CA VAL G 99 -92.71 26.45 -23.36
C VAL G 99 -93.61 26.64 -22.16
N ASP G 100 -94.59 25.75 -22.01
CA ASP G 100 -95.61 25.73 -20.98
C ASP G 100 -96.49 24.51 -20.84
N TYR G 101 -96.04 23.49 -20.09
CA TYR G 101 -96.78 22.28 -19.82
C TYR G 101 -97.61 22.31 -18.54
N HIS G 102 -97.78 23.50 -17.98
CA HIS G 102 -98.54 23.71 -16.77
C HIS G 102 -99.52 24.88 -16.80
N GLU G 103 -100.45 24.84 -15.85
CA GLU G 103 -101.48 25.86 -15.71
C GLU G 103 -101.99 26.09 -14.29
N LEU G 104 -102.19 27.37 -13.98
CA LEU G 104 -102.83 27.97 -12.83
C LEU G 104 -104.19 28.64 -13.00
N ASP G 105 -105.21 27.81 -12.84
CA ASP G 105 -106.55 28.31 -13.11
C ASP G 105 -107.28 28.65 -11.82
N VAL G 106 -107.01 29.83 -11.25
CA VAL G 106 -107.55 30.16 -9.94
C VAL G 106 -109.02 30.51 -9.75
N LYS G 107 -109.81 29.66 -10.40
CA LYS G 107 -111.12 30.11 -10.84
C LYS G 107 -112.19 29.40 -10.01
N ALA G 108 -112.27 29.80 -8.74
CA ALA G 108 -112.99 29.21 -7.63
C ALA G 108 -112.47 27.88 -7.10
N GLY G 109 -112.62 26.87 -7.95
CA GLY G 109 -111.90 25.62 -7.81
C GLY G 109 -110.63 25.72 -8.64
N PHE G 110 -109.50 25.63 -7.95
CA PHE G 110 -108.19 25.84 -8.55
C PHE G 110 -107.75 24.69 -9.43
N VAL G 111 -108.04 24.90 -10.72
CA VAL G 111 -107.61 24.02 -11.79
C VAL G 111 -106.11 24.19 -12.06
N ALA G 112 -105.24 23.47 -11.37
CA ALA G 112 -103.80 23.56 -11.57
C ALA G 112 -103.22 22.25 -12.08
N PRO G 113 -103.22 22.12 -13.41
CA PRO G 113 -102.48 21.11 -14.12
C PRO G 113 -100.97 21.23 -14.27
N THR G 114 -100.43 20.04 -13.99
CA THR G 114 -99.08 19.60 -14.25
C THR G 114 -99.08 18.53 -15.34
N ALA G 115 -98.43 18.83 -16.47
CA ALA G 115 -98.36 17.91 -17.59
C ALA G 115 -96.95 17.58 -18.07
N ASP G 116 -96.63 16.30 -18.05
CA ASP G 116 -95.33 15.79 -18.46
C ASP G 116 -94.15 16.61 -17.97
N GLU G 117 -93.64 17.44 -18.89
CA GLU G 117 -92.36 18.11 -18.79
C GLU G 117 -92.51 19.63 -18.69
N THR G 118 -93.03 20.03 -17.53
CA THR G 118 -93.53 21.38 -17.36
C THR G 118 -92.90 22.64 -17.93
N ILE G 119 -92.33 23.41 -17.00
CA ILE G 119 -91.40 24.52 -17.06
C ILE G 119 -90.98 25.07 -15.70
N ALA G 120 -90.08 26.05 -15.62
CA ALA G 120 -89.55 26.61 -14.39
C ALA G 120 -89.61 28.11 -14.19
N PRO G 121 -90.71 28.64 -13.66
CA PRO G 121 -90.70 29.93 -12.97
C PRO G 121 -89.83 30.07 -11.74
N SER G 122 -89.89 28.99 -10.96
CA SER G 122 -89.14 28.96 -9.71
C SER G 122 -87.64 29.21 -9.81
N LYS G 123 -87.19 30.07 -8.89
CA LYS G 123 -85.77 30.27 -8.66
C LYS G 123 -85.17 29.75 -7.36
N ASP G 124 -85.97 29.81 -6.30
CA ASP G 124 -85.51 29.43 -4.97
C ASP G 124 -84.25 29.98 -4.34
N ILE G 125 -83.10 29.58 -4.91
CA ILE G 125 -81.83 30.02 -4.36
C ILE G 125 -81.42 29.89 -2.91
N VAL G 126 -81.86 30.95 -2.21
CA VAL G 126 -81.42 31.41 -0.91
C VAL G 126 -81.53 30.39 0.21
N GLU G 127 -80.88 30.79 1.31
CA GLU G 127 -81.03 30.17 2.61
C GLU G 127 -80.47 28.76 2.73
N LEU G 128 -79.36 28.48 2.05
CA LEU G 128 -78.66 27.24 2.32
C LEU G 128 -78.29 26.92 3.76
N PRO G 129 -77.84 27.83 4.63
CA PRO G 129 -77.76 27.64 6.06
C PRO G 129 -79.11 27.39 6.73
N PHE G 130 -79.45 26.11 6.64
CA PHE G 130 -80.56 25.42 7.27
C PHE G 130 -81.93 26.08 7.28
N ARG G 131 -82.22 26.80 6.21
CA ARG G 131 -83.54 27.39 6.07
C ARG G 131 -84.23 27.16 4.73
N THR G 132 -85.53 27.46 4.69
CA THR G 132 -86.22 27.31 3.43
C THR G 132 -85.94 28.41 2.41
N CYS G 133 -85.42 27.94 1.27
CA CYS G 133 -84.80 28.91 0.39
C CYS G 133 -85.42 30.29 0.25
N ASP G 134 -86.71 30.26 -0.10
CA ASP G 134 -87.44 31.50 -0.11
C ASP G 134 -88.29 31.65 1.15
N LEU G 135 -87.70 32.40 2.10
CA LEU G 135 -88.24 32.63 3.42
C LEU G 135 -88.58 31.43 4.30
N ASP G 136 -89.84 31.33 4.70
CA ASP G 136 -90.46 30.08 5.11
C ASP G 136 -91.51 29.53 4.15
N ASP G 137 -91.25 29.84 2.88
CA ASP G 137 -92.36 29.67 1.96
C ASP G 137 -92.18 28.55 0.95
N SER G 138 -90.93 28.26 0.61
CA SER G 138 -90.51 27.06 -0.11
C SER G 138 -91.27 25.74 -0.13
N SER G 139 -91.54 25.51 1.16
CA SER G 139 -92.36 24.38 1.55
C SER G 139 -93.74 24.28 0.90
N ALA G 140 -94.53 25.33 1.08
CA ALA G 140 -95.88 25.54 0.59
C ALA G 140 -95.91 25.76 -0.91
N THR G 141 -95.00 26.59 -1.43
CA THR G 141 -95.08 26.86 -2.85
C THR G 141 -94.71 25.69 -3.77
N ALA G 142 -93.73 24.91 -3.30
CA ALA G 142 -93.45 23.66 -3.96
C ALA G 142 -94.54 22.60 -4.08
N CYS G 143 -95.50 22.59 -3.14
CA CYS G 143 -96.74 21.87 -3.21
C CYS G 143 -97.49 21.99 -4.53
N VAL G 144 -97.74 23.28 -4.78
CA VAL G 144 -98.18 23.73 -6.08
C VAL G 144 -97.20 23.40 -7.19
N ARG G 145 -95.92 23.72 -6.99
CA ARG G 145 -94.91 23.58 -8.02
C ARG G 145 -94.37 22.18 -8.27
N ASN G 146 -95.12 21.15 -7.89
CA ASN G 146 -94.80 19.80 -8.30
C ASN G 146 -96.03 19.00 -8.72
N HIS G 147 -96.99 19.06 -7.80
CA HIS G 147 -98.20 18.28 -8.00
C HIS G 147 -99.27 19.00 -8.79
N CYS G 148 -99.46 20.24 -8.33
CA CYS G 148 -100.44 21.14 -8.89
C CYS G 148 -100.16 21.81 -10.23
N GLN G 149 -99.13 22.64 -10.14
CA GLN G 149 -98.61 23.43 -11.24
C GLN G 149 -97.10 23.59 -11.23
N ALA G 150 -96.54 22.41 -11.52
CA ALA G 150 -95.13 22.16 -11.34
C ALA G 150 -94.06 23.06 -11.94
N GLY G 151 -93.60 24.02 -11.15
CA GLY G 151 -92.72 25.04 -11.67
C GLY G 151 -91.21 24.83 -11.69
N HIS G 152 -90.93 23.57 -12.01
CA HIS G 152 -89.59 23.03 -11.94
C HIS G 152 -89.07 22.29 -13.17
N ASP G 153 -89.62 21.08 -13.31
CA ASP G 153 -89.38 20.11 -14.36
C ASP G 153 -89.44 20.63 -15.78
N GLY G 154 -89.06 19.79 -16.75
CA GLY G 154 -89.11 20.10 -18.17
C GLY G 154 -88.43 19.04 -19.01
N VAL G 155 -87.55 19.58 -19.86
CA VAL G 155 -86.91 18.72 -20.85
C VAL G 155 -86.18 17.50 -20.31
N ILE G 156 -84.98 17.70 -19.75
CA ILE G 156 -84.25 16.56 -19.22
C ILE G 156 -84.36 16.46 -17.71
N HIS G 157 -85.59 16.59 -17.23
CA HIS G 157 -85.87 17.02 -15.87
C HIS G 157 -86.90 16.40 -14.93
N LEU G 158 -86.44 16.06 -13.72
CA LEU G 158 -87.30 15.48 -12.73
C LEU G 158 -88.17 14.31 -13.20
N PRO G 159 -87.87 13.09 -12.76
CA PRO G 159 -88.54 11.88 -13.21
C PRO G 159 -89.67 11.59 -12.24
N ILE G 160 -90.67 12.46 -12.31
CA ILE G 160 -91.80 12.40 -11.41
C ILE G 160 -92.77 11.24 -11.65
N LEU G 161 -93.69 11.51 -12.57
CA LEU G 161 -94.87 10.71 -12.81
C LEU G 161 -94.71 9.34 -13.47
N SER G 162 -93.41 9.05 -13.62
CA SER G 162 -92.71 7.79 -13.70
C SER G 162 -91.55 7.55 -12.76
N GLY G 163 -91.79 7.04 -11.55
CA GLY G 163 -90.79 6.90 -10.53
C GLY G 163 -91.04 7.59 -9.18
N ASP G 164 -90.61 8.85 -9.22
CA ASP G 164 -90.75 9.74 -8.08
C ASP G 164 -91.95 10.68 -8.06
N PHE G 165 -93.10 10.01 -8.23
CA PHE G 165 -94.46 10.47 -8.33
C PHE G 165 -94.90 11.89 -7.98
N LYS G 166 -94.91 12.07 -6.66
CA LYS G 166 -95.37 13.32 -6.09
C LYS G 166 -94.23 13.79 -5.19
N LEU G 167 -93.54 14.86 -5.58
CA LEU G 167 -92.63 15.58 -4.72
C LEU G 167 -93.17 16.53 -3.66
N PRO G 168 -94.46 16.83 -3.56
CA PRO G 168 -95.05 17.01 -2.25
C PRO G 168 -94.91 15.96 -1.15
N ASN G 169 -94.74 14.73 -1.61
CA ASN G 169 -94.71 13.60 -0.70
C ASN G 169 -93.53 12.67 -0.46
N GLU G 170 -92.83 12.67 -1.60
CA GLU G 170 -91.58 11.99 -1.82
C GLU G 170 -90.29 12.79 -1.76
N HIS G 171 -89.31 12.31 -1.00
CA HIS G 171 -88.07 13.01 -0.75
C HIS G 171 -87.26 13.89 -1.69
N PRO G 172 -86.92 13.50 -2.91
CA PRO G 172 -85.83 14.14 -3.63
C PRO G 172 -85.97 15.56 -4.12
N THR G 173 -85.11 15.98 -5.06
CA THR G 173 -85.02 17.36 -5.46
C THR G 173 -85.42 17.60 -6.91
N LYS G 174 -85.86 18.82 -7.19
CA LYS G 174 -86.56 19.27 -8.38
C LYS G 174 -85.76 20.19 -9.28
N PRO G 175 -85.38 19.73 -10.48
CA PRO G 175 -84.63 20.52 -11.44
C PRO G 175 -85.40 21.62 -12.16
N LEU G 176 -84.61 22.69 -12.33
CA LEU G 176 -85.05 23.93 -12.94
C LEU G 176 -84.85 23.94 -14.46
N ASP G 177 -85.99 23.80 -15.13
CA ASP G 177 -86.21 23.97 -16.55
C ASP G 177 -85.81 25.41 -16.86
N ASP G 178 -84.59 25.60 -17.37
CA ASP G 178 -84.12 26.91 -17.75
C ASP G 178 -83.23 26.94 -18.99
N THR G 179 -83.62 27.80 -19.94
CA THR G 179 -82.82 28.06 -21.12
C THR G 179 -81.36 28.43 -20.90
N HIS G 180 -81.22 29.41 -20.01
CA HIS G 180 -79.90 29.66 -19.45
C HIS G 180 -79.14 28.50 -18.86
N PRO G 181 -77.88 28.40 -19.32
CA PRO G 181 -77.05 27.22 -19.18
C PRO G 181 -76.98 26.62 -17.80
N HIS G 182 -77.72 25.52 -17.72
CA HIS G 182 -77.72 24.70 -16.52
C HIS G 182 -77.89 25.30 -15.13
N ASP G 183 -78.66 26.38 -15.00
CA ASP G 183 -78.96 27.00 -13.73
C ASP G 183 -79.94 26.29 -12.81
N LYS G 184 -79.88 24.96 -12.92
CA LYS G 184 -80.62 23.95 -12.19
C LYS G 184 -80.53 23.86 -10.68
N VAL G 185 -81.35 24.69 -10.03
CA VAL G 185 -81.46 24.87 -8.61
C VAL G 185 -82.55 23.94 -8.09
N LEU G 186 -82.05 22.76 -7.73
CA LEU G 186 -82.91 21.66 -7.32
C LEU G 186 -83.59 21.72 -5.97
N THR G 187 -84.71 22.44 -5.96
CA THR G 187 -85.58 22.60 -4.81
C THR G 187 -86.04 21.31 -4.15
N ARG G 188 -85.77 21.15 -2.85
CA ARG G 188 -86.15 19.98 -2.09
C ARG G 188 -87.64 19.74 -2.00
N CYS G 189 -88.13 18.54 -1.67
CA CYS G 189 -89.52 18.24 -1.40
C CYS G 189 -90.17 18.93 -0.21
N PRO G 190 -91.43 19.32 -0.34
CA PRO G 190 -92.21 19.81 0.78
C PRO G 190 -92.18 18.92 2.02
N LYS G 191 -92.26 17.59 1.84
CA LYS G 191 -92.11 16.70 2.97
C LYS G 191 -90.81 16.57 3.77
N THR G 192 -89.74 16.82 3.01
CA THR G 192 -88.41 17.04 3.53
C THR G 192 -88.41 18.11 4.60
N GLY G 193 -89.43 18.97 4.62
CA GLY G 193 -89.56 19.92 5.71
C GLY G 193 -88.67 21.15 5.67
N LEU G 194 -87.39 20.84 5.46
CA LEU G 194 -86.44 21.92 5.20
C LEU G 194 -85.97 21.96 3.75
N LEU G 195 -86.49 22.98 3.07
CA LEU G 195 -86.30 23.10 1.65
C LEU G 195 -85.15 24.02 1.23
N LEU G 196 -84.04 23.31 1.01
CA LEU G 196 -82.82 23.82 0.43
C LEU G 196 -82.82 23.56 -1.06
N VAL G 197 -81.86 24.29 -1.63
CA VAL G 197 -81.61 24.26 -3.06
C VAL G 197 -80.20 23.75 -3.36
N HIS G 198 -80.03 22.80 -4.27
CA HIS G 198 -78.77 22.32 -4.81
C HIS G 198 -78.65 22.45 -6.33
N ASP G 199 -77.99 23.55 -6.70
CA ASP G 199 -77.68 23.74 -8.10
C ASP G 199 -76.74 22.70 -8.68
N THR G 200 -77.29 21.81 -9.50
CA THR G 200 -76.51 20.90 -10.32
C THR G 200 -75.78 21.46 -11.53
N HIS G 201 -74.63 22.04 -11.21
CA HIS G 201 -73.62 22.56 -12.10
C HIS G 201 -73.23 21.75 -13.33
N ALA G 202 -73.44 20.44 -13.22
CA ALA G 202 -73.44 19.47 -14.29
C ALA G 202 -74.47 18.39 -13.98
N HIS G 203 -75.47 18.44 -14.86
CA HIS G 203 -76.81 17.94 -14.61
C HIS G 203 -77.13 16.58 -15.22
N ALA G 204 -76.92 15.59 -14.36
CA ALA G 204 -77.49 14.26 -14.36
C ALA G 204 -77.11 13.56 -13.07
N THR G 205 -75.83 13.29 -12.83
CA THR G 205 -75.43 12.56 -11.64
C THR G 205 -75.18 13.35 -10.37
N ALA G 206 -74.52 12.81 -9.34
CA ALA G 206 -74.16 13.51 -8.12
C ALA G 206 -72.97 14.45 -8.22
N VAL G 207 -72.18 14.33 -9.29
CA VAL G 207 -70.95 15.04 -9.58
C VAL G 207 -69.92 15.63 -8.64
N VAL G 208 -70.42 16.43 -7.69
CA VAL G 208 -69.57 16.92 -6.63
C VAL G 208 -68.82 15.94 -5.74
N ALA G 209 -69.50 14.81 -5.57
CA ALA G 209 -68.96 13.79 -4.68
C ALA G 209 -67.53 13.32 -4.87
N THR G 210 -67.12 13.08 -6.11
CA THR G 210 -65.73 12.75 -6.37
C THR G 210 -64.86 13.99 -6.21
N ALA G 211 -65.31 15.00 -6.97
CA ALA G 211 -64.61 16.26 -6.94
C ALA G 211 -64.20 16.84 -5.58
N ALA G 212 -65.19 16.76 -4.69
CA ALA G 212 -64.97 17.21 -3.33
C ALA G 212 -64.03 16.31 -2.54
N THR G 213 -64.37 15.03 -2.41
CA THR G 213 -63.50 14.06 -1.75
C THR G 213 -62.06 13.83 -2.17
N ARG G 214 -61.83 13.99 -3.48
CA ARG G 214 -60.53 14.17 -4.10
C ARG G 214 -59.62 15.22 -3.51
N ALA G 215 -60.11 16.35 -2.97
CA ALA G 215 -59.37 17.34 -2.23
C ALA G 215 -58.76 16.93 -0.90
N ILE G 216 -59.27 15.82 -0.36
CA ILE G 216 -58.65 15.15 0.75
C ILE G 216 -57.30 14.56 0.35
N LEU G 217 -57.04 14.28 -0.93
CA LEU G 217 -55.70 13.92 -1.30
C LEU G 217 -54.67 14.97 -0.89
N MET G 218 -54.91 16.22 -1.29
CA MET G 218 -54.16 17.38 -0.83
C MET G 218 -54.07 17.52 0.68
N HIS G 219 -55.17 17.39 1.42
CA HIS G 219 -55.19 17.14 2.83
C HIS G 219 -54.18 16.09 3.29
N ASP G 220 -54.42 14.81 3.00
CA ASP G 220 -53.60 13.68 3.37
C ASP G 220 -52.10 13.75 3.16
N LEU G 221 -51.70 14.47 2.10
CA LEU G 221 -50.31 14.62 1.77
C LEU G 221 -49.59 15.55 2.74
N LEU G 222 -50.09 16.77 2.95
CA LEU G 222 -49.43 17.69 3.86
C LEU G 222 -49.76 17.66 5.36
N THR G 223 -50.82 16.89 5.62
CA THR G 223 -50.94 16.36 6.96
C THR G 223 -50.15 15.13 7.38
N SER G 224 -50.42 14.03 6.67
CA SER G 224 -49.77 12.78 6.97
C SER G 224 -48.81 12.24 5.93
N ALA G 225 -47.99 13.25 5.62
CA ALA G 225 -46.90 13.06 4.68
C ALA G 225 -47.10 12.67 3.22
N ASN G 226 -47.86 11.61 2.97
CA ASN G 226 -48.38 11.26 1.67
C ASN G 226 -49.72 10.55 1.74
N ALA G 227 -50.51 10.91 0.73
CA ALA G 227 -51.86 10.40 0.57
C ALA G 227 -51.91 8.92 0.22
N ASP G 228 -52.11 8.14 1.30
CA ASP G 228 -52.14 6.70 1.18
C ASP G 228 -53.37 6.11 0.49
N ASP G 229 -53.17 5.64 -0.75
CA ASP G 229 -54.13 5.23 -1.75
C ASP G 229 -55.21 6.24 -2.11
N GLY G 230 -56.06 6.61 -1.14
CA GLY G 230 -57.06 7.66 -1.19
C GLY G 230 -57.98 7.55 -2.39
N HIS G 231 -57.66 8.37 -3.40
CA HIS G 231 -58.38 8.36 -4.66
C HIS G 231 -58.54 7.02 -5.36
N GLN G 232 -57.55 6.14 -5.24
CA GLN G 232 -57.60 4.81 -5.82
C GLN G 232 -58.89 4.05 -5.50
N ALA G 233 -59.31 4.31 -4.26
CA ALA G 233 -60.58 4.03 -3.62
C ALA G 233 -61.70 5.05 -3.75
N ARG G 234 -61.38 6.32 -3.55
CA ARG G 234 -62.23 7.47 -3.77
C ARG G 234 -62.91 7.74 -5.09
N SER G 235 -62.23 7.27 -6.14
CA SER G 235 -62.60 7.38 -7.53
C SER G 235 -63.93 6.67 -7.80
N ALA G 236 -64.01 5.37 -7.52
CA ALA G 236 -65.28 4.68 -7.44
C ALA G 236 -66.28 5.12 -6.39
N CYS G 237 -65.78 5.12 -5.16
CA CYS G 237 -66.51 5.50 -3.96
C CYS G 237 -67.50 6.66 -3.91
N TYR G 238 -67.02 7.70 -4.59
CA TYR G 238 -67.80 8.91 -4.68
C TYR G 238 -68.36 9.36 -6.03
N GLY G 239 -69.68 9.46 -6.08
CA GLY G 239 -70.47 9.94 -7.19
C GLY G 239 -69.80 10.80 -8.26
N PRO G 240 -69.93 10.47 -9.54
CA PRO G 240 -68.97 10.78 -10.57
C PRO G 240 -68.79 12.25 -10.95
N ALA G 241 -67.55 12.74 -10.86
CA ALA G 241 -67.20 14.01 -11.47
C ALA G 241 -67.10 13.93 -12.99
N PHE G 242 -68.10 14.57 -13.59
CA PHE G 242 -68.16 14.92 -14.99
C PHE G 242 -68.41 16.38 -15.31
N ASN G 243 -67.50 16.81 -16.17
CA ASN G 243 -67.37 18.20 -16.57
C ASN G 243 -67.02 19.18 -15.46
N ASN G 244 -66.51 20.33 -15.90
CA ASN G 244 -66.24 21.55 -15.15
C ASN G 244 -66.79 21.98 -13.79
N LEU G 245 -68.04 21.54 -13.63
CA LEU G 245 -68.89 22.05 -12.57
C LEU G 245 -69.20 23.52 -12.34
N THR G 246 -69.40 24.07 -13.54
CA THR G 246 -69.95 25.40 -13.69
C THR G 246 -71.02 25.33 -14.77
N PHE G 247 -72.24 25.54 -14.26
CA PHE G 247 -73.47 25.45 -15.00
C PHE G 247 -73.41 25.08 -16.48
N ALA G 248 -73.25 23.77 -16.66
CA ALA G 248 -73.08 22.99 -17.87
C ALA G 248 -73.77 21.63 -17.92
N CYS G 249 -74.15 21.35 -19.17
CA CYS G 249 -74.80 20.11 -19.54
C CYS G 249 -74.85 18.92 -18.58
N HIS G 250 -73.76 18.15 -18.57
CA HIS G 250 -73.72 16.75 -18.18
C HIS G 250 -74.68 15.77 -18.82
N SER G 251 -75.92 16.17 -19.09
CA SER G 251 -76.85 15.42 -19.91
C SER G 251 -77.15 13.97 -19.56
N THR G 252 -76.89 13.02 -20.45
CA THR G 252 -76.64 11.65 -20.04
C THR G 252 -77.81 10.97 -19.35
N CYS G 253 -77.70 10.76 -18.04
CA CYS G 253 -78.74 10.23 -17.16
C CYS G 253 -80.02 11.03 -17.02
N ALA G 254 -79.86 12.31 -16.68
CA ALA G 254 -80.98 13.22 -16.68
C ALA G 254 -81.59 13.38 -18.07
N SER G 255 -80.80 13.19 -19.12
CA SER G 255 -81.27 13.11 -20.49
C SER G 255 -82.23 12.02 -20.92
N ASP G 256 -82.14 10.90 -20.20
CA ASP G 256 -82.91 9.70 -20.47
C ASP G 256 -84.01 9.52 -19.44
N MET G 257 -83.54 9.18 -18.23
CA MET G 257 -84.43 9.12 -17.09
C MET G 257 -85.42 10.24 -16.80
N ALA G 258 -84.91 11.39 -16.35
CA ALA G 258 -85.69 12.56 -15.99
C ALA G 258 -86.53 13.15 -17.10
N HIS G 259 -86.00 13.07 -18.33
CA HIS G 259 -86.65 13.62 -19.49
C HIS G 259 -87.94 12.83 -19.68
N PHE G 260 -87.85 11.51 -19.87
CA PHE G 260 -89.07 10.73 -19.95
C PHE G 260 -89.96 10.43 -18.74
N ASP G 261 -89.26 10.02 -17.68
CA ASP G 261 -89.94 9.73 -16.44
C ASP G 261 -90.51 10.91 -15.66
N CYS G 262 -90.43 12.05 -16.35
CA CYS G 262 -91.14 13.21 -15.86
C CYS G 262 -92.66 13.09 -15.81
N GLY G 263 -93.00 12.48 -16.96
CA GLY G 263 -94.37 12.16 -17.30
C GLY G 263 -94.46 10.65 -17.34
N GLN G 264 -93.93 10.10 -18.43
CA GLN G 264 -93.93 8.73 -18.92
C GLN G 264 -95.12 7.82 -18.73
N ILE G 265 -95.33 7.37 -17.49
CA ILE G 265 -96.56 6.66 -17.16
C ILE G 265 -97.77 7.57 -17.05
N VAL G 266 -98.08 7.95 -15.80
CA VAL G 266 -99.27 8.71 -15.48
C VAL G 266 -99.30 10.01 -16.26
N GLY G 267 -98.14 10.62 -16.51
CA GLY G 267 -97.97 11.82 -17.30
C GLY G 267 -98.46 13.14 -16.71
N LEU G 268 -99.55 12.96 -15.95
CA LEU G 268 -100.36 14.00 -15.34
C LEU G 268 -100.30 14.06 -13.83
N ASP G 269 -100.31 15.30 -13.35
CA ASP G 269 -100.51 15.62 -11.95
C ASP G 269 -101.47 16.80 -11.78
N LEU G 270 -102.57 16.68 -11.05
CA LEU G 270 -103.50 17.75 -10.77
C LEU G 270 -103.93 18.20 -9.38
N HIS G 271 -104.25 19.50 -9.30
CA HIS G 271 -104.94 20.12 -8.20
C HIS G 271 -106.12 20.95 -8.69
N VAL G 272 -107.27 20.68 -8.07
CA VAL G 272 -108.43 21.52 -8.23
C VAL G 272 -109.06 22.39 -7.14
N GLU G 273 -108.50 22.22 -5.94
CA GLU G 273 -108.96 22.91 -4.76
C GLU G 273 -108.37 24.27 -4.44
N PRO G 274 -109.23 25.21 -4.06
CA PRO G 274 -108.75 26.54 -3.71
C PRO G 274 -107.65 26.53 -2.66
N SER G 275 -106.42 26.76 -3.11
CA SER G 275 -105.17 26.74 -2.36
C SER G 275 -104.01 27.41 -3.08
N ASP G 276 -103.50 26.65 -4.05
CA ASP G 276 -102.55 27.07 -5.06
C ASP G 276 -102.33 28.55 -5.31
N MET H 1 -85.17 -3.64 58.61
CA MET H 1 -85.43 -2.30 58.07
C MET H 1 -85.37 -1.23 59.14
N PRO H 2 -84.15 -0.69 59.24
CA PRO H 2 -83.79 0.68 59.60
C PRO H 2 -83.83 1.56 58.37
N LEU H 3 -84.57 2.63 58.65
CA LEU H 3 -84.80 3.69 57.69
C LEU H 3 -83.54 4.35 57.14
N HIS H 4 -83.61 4.51 55.82
CA HIS H 4 -82.54 5.27 55.19
C HIS H 4 -83.10 6.25 54.17
N MET H 5 -82.34 7.32 53.89
CA MET H 5 -82.81 8.55 53.29
C MET H 5 -84.04 9.11 53.99
N ILE H 6 -83.76 9.44 55.26
CA ILE H 6 -84.87 9.67 56.17
C ILE H 6 -85.86 10.75 55.76
N PRO H 7 -85.43 11.99 55.52
CA PRO H 7 -86.35 13.03 55.08
C PRO H 7 -87.23 12.74 53.88
N GLN H 8 -86.80 11.90 52.94
CA GLN H 8 -87.46 11.47 51.73
C GLN H 8 -88.55 10.40 51.74
N VAL H 9 -88.12 9.32 52.39
CA VAL H 9 -89.06 8.29 52.78
C VAL H 9 -90.16 8.73 53.73
N ALA H 10 -89.76 9.75 54.51
CA ALA H 10 -90.66 10.62 55.26
C ALA H 10 -91.64 11.43 54.42
N HIS H 11 -91.04 11.98 53.36
CA HIS H 11 -91.73 12.60 52.25
C HIS H 11 -92.92 11.90 51.59
N ALA H 12 -92.50 10.66 51.28
CA ALA H 12 -93.37 9.63 50.75
C ALA H 12 -94.47 9.17 51.69
N MET H 13 -94.04 8.96 52.94
CA MET H 13 -95.02 8.68 53.96
C MET H 13 -96.19 9.66 53.96
N VAL H 14 -95.75 10.91 54.09
CA VAL H 14 -96.61 12.06 54.15
C VAL H 14 -97.46 12.34 52.92
N ARG H 15 -96.95 11.92 51.77
CA ARG H 15 -97.71 11.87 50.53
C ARG H 15 -98.88 10.91 50.42
N ALA H 16 -98.65 9.80 51.11
CA ALA H 16 -99.75 8.94 51.50
C ALA H 16 -100.85 9.40 52.45
N ALA H 17 -100.34 10.18 53.41
CA ALA H 17 -101.16 10.98 54.31
C ALA H 17 -101.97 12.05 53.59
N ALA H 18 -101.28 12.76 52.69
CA ALA H 18 -101.89 13.86 51.97
C ALA H 18 -102.99 13.52 50.99
N ALA H 19 -102.87 12.30 50.46
CA ALA H 19 -103.84 11.63 49.62
C ALA H 19 -104.62 10.50 50.28
N GLY H 20 -104.85 10.80 51.56
CA GLY H 20 -105.67 10.08 52.50
C GLY H 20 -105.27 8.69 52.94
N ARG H 21 -105.02 7.79 51.99
CA ARG H 21 -104.47 6.46 52.18
C ARG H 21 -103.03 6.30 52.64
N LEU H 22 -102.96 6.20 53.97
CA LEU H 22 -101.70 5.94 54.62
C LEU H 22 -101.94 4.72 55.52
N THR H 23 -101.26 3.60 55.28
CA THR H 23 -101.29 2.48 56.21
C THR H 23 -100.71 2.65 57.60
N LEU H 24 -101.56 3.21 58.46
CA LEU H 24 -101.22 3.57 59.81
C LEU H 24 -101.41 2.59 60.97
N TYR H 25 -100.69 1.47 60.83
CA TYR H 25 -101.00 0.32 61.63
C TYR H 25 -100.14 -0.01 62.84
N THR H 26 -100.71 0.22 64.03
CA THR H 26 -99.99 -0.29 65.19
C THR H 26 -100.37 -1.73 65.50
N ARG H 27 -99.49 -2.37 66.28
CA ARG H 27 -99.40 -3.81 66.35
C ARG H 27 -100.56 -4.66 65.86
N THR H 28 -101.61 -4.65 66.70
CA THR H 28 -102.88 -5.28 66.42
C THR H 28 -103.98 -4.48 65.74
N ARG H 29 -103.95 -3.17 65.95
CA ARG H 29 -104.97 -2.25 65.49
C ARG H 29 -104.59 -1.43 64.26
N THR H 30 -105.46 -1.64 63.27
CA THR H 30 -105.28 -1.17 61.91
C THR H 30 -105.06 0.31 61.59
N GLU H 31 -105.65 1.18 62.41
CA GLU H 31 -105.31 2.57 62.27
C GLU H 31 -104.95 3.08 63.66
N THR H 32 -103.93 3.91 63.78
CA THR H 32 -103.58 4.74 64.92
C THR H 32 -104.59 5.88 65.00
N THR H 33 -105.79 5.45 65.39
CA THR H 33 -106.95 6.28 65.61
C THR H 33 -106.86 7.20 66.82
N ASN H 34 -106.69 6.52 67.95
CA ASN H 34 -106.13 7.06 69.17
C ASN H 34 -104.61 7.06 68.99
N PHE H 35 -103.97 7.90 69.79
CA PHE H 35 -102.55 8.15 69.68
C PHE H 35 -101.49 7.15 70.11
N ASP H 36 -101.87 5.88 69.90
CA ASP H 36 -101.02 4.73 70.12
C ASP H 36 -100.14 4.31 68.95
N HIS H 37 -99.09 5.12 68.87
CA HIS H 37 -97.90 4.98 68.05
C HIS H 37 -97.97 3.67 67.24
N ALA H 38 -98.15 3.92 65.95
CA ALA H 38 -98.06 2.90 64.92
C ALA H 38 -96.77 2.09 64.84
N GLU H 39 -96.84 0.90 64.25
CA GLU H 39 -95.77 -0.03 63.99
C GLU H 39 -95.48 -0.34 62.53
N TYR H 40 -96.53 -0.39 61.70
CA TYR H 40 -96.43 -0.68 60.29
C TYR H 40 -97.19 0.18 59.29
N VAL H 41 -96.51 1.26 58.91
CA VAL H 41 -96.93 2.09 57.79
C VAL H 41 -96.08 1.78 56.57
N THR H 42 -96.61 1.02 55.62
CA THR H 42 -96.05 0.44 54.42
C THR H 42 -95.54 1.49 53.44
N CYS H 43 -94.35 2.07 53.62
CA CYS H 43 -93.92 3.04 52.64
C CYS H 43 -93.14 2.38 51.50
N GLY H 44 -94.01 1.82 50.67
CA GLY H 44 -93.41 0.90 49.72
C GLY H 44 -92.42 -0.16 50.18
N ARG H 45 -93.05 -1.10 50.90
CA ARG H 45 -92.27 -1.96 51.78
C ARG H 45 -91.65 -1.42 53.06
N TYR H 46 -91.24 -0.16 53.18
CA TYR H 46 -90.75 0.42 54.42
C TYR H 46 -91.83 0.58 55.48
N THR H 47 -92.02 -0.40 56.36
CA THR H 47 -92.81 -0.31 57.58
C THR H 47 -92.40 0.70 58.65
N ILE H 48 -92.87 1.93 58.45
CA ILE H 48 -92.84 3.01 59.41
C ILE H 48 -93.52 2.80 60.74
N CYS H 49 -92.74 3.19 61.74
CA CYS H 49 -93.00 2.96 63.16
C CYS H 49 -92.98 4.26 63.94
N ALA H 50 -94.23 4.66 64.20
CA ALA H 50 -94.55 5.85 64.95
C ALA H 50 -94.10 5.96 66.41
N PHE H 51 -94.05 4.75 66.96
CA PHE H 51 -93.21 4.46 68.11
C PHE H 51 -91.86 5.14 68.30
N CYS H 52 -91.16 5.20 67.16
CA CYS H 52 -89.88 5.88 67.13
C CYS H 52 -89.78 6.95 66.06
N LEU H 53 -90.89 7.28 65.41
CA LEU H 53 -90.84 7.93 64.12
C LEU H 53 -90.08 7.31 62.96
N THR H 54 -89.06 6.55 63.40
CA THR H 54 -88.30 5.65 62.55
C THR H 54 -89.11 4.46 62.08
N THR H 55 -88.57 3.25 61.95
CA THR H 55 -89.21 2.10 61.36
C THR H 55 -88.97 0.81 62.12
N LEU H 56 -89.98 -0.06 62.00
CA LEU H 56 -90.20 -1.32 62.67
C LEU H 56 -90.32 -1.32 64.18
N ALA H 57 -89.17 -0.97 64.77
CA ALA H 57 -89.03 -1.12 66.21
C ALA H 57 -89.10 0.25 66.87
N PRO H 58 -89.71 0.33 68.06
CA PRO H 58 -89.65 1.46 68.96
C PRO H 58 -88.28 1.89 69.48
N HIS H 59 -88.11 3.18 69.74
CA HIS H 59 -86.93 3.69 70.39
C HIS H 59 -86.57 3.26 71.81
N ALA H 60 -87.66 3.27 72.58
CA ALA H 60 -87.58 2.68 73.90
C ALA H 60 -88.84 1.96 74.36
N ASN H 61 -88.76 1.41 75.57
CA ASN H 61 -89.92 1.03 76.36
C ASN H 61 -90.63 2.09 77.20
N VAL H 62 -90.39 3.34 76.82
CA VAL H 62 -90.92 4.51 77.49
C VAL H 62 -92.11 4.99 76.66
N LYS H 63 -93.21 4.28 76.89
CA LYS H 63 -94.44 4.54 76.18
C LYS H 63 -94.94 5.98 76.18
N THR H 64 -94.49 6.80 77.14
CA THR H 64 -94.63 8.24 77.02
C THR H 64 -93.91 8.94 75.89
N ILE H 65 -92.61 8.72 75.71
CA ILE H 65 -91.87 9.27 74.58
C ILE H 65 -92.21 8.72 73.20
N GLN H 66 -92.51 7.42 73.28
CA GLN H 66 -92.95 6.58 72.18
C GLN H 66 -94.26 6.94 71.50
N ASP H 67 -95.21 7.24 72.39
CA ASP H 67 -96.37 8.04 72.04
C ASP H 67 -96.14 9.48 71.61
N SER H 68 -95.14 10.09 72.25
CA SER H 68 -94.62 11.38 71.87
C SER H 68 -94.10 11.43 70.44
N HIS H 69 -93.33 10.42 70.00
CA HIS H 69 -93.01 10.16 68.62
C HIS H 69 -94.21 10.23 67.69
N ALA H 70 -95.25 9.58 68.20
CA ALA H 70 -96.59 9.61 67.66
C ALA H 70 -97.23 10.98 67.58
N CYS H 71 -97.55 11.53 68.75
CA CYS H 71 -97.86 12.94 68.91
C CYS H 71 -97.18 14.01 68.08
N SER H 72 -95.88 13.80 67.85
CA SER H 72 -95.10 14.57 66.90
C SER H 72 -95.59 14.74 65.47
N ARG H 73 -96.01 13.58 64.96
CA ARG H 73 -96.86 13.52 63.79
C ARG H 73 -98.36 13.66 63.98
N GLN H 74 -98.80 14.39 65.01
CA GLN H 74 -100.14 14.93 65.03
C GLN H 74 -100.58 15.68 63.77
N PRO H 75 -99.72 16.48 63.13
CA PRO H 75 -99.98 16.99 61.80
C PRO H 75 -100.25 15.97 60.70
N ASN H 76 -99.54 14.85 60.74
CA ASN H 76 -99.63 13.78 59.76
C ASN H 76 -100.91 12.97 59.92
N GLU H 77 -101.11 12.62 61.19
CA GLU H 77 -102.35 11.95 61.55
C GLU H 77 -103.64 12.64 61.16
N ALA H 78 -103.74 13.88 61.65
CA ALA H 78 -104.78 14.83 61.28
C ALA H 78 -105.04 15.17 59.82
N ILE H 79 -103.92 15.34 59.11
CA ILE H 79 -104.06 15.50 57.67
C ILE H 79 -104.60 14.27 56.95
N ARG H 80 -104.06 13.13 57.36
CA ARG H 80 -104.46 11.87 56.77
C ARG H 80 -105.96 11.61 56.91
N SER H 81 -106.33 11.72 58.18
CA SER H 81 -107.74 11.47 58.47
C SER H 81 -108.76 12.35 57.79
N LEU H 82 -108.33 13.62 57.81
CA LEU H 82 -109.04 14.79 57.32
C LEU H 82 -109.29 14.72 55.82
N VAL H 83 -108.24 14.36 55.08
CA VAL H 83 -108.26 14.18 53.64
C VAL H 83 -109.11 12.98 53.25
N GLU H 84 -108.98 11.92 54.05
CA GLU H 84 -109.91 10.81 53.92
C GLU H 84 -111.35 11.30 53.96
N VAL H 85 -111.71 11.85 55.12
CA VAL H 85 -112.95 12.57 55.38
C VAL H 85 -113.46 13.39 54.20
N SER H 86 -112.78 14.46 53.78
CA SER H 86 -113.19 15.36 52.73
C SER H 86 -113.51 14.65 51.42
N ASP H 87 -112.78 13.56 51.20
CA ASP H 87 -112.79 12.72 50.02
C ASP H 87 -113.57 11.42 50.16
N LYS H 88 -114.69 11.70 50.83
CA LYS H 88 -115.71 10.80 51.29
C LYS H 88 -117.02 11.39 51.81
N ALA H 89 -116.83 12.38 52.69
CA ALA H 89 -117.93 13.18 53.19
C ALA H 89 -117.46 14.33 54.06
N GLN H 90 -117.99 15.51 53.73
CA GLN H 90 -117.61 16.81 54.26
C GLN H 90 -118.68 17.85 53.97
N THR H 91 -118.37 19.02 54.54
CA THR H 91 -119.21 20.19 54.68
C THR H 91 -120.24 20.38 53.59
N ALA H 92 -121.50 20.04 53.87
CA ALA H 92 -122.41 19.98 52.75
C ALA H 92 -122.65 21.13 51.78
N LEU H 93 -122.91 20.86 50.50
CA LEU H 93 -123.28 21.80 49.48
C LEU H 93 -124.58 22.53 49.81
N VAL H 94 -124.44 23.55 50.66
CA VAL H 94 -125.47 24.51 51.01
C VAL H 94 -125.47 25.64 50.00
N GLY H 95 -126.41 25.47 49.07
CA GLY H 95 -126.58 26.39 47.97
C GLY H 95 -125.51 26.55 46.90
N SER H 96 -125.79 27.00 45.67
CA SER H 96 -124.74 27.11 44.68
C SER H 96 -124.81 28.40 43.88
N ARG H 97 -123.60 28.94 43.90
CA ARG H 97 -123.28 30.33 43.61
C ARG H 97 -123.75 31.14 42.41
N THR H 98 -123.37 30.69 41.22
CA THR H 98 -123.60 31.42 39.98
C THR H 98 -124.96 31.34 39.33
N VAL H 99 -125.94 31.37 40.24
CA VAL H 99 -127.29 31.08 39.84
C VAL H 99 -127.51 29.83 39.00
N ASP H 100 -127.32 29.97 37.68
CA ASP H 100 -127.49 28.95 36.68
C ASP H 100 -127.00 29.23 35.26
N TYR H 101 -125.72 28.96 34.98
CA TYR H 101 -125.11 29.12 33.68
C TYR H 101 -125.13 27.89 32.81
N HIS H 102 -125.92 26.89 33.21
CA HIS H 102 -126.06 25.64 32.50
C HIS H 102 -127.50 25.15 32.31
N GLU H 103 -127.64 24.22 31.36
CA GLU H 103 -128.91 23.62 31.03
C GLU H 103 -128.86 22.20 30.50
N LEU H 104 -129.82 21.40 30.97
CA LEU H 104 -130.21 20.06 30.57
C LEU H 104 -131.53 19.86 29.83
N ASP H 105 -131.40 19.96 28.51
CA ASP H 105 -132.60 19.91 27.70
C ASP H 105 -132.80 18.54 27.07
N VAL H 106 -133.33 17.58 27.82
CA VAL H 106 -133.42 16.21 27.35
C VAL H 106 -134.42 15.79 26.29
N LYS H 107 -134.45 16.67 25.27
CA LYS H 107 -135.66 16.80 24.49
C LYS H 107 -135.42 16.23 23.09
N ALA H 108 -135.30 14.91 23.05
CA ALA H 108 -134.86 14.06 21.96
C ALA H 108 -133.37 14.12 21.61
N GLY H 109 -133.00 15.28 21.07
CA GLY H 109 -131.61 15.68 20.99
C GLY H 109 -131.29 16.50 22.24
N PHE H 110 -130.34 15.98 23.02
CA PHE H 110 -130.01 16.56 24.31
C PHE H 110 -129.21 17.85 24.20
N VAL H 111 -129.99 18.92 24.28
CA VAL H 111 -129.47 20.27 24.34
C VAL H 111 -128.89 20.57 25.70
N ALA H 112 -127.61 20.28 25.95
CA ALA H 112 -126.96 20.54 27.23
C ALA H 112 -125.83 21.54 27.08
N PRO H 113 -126.22 22.81 27.22
CA PRO H 113 -125.30 23.93 27.42
C PRO H 113 -124.63 24.12 28.78
N THR H 114 -123.33 24.36 28.55
CA THR H 114 -122.34 24.87 29.47
C THR H 114 -121.94 26.29 29.08
N ALA H 115 -122.20 27.25 29.95
CA ALA H 115 -121.89 28.65 29.69
C ALA H 115 -121.04 29.32 30.77
N ASP H 116 -119.88 29.83 30.35
CA ASP H 116 -118.93 30.49 31.23
C ASP H 116 -118.73 29.81 32.57
N GLU H 117 -119.40 30.37 33.57
CA GLU H 117 -119.18 30.11 34.98
C GLU H 117 -120.36 29.43 35.65
N THR H 118 -120.53 28.16 35.26
CA THR H 118 -121.77 27.45 35.52
C THR H 118 -122.57 27.54 36.81
N ILE H 119 -122.52 26.42 37.54
CA ILE H 119 -122.85 26.13 38.91
C ILE H 119 -122.55 24.70 39.35
N ALA H 120 -122.76 24.31 40.60
CA ALA H 120 -122.45 23.00 41.15
C ALA H 120 -123.54 22.22 41.87
N PRO H 121 -124.36 21.44 41.15
CA PRO H 121 -125.08 20.33 41.74
C PRO H 121 -124.27 19.20 42.35
N SER H 122 -123.21 18.90 41.60
CA SER H 122 -122.32 17.82 42.02
C SER H 122 -121.71 17.92 43.41
N LYS H 123 -121.79 16.78 44.10
CA LYS H 123 -121.08 16.59 45.35
C LYS H 123 -119.89 15.64 45.38
N ASP H 124 -119.98 14.58 44.57
CA ASP H 124 -118.98 13.54 44.54
C ASP H 124 -118.47 12.84 45.79
N ILE H 125 -117.75 13.61 46.62
CA ILE H 125 -117.17 13.03 47.82
C ILE H 125 -116.34 11.77 47.87
N VAL H 126 -117.12 10.69 47.96
CA VAL H 126 -116.77 9.35 48.36
C VAL H 126 -115.64 8.70 47.57
N GLU H 127 -115.21 7.57 48.13
CA GLU H 127 -114.34 6.61 47.47
C GLU H 127 -112.93 7.08 47.17
N LEU H 128 -112.35 7.91 48.06
CA LEU H 128 -110.93 8.19 47.94
C LEU H 128 -109.97 7.01 47.86
N PRO H 129 -110.10 5.89 48.57
CA PRO H 129 -109.39 4.66 48.31
C PRO H 129 -109.72 4.04 46.97
N PHE H 130 -108.97 4.58 46.00
CA PHE H 130 -108.83 4.18 44.62
C PHE H 130 -110.07 3.82 43.83
N ARG H 131 -111.17 4.52 44.13
CA ARG H 131 -112.38 4.31 43.36
C ARG H 131 -113.07 5.58 42.90
N THR H 132 -114.02 5.42 41.97
CA THR H 132 -114.74 6.59 41.51
C THR H 132 -115.79 7.12 42.48
N CYS H 133 -115.55 8.38 42.84
CA CYS H 133 -116.26 8.86 44.01
C CYS H 133 -117.69 8.41 44.26
N ASP H 134 -118.50 8.65 43.23
CA ASP H 134 -119.85 8.13 43.27
C ASP H 134 -119.97 6.86 42.46
N LEU H 135 -119.87 5.74 43.18
CA LEU H 135 -119.87 4.40 42.65
C LEU H 135 -118.83 4.02 41.60
N ASP H 136 -119.30 3.59 40.43
CA ASP H 136 -118.55 3.66 39.20
C ASP H 136 -119.05 4.68 38.17
N ASP H 137 -119.61 5.74 38.75
CA ASP H 137 -120.42 6.57 37.87
C ASP H 137 -119.84 7.94 37.59
N SER H 138 -119.05 8.46 38.53
CA SER H 138 -118.18 9.61 38.36
C SER H 138 -117.60 10.09 37.04
N SER H 139 -117.12 8.97 36.48
CA SER H 139 -116.58 8.98 35.14
C SER H 139 -117.48 9.52 34.04
N ALA H 140 -118.65 8.90 33.90
CA ALA H 140 -119.73 9.16 32.97
C ALA H 140 -120.46 10.46 33.30
N THR H 141 -120.78 10.68 34.58
CA THR H 141 -121.52 11.88 34.88
C THR H 141 -120.76 13.20 34.70
N ALA H 142 -119.48 13.14 35.04
CA ALA H 142 -118.61 14.25 34.70
C ALA H 142 -118.46 14.70 33.25
N CYS H 143 -118.64 13.76 32.31
CA CYS H 143 -118.81 14.01 30.89
C CYS H 143 -119.78 15.13 30.53
N VAL H 144 -120.97 14.86 31.06
CA VAL H 144 -122.04 15.83 31.13
C VAL H 144 -121.64 17.06 31.95
N ARG H 145 -121.11 16.84 33.15
CA ARG H 145 -120.82 17.91 34.08
C ARG H 145 -119.56 18.72 33.83
N ASN H 146 -119.05 18.71 32.59
CA ASN H 146 -118.00 19.63 32.21
C ASN H 146 -118.23 20.24 30.83
N HIS H 147 -118.47 19.30 29.92
CA HIS H 147 -118.62 19.69 28.52
C HIS H 147 -120.04 20.07 28.14
N CYS H 148 -120.91 19.15 28.58
CA CYS H 148 -122.32 19.25 28.32
C CYS H 148 -123.17 20.24 29.11
N GLN H 149 -123.19 19.91 30.41
CA GLN H 149 -123.89 20.67 31.42
C GLN H 149 -123.18 20.71 32.77
N ALA H 150 -122.10 21.48 32.65
CA ALA H 150 -121.06 21.50 33.66
C ALA H 150 -121.37 21.78 35.13
N GLY H 151 -121.56 20.72 35.90
CA GLY H 151 -122.03 20.87 37.26
C GLY H 151 -121.04 21.07 38.39
N HIS H 152 -120.06 21.88 38.01
CA HIS H 152 -118.90 22.12 38.83
C HIS H 152 -118.49 23.58 39.07
N ASP H 153 -117.94 24.13 37.98
CA ASP H 153 -117.43 25.48 37.84
C ASP H 153 -118.38 26.59 38.28
N GLY H 154 -117.90 27.84 38.29
CA GLY H 154 -118.66 29.01 38.65
C GLY H 154 -117.79 30.26 38.78
N VAL H 155 -118.02 30.89 39.94
CA VAL H 155 -117.38 32.17 40.17
C VAL H 155 -115.87 32.19 40.05
N ILE H 156 -115.16 31.70 41.06
CA ILE H 156 -113.71 31.71 40.97
C ILE H 156 -113.15 30.34 40.61
N HIS H 157 -113.75 29.76 39.57
CA HIS H 157 -113.74 28.32 39.35
C HIS H 157 -113.50 27.62 38.02
N LEU H 158 -112.55 26.68 38.03
CA LEU H 158 -112.22 25.92 36.84
C LEU H 158 -111.99 26.74 35.58
N PRO H 159 -110.75 26.83 35.10
CA PRO H 159 -110.36 27.67 33.99
C PRO H 159 -110.41 26.80 32.73
N ILE H 160 -111.65 26.45 32.37
CA ILE H 160 -111.90 25.56 31.25
C ILE H 160 -111.64 26.16 29.88
N LEU H 161 -112.69 26.83 29.39
CA LEU H 161 -112.81 27.29 28.02
C LEU H 161 -111.94 28.43 27.54
N SER H 162 -111.06 28.77 28.48
CA SER H 162 -109.75 29.39 28.40
C SER H 162 -108.59 28.70 29.10
N GLY H 163 -107.90 27.77 28.44
CA GLY H 163 -106.87 26.95 29.04
C GLY H 163 -107.05 25.44 28.99
N ASP H 164 -107.78 25.01 30.02
CA ASP H 164 -108.12 23.61 30.20
C ASP H 164 -109.48 23.14 29.69
N PHE H 165 -109.66 23.47 28.41
CA PHE H 165 -110.80 23.29 27.54
C PHE H 165 -111.98 22.39 27.87
N LYS H 166 -111.65 21.10 27.75
CA LYS H 166 -112.64 20.07 27.96
C LYS H 166 -112.05 19.14 29.00
N LEU H 167 -112.61 19.13 30.21
CA LEU H 167 -112.35 18.12 31.21
C LEU H 167 -112.98 16.74 31.11
N PRO H 168 -113.87 16.45 30.16
CA PRO H 168 -113.86 15.13 29.56
C PRO H 168 -112.60 14.53 28.97
N ASN H 169 -111.74 15.45 28.51
CA ASN H 169 -110.54 15.04 27.80
C ASN H 169 -109.11 15.26 28.26
N GLU H 170 -109.15 16.37 29.01
CA GLU H 170 -108.01 16.91 29.72
C GLU H 170 -107.89 16.67 31.22
N HIS H 171 -106.71 16.21 31.65
CA HIS H 171 -106.47 15.81 33.02
C HIS H 171 -107.04 16.38 34.32
N PRO H 172 -106.98 17.69 34.58
CA PRO H 172 -107.12 18.19 35.93
C PRO H 172 -108.46 18.07 36.66
N THR H 173 -108.64 18.84 37.73
CA THR H 173 -109.78 18.67 38.61
C THR H 173 -110.70 19.89 38.64
N LYS H 174 -111.97 19.65 38.96
CA LYS H 174 -113.11 20.52 38.79
C LYS H 174 -113.69 21.05 40.10
N PRO H 175 -113.58 22.35 40.36
CA PRO H 175 -114.10 23.00 41.55
C PRO H 175 -115.61 23.18 41.60
N LEU H 176 -116.05 22.98 42.85
CA LEU H 176 -117.44 23.03 43.24
C LEU H 176 -117.89 24.43 43.66
N ASP H 177 -118.66 25.02 42.74
CA ASP H 177 -119.40 26.25 42.87
C ASP H 177 -120.39 26.01 44.02
N ASP H 178 -120.05 26.49 45.21
CA ASP H 178 -120.91 26.37 46.36
C ASP H 178 -120.89 27.57 47.30
N THR H 179 -122.09 28.08 47.59
CA THR H 179 -122.28 29.13 48.58
C THR H 179 -121.68 28.89 49.96
N HIS H 180 -122.02 27.70 50.45
CA HIS H 180 -121.29 27.19 51.59
C HIS H 180 -119.77 27.15 51.51
N PRO H 181 -119.18 27.69 52.59
CA PRO H 181 -117.78 28.09 52.63
C PRO H 181 -116.79 27.05 52.15
N HIS H 182 -116.35 27.36 50.93
CA HIS H 182 -115.29 26.56 50.32
C HIS H 182 -115.33 25.04 50.28
N ASP H 183 -116.52 24.45 50.19
CA ASP H 183 -116.69 23.02 50.08
C ASP H 183 -116.38 22.38 48.73
N LYS H 184 -115.38 22.99 48.10
CA LYS H 184 -114.76 22.66 46.83
C LYS H 184 -114.09 21.32 46.61
N VAL H 185 -114.94 20.34 46.27
CA VAL H 185 -114.62 18.94 46.06
C VAL H 185 -114.33 18.75 44.58
N LEU H 186 -113.04 18.90 44.30
CA LEU H 186 -112.53 18.89 42.95
C LEU H 186 -112.47 17.57 42.20
N THR H 187 -113.63 17.21 41.66
CA THR H 187 -113.80 16.03 40.83
C THR H 187 -112.85 15.89 39.66
N ARG H 188 -112.12 14.77 39.60
CA ARG H 188 -111.16 14.50 38.54
C ARG H 188 -111.77 14.39 37.15
N CYS H 189 -111.00 14.52 36.06
CA CYS H 189 -111.45 14.27 34.70
C CYS H 189 -111.91 12.87 34.36
N PRO H 190 -112.93 12.74 33.52
CA PRO H 190 -113.33 11.46 32.95
C PRO H 190 -112.19 10.68 32.32
N LYS H 191 -111.30 11.34 31.56
CA LYS H 191 -110.14 10.66 31.03
C LYS H 191 -109.04 10.09 31.93
N THR H 192 -108.92 10.76 33.07
CA THR H 192 -108.14 10.30 34.21
C THR H 192 -108.60 8.93 34.67
N GLY H 193 -109.78 8.47 34.24
CA GLY H 193 -110.18 7.10 34.44
C GLY H 193 -110.63 6.72 35.85
N LEU H 194 -109.78 7.12 36.78
CA LEU H 194 -110.15 7.01 38.17
C LEU H 194 -110.44 8.36 38.82
N LEU H 195 -111.74 8.56 39.04
CA LEU H 195 -112.26 9.84 39.49
C LEU H 195 -112.46 9.95 40.99
N LEU H 196 -111.40 10.52 41.57
CA LEU H 196 -111.33 10.93 42.96
C LEU H 196 -111.66 12.42 43.05
N VAL H 197 -111.89 12.73 44.32
CA VAL H 197 -112.25 14.06 44.75
C VAL H 197 -111.20 14.64 45.68
N HIS H 198 -110.72 15.86 45.47
CA HIS H 198 -109.86 16.63 46.34
C HIS H 198 -110.43 17.99 46.76
N ASP H 199 -111.03 17.96 47.95
CA ASP H 199 -111.52 19.19 48.51
C ASP H 199 -110.41 20.19 48.84
N THR H 200 -110.33 21.25 48.03
CA THR H 200 -109.53 22.42 48.34
C THR H 200 -109.99 23.36 49.44
N HIS H 201 -109.67 22.92 50.66
CA HIS H 201 -109.83 23.62 51.92
C HIS H 201 -109.45 25.09 51.99
N ALA H 202 -108.53 25.47 51.10
CA ALA H 202 -108.19 26.83 50.75
C ALA H 202 -107.84 26.90 49.27
N HIS H 203 -108.73 27.62 48.60
CA HIS H 203 -109.00 27.48 47.18
C HIS H 203 -108.38 28.54 46.29
N ALA H 204 -107.19 28.14 45.82
CA ALA H 204 -106.51 28.62 44.63
C ALA H 204 -105.31 27.71 44.36
N THR H 205 -104.31 27.71 45.25
CA THR H 205 -103.11 26.92 45.01
C THR H 205 -103.12 25.47 45.44
N ALA H 206 -101.98 24.77 45.54
CA ALA H 206 -101.86 23.41 46.02
C ALA H 206 -101.95 23.23 47.52
N VAL H 207 -101.82 24.32 48.28
CA VAL H 207 -101.79 24.40 49.73
C VAL H 207 -101.32 23.38 50.76
N VAL H 208 -101.86 22.16 50.62
CA VAL H 208 -101.39 21.07 51.43
C VAL H 208 -99.92 20.68 51.39
N ALA H 209 -99.37 20.89 50.19
CA ALA H 209 -97.99 20.53 49.95
C ALA H 209 -96.92 20.99 50.93
N THR H 210 -96.96 22.26 51.34
CA THR H 210 -96.04 22.72 52.37
C THR H 210 -96.44 22.16 53.72
N ALA H 211 -97.71 22.42 53.99
CA ALA H 211 -98.28 21.96 55.25
C ALA H 211 -97.98 20.53 55.67
N ALA H 212 -98.16 19.66 54.68
CA ALA H 212 -97.88 18.25 54.89
C ALA H 212 -96.41 17.95 55.08
N THR H 213 -95.58 18.29 54.09
CA THR H 213 -94.14 18.14 54.19
C THR H 213 -93.32 18.71 55.34
N ARG H 214 -93.79 19.87 55.82
CA ARG H 214 -93.43 20.46 57.09
C ARG H 214 -93.52 19.57 58.32
N ALA H 215 -94.44 18.62 58.41
CA ALA H 215 -94.52 17.61 59.45
C ALA H 215 -93.40 16.58 59.53
N ILE H 216 -92.65 16.47 58.43
CA ILE H 216 -91.39 15.75 58.43
C ILE H 216 -90.35 16.46 59.30
N LEU H 217 -90.46 17.76 59.56
CA LEU H 217 -89.58 18.33 60.55
C LEU H 217 -89.67 17.63 61.89
N MET H 218 -90.88 17.50 62.43
CA MET H 218 -91.18 16.68 63.59
C MET H 218 -90.68 15.25 63.50
N HIS H 219 -90.95 14.54 62.40
CA HIS H 219 -90.24 13.33 62.04
C HIS H 219 -88.73 13.39 62.24
N ASP H 220 -88.01 14.13 61.40
CA ASP H 220 -86.57 14.28 61.44
C ASP H 220 -85.87 14.56 62.76
N LEU H 221 -86.58 15.28 63.62
CA LEU H 221 -86.05 15.65 64.93
C LEU H 221 -86.01 14.45 65.86
N LEU H 222 -87.12 13.74 66.06
CA LEU H 222 -87.13 12.58 66.95
C LEU H 222 -86.75 11.20 66.44
N THR H 223 -86.65 11.18 65.11
CA THR H 223 -85.83 10.14 64.50
C THR H 223 -84.32 10.29 64.45
N SER H 224 -83.91 11.35 63.74
CA SER H 224 -82.49 11.61 63.57
C SER H 224 -81.94 12.84 64.26
N ALA H 225 -82.35 12.79 65.52
CA ALA H 225 -81.95 13.81 66.47
C ALA H 225 -82.28 15.29 66.34
N ASN H 226 -82.00 15.86 65.17
CA ASN H 226 -82.49 17.17 64.76
C ASN H 226 -82.66 17.28 63.25
N ALA H 227 -83.74 18.01 62.94
CA ALA H 227 -84.15 18.26 61.57
C ALA H 227 -83.18 19.14 60.80
N ASP H 228 -82.32 18.44 60.05
CA ASP H 228 -81.29 19.11 59.28
C ASP H 228 -81.77 19.88 58.06
N ASP H 229 -81.76 21.21 58.16
CA ASP H 229 -82.33 22.22 57.30
C ASP H 229 -83.82 22.08 56.98
N GLY H 230 -84.22 20.98 56.34
CA GLY H 230 -85.56 20.54 56.05
C GLY H 230 -86.42 21.64 55.44
N HIS H 231 -87.24 22.26 56.29
CA HIS H 231 -88.07 23.38 55.87
C HIS H 231 -87.41 24.54 55.15
N GLN H 232 -86.15 24.83 55.49
CA GLN H 232 -85.39 25.87 54.82
C GLN H 232 -85.41 25.76 53.31
N ALA H 233 -85.39 24.49 52.90
CA ALA H 233 -85.64 23.93 51.59
C ALA H 233 -87.07 23.57 51.21
N ARG H 234 -87.77 22.91 52.13
CA ARG H 234 -89.19 22.61 52.06
C ARG H 234 -90.25 23.68 51.84
N SER H 235 -89.90 24.88 52.33
CA SER H 235 -90.69 26.09 52.29
C SER H 235 -90.97 26.50 50.86
N ALA H 236 -89.93 26.75 50.06
CA ALA H 236 -90.09 26.84 48.61
C ALA H 236 -90.59 25.62 47.85
N CYS H 237 -89.86 24.53 48.08
CA CYS H 237 -90.13 23.24 47.48
C CYS H 237 -91.52 22.67 47.26
N TYR H 238 -92.28 22.92 48.32
CA TYR H 238 -93.66 22.49 48.33
C TYR H 238 -94.80 23.50 48.32
N GLY H 239 -95.62 23.42 47.28
CA GLY H 239 -96.81 24.21 47.05
C GLY H 239 -97.48 24.90 48.23
N PRO H 240 -97.76 26.20 48.15
CA PRO H 240 -97.85 27.10 49.27
C PRO H 240 -98.98 26.90 50.27
N ALA H 241 -98.65 26.71 51.54
CA ALA H 241 -99.63 26.81 52.61
C ALA H 241 -100.06 28.25 52.89
N PHE H 242 -101.31 28.48 52.49
CA PHE H 242 -102.11 29.64 52.84
C PHE H 242 -103.46 29.33 53.45
N ASN H 243 -103.60 30.03 54.58
CA ASN H 243 -104.71 29.88 55.49
C ASN H 243 -104.87 28.51 56.12
N ASN H 244 -105.62 28.50 57.23
CA ASN H 244 -106.11 27.36 57.98
C ASN H 244 -106.25 25.90 57.54
N LEU H 245 -106.55 25.83 56.25
CA LEU H 245 -107.02 24.60 55.65
C LEU H 245 -108.21 23.79 56.14
N THR H 246 -109.17 24.68 56.44
CA THR H 246 -110.52 24.26 56.72
C THR H 246 -111.45 25.20 55.95
N PHE H 247 -112.09 24.56 54.98
CA PHE H 247 -112.98 25.18 54.01
C PHE H 247 -113.19 26.68 54.10
N ALA H 248 -112.17 27.38 53.57
CA ALA H 248 -111.93 28.80 53.48
C ALA H 248 -111.31 29.32 52.18
N CYS H 249 -111.75 30.55 51.93
CA CYS H 249 -111.30 31.32 50.79
C CYS H 249 -110.09 30.90 49.96
N HIS H 250 -108.91 31.26 50.46
CA HIS H 250 -107.69 31.45 49.70
C HIS H 250 -107.71 32.35 48.47
N SER H 251 -108.78 32.35 47.68
CA SER H 251 -109.04 33.33 46.65
C SER H 251 -107.98 33.54 45.57
N THR H 252 -107.44 34.75 45.42
CA THR H 252 -106.12 34.91 44.83
C THR H 252 -105.99 34.46 43.38
N CYS H 253 -105.31 33.34 43.16
CA CYS H 253 -105.16 32.66 41.88
C CYS H 253 -106.43 32.12 41.22
N ALA H 254 -107.18 31.32 41.98
CA ALA H 254 -108.48 30.90 41.52
C ALA H 254 -109.44 32.06 41.33
N SER H 255 -109.22 33.17 42.04
CA SER H 255 -109.92 34.42 41.83
C SER H 255 -109.78 35.16 40.51
N ASP H 256 -108.63 34.95 39.88
CA ASP H 256 -108.24 35.60 38.64
C ASP H 256 -108.33 34.63 37.48
N MET H 257 -107.39 33.69 37.50
CA MET H 257 -107.43 32.59 36.55
C MET H 257 -108.71 31.83 36.27
N ALA H 258 -109.14 31.00 37.23
CA ALA H 258 -110.32 30.17 37.15
C ALA H 258 -111.62 30.91 36.93
N HIS H 259 -111.71 32.10 37.54
CA HIS H 259 -112.91 32.91 37.46
C HIS H 259 -113.08 33.29 36.01
N PHE H 260 -112.12 33.98 35.40
CA PHE H 260 -112.23 34.27 33.98
C PHE H 260 -112.05 33.21 32.89
N ASP H 261 -110.97 32.45 33.10
CA ASP H 261 -110.68 31.37 32.18
C ASP H 261 -111.59 30.15 32.21
N CYS H 262 -112.66 30.35 32.98
CA CYS H 262 -113.75 29.40 32.93
C CYS H 262 -114.49 29.29 31.60
N GLY H 263 -114.61 30.55 31.17
CA GLY H 263 -115.26 30.89 29.92
C GLY H 263 -114.17 31.50 29.04
N GLN H 264 -113.87 32.76 29.36
CA GLN H 264 -113.01 33.74 28.71
C GLN H 264 -112.90 33.83 27.20
N ILE H 265 -112.24 32.85 26.60
CA ILE H 265 -112.25 32.72 25.15
C ILE H 265 -113.57 32.18 24.60
N VAL H 266 -113.57 30.86 24.36
CA VAL H 266 -114.68 30.19 23.71
C VAL H 266 -115.96 30.40 24.50
N GLY H 267 -115.89 30.48 25.83
CA GLY H 267 -116.98 30.76 26.74
C GLY H 267 -118.02 29.67 26.93
N LEU H 268 -118.21 28.96 25.82
CA LEU H 268 -119.22 27.94 25.60
C LEU H 268 -118.69 26.52 25.44
N ASP H 269 -119.46 25.60 26.03
CA ASP H 269 -119.31 24.19 25.81
C ASP H 269 -120.66 23.51 25.61
N LEU H 270 -120.91 22.80 24.51
CA LEU H 270 -122.13 22.05 24.26
C LEU H 270 -122.20 20.57 23.92
N HIS H 271 -123.33 19.97 24.34
CA HIS H 271 -123.78 18.67 23.92
C HIS H 271 -125.23 18.73 23.45
N VAL H 272 -125.43 18.16 22.27
CA VAL H 272 -126.77 17.90 21.76
C VAL H 272 -127.37 16.52 21.53
N GLU H 273 -126.50 15.52 21.73
CA GLU H 273 -126.85 14.13 21.51
C GLU H 273 -127.43 13.36 22.68
N PRO H 274 -128.50 12.59 22.41
CA PRO H 274 -129.09 11.79 23.46
C PRO H 274 -128.10 10.91 24.22
N SER H 275 -127.76 11.34 25.43
CA SER H 275 -126.79 10.73 26.33
C SER H 275 -126.93 11.21 27.77
N ASP H 276 -126.43 12.44 27.94
CA ASP H 276 -126.58 13.28 29.11
C ASP H 276 -127.66 12.96 30.13
N THR I 1 -24.49 -46.57 32.26
CA THR I 1 -25.88 -46.68 31.79
C THR I 1 -26.35 -48.04 31.30
N TYR I 2 -27.66 -48.19 31.48
CA TYR I 2 -28.36 -49.41 31.14
C TYR I 2 -29.28 -49.37 29.93
N ASN I 3 -29.22 -50.44 29.14
CA ASN I 3 -30.17 -50.71 28.07
C ASN I 3 -31.61 -50.42 28.49
N ILE I 4 -32.20 -49.42 27.85
CA ILE I 4 -33.56 -49.16 28.26
C ILE I 4 -34.69 -50.15 27.98
N THR I 5 -34.33 -50.85 26.90
CA THR I 5 -35.19 -51.89 26.37
C THR I 5 -35.12 -53.27 27.00
N GLY I 6 -35.14 -53.21 28.33
CA GLY I 6 -35.17 -54.36 29.20
C GLY I 6 -36.31 -54.58 30.19
N ASP I 7 -36.28 -55.67 30.94
CA ASP I 7 -37.33 -56.11 31.85
C ASP I 7 -36.91 -56.03 33.31
N GLY I 8 -37.95 -55.74 34.08
CA GLY I 8 -37.84 -55.42 35.49
C GLY I 8 -38.30 -54.05 35.96
N ASN I 9 -38.34 -53.11 35.00
CA ASN I 9 -38.74 -51.73 35.20
C ASN I 9 -40.15 -51.39 35.65
N SER I 10 -40.22 -50.79 36.84
CA SER I 10 -41.43 -50.36 37.54
C SER I 10 -42.00 -49.06 37.01
N PHE I 11 -43.33 -49.09 36.92
CA PHE I 11 -44.12 -47.91 36.67
C PHE I 11 -45.04 -47.67 37.86
N THR I 12 -44.33 -47.03 38.80
CA THR I 12 -44.97 -46.61 40.03
C THR I 12 -44.98 -45.14 40.37
N PRO I 13 -45.94 -44.43 39.78
CA PRO I 13 -46.35 -43.11 40.22
C PRO I 13 -47.11 -43.05 41.53
N THR I 14 -46.47 -42.37 42.48
CA THR I 14 -46.95 -42.14 43.83
C THR I 14 -46.92 -40.68 44.24
N SER I 15 -47.88 -40.41 45.12
CA SER I 15 -47.99 -39.10 45.71
C SER I 15 -46.81 -38.47 46.44
N ASP I 16 -46.14 -39.50 46.98
CA ASP I 16 -44.86 -39.45 47.64
C ASP I 16 -43.70 -38.93 46.80
N MET I 17 -43.82 -39.31 45.53
CA MET I 17 -42.86 -39.06 44.47
C MET I 17 -43.38 -38.17 43.35
N THR I 18 -43.95 -37.02 43.73
CA THR I 18 -44.51 -36.11 42.74
C THR I 18 -43.44 -35.39 41.94
N SER I 19 -43.44 -35.93 40.72
CA SER I 19 -42.53 -35.20 39.86
C SER I 19 -42.17 -33.97 40.68
N THR I 20 -40.99 -33.40 40.51
CA THR I 20 -40.29 -32.13 40.61
C THR I 20 -38.82 -32.05 40.21
N ALA I 21 -38.30 -30.90 39.80
CA ALA I 21 -37.01 -30.52 39.25
C ALA I 21 -36.66 -29.23 39.98
N ALA I 22 -35.67 -28.51 39.46
CA ALA I 22 -35.66 -27.11 39.81
C ALA I 22 -35.98 -26.13 38.69
N PRO I 23 -37.26 -25.77 38.58
CA PRO I 23 -37.80 -24.99 37.49
C PRO I 23 -37.14 -23.62 37.62
N ALA I 24 -37.14 -22.82 38.70
CA ALA I 24 -36.64 -21.48 38.83
C ALA I 24 -36.21 -21.32 40.28
N ILE I 25 -35.26 -20.38 40.37
CA ILE I 25 -34.88 -20.06 41.73
C ILE I 25 -35.15 -18.67 42.28
N ASP I 26 -35.24 -18.45 43.59
CA ASP I 26 -35.30 -17.08 44.07
C ASP I 26 -34.10 -16.19 43.79
N LEU I 27 -34.34 -15.09 43.07
CA LEU I 27 -33.35 -14.07 42.82
C LEU I 27 -33.70 -12.63 43.16
N LYS I 28 -34.33 -12.51 44.33
CA LYS I 28 -34.80 -11.21 44.75
C LYS I 28 -33.60 -10.36 45.14
N PRO I 29 -33.56 -9.06 44.81
CA PRO I 29 -32.42 -8.24 45.14
C PRO I 29 -31.92 -8.24 46.59
N GLY I 30 -32.98 -8.03 47.38
CA GLY I 30 -32.91 -8.15 48.81
C GLY I 30 -32.10 -9.37 49.25
N VAL I 31 -32.43 -10.44 48.51
CA VAL I 31 -31.89 -11.75 48.78
C VAL I 31 -30.47 -11.96 48.30
N LEU I 32 -30.07 -11.19 47.28
CA LEU I 32 -28.69 -11.25 46.83
C LEU I 32 -27.53 -10.94 47.76
N ASN I 33 -27.80 -10.09 48.75
CA ASN I 33 -26.74 -9.52 49.54
C ASN I 33 -25.74 -10.33 50.36
N PRO I 34 -26.14 -10.90 51.51
CA PRO I 34 -25.18 -11.34 52.50
C PRO I 34 -23.69 -11.42 52.20
N THR I 35 -22.90 -10.37 52.47
CA THR I 35 -23.14 -9.03 52.94
C THR I 35 -21.97 -8.06 52.82
N GLY I 36 -21.07 -8.12 53.80
CA GLY I 36 -19.93 -7.25 54.04
C GLY I 36 -18.91 -7.28 52.90
N LYS I 37 -18.58 -6.13 52.31
CA LYS I 37 -17.44 -6.09 51.42
C LYS I 37 -16.15 -6.07 52.23
N LEU I 38 -15.18 -6.75 51.62
CA LEU I 38 -13.86 -6.87 52.22
C LEU I 38 -12.88 -5.75 51.87
N TRP I 39 -12.37 -5.25 52.99
CA TRP I 39 -11.44 -4.14 53.01
C TRP I 39 -10.07 -4.26 53.67
N ARG I 40 -9.24 -3.24 53.85
CA ARG I 40 -7.87 -3.27 54.36
C ARG I 40 -7.50 -1.93 54.98
N PRO I 41 -6.70 -1.93 56.05
CA PRO I 41 -6.11 -0.80 56.76
C PRO I 41 -5.07 -0.01 55.98
N VAL I 42 -5.71 0.72 55.07
CA VAL I 42 -5.06 1.48 54.02
C VAL I 42 -4.39 0.60 52.99
N GLY I 43 -3.37 -0.03 53.55
CA GLY I 43 -2.50 -1.00 52.92
C GLY I 43 -1.25 -1.31 53.74
N THR I 44 -0.87 -0.38 54.61
CA THR I 44 0.12 -0.59 55.65
C THR I 44 -0.30 -1.48 56.81
N SER I 45 0.60 -1.71 57.77
CA SER I 45 0.48 -2.61 58.90
C SER I 45 -0.65 -2.20 59.82
N VAL I 46 -0.72 -2.92 60.95
CA VAL I 46 -1.79 -2.82 61.91
C VAL I 46 -1.51 -1.59 62.76
N ALA I 47 -2.10 -0.53 62.19
CA ALA I 47 -2.14 0.83 62.69
C ALA I 47 -3.25 1.71 62.16
N THR I 48 -3.31 1.69 60.84
CA THR I 48 -4.33 2.41 60.10
C THR I 48 -5.80 2.05 60.13
N ILE I 49 -6.28 1.30 61.13
CA ILE I 49 -7.63 0.83 61.36
C ILE I 49 -8.74 1.85 61.07
N ASP I 50 -8.34 3.06 61.44
CA ASP I 50 -9.10 4.24 61.06
C ASP I 50 -9.55 4.48 59.63
N SER I 51 -8.78 3.86 58.74
CA SER I 51 -8.96 3.93 57.31
C SER I 51 -9.00 2.57 56.64
N LEU I 52 -10.06 2.38 55.86
CA LEU I 52 -10.09 1.28 54.92
C LEU I 52 -10.40 1.62 53.46
N ALA I 53 -9.63 0.93 52.62
CA ALA I 53 -9.79 0.75 51.19
C ALA I 53 -10.25 -0.63 50.78
N ILE I 54 -11.27 -0.64 49.92
CA ILE I 54 -11.68 -1.92 49.38
C ILE I 54 -10.61 -2.66 48.58
N VAL I 55 -10.60 -3.96 48.90
CA VAL I 55 -9.83 -4.96 48.19
C VAL I 55 -10.15 -4.90 46.71
N SER I 56 -9.43 -5.77 45.99
CA SER I 56 -9.21 -5.60 44.56
C SER I 56 -10.37 -6.05 43.68
N ASP I 57 -11.27 -5.07 43.61
CA ASP I 57 -12.44 -5.07 42.75
C ASP I 57 -12.11 -5.06 41.26
N ARG I 58 -10.94 -4.44 41.08
CA ARG I 58 -10.16 -4.51 39.85
C ARG I 58 -10.20 -5.68 38.88
N PHE I 59 -9.98 -6.80 39.57
CA PHE I 59 -10.17 -8.10 38.97
C PHE I 59 -10.49 -9.32 39.81
N GLY I 60 -10.78 -9.10 41.10
CA GLY I 60 -10.86 -10.16 42.07
C GLY I 60 -11.37 -9.56 43.38
N GLN I 61 -10.76 -10.02 44.46
CA GLN I 61 -11.17 -9.70 45.81
C GLN I 61 -12.21 -8.64 46.14
N TYR I 62 -13.39 -9.25 46.16
CA TYR I 62 -14.64 -8.62 46.52
C TYR I 62 -15.14 -9.04 47.89
N SER I 63 -16.42 -8.80 48.13
CA SER I 63 -17.20 -9.06 49.33
C SER I 63 -17.15 -10.48 49.88
N PHE I 64 -17.39 -10.68 51.17
CA PHE I 64 -17.83 -11.94 51.74
C PHE I 64 -19.04 -12.58 51.08
N VAL I 65 -18.86 -13.74 50.46
CA VAL I 65 -19.88 -14.38 49.66
C VAL I 65 -21.15 -14.78 50.43
N ASN I 66 -22.27 -14.61 49.73
CA ASN I 66 -23.60 -14.97 50.20
C ASN I 66 -23.66 -16.47 50.39
N GLU I 67 -23.48 -16.94 51.63
CA GLU I 67 -23.81 -18.29 52.07
C GLU I 67 -24.97 -18.99 51.40
N GLY I 68 -26.08 -18.26 51.30
CA GLY I 68 -27.30 -18.73 50.67
C GLY I 68 -27.13 -18.82 49.17
N MET I 69 -26.49 -17.79 48.62
CA MET I 69 -26.25 -17.70 47.20
C MET I 69 -25.31 -18.78 46.65
N ARG I 70 -24.23 -19.02 47.38
CA ARG I 70 -23.43 -20.21 47.16
C ARG I 70 -24.08 -21.59 47.13
N GLU I 71 -24.85 -21.76 48.20
CA GLU I 71 -25.65 -22.95 48.40
C GLU I 71 -26.68 -23.15 47.30
N THR I 72 -27.44 -22.09 47.00
CA THR I 72 -28.34 -22.03 45.87
C THR I 72 -27.84 -22.31 44.46
N PHE I 73 -26.84 -21.46 44.20
CA PHE I 73 -26.10 -21.58 42.96
C PHE I 73 -25.44 -22.88 42.55
N SER I 74 -24.83 -23.56 43.53
CA SER I 74 -24.27 -24.90 43.47
C SER I 74 -25.38 -25.86 43.10
N LYS I 75 -26.58 -25.70 43.68
CA LYS I 75 -27.74 -26.50 43.36
C LYS I 75 -28.24 -26.50 41.92
N ALA I 76 -28.20 -25.24 41.46
CA ALA I 76 -28.45 -24.88 40.08
C ALA I 76 -27.51 -25.62 39.14
N LEU I 77 -26.22 -25.61 39.50
CA LEU I 77 -25.25 -26.34 38.71
C LEU I 77 -25.52 -27.83 38.56
N PHE I 78 -26.15 -28.39 39.59
CA PHE I 78 -26.61 -29.75 39.68
C PHE I 78 -27.74 -30.22 38.77
N ASP I 79 -28.69 -29.34 38.47
CA ASP I 79 -29.57 -29.44 37.32
C ASP I 79 -28.90 -29.85 36.01
N ILE I 80 -27.84 -29.12 35.62
CA ILE I 80 -27.07 -29.43 34.43
C ILE I 80 -26.38 -30.79 34.45
N ASN I 81 -25.89 -31.09 35.65
CA ASN I 81 -25.27 -32.35 36.02
C ASN I 81 -26.13 -33.59 35.84
N MET I 82 -27.44 -33.36 36.01
CA MET I 82 -28.47 -34.34 35.73
C MET I 82 -28.52 -34.90 34.32
N TRP I 83 -28.02 -34.01 33.45
CA TRP I 83 -27.77 -34.37 32.06
C TRP I 83 -26.35 -34.52 31.57
N GLN I 84 -25.38 -34.65 32.48
CA GLN I 84 -23.98 -34.74 32.11
C GLN I 84 -23.51 -35.66 31.00
N PRO I 85 -23.98 -36.91 31.04
CA PRO I 85 -23.72 -37.84 29.95
C PRO I 85 -24.21 -37.43 28.57
N LEU I 86 -25.33 -36.71 28.63
CA LEU I 86 -25.90 -36.17 27.42
C LEU I 86 -25.22 -34.92 26.85
N PHE I 87 -24.97 -33.97 27.74
CA PHE I 87 -24.10 -32.85 27.39
C PHE I 87 -22.78 -33.23 26.74
N GLN I 88 -22.14 -34.15 27.45
CA GLN I 88 -20.88 -34.70 27.00
C GLN I 88 -20.89 -35.30 25.61
N ALA I 89 -21.99 -36.04 25.40
CA ALA I 89 -22.22 -36.66 24.12
C ALA I 89 -22.52 -35.67 23.01
N THR I 90 -23.20 -34.58 23.38
CA THR I 90 -23.46 -33.44 22.52
C THR I 90 -22.23 -32.56 22.32
N LYS I 91 -21.09 -32.87 22.95
CA LYS I 91 -19.92 -32.01 22.92
C LYS I 91 -19.97 -30.52 23.19
N THR I 92 -20.93 -30.18 24.05
CA THR I 92 -21.37 -28.83 24.32
C THR I 92 -20.81 -28.19 25.59
N GLY I 93 -19.49 -28.28 25.71
CA GLY I 93 -18.76 -27.77 26.86
C GLY I 93 -19.13 -28.33 28.22
N CYS I 94 -19.58 -29.59 28.25
CA CYS I 94 -20.14 -30.23 29.42
C CYS I 94 -19.56 -30.10 30.82
N GLY I 95 -18.23 -30.01 30.82
CA GLY I 95 -17.38 -30.02 32.00
C GLY I 95 -17.86 -29.29 33.25
N PRO I 96 -18.39 -30.08 34.19
CA PRO I 96 -18.93 -29.46 35.38
C PRO I 96 -18.22 -28.38 36.17
N ILE I 97 -18.70 -27.15 35.98
CA ILE I 97 -18.11 -25.92 36.47
C ILE I 97 -17.28 -25.79 37.74
N VAL I 98 -17.82 -26.40 38.79
CA VAL I 98 -17.27 -26.33 40.12
C VAL I 98 -17.04 -24.94 40.69
N LEU I 99 -18.24 -24.44 41.00
CA LEU I 99 -18.48 -23.09 41.51
C LEU I 99 -17.49 -22.57 42.55
N SER I 100 -17.15 -23.56 43.37
CA SER I 100 -16.16 -23.48 44.43
C SER I 100 -14.82 -22.84 44.07
N SER I 101 -14.43 -23.10 42.82
CA SER I 101 -13.19 -22.58 42.26
C SER I 101 -13.24 -21.07 42.11
N PHE I 102 -14.47 -20.60 41.88
CA PHE I 102 -14.74 -19.19 41.78
C PHE I 102 -14.77 -18.28 43.00
N THR I 103 -15.34 -18.90 44.03
CA THR I 103 -15.32 -18.52 45.43
C THR I 103 -13.94 -18.53 46.08
N THR I 104 -13.20 -17.46 45.81
CA THR I 104 -11.79 -17.26 46.14
C THR I 104 -11.45 -16.47 47.39
N THR I 105 -10.30 -16.74 47.99
CA THR I 105 -10.04 -16.25 49.33
C THR I 105 -10.01 -14.72 49.35
N THR I 106 -10.75 -14.13 50.28
CA THR I 106 -10.65 -12.75 50.72
C THR I 106 -10.30 -12.58 52.18
N SER I 107 -9.30 -11.78 52.56
CA SER I 107 -8.78 -11.69 53.92
C SER I 107 -8.49 -10.27 54.35
N GLY I 108 -9.31 -9.88 55.32
CA GLY I 108 -9.32 -8.56 55.93
C GLY I 108 -10.58 -8.11 56.64
N TYR I 109 -10.99 -6.86 56.40
CA TYR I 109 -12.17 -6.36 57.06
C TYR I 109 -13.54 -6.51 56.40
N VAL I 110 -14.55 -6.86 57.19
CA VAL I 110 -15.90 -7.09 56.74
C VAL I 110 -16.87 -6.02 57.24
N GLY I 111 -17.30 -5.23 56.26
CA GLY I 111 -18.45 -4.39 56.49
C GLY I 111 -19.01 -3.64 55.29
N ALA I 112 -20.31 -3.44 55.49
CA ALA I 112 -21.08 -2.64 54.57
C ALA I 112 -20.65 -1.24 54.14
N THR I 113 -20.36 -0.44 55.16
CA THR I 113 -19.68 0.83 55.05
C THR I 113 -18.31 0.90 55.70
N ALA I 114 -17.40 1.77 55.25
CA ALA I 114 -16.12 1.97 55.89
C ALA I 114 -16.30 2.04 57.40
N GLY I 115 -17.19 2.97 57.78
CA GLY I 115 -17.77 2.97 59.10
C GLY I 115 -17.78 1.71 59.94
N ASP I 116 -18.78 0.96 59.48
CA ASP I 116 -18.94 -0.37 60.05
C ASP I 116 -17.83 -1.40 59.94
N ALA I 117 -17.23 -1.33 58.75
CA ALA I 117 -16.15 -2.24 58.41
C ALA I 117 -14.85 -2.12 59.18
N LEU I 118 -14.62 -0.88 59.61
CA LEU I 118 -13.51 -0.55 60.47
C LEU I 118 -13.34 -1.42 61.71
N ASP I 119 -14.50 -1.73 62.27
CA ASP I 119 -14.66 -2.56 63.46
C ASP I 119 -14.47 -4.07 63.49
N ASN I 120 -14.70 -4.58 62.27
CA ASN I 120 -14.77 -6.00 62.02
C ASN I 120 -13.75 -6.51 61.01
N PRO I 121 -12.76 -7.31 61.44
CA PRO I 121 -11.95 -7.95 60.43
C PRO I 121 -12.15 -9.46 60.47
N VAL I 122 -12.31 -9.97 59.26
CA VAL I 122 -12.55 -11.37 58.98
C VAL I 122 -11.53 -12.03 58.07
N THR I 123 -10.55 -12.70 58.68
CA THR I 123 -9.46 -13.34 57.99
C THR I 123 -9.77 -14.66 57.28
N ASN I 124 -9.26 -14.59 56.05
CA ASN I 124 -9.30 -15.65 55.06
C ASN I 124 -10.59 -16.43 54.85
N GLY I 125 -11.54 -15.63 54.37
CA GLY I 125 -12.81 -16.09 53.85
C GLY I 125 -12.77 -16.16 52.33
N VAL I 126 -13.92 -15.78 51.77
CA VAL I 126 -14.19 -15.76 50.34
C VAL I 126 -15.08 -14.70 49.70
N PHE I 127 -14.62 -14.29 48.52
CA PHE I 127 -15.22 -13.41 47.54
C PHE I 127 -15.49 -14.05 46.19
N ILE I 128 -16.28 -13.34 45.38
CA ILE I 128 -16.42 -13.56 43.97
C ILE I 128 -16.41 -12.24 43.19
N SER I 129 -15.78 -12.27 42.02
CA SER I 129 -15.62 -11.11 41.16
C SER I 129 -16.75 -10.96 40.15
N THR I 130 -17.11 -9.69 39.95
CA THR I 130 -18.03 -9.20 38.93
C THR I 130 -17.82 -9.86 37.58
N VAL I 131 -16.56 -9.75 37.17
CA VAL I 131 -16.04 -10.47 36.02
C VAL I 131 -16.36 -11.95 36.07
N GLN I 132 -15.92 -12.57 37.17
CA GLN I 132 -16.17 -13.98 37.36
C GLN I 132 -17.61 -14.48 37.35
N ILE I 133 -18.41 -13.78 38.16
CA ILE I 133 -19.84 -14.03 38.06
C ILE I 133 -20.41 -13.81 36.68
N MET I 134 -19.95 -12.79 35.94
CA MET I 134 -20.26 -12.54 34.55
C MET I 134 -20.14 -13.79 33.69
N ASN I 135 -18.93 -14.35 33.71
CA ASN I 135 -18.53 -15.53 32.97
C ASN I 135 -19.14 -16.85 33.43
N LEU I 136 -19.30 -17.08 34.73
CA LEU I 136 -20.10 -18.09 35.39
C LEU I 136 -21.57 -18.18 35.00
N GLN I 137 -22.23 -17.04 35.22
CA GLN I 137 -23.56 -16.89 34.67
C GLN I 137 -23.75 -17.21 33.20
N ARG I 138 -22.86 -16.61 32.42
CA ARG I 138 -22.74 -16.79 30.98
C ARG I 138 -22.83 -18.26 30.59
N THR I 139 -22.00 -19.07 31.25
CA THR I 139 -21.98 -20.52 31.17
C THR I 139 -23.30 -21.22 31.52
N ILE I 140 -23.81 -20.87 32.70
CA ILE I 140 -25.07 -21.41 33.15
C ILE I 140 -26.25 -21.14 32.23
N ALA I 141 -26.32 -19.92 31.71
CA ALA I 141 -27.33 -19.45 30.78
C ALA I 141 -27.31 -20.21 29.46
N ALA I 142 -26.06 -20.46 29.07
CA ALA I 142 -25.73 -21.17 27.86
C ALA I 142 -26.12 -22.65 27.87
N ARG I 143 -25.88 -23.19 29.07
CA ARG I 143 -26.24 -24.55 29.42
C ARG I 143 -27.74 -24.80 29.30
N MET I 144 -28.44 -23.84 29.92
CA MET I 144 -29.88 -23.74 29.86
C MET I 144 -30.47 -23.59 28.47
N ARG I 145 -29.85 -22.65 27.76
CA ARG I 145 -30.26 -22.63 26.38
C ARG I 145 -29.94 -23.71 25.34
N ASP I 146 -28.97 -24.47 25.85
CA ASP I 146 -28.75 -25.76 25.22
C ASP I 146 -29.69 -26.93 25.48
N VAL I 147 -30.29 -26.86 26.67
CA VAL I 147 -31.22 -27.85 27.16
C VAL I 147 -32.68 -27.59 26.80
N ALA I 148 -32.93 -26.36 26.32
CA ALA I 148 -34.28 -25.89 26.07
C ALA I 148 -35.22 -26.70 25.17
N LEU I 149 -34.53 -27.39 24.26
CA LEU I 149 -35.15 -28.40 23.41
C LEU I 149 -35.40 -29.72 24.11
N TRP I 150 -34.44 -30.04 24.97
CA TRP I 150 -34.45 -31.30 25.71
C TRP I 150 -35.59 -31.32 26.72
N GLN I 151 -35.65 -30.23 27.49
CA GLN I 151 -36.65 -30.04 28.51
C GLN I 151 -38.05 -30.30 27.98
N LYS I 152 -38.33 -29.62 26.87
CA LYS I 152 -39.58 -29.72 26.14
C LYS I 152 -39.95 -31.14 25.77
N HIS I 153 -38.98 -31.77 25.10
CA HIS I 153 -39.09 -33.15 24.69
C HIS I 153 -39.36 -34.11 25.85
N LEU I 154 -38.58 -33.95 26.92
CA LEU I 154 -38.80 -34.69 28.15
C LEU I 154 -40.18 -34.64 28.77
N ASP I 155 -40.67 -33.39 28.85
CA ASP I 155 -42.05 -33.02 29.13
C ASP I 155 -43.16 -33.65 28.33
N THR I 156 -42.86 -33.74 27.03
CA THR I 156 -43.88 -34.31 26.15
C THR I 156 -44.24 -35.75 26.47
N ALA I 157 -43.15 -36.50 26.64
CA ALA I 157 -43.15 -37.89 27.06
C ALA I 157 -44.00 -38.14 28.30
N MET I 158 -43.60 -37.33 29.28
CA MET I 158 -44.20 -37.27 30.60
C MET I 158 -45.66 -36.83 30.70
N THR I 159 -46.05 -36.16 29.61
CA THR I 159 -47.48 -36.04 29.45
C THR I 159 -48.30 -36.90 28.48
N MET I 160 -47.64 -37.30 27.40
CA MET I 160 -48.19 -38.24 26.44
C MET I 160 -48.75 -39.61 26.80
N LEU I 161 -48.36 -40.05 27.99
CA LEU I 161 -49.03 -40.86 28.99
C LEU I 161 -48.59 -40.61 30.43
N THR I 162 -49.04 -39.45 30.92
CA THR I 162 -48.66 -38.90 32.21
C THR I 162 -48.53 -39.70 33.49
N PRO I 163 -47.27 -39.93 33.89
CA PRO I 163 -46.90 -40.61 35.11
C PRO I 163 -47.14 -39.88 36.43
N ASP I 164 -48.26 -39.16 36.50
CA ASP I 164 -48.41 -38.29 37.64
C ASP I 164 -49.61 -38.63 38.52
N ILE I 165 -49.30 -39.34 39.61
CA ILE I 165 -50.37 -39.63 40.55
C ILE I 165 -50.00 -38.89 41.81
N SER I 166 -50.72 -37.77 41.79
CA SER I 166 -50.82 -36.75 42.81
C SER I 166 -51.40 -37.18 44.15
N ALA I 167 -52.11 -38.31 44.07
CA ALA I 167 -52.82 -38.89 45.18
C ALA I 167 -52.87 -40.41 45.22
N GLY I 168 -52.03 -40.87 46.17
CA GLY I 168 -51.83 -42.29 46.37
C GLY I 168 -50.73 -42.95 45.55
N SER I 169 -51.24 -43.89 44.75
CA SER I 169 -50.39 -44.80 44.02
C SER I 169 -51.13 -45.50 42.88
N ALA I 170 -50.41 -45.51 41.75
CA ALA I 170 -50.73 -46.23 40.54
C ALA I 170 -49.60 -47.17 40.15
N SER I 171 -49.98 -48.27 39.50
CA SER I 171 -49.06 -49.19 38.86
C SER I 171 -49.57 -49.91 37.62
N CYS I 172 -48.72 -50.03 36.61
CA CYS I 172 -49.01 -50.69 35.35
C CYS I 172 -47.72 -51.14 34.68
N ASN I 173 -47.73 -52.13 33.79
CA ASN I 173 -46.58 -52.59 33.04
C ASN I 173 -45.83 -51.49 32.30
N TRP I 174 -44.64 -51.13 32.77
CA TRP I 174 -43.84 -50.10 32.14
C TRP I 174 -43.44 -50.40 30.70
N LYS I 175 -43.17 -51.70 30.55
CA LYS I 175 -42.98 -52.31 29.26
C LYS I 175 -44.03 -52.10 28.17
N SER I 176 -45.25 -52.44 28.60
CA SER I 176 -46.50 -52.10 27.93
C SER I 176 -46.72 -50.67 27.49
N LEU I 177 -46.50 -49.77 28.45
CA LEU I 177 -46.46 -48.34 28.33
C LEU I 177 -45.41 -47.82 27.36
N LEU I 178 -44.17 -48.21 27.70
CA LEU I 178 -43.02 -47.97 26.86
C LEU I 178 -43.08 -48.36 25.38
N ALA I 179 -43.64 -49.55 25.16
CA ALA I 179 -43.76 -50.02 23.79
C ALA I 179 -44.88 -49.33 23.01
N PHE I 180 -45.98 -49.03 23.69
CA PHE I 180 -47.02 -48.23 23.06
C PHE I 180 -46.62 -46.80 22.76
N ALA I 181 -45.85 -46.20 23.68
CA ALA I 181 -45.13 -44.95 23.48
C ALA I 181 -44.35 -44.94 22.19
N LYS I 182 -43.52 -45.97 22.05
CA LYS I 182 -42.69 -46.02 20.86
C LYS I 182 -43.29 -46.43 19.52
N ASP I 183 -44.52 -46.94 19.68
CA ASP I 183 -45.46 -47.24 18.61
C ASP I 183 -46.40 -46.13 18.17
N ILE I 184 -46.55 -45.24 19.15
CA ILE I 184 -47.42 -44.11 18.92
C ILE I 184 -46.46 -42.94 18.71
N LEU I 185 -45.38 -42.57 19.40
CA LEU I 185 -44.65 -41.31 19.38
C LEU I 185 -44.10 -40.79 18.06
N PRO I 186 -44.16 -39.47 17.89
CA PRO I 186 -43.65 -38.93 16.65
C PRO I 186 -42.15 -39.16 16.51
N LEU I 187 -41.91 -39.71 15.32
CA LEU I 187 -40.57 -39.91 14.82
C LEU I 187 -39.58 -38.76 14.91
N ASP I 188 -40.10 -37.57 14.59
CA ASP I 188 -39.32 -36.36 14.75
C ASP I 188 -38.82 -35.90 16.11
N ASN I 189 -39.35 -36.51 17.15
CA ASN I 189 -38.89 -36.31 18.52
C ASN I 189 -37.44 -36.68 18.78
N LEU I 190 -36.85 -35.83 19.62
CA LEU I 190 -35.57 -36.12 20.24
C LEU I 190 -35.44 -37.33 21.16
N CYS I 191 -36.62 -37.62 21.70
CA CYS I 191 -36.85 -38.85 22.45
C CYS I 191 -36.62 -40.17 21.73
N LEU I 192 -36.98 -40.13 20.45
CA LEU I 192 -36.65 -41.29 19.64
C LEU I 192 -35.24 -41.50 19.12
N THR I 193 -34.49 -40.41 19.02
CA THR I 193 -33.06 -40.43 18.80
C THR I 193 -32.27 -40.79 20.05
N TYR I 194 -32.71 -40.19 21.16
CA TYR I 194 -31.98 -40.36 22.41
C TYR I 194 -32.63 -41.19 23.51
N PRO I 195 -33.22 -42.34 23.18
CA PRO I 195 -34.07 -43.03 24.13
C PRO I 195 -33.54 -43.27 25.54
N ASN I 196 -32.34 -43.86 25.45
CA ASN I 196 -31.38 -44.24 26.47
C ASN I 196 -30.99 -43.11 27.42
N GLU I 197 -30.56 -41.98 26.88
CA GLU I 197 -30.39 -40.81 27.71
C GLU I 197 -31.64 -40.29 28.40
N PHE I 198 -32.73 -40.09 27.64
CA PHE I 198 -33.93 -39.48 28.15
C PHE I 198 -34.57 -40.19 29.34
N TYR I 199 -34.59 -41.51 29.16
CA TYR I 199 -34.98 -42.47 30.17
C TYR I 199 -34.16 -42.49 31.44
N ASN I 200 -32.84 -42.50 31.27
CA ASN I 200 -31.86 -42.31 32.32
C ASN I 200 -32.08 -41.06 33.16
N VAL I 201 -32.21 -39.94 32.44
CA VAL I 201 -32.59 -38.68 33.03
C VAL I 201 -33.91 -38.72 33.77
N ALA I 202 -34.94 -39.13 33.02
CA ALA I 202 -36.20 -39.43 33.65
C ALA I 202 -36.21 -40.19 34.97
N ILE I 203 -35.48 -41.31 34.89
CA ILE I 203 -35.22 -42.10 36.08
C ILE I 203 -34.52 -41.34 37.19
N HIS I 204 -33.60 -40.44 36.80
CA HIS I 204 -32.86 -39.64 37.74
C HIS I 204 -33.62 -38.51 38.43
N ARG I 205 -34.68 -38.09 37.75
CA ARG I 205 -35.61 -37.08 38.23
C ARG I 205 -36.88 -37.55 38.91
N TYR I 206 -37.37 -38.65 38.33
CA TYR I 206 -38.60 -39.29 38.74
C TYR I 206 -38.29 -40.57 39.51
N PRO I 207 -38.14 -40.55 40.84
CA PRO I 207 -37.93 -41.68 41.72
C PRO I 207 -39.04 -42.70 41.56
N ALA I 208 -40.19 -42.19 41.13
CA ALA I 208 -41.34 -42.94 40.67
C ALA I 208 -41.25 -43.98 39.56
N LEU I 209 -40.08 -43.96 38.93
CA LEU I 209 -39.70 -44.75 37.77
C LEU I 209 -38.38 -45.49 37.96
N LYS I 210 -38.34 -46.74 37.50
CA LYS I 210 -37.15 -47.55 37.60
C LYS I 210 -36.49 -47.96 36.29
N PRO I 211 -35.17 -48.13 36.23
CA PRO I 211 -34.55 -48.66 35.02
C PRO I 211 -35.00 -50.03 34.54
N GLY I 212 -35.16 -50.15 33.21
CA GLY I 212 -35.27 -51.44 32.54
C GLY I 212 -34.95 -52.77 33.19
N ASN I 213 -33.79 -53.28 32.79
CA ASN I 213 -33.18 -54.50 33.28
C ASN I 213 -31.77 -54.58 33.86
N PRO I 214 -31.25 -53.46 34.34
CA PRO I 214 -29.82 -53.34 34.54
C PRO I 214 -29.04 -54.43 35.27
N ASP I 215 -29.64 -54.82 36.39
CA ASP I 215 -29.61 -56.14 36.99
C ASP I 215 -31.03 -56.58 37.28
N THR I 216 -31.61 -57.40 36.40
CA THR I 216 -32.97 -57.84 36.57
C THR I 216 -33.29 -58.41 37.95
N LYS I 217 -32.22 -58.83 38.62
CA LYS I 217 -32.06 -59.03 40.04
C LYS I 217 -32.65 -58.01 41.00
N LEU I 218 -32.06 -56.85 40.69
CA LEU I 218 -32.33 -55.53 41.22
C LEU I 218 -32.40 -54.40 40.21
N PRO I 219 -33.60 -54.23 39.66
CA PRO I 219 -33.87 -53.05 38.87
C PRO I 219 -34.38 -51.88 39.69
N ASP I 220 -34.99 -52.22 40.84
CA ASP I 220 -35.70 -51.31 41.72
C ASP I 220 -34.85 -50.95 42.93
N ALA I 221 -35.11 -49.73 43.39
CA ALA I 221 -34.51 -49.16 44.59
C ALA I 221 -35.45 -48.23 45.35
N GLN I 222 -35.11 -47.97 46.61
CA GLN I 222 -35.81 -47.00 47.43
C GLN I 222 -35.21 -45.61 47.68
N ALA I 223 -33.89 -45.70 47.55
CA ALA I 223 -33.04 -44.54 47.41
C ALA I 223 -32.73 -44.16 45.97
N HIS I 224 -33.06 -42.90 45.72
CA HIS I 224 -33.06 -42.31 44.40
C HIS I 224 -32.13 -41.12 44.56
N PRO I 225 -32.25 -39.98 43.85
CA PRO I 225 -31.35 -38.93 44.23
C PRO I 225 -31.88 -38.11 45.41
N LEU I 226 -31.63 -36.81 45.38
CA LEU I 226 -32.12 -35.90 46.40
C LEU I 226 -33.63 -35.68 46.38
N GLY I 227 -34.17 -35.38 45.20
CA GLY I 227 -35.59 -35.24 44.95
C GLY I 227 -36.57 -35.42 46.10
N GLU I 228 -36.78 -36.70 46.42
CA GLU I 228 -37.44 -37.19 47.61
C GLU I 228 -37.95 -36.26 48.70
N VAL I 229 -36.98 -35.53 49.25
CA VAL I 229 -37.17 -34.47 50.22
C VAL I 229 -38.30 -33.52 49.85
N ALA I 230 -38.07 -32.78 48.77
CA ALA I 230 -39.12 -31.95 48.22
C ALA I 230 -40.47 -32.55 47.90
N GLY I 231 -40.38 -33.84 47.58
CA GLY I 231 -41.58 -34.60 47.29
C GLY I 231 -42.53 -34.90 48.44
N ALA I 232 -41.90 -35.25 49.58
CA ALA I 232 -42.62 -35.43 50.82
C ALA I 232 -43.55 -34.35 51.38
N PHE I 233 -43.04 -33.14 51.10
CA PHE I 233 -43.87 -31.96 51.23
C PHE I 233 -45.03 -31.60 50.33
N ASN I 234 -44.92 -32.10 49.10
CA ASN I 234 -46.10 -32.13 48.24
C ASN I 234 -47.08 -33.28 48.40
N ALA I 235 -46.70 -34.32 49.15
CA ALA I 235 -47.56 -35.46 49.41
C ALA I 235 -48.55 -35.39 50.56
N ALA I 236 -49.77 -35.67 50.11
CA ALA I 236 -50.91 -35.64 51.00
C ALA I 236 -50.86 -36.47 52.28
N THR I 237 -51.19 -35.82 53.39
CA THR I 237 -51.11 -36.37 54.73
C THR I 237 -52.52 -36.64 55.20
N SER I 238 -52.64 -37.34 56.33
CA SER I 238 -53.81 -37.56 57.16
C SER I 238 -54.83 -36.52 57.57
N GLU I 239 -54.26 -35.32 57.68
CA GLU I 239 -55.06 -34.14 57.97
C GLU I 239 -55.07 -32.95 57.02
N VAL I 240 -53.97 -32.82 56.30
CA VAL I 240 -53.82 -31.92 55.17
C VAL I 240 -53.54 -32.49 53.79
N GLY I 241 -54.13 -31.88 52.76
CA GLY I 241 -53.69 -31.93 51.38
C GLY I 241 -52.21 -31.59 51.27
N SER I 242 -51.90 -30.35 50.89
CA SER I 242 -50.52 -29.97 50.70
C SER I 242 -50.06 -28.92 51.70
N LEU I 243 -48.98 -29.27 52.39
CA LEU I 243 -48.25 -28.40 53.29
C LEU I 243 -47.74 -27.07 52.76
N VAL I 244 -47.05 -27.19 51.62
CA VAL I 244 -46.73 -26.01 50.84
C VAL I 244 -47.86 -25.10 50.44
N GLY I 245 -48.92 -25.81 50.03
CA GLY I 245 -50.16 -25.17 49.62
C GLY I 245 -50.73 -24.13 50.58
N SER I 246 -51.23 -24.74 51.65
CA SER I 246 -51.85 -24.05 52.76
C SER I 246 -50.97 -22.96 53.37
N SER I 247 -49.67 -23.25 53.41
CA SER I 247 -48.66 -22.31 53.85
C SER I 247 -48.54 -21.07 52.97
N SER I 248 -48.36 -21.28 51.67
CA SER I 248 -48.41 -20.28 50.61
C SER I 248 -49.67 -19.43 50.58
N THR I 249 -50.79 -20.15 50.54
CA THR I 249 -52.16 -19.64 50.46
C THR I 249 -52.24 -18.61 51.57
N LEU I 250 -52.09 -19.09 52.82
CA LEU I 250 -52.19 -18.23 53.97
C LEU I 250 -51.28 -17.01 53.94
N SER I 251 -50.04 -17.26 53.52
CA SER I 251 -49.06 -16.20 53.40
C SER I 251 -49.46 -15.13 52.39
N GLN I 252 -50.01 -15.47 51.21
CA GLN I 252 -50.66 -14.56 50.28
C GLN I 252 -51.79 -13.70 50.82
N ALA I 253 -52.61 -14.33 51.66
CA ALA I 253 -53.62 -13.65 52.43
C ALA I 253 -53.15 -12.59 53.42
N ILE I 254 -52.21 -12.97 54.29
CA ILE I 254 -51.43 -12.04 55.09
C ILE I 254 -50.93 -10.86 54.27
N SER I 255 -50.13 -11.18 53.25
CA SER I 255 -49.52 -10.07 52.55
C SER I 255 -50.36 -9.04 51.82
N THR I 256 -51.51 -9.55 51.37
CA THR I 256 -52.62 -8.69 50.99
C THR I 256 -53.23 -7.90 52.14
N MET I 257 -53.37 -8.50 53.32
CA MET I 257 -53.74 -7.73 54.49
C MET I 257 -52.80 -6.59 54.85
N ALA I 258 -51.52 -6.94 54.72
CA ALA I 258 -50.36 -6.07 54.86
C ALA I 258 -50.25 -4.80 54.04
N GLY I 259 -50.57 -5.08 52.78
CA GLY I 259 -50.69 -4.07 51.76
C GLY I 259 -51.92 -3.17 51.84
N LYS I 260 -53.01 -3.74 52.37
CA LYS I 260 -54.16 -2.94 52.68
C LYS I 260 -54.02 -1.97 53.85
N ASP I 261 -53.09 -2.36 54.71
CA ASP I 261 -52.72 -1.84 56.01
C ASP I 261 -53.79 -1.70 57.09
N LEU I 262 -54.78 -2.59 56.96
CA LEU I 262 -55.93 -2.68 57.83
C LEU I 262 -56.79 -1.49 58.21
N ASP I 263 -56.06 -0.64 58.92
CA ASP I 263 -56.40 0.62 59.55
C ASP I 263 -57.40 1.40 58.70
N LEU I 264 -57.12 1.44 57.40
CA LEU I 264 -58.07 1.91 56.42
C LEU I 264 -59.56 2.09 56.67
N ILE I 265 -60.20 1.06 57.22
CA ILE I 265 -61.58 1.09 57.64
C ILE I 265 -61.93 1.96 58.84
N GLU I 266 -60.99 2.20 59.76
CA GLU I 266 -61.26 2.87 61.01
C GLU I 266 -60.95 4.35 60.97
N ALA I 267 -61.70 4.90 60.01
CA ALA I 267 -61.42 6.28 59.65
C ALA I 267 -62.69 7.11 59.59
N ASP I 268 -62.85 7.89 60.66
CA ASP I 268 -63.89 8.89 60.78
C ASP I 268 -63.65 10.29 60.27
N THR I 269 -62.47 10.74 60.71
CA THR I 269 -61.96 12.10 60.60
C THR I 269 -60.84 11.98 59.58
N PRO I 270 -60.63 12.99 58.72
CA PRO I 270 -59.84 12.96 57.50
C PRO I 270 -58.63 12.06 57.27
N LEU I 271 -58.85 11.01 56.48
CA LEU I 271 -57.78 10.19 55.94
C LEU I 271 -57.52 10.47 54.46
N PRO I 272 -56.25 10.83 54.25
CA PRO I 272 -55.90 11.38 52.95
C PRO I 272 -56.02 10.56 51.67
N VAL I 273 -56.79 11.14 50.74
CA VAL I 273 -57.12 10.56 49.45
C VAL I 273 -56.19 9.57 48.75
N SER I 274 -55.02 10.19 48.63
CA SER I 274 -53.87 9.56 48.01
C SER I 274 -53.40 8.21 48.53
N VAL I 275 -53.52 8.17 49.86
CA VAL I 275 -53.32 7.05 50.75
C VAL I 275 -54.37 5.95 50.65
N PHE I 276 -55.62 6.39 50.75
CA PHE I 276 -56.74 5.47 50.61
C PHE I 276 -56.99 5.03 49.18
N THR I 277 -56.94 5.89 48.16
CA THR I 277 -57.34 5.61 46.80
C THR I 277 -56.24 4.91 46.02
N PRO I 278 -56.46 3.71 45.45
CA PRO I 278 -55.56 3.25 44.42
C PRO I 278 -55.92 3.83 43.06
N SER I 279 -56.07 2.93 42.08
CA SER I 279 -56.48 3.19 40.71
C SER I 279 -57.96 3.10 40.41
N LEU I 280 -58.37 4.16 39.72
CA LEU I 280 -59.76 4.36 39.35
C LEU I 280 -60.23 4.19 37.91
N ALA I 281 -61.44 3.68 37.72
CA ALA I 281 -62.06 3.56 36.41
C ALA I 281 -63.31 4.38 36.10
N PRO I 282 -63.60 4.75 34.86
CA PRO I 282 -64.85 5.35 34.45
C PRO I 282 -66.09 4.55 34.85
N ARG I 283 -67.26 5.20 35.01
CA ARG I 283 -68.53 4.54 35.21
C ARG I 283 -69.60 5.06 34.27
N SER I 284 -70.67 4.26 34.16
CA SER I 284 -71.74 4.47 33.20
C SER I 284 -73.07 4.72 33.89
N TYR I 285 -73.71 5.87 33.63
CA TYR I 285 -74.96 6.23 34.24
C TYR I 285 -75.99 6.58 33.17
N ARG I 286 -77.26 6.51 33.58
CA ARG I 286 -78.33 6.94 32.70
C ARG I 286 -79.06 8.21 33.06
N PRO I 287 -79.43 8.99 32.04
CA PRO I 287 -80.52 9.93 32.18
C PRO I 287 -81.86 9.28 32.51
N ALA I 288 -82.59 8.97 31.44
CA ALA I 288 -83.68 8.02 31.52
C ALA I 288 -84.56 8.10 32.76
N PHE I 289 -84.28 7.15 33.65
CA PHE I 289 -85.07 7.01 34.85
C PHE I 289 -84.20 7.12 36.09
N ILE I 290 -83.13 7.92 36.06
CA ILE I 290 -82.38 8.18 37.27
C ILE I 290 -83.18 9.04 38.24
N LYS I 291 -82.78 9.13 39.51
CA LYS I 291 -83.67 9.84 40.41
C LYS I 291 -83.11 11.14 40.98
N PRO I 292 -83.65 12.22 40.43
CA PRO I 292 -83.22 13.54 40.85
C PRO I 292 -82.96 13.82 42.33
N GLU I 293 -83.81 13.22 43.16
CA GLU I 293 -83.70 13.28 44.59
C GLU I 293 -82.39 12.73 45.14
N ASP I 294 -81.93 11.62 44.55
CA ASP I 294 -80.77 10.91 45.04
C ASP I 294 -79.42 11.28 44.46
N ALA I 295 -79.52 11.75 43.22
CA ALA I 295 -78.39 11.93 42.34
C ALA I 295 -77.80 13.32 42.35
N LYS I 296 -76.87 13.49 43.30
CA LYS I 296 -76.15 14.74 43.43
C LYS I 296 -75.76 15.58 42.22
N TRP I 297 -74.94 15.01 41.33
CA TRP I 297 -74.59 15.57 40.04
C TRP I 297 -75.53 15.52 38.85
N ILE I 298 -76.71 14.93 39.03
CA ILE I 298 -77.71 14.71 38.01
C ILE I 298 -79.14 14.60 38.52
N ALA I 299 -79.83 15.73 38.30
CA ALA I 299 -81.21 16.03 38.64
C ALA I 299 -82.03 16.32 37.38
N GLU I 300 -83.26 16.81 37.52
CA GLU I 300 -84.10 17.23 36.41
C GLU I 300 -84.76 18.58 36.57
N PHE I 301 -84.95 19.31 35.47
CA PHE I 301 -85.99 20.29 35.31
C PHE I 301 -87.39 19.72 35.41
N ASN I 302 -88.29 20.55 35.96
CA ASN I 302 -89.63 20.17 36.34
C ASN I 302 -90.74 20.59 35.38
N ASN I 303 -91.75 19.73 35.19
CA ASN I 303 -92.81 20.00 34.25
C ASN I 303 -93.48 21.33 34.60
N SER I 304 -93.88 21.98 33.52
CA SER I 304 -94.34 23.35 33.45
C SER I 304 -93.29 24.45 33.41
N SER I 305 -93.20 25.03 32.21
CA SER I 305 -92.57 26.30 31.87
C SER I 305 -92.76 26.79 30.45
N LEU I 306 -92.07 26.00 29.63
CA LEU I 306 -92.06 25.82 28.19
C LEU I 306 -91.10 26.78 27.49
N ILE I 307 -89.86 26.30 27.42
CA ILE I 307 -88.95 27.08 26.60
C ILE I 307 -88.73 26.23 25.36
N ARG I 308 -89.55 26.66 24.40
CA ARG I 308 -89.64 26.05 23.09
C ARG I 308 -88.64 26.54 22.05
N LYS I 309 -88.96 27.63 21.34
CA LYS I 309 -88.03 28.06 20.32
C LYS I 309 -86.87 28.93 20.78
N THR I 310 -85.72 28.26 20.63
CA THR I 310 -84.42 28.88 20.80
C THR I 310 -83.52 28.81 19.57
N LEU I 311 -83.00 29.94 19.10
CA LEU I 311 -81.97 29.97 18.10
C LEU I 311 -80.77 29.16 18.56
N THR I 312 -80.35 28.23 17.70
CA THR I 312 -79.27 27.30 17.90
C THR I 312 -77.96 27.46 17.13
N TYR I 313 -78.11 28.04 15.95
CA TYR I 313 -77.09 28.31 14.95
C TYR I 313 -77.47 29.56 14.18
N SER I 314 -76.58 29.86 13.22
CA SER I 314 -76.74 31.03 12.38
C SER I 314 -78.04 30.88 11.60
N GLY I 315 -78.94 31.69 12.15
CA GLY I 315 -80.30 31.88 11.67
C GLY I 315 -81.14 30.63 11.46
N ALA I 316 -80.84 29.73 12.42
CA ALA I 316 -81.26 28.34 12.40
C ALA I 316 -81.77 28.05 13.81
N THR I 317 -82.84 27.26 13.89
CA THR I 317 -83.65 27.08 15.08
C THR I 317 -84.05 25.66 15.43
N TYR I 318 -84.03 25.37 16.73
CA TYR I 318 -84.47 24.16 17.40
C TYR I 318 -85.34 24.40 18.63
N THR I 319 -86.38 23.57 18.69
CA THR I 319 -87.17 23.63 19.90
C THR I 319 -86.66 22.73 21.02
N VAL I 320 -85.96 23.40 21.95
CA VAL I 320 -85.58 22.60 23.10
C VAL I 320 -86.72 22.16 24.01
N GLN I 321 -87.78 22.95 23.88
CA GLN I 321 -89.16 22.67 24.24
C GLN I 321 -89.54 22.28 25.67
N LEU I 322 -88.73 22.83 26.58
CA LEU I 322 -88.57 22.61 28.00
C LEU I 322 -89.83 22.54 28.85
N GLY I 323 -90.15 21.31 29.24
CA GLY I 323 -91.30 21.02 30.08
C GLY I 323 -91.32 19.66 30.78
N PRO I 324 -92.21 18.75 30.38
CA PRO I 324 -92.40 17.47 31.05
C PRO I 324 -91.17 16.57 30.99
N GLY I 325 -90.28 16.54 31.98
CA GLY I 325 -89.15 15.67 32.24
C GLY I 325 -88.05 15.65 31.20
N PRO I 326 -87.68 16.85 30.74
CA PRO I 326 -86.73 17.01 29.66
C PRO I 326 -85.33 16.48 29.93
N THR I 327 -85.19 15.20 29.55
CA THR I 327 -84.01 14.38 29.70
C THR I 327 -83.50 14.48 31.13
N ARG I 328 -82.36 15.13 31.39
CA ARG I 328 -81.79 15.35 32.70
C ARG I 328 -80.89 16.58 32.68
N VAL I 329 -80.76 17.16 33.87
CA VAL I 329 -79.85 18.28 34.08
C VAL I 329 -78.64 17.82 34.87
N ILE I 330 -77.60 17.82 34.02
CA ILE I 330 -76.39 17.27 34.57
C ILE I 330 -75.67 18.36 35.34
N ASP I 331 -75.64 18.19 36.66
CA ASP I 331 -75.10 19.14 37.60
C ASP I 331 -73.61 19.05 37.87
N MET I 332 -72.88 19.62 36.90
CA MET I 332 -71.43 19.59 36.88
C MET I 332 -70.80 20.84 37.46
N ASN I 333 -71.51 21.42 38.43
CA ASN I 333 -70.99 22.49 39.24
C ASN I 333 -70.10 22.12 40.43
N ALA I 334 -68.84 22.10 40.00
CA ALA I 334 -67.66 21.72 40.77
C ALA I 334 -67.70 20.34 41.41
N MET I 335 -67.91 19.46 40.43
CA MET I 335 -68.07 18.04 40.65
C MET I 335 -66.84 17.29 40.12
N ILE I 336 -65.70 17.54 40.75
CA ILE I 336 -64.38 17.12 40.33
C ILE I 336 -64.03 17.29 38.85
N ASP I 337 -62.97 16.70 38.32
CA ASP I 337 -62.73 16.74 36.89
C ASP I 337 -62.88 15.43 36.14
N SER I 338 -63.84 15.39 35.19
CA SER I 338 -64.39 14.33 34.38
C SER I 338 -64.49 14.63 32.90
N VAL I 339 -64.69 13.56 32.13
CA VAL I 339 -64.98 13.74 30.73
C VAL I 339 -66.33 13.09 30.41
N LEU I 340 -67.31 13.93 30.07
CA LEU I 340 -68.68 13.49 29.88
C LEU I 340 -68.85 12.73 28.57
N THR I 341 -68.48 11.46 28.70
CA THR I 341 -68.53 10.47 27.64
C THR I 341 -69.94 9.96 27.35
N LEU I 342 -70.67 10.65 26.48
CA LEU I 342 -72.07 10.38 26.15
C LEU I 342 -72.10 9.37 25.02
N ASP I 343 -72.74 8.25 25.36
CA ASP I 343 -72.81 7.07 24.51
C ASP I 343 -74.26 6.74 24.20
N VAL I 344 -74.50 7.31 23.01
CA VAL I 344 -75.83 7.26 22.43
C VAL I 344 -75.83 6.19 21.35
N SER I 345 -76.81 5.30 21.54
CA SER I 345 -77.17 4.37 20.50
C SER I 345 -78.61 3.92 20.71
N GLY I 346 -79.39 3.48 19.72
CA GLY I 346 -80.80 3.15 19.79
C GLY I 346 -81.71 4.34 19.54
N THR I 347 -81.65 5.15 20.59
CA THR I 347 -82.40 6.40 20.65
C THR I 347 -82.09 7.45 19.59
N ILE I 348 -83.11 7.54 18.74
CA ILE I 348 -83.21 8.75 17.95
C ILE I 348 -84.58 9.42 18.00
N LEU I 349 -85.58 8.53 17.89
CA LEU I 349 -86.99 8.89 17.91
C LEU I 349 -87.29 10.12 17.08
N PRO I 350 -87.49 10.00 15.76
CA PRO I 350 -87.71 11.11 14.86
C PRO I 350 -88.86 12.05 15.22
N TYR I 351 -88.67 13.34 14.96
CA TYR I 351 -89.70 14.32 15.25
C TYR I 351 -91.08 13.91 14.80
N ASP I 352 -91.93 13.70 15.81
CA ASP I 352 -93.37 13.55 15.72
C ASP I 352 -93.95 13.41 14.32
N THR I 353 -94.10 14.52 13.60
CA THR I 353 -94.19 14.43 12.15
C THR I 353 -93.82 15.69 11.40
N ASN I 354 -92.52 15.95 11.49
CA ASN I 354 -91.78 17.07 10.92
C ASN I 354 -90.85 16.59 9.83
N PRO I 355 -90.82 17.23 8.66
CA PRO I 355 -89.79 17.06 7.66
C PRO I 355 -88.43 17.64 8.04
N ASP I 356 -88.23 17.52 9.35
CA ASP I 356 -87.01 17.90 10.01
C ASP I 356 -86.29 16.71 10.63
N LEU I 357 -86.40 15.69 9.78
CA LEU I 357 -85.99 14.32 10.08
C LEU I 357 -84.50 14.16 9.84
N SER I 358 -84.14 14.62 8.64
CA SER I 358 -82.83 15.13 8.28
C SER I 358 -82.58 16.42 9.05
N THR I 359 -81.34 16.58 9.50
CA THR I 359 -80.72 17.66 10.26
C THR I 359 -80.83 17.72 11.77
N SER I 360 -81.35 16.59 12.27
CA SER I 360 -81.40 16.36 13.70
C SER I 360 -80.57 15.30 14.44
N VAL I 361 -79.68 15.91 15.22
CA VAL I 361 -78.65 15.19 15.94
C VAL I 361 -78.81 15.02 17.44
N PRO I 362 -78.32 13.87 17.90
CA PRO I 362 -78.00 13.67 19.30
C PRO I 362 -76.86 14.59 19.71
N ALA I 363 -77.24 15.47 20.63
CA ALA I 363 -76.32 16.42 21.22
C ALA I 363 -76.39 16.59 22.73
N PHE I 364 -75.27 17.15 23.21
CA PHE I 364 -75.07 17.68 24.54
C PHE I 364 -74.90 19.19 24.54
N VAL I 365 -75.67 19.81 25.44
CA VAL I 365 -75.61 21.24 25.64
C VAL I 365 -75.32 21.57 27.10
N LEU I 366 -74.27 22.32 27.41
CA LEU I 366 -74.05 22.77 28.76
C LEU I 366 -74.81 24.09 28.94
N ILE I 367 -75.43 24.29 30.11
CA ILE I 367 -76.09 25.53 30.46
C ILE I 367 -75.40 26.25 31.60
N GLN I 368 -75.04 27.51 31.32
CA GLN I 368 -74.14 28.32 32.10
C GLN I 368 -74.67 29.64 32.64
N THR I 369 -75.48 29.43 33.68
CA THR I 369 -76.24 30.52 34.27
C THR I 369 -76.20 30.65 35.79
N SER I 370 -76.10 31.90 36.25
CA SER I 370 -76.32 32.23 37.65
C SER I 370 -77.76 32.27 38.12
N VAL I 371 -78.63 31.78 37.23
CA VAL I 371 -80.04 31.59 37.52
C VAL I 371 -80.32 30.10 37.68
N PRO I 372 -80.51 29.69 38.94
CA PRO I 372 -80.79 28.31 39.28
C PRO I 372 -81.99 27.74 38.54
N ILE I 373 -81.70 26.63 37.84
CA ILE I 373 -82.68 25.89 37.08
C ILE I 373 -84.17 26.02 37.32
N GLN I 374 -84.59 25.97 38.59
CA GLN I 374 -85.98 26.23 38.89
C GLN I 374 -86.58 27.60 38.62
N GLN I 375 -85.63 28.53 38.45
CA GLN I 375 -85.98 29.86 38.02
C GLN I 375 -86.02 30.10 36.52
N VAL I 376 -85.56 29.09 35.78
CA VAL I 376 -85.39 29.25 34.35
C VAL I 376 -86.62 28.98 33.50
N THR I 377 -87.37 30.07 33.36
CA THR I 377 -88.65 30.04 32.68
C THR I 377 -88.83 30.60 31.28
N THR I 378 -88.04 31.62 30.94
CA THR I 378 -87.97 32.14 29.60
C THR I 378 -86.54 32.12 29.08
N ALA I 379 -86.40 32.40 27.77
CA ALA I 379 -85.10 32.60 27.16
C ALA I 379 -84.17 33.57 27.87
N ALA I 380 -84.80 34.60 28.43
CA ALA I 380 -83.97 35.57 29.12
C ALA I 380 -82.98 35.14 30.18
N ASN I 381 -83.51 34.18 30.94
CA ASN I 381 -82.86 33.43 32.00
C ASN I 381 -81.55 32.71 31.71
N ILE I 382 -81.58 32.07 30.55
CA ILE I 382 -80.51 31.14 30.26
C ILE I 382 -79.05 31.49 30.47
N THR I 383 -78.75 32.78 30.27
CA THR I 383 -77.43 33.34 30.15
C THR I 383 -76.75 32.75 28.91
N ALA I 384 -76.23 31.56 29.19
CA ALA I 384 -75.61 30.72 28.18
C ALA I 384 -76.22 29.34 27.96
N ILE I 385 -76.82 29.13 26.79
CA ILE I 385 -76.90 27.79 26.22
C ILE I 385 -75.79 27.48 25.24
N THR I 386 -74.79 26.69 25.65
CA THR I 386 -73.73 26.32 24.73
C THR I 386 -73.87 24.84 24.40
N VAL I 387 -74.21 24.72 23.11
CA VAL I 387 -74.07 23.46 22.40
C VAL I 387 -72.61 23.04 22.27
N VAL I 388 -72.23 22.04 23.07
CA VAL I 388 -70.89 21.53 23.24
C VAL I 388 -70.61 20.31 22.38
N SER I 389 -71.58 19.41 22.54
CA SER I 389 -71.36 18.06 22.05
C SER I 389 -72.26 17.60 20.91
N ALA I 390 -71.85 17.93 19.68
CA ALA I 390 -72.50 17.36 18.53
C ALA I 390 -71.67 16.90 17.34
N ALA I 391 -70.47 17.49 17.21
CA ALA I 391 -69.65 17.40 16.03
C ALA I 391 -70.29 17.89 14.74
N GLY I 392 -70.48 17.06 13.71
CA GLY I 392 -71.16 17.55 12.53
C GLY I 392 -72.65 17.73 12.80
N ALA I 393 -72.95 19.00 13.09
CA ALA I 393 -74.28 19.27 13.60
C ALA I 393 -75.31 19.67 12.55
N SER I 394 -75.64 18.65 11.76
CA SER I 394 -76.73 18.54 10.81
C SER I 394 -77.54 17.29 11.08
N ALA I 395 -77.43 16.29 10.20
CA ALA I 395 -77.85 14.91 10.33
C ALA I 395 -77.84 14.07 9.06
N ILE I 396 -77.83 12.76 9.32
CA ILE I 396 -78.02 11.66 8.41
C ILE I 396 -78.64 10.51 9.20
N ASN I 397 -79.53 9.85 8.44
CA ASN I 397 -80.24 8.66 8.87
C ASN I 397 -79.35 7.46 9.19
N LEU I 398 -78.70 7.59 10.35
CA LEU I 398 -77.88 6.61 11.03
C LEU I 398 -78.62 5.50 11.76
N ALA I 399 -79.91 5.81 11.88
CA ALA I 399 -80.93 4.89 12.34
C ALA I 399 -81.26 3.77 11.37
N ILE I 400 -81.27 2.58 11.97
CA ILE I 400 -81.67 1.41 11.22
C ILE I 400 -83.12 1.46 10.78
N ASN I 401 -83.28 2.31 9.77
CA ASN I 401 -84.59 2.75 9.30
C ASN I 401 -85.45 1.95 8.33
N VAL I 402 -84.72 0.99 7.76
CA VAL I 402 -85.21 0.11 6.72
C VAL I 402 -86.48 -0.65 7.08
N ARG I 403 -86.56 -1.11 8.33
CA ARG I 403 -87.58 -2.05 8.74
C ARG I 403 -88.45 -1.33 9.76
N GLY I 404 -88.52 -0.01 9.53
CA GLY I 404 -89.33 0.78 10.43
C GLY I 404 -88.62 1.27 11.69
N GLN I 405 -87.50 0.62 12.01
CA GLN I 405 -86.81 0.89 13.25
C GLN I 405 -86.25 2.30 13.39
N PRO I 406 -86.31 2.95 14.55
CA PRO I 406 -85.62 4.21 14.72
C PRO I 406 -84.53 3.94 15.76
N ARG I 407 -83.49 3.31 15.21
CA ARG I 407 -82.29 2.93 15.94
C ARG I 407 -81.41 3.79 15.03
N PHE I 408 -81.01 4.76 15.87
CA PHE I 408 -79.69 5.35 15.94
C PHE I 408 -78.30 4.83 16.27
N ASN I 409 -77.47 4.84 15.23
CA ASN I 409 -76.11 4.34 15.19
C ASN I 409 -75.39 4.76 16.47
N MET I 410 -74.42 3.98 16.94
CA MET I 410 -73.64 4.38 18.09
C MET I 410 -72.71 5.56 17.94
N LEU I 411 -73.16 6.65 18.56
CA LEU I 411 -72.30 7.79 18.82
C LEU I 411 -71.50 7.94 20.10
N HIS I 412 -70.29 8.47 19.89
CA HIS I 412 -69.43 8.81 21.01
C HIS I 412 -69.31 10.32 21.16
N LEU I 413 -70.02 10.96 22.10
CA LEU I 413 -69.89 12.37 22.40
C LEU I 413 -68.89 12.67 23.51
N GLN I 414 -68.19 13.81 23.51
CA GLN I 414 -67.27 14.27 24.54
C GLN I 414 -67.49 15.72 24.90
N ALA I 415 -67.67 15.86 26.22
CA ALA I 415 -67.57 17.14 26.89
C ALA I 415 -66.53 17.23 28.00
N THR I 416 -65.33 17.71 27.65
CA THR I 416 -64.34 18.01 28.65
C THR I 416 -64.66 18.83 29.89
N PHE I 417 -65.43 18.22 30.79
CA PHE I 417 -65.74 18.81 32.07
C PHE I 417 -64.56 19.04 33.00
N GLU I 418 -63.98 20.22 32.71
CA GLU I 418 -63.01 20.89 33.55
C GLU I 418 -63.57 22.16 34.18
N ARG I 419 -63.89 21.87 35.44
CA ARG I 419 -64.40 22.96 36.25
C ARG I 419 -63.63 24.27 36.36
N GLU I 420 -62.33 24.14 36.09
CA GLU I 420 -61.44 25.27 35.92
C GLU I 420 -61.72 26.18 34.72
N THR I 421 -62.21 25.56 33.65
CA THR I 421 -62.73 26.31 32.52
C THR I 421 -63.73 27.44 32.77
N ILE I 422 -64.58 27.11 33.74
CA ILE I 422 -65.53 28.09 34.22
C ILE I 422 -65.24 28.61 35.62
N THR I 423 -64.64 27.83 36.50
CA THR I 423 -64.43 28.08 37.92
C THR I 423 -65.66 28.43 38.75
N GLY I 424 -66.75 27.66 38.62
CA GLY I 424 -68.00 28.03 39.23
C GLY I 424 -68.61 29.36 38.80
N ILE I 425 -69.37 29.88 39.77
CA ILE I 425 -69.99 31.18 39.65
C ILE I 425 -71.21 31.42 38.76
N PRO I 426 -71.17 31.08 37.47
CA PRO I 426 -72.40 30.80 36.77
C PRO I 426 -72.87 29.36 36.63
N TYR I 427 -73.39 28.85 37.74
CA TYR I 427 -73.40 27.44 38.05
C TYR I 427 -73.69 26.50 36.89
N ILE I 428 -72.96 25.38 36.88
CA ILE I 428 -72.83 24.57 35.70
C ILE I 428 -73.86 23.46 35.55
N TYR I 429 -74.55 23.55 34.42
CA TYR I 429 -75.53 22.62 33.90
C TYR I 429 -75.31 22.12 32.48
N GLY I 430 -76.02 21.04 32.14
CA GLY I 430 -75.98 20.42 30.84
C GLY I 430 -77.20 19.53 30.67
N LEU I 431 -77.56 19.46 29.38
CA LEU I 431 -78.68 18.69 28.92
C LEU I 431 -78.38 17.77 27.75
N GLY I 432 -79.28 16.85 27.42
CA GLY I 432 -79.16 15.93 26.30
C GLY I 432 -80.28 16.09 25.29
N THR I 433 -80.01 16.16 23.99
CA THR I 433 -81.02 16.40 22.97
C THR I 433 -80.64 16.30 21.50
N PHE I 434 -81.59 15.71 20.76
CA PHE I 434 -81.71 15.84 19.33
C PHE I 434 -81.88 17.26 18.78
N LEU I 435 -80.77 17.99 18.69
CA LEU I 435 -80.71 19.40 18.39
C LEU I 435 -80.72 19.58 16.88
N ILE I 436 -81.47 20.52 16.33
CA ILE I 436 -81.50 20.87 14.92
C ILE I 436 -81.14 22.30 14.56
N PRO I 437 -80.46 22.45 13.42
CA PRO I 437 -80.58 23.71 12.72
C PRO I 437 -81.90 23.99 12.03
N SER I 438 -82.32 22.99 11.25
CA SER I 438 -83.59 23.08 10.57
C SER I 438 -84.89 23.14 11.36
N PRO I 439 -85.56 24.28 11.24
CA PRO I 439 -86.45 24.72 12.28
C PRO I 439 -87.56 23.72 12.60
N THR I 440 -87.74 23.49 13.90
CA THR I 440 -88.74 22.56 14.38
C THR I 440 -90.04 23.14 14.92
N SER I 441 -91.09 22.52 14.41
CA SER I 441 -92.44 22.96 14.70
C SER I 441 -92.92 22.74 16.13
N SER I 442 -92.68 23.78 16.94
CA SER I 442 -93.12 23.75 18.32
C SER I 442 -94.50 23.26 18.72
N SER I 443 -95.47 23.67 17.89
CA SER I 443 -96.83 23.21 17.98
C SER I 443 -96.97 21.72 17.75
N ASN I 444 -96.36 21.31 16.63
CA ASN I 444 -96.14 19.91 16.37
C ASN I 444 -95.43 19.03 17.39
N PHE I 445 -94.12 19.27 17.54
CA PHE I 445 -93.32 18.50 18.47
C PHE I 445 -93.34 19.12 19.86
N SER I 446 -94.52 18.94 20.46
CA SER I 446 -94.72 19.18 21.87
C SER I 446 -93.83 18.52 22.93
N ASN I 447 -93.29 17.34 22.60
CA ASN I 447 -92.26 16.81 23.47
C ASN I 447 -90.96 17.61 23.66
N PRO I 448 -90.58 17.98 24.89
CA PRO I 448 -89.41 18.76 25.21
C PRO I 448 -88.14 18.08 24.70
N THR I 449 -87.72 16.98 25.34
CA THR I 449 -86.81 16.08 24.65
C THR I 449 -86.23 14.80 25.23
N LEU I 450 -86.23 13.93 24.22
CA LEU I 450 -86.05 12.53 24.55
C LEU I 450 -84.94 11.54 24.23
N MET I 451 -83.94 12.42 24.36
CA MET I 451 -82.64 11.84 24.11
C MET I 451 -82.03 11.05 25.27
N ASP I 452 -82.49 9.80 25.38
CA ASP I 452 -82.18 8.85 26.43
C ASP I 452 -81.24 7.66 26.24
N GLY I 453 -79.93 7.88 26.37
CA GLY I 453 -78.98 6.78 26.32
C GLY I 453 -78.02 6.58 27.47
N LEU I 454 -76.73 6.52 27.12
CA LEU I 454 -75.80 6.41 28.22
C LEU I 454 -74.91 7.64 28.37
N LEU I 455 -74.51 7.86 29.62
CA LEU I 455 -73.60 8.89 30.07
C LEU I 455 -72.49 8.35 30.96
N THR I 456 -71.37 8.06 30.29
CA THR I 456 -70.24 7.41 30.92
C THR I 456 -69.28 8.49 31.39
N VAL I 457 -69.43 8.85 32.67
CA VAL I 457 -68.51 9.74 33.36
C VAL I 457 -67.13 9.09 33.39
N THR I 458 -66.18 9.80 32.79
CA THR I 458 -64.75 9.60 32.90
C THR I 458 -64.00 10.34 34.00
N PRO I 459 -63.99 9.95 35.27
CA PRO I 459 -63.30 10.66 36.32
C PRO I 459 -61.78 10.71 36.28
N VAL I 460 -61.38 11.55 35.32
CA VAL I 460 -59.99 11.80 35.02
C VAL I 460 -59.02 12.14 36.14
N LEU I 461 -59.56 13.02 36.98
CA LEU I 461 -58.82 13.57 38.10
C LEU I 461 -58.96 12.60 39.27
N LEU I 462 -58.07 11.62 39.20
CA LEU I 462 -57.77 10.74 40.32
C LEU I 462 -57.23 11.48 41.54
N ARG I 463 -56.86 12.75 41.35
CA ARG I 463 -56.66 13.66 42.46
C ARG I 463 -57.82 14.23 43.26
N GLU I 464 -57.83 13.71 44.49
CA GLU I 464 -58.69 14.23 45.53
C GLU I 464 -60.05 13.56 45.43
N THR I 465 -60.28 12.38 46.01
CA THR I 465 -61.56 11.71 45.85
C THR I 465 -62.64 12.27 46.78
N THR I 466 -63.80 12.45 46.14
CA THR I 466 -65.06 12.95 46.65
C THR I 466 -65.69 11.99 47.66
N TYR I 467 -65.98 12.57 48.82
CA TYR I 467 -66.94 12.05 49.77
C TYR I 467 -68.31 12.70 49.70
N LYS I 468 -69.17 12.06 48.90
CA LYS I 468 -70.57 12.41 48.77
C LYS I 468 -70.81 13.87 48.42
N GLY I 469 -70.50 14.19 47.16
CA GLY I 469 -70.51 15.55 46.69
C GLY I 469 -69.48 16.54 47.20
N GLU I 470 -68.95 16.18 48.37
CA GLU I 470 -67.95 16.98 49.06
C GLU I 470 -66.57 16.70 48.50
N VAL I 471 -66.05 17.52 47.58
CA VAL I 471 -64.71 17.45 47.06
C VAL I 471 -63.66 17.68 48.14
N VAL I 472 -63.29 16.57 48.77
CA VAL I 472 -62.34 16.54 49.86
C VAL I 472 -61.06 15.72 49.72
N ASP I 473 -60.01 16.24 50.37
CA ASP I 473 -58.81 15.44 50.52
C ASP I 473 -58.82 14.27 51.50
N ALA I 474 -60.08 13.92 51.80
CA ALA I 474 -60.38 12.95 52.83
C ALA I 474 -61.25 11.80 52.37
N ILE I 475 -60.84 10.58 52.75
CA ILE I 475 -61.69 9.42 52.63
C ILE I 475 -61.85 8.81 54.02
N VAL I 476 -63.12 8.96 54.42
CA VAL I 476 -63.58 8.48 55.70
C VAL I 476 -64.61 7.37 55.74
N PRO I 477 -64.12 6.13 55.68
CA PRO I 477 -64.96 4.95 55.65
C PRO I 477 -65.97 4.83 56.77
N ALA I 478 -65.49 4.82 58.02
CA ALA I 478 -66.45 4.60 59.08
C ALA I 478 -67.66 5.52 59.14
N THR I 479 -67.57 6.76 58.67
CA THR I 479 -68.71 7.67 58.64
C THR I 479 -69.56 7.50 57.38
N VAL I 480 -68.99 6.89 56.35
CA VAL I 480 -69.78 6.56 55.17
C VAL I 480 -70.94 5.62 55.52
N MET I 481 -70.71 4.73 56.49
CA MET I 481 -71.60 3.73 57.03
C MET I 481 -72.99 4.30 57.30
N ALA I 482 -74.00 3.53 56.91
CA ALA I 482 -75.40 3.87 57.05
C ALA I 482 -75.89 5.22 56.52
N ASN I 483 -75.05 5.75 55.62
CA ASN I 483 -75.42 6.99 54.97
C ASN I 483 -75.56 7.00 53.45
N GLN I 484 -75.88 5.77 53.02
CA GLN I 484 -76.02 5.39 51.63
C GLN I 484 -77.05 4.32 51.31
N THR I 485 -77.94 4.80 50.44
CA THR I 485 -79.00 3.99 49.88
C THR I 485 -78.49 3.28 48.63
N SER I 486 -79.13 2.20 48.18
CA SER I 486 -78.59 1.53 47.02
C SER I 486 -78.47 2.37 45.76
N GLU I 487 -79.57 3.13 45.64
CA GLU I 487 -79.67 4.22 44.69
C GLU I 487 -78.55 5.25 44.64
N GLU I 488 -78.14 5.62 45.85
CA GLU I 488 -77.11 6.61 46.03
C GLU I 488 -75.77 6.09 45.55
N VAL I 489 -75.48 4.88 46.04
CA VAL I 489 -74.29 4.17 45.63
C VAL I 489 -74.19 4.05 44.11
N ALA I 490 -75.26 3.50 43.54
CA ALA I 490 -75.29 3.40 42.09
C ALA I 490 -75.02 4.66 41.27
N SER I 491 -75.71 5.69 41.76
CA SER I 491 -75.57 7.06 41.30
C SER I 491 -74.23 7.77 41.41
N ALA I 492 -73.66 7.50 42.58
CA ALA I 492 -72.37 8.09 42.90
C ALA I 492 -71.22 8.11 41.92
N LEU I 493 -70.48 9.23 41.86
CA LEU I 493 -69.35 9.28 40.96
C LEU I 493 -68.29 8.23 41.25
N ALA I 494 -67.66 7.77 40.16
CA ALA I 494 -66.52 6.90 40.32
C ALA I 494 -65.47 7.17 41.38
N ASN I 495 -65.19 8.46 41.54
CA ASN I 495 -64.30 9.16 42.46
C ASN I 495 -64.79 9.22 43.89
N ASP I 496 -65.65 8.28 44.28
CA ASP I 496 -66.34 8.40 45.55
C ASP I 496 -66.16 7.26 46.56
N ALA I 497 -65.78 7.71 47.76
CA ALA I 497 -65.50 6.83 48.87
C ALA I 497 -65.98 5.39 48.94
N ILE I 498 -67.30 5.28 48.79
CA ILE I 498 -68.04 4.04 48.62
C ILE I 498 -67.38 2.94 47.80
N VAL I 499 -67.03 3.22 46.54
CA VAL I 499 -66.54 2.12 45.75
C VAL I 499 -65.14 1.61 46.07
N LEU I 500 -64.41 2.61 46.57
CA LEU I 500 -63.04 2.44 47.00
C LEU I 500 -62.84 1.50 48.18
N VAL I 501 -63.79 1.71 49.11
CA VAL I 501 -63.97 0.96 50.33
C VAL I 501 -64.37 -0.46 50.00
N SER I 502 -65.40 -0.61 49.16
CA SER I 502 -65.76 -1.94 48.70
C SER I 502 -64.60 -2.68 48.06
N ASN I 503 -63.79 -2.02 47.23
CA ASN I 503 -62.64 -2.65 46.61
C ASN I 503 -61.64 -3.23 47.57
N HIS I 504 -61.35 -2.46 48.63
CA HIS I 504 -60.62 -2.90 49.80
C HIS I 504 -61.23 -4.03 50.61
N LEU I 505 -62.51 -3.91 50.95
CA LEU I 505 -63.44 -4.89 51.46
C LEU I 505 -63.61 -6.21 50.70
N ASN I 506 -63.42 -6.12 49.38
CA ASN I 506 -63.42 -7.30 48.56
C ASN I 506 -62.20 -8.21 48.78
N LYS I 507 -61.03 -7.62 49.01
CA LYS I 507 -59.81 -8.28 49.45
C LYS I 507 -59.86 -8.93 50.83
N LEU I 508 -60.50 -8.23 51.78
CA LEU I 508 -60.88 -8.88 53.01
C LEU I 508 -61.75 -10.12 52.85
N ALA I 509 -62.84 -9.97 52.09
CA ALA I 509 -63.61 -11.14 51.74
C ALA I 509 -62.98 -12.38 51.13
N ASN I 510 -62.07 -12.08 50.20
CA ASN I 510 -61.24 -13.02 49.49
C ASN I 510 -60.42 -13.91 50.40
N VAL I 511 -59.86 -13.19 51.37
CA VAL I 511 -59.07 -13.78 52.43
C VAL I 511 -59.88 -14.76 53.26
N VAL I 512 -61.03 -14.21 53.65
CA VAL I 512 -61.93 -14.90 54.54
C VAL I 512 -62.41 -16.19 53.91
N GLY I 513 -62.81 -16.18 52.64
CA GLY I 513 -63.29 -17.37 51.98
C GLY I 513 -62.40 -18.57 51.66
N ASP I 514 -61.19 -18.16 51.30
CA ASP I 514 -60.08 -19.04 51.01
C ASP I 514 -59.36 -19.68 52.19
N ALA I 515 -59.32 -18.89 53.25
CA ALA I 515 -58.63 -19.25 54.48
C ALA I 515 -59.45 -19.70 55.68
N ILE I 516 -60.57 -19.00 55.83
CA ILE I 516 -61.40 -19.31 56.98
C ILE I 516 -62.56 -20.12 56.41
N PRO I 517 -62.99 -21.23 57.03
CA PRO I 517 -64.08 -22.06 56.56
C PRO I 517 -65.49 -21.59 56.87
N VAL I 518 -65.69 -20.50 56.13
CA VAL I 518 -67.00 -19.92 55.95
C VAL I 518 -67.70 -20.36 54.67
N ALA I 519 -67.28 -21.54 54.23
CA ALA I 519 -68.07 -22.25 53.24
C ALA I 519 -69.34 -23.06 53.51
N SER I 520 -69.83 -24.12 52.89
CA SER I 520 -71.21 -24.47 53.16
C SER I 520 -71.88 -24.89 54.46
N ARG I 521 -71.79 -24.09 55.53
CA ARG I 521 -72.65 -23.95 56.69
C ARG I 521 -71.79 -24.27 57.90
N THR I 522 -70.48 -24.21 57.64
CA THR I 522 -69.52 -24.46 58.69
C THR I 522 -69.27 -23.32 59.67
N ASP I 523 -70.00 -23.36 60.78
CA ASP I 523 -69.72 -22.41 61.84
C ASP I 523 -68.52 -22.81 62.69
N ASP I 524 -67.45 -22.03 62.50
CA ASP I 524 -66.14 -22.11 63.11
C ASP I 524 -65.85 -20.98 64.09
N SER I 525 -65.33 -21.44 65.23
CA SER I 525 -64.66 -20.43 66.04
C SER I 525 -63.90 -19.16 65.70
N ALA I 526 -63.32 -19.35 64.52
CA ALA I 526 -62.88 -18.19 63.78
C ALA I 526 -63.82 -16.99 63.71
N THR I 527 -65.11 -17.30 63.59
CA THR I 527 -66.12 -16.27 63.47
C THR I 527 -66.43 -15.44 64.69
N SER I 528 -65.63 -15.70 65.73
CA SER I 528 -65.80 -15.15 67.05
C SER I 528 -65.69 -13.68 67.41
N ALA I 529 -65.03 -12.96 66.50
CA ALA I 529 -64.74 -11.55 66.51
C ALA I 529 -65.97 -10.66 66.44
N ILE I 530 -66.77 -11.03 65.44
CA ILE I 530 -68.09 -10.42 65.35
C ILE I 530 -69.09 -10.70 66.46
N VAL I 531 -68.96 -11.95 66.91
CA VAL I 531 -69.86 -12.30 67.99
C VAL I 531 -69.51 -11.61 69.31
N SER I 532 -68.23 -11.43 69.60
CA SER I 532 -67.76 -10.76 70.80
C SER I 532 -68.17 -9.30 70.88
N ARG I 533 -68.19 -8.62 69.73
CA ARG I 533 -68.75 -7.29 69.63
C ARG I 533 -70.26 -7.25 69.83
N LEU I 534 -70.92 -8.23 69.20
CA LEU I 534 -72.34 -8.41 69.41
C LEU I 534 -72.75 -8.69 70.85
N ALA I 535 -71.92 -9.56 71.45
CA ALA I 535 -72.27 -9.94 72.81
C ALA I 535 -72.30 -8.81 73.82
N VAL I 536 -71.31 -7.92 73.67
CA VAL I 536 -71.24 -6.78 74.57
C VAL I 536 -72.19 -5.62 74.32
N GLN I 537 -72.37 -5.45 73.01
CA GLN I 537 -73.44 -4.56 72.60
C GLN I 537 -74.87 -4.84 73.03
N HIS I 538 -75.16 -6.14 73.17
CA HIS I 538 -76.50 -6.50 73.57
C HIS I 538 -76.85 -6.25 75.03
N LYS I 539 -76.09 -5.36 75.68
CA LYS I 539 -76.37 -5.21 77.08
C LYS I 539 -77.45 -4.19 77.40
N LEU I 540 -78.59 -4.68 76.93
CA LEU I 540 -79.85 -3.98 77.12
C LEU I 540 -80.46 -4.23 78.49
N SER I 541 -79.93 -3.51 79.48
CA SER I 541 -80.41 -3.70 80.84
C SER I 541 -81.35 -2.55 81.19
N GLN I 542 -82.43 -2.94 81.87
CA GLN I 542 -83.39 -1.97 82.36
C GLN I 542 -83.32 -2.19 83.87
N VAL I 543 -84.51 -2.00 84.48
CA VAL I 543 -84.82 -2.16 85.88
C VAL I 543 -85.51 -3.50 86.13
N GLY I 544 -85.03 -4.20 87.15
CA GLY I 544 -85.65 -5.48 87.43
C GLY I 544 -85.18 -6.63 86.58
N GLN I 545 -86.15 -7.07 85.77
CA GLN I 545 -85.94 -7.98 84.67
C GLN I 545 -85.49 -7.32 83.37
N ALA I 546 -84.17 -7.21 83.23
CA ALA I 546 -83.53 -6.91 81.98
C ALA I 546 -83.70 -8.01 80.95
N SER I 547 -83.28 -7.77 79.70
CA SER I 547 -83.35 -8.57 78.50
C SER I 547 -82.97 -10.00 78.84
N PRO I 548 -83.93 -10.92 78.84
CA PRO I 548 -83.63 -12.32 79.09
C PRO I 548 -83.24 -13.22 77.92
N THR I 549 -82.02 -12.87 77.55
CA THR I 549 -81.34 -13.43 76.40
C THR I 549 -80.46 -14.63 76.73
N PRO I 550 -80.92 -15.87 76.50
CA PRO I 550 -80.17 -17.07 76.78
C PRO I 550 -78.81 -16.91 76.11
N PRO I 551 -77.73 -16.94 76.91
CA PRO I 551 -76.44 -16.42 76.51
C PRO I 551 -75.98 -16.39 75.06
N ASP I 552 -75.39 -15.28 74.62
CA ASP I 552 -75.04 -14.93 73.26
C ASP I 552 -74.49 -15.93 72.27
N TYR I 553 -74.03 -16.98 72.97
CA TYR I 553 -73.16 -17.96 72.37
C TYR I 553 -73.70 -18.90 71.30
N PRO I 554 -74.95 -19.36 71.45
CA PRO I 554 -75.67 -19.94 70.34
C PRO I 554 -76.28 -18.83 69.49
N LEU I 555 -77.14 -18.12 70.21
CA LEU I 555 -78.03 -17.10 69.68
C LEU I 555 -77.53 -16.13 68.62
N LEU I 556 -76.67 -15.22 69.07
CA LEU I 556 -75.94 -14.18 68.38
C LEU I 556 -74.89 -14.71 67.42
N TRP I 557 -74.29 -15.83 67.84
CA TRP I 557 -73.37 -16.58 67.03
C TRP I 557 -73.96 -16.97 65.68
N ARG I 558 -75.17 -17.53 65.72
CA ARG I 558 -75.82 -17.92 64.49
C ARG I 558 -76.29 -16.77 63.60
N ARG I 559 -76.84 -15.75 64.26
CA ARG I 559 -77.19 -14.50 63.65
C ARG I 559 -76.04 -13.79 62.93
N ALA I 560 -74.89 -13.86 63.60
CA ALA I 560 -73.61 -13.33 63.17
C ALA I 560 -72.97 -14.14 62.05
N LYS I 561 -73.08 -15.46 61.93
CA LYS I 561 -72.71 -16.18 60.73
C LYS I 561 -73.50 -15.74 59.51
N ARG I 562 -74.81 -15.73 59.75
CA ARG I 562 -75.73 -15.19 58.77
C ARG I 562 -75.46 -13.88 58.05
N ALA I 563 -75.19 -12.86 58.88
CA ALA I 563 -74.66 -11.58 58.49
C ALA I 563 -73.20 -11.53 58.03
N ALA I 564 -72.27 -12.32 58.57
CA ALA I 564 -71.03 -12.54 57.86
C ALA I 564 -71.01 -12.99 56.40
N SER I 565 -71.84 -14.01 56.23
CA SER I 565 -72.24 -14.70 55.02
C SER I 565 -72.83 -13.71 54.02
N MET I 566 -73.81 -12.91 54.42
CA MET I 566 -74.25 -11.75 53.68
C MET I 566 -73.19 -10.70 53.30
N PHE I 567 -72.33 -10.34 54.25
CA PHE I 567 -71.17 -9.61 53.80
C PHE I 567 -70.28 -10.19 52.72
N VAL I 568 -69.97 -11.48 52.89
CA VAL I 568 -69.19 -12.28 51.97
C VAL I 568 -69.69 -12.47 50.55
N SER I 569 -70.98 -12.84 50.49
CA SER I 569 -71.79 -12.85 49.29
C SER I 569 -72.05 -11.63 48.42
N ASN I 570 -72.03 -10.47 49.09
CA ASN I 570 -71.90 -9.14 48.53
C ASN I 570 -71.31 -8.10 49.48
N PRO I 571 -70.03 -7.81 49.24
CA PRO I 571 -69.36 -6.75 49.97
C PRO I 571 -69.86 -5.34 50.16
N SER I 572 -70.54 -4.87 49.10
CA SER I 572 -71.28 -3.63 49.20
C SER I 572 -72.36 -3.35 50.23
N LEU I 573 -73.03 -4.42 50.65
CA LEU I 573 -73.97 -4.38 51.76
C LEU I 573 -73.54 -3.68 53.03
N ALA I 574 -72.22 -3.65 53.20
CA ALA I 574 -71.57 -2.90 54.25
C ALA I 574 -71.75 -1.39 54.29
N LEU I 575 -71.93 -0.96 53.03
CA LEU I 575 -72.19 0.44 52.77
C LEU I 575 -73.67 0.80 52.66
N GLN I 576 -74.46 -0.27 52.51
CA GLN I 576 -75.89 -0.14 52.33
C GLN I 576 -76.70 -0.09 53.61
N VAL I 577 -77.31 1.11 53.71
CA VAL I 577 -78.34 1.31 54.69
C VAL I 577 -79.27 0.14 54.97
N GLY I 578 -79.46 0.04 56.28
CA GLY I 578 -80.49 -0.82 56.83
C GLY I 578 -80.18 -2.31 56.89
N ILE I 579 -78.92 -2.59 57.24
CA ILE I 579 -78.44 -3.95 57.25
C ILE I 579 -78.41 -4.27 58.74
N PRO I 580 -79.12 -5.28 59.23
CA PRO I 580 -79.33 -5.47 60.65
C PRO I 580 -78.23 -5.07 61.62
N VAL I 581 -77.17 -5.88 61.61
CA VAL I 581 -76.05 -5.73 62.51
C VAL I 581 -74.71 -5.19 61.99
N LEU I 582 -74.48 -5.29 60.68
CA LEU I 582 -73.34 -4.68 60.03
C LEU I 582 -73.26 -3.16 59.93
N THR I 583 -74.42 -2.52 59.94
CA THR I 583 -74.57 -1.10 60.22
C THR I 583 -73.69 -0.54 61.31
N GLN I 584 -73.32 -1.37 62.29
CA GLN I 584 -72.31 -1.10 63.29
C GLN I 584 -70.87 -1.43 62.96
N SER I 585 -70.26 -0.30 62.58
CA SER I 585 -68.88 -0.24 62.14
C SER I 585 -67.79 -0.90 62.96
N GLY I 586 -68.12 -0.96 64.25
CA GLY I 586 -67.43 -1.73 65.28
C GLY I 586 -67.18 -3.18 64.93
N MET I 587 -68.30 -3.80 64.55
CA MET I 587 -68.21 -5.13 64.00
C MET I 587 -67.41 -5.33 62.71
N LEU I 588 -67.38 -4.22 61.95
CA LEU I 588 -66.57 -4.38 60.76
C LEU I 588 -65.09 -4.19 61.07
N SER I 589 -64.76 -3.26 61.97
CA SER I 589 -63.43 -3.09 62.51
C SER I 589 -62.89 -4.35 63.19
N ALA I 590 -63.78 -4.94 63.99
CA ALA I 590 -63.53 -6.22 64.63
C ALA I 590 -63.20 -7.41 63.74
N LEU I 591 -63.89 -7.48 62.59
CA LEU I 591 -63.67 -8.48 61.57
C LEU I 591 -62.32 -8.29 60.89
N THR I 592 -62.15 -7.06 60.42
CA THR I 592 -60.97 -6.56 59.75
C THR I 592 -59.67 -6.92 60.46
N SER I 593 -59.59 -6.45 61.71
CA SER I 593 -58.51 -6.78 62.62
C SER I 593 -58.43 -8.27 62.92
N GLY I 594 -59.58 -8.72 63.43
CA GLY I 594 -59.75 -10.13 63.76
C GLY I 594 -59.13 -11.17 62.85
N VAL I 595 -59.34 -11.01 61.55
CA VAL I 595 -58.80 -11.94 60.58
C VAL I 595 -57.30 -12.22 60.60
N GLY I 596 -56.61 -11.09 60.79
CA GLY I 596 -55.16 -11.19 60.76
C GLY I 596 -54.50 -12.05 61.82
N THR I 597 -54.95 -11.83 63.06
CA THR I 597 -54.69 -12.75 64.14
C THR I 597 -55.03 -14.20 63.87
N ALA I 598 -56.23 -14.39 63.32
CA ALA I 598 -56.72 -15.69 62.87
C ALA I 598 -55.89 -16.45 61.85
N LEU I 599 -55.25 -15.73 60.93
CA LEU I 599 -54.27 -16.24 59.99
C LEU I 599 -53.00 -16.55 60.75
N ARG I 600 -52.46 -15.52 61.41
CA ARG I 600 -51.30 -15.53 62.28
C ARG I 600 -51.08 -16.80 63.09
N THR I 601 -52.01 -17.06 64.01
CA THR I 601 -51.91 -18.21 64.91
C THR I 601 -52.88 -19.36 64.78
N GLY I 602 -53.42 -19.42 63.55
CA GLY I 602 -54.36 -20.46 63.18
C GLY I 602 -53.61 -21.77 62.98
N SER I 603 -54.18 -22.81 63.57
CA SER I 603 -53.54 -24.11 63.41
C SER I 603 -54.10 -24.72 62.13
N LEU I 604 -53.47 -24.41 61.00
CA LEU I 604 -53.76 -24.71 59.62
C LEU I 604 -55.02 -25.47 59.20
N GLY I 605 -55.99 -24.58 58.98
CA GLY I 605 -57.38 -24.94 58.81
C GLY I 605 -57.75 -25.89 57.67
N LYS I 606 -57.96 -27.16 58.02
CA LYS I 606 -58.36 -28.11 57.01
C LYS I 606 -59.69 -28.81 57.28
N GLY I 607 -60.71 -28.16 56.74
CA GLY I 607 -62.06 -28.69 56.89
C GLY I 607 -62.36 -30.16 56.69
N VAL I 608 -62.71 -30.78 57.82
CA VAL I 608 -62.99 -32.20 57.81
C VAL I 608 -63.76 -32.81 56.66
N THR I 609 -64.87 -32.16 56.33
CA THR I 609 -65.66 -32.40 55.13
C THR I 609 -64.80 -32.53 53.88
N ASP I 610 -64.11 -31.40 53.64
CA ASP I 610 -63.32 -31.31 52.43
C ASP I 610 -62.20 -32.33 52.33
N ALA I 611 -61.65 -32.68 53.49
CA ALA I 611 -60.62 -33.70 53.52
C ALA I 611 -61.05 -35.04 52.94
N SER I 612 -62.07 -35.61 53.58
CA SER I 612 -62.74 -36.82 53.14
C SER I 612 -63.16 -36.90 51.69
N GLU I 613 -63.69 -35.73 51.31
CA GLU I 613 -64.08 -35.57 49.93
C GLU I 613 -63.01 -35.56 48.84
N LYS I 614 -61.93 -34.90 49.28
CA LYS I 614 -60.73 -34.90 48.48
C LYS I 614 -60.01 -36.24 48.38
N LEU I 615 -59.95 -36.88 49.55
CA LEU I 615 -59.61 -38.29 49.57
C LEU I 615 -60.26 -39.35 48.70
N ARG I 616 -61.59 -39.24 48.75
CA ARG I 616 -62.49 -40.01 47.93
C ARG I 616 -62.36 -39.71 46.44
N ALA I 617 -62.49 -38.44 46.06
CA ALA I 617 -62.31 -38.08 44.67
C ALA I 617 -60.99 -38.47 44.03
N ARG I 618 -60.00 -38.32 44.91
CA ARG I 618 -58.65 -38.69 44.55
C ARG I 618 -58.32 -40.15 44.23
N GLN I 619 -59.04 -40.90 45.05
CA GLN I 619 -58.95 -42.34 44.92
C GLN I 619 -59.55 -42.84 43.61
N SER I 620 -60.78 -42.40 43.38
CA SER I 620 -61.55 -42.66 42.18
C SER I 620 -60.91 -42.23 40.85
N LEU I 621 -60.19 -41.12 40.95
CA LEU I 621 -59.31 -40.70 39.88
C LEU I 621 -58.19 -41.63 39.44
N THR I 622 -57.46 -42.03 40.48
CA THR I 622 -56.48 -43.10 40.45
C THR I 622 -57.12 -44.35 39.86
N VAL I 623 -58.26 -44.81 40.36
CA VAL I 623 -58.96 -45.94 39.76
C VAL I 623 -59.12 -45.92 38.24
N ALA I 624 -59.76 -44.84 37.79
CA ALA I 624 -59.95 -44.59 36.38
C ALA I 624 -58.63 -44.47 35.63
N LYS I 625 -57.56 -43.90 36.18
CA LYS I 625 -56.24 -43.97 35.58
C LYS I 625 -55.60 -45.33 35.34
N GLN I 626 -55.68 -46.09 36.43
CA GLN I 626 -55.52 -47.52 36.32
C GLN I 626 -56.26 -48.23 35.19
N ALA I 627 -57.58 -48.04 35.20
CA ALA I 627 -58.39 -48.51 34.10
C ALA I 627 -58.01 -48.03 32.71
N PHE I 628 -57.59 -46.77 32.56
CA PHE I 628 -57.00 -46.27 31.33
C PHE I 628 -55.73 -46.95 30.81
N PHE I 629 -54.81 -47.05 31.77
CA PHE I 629 -53.58 -47.77 31.53
C PHE I 629 -53.85 -49.21 31.11
N ASP I 630 -54.82 -49.78 31.82
CA ASP I 630 -55.32 -51.10 31.49
C ASP I 630 -55.76 -51.38 30.06
N GLN I 631 -56.56 -50.41 29.59
CA GLN I 631 -56.97 -50.30 28.21
C GLN I 631 -55.75 -50.20 27.30
N ILE I 632 -54.78 -49.35 27.67
CA ILE I 632 -53.51 -49.25 26.97
C ILE I 632 -52.71 -50.55 26.97
N GLY I 633 -52.67 -51.20 28.14
CA GLY I 633 -52.16 -52.55 28.22
C GLY I 633 -52.76 -53.57 27.24
N SER I 634 -54.08 -53.47 27.10
CA SER I 634 -54.88 -54.24 26.18
C SER I 634 -54.61 -54.09 24.69
N LEU I 635 -54.47 -52.80 24.36
CA LEU I 635 -54.34 -52.43 22.96
C LEU I 635 -52.98 -52.51 22.29
N TRP I 636 -52.01 -52.28 23.19
CA TRP I 636 -50.66 -52.73 22.91
C TRP I 636 -49.89 -53.16 24.15
N PRO I 637 -50.05 -54.45 24.47
CA PRO I 637 -49.32 -55.12 25.54
C PRO I 637 -47.87 -55.13 25.10
N GLY I 638 -47.22 -53.97 25.23
CA GLY I 638 -45.81 -53.81 24.96
C GLY I 638 -44.88 -54.76 25.71
N LYS I 639 -44.32 -55.75 25.01
CA LYS I 639 -43.43 -56.73 25.58
C LYS I 639 -43.81 -57.38 26.90
N THR J 1 -14.56 13.01 49.46
CA THR J 1 -15.42 13.39 48.33
C THR J 1 -14.81 14.34 47.30
N TYR J 2 -15.36 14.15 46.09
CA TYR J 2 -14.94 14.87 44.92
C TYR J 2 -15.92 15.91 44.37
N ASN J 3 -15.36 17.05 43.98
CA ASN J 3 -16.05 18.06 43.22
C ASN J 3 -16.90 17.47 42.10
N ILE J 4 -18.21 17.64 42.23
CA ILE J 4 -19.01 17.07 41.16
C ILE J 4 -18.97 17.63 39.75
N THR J 5 -18.63 18.91 39.85
CA THR J 5 -18.51 19.75 38.66
C THR J 5 -17.20 19.71 37.89
N GLY J 6 -16.79 18.45 37.71
CA GLY J 6 -15.62 18.10 36.92
C GLY J 6 -15.72 17.19 35.71
N ASP J 7 -14.59 16.94 35.03
CA ASP J 7 -14.52 16.20 33.79
C ASP J 7 -13.82 14.85 33.94
N GLY J 8 -14.34 13.95 33.11
CA GLY J 8 -14.03 12.55 33.14
C GLY J 8 -15.15 11.56 33.42
N ASN J 9 -16.22 12.07 34.01
CA ASN J 9 -17.41 11.32 34.38
C ASN J 9 -18.29 10.68 33.32
N SER J 10 -18.34 9.35 33.38
CA SER J 10 -19.08 8.46 32.50
C SER J 10 -20.57 8.39 32.78
N PHE J 11 -21.29 8.41 31.66
CA PHE J 11 -22.72 8.13 31.68
C PHE J 11 -22.97 6.88 30.85
N THR J 12 -22.73 5.83 31.62
CA THR J 12 -22.96 4.48 31.11
C THR J 12 -23.97 3.60 31.84
N PRO J 13 -25.24 3.81 31.49
CA PRO J 13 -26.29 2.86 31.79
C PRO J 13 -26.29 1.58 30.96
N THR J 14 -26.12 0.49 31.70
CA THR J 14 -26.06 -0.88 31.21
C THR J 14 -27.01 -1.81 31.95
N SER J 15 -27.43 -2.79 31.15
CA SER J 15 -28.28 -3.86 31.66
C SER J 15 -27.83 -4.69 32.85
N ASP J 16 -26.49 -4.73 32.78
CA ASP J 16 -25.58 -5.27 33.77
C ASP J 16 -25.65 -4.63 35.14
N MET J 17 -25.87 -3.31 35.05
CA MET J 17 -25.93 -2.37 36.14
C MET J 17 -27.29 -1.72 36.36
N THR J 18 -28.33 -2.56 36.42
CA THR J 18 -29.68 -2.04 36.60
C THR J 18 -29.93 -1.54 38.01
N SER J 19 -29.99 -0.21 37.91
CA SER J 19 -30.41 0.41 39.15
C SER J 19 -30.83 -0.75 40.03
N THR J 20 -30.65 -0.74 41.35
CA THR J 20 -31.16 -1.33 42.58
C THR J 20 -30.54 -0.88 43.88
N ALA J 21 -31.28 -0.92 45.00
CA ALA J 21 -31.06 -0.45 46.34
C ALA J 21 -31.56 -1.60 47.21
N ALA J 22 -31.77 -1.36 48.51
CA ALA J 22 -32.70 -2.22 49.20
C ALA J 22 -34.02 -1.59 49.64
N PRO J 23 -35.03 -1.71 48.78
CA PRO J 23 -36.32 -1.04 48.92
C PRO J 23 -36.94 -1.64 50.18
N ALA J 24 -37.15 -2.94 50.41
CA ALA J 24 -37.85 -3.55 51.52
C ALA J 24 -37.22 -4.93 51.73
N ILE J 25 -37.37 -5.31 53.00
CA ILE J 25 -36.92 -6.66 53.27
C ILE J 25 -37.93 -7.71 53.68
N ASP J 26 -37.67 -9.01 53.53
CA ASP J 26 -38.57 -9.98 54.12
C ASP J 26 -38.69 -10.00 55.64
N LEU J 27 -39.90 -9.76 56.13
CA LEU J 27 -40.22 -9.87 57.54
C LEU J 27 -41.39 -10.75 57.96
N LYS J 28 -41.40 -11.92 57.31
CA LYS J 28 -42.49 -12.85 57.53
C LYS J 28 -42.34 -13.45 58.92
N PRO J 29 -43.41 -13.64 59.69
CA PRO J 29 -43.29 -14.19 61.02
C PRO J 29 -42.51 -15.48 61.20
N GLY J 30 -42.97 -16.36 60.30
CA GLY J 30 -42.30 -17.63 60.06
C GLY J 30 -40.80 -17.51 60.02
N VAL J 31 -40.43 -16.44 59.32
CA VAL J 31 -39.04 -16.15 59.03
C VAL J 31 -38.28 -15.52 60.18
N LEU J 32 -39.01 -14.86 61.08
CA LEU J 32 -38.37 -14.33 62.26
C LEU J 32 -37.64 -15.21 63.26
N ASN J 33 -38.07 -16.48 63.32
CA ASN J 33 -37.64 -17.36 64.39
C ASN J 33 -36.19 -17.72 64.65
N PRO J 34 -35.56 -18.59 63.84
CA PRO J 34 -34.36 -19.26 64.26
C PRO J 34 -33.58 -18.86 65.50
N THR J 35 -33.86 -19.47 66.66
CA THR J 35 -34.84 -20.46 67.07
C THR J 35 -34.97 -20.61 68.59
N GLY J 36 -34.07 -21.41 69.16
CA GLY J 36 -34.03 -21.90 70.54
C GLY J 36 -33.85 -20.79 71.56
N LYS J 37 -34.75 -20.66 72.55
CA LYS J 37 -34.48 -19.77 73.65
C LYS J 37 -33.50 -20.44 74.60
N LEU J 38 -32.67 -19.55 75.16
CA LEU J 38 -31.64 -19.96 76.10
C LEU J 38 -32.06 -20.00 77.56
N TRP J 39 -31.78 -21.20 78.08
CA TRP J 39 -32.10 -21.58 79.43
C TRP J 39 -31.01 -22.05 80.40
N ARG J 40 -31.27 -22.55 81.61
CA ARG J 40 -30.33 -22.90 82.65
C ARG J 40 -30.91 -23.97 83.56
N PRO J 41 -30.09 -24.90 84.07
CA PRO J 41 -30.37 -25.95 85.03
C PRO J 41 -30.68 -25.46 86.44
N VAL J 42 -31.92 -24.96 86.44
CA VAL J 42 -32.50 -24.25 87.56
C VAL J 42 -31.85 -22.90 87.81
N GLY J 43 -30.59 -23.12 88.24
CA GLY J 43 -29.62 -22.09 88.55
C GLY J 43 -28.41 -22.65 89.30
N THR J 44 -28.59 -23.79 89.98
CA THR J 44 -27.52 -24.59 90.52
C THR J 44 -26.64 -25.33 89.52
N SER J 45 -25.65 -26.07 90.00
CA SER J 45 -24.63 -26.78 89.25
C SER J 45 -25.23 -27.86 88.37
N VAL J 46 -24.31 -28.62 87.76
CA VAL J 46 -24.63 -29.61 86.76
C VAL J 46 -25.11 -30.86 87.50
N ALA J 47 -26.44 -30.77 87.66
CA ALA J 47 -27.30 -31.77 88.26
C ALA J 47 -28.78 -31.70 87.90
N THR J 48 -29.26 -30.47 88.04
CA THR J 48 -30.63 -30.15 87.69
C THR J 48 -31.14 -30.13 86.26
N ILE J 49 -30.49 -30.79 85.31
CA ILE J 49 -30.79 -30.92 83.89
C ILE J 49 -32.27 -31.11 83.55
N ASP J 50 -32.83 -31.90 84.47
CA ASP J 50 -34.28 -32.06 84.52
C ASP J 50 -35.22 -30.86 84.49
N SER J 51 -34.65 -29.74 84.95
CA SER J 51 -35.31 -28.47 85.12
C SER J 51 -34.55 -27.34 84.44
N LEU J 52 -35.27 -26.62 83.57
CA LEU J 52 -34.79 -25.34 83.11
C LEU J 52 -35.73 -24.15 83.26
N ALA J 53 -35.10 -23.06 83.68
CA ALA J 53 -35.55 -21.67 83.67
C ALA J 53 -34.90 -20.80 82.61
N ILE J 54 -35.76 -20.07 81.91
CA ILE J 54 -35.21 -19.11 80.98
C ILE J 54 -34.35 -18.02 81.61
N VAL J 55 -33.25 -17.81 80.89
CA VAL J 55 -32.32 -16.73 81.12
C VAL J 55 -33.08 -15.40 81.11
N SER J 56 -32.30 -14.35 81.36
CA SER J 56 -32.80 -13.09 81.86
C SER J 56 -33.42 -12.18 80.81
N ASP J 57 -34.68 -12.55 80.58
CA ASP J 57 -35.63 -11.87 79.73
C ASP J 57 -35.98 -10.48 80.25
N ARG J 58 -35.88 -10.44 81.58
CA ARG J 58 -35.83 -9.25 82.40
C ARG J 58 -35.32 -7.91 81.90
N PHE J 59 -34.11 -8.10 81.39
CA PHE J 59 -33.44 -7.05 80.64
C PHE J 59 -32.39 -7.37 79.59
N GLY J 60 -32.26 -8.66 79.27
CA GLY J 60 -31.14 -9.14 78.48
C GLY J 60 -31.42 -10.61 78.17
N GLN J 61 -30.34 -11.40 78.26
CA GLN J 61 -30.31 -12.78 77.86
C GLN J 61 -31.58 -13.56 77.52
N TYR J 62 -31.75 -13.44 76.20
CA TYR J 62 -32.79 -14.10 75.43
C TYR J 62 -32.24 -15.23 74.57
N SER J 63 -33.05 -15.62 73.59
CA SER J 63 -32.84 -16.68 72.62
C SER J 63 -31.56 -16.64 71.81
N PHE J 64 -31.07 -17.77 71.30
CA PHE J 64 -30.15 -17.84 70.18
C PHE J 64 -30.58 -17.06 68.95
N VAL J 65 -29.81 -16.03 68.58
CA VAL J 65 -30.15 -15.12 67.51
C VAL J 65 -30.29 -15.76 66.13
N ASN J 66 -31.28 -15.26 65.39
CA ASN J 66 -31.57 -15.64 64.02
C ASN J 66 -30.40 -15.24 63.15
N GLU J 67 -29.49 -16.18 62.86
CA GLU J 67 -28.50 -16.10 61.81
C GLU J 67 -28.85 -15.29 60.56
N GLY J 68 -30.05 -15.54 60.03
CA GLY J 68 -30.57 -14.87 58.87
C GLY J 68 -30.96 -13.44 59.20
N MET J 69 -31.59 -13.31 60.37
CA MET J 69 -32.02 -12.00 60.84
C MET J 69 -30.90 -11.02 61.15
N ARG J 70 -29.85 -11.53 61.81
CA ARG J 70 -28.60 -10.81 61.87
C ARG J 70 -27.92 -10.28 60.62
N GLU J 71 -27.82 -11.26 59.71
CA GLU J 71 -27.30 -11.04 58.38
C GLU J 71 -28.11 -10.02 57.59
N THR J 72 -29.43 -10.21 57.57
CA THR J 72 -30.38 -9.25 57.03
C THR J 72 -30.39 -7.81 57.52
N PHE J 73 -30.58 -7.83 58.85
CA PHE J 73 -30.53 -6.60 59.60
C PHE J 73 -29.32 -5.67 59.53
N SER J 74 -28.13 -6.27 59.52
CA SER J 74 -26.83 -5.66 59.30
C SER J 74 -26.84 -5.02 57.92
N LYS J 75 -27.41 -5.69 56.92
CA LYS J 75 -27.56 -5.17 55.58
C LYS J 75 -28.35 -3.89 55.39
N ALA J 76 -29.45 -3.96 56.14
CA ALA J 76 -30.33 -2.83 56.35
C ALA J 76 -29.61 -1.62 56.90
N LEU J 77 -28.79 -1.85 57.92
CA LEU J 77 -27.98 -0.78 58.48
C LEU J 77 -27.05 -0.09 57.48
N PHE J 78 -26.61 -0.87 56.51
CA PHE J 78 -25.79 -0.47 55.38
C PHE J 78 -26.39 0.49 54.35
N ASP J 79 -27.68 0.35 54.06
CA ASP J 79 -28.49 1.39 53.47
C ASP J 79 -28.29 2.80 54.02
N ILE J 80 -28.39 2.95 55.34
CA ILE J 80 -28.17 4.22 56.00
C ILE J 80 -26.76 4.77 55.87
N ASN J 81 -25.83 3.82 55.93
CA ASN J 81 -24.41 3.99 55.72
C ASN J 81 -24.01 4.58 54.37
N MET J 82 -24.83 4.26 53.38
CA MET J 82 -24.74 4.82 52.05
C MET J 82 -24.87 6.33 51.94
N TRP J 83 -25.58 6.82 52.96
CA TRP J 83 -25.66 8.25 53.19
C TRP J 83 -24.96 8.87 54.39
N GLN J 84 -24.00 8.14 54.98
CA GLN J 84 -23.30 8.61 56.15
C GLN J 84 -22.73 10.02 56.24
N PRO J 85 -22.03 10.44 55.18
CA PRO J 85 -21.58 11.81 55.08
C PRO J 85 -22.66 12.90 55.11
N LEU J 86 -23.79 12.47 54.55
CA LEU J 86 -24.95 13.35 54.55
C LEU J 86 -25.73 13.44 55.85
N PHE J 87 -25.99 12.26 56.44
CA PHE J 87 -26.48 12.22 57.80
C PHE J 87 -25.72 13.04 58.82
N GLN J 88 -24.40 12.80 58.75
CA GLN J 88 -23.46 13.50 59.59
C GLN J 88 -23.51 15.02 59.49
N ALA J 89 -23.62 15.42 58.21
CA ALA J 89 -23.74 16.82 57.89
C ALA J 89 -25.04 17.44 58.34
N THR J 90 -26.11 16.64 58.28
CA THR J 90 -27.43 16.96 58.81
C THR J 90 -27.49 16.89 60.33
N LYS J 91 -26.41 16.51 61.00
CA LYS J 91 -26.44 16.27 62.43
C LYS J 91 -27.50 15.45 63.17
N THR J 92 -27.97 14.48 62.39
CA THR J 92 -29.14 13.67 62.70
C THR J 92 -28.85 12.30 63.30
N GLY J 93 -28.02 12.31 64.34
CA GLY J 93 -27.60 11.11 65.02
C GLY J 93 -26.88 10.05 64.20
N CYS J 94 -26.16 10.48 63.16
CA CYS J 94 -25.58 9.60 62.16
C CYS J 94 -24.85 8.30 62.49
N GLY J 95 -24.18 8.36 63.65
CA GLY J 95 -23.29 7.34 64.17
C GLY J 95 -23.65 5.88 63.96
N PRO J 96 -23.02 5.28 62.94
CA PRO J 96 -23.37 3.91 62.63
C PRO J 96 -23.51 2.81 63.67
N ILE J 97 -24.77 2.48 63.94
CA ILE J 97 -25.20 1.60 65.01
C ILE J 97 -24.39 0.44 65.57
N VAL J 98 -23.85 -0.33 64.62
CA VAL J 98 -23.12 -1.55 64.92
C VAL J 98 -23.84 -2.60 65.75
N LEU J 99 -24.77 -3.16 64.96
CA LEU J 99 -25.73 -4.16 65.39
C LEU J 99 -25.22 -5.24 66.32
N SER J 100 -23.99 -5.60 65.96
CA SER J 100 -23.13 -6.54 66.66
C SER J 100 -23.00 -6.35 68.16
N SER J 101 -23.04 -5.08 68.56
CA SER J 101 -22.96 -4.69 69.95
C SER J 101 -24.18 -5.13 70.74
N PHE J 102 -25.29 -5.18 70.00
CA PHE J 102 -26.55 -5.66 70.54
C PHE J 102 -26.82 -7.13 70.79
N THR J 103 -26.28 -7.88 69.83
CA THR J 103 -26.04 -9.31 69.81
C THR J 103 -25.07 -9.81 70.87
N THR J 104 -25.57 -9.94 72.09
CA THR J 104 -24.82 -10.22 73.30
C THR J 104 -24.79 -11.65 73.81
N THR J 105 -23.73 -12.02 74.54
CA THR J 105 -23.49 -13.43 74.80
C THR J 105 -24.62 -14.03 75.62
N THR J 106 -25.14 -15.16 75.17
CA THR J 106 -25.98 -16.08 75.91
C THR J 106 -25.38 -17.48 76.06
N SER J 107 -25.31 -18.07 77.26
CA SER J 107 -24.60 -19.31 77.51
C SER J 107 -25.38 -20.23 78.44
N GLY J 108 -25.77 -21.34 77.81
CA GLY J 108 -26.55 -22.41 78.40
C GLY J 108 -27.33 -23.33 77.47
N TYR J 109 -28.58 -23.62 77.83
CA TYR J 109 -29.37 -24.50 77.00
C TYR J 109 -30.23 -23.93 75.89
N VAL J 110 -30.24 -24.59 74.73
CA VAL J 110 -30.98 -24.18 73.55
C VAL J 110 -32.14 -25.12 73.23
N GLY J 111 -33.32 -24.55 73.45
CA GLY J 111 -34.50 -25.16 72.88
C GLY J 111 -35.81 -24.38 73.01
N ALA J 112 -36.60 -24.73 72.00
CA ALA J 112 -37.97 -24.27 71.90
C ALA J 112 -38.92 -24.36 73.09
N THR J 113 -39.00 -25.59 73.59
CA THR J 113 -39.65 -25.94 74.84
C THR J 113 -38.71 -26.46 75.93
N ALA J 114 -39.02 -26.33 77.21
CA ALA J 114 -38.25 -26.90 78.30
C ALA J 114 -37.87 -28.33 77.94
N GLY J 115 -38.91 -29.10 77.62
CA GLY J 115 -38.77 -30.35 76.92
C GLY J 115 -37.50 -30.63 76.12
N ASP J 116 -37.65 -30.00 74.95
CA ASP J 116 -36.54 -30.02 74.03
C ASP J 116 -35.18 -29.44 74.43
N ALA J 117 -35.34 -28.34 75.16
CA ALA J 117 -34.20 -27.59 75.65
C ALA J 117 -33.28 -28.25 76.67
N LEU J 118 -33.95 -29.13 77.44
CA LEU J 118 -33.27 -29.97 78.40
C LEU J 118 -32.08 -30.76 77.89
N ASP J 119 -32.28 -31.23 76.66
CA ASP J 119 -31.32 -32.01 75.91
C ASP J 119 -30.07 -31.45 75.26
N ASN J 120 -30.24 -30.15 75.00
CA ASN J 120 -29.30 -29.37 74.23
C ASN J 120 -28.70 -28.18 74.97
N PRO J 121 -27.41 -28.20 75.32
CA PRO J 121 -26.83 -26.96 75.82
C PRO J 121 -25.79 -26.44 74.84
N VAL J 122 -25.94 -25.14 74.62
CA VAL J 122 -25.10 -24.35 73.73
C VAL J 122 -24.37 -23.20 74.39
N THR J 123 -23.11 -23.43 74.75
CA THR J 123 -22.27 -22.46 75.43
C THR J 123 -21.70 -21.32 74.59
N ASN J 124 -21.92 -20.19 75.25
CA ASN J 124 -21.49 -18.88 74.83
C ASN J 124 -21.68 -18.46 73.38
N GLY J 125 -22.98 -18.39 73.08
CA GLY J 125 -23.50 -17.82 71.85
C GLY J 125 -23.98 -16.39 72.09
N VAL J 126 -25.10 -16.11 71.41
CA VAL J 126 -25.76 -14.82 71.43
C VAL J 126 -27.28 -14.70 71.34
N PHE J 127 -27.77 -13.75 72.14
CA PHE J 127 -29.11 -13.22 72.26
C PHE J 127 -29.25 -11.74 71.92
N ILE J 128 -30.52 -11.35 71.76
CA ILE J 128 -30.94 -9.95 71.75
C ILE J 128 -32.21 -9.75 72.57
N SER J 129 -32.27 -8.63 73.27
CA SER J 129 -33.36 -8.27 74.15
C SER J 129 -34.46 -7.48 73.45
N THR J 130 -35.68 -7.81 73.84
CA THR J 130 -36.92 -7.12 73.52
C THR J 130 -36.80 -5.61 73.55
N VAL J 131 -36.32 -5.18 74.72
CA VAL J 131 -35.92 -3.82 74.97
C VAL J 131 -34.95 -3.31 73.91
N GLN J 132 -33.85 -4.06 73.78
CA GLN J 132 -32.86 -3.71 72.80
C GLN J 132 -33.27 -3.60 71.33
N ILE J 133 -33.94 -4.66 70.90
CA ILE J 133 -34.57 -4.59 69.59
C ILE J 133 -35.55 -3.43 69.45
N MET J 134 -36.32 -3.11 70.49
CA MET J 134 -37.18 -1.95 70.58
C MET J 134 -36.48 -0.67 70.16
N ASN J 135 -35.39 -0.39 70.88
CA ASN J 135 -34.54 0.77 70.70
C ASN J 135 -33.71 0.81 69.43
N LEU J 136 -33.16 -0.30 68.96
CA LEU J 136 -32.59 -0.57 67.65
C LEU J 136 -33.48 -0.27 66.45
N GLN J 137 -34.62 -0.96 66.46
CA GLN J 137 -35.66 -0.61 65.52
C GLN J 137 -36.06 0.86 65.42
N ARG J 138 -36.29 1.42 66.61
CA ARG J 138 -36.61 2.81 66.86
C ARG J 138 -35.68 3.72 66.07
N THR J 139 -34.37 3.49 66.23
CA THR J 139 -33.31 4.12 65.48
C THR J 139 -33.37 3.97 63.96
N ILE J 140 -33.48 2.72 63.52
CA ILE J 140 -33.61 2.44 62.11
C ILE J 140 -34.78 3.11 61.42
N ALA J 141 -35.94 3.09 62.09
CA ALA J 141 -37.17 3.71 61.65
C ALA J 141 -37.06 5.21 61.46
N ALA J 142 -36.32 5.75 62.43
CA ALA J 142 -36.04 7.17 62.54
C ALA J 142 -35.13 7.69 61.44
N ARG J 143 -34.17 6.82 61.15
CA ARG J 143 -33.21 6.99 60.09
C ARG J 143 -33.88 7.10 58.72
N MET J 144 -34.76 6.12 58.53
CA MET J 144 -35.66 6.03 57.39
C MET J 144 -36.58 7.22 57.20
N ARG J 145 -37.20 7.54 58.34
CA ARG J 145 -37.93 8.80 58.19
C ARG J 145 -37.32 10.18 58.08
N ASP J 146 -36.03 10.07 58.40
CA ASP J 146 -35.17 11.17 58.02
C ASP J 146 -34.70 11.30 56.58
N VAL J 147 -34.66 10.14 55.93
CA VAL J 147 -34.25 10.01 54.54
C VAL J 147 -35.37 10.14 53.52
N ALA J 148 -36.61 10.09 54.03
CA ALA J 148 -37.79 10.06 53.20
C ALA J 148 -38.03 11.13 52.14
N LEU J 149 -37.44 12.28 52.48
CA LEU J 149 -37.32 13.41 51.58
C LEU J 149 -36.21 13.25 50.56
N TRP J 150 -35.13 12.64 51.05
CA TRP J 150 -33.92 12.46 50.27
C TRP J 150 -34.17 11.47 49.14
N GLN J 151 -34.75 10.34 49.54
CA GLN J 151 -35.07 9.25 48.64
C GLN J 151 -35.83 9.74 47.41
N LYS J 152 -36.89 10.49 47.73
CA LYS J 152 -37.77 11.10 46.74
C LYS J 152 -37.03 11.97 45.74
N HIS J 153 -36.26 12.89 46.33
CA HIS J 153 -35.43 13.80 45.57
C HIS J 153 -34.44 13.08 44.67
N LEU J 154 -33.74 12.08 45.22
CA LEU J 154 -32.87 11.21 44.46
C LEU J 154 -33.43 10.54 43.22
N ASP J 155 -34.61 9.95 43.46
CA ASP J 155 -35.54 9.44 42.46
C ASP J 155 -35.97 10.36 41.33
N THR J 156 -36.21 11.61 41.74
CA THR J 156 -36.64 12.55 40.73
C THR J 156 -35.63 12.82 39.63
N ALA J 157 -34.41 13.02 40.11
CA ALA J 157 -33.21 13.17 39.30
C ALA J 157 -33.04 12.07 38.27
N MET J 158 -33.09 10.87 38.87
CA MET J 158 -33.00 9.60 38.19
C MET J 158 -34.08 9.25 37.19
N THR J 159 -35.19 9.96 37.39
CA THR J 159 -36.15 9.96 36.31
C THR J 159 -36.27 11.10 35.31
N MET J 160 -36.01 12.31 35.84
CA MET J 160 -35.97 13.50 35.01
C MET J 160 -35.09 13.61 33.77
N LEU J 161 -34.06 12.76 33.68
CA LEU J 161 -33.49 12.13 32.51
C LEU J 161 -32.93 10.74 32.79
N THR J 162 -33.87 9.82 32.97
CA THR J 162 -33.61 8.44 33.35
C THR J 162 -32.48 7.58 32.84
N PRO J 163 -31.47 7.40 33.70
CA PRO J 163 -30.33 6.55 33.46
C PRO J 163 -30.52 5.04 33.43
N ASP J 164 -31.66 4.63 32.88
CA ASP J 164 -32.00 3.23 33.01
C ASP J 164 -32.07 2.47 31.70
N ILE J 165 -30.97 1.76 31.41
CA ILE J 165 -31.01 0.94 30.21
C ILE J 165 -30.91 -0.50 30.70
N SER J 166 -32.16 -0.94 30.70
CA SER J 166 -32.63 -2.29 30.99
C SER J 166 -32.14 -3.39 30.07
N ALA J 167 -31.71 -2.92 28.90
CA ALA J 167 -31.26 -3.77 27.82
C ALA J 167 -30.11 -3.24 26.97
N GLY J 168 -28.98 -3.86 27.26
CA GLY J 168 -27.72 -3.48 26.67
C GLY J 168 -26.90 -2.40 27.36
N SER J 169 -26.75 -1.34 26.56
CA SER J 169 -25.87 -0.24 26.91
C SER J 169 -26.16 1.01 26.11
N ALA J 170 -26.15 2.10 26.88
CA ALA J 170 -26.22 3.47 26.42
C ALA J 170 -25.02 4.27 26.94
N SER J 171 -24.64 5.27 26.15
CA SER J 171 -23.67 6.27 26.53
C SER J 171 -23.85 7.66 25.92
N CYS J 172 -23.65 8.70 26.74
CA CYS J 172 -23.77 10.09 26.34
C CYS J 172 -22.97 10.96 27.28
N ASN J 173 -22.53 12.17 26.89
CA ASN J 173 -21.82 13.12 27.74
C ASN J 173 -22.52 13.41 29.05
N TRP J 174 -21.97 12.92 30.17
CA TRP J 174 -22.54 13.16 31.48
C TRP J 174 -22.60 14.62 31.89
N LYS J 175 -21.54 15.29 31.44
CA LYS J 175 -21.42 16.74 31.48
C LYS J 175 -22.54 17.58 30.90
N SER J 176 -22.79 17.22 29.64
CA SER J 176 -23.96 17.63 28.88
C SER J 176 -25.33 17.47 29.52
N LEU J 177 -25.54 16.25 30.02
CA LEU J 177 -26.66 15.81 30.83
C LEU J 177 -26.82 16.57 32.14
N LEU J 178 -25.73 16.50 32.91
CA LEU J 178 -25.59 17.26 34.13
C LEU J 178 -25.86 18.76 34.11
N ALA J 179 -25.34 19.38 33.05
CA ALA J 179 -25.54 20.81 32.92
C ALA J 179 -26.95 21.18 32.48
N PHE J 180 -27.55 20.38 31.60
CA PHE J 180 -28.94 20.57 31.25
C PHE J 180 -29.90 20.32 32.39
N ALA J 181 -29.61 19.30 33.20
CA ALA J 181 -30.23 19.05 34.49
C ALA J 181 -30.28 20.30 35.36
N LYS J 182 -29.10 20.87 35.54
CA LYS J 182 -29.03 22.04 36.39
C LYS J 182 -29.52 23.39 35.88
N ASP J 183 -29.76 23.36 34.57
CA ASP J 183 -30.43 24.38 33.79
C ASP J 183 -31.95 24.28 33.68
N ILE J 184 -32.39 23.04 33.85
CA ILE J 184 -33.82 22.74 33.79
C ILE J 184 -34.31 22.51 35.21
N LEU J 185 -33.65 21.88 36.18
CA LEU J 185 -34.18 21.46 37.47
C LEU J 185 -34.76 22.51 38.41
N PRO J 186 -35.84 22.14 39.09
CA PRO J 186 -36.43 23.11 40.00
C PRO J 186 -35.48 23.43 41.15
N LEU J 187 -35.36 24.75 41.25
CA LEU J 187 -34.66 25.37 42.35
C LEU J 187 -34.95 24.92 43.78
N ASP J 188 -36.25 24.71 44.02
CA ASP J 188 -36.69 24.17 45.29
C ASP J 188 -36.27 22.77 45.73
N ASN J 189 -35.73 22.00 44.79
CA ASN J 189 -35.13 20.71 45.06
C ASN J 189 -33.96 20.71 46.03
N LEU J 190 -33.99 19.65 46.84
CA LEU J 190 -32.85 19.27 47.65
C LEU J 190 -31.53 18.90 46.98
N CYS J 191 -31.76 18.43 45.75
CA CYS J 191 -30.69 18.21 44.80
C CYS J 191 -29.83 19.40 44.40
N LEU J 192 -30.51 20.54 44.32
CA LEU J 192 -29.74 21.74 44.11
C LEU J 192 -28.98 22.40 45.27
N THR J 193 -29.45 22.12 46.49
CA THR J 193 -28.72 22.43 47.70
C THR J 193 -27.57 21.48 47.97
N TYR J 194 -27.86 20.20 47.74
CA TYR J 194 -26.91 19.15 48.07
C TYR J 194 -26.23 18.42 46.91
N PRO J 195 -25.80 19.13 45.87
CA PRO J 195 -25.40 18.47 44.64
C PRO J 195 -24.43 17.30 44.74
N ASN J 196 -23.35 17.70 45.43
CA ASN J 196 -22.18 16.98 45.88
C ASN J 196 -22.47 15.69 46.63
N GLU J 197 -23.29 15.77 47.69
CA GLU J 197 -23.80 14.57 48.32
C GLU J 197 -24.62 13.64 47.44
N PHE J 198 -25.63 14.19 46.75
CA PHE J 198 -26.57 13.39 45.98
C PHE J 198 -25.95 12.54 44.89
N TYR J 199 -25.04 13.21 44.20
CA TYR J 199 -24.16 12.64 43.21
C TYR J 199 -23.24 11.52 43.68
N ASN J 200 -22.57 11.78 44.81
CA ASN J 200 -21.80 10.80 45.56
C ASN J 200 -22.58 9.54 45.89
N VAL J 201 -23.74 9.76 46.49
CA VAL J 201 -24.70 8.71 46.75
C VAL J 201 -25.12 7.95 45.50
N ALA J 202 -25.65 8.73 44.55
CA ALA J 202 -25.88 8.18 43.24
C ALA J 202 -24.83 7.26 42.63
N ILE J 203 -23.62 7.81 42.66
CA ILE J 203 -22.46 7.03 42.26
C ILE J 203 -22.26 5.77 43.07
N HIS J 204 -22.58 5.84 44.36
CA HIS J 204 -22.43 4.71 45.27
C HIS J 204 -23.45 3.59 45.12
N ARG J 205 -24.59 3.97 44.56
CA ARG J 205 -25.70 3.10 44.24
C ARG J 205 -25.78 2.56 42.82
N TYR J 206 -25.44 3.49 41.93
CA TYR J 206 -25.48 3.28 40.49
C TYR J 206 -24.07 3.08 39.96
N PRO J 207 -23.53 1.85 39.88
CA PRO J 207 -22.23 1.49 39.33
C PRO J 207 -22.13 1.96 37.89
N ALA J 208 -23.30 2.09 37.27
CA ALA J 208 -23.53 2.73 35.98
C ALA J 208 -23.08 4.15 35.68
N LEU J 209 -22.69 4.80 36.78
CA LEU J 209 -22.29 6.19 36.85
C LEU J 209 -20.95 6.39 37.53
N LYS J 210 -20.14 7.30 36.98
CA LYS J 210 -18.84 7.62 37.54
C LYS J 210 -18.63 9.02 38.07
N PRO J 211 -17.82 9.24 39.11
CA PRO J 211 -17.51 10.59 39.53
C PRO J 211 -16.89 11.53 38.50
N GLY J 212 -17.35 12.79 38.52
CA GLY J 212 -16.69 13.90 37.86
C GLY J 212 -15.26 13.83 37.32
N ASN J 213 -14.39 14.48 38.08
CA ASN J 213 -12.96 14.53 37.87
C ASN J 213 -11.92 14.13 38.90
N PRO J 214 -12.31 13.29 39.86
CA PRO J 214 -11.56 13.16 41.08
C PRO J 214 -10.05 12.97 41.04
N ASP J 215 -9.67 12.04 40.16
CA ASP J 215 -8.43 12.01 39.40
C ASP J 215 -8.78 11.81 37.93
N THR J 216 -8.79 12.90 37.16
CA THR J 216 -9.14 12.82 35.76
C THR J 216 -8.40 11.74 34.97
N LYS J 217 -7.25 11.37 35.54
CA LYS J 217 -6.50 10.14 35.32
C LYS J 217 -7.25 8.82 35.22
N LEU J 218 -7.92 8.71 36.38
CA LEU J 218 -8.87 7.69 36.76
C LEU J 218 -10.13 8.18 37.46
N PRO J 219 -11.11 8.53 36.63
CA PRO J 219 -12.44 8.79 37.16
C PRO J 219 -13.30 7.55 37.23
N ASP J 220 -12.98 6.58 36.37
CA ASP J 220 -13.72 5.37 36.10
C ASP J 220 -13.11 4.17 36.81
N ALA J 221 -14.02 3.26 37.16
CA ALA J 221 -13.68 1.99 37.76
C ALA J 221 -14.63 0.86 37.35
N GLN J 222 -14.18 -0.38 37.57
CA GLN J 222 -15.01 -1.56 37.37
C GLN J 222 -15.63 -2.28 38.56
N ALA J 223 -14.89 -2.02 39.63
CA ALA J 223 -15.38 -2.29 40.97
C ALA J 223 -15.99 -1.09 41.68
N HIS J 224 -17.22 -1.39 42.10
CA HIS J 224 -18.14 -0.40 42.62
C HIS J 224 -18.48 -0.94 44.00
N PRO J 225 -19.65 -0.73 44.60
CA PRO J 225 -19.81 -1.43 45.86
C PRO J 225 -20.30 -2.86 45.66
N LEU J 226 -21.17 -3.30 46.57
CA LEU J 226 -21.76 -4.63 46.47
C LEU J 226 -22.76 -4.81 45.33
N GLY J 227 -23.70 -3.87 45.24
CA GLY J 227 -24.67 -3.80 44.17
C GLY J 227 -24.65 -4.85 43.07
N GLU J 228 -23.69 -4.67 42.16
CA GLU J 228 -23.25 -5.62 41.15
C GLU J 228 -23.85 -7.02 41.05
N VAL J 229 -23.67 -7.74 42.16
CA VAL J 229 -24.23 -9.04 42.41
C VAL J 229 -25.70 -9.16 42.03
N ALA J 230 -26.52 -8.43 42.78
CA ALA J 230 -27.92 -8.34 42.43
C ALA J 230 -28.32 -7.89 41.04
N GLY J 231 -27.40 -7.09 40.48
CA GLY J 231 -27.59 -6.62 39.13
C GLY J 231 -27.47 -7.62 37.99
N ALA J 232 -26.46 -8.48 38.14
CA ALA J 232 -26.27 -9.60 37.25
C ALA J 232 -27.39 -10.58 36.97
N PHE J 233 -28.13 -10.78 38.06
CA PHE J 233 -29.43 -11.41 37.99
C PHE J 233 -30.67 -10.80 37.35
N ASN J 234 -30.67 -9.47 37.36
CA ASN J 234 -31.59 -8.76 36.51
C ASN J 234 -31.20 -8.51 35.06
N ALA J 235 -29.95 -8.78 34.70
CA ALA J 235 -29.45 -8.63 33.35
C ALA J 235 -29.64 -9.77 32.37
N ALA J 236 -30.26 -9.35 31.27
CA ALA J 236 -30.58 -10.26 30.19
C ALA J 236 -29.48 -11.10 29.59
N THR J 237 -29.74 -12.40 29.48
CA THR J 237 -28.80 -13.41 29.06
C THR J 237 -29.21 -13.85 27.66
N SER J 238 -28.32 -14.57 26.97
CA SER J 238 -28.50 -15.38 25.78
C SER J 238 -29.71 -16.22 25.41
N GLU J 239 -30.29 -16.73 26.50
CA GLU J 239 -31.50 -17.52 26.41
C GLU J 239 -32.75 -17.11 27.18
N VAL J 240 -32.49 -16.42 28.29
CA VAL J 240 -33.50 -15.73 29.06
C VAL J 240 -33.40 -14.22 29.21
N GLY J 241 -34.55 -13.54 29.20
CA GLY J 241 -34.77 -12.22 29.77
C GLY J 241 -34.26 -12.16 31.21
N SER J 242 -35.16 -12.27 32.18
CA SER J 242 -34.77 -12.14 33.56
C SER J 242 -34.95 -13.43 34.34
N LEU J 243 -33.84 -13.86 34.94
CA LEU J 243 -33.78 -14.97 35.87
C LEU J 243 -34.70 -14.96 37.08
N VAL J 244 -34.65 -13.82 37.78
CA VAL J 244 -35.63 -13.54 38.80
C VAL J 244 -37.09 -13.60 38.38
N GLY J 245 -37.28 -13.01 37.20
CA GLY J 245 -38.59 -12.97 36.58
C GLY J 245 -39.34 -14.30 36.50
N SER J 246 -38.77 -15.08 35.58
CA SER J 246 -39.24 -16.41 35.26
C SER J 246 -39.36 -17.34 36.46
N SER J 247 -38.41 -17.17 37.39
CA SER J 247 -38.43 -17.87 38.66
C SER J 247 -39.60 -17.53 39.55
N SER J 248 -39.81 -16.23 39.80
CA SER J 248 -40.97 -15.66 40.45
C SER J 248 -42.31 -16.05 39.86
N THR J 249 -42.41 -15.81 38.55
CA THR J 249 -43.55 -16.02 37.70
C THR J 249 -43.98 -17.45 37.99
N LEU J 250 -43.09 -18.38 37.66
CA LEU J 250 -43.40 -19.80 37.83
C LEU J 250 -43.83 -20.18 39.24
N SER J 251 -43.11 -19.62 40.22
CA SER J 251 -43.42 -19.84 41.62
C SER J 251 -44.81 -19.35 42.00
N GLN J 252 -45.28 -18.18 41.55
CA GLN J 252 -46.65 -17.72 41.64
C GLN J 252 -47.73 -18.61 41.07
N ALA J 253 -47.39 -19.21 39.92
CA ALA J 253 -48.19 -20.25 39.30
C ALA J 253 -48.38 -21.53 40.12
N ILE J 254 -47.27 -22.13 40.55
CA ILE J 254 -47.26 -23.16 41.57
C ILE J 254 -48.18 -22.83 42.73
N SER J 255 -47.86 -21.72 43.39
CA SER J 255 -48.61 -21.46 44.60
C SER J 255 -50.12 -21.25 44.55
N THR J 256 -50.52 -20.71 43.40
CA THR J 256 -51.90 -20.77 42.99
C THR J 256 -52.43 -22.17 42.72
N MET J 257 -51.63 -23.03 42.08
CA MET J 257 -52.00 -24.44 42.01
C MET J 257 -52.21 -25.14 43.34
N ALA J 258 -51.29 -24.80 44.24
CA ALA J 258 -51.27 -25.19 45.63
C ALA J 258 -52.46 -24.92 46.53
N GLY J 259 -52.87 -23.66 46.31
CA GLY J 259 -54.08 -23.13 46.92
C GLY J 259 -55.41 -23.63 46.36
N LYS J 260 -55.37 -23.97 45.07
CA LYS J 260 -56.51 -24.66 44.47
C LYS J 260 -56.74 -26.08 44.92
N ASP J 261 -55.61 -26.66 45.35
CA ASP J 261 -55.34 -28.04 45.72
C ASP J 261 -55.66 -29.15 44.74
N LEU J 262 -55.57 -28.76 43.46
CA LEU J 262 -55.82 -29.60 42.31
C LEU J 262 -57.06 -30.47 42.16
N ASP J 263 -57.04 -31.41 43.11
CA ASP J 263 -57.96 -32.50 43.38
C ASP J 263 -59.40 -32.09 43.10
N LEU J 264 -59.74 -30.88 43.57
CA LEU J 264 -60.97 -30.23 43.18
C LEU J 264 -61.83 -30.64 41.99
N ILE J 265 -61.20 -30.79 40.83
CA ILE J 265 -61.84 -31.27 39.61
C ILE J 265 -62.25 -32.73 39.60
N GLU J 266 -61.59 -33.61 40.35
CA GLU J 266 -61.79 -35.04 40.28
C GLU J 266 -62.76 -35.56 41.34
N ALA J 267 -63.93 -34.93 41.15
CA ALA J 267 -64.94 -35.12 42.17
C ALA J 267 -66.29 -35.46 41.56
N ASP J 268 -66.58 -36.76 41.66
CA ASP J 268 -67.87 -37.33 41.30
C ASP J 268 -68.98 -37.39 42.34
N THR J 269 -68.52 -37.89 43.48
CA THR J 269 -69.30 -38.28 44.64
C THR J 269 -68.98 -37.21 45.68
N PRO J 270 -69.92 -36.80 46.52
CA PRO J 270 -69.91 -35.62 47.36
C PRO J 270 -68.64 -34.97 47.92
N LEU J 271 -68.26 -33.85 47.31
CA LEU J 271 -67.24 -32.97 47.87
C LEU J 271 -67.83 -31.70 48.46
N PRO J 272 -67.50 -31.54 49.75
CA PRO J 272 -68.18 -30.54 50.53
C PRO J 272 -68.10 -29.06 50.20
N VAL J 273 -69.29 -28.47 50.02
CA VAL J 273 -69.49 -27.09 49.64
C VAL J 273 -68.49 -26.00 50.01
N SER J 274 -68.36 -26.05 51.33
CA SER J 274 -67.47 -25.18 52.07
C SER J 274 -66.00 -25.09 51.66
N VAL J 275 -65.56 -26.31 51.32
CA VAL J 275 -64.29 -26.69 50.75
C VAL J 275 -64.06 -26.23 49.31
N PHE J 276 -65.05 -26.57 48.49
CA PHE J 276 -65.00 -26.17 47.09
C PHE J 276 -65.33 -24.70 46.89
N THR J 277 -66.31 -24.09 47.53
CA THR J 277 -66.81 -22.75 47.25
C THR J 277 -65.96 -21.69 47.93
N PRO J 278 -65.38 -20.72 47.22
CA PRO J 278 -64.90 -19.53 47.89
C PRO J 278 -66.03 -18.53 48.10
N SER J 279 -65.78 -17.29 47.67
CA SER J 279 -66.69 -16.17 47.68
C SER J 279 -67.54 -15.95 46.44
N LEU J 280 -68.82 -15.75 46.78
CA LEU J 280 -69.85 -15.58 45.79
C LEU J 280 -70.49 -14.23 45.54
N ALA J 281 -70.84 -13.93 44.28
CA ALA J 281 -71.57 -12.74 43.90
C ALA J 281 -72.97 -12.85 43.35
N PRO J 282 -73.86 -11.86 43.49
CA PRO J 282 -75.15 -11.82 42.83
C PRO J 282 -75.08 -11.97 41.32
N ARG J 283 -76.15 -12.44 40.66
CA ARG J 283 -76.27 -12.45 39.21
C ARG J 283 -77.59 -11.86 38.75
N SER J 284 -77.62 -11.52 37.47
CA SER J 284 -78.70 -10.80 36.83
C SER J 284 -79.37 -11.62 35.75
N TYR J 285 -80.68 -11.86 35.86
CA TYR J 285 -81.42 -12.64 34.90
C TYR J 285 -82.63 -11.86 34.39
N ARG J 286 -83.13 -12.31 33.24
CA ARG J 286 -84.34 -11.73 32.71
C ARG J 286 -85.59 -12.62 32.71
N PRO J 287 -86.74 -11.99 32.99
CA PRO J 287 -87.99 -12.57 32.54
C PRO J 287 -88.13 -12.72 31.03
N ALA J 288 -88.67 -11.65 30.45
CA ALA J 288 -88.53 -11.40 29.02
C ALA J 288 -88.64 -12.56 28.05
N PHE J 289 -87.45 -13.08 27.72
CA PHE J 289 -87.32 -14.19 26.79
C PHE J 289 -86.48 -15.32 27.36
N ILE J 290 -86.51 -15.52 28.68
CA ILE J 290 -85.87 -16.68 29.25
C ILE J 290 -86.60 -17.97 28.89
N LYS J 291 -86.00 -19.15 29.07
CA LYS J 291 -86.71 -20.31 28.56
C LYS J 291 -87.17 -21.30 29.62
N PRO J 292 -88.49 -21.24 29.83
CA PRO J 292 -89.10 -22.11 30.81
C PRO J 292 -88.64 -23.56 30.94
N GLU J 293 -88.36 -24.15 29.78
CA GLU J 293 -87.82 -25.49 29.68
C GLU J 293 -86.49 -25.70 30.39
N ASP J 294 -85.62 -24.70 30.29
CA ASP J 294 -84.26 -24.80 30.79
C ASP J 294 -84.03 -24.30 32.21
N ALA J 295 -84.89 -23.35 32.56
CA ALA J 295 -84.70 -22.53 33.75
C ALA J 295 -85.42 -23.04 34.99
N LYS J 296 -84.71 -23.92 35.69
CA LYS J 296 -85.21 -24.47 36.93
C LYS J 296 -86.07 -23.66 37.90
N TRP J 297 -85.52 -22.57 38.43
CA TRP J 297 -86.21 -21.58 39.22
C TRP J 297 -87.11 -20.52 38.59
N ILE J 298 -87.24 -20.54 37.27
CA ILE J 298 -88.00 -19.58 36.49
C ILE J 298 -88.51 -20.10 35.15
N ALA J 299 -89.82 -20.39 35.19
CA ALA J 299 -90.68 -20.90 34.15
C ALA J 299 -91.81 -19.92 33.84
N GLU J 300 -92.79 -20.33 33.03
CA GLU J 300 -93.96 -19.51 32.73
C GLU J 300 -95.29 -20.24 32.88
N PHE J 301 -96.33 -19.51 33.28
CA PHE J 301 -97.71 -19.81 32.94
C PHE J 301 -98.02 -19.76 31.45
N ASN J 302 -98.93 -20.66 31.07
CA ASN J 302 -99.24 -20.97 29.69
C ASN J 302 -100.51 -20.33 29.14
N ASN J 303 -100.48 -19.88 27.88
CA ASN J 303 -101.60 -19.19 27.27
C ASN J 303 -102.84 -20.08 27.37
N SER J 304 -103.95 -19.36 27.54
CA SER J 304 -105.27 -19.86 27.90
C SER J 304 -105.54 -20.18 29.36
N SER J 305 -106.35 -19.29 29.94
CA SER J 305 -107.07 -19.42 31.18
C SER J 305 -108.08 -18.32 31.51
N LEU J 306 -107.39 -17.21 31.79
CA LEU J 306 -107.76 -15.82 31.95
C LEU J 306 -108.22 -15.48 33.36
N ILE J 307 -107.20 -15.14 34.15
CA ILE J 307 -107.59 -14.63 35.45
C ILE J 307 -107.27 -13.14 35.38
N ARG J 308 -108.40 -12.48 35.08
CA ARG J 308 -108.44 -11.05 34.89
C ARG J 308 -108.65 -10.22 36.15
N LYS J 309 -109.89 -10.00 36.57
CA LYS J 309 -110.07 -9.17 37.73
C LYS J 309 -109.93 -9.84 39.09
N THR J 310 -108.86 -9.37 39.72
CA THR J 310 -108.54 -9.67 41.10
C THR J 310 -108.44 -8.46 42.01
N LEU J 311 -109.18 -8.42 43.13
CA LEU J 311 -109.00 -7.44 44.16
C LEU J 311 -107.56 -7.48 44.66
N THR J 312 -106.95 -6.30 44.65
CA THR J 312 -105.57 -6.04 45.04
C THR J 312 -105.25 -5.31 46.33
N TYR J 313 -106.20 -4.45 46.70
CA TYR J 313 -106.20 -3.58 47.85
C TYR J 313 -107.64 -3.38 48.32
N SER J 314 -107.72 -2.55 49.36
CA SER J 314 -108.99 -2.25 49.99
C SER J 314 -109.86 -1.54 48.95
N GLY J 315 -110.77 -2.43 48.55
CA GLY J 315 -111.82 -2.15 47.58
C GLY J 315 -111.41 -1.54 46.25
N ALA J 316 -110.24 -2.04 45.87
CA ALA J 316 -109.43 -1.53 44.80
C ALA J 316 -108.97 -2.74 44.00
N THR J 317 -108.93 -2.58 42.68
CA THR J 317 -108.82 -3.66 41.73
C THR J 317 -107.83 -3.46 40.58
N TYR J 318 -107.13 -4.55 40.24
CA TYR J 318 -106.22 -4.72 39.12
C TYR J 318 -106.44 -6.00 38.33
N THR J 319 -106.36 -5.82 37.00
CA THR J 319 -106.40 -7.01 36.19
C THR J 319 -105.04 -7.66 35.96
N VAL J 320 -104.83 -8.72 36.74
CA VAL J 320 -103.61 -9.43 36.46
C VAL J 320 -103.56 -10.18 35.13
N GLN J 321 -104.79 -10.45 34.68
CA GLN J 321 -105.19 -10.76 33.33
C GLN J 321 -104.61 -11.95 32.58
N LEU J 322 -104.27 -12.95 33.40
CA LEU J 322 -103.50 -14.15 33.19
C LEU J 322 -103.82 -15.01 31.97
N GLY J 323 -102.92 -14.91 30.99
CA GLY J 323 -103.03 -15.65 29.75
C GLY J 323 -101.78 -15.77 28.90
N PRO J 324 -101.70 -15.12 27.74
CA PRO J 324 -100.61 -15.24 26.79
C PRO J 324 -99.26 -14.78 27.33
N GLY J 325 -98.39 -15.61 27.92
CA GLY J 325 -97.03 -15.43 28.37
C GLY J 325 -96.79 -14.37 29.45
N PRO J 326 -97.67 -14.39 30.45
CA PRO J 326 -97.65 -13.39 31.50
C PRO J 326 -96.40 -13.34 32.35
N THR J 327 -95.48 -12.49 31.85
CA THR J 327 -94.16 -12.24 32.37
C THR J 327 -93.44 -13.56 32.63
N ARG J 328 -93.21 -13.96 33.88
CA ARG J 328 -92.61 -15.22 34.26
C ARG J 328 -93.05 -15.62 35.66
N VAL J 329 -92.99 -16.93 35.90
CA VAL J 329 -93.28 -17.48 37.21
C VAL J 329 -91.98 -17.96 37.85
N ILE J 330 -91.71 -17.09 38.84
CA ILE J 330 -90.44 -17.31 39.49
C ILE J 330 -90.60 -18.39 40.54
N ASP J 331 -89.97 -19.53 40.26
CA ASP J 331 -90.07 -20.74 41.07
C ASP J 331 -89.09 -20.84 42.22
N MET J 332 -89.46 -20.13 43.28
CA MET J 332 -88.65 -20.00 44.47
C MET J 332 -89.05 -20.97 45.57
N ASN J 333 -89.52 -22.13 45.12
CA ASN J 333 -89.76 -23.26 46.00
C ASN J 333 -88.57 -24.15 46.35
N ALA J 334 -88.02 -23.67 47.47
CA ALA J 334 -86.81 -24.13 48.12
C ALA J 334 -85.56 -24.19 47.26
N MET J 335 -85.35 -22.96 46.78
CA MET J 335 -84.28 -22.63 45.86
C MET J 335 -83.25 -21.78 46.57
N ILE J 336 -82.58 -22.38 47.56
CA ILE J 336 -81.69 -21.74 48.50
C ILE J 336 -82.16 -20.42 49.11
N ASP J 337 -81.32 -19.63 49.78
CA ASP J 337 -81.73 -18.31 50.22
C ASP J 337 -81.09 -17.11 49.53
N SER J 338 -81.92 -16.31 48.87
CA SER J 338 -81.71 -15.19 47.97
C SER J 338 -82.53 -13.95 48.29
N VAL J 339 -82.11 -12.84 47.68
CA VAL J 339 -82.90 -11.62 47.74
C VAL J 339 -83.27 -11.17 46.34
N LEU J 340 -84.56 -11.27 46.01
CA LEU J 340 -85.04 -11.02 44.67
C LEU J 340 -85.02 -9.53 44.34
N THR J 341 -83.82 -9.13 43.94
CA THR J 341 -83.48 -7.78 43.56
C THR J 341 -83.96 -7.41 42.17
N LEU J 342 -85.20 -6.93 42.05
CA LEU J 342 -85.88 -6.61 40.80
C LEU J 342 -85.54 -5.18 40.43
N ASP J 343 -84.92 -5.10 39.25
CA ASP J 343 -84.37 -3.88 38.69
C ASP J 343 -85.02 -3.55 37.36
N VAL J 344 -86.00 -2.70 37.64
CA VAL J 344 -86.91 -2.24 36.61
C VAL J 344 -86.49 -0.82 36.21
N SER J 345 -86.28 -0.73 34.90
CA SER J 345 -86.15 0.57 34.27
C SER J 345 -86.51 0.44 32.80
N GLY J 346 -86.96 1.47 32.08
CA GLY J 346 -87.45 1.45 30.71
C GLY J 346 -88.94 1.14 30.62
N THR J 347 -89.15 -0.13 30.92
CA THR J 347 -90.48 -0.72 30.95
C THR J 347 -91.49 -0.14 31.93
N ILE J 348 -92.42 0.56 31.27
CA ILE J 348 -93.68 0.80 31.94
C ILE J 348 -94.92 0.41 31.15
N LEU J 349 -94.83 0.78 29.87
CA LEU J 349 -95.87 0.53 28.88
C LEU J 349 -97.26 0.80 29.42
N PRO J 350 -97.75 2.04 29.39
CA PRO J 350 -99.03 2.43 29.93
C PRO J 350 -100.24 1.65 29.42
N TYR J 351 -101.21 1.41 30.30
CA TYR J 351 -102.40 0.68 29.91
C TYR J 351 -103.01 1.17 28.61
N ASP J 352 -102.95 0.27 27.63
CA ASP J 352 -103.65 0.30 26.36
C ASP J 352 -104.37 1.61 26.04
N THR J 353 -105.55 1.83 26.60
CA THR J 353 -106.05 3.18 26.72
C THR J 353 -107.08 3.43 27.81
N ASN J 354 -106.53 3.34 29.02
CA ASN J 354 -107.18 3.47 30.31
C ASN J 354 -106.69 4.73 31.01
N PRO J 355 -107.58 5.56 31.55
CA PRO J 355 -107.22 6.61 32.49
C PRO J 355 -106.81 6.13 33.88
N ASP J 356 -106.13 4.99 33.76
CA ASP J 356 -105.52 4.31 34.88
C ASP J 356 -104.00 4.25 34.75
N LEU J 357 -103.59 5.42 34.26
CA LEU J 357 -102.24 5.70 33.84
C LEU J 357 -101.36 6.09 35.02
N SER J 358 -101.96 7.04 35.75
CA SER J 358 -101.75 7.25 37.18
C SER J 358 -102.33 6.08 37.95
N THR J 359 -101.60 5.68 39.00
CA THR J 359 -101.81 4.60 39.95
C THR J 359 -101.37 3.18 39.67
N SER J 360 -100.63 3.12 38.55
CA SER J 360 -99.96 1.90 38.15
C SER J 360 -98.45 1.69 38.18
N VAL J 361 -98.14 0.78 39.11
CA VAL J 361 -96.77 0.48 39.47
C VAL J 361 -96.19 -0.86 39.02
N PRO J 362 -94.89 -0.79 38.73
CA PRO J 362 -94.06 -1.99 38.68
C PRO J 362 -93.99 -2.64 40.05
N ALA J 363 -94.55 -3.85 40.05
CA ALA J 363 -94.55 -4.69 41.22
C ALA J 363 -94.17 -6.15 41.02
N PHE J 364 -93.81 -6.74 42.16
CA PHE J 364 -93.62 -8.16 42.40
C PHE J 364 -94.66 -8.73 43.34
N VAL J 365 -95.23 -9.84 42.88
CA VAL J 365 -96.22 -10.57 43.66
C VAL J 365 -95.78 -12.02 43.84
N LEU J 366 -95.66 -12.52 45.07
CA LEU J 366 -95.41 -13.94 45.27
C LEU J 366 -96.75 -14.65 45.29
N ILE J 367 -96.82 -15.85 44.70
CA ILE J 367 -97.99 -16.70 44.75
C ILE J 367 -97.75 -17.98 45.52
N GLN J 368 -98.61 -18.18 46.52
CA GLN J 368 -98.45 -19.16 47.58
C GLN J 368 -99.55 -20.21 47.76
N THR J 369 -99.46 -21.13 46.80
CA THR J 369 -100.48 -22.15 46.65
C THR J 369 -100.02 -23.59 46.50
N SER J 370 -100.74 -24.49 47.18
CA SER J 370 -100.63 -25.92 46.95
C SER J 370 -101.26 -26.47 45.67
N VAL J 371 -101.69 -25.51 44.84
CA VAL J 371 -102.21 -25.81 43.52
C VAL J 371 -101.19 -25.41 42.47
N PRO J 372 -100.52 -26.40 41.90
CA PRO J 372 -99.50 -26.21 40.88
C PRO J 372 -100.00 -25.39 39.71
N ILE J 373 -99.25 -24.30 39.47
CA ILE J 373 -99.50 -23.37 38.39
C ILE J 373 -100.32 -23.75 37.16
N GLN J 374 -100.06 -24.93 36.59
CA GLN J 374 -100.91 -25.39 35.51
C GLN J 374 -102.38 -25.71 35.78
N GLN J 375 -102.61 -25.86 37.09
CA GLN J 375 -103.97 -26.00 37.58
C GLN J 375 -104.72 -24.72 37.89
N VAL J 376 -103.96 -23.61 37.88
CA VAL J 376 -104.50 -22.35 38.34
C VAL J 376 -105.27 -21.54 37.30
N THR J 377 -106.56 -21.89 37.27
CA THR J 377 -107.48 -21.34 36.30
C THR J 377 -108.51 -20.27 36.67
N THR J 378 -108.96 -20.30 37.92
CA THR J 378 -109.81 -19.27 38.47
C THR J 378 -109.20 -18.68 39.72
N ALA J 379 -109.78 -17.58 40.21
CA ALA J 379 -109.45 -17.01 41.49
C ALA J 379 -109.43 -17.97 42.67
N ALA J 380 -110.34 -18.94 42.59
CA ALA J 380 -110.38 -19.89 43.68
C ALA J 380 -109.13 -20.63 44.12
N ASN J 381 -108.43 -20.99 43.05
CA ASN J 381 -107.13 -21.64 43.02
C ASN J 381 -105.97 -20.99 43.78
N ILE J 382 -105.91 -19.68 43.60
CA ILE J 382 -104.73 -18.98 44.05
C ILE J 382 -104.12 -19.21 45.43
N THR J 383 -105.00 -19.50 46.38
CA THR J 383 -104.74 -19.52 47.80
C THR J 383 -104.37 -18.11 48.24
N ALA J 384 -103.08 -17.86 48.01
CA ALA J 384 -102.48 -16.57 48.25
C ALA J 384 -101.85 -15.88 47.05
N ILE J 385 -102.43 -14.76 46.62
CA ILE J 385 -101.68 -13.74 45.94
C ILE J 385 -101.18 -12.64 46.86
N THR J 386 -99.89 -12.64 47.21
CA THR J 386 -99.36 -11.58 48.05
C THR J 386 -98.44 -10.71 47.20
N VAL J 387 -98.98 -9.50 47.07
CA VAL J 387 -98.21 -8.35 46.64
C VAL J 387 -97.14 -7.97 47.65
N VAL J 388 -95.89 -8.30 47.30
CA VAL J 388 -94.70 -8.16 48.13
C VAL J 388 -93.93 -6.88 47.86
N SER J 389 -93.74 -6.74 46.55
CA SER J 389 -92.77 -5.76 46.10
C SER J 389 -93.30 -4.59 45.29
N ALA J 390 -93.78 -3.57 46.01
CA ALA J 390 -94.11 -2.33 45.33
C ALA J 390 -93.75 -0.99 45.98
N ALA J 391 -93.59 -1.04 47.29
CA ALA J 391 -93.49 0.15 48.10
C ALA J 391 -94.67 1.11 48.06
N GLY J 392 -94.51 2.37 47.63
CA GLY J 392 -95.68 3.21 47.52
C GLY J 392 -96.53 2.79 46.33
N ALA J 393 -97.55 2.02 46.69
CA ALA J 393 -98.31 1.36 45.65
C ALA J 393 -99.55 2.09 45.17
N SER J 394 -99.25 3.20 44.48
CA SER J 394 -100.10 4.03 43.66
C SER J 394 -99.49 4.21 42.27
N ALA J 395 -98.99 5.42 41.99
CA ALA J 395 -98.13 5.81 40.89
C ALA J 395 -97.95 7.30 40.66
N ILE J 396 -96.86 7.55 39.92
CA ILE J 396 -96.45 8.81 39.33
C ILE J 396 -95.65 8.50 38.09
N ASN J 397 -95.91 9.37 37.13
CA ASN J 397 -95.24 9.39 35.84
C ASN J 397 -93.73 9.62 35.90
N LEU J 398 -93.05 8.56 36.32
CA LEU J 398 -91.62 8.36 36.38
C LEU J 398 -90.92 8.07 35.06
N ALA J 399 -91.82 7.73 34.12
CA ALA J 399 -91.50 7.59 32.72
C ALA J 399 -91.20 8.90 32.00
N ILE J 400 -90.09 8.81 31.28
CA ILE J 400 -89.69 9.93 30.44
C ILE J 400 -90.68 10.22 29.33
N ASN J 401 -91.77 10.81 29.80
CA ASN J 401 -92.98 10.99 29.02
C ASN J 401 -93.20 12.13 28.03
N VAL J 402 -92.28 13.07 28.23
CA VAL J 402 -92.26 14.34 27.51
C VAL J 402 -92.28 14.18 26.00
N ARG J 403 -91.52 13.20 25.51
CA ARG J 403 -91.22 13.15 24.09
C ARG J 403 -91.86 11.87 23.55
N GLY J 404 -92.97 11.57 24.24
CA GLY J 404 -93.69 10.39 23.83
C GLY J 404 -93.22 9.09 24.48
N GLN J 405 -92.00 9.12 25.04
CA GLN J 405 -91.38 7.91 25.55
C GLN J 405 -92.09 7.29 26.74
N PRO J 406 -92.19 5.96 26.86
CA PRO J 406 -92.73 5.36 28.07
C PRO J 406 -91.55 4.59 28.67
N ARG J 407 -90.70 5.40 29.28
CA ARG J 407 -89.48 4.94 29.92
C ARG J 407 -89.93 5.53 31.26
N PHE J 408 -90.30 4.50 32.01
CA PHE J 408 -89.92 4.21 33.38
C PHE J 408 -88.66 4.18 34.23
N ASN J 409 -88.58 5.18 35.11
CA ASN J 409 -87.48 5.53 36.00
C ASN J 409 -86.91 4.25 36.60
N MET J 410 -85.63 4.17 36.94
CA MET J 410 -85.06 3.01 37.60
C MET J 410 -85.53 2.76 39.03
N LEU J 411 -86.38 1.74 39.12
CA LEU J 411 -86.67 1.12 40.40
C LEU J 411 -85.90 -0.07 40.94
N HIS J 412 -85.70 0.00 42.26
CA HIS J 412 -85.09 -1.10 42.99
C HIS J 412 -86.11 -1.81 43.86
N LEU J 413 -86.65 -2.96 43.46
CA LEU J 413 -87.54 -3.77 44.26
C LEU J 413 -86.82 -4.85 45.07
N GLN J 414 -87.29 -5.25 46.27
CA GLN J 414 -86.77 -6.31 47.10
C GLN J 414 -87.86 -7.22 47.64
N ALA J 415 -87.59 -8.50 47.35
CA ALA J 415 -88.27 -9.60 48.00
C ALA J 415 -87.36 -10.58 48.74
N THR J 416 -87.20 -10.35 50.04
CA THR J 416 -86.52 -11.34 50.87
C THR J 416 -86.88 -12.81 50.85
N PHE J 417 -86.52 -13.46 49.74
CA PHE J 417 -86.67 -14.88 49.58
C PHE J 417 -85.87 -15.74 50.54
N GLU J 418 -86.54 -15.89 51.68
CA GLU J 418 -86.22 -16.86 52.72
C GLU J 418 -87.26 -17.96 52.82
N ARG J 419 -86.77 -19.03 52.20
CA ARG J 419 -87.59 -20.24 52.22
C ARG J 419 -88.11 -20.79 53.54
N GLU J 420 -87.40 -20.41 54.60
CA GLU J 420 -87.83 -20.62 55.97
C GLU J 420 -89.08 -19.89 56.40
N THR J 421 -89.28 -18.70 55.85
CA THR J 421 -90.54 -18.00 55.97
C THR J 421 -91.85 -18.72 55.71
N ILE J 422 -91.72 -19.54 54.66
CA ILE J 422 -92.81 -20.43 54.30
C ILE J 422 -92.55 -21.90 54.59
N THR J 423 -91.30 -22.37 54.55
CA THR J 423 -90.87 -23.75 54.63
C THR J 423 -91.51 -24.73 53.66
N GLY J 424 -91.57 -24.39 52.37
CA GLY J 424 -92.32 -25.18 51.41
C GLY J 424 -93.81 -25.34 51.66
N ILE J 425 -94.27 -26.48 51.17
CA ILE J 425 -95.64 -26.91 51.35
C ILE J 425 -96.80 -26.28 50.59
N PRO J 426 -96.99 -24.96 50.66
CA PRO J 426 -97.71 -24.29 49.60
C PRO J 426 -96.92 -23.64 48.47
N TYR J 427 -96.42 -24.51 47.58
CA TYR J 427 -95.25 -24.24 46.78
C TYR J 427 -95.11 -22.83 46.24
N ILE J 428 -93.87 -22.34 46.25
CA ILE J 428 -93.60 -20.92 46.12
C ILE J 428 -93.38 -20.44 44.70
N TYR J 429 -94.24 -19.48 44.35
CA TYR J 429 -94.25 -18.70 43.13
C TYR J 429 -94.26 -17.19 43.27
N GLY J 430 -93.95 -16.51 42.16
CA GLY J 430 -93.93 -15.06 42.08
C GLY J 430 -93.99 -14.65 40.62
N LEU J 431 -94.59 -13.46 40.50
CA LEU J 431 -94.78 -12.82 39.21
C LEU J 431 -94.34 -11.36 39.18
N GLY J 432 -94.26 -10.77 37.98
CA GLY J 432 -93.90 -9.38 37.79
C GLY J 432 -95.00 -8.58 37.10
N THR J 433 -95.37 -7.39 37.57
CA THR J 433 -96.47 -6.61 37.02
C THR J 433 -96.71 -5.20 37.52
N PHE J 434 -97.05 -4.36 36.54
CA PHE J 434 -97.73 -3.10 36.72
C PHE J 434 -99.09 -3.16 37.41
N LEU J 435 -99.07 -3.28 38.74
CA LEU J 435 -100.21 -3.55 39.58
C LEU J 435 -100.88 -2.22 39.92
N ILE J 436 -102.21 -2.14 39.86
CA ILE J 436 -102.99 -0.97 40.25
C ILE J 436 -104.01 -1.17 41.36
N PRO J 437 -104.16 -0.14 42.19
CA PRO J 437 -105.42 0.01 42.87
C PRO J 437 -106.61 0.45 42.03
N SER J 438 -106.36 1.52 41.28
CA SER J 438 -107.38 2.02 40.38
C SER J 438 -107.84 1.19 39.19
N PRO J 439 -109.12 0.82 39.28
CA PRO J 439 -109.56 -0.37 38.58
C PRO J 439 -109.30 -0.36 37.08
N THR J 440 -108.75 -1.48 36.60
CA THR J 440 -108.42 -1.62 35.19
C THR J 440 -109.37 -2.44 34.33
N SER J 441 -109.67 -1.80 33.20
CA SER J 441 -110.66 -2.32 32.27
C SER J 441 -110.23 -3.58 31.53
N SER J 442 -110.59 -4.71 32.14
CA SER J 442 -110.31 -6.01 31.55
C SER J 442 -110.55 -6.28 30.06
N SER J 443 -111.69 -5.74 29.61
CA SER J 443 -112.06 -5.75 28.21
C SER J 443 -111.07 -4.96 27.35
N ASN J 444 -110.84 -3.74 27.82
CA ASN J 444 -109.76 -2.93 27.31
C ASN J 444 -108.33 -3.48 27.27
N PHE J 445 -107.76 -3.62 28.46
CA PHE J 445 -106.40 -4.13 28.58
C PHE J 445 -106.37 -5.65 28.67
N SER J 446 -106.68 -6.21 27.49
CA SER J 446 -106.46 -7.62 27.23
C SER J 446 -105.10 -8.27 27.44
N ASN J 447 -104.03 -7.47 27.33
CA ASN J 447 -102.76 -8.02 27.78
C ASN J 447 -102.58 -8.38 29.24
N PRO J 448 -102.23 -9.62 29.60
CA PRO J 448 -102.03 -10.16 30.92
C PRO J 448 -100.99 -9.34 31.68
N THR J 449 -99.70 -9.50 31.39
CA THR J 449 -98.79 -8.42 31.70
C THR J 449 -97.29 -8.43 31.43
N LEU J 450 -97.01 -7.18 31.04
CA LEU J 450 -95.68 -6.96 30.50
C LEU J 450 -94.48 -6.17 30.98
N MET J 451 -94.55 -6.57 32.25
CA MET J 451 -93.50 -6.02 33.08
C MET J 451 -92.15 -6.74 32.99
N ASP J 452 -91.42 -6.40 31.92
CA ASP J 452 -90.15 -6.96 31.50
C ASP J 452 -88.81 -6.27 31.69
N GLY J 453 -88.21 -6.38 32.87
CA GLY J 453 -86.87 -5.85 33.10
C GLY J 453 -85.78 -6.77 33.62
N LEU J 454 -85.16 -6.33 34.71
CA LEU J 454 -84.18 -7.23 35.26
C LEU J 454 -84.57 -7.78 36.62
N LEU J 455 -84.06 -8.99 36.88
CA LEU J 455 -84.18 -9.74 38.11
C LEU J 455 -82.85 -10.28 38.61
N THR J 456 -82.25 -9.47 39.49
CA THR J 456 -80.92 -9.71 39.99
C THR J 456 -81.04 -10.52 41.28
N VAL J 457 -80.93 -11.84 41.16
CA VAL J 457 -80.87 -12.75 42.27
C VAL J 457 -79.60 -12.44 43.08
N THR J 458 -79.84 -12.09 44.34
CA THR J 458 -78.86 -12.01 45.41
C THR J 458 -78.63 -13.26 46.25
N PRO J 459 -77.85 -14.28 45.85
CA PRO J 459 -77.65 -15.47 46.65
C PRO J 459 -76.86 -15.35 47.95
N VAL J 460 -77.63 -14.76 48.87
CA VAL J 460 -77.17 -14.49 50.21
C VAL J 460 -76.49 -15.59 51.02
N LEU J 461 -77.15 -16.75 50.89
CA LEU J 461 -76.76 -17.93 51.63
C LEU J 461 -75.69 -18.65 50.81
N LEU J 462 -74.47 -18.14 51.04
CA LEU J 462 -73.25 -18.82 50.65
C LEU J 462 -73.08 -20.18 51.29
N ARG J 463 -73.91 -20.47 52.30
CA ARG J 463 -74.09 -21.83 52.78
C ARG J 463 -74.87 -22.87 51.97
N GLU J 464 -74.04 -23.80 51.51
CA GLU J 464 -74.53 -25.02 50.89
C GLU J 464 -74.80 -24.76 49.42
N THR J 465 -73.83 -24.84 48.51
CA THR J 465 -74.07 -24.54 47.12
C THR J 465 -74.76 -25.67 46.36
N THR J 466 -75.76 -25.23 45.60
CA THR J 466 -76.64 -25.98 44.73
C THR J 466 -75.91 -26.58 43.54
N TYR J 467 -76.10 -27.90 43.41
CA TYR J 467 -75.88 -28.64 42.19
C TYR J 467 -77.15 -28.92 41.39
N LYS J 468 -77.41 -27.98 40.47
CA LYS J 468 -78.48 -28.11 39.51
C LYS J 468 -79.85 -28.36 40.13
N GLY J 469 -80.37 -27.30 40.76
CA GLY J 469 -81.59 -27.39 41.55
C GLY J 469 -81.59 -28.18 42.84
N GLU J 470 -80.60 -29.07 42.92
CA GLU J 470 -80.42 -29.96 44.05
C GLU J 470 -79.64 -29.24 45.14
N VAL J 471 -80.31 -28.67 46.16
CA VAL J 471 -79.71 -28.08 47.33
C VAL J 471 -78.93 -29.07 48.16
N VAL J 472 -77.66 -29.21 47.77
CA VAL J 472 -76.71 -30.13 48.37
C VAL J 472 -75.45 -29.60 49.04
N ASP J 473 -75.04 -30.32 50.08
CA ASP J 473 -73.73 -30.09 50.64
C ASP J 473 -72.49 -30.53 49.85
N ALA J 474 -72.81 -30.75 48.58
CA ALA J 474 -71.87 -31.35 47.65
C ALA J 474 -71.63 -30.54 46.38
N ILE J 475 -70.36 -30.39 46.02
CA ILE J 475 -69.98 -29.89 44.71
C ILE J 475 -69.12 -30.95 44.04
N VAL J 476 -69.77 -31.45 42.99
CA VAL J 476 -69.20 -32.48 42.16
C VAL J 476 -68.92 -32.16 40.70
N PRO J 477 -67.73 -31.59 40.47
CA PRO J 477 -67.31 -31.16 39.14
C PRO J 477 -67.37 -32.22 38.06
N ALA J 478 -66.66 -33.32 38.26
CA ALA J 478 -66.64 -34.28 37.17
C ALA J 478 -67.98 -34.78 36.64
N THR J 479 -69.04 -34.82 37.45
CA THR J 479 -70.35 -35.22 36.99
C THR J 479 -71.13 -34.06 36.38
N VAL J 480 -70.73 -32.83 36.70
CA VAL J 480 -71.34 -31.68 36.04
C VAL J 480 -71.14 -31.71 34.54
N MET J 481 -70.00 -32.24 34.10
CA MET J 481 -69.52 -32.41 32.74
C MET J 481 -70.62 -32.99 31.85
N ALA J 482 -70.74 -32.40 30.66
CA ALA J 482 -71.71 -32.75 29.64
C ALA J 482 -73.18 -32.81 30.04
N ASN J 483 -73.44 -32.13 31.16
CA ASN J 483 -74.82 -32.04 31.60
C ASN J 483 -75.45 -30.66 31.75
N GLN J 484 -74.86 -29.81 30.90
CA GLN J 484 -75.14 -28.39 30.80
C GLN J 484 -75.01 -27.75 29.44
N THR J 485 -76.18 -27.20 29.08
CA THR J 485 -76.33 -26.43 27.86
C THR J 485 -75.96 -24.98 28.10
N SER J 486 -75.65 -24.19 27.07
CA SER J 486 -75.27 -22.83 27.35
C SER J 486 -76.31 -22.00 28.09
N GLU J 487 -77.52 -22.25 27.60
CA GLU J 487 -78.74 -21.80 28.24
C GLU J 487 -78.94 -22.08 29.73
N GLU J 488 -78.54 -23.32 30.08
CA GLU J 488 -78.67 -23.79 31.43
C GLU J 488 -77.70 -23.05 32.36
N VAL J 489 -76.46 -23.01 31.88
CA VAL J 489 -75.41 -22.28 32.55
C VAL J 489 -75.81 -20.83 32.82
N ALA J 490 -76.20 -20.16 31.73
CA ALA J 490 -76.64 -18.80 31.88
C ALA J 490 -77.76 -18.52 32.89
N SER J 491 -78.73 -19.41 32.79
CA SER J 491 -79.85 -19.51 33.70
C SER J 491 -79.62 -19.79 35.18
N ALA J 492 -78.67 -20.72 35.33
CA ALA J 492 -78.30 -21.17 36.66
C ALA J 492 -78.05 -20.18 37.79
N LEU J 493 -78.50 -20.51 39.01
CA LEU J 493 -78.25 -19.62 40.12
C LEU J 493 -76.77 -19.42 40.40
N ALA J 494 -76.48 -18.20 40.85
CA ALA J 494 -75.14 -17.92 41.33
C ALA J 494 -74.38 -18.93 42.17
N ASN J 495 -75.15 -19.56 43.06
CA ASN J 495 -74.87 -20.60 44.03
C ASN J 495 -74.66 -21.99 43.42
N ASP J 496 -74.29 -22.04 42.14
CA ASP J 496 -74.28 -23.31 41.43
C ASP J 496 -72.97 -23.77 40.83
N ALA J 497 -72.68 -25.03 41.18
CA ALA J 497 -71.46 -25.69 40.77
C ALA J 497 -70.60 -25.24 39.59
N ILE J 498 -71.30 -25.14 38.46
CA ILE J 498 -70.82 -24.56 37.23
C ILE J 498 -69.91 -23.33 37.32
N VAL J 499 -70.40 -22.26 37.96
CA VAL J 499 -69.57 -21.07 37.91
C VAL J 499 -68.31 -21.07 38.76
N LEU J 500 -68.49 -21.86 39.81
CA LEU J 500 -67.47 -22.11 40.81
C LEU J 500 -66.23 -22.81 40.28
N VAL J 501 -66.57 -23.81 39.46
CA VAL J 501 -65.67 -24.66 38.72
C VAL J 501 -64.91 -23.83 37.69
N SER J 502 -65.67 -23.08 36.89
CA SER J 502 -65.03 -22.17 35.96
C SER J 502 -64.05 -21.22 36.64
N ASN J 503 -64.42 -20.65 37.78
CA ASN J 503 -63.54 -19.76 38.53
C ASN J 503 -62.19 -20.35 38.90
N HIS J 504 -62.24 -21.60 39.37
CA HIS J 504 -61.10 -22.45 39.57
C HIS J 504 -60.28 -22.79 38.33
N LEU J 505 -60.95 -23.26 37.28
CA LEU J 505 -60.53 -23.40 35.89
C LEU J 505 -59.91 -22.22 35.17
N ASN J 506 -60.34 -21.02 35.59
CA ASN J 506 -59.74 -19.80 35.11
C ASN J 506 -58.32 -19.58 35.61
N LYS J 507 -58.03 -19.93 36.86
CA LYS J 507 -56.71 -20.00 37.45
C LYS J 507 -55.75 -21.02 36.85
N LEU J 508 -56.29 -22.21 36.54
CA LEU J 508 -55.56 -23.12 35.67
C LEU J 508 -55.15 -22.55 34.32
N ALA J 509 -56.14 -21.99 33.62
CA ALA J 509 -55.80 -21.27 32.41
C ALA J 509 -54.73 -20.19 32.38
N ASN J 510 -54.81 -19.38 33.44
CA ASN J 510 -53.89 -18.30 33.75
C ASN J 510 -52.44 -18.75 33.82
N VAL J 511 -52.34 -19.88 34.52
CA VAL J 511 -51.08 -20.57 34.70
C VAL J 511 -50.47 -21.00 33.36
N VAL J 512 -51.38 -21.66 32.64
CA VAL J 512 -51.03 -22.28 31.38
C VAL J 512 -50.54 -21.23 30.40
N GLY J 513 -51.24 -20.09 30.29
CA GLY J 513 -50.82 -19.05 29.35
C GLY J 513 -49.54 -18.24 29.51
N ASP J 514 -49.32 -17.98 30.79
CA ASP J 514 -48.15 -17.30 31.31
C ASP J 514 -46.85 -18.08 31.39
N ALA J 515 -47.04 -19.37 31.66
CA ALA J 515 -45.96 -20.31 31.84
C ALA J 515 -45.63 -21.29 30.73
N ILE J 516 -46.73 -21.79 30.14
CA ILE J 516 -46.53 -22.77 29.11
C ILE J 516 -46.76 -22.03 27.80
N PRO J 517 -45.94 -22.19 26.77
CA PRO J 517 -46.07 -21.51 25.49
C PRO J 517 -47.09 -22.09 24.51
N VAL J 518 -48.28 -21.82 25.04
CA VAL J 518 -49.50 -21.97 24.28
C VAL J 518 -50.00 -20.68 23.67
N ALA J 519 -49.04 -19.78 23.45
CA ALA J 519 -49.29 -18.66 22.56
C ALA J 519 -49.33 -18.67 21.04
N SER J 520 -49.10 -17.72 20.13
CA SER J 520 -49.49 -17.96 18.75
C SER J 520 -49.05 -19.06 17.80
N ARG J 521 -49.24 -20.33 18.14
CA ARG J 521 -49.31 -21.51 17.30
C ARG J 521 -48.14 -22.42 17.68
N THR J 522 -47.56 -22.11 18.83
CA THR J 522 -46.47 -22.91 19.34
C THR J 522 -46.84 -24.24 19.99
N ASP J 523 -46.81 -25.30 19.19
CA ASP J 523 -47.00 -26.62 19.76
C ASP J 523 -45.74 -27.16 20.40
N ASP J 524 -45.82 -27.22 21.74
CA ASP J 524 -44.84 -27.64 22.73
C ASP J 524 -45.16 -28.98 23.37
N SER J 525 -44.10 -29.81 23.39
CA SER J 525 -44.21 -30.90 24.34
C SER J 525 -44.88 -31.03 25.69
N ALA J 526 -44.85 -29.82 26.28
CA ALA J 526 -45.76 -29.56 27.38
C ALA J 526 -47.20 -30.02 27.25
N THR J 527 -47.72 -29.88 26.02
CA THR J 527 -49.08 -30.23 25.73
C THR J 527 -49.46 -31.71 25.73
N SER J 528 -48.44 -32.50 26.08
CA SER J 528 -48.47 -33.96 26.03
C SER J 528 -49.41 -34.84 26.83
N ALA J 529 -49.97 -34.21 27.87
CA ALA J 529 -50.82 -34.77 28.90
C ALA J 529 -52.19 -35.14 28.35
N ILE J 530 -52.72 -34.14 27.64
CA ILE J 530 -53.92 -34.37 26.88
C ILE J 530 -53.86 -35.34 25.72
N VAL J 531 -52.67 -35.26 25.10
CA VAL J 531 -52.52 -36.20 23.99
C VAL J 531 -52.39 -37.64 24.44
N SER J 532 -51.71 -37.90 25.55
CA SER J 532 -51.52 -39.21 26.12
C SER J 532 -52.82 -39.89 26.51
N ARG J 533 -53.77 -39.10 27.05
CA ARG J 533 -55.12 -39.55 27.30
C ARG J 533 -55.91 -39.87 26.03
N LEU J 534 -55.75 -38.95 25.07
CA LEU J 534 -56.31 -39.17 23.75
C LEU J 534 -55.80 -40.41 23.02
N ALA J 535 -54.49 -40.57 23.16
CA ALA J 535 -53.89 -41.69 22.45
C ALA J 535 -54.40 -43.07 22.86
N VAL J 536 -54.60 -43.20 24.18
CA VAL J 536 -55.10 -44.46 24.68
C VAL J 536 -56.59 -44.75 24.56
N GLN J 537 -57.28 -43.62 24.70
CA GLN J 537 -58.69 -43.66 24.35
C GLN J 537 -59.09 -44.05 22.94
N HIS J 538 -58.22 -43.68 21.99
CA HIS J 538 -58.55 -44.00 20.61
C HIS J 538 -58.39 -45.46 20.22
N LYS J 539 -58.44 -46.35 21.23
CA LYS J 539 -58.20 -47.72 20.80
C LYS J 539 -59.45 -48.50 20.43
N LEU J 540 -59.86 -47.95 19.29
CA LEU J 540 -61.01 -48.49 18.59
C LEU J 540 -60.68 -49.69 17.72
N SER J 541 -60.57 -50.85 18.39
CA SER J 541 -60.21 -52.05 17.68
C SER J 541 -61.45 -52.88 17.43
N GLN J 542 -61.51 -53.43 16.22
CA GLN J 542 -62.59 -54.32 15.86
C GLN J 542 -61.86 -55.62 15.55
N VAL J 543 -62.42 -56.34 14.57
CA VAL J 543 -61.97 -57.58 14.01
C VAL J 543 -61.25 -57.34 12.68
N GLY J 544 -60.08 -57.98 12.55
CA GLY J 544 -59.35 -57.79 11.31
C GLY J 544 -58.55 -56.51 11.23
N GLN J 545 -59.02 -55.67 10.31
CA GLN J 545 -58.61 -54.30 10.19
C GLN J 545 -59.34 -53.32 11.11
N ALA J 546 -58.75 -53.15 12.30
CA ALA J 546 -59.07 -52.07 13.20
C ALA J 546 -58.69 -50.70 12.64
N SER J 547 -59.09 -49.62 13.31
CA SER J 547 -58.96 -48.21 13.02
C SER J 547 -57.54 -47.95 12.53
N PRO J 548 -57.38 -47.65 11.24
CA PRO J 548 -56.06 -47.33 10.72
C PRO J 548 -55.59 -45.89 10.76
N THR J 549 -55.32 -45.59 12.03
CA THR J 549 -54.92 -44.27 12.47
C THR J 549 -53.42 -44.05 12.53
N PRO J 550 -52.83 -43.40 11.53
CA PRO J 550 -51.40 -43.13 11.47
C PRO J 550 -51.02 -42.49 12.80
N PRO J 551 -50.13 -43.15 13.55
CA PRO J 551 -49.96 -42.89 14.97
C PRO J 551 -50.23 -41.54 15.60
N ASP J 552 -50.91 -41.51 16.75
CA ASP J 552 -51.47 -40.37 17.44
C ASP J 552 -50.77 -39.03 17.53
N TYR J 553 -49.48 -39.25 17.26
CA TYR J 553 -48.48 -38.25 17.56
C TYR J 553 -48.46 -36.95 16.77
N PRO J 554 -48.73 -36.99 15.46
CA PRO J 554 -49.07 -35.79 14.74
C PRO J 554 -50.56 -35.48 14.95
N LEU J 555 -51.31 -36.48 14.49
CA LEU J 555 -52.75 -36.45 14.39
C LEU J 555 -53.60 -35.80 15.47
N LEU J 556 -53.65 -36.52 16.59
CA LEU J 556 -54.28 -36.23 17.86
C LEU J 556 -53.65 -35.07 18.61
N TRP J 557 -52.32 -34.99 18.45
CA TRP J 557 -51.54 -33.89 18.97
C TRP J 557 -52.05 -32.54 18.47
N ARG J 558 -52.28 -32.44 17.16
CA ARG J 558 -52.79 -31.20 16.61
C ARG J 558 -54.23 -30.86 16.96
N ARG J 559 -55.06 -31.90 16.94
CA ARG J 559 -56.43 -31.85 17.41
C ARG J 559 -56.59 -31.38 18.86
N ALA J 560 -55.67 -31.90 19.67
CA ALA J 560 -55.52 -31.62 21.08
C ALA J 560 -54.96 -30.23 21.37
N LYS J 561 -54.05 -29.62 20.61
CA LYS J 561 -53.75 -28.20 20.73
C LYS J 561 -54.95 -27.31 20.49
N ARG J 562 -55.60 -27.63 19.36
CA ARG J 562 -56.86 -26.99 19.03
C ARG J 562 -57.95 -26.82 20.07
N ALA J 563 -58.28 -27.96 20.69
CA ALA J 563 -59.08 -28.05 21.88
C ALA J 563 -58.50 -27.55 23.21
N ALA J 564 -57.20 -27.67 23.47
CA ALA J 564 -56.61 -26.86 24.51
C ALA J 564 -56.77 -25.34 24.52
N SER J 565 -56.53 -24.85 23.30
CA SER J 565 -56.65 -23.49 22.82
C SER J 565 -58.08 -23.00 23.00
N MET J 566 -59.08 -23.75 22.54
CA MET J 566 -60.46 -23.54 22.91
C MET J 566 -60.82 -23.52 24.39
N PHE J 567 -60.28 -24.48 25.14
CA PHE J 567 -60.35 -24.26 26.57
C PHE J 567 -59.82 -22.97 27.18
N VAL J 568 -58.61 -22.63 26.74
CA VAL J 568 -57.90 -21.42 27.12
C VAL J 568 -58.56 -20.07 26.83
N SER J 569 -59.00 -19.97 25.57
CA SER J 569 -59.86 -18.91 25.09
C SER J 569 -61.24 -18.59 25.65
N ASN J 570 -61.86 -19.65 26.15
CA ASN J 570 -63.00 -19.66 27.05
C ASN J 570 -63.11 -20.88 27.95
N PRO J 571 -62.74 -20.69 29.22
CA PRO J 571 -62.91 -21.73 30.22
C PRO J 571 -64.19 -22.49 30.50
N SER J 572 -65.27 -21.73 30.36
CA SER J 572 -66.58 -22.35 30.38
C SER J 572 -67.03 -23.48 29.46
N LEU J 573 -66.43 -23.50 28.27
CA LEU J 573 -66.57 -24.60 27.34
C LEU J 573 -66.41 -26.01 27.86
N ALA J 574 -65.66 -26.09 28.96
CA ALA J 574 -65.49 -27.31 29.72
C ALA J 574 -66.73 -27.92 30.35
N LEU J 575 -67.60 -26.94 30.64
CA LEU J 575 -68.89 -27.28 31.19
C LEU J 575 -70.01 -27.41 30.17
N GLN J 576 -69.68 -26.92 28.97
CA GLN J 576 -70.63 -26.89 27.88
C GLN J 576 -70.66 -28.15 27.02
N VAL J 577 -71.86 -28.73 27.13
CA VAL J 577 -72.26 -29.80 26.23
C VAL J 577 -71.76 -29.64 24.80
N GLY J 578 -71.54 -30.83 24.26
CA GLY J 578 -71.03 -31.13 22.94
C GLY J 578 -69.72 -30.55 22.44
N ILE J 579 -68.69 -30.67 23.27
CA ILE J 579 -67.39 -30.11 22.95
C ILE J 579 -66.59 -31.37 22.58
N PRO J 580 -66.04 -31.48 21.37
CA PRO J 580 -65.50 -32.73 20.86
C PRO J 580 -64.86 -33.70 21.84
N VAL J 581 -63.67 -33.30 22.29
CA VAL J 581 -62.84 -34.11 23.17
C VAL J 581 -62.70 -33.75 24.64
N LEU J 582 -62.97 -32.50 25.01
CA LEU J 582 -63.05 -32.05 26.39
C LEU J 582 -64.18 -32.53 27.28
N THR J 583 -65.30 -32.87 26.62
CA THR J 583 -66.34 -33.68 27.21
C THR J 583 -65.91 -34.85 28.07
N GLN J 584 -64.72 -35.40 27.78
CA GLN J 584 -64.02 -36.36 28.61
C GLN J 584 -63.10 -35.82 29.69
N SER J 585 -63.76 -35.87 30.85
CA SER J 585 -63.21 -35.39 32.10
C SER J 585 -61.81 -35.83 32.54
N GLY J 586 -61.48 -37.01 32.03
CA GLY J 586 -60.17 -37.61 32.04
C GLY J 586 -59.06 -36.72 31.52
N MET J 587 -59.34 -36.20 30.32
CA MET J 587 -58.46 -35.17 29.79
C MET J 587 -58.35 -33.86 30.55
N LEU J 588 -59.43 -33.58 31.27
CA LEU J 588 -59.30 -32.38 32.08
C LEU J 588 -58.52 -32.63 33.36
N SER J 589 -58.72 -33.79 33.98
CA SER J 589 -57.93 -34.27 35.09
C SER J 589 -56.45 -34.37 34.77
N ALA J 590 -56.19 -34.92 33.59
CA ALA J 590 -54.86 -35.01 33.01
C ALA J 590 -54.10 -33.71 32.80
N LEU J 591 -54.85 -32.68 32.39
CA LEU J 591 -54.33 -31.35 32.19
C LEU J 591 -53.98 -30.69 33.52
N THR J 592 -54.98 -30.72 34.41
CA THR J 592 -54.95 -30.22 35.76
C THR J 592 -53.71 -30.65 36.54
N SER J 593 -53.58 -31.97 36.64
CA SER J 593 -52.42 -32.60 37.23
C SER J 593 -51.13 -32.31 36.47
N GLY J 594 -51.24 -32.68 35.19
CA GLY J 594 -50.16 -32.45 34.25
C GLY J 594 -49.35 -31.17 34.36
N VAL J 595 -50.05 -30.04 34.48
CA VAL J 595 -49.40 -28.76 34.60
C VAL J 595 -48.36 -28.57 35.69
N GLY J 596 -48.77 -29.13 36.84
CA GLY J 596 -47.91 -28.97 37.99
C GLY J 596 -46.52 -29.56 37.91
N THR J 597 -46.49 -30.82 37.47
CA THR J 597 -45.26 -31.44 37.02
C THR J 597 -44.43 -30.65 36.01
N ALA J 598 -45.15 -30.15 35.00
CA ALA J 598 -44.62 -29.27 33.98
C ALA J 598 -43.95 -27.98 34.42
N LEU J 599 -44.46 -27.37 35.50
CA LEU J 599 -43.88 -26.25 36.20
C LEU J 599 -42.67 -26.75 36.98
N ARG J 600 -42.93 -27.71 37.87
CA ARG J 600 -41.97 -28.42 38.68
C ARG J 600 -40.60 -28.66 38.06
N THR J 601 -40.58 -29.48 37.00
CA THR J 601 -39.35 -29.86 36.33
C THR J 601 -39.03 -29.34 34.93
N GLY J 602 -39.73 -28.23 34.66
CA GLY J 602 -39.59 -27.55 33.38
C GLY J 602 -38.26 -26.81 33.35
N SER J 603 -37.57 -26.99 32.22
CA SER J 603 -36.31 -26.29 32.11
C SER J 603 -36.61 -24.92 31.52
N LEU J 604 -36.90 -23.96 32.41
CA LEU J 604 -37.33 -22.59 32.20
C LEU J 604 -37.59 -22.01 30.82
N GLY J 605 -38.87 -22.21 30.51
CA GLY J 605 -39.42 -22.01 29.18
C GLY J 605 -39.33 -20.62 28.57
N LYS J 606 -38.34 -20.47 27.68
CA LYS J 606 -38.20 -19.21 26.99
C LYS J 606 -38.29 -19.27 25.48
N GLY J 607 -39.55 -19.09 25.05
CA GLY J 607 -39.83 -19.11 23.62
C GLY J 607 -38.95 -18.37 22.63
N VAL J 608 -38.28 -19.22 21.83
CA VAL J 608 -37.36 -18.67 20.86
C VAL J 608 -37.73 -17.43 20.06
N THR J 609 -38.95 -17.46 19.53
CA THR J 609 -39.61 -16.31 18.94
C THR J 609 -39.51 -15.06 19.79
N ASP J 610 -40.06 -15.23 21.00
CA ASP J 610 -40.13 -14.10 21.91
C ASP J 610 -38.78 -13.53 22.32
N ALA J 611 -37.80 -14.42 22.40
CA ALA J 611 -36.46 -13.98 22.72
C ALA J 611 -35.89 -12.97 21.75
N SER J 612 -35.79 -13.41 20.48
CA SER J 612 -35.39 -12.59 19.36
C SER J 612 -36.08 -11.24 19.20
N GLU J 613 -37.39 -11.38 19.43
CA GLU J 613 -38.22 -10.19 19.42
C GLU J 613 -38.04 -9.13 20.49
N LYS J 614 -37.80 -9.71 21.66
CA LYS J 614 -37.41 -8.89 22.79
C LYS J 614 -36.04 -8.22 22.71
N LEU J 615 -35.11 -9.05 22.24
CA LEU J 615 -33.85 -8.52 21.77
C LEU J 615 -33.72 -7.34 20.81
N ARG J 616 -34.50 -7.52 19.74
CA ARG J 616 -34.71 -6.52 18.72
C ARG J 616 -35.39 -5.26 19.22
N ALA J 617 -36.56 -5.43 19.84
CA ALA J 617 -37.24 -4.28 20.41
C ALA J 617 -36.46 -3.44 21.41
N ARG J 618 -35.72 -4.23 22.16
CA ARG J 618 -34.82 -3.67 23.16
C ARG J 618 -33.65 -2.79 22.72
N GLN J 619 -33.18 -3.31 21.59
CA GLN J 619 -32.09 -2.63 20.93
C GLN J 619 -32.50 -1.27 20.38
N SER J 620 -33.60 -1.31 19.61
CA SER J 620 -34.24 -0.16 19.03
C SER J 620 -34.70 0.94 19.99
N LEU J 621 -35.11 0.46 21.17
CA LEU J 621 -35.32 1.35 22.29
C LEU J 621 -34.17 2.20 22.80
N THR J 622 -33.10 1.46 23.04
CA THR J 622 -31.76 1.95 23.30
C THR J 622 -31.38 2.94 22.20
N VAL J 623 -31.48 2.57 20.92
CA VAL J 623 -31.22 3.51 19.85
C VAL J 623 -31.87 4.89 19.95
N ALA J 624 -33.20 4.84 20.07
CA ALA J 624 -33.99 6.04 20.27
C ALA J 624 -33.63 6.77 21.55
N LYS J 625 -33.27 6.12 22.67
CA LYS J 625 -32.72 6.78 23.83
C LYS J 625 -31.42 7.57 23.67
N GLN J 626 -30.50 6.85 23.03
CA GLN J 626 -29.36 7.53 22.43
C GLN J 626 -29.64 8.78 21.62
N ALA J 627 -30.50 8.61 20.61
CA ALA J 627 -30.99 9.74 19.86
C ALA J 627 -31.64 10.87 20.66
N PHE J 628 -32.42 10.56 21.71
CA PHE J 628 -32.90 11.54 22.66
C PHE J 628 -31.88 12.36 23.42
N PHE J 629 -30.97 11.57 23.99
CA PHE J 629 -29.83 12.15 24.68
C PHE J 629 -29.05 13.09 23.76
N ASP J 630 -28.89 12.59 22.53
CA ASP J 630 -28.28 13.36 21.47
C ASP J 630 -28.84 14.76 21.19
N GLN J 631 -30.16 14.76 21.11
CA GLN J 631 -30.96 15.96 21.05
C GLN J 631 -30.70 16.84 22.27
N ILE J 632 -30.69 16.25 23.46
CA ILE J 632 -30.31 16.92 24.69
C ILE J 632 -28.90 17.48 24.66
N GLY J 633 -27.96 16.67 24.16
CA GLY J 633 -26.63 17.15 23.87
C GLY J 633 -26.54 18.40 23.00
N SER J 634 -27.38 18.39 21.96
CA SER J 634 -27.57 19.49 21.03
C SER J 634 -28.07 20.82 21.58
N LEU J 635 -29.08 20.65 22.43
CA LEU J 635 -29.82 21.79 22.96
C LEU J 635 -29.24 22.53 24.15
N TRP J 636 -28.55 21.70 24.94
CA TRP J 636 -27.57 22.20 25.87
C TRP J 636 -26.39 21.27 26.08
N PRO J 637 -25.38 21.47 25.22
CA PRO J 637 -24.10 20.80 25.31
C PRO J 637 -23.45 21.31 26.59
N GLY J 638 -23.93 20.78 27.72
CA GLY J 638 -23.37 21.06 29.03
C GLY J 638 -21.88 20.81 29.18
N LYS J 639 -21.08 21.87 29.24
CA LYS J 639 -19.63 21.78 29.37
C LYS J 639 -18.89 20.79 28.50
N THR K 1 -48.20 -25.12 86.32
CA THR K 1 -49.36 -24.28 85.98
C THR K 1 -50.10 -23.65 87.16
N TYR K 2 -50.69 -22.50 86.80
CA TYR K 2 -51.43 -21.68 87.72
C TYR K 2 -52.95 -21.65 87.55
N ASN K 3 -53.65 -21.69 88.68
CA ASN K 3 -55.07 -21.44 88.75
C ASN K 3 -55.49 -20.23 87.92
N ILE K 4 -56.29 -20.50 86.88
CA ILE K 4 -56.67 -19.36 86.09
C ILE K 4 -57.59 -18.28 86.64
N THR K 5 -58.34 -18.84 87.59
CA THR K 5 -59.32 -18.07 88.32
C THR K 5 -58.85 -17.26 89.51
N GLY K 6 -57.74 -16.57 89.23
CA GLY K 6 -57.11 -15.64 90.14
C GLY K 6 -56.92 -14.17 89.76
N ASP K 7 -56.36 -13.37 90.67
CA ASP K 7 -56.19 -11.93 90.55
C ASP K 7 -54.74 -11.52 90.39
N GLY K 8 -54.66 -10.42 89.61
CA GLY K 8 -53.39 -9.89 89.14
C GLY K 8 -53.17 -9.84 87.63
N ASN K 9 -53.93 -10.66 86.91
CA ASN K 9 -53.88 -10.79 85.47
C ASN K 9 -54.27 -9.63 84.57
N SER K 10 -53.27 -9.17 83.81
CA SER K 10 -53.31 -8.07 82.87
C SER K 10 -53.98 -8.41 81.54
N PHE K 11 -54.79 -7.43 81.13
CA PHE K 11 -55.35 -7.43 79.79
C PHE K 11 -54.85 -6.21 79.05
N THR K 12 -53.64 -6.50 78.56
CA THR K 12 -52.94 -5.53 77.74
C THR K 12 -52.55 -5.92 76.33
N PRO K 13 -53.52 -5.77 75.43
CA PRO K 13 -53.29 -5.75 74.01
C PRO K 13 -52.62 -4.49 73.46
N THR K 14 -51.43 -4.74 72.90
CA THR K 14 -50.55 -3.76 72.31
C THR K 14 -50.09 -4.14 70.91
N SER K 15 -49.87 -3.05 70.17
CA SER K 15 -49.35 -3.15 68.83
C SER K 15 -48.05 -3.91 68.57
N ASP K 16 -47.31 -3.74 69.66
CA ASP K 16 -46.04 -4.37 69.98
C ASP K 16 -46.08 -5.89 70.04
N MET K 17 -47.23 -6.34 70.56
CA MET K 17 -47.58 -7.71 70.85
C MET K 17 -48.73 -8.24 70.01
N THR K 18 -48.65 -8.06 68.70
CA THR K 18 -49.71 -8.51 67.82
C THR K 18 -49.75 -10.03 67.66
N SER K 19 -50.80 -10.46 68.35
CA SER K 19 -51.01 -11.88 68.15
C SER K 19 -50.06 -12.21 67.01
N THR K 20 -49.50 -13.42 66.95
CA THR K 20 -48.91 -14.37 66.03
C THR K 20 -48.44 -15.72 66.54
N ALA K 21 -48.42 -16.78 65.73
CA ALA K 21 -48.17 -18.19 65.95
C ALA K 21 -47.28 -18.57 64.77
N ALA K 22 -47.11 -19.88 64.54
CA ALA K 22 -46.72 -20.23 63.19
C ALA K 22 -47.75 -20.97 62.35
N PRO K 23 -48.54 -20.21 61.59
CA PRO K 23 -49.68 -20.68 60.84
C PRO K 23 -49.12 -21.64 59.81
N ALA K 24 -48.18 -21.37 58.90
CA ALA K 24 -47.70 -22.21 57.82
C ALA K 24 -46.24 -21.83 57.59
N ILE K 25 -45.58 -22.87 57.06
CA ILE K 25 -44.21 -22.55 56.68
C ILE K 25 -43.82 -22.60 55.21
N ASP K 26 -42.76 -21.94 54.76
CA ASP K 26 -42.29 -22.16 53.41
C ASP K 26 -41.82 -23.55 53.06
N LEU K 27 -42.48 -24.19 52.09
CA LEU K 27 -42.07 -25.46 51.56
C LEU K 27 -41.89 -25.58 50.04
N LYS K 28 -41.25 -24.55 49.51
CA LYS K 28 -41.07 -24.45 48.08
C LYS K 28 -40.03 -25.50 47.67
N PRO K 29 -40.20 -26.21 46.56
CA PRO K 29 -39.24 -27.21 46.14
C PRO K 29 -37.76 -26.82 46.07
N GLY K 30 -37.68 -25.69 45.38
CA GLY K 30 -36.44 -24.93 45.29
C GLY K 30 -35.72 -24.83 46.63
N VAL K 31 -36.59 -24.57 47.61
CA VAL K 31 -36.15 -24.33 48.97
C VAL K 31 -35.79 -25.57 49.76
N LEU K 32 -36.35 -26.71 49.35
CA LEU K 32 -35.98 -27.96 49.98
C LEU K 32 -34.55 -28.48 49.95
N ASN K 33 -33.82 -28.08 48.92
CA ASN K 33 -32.54 -28.68 48.64
C ASN K 33 -31.36 -28.69 49.62
N PRO K 34 -30.67 -27.57 49.82
CA PRO K 34 -29.34 -27.60 50.39
C PRO K 34 -28.77 -28.85 51.05
N THR K 35 -28.05 -29.71 50.32
CA THR K 35 -27.70 -29.77 48.92
C THR K 35 -27.10 -31.11 48.48
N GLY K 36 -25.80 -31.27 48.71
CA GLY K 36 -24.92 -32.34 48.28
C GLY K 36 -25.31 -33.70 48.84
N LYS K 37 -25.54 -34.70 48.00
CA LYS K 37 -25.66 -36.06 48.53
C LYS K 37 -24.28 -36.61 48.83
N LEU K 38 -24.28 -37.40 49.91
CA LEU K 38 -23.08 -38.04 50.39
C LEU K 38 -22.76 -39.39 49.79
N TRP K 39 -21.51 -39.39 49.31
CA TRP K 39 -20.91 -40.51 48.63
C TRP K 39 -19.61 -41.14 49.12
N ARG K 40 -18.95 -42.08 48.46
CA ARG K 40 -17.78 -42.84 48.88
C ARG K 40 -16.97 -43.31 47.69
N PRO K 41 -15.64 -43.35 47.79
CA PRO K 41 -14.64 -43.85 46.87
C PRO K 41 -14.68 -45.35 46.63
N VAL K 42 -15.74 -45.63 45.88
CA VAL K 42 -16.20 -46.97 45.58
C VAL K 42 -16.77 -47.68 46.80
N GLY K 43 -15.76 -47.91 47.66
CA GLY K 43 -15.89 -48.53 48.96
C GLY K 43 -14.54 -48.92 49.56
N THR K 44 -13.54 -49.11 48.71
CA THR K 44 -12.14 -49.23 49.09
C THR K 44 -11.47 -47.96 49.58
N SER K 45 -10.19 -48.05 49.94
CA SER K 45 -9.37 -47.02 50.54
C SER K 45 -9.20 -45.82 49.61
N VAL K 46 -8.33 -44.91 50.07
CA VAL K 46 -8.12 -43.63 49.42
C VAL K 46 -7.18 -43.86 48.26
N ALA K 47 -7.91 -44.13 47.17
CA ALA K 47 -7.41 -44.36 45.83
C ALA K 47 -8.40 -44.15 44.69
N THR K 48 -9.55 -44.80 44.92
CA THR K 48 -10.67 -44.69 44.00
C THR K 48 -11.48 -43.41 43.80
N ILE K 49 -10.96 -42.24 44.16
CA ILE K 49 -11.54 -40.92 44.06
C ILE K 49 -12.31 -40.63 42.79
N ASP K 50 -11.70 -41.20 41.74
CA ASP K 50 -12.37 -41.29 40.46
C ASP K 50 -13.79 -41.79 40.31
N SER K 51 -14.16 -42.61 41.30
CA SER K 51 -15.43 -43.29 41.39
C SER K 51 -16.11 -43.05 42.73
N LEU K 52 -17.35 -42.59 42.66
CA LEU K 52 -18.23 -42.62 43.81
C LEU K 52 -19.59 -43.28 43.63
N ALA K 53 -19.92 -44.05 44.67
CA ALA K 53 -21.21 -44.62 45.02
C ALA K 53 -21.90 -43.94 46.20
N ILE K 54 -23.17 -43.62 45.97
CA ILE K 54 -23.93 -43.11 47.10
C ILE K 54 -24.06 -44.05 48.28
N VAL K 55 -23.87 -43.39 49.42
CA VAL K 55 -24.10 -43.95 50.74
C VAL K 55 -25.52 -44.50 50.81
N SER K 56 -25.79 -45.10 51.97
CA SER K 56 -26.84 -46.07 52.14
C SER K 56 -28.25 -45.50 52.27
N ASP K 57 -28.73 -45.23 51.06
CA ASP K 57 -30.08 -44.80 50.77
C ASP K 57 -31.13 -45.83 51.14
N ARG K 58 -30.63 -47.05 51.02
CA ARG K 58 -31.22 -48.27 51.55
C ARG K 58 -32.12 -48.30 52.77
N PHE K 59 -31.50 -47.66 53.77
CA PHE K 59 -32.20 -47.33 55.00
C PHE K 59 -31.75 -46.17 55.88
N GLY K 60 -30.83 -45.37 55.35
CA GLY K 60 -30.12 -44.37 56.15
C GLY K 60 -29.28 -43.54 55.18
N GLN K 61 -28.06 -43.25 55.66
CA GLN K 61 -27.14 -42.34 55.01
C GLN K 61 -27.36 -41.81 53.60
N TYR K 62 -28.03 -40.66 53.74
CA TYR K 62 -28.38 -39.77 52.65
C TYR K 62 -27.53 -38.51 52.64
N SER K 63 -28.02 -37.51 51.91
CA SER K 63 -27.46 -36.19 51.68
C SER K 63 -27.09 -35.38 52.91
N PHE K 64 -26.14 -34.44 52.79
CA PHE K 64 -25.99 -33.32 53.70
C PHE K 64 -27.25 -32.51 53.96
N VAL K 65 -27.75 -32.52 55.19
CA VAL K 65 -29.00 -31.90 55.57
C VAL K 65 -29.08 -30.40 55.34
N ASN K 66 -30.28 -29.98 54.91
CA ASN K 66 -30.64 -28.60 54.67
C ASN K 66 -30.61 -27.86 56.00
N GLU K 67 -29.50 -27.17 56.31
CA GLU K 67 -29.40 -26.18 57.35
C GLU K 67 -30.65 -25.37 57.68
N GLY K 68 -31.30 -24.86 56.63
CA GLY K 68 -32.52 -24.09 56.73
C GLY K 68 -33.69 -24.97 57.12
N MET K 69 -33.72 -26.14 56.48
CA MET K 69 -34.77 -27.11 56.73
C MET K 69 -34.79 -27.70 58.13
N ARG K 70 -33.60 -28.03 58.64
CA ARG K 70 -33.42 -28.29 60.05
C ARG K 70 -33.91 -27.28 61.09
N GLU K 71 -33.44 -26.07 60.79
CA GLU K 71 -33.79 -24.91 61.57
C GLU K 71 -35.29 -24.61 61.55
N THR K 72 -35.88 -24.62 60.36
CA THR K 72 -37.31 -24.56 60.16
C THR K 72 -38.23 -25.57 60.84
N PHE K 73 -37.85 -26.79 60.46
CA PHE K 73 -38.48 -27.95 61.02
C PHE K 73 -38.55 -28.17 62.53
N SER K 74 -37.45 -27.85 63.21
CA SER K 74 -37.27 -27.79 64.65
C SER K 74 -38.25 -26.76 65.21
N LYS K 75 -38.42 -25.62 64.54
CA LYS K 75 -39.38 -24.60 64.90
C LYS K 75 -40.85 -24.98 64.95
N ALA K 76 -41.13 -25.73 63.89
CA ALA K 76 -42.39 -26.42 63.69
C ALA K 76 -42.71 -27.34 64.86
N LEU K 77 -41.71 -28.12 65.25
CA LEU K 77 -41.88 -29.00 66.40
C LEU K 77 -42.26 -28.29 67.70
N PHE K 78 -41.78 -27.06 67.82
CA PHE K 78 -42.04 -26.12 68.89
C PHE K 78 -43.46 -25.58 69.07
N ASP K 79 -44.17 -25.35 67.96
CA ASP K 79 -45.61 -25.26 67.92
C ASP K 79 -46.36 -26.30 68.75
N ILE K 80 -46.06 -27.58 68.53
CA ILE K 80 -46.65 -28.67 69.28
C ILE K 80 -46.36 -28.66 70.77
N ASN K 81 -45.10 -28.28 71.04
CA ASN K 81 -44.54 -28.07 72.35
C ASN K 81 -45.24 -27.02 73.22
N MET K 82 -45.81 -26.04 72.51
CA MET K 82 -46.66 -25.02 73.09
C MET K 82 -47.91 -25.52 73.80
N TRP K 83 -48.29 -26.70 73.32
CA TRP K 83 -49.34 -27.47 73.95
C TRP K 83 -48.99 -28.76 74.68
N GLN K 84 -47.70 -28.95 74.99
CA GLN K 84 -47.25 -30.17 75.64
C GLN K 84 -47.98 -30.75 76.84
N PRO K 85 -48.28 -29.90 77.82
CA PRO K 85 -49.12 -30.30 78.94
C PRO K 85 -50.51 -30.82 78.61
N LEU K 86 -51.02 -30.23 77.53
CA LEU K 86 -52.32 -30.64 77.02
C LEU K 86 -52.33 -31.94 76.22
N PHE K 87 -51.39 -32.04 75.28
CA PHE K 87 -51.13 -33.30 74.62
C PHE K 87 -50.97 -34.50 75.55
N GLN K 88 -50.09 -34.25 76.52
CA GLN K 88 -49.80 -35.23 77.55
C GLN K 88 -51.02 -35.72 78.31
N ALA K 89 -51.84 -34.72 78.64
CA ALA K 89 -53.08 -34.97 79.35
C ALA K 89 -54.10 -35.72 78.51
N THR K 90 -54.09 -35.43 77.20
CA THR K 90 -54.88 -36.12 76.20
C THR K 90 -54.31 -37.50 75.86
N LYS K 91 -53.19 -37.91 76.46
CA LYS K 91 -52.51 -39.13 76.07
C LYS K 91 -52.21 -39.55 74.64
N THR K 92 -52.01 -38.50 73.86
CA THR K 92 -51.93 -38.55 72.41
C THR K 92 -50.52 -38.55 71.82
N GLY K 93 -49.70 -39.45 72.37
CA GLY K 93 -48.31 -39.59 71.96
C GLY K 93 -47.41 -38.38 72.13
N CYS K 94 -47.72 -37.53 73.12
CA CYS K 94 -47.10 -36.24 73.31
C CYS K 94 -45.60 -35.99 73.18
N GLY K 95 -44.87 -37.03 73.58
CA GLY K 95 -43.42 -37.04 73.70
C GLY K 95 -42.59 -36.31 72.65
N PRO K 96 -42.14 -35.11 73.03
CA PRO K 96 -41.41 -34.32 72.07
C PRO K 96 -40.28 -34.86 71.20
N ILE K 97 -40.63 -35.06 69.93
CA ILE K 97 -39.82 -35.74 68.94
C ILE K 97 -38.30 -35.74 68.90
N VAL K 98 -37.76 -34.54 69.11
CA VAL K 98 -36.33 -34.30 69.02
C VAL K 98 -35.64 -34.70 67.73
N LEU K 99 -36.00 -33.82 66.79
CA LEU K 99 -35.63 -33.90 65.40
C LEU K 99 -34.19 -34.29 65.09
N SER K 100 -33.37 -33.74 65.99
CA SER K 100 -31.94 -33.96 66.10
C SER K 100 -31.47 -35.41 66.06
N SER K 101 -32.31 -36.26 66.64
CA SER K 101 -32.07 -37.70 66.69
C SER K 101 -32.12 -38.33 65.31
N PHE K 102 -32.96 -37.70 64.48
CA PHE K 102 -33.10 -38.09 63.09
C PHE K 102 -32.04 -37.78 62.05
N THR K 103 -31.52 -36.58 62.26
CA THR K 103 -30.31 -35.99 61.70
C THR K 103 -29.02 -36.69 62.08
N THR K 104 -28.76 -37.81 61.40
CA THR K 104 -27.71 -38.77 61.69
C THR K 104 -26.43 -38.67 60.87
N THR K 105 -25.31 -39.13 61.43
CA THR K 105 -24.02 -38.81 60.85
C THR K 105 -23.88 -39.41 59.47
N THR K 106 -23.48 -38.59 58.50
CA THR K 106 -22.98 -38.98 57.20
C THR K 106 -21.54 -38.53 56.94
N SER K 107 -20.62 -39.40 56.49
CA SER K 107 -19.21 -39.11 56.37
C SER K 107 -18.59 -39.66 55.09
N GLY K 108 -18.20 -38.67 54.28
CA GLY K 108 -17.61 -38.86 52.97
C GLY K 108 -17.67 -37.70 52.00
N TYR K 109 -18.01 -38.00 50.74
CA TYR K 109 -18.08 -36.96 49.74
C TYR K 109 -19.38 -36.21 49.51
N VAL K 110 -19.30 -34.89 49.33
CA VAL K 110 -20.44 -34.02 49.12
C VAL K 110 -20.48 -33.44 47.71
N GLY K 111 -21.49 -33.94 47.00
CA GLY K 111 -21.87 -33.27 45.77
C GLY K 111 -23.13 -33.78 45.08
N ALA K 112 -23.66 -32.76 44.40
CA ALA K 112 -24.80 -32.96 43.53
C ALA K 112 -24.82 -34.07 42.49
N THR K 113 -23.76 -34.05 41.68
CA THR K 113 -23.40 -35.12 40.77
C THR K 113 -22.11 -35.85 41.10
N ALA K 114 -21.91 -37.11 40.69
CA ALA K 114 -20.67 -37.83 40.87
C ALA K 114 -19.51 -36.92 40.48
N GLY K 115 -19.62 -36.41 39.26
CA GLY K 115 -18.83 -35.26 38.84
C GLY K 115 -18.22 -34.33 39.86
N ASP K 116 -19.20 -33.51 40.26
CA ASP K 116 -18.90 -32.59 41.33
C ASP K 116 -18.46 -33.08 42.70
N ALA K 117 -19.11 -34.20 43.04
CA ALA K 117 -18.87 -34.84 44.32
C ALA K 117 -17.50 -35.47 44.55
N LEU K 118 -16.94 -35.88 43.41
CA LEU K 118 -15.58 -36.40 43.37
C LEU K 118 -14.52 -35.54 44.04
N ASP K 119 -14.71 -34.24 43.82
CA ASP K 119 -13.86 -33.18 44.32
C ASP K 119 -13.83 -32.72 45.77
N ASN K 120 -15.00 -32.99 46.35
CA ASN K 120 -15.35 -32.52 47.68
C ASN K 120 -15.66 -33.63 48.67
N PRO K 121 -14.82 -33.84 49.69
CA PRO K 121 -15.25 -34.73 50.74
C PRO K 121 -15.43 -33.96 52.05
N VAL K 122 -16.58 -34.28 52.65
CA VAL K 122 -17.02 -33.70 53.90
C VAL K 122 -17.27 -34.72 55.02
N THR K 123 -16.28 -34.87 55.90
CA THR K 123 -16.29 -35.81 57.00
C THR K 123 -17.15 -35.43 58.20
N ASN K 124 -17.89 -36.49 58.51
CA ASN K 124 -18.79 -36.59 59.64
C ASN K 124 -19.72 -35.42 59.93
N GLY K 125 -20.61 -35.26 58.94
CA GLY K 125 -21.77 -34.39 58.99
C GLY K 125 -23.02 -35.20 59.32
N VAL K 126 -24.08 -34.78 58.64
CA VAL K 126 -25.42 -35.33 58.75
C VAL K 126 -26.37 -35.40 57.57
N PHE K 127 -27.08 -36.53 57.54
CA PHE K 127 -28.17 -36.94 56.68
C PHE K 127 -29.48 -37.20 57.40
N ILE K 128 -30.53 -37.29 56.58
CA ILE K 128 -31.81 -37.85 56.96
C ILE K 128 -32.37 -38.78 55.88
N SER K 129 -33.00 -39.86 56.31
CA SER K 129 -33.55 -40.89 55.45
C SER K 129 -35.00 -40.63 55.07
N THR K 130 -35.29 -40.94 53.81
CA THR K 130 -36.60 -40.99 53.19
C THR K 130 -37.66 -41.60 54.10
N VAL K 131 -37.29 -42.81 54.52
CA VAL K 131 -38.01 -43.54 55.55
C VAL K 131 -38.26 -42.71 56.80
N GLN K 132 -37.14 -42.20 57.33
CA GLN K 132 -37.21 -41.37 58.51
C GLN K 132 -38.04 -40.09 58.45
N ILE K 133 -37.77 -39.32 57.39
CA ILE K 133 -38.63 -38.20 57.13
C ILE K 133 -40.10 -38.58 56.95
N MET K 134 -40.38 -39.72 56.30
CA MET K 134 -41.70 -40.31 56.18
C MET K 134 -42.43 -40.37 57.51
N ASN K 135 -41.79 -41.06 58.45
CA ASN K 135 -42.27 -41.30 59.80
C ASN K 135 -42.31 -40.07 60.72
N LEU K 136 -41.33 -39.18 60.66
CA LEU K 136 -41.28 -37.85 61.22
C LEU K 136 -42.41 -36.91 60.82
N GLN K 137 -42.52 -36.73 59.49
CA GLN K 137 -43.70 -36.06 58.97
C GLN K 137 -45.05 -36.58 59.44
N ARG K 138 -45.19 -37.90 59.35
CA ARG K 138 -46.33 -38.69 59.77
C ARG K 138 -46.79 -38.23 61.14
N THR K 139 -45.84 -38.22 62.09
CA THR K 139 -45.99 -37.69 63.43
C THR K 139 -46.46 -36.25 63.55
N ILE K 140 -45.73 -35.38 62.87
CA ILE K 140 -46.09 -33.98 62.84
C ILE K 140 -47.49 -33.68 62.31
N ALA K 141 -47.88 -34.37 61.24
CA ALA K 141 -49.18 -34.29 60.60
C ALA K 141 -50.32 -34.69 61.53
N ALA K 142 -49.98 -35.74 62.26
CA ALA K 142 -50.86 -36.36 63.24
C ALA K 142 -51.15 -35.49 64.45
N ARG K 143 -50.07 -34.82 64.84
CA ARG K 143 -50.06 -33.84 65.90
C ARG K 143 -50.99 -32.67 65.61
N MET K 144 -50.80 -32.18 64.39
CA MET K 144 -51.63 -31.16 63.78
C MET K 144 -53.10 -31.51 63.67
N ARG K 145 -53.29 -32.72 63.13
CA ARG K 145 -54.67 -33.16 63.20
C ARG K 145 -55.43 -33.50 64.47
N ASP K 146 -54.52 -33.68 65.44
CA ASP K 146 -55.02 -33.69 66.80
C ASP K 146 -55.38 -32.38 67.49
N VAL K 147 -54.71 -31.33 67.02
CA VAL K 147 -54.89 -29.98 67.50
C VAL K 147 -55.97 -29.17 66.81
N ALA K 148 -56.42 -29.70 65.68
CA ALA K 148 -57.35 -29.00 64.80
C ALA K 148 -58.66 -28.47 65.35
N LEU K 149 -59.09 -29.18 66.38
CA LEU K 149 -60.20 -28.78 67.22
C LEU K 149 -59.84 -27.70 68.24
N TRP K 150 -58.61 -27.85 68.73
CA TRP K 150 -58.10 -26.98 69.76
C TRP K 150 -57.88 -25.58 69.22
N GLN K 151 -57.20 -25.55 68.06
CA GLN K 151 -56.87 -24.32 67.36
C GLN K 151 -58.10 -23.44 67.19
N LYS K 152 -59.14 -24.07 66.65
CA LYS K 152 -60.44 -23.48 66.41
C LYS K 152 -61.05 -22.83 67.64
N HIS K 153 -61.11 -23.69 68.67
CA HIS K 153 -61.61 -23.28 69.96
C HIS K 153 -60.85 -22.11 70.56
N LEU K 154 -59.52 -22.17 70.52
CA LEU K 154 -58.66 -21.08 70.92
C LEU K 154 -58.90 -19.72 70.28
N ASP K 155 -59.02 -19.79 68.95
CA ASP K 155 -59.51 -18.76 68.07
C ASP K 155 -60.84 -18.09 68.38
N THR K 156 -61.76 -18.96 68.78
CA THR K 156 -63.08 -18.44 69.07
C THR K 156 -63.13 -17.45 70.23
N ALA K 157 -62.42 -17.88 71.28
CA ALA K 157 -62.17 -17.13 72.49
C ALA K 157 -61.62 -15.73 72.21
N MET K 158 -60.53 -15.83 71.44
CA MET K 158 -59.75 -14.71 70.96
C MET K 158 -60.44 -13.72 70.02
N THR K 159 -61.52 -14.25 69.45
CA THR K 159 -62.43 -13.31 68.83
C THR K 159 -63.73 -12.87 69.48
N MET K 160 -64.30 -13.79 70.27
CA MET K 160 -65.47 -13.50 71.08
C MET K 160 -65.54 -12.34 72.06
N LEU K 161 -64.36 -11.85 72.46
CA LEU K 161 -63.98 -10.50 72.79
C LEU K 161 -62.53 -10.18 72.48
N THR K 162 -62.27 -10.04 71.18
CA THR K 162 -60.95 -9.85 70.59
C THR K 162 -59.87 -8.96 71.17
N PRO K 163 -58.88 -9.62 71.78
CA PRO K 163 -57.70 -8.98 72.32
C PRO K 163 -56.67 -8.39 71.37
N ASP K 164 -57.18 -7.79 70.29
CA ASP K 164 -56.25 -7.42 69.24
C ASP K 164 -56.19 -5.91 68.99
N ILE K 165 -55.16 -5.30 69.58
CA ILE K 165 -54.99 -3.89 69.30
C ILE K 165 -53.68 -3.78 68.56
N SER K 166 -54.02 -3.68 67.27
CA SER K 166 -53.16 -3.47 66.13
C SER K 166 -52.39 -2.15 66.10
N ALA K 167 -52.92 -1.23 66.90
CA ALA K 167 -52.41 0.13 67.00
C ALA K 167 -52.50 0.77 68.37
N GLY K 168 -51.31 0.83 68.94
CA GLY K 168 -51.11 1.33 70.29
C GLY K 168 -51.23 0.32 71.41
N SER K 169 -52.24 0.65 72.22
CA SER K 169 -52.45 -0.02 73.49
C SER K 169 -53.86 0.20 74.05
N ALA K 170 -54.39 -0.93 74.49
CA ALA K 170 -55.63 -1.04 75.24
C ALA K 170 -55.41 -1.73 76.58
N SER K 171 -56.23 -1.38 77.56
CA SER K 171 -56.32 -2.06 78.84
C SER K 171 -57.69 -2.03 79.52
N CYS K 172 -58.06 -3.17 80.10
CA CYS K 172 -59.32 -3.35 80.80
C CYS K 172 -59.21 -4.51 81.79
N ASN K 173 -60.02 -4.59 82.85
CA ASN K 173 -60.05 -5.68 83.80
C ASN K 173 -60.17 -7.05 83.16
N TRP K 174 -59.11 -7.85 83.19
CA TRP K 174 -59.13 -9.19 82.63
C TRP K 174 -60.12 -10.13 83.29
N LYS K 175 -60.20 -9.92 84.60
CA LYS K 175 -61.21 -10.49 85.45
C LYS K 175 -62.68 -10.35 85.06
N SER K 176 -63.01 -9.08 84.86
CA SER K 176 -64.23 -8.62 84.21
C SER K 176 -64.62 -9.25 82.88
N LEU K 177 -63.63 -9.25 81.99
CA LEU K 177 -63.62 -9.90 80.70
C LEU K 177 -63.82 -11.41 80.75
N LEU K 178 -62.89 -12.02 81.50
CA LEU K 178 -62.94 -13.42 81.84
C LEU K 178 -64.23 -13.99 82.40
N ALA K 179 -64.80 -13.23 83.34
CA ALA K 179 -66.04 -13.69 83.94
C ALA K 179 -67.24 -13.52 83.03
N PHE K 180 -67.29 -12.44 82.26
CA PHE K 180 -68.32 -12.28 81.25
C PHE K 180 -68.24 -13.31 80.13
N ALA K 181 -67.02 -13.64 79.70
CA ALA K 181 -66.71 -14.77 78.85
C ALA K 181 -67.38 -16.05 79.32
N LYS K 182 -67.10 -16.36 80.59
CA LYS K 182 -67.63 -17.59 81.14
C LYS K 182 -69.11 -17.67 81.51
N ASP K 183 -69.68 -16.47 81.50
CA ASP K 183 -71.10 -16.21 81.62
C ASP K 183 -71.90 -16.15 80.33
N ILE K 184 -71.13 -15.88 79.28
CA ILE K 184 -71.72 -15.79 77.96
C ILE K 184 -71.28 -17.05 77.22
N LEU K 185 -70.10 -17.66 77.23
CA LEU K 185 -69.63 -18.71 76.33
C LEU K 185 -70.40 -20.02 76.27
N PRO K 186 -70.47 -20.58 75.06
CA PRO K 186 -71.19 -21.83 74.94
C PRO K 186 -70.50 -22.95 75.72
N LEU K 187 -71.40 -23.54 76.51
CA LEU K 187 -71.10 -24.75 77.25
C LEU K 187 -70.41 -25.90 76.54
N ASP K 188 -70.87 -26.13 75.30
CA ASP K 188 -70.25 -27.11 74.44
C ASP K 188 -68.80 -26.95 73.98
N ASN K 189 -68.26 -25.75 74.18
CA ASN K 189 -66.86 -25.45 73.94
C ASN K 189 -65.87 -26.26 74.76
N LEU K 190 -64.80 -26.61 74.06
CA LEU K 190 -63.59 -27.13 74.68
C LEU K 190 -62.83 -26.28 75.69
N CYS K 191 -63.04 -24.99 75.45
CA CYS K 191 -62.62 -23.94 76.38
C CYS K 191 -63.20 -23.98 77.78
N LEU K 192 -64.47 -24.39 77.83
CA LEU K 192 -65.03 -24.62 79.15
C LEU K 192 -64.70 -25.89 79.93
N THR K 193 -64.30 -26.93 79.20
CA THR K 193 -63.70 -28.12 79.78
C THR K 193 -62.25 -27.92 80.20
N TYR K 194 -61.53 -27.24 79.31
CA TYR K 194 -60.09 -27.06 79.50
C TYR K 194 -59.59 -25.67 79.86
N PRO K 195 -60.27 -24.95 80.76
CA PRO K 195 -59.99 -23.54 80.94
C PRO K 195 -58.54 -23.11 81.13
N ASN K 196 -58.00 -23.83 82.12
CA ASN K 196 -56.65 -23.87 82.64
C ASN K 196 -55.56 -24.09 81.60
N GLU K 197 -55.70 -25.16 80.80
CA GLU K 197 -54.84 -25.30 79.64
C GLU K 197 -54.91 -24.19 78.61
N PHE K 198 -56.13 -23.84 78.16
CA PHE K 198 -56.31 -22.90 77.08
C PHE K 198 -55.73 -21.52 77.31
N TYR K 199 -55.97 -21.07 78.54
CA TYR K 199 -55.41 -19.88 79.13
C TYR K 199 -53.90 -19.82 79.23
N ASN K 200 -53.32 -20.91 79.74
CA ASN K 200 -51.89 -21.18 79.75
C ASN K 200 -51.24 -21.04 78.38
N VAL K 201 -51.84 -21.75 77.43
CA VAL K 201 -51.47 -21.65 76.03
C VAL K 201 -51.58 -20.24 75.47
N ALA K 202 -52.79 -19.71 75.61
CA ALA K 202 -52.97 -18.31 75.32
C ALA K 202 -51.93 -17.31 75.81
N ILE K 203 -51.66 -17.47 77.11
CA ILE K 203 -50.59 -16.72 77.73
C ILE K 203 -49.23 -16.97 77.10
N HIS K 204 -48.99 -18.21 76.67
CA HIS K 204 -47.73 -18.60 76.05
C HIS K 204 -47.51 -18.09 74.64
N ARG K 205 -48.63 -17.81 73.97
CA ARG K 205 -48.68 -17.24 72.63
C ARG K 205 -48.83 -15.74 72.50
N TYR K 206 -49.67 -15.25 73.43
CA TYR K 206 -50.03 -13.85 73.51
C TYR K 206 -49.30 -13.20 74.67
N PRO K 207 -48.12 -12.62 74.48
CA PRO K 207 -47.34 -11.87 75.45
C PRO K 207 -48.13 -10.72 76.02
N ALA K 208 -49.11 -10.28 75.22
CA ALA K 208 -50.17 -9.35 75.57
C ALA K 208 -51.12 -9.61 76.74
N LEU K 209 -50.99 -10.83 77.23
CA LEU K 209 -51.80 -11.42 78.29
C LEU K 209 -50.97 -12.04 79.41
N LYS K 210 -51.41 -11.82 80.65
CA LYS K 210 -50.74 -12.35 81.81
C LYS K 210 -51.49 -13.38 82.65
N PRO K 211 -50.84 -14.36 83.28
CA PRO K 211 -51.54 -15.25 84.18
C PRO K 211 -52.28 -14.64 85.35
N GLY K 212 -53.48 -15.16 85.63
CA GLY K 212 -54.19 -14.94 86.88
C GLY K 212 -53.56 -14.31 88.11
N ASN K 213 -53.29 -15.21 89.07
CA ASN K 213 -52.63 -14.94 90.32
C ASN K 213 -51.38 -15.66 90.81
N PRO K 214 -50.62 -16.24 89.88
CA PRO K 214 -49.67 -17.27 90.25
C PRO K 214 -48.70 -17.05 91.41
N ASP K 215 -48.12 -15.84 91.37
CA ASP K 215 -47.69 -15.05 92.51
C ASP K 215 -48.25 -13.64 92.36
N THR K 216 -49.36 -13.36 93.05
CA THR K 216 -50.00 -12.06 92.94
C THR K 216 -49.05 -10.88 93.11
N LYS K 217 -47.94 -11.17 93.79
CA LYS K 217 -46.68 -10.46 93.78
C LYS K 217 -46.13 -9.90 92.48
N LEU K 218 -45.99 -10.96 91.68
CA LEU K 218 -45.60 -10.99 90.28
C LEU K 218 -46.42 -11.91 89.38
N PRO K 219 -47.53 -11.36 88.88
CA PRO K 219 -48.25 -12.03 87.83
C PRO K 219 -47.77 -11.67 86.44
N ASP K 220 -47.17 -10.48 86.34
CA ASP K 220 -46.76 -9.82 85.12
C ASP K 220 -45.25 -9.96 84.90
N ALA K 221 -44.93 -10.00 83.60
CA ALA K 221 -43.58 -10.03 83.10
C ALA K 221 -43.39 -9.28 81.79
N GLN K 222 -42.14 -8.98 81.46
CA GLN K 222 -41.77 -8.40 80.19
C GLN K 222 -41.14 -9.25 79.09
N ALA K 223 -40.53 -10.30 79.66
CA ALA K 223 -40.09 -11.46 78.93
C ALA K 223 -41.10 -12.60 78.92
N HIS K 224 -41.42 -12.95 77.67
CA HIS K 224 -42.47 -13.89 77.34
C HIS K 224 -41.76 -14.97 76.56
N PRO K 225 -42.34 -15.68 75.59
CA PRO K 225 -41.45 -16.59 74.88
C PRO K 225 -40.71 -15.88 73.76
N LEU K 226 -40.52 -16.60 72.65
CA LEU K 226 -39.87 -16.04 71.47
C LEU K 226 -40.69 -15.00 70.73
N GLY K 227 -41.96 -15.32 70.46
CA GLY K 227 -42.93 -14.44 69.85
C GLY K 227 -42.51 -13.02 69.49
N GLU K 228 -42.45 -12.19 70.54
CA GLU K 228 -41.85 -10.87 70.56
C GLU K 228 -41.17 -10.27 69.34
N VAL K 229 -40.13 -11.00 68.93
CA VAL K 229 -39.35 -10.76 67.73
C VAL K 229 -40.20 -10.47 66.51
N ALA K 230 -40.94 -11.50 66.09
CA ALA K 230 -41.92 -11.33 65.05
C ALA K 230 -42.96 -10.22 65.15
N GLY K 231 -43.27 -9.97 66.43
CA GLY K 231 -44.21 -8.91 66.74
C GLY K 231 -43.79 -7.48 66.48
N ALA K 232 -42.53 -7.22 66.85
CA ALA K 232 -41.90 -5.95 66.56
C ALA K 232 -41.87 -5.38 65.15
N PHE K 233 -41.73 -6.37 64.26
CA PHE K 233 -42.00 -6.14 62.86
C PHE K 233 -43.38 -5.88 62.24
N ASN K 234 -44.37 -6.40 62.94
CA ASN K 234 -45.73 -5.96 62.69
C ASN K 234 -46.22 -4.69 63.38
N ALA K 235 -45.44 -4.18 64.34
CA ALA K 235 -45.78 -2.96 65.04
C ALA K 235 -45.37 -1.63 64.44
N ALA K 236 -46.42 -0.82 64.32
CA ALA K 236 -46.30 0.49 63.75
C ALA K 236 -45.27 1.46 64.33
N THR K 237 -44.47 2.04 63.43
CA THR K 237 -43.35 2.90 63.74
C THR K 237 -43.75 4.32 63.41
N SER K 238 -42.89 5.27 63.80
CA SER K 238 -42.88 6.68 63.48
C SER K 238 -43.03 7.26 62.08
N GLU K 239 -42.54 6.42 61.17
CA GLU K 239 -42.67 6.73 59.75
C GLU K 239 -43.38 5.77 58.81
N VAL K 240 -43.37 4.49 59.20
CA VAL K 240 -44.17 3.45 58.60
C VAL K 240 -45.21 2.73 59.46
N GLY K 241 -46.35 2.40 58.86
CA GLY K 241 -47.26 1.36 59.29
C GLY K 241 -46.51 0.05 59.51
N SER K 242 -46.59 -0.86 58.55
CA SER K 242 -45.97 -2.16 58.73
C SER K 242 -44.81 -2.39 57.76
N LEU K 243 -43.67 -2.70 58.36
CA LEU K 243 -42.46 -3.12 57.67
C LEU K 243 -42.53 -4.30 56.72
N VAL K 244 -43.11 -5.37 57.27
CA VAL K 244 -43.49 -6.50 56.44
C VAL K 244 -44.40 -6.19 55.25
N GLY K 245 -45.37 -5.35 55.58
CA GLY K 245 -46.34 -4.87 54.62
C GLY K 245 -45.79 -4.34 53.30
N SER K 246 -45.21 -3.15 53.51
CA SER K 246 -44.58 -2.37 52.48
C SER K 246 -43.52 -3.12 51.69
N SER K 247 -42.80 -3.98 52.41
CA SER K 247 -41.80 -4.87 51.83
C SER K 247 -42.39 -5.91 50.89
N SER K 248 -43.39 -6.65 51.35
CA SER K 248 -44.23 -7.56 50.59
C SER K 248 -44.89 -6.96 49.36
N THR K 249 -45.59 -5.85 49.62
CA THR K 249 -46.36 -5.06 48.69
C THR K 249 -45.42 -4.81 47.52
N LEU K 250 -44.33 -4.09 47.83
CA LEU K 250 -43.37 -3.72 46.80
C LEU K 250 -42.82 -4.90 46.02
N SER K 251 -42.50 -5.97 46.75
CA SER K 251 -42.00 -7.19 46.16
C SER K 251 -42.99 -7.82 45.20
N GLN K 252 -44.29 -7.90 45.49
CA GLN K 252 -45.36 -8.26 44.59
C GLN K 252 -45.48 -7.46 43.30
N ALA K 253 -45.26 -6.14 43.44
CA ALA K 253 -45.12 -5.23 42.33
C ALA K 253 -43.97 -5.48 41.36
N ILE K 254 -42.76 -5.59 41.90
CA ILE K 254 -41.60 -6.11 41.21
C ILE K 254 -41.94 -7.38 40.43
N SER K 255 -42.37 -8.39 41.18
CA SER K 255 -42.54 -9.66 40.50
C SER K 255 -43.55 -9.81 39.36
N THR K 256 -44.59 -8.98 39.50
CA THR K 256 -45.46 -8.68 38.37
C THR K 256 -44.78 -7.92 37.24
N MET K 257 -43.91 -6.95 37.54
CA MET K 257 -43.08 -6.36 36.51
C MET K 257 -42.19 -7.32 35.75
N ALA K 258 -41.61 -8.22 36.55
CA ALA K 258 -40.81 -9.36 36.14
C ALA K 258 -41.36 -10.36 35.14
N GLY K 259 -42.60 -10.68 35.49
CA GLY K 259 -43.45 -11.52 34.68
C GLY K 259 -43.99 -10.90 33.41
N LYS K 260 -44.18 -9.58 33.45
CA LYS K 260 -44.51 -8.85 32.25
C LYS K 260 -43.39 -8.72 31.22
N ASP K 261 -42.18 -8.82 31.78
CA ASP K 261 -40.86 -8.61 31.22
C ASP K 261 -40.55 -7.29 30.53
N LEU K 262 -41.26 -6.27 31.02
CA LEU K 262 -41.17 -4.90 30.55
C LEU K 262 -41.24 -4.51 29.08
N ASP K 263 -40.19 -5.02 28.44
CA ASP K 263 -39.77 -4.92 27.06
C ASP K 263 -40.96 -4.92 26.12
N LEU K 264 -41.90 -5.82 26.40
CA LEU K 264 -43.20 -5.81 25.78
C LEU K 264 -43.80 -4.62 25.04
N ILE K 265 -43.74 -3.45 25.67
CA ILE K 265 -44.16 -2.19 25.08
C ILE K 265 -43.30 -1.63 23.96
N GLU K 266 -42.01 -1.95 23.92
CA GLU K 266 -41.05 -1.34 23.02
C GLU K 266 -40.82 -2.18 21.77
N ALA K 267 -41.99 -2.33 21.15
CA ALA K 267 -42.05 -3.26 20.05
C ALA K 267 -42.76 -2.67 18.83
N ASP K 268 -41.89 -2.28 17.89
CA ASP K 268 -42.29 -1.81 16.57
C ASP K 268 -42.48 -2.82 15.46
N THR K 269 -41.45 -3.65 15.38
CA THR K 269 -41.16 -4.63 14.35
C THR K 269 -41.41 -5.97 15.04
N PRO K 270 -41.95 -6.95 14.32
CA PRO K 270 -42.54 -8.18 14.82
C PRO K 270 -42.12 -8.87 16.11
N LEU K 271 -42.97 -8.72 17.14
CA LEU K 271 -42.89 -9.49 18.35
C LEU K 271 -43.96 -10.57 18.43
N PRO K 272 -43.43 -11.78 18.59
CA PRO K 272 -44.28 -12.96 18.43
C PRO K 272 -45.47 -13.21 19.33
N VAL K 273 -46.63 -13.35 18.68
CA VAL K 273 -47.93 -13.55 19.31
C VAL K 273 -48.08 -14.22 20.66
N SER K 274 -47.49 -15.42 20.51
CA SER K 274 -47.38 -16.35 21.60
C SER K 274 -46.79 -15.94 22.94
N VAL K 275 -45.76 -15.13 22.73
CA VAL K 275 -44.97 -14.38 23.67
C VAL K 275 -45.72 -13.22 24.34
N PHE K 276 -46.31 -12.40 23.47
CA PHE K 276 -47.07 -11.25 23.93
C PHE K 276 -48.44 -11.65 24.47
N THR K 277 -49.21 -12.56 23.87
CA THR K 277 -50.59 -12.86 24.21
C THR K 277 -50.69 -13.83 25.38
N PRO K 278 -51.35 -13.51 26.49
CA PRO K 278 -51.75 -14.56 27.40
C PRO K 278 -53.05 -15.22 26.96
N SER K 279 -54.00 -15.28 27.89
CA SER K 279 -55.35 -15.78 27.73
C SER K 279 -56.43 -14.78 27.33
N LEU K 280 -57.15 -15.26 26.32
CA LEU K 280 -58.20 -14.48 25.70
C LEU K 280 -59.67 -14.82 25.92
N ALA K 281 -60.52 -13.81 25.99
CA ALA K 281 -61.96 -13.97 26.08
C ALA K 281 -62.85 -13.51 24.93
N PRO K 282 -64.03 -14.09 24.70
CA PRO K 282 -65.02 -13.59 23.76
C PRO K 282 -65.42 -12.13 23.97
N ARG K 283 -65.88 -11.42 22.94
CA ARG K 283 -66.44 -10.10 23.06
C ARG K 283 -67.78 -9.99 22.35
N SER K 284 -68.51 -8.94 22.72
CA SER K 284 -69.88 -8.71 22.29
C SER K 284 -70.02 -7.44 21.46
N TYR K 285 -70.52 -7.54 20.23
CA TYR K 285 -70.66 -6.41 19.35
C TYR K 285 -72.09 -6.33 18.83
N ARG K 286 -72.46 -5.13 18.37
CA ARG K 286 -73.75 -4.94 17.75
C ARG K 286 -73.76 -4.70 16.24
N PRO K 287 -74.77 -5.26 15.57
CA PRO K 287 -75.18 -4.73 14.29
C PRO K 287 -75.68 -3.28 14.34
N ALA K 288 -76.98 -3.19 14.55
CA ALA K 288 -77.60 -1.96 15.03
C ALA K 288 -77.07 -0.66 14.44
N PHE K 289 -76.20 -0.04 15.25
CA PHE K 289 -75.64 1.25 14.91
C PHE K 289 -74.12 1.21 14.93
N ILE K 290 -73.52 0.07 14.57
CA ILE K 290 -72.08 0.05 14.41
C ILE K 290 -71.64 0.83 13.18
N LYS K 291 -70.35 1.15 13.02
CA LYS K 291 -70.05 2.03 11.91
C LYS K 291 -69.18 1.41 10.82
N PRO K 292 -69.86 1.09 9.73
CA PRO K 292 -69.18 0.48 8.59
C PRO K 292 -67.80 0.96 8.18
N GLU K 293 -67.61 2.27 8.30
CA GLU K 293 -66.33 2.92 8.06
C GLU K 293 -65.20 2.43 8.95
N ASP K 294 -65.53 2.21 10.22
CA ASP K 294 -64.53 1.87 11.22
C ASP K 294 -64.24 0.39 11.45
N ALA K 295 -65.31 -0.36 11.18
CA ALA K 295 -65.41 -1.76 11.57
C ALA K 295 -64.97 -2.73 10.50
N LYS K 296 -63.66 -3.00 10.52
CA LYS K 296 -63.08 -3.97 9.63
C LYS K 296 -63.82 -5.23 9.17
N TRP K 297 -64.15 -6.10 10.13
CA TRP K 297 -64.99 -7.26 9.95
C TRP K 297 -66.51 -7.16 9.85
N ILE K 298 -67.04 -5.94 9.95
CA ILE K 298 -68.46 -5.64 9.96
C ILE K 298 -68.83 -4.24 9.46
N ALA K 299 -69.31 -4.26 8.22
CA ALA K 299 -69.77 -3.17 7.38
C ALA K 299 -71.24 -3.32 7.03
N GLU K 300 -71.76 -2.51 6.11
CA GLU K 300 -73.12 -2.62 5.61
C GLU K 300 -73.25 -2.55 4.10
N PHE K 301 -74.23 -3.28 3.55
CA PHE K 301 -74.88 -2.97 2.30
C PHE K 301 -75.61 -1.63 2.30
N ASN K 302 -75.58 -0.99 1.13
CA ASN K 302 -76.02 0.37 0.93
C ASN K 302 -77.39 0.56 0.30
N ASN K 303 -78.16 1.54 0.77
CA ASN K 303 -79.52 1.75 0.28
C ASN K 303 -79.50 1.92 -1.23
N SER K 304 -80.58 1.40 -1.80
CA SER K 304 -80.79 1.18 -3.22
C SER K 304 -80.17 -0.06 -3.85
N SER K 305 -81.09 -0.99 -4.15
CA SER K 305 -80.94 -2.12 -5.02
C SER K 305 -82.20 -2.93 -5.32
N LEU K 306 -82.56 -3.58 -4.21
CA LEU K 306 -83.76 -4.28 -3.80
C LEU K 306 -83.76 -5.74 -4.24
N ILE K 307 -83.17 -6.53 -3.33
CA ILE K 307 -83.31 -7.95 -3.60
C ILE K 307 -84.28 -8.44 -2.54
N ARG K 308 -85.50 -8.49 -3.08
CA ARG K 308 -86.68 -8.88 -2.33
C ARG K 308 -86.98 -10.37 -2.26
N LYS K 309 -87.67 -10.93 -3.25
CA LYS K 309 -87.99 -12.34 -3.15
C LYS K 309 -86.90 -13.31 -3.61
N THR K 310 -86.44 -14.00 -2.56
CA THR K 310 -85.55 -15.14 -2.68
C THR K 310 -86.09 -16.43 -2.09
N LEU K 311 -86.11 -17.52 -2.88
CA LEU K 311 -86.40 -18.84 -2.36
C LEU K 311 -85.39 -19.18 -1.27
N THR K 312 -85.95 -19.59 -0.13
CA THR K 312 -85.26 -19.95 1.09
C THR K 312 -85.16 -21.40 1.54
N TYR K 313 -86.20 -22.13 1.14
CA TYR K 313 -86.45 -23.54 1.41
C TYR K 313 -87.22 -24.14 0.25
N SER K 314 -87.51 -25.43 0.45
CA SER K 314 -88.22 -26.20 -0.54
C SER K 314 -89.59 -25.59 -0.73
N GLY K 315 -89.58 -24.92 -1.89
CA GLY K 315 -90.70 -24.22 -2.47
C GLY K 315 -91.42 -23.21 -1.60
N ALA K 316 -90.53 -22.58 -0.83
CA ALA K 316 -90.87 -21.73 0.31
C ALA K 316 -89.98 -20.50 0.16
N THR K 317 -90.56 -19.34 0.50
CA THR K 317 -90.03 -18.04 0.17
C THR K 317 -90.04 -16.99 1.28
N TYR K 318 -88.96 -16.21 1.35
CA TYR K 318 -88.72 -15.06 2.20
C TYR K 318 -88.17 -13.85 1.46
N THR K 319 -88.73 -12.70 1.84
CA THR K 319 -88.15 -11.49 1.30
C THR K 319 -87.00 -10.94 2.13
N VAL K 320 -85.80 -11.23 1.62
CA VAL K 320 -84.69 -10.60 2.30
C VAL K 320 -84.56 -9.10 2.14
N GLN K 321 -85.21 -8.67 1.06
CA GLN K 321 -85.69 -7.33 0.77
C GLN K 321 -84.74 -6.14 0.76
N LEU K 322 -83.50 -6.48 0.40
CA LEU K 322 -82.23 -5.78 0.43
C LEU K 322 -82.21 -4.35 -0.10
N GLY K 323 -82.15 -3.42 0.86
CA GLY K 323 -82.09 -2.00 0.56
C GLY K 323 -81.61 -1.09 1.69
N PRO K 324 -82.48 -0.26 2.30
CA PRO K 324 -82.13 0.74 3.28
C PRO K 324 -81.55 0.11 4.55
N GLY K 325 -80.25 -0.02 4.75
CA GLY K 325 -79.46 -0.39 5.91
C GLY K 325 -79.73 -1.77 6.49
N PRO K 326 -79.84 -2.76 5.60
CA PRO K 326 -80.21 -4.11 5.97
C PRO K 326 -79.26 -4.83 6.92
N THR K 327 -79.58 -4.64 8.19
CA THR K 327 -78.86 -5.12 9.35
C THR K 327 -77.39 -4.79 9.22
N ARG K 328 -76.50 -5.77 8.98
CA ARG K 328 -75.08 -5.59 8.76
C ARG K 328 -74.52 -6.77 7.96
N VAL K 329 -73.42 -6.46 7.28
CA VAL K 329 -72.68 -7.47 6.56
C VAL K 329 -71.38 -7.80 7.27
N ILE K 330 -71.52 -9.02 7.79
CA ILE K 330 -70.43 -9.44 8.65
C ILE K 330 -69.33 -10.01 7.76
N ASP K 331 -68.23 -9.26 7.73
CA ASP K 331 -67.08 -9.53 6.88
C ASP K 331 -66.05 -10.50 7.46
N MET K 332 -66.41 -11.78 7.35
CA MET K 332 -65.63 -12.86 7.91
C MET K 332 -64.72 -13.53 6.88
N ASN K 333 -64.27 -12.70 5.95
CA ASN K 333 -63.23 -13.08 5.01
C ASN K 333 -61.79 -12.99 5.48
N ALA K 334 -61.44 -14.15 6.02
CA ALA K 334 -60.19 -14.50 6.67
C ALA K 334 -59.77 -13.59 7.83
N MET K 335 -60.77 -13.60 8.72
CA MET K 335 -60.75 -12.82 9.94
C MET K 335 -60.57 -13.73 11.14
N ILE K 336 -59.40 -14.36 11.21
CA ILE K 336 -59.07 -15.42 12.15
C ILE K 336 -60.10 -16.52 12.36
N ASP K 337 -59.99 -17.39 13.37
CA ASP K 337 -61.06 -18.32 13.65
C ASP K 337 -61.86 -18.11 14.93
N SER K 338 -63.16 -17.87 14.77
CA SER K 338 -64.21 -17.47 15.67
C SER K 338 -65.49 -18.30 15.60
N VAL K 339 -66.32 -18.13 16.64
CA VAL K 339 -67.64 -18.72 16.60
C VAL K 339 -68.69 -17.61 16.76
N LEU K 340 -69.44 -17.38 15.69
CA LEU K 340 -70.38 -16.27 15.64
C LEU K 340 -71.61 -16.54 16.49
N THR K 341 -71.39 -16.26 17.77
CA THR K 341 -72.37 -16.40 18.82
C THR K 341 -73.41 -15.28 18.84
N LEU K 342 -74.50 -15.45 18.08
CA LEU K 342 -75.55 -14.47 17.88
C LEU K 342 -76.58 -14.65 18.98
N ASP K 343 -76.73 -13.56 19.73
CA ASP K 343 -77.54 -13.49 20.93
C ASP K 343 -78.62 -12.43 20.77
N VAL K 344 -79.70 -13.09 20.35
CA VAL K 344 -80.92 -12.38 20.01
C VAL K 344 -81.91 -12.54 21.16
N SER K 345 -82.33 -11.34 21.60
CA SER K 345 -83.47 -11.26 22.50
C SER K 345 -84.10 -9.88 22.36
N GLY K 346 -85.38 -9.65 22.64
CA GLY K 346 -86.11 -8.42 22.44
C GLY K 346 -86.74 -8.32 21.05
N THR K 347 -85.78 -8.12 20.15
CA THR K 347 -86.06 -8.01 18.73
C THR K 347 -86.71 -9.21 18.05
N ILE K 348 -87.97 -8.93 17.74
CA ILE K 348 -88.60 -9.73 16.71
C ILE K 348 -89.28 -8.93 15.60
N LEU K 349 -89.97 -7.90 16.08
CA LEU K 349 -90.69 -6.96 15.24
C LEU K 349 -91.47 -7.66 14.14
N PRO K 350 -92.69 -8.14 14.39
CA PRO K 350 -93.48 -8.88 13.43
C PRO K 350 -93.75 -8.19 12.10
N TYR K 351 -93.78 -8.98 11.02
CA TYR K 351 -94.03 -8.42 9.71
C TYR K 351 -95.20 -7.45 9.66
N ASP K 352 -94.83 -6.20 9.39
CA ASP K 352 -95.70 -5.09 9.02
C ASP K 352 -97.20 -5.34 9.17
N THR K 353 -97.81 -6.03 8.20
CA THR K 353 -99.06 -6.70 8.49
C THR K 353 -99.41 -7.87 7.59
N ASN K 354 -98.61 -8.91 7.81
CA ASN K 354 -98.60 -10.19 7.13
C ASN K 354 -99.04 -11.28 8.09
N PRO K 355 -99.96 -12.17 7.71
CA PRO K 355 -100.23 -13.42 8.39
C PRO K 355 -99.14 -14.47 8.27
N ASP K 356 -97.95 -13.88 8.25
CA ASP K 356 -96.69 -14.61 8.24
C ASP K 356 -95.86 -14.35 9.48
N LEU K 357 -96.70 -14.34 10.52
CA LEU K 357 -96.32 -13.96 11.87
C LEU K 357 -95.71 -15.15 12.61
N SER K 358 -96.49 -16.22 12.50
CA SER K 358 -96.04 -17.60 12.57
C SER K 358 -95.17 -17.89 11.34
N THR K 359 -94.10 -18.65 11.56
CA THR K 359 -93.07 -19.13 10.66
C THR K 359 -91.85 -18.28 10.33
N SER K 360 -91.80 -17.19 11.09
CA SER K 360 -90.65 -16.30 11.07
C SER K 360 -89.65 -16.13 12.21
N VAL K 361 -88.47 -16.63 11.84
CA VAL K 361 -87.35 -16.75 12.76
C VAL K 361 -86.20 -15.77 12.61
N PRO K 362 -85.63 -15.44 13.78
CA PRO K 362 -84.30 -14.87 13.85
C PRO K 362 -83.26 -15.87 13.35
N ALA K 363 -82.67 -15.44 12.24
CA ALA K 363 -81.60 -16.20 11.60
C ALA K 363 -80.36 -15.42 11.19
N PHE K 364 -79.31 -16.22 10.99
CA PHE K 364 -78.06 -15.88 10.36
C PHE K 364 -77.86 -16.60 9.03
N VAL K 365 -77.49 -15.78 8.05
CA VAL K 365 -77.19 -16.28 6.71
C VAL K 365 -75.81 -15.85 6.28
N LEU K 366 -74.91 -16.78 5.93
CA LEU K 366 -73.64 -16.40 5.36
C LEU K 366 -73.82 -16.24 3.85
N ILE K 367 -73.16 -15.24 3.25
CA ILE K 367 -73.16 -15.04 1.82
C ILE K 367 -71.77 -15.24 1.21
N GLN K 368 -71.73 -16.14 0.23
CA GLN K 368 -70.52 -16.72 -0.31
C GLN K 368 -70.29 -16.55 -1.81
N THR K 369 -69.87 -15.32 -2.08
CA THR K 369 -69.72 -14.85 -3.44
C THR K 369 -68.42 -14.13 -3.80
N SER K 370 -67.89 -14.44 -4.98
CA SER K 370 -66.85 -13.67 -5.59
C SER K 370 -67.23 -12.34 -6.22
N VAL K 371 -68.48 -11.97 -5.93
CA VAL K 371 -69.02 -10.68 -6.32
C VAL K 371 -69.14 -9.80 -5.08
N PRO K 372 -68.23 -8.84 -4.96
CA PRO K 372 -68.18 -7.91 -3.85
C PRO K 372 -69.49 -7.18 -3.63
N ILE K 373 -70.00 -7.33 -2.41
CA ILE K 373 -71.21 -6.70 -1.95
C ILE K 373 -71.83 -5.49 -2.65
N GLN K 374 -70.99 -4.50 -2.95
CA GLN K 374 -71.51 -3.38 -3.73
C GLN K 374 -71.96 -3.61 -5.18
N GLN K 375 -71.52 -4.78 -5.65
CA GLN K 375 -71.97 -5.26 -6.94
C GLN K 375 -73.22 -6.11 -6.93
N VAL K 376 -73.66 -6.46 -5.72
CA VAL K 376 -74.75 -7.40 -5.57
C VAL K 376 -76.16 -6.81 -5.62
N THR K 377 -76.61 -6.74 -6.88
CA THR K 377 -77.88 -6.13 -7.19
C THR K 377 -79.11 -6.94 -7.56
N THR K 378 -78.89 -8.11 -8.14
CA THR K 378 -79.94 -9.08 -8.39
C THR K 378 -79.60 -10.42 -7.76
N ALA K 379 -80.58 -11.33 -7.75
CA ALA K 379 -80.37 -12.71 -7.37
C ALA K 379 -79.21 -13.42 -8.05
N ALA K 380 -79.00 -13.04 -9.32
CA ALA K 380 -77.93 -13.68 -10.03
C ALA K 380 -76.52 -13.71 -9.44
N ASN K 381 -76.24 -12.53 -8.86
CA ASN K 381 -75.05 -12.17 -8.13
C ASN K 381 -74.62 -13.03 -6.94
N ILE K 382 -75.65 -13.38 -6.18
CA ILE K 382 -75.36 -13.97 -4.89
C ILE K 382 -74.37 -15.11 -4.73
N THR K 383 -74.29 -15.94 -5.77
CA THR K 383 -73.62 -17.22 -5.79
C THR K 383 -74.33 -18.15 -4.81
N ALA K 384 -73.88 -17.94 -3.56
CA ALA K 384 -74.45 -18.61 -2.41
C ALA K 384 -75.06 -17.74 -1.32
N ILE K 385 -76.38 -17.82 -1.16
CA ILE K 385 -76.98 -17.53 0.13
C ILE K 385 -77.21 -18.77 0.98
N THR K 386 -76.37 -19.00 1.99
CA THR K 386 -76.59 -20.15 2.86
C THR K 386 -77.04 -19.64 4.22
N VAL K 387 -78.30 -20.02 4.44
CA VAL K 387 -78.90 -20.02 5.75
C VAL K 387 -78.25 -21.01 6.69
N VAL K 388 -77.43 -20.50 7.61
CA VAL K 388 -76.59 -21.23 8.54
C VAL K 388 -77.24 -21.41 9.91
N SER K 389 -77.70 -20.24 10.35
CA SER K 389 -78.07 -20.15 11.75
C SER K 389 -79.54 -19.90 12.04
N ALA K 390 -80.32 -20.98 12.07
CA ALA K 390 -81.68 -20.87 12.55
C ALA K 390 -82.26 -21.95 13.46
N ALA K 391 -81.65 -23.13 13.37
CA ALA K 391 -82.24 -24.32 13.95
C ALA K 391 -83.64 -24.71 13.47
N GLY K 392 -84.63 -24.82 14.36
CA GLY K 392 -85.95 -25.13 13.82
C GLY K 392 -86.51 -23.93 13.08
N ALA K 393 -86.35 -24.03 11.77
CA ALA K 393 -86.64 -22.86 10.96
C ALA K 393 -88.05 -22.78 10.39
N SER K 394 -88.97 -22.57 11.33
CA SER K 394 -90.36 -22.20 11.20
C SER K 394 -90.65 -20.95 12.03
N ALA K 395 -91.39 -21.12 13.12
CA ALA K 395 -91.61 -20.20 14.22
C ALA K 395 -92.72 -20.55 15.20
N ILE K 396 -92.59 -19.91 16.36
CA ILE K 396 -93.53 -19.82 17.46
C ILE K 396 -93.29 -18.50 18.16
N ASN K 397 -94.45 -17.97 18.56
CA ASN K 397 -94.55 -16.74 19.34
C ASN K 397 -93.88 -16.78 20.71
N LEU K 398 -92.56 -16.71 20.64
CA LEU K 398 -91.60 -16.58 21.72
C LEU K 398 -91.47 -15.22 22.36
N ALA K 399 -92.04 -14.28 21.59
CA ALA K 399 -92.25 -12.90 22.00
C ALA K 399 -93.35 -12.75 23.05
N ILE K 400 -92.94 -11.97 24.05
CA ILE K 400 -93.85 -11.61 25.11
C ILE K 400 -95.02 -10.76 24.61
N ASN K 401 -95.90 -11.50 23.94
CA ASN K 401 -96.97 -10.93 23.15
C ASN K 401 -98.30 -10.48 23.72
N VAL K 402 -98.45 -10.97 24.96
CA VAL K 402 -99.64 -10.79 25.75
C VAL K 402 -100.09 -9.34 25.95
N ARG K 403 -99.11 -8.44 26.08
CA ARG K 403 -99.32 -7.10 26.59
C ARG K 403 -98.97 -6.18 25.43
N GLY K 404 -99.13 -6.76 24.23
CA GLY K 404 -98.76 -5.98 23.06
C GLY K 404 -97.30 -6.04 22.68
N GLN K 405 -96.45 -6.49 23.62
CA GLN K 405 -95.02 -6.45 23.41
C GLN K 405 -94.50 -7.34 22.29
N PRO K 406 -93.51 -6.93 21.48
CA PRO K 406 -92.92 -7.86 20.56
C PRO K 406 -91.48 -8.04 21.01
N ARG K 407 -91.39 -8.86 22.06
CA ARG K 407 -90.16 -9.23 22.73
C ARG K 407 -90.32 -10.71 22.42
N PHE K 408 -89.37 -10.96 21.50
CA PHE K 408 -88.57 -12.17 21.42
C PHE K 408 -87.55 -12.83 22.34
N ASN K 409 -87.97 -14.03 22.75
CA ASN K 409 -87.30 -14.83 23.76
C ASN K 409 -85.82 -14.88 23.43
N MET K 410 -84.94 -15.08 24.42
CA MET K 410 -83.53 -15.20 24.15
C MET K 410 -83.06 -16.45 23.41
N LEU K 411 -82.72 -16.20 22.15
CA LEU K 411 -81.97 -17.16 21.37
C LEU K 411 -80.45 -17.14 21.31
N HIS K 412 -79.93 -18.37 21.31
CA HIS K 412 -78.50 -18.56 21.11
C HIS K 412 -78.20 -19.16 19.74
N LEU K 413 -77.78 -18.38 18.75
CA LEU K 413 -77.36 -18.87 17.45
C LEU K 413 -75.87 -19.16 17.35
N GLN K 414 -75.40 -20.12 16.56
CA GLN K 414 -74.01 -20.45 16.30
C GLN K 414 -73.74 -20.66 14.82
N ALA K 415 -72.72 -19.89 14.42
CA ALA K 415 -72.02 -20.12 13.17
C ALA K 415 -70.52 -20.34 13.27
N THR K 416 -70.14 -21.61 13.32
CA THR K 416 -68.73 -21.95 13.24
C THR K 416 -67.81 -21.39 12.16
N PHE K 417 -67.53 -20.09 12.31
CA PHE K 417 -66.59 -19.40 11.45
C PHE K 417 -65.15 -19.90 11.51
N GLU K 418 -64.99 -20.93 10.69
CA GLU K 418 -63.72 -21.49 10.28
C GLU K 418 -63.42 -21.23 8.81
N ARG K 419 -62.56 -20.22 8.75
CA ARG K 419 -62.09 -19.83 7.43
C ARG K 419 -61.49 -20.86 6.49
N GLU K 420 -61.01 -21.93 7.12
CA GLU K 420 -60.59 -23.13 6.43
C GLU K 420 -61.68 -23.90 5.69
N THR K 421 -62.89 -23.86 6.26
CA THR K 421 -64.06 -24.35 5.56
C THR K 421 -64.33 -23.91 4.12
N ILE K 422 -64.01 -22.63 3.96
CA ILE K 422 -64.06 -22.03 2.64
C ILE K 422 -62.71 -21.71 2.04
N THR K 423 -61.69 -21.40 2.84
CA THR K 423 -60.38 -20.91 2.44
C THR K 423 -60.33 -19.68 1.55
N GLY K 424 -61.09 -18.63 1.88
CA GLY K 424 -61.24 -17.50 1.00
C GLY K 424 -61.84 -17.77 -0.37
N ILE K 425 -61.41 -16.90 -1.28
CA ILE K 425 -61.77 -17.00 -2.68
C ILE K 425 -63.16 -16.63 -3.19
N PRO K 426 -64.24 -17.21 -2.67
CA PRO K 426 -65.52 -16.53 -2.73
C PRO K 426 -65.99 -15.70 -1.55
N TYR K 427 -65.38 -14.52 -1.45
CA TYR K 427 -65.23 -13.81 -0.20
C TYR K 427 -66.41 -13.84 0.75
N ILE K 428 -66.09 -13.95 2.03
CA ILE K 428 -67.07 -14.37 3.03
C ILE K 428 -67.83 -13.24 3.70
N TYR K 429 -69.14 -13.34 3.55
CA TYR K 429 -70.17 -12.51 4.14
C TYR K 429 -71.27 -13.24 4.91
N GLY K 430 -72.00 -12.45 5.70
CA GLY K 430 -73.12 -12.93 6.50
C GLY K 430 -73.99 -11.76 6.91
N LEU K 431 -75.26 -12.14 7.05
CA LEU K 431 -76.31 -11.23 7.43
C LEU K 431 -77.18 -11.72 8.57
N GLY K 432 -78.00 -10.85 9.16
CA GLY K 432 -78.94 -11.18 10.22
C GLY K 432 -80.39 -10.94 9.83
N THR K 433 -81.32 -11.86 10.08
CA THR K 433 -82.71 -11.73 9.66
C THR K 433 -83.73 -12.74 10.12
N PHE K 434 -84.90 -12.18 10.44
CA PHE K 434 -86.16 -12.90 10.50
C PHE K 434 -86.63 -13.61 9.24
N LEU K 435 -86.04 -14.77 8.98
CA LEU K 435 -86.16 -15.52 7.74
C LEU K 435 -87.41 -16.39 7.84
N ILE K 436 -88.22 -16.47 6.78
CA ILE K 436 -89.38 -17.33 6.68
C ILE K 436 -89.40 -18.34 5.55
N PRO K 437 -89.96 -19.52 5.85
CA PRO K 437 -90.53 -20.29 4.76
C PRO K 437 -91.82 -19.76 4.14
N SER K 438 -92.76 -19.47 5.03
CA SER K 438 -94.01 -18.90 4.59
C SER K 438 -94.05 -17.53 3.96
N PRO K 439 -94.46 -17.54 2.68
CA PRO K 439 -94.04 -16.47 1.80
C PRO K 439 -94.45 -15.08 2.26
N THR K 440 -93.48 -14.18 2.21
CA THR K 440 -93.69 -12.81 2.62
C THR K 440 -93.92 -11.76 1.53
N SER K 441 -94.96 -10.98 1.82
CA SER K 441 -95.43 -9.99 0.87
C SER K 441 -94.51 -8.79 0.66
N SER K 442 -93.63 -8.94 -0.33
CA SER K 442 -92.72 -7.88 -0.69
C SER K 442 -93.18 -6.43 -0.80
N SER K 443 -94.37 -6.29 -1.39
CA SER K 443 -95.07 -5.03 -1.48
C SER K 443 -95.44 -4.48 -0.11
N ASN K 444 -96.07 -5.38 0.67
CA ASN K 444 -96.26 -5.13 2.08
C ASN K 444 -95.09 -4.79 2.99
N PHE K 445 -94.23 -5.79 3.20
CA PHE K 445 -93.06 -5.61 4.04
C PHE K 445 -91.86 -5.10 3.26
N SER K 446 -92.02 -3.83 2.88
CA SER K 446 -90.93 -3.02 2.37
C SER K 446 -89.62 -2.87 3.12
N ASN K 447 -89.68 -3.01 4.44
CA ASN K 447 -88.42 -3.11 5.15
C ASN K 447 -87.51 -4.30 4.86
N PRO K 448 -86.25 -4.11 4.46
CA PRO K 448 -85.27 -5.12 4.12
C PRO K 448 -85.05 -6.07 5.28
N THR K 449 -84.33 -5.65 6.32
CA THR K 449 -84.52 -6.30 7.60
C THR K 449 -83.80 -5.95 8.90
N LEU K 450 -84.73 -6.07 9.85
CA LEU K 450 -84.46 -5.53 11.17
C LEU K 450 -84.13 -6.20 12.50
N MET K 451 -83.42 -7.23 12.04
CA MET K 451 -82.95 -8.12 13.08
C MET K 451 -81.71 -7.66 13.82
N ASP K 452 -81.94 -6.77 14.79
CA ASP K 452 -80.97 -6.09 15.62
C ASP K 452 -80.69 -6.43 17.08
N GLY K 453 -79.84 -7.44 17.34
CA GLY K 453 -79.43 -7.76 18.69
C GLY K 453 -77.96 -7.79 19.04
N LEU K 454 -77.56 -8.93 19.61
CA LEU K 454 -76.14 -9.02 19.86
C LEU K 454 -75.44 -10.09 19.02
N LEU K 455 -74.17 -9.81 18.77
CA LEU K 455 -73.23 -10.67 18.07
C LEU K 455 -71.91 -10.83 18.82
N THR K 456 -71.87 -11.91 19.60
CA THR K 456 -70.78 -12.19 20.50
C THR K 456 -69.78 -13.08 19.78
N VAL K 457 -68.77 -12.44 19.18
CA VAL K 457 -67.63 -13.11 18.59
C VAL K 457 -66.88 -13.88 19.67
N THR K 458 -66.83 -15.19 19.45
CA THR K 458 -65.97 -16.13 20.14
C THR K 458 -64.59 -16.41 19.54
N PRO K 459 -63.56 -15.60 19.71
CA PRO K 459 -62.24 -15.85 19.13
C PRO K 459 -61.45 -17.04 19.63
N VAL K 460 -61.98 -18.17 19.15
CA VAL K 460 -61.44 -19.48 19.48
C VAL K 460 -59.96 -19.75 19.33
N LEU K 461 -59.49 -19.24 18.19
CA LEU K 461 -58.12 -19.41 17.77
C LEU K 461 -57.29 -18.32 18.42
N LEU K 462 -56.91 -18.66 19.66
CA LEU K 462 -55.89 -17.95 20.39
C LEU K 462 -54.52 -18.00 19.70
N ARG K 463 -54.39 -18.86 18.70
CA ARG K 463 -53.30 -18.80 17.75
C ARG K 463 -53.23 -17.72 16.68
N GLU K 464 -52.24 -16.86 16.95
CA GLU K 464 -51.81 -15.86 16.00
C GLU K 464 -52.68 -14.62 16.15
N THR K 465 -52.41 -13.68 17.06
CA THR K 465 -53.27 -12.53 17.25
C THR K 465 -53.07 -11.46 16.19
N THR K 466 -54.22 -10.99 15.71
CA THR K 466 -54.44 -9.95 14.71
C THR K 466 -54.01 -8.58 15.20
N TYR K 467 -53.17 -7.97 14.37
CA TYR K 467 -52.93 -6.55 14.35
C TYR K 467 -53.70 -5.80 13.28
N LYS K 468 -54.88 -5.33 13.70
CA LYS K 468 -55.72 -4.47 12.89
C LYS K 468 -56.05 -5.04 11.52
N GLY K 469 -56.92 -6.06 11.54
CA GLY K 469 -57.23 -6.82 10.35
C GLY K 469 -56.17 -7.72 9.74
N GLU K 470 -54.93 -7.37 10.07
CA GLU K 470 -53.75 -8.06 9.57
C GLU K 470 -53.48 -9.29 10.43
N VAL K 471 -53.91 -10.49 10.00
CA VAL K 471 -53.61 -11.76 10.64
C VAL K 471 -52.12 -12.07 10.62
N VAL K 472 -51.47 -11.57 11.67
CA VAL K 472 -50.04 -11.70 11.87
C VAL K 472 -49.51 -12.44 13.10
N ASP K 473 -48.37 -13.09 12.90
CA ASP K 473 -47.63 -13.60 14.03
C ASP K 473 -46.90 -12.63 14.95
N ALA K 474 -47.36 -11.39 14.76
CA ALA K 474 -46.73 -10.24 15.39
C ALA K 474 -47.67 -9.37 16.21
N ILE K 475 -47.20 -9.01 17.40
CA ILE K 475 -47.84 -7.98 18.20
C ILE K 475 -46.82 -6.89 18.47
N VAL K 476 -47.18 -5.78 17.82
CA VAL K 476 -46.38 -4.57 17.88
C VAL K 476 -46.99 -3.34 18.53
N PRO K 477 -46.85 -3.26 19.86
CA PRO K 477 -47.42 -2.18 20.64
C PRO K 477 -47.05 -0.77 20.22
N ALA K 478 -45.75 -0.48 20.19
CA ALA K 478 -45.40 0.89 19.87
C ALA K 478 -45.96 1.48 18.58
N THR K 479 -46.21 0.68 17.55
CA THR K 479 -46.79 1.16 16.31
C THR K 479 -48.32 1.23 16.38
N VAL K 480 -48.92 0.48 17.30
CA VAL K 480 -50.35 0.59 17.51
C VAL K 480 -50.75 2.01 17.91
N MET K 481 -49.88 2.69 18.64
CA MET K 481 -49.99 4.05 19.16
C MET K 481 -50.47 5.01 18.10
N ALA K 482 -51.42 5.87 18.50
CA ALA K 482 -52.04 6.87 17.66
C ALA K 482 -52.65 6.42 16.34
N ASN K 483 -52.92 5.12 16.30
CA ASN K 483 -53.58 4.58 15.13
C ASN K 483 -54.92 3.87 15.32
N GLN K 484 -55.54 4.37 16.39
CA GLN K 484 -56.80 3.88 16.92
C GLN K 484 -57.70 4.90 17.59
N THR K 485 -58.89 4.93 16.96
CA THR K 485 -59.99 5.76 17.43
C THR K 485 -60.81 4.99 18.46
N SER K 486 -61.59 5.67 19.31
CA SER K 486 -62.31 4.90 20.30
C SER K 486 -63.24 3.82 19.76
N GLU K 487 -63.88 4.29 18.70
CA GLU K 487 -64.66 3.44 17.81
C GLU K 487 -64.02 2.17 17.27
N GLU K 488 -62.76 2.35 16.88
CA GLU K 488 -61.99 1.27 16.31
C GLU K 488 -61.67 0.21 17.36
N VAL K 489 -61.20 0.73 18.49
CA VAL K 489 -60.93 -0.11 19.64
C VAL K 489 -62.15 -0.94 20.03
N ALA K 490 -63.26 -0.22 20.24
CA ALA K 490 -64.48 -0.92 20.56
C ALA K 490 -64.94 -2.04 19.64
N SER K 491 -64.84 -1.66 18.36
CA SER K 491 -65.05 -2.55 17.22
C SER K 491 -64.18 -3.78 17.04
N ALA K 492 -62.90 -3.49 17.30
CA ALA K 492 -61.90 -4.52 17.16
C ALA K 492 -62.09 -5.91 17.72
N LEU K 493 -61.65 -6.94 16.98
CA LEU K 493 -61.79 -8.29 17.47
C LEU K 493 -61.02 -8.52 18.77
N ALA K 494 -61.62 -9.40 19.58
CA ALA K 494 -60.93 -9.85 20.77
C ALA K 494 -59.44 -10.18 20.74
N ASN K 495 -59.08 -10.81 19.62
CA ASN K 495 -57.79 -11.27 19.16
C ASN K 495 -56.84 -10.17 18.69
N ASP K 496 -57.06 -8.94 19.17
CA ASP K 496 -56.35 -7.80 18.62
C ASP K 496 -55.50 -6.98 19.56
N ALA K 497 -54.26 -6.80 19.09
CA ALA K 497 -53.24 -6.08 19.83
C ALA K 497 -53.54 -5.11 20.96
N ILE K 498 -54.40 -4.16 20.61
CA ILE K 498 -55.02 -3.21 21.52
C ILE K 498 -55.42 -3.71 22.91
N VAL K 499 -56.27 -4.74 22.97
CA VAL K 499 -56.73 -5.10 24.29
C VAL K 499 -55.74 -5.81 25.21
N LEU K 500 -54.85 -6.47 24.47
CA LEU K 500 -53.75 -7.22 25.04
C LEU K 500 -52.72 -6.37 25.78
N VAL K 501 -52.45 -5.26 25.10
CA VAL K 501 -51.58 -4.18 25.52
C VAL K 501 -52.16 -3.51 26.76
N SER K 502 -53.43 -3.12 26.66
CA SER K 502 -54.11 -2.57 27.81
C SER K 502 -54.05 -3.49 29.03
N ASN K 503 -54.26 -4.80 28.84
CA ASN K 503 -54.19 -5.75 29.92
C ASN K 503 -52.87 -5.78 30.66
N HIS K 504 -51.79 -5.74 29.88
CA HIS K 504 -50.44 -5.51 30.36
C HIS K 504 -50.17 -4.18 31.06
N LEU K 505 -50.59 -3.07 30.43
CA LEU K 505 -50.73 -1.72 30.92
C LEU K 505 -51.55 -1.48 32.18
N ASN K 506 -52.53 -2.36 32.39
CA ASN K 506 -53.30 -2.35 33.62
C ASN K 506 -52.51 -2.79 34.84
N LYS K 507 -51.64 -3.79 34.68
CA LYS K 507 -50.65 -4.20 35.66
C LYS K 507 -49.57 -3.19 36.01
N LEU K 508 -49.08 -2.48 34.99
CA LEU K 508 -48.30 -1.29 35.25
C LEU K 508 -48.99 -0.24 36.10
N ALA K 509 -50.21 0.12 35.69
CA ALA K 509 -51.01 0.98 36.54
C ALA K 509 -51.26 0.67 38.02
N ASN K 510 -51.51 -0.63 38.21
CA ASN K 510 -51.72 -1.27 39.49
C ASN K 510 -50.56 -1.06 40.47
N VAL K 511 -49.40 -1.25 39.84
CA VAL K 511 -48.13 -1.07 40.49
C VAL K 511 -47.95 0.37 40.98
N VAL K 512 -48.21 1.22 39.99
CA VAL K 512 -47.99 2.65 40.16
C VAL K 512 -48.88 3.18 41.28
N GLY K 513 -50.16 2.80 41.33
CA GLY K 513 -51.05 3.28 42.36
C GLY K 513 -50.91 2.91 43.83
N ASP K 514 -50.52 1.64 43.95
CA ASP K 514 -50.22 0.99 45.21
C ASP K 514 -48.89 1.31 45.86
N ALA K 515 -47.91 1.54 44.97
CA ALA K 515 -46.54 1.80 45.35
C ALA K 515 -46.02 3.23 45.28
N ILE K 516 -46.45 3.89 44.19
CA ILE K 516 -45.98 5.24 44.01
C ILE K 516 -47.13 6.14 44.43
N PRO K 517 -46.93 7.21 45.19
CA PRO K 517 -47.97 8.11 45.65
C PRO K 517 -48.45 9.16 44.64
N VAL K 518 -49.12 8.49 43.70
CA VAL K 518 -49.94 9.16 42.72
C VAL K 518 -51.42 9.19 43.09
N ALA K 519 -51.65 9.10 44.41
CA ALA K 519 -52.95 9.48 44.93
C ALA K 519 -53.48 10.88 45.17
N SER K 520 -54.36 11.35 46.06
CA SER K 520 -54.91 12.67 45.87
C SER K 520 -54.20 14.01 45.74
N ARG K 521 -53.17 14.18 44.89
CA ARG K 521 -52.69 15.40 44.28
C ARG K 521 -51.23 15.51 44.68
N THR K 522 -50.73 14.36 45.14
CA THR K 522 -49.34 14.28 45.55
C THR K 522 -48.31 14.17 44.44
N ASP K 523 -47.78 15.32 44.03
CA ASP K 523 -46.68 15.30 43.08
C ASP K 523 -45.34 14.98 43.74
N ASP K 524 -44.86 13.78 43.44
CA ASP K 524 -43.63 13.16 43.90
C ASP K 524 -42.60 13.01 42.80
N SER K 525 -41.37 13.38 43.21
CA SER K 525 -40.27 12.93 42.39
C SER K 525 -40.05 11.67 41.56
N ALA K 526 -40.75 10.68 42.13
CA ALA K 526 -41.04 9.50 41.35
C ALA K 526 -41.53 9.71 39.92
N THR K 527 -42.35 10.74 39.77
CA THR K 527 -42.95 11.06 38.48
C THR K 527 -42.03 11.60 37.39
N SER K 528 -40.76 11.65 37.76
CA SER K 528 -39.71 12.26 36.96
C SER K 528 -39.25 11.79 35.58
N ALA K 529 -39.54 10.51 35.35
CA ALA K 529 -39.34 9.77 34.12
C ALA K 529 -40.01 10.33 32.88
N ILE K 530 -41.30 10.56 33.09
CA ILE K 530 -42.05 11.26 32.08
C ILE K 530 -41.71 12.71 31.79
N VAL K 531 -41.34 13.34 32.92
CA VAL K 531 -40.95 14.72 32.74
C VAL K 531 -39.62 14.88 32.01
N SER K 532 -38.66 13.99 32.28
CA SER K 532 -37.36 14.03 31.62
C SER K 532 -37.42 13.80 30.12
N ARG K 533 -38.34 12.95 29.68
CA ARG K 533 -38.65 12.80 28.26
C ARG K 533 -39.30 14.03 27.65
N LEU K 534 -40.25 14.58 28.42
CA LEU K 534 -40.87 15.83 28.05
C LEU K 534 -39.90 17.01 27.93
N ALA K 535 -39.03 17.04 28.93
CA ALA K 535 -38.10 18.16 28.93
C ALA K 535 -37.19 18.28 27.72
N VAL K 536 -36.71 17.11 27.27
CA VAL K 536 -35.85 17.09 26.11
C VAL K 536 -36.51 17.22 24.74
N GLN K 537 -37.69 16.62 24.74
CA GLN K 537 -38.56 16.85 23.60
C GLN K 537 -38.99 18.27 23.28
N HIS K 538 -39.13 19.06 24.34
CA HIS K 538 -39.56 20.43 24.12
C HIS K 538 -38.51 21.36 23.53
N LYS K 539 -37.49 20.80 22.89
CA LYS K 539 -36.43 21.68 22.41
C LYS K 539 -36.72 22.27 21.04
N LEU K 540 -37.77 23.09 21.16
CA LEU K 540 -38.25 23.86 20.03
C LEU K 540 -37.46 25.13 19.81
N SER K 541 -36.30 24.98 19.18
CA SER K 541 -35.44 26.13 18.96
C SER K 541 -35.59 26.59 17.52
N GLN K 542 -35.63 27.92 17.38
CA GLN K 542 -35.69 28.52 16.07
C GLN K 542 -34.41 29.35 16.03
N VAL K 543 -34.54 30.49 15.35
CA VAL K 543 -33.55 31.54 15.15
C VAL K 543 -33.81 32.70 16.10
N GLY K 544 -32.74 33.15 16.75
CA GLY K 544 -32.92 34.26 17.65
C GLY K 544 -33.47 33.89 19.01
N GLN K 545 -34.69 34.39 19.21
CA GLN K 545 -35.56 34.00 20.30
C GLN K 545 -36.36 32.72 20.06
N ALA K 546 -35.73 31.60 20.45
CA ALA K 546 -36.42 30.33 20.61
C ALA K 546 -37.45 30.35 21.74
N SER K 547 -38.24 29.28 21.87
CA SER K 547 -39.34 29.01 22.77
C SER K 547 -38.93 29.45 24.17
N PRO K 548 -39.53 30.54 24.67
CA PRO K 548 -39.24 30.99 26.02
C PRO K 548 -40.06 30.43 27.17
N THR K 549 -39.67 29.17 27.36
CA THR K 549 -40.29 28.28 28.30
C THR K 549 -39.62 28.24 29.67
N PRO K 550 -40.15 28.94 30.67
CA PRO K 550 -39.58 28.99 32.00
C PRO K 550 -39.39 27.56 32.46
N PRO K 551 -38.14 27.18 32.73
CA PRO K 551 -37.72 25.79 32.78
C PRO K 551 -38.67 24.66 33.16
N ASP K 552 -38.65 23.55 32.43
CA ASP K 552 -39.56 22.43 32.45
C ASP K 552 -40.17 21.89 33.73
N TYR K 553 -39.40 22.30 34.74
CA TYR K 553 -39.48 21.71 36.06
C TYR K 553 -40.74 21.94 36.89
N PRO K 554 -41.32 23.14 36.84
CA PRO K 554 -42.68 23.31 37.30
C PRO K 554 -43.65 22.89 36.21
N LEU K 555 -43.48 23.65 35.12
CA LEU K 555 -44.33 23.65 33.94
C LEU K 555 -44.90 22.34 33.41
N LEU K 556 -43.98 21.57 32.81
CA LEU K 556 -44.09 20.25 32.24
C LEU K 556 -44.34 19.15 33.25
N TRP K 557 -43.74 19.35 34.42
CA TRP K 557 -43.96 18.52 35.59
C TRP K 557 -45.44 18.42 35.94
N ARG K 558 -46.10 19.57 36.01
CA ARG K 558 -47.51 19.56 36.33
C ARG K 558 -48.44 19.00 35.26
N ARG K 559 -48.11 19.38 34.02
CA ARG K 559 -48.73 18.82 32.84
C ARG K 559 -48.66 17.31 32.72
N ALA K 560 -47.47 16.82 33.08
CA ALA K 560 -47.10 15.42 33.12
C ALA K 560 -47.74 14.66 34.28
N LYS K 561 -47.98 15.19 35.48
CA LYS K 561 -48.83 14.55 36.46
C LYS K 561 -50.26 14.33 35.98
N ARG K 562 -50.77 15.45 35.44
CA ARG K 562 -52.06 15.42 34.79
C ARG K 562 -52.41 14.32 33.80
N ALA K 563 -51.52 14.18 32.83
CA ALA K 563 -51.46 13.06 31.91
C ALA K 563 -51.05 11.69 32.45
N ALA K 564 -50.15 11.58 33.43
CA ALA K 564 -50.06 10.36 34.18
C ALA K 564 -51.28 9.75 34.85
N SER K 565 -51.97 10.69 35.51
CA SER K 565 -53.24 10.60 36.20
C SER K 565 -54.32 10.14 35.23
N MET K 566 -54.48 10.79 34.08
CA MET K 566 -55.26 10.27 32.98
C MET K 566 -54.93 8.88 32.47
N PHE K 567 -53.64 8.59 32.27
CA PHE K 567 -53.33 7.18 32.11
C PHE K 567 -53.79 6.16 33.14
N VAL K 568 -53.55 6.52 34.40
CA VAL K 568 -53.94 5.76 35.57
C VAL K 568 -55.42 5.46 35.77
N SER K 569 -56.19 6.54 35.67
CA SER K 569 -57.64 6.54 35.58
C SER K 569 -58.43 5.79 34.52
N ASN K 570 -57.79 5.69 33.35
CA ASN K 570 -58.09 4.77 32.26
C ASN K 570 -56.91 4.43 31.37
N PRO K 571 -56.39 3.22 31.58
CA PRO K 571 -55.34 2.68 30.74
C PRO K 571 -55.36 2.62 29.22
N SER K 572 -56.58 2.39 28.74
CA SER K 572 -56.83 2.53 27.31
C SER K 572 -56.55 3.78 26.50
N LEU K 573 -56.63 4.92 27.18
CA LEU K 573 -56.22 6.19 26.62
C LEU K 573 -54.87 6.27 25.91
N ALA K 574 -54.01 5.34 26.34
CA ALA K 574 -52.72 5.12 25.71
C ALA K 574 -52.70 4.69 24.25
N LEU K 575 -53.81 4.00 24.01
CA LEU K 575 -54.07 3.52 22.67
C LEU K 575 -54.95 4.44 21.82
N GLN K 576 -55.57 5.37 22.54
CA GLN K 576 -56.51 6.30 21.95
C GLN K 576 -55.88 7.57 21.39
N VAL K 577 -56.05 7.61 20.07
CA VAL K 577 -55.79 8.84 19.33
C VAL K 577 -56.15 10.13 20.04
N GLY K 578 -55.16 11.01 19.86
CA GLY K 578 -55.30 12.41 20.21
C GLY K 578 -55.19 12.80 21.68
N ILE K 579 -54.23 12.13 22.30
CA ILE K 579 -54.06 12.31 23.74
C ILE K 579 -52.81 13.19 23.79
N PRO K 580 -52.87 14.38 24.39
CA PRO K 580 -51.81 15.36 24.25
C PRO K 580 -50.37 14.88 24.12
N VAL K 581 -49.85 14.39 25.24
CA VAL K 581 -48.48 13.95 25.37
C VAL K 581 -48.15 12.47 25.44
N LEU K 582 -49.12 11.64 25.83
CA LEU K 582 -48.99 10.19 25.77
C LEU K 582 -48.92 9.49 24.43
N THR K 583 -49.52 10.13 23.42
CA THR K 583 -49.28 9.83 22.02
C THR K 583 -47.84 9.53 21.65
N GLN K 584 -46.88 10.09 22.38
CA GLN K 584 -45.46 9.76 22.33
C GLN K 584 -44.99 8.61 23.20
N SER K 585 -44.89 7.51 22.44
CA SER K 585 -44.51 6.21 22.96
C SER K 585 -43.26 6.08 23.82
N GLY K 586 -42.35 7.03 23.54
CA GLY K 586 -41.19 7.35 24.33
C GLY K 586 -41.44 7.54 25.82
N MET K 587 -42.41 8.43 26.04
CA MET K 587 -42.90 8.58 27.39
C MET K 587 -43.55 7.38 28.06
N LEU K 588 -44.11 6.54 27.18
CA LEU K 588 -44.65 5.35 27.82
C LEU K 588 -43.58 4.32 28.13
N SER K 589 -42.59 4.18 27.24
CA SER K 589 -41.39 3.39 27.48
C SER K 589 -40.61 3.84 28.71
N ALA K 590 -40.48 5.16 28.82
CA ALA K 590 -39.89 5.80 29.97
C ALA K 590 -40.53 5.54 31.33
N LEU K 591 -41.87 5.48 31.31
CA LEU K 591 -42.66 5.18 32.49
C LEU K 591 -42.49 3.72 32.91
N THR K 592 -42.70 2.86 31.91
CA THR K 592 -42.57 1.42 32.00
C THR K 592 -41.29 0.96 32.67
N SER K 593 -40.18 1.38 32.07
CA SER K 593 -38.86 1.17 32.61
C SER K 593 -38.65 1.84 33.96
N GLY K 594 -38.90 3.15 33.88
CA GLY K 594 -38.80 4.00 35.05
C GLY K 594 -39.29 3.46 36.39
N VAL K 595 -40.49 2.87 36.37
CA VAL K 595 -41.05 2.31 37.58
C VAL K 595 -40.23 1.30 38.37
N GLY K 596 -39.63 0.44 37.55
CA GLY K 596 -38.86 -0.63 38.16
C GLY K 596 -37.67 -0.24 39.02
N THR K 597 -36.87 0.67 38.45
CA THR K 597 -35.89 1.40 39.23
C THR K 597 -36.39 2.08 40.49
N ALA K 598 -37.53 2.77 40.32
CA ALA K 598 -38.26 3.40 41.39
C ALA K 598 -38.70 2.54 42.57
N LEU K 599 -39.08 1.28 42.29
CA LEU K 599 -39.35 0.24 43.26
C LEU K 599 -38.04 -0.20 43.87
N ARG K 600 -37.14 -0.66 43.00
CA ARG K 600 -35.77 -1.07 43.30
C ARG K 600 -35.05 -0.31 44.41
N THR K 601 -34.81 0.98 44.18
CA THR K 601 -34.08 1.80 45.12
C THR K 601 -34.81 2.93 45.84
N GLY K 602 -36.12 2.71 45.91
CA GLY K 602 -37.01 3.62 46.58
C GLY K 602 -36.88 3.47 48.09
N SER K 603 -36.75 4.63 48.75
CA SER K 603 -36.62 4.57 50.19
C SER K 603 -38.03 4.54 50.77
N LEU K 604 -38.61 3.35 50.89
CA LEU K 604 -39.95 2.96 51.29
C LEU K 604 -41.03 3.99 51.59
N GLY K 605 -41.69 4.25 50.47
CA GLY K 605 -42.63 5.36 50.34
C GLY K 605 -43.84 5.40 51.24
N LYS K 606 -43.73 6.23 52.28
CA LYS K 606 -44.86 6.38 53.18
C LYS K 606 -45.41 7.79 53.31
N GLY K 607 -46.38 8.03 52.43
CA GLY K 607 -47.03 9.32 52.41
C GLY K 607 -47.46 10.02 53.69
N VAL K 608 -46.75 11.12 53.94
CA VAL K 608 -47.00 11.87 55.15
C VAL K 608 -48.44 12.10 55.62
N THR K 609 -49.28 12.51 54.67
CA THR K 609 -50.72 12.56 54.82
C THR K 609 -51.31 11.31 55.44
N ASP K 610 -51.05 10.23 54.69
CA ASP K 610 -51.61 8.95 55.08
C ASP K 610 -51.16 8.45 56.45
N ALA K 611 -49.91 8.78 56.77
CA ALA K 611 -49.39 8.40 58.07
C ALA K 611 -50.19 8.94 59.24
N SER K 612 -50.26 10.28 59.30
CA SER K 612 -51.07 11.03 60.24
C SER K 612 -52.52 10.60 60.41
N GLU K 613 -53.05 10.35 59.21
CA GLU K 613 -54.40 9.85 59.14
C GLU K 613 -54.73 8.47 59.69
N LYS K 614 -53.73 7.64 59.39
CA LYS K 614 -53.73 6.30 59.96
C LYS K 614 -53.52 6.23 61.46
N LEU K 615 -52.55 7.04 61.88
CA LEU K 615 -52.43 7.35 63.29
C LEU K 615 -53.58 7.78 64.18
N ARG K 616 -54.26 8.78 63.59
CA ARG K 616 -55.50 9.33 64.12
C ARG K 616 -56.64 8.32 64.14
N ALA K 617 -56.95 7.73 62.97
CA ALA K 617 -57.98 6.72 62.92
C ALA K 617 -57.83 5.53 63.86
N ARG K 618 -56.53 5.20 63.93
CA ARG K 618 -56.13 4.13 64.83
C ARG K 618 -56.30 4.27 66.33
N GLN K 619 -56.06 5.54 66.63
CA GLN K 619 -56.22 5.96 68.00
C GLN K 619 -57.67 5.90 68.47
N SER K 620 -58.51 6.56 67.66
CA SER K 620 -59.95 6.60 67.82
C SER K 620 -60.67 5.27 67.87
N LEU K 621 -60.13 4.33 67.09
CA LEU K 621 -60.51 2.94 67.20
C LEU K 621 -60.33 2.22 68.52
N THR K 622 -59.09 2.37 68.98
CA THR K 622 -58.65 2.04 70.32
C THR K 622 -59.58 2.69 71.32
N VAL K 623 -59.81 4.00 71.27
CA VAL K 623 -60.77 4.64 72.15
C VAL K 623 -62.12 3.96 72.32
N ALA K 624 -62.78 3.79 71.18
CA ALA K 624 -64.04 3.09 71.11
C ALA K 624 -63.94 1.65 71.59
N LYS K 625 -62.86 0.90 71.36
CA LYS K 625 -62.63 -0.39 71.99
C LYS K 625 -62.58 -0.46 73.51
N GLN K 626 -61.77 0.48 74.01
CA GLN K 626 -61.86 0.85 75.40
C GLN K 626 -63.25 1.08 75.97
N ALA K 627 -63.95 2.02 75.32
CA ALA K 627 -65.35 2.23 75.63
C ALA K 627 -66.27 1.02 75.56
N PHE K 628 -66.08 0.13 74.59
CA PHE K 628 -66.74 -1.16 74.54
C PHE K 628 -66.53 -2.11 75.69
N PHE K 629 -65.23 -2.27 75.96
CA PHE K 629 -64.81 -3.05 77.10
C PHE K 629 -65.41 -2.50 78.39
N ASP K 630 -65.38 -1.17 78.46
CA ASP K 630 -66.02 -0.46 79.54
C ASP K 630 -67.47 -0.78 79.87
N GLN K 631 -68.23 -0.78 78.78
CA GLN K 631 -69.61 -1.26 78.75
C GLN K 631 -69.69 -2.69 79.24
N ILE K 632 -68.80 -3.57 78.75
CA ILE K 632 -68.66 -4.93 79.23
C ILE K 632 -68.32 -5.02 80.70
N GLY K 633 -67.37 -4.18 81.13
CA GLY K 633 -67.11 -4.01 82.55
C GLY K 633 -68.32 -3.68 83.42
N SER K 634 -69.15 -2.79 82.88
CA SER K 634 -70.41 -2.38 83.44
C SER K 634 -71.50 -3.42 83.65
N LEU K 635 -71.62 -4.21 82.57
CA LEU K 635 -72.69 -5.18 82.49
C LEU K 635 -72.50 -6.54 83.18
N TRP K 636 -71.21 -6.88 83.17
CA TRP K 636 -70.73 -7.88 84.11
C TRP K 636 -69.31 -7.63 84.58
N PRO K 637 -69.21 -6.85 85.66
CA PRO K 637 -67.97 -6.57 86.35
C PRO K 637 -67.53 -7.89 86.96
N GLY K 638 -67.00 -8.77 86.10
CA GLY K 638 -66.44 -10.03 86.50
C GLY K 638 -65.37 -9.98 87.59
N LYS K 639 -65.71 -10.39 88.80
CA LYS K 639 -64.81 -10.38 89.94
C LYS K 639 -63.96 -9.14 90.18
N MET L 1 -49.09 -49.84 -19.29
CA MET L 1 -50.10 -48.79 -19.10
C MET L 1 -50.91 -48.96 -17.83
N PRO L 2 -50.37 -48.31 -16.79
CA PRO L 2 -51.04 -47.70 -15.67
C PRO L 2 -51.48 -46.29 -16.04
N LEU L 3 -52.78 -46.16 -15.75
CA LEU L 3 -53.53 -44.93 -15.95
C LEU L 3 -52.94 -43.71 -15.26
N HIS L 4 -52.91 -42.64 -16.06
CA HIS L 4 -52.53 -41.37 -15.49
C HIS L 4 -53.45 -40.26 -15.97
N MET L 5 -53.54 -39.17 -15.18
CA MET L 5 -54.62 -38.21 -15.22
C MET L 5 -56.01 -38.86 -15.17
N ILE L 6 -56.18 -39.53 -14.02
CA ILE L 6 -57.28 -40.48 -13.95
C ILE L 6 -58.67 -39.91 -14.23
N PRO L 7 -59.14 -38.89 -13.51
CA PRO L 7 -60.44 -38.31 -13.79
C PRO L 7 -60.74 -37.88 -15.23
N GLN L 8 -59.73 -37.49 -16.01
CA GLN L 8 -59.77 -37.06 -17.40
C GLN L 8 -59.88 -38.06 -18.55
N VAL L 9 -58.94 -38.99 -18.44
CA VAL L 9 -59.01 -40.20 -19.24
C VAL L 9 -60.25 -41.05 -19.02
N ALA L 10 -60.73 -40.93 -17.78
CA ALA L 10 -62.08 -41.32 -17.36
C ALA L 10 -63.22 -40.59 -18.05
N HIS L 11 -62.98 -39.28 -18.12
CA HIS L 11 -63.76 -38.34 -18.92
C HIS L 11 -64.08 -38.67 -20.37
N ALA L 12 -62.91 -38.97 -20.96
CA ALA L 12 -62.82 -39.46 -22.31
C ALA L 12 -63.46 -40.82 -22.58
N MET L 13 -63.17 -41.71 -21.63
CA MET L 13 -63.86 -42.99 -21.66
C MET L 13 -65.35 -42.86 -21.83
N VAL L 14 -65.86 -42.09 -20.86
CA VAL L 14 -67.28 -41.81 -20.73
C VAL L 14 -67.93 -41.04 -21.87
N ARG L 15 -67.10 -40.22 -22.54
CA ARG L 15 -67.46 -39.60 -23.80
C ARG L 15 -67.69 -40.46 -25.02
N ALA L 16 -66.89 -41.52 -25.00
CA ALA L 16 -67.21 -42.68 -25.82
C ALA L 16 -68.44 -43.54 -25.59
N ALA L 17 -68.70 -43.64 -24.29
CA ALA L 17 -69.96 -44.14 -23.77
C ALA L 17 -71.17 -43.30 -24.16
N ALA L 18 -70.99 -41.99 -23.98
CA ALA L 18 -72.08 -41.05 -24.23
C ALA L 18 -72.53 -40.88 -25.68
N ALA L 19 -71.56 -41.13 -26.57
CA ALA L 19 -71.73 -41.23 -28.00
C ALA L 19 -71.65 -42.64 -28.59
N GLY L 20 -72.21 -43.50 -27.73
CA GLY L 20 -72.47 -44.91 -27.96
C GLY L 20 -71.31 -45.88 -28.16
N ARG L 21 -70.40 -45.56 -29.09
CA ARG L 21 -69.15 -46.26 -29.32
C ARG L 21 -68.04 -46.18 -28.29
N LEU L 22 -68.12 -47.20 -27.44
CA LEU L 22 -67.09 -47.39 -26.43
C LEU L 22 -66.60 -48.82 -26.60
N THR L 23 -65.32 -49.04 -26.92
CA THR L 23 -64.74 -50.36 -26.91
C THR L 23 -64.61 -51.11 -25.59
N LEU L 24 -65.73 -51.74 -25.24
CA LEU L 24 -65.89 -52.44 -23.99
C LEU L 24 -65.55 -53.92 -23.84
N TYR L 25 -64.26 -54.18 -24.09
CA TYR L 25 -63.86 -55.54 -24.33
C TYR L 25 -63.18 -56.31 -23.21
N THR L 26 -63.89 -57.29 -22.65
CA THR L 26 -63.19 -58.17 -21.74
C THR L 26 -62.57 -59.34 -22.50
N ARG L 27 -61.61 -59.98 -21.81
CA ARG L 27 -60.60 -60.80 -22.45
C ARG L 27 -60.84 -61.32 -23.86
N THR L 28 -61.72 -62.32 -23.90
CA THR L 28 -62.23 -62.92 -25.12
C THR L 28 -63.47 -62.36 -25.78
N ARG L 29 -64.35 -61.77 -24.96
CA ARG L 29 -65.64 -61.27 -25.38
C ARG L 29 -65.72 -59.76 -25.55
N THR L 30 -66.10 -59.43 -26.79
CA THR L 30 -66.09 -58.09 -27.32
C THR L 30 -66.85 -56.95 -26.68
N GLU L 31 -67.97 -57.30 -26.03
CA GLU L 31 -68.61 -56.28 -25.22
C GLU L 31 -68.87 -56.92 -23.87
N THR L 32 -68.67 -56.17 -22.78
CA THR L 32 -69.12 -56.44 -21.42
C THR L 32 -70.63 -56.23 -21.36
N THR L 33 -71.29 -57.17 -22.02
CA THR L 33 -72.73 -57.30 -22.11
C THR L 33 -73.43 -57.66 -20.81
N ASN L 34 -73.01 -58.83 -20.33
CA ASN L 34 -73.11 -59.24 -18.94
C ASN L 34 -71.97 -58.57 -18.20
N PHE L 35 -72.17 -58.47 -16.89
CA PHE L 35 -71.26 -57.74 -16.03
C PHE L 35 -69.86 -58.24 -15.67
N ASP L 36 -69.29 -58.93 -16.64
CA ASP L 36 -67.93 -59.44 -16.61
C ASP L 36 -66.85 -58.49 -17.07
N HIS L 37 -66.59 -57.58 -16.12
CA HIS L 37 -65.49 -56.64 -16.05
C HIS L 37 -64.59 -56.78 -17.26
N ALA L 38 -64.69 -55.73 -18.09
CA ALA L 38 -63.82 -55.51 -19.21
C ALA L 38 -62.32 -55.44 -18.94
N GLU L 39 -61.52 -55.68 -19.98
CA GLU L 39 -60.06 -55.64 -20.00
C GLU L 39 -59.45 -54.62 -20.93
N TYR L 40 -60.08 -54.39 -22.10
CA TYR L 40 -59.62 -53.46 -23.10
C TYR L 40 -60.62 -52.50 -23.74
N VAL L 41 -60.77 -51.37 -23.06
CA VAL L 41 -61.47 -50.22 -23.60
C VAL L 41 -60.47 -49.17 -24.06
N THR L 42 -60.23 -49.09 -25.37
CA THR L 42 -59.27 -48.30 -26.11
C THR L 42 -59.44 -46.80 -25.94
N CYS L 43 -58.96 -46.20 -24.85
CA CYS L 43 -59.15 -44.76 -24.74
C CYS L 43 -57.99 -43.99 -25.37
N GLY L 44 -58.13 -44.00 -26.70
CA GLY L 44 -56.95 -43.57 -27.41
C GLY L 44 -55.61 -44.20 -27.03
N ARG L 45 -55.54 -45.46 -27.48
CA ARG L 45 -54.52 -46.31 -26.90
C ARG L 45 -54.59 -46.75 -25.43
N TYR L 46 -55.14 -46.00 -24.49
CA TYR L 46 -55.33 -46.43 -23.11
C TYR L 46 -56.38 -47.52 -22.95
N THR L 47 -56.00 -48.79 -23.00
CA THR L 47 -56.81 -49.93 -22.60
C THR L 47 -57.30 -50.03 -21.17
N ILE L 48 -58.43 -49.36 -20.95
CA ILE L 48 -59.27 -49.46 -19.76
C ILE L 48 -59.82 -50.82 -19.40
N CYS L 49 -59.63 -51.07 -18.10
CA CYS L 49 -59.86 -52.34 -17.45
C CYS L 49 -60.81 -52.21 -16.27
N ALA L 50 -62.03 -52.63 -16.61
CA ALA L 50 -63.16 -52.64 -15.70
C ALA L 50 -63.10 -53.50 -14.45
N PHE L 51 -62.34 -54.57 -14.66
CA PHE L 51 -61.68 -55.30 -13.59
C PHE L 51 -61.16 -54.57 -12.36
N CYS L 52 -60.52 -53.44 -12.67
CA CYS L 52 -60.02 -52.58 -11.62
C CYS L 52 -60.49 -51.14 -11.72
N LEU L 53 -61.46 -50.88 -12.60
CA LEU L 53 -61.67 -49.53 -13.08
C LEU L 53 -60.53 -48.74 -13.71
N THR L 54 -59.35 -49.12 -13.24
CA THR L 54 -58.07 -48.71 -13.79
C THR L 54 -57.82 -49.33 -15.16
N THR L 55 -56.60 -49.71 -15.56
CA THR L 55 -56.24 -50.13 -16.89
C THR L 55 -55.31 -51.35 -16.91
N LEU L 56 -55.49 -52.10 -18.00
CA LEU L 56 -54.90 -53.38 -18.33
C LEU L 56 -55.21 -54.56 -17.41
N ALA L 57 -54.67 -54.40 -16.20
CA ALA L 57 -54.67 -55.51 -15.27
C ALA L 57 -55.71 -55.26 -14.20
N PRO L 58 -56.38 -56.32 -13.73
CA PRO L 58 -57.20 -56.34 -12.54
C PRO L 58 -56.53 -56.01 -11.21
N HIS L 59 -57.30 -55.42 -10.30
CA HIS L 59 -56.84 -55.20 -8.94
C HIS L 59 -56.50 -56.36 -8.02
N ALA L 60 -57.41 -57.34 -8.15
CA ALA L 60 -57.14 -58.62 -7.54
C ALA L 60 -57.67 -59.82 -8.32
N ASN L 61 -57.42 -61.01 -7.78
CA ASN L 61 -58.14 -62.23 -8.10
C ASN L 61 -59.47 -62.52 -7.43
N VAL L 62 -60.07 -61.44 -6.92
CA VAL L 62 -61.32 -61.48 -6.19
C VAL L 62 -62.40 -61.01 -7.16
N LYS L 63 -62.77 -61.98 -8.00
CA LYS L 63 -63.77 -61.75 -9.03
C LYS L 63 -65.08 -61.10 -8.59
N THR L 64 -65.42 -61.21 -7.30
CA THR L 64 -66.47 -60.38 -6.72
C THR L 64 -66.23 -58.87 -6.68
N ILE L 65 -65.09 -58.39 -6.18
CA ILE L 65 -64.75 -56.99 -6.21
C ILE L 65 -64.45 -56.39 -7.58
N GLN L 66 -63.83 -57.27 -8.36
CA GLN L 66 -63.45 -57.07 -9.74
C GLN L 66 -64.56 -56.83 -10.75
N ASP L 67 -65.59 -57.66 -10.55
CA ASP L 67 -66.92 -57.37 -11.04
C ASP L 67 -67.65 -56.17 -10.45
N SER L 68 -67.38 -55.94 -9.17
CA SER L 68 -67.81 -54.75 -8.46
C SER L 68 -67.25 -53.47 -9.07
N HIS L 69 -65.95 -53.44 -9.42
CA HIS L 69 -65.35 -52.43 -10.27
C HIS L 69 -66.16 -52.12 -11.53
N ALA L 70 -66.58 -53.24 -12.11
CA ALA L 70 -67.52 -53.29 -13.21
C ALA L 70 -68.88 -52.69 -12.94
N CYS L 71 -69.63 -53.38 -12.07
CA CYS L 71 -70.82 -52.83 -11.43
C CYS L 71 -70.90 -51.35 -11.05
N SER L 72 -69.77 -50.83 -10.56
CA SER L 72 -69.57 -49.41 -10.35
C SER L 72 -69.84 -48.42 -11.47
N ARG L 73 -69.33 -48.85 -12.63
CA ARG L 73 -69.75 -48.30 -13.89
C ARG L 73 -70.98 -48.90 -14.56
N GLN L 74 -71.92 -49.41 -13.77
CA GLN L 74 -73.27 -49.60 -14.24
C GLN L 74 -73.93 -48.41 -14.92
N PRO L 75 -73.72 -47.18 -14.45
CA PRO L 75 -74.07 -45.99 -15.20
C PRO L 75 -73.45 -45.83 -16.58
N ASN L 76 -72.18 -46.22 -16.72
CA ASN L 76 -71.43 -46.12 -17.95
C ASN L 76 -71.85 -47.16 -18.98
N GLU L 77 -71.96 -48.37 -18.45
CA GLU L 77 -72.48 -49.45 -19.26
C GLU L 77 -73.84 -49.22 -19.90
N ALA L 78 -74.79 -48.94 -19.02
CA ALA L 78 -76.14 -48.50 -19.35
C ALA L 78 -76.35 -47.32 -20.28
N ILE L 79 -75.54 -46.29 -20.02
CA ILE L 79 -75.54 -45.17 -20.96
C ILE L 79 -75.04 -45.52 -22.36
N ARG L 80 -73.93 -46.26 -22.36
CA ARG L 80 -73.33 -46.67 -23.61
C ARG L 80 -74.29 -47.44 -24.49
N SER L 81 -74.82 -48.48 -23.83
CA SER L 81 -75.73 -49.33 -24.55
C SER L 81 -76.98 -48.69 -25.14
N LEU L 82 -77.50 -47.85 -24.24
CA LEU L 82 -78.72 -47.07 -24.38
C LEU L 82 -78.65 -46.09 -25.53
N VAL L 83 -77.53 -45.36 -25.59
CA VAL L 83 -77.23 -44.38 -26.62
C VAL L 83 -77.03 -45.07 -27.97
N GLU L 84 -76.34 -46.21 -27.91
CA GLU L 84 -76.28 -47.06 -29.09
C GLU L 84 -77.68 -47.33 -29.63
N VAL L 85 -78.46 -48.01 -28.80
CA VAL L 85 -79.88 -48.25 -28.98
C VAL L 85 -80.65 -47.10 -29.62
N SER L 86 -80.79 -45.94 -28.96
CA SER L 86 -81.54 -44.80 -29.42
C SER L 86 -81.13 -44.33 -30.81
N ASP L 87 -79.84 -44.51 -31.09
CA ASP L 87 -79.14 -44.10 -32.29
C ASP L 87 -78.87 -45.20 -33.30
N LYS L 88 -79.98 -45.95 -33.36
CA LYS L 88 -80.22 -47.17 -34.09
C LYS L 88 -81.65 -47.69 -34.20
N ALA L 89 -82.28 -47.72 -33.03
CA ALA L 89 -83.69 -48.05 -32.92
C ALA L 89 -84.21 -47.89 -31.51
N GLN L 90 -85.34 -47.18 -31.42
CA GLN L 90 -85.98 -46.72 -30.21
C GLN L 90 -87.41 -46.30 -30.48
N THR L 91 -88.03 -45.95 -29.35
CA THR L 91 -89.44 -45.71 -29.14
C THR L 91 -90.17 -45.15 -30.34
N ALA L 92 -90.93 -45.99 -31.04
CA ALA L 92 -91.42 -45.52 -32.32
C ALA L 92 -92.21 -44.23 -32.49
N LEU L 93 -92.05 -43.52 -33.61
CA LEU L 93 -92.81 -42.36 -34.01
C LEU L 93 -94.29 -42.66 -34.17
N VAL L 94 -94.96 -42.68 -33.01
CA VAL L 94 -96.41 -42.77 -32.89
C VAL L 94 -97.01 -41.38 -32.98
N GLY L 95 -97.47 -41.12 -34.20
CA GLY L 95 -98.05 -39.84 -34.55
C GLY L 95 -97.22 -38.56 -34.54
N SER L 96 -97.55 -37.49 -35.28
CA SER L 96 -96.70 -36.31 -35.28
C SER L 96 -97.50 -35.02 -35.17
N ARG L 97 -96.96 -34.29 -34.20
CA ARG L 97 -97.60 -33.20 -33.49
C ARG L 97 -98.31 -32.00 -34.12
N THR L 98 -97.57 -31.23 -34.91
CA THR L 98 -98.04 -29.98 -35.47
C THR L 98 -98.91 -30.02 -36.71
N VAL L 99 -99.78 -31.03 -36.67
CA VAL L 99 -100.54 -31.38 -37.84
C VAL L 99 -99.76 -31.53 -39.14
N ASP L 100 -99.53 -30.40 -39.81
CA ASP L 100 -98.86 -30.26 -41.09
C ASP L 100 -98.49 -28.88 -41.58
N TYR L 101 -97.32 -28.36 -41.17
CA TYR L 101 -96.79 -27.08 -41.58
C TYR L 101 -95.86 -27.12 -42.79
N HIS L 102 -95.86 -28.27 -43.47
CA HIS L 102 -95.04 -28.48 -44.65
C HIS L 102 -95.75 -29.12 -45.84
N GLU L 103 -95.11 -28.98 -47.00
CA GLU L 103 -95.62 -29.52 -48.25
C GLU L 103 -94.58 -29.91 -49.29
N LEU L 104 -94.84 -31.05 -49.93
CA LEU L 104 -94.19 -31.64 -51.09
C LEU L 104 -94.92 -31.66 -52.42
N ASP L 105 -94.71 -30.57 -53.16
CA ASP L 105 -95.47 -30.42 -54.38
C ASP L 105 -94.63 -30.78 -55.60
N VAL L 106 -94.50 -32.08 -55.91
CA VAL L 106 -93.60 -32.51 -56.95
C VAL L 106 -93.91 -32.30 -58.42
N LYS L 107 -94.36 -31.08 -58.65
CA LYS L 107 -95.24 -30.84 -59.78
C LYS L 107 -94.50 -30.03 -60.83
N ALA L 108 -93.54 -30.69 -61.48
CA ALA L 108 -92.50 -30.18 -62.36
C ALA L 108 -91.40 -29.37 -61.69
N GLY L 109 -91.81 -28.18 -61.26
CA GLY L 109 -91.04 -27.40 -60.31
C GLY L 109 -91.50 -27.76 -58.91
N PHE L 110 -90.56 -28.30 -58.12
CA PHE L 110 -90.88 -28.83 -56.81
C PHE L 110 -91.11 -27.74 -55.77
N VAL L 111 -92.41 -27.47 -55.63
CA VAL L 111 -92.92 -26.58 -54.60
C VAL L 111 -92.87 -27.23 -53.23
N ALA L 112 -91.77 -27.13 -52.49
CA ALA L 112 -91.63 -27.71 -51.17
C ALA L 112 -91.44 -26.63 -50.11
N PRO L 113 -92.58 -26.16 -49.60
CA PRO L 113 -92.66 -25.37 -48.38
C PRO L 113 -92.47 -26.03 -47.02
N THR L 114 -91.63 -25.27 -46.31
CA THR L 114 -91.37 -25.31 -44.89
C THR L 114 -91.95 -24.09 -44.20
N ALA L 115 -92.90 -24.30 -43.29
CA ALA L 115 -93.53 -23.21 -42.58
C ALA L 115 -93.50 -23.34 -41.06
N ASP L 116 -92.92 -22.33 -40.41
CA ASP L 116 -92.77 -22.28 -38.97
C ASP L 116 -92.35 -23.59 -38.33
N GLU L 117 -93.36 -24.27 -37.78
CA GLU L 117 -93.22 -25.39 -36.87
C GLU L 117 -93.75 -26.70 -37.45
N THR L 118 -92.98 -27.16 -38.44
CA THR L 118 -93.46 -28.20 -39.33
C THR L 118 -94.29 -29.41 -38.92
N ILE L 119 -93.62 -30.56 -38.98
CA ILE L 119 -93.87 -31.87 -38.42
C ILE L 119 -92.77 -32.89 -38.69
N ALA L 120 -92.84 -34.13 -38.19
CA ALA L 120 -91.83 -35.16 -38.32
C ALA L 120 -92.23 -36.51 -38.87
N PRO L 121 -92.23 -36.70 -40.20
CA PRO L 121 -92.10 -38.02 -40.78
C PRO L 121 -90.83 -38.82 -40.52
N SER L 122 -89.75 -38.05 -40.54
CA SER L 122 -88.44 -38.65 -40.31
C SER L 122 -88.24 -39.42 -39.01
N LYS L 123 -87.65 -40.60 -39.19
CA LYS L 123 -87.17 -41.38 -38.07
C LYS L 123 -85.68 -41.51 -37.86
N ASP L 124 -84.94 -41.54 -38.97
CA ASP L 124 -83.50 -41.74 -38.95
C ASP L 124 -82.84 -42.88 -38.19
N ILE L 125 -82.92 -42.83 -36.86
CA ILE L 125 -82.29 -43.84 -36.04
C ILE L 125 -80.84 -44.29 -36.19
N VAL L 126 -80.73 -45.23 -37.12
CA VAL L 126 -79.63 -46.16 -37.33
C VAL L 126 -78.27 -45.52 -37.55
N GLU L 127 -77.28 -46.42 -37.49
CA GLU L 127 -75.92 -46.16 -37.91
C GLU L 127 -75.14 -45.17 -37.06
N LEU L 128 -75.38 -45.16 -35.74
CA LEU L 128 -74.50 -44.42 -34.87
C LEU L 128 -72.99 -44.67 -34.97
N PRO L 129 -72.45 -45.88 -35.14
CA PRO L 129 -71.09 -46.12 -35.54
C PRO L 129 -70.72 -45.57 -36.91
N PHE L 130 -70.41 -44.27 -36.82
CA PHE L 130 -69.85 -43.41 -37.84
C PHE L 130 -70.42 -43.46 -39.25
N ARG L 131 -71.74 -43.70 -39.33
CA ARG L 131 -72.38 -43.67 -40.62
C ARG L 131 -73.66 -42.85 -40.67
N THR L 132 -74.14 -42.59 -41.90
CA THR L 132 -75.38 -41.85 -42.02
C THR L 132 -76.64 -42.65 -41.71
N CYS L 133 -77.34 -42.14 -40.70
CA CYS L 133 -78.35 -42.99 -40.11
C CYS L 133 -79.15 -43.94 -40.98
N ASP L 134 -79.75 -43.33 -42.00
CA ASP L 134 -80.43 -44.12 -43.00
C ASP L 134 -79.57 -44.27 -44.25
N LEU L 135 -78.85 -45.40 -44.28
CA LEU L 135 -77.89 -45.75 -45.30
C LEU L 135 -76.73 -44.82 -45.58
N ASP L 136 -76.64 -44.34 -46.83
CA ASP L 136 -75.96 -43.11 -47.17
C ASP L 136 -76.85 -41.95 -47.61
N ASP L 137 -78.05 -41.99 -47.01
CA ASP L 137 -79.08 -41.16 -47.61
C ASP L 137 -79.51 -39.97 -46.77
N SER L 138 -79.39 -40.10 -45.45
CA SER L 138 -79.48 -39.02 -44.48
C SER L 138 -79.18 -37.56 -44.77
N SER L 139 -78.02 -37.60 -45.42
CA SER L 139 -77.44 -36.40 -45.98
C SER L 139 -78.31 -35.59 -46.93
N ALA L 140 -78.75 -36.25 -48.00
CA ALA L 140 -79.59 -35.78 -49.08
C ALA L 140 -81.03 -35.57 -48.63
N THR L 141 -81.59 -36.52 -47.86
CA THR L 141 -82.97 -36.33 -47.50
C THR L 141 -83.25 -35.20 -46.52
N ALA L 142 -82.30 -35.02 -45.58
CA ALA L 142 -82.35 -33.84 -44.75
C ALA L 142 -82.32 -32.46 -45.37
N CYS L 143 -81.71 -32.33 -46.56
CA CYS L 143 -81.80 -31.20 -47.45
C CYS L 143 -83.20 -30.65 -47.67
N VAL L 144 -83.98 -31.62 -48.14
CA VAL L 144 -85.43 -31.50 -48.21
C VAL L 144 -86.04 -31.30 -46.84
N ARG L 145 -85.68 -32.13 -45.87
CA ARG L 145 -86.30 -32.11 -44.56
C ARG L 145 -85.86 -31.03 -43.59
N ASN L 146 -85.31 -29.93 -44.11
CA ASN L 146 -85.08 -28.76 -43.31
C ASN L 146 -85.45 -27.46 -44.01
N HIS L 147 -84.89 -27.38 -45.22
CA HIS L 147 -85.07 -26.17 -46.00
C HIS L 147 -86.32 -26.18 -46.87
N CYS L 148 -86.41 -27.33 -47.54
CA CYS L 148 -87.50 -27.59 -48.47
C CYS L 148 -88.88 -27.94 -47.94
N GLN L 149 -88.85 -29.09 -47.27
CA GLN L 149 -90.01 -29.68 -46.64
C GLN L 149 -89.70 -30.42 -45.34
N ALA L 150 -89.39 -29.52 -44.40
CA ALA L 150 -88.78 -29.89 -43.15
C ALA L 150 -89.39 -30.94 -42.23
N GLY L 151 -88.94 -32.18 -42.39
CA GLY L 151 -89.58 -33.27 -41.69
C GLY L 151 -89.13 -33.67 -40.29
N HIS L 152 -88.89 -32.57 -39.57
CA HIS L 152 -88.29 -32.64 -38.25
C HIS L 152 -88.98 -31.85 -37.13
N ASP L 153 -88.79 -30.54 -37.24
CA ASP L 153 -89.29 -29.50 -36.37
C ASP L 153 -90.78 -29.55 -36.06
N GLY L 154 -91.24 -28.70 -35.15
CA GLY L 154 -92.62 -28.57 -34.75
C GLY L 154 -92.82 -27.67 -33.54
N VAL L 155 -93.56 -28.26 -32.60
CA VAL L 155 -93.96 -27.50 -31.44
C VAL L 155 -92.83 -26.84 -30.64
N ILE L 156 -92.12 -27.62 -29.83
CA ILE L 156 -91.04 -27.04 -29.06
C ILE L 156 -89.67 -27.33 -29.67
N HIS L 157 -89.60 -27.09 -30.98
CA HIS L 157 -88.63 -27.73 -31.85
C HIS L 157 -87.80 -27.04 -32.92
N LEU L 158 -86.48 -27.24 -32.84
CA LEU L 158 -85.57 -26.66 -33.81
C LEU L 158 -85.76 -25.16 -34.09
N PRO L 159 -84.84 -24.32 -33.65
CA PRO L 159 -84.94 -22.87 -33.73
C PRO L 159 -84.24 -22.44 -35.00
N ILE L 160 -84.87 -22.81 -36.11
CA ILE L 160 -84.33 -22.55 -37.44
C ILE L 160 -84.34 -21.09 -37.87
N LEU L 161 -85.49 -20.73 -38.45
CA LEU L 161 -85.68 -19.49 -39.18
C LEU L 161 -85.71 -18.18 -38.42
N SER L 162 -85.43 -18.38 -37.14
CA SER L 162 -84.85 -17.52 -36.13
C SER L 162 -83.63 -18.01 -35.36
N GLY L 163 -82.42 -17.79 -35.87
CA GLY L 163 -81.20 -18.33 -35.31
C GLY L 163 -80.33 -19.20 -36.21
N ASP L 164 -80.73 -20.47 -36.18
CA ASP L 164 -80.09 -21.51 -36.96
C ASP L 164 -80.73 -21.88 -38.30
N PHE L 165 -80.90 -20.79 -39.07
CA PHE L 165 -81.50 -20.65 -40.38
C PHE L 165 -81.83 -21.82 -41.29
N LYS L 166 -80.72 -22.33 -41.82
CA LYS L 166 -80.81 -23.42 -42.79
C LYS L 166 -79.90 -24.51 -42.24
N LEU L 167 -80.48 -25.62 -41.77
CA LEU L 167 -79.75 -26.84 -41.48
C LEU L 167 -79.31 -27.75 -42.61
N PRO L 168 -79.65 -27.53 -43.88
CA PRO L 168 -78.69 -27.82 -44.93
C PRO L 168 -77.27 -27.25 -44.91
N ASN L 169 -77.19 -26.10 -44.24
CA ASN L 169 -75.93 -25.37 -44.23
C ASN L 169 -75.08 -25.07 -43.00
N GLU L 170 -75.93 -25.04 -41.98
CA GLU L 170 -75.55 -24.85 -40.59
C GLU L 170 -75.50 -26.08 -39.69
N HIS L 171 -74.39 -26.23 -38.96
CA HIS L 171 -74.13 -27.40 -38.14
C HIS L 171 -75.11 -28.25 -37.33
N PRO L 172 -75.97 -27.69 -36.48
CA PRO L 172 -76.59 -28.49 -35.43
C PRO L 172 -77.60 -29.57 -35.77
N THR L 173 -78.39 -30.00 -34.79
CA THR L 173 -79.24 -31.16 -34.95
C THR L 173 -80.72 -30.83 -34.84
N LYS L 174 -81.55 -31.65 -35.48
CA LYS L 174 -82.95 -31.45 -35.79
C LYS L 174 -83.90 -32.34 -35.00
N PRO L 175 -84.71 -31.76 -34.12
CA PRO L 175 -85.69 -32.48 -33.32
C PRO L 175 -86.94 -32.96 -34.04
N LEU L 176 -87.29 -34.16 -33.59
CA LEU L 176 -88.42 -34.92 -34.11
C LEU L 176 -89.73 -34.61 -33.38
N ASP L 177 -90.56 -33.86 -34.11
CA ASP L 177 -91.94 -33.55 -33.84
C ASP L 177 -92.68 -34.87 -33.78
N ASP L 178 -92.90 -35.38 -32.57
CA ASP L 178 -93.61 -36.63 -32.37
C ASP L 178 -94.52 -36.65 -31.15
N THR L 179 -95.79 -37.01 -31.38
CA THR L 179 -96.75 -37.23 -30.31
C THR L 179 -96.33 -38.18 -29.19
N HIS L 180 -95.87 -39.34 -29.68
CA HIS L 180 -95.15 -40.22 -28.78
C HIS L 180 -93.99 -39.65 -27.99
N PRO L 181 -94.06 -39.94 -26.69
CA PRO L 181 -93.30 -39.24 -25.66
C PRO L 181 -91.81 -39.12 -25.93
N HIS L 182 -91.50 -37.87 -26.31
CA HIS L 182 -90.12 -37.48 -26.50
C HIS L 182 -89.15 -38.31 -27.34
N ASP L 183 -89.63 -39.01 -28.37
CA ASP L 183 -88.80 -39.78 -29.26
C ASP L 183 -87.96 -39.01 -30.27
N LYS L 184 -87.53 -37.84 -29.81
CA LYS L 184 -86.68 -36.85 -30.44
C LYS L 184 -85.27 -37.21 -30.88
N VAL L 185 -85.21 -37.80 -32.08
CA VAL L 185 -84.03 -38.31 -32.74
C VAL L 185 -83.48 -37.21 -33.64
N LEU L 186 -82.58 -36.45 -33.00
CA LEU L 186 -82.02 -35.26 -33.60
C LEU L 186 -81.00 -35.41 -34.71
N THR L 187 -81.56 -35.62 -35.91
CA THR L 187 -80.79 -35.73 -37.15
C THR L 187 -79.82 -34.59 -37.43
N ARG L 188 -78.54 -34.90 -37.63
CA ARG L 188 -77.50 -33.94 -37.90
C ARG L 188 -77.70 -33.16 -39.19
N CYS L 189 -77.07 -32.01 -39.41
CA CYS L 189 -77.04 -31.28 -40.66
C CYS L 189 -76.41 -31.96 -41.86
N PRO L 190 -76.98 -31.78 -43.05
CA PRO L 190 -76.36 -32.20 -44.29
C PRO L 190 -74.90 -31.76 -44.45
N LYS L 191 -74.58 -30.52 -44.10
CA LYS L 191 -73.19 -30.10 -44.12
C LYS L 191 -72.12 -30.69 -43.21
N THR L 192 -72.64 -31.13 -42.06
CA THR L 192 -71.92 -31.95 -41.11
C THR L 192 -71.41 -33.22 -41.78
N GLY L 193 -71.92 -33.57 -42.95
CA GLY L 193 -71.37 -34.65 -43.74
C GLY L 193 -71.62 -36.08 -43.28
N LEU L 194 -71.38 -36.24 -41.97
CA LEU L 194 -71.80 -37.48 -41.35
C LEU L 194 -72.99 -37.31 -40.41
N LEU L 195 -74.11 -37.83 -40.91
CA LEU L 195 -75.39 -37.64 -40.26
C LEU L 195 -75.82 -38.77 -39.35
N LEU L 196 -75.49 -38.51 -38.08
CA LEU L 196 -75.90 -39.29 -36.94
C LEU L 196 -77.13 -38.65 -36.32
N VAL L 197 -77.68 -39.52 -35.47
CA VAL L 197 -78.88 -39.20 -34.72
C VAL L 197 -78.62 -39.22 -33.22
N HIS L 198 -79.02 -38.20 -32.46
CA HIS L 198 -79.03 -38.11 -31.01
C HIS L 198 -80.39 -37.87 -30.39
N ASP L 199 -80.98 -39.00 -29.98
CA ASP L 199 -82.24 -38.91 -29.26
C ASP L 199 -82.12 -38.20 -27.92
N THR L 200 -82.65 -36.98 -27.86
CA THR L 200 -82.85 -36.27 -26.61
C THR L 200 -83.97 -36.72 -25.69
N HIS L 201 -83.62 -37.76 -24.93
CA HIS L 201 -84.37 -38.37 -23.86
C HIS L 201 -85.07 -37.47 -22.84
N ALA L 202 -84.51 -36.27 -22.71
CA ALA L 202 -85.10 -35.12 -22.04
C ALA L 202 -84.67 -33.86 -22.77
N HIS L 203 -85.71 -33.27 -23.36
CA HIS L 203 -85.64 -32.38 -24.50
C HIS L 203 -85.74 -30.89 -24.19
N ALA L 204 -84.53 -30.34 -24.03
CA ALA L 204 -84.18 -28.94 -24.15
C ALA L 204 -82.66 -28.81 -24.10
N THR L 205 -82.04 -29.13 -22.97
CA THR L 205 -80.60 -28.96 -22.84
C THR L 205 -79.70 -30.11 -23.30
N ALA L 206 -78.43 -30.17 -22.93
CA ALA L 206 -77.50 -31.24 -23.24
C ALA L 206 -77.67 -32.50 -22.42
N VAL L 207 -78.39 -32.42 -21.30
CA VAL L 207 -78.61 -33.45 -20.30
C VAL L 207 -77.74 -34.63 -19.88
N VAL L 208 -77.32 -35.39 -20.90
CA VAL L 208 -76.35 -36.44 -20.66
C VAL L 208 -75.01 -36.09 -20.04
N ALA L 209 -74.58 -34.88 -20.40
CA ALA L 209 -73.28 -34.42 -19.95
C ALA L 209 -72.91 -34.52 -18.47
N THR L 210 -73.84 -34.12 -17.59
CA THR L 210 -73.61 -34.31 -16.17
C THR L 210 -73.72 -35.79 -15.81
N ALA L 211 -74.88 -36.29 -16.22
CA ALA L 211 -75.17 -37.69 -15.96
C ALA L 211 -74.07 -38.71 -16.25
N ALA L 212 -73.49 -38.51 -17.43
CA ALA L 212 -72.40 -39.36 -17.85
C ALA L 212 -71.12 -39.14 -17.04
N THR L 213 -70.60 -37.92 -17.04
CA THR L 213 -69.45 -37.57 -16.23
C THR L 213 -69.37 -37.80 -14.73
N ARG L 214 -70.54 -37.69 -14.10
CA ARG L 214 -70.85 -38.19 -12.77
C ARG L 214 -70.50 -39.63 -12.47
N ALA L 215 -70.57 -40.57 -13.42
CA ALA L 215 -70.09 -41.93 -13.29
C ALA L 215 -68.60 -42.17 -13.13
N ILE L 216 -67.83 -41.13 -13.47
CA ILE L 216 -66.42 -41.08 -13.12
C ILE L 216 -66.25 -40.98 -11.62
N LEU L 217 -67.21 -40.48 -10.85
CA LEU L 217 -67.07 -40.58 -9.41
C LEU L 217 -66.85 -42.01 -8.95
N MET L 218 -67.75 -42.92 -9.36
CA MET L 218 -67.59 -44.35 -9.19
C MET L 218 -66.27 -44.92 -9.70
N HIS L 219 -65.85 -44.59 -10.91
CA HIS L 219 -64.48 -44.73 -11.35
C HIS L 219 -63.43 -44.32 -10.33
N ASP L 220 -63.26 -43.02 -10.09
CA ASP L 220 -62.30 -42.44 -9.17
C ASP L 220 -62.15 -43.03 -7.77
N LEU L 221 -63.27 -43.53 -7.26
CA LEU L 221 -63.29 -44.11 -5.93
C LEU L 221 -62.60 -45.47 -5.90
N LEU L 222 -62.99 -46.41 -6.76
CA LEU L 222 -62.36 -47.72 -6.77
C LEU L 222 -61.10 -47.97 -7.59
N THR L 223 -60.83 -46.96 -8.41
CA THR L 223 -59.47 -46.80 -8.86
C THR L 223 -58.43 -46.14 -7.96
N SER L 224 -58.72 -44.87 -7.64
CA SER L 224 -57.82 -44.09 -6.83
C SER L 224 -58.31 -43.72 -5.44
N ALA L 225 -58.76 -44.83 -4.87
CA ALA L 225 -59.26 -44.84 -3.51
C ALA L 225 -60.46 -44.03 -3.05
N ASN L 226 -60.47 -42.74 -3.36
CA ASN L 226 -61.63 -41.88 -3.23
C ASN L 226 -61.62 -40.74 -4.26
N ALA L 227 -62.86 -40.48 -4.70
CA ALA L 227 -63.14 -39.47 -5.69
C ALA L 227 -62.89 -38.05 -5.20
N ASP L 228 -61.69 -37.57 -5.55
CA ASP L 228 -61.26 -36.26 -5.13
C ASP L 228 -61.96 -35.08 -5.80
N ASP L 229 -62.83 -34.42 -5.04
CA ASP L 229 -63.80 -33.41 -5.43
C ASP L 229 -64.77 -33.78 -6.55
N GLY L 230 -64.24 -34.05 -7.75
CA GLY L 230 -64.93 -34.56 -8.92
C GLY L 230 -66.19 -33.80 -9.26
N HIS L 231 -67.33 -34.37 -8.86
CA HIS L 231 -68.62 -33.74 -9.03
C HIS L 231 -68.80 -32.31 -8.53
N GLN L 232 -68.09 -31.94 -7.45
CA GLN L 232 -68.12 -30.61 -6.92
C GLN L 232 -67.86 -29.53 -7.98
N ALA L 233 -66.95 -29.93 -8.87
CA ALA L 233 -66.59 -29.35 -10.14
C ALA L 233 -67.36 -29.78 -11.38
N ARG L 234 -67.59 -31.08 -11.53
CA ARG L 234 -68.42 -31.71 -12.54
C ARG L 234 -69.88 -31.32 -12.73
N SER L 235 -70.47 -30.89 -11.61
CA SER L 235 -71.85 -30.47 -11.47
C SER L 235 -72.14 -29.26 -12.35
N ALA L 236 -71.41 -28.15 -12.16
CA ALA L 236 -71.38 -27.08 -13.13
C ALA L 236 -70.85 -27.36 -14.52
N CYS L 237 -69.63 -27.89 -14.51
CA CYS L 237 -68.90 -28.26 -15.71
C CYS L 237 -69.54 -28.90 -16.94
N TYR L 238 -70.41 -29.83 -16.55
CA TYR L 238 -71.14 -30.57 -17.56
C TYR L 238 -72.65 -30.40 -17.68
N GLY L 239 -73.07 -29.96 -18.87
CA GLY L 239 -74.43 -29.77 -19.30
C GLY L 239 -75.53 -30.51 -18.57
N PRO L 240 -76.59 -29.81 -18.12
CA PRO L 240 -77.40 -30.19 -16.98
C PRO L 240 -78.24 -31.45 -17.09
N ALA L 241 -78.06 -32.40 -16.17
CA ALA L 241 -78.99 -33.48 -15.98
C ALA L 241 -80.29 -33.04 -15.32
N PHE L 242 -81.32 -33.06 -16.17
CA PHE L 242 -82.72 -32.97 -15.82
C PHE L 242 -83.60 -34.08 -16.35
N ASN L 243 -84.33 -34.57 -15.34
CA ASN L 243 -85.18 -35.74 -15.46
C ASN L 243 -84.48 -37.04 -15.84
N ASN L 244 -85.18 -38.13 -15.54
CA ASN L 244 -84.90 -39.50 -15.91
C ASN L 244 -83.98 -40.03 -17.01
N LEU L 245 -83.98 -39.22 -18.06
CA LEU L 245 -83.44 -39.62 -19.34
C LEU L 245 -83.86 -40.87 -20.12
N THR L 246 -85.19 -40.94 -20.01
CA THR L 246 -85.96 -41.86 -20.82
C THR L 246 -87.16 -41.10 -21.36
N PHE L 247 -87.09 -40.96 -22.69
CA PHE L 247 -88.01 -40.19 -23.51
C PHE L 247 -89.17 -39.50 -22.81
N ALA L 248 -88.80 -38.35 -22.22
CA ALA L 248 -89.54 -37.40 -21.42
C ALA L 248 -89.25 -35.92 -21.64
N CYS L 249 -90.34 -35.20 -21.44
CA CYS L 249 -90.36 -33.75 -21.52
C CYS L 249 -89.07 -32.95 -21.59
N HIS L 250 -88.50 -32.68 -20.41
CA HIS L 250 -87.61 -31.58 -20.12
C HIS L 250 -88.05 -30.17 -20.47
N SER L 251 -88.74 -29.96 -21.59
CA SER L 251 -89.42 -28.72 -21.91
C SER L 251 -88.63 -27.42 -21.90
N THR L 252 -89.00 -26.44 -21.07
CA THR L 252 -88.06 -25.44 -20.62
C THR L 252 -87.46 -24.56 -21.73
N CYS L 253 -86.19 -24.78 -22.04
CA CYS L 253 -85.47 -24.15 -23.12
C CYS L 253 -85.94 -24.40 -24.54
N ALA L 254 -86.08 -25.69 -24.88
CA ALA L 254 -86.70 -26.04 -26.14
C ALA L 254 -88.15 -25.59 -26.22
N SER L 255 -88.82 -25.42 -25.08
CA SER L 255 -90.13 -24.81 -24.98
C SER L 255 -90.34 -23.36 -25.38
N ASP L 256 -89.25 -22.60 -25.25
CA ASP L 256 -89.22 -21.18 -25.48
C ASP L 256 -88.50 -20.87 -26.79
N MET L 257 -87.18 -21.08 -26.71
CA MET L 257 -86.37 -20.99 -27.90
C MET L 257 -86.76 -21.67 -29.21
N ALA L 258 -86.68 -23.00 -29.24
CA ALA L 258 -86.99 -23.83 -30.38
C ALA L 258 -88.42 -23.72 -30.90
N HIS L 259 -89.34 -23.53 -29.95
CA HIS L 259 -90.76 -23.45 -30.27
C HIS L 259 -90.93 -22.21 -31.13
N PHE L 260 -90.59 -21.02 -30.62
CA PHE L 260 -90.65 -19.84 -31.45
C PHE L 260 -89.68 -19.56 -32.60
N ASP L 261 -88.41 -19.75 -32.23
CA ASP L 261 -87.36 -19.57 -33.20
C ASP L 261 -87.24 -20.60 -34.32
N CYS L 262 -88.26 -21.45 -34.33
CA CYS L 262 -88.44 -22.32 -35.47
C CYS L 262 -88.73 -21.65 -36.80
N GLY L 263 -89.60 -20.67 -36.52
CA GLY L 263 -90.13 -19.77 -37.51
C GLY L 263 -89.60 -18.38 -37.16
N GLN L 264 -90.24 -17.81 -36.14
CA GLN L 264 -90.16 -16.47 -35.58
C GLN L 264 -89.94 -15.25 -36.46
N ILE L 265 -88.71 -15.12 -36.96
CA ILE L 265 -88.45 -14.11 -37.97
C ILE L 265 -88.98 -14.47 -39.35
N VAL L 266 -88.09 -15.02 -40.18
CA VAL L 266 -88.38 -15.31 -41.57
C VAL L 266 -89.59 -16.23 -41.68
N GLY L 267 -89.76 -17.16 -40.74
CA GLY L 267 -90.87 -18.07 -40.63
C GLY L 267 -90.97 -19.20 -41.65
N LEU L 268 -90.48 -18.82 -42.84
CA LEU L 268 -90.53 -19.59 -44.06
C LEU L 268 -89.19 -20.08 -44.59
N ASP L 269 -89.23 -21.30 -45.11
CA ASP L 269 -88.16 -21.88 -45.89
C ASP L 269 -88.68 -22.60 -47.13
N LEU L 270 -88.25 -22.25 -48.34
CA LEU L 270 -88.64 -22.92 -49.57
C LEU L 270 -87.68 -23.52 -50.58
N HIS L 271 -88.17 -24.57 -51.25
CA HIS L 271 -87.59 -25.13 -52.44
C HIS L 271 -88.63 -25.27 -53.54
N VAL L 272 -88.25 -24.77 -54.72
CA VAL L 272 -89.01 -25.02 -55.94
C VAL L 272 -88.51 -25.83 -57.12
N GLU L 273 -87.23 -26.22 -57.01
CA GLU L 273 -86.55 -26.96 -58.05
C GLU L 273 -86.65 -28.48 -58.00
N PRO L 274 -86.88 -29.08 -59.17
CA PRO L 274 -86.93 -30.53 -59.25
C PRO L 274 -85.74 -31.24 -58.65
N SER L 275 -85.93 -31.79 -57.45
CA SER L 275 -84.94 -32.45 -56.61
C SER L 275 -85.55 -33.31 -55.52
N ASP L 276 -86.01 -32.58 -54.50
CA ASP L 276 -86.84 -33.03 -53.40
C ASP L 276 -87.56 -34.37 -53.53
N MET M 1 -14.10 -29.82 -52.55
CA MET M 1 -15.14 -30.78 -52.96
C MET M 1 -14.56 -32.04 -53.58
N PRO M 2 -14.36 -33.00 -52.67
CA PRO M 2 -14.44 -34.44 -52.84
C PRO M 2 -15.89 -34.89 -52.67
N LEU M 3 -16.22 -35.64 -53.72
CA LEU M 3 -17.53 -36.24 -53.86
C LEU M 3 -17.93 -37.16 -52.72
N HIS M 4 -19.20 -36.93 -52.33
CA HIS M 4 -19.77 -37.84 -51.36
C HIS M 4 -21.19 -38.24 -51.75
N MET M 5 -21.66 -39.38 -51.24
CA MET M 5 -22.76 -40.15 -51.77
C MET M 5 -22.65 -40.38 -53.28
N ILE M 6 -21.58 -41.11 -53.59
CA ILE M 6 -21.12 -41.13 -54.97
C ILE M 6 -22.15 -41.62 -55.98
N PRO M 7 -22.71 -42.82 -55.87
CA PRO M 7 -23.72 -43.28 -56.79
C PRO M 7 -24.92 -42.37 -57.06
N GLN M 8 -25.33 -41.54 -56.10
CA GLN M 8 -26.42 -40.59 -56.14
C GLN M 8 -26.29 -39.24 -56.83
N VAL M 9 -25.20 -38.60 -56.39
CA VAL M 9 -24.71 -37.44 -57.08
C VAL M 9 -24.29 -37.68 -58.53
N ALA M 10 -23.89 -38.93 -58.75
CA ALA M 10 -23.76 -39.56 -60.05
C ALA M 10 -25.06 -39.70 -60.83
N HIS M 11 -26.06 -40.13 -60.06
CA HIS M 11 -27.46 -40.12 -60.44
C HIS M 11 -28.09 -38.89 -61.06
N ALA M 12 -27.80 -37.86 -60.24
CA ALA M 12 -28.11 -36.48 -60.55
C ALA M 12 -27.38 -35.91 -61.76
N MET M 13 -26.08 -36.21 -61.77
CA MET M 13 -25.31 -35.86 -62.94
C MET M 13 -25.97 -36.29 -64.25
N VAL M 14 -26.21 -37.60 -64.23
CA VAL M 14 -26.81 -38.32 -65.34
C VAL M 14 -28.22 -37.92 -65.73
N ARG M 15 -28.97 -37.43 -64.73
CA ARG M 15 -30.24 -36.78 -64.93
C ARG M 15 -30.30 -35.46 -65.69
N ALA M 16 -29.19 -34.74 -65.44
CA ALA M 16 -28.82 -33.67 -66.34
C ALA M 16 -28.41 -33.92 -67.79
N ALA M 17 -27.70 -35.04 -67.88
CA ALA M 17 -27.43 -35.68 -69.15
C ALA M 17 -28.67 -36.15 -69.90
N ALA M 18 -29.56 -36.80 -69.15
CA ALA M 18 -30.75 -37.36 -69.72
C ALA M 18 -31.80 -36.39 -70.25
N ALA M 19 -31.78 -35.21 -69.63
CA ALA M 19 -32.53 -34.03 -70.02
C ALA M 19 -31.71 -32.90 -70.64
N GLY M 20 -30.75 -33.43 -71.40
CA GLY M 20 -29.85 -32.72 -72.28
C GLY M 20 -28.83 -31.74 -71.71
N ARG M 21 -29.28 -30.79 -70.89
CA ARG M 21 -28.48 -29.87 -70.12
C ARG M 21 -27.65 -30.39 -68.96
N LEU M 22 -26.41 -30.69 -69.36
CA LEU M 22 -25.41 -31.08 -68.39
C LEU M 22 -24.23 -30.15 -68.62
N THR M 23 -23.84 -29.35 -67.61
CA THR M 23 -22.60 -28.59 -67.69
C THR M 23 -21.27 -29.32 -67.72
N LEU M 24 -20.94 -29.73 -68.95
CA LEU M 24 -19.76 -30.53 -69.24
C LEU M 24 -18.43 -29.88 -69.56
N TYR M 25 -17.95 -29.13 -68.57
CA TYR M 25 -16.88 -28.20 -68.84
C TYR M 25 -15.46 -28.55 -68.42
N THR M 26 -14.61 -28.84 -69.41
CA THR M 26 -13.22 -28.98 -69.06
C THR M 26 -12.50 -27.64 -69.13
N ARG M 27 -11.34 -27.60 -68.47
CA ARG M 27 -10.73 -26.37 -68.03
C ARG M 27 -11.14 -25.04 -68.65
N THR M 28 -10.66 -24.88 -69.88
CA THR M 28 -11.00 -23.77 -70.75
C THR M 28 -12.19 -23.89 -71.70
N ARG M 29 -12.48 -25.13 -72.10
CA ARG M 29 -13.49 -25.45 -73.09
C ARG M 29 -14.79 -25.98 -72.51
N THR M 30 -15.82 -25.22 -72.87
CA THR M 30 -17.18 -25.35 -72.34
C THR M 30 -17.96 -26.65 -72.43
N GLU M 31 -17.69 -27.42 -73.49
CA GLU M 31 -18.25 -28.75 -73.50
C GLU M 31 -17.09 -29.70 -73.83
N THR M 32 -17.04 -30.86 -73.19
CA THR M 32 -16.25 -32.03 -73.52
C THR M 32 -16.85 -32.69 -74.75
N THR M 33 -16.66 -31.95 -75.84
CA THR M 33 -17.05 -32.31 -77.19
C THR M 33 -16.30 -33.48 -77.79
N ASN M 34 -14.98 -33.24 -77.88
CA ASN M 34 -13.95 -34.25 -77.96
C ASN M 34 -13.73 -34.76 -76.54
N PHE M 35 -13.17 -35.96 -76.50
CA PHE M 35 -12.99 -36.69 -75.26
C PHE M 35 -11.97 -36.31 -74.20
N ASP M 36 -11.79 -34.99 -74.13
CA ASP M 36 -10.95 -34.34 -73.14
C ASP M 36 -11.60 -33.98 -71.81
N HIS M 37 -11.72 -35.09 -71.06
CA HIS M 37 -12.09 -35.18 -69.66
C HIS M 37 -12.34 -33.79 -69.08
N ALA M 38 -13.63 -33.60 -68.83
CA ALA M 38 -14.15 -32.46 -68.10
C ALA M 38 -13.59 -32.21 -66.71
N GLU M 39 -13.72 -30.96 -66.24
CA GLU M 39 -13.31 -30.47 -64.94
C GLU M 39 -14.43 -29.91 -64.06
N TYR M 40 -15.42 -29.27 -64.68
CA TYR M 40 -16.55 -28.67 -64.00
C TYR M 40 -17.95 -28.90 -64.55
N VAL M 41 -18.52 -30.01 -64.08
CA VAL M 41 -19.93 -30.29 -64.27
C VAL M 41 -20.68 -30.03 -62.99
N THR M 42 -21.39 -28.89 -62.91
CA THR M 42 -22.10 -28.27 -61.81
C THR M 42 -23.24 -29.13 -61.28
N CYS M 43 -22.99 -30.14 -60.44
CA CYS M 43 -24.11 -30.92 -59.96
C CYS M 43 -24.71 -30.32 -58.68
N GLY M 44 -25.45 -29.26 -58.97
CA GLY M 44 -25.82 -28.41 -57.85
C GLY M 44 -24.76 -27.95 -56.86
N ARG M 45 -23.91 -27.11 -57.44
CA ARG M 45 -22.61 -26.86 -56.83
C ARG M 45 -21.51 -27.91 -56.88
N TYR M 46 -21.76 -29.22 -56.92
CA TYR M 46 -20.75 -30.24 -57.08
C TYR M 46 -20.13 -30.27 -58.47
N THR M 47 -19.04 -29.55 -58.72
CA THR M 47 -18.18 -29.65 -59.88
C THR M 47 -17.49 -30.98 -60.17
N ILE M 48 -18.25 -31.83 -60.85
CA ILE M 48 -17.79 -33.06 -61.47
C ILE M 48 -16.70 -32.98 -62.52
N CYS M 49 -15.74 -33.89 -62.28
CA CYS M 49 -14.46 -33.95 -62.96
C CYS M 49 -14.24 -35.32 -63.59
N ALA M 50 -14.46 -35.27 -64.90
CA ALA M 50 -14.32 -36.41 -65.78
C ALA M 50 -12.95 -37.05 -65.93
N PHE M 51 -11.99 -36.15 -65.77
CA PHE M 51 -10.64 -36.51 -65.37
C PHE M 51 -10.39 -37.67 -64.42
N CYS M 52 -11.25 -37.67 -63.39
CA CYS M 52 -11.20 -38.75 -62.43
C CYS M 52 -12.55 -39.46 -62.21
N LEU M 53 -13.51 -39.17 -63.08
CA LEU M 53 -14.90 -39.44 -62.74
C LEU M 53 -15.50 -38.87 -61.46
N THR M 54 -14.59 -38.68 -60.51
CA THR M 54 -14.81 -37.96 -59.28
C THR M 54 -14.99 -36.46 -59.52
N THR M 55 -14.52 -35.56 -58.66
CA THR M 55 -14.79 -34.13 -58.71
C THR M 55 -13.56 -33.28 -58.42
N LEU M 56 -13.60 -32.10 -59.04
CA LEU M 56 -12.60 -31.07 -59.14
C LEU M 56 -11.27 -31.42 -59.81
N ALA M 57 -10.59 -32.32 -59.09
CA ALA M 57 -9.22 -32.62 -59.45
C ALA M 57 -9.15 -33.98 -60.13
N PRO M 58 -8.28 -34.13 -61.13
CA PRO M 58 -7.88 -35.40 -61.70
C PRO M 58 -7.22 -36.43 -60.79
N HIS M 59 -7.42 -37.71 -61.08
CA HIS M 59 -6.73 -38.77 -60.39
C HIS M 59 -5.22 -38.91 -60.48
N ALA M 60 -4.81 -38.70 -61.73
CA ALA M 60 -3.40 -38.55 -61.98
C ALA M 60 -3.03 -37.57 -63.09
N ASN M 61 -1.73 -37.42 -63.32
CA ASN M 61 -1.17 -36.86 -64.54
C ASN M 61 -0.99 -37.75 -65.76
N VAL M 62 -1.75 -38.85 -65.75
CA VAL M 62 -1.71 -39.88 -66.78
C VAL M 62 -2.94 -39.63 -67.65
N LYS M 63 -2.74 -38.65 -68.53
CA LYS M 63 -3.78 -38.23 -69.45
C LYS M 63 -4.45 -39.32 -70.26
N THR M 64 -3.79 -40.47 -70.44
CA THR M 64 -4.46 -41.66 -70.91
C THR M 64 -5.54 -42.28 -70.04
N ILE M 65 -5.30 -42.51 -68.75
CA ILE M 65 -6.32 -42.97 -67.83
C ILE M 65 -7.43 -41.99 -67.48
N GLN M 66 -6.96 -40.75 -67.43
CA GLN M 66 -7.74 -39.56 -67.18
C GLN M 66 -8.81 -39.20 -68.20
N ASP M 67 -8.37 -39.35 -69.46
CA ASP M 67 -9.26 -39.53 -70.58
C ASP M 67 -10.13 -40.79 -70.61
N SER M 68 -9.53 -41.87 -70.10
CA SER M 68 -10.23 -43.11 -69.86
C SER M 68 -11.39 -42.97 -68.88
N HIS M 69 -11.21 -42.25 -67.76
CA HIS M 69 -12.26 -41.78 -66.89
C HIS M 69 -13.42 -41.14 -67.65
N ALA M 70 -12.99 -40.31 -68.59
CA ALA M 70 -13.82 -39.69 -69.60
C ALA M 70 -14.57 -40.65 -70.52
N CYS M 71 -13.80 -41.33 -71.36
CA CYS M 71 -14.27 -42.50 -72.09
C CYS M 71 -15.24 -43.48 -71.45
N SER M 72 -15.03 -43.74 -70.16
CA SER M 72 -15.97 -44.46 -69.32
C SER M 72 -17.44 -44.04 -69.29
N ARG M 73 -17.56 -42.73 -69.17
CA ARG M 73 -18.80 -42.05 -69.48
C ARG M 73 -19.07 -41.65 -70.92
N GLN M 74 -18.53 -42.42 -71.88
CA GLN M 74 -19.06 -42.40 -73.23
C GLN M 74 -20.57 -42.57 -73.36
N PRO M 75 -21.21 -43.43 -72.58
CA PRO M 75 -22.65 -43.44 -72.46
C PRO M 75 -23.33 -42.15 -72.03
N ASN M 76 -22.70 -41.43 -71.10
CA ASN M 76 -23.20 -40.19 -70.55
C ASN M 76 -23.07 -39.02 -71.52
N GLU M 77 -21.87 -38.97 -72.08
CA GLU M 77 -21.61 -38.00 -73.13
C GLU M 77 -22.56 -38.03 -74.32
N ALA M 78 -22.60 -39.23 -74.92
CA ALA M 78 -23.54 -39.59 -75.96
C ALA M 78 -25.04 -39.41 -75.76
N ILE M 79 -25.46 -39.80 -74.54
CA ILE M 79 -26.83 -39.50 -74.19
C ILE M 79 -27.16 -38.02 -74.09
N ARG M 80 -26.23 -37.31 -73.44
CA ARG M 80 -26.40 -35.88 -73.23
C ARG M 80 -26.56 -35.14 -74.55
N SER M 81 -25.56 -35.42 -75.38
CA SER M 81 -25.55 -34.76 -76.67
C SER M 81 -26.76 -34.98 -77.58
N LEU M 82 -27.10 -36.27 -77.53
CA LEU M 82 -28.15 -36.90 -78.30
C LEU M 82 -29.52 -36.36 -77.96
N VAL M 83 -29.79 -36.23 -76.66
CA VAL M 83 -31.01 -35.69 -76.10
C VAL M 83 -31.14 -34.21 -76.40
N GLU M 84 -30.00 -33.52 -76.29
CA GLU M 84 -29.93 -32.15 -76.77
C GLU M 84 -30.46 -32.06 -78.20
N VAL M 85 -29.71 -32.72 -79.08
CA VAL M 85 -30.06 -32.96 -80.47
C VAL M 85 -31.54 -33.18 -80.72
N SER M 86 -32.15 -34.28 -80.25
CA SER M 86 -33.52 -34.65 -80.48
C SER M 86 -34.51 -33.56 -80.10
N ASP M 87 -34.11 -32.80 -79.07
CA ASP M 87 -34.86 -31.75 -78.42
C ASP M 87 -34.45 -30.34 -78.81
N LYS M 88 -34.23 -30.34 -80.13
CA LYS M 88 -33.75 -29.28 -80.98
C LYS M 88 -33.84 -29.45 -82.49
N ALA M 89 -33.37 -30.62 -82.91
CA ALA M 89 -33.50 -31.06 -84.29
C ALA M 89 -33.03 -32.49 -84.49
N GLN M 90 -33.90 -33.24 -85.17
CA GLN M 90 -33.80 -34.68 -85.36
C GLN M 90 -34.72 -35.13 -86.49
N THR M 91 -34.58 -36.43 -86.73
CA THR M 91 -35.09 -37.19 -87.85
C THR M 91 -36.42 -36.69 -88.42
N ALA M 92 -36.36 -35.99 -89.56
CA ALA M 92 -37.56 -35.30 -89.95
C ALA M 92 -38.91 -35.98 -90.11
N LEU M 93 -40.01 -35.30 -89.80
CA LEU M 93 -41.38 -35.74 -90.02
C LEU M 93 -41.68 -35.99 -91.49
N VAL M 94 -41.27 -37.17 -91.94
CA VAL M 94 -41.57 -37.73 -93.24
C VAL M 94 -42.90 -38.46 -93.17
N GLY M 95 -43.90 -37.71 -93.63
CA GLY M 95 -45.27 -38.18 -93.64
C GLY M 95 -46.02 -38.45 -92.34
N SER M 96 -47.35 -38.41 -92.25
CA SER M 96 -48.02 -38.64 -90.99
C SER M 96 -49.22 -39.56 -91.11
N ARG M 97 -49.10 -40.50 -90.17
CA ARG M 97 -49.79 -41.78 -90.16
C ARG M 97 -51.27 -42.02 -90.35
N THR M 98 -52.08 -41.43 -89.46
CA THR M 98 -53.51 -41.68 -89.40
C THR M 98 -54.41 -40.92 -90.36
N VAL M 99 -53.86 -40.82 -91.57
CA VAL M 99 -54.45 -39.94 -92.55
C VAL M 99 -54.79 -38.53 -92.11
N ASP M 100 -55.97 -38.39 -91.49
CA ASP M 100 -56.54 -37.14 -91.01
C ASP M 100 -57.78 -37.21 -90.13
N TYR M 101 -57.61 -37.38 -88.81
CA TYR M 101 -58.68 -37.41 -87.84
C TYR M 101 -58.99 -36.07 -87.20
N HIS M 102 -58.46 -35.00 -87.79
CA HIS M 102 -58.67 -33.65 -87.32
C HIS M 102 -59.02 -32.62 -88.39
N GLU M 103 -59.56 -31.50 -87.91
CA GLU M 103 -59.97 -30.40 -88.77
C GLU M 103 -59.90 -29.01 -88.15
N LEU M 104 -59.42 -28.06 -88.97
CA LEU M 104 -59.38 -26.62 -88.81
C LEU M 104 -60.30 -25.76 -89.66
N ASP M 105 -61.49 -25.55 -89.09
CA ASP M 105 -62.50 -24.84 -89.85
C ASP M 105 -62.60 -23.39 -89.43
N VAL M 106 -61.71 -22.52 -89.93
CA VAL M 106 -61.64 -21.16 -89.47
C VAL M 106 -62.69 -20.12 -89.85
N LYS M 107 -63.92 -20.62 -89.75
CA LYS M 107 -64.98 -20.08 -90.57
C LYS M 107 -65.96 -19.30 -89.68
N ALA M 108 -65.49 -18.15 -89.22
CA ALA M 108 -66.03 -17.29 -88.19
C ALA M 108 -65.98 -17.80 -86.76
N GLY M 109 -66.80 -18.84 -86.54
CA GLY M 109 -66.67 -19.69 -85.38
C GLY M 109 -65.78 -20.86 -85.77
N PHE M 110 -64.65 -20.97 -85.07
CA PHE M 110 -63.62 -21.94 -85.40
C PHE M 110 -64.00 -23.37 -84.99
N VAL M 111 -64.53 -24.04 -86.01
CA VAL M 111 -64.85 -25.45 -85.93
C VAL M 111 -63.59 -26.30 -85.99
N ALA M 112 -62.92 -26.58 -84.87
CA ALA M 112 -61.72 -27.39 -84.81
C ALA M 112 -61.93 -28.67 -84.03
N PRO M 113 -62.37 -29.70 -84.77
CA PRO M 113 -62.38 -31.07 -84.32
C PRO M 113 -61.07 -31.86 -84.27
N THR M 114 -61.04 -32.50 -83.10
CA THR M 114 -60.15 -33.56 -82.68
C THR M 114 -60.92 -34.87 -82.57
N ALA M 115 -60.57 -35.86 -83.38
CA ALA M 115 -61.23 -37.15 -83.38
C ALA M 115 -60.30 -38.34 -83.19
N ASP M 116 -60.58 -39.12 -82.14
CA ASP M 116 -59.80 -40.30 -81.80
C ASP M 116 -58.30 -40.11 -81.92
N GLU M 117 -57.78 -40.63 -83.04
CA GLU M 117 -56.36 -40.85 -83.29
C GLU M 117 -55.82 -39.98 -84.41
N THR M 118 -55.75 -38.69 -84.07
CA THR M 118 -55.56 -37.66 -85.07
C THR M 118 -54.65 -37.77 -86.29
N ILE M 119 -53.56 -37.00 -86.20
CA ILE M 119 -52.31 -36.97 -86.93
C ILE M 119 -51.32 -35.92 -86.45
N ALA M 120 -50.10 -35.83 -86.97
CA ALA M 120 -49.05 -34.93 -86.55
C ALA M 120 -48.39 -34.03 -87.59
N PRO M 121 -48.95 -32.84 -87.83
CA PRO M 121 -48.20 -31.73 -88.39
C PRO M 121 -47.03 -31.17 -87.58
N SER M 122 -47.31 -31.11 -86.28
CA SER M 122 -46.32 -30.61 -85.36
C SER M 122 -44.96 -31.29 -85.35
N LYS M 123 -43.94 -30.42 -85.36
CA LYS M 123 -42.57 -30.85 -85.14
C LYS M 123 -41.90 -30.45 -83.83
N ASP M 124 -42.25 -29.26 -83.34
CA ASP M 124 -41.63 -28.71 -82.15
C ASP M 124 -40.12 -28.61 -81.96
N ILE M 125 -39.48 -29.78 -81.83
CA ILE M 125 -38.05 -29.80 -81.62
C ILE M 125 -37.33 -29.01 -80.54
N VAL M 126 -37.05 -27.77 -80.98
CA VAL M 126 -36.09 -26.82 -80.46
C VAL M 126 -36.28 -26.45 -78.99
N GLU M 127 -35.24 -25.77 -78.51
CA GLU M 127 -35.25 -25.07 -77.23
C GLU M 127 -35.33 -25.93 -75.99
N LEU M 128 -34.70 -27.12 -76.01
CA LEU M 128 -34.56 -27.87 -74.79
C LEU M 128 -33.94 -27.17 -73.59
N PRO M 129 -32.92 -26.30 -73.66
CA PRO M 129 -32.52 -25.41 -72.60
C PRO M 129 -33.59 -24.38 -72.23
N PHE M 130 -34.45 -24.90 -71.36
CA PHE M 130 -35.50 -24.23 -70.62
C PHE M 130 -36.39 -23.23 -71.35
N ARG M 131 -36.66 -23.52 -72.62
CA ARG M 131 -37.57 -22.68 -73.36
C ARG M 131 -38.64 -23.43 -74.15
N THR M 132 -39.64 -22.68 -74.61
CA THR M 132 -40.67 -23.32 -75.40
C THR M 132 -40.27 -23.65 -76.83
N CYS M 133 -40.35 -24.96 -77.10
CA CYS M 133 -39.67 -25.44 -78.28
C CYS M 133 -39.65 -24.57 -79.53
N ASP M 134 -40.86 -24.19 -79.93
CA ASP M 134 -40.98 -23.24 -81.02
C ASP M 134 -41.26 -21.85 -80.48
N LEU M 135 -40.18 -21.09 -80.36
CA LEU M 135 -40.15 -19.75 -79.81
C LEU M 135 -40.68 -19.53 -78.39
N ASP M 136 -41.69 -18.67 -78.27
CA ASP M 136 -42.62 -18.68 -77.17
C ASP M 136 -44.04 -19.13 -77.50
N ASP M 137 -44.07 -20.02 -78.50
CA ASP M 137 -45.36 -20.22 -79.13
C ASP M 137 -45.97 -21.59 -78.87
N SER M 138 -45.13 -22.59 -78.67
CA SER M 138 -45.49 -23.90 -78.13
C SER M 138 -46.70 -24.19 -77.26
N SER M 139 -46.65 -23.23 -76.33
CA SER M 139 -47.72 -23.09 -75.35
C SER M 139 -49.13 -22.95 -75.91
N ALA M 140 -49.31 -21.91 -76.73
CA ALA M 140 -50.53 -21.51 -77.42
C ALA M 140 -50.89 -22.47 -78.54
N THR M 141 -49.92 -22.89 -79.34
CA THR M 141 -50.29 -23.75 -80.45
C THR M 141 -50.74 -25.15 -80.06
N ALA M 142 -50.09 -25.68 -79.02
CA ALA M 142 -50.59 -26.90 -78.42
C ALA M 142 -52.00 -26.97 -77.87
N CYS M 143 -52.55 -25.84 -77.44
CA CYS M 143 -53.95 -25.61 -77.14
C CYS M 143 -54.92 -26.14 -78.17
N VAL M 144 -54.66 -25.60 -79.36
CA VAL M 144 -55.23 -26.08 -80.59
C VAL M 144 -54.85 -27.54 -80.86
N ARG M 145 -53.56 -27.85 -80.77
CA ARG M 145 -53.06 -29.16 -81.14
C ARG M 145 -53.27 -30.29 -80.15
N ASN M 146 -54.23 -30.14 -79.25
CA ASN M 146 -54.66 -31.25 -78.42
C ASN M 146 -56.17 -31.36 -78.27
N HIS M 147 -56.70 -30.19 -77.89
CA HIS M 147 -58.12 -30.11 -77.63
C HIS M 147 -58.98 -29.81 -78.85
N CYS M 148 -58.46 -28.79 -79.54
CA CYS M 148 -59.08 -28.27 -80.74
C CYS M 148 -58.95 -29.04 -82.04
N GLN M 149 -57.69 -29.09 -82.45
CA GLN M 149 -57.23 -29.75 -83.65
C GLN M 149 -55.87 -30.42 -83.52
N ALA M 150 -55.98 -31.47 -82.72
CA ALA M 150 -54.82 -32.14 -82.17
C ALA M 150 -53.70 -32.67 -83.05
N GLY M 151 -52.67 -31.85 -83.22
CA GLY M 151 -51.63 -32.18 -84.19
C GLY M 151 -50.43 -33.02 -83.78
N HIS M 152 -50.83 -34.01 -82.97
CA HIS M 152 -49.89 -34.88 -82.29
C HIS M 152 -50.11 -36.38 -82.42
N ASP M 153 -51.15 -36.80 -81.68
CA ASP M 153 -51.66 -38.14 -81.54
C ASP M 153 -51.91 -38.89 -82.85
N GLY M 154 -52.24 -40.18 -82.75
CA GLY M 154 -52.56 -41.04 -83.87
C GLY M 154 -52.68 -42.50 -83.48
N VAL M 155 -51.93 -43.29 -84.28
CA VAL M 155 -52.03 -44.73 -84.14
C VAL M 155 -51.78 -45.29 -82.75
N ILE M 156 -50.51 -45.37 -82.35
CA ILE M 156 -50.21 -45.90 -81.03
C ILE M 156 -49.89 -44.81 -80.03
N HIS M 157 -50.77 -43.79 -80.03
CA HIS M 157 -50.42 -42.47 -79.56
C HIS M 157 -51.28 -41.58 -78.67
N LEU M 158 -50.68 -41.09 -77.57
CA LEU M 158 -51.37 -40.23 -76.64
C LEU M 158 -52.74 -40.72 -76.19
N PRO M 159 -52.89 -41.14 -74.94
CA PRO M 159 -54.10 -41.73 -74.40
C PRO M 159 -54.91 -40.61 -73.76
N ILE M 160 -55.42 -39.75 -74.65
CA ILE M 160 -56.16 -38.58 -74.22
C ILE M 160 -57.54 -38.85 -73.64
N LEU M 161 -58.48 -38.91 -74.59
CA LEU M 161 -59.91 -38.91 -74.31
C LEU M 161 -60.54 -40.13 -73.66
N SER M 162 -59.61 -41.01 -73.32
CA SER M 162 -59.57 -42.03 -72.29
C SER M 162 -58.40 -42.04 -71.32
N GLY M 163 -58.48 -41.29 -70.22
CA GLY M 163 -57.37 -41.10 -69.30
C GLY M 163 -56.89 -39.69 -69.03
N ASP M 164 -56.00 -39.29 -69.94
CA ASP M 164 -55.41 -37.97 -69.94
C ASP M 164 -56.04 -36.92 -70.83
N PHE M 165 -57.35 -36.81 -70.62
CA PHE M 165 -58.35 -35.99 -71.27
C PHE M 165 -58.02 -34.83 -72.21
N LYS M 166 -57.56 -33.77 -71.52
CA LYS M 166 -57.26 -32.53 -72.20
C LYS M 166 -55.82 -32.21 -71.80
N LEU M 167 -54.88 -32.31 -72.74
CA LEU M 167 -53.54 -31.79 -72.60
C LEU M 167 -53.28 -30.29 -72.77
N PRO M 168 -54.24 -29.44 -73.13
CA PRO M 168 -54.30 -28.12 -72.55
C PRO M 168 -54.28 -27.90 -71.04
N ASN M 169 -54.80 -28.92 -70.36
CA ASN M 169 -54.99 -28.82 -68.93
C ASN M 169 -54.30 -29.68 -67.88
N GLU M 170 -54.04 -30.84 -68.48
CA GLU M 170 -53.32 -31.94 -67.87
C GLU M 170 -51.86 -32.15 -68.23
N HIS M 171 -51.00 -32.31 -67.23
CA HIS M 171 -49.56 -32.40 -67.41
C HIS M 171 -48.77 -33.03 -68.54
N PRO M 172 -49.01 -34.28 -68.94
CA PRO M 172 -48.02 -35.03 -69.69
C PRO M 172 -47.67 -34.62 -71.11
N THR M 173 -47.04 -35.52 -71.87
CA THR M 173 -46.49 -35.17 -73.17
C THR M 173 -47.15 -35.91 -74.32
N LYS M 174 -47.09 -35.30 -75.51
CA LYS M 174 -47.85 -35.61 -76.70
C LYS M 174 -47.03 -36.22 -77.83
N PRO M 175 -47.26 -37.48 -78.18
CA PRO M 175 -46.57 -38.16 -79.26
C PRO M 175 -46.98 -37.77 -80.67
N LEU M 176 -45.89 -37.76 -81.45
CA LEU M 176 -45.92 -37.39 -82.86
C LEU M 176 -46.18 -38.56 -83.78
N ASP M 177 -47.41 -38.57 -84.29
CA ASP M 177 -47.94 -39.41 -85.34
C ASP M 177 -47.09 -39.13 -86.57
N ASP M 178 -46.12 -40.00 -86.83
CA ASP M 178 -45.25 -39.87 -87.98
C ASP M 178 -44.86 -41.18 -88.64
N THR M 179 -45.09 -41.27 -89.95
CA THR M 179 -44.64 -42.39 -90.75
C THR M 179 -43.17 -42.76 -90.65
N HIS M 180 -42.38 -41.70 -90.83
CA HIS M 180 -40.99 -41.83 -90.45
C HIS M 180 -40.65 -42.34 -89.06
N PRO M 181 -39.75 -43.33 -89.08
CA PRO M 181 -39.50 -44.22 -87.96
C PRO M 181 -39.29 -43.53 -86.62
N HIS M 182 -40.38 -43.66 -85.85
CA HIS M 182 -40.36 -43.18 -84.48
C HIS M 182 -39.86 -41.81 -84.08
N ASP M 183 -40.01 -40.82 -84.96
CA ASP M 183 -39.62 -39.44 -84.69
C ASP M 183 -40.50 -38.64 -83.73
N LYS M 184 -41.04 -39.41 -82.79
CA LYS M 184 -41.90 -39.00 -81.68
C LYS M 184 -41.42 -38.00 -80.65
N VAL M 185 -41.58 -36.73 -81.01
CA VAL M 185 -41.16 -35.56 -80.27
C VAL M 185 -42.34 -35.10 -79.43
N LEU M 186 -42.31 -35.65 -78.21
CA LEU M 186 -43.39 -35.47 -77.26
C LEU M 186 -43.56 -34.12 -76.57
N THR M 187 -44.20 -33.22 -77.30
CA THR M 187 -44.55 -31.89 -76.87
C THR M 187 -45.29 -31.82 -75.54
N ARG M 188 -44.75 -31.08 -74.56
CA ARG M 188 -45.35 -30.92 -73.25
C ARG M 188 -46.70 -30.23 -73.25
N CYS M 189 -47.53 -30.35 -72.20
CA CYS M 189 -48.77 -29.61 -72.04
C CYS M 189 -48.68 -28.10 -71.95
N PRO M 190 -49.64 -27.38 -72.52
CA PRO M 190 -49.77 -25.95 -72.32
C PRO M 190 -49.76 -25.51 -70.87
N LYS M 191 -50.44 -26.24 -69.98
CA LYS M 191 -50.36 -25.93 -68.57
C LYS M 191 -49.08 -26.05 -67.75
N THR M 192 -48.28 -27.00 -68.24
CA THR M 192 -46.89 -27.18 -67.86
C THR M 192 -46.11 -25.88 -68.01
N GLY M 193 -46.61 -24.95 -68.83
CA GLY M 193 -46.01 -23.63 -68.89
C GLY M 193 -44.73 -23.50 -69.70
N LEU M 194 -43.83 -24.42 -69.39
CA LEU M 194 -42.64 -24.56 -70.21
C LEU M 194 -42.64 -25.82 -71.07
N LEU M 195 -42.86 -25.55 -72.36
CA LEU M 195 -43.05 -26.62 -73.32
C LEU M 195 -41.80 -27.04 -74.08
N LEU M 196 -41.23 -28.10 -73.50
CA LEU M 196 -40.13 -28.85 -74.05
C LEU M 196 -40.68 -30.06 -74.78
N VAL M 197 -39.73 -30.59 -75.54
CA VAL M 197 -39.93 -31.76 -76.37
C VAL M 197 -39.03 -32.91 -75.93
N HIS M 198 -39.55 -34.12 -75.74
CA HIS M 198 -38.85 -35.37 -75.52
C HIS M 198 -39.12 -36.46 -76.54
N ASP M 199 -38.20 -36.51 -77.50
CA ASP M 199 -38.27 -37.57 -78.48
C ASP M 199 -38.08 -38.96 -77.87
N THR M 200 -39.17 -39.72 -77.80
CA THR M 200 -39.13 -41.14 -77.51
C THR M 200 -38.62 -42.10 -78.57
N HIS M 201 -37.29 -42.15 -78.61
CA HIS M 201 -36.46 -43.04 -79.40
C HIS M 201 -36.84 -44.51 -79.49
N ALA M 202 -37.54 -44.97 -78.45
CA ALA M 202 -38.27 -46.22 -78.38
C ALA M 202 -39.53 -46.02 -77.54
N HIS M 203 -40.62 -46.14 -78.29
CA HIS M 203 -41.91 -45.55 -77.97
C HIS M 203 -42.94 -46.49 -77.37
N ALA M 204 -42.91 -46.45 -76.03
CA ALA M 204 -43.97 -46.82 -75.12
C ALA M 204 -43.57 -46.40 -73.72
N THR M 205 -42.53 -47.01 -73.14
CA THR M 205 -42.14 -46.69 -71.78
C THR M 205 -41.22 -45.50 -71.55
N ALA M 206 -40.58 -45.33 -70.39
CA ALA M 206 -39.61 -44.30 -70.08
C ALA M 206 -38.22 -44.50 -70.68
N VAL M 207 -37.91 -45.72 -71.13
CA VAL M 207 -36.65 -46.18 -71.65
C VAL M 207 -35.23 -45.73 -71.34
N VAL M 208 -35.05 -44.41 -71.44
CA VAL M 208 -33.79 -43.81 -71.01
C VAL M 208 -33.32 -44.01 -69.58
N ALA M 209 -34.33 -44.10 -68.71
CA ALA M 209 -34.04 -44.22 -67.30
C ALA M 209 -33.07 -45.29 -66.82
N THR M 210 -33.18 -46.51 -67.35
CA THR M 210 -32.21 -47.53 -67.04
C THR M 210 -30.90 -47.24 -67.74
N ALA M 211 -31.07 -47.07 -69.06
CA ALA M 211 -29.92 -46.78 -69.88
C ALA M 211 -28.94 -45.73 -69.39
N ALA M 212 -29.55 -44.63 -68.95
CA ALA M 212 -28.77 -43.54 -68.40
C ALA M 212 -28.11 -43.87 -67.07
N THR M 213 -28.91 -44.22 -66.06
CA THR M 213 -28.40 -44.66 -64.78
C THR M 213 -27.37 -45.78 -64.62
N ARG M 214 -27.49 -46.75 -65.52
CA ARG M 214 -26.49 -47.76 -65.83
C ARG M 214 -25.08 -47.25 -66.12
N ALA M 215 -24.88 -46.08 -66.72
CA ALA M 215 -23.60 -45.42 -66.89
C ALA M 215 -22.86 -44.96 -65.65
N ILE M 216 -23.62 -44.86 -64.55
CA ILE M 216 -23.03 -44.68 -63.23
C ILE M 216 -22.25 -45.93 -62.82
N LEU M 217 -22.53 -47.11 -63.37
CA LEU M 217 -21.63 -48.21 -63.09
C LEU M 217 -20.19 -47.90 -63.46
N MET M 218 -19.98 -47.48 -64.72
CA MET M 218 -18.71 -46.95 -65.19
C MET M 218 -18.13 -45.83 -64.34
N HIS M 219 -18.93 -44.81 -63.97
CA HIS M 219 -18.61 -43.91 -62.88
C HIS M 219 -18.06 -44.57 -61.63
N ASP M 220 -18.92 -45.29 -60.87
CA ASP M 220 -18.57 -45.97 -59.65
C ASP M 220 -17.32 -46.84 -59.58
N LEU M 221 -16.99 -47.44 -60.73
CA LEU M 221 -15.82 -48.30 -60.83
C LEU M 221 -14.54 -47.49 -60.81
N LEU M 222 -14.37 -46.50 -61.67
CA LEU M 222 -13.16 -45.71 -61.71
C LEU M 222 -13.01 -44.49 -60.80
N THR M 223 -14.16 -44.15 -60.24
CA THR M 223 -14.10 -43.38 -59.01
C THR M 223 -13.83 -44.07 -57.68
N SER M 224 -14.74 -44.98 -57.33
CA SER M 224 -14.62 -45.68 -56.07
C SER M 224 -14.33 -47.18 -56.16
N ALA M 225 -13.29 -47.32 -56.98
CA ALA M 225 -12.72 -48.62 -57.24
C ALA M 225 -13.48 -49.77 -57.89
N ASN M 226 -14.66 -50.08 -57.37
CA ASN M 226 -15.64 -50.94 -58.00
C ASN M 226 -17.07 -50.59 -57.63
N ALA M 227 -17.89 -50.75 -58.67
CA ALA M 227 -19.31 -50.46 -58.61
C ALA M 227 -20.07 -51.40 -57.69
N ASP M 228 -20.27 -50.90 -56.47
CA ASP M 228 -20.95 -51.68 -55.45
C ASP M 228 -22.44 -51.86 -55.64
N ASP M 229 -22.83 -53.09 -56.03
CA ASP M 229 -24.13 -53.53 -56.49
C ASP M 229 -24.73 -52.77 -57.66
N GLY M 230 -25.01 -51.47 -57.48
CA GLY M 230 -25.43 -50.51 -58.46
C GLY M 230 -26.61 -50.99 -59.30
N HIS M 231 -26.30 -51.46 -60.51
CA HIS M 231 -27.29 -52.03 -61.40
C HIS M 231 -28.21 -53.12 -60.85
N GLN M 232 -27.70 -53.95 -59.93
CA GLN M 232 -28.48 -54.98 -59.28
C GLN M 232 -29.79 -54.48 -58.72
N ALA M 233 -29.69 -53.26 -58.21
CA ALA M 233 -30.70 -52.31 -57.80
C ALA M 233 -31.27 -51.35 -58.84
N ARG M 234 -30.40 -50.75 -59.64
CA ARG M 234 -30.70 -49.93 -60.80
C ARG M 234 -31.57 -50.43 -61.94
N SER M 235 -31.48 -51.75 -62.13
CA SER M 235 -32.17 -52.53 -63.14
C SER M 235 -33.67 -52.41 -62.99
N ALA M 236 -34.21 -52.80 -61.83
CA ALA M 236 -35.57 -52.45 -61.47
C ALA M 236 -35.93 -50.98 -61.31
N CYS M 237 -35.14 -50.34 -60.44
CA CYS M 237 -35.26 -48.94 -60.12
C CYS M 237 -35.61 -47.85 -61.13
N TYR M 238 -34.94 -48.07 -62.27
CA TYR M 238 -35.13 -47.16 -63.38
C TYR M 238 -35.79 -47.64 -64.66
N GLY M 239 -36.91 -46.98 -65.00
CA GLY M 239 -37.71 -47.17 -66.18
C GLY M 239 -37.08 -47.85 -67.39
N PRO M 240 -37.71 -48.88 -67.96
CA PRO M 240 -37.06 -49.94 -68.68
C PRO M 240 -36.38 -49.60 -70.01
N ALA M 241 -35.09 -49.89 -70.14
CA ALA M 241 -34.42 -49.90 -71.42
C ALA M 241 -34.82 -51.08 -72.30
N PHE M 242 -35.59 -50.71 -73.32
CA PHE M 242 -35.89 -51.53 -74.47
C PHE M 242 -35.58 -50.90 -75.83
N ASN M 243 -34.88 -51.79 -76.55
CA ASN M 243 -34.29 -51.47 -77.83
C ASN M 243 -33.25 -50.36 -77.83
N ASN M 244 -32.44 -50.37 -78.90
CA ASN M 244 -31.48 -49.36 -79.30
C ASN M 244 -31.36 -47.90 -78.88
N LEU M 245 -32.57 -47.38 -78.66
CA LEU M 245 -32.77 -45.96 -78.52
C LEU M 245 -32.35 -44.91 -79.55
N THR M 246 -32.63 -45.42 -80.75
CA THR M 246 -32.59 -44.61 -81.95
C THR M 246 -33.84 -44.90 -82.75
N PHE M 247 -34.64 -43.83 -82.80
CA PHE M 247 -35.96 -43.79 -83.39
C PHE M 247 -36.50 -45.07 -84.01
N ALA M 248 -36.97 -45.93 -83.10
CA ALA M 248 -37.51 -47.27 -83.24
C ALA M 248 -38.71 -47.62 -82.35
N CYS M 249 -39.51 -48.48 -82.98
CA CYS M 249 -40.69 -49.04 -82.37
C CYS M 249 -40.96 -48.90 -80.88
N HIS M 250 -40.37 -49.80 -80.10
CA HIS M 250 -40.80 -50.22 -78.79
C HIS M 250 -42.23 -50.69 -78.59
N SER M 251 -43.21 -50.08 -79.27
CA SER M 251 -44.56 -50.58 -79.37
C SER M 251 -45.34 -50.88 -78.09
N THR M 252 -45.78 -52.13 -77.88
CA THR M 252 -46.03 -52.62 -76.54
C THR M 252 -47.12 -51.88 -75.78
N CYS M 253 -46.73 -51.07 -74.79
CA CYS M 253 -47.58 -50.20 -74.00
C CYS M 253 -48.30 -49.07 -74.74
N ALA M 254 -47.52 -48.29 -75.47
CA ALA M 254 -48.09 -47.29 -76.35
C ALA M 254 -48.94 -47.91 -77.45
N SER M 255 -48.67 -49.16 -77.81
CA SER M 255 -49.50 -49.96 -78.69
C SER M 255 -50.92 -50.33 -78.29
N ASP M 256 -51.10 -50.40 -76.98
CA ASP M 256 -52.35 -50.81 -76.35
C ASP M 256 -53.06 -49.60 -75.75
N MET M 257 -52.44 -49.13 -74.66
CA MET M 257 -52.91 -47.89 -74.05
C MET M 257 -53.18 -46.65 -74.88
N ALA M 258 -52.14 -46.01 -75.40
CA ALA M 258 -52.20 -44.80 -76.19
C ALA M 258 -52.99 -44.92 -77.48
N HIS M 259 -52.92 -46.09 -78.10
CA HIS M 259 -53.59 -46.35 -79.35
C HIS M 259 -55.08 -46.24 -79.07
N PHE M 260 -55.64 -47.05 -78.17
CA PHE M 260 -57.03 -46.90 -77.83
C PHE M 260 -57.57 -45.74 -77.01
N ASP M 261 -56.83 -45.52 -75.91
CA ASP M 261 -57.17 -44.43 -75.02
C ASP M 261 -56.93 -43.01 -75.52
N CYS M 262 -56.58 -42.99 -76.81
CA CYS M 262 -56.55 -41.72 -77.51
C CYS M 262 -57.89 -41.01 -77.64
N GLY M 263 -58.77 -41.96 -77.94
CA GLY M 263 -60.18 -41.70 -78.14
C GLY M 263 -60.91 -42.41 -77.02
N GLN M 264 -61.01 -43.74 -77.20
CA GLN M 264 -61.74 -44.75 -76.47
C GLN M 264 -63.10 -44.48 -75.84
N ILE M 265 -63.10 -43.68 -74.78
CA ILE M 265 -64.35 -43.20 -74.23
C ILE M 265 -64.97 -42.07 -75.05
N VAL M 266 -64.70 -40.84 -74.61
CA VAL M 266 -65.31 -39.66 -75.18
C VAL M 266 -65.01 -39.57 -76.67
N GLY M 267 -63.84 -40.02 -77.11
CA GLY M 267 -63.40 -40.09 -78.48
C GLY M 267 -63.10 -38.78 -79.19
N LEU M 268 -63.88 -37.79 -78.76
CA LEU M 268 -63.94 -36.45 -79.31
C LEU M 268 -63.44 -35.34 -78.40
N ASP M 269 -62.76 -34.39 -79.06
CA ASP M 269 -62.39 -33.12 -78.46
C ASP M 269 -62.66 -31.96 -79.40
N LEU M 270 -63.45 -30.95 -79.04
CA LEU M 270 -63.70 -29.77 -79.84
C LEU M 270 -63.47 -28.33 -79.39
N HIS M 271 -63.16 -27.50 -80.38
CA HIS M 271 -63.17 -26.05 -80.27
C HIS M 271 -63.98 -25.44 -81.41
N VAL M 272 -64.88 -24.54 -81.00
CA VAL M 272 -65.57 -23.68 -81.94
C VAL M 272 -65.42 -22.17 -82.03
N GLU M 273 -64.65 -21.66 -81.06
CA GLU M 273 -64.42 -20.24 -80.91
C GLU M 273 -63.22 -19.64 -81.66
N PRO M 274 -63.46 -18.50 -82.29
CA PRO M 274 -62.38 -17.82 -82.99
C PRO M 274 -61.13 -17.61 -82.15
N SER M 275 -60.11 -18.43 -82.40
CA SER M 275 -58.84 -18.50 -81.71
C SER M 275 -57.76 -19.25 -82.49
N ASP M 276 -57.93 -20.57 -82.42
CA ASP M 276 -57.23 -21.58 -83.22
C ASP M 276 -56.50 -21.15 -84.47
N MET N 1 -36.77 1.01 -17.13
CA MET N 1 -36.57 1.41 -18.53
C MET N 1 -35.75 2.68 -18.67
N PRO N 2 -34.44 2.42 -18.82
CA PRO N 2 -33.45 3.16 -19.57
C PRO N 2 -33.47 2.72 -21.02
N LEU N 3 -33.57 3.82 -21.79
CA LEU N 3 -33.59 3.76 -23.24
C LEU N 3 -32.39 3.06 -23.87
N HIS N 4 -32.76 2.21 -24.84
CA HIS N 4 -31.72 1.60 -25.63
C HIS N 4 -32.07 1.62 -27.11
N MET N 5 -31.06 1.55 -27.98
CA MET N 5 -31.11 1.95 -29.36
C MET N 5 -31.71 3.34 -29.55
N ILE N 6 -30.97 4.28 -28.97
CA ILE N 6 -31.56 5.59 -28.76
C ILE N 6 -32.06 6.30 -30.00
N PRO N 7 -31.24 6.52 -31.03
CA PRO N 7 -31.70 7.17 -32.25
C PRO N 7 -32.94 6.58 -32.93
N GLN N 8 -33.19 5.28 -32.81
CA GLN N 8 -34.31 4.53 -33.34
C GLN N 8 -35.68 4.55 -32.70
N VAL N 9 -35.60 4.28 -31.39
CA VAL N 9 -36.72 4.52 -30.51
C VAL N 9 -37.18 5.96 -30.44
N ALA N 10 -36.20 6.83 -30.67
CA ALA N 10 -36.38 8.23 -31.01
C ALA N 10 -37.11 8.50 -32.31
N HIS N 11 -36.68 7.70 -33.29
CA HIS N 11 -37.33 7.54 -34.58
C HIS N 11 -38.82 7.30 -34.65
N ALA N 12 -39.08 6.28 -33.84
CA ALA N 12 -40.42 5.82 -33.52
C ALA N 12 -41.31 6.81 -32.77
N MET N 13 -40.66 7.39 -31.75
CA MET N 13 -41.30 8.48 -31.06
C MET N 13 -41.89 9.54 -32.00
N VAL N 14 -40.93 10.02 -32.80
CA VAL N 14 -41.18 11.05 -33.79
C VAL N 14 -42.15 10.72 -34.90
N ARG N 15 -42.22 9.42 -35.22
CA ARG N 15 -43.25 8.86 -36.08
C ARG N 15 -44.71 8.89 -35.62
N ALA N 16 -44.78 8.75 -34.30
CA ALA N 16 -45.97 9.16 -33.58
C ALA N 16 -46.44 10.60 -33.52
N ALA N 17 -45.38 11.42 -33.42
CA ALA N 17 -45.48 12.85 -33.62
C ALA N 17 -45.93 13.26 -35.01
N ALA N 18 -45.30 12.61 -36.00
CA ALA N 18 -45.56 12.93 -37.39
C ALA N 18 -46.95 12.58 -37.94
N ALA N 19 -47.51 11.55 -37.31
CA ALA N 19 -48.89 11.10 -37.48
C ALA N 19 -49.83 11.40 -36.33
N GLY N 20 -49.52 12.60 -35.80
CA GLY N 20 -50.26 13.33 -34.80
C GLY N 20 -50.38 12.77 -33.39
N ARG N 21 -50.83 11.52 -33.26
CA ARG N 21 -50.87 10.74 -32.03
C ARG N 21 -49.57 10.29 -31.38
N LEU N 22 -49.16 11.18 -30.48
CA LEU N 22 -48.00 10.89 -29.66
C LEU N 22 -48.47 11.07 -28.22
N THR N 23 -48.42 10.03 -27.39
CA THR N 23 -48.65 10.17 -25.97
C THR N 23 -47.68 10.97 -25.13
N LEU N 24 -47.91 12.28 -25.17
CA LEU N 24 -47.07 13.27 -24.53
C LEU N 24 -47.31 13.72 -23.10
N TYR N 25 -47.21 12.72 -22.21
CA TYR N 25 -47.74 12.90 -20.88
C TYR N 25 -46.77 13.20 -19.73
N THR N 26 -46.82 14.44 -19.25
CA THR N 26 -46.07 14.68 -18.03
C THR N 26 -46.92 14.39 -16.80
N ARG N 27 -46.23 14.21 -15.67
CA ARG N 27 -46.74 13.51 -14.51
C ARG N 27 -48.24 13.32 -14.37
N THR N 28 -48.88 14.44 -14.01
CA THR N 28 -50.33 14.56 -13.92
C THR N 28 -51.12 15.00 -15.14
N ARG N 29 -50.47 15.77 -16.01
CA ARG N 29 -51.09 16.39 -17.17
C ARG N 29 -50.77 15.70 -18.49
N THR N 30 -51.89 15.30 -19.10
CA THR N 30 -51.94 14.46 -20.28
C THR N 30 -51.23 14.84 -21.56
N GLU N 31 -51.13 16.15 -21.82
CA GLU N 31 -50.27 16.56 -22.91
C GLU N 31 -49.35 17.64 -22.35
N THR N 32 -48.08 17.63 -22.76
CA THR N 32 -47.10 18.69 -22.62
C THR N 32 -47.45 19.80 -23.61
N THR N 33 -48.54 20.45 -23.24
CA THR N 33 -49.12 21.59 -23.92
C THR N 33 -48.30 22.87 -23.85
N ASN N 34 -48.11 23.29 -22.60
CA ASN N 34 -47.03 24.14 -22.15
C ASN N 34 -45.80 23.26 -22.01
N PHE N 35 -44.66 23.94 -22.06
CA PHE N 35 -43.37 23.29 -22.07
C PHE N 35 -42.76 22.59 -20.87
N ASP N 36 -43.69 22.02 -20.10
CA ASP N 36 -43.38 21.20 -18.95
C ASP N 36 -43.16 19.71 -19.20
N HIS N 37 -41.93 19.53 -19.71
CA HIS N 37 -41.22 18.29 -19.90
C HIS N 37 -42.06 17.10 -19.43
N ALA N 38 -42.49 16.37 -20.45
CA ALA N 38 -43.15 15.09 -20.30
C ALA N 38 -42.41 14.00 -19.52
N GLU N 39 -43.16 13.03 -19.00
CA GLU N 39 -42.71 11.86 -18.27
C GLU N 39 -43.03 10.52 -18.91
N TYR N 40 -44.18 10.41 -19.55
CA TYR N 40 -44.64 9.20 -20.20
C TYR N 40 -45.22 9.27 -21.61
N VAL N 41 -44.28 9.19 -22.55
CA VAL N 41 -44.63 8.98 -23.96
C VAL N 41 -44.38 7.54 -24.35
N THR N 42 -45.44 6.74 -24.44
CA THR N 42 -45.56 5.31 -24.66
C THR N 42 -44.97 4.86 -25.99
N CYS N 43 -43.65 4.68 -26.12
CA CYS N 43 -43.16 4.25 -27.40
C CYS N 43 -43.10 2.72 -27.49
N GLY N 44 -44.34 2.27 -27.72
CA GLY N 44 -44.50 0.85 -27.51
C GLY N 44 -43.97 0.18 -26.25
N ARG N 45 -44.68 0.55 -25.18
CA ARG N 45 -44.12 0.39 -23.86
C ARG N 45 -42.98 1.26 -23.37
N TYR N 46 -42.07 1.77 -24.19
CA TYR N 46 -41.04 2.70 -23.77
C TYR N 46 -41.56 4.09 -23.41
N THR N 47 -41.91 4.33 -22.14
CA THR N 47 -42.18 5.64 -21.59
C THR N 47 -41.09 6.70 -21.60
N ILE N 48 -41.03 7.39 -22.75
CA ILE N 48 -40.25 8.59 -22.97
C ILE N 48 -40.54 9.79 -22.09
N CYS N 49 -39.40 10.34 -21.63
CA CYS N 49 -39.31 11.36 -20.62
C CYS N 49 -38.52 12.56 -21.11
N ALA N 50 -39.34 13.55 -21.45
CA ALA N 50 -38.88 14.83 -21.96
C ALA N 50 -38.02 15.71 -21.06
N PHE N 51 -38.32 15.50 -19.77
CA PHE N 51 -37.40 15.78 -18.70
C PHE N 51 -35.90 15.57 -18.88
N CYS N 52 -35.61 14.44 -19.52
CA CYS N 52 -34.23 14.13 -19.85
C CYS N 52 -34.00 13.82 -21.32
N LEU N 53 -35.02 14.07 -22.15
CA LEU N 53 -35.07 13.43 -23.46
C LEU N 53 -35.01 11.91 -23.57
N THR N 54 -34.35 11.36 -22.56
CA THR N 54 -34.31 9.93 -22.28
C THR N 54 -35.66 9.41 -21.79
N THR N 55 -35.75 8.47 -20.86
CA THR N 55 -36.97 7.79 -20.45
C THR N 55 -37.09 7.59 -18.96
N LEU N 56 -38.35 7.58 -18.54
CA LEU N 56 -38.87 7.55 -17.19
C LEU N 56 -38.54 8.71 -16.25
N ALA N 57 -37.24 8.74 -15.97
CA ALA N 57 -36.76 9.65 -14.94
C ALA N 57 -36.04 10.82 -15.59
N PRO N 58 -36.18 12.02 -15.01
CA PRO N 58 -35.38 13.19 -15.30
C PRO N 58 -33.88 13.10 -15.06
N HIS N 59 -33.11 13.84 -15.86
CA HIS N 59 -31.68 13.97 -15.64
C HIS N 59 -31.14 14.62 -14.39
N ALA N 60 -31.85 15.71 -14.09
CA ALA N 60 -31.64 16.34 -12.80
C ALA N 60 -32.89 16.95 -12.17
N ASN N 61 -32.72 17.51 -10.97
CA ASN N 61 -33.62 18.47 -10.39
C ASN N 61 -33.54 19.94 -10.78
N VAL N 62 -32.92 20.16 -11.94
CA VAL N 62 -32.66 21.47 -12.50
C VAL N 62 -33.72 21.68 -13.58
N LYS N 63 -34.90 22.04 -13.08
CA LYS N 63 -36.06 22.27 -13.92
C LYS N 63 -35.87 23.20 -15.11
N THR N 64 -34.87 24.08 -15.06
CA THR N 64 -34.40 24.77 -16.24
C THR N 64 -33.81 23.94 -17.37
N ILE N 65 -32.84 23.05 -17.10
CA ILE N 65 -32.32 22.15 -18.10
C ILE N 65 -33.25 21.04 -18.60
N GLN N 66 -34.03 20.61 -17.61
CA GLN N 66 -35.08 19.62 -17.73
C GLN N 66 -36.25 19.96 -18.65
N ASP N 67 -36.68 21.20 -18.48
CA ASP N 67 -37.43 21.92 -19.49
C ASP N 67 -36.74 22.20 -20.82
N SER N 68 -35.44 22.46 -20.72
CA SER N 68 -34.56 22.56 -21.86
C SER N 68 -34.52 21.29 -22.70
N HIS N 69 -34.41 20.11 -22.09
CA HIS N 69 -34.65 18.82 -22.70
C HIS N 69 -35.93 18.77 -23.53
N ALA N 70 -36.95 19.34 -22.89
CA ALA N 70 -38.25 19.61 -23.47
C ALA N 70 -38.23 20.54 -24.67
N CYS N 71 -37.91 21.81 -24.41
CA CYS N 71 -37.53 22.76 -25.43
C CYS N 71 -36.74 22.34 -26.66
N SER N 72 -35.79 21.44 -26.43
CA SER N 72 -35.07 20.74 -27.48
C SER N 72 -35.84 20.03 -28.59
N ARG N 73 -36.85 19.31 -28.09
CA ARG N 73 -37.94 18.84 -28.92
C ARG N 73 -39.11 19.79 -29.16
N GLN N 74 -38.87 21.10 -29.14
CA GLN N 74 -39.78 22.04 -29.76
C GLN N 74 -40.21 21.70 -31.19
N PRO N 75 -39.32 21.21 -32.06
CA PRO N 75 -39.72 20.63 -33.32
C PRO N 75 -40.70 19.47 -33.27
N ASN N 76 -40.56 18.59 -32.28
CA ASN N 76 -41.38 17.42 -32.09
C ASN N 76 -42.77 17.76 -31.58
N GLU N 77 -42.73 18.62 -30.55
CA GLU N 77 -43.96 19.15 -30.03
C GLU N 77 -44.89 19.84 -31.02
N ALA N 78 -44.30 20.85 -31.67
CA ALA N 78 -44.89 21.56 -32.79
C ALA N 78 -45.39 20.79 -34.01
N ILE N 79 -44.58 19.81 -34.40
CA ILE N 79 -45.06 18.92 -35.43
C ILE N 79 -46.26 18.07 -35.05
N ARG N 80 -46.15 17.53 -33.82
CA ARG N 80 -47.21 16.69 -33.30
C ARG N 80 -48.56 17.39 -33.27
N SER N 81 -48.47 18.55 -32.61
CA SER N 81 -49.68 19.33 -32.47
C SER N 81 -50.37 19.77 -33.75
N LEU N 82 -49.46 20.19 -34.63
CA LEU N 82 -49.73 20.75 -35.94
C LEU N 82 -50.40 19.76 -36.87
N VAL N 83 -49.88 18.53 -36.87
CA VAL N 83 -50.40 17.42 -37.64
C VAL N 83 -51.75 16.98 -37.12
N GLU N 84 -51.86 16.96 -35.79
CA GLU N 84 -53.16 16.79 -35.18
C GLU N 84 -54.17 17.76 -35.77
N VAL N 85 -53.90 19.04 -35.53
CA VAL N 85 -54.57 20.18 -36.11
C VAL N 85 -55.02 19.99 -37.56
N SER N 86 -54.10 19.87 -38.52
CA SER N 86 -54.38 19.75 -39.94
C SER N 86 -55.34 18.61 -40.27
N ASP N 87 -55.24 17.56 -39.45
CA ASP N 87 -55.95 16.30 -39.55
C ASP N 87 -57.13 16.15 -38.60
N LYS N 88 -57.77 17.32 -38.57
CA LYS N 88 -58.90 17.73 -37.76
C LYS N 88 -59.62 19.03 -38.12
N ALA N 89 -58.77 20.05 -38.29
CA ALA N 89 -59.22 21.34 -38.77
C ALA N 89 -58.07 22.30 -39.03
N GLN N 90 -58.13 22.90 -40.21
CA GLN N 90 -57.09 23.72 -40.81
C GLN N 90 -57.65 24.54 -41.96
N THR N 91 -56.72 25.36 -42.45
CA THR N 91 -56.89 26.46 -43.39
C THR N 91 -58.02 26.25 -44.39
N ALA N 92 -59.16 26.92 -44.17
CA ALA N 92 -60.30 26.52 -44.97
C ALA N 92 -60.29 26.51 -46.49
N LEU N 93 -61.02 25.57 -47.13
CA LEU N 93 -61.23 25.48 -48.55
C LEU N 93 -61.93 26.70 -49.11
N VAL N 94 -61.12 27.75 -49.33
CA VAL N 94 -61.48 28.98 -50.01
C VAL N 94 -61.30 28.78 -51.51
N GLY N 95 -62.46 28.50 -52.11
CA GLY N 95 -62.54 28.23 -53.53
C GLY N 95 -61.86 27.01 -54.16
N SER N 96 -62.28 26.47 -55.30
CA SER N 96 -61.63 25.29 -55.84
C SER N 96 -61.37 25.38 -57.33
N ARG N 97 -60.09 25.06 -57.54
CA ARG N 97 -59.32 25.37 -58.72
C ARG N 97 -59.72 25.13 -60.17
N THR N 98 -59.93 23.86 -60.51
CA THR N 98 -60.18 23.43 -61.87
C THR N 98 -61.58 23.59 -62.45
N VAL N 99 -62.13 24.74 -62.06
CA VAL N 99 -63.54 24.98 -62.31
C VAL N 99 -64.49 23.86 -61.91
N ASP N 100 -64.67 22.89 -62.81
CA ASP N 100 -65.55 21.74 -62.70
C ASP N 100 -65.41 20.62 -63.71
N TYR N 101 -64.51 19.66 -63.47
CA TYR N 101 -64.32 18.50 -64.31
C TYR N 101 -65.11 17.27 -63.90
N HIS N 102 -66.09 17.48 -63.04
CA HIS N 102 -66.95 16.42 -62.54
C HIS N 102 -68.44 16.74 -62.53
N GLU N 103 -69.23 15.67 -62.44
CA GLU N 103 -70.67 15.76 -62.40
C GLU N 103 -71.40 14.67 -61.63
N LEU N 104 -72.43 15.09 -60.89
CA LEU N 104 -73.45 14.35 -60.18
C LEU N 104 -74.88 14.35 -60.69
N ASP N 105 -75.12 13.38 -61.59
CA ASP N 105 -76.41 13.37 -62.26
C ASP N 105 -77.33 12.34 -61.64
N VAL N 106 -77.99 12.69 -60.52
CA VAL N 106 -78.78 11.72 -59.79
C VAL N 106 -80.12 11.22 -60.30
N LYS N 107 -80.07 10.94 -61.60
CA LYS N 107 -81.28 11.02 -62.39
C LYS N 107 -81.73 9.63 -62.78
N ALA N 108 -82.21 8.88 -61.79
CA ALA N 108 -82.50 7.46 -61.75
C ALA N 108 -81.31 6.52 -61.76
N GLY N 109 -80.66 6.51 -62.93
CA GLY N 109 -79.32 5.97 -63.07
C GLY N 109 -78.34 7.11 -62.84
N PHE N 110 -77.51 6.96 -61.81
CA PHE N 110 -76.61 8.01 -61.39
C PHE N 110 -75.40 8.17 -62.31
N VAL N 111 -75.60 9.13 -63.21
CA VAL N 111 -74.56 9.57 -64.12
C VAL N 111 -73.52 10.42 -63.39
N ALA N 112 -72.48 9.84 -62.80
CA ALA N 112 -71.44 10.57 -62.09
C ALA N 112 -70.09 10.40 -62.76
N PRO N 113 -69.84 11.31 -63.72
CA PRO N 113 -68.53 11.54 -64.28
C PRO N 113 -67.47 12.28 -63.48
N THR N 114 -66.33 11.61 -63.59
CA THR N 114 -64.99 12.02 -63.24
C THR N 114 -64.16 12.24 -64.50
N ALA N 115 -63.70 13.47 -64.74
CA ALA N 115 -62.92 13.81 -65.90
C ALA N 115 -61.60 14.49 -65.60
N ASP N 116 -60.51 13.87 -66.06
CA ASP N 116 -59.16 14.36 -65.86
C ASP N 116 -58.89 14.90 -64.47
N GLU N 117 -58.93 16.23 -64.38
CA GLU N 117 -58.43 17.01 -63.28
C GLU N 117 -59.54 17.74 -62.53
N THR N 118 -60.33 16.93 -61.83
CA THR N 118 -61.62 17.38 -61.33
C THR N 118 -61.89 18.75 -60.72
N ILE N 119 -62.11 18.70 -59.40
CA ILE N 119 -62.11 19.72 -58.38
C ILE N 119 -62.33 19.20 -56.97
N ALA N 120 -62.31 20.02 -55.92
CA ALA N 120 -62.45 19.62 -54.53
C ALA N 120 -63.50 20.31 -53.67
N PRO N 121 -64.74 19.81 -53.66
CA PRO N 121 -65.66 20.03 -52.56
C PRO N 121 -65.27 19.52 -51.17
N SER N 122 -64.71 18.32 -51.23
CA SER N 122 -64.28 17.66 -50.01
C SER N 122 -63.31 18.43 -49.11
N LYS N 123 -63.66 18.40 -47.83
CA LYS N 123 -62.77 18.87 -46.79
C LYS N 123 -62.15 17.85 -45.85
N ASP N 124 -62.92 16.79 -45.55
CA ASP N 124 -62.51 15.77 -44.62
C ASP N 124 -61.99 16.08 -43.23
N ILE N 125 -60.81 16.70 -43.17
CA ILE N 125 -60.22 17.01 -41.88
C ILE N 125 -60.02 16.02 -40.75
N VAL N 126 -61.13 15.95 -40.00
CA VAL N 126 -61.28 15.41 -38.66
C VAL N 126 -60.83 13.97 -38.49
N GLU N 127 -60.76 13.62 -37.20
CA GLU N 127 -60.63 12.25 -36.73
C GLU N 127 -59.30 11.57 -37.05
N LEU N 128 -58.20 12.33 -37.03
CA LEU N 128 -56.90 11.69 -37.07
C LEU N 128 -56.61 10.58 -36.08
N PRO N 129 -56.98 10.62 -34.79
CA PRO N 129 -56.97 9.49 -33.90
C PRO N 129 -57.92 8.37 -34.32
N PHE N 130 -57.32 7.57 -35.22
CA PHE N 130 -57.78 6.31 -35.75
C PHE N 130 -59.23 6.17 -36.18
N ARG N 131 -59.78 7.26 -36.71
CA ARG N 131 -61.13 7.20 -37.22
C ARG N 131 -61.32 7.81 -38.60
N THR N 132 -62.47 7.53 -39.20
CA THR N 132 -62.74 8.12 -40.50
C THR N 132 -63.12 9.59 -40.48
N CYS N 133 -62.27 10.35 -41.17
CA CYS N 133 -62.33 11.79 -40.94
C CYS N 133 -63.67 12.45 -40.67
N ASP N 134 -64.57 12.20 -41.62
CA ASP N 134 -65.93 12.65 -41.43
C ASP N 134 -66.82 11.50 -40.99
N LEU N 135 -66.99 11.43 -39.67
CA LEU N 135 -67.71 10.39 -38.97
C LEU N 135 -67.29 8.94 -39.16
N ASP N 136 -68.22 8.12 -39.65
CA ASP N 136 -67.93 6.89 -40.34
C ASP N 136 -68.22 6.88 -41.84
N ASP N 137 -68.07 8.09 -42.40
CA ASP N 137 -68.67 8.26 -43.70
C ASP N 137 -67.67 8.44 -44.84
N SER N 138 -66.50 8.99 -44.52
CA SER N 138 -65.31 9.00 -45.36
C SER N 138 -65.01 7.99 -46.45
N SER N 139 -65.23 6.81 -45.86
CA SER N 139 -65.15 5.58 -46.62
C SER N 139 -66.02 5.49 -47.87
N ALA N 140 -67.33 5.66 -47.67
CA ALA N 140 -68.42 5.64 -48.63
C ALA N 140 -68.39 6.86 -49.53
N THR N 141 -68.18 8.05 -48.96
CA THR N 141 -68.23 9.23 -49.81
C THR N 141 -67.07 9.37 -50.79
N ALA N 142 -65.89 8.95 -50.34
CA ALA N 142 -64.78 8.83 -51.26
C ALA N 142 -64.89 7.90 -52.47
N CYS N 143 -65.71 6.87 -52.37
CA CYS N 143 -66.17 6.04 -53.47
C CYS N 143 -66.62 6.81 -54.71
N VAL N 144 -67.62 7.63 -54.38
CA VAL N 144 -68.09 8.69 -55.25
C VAL N 144 -66.99 9.67 -55.61
N ARG N 145 -66.26 10.18 -54.60
CA ARG N 145 -65.29 11.23 -54.80
C ARG N 145 -63.94 10.82 -55.36
N ASN N 146 -63.88 9.68 -56.05
CA ASN N 146 -62.70 9.34 -56.80
C ASN N 146 -63.04 8.74 -58.17
N HIS N 147 -63.91 7.74 -58.07
CA HIS N 147 -64.28 7.00 -59.26
C HIS N 147 -65.45 7.60 -60.03
N CYS N 148 -66.45 7.89 -59.20
CA CYS N 148 -67.70 8.45 -59.66
C CYS N 148 -67.77 9.92 -60.06
N GLN N 149 -67.55 10.70 -59.01
CA GLN N 149 -67.54 12.15 -59.06
C GLN N 149 -66.51 12.80 -58.14
N ALA N 150 -65.28 12.56 -58.61
CA ALA N 150 -64.09 12.79 -57.83
C ALA N 150 -63.81 14.15 -57.19
N GLY N 151 -64.20 14.28 -55.92
CA GLY N 151 -64.13 15.57 -55.27
C GLY N 151 -62.88 16.00 -54.54
N HIS N 152 -61.80 15.64 -55.24
CA HIS N 152 -60.46 15.77 -54.72
C HIS N 152 -59.42 16.45 -55.62
N ASP N 153 -59.03 15.67 -56.62
CA ASP N 153 -58.08 15.98 -57.66
C ASP N 153 -58.28 17.30 -58.39
N GLY N 154 -57.33 17.69 -59.24
CA GLY N 154 -57.38 18.89 -60.05
C GLY N 154 -56.07 19.16 -60.77
N VAL N 155 -55.65 20.41 -60.58
CA VAL N 155 -54.50 20.90 -61.30
C VAL N 155 -53.23 20.07 -61.14
N ILE N 156 -52.52 20.21 -60.02
CA ILE N 156 -51.31 19.45 -59.84
C ILE N 156 -51.52 18.25 -58.93
N HIS N 157 -52.58 17.50 -59.24
CA HIS N 157 -53.25 16.65 -58.28
C HIS N 157 -53.73 15.22 -58.53
N LEU N 158 -53.32 14.31 -57.65
CA LEU N 158 -53.71 12.92 -57.76
C LEU N 158 -53.54 12.29 -59.14
N PRO N 159 -52.58 11.38 -59.30
CA PRO N 159 -52.22 10.78 -60.56
C PRO N 159 -53.00 9.49 -60.69
N ILE N 160 -54.31 9.65 -60.86
CA ILE N 160 -55.23 8.54 -60.93
C ILE N 160 -55.15 7.70 -62.21
N LEU N 161 -55.91 8.20 -63.19
CA LEU N 161 -56.23 7.49 -64.40
C LEU N 161 -55.13 7.26 -65.43
N SER N 162 -53.96 7.68 -64.97
CA SER N 162 -52.60 7.29 -65.27
C SER N 162 -51.69 6.89 -64.12
N GLY N 163 -51.69 5.61 -63.71
CA GLY N 163 -50.99 5.15 -62.54
C GLY N 163 -51.80 4.46 -61.44
N ASP N 164 -52.30 5.36 -60.59
CA ASP N 164 -53.13 4.97 -59.47
C ASP N 164 -54.64 5.05 -59.65
N PHE N 165 -55.03 4.37 -60.73
CA PHE N 165 -56.35 4.20 -61.33
C PHE N 165 -57.65 4.58 -60.64
N LYS N 166 -57.95 3.72 -59.66
CA LYS N 166 -59.17 3.84 -58.92
C LYS N 166 -58.76 3.85 -57.45
N LEU N 167 -58.89 5.00 -56.79
CA LEU N 167 -58.79 5.11 -55.35
C LEU N 167 -59.95 4.68 -54.46
N PRO N 168 -61.12 4.29 -54.98
CA PRO N 168 -61.85 3.21 -54.35
C PRO N 168 -61.20 1.87 -54.05
N ASN N 169 -60.20 1.56 -54.89
CA ASN N 169 -59.56 0.26 -54.84
C ASN N 169 -58.10 -0.01 -54.48
N GLU N 170 -57.45 1.09 -54.86
CA GLU N 170 -56.03 1.32 -54.64
C GLU N 170 -55.60 2.21 -53.49
N HIS N 171 -54.66 1.73 -52.68
CA HIS N 171 -54.22 2.41 -51.47
C HIS N 171 -54.08 3.91 -51.20
N PRO N 172 -53.41 4.71 -52.03
CA PRO N 172 -52.92 6.00 -51.58
C PRO N 172 -53.89 7.12 -51.26
N THR N 173 -53.40 8.36 -51.20
CA THR N 173 -54.19 9.48 -50.73
C THR N 173 -54.45 10.53 -51.78
N LYS N 174 -55.55 11.26 -51.60
CA LYS N 174 -56.20 12.14 -52.57
C LYS N 174 -56.08 13.61 -52.25
N PRO N 175 -55.35 14.39 -53.06
CA PRO N 175 -55.18 15.82 -52.90
C PRO N 175 -56.38 16.69 -53.26
N LEU N 176 -56.47 17.70 -52.39
CA LEU N 176 -57.53 18.70 -52.42
C LEU N 176 -57.20 19.89 -53.30
N ASP N 177 -57.87 19.89 -54.45
CA ASP N 177 -57.95 20.96 -55.42
C ASP N 177 -58.56 22.15 -54.70
N ASP N 178 -57.72 23.07 -54.26
CA ASP N 178 -58.17 24.27 -53.59
C ASP N 178 -57.37 25.53 -53.92
N THR N 179 -58.09 26.58 -54.31
CA THR N 179 -57.51 27.89 -54.53
C THR N 179 -56.69 28.47 -53.38
N HIS N 180 -57.35 28.42 -52.22
CA HIS N 180 -56.61 28.63 -51.00
C HIS N 180 -55.34 27.82 -50.76
N PRO N 181 -54.29 28.58 -50.41
CA PRO N 181 -52.92 28.12 -50.47
C PRO N 181 -52.65 26.78 -49.81
N HIS N 182 -52.50 25.82 -50.72
CA HIS N 182 -52.11 24.49 -50.33
C HIS N 182 -52.81 23.73 -49.21
N ASP N 183 -54.11 23.96 -49.01
CA ASP N 183 -54.90 23.27 -48.01
C ASP N 183 -55.28 21.82 -48.31
N LYS N 184 -54.36 21.17 -49.02
CA LYS N 184 -54.34 19.80 -49.45
C LYS N 184 -54.41 18.65 -48.44
N VAL N 185 -55.65 18.35 -48.05
CA VAL N 185 -56.03 17.36 -47.07
C VAL N 185 -56.30 16.05 -47.80
N LEU N 186 -55.20 15.30 -47.87
CA LEU N 186 -55.17 14.07 -48.63
C LEU N 186 -55.90 12.84 -48.08
N THR N 187 -57.21 12.84 -48.34
CA THR N 187 -58.11 11.76 -47.98
C THR N 187 -57.69 10.37 -48.44
N ARG N 188 -57.57 9.43 -47.51
CA ARG N 188 -57.17 8.06 -47.81
C ARG N 188 -58.14 7.30 -48.69
N CYS N 189 -57.76 6.20 -49.34
CA CYS N 189 -58.64 5.33 -50.09
C CYS N 189 -59.72 4.61 -49.30
N PRO N 190 -60.91 4.45 -49.90
CA PRO N 190 -61.95 3.62 -49.34
C PRO N 190 -61.50 2.21 -48.95
N LYS N 191 -60.68 1.56 -49.78
CA LYS N 191 -60.13 0.27 -49.40
C LYS N 191 -59.19 0.10 -48.22
N THR N 192 -58.45 1.19 -48.00
CA THR N 192 -57.65 1.40 -46.81
C THR N 192 -58.49 1.30 -45.55
N GLY N 193 -59.81 1.34 -45.68
CA GLY N 193 -60.68 1.02 -44.56
C GLY N 193 -60.82 2.07 -43.46
N LEU N 194 -59.64 2.52 -43.04
CA LEU N 194 -59.60 3.67 -42.15
C LEU N 194 -59.08 4.93 -42.82
N LEU N 195 -60.05 5.82 -43.06
CA LEU N 195 -59.81 7.02 -43.84
C LEU N 195 -59.50 8.27 -43.02
N LEU N 196 -58.18 8.43 -42.91
CA LEU N 196 -57.53 9.61 -42.35
C LEU N 196 -57.17 10.55 -43.49
N VAL N 197 -56.86 11.74 -42.96
CA VAL N 197 -56.47 12.88 -43.78
C VAL N 197 -55.05 13.32 -43.45
N HIS N 198 -54.17 13.52 -44.43
CA HIS N 198 -52.85 14.12 -44.35
C HIS N 198 -52.64 15.35 -45.21
N ASP N 199 -52.82 16.49 -44.54
CA ASP N 199 -52.55 17.74 -45.21
C ASP N 199 -51.08 17.92 -45.59
N THR N 200 -50.80 17.82 -46.89
CA THR N 200 -49.53 18.21 -47.45
C THR N 200 -49.19 19.68 -47.57
N HIS N 201 -48.75 20.20 -46.42
CA HIS N 201 -48.22 21.53 -46.19
C HIS N 201 -47.25 22.11 -47.20
N ALA N 202 -46.56 21.20 -47.89
CA ALA N 202 -45.79 21.45 -49.10
C ALA N 202 -45.89 20.24 -50.01
N HIS N 203 -46.56 20.54 -51.13
CA HIS N 203 -47.26 19.58 -51.96
C HIS N 203 -46.53 19.13 -53.22
N ALA N 204 -45.83 18.02 -53.01
CA ALA N 204 -45.39 17.06 -54.01
C ALA N 204 -44.82 15.84 -53.29
N THR N 205 -43.71 15.99 -52.56
CA THR N 205 -43.10 14.84 -51.92
C THR N 205 -43.59 14.45 -50.53
N ALA N 206 -42.88 13.63 -49.74
CA ALA N 206 -43.22 13.26 -48.40
C ALA N 206 -42.93 14.30 -47.33
N VAL N 207 -42.13 15.31 -47.66
CA VAL N 207 -41.65 16.39 -46.82
C VAL N 207 -41.38 16.41 -45.32
N VAL N 208 -42.40 15.98 -44.58
CA VAL N 208 -42.22 15.79 -43.15
C VAL N 208 -41.15 14.85 -42.63
N ALA N 209 -40.93 13.83 -43.45
CA ALA N 209 -39.97 12.80 -43.09
C ALA N 209 -38.57 13.20 -42.65
N THR N 210 -37.95 14.14 -43.38
CA THR N 210 -36.67 14.65 -42.95
C THR N 210 -36.85 15.56 -41.73
N ALA N 211 -37.76 16.52 -41.98
CA ALA N 211 -38.06 17.47 -40.93
C ALA N 211 -38.29 16.94 -39.53
N ALA N 212 -39.11 15.89 -39.51
CA ALA N 212 -39.41 15.21 -38.27
C ALA N 212 -38.23 14.47 -37.67
N THR N 213 -37.66 13.52 -38.40
CA THR N 213 -36.46 12.81 -37.98
C THR N 213 -35.17 13.52 -37.57
N ARG N 214 -34.94 14.66 -38.23
CA ARG N 214 -34.01 15.70 -37.84
C ARG N 214 -34.11 16.20 -36.40
N ALA N 215 -35.27 16.25 -35.77
CA ALA N 215 -35.46 16.55 -34.36
C ALA N 215 -34.92 15.56 -33.34
N ILE N 216 -34.65 14.34 -33.83
CA ILE N 216 -33.87 13.37 -33.07
C ILE N 216 -32.44 13.84 -32.89
N LEU N 217 -31.90 14.72 -33.73
CA LEU N 217 -30.61 15.28 -33.42
C LEU N 217 -30.58 15.94 -32.05
N MET N 218 -31.52 16.87 -31.82
CA MET N 218 -31.78 17.46 -30.52
C MET N 218 -32.00 16.46 -29.40
N HIS N 219 -32.84 15.44 -29.59
CA HIS N 219 -32.87 14.24 -28.78
C HIS N 219 -31.49 13.68 -28.44
N ASP N 220 -30.81 13.07 -29.41
CA ASP N 220 -29.50 12.47 -29.27
C ASP N 220 -28.39 13.23 -28.55
N LEU N 221 -28.43 14.56 -28.67
CA LEU N 221 -27.45 15.42 -28.05
C LEU N 221 -27.65 15.48 -26.54
N LEU N 222 -28.84 15.82 -26.05
CA LEU N 222 -29.08 15.92 -24.62
C LEU N 222 -29.49 14.69 -23.82
N THR N 223 -29.81 13.67 -24.62
CA THR N 223 -29.73 12.32 -24.07
C THR N 223 -28.38 11.62 -23.97
N SER N 224 -27.79 11.41 -25.14
CA SER N 224 -26.52 10.72 -25.21
C SER N 224 -25.31 11.54 -25.64
N ALA N 225 -25.32 12.65 -24.88
CA ALA N 225 -24.26 13.62 -24.99
C ALA N 225 -23.97 14.42 -26.27
N ASN N 226 -23.81 13.71 -27.39
CA ASN N 226 -23.80 14.29 -28.72
C ASN N 226 -24.34 13.33 -29.78
N ALA N 227 -25.04 13.99 -30.71
CA ALA N 227 -25.69 13.32 -31.82
C ALA N 227 -24.71 12.71 -32.81
N ASP N 228 -24.50 11.41 -32.62
CA ASP N 228 -23.55 10.67 -33.43
C ASP N 228 -24.00 10.41 -34.86
N ASP N 229 -23.39 11.12 -35.80
CA ASP N 229 -23.69 11.27 -37.21
C ASP N 229 -25.11 11.70 -37.54
N GLY N 230 -26.11 10.89 -37.17
CA GLY N 230 -27.54 11.13 -37.24
C GLY N 230 -28.00 11.64 -38.60
N HIS N 231 -28.17 12.96 -38.69
CA HIS N 231 -28.54 13.61 -39.93
C HIS N 231 -27.70 13.32 -41.16
N GLN N 232 -26.39 13.09 -40.97
CA GLN N 232 -25.49 12.75 -42.04
C GLN N 232 -25.99 11.60 -42.92
N ALA N 233 -26.64 10.68 -42.20
CA ALA N 233 -27.48 9.59 -42.63
C ALA N 233 -28.97 9.84 -42.83
N ARG N 234 -29.59 10.52 -41.87
CA ARG N 234 -30.94 11.03 -41.91
C ARG N 234 -31.46 11.91 -43.04
N SER N 235 -30.51 12.66 -43.59
CA SER N 235 -30.67 13.62 -44.67
C SER N 235 -31.17 12.92 -45.93
N ALA N 236 -30.41 11.95 -46.44
CA ALA N 236 -30.92 11.03 -47.44
C ALA N 236 -32.10 10.13 -47.08
N CYS N 237 -31.88 9.41 -45.98
CA CYS N 237 -32.83 8.48 -45.41
C CYS N 237 -34.32 8.73 -45.35
N TYR N 238 -34.56 9.99 -45.00
CA TYR N 238 -35.93 10.45 -44.89
C TYR N 238 -36.46 11.50 -45.86
N GLY N 239 -37.50 11.12 -46.58
CA GLY N 239 -38.26 11.92 -47.53
C GLY N 239 -38.19 13.43 -47.43
N PRO N 240 -37.90 14.14 -48.52
CA PRO N 240 -37.26 15.43 -48.51
C PRO N 240 -38.02 16.61 -47.93
N ALA N 241 -37.44 17.29 -46.93
CA ALA N 241 -37.93 18.58 -46.50
C ALA N 241 -37.61 19.68 -47.50
N PHE N 242 -38.70 20.13 -48.13
CA PHE N 242 -38.77 21.34 -48.91
C PHE N 242 -39.89 22.30 -48.52
N ASN N 243 -39.37 23.52 -48.39
CA ASN N 243 -40.13 24.65 -47.88
C ASN N 243 -40.66 24.53 -46.47
N ASN N 244 -40.97 25.69 -45.89
CA ASN N 244 -41.67 25.90 -44.63
C ASN N 244 -42.53 24.96 -43.82
N LEU N 245 -43.20 24.13 -44.63
CA LEU N 245 -44.30 23.33 -44.14
C LEU N 245 -45.53 23.88 -43.42
N THR N 246 -45.88 25.00 -44.06
CA THR N 246 -47.14 25.65 -43.79
C THR N 246 -47.76 26.01 -45.13
N PHE N 247 -48.87 25.31 -45.36
CA PHE N 247 -49.64 25.34 -46.59
C PHE N 247 -49.15 26.24 -47.72
N ALA N 248 -48.15 25.70 -48.41
CA ALA N 248 -47.36 26.20 -49.51
C ALA N 248 -46.98 25.22 -50.61
N CYS N 249 -46.91 25.85 -51.78
CA CYS N 249 -46.54 25.18 -53.01
C CYS N 249 -45.92 23.79 -52.99
N HIS N 250 -44.61 23.74 -52.78
CA HIS N 250 -43.71 22.68 -53.20
C HIS N 250 -43.70 22.24 -54.65
N SER N 251 -44.86 22.20 -55.31
CA SER N 251 -44.96 22.04 -56.75
C SER N 251 -44.28 20.85 -57.41
N THR N 252 -43.34 21.07 -58.34
CA THR N 252 -42.32 20.07 -58.62
C THR N 252 -42.83 18.74 -59.16
N CYS N 253 -42.79 17.70 -58.32
CA CYS N 253 -43.32 16.38 -58.58
C CYS N 253 -44.82 16.25 -58.79
N ALA N 254 -45.59 16.78 -57.84
CA ALA N 254 -47.02 16.88 -58.01
C ALA N 254 -47.40 17.77 -59.18
N SER N 255 -46.53 18.73 -59.55
CA SER N 255 -46.66 19.53 -60.75
C SER N 255 -46.61 18.88 -62.13
N ASP N 256 -45.91 17.73 -62.15
CA ASP N 256 -45.66 16.98 -63.36
C ASP N 256 -46.48 15.70 -63.37
N MET N 257 -46.08 14.80 -62.47
CA MET N 257 -46.85 13.60 -62.25
C MET N 257 -48.36 13.65 -62.04
N ALA N 258 -48.80 14.16 -60.89
CA ALA N 258 -50.18 14.26 -60.49
C ALA N 258 -51.05 15.11 -61.41
N HIS N 259 -50.44 16.17 -61.95
CA HIS N 259 -51.13 17.10 -62.81
C HIS N 259 -51.56 16.32 -64.04
N PHE N 260 -50.62 15.74 -64.79
CA PHE N 260 -51.00 14.91 -65.91
C PHE N 260 -51.63 13.52 -65.76
N ASP N 261 -50.96 12.77 -64.87
CA ASP N 261 -51.44 11.44 -64.57
C ASP N 261 -52.73 11.31 -63.78
N CYS N 262 -53.33 12.49 -63.62
CA CYS N 262 -54.69 12.53 -63.11
C CYS N 262 -55.75 11.87 -63.98
N GLY N 263 -55.46 12.23 -65.23
CA GLY N 263 -56.22 11.81 -66.39
C GLY N 263 -55.29 10.94 -67.22
N GLN N 264 -54.39 11.64 -67.92
CA GLN N 264 -53.45 11.22 -68.94
C GLN N 264 -53.76 10.12 -69.93
N ILE N 265 -53.79 8.88 -69.43
CA ILE N 265 -54.28 7.79 -70.26
C ILE N 265 -55.79 7.76 -70.40
N VAL N 266 -56.42 6.95 -69.56
CA VAL N 266 -57.85 6.70 -69.62
C VAL N 266 -58.63 8.00 -69.50
N GLY N 267 -58.13 8.96 -68.72
CA GLY N 267 -58.68 10.29 -68.54
C GLY N 267 -59.99 10.41 -67.77
N LEU N 268 -60.78 9.35 -67.96
CA LEU N 268 -62.14 9.19 -67.48
C LEU N 268 -62.34 8.13 -66.41
N ASP N 269 -63.22 8.48 -65.48
CA ASP N 269 -63.76 7.56 -64.50
C ASP N 269 -65.26 7.75 -64.33
N LEU N 270 -66.10 6.73 -64.52
CA LEU N 270 -67.53 6.78 -64.31
C LEU N 270 -68.33 5.86 -63.40
N HIS N 271 -69.42 6.42 -62.87
CA HIS N 271 -70.48 5.69 -62.21
C HIS N 271 -71.84 6.11 -62.78
N VAL N 272 -72.60 5.06 -63.13
CA VAL N 272 -74.00 5.24 -63.47
C VAL N 272 -75.17 4.68 -62.67
N GLU N 273 -74.80 3.92 -61.63
CA GLU N 273 -75.75 3.25 -60.76
C GLU N 273 -76.24 4.02 -59.53
N PRO N 274 -77.55 3.96 -59.31
CA PRO N 274 -78.10 4.62 -58.13
C PRO N 274 -77.40 4.26 -56.82
N SER N 275 -76.57 5.17 -56.33
CA SER N 275 -75.73 5.06 -55.15
C SER N 275 -75.23 6.41 -54.64
N ASP N 276 -74.22 6.88 -55.38
CA ASP N 276 -73.64 8.21 -55.32
C ASP N 276 -74.42 9.31 -54.62
N THR O 1 -10.84 -68.65 9.19
CA THR O 1 -12.21 -68.36 8.75
C THR O 1 -13.33 -69.15 9.40
N TYR O 2 -14.46 -68.45 9.41
CA TYR O 2 -15.68 -68.95 10.02
C TYR O 2 -16.80 -69.35 9.08
N ASN O 3 -17.44 -70.47 9.41
CA ASN O 3 -18.69 -70.90 8.79
C ASN O 3 -19.68 -69.76 8.60
N ILE O 4 -19.94 -69.44 7.33
CA ILE O 4 -20.88 -68.35 7.17
C ILE O 4 -22.34 -68.49 7.55
N THR O 5 -22.65 -69.78 7.48
CA THR O 5 -23.99 -70.25 7.79
C THR O 5 -24.33 -70.50 9.26
N GLY O 6 -23.92 -69.50 10.04
CA GLY O 6 -24.19 -69.42 11.46
C GLY O 6 -24.97 -68.25 12.05
N ASP O 7 -25.19 -68.26 13.37
CA ASP O 7 -26.00 -67.29 14.09
C ASP O 7 -25.18 -66.41 15.01
N GLY O 8 -25.73 -65.19 15.10
CA GLY O 8 -25.08 -64.07 15.75
C GLY O 8 -24.74 -62.85 14.92
N ASN O 9 -24.66 -63.06 13.60
CA ASN O 9 -24.37 -62.05 12.61
C ASN O 9 -25.29 -60.86 12.39
N SER O 10 -24.75 -59.68 12.67
CA SER O 10 -25.39 -58.38 12.58
C SER O 10 -25.48 -57.82 11.16
N PHE O 11 -26.67 -57.27 10.92
CA PHE O 11 -26.91 -56.49 9.72
C PHE O 11 -27.25 -55.06 10.13
N THR O 12 -26.09 -54.43 10.34
CA THR O 12 -26.10 -53.01 10.69
C THR O 12 -25.37 -52.05 9.77
N PRO O 13 -26.07 -51.66 8.71
CA PRO O 13 -25.73 -50.50 7.90
C PRO O 13 -25.98 -49.14 8.56
N THR O 14 -24.87 -48.44 8.73
CA THR O 14 -24.77 -47.12 9.33
C THR O 14 -24.00 -46.12 8.47
N SER O 15 -24.46 -44.88 8.65
CA SER O 15 -23.82 -43.75 8.01
C SER O 15 -22.33 -43.51 8.18
N ASP O 16 -22.04 -43.95 9.41
CA ASP O 16 -20.72 -44.08 10.01
C ASP O 16 -19.76 -45.00 9.28
N MET O 17 -20.39 -46.05 8.75
CA MET O 17 -19.78 -47.16 8.05
C MET O 17 -20.18 -47.28 6.59
N THR O 18 -20.06 -46.17 5.86
CA THR O 18 -20.43 -46.17 4.45
C THR O 18 -19.45 -46.92 3.57
N SER O 19 -20.05 -48.07 3.22
CA SER O 19 -19.21 -48.78 2.28
C SER O 19 -18.14 -47.75 1.92
N THR O 20 -16.93 -48.18 1.57
CA THR O 20 -15.76 -47.84 0.78
C THR O 20 -14.58 -48.81 0.72
N ALA O 21 -13.76 -48.80 -0.33
CA ALA O 21 -12.67 -49.66 -0.76
C ALA O 21 -11.60 -48.66 -1.23
N ALA O 22 -10.60 -49.18 -1.94
CA ALA O 22 -9.89 -48.24 -2.79
C ALA O 22 -10.07 -48.41 -4.29
N PRO O 23 -11.05 -47.70 -4.85
CA PRO O 23 -11.51 -47.84 -6.22
C PRO O 23 -10.32 -47.41 -7.06
N ALA O 24 -9.67 -46.24 -6.99
CA ALA O 24 -8.62 -45.74 -7.86
C ALA O 24 -7.76 -44.83 -7.01
N ILE O 25 -6.52 -44.76 -7.51
CA ILE O 25 -5.67 -43.81 -6.83
C ILE O 25 -5.14 -42.60 -7.61
N ASP O 26 -4.73 -41.50 -6.96
CA ASP O 26 -4.06 -40.46 -7.72
C ASP O 26 -2.74 -40.82 -8.38
N LEU O 27 -2.69 -40.69 -9.70
CA LEU O 27 -1.47 -40.87 -10.48
C LEU O 27 -1.07 -39.75 -11.42
N LYS O 28 -1.21 -38.54 -10.89
CA LYS O 28 -0.94 -37.35 -11.69
C LYS O 28 0.57 -37.26 -11.90
N PRO O 29 1.07 -36.90 -13.09
CA PRO O 29 2.49 -36.80 -13.32
C PRO O 29 3.33 -35.99 -12.34
N GLY O 30 2.74 -34.80 -12.18
CA GLY O 30 3.17 -33.87 -11.17
C GLY O 30 3.47 -34.53 -9.83
N VAL O 31 2.53 -35.42 -9.55
CA VAL O 31 2.51 -36.13 -8.27
C VAL O 31 3.49 -37.29 -8.18
N LEU O 32 3.86 -37.83 -9.34
CA LEU O 32 4.88 -38.87 -9.35
C LEU O 32 6.28 -38.62 -8.82
N ASN O 33 6.71 -37.35 -8.89
CA ASN O 33 8.10 -37.01 -8.66
C ASN O 33 8.84 -37.31 -7.35
N PRO O 34 8.59 -36.57 -6.27
CA PRO O 34 9.52 -36.53 -5.17
C PRO O 34 10.67 -37.52 -5.04
N THR O 35 11.87 -37.20 -5.54
CA THR O 35 12.37 -36.09 -6.31
C THR O 35 13.75 -36.28 -6.93
N GLY O 36 14.79 -36.05 -6.12
CA GLY O 36 16.20 -36.00 -6.46
C GLY O 36 16.73 -37.33 -6.97
N LYS O 37 17.34 -37.37 -8.16
CA LYS O 37 18.06 -38.56 -8.56
C LYS O 37 19.40 -38.58 -7.86
N LEU O 38 19.78 -39.83 -7.55
CA LEU O 38 21.03 -40.11 -6.88
C LEU O 38 22.24 -40.30 -7.77
N TRP O 39 23.23 -39.49 -7.38
CA TRP O 39 24.50 -39.39 -8.07
C TRP O 39 25.80 -39.64 -7.32
N ARG O 40 27.00 -39.43 -7.85
CA ARG O 40 28.31 -39.75 -7.30
C ARG O 40 29.38 -38.82 -7.86
N PRO O 41 30.38 -38.44 -7.07
CA PRO O 41 31.58 -37.68 -7.38
C PRO O 41 32.57 -38.35 -8.30
N VAL O 42 32.07 -38.34 -9.54
CA VAL O 42 32.65 -39.05 -10.66
C VAL O 42 32.53 -40.56 -10.53
N GLY O 43 33.30 -40.95 -9.51
CA GLY O 43 33.45 -42.31 -9.04
C GLY O 43 34.62 -42.48 -8.09
N THR O 44 35.62 -41.58 -8.19
CA THR O 44 36.67 -41.42 -7.21
C THR O 44 36.27 -40.81 -5.87
N SER O 45 37.23 -40.68 -4.96
CA SER O 45 37.08 -40.23 -3.58
C SER O 45 36.55 -38.81 -3.50
N VAL O 46 36.53 -38.32 -2.26
CA VAL O 46 35.92 -37.05 -1.91
C VAL O 46 36.93 -35.96 -2.28
N ALA O 47 36.71 -35.58 -3.54
CA ALA O 47 37.41 -34.53 -4.26
C ALA O 47 36.69 -33.94 -5.46
N THR O 48 36.23 -34.88 -6.28
CA THR O 48 35.45 -34.57 -7.46
C THR O 48 34.04 -34.00 -7.40
N ILE O 49 33.61 -33.40 -6.29
CA ILE O 49 32.32 -32.80 -6.01
C ILE O 49 31.72 -31.98 -7.14
N ASP O 50 32.69 -31.31 -7.78
CA ASP O 50 32.43 -30.64 -9.04
C ASP O 50 31.72 -31.34 -10.18
N SER O 51 31.85 -32.67 -10.15
CA SER O 51 31.35 -33.59 -11.15
C SER O 51 30.51 -34.70 -10.52
N LEU O 52 29.29 -34.84 -11.03
CA LEU O 52 28.50 -36.03 -10.79
C LEU O 52 27.96 -36.78 -12.00
N ALA O 53 28.08 -38.09 -11.88
CA ALA O 53 27.45 -39.14 -12.66
C ALA O 53 26.34 -39.88 -11.93
N ILE O 54 25.22 -40.01 -12.63
CA ILE O 54 24.17 -40.83 -12.07
C ILE O 54 24.53 -42.29 -11.83
N VAL O 55 24.09 -42.69 -10.63
CA VAL O 55 24.12 -44.07 -10.18
C VAL O 55 23.42 -44.96 -11.21
N SER O 56 23.46 -46.24 -10.88
CA SER O 56 23.30 -47.31 -11.85
C SER O 56 21.86 -47.60 -12.27
N ASP O 57 21.49 -46.73 -13.20
CA ASP O 57 20.23 -46.77 -13.93
C ASP O 57 20.08 -48.01 -14.80
N ARG O 58 21.28 -48.42 -15.21
CA ARG O 58 21.57 -49.72 -15.79
C ARG O 58 20.75 -50.97 -15.51
N PHE O 59 20.67 -51.13 -14.19
CA PHE O 59 19.78 -52.10 -13.60
C PHE O 59 19.22 -51.93 -12.19
N GLY O 60 19.45 -50.75 -11.62
CA GLY O 60 19.22 -50.52 -10.21
C GLY O 60 19.42 -49.04 -9.95
N GLN O 61 20.06 -48.77 -8.81
CA GLN O 61 20.25 -47.44 -8.27
C GLN O 61 19.91 -46.19 -9.05
N TYR O 62 18.64 -45.89 -8.76
CA TYR O 62 17.94 -44.71 -9.23
C TYR O 62 17.73 -43.67 -8.13
N SER O 63 16.81 -42.75 -8.38
CA SER O 63 16.39 -41.63 -7.56
C SER O 63 15.98 -41.94 -6.13
N PHE O 64 16.08 -40.98 -5.20
CA PHE O 64 15.33 -40.97 -3.96
C PHE O 64 13.83 -41.16 -4.09
N VAL O 65 13.31 -42.27 -3.55
CA VAL O 65 11.92 -42.67 -3.72
C VAL O 65 10.90 -41.68 -3.16
N ASN O 66 9.80 -41.55 -3.91
CA ASN O 66 8.65 -40.74 -3.58
C ASN O 66 8.02 -41.29 -2.30
N GLU O 67 8.34 -40.73 -1.15
CA GLU O 67 7.61 -40.89 0.10
C GLU O 67 6.12 -41.15 0.02
N GLY O 68 5.44 -40.33 -0.79
CA GLY O 68 4.02 -40.41 -1.01
C GLY O 68 3.68 -41.63 -1.86
N MET O 69 4.52 -41.82 -2.88
CA MET O 69 4.33 -42.94 -3.78
C MET O 69 4.52 -44.32 -3.16
N ARG O 70 5.56 -44.43 -2.33
CA ARG O 70 5.67 -45.56 -1.43
C ARG O 70 4.53 -45.95 -0.51
N GLU O 71 4.10 -44.87 0.16
CA GLU O 71 2.97 -44.92 1.06
C GLU O 71 1.68 -45.30 0.35
N THR O 72 1.39 -44.63 -0.76
CA THR O 72 0.32 -44.98 -1.67
C THR O 72 0.21 -46.38 -2.25
N PHE O 73 1.35 -46.65 -2.90
CA PHE O 73 1.57 -47.96 -3.46
C PHE O 73 1.46 -49.22 -2.62
N SER O 74 1.99 -49.14 -1.39
CA SER O 74 1.87 -50.11 -0.31
C SER O 74 0.41 -50.30 0.03
N LYS O 75 -0.38 -49.22 0.05
CA LYS O 75 -1.81 -49.27 0.27
C LYS O 75 -2.66 -50.06 -0.71
N ALA O 76 -2.23 -49.79 -1.95
CA ALA O 76 -2.70 -50.50 -3.11
C ALA O 76 -2.48 -52.00 -2.99
N LEU O 77 -1.27 -52.37 -2.57
CA LEU O 77 -0.98 -53.77 -2.34
C LEU O 77 -1.89 -54.48 -1.35
N PHE O 78 -2.36 -53.69 -0.37
CA PHE O 78 -3.32 -54.06 0.66
C PHE O 78 -4.74 -54.40 0.24
N ASP O 79 -5.27 -53.71 -0.77
CA ASP O 79 -6.40 -54.17 -1.56
C ASP O 79 -6.38 -55.64 -1.96
N ILE O 80 -5.28 -56.09 -2.57
CA ILE O 80 -5.11 -57.48 -2.95
C ILE O 80 -5.10 -58.47 -1.80
N ASN O 81 -4.45 -57.99 -0.73
CA ASN O 81 -4.34 -58.64 0.56
C ASN O 81 -5.66 -58.94 1.25
N MET O 82 -6.63 -58.07 0.97
CA MET O 82 -8.01 -58.24 1.39
C MET O 82 -8.71 -59.50 0.90
N TRP O 83 -8.15 -59.95 -0.23
CA TRP O 83 -8.51 -61.25 -0.78
C TRP O 83 -7.49 -62.38 -0.74
N GLN O 84 -6.46 -62.25 0.09
CA GLN O 84 -5.41 -63.24 0.14
C GLN O 84 -5.72 -64.73 0.24
N PRO O 85 -6.65 -65.09 1.14
CA PRO O 85 -7.13 -66.45 1.21
C PRO O 85 -7.79 -67.01 -0.04
N LEU O 86 -8.42 -66.06 -0.75
CA LEU O 86 -9.03 -66.41 -2.01
C LEU O 86 -8.09 -66.53 -3.20
N PHE O 87 -7.20 -65.55 -3.33
CA PHE O 87 -6.09 -65.68 -4.26
C PHE O 87 -5.31 -66.98 -4.17
N GLN O 88 -4.94 -67.24 -2.91
CA GLN O 88 -4.23 -68.44 -2.55
C GLN O 88 -4.91 -69.73 -2.98
N ALA O 89 -6.22 -69.72 -2.72
CA ALA O 89 -7.06 -70.83 -3.07
C ALA O 89 -7.22 -71.00 -4.58
N THR O 90 -7.24 -69.88 -5.29
CA THR O 90 -7.22 -69.81 -6.74
C THR O 90 -5.85 -70.13 -7.34
N LYS O 91 -4.83 -70.38 -6.51
CA LYS O 91 -3.47 -70.54 -6.99
C LYS O 91 -2.78 -69.62 -7.99
N THR O 92 -3.22 -68.36 -7.87
CA THR O 92 -2.94 -67.29 -8.79
C THR O 92 -1.81 -66.34 -8.40
N GLY O 93 -0.68 -66.94 -8.04
CA GLY O 93 0.48 -66.22 -7.58
C GLY O 93 0.33 -65.32 -6.37
N CYS O 94 -0.58 -65.71 -5.45
CA CYS O 94 -1.00 -64.88 -4.34
C CYS O 94 -0.02 -64.10 -3.47
N GLY O 95 1.15 -64.70 -3.30
CA GLY O 95 2.22 -64.27 -2.43
C GLY O 95 2.49 -62.78 -2.27
N PRO O 96 1.97 -62.22 -1.18
CA PRO O 96 2.12 -60.79 -1.00
C PRO O 96 3.43 -60.05 -1.21
N ILE O 97 3.47 -59.35 -2.35
CA ILE O 97 4.65 -58.69 -2.88
C ILE O 97 5.79 -58.10 -2.06
N VAL O 98 5.37 -57.38 -1.02
CA VAL O 98 6.27 -56.65 -0.15
C VAL O 98 7.22 -55.68 -0.82
N LEU O 99 6.51 -54.62 -1.20
CA LEU O 99 7.02 -53.48 -1.95
C LEU O 99 8.38 -52.96 -1.54
N SER O 100 8.51 -53.01 -0.21
CA SER O 100 9.70 -52.69 0.54
C SER O 100 11.01 -53.31 0.07
N SER O 101 10.87 -54.53 -0.46
CA SER O 101 11.99 -55.28 -1.01
C SER O 101 12.56 -54.64 -2.26
N PHE O 102 11.62 -53.98 -2.96
CA PHE O 102 11.96 -53.23 -4.15
C PHE O 102 12.67 -51.88 -4.09
N THR O 103 12.24 -51.15 -3.06
CA THR O 103 12.83 -49.97 -2.46
C THR O 103 14.19 -50.19 -1.83
N THR O 104 15.21 -50.21 -2.69
CA THR O 104 16.58 -50.57 -2.39
C THR O 104 17.59 -49.44 -2.16
N THR O 105 18.64 -49.72 -1.39
CA THR O 105 19.45 -48.63 -0.89
C THR O 105 20.15 -47.89 -2.03
N THR O 106 20.03 -46.56 -2.02
CA THR O 106 20.83 -45.63 -2.80
C THR O 106 21.63 -44.65 -1.95
N SER O 107 22.94 -44.48 -2.16
CA SER O 107 23.82 -43.71 -1.30
C SER O 107 24.80 -42.85 -2.08
N GLY O 108 24.55 -41.55 -1.90
CA GLY O 108 25.28 -40.47 -2.51
C GLY O 108 24.61 -39.12 -2.62
N TYR O 109 24.71 -38.49 -3.79
CA TYR O 109 24.11 -37.18 -3.96
C TYR O 109 22.69 -37.06 -4.47
N VAL O 110 21.89 -36.16 -3.88
CA VAL O 110 20.51 -35.93 -4.23
C VAL O 110 20.29 -34.58 -4.88
N GLY O 111 19.97 -34.70 -6.17
CA GLY O 111 19.40 -33.56 -6.85
C GLY O 111 18.90 -33.80 -8.27
N ALA O 112 17.93 -32.92 -8.51
CA ALA O 112 17.34 -32.81 -9.83
C ALA O 112 18.18 -32.66 -11.09
N THR O 113 19.06 -31.67 -11.00
CA THR O 113 20.15 -31.45 -11.94
C THR O 113 21.54 -31.63 -11.36
N ALA O 114 22.56 -31.97 -12.15
CA ALA O 114 23.94 -32.04 -11.70
C ALA O 114 24.24 -30.83 -10.84
N GLY O 115 24.00 -29.67 -11.45
CA GLY O 115 23.88 -28.43 -10.73
C GLY O 115 23.59 -28.44 -9.23
N ASP O 116 22.28 -28.63 -9.12
CA ASP O 116 21.74 -28.79 -7.78
C ASP O 116 22.22 -29.92 -6.87
N ALA O 117 22.42 -31.04 -7.57
CA ALA O 117 22.86 -32.26 -6.93
C ALA O 117 24.24 -32.28 -6.31
N LEU O 118 25.09 -31.47 -6.95
CA LEU O 118 26.44 -31.23 -6.48
C LEU O 118 26.58 -30.85 -5.01
N ASP O 119 25.61 -30.02 -4.61
CA ASP O 119 25.48 -29.49 -3.27
C ASP O 119 25.00 -30.29 -2.07
N ASN O 120 24.24 -31.30 -2.48
CA ASN O 120 23.49 -32.15 -1.56
C ASN O 120 23.86 -33.63 -1.63
N PRO O 121 24.48 -34.20 -0.60
CA PRO O 121 24.62 -35.63 -0.60
C PRO O 121 23.81 -36.23 0.55
N VAL O 122 23.09 -37.27 0.15
CA VAL O 122 22.22 -38.05 1.01
C VAL O 122 22.55 -39.52 1.10
N THR O 123 23.27 -39.90 2.16
CA THR O 123 23.73 -41.24 2.40
C THR O 123 22.69 -42.24 2.91
N ASN O 124 22.80 -43.34 2.17
CA ASN O 124 22.04 -44.56 2.36
C ASN O 124 20.53 -44.45 2.60
N GLY O 125 19.91 -43.96 1.53
CA GLY O 125 18.48 -43.93 1.35
C GLY O 125 18.03 -45.08 0.46
N VAL O 126 17.05 -44.73 -0.37
CA VAL O 126 16.41 -45.63 -1.31
C VAL O 126 15.91 -45.14 -2.67
N PHE O 127 16.13 -46.02 -3.65
CA PHE O 127 15.70 -46.00 -5.03
C PHE O 127 14.81 -47.17 -5.44
N ILE O 128 14.20 -47.01 -6.61
CA ILE O 128 13.57 -48.08 -7.35
C ILE O 128 13.90 -48.00 -8.83
N SER O 129 14.09 -49.17 -9.45
CA SER O 129 14.47 -49.30 -10.84
C SER O 129 13.26 -49.41 -11.77
N THR O 130 13.43 -48.76 -12.93
CA THR O 130 12.57 -48.81 -14.09
C THR O 130 12.07 -50.21 -14.40
N VAL O 131 13.07 -51.08 -14.51
CA VAL O 131 12.89 -52.51 -14.61
C VAL O 131 11.98 -53.05 -13.50
N GLN O 132 12.42 -52.76 -12.28
CA GLN O 132 11.66 -53.17 -11.12
C GLN O 132 10.21 -52.73 -10.99
N ILE O 133 10.06 -51.41 -11.14
CA ILE O 133 8.71 -50.90 -11.25
C ILE O 133 7.90 -51.52 -12.38
N MET O 134 8.52 -51.78 -13.53
CA MET O 134 7.95 -52.51 -14.64
C MET O 134 7.27 -53.80 -14.21
N ASN O 135 8.07 -54.65 -13.57
CA ASN O 135 7.70 -55.96 -13.07
C ASN O 135 6.75 -55.97 -11.88
N LEU O 136 6.89 -55.05 -10.92
CA LEU O 136 5.97 -54.69 -9.86
C LEU O 136 4.57 -54.29 -10.28
N GLN O 137 4.54 -53.26 -11.12
CA GLN O 137 3.30 -52.92 -11.80
C GLN O 137 2.57 -54.05 -12.52
N ARG O 138 3.36 -54.77 -13.30
CA ARG O 138 2.97 -55.95 -14.05
C ARG O 138 2.15 -56.89 -13.18
N THR O 139 2.72 -57.23 -12.02
CA THR O 139 2.09 -57.98 -10.96
C THR O 139 0.77 -57.43 -10.42
N ILE O 140 0.83 -56.16 -10.02
CA ILE O 140 -0.36 -55.48 -9.54
C ILE O 140 -1.52 -55.45 -10.53
N ALA O 141 -1.21 -55.18 -11.79
CA ALA O 141 -2.15 -55.14 -12.89
C ALA O 141 -2.86 -56.47 -13.14
N ALA O 142 -2.00 -57.49 -12.98
CA ALA O 142 -2.37 -58.87 -13.14
C ALA O 142 -3.32 -59.39 -12.08
N ARG O 143 -3.01 -58.91 -10.88
CA ARG O 143 -3.79 -59.13 -9.68
C ARG O 143 -5.20 -58.61 -9.82
N MET O 144 -5.23 -57.35 -10.26
CA MET O 144 -6.43 -56.63 -10.62
C MET O 144 -7.28 -57.29 -11.70
N ARG O 145 -6.56 -57.64 -12.76
CA ARG O 145 -7.30 -58.44 -13.71
C ARG O 145 -7.80 -59.86 -13.48
N ASP O 146 -7.14 -60.34 -12.41
CA ASP O 146 -7.68 -61.54 -11.80
C ASP O 146 -8.91 -61.45 -10.89
N VAL O 147 -9.03 -60.26 -10.31
CA VAL O 147 -10.12 -59.93 -9.41
C VAL O 147 -11.37 -59.36 -10.06
N ALA O 148 -11.20 -58.98 -11.34
CA ALA O 148 -12.23 -58.28 -12.08
C ALA O 148 -13.63 -58.86 -12.19
N LEU O 149 -13.61 -60.19 -12.10
CA LEU O 149 -14.81 -60.99 -11.97
C LEU O 149 -15.39 -61.00 -10.56
N TRP O 150 -14.45 -60.99 -9.62
CA TRP O 150 -14.77 -61.08 -8.21
C TRP O 150 -15.46 -59.81 -7.75
N GLN O 151 -14.82 -58.69 -8.10
CA GLN O 151 -15.29 -57.36 -7.78
C GLN O 151 -16.77 -57.19 -8.14
N LYS O 152 -17.04 -57.53 -9.40
CA LYS O 152 -18.37 -57.49 -9.99
C LYS O 152 -19.40 -58.26 -9.19
N HIS O 153 -19.03 -59.52 -8.97
CA HIS O 153 -19.84 -60.45 -8.20
C HIS O 153 -20.13 -59.94 -6.79
N LEU O 154 -19.09 -59.47 -6.10
CA LEU O 154 -19.22 -58.83 -4.81
C LEU O 154 -20.21 -57.67 -4.68
N ASP O 155 -20.07 -56.77 -5.67
CA ASP O 155 -21.00 -55.72 -6.01
C ASP O 155 -22.47 -56.06 -6.22
N THR O 156 -22.63 -57.19 -6.90
CA THR O 156 -23.99 -57.60 -7.18
C THR O 156 -24.83 -57.91 -5.96
N ALA O 157 -24.16 -58.67 -5.09
CA ALA O 157 -24.63 -59.04 -3.77
C ALA O 157 -25.11 -57.86 -2.95
N MET O 158 -24.14 -56.94 -2.89
CA MET O 158 -24.23 -55.66 -2.21
C MET O 158 -25.26 -54.67 -2.71
N THR O 159 -25.64 -54.94 -3.97
CA THR O 159 -26.85 -54.30 -4.41
C THR O 159 -28.20 -55.01 -4.49
N MET O 160 -28.14 -56.32 -4.75
CA MET O 160 -29.28 -57.20 -4.72
C MET O 160 -30.24 -57.32 -3.55
N LEU O 161 -29.74 -56.87 -2.40
CA LEU O 161 -30.36 -56.21 -1.27
C LEU O 161 -29.47 -55.26 -0.50
N THR O 162 -29.20 -54.12 -1.14
CA THR O 162 -28.27 -53.11 -0.69
C THR O 162 -28.12 -52.63 0.74
N PRO O 163 -27.03 -53.09 1.37
CA PRO O 163 -26.64 -52.70 2.72
C PRO O 163 -26.14 -51.28 2.94
N ASP O 164 -26.77 -50.33 2.26
CA ASP O 164 -26.20 -49.01 2.27
C ASP O 164 -27.11 -47.95 2.90
N ILE O 165 -26.82 -47.66 4.17
CA ILE O 165 -27.60 -46.60 4.79
C ILE O 165 -26.60 -45.50 5.09
N SER O 166 -26.74 -44.63 4.09
CA SER O 166 -26.09 -43.34 3.93
C SER O 166 -26.37 -42.29 5.00
N ALA O 167 -27.48 -42.56 5.70
CA ALA O 167 -28.01 -41.68 6.72
C ALA O 167 -28.70 -42.37 7.90
N GLY O 168 -27.90 -42.31 8.98
CA GLY O 168 -28.27 -42.96 10.22
C GLY O 168 -27.85 -44.42 10.39
N SER O 169 -28.92 -45.20 10.53
CA SER O 169 -28.81 -46.59 10.90
C SER O 169 -30.07 -47.39 10.61
N ALA O 170 -29.77 -48.57 10.03
CA ALA O 170 -30.72 -49.63 9.78
C ALA O 170 -30.27 -50.93 10.42
N SER O 171 -31.25 -51.76 10.79
CA SER O 171 -31.05 -53.11 11.25
C SER O 171 -32.16 -54.11 10.94
N CYS O 172 -31.77 -55.31 10.53
CA CYS O 172 -32.67 -56.40 10.21
C CYS O 172 -31.95 -57.74 10.34
N ASN O 173 -32.64 -58.86 10.54
CA ASN O 173 -32.07 -60.19 10.62
C ASN O 173 -31.19 -60.55 9.43
N TRP O 174 -29.87 -60.63 9.65
CA TRP O 174 -28.93 -60.97 8.60
C TRP O 174 -29.14 -62.35 7.99
N LYS O 175 -29.52 -63.23 8.94
CA LYS O 175 -29.99 -64.56 8.64
C LYS O 175 -31.12 -64.73 7.63
N SER O 176 -32.17 -63.98 7.95
CA SER O 176 -33.29 -63.69 7.08
C SER O 176 -33.00 -63.21 5.67
N LEU O 177 -32.15 -62.18 5.62
CA LEU O 177 -31.54 -61.58 4.45
C LEU O 177 -30.70 -62.55 3.62
N LEU O 178 -29.72 -63.10 4.33
CA LEU O 178 -28.88 -64.16 3.81
C LEU O 178 -29.53 -65.38 3.17
N ALA O 179 -30.58 -65.86 3.86
CA ALA O 179 -31.28 -67.00 3.34
C ALA O 179 -32.17 -66.69 2.15
N PHE O 180 -32.80 -65.51 2.15
CA PHE O 180 -33.53 -65.07 0.99
C PHE O 180 -32.65 -64.79 -0.22
N ALA O 181 -31.48 -64.21 0.02
CA ALA O 181 -30.39 -64.10 -0.94
C ALA O 181 -30.10 -65.42 -1.64
N LYS O 182 -29.86 -66.43 -0.79
CA LYS O 182 -29.52 -67.71 -1.36
C LYS O 182 -30.60 -68.58 -1.98
N ASP O 183 -31.82 -68.11 -1.72
CA ASP O 183 -33.07 -68.57 -2.29
C ASP O 183 -33.54 -67.89 -3.58
N ILE O 184 -32.99 -66.68 -3.66
CA ILE O 184 -33.32 -65.86 -4.82
C ILE O 184 -32.07 -65.91 -5.69
N LEU O 185 -30.79 -65.77 -5.35
CA LEU O 185 -29.63 -65.53 -6.20
C LEU O 185 -29.34 -66.50 -7.34
N PRO O 186 -28.86 -65.96 -8.45
CA PRO O 186 -28.55 -66.84 -9.56
C PRO O 186 -27.42 -67.79 -9.22
N LEU O 187 -27.80 -69.03 -9.52
CA LEU O 187 -26.87 -70.14 -9.46
C LEU O 187 -25.51 -70.00 -10.11
N ASP O 188 -25.54 -69.40 -11.30
CA ASP O 188 -24.32 -69.08 -12.00
C ASP O 188 -23.28 -68.12 -11.42
N ASN O 189 -23.70 -67.40 -10.39
CA ASN O 189 -22.82 -66.54 -9.61
C ASN O 189 -21.67 -67.24 -8.91
N LEU O 190 -20.55 -66.51 -8.94
CA LEU O 190 -19.40 -66.84 -8.13
C LEU O 190 -19.53 -66.82 -6.62
N CYS O 191 -20.50 -65.99 -6.23
CA CYS O 191 -21.00 -65.93 -4.88
C CYS O 191 -21.59 -67.21 -4.28
N LEU O 192 -22.26 -67.94 -5.18
CA LEU O 192 -22.70 -69.25 -4.73
C LEU O 192 -21.73 -70.41 -4.67
N THR O 193 -20.65 -70.32 -5.44
CA THR O 193 -19.51 -71.21 -5.32
C THR O 193 -18.62 -70.86 -4.13
N TYR O 194 -18.41 -69.55 -3.96
CA TYR O 194 -17.49 -69.08 -2.95
C TYR O 194 -18.08 -68.37 -1.74
N PRO O 195 -19.16 -68.88 -1.15
CA PRO O 195 -19.92 -68.12 -0.18
C PRO O 195 -19.16 -67.47 0.97
N ASN O 196 -18.41 -68.41 1.57
CA ASN O 196 -17.45 -68.33 2.65
C ASN O 196 -16.36 -67.29 2.46
N GLU O 197 -15.65 -67.34 1.32
CA GLU O 197 -14.77 -66.25 0.97
C GLU O 197 -15.41 -64.89 0.80
N PHE O 198 -16.47 -64.80 0.01
CA PHE O 198 -17.10 -63.54 -0.35
C PHE O 198 -17.59 -62.72 0.83
N TYR O 199 -18.23 -63.48 1.72
CA TYR O 199 -18.69 -63.03 3.02
C TYR O 199 -17.61 -62.51 3.97
N ASN O 200 -16.53 -63.30 4.08
CA ASN O 200 -15.30 -62.92 4.75
C ASN O 200 -14.73 -61.59 4.30
N VAL O 201 -14.57 -61.52 2.96
CA VAL O 201 -14.18 -60.29 2.31
C VAL O 201 -15.12 -59.12 2.58
N ALA O 202 -16.38 -59.37 2.26
CA ALA O 202 -17.41 -58.43 2.67
C ALA O 202 -17.35 -57.85 4.08
N ILE O 203 -17.23 -58.81 5.01
CA ILE O 203 -17.00 -58.45 6.39
C ILE O 203 -15.74 -57.62 6.62
N HIS O 204 -14.69 -57.91 5.84
CA HIS O 204 -13.43 -57.21 5.94
C HIS O 204 -13.40 -55.79 5.39
N ARG O 205 -14.33 -55.55 4.47
CA ARG O 205 -14.56 -54.27 3.83
C ARG O 205 -15.65 -53.37 4.42
N TYR O 206 -16.71 -54.08 4.81
CA TYR O 206 -17.92 -53.50 5.36
C TYR O 206 -17.96 -53.72 6.86
N PRO O 207 -17.42 -52.83 7.69
CA PRO O 207 -17.47 -52.84 9.14
C PRO O 207 -18.91 -52.91 9.64
N ALA O 208 -19.80 -52.41 8.79
CA ALA O 208 -21.24 -52.54 8.89
C ALA O 208 -21.94 -53.89 9.00
N LEU O 209 -21.11 -54.92 8.79
CA LEU O 209 -21.46 -56.32 8.73
C LEU O 209 -20.58 -57.18 9.63
N LYS O 210 -21.22 -58.15 10.30
CA LYS O 210 -20.53 -59.06 11.18
C LYS O 210 -20.51 -60.54 10.79
N PRO O 211 -19.47 -61.31 11.09
CA PRO O 211 -19.52 -62.74 10.83
C PRO O 211 -20.64 -63.54 11.51
N GLY O 212 -21.21 -64.47 10.76
CA GLY O 212 -22.04 -65.53 11.29
C GLY O 212 -22.15 -65.87 12.77
N ASN O 213 -21.49 -66.98 13.10
CA ASN O 213 -21.35 -67.51 14.44
C ASN O 213 -20.01 -67.82 15.10
N PRO O 214 -18.94 -67.18 14.63
CA PRO O 214 -17.60 -67.68 14.89
C PRO O 214 -17.19 -68.06 16.30
N ASP O 215 -17.54 -67.15 17.21
CA ASP O 215 -17.89 -67.38 18.60
C ASP O 215 -19.22 -66.68 18.88
N THR O 216 -20.32 -67.45 18.86
CA THR O 216 -21.63 -66.86 19.09
C THR O 216 -21.73 -65.98 20.31
N LYS O 217 -20.81 -66.22 21.25
CA LYS O 217 -20.33 -65.36 22.31
C LYS O 217 -20.12 -63.87 22.03
N LEU O 218 -19.22 -63.84 21.05
CA LEU O 218 -18.72 -62.68 20.33
C LEU O 218 -18.61 -62.83 18.83
N PRO O 219 -19.73 -62.55 18.15
CA PRO O 219 -19.69 -62.42 16.71
C PRO O 219 -19.37 -61.01 16.25
N ASP O 220 -19.70 -60.05 17.12
CA ASP O 220 -19.67 -58.62 16.87
C ASP O 220 -18.44 -57.97 17.48
N ALA O 221 -18.00 -56.92 16.79
CA ALA O 221 -16.91 -56.07 17.21
C ALA O 221 -17.08 -54.62 16.82
N GLN O 222 -16.32 -53.74 17.47
CA GLN O 222 -16.25 -52.33 17.12
C GLN O 222 -15.08 -51.77 16.34
N ALA O 223 -14.03 -52.56 16.53
CA ALA O 223 -12.83 -52.51 15.70
C ALA O 223 -12.83 -53.53 14.56
N HIS O 224 -12.66 -52.92 13.38
CA HIS O 224 -12.79 -53.58 12.11
C HIS O 224 -11.44 -53.35 11.44
N PRO O 225 -11.28 -53.26 10.13
CA PRO O 225 -9.94 -52.91 9.71
C PRO O 225 -9.69 -51.40 9.73
N LEU O 226 -8.93 -50.91 8.75
CA LEU O 226 -8.68 -49.49 8.61
C LEU O 226 -9.86 -48.65 8.18
N GLY O 227 -10.55 -49.10 7.13
CA GLY O 227 -11.78 -48.51 6.64
C GLY O 227 -12.36 -47.30 7.34
N GLU O 228 -13.00 -47.57 8.48
CA GLU O 228 -13.41 -46.63 9.49
C GLU O 228 -13.14 -45.14 9.36
N VAL O 229 -11.83 -44.87 9.32
CA VAL O 229 -11.26 -43.57 9.09
C VAL O 229 -11.93 -42.81 7.95
N ALA O 230 -11.74 -43.34 6.74
CA ALA O 230 -12.43 -42.83 5.59
C ALA O 230 -13.95 -42.68 5.63
N GLY O 231 -14.51 -43.58 6.43
CA GLY O 231 -15.95 -43.58 6.62
C GLY O 231 -16.55 -42.41 7.41
N ALA O 232 -15.83 -42.08 8.49
CA ALA O 232 -16.16 -40.92 9.29
C ALA O 232 -16.32 -39.54 8.66
N PHE O 233 -15.46 -39.39 7.66
CA PHE O 233 -15.62 -38.33 6.69
C PHE O 233 -16.74 -38.22 5.66
N ASN O 234 -17.22 -39.41 5.29
CA ASN O 234 -18.48 -39.47 4.58
C ASN O 234 -19.77 -39.44 5.40
N ALA O 235 -19.66 -39.58 6.73
CA ALA O 235 -20.81 -39.55 7.61
C ALA O 235 -21.29 -38.19 8.11
N ALA O 236 -22.60 -38.04 7.85
CA ALA O 236 -23.30 -36.83 8.20
C ALA O 236 -23.24 -36.34 9.64
N THR O 237 -22.91 -35.05 9.78
CA THR O 237 -22.68 -34.39 11.05
C THR O 237 -23.87 -33.47 11.31
N SER O 238 -23.93 -32.96 12.54
CA SER O 238 -24.79 -31.89 13.03
C SER O 238 -25.10 -30.58 12.31
N GLU O 239 -24.07 -30.20 11.56
CA GLU O 239 -24.17 -29.02 10.72
C GLU O 239 -23.94 -29.13 9.22
N VAL O 240 -23.15 -30.13 8.85
CA VAL O 240 -22.98 -30.57 7.48
C VAL O 240 -23.39 -31.99 7.10
N GLY O 241 -23.94 -32.15 5.90
CA GLY O 241 -23.99 -33.39 5.15
C GLY O 241 -22.60 -34.03 5.06
N SER O 242 -21.93 -33.84 3.92
CA SER O 242 -20.64 -34.49 3.75
C SER O 242 -19.50 -33.47 3.65
N LEU O 243 -18.52 -33.67 4.52
CA LEU O 243 -17.27 -32.96 4.54
C LEU O 243 -16.41 -32.95 3.28
N VAL O 244 -16.22 -34.17 2.77
CA VAL O 244 -15.65 -34.32 1.44
C VAL O 244 -16.36 -33.60 0.31
N GLY O 245 -17.69 -33.73 0.41
CA GLY O 245 -18.59 -33.10 -0.53
C GLY O 245 -18.36 -31.63 -0.82
N SER O 246 -18.73 -30.91 0.23
CA SER O 246 -18.65 -29.46 0.29
C SER O 246 -17.26 -28.92 0.00
N SER O 247 -16.25 -29.66 0.44
CA SER O 247 -14.85 -29.38 0.17
C SER O 247 -14.48 -29.48 -1.30
N SER O 248 -14.80 -30.61 -1.93
CA SER O 248 -14.72 -30.86 -3.35
C SER O 248 -15.45 -29.85 -4.23
N THR O 249 -16.73 -29.68 -3.90
CA THR O 249 -17.70 -28.83 -4.55
C THR O 249 -17.00 -27.48 -4.66
N LEU O 250 -16.72 -26.90 -3.50
CA LEU O 250 -16.11 -25.59 -3.45
C LEU O 250 -14.82 -25.46 -4.24
N SER O 251 -13.99 -26.49 -4.11
CA SER O 251 -12.73 -26.55 -4.84
C SER O 251 -12.92 -26.56 -6.35
N GLN O 252 -13.88 -27.30 -6.91
CA GLN O 252 -14.30 -27.22 -8.30
C GLN O 252 -14.75 -25.86 -8.80
N ALA O 253 -15.48 -25.16 -7.93
CA ALA O 253 -15.83 -23.76 -8.13
C ALA O 253 -14.68 -22.77 -8.25
N ILE O 254 -13.78 -22.78 -7.26
CA ILE O 254 -12.48 -22.14 -7.34
C ILE O 254 -11.81 -22.40 -8.68
N SER O 255 -11.56 -23.69 -8.94
CA SER O 255 -10.76 -23.95 -10.11
C SER O 255 -11.26 -23.55 -11.49
N THR O 256 -12.59 -23.58 -11.58
CA THR O 256 -13.29 -22.90 -12.65
C THR O 256 -13.13 -21.38 -12.65
N MET O 257 -13.17 -20.74 -11.47
CA MET O 257 -12.80 -19.35 -11.40
C MET O 257 -11.40 -18.99 -11.87
N ALA O 258 -10.50 -19.88 -11.48
CA ALA O 258 -9.10 -19.92 -11.86
C ALA O 258 -8.70 -19.94 -13.33
N GLY O 259 -9.48 -20.84 -13.96
CA GLY O 259 -9.44 -21.03 -15.38
C GLY O 259 -10.09 -19.94 -16.23
N LYS O 260 -11.10 -19.30 -15.64
CA LYS O 260 -11.66 -18.12 -16.25
C LYS O 260 -10.78 -16.87 -16.23
N ASP O 261 -9.90 -16.90 -15.23
CA ASP O 261 -8.98 -15.88 -14.76
C ASP O 261 -9.52 -14.51 -14.37
N LEU O 262 -10.78 -14.55 -13.94
CA LEU O 262 -11.56 -13.40 -13.52
C LEU O 262 -11.68 -12.12 -14.33
N ASP O 263 -10.46 -11.55 -14.42
CA ASP O 263 -10.05 -10.31 -15.04
C ASP O 263 -10.80 -10.06 -16.34
N LEU O 264 -10.94 -11.13 -17.12
CA LEU O 264 -11.84 -11.14 -18.26
C LEU O 264 -12.97 -10.13 -18.48
N ILE O 265 -13.79 -9.92 -17.46
CA ILE O 265 -14.85 -8.93 -17.44
C ILE O 265 -14.42 -7.47 -17.43
N GLU O 266 -13.24 -7.15 -16.87
CA GLU O 266 -12.81 -5.79 -16.63
C GLU O 266 -11.93 -5.24 -17.75
N ALA O 267 -12.62 -5.31 -18.89
CA ALA O 267 -11.90 -5.03 -20.11
C ALA O 267 -12.66 -4.06 -21.01
N ASP O 268 -12.15 -2.82 -20.96
CA ASP O 268 -12.58 -1.73 -21.81
C ASP O 268 -11.91 -1.54 -23.17
N THR O 269 -10.58 -1.57 -23.03
CA THR O 269 -9.60 -1.25 -24.05
C THR O 269 -8.99 -2.60 -24.42
N PRO O 270 -8.64 -2.84 -25.69
CA PRO O 270 -8.33 -4.11 -26.30
C PRO O 270 -7.75 -5.30 -25.56
N LEU O 271 -8.61 -6.29 -25.29
CA LEU O 271 -8.20 -7.60 -24.82
C LEU O 271 -8.30 -8.66 -25.91
N PRO O 272 -7.13 -9.27 -26.12
CA PRO O 272 -6.97 -10.11 -27.28
C PRO O 272 -7.80 -11.37 -27.49
N VAL O 273 -8.49 -11.39 -28.64
CA VAL O 273 -9.39 -12.43 -29.05
C VAL O 273 -9.23 -13.88 -28.58
N SER O 274 -8.00 -14.24 -28.94
CA SER O 274 -7.45 -15.55 -28.65
C SER O 274 -7.48 -16.07 -27.22
N VAL O 275 -7.20 -15.06 -26.38
CA VAL O 275 -7.25 -15.07 -24.93
C VAL O 275 -8.64 -15.16 -24.32
N PHE O 276 -9.51 -14.27 -24.82
CA PHE O 276 -10.88 -14.26 -24.37
C PHE O 276 -11.71 -15.39 -24.98
N THR O 277 -11.61 -15.73 -26.27
CA THR O 277 -12.48 -16.65 -26.96
C THR O 277 -12.06 -18.10 -26.73
N PRO O 278 -12.92 -18.98 -26.22
CA PRO O 278 -12.64 -20.40 -26.36
C PRO O 278 -13.11 -20.93 -27.71
N SER O 279 -13.89 -22.00 -27.66
CA SER O 279 -14.55 -22.65 -28.78
C SER O 279 -15.95 -22.19 -29.14
N LEU O 280 -16.04 -21.99 -30.46
CA LEU O 280 -17.25 -21.46 -31.06
C LEU O 280 -18.14 -22.36 -31.91
N ALA O 281 -19.46 -22.15 -31.84
CA ALA O 281 -20.42 -22.84 -32.66
C ALA O 281 -21.24 -22.07 -33.69
N PRO O 282 -21.70 -22.64 -34.80
CA PRO O 282 -22.64 -22.02 -35.73
C PRO O 282 -23.91 -21.51 -35.07
N ARG O 283 -24.58 -20.52 -35.66
CA ARG O 283 -25.90 -20.08 -35.24
C ARG O 283 -26.87 -19.98 -36.40
N SER O 284 -28.15 -19.92 -36.05
CA SER O 284 -29.26 -19.99 -36.98
C SER O 284 -30.09 -18.71 -36.96
N TYR O 285 -30.23 -18.04 -38.10
CA TYR O 285 -30.97 -16.80 -38.20
C TYR O 285 -32.03 -16.91 -39.30
N ARG O 286 -33.01 -16.01 -39.21
CA ARG O 286 -34.01 -15.92 -40.26
C ARG O 286 -33.98 -14.68 -41.13
N PRO O 287 -34.26 -14.86 -42.42
CA PRO O 287 -34.75 -13.77 -43.22
C PRO O 287 -36.08 -13.17 -42.76
N ALA O 288 -37.15 -13.76 -43.30
CA ALA O 288 -38.46 -13.63 -42.71
C ALA O 288 -38.82 -12.26 -42.15
N PHE O 289 -38.73 -12.22 -40.81
CA PHE O 289 -39.12 -11.03 -40.08
C PHE O 289 -37.96 -10.51 -39.23
N ILE O 290 -36.72 -10.66 -39.71
CA ILE O 290 -35.61 -10.02 -39.02
C ILE O 290 -35.63 -8.51 -39.20
N LYS O 291 -34.87 -7.75 -38.42
CA LYS O 291 -35.07 -6.31 -38.54
C LYS O 291 -33.88 -5.54 -39.08
N PRO O 292 -34.04 -5.16 -40.35
CA PRO O 292 -32.99 -4.42 -41.01
C PRO O 292 -32.20 -3.33 -40.27
N GLU O 293 -32.95 -2.61 -39.43
CA GLU O 293 -32.41 -1.60 -38.55
C GLU O 293 -31.37 -2.12 -37.57
N ASP O 294 -31.61 -3.31 -37.03
CA ASP O 294 -30.78 -3.86 -35.97
C ASP O 294 -29.64 -4.77 -36.41
N ALA O 295 -29.90 -5.38 -37.56
CA ALA O 295 -29.10 -6.50 -38.05
C ALA O 295 -27.99 -6.10 -39.00
N LYS O 296 -26.85 -5.78 -38.39
CA LYS O 296 -25.66 -5.44 -39.14
C LYS O 296 -25.33 -6.09 -40.48
N TRP O 297 -25.12 -7.41 -40.46
CA TRP O 297 -24.97 -8.24 -41.65
C TRP O 297 -26.14 -8.67 -42.51
N ILE O 298 -27.35 -8.26 -42.13
CA ILE O 298 -28.61 -8.60 -42.77
C ILE O 298 -29.73 -7.59 -42.62
N ALA O 299 -29.91 -6.86 -43.71
CA ALA O 299 -30.86 -5.79 -43.97
C ALA O 299 -31.79 -6.15 -45.11
N GLU O 300 -32.60 -5.21 -45.60
CA GLU O 300 -33.47 -5.40 -46.74
C GLU O 300 -33.41 -4.30 -47.79
N PHE O 301 -33.59 -4.66 -49.06
CA PHE O 301 -34.11 -3.79 -50.09
C PHE O 301 -35.53 -3.31 -49.82
N ASN O 302 -35.78 -2.08 -50.26
CA ASN O 302 -36.97 -1.31 -49.95
C ASN O 302 -38.02 -1.26 -51.05
N ASN O 303 -39.30 -1.33 -50.68
CA ASN O 303 -40.38 -1.35 -51.65
C ASN O 303 -40.29 -0.12 -52.55
N SER O 304 -40.67 -0.39 -53.80
CA SER O 304 -40.50 0.45 -54.97
C SER O 304 -39.14 0.44 -55.65
N SER O 305 -39.16 -0.19 -56.83
CA SER O 305 -38.18 -0.13 -57.90
C SER O 305 -38.55 -0.82 -59.20
N LEU O 306 -38.54 -2.14 -58.99
CA LEU O 306 -39.03 -3.27 -59.76
C LEU O 306 -38.01 -3.78 -60.76
N ILE O 307 -37.17 -4.68 -60.24
CA ILE O 307 -36.30 -5.33 -61.20
C ILE O 307 -36.84 -6.75 -61.29
N ARG O 308 -37.65 -6.82 -62.36
CA ARG O 308 -38.37 -8.03 -62.71
C ARG O 308 -37.61 -9.03 -63.58
N LYS O 309 -37.63 -8.87 -64.90
CA LYS O 309 -36.94 -9.86 -65.72
C LYS O 309 -35.44 -9.67 -65.91
N THR O 310 -34.79 -10.65 -65.29
CA THR O 310 -33.37 -10.88 -65.44
C THR O 310 -33.00 -12.24 -66.01
N LEU O 311 -32.20 -12.29 -67.08
CA LEU O 311 -31.60 -13.51 -67.57
C LEU O 311 -30.77 -14.15 -66.46
N THR O 312 -31.08 -15.42 -66.22
CA THR O 312 -30.48 -16.27 -65.21
C THR O 312 -29.52 -17.38 -65.58
N TYR O 313 -29.75 -17.89 -66.80
CA TYR O 313 -29.05 -18.97 -67.46
C TYR O 313 -29.07 -18.73 -68.96
N SER O 314 -28.47 -19.72 -69.63
CA SER O 314 -28.35 -19.68 -71.07
C SER O 314 -29.75 -19.68 -71.66
N GLY O 315 -30.01 -18.45 -72.09
CA GLY O 315 -31.24 -18.04 -72.75
C GLY O 315 -32.55 -18.39 -72.06
N ALA O 316 -32.40 -18.28 -70.75
CA ALA O 316 -33.36 -18.76 -69.76
C ALA O 316 -33.50 -17.64 -68.74
N THR O 317 -34.74 -17.44 -68.27
CA THR O 317 -35.15 -16.27 -67.53
C THR O 317 -35.99 -16.51 -66.28
N TYR O 318 -35.71 -15.73 -65.24
CA TYR O 318 -36.41 -15.61 -63.98
C TYR O 318 -36.70 -14.18 -63.54
N THR O 319 -37.92 -14.03 -63.03
CA THR O 319 -38.21 -12.73 -62.45
C THR O 319 -37.84 -12.61 -60.99
N VAL O 320 -36.69 -11.95 -60.80
CA VAL O 320 -36.37 -11.70 -59.41
C VAL O 320 -37.26 -10.70 -58.69
N GLN O 321 -37.86 -9.88 -59.55
CA GLN O 321 -39.06 -9.09 -59.34
C GLN O 321 -39.12 -8.06 -58.22
N LEU O 322 -37.93 -7.52 -57.94
CA LEU O 322 -37.47 -6.68 -56.86
C LEU O 322 -38.33 -5.49 -56.48
N GLY O 323 -39.02 -5.64 -55.35
CA GLY O 323 -39.87 -4.62 -54.79
C GLY O 323 -40.27 -4.76 -53.33
N PRO O 324 -41.53 -5.06 -53.00
CA PRO O 324 -42.04 -5.10 -51.65
C PRO O 324 -41.40 -6.18 -50.79
N GLY O 325 -40.36 -5.91 -50.00
CA GLY O 325 -39.67 -6.70 -49.00
C GLY O 325 -39.04 -8.01 -49.45
N PRO O 326 -38.37 -7.94 -50.60
CA PRO O 326 -37.80 -9.11 -51.23
C PRO O 326 -36.75 -9.87 -50.44
N THR O 327 -37.28 -10.82 -49.68
CA THR O 327 -36.58 -11.68 -48.75
C THR O 327 -35.67 -10.86 -47.84
N ARG O 328 -34.35 -10.91 -48.00
CA ARG O 328 -33.38 -10.13 -47.25
C ARG O 328 -32.09 -9.99 -48.05
N VAL O 329 -31.38 -8.90 -47.73
CA VAL O 329 -30.08 -8.67 -48.30
C VAL O 329 -28.99 -8.90 -47.26
N ILE O 330 -28.36 -10.03 -47.61
CA ILE O 330 -27.39 -10.50 -46.65
C ILE O 330 -26.09 -9.75 -46.90
N ASP O 331 -25.75 -8.91 -45.93
CA ASP O 331 -24.61 -8.02 -45.99
C ASP O 331 -23.29 -8.60 -45.50
N MET O 332 -22.71 -9.39 -46.41
CA MET O 332 -21.48 -10.13 -46.16
C MET O 332 -20.23 -9.41 -46.66
N ASN O 333 -20.32 -8.08 -46.60
CA ASN O 333 -19.17 -7.22 -46.83
C ASN O 333 -18.23 -6.98 -45.66
N ALA O 334 -17.27 -7.91 -45.70
CA ALA O 334 -16.22 -8.13 -44.74
C ALA O 334 -16.65 -8.32 -43.29
N MET O 335 -17.48 -9.35 -43.26
CA MET O 335 -18.16 -9.80 -42.06
C MET O 335 -17.59 -11.15 -41.62
N ILE O 336 -16.31 -11.12 -41.23
CA ILE O 336 -15.49 -12.29 -40.96
C ILE O 336 -15.55 -13.43 -41.95
N ASP O 337 -15.05 -14.63 -41.66
CA ASP O 337 -15.26 -15.77 -42.54
C ASP O 337 -16.16 -16.88 -42.03
N SER O 338 -17.26 -17.10 -42.75
CA SER O 338 -18.42 -17.94 -42.55
C SER O 338 -18.82 -18.82 -43.72
N VAL O 339 -19.68 -19.80 -43.42
CA VAL O 339 -20.27 -20.59 -44.48
C VAL O 339 -21.79 -20.48 -44.41
N LEU O 340 -22.37 -19.82 -45.42
CA LEU O 340 -23.78 -19.50 -45.42
C LEU O 340 -24.64 -20.73 -45.70
N THR O 341 -24.81 -21.45 -44.58
CA THR O 341 -25.60 -22.66 -44.50
C THR O 341 -27.10 -22.42 -44.52
N LEU O 342 -27.70 -22.36 -45.71
CA LEU O 342 -29.10 -22.05 -45.95
C LEU O 342 -29.88 -23.35 -45.89
N ASP O 343 -30.81 -23.34 -44.93
CA ASP O 343 -31.62 -24.48 -44.57
C ASP O 343 -33.10 -24.16 -44.75
N VAL O 344 -33.42 -24.63 -45.96
CA VAL O 344 -34.74 -24.43 -46.52
C VAL O 344 -35.52 -25.73 -46.37
N SER O 345 -36.67 -25.53 -45.74
CA SER O 345 -37.69 -26.57 -45.73
C SER O 345 -39.05 -25.93 -45.50
N GLY O 346 -40.19 -26.48 -45.91
CA GLY O 346 -41.51 -25.90 -45.84
C GLY O 346 -41.87 -25.05 -47.05
N THR O 347 -41.17 -23.92 -47.01
CA THR O 347 -41.25 -22.91 -48.05
C THR O 347 -40.85 -23.31 -49.46
N ILE O 348 -41.93 -23.39 -50.24
CA ILE O 348 -41.75 -23.31 -51.67
C ILE O 348 -42.62 -22.29 -52.38
N LEU O 349 -43.87 -22.30 -51.93
CA LEU O 349 -44.93 -21.44 -52.43
C LEU O 349 -44.90 -21.29 -53.94
N PRO O 350 -45.52 -22.20 -54.70
CA PRO O 350 -45.49 -22.20 -56.14
C PRO O 350 -45.97 -20.92 -56.82
N TYR O 351 -45.32 -20.58 -57.95
CA TYR O 351 -45.70 -19.38 -58.68
C TYR O 351 -47.20 -19.23 -58.87
N ASP O 352 -47.73 -18.19 -58.22
CA ASP O 352 -49.04 -17.62 -58.40
C ASP O 352 -50.00 -18.42 -59.27
N THR O 353 -49.87 -18.32 -60.59
CA THR O 353 -50.42 -19.37 -61.43
C THR O 353 -49.79 -19.49 -62.81
N ASN O 354 -48.53 -19.94 -62.75
CA ASN O 354 -47.59 -20.15 -63.82
C ASN O 354 -47.33 -21.64 -63.99
N PRO O 355 -47.37 -22.19 -65.19
CA PRO O 355 -46.85 -23.50 -65.53
C PRO O 355 -45.33 -23.61 -65.51
N ASP O 356 -44.83 -22.82 -64.56
CA ASP O 356 -43.42 -22.76 -64.24
C ASP O 356 -43.13 -23.23 -62.83
N LEU O 357 -43.91 -24.30 -62.59
CA LEU O 357 -44.05 -24.93 -61.31
C LEU O 357 -42.93 -25.94 -61.07
N SER O 358 -42.77 -26.75 -62.11
CA SER O 358 -41.53 -27.39 -62.51
C SER O 358 -40.54 -26.35 -62.98
N THR O 359 -39.27 -26.54 -62.62
CA THR O 359 -38.07 -25.77 -62.86
C THR O 359 -37.68 -24.61 -61.97
N SER O 360 -38.47 -24.52 -60.90
CA SER O 360 -38.20 -23.59 -59.83
C SER O 360 -37.72 -23.97 -58.43
N VAL O 361 -36.47 -23.54 -58.26
CA VAL O 361 -35.68 -23.88 -57.08
C VAL O 361 -35.44 -22.79 -56.04
N PRO O 362 -35.39 -23.26 -54.79
CA PRO O 362 -34.79 -22.50 -53.72
C PRO O 362 -33.30 -22.32 -53.97
N ALA O 363 -32.98 -21.04 -54.14
CA ALA O 363 -31.61 -20.59 -54.34
C ALA O 363 -31.15 -19.40 -53.54
N PHE O 364 -29.82 -19.31 -53.48
CA PHE O 364 -29.03 -18.19 -53.01
C PHE O 364 -28.24 -17.55 -54.14
N VAL O 365 -28.37 -16.22 -54.18
CA VAL O 365 -27.66 -15.41 -55.14
C VAL O 365 -26.85 -14.33 -54.43
N LEU O 366 -25.53 -14.26 -54.63
CA LEU O 366 -24.76 -13.17 -54.10
C LEU O 366 -24.80 -12.03 -55.10
N ILE O 367 -24.88 -10.78 -54.64
CA ILE O 367 -24.83 -9.60 -55.47
C ILE O 367 -23.60 -8.75 -55.20
N GLN O 368 -22.84 -8.52 -56.28
CA GLN O 368 -21.49 -8.00 -56.25
C GLN O 368 -21.22 -6.71 -57.01
N THR O 369 -21.69 -5.67 -56.34
CA THR O 369 -21.72 -4.34 -56.93
C THR O 369 -21.18 -3.20 -56.07
N SER O 370 -20.43 -2.31 -56.71
CA SER O 370 -20.06 -1.03 -56.14
C SER O 370 -21.14 0.05 -56.11
N VAL O 371 -22.36 -0.42 -56.42
CA VAL O 371 -23.55 0.39 -56.34
C VAL O 371 -24.39 -0.07 -55.16
N PRO O 372 -24.36 0.72 -54.09
CA PRO O 372 -25.07 0.44 -52.85
C PRO O 372 -26.57 0.21 -53.09
N ILE O 373 -26.99 -0.97 -52.63
CA ILE O 373 -28.36 -1.41 -52.71
C ILE O 373 -29.52 -0.44 -52.89
N GLN O 374 -29.53 0.66 -52.13
CA GLN O 374 -30.52 1.68 -52.38
C GLN O 374 -30.53 2.45 -53.69
N GLN O 375 -29.38 2.31 -54.35
CA GLN O 375 -29.23 2.83 -55.69
C GLN O 375 -29.61 1.88 -56.82
N VAL O 376 -29.85 0.63 -56.44
CA VAL O 376 -30.05 -0.42 -57.42
C VAL O 376 -31.48 -0.57 -57.96
N THR O 377 -31.69 0.24 -58.99
CA THR O 377 -33.01 0.36 -59.61
C THR O 377 -33.33 -0.30 -60.94
N THR O 378 -32.32 -0.44 -61.80
CA THR O 378 -32.42 -1.19 -63.04
C THR O 378 -31.37 -2.28 -63.10
N ALA O 379 -31.51 -3.16 -64.10
CA ALA O 379 -30.50 -4.14 -64.42
C ALA O 379 -29.08 -3.60 -64.57
N ALA O 380 -29.01 -2.39 -65.10
CA ALA O 380 -27.69 -1.82 -65.29
C ALA O 380 -26.72 -1.75 -64.12
N ASN O 381 -27.35 -1.42 -63.00
CA ASN O 381 -26.81 -1.32 -61.66
C ASN O 381 -26.08 -2.52 -61.08
N ILE O 382 -26.73 -3.67 -61.32
CA ILE O 382 -26.28 -4.85 -60.61
C ILE O 382 -24.81 -5.23 -60.50
N THR O 383 -24.08 -4.90 -61.56
CA THR O 383 -22.73 -5.37 -61.85
C THR O 383 -22.77 -6.88 -62.05
N ALA O 384 -22.76 -7.52 -60.89
CA ALA O 384 -22.88 -8.97 -60.78
C ALA O 384 -24.04 -9.49 -59.97
N ILE O 385 -25.00 -10.14 -60.64
CA ILE O 385 -25.80 -11.16 -59.99
C ILE O 385 -25.27 -12.57 -60.17
N THR O 386 -24.63 -13.15 -59.16
CA THR O 386 -24.15 -14.52 -59.27
C THR O 386 -25.00 -15.41 -58.37
N VAL O 387 -25.72 -16.24 -59.13
CA VAL O 387 -26.34 -17.43 -58.60
C VAL O 387 -25.31 -18.45 -58.12
N VAL O 388 -25.19 -18.52 -56.79
CA VAL O 388 -24.20 -19.31 -56.08
C VAL O 388 -24.73 -20.67 -55.63
N SER O 389 -25.91 -20.52 -55.01
CA SER O 389 -26.42 -21.64 -54.25
C SER O 389 -27.72 -22.25 -54.74
N ALA O 390 -27.59 -23.16 -55.71
CA ALA O 390 -28.74 -23.96 -56.10
C ALA O 390 -28.57 -25.45 -56.36
N ALA O 391 -27.33 -25.84 -56.69
CA ALA O 391 -27.01 -27.14 -57.22
C ALA O 391 -27.73 -27.54 -58.51
N GLY O 392 -28.55 -28.59 -58.55
CA GLY O 392 -29.27 -28.87 -59.78
C GLY O 392 -30.38 -27.85 -59.99
N ALA O 393 -30.01 -26.88 -60.82
CA ALA O 393 -30.89 -25.73 -60.94
C ALA O 393 -31.91 -25.78 -62.07
N SER O 394 -32.86 -26.70 -61.84
CA SER O 394 -34.12 -26.89 -62.53
C SER O 394 -35.27 -26.92 -61.53
N ALA O 395 -35.85 -28.10 -61.31
CA ALA O 395 -36.76 -28.46 -60.24
C ALA O 395 -37.48 -29.80 -60.39
N ILE O 396 -37.96 -30.25 -59.23
CA ILE O 396 -38.86 -31.35 -59.00
C ILE O 396 -39.65 -31.04 -57.73
N ASN O 397 -40.91 -31.46 -57.85
CA ASN O 397 -41.89 -31.39 -56.79
C ASN O 397 -41.56 -32.17 -55.53
N LEU O 398 -40.60 -31.60 -54.80
CA LEU O 398 -40.11 -31.99 -53.48
C LEU O 398 -41.01 -31.63 -52.30
N ALA O 399 -41.94 -30.76 -52.67
CA ALA O 399 -43.07 -30.37 -51.84
C ALA O 399 -44.11 -31.46 -51.66
N ILE O 400 -44.46 -31.60 -50.38
CA ILE O 400 -45.52 -32.52 -50.01
C ILE O 400 -46.87 -32.09 -50.57
N ASN O 401 -46.95 -32.33 -51.89
CA ASN O 401 -48.01 -31.83 -52.73
C ASN O 401 -49.37 -32.49 -52.86
N VAL O 402 -49.32 -33.74 -52.37
CA VAL O 402 -50.43 -34.66 -52.42
C VAL O 402 -51.74 -34.16 -51.83
N ARG O 403 -51.62 -33.44 -50.71
CA ARG O 403 -52.78 -33.09 -49.91
C ARG O 403 -52.92 -31.58 -49.96
N GLY O 404 -52.49 -31.07 -51.12
CA GLY O 404 -52.58 -29.64 -51.30
C GLY O 404 -51.40 -28.84 -50.76
N GLN O 405 -50.62 -29.48 -49.89
CA GLN O 405 -49.55 -28.77 -49.20
C GLN O 405 -48.42 -28.27 -50.10
N PRO O 406 -47.85 -27.08 -49.89
CA PRO O 406 -46.68 -26.68 -50.63
C PRO O 406 -45.56 -26.60 -49.60
N ARG O 407 -45.09 -27.80 -49.27
CA ARG O 407 -44.02 -28.07 -48.34
C ARG O 407 -43.16 -28.72 -49.41
N PHE O 408 -42.17 -27.85 -49.57
CA PHE O 408 -40.77 -28.14 -49.74
C PHE O 408 -39.69 -28.84 -48.92
N ASN O 409 -39.30 -30.00 -49.44
CA ASN O 409 -38.35 -30.93 -48.86
C ASN O 409 -37.18 -30.16 -48.26
N MET O 410 -36.54 -30.68 -47.22
CA MET O 410 -35.36 -30.03 -46.66
C MET O 410 -34.10 -30.02 -47.51
N LEU O 411 -33.86 -28.82 -48.03
CA LEU O 411 -32.56 -28.51 -48.60
C LEU O 411 -31.42 -27.89 -47.78
N HIS O 412 -30.23 -28.38 -48.10
CA HIS O 412 -29.03 -27.83 -47.53
C HIS O 412 -28.23 -27.04 -48.55
N LEU O 413 -28.29 -25.71 -48.59
CA LEU O 413 -27.48 -24.87 -49.45
C LEU O 413 -26.18 -24.40 -48.82
N GLN O 414 -25.10 -24.20 -49.56
CA GLN O 414 -23.82 -23.68 -49.12
C GLN O 414 -23.27 -22.60 -50.04
N ALA O 415 -22.98 -21.50 -49.36
CA ALA O 415 -22.15 -20.44 -49.90
C ALA O 415 -20.90 -20.09 -49.10
N THR O 416 -19.78 -20.71 -49.50
CA THR O 416 -18.50 -20.32 -48.93
C THR O 416 -18.06 -18.87 -48.84
N PHE O 417 -18.72 -18.14 -47.93
CA PHE O 417 -18.36 -16.77 -47.63
C PHE O 417 -16.98 -16.57 -47.03
N GLU O 418 -16.07 -16.49 -48.01
CA GLU O 418 -14.70 -16.03 -47.85
C GLU O 418 -14.46 -14.69 -48.51
N ARG O 419 -14.48 -13.75 -47.56
CA ARG O 419 -14.21 -12.39 -47.97
C ARG O 419 -12.97 -12.05 -48.78
N GLU O 420 -11.98 -12.94 -48.62
CA GLU O 420 -10.79 -12.96 -49.45
C GLU O 420 -11.00 -13.25 -50.92
N THR O 421 -11.99 -14.08 -51.21
CA THR O 421 -12.45 -14.27 -52.57
C THR O 421 -12.75 -13.06 -53.45
N ILE O 422 -13.34 -12.09 -52.73
CA ILE O 422 -13.60 -10.81 -53.34
C ILE O 422 -12.72 -9.67 -52.82
N THR O 423 -12.28 -9.72 -51.56
CA THR O 423 -11.58 -8.68 -50.83
C THR O 423 -12.23 -7.30 -50.79
N GLY O 424 -13.53 -7.24 -50.46
CA GLY O 424 -14.26 -6.00 -50.56
C GLY O 424 -14.36 -5.36 -51.95
N ILE O 425 -14.49 -4.04 -51.87
CA ILE O 425 -14.50 -3.19 -53.04
C ILE O 425 -15.71 -3.12 -53.98
N PRO O 426 -16.19 -4.24 -54.51
CA PRO O 426 -17.57 -4.27 -54.94
C PRO O 426 -18.63 -4.84 -54.01
N TYR O 427 -18.97 -4.03 -53.01
CA TYR O 427 -19.49 -4.50 -51.74
C TYR O 427 -20.48 -5.65 -51.80
N ILE O 428 -20.32 -6.56 -50.83
CA ILE O 428 -20.91 -7.88 -50.93
C ILE O 428 -22.30 -8.02 -50.34
N TYR O 429 -23.20 -8.44 -51.24
CA TYR O 429 -24.58 -8.80 -51.01
C TYR O 429 -25.02 -10.18 -51.48
N GLY O 430 -26.19 -10.60 -50.98
CA GLY O 430 -26.79 -11.87 -51.32
C GLY O 430 -28.28 -11.82 -50.95
N LEU O 431 -28.98 -12.61 -51.76
CA LEU O 431 -30.42 -12.77 -51.64
C LEU O 431 -30.89 -14.21 -51.63
N GLY O 432 -32.14 -14.46 -51.27
CA GLY O 432 -32.76 -15.77 -51.26
C GLY O 432 -33.95 -15.87 -52.20
N THR O 433 -34.07 -16.93 -53.02
CA THR O 433 -35.13 -17.05 -54.00
C THR O 433 -35.28 -18.35 -54.79
N PHE O 434 -36.56 -18.69 -54.96
CA PHE O 434 -37.03 -19.60 -55.98
C PHE O 434 -36.74 -19.24 -57.42
N LEU O 435 -35.50 -19.49 -57.86
CA LEU O 435 -34.94 -19.04 -59.11
C LEU O 435 -35.30 -20.06 -60.19
N ILE O 436 -35.72 -19.62 -61.37
CA ILE O 436 -36.01 -20.46 -62.52
C ILE O 436 -35.19 -20.20 -63.78
N PRO O 437 -34.87 -21.27 -64.49
CA PRO O 437 -34.65 -21.11 -65.92
C PRO O 437 -35.87 -20.83 -66.79
N SER O 438 -36.88 -21.68 -66.57
CA SER O 438 -38.12 -21.50 -67.29
C SER O 438 -38.98 -20.27 -67.04
N PRO O 439 -39.09 -19.47 -68.11
CA PRO O 439 -39.38 -18.06 -67.92
C PRO O 439 -40.66 -17.78 -67.16
N THR O 440 -40.52 -16.86 -66.19
CA THR O 440 -41.63 -16.48 -65.35
C THR O 440 -42.34 -15.17 -65.67
N SER O 441 -43.67 -15.33 -65.68
CA SER O 441 -44.55 -14.24 -66.08
C SER O 441 -44.62 -13.08 -65.09
N SER O 442 -43.74 -12.11 -65.33
CA SER O 442 -43.71 -10.91 -64.52
C SER O 442 -44.99 -10.17 -64.12
N SER O 443 -45.89 -10.09 -65.11
CA SER O 443 -47.23 -9.59 -64.93
C SER O 443 -48.05 -10.42 -63.96
N ASN O 444 -48.03 -11.72 -64.25
CA ASN O 444 -48.51 -12.70 -63.30
C ASN O 444 -47.98 -12.74 -61.88
N PHE O 445 -46.72 -13.16 -61.76
CA PHE O 445 -46.09 -13.25 -60.47
C PHE O 445 -45.44 -11.94 -60.05
N SER O 446 -46.34 -11.00 -59.75
CA SER O 446 -45.99 -9.77 -59.08
C SER O 446 -45.21 -9.77 -57.77
N ASN O 447 -45.34 -10.83 -56.98
CA ASN O 447 -44.43 -10.97 -55.87
C ASN O 447 -42.93 -11.07 -56.14
N PRO O 448 -42.09 -10.20 -55.59
CA PRO O 448 -40.66 -10.17 -55.80
C PRO O 448 -40.01 -11.48 -55.38
N THR O 449 -39.92 -11.77 -54.08
CA THR O 449 -39.73 -13.15 -53.67
C THR O 449 -39.61 -13.64 -52.23
N LEU O 450 -40.27 -14.79 -52.20
CA LEU O 450 -40.63 -15.32 -50.90
C LEU O 450 -40.19 -16.57 -50.15
N MET O 451 -38.92 -16.54 -50.59
CA MET O 451 -38.12 -17.64 -50.08
C MET O 451 -37.60 -17.48 -48.66
N ASP O 452 -38.49 -17.77 -47.71
CA ASP O 452 -38.33 -17.64 -46.28
C ASP O 452 -38.08 -18.82 -45.34
N GLY O 453 -36.84 -19.26 -45.20
CA GLY O 453 -36.50 -20.30 -44.24
C GLY O 453 -35.43 -20.03 -43.20
N LEU O 454 -34.46 -20.94 -43.17
CA LEU O 454 -33.38 -20.66 -42.25
C LEU O 454 -32.05 -20.40 -42.94
N LEU O 455 -31.24 -19.59 -42.25
CA LEU O 455 -29.90 -19.19 -42.62
C LEU O 455 -28.92 -19.36 -41.47
N THR O 456 -28.28 -20.53 -41.48
CA THR O 456 -27.40 -20.95 -40.40
C THR O 456 -25.99 -20.54 -40.76
N VAL O 457 -25.57 -19.38 -40.26
CA VAL O 457 -24.21 -18.90 -40.36
C VAL O 457 -23.30 -19.86 -39.62
N THR O 458 -22.37 -20.42 -40.38
CA THR O 458 -21.20 -21.14 -39.91
C THR O 458 -19.91 -20.35 -39.68
N PRO O 459 -19.69 -19.63 -38.58
CA PRO O 459 -18.48 -18.86 -38.36
C PRO O 459 -17.17 -19.61 -38.17
N VAL O 460 -16.76 -20.10 -39.34
CA VAL O 460 -15.55 -20.87 -39.49
C VAL O 460 -14.25 -20.36 -38.89
N LEU O 461 -14.09 -19.06 -39.12
CA LEU O 461 -12.89 -18.35 -38.72
C LEU O 461 -13.09 -17.91 -37.28
N LEU O 462 -12.76 -18.87 -36.41
CA LEU O 462 -12.55 -18.64 -34.99
C LEU O 462 -11.43 -17.65 -34.71
N ARG O 463 -10.62 -17.36 -35.74
CA ARG O 463 -9.74 -16.21 -35.71
C ARG O 463 -10.24 -14.79 -35.83
N GLU O 464 -10.11 -14.14 -34.68
CA GLU O 464 -10.32 -12.71 -34.56
C GLU O 464 -11.81 -12.45 -34.34
N THR O 465 -12.34 -12.50 -33.11
CA THR O 465 -13.77 -12.30 -32.91
C THR O 465 -14.17 -10.84 -32.93
N THR O 466 -15.27 -10.64 -33.67
CA THR O 466 -15.99 -9.41 -33.93
C THR O 466 -16.65 -8.84 -32.69
N TYR O 467 -16.31 -7.57 -32.45
CA TYR O 467 -17.07 -6.67 -31.61
C TYR O 467 -17.99 -5.73 -32.38
N LYS O 468 -19.22 -6.20 -32.53
CA LYS O 468 -20.31 -5.44 -33.11
C LYS O 468 -20.00 -4.86 -34.48
N GLY O 469 -19.97 -5.78 -35.46
CA GLY O 469 -19.54 -5.44 -36.81
C GLY O 469 -18.08 -5.09 -37.06
N GLU O 470 -17.44 -4.69 -35.97
CA GLU O 470 -16.05 -4.29 -35.98
C GLU O 470 -15.14 -5.50 -35.89
N VAL O 471 -14.64 -6.03 -37.01
CA VAL O 471 -13.65 -7.10 -37.05
C VAL O 471 -12.34 -6.72 -36.39
N VAL O 472 -12.32 -6.98 -35.07
CA VAL O 472 -11.20 -6.68 -34.21
C VAL O 472 -10.49 -7.81 -33.48
N ASP O 473 -9.19 -7.60 -33.28
CA ASP O 473 -8.44 -8.45 -32.38
C ASP O 473 -8.67 -8.32 -30.89
N ALA O 474 -9.80 -7.66 -30.64
CA ALA O 474 -10.17 -7.24 -29.31
C ALA O 474 -11.55 -7.70 -28.85
N ILE O 475 -11.60 -8.21 -27.62
CA ILE O 475 -12.85 -8.45 -26.94
C ILE O 475 -12.84 -7.66 -25.65
N VAL O 476 -13.76 -6.69 -25.72
CA VAL O 476 -13.97 -5.76 -24.62
C VAL O 476 -15.32 -5.77 -23.92
N PRO O 477 -15.44 -6.65 -22.92
CA PRO O 477 -16.67 -6.85 -22.19
C PRO O 477 -17.26 -5.59 -21.57
N ALA O 478 -16.49 -4.93 -20.71
CA ALA O 478 -17.09 -3.79 -20.03
C ALA O 478 -17.72 -2.72 -20.90
N THR O 479 -17.25 -2.50 -22.12
CA THR O 479 -17.83 -1.53 -23.03
C THR O 479 -19.01 -2.09 -23.80
N VAL O 480 -19.10 -3.41 -23.90
CA VAL O 480 -20.27 -4.04 -24.52
C VAL O 480 -21.54 -3.68 -23.78
N MET O 481 -21.44 -3.52 -22.45
CA MET O 481 -22.47 -3.18 -21.48
C MET O 481 -23.33 -2.03 -21.99
N ALA O 482 -24.65 -2.18 -21.82
CA ALA O 482 -25.66 -1.23 -22.21
C ALA O 482 -25.65 -0.74 -23.66
N ASN O 483 -24.98 -1.53 -24.48
CA ASN O 483 -24.97 -1.22 -25.90
C ASN O 483 -25.51 -2.24 -26.88
N GLN O 484 -26.44 -2.99 -26.27
CA GLN O 484 -27.13 -4.11 -26.87
C GLN O 484 -28.56 -4.36 -26.43
N THR O 485 -29.38 -4.33 -27.48
CA THR O 485 -30.79 -4.60 -27.39
C THR O 485 -31.03 -6.09 -27.54
N SER O 486 -32.16 -6.63 -27.11
CA SER O 486 -32.33 -8.07 -27.23
C SER O 486 -32.24 -8.62 -28.65
N GLU O 487 -32.89 -7.80 -29.47
CA GLU O 487 -32.79 -7.91 -30.91
C GLU O 487 -31.41 -7.99 -31.56
N GLU O 488 -30.54 -7.15 -31.01
CA GLU O 488 -29.18 -7.04 -31.49
C GLU O 488 -28.38 -8.31 -31.16
N VAL O 489 -28.51 -8.67 -29.88
CA VAL O 489 -27.93 -9.90 -29.40
C VAL O 489 -28.34 -11.10 -30.24
N ALA O 490 -29.66 -11.26 -30.36
CA ALA O 490 -30.15 -12.34 -31.19
C ALA O 490 -29.63 -12.45 -32.62
N SER O 491 -29.63 -11.25 -33.21
CA SER O 491 -29.06 -10.99 -34.52
C SER O 491 -27.58 -11.23 -34.78
N ALA O 492 -26.86 -10.78 -33.74
CA ALA O 492 -25.42 -10.90 -33.77
C ALA O 492 -24.72 -12.17 -34.23
N LEU O 493 -23.62 -12.03 -34.98
CA LEU O 493 -22.90 -13.21 -35.41
C LEU O 493 -22.35 -14.02 -34.23
N ALA O 494 -22.32 -15.33 -34.46
CA ALA O 494 -21.68 -16.22 -33.52
C ALA O 494 -20.35 -15.83 -32.88
N ASN O 495 -19.51 -15.23 -33.74
CA ASN O 495 -18.19 -14.66 -33.54
C ASN O 495 -18.16 -13.35 -32.76
N ASP O 496 -19.19 -13.10 -31.96
CA ASP O 496 -19.34 -11.78 -31.36
C ASP O 496 -19.37 -11.71 -29.84
N ALA O 497 -18.51 -10.80 -29.37
CA ALA O 497 -18.32 -10.57 -27.95
C ALA O 497 -19.32 -10.98 -26.88
N ILE O 498 -20.55 -10.49 -27.11
CA ILE O 498 -21.75 -10.86 -26.39
C ILE O 498 -21.91 -12.31 -25.96
N VAL O 499 -21.86 -13.25 -26.90
CA VAL O 499 -22.14 -14.61 -26.47
C VAL O 499 -21.06 -15.32 -25.66
N LEU O 500 -19.87 -14.82 -25.98
CA LEU O 500 -18.63 -15.26 -25.37
C LEU O 500 -18.53 -14.95 -23.88
N VAL O 501 -18.98 -13.72 -23.62
CA VAL O 501 -19.08 -13.11 -22.32
C VAL O 501 -20.13 -13.85 -21.49
N SER O 502 -21.31 -14.03 -22.07
CA SER O 502 -22.34 -14.82 -21.41
C SER O 502 -21.83 -16.21 -21.05
N ASN O 503 -21.12 -16.90 -21.94
CA ASN O 503 -20.58 -18.21 -21.66
C ASN O 503 -19.67 -18.29 -20.44
N HIS O 504 -18.81 -17.29 -20.33
CA HIS O 504 -18.02 -17.02 -19.15
C HIS O 504 -18.78 -16.68 -17.87
N LEU O 505 -19.73 -15.75 -17.96
CA LEU O 505 -20.80 -15.40 -17.05
C LEU O 505 -21.72 -16.51 -16.55
N ASN O 506 -21.91 -17.51 -17.41
CA ASN O 506 -22.65 -18.70 -17.02
C ASN O 506 -21.93 -19.56 -16.00
N LYS O 507 -20.61 -19.69 -16.11
CA LYS O 507 -19.72 -20.28 -15.13
C LYS O 507 -19.63 -19.57 -13.77
N LEU O 508 -19.60 -18.24 -13.82
CA LEU O 508 -19.84 -17.47 -12.62
C LEU O 508 -21.16 -17.77 -11.92
N ALA O 509 -22.25 -17.71 -12.68
CA ALA O 509 -23.51 -18.16 -12.14
C ALA O 509 -23.68 -19.51 -11.46
N ASN O 510 -23.04 -20.48 -12.13
CA ASN O 510 -22.95 -21.86 -11.72
C ASN O 510 -22.36 -22.04 -10.32
N VAL O 511 -21.28 -21.26 -10.19
CA VAL O 511 -20.55 -21.16 -8.94
C VAL O 511 -21.42 -20.65 -7.80
N VAL O 512 -22.05 -19.53 -8.17
CA VAL O 512 -22.85 -18.78 -7.24
C VAL O 512 -24.01 -19.63 -6.73
N GLY O 513 -24.71 -20.34 -7.60
CA GLY O 513 -25.82 -21.18 -7.18
C GLY O 513 -25.67 -22.42 -6.31
N ASP O 514 -24.56 -23.07 -6.66
CA ASP O 514 -24.08 -24.26 -5.98
C ASP O 514 -23.38 -24.07 -4.64
N ALA O 515 -22.69 -22.93 -4.56
CA ALA O 515 -21.90 -22.56 -3.41
C ALA O 515 -22.46 -21.52 -2.45
N ILE O 516 -23.05 -20.50 -3.09
CA ILE O 516 -23.57 -19.43 -2.26
C ILE O 516 -25.07 -19.65 -2.18
N PRO O 517 -25.72 -19.54 -1.02
CA PRO O 517 -27.15 -19.74 -0.87
C PRO O 517 -28.06 -18.60 -1.27
N VAL O 518 -28.00 -18.53 -2.60
CA VAL O 518 -28.92 -17.71 -3.37
C VAL O 518 -30.08 -18.51 -3.94
N ALA O 519 -30.36 -19.62 -3.24
CA ALA O 519 -31.63 -20.28 -3.45
C ALA O 519 -32.97 -19.86 -2.88
N SER O 520 -34.03 -20.59 -2.54
CA SER O 520 -35.29 -19.89 -2.33
C SER O 520 -35.65 -18.81 -1.31
N ARG O 521 -34.91 -17.70 -1.25
CA ARG O 521 -35.26 -16.37 -0.76
C ARG O 521 -34.30 -16.07 0.38
N THR O 522 -33.23 -16.88 0.38
CA THR O 522 -32.21 -16.71 1.40
C THR O 522 -31.23 -15.58 1.18
N ASP O 523 -31.53 -14.42 1.78
CA ASP O 523 -30.58 -13.33 1.75
C ASP O 523 -29.47 -13.51 2.79
N ASP O 524 -28.28 -13.79 2.26
CA ASP O 524 -27.00 -14.03 2.92
C ASP O 524 -26.00 -12.90 2.72
N SER O 525 -25.40 -12.57 3.87
CA SER O 525 -24.18 -11.81 3.72
C SER O 525 -23.08 -11.81 2.67
N ALA O 526 -23.01 -13.05 2.16
CA ALA O 526 -22.35 -13.24 0.89
C ALA O 526 -22.67 -12.25 -0.23
N THR O 527 -23.94 -11.85 -0.27
CA THR O 527 -24.41 -10.94 -1.31
C THR O 527 -23.96 -9.49 -1.24
N SER O 528 -23.08 -9.26 -0.25
CA SER O 528 -22.61 -7.95 0.12
C SER O 528 -21.77 -7.03 -0.76
N ALA O 529 -21.17 -7.67 -1.76
CA ALA O 529 -20.31 -7.11 -2.78
C ALA O 529 -21.01 -6.13 -3.70
N ILE O 530 -22.15 -6.63 -4.18
CA ILE O 530 -23.04 -5.76 -4.92
C ILE O 530 -23.71 -4.61 -4.18
N VAL O 531 -23.98 -4.95 -2.93
CA VAL O 531 -24.58 -3.90 -2.13
C VAL O 531 -23.61 -2.78 -1.78
N SER O 532 -22.35 -3.12 -1.52
CA SER O 532 -21.31 -2.15 -1.20
C SER O 532 -21.02 -1.18 -2.33
N ARG O 533 -21.08 -1.66 -3.57
CA ARG O 533 -21.03 -0.82 -4.75
C ARG O 533 -22.24 0.09 -4.90
N LEU O 534 -23.41 -0.52 -4.65
CA LEU O 534 -24.63 0.23 -4.62
C LEU O 534 -24.68 1.34 -3.57
N ALA O 535 -24.18 0.94 -2.40
CA ALA O 535 -24.23 1.91 -1.32
C ALA O 535 -23.47 3.21 -1.54
N VAL O 536 -22.30 3.05 -2.15
CA VAL O 536 -21.49 4.22 -2.45
C VAL O 536 -21.87 5.07 -3.66
N GLN O 537 -22.35 4.29 -4.63
CA GLN O 537 -23.00 4.95 -5.75
C GLN O 537 -24.22 5.83 -5.49
N HIS O 538 -24.99 5.43 -4.47
CA HIS O 538 -26.17 6.21 -4.17
C HIS O 538 -25.93 7.55 -3.51
N LYS O 539 -24.72 8.08 -3.65
CA LYS O 539 -24.48 9.32 -2.93
C LYS O 539 -24.87 10.58 -3.69
N LEU O 540 -26.21 10.56 -3.80
CA LEU O 540 -26.91 11.66 -4.43
C LEU O 540 -27.14 12.81 -3.47
N SER O 541 -26.09 13.63 -3.33
CA SER O 541 -26.18 14.74 -2.42
C SER O 541 -26.40 16.03 -3.22
N GLN O 542 -27.29 16.85 -2.67
CA GLN O 542 -27.55 18.15 -3.27
C GLN O 542 -27.15 19.10 -2.15
N VAL O 543 -27.90 20.21 -2.10
CA VAL O 543 -27.82 21.30 -1.15
C VAL O 543 -28.92 21.17 -0.10
N GLY O 544 -28.50 21.34 1.15
CA GLY O 544 -29.50 21.23 2.21
C GLY O 544 -29.83 19.80 2.62
N GLN O 545 -31.09 19.49 2.31
CA GLN O 545 -31.61 18.15 2.34
C GLN O 545 -31.34 17.31 1.10
N ALA O 546 -30.19 16.62 1.15
CA ALA O 546 -29.88 15.53 0.23
C ALA O 546 -30.81 14.34 0.41
N SER O 547 -30.71 13.35 -0.49
CA SER O 547 -31.47 12.12 -0.64
C SER O 547 -31.65 11.49 0.73
N PRO O 548 -32.87 11.52 1.28
CA PRO O 548 -33.13 10.86 2.55
C PRO O 548 -33.52 9.39 2.57
N THR O 549 -32.43 8.69 2.27
CA THR O 549 -32.42 7.26 2.10
C THR O 549 -32.09 6.49 3.36
N PRO O 550 -33.07 5.94 4.08
CA PRO O 550 -32.86 5.19 5.30
C PRO O 550 -31.82 4.12 4.99
N PRO O 551 -30.69 4.16 5.68
CA PRO O 551 -29.47 3.49 5.25
C PRO O 551 -29.50 2.23 4.40
N ASP O 552 -28.64 2.16 3.38
CA ASP O 552 -28.59 1.17 2.32
C ASP O 552 -28.85 -0.31 2.55
N TYR O 553 -28.69 -0.53 3.86
CA TYR O 553 -28.54 -1.87 4.38
C TYR O 553 -29.72 -2.82 4.33
N PRO O 554 -30.94 -2.33 4.58
CA PRO O 554 -32.12 -3.08 4.20
C PRO O 554 -32.41 -2.85 2.73
N LEU O 555 -32.64 -1.55 2.49
CA LEU O 555 -33.13 -1.02 1.24
C LEU O 555 -32.61 -1.56 -0.09
N LEU O 556 -31.34 -1.20 -0.34
CA LEU O 556 -30.49 -1.55 -1.46
C LEU O 556 -30.08 -3.03 -1.47
N TRP O 557 -29.93 -3.55 -0.27
CA TRP O 557 -29.69 -4.97 -0.04
C TRP O 557 -30.76 -5.84 -0.69
N ARG O 558 -32.03 -5.48 -0.43
CA ARG O 558 -33.12 -6.25 -1.02
C ARG O 558 -33.28 -6.10 -2.53
N ARG O 559 -33.13 -4.85 -2.98
CA ARG O 559 -33.07 -4.51 -4.38
C ARG O 559 -32.00 -5.25 -5.17
N ALA O 560 -30.85 -5.36 -4.51
CA ALA O 560 -29.66 -6.04 -4.97
C ALA O 560 -29.79 -7.56 -4.95
N LYS O 561 -30.46 -8.25 -4.03
CA LYS O 561 -30.81 -9.65 -4.18
C LYS O 561 -31.66 -9.92 -5.41
N ARG O 562 -32.71 -9.10 -5.48
CA ARG O 562 -33.56 -9.10 -6.66
C ARG O 562 -32.97 -9.12 -8.07
N ALA O 563 -32.08 -8.15 -8.27
CA ALA O 563 -31.18 -8.08 -9.40
C ALA O 563 -30.04 -9.09 -9.50
N ALA O 564 -29.43 -9.54 -8.40
CA ALA O 564 -28.66 -10.77 -8.47
C ALA O 564 -29.26 -12.05 -9.03
N SER O 565 -30.47 -12.27 -8.49
CA SER O 565 -31.45 -13.29 -8.80
C SER O 565 -31.82 -13.24 -10.27
N MET O 566 -32.21 -12.07 -10.80
CA MET O 566 -32.30 -11.83 -12.23
C MET O 566 -31.07 -12.11 -13.08
N PHE O 567 -29.91 -11.67 -12.62
CA PHE O 567 -28.73 -12.22 -13.26
C PHE O 567 -28.54 -13.72 -13.35
N VAL O 568 -28.77 -14.37 -12.21
CA VAL O 568 -28.70 -15.81 -12.04
C VAL O 568 -29.64 -16.67 -12.88
N SER O 569 -30.91 -16.27 -12.84
CA SER O 569 -31.96 -16.74 -13.71
C SER O 569 -31.92 -16.66 -15.24
N ASN O 570 -31.22 -15.63 -15.69
CA ASN O 570 -30.70 -15.44 -17.03
C ASN O 570 -29.47 -14.54 -17.13
N PRO O 571 -28.32 -15.19 -17.31
CA PRO O 571 -27.08 -14.48 -17.54
C PRO O 571 -26.86 -13.40 -18.59
N SER O 572 -27.54 -13.62 -19.71
CA SER O 572 -27.62 -12.59 -20.72
C SER O 572 -28.13 -11.16 -20.47
N LEU O 573 -29.04 -11.06 -19.50
CA LEU O 573 -29.49 -9.78 -18.99
C LEU O 573 -28.45 -8.72 -18.67
N ALA O 574 -27.26 -9.23 -18.36
CA ALA O 574 -26.07 -8.43 -18.16
C ALA O 574 -25.59 -7.58 -19.33
N LEU O 575 -25.93 -8.19 -20.47
CA LEU O 575 -25.63 -7.57 -21.75
C LEU O 575 -26.77 -6.76 -22.33
N GLN O 576 -27.94 -6.99 -21.73
CA GLN O 576 -29.16 -6.36 -22.19
C GLN O 576 -29.46 -5.00 -21.56
N VAL O 577 -29.44 -4.07 -22.51
CA VAL O 577 -29.95 -2.74 -22.23
C VAL O 577 -31.17 -2.66 -21.31
N GLY O 578 -30.98 -1.66 -20.45
CA GLY O 578 -32.06 -1.19 -19.61
C GLY O 578 -32.42 -2.01 -18.39
N ILE O 579 -31.36 -2.51 -17.76
CA ILE O 579 -31.53 -3.40 -16.63
C ILE O 579 -31.20 -2.50 -15.46
N PRO O 580 -32.09 -2.29 -14.49
CA PRO O 580 -31.94 -1.24 -13.50
C PRO O 580 -30.54 -0.89 -13.02
N VAL O 581 -29.99 -1.81 -12.22
CA VAL O 581 -28.70 -1.63 -11.60
C VAL O 581 -27.49 -2.40 -12.11
N LEU O 582 -27.69 -3.51 -12.81
CA LEU O 582 -26.65 -4.25 -13.50
C LEU O 582 -25.95 -3.62 -14.70
N THR O 583 -26.69 -2.73 -15.37
CA THR O 583 -26.14 -1.78 -16.31
C THR O 583 -24.81 -1.13 -15.91
N GLN O 584 -24.57 -1.02 -14.60
CA GLN O 584 -23.30 -0.65 -14.01
C GLN O 584 -22.30 -1.77 -13.73
N SER O 585 -21.41 -1.79 -14.73
CA SER O 585 -20.34 -2.76 -14.83
C SER O 585 -19.44 -3.01 -13.63
N GLY O 586 -19.36 -1.94 -12.83
CA GLY O 586 -18.80 -1.91 -11.50
C GLY O 586 -19.31 -3.00 -10.55
N MET O 587 -20.65 -3.02 -10.52
CA MET O 587 -21.29 -4.12 -9.81
C MET O 587 -21.07 -5.52 -10.35
N LEU O 588 -20.81 -5.56 -11.65
CA LEU O 588 -20.52 -6.88 -12.13
C LEU O 588 -19.09 -7.30 -11.85
N SER O 589 -18.14 -6.37 -11.94
CA SER O 589 -16.76 -6.54 -11.51
C SER O 589 -16.65 -6.92 -10.05
N ALA O 590 -17.44 -6.21 -9.25
CA ALA O 590 -17.57 -6.48 -7.83
C ALA O 590 -18.05 -7.86 -7.42
N LEU O 591 -19.01 -8.38 -8.21
CA LEU O 591 -19.54 -9.71 -8.04
C LEU O 591 -18.52 -10.79 -8.38
N THR O 592 -17.98 -10.60 -9.58
CA THR O 592 -16.95 -11.43 -10.18
C THR O 592 -15.78 -11.72 -9.26
N SER O 593 -15.15 -10.62 -8.82
CA SER O 593 -14.10 -10.66 -7.82
C SER O 593 -14.58 -11.22 -6.49
N GLY O 594 -15.60 -10.50 -6.02
CA GLY O 594 -16.25 -10.85 -4.77
C GLY O 594 -16.42 -12.33 -4.43
N VAL O 595 -16.93 -13.08 -5.41
CA VAL O 595 -17.14 -14.50 -5.21
C VAL O 595 -15.98 -15.36 -4.74
N GLY O 596 -14.84 -15.02 -5.36
CA GLY O 596 -13.66 -15.79 -5.07
C GLY O 596 -13.15 -15.77 -3.64
N THR O 597 -13.07 -14.54 -3.11
CA THR O 597 -12.93 -14.34 -1.68
C THR O 597 -13.92 -15.07 -0.79
N ALA O 598 -15.19 -14.98 -1.20
CA ALA O 598 -16.29 -15.69 -0.58
C ALA O 598 -16.21 -17.21 -0.49
N LEU O 599 -15.61 -17.84 -1.51
CA LEU O 599 -15.27 -19.24 -1.55
C LEU O 599 -14.08 -19.47 -0.63
N ARG O 600 -12.99 -18.75 -0.92
CA ARG O 600 -11.76 -18.70 -0.15
C ARG O 600 -11.87 -18.84 1.35
N THR O 601 -12.51 -17.83 1.97
CA THR O 601 -12.65 -17.79 3.41
C THR O 601 -14.01 -17.98 4.06
N GLY O 602 -14.85 -18.63 3.24
CA GLY O 602 -16.20 -18.94 3.65
C GLY O 602 -16.19 -20.10 4.65
N SER O 603 -16.94 -19.89 5.73
CA SER O 603 -16.99 -20.96 6.71
C SER O 603 -18.11 -21.90 6.29
N LEU O 604 -17.77 -22.88 5.45
CA LEU O 604 -18.57 -23.87 4.77
C LEU O 604 -20.08 -23.93 4.88
N GLY O 605 -20.60 -23.18 3.90
CA GLY O 605 -22.00 -22.81 3.84
C GLY O 605 -23.04 -23.91 3.79
N LYS O 606 -23.65 -24.16 4.95
CA LYS O 606 -24.70 -25.16 4.97
C LYS O 606 -26.06 -24.67 5.46
N GLY O 607 -26.82 -24.23 4.46
CA GLY O 607 -28.14 -23.72 4.73
C GLY O 607 -29.08 -24.45 5.68
N VAL O 608 -29.31 -23.75 6.79
CA VAL O 608 -30.16 -24.31 7.82
C VAL O 608 -31.42 -25.06 7.45
N THR O 609 -32.20 -24.43 6.56
CA THR O 609 -33.32 -25.04 5.87
C THR O 609 -33.01 -26.43 5.32
N ASP O 610 -32.02 -26.38 4.43
CA ASP O 610 -31.65 -27.60 3.74
C ASP O 610 -31.15 -28.73 4.63
N ALA O 611 -30.50 -28.32 5.73
CA ALA O 611 -30.03 -29.31 6.68
C ALA O 611 -31.14 -30.16 7.27
N SER O 612 -32.07 -29.47 7.94
CA SER O 612 -33.29 -30.06 8.49
C SER O 612 -34.10 -30.94 7.56
N GLU O 613 -34.18 -30.40 6.35
CA GLU O 613 -34.85 -31.12 5.29
C GLU O 613 -34.25 -32.42 4.77
N LYS O 614 -32.92 -32.31 4.73
CA LYS O 614 -32.12 -33.48 4.44
C LYS O 614 -32.11 -34.56 5.51
N LEU O 615 -31.98 -34.06 6.74
CA LEU O 615 -32.29 -34.88 7.89
C LEU O 615 -33.55 -35.72 8.04
N ARG O 616 -34.63 -34.98 7.78
CA ARG O 616 -35.97 -35.50 7.70
C ARG O 616 -36.16 -36.51 6.56
N ALA O 617 -35.85 -36.08 5.33
CA ALA O 617 -35.95 -37.00 4.22
C ALA O 617 -35.18 -38.30 4.32
N ARG O 618 -34.01 -38.08 4.93
CA ARG O 618 -33.11 -39.17 5.21
C ARG O 618 -33.53 -40.29 6.17
N GLN O 619 -34.24 -39.70 7.14
CA GLN O 619 -34.80 -40.55 8.17
C GLN O 619 -35.91 -41.45 7.63
N SER O 620 -36.86 -40.80 6.95
CA SER O 620 -37.97 -41.42 6.27
C SER O 620 -37.64 -42.48 5.23
N LEU O 621 -36.52 -42.21 4.56
CA LEU O 621 -35.90 -43.22 3.71
C LEU O 621 -35.47 -44.54 4.33
N THR O 622 -34.71 -44.34 5.41
CA THR O 622 -34.33 -45.36 6.37
C THR O 622 -35.58 -46.08 6.85
N VAL O 623 -36.62 -45.38 7.34
CA VAL O 623 -37.86 -46.03 7.69
C VAL O 623 -38.44 -47.03 6.71
N ALA O 624 -38.66 -46.53 5.49
CA ALA O 624 -39.13 -47.33 4.39
C ALA O 624 -38.17 -48.47 4.05
N LYS O 625 -36.85 -48.31 4.14
CA LYS O 625 -35.92 -49.42 4.02
C LYS O 625 -36.03 -50.57 5.03
N GLN O 626 -36.11 -50.11 6.28
CA GLN O 626 -36.60 -50.97 7.33
C GLN O 626 -37.87 -51.77 7.04
N ALA O 627 -38.92 -51.02 6.69
CA ALA O 627 -40.13 -51.65 6.21
C ALA O 627 -40.02 -52.60 5.04
N PHE O 628 -39.15 -52.32 4.07
CA PHE O 628 -38.81 -53.25 3.01
C PHE O 628 -38.17 -54.57 3.42
N PHE O 629 -37.13 -54.37 4.24
CA PHE O 629 -36.45 -55.50 4.85
C PHE O 629 -37.43 -56.37 5.63
N ASP O 630 -38.29 -55.66 6.35
CA ASP O 630 -39.37 -56.30 7.07
C ASP O 630 -40.29 -57.25 6.31
N GLN O 631 -40.70 -56.72 5.16
CA GLN O 631 -41.41 -57.49 4.14
C GLN O 631 -40.58 -58.68 3.69
N ILE O 632 -39.29 -58.48 3.43
CA ILE O 632 -38.37 -59.56 3.14
C ILE O 632 -38.24 -60.57 4.25
N GLY O 633 -38.14 -60.07 5.49
CA GLY O 633 -38.25 -60.93 6.65
C GLY O 633 -39.47 -61.83 6.72
N SER O 634 -40.61 -61.24 6.35
CA SER O 634 -41.90 -61.89 6.22
C SER O 634 -42.04 -63.02 5.21
N LEU O 635 -41.46 -62.71 4.05
CA LEU O 635 -41.61 -63.60 2.91
C LEU O 635 -40.67 -64.79 2.78
N TRP O 636 -39.48 -64.51 3.34
CA TRP O 636 -38.60 -65.59 3.72
C TRP O 636 -37.76 -65.27 4.95
N PRO O 637 -38.35 -65.59 6.11
CA PRO O 637 -37.70 -65.50 7.41
C PRO O 637 -36.58 -66.53 7.39
N GLY O 638 -35.50 -66.20 6.68
CA GLY O 638 -34.30 -67.01 6.62
C GLY O 638 -33.69 -67.37 7.96
N LYS O 639 -33.85 -68.64 8.38
CA LYS O 639 -33.33 -69.14 9.64
C LYS O 639 -33.54 -68.31 10.89
N THR P 1 28.08 -32.08 -23.89
CA THR P 1 27.17 -32.30 -25.02
C THR P 1 27.78 -32.89 -26.29
N TYR P 2 26.89 -33.59 -26.98
CA TYR P 2 27.22 -34.29 -28.21
C TYR P 2 26.66 -33.70 -29.50
N ASN P 3 27.51 -33.70 -30.52
CA ASN P 3 27.12 -33.42 -31.89
C ASN P 3 25.82 -34.10 -32.28
N ILE P 4 24.80 -33.28 -32.53
CA ILE P 4 23.57 -33.94 -32.89
C ILE P 4 23.41 -34.70 -34.21
N THR P 5 24.28 -34.17 -35.07
CA THR P 5 24.41 -34.69 -36.42
C THR P 5 25.28 -35.90 -36.66
N GLY P 6 25.05 -36.84 -35.74
CA GLY P 6 25.67 -38.16 -35.77
C GLY P 6 24.84 -39.44 -35.85
N ASP P 7 25.48 -40.60 -35.90
CA ASP P 7 24.88 -41.90 -36.09
C ASP P 7 24.94 -42.78 -34.86
N GLY P 8 23.87 -43.57 -34.78
CA GLY P 8 23.56 -44.39 -33.63
C GLY P 8 22.25 -44.12 -32.90
N ASN P 9 21.73 -42.91 -33.09
CA ASN P 9 20.51 -42.43 -32.48
C ASN P 9 19.16 -43.07 -32.80
N SER P 10 18.56 -43.65 -31.77
CA SER P 10 17.30 -44.36 -31.76
C SER P 10 16.07 -43.45 -31.77
N PHE P 11 15.14 -43.91 -32.60
CA PHE P 11 13.81 -43.34 -32.61
C PHE P 11 12.81 -44.41 -32.22
N THR P 12 12.79 -44.49 -30.89
CA THR P 12 11.88 -45.39 -30.22
C THR P 12 10.86 -44.81 -29.26
N PRO P 13 9.76 -44.33 -29.85
CA PRO P 13 8.53 -44.07 -29.13
C PRO P 13 7.74 -45.28 -28.66
N THR P 14 7.65 -45.37 -27.34
CA THR P 14 6.97 -46.41 -26.59
C THR P 14 5.98 -45.87 -25.57
N SER P 15 4.97 -46.72 -25.39
CA SER P 15 3.94 -46.45 -24.41
C SER P 15 4.32 -46.22 -22.95
N ASP P 16 5.41 -46.94 -22.74
CA ASP P 16 6.25 -46.94 -21.56
C ASP P 16 6.88 -45.60 -21.20
N MET P 17 7.22 -44.91 -22.29
CA MET P 17 7.90 -43.63 -22.34
C MET P 17 7.06 -42.49 -22.93
N THR P 18 5.84 -42.34 -22.42
CA THR P 18 4.96 -41.31 -22.93
C THR P 18 5.37 -39.92 -22.48
N SER P 19 5.86 -39.31 -23.57
CA SER P 19 6.14 -37.91 -23.33
C SER P 19 5.54 -37.63 -21.95
N THR P 20 6.08 -36.76 -21.11
CA THR P 20 5.75 -35.92 -19.98
C THR P 20 6.85 -35.05 -19.40
N ALA P 21 6.52 -33.90 -18.80
CA ALA P 21 7.32 -32.80 -18.28
C ALA P 21 6.65 -32.49 -16.95
N ALA P 22 6.96 -31.33 -16.36
CA ALA P 22 5.99 -30.79 -15.42
C ALA P 22 5.26 -29.53 -15.84
N PRO P 23 4.09 -29.72 -16.46
CA PRO P 23 3.32 -28.66 -17.08
C PRO P 23 2.91 -27.74 -15.95
N ALA P 24 2.24 -28.09 -14.85
CA ALA P 24 1.70 -27.25 -13.81
C ALA P 24 1.72 -28.06 -12.53
N ILE P 25 1.80 -27.26 -11.46
CA ILE P 25 1.70 -27.95 -10.19
C ILE P 25 0.50 -27.66 -9.29
N ASP P 26 0.11 -28.53 -8.36
CA ASP P 26 -0.89 -28.14 -7.39
C ASP P 26 -0.55 -27.00 -6.45
N LEU P 27 -1.35 -25.93 -6.52
CA LEU P 27 -1.25 -24.80 -5.62
C LEU P 27 -2.50 -24.36 -4.87
N LYS P 28 -3.20 -25.39 -4.39
CA LYS P 28 -4.46 -25.15 -3.73
C LYS P 28 -4.18 -24.51 -2.38
N PRO P 29 -4.95 -23.51 -1.92
CA PRO P 29 -4.69 -22.87 -0.66
C PRO P 29 -4.52 -23.76 0.57
N GLY P 30 -5.55 -24.61 0.61
CA GLY P 30 -5.61 -25.72 1.54
C GLY P 30 -4.26 -26.44 1.67
N VAL P 31 -3.71 -26.61 0.47
CA VAL P 31 -2.48 -27.35 0.30
C VAL P 31 -1.22 -26.60 0.67
N LEU P 32 -1.31 -25.26 0.60
CA LEU P 32 -0.19 -24.46 1.04
C LEU P 32 0.36 -24.53 2.47
N ASN P 33 -0.53 -24.89 3.40
CA ASN P 33 -0.22 -24.76 4.81
C ASN P 33 0.94 -25.45 5.49
N PRO P 34 0.87 -26.76 5.74
CA PRO P 34 1.73 -27.38 6.72
C PRO P 34 2.93 -26.66 7.33
N THR P 35 2.78 -25.98 8.46
CA THR P 35 1.65 -25.69 9.31
C THR P 35 1.91 -24.61 10.35
N GLY P 36 2.51 -25.01 11.48
CA GLY P 36 2.74 -24.28 12.71
C GLY P 36 3.66 -23.09 12.51
N LYS P 37 3.24 -21.88 12.89
CA LYS P 37 4.18 -20.78 12.96
C LYS P 37 5.01 -20.89 14.22
N LEU P 38 6.27 -20.46 14.03
CA LEU P 38 7.23 -20.49 15.10
C LEU P 38 7.28 -19.24 15.97
N TRP P 39 7.18 -19.59 17.25
CA TRP P 39 7.13 -18.64 18.34
C TRP P 39 8.15 -18.70 19.48
N ARG P 40 8.07 -17.95 20.57
CA ARG P 40 9.03 -17.83 21.65
C ARG P 40 8.35 -17.39 22.95
N PRO P 41 8.79 -17.88 24.11
CA PRO P 41 8.40 -17.57 25.47
C PRO P 41 8.75 -16.16 25.93
N VAL P 42 7.92 -15.30 25.34
CA VAL P 42 8.04 -13.86 25.39
C VAL P 42 9.26 -13.34 24.62
N GLY P 43 10.35 -13.75 25.27
CA GLY P 43 11.72 -13.51 24.84
C GLY P 43 12.73 -13.83 25.93
N THR P 44 12.30 -13.80 27.19
CA THR P 44 13.04 -14.31 28.32
C THR P 44 13.15 -15.82 28.44
N SER P 45 13.85 -16.32 29.45
CA SER P 45 14.15 -17.73 29.62
C SER P 45 12.92 -18.61 29.75
N VAL P 46 12.78 -19.73 30.46
CA VAL P 46 12.03 -20.97 30.46
C VAL P 46 11.12 -20.79 31.62
N ALA P 47 9.86 -20.11 31.83
CA ALA P 47 9.20 -19.51 32.59
C ALA P 47 8.23 -19.08 31.98
N THR P 48 8.30 -18.12 30.97
CA THR P 48 7.18 -17.55 30.28
C THR P 48 6.31 -18.33 29.29
N ILE P 49 6.32 -19.66 29.32
CA ILE P 49 5.60 -20.60 28.48
C ILE P 49 4.15 -20.21 28.17
N ASP P 50 3.59 -19.65 29.25
CA ASP P 50 2.30 -18.99 29.16
C ASP P 50 2.00 -17.97 28.07
N SER P 51 3.10 -17.36 27.60
CA SER P 51 3.11 -16.31 26.62
C SER P 51 4.05 -16.63 25.46
N LEU P 52 3.50 -16.55 24.26
CA LEU P 52 4.32 -16.49 23.06
C LEU P 52 4.06 -15.34 22.10
N ALA P 53 5.19 -14.82 21.62
CA ALA P 53 5.38 -13.93 20.50
C ALA P 53 6.01 -14.59 19.28
N ILE P 54 5.37 -14.32 18.14
CA ILE P 54 5.98 -14.79 16.91
C ILE P 54 7.37 -14.22 16.61
N VAL P 55 8.19 -15.19 16.19
CA VAL P 55 9.51 -14.95 15.65
C VAL P 55 9.42 -13.94 14.51
N SER P 56 10.62 -13.63 14.00
CA SER P 56 10.87 -12.41 13.27
C SER P 56 10.42 -12.43 11.81
N ASP P 57 9.10 -12.16 11.75
CA ASP P 57 8.34 -11.96 10.54
C ASP P 57 8.79 -10.75 9.75
N ARG P 58 9.28 -9.81 10.56
CA ARG P 58 10.06 -8.66 10.17
C ARG P 58 10.92 -8.62 8.92
N PHE P 59 11.73 -9.69 8.95
CA PHE P 59 12.53 -10.04 7.79
C PHE P 59 12.98 -11.47 7.55
N GLY P 60 12.46 -12.39 8.36
CA GLY P 60 12.97 -13.75 8.42
C GLY P 60 12.01 -14.55 9.29
N GLN P 61 12.63 -15.39 10.13
CA GLN P 61 11.95 -16.36 10.96
C GLN P 61 10.44 -16.38 11.11
N TYR P 62 9.96 -17.18 10.16
CA TYR P 62 8.57 -17.56 10.02
C TYR P 62 8.30 -19.00 10.44
N SER P 63 7.14 -19.50 9.99
CA SER P 63 6.59 -20.82 10.23
C SER P 63 7.47 -22.01 9.90
N PHE P 64 7.25 -23.17 10.53
CA PHE P 64 7.68 -24.46 10.02
C PHE P 64 7.29 -24.77 8.59
N VAL P 65 8.28 -24.91 7.70
CA VAL P 65 8.05 -25.07 6.29
C VAL P 65 7.26 -26.31 5.89
N ASN P 66 6.42 -26.13 4.88
CA ASN P 66 5.60 -27.15 4.27
C ASN P 66 6.51 -28.17 3.61
N GLU P 67 6.81 -29.28 4.30
CA GLU P 67 7.38 -30.48 3.73
C GLU P 67 7.07 -30.82 2.29
N GLY P 68 5.77 -30.74 1.96
CA GLY P 68 5.27 -31.00 0.63
C GLY P 68 5.64 -29.87 -0.32
N MET P 69 5.51 -28.65 0.20
CA MET P 69 5.84 -27.47 -0.57
C MET P 69 7.30 -27.32 -0.93
N ARG P 70 8.17 -27.61 0.03
CA ARG P 70 9.57 -27.82 -0.27
C ARG P 70 10.00 -28.81 -1.34
N GLU P 71 9.40 -29.98 -1.14
CA GLU P 71 9.57 -31.09 -2.06
C GLU P 71 9.06 -30.78 -3.47
N THR P 72 7.85 -30.23 -3.56
CA THR P 72 7.29 -29.70 -4.78
C THR P 72 8.04 -28.63 -5.57
N PHE P 73 8.25 -27.59 -4.76
CA PHE P 73 9.04 -26.46 -5.22
C PHE P 73 10.45 -26.66 -5.77
N SER P 74 11.22 -27.53 -5.12
CA SER P 74 12.52 -28.04 -5.51
C SER P 74 12.38 -28.73 -6.86
N LYS P 75 11.32 -29.50 -7.07
CA LYS P 75 11.00 -30.14 -8.33
C LYS P 75 10.84 -29.26 -9.57
N ALA P 76 10.08 -28.22 -9.22
CA ALA P 76 9.86 -27.08 -10.09
C ALA P 76 11.16 -26.45 -10.56
N LEU P 77 12.06 -26.24 -9.59
CA LEU P 77 13.36 -25.70 -9.93
C LEU P 77 14.17 -26.53 -10.93
N PHE P 78 13.93 -27.85 -10.88
CA PHE P 78 14.47 -28.87 -11.76
C PHE P 78 14.06 -28.85 -13.23
N ASP P 79 12.81 -28.50 -13.51
CA ASP P 79 12.38 -28.01 -14.81
C ASP P 79 13.32 -27.05 -15.51
N ILE P 80 13.68 -25.96 -14.82
CA ILE P 80 14.61 -24.96 -15.33
C ILE P 80 16.02 -25.48 -15.61
N ASN P 81 16.41 -26.37 -14.69
CA ASN P 81 17.65 -27.12 -14.72
C ASN P 81 17.85 -28.01 -15.94
N MET P 82 16.71 -28.47 -16.46
CA MET P 82 16.63 -29.21 -17.70
C MET P 82 17.14 -28.50 -18.94
N TRP P 83 17.05 -27.17 -18.79
CA TRP P 83 17.64 -26.26 -19.75
C TRP P 83 18.87 -25.45 -19.35
N GLN P 84 19.55 -25.84 -18.28
CA GLN P 84 20.69 -25.11 -17.78
C GLN P 84 21.80 -24.64 -18.71
N PRO P 85 22.27 -25.54 -19.58
CA PRO P 85 23.21 -25.17 -20.61
C PRO P 85 22.76 -24.10 -21.60
N LEU P 86 21.44 -24.14 -21.81
CA LEU P 86 20.83 -23.15 -22.67
C LEU P 86 20.59 -21.78 -22.05
N PHE P 87 20.04 -21.80 -20.84
CA PHE P 87 19.99 -20.60 -20.03
C PHE P 87 21.30 -19.84 -19.90
N GLN P 88 22.29 -20.65 -19.53
CA GLN P 88 23.65 -20.16 -19.39
C GLN P 88 24.21 -19.48 -20.64
N ALA P 89 23.91 -20.15 -21.75
CA ALA P 89 24.33 -19.65 -23.04
C ALA P 89 23.60 -18.37 -23.44
N THR P 90 22.33 -18.29 -23.04
CA THR P 90 21.50 -17.10 -23.18
C THR P 90 21.85 -16.01 -22.19
N LYS P 91 22.82 -16.23 -21.30
CA LYS P 91 23.11 -15.31 -20.22
C LYS P 91 22.07 -14.65 -19.32
N THR P 92 21.03 -15.45 -19.14
CA THR P 92 19.78 -15.05 -18.52
C THR P 92 19.62 -15.42 -17.05
N GLY P 93 20.64 -15.07 -16.27
CA GLY P 93 20.69 -15.37 -14.86
C GLY P 93 20.60 -16.83 -14.44
N CYS P 94 21.09 -17.72 -15.30
CA CYS P 94 20.93 -19.16 -15.16
C CYS P 94 21.10 -19.91 -13.85
N GLY P 95 22.03 -19.38 -13.06
CA GLY P 95 22.51 -19.93 -11.81
C GLY P 95 21.51 -20.63 -10.88
N PRO P 96 21.51 -21.96 -10.96
CA PRO P 96 20.54 -22.67 -10.16
C PRO P 96 20.25 -22.39 -8.69
N ILE P 97 19.11 -21.74 -8.49
CA ILE P 97 18.69 -21.18 -7.22
C ILE P 97 19.04 -21.74 -5.85
N VAL P 98 18.91 -23.06 -5.76
CA VAL P 98 19.10 -23.80 -4.52
C VAL P 98 18.26 -23.35 -3.33
N LEU P 99 17.01 -23.74 -3.54
CA LEU P 99 15.89 -23.45 -2.67
C LEU P 99 16.14 -23.55 -1.17
N SER P 100 16.93 -24.59 -0.93
CA SER P 100 17.47 -24.95 0.37
C SER P 100 18.10 -23.84 1.20
N SER P 101 18.72 -22.92 0.46
CA SER P 101 19.37 -21.76 1.04
C SER P 101 18.36 -20.81 1.68
N PHE P 102 17.18 -20.84 1.06
CA PHE P 102 16.06 -20.05 1.55
C PHE P 102 15.27 -20.44 2.78
N THR P 103 15.13 -21.77 2.85
CA THR P 103 14.71 -22.59 3.97
C THR P 103 15.66 -22.57 5.17
N THR P 104 15.53 -21.49 5.95
CA THR P 104 16.40 -21.11 7.04
C THR P 104 15.98 -21.46 8.46
N THR P 105 16.93 -21.63 9.38
CA THR P 105 16.61 -22.25 10.64
C THR P 105 15.64 -21.39 11.44
N THR P 106 14.57 -22.02 11.93
CA THR P 106 13.68 -21.51 12.96
C THR P 106 13.64 -22.37 14.21
N SER P 107 13.80 -21.83 15.43
CA SER P 107 13.95 -22.59 16.65
C SER P 107 13.17 -22.00 17.82
N GLY P 108 12.18 -22.80 18.19
CA GLY P 108 11.23 -22.51 19.25
C GLY P 108 9.90 -23.25 19.24
N TYR P 109 8.81 -22.52 19.48
CA TYR P 109 7.52 -23.16 19.51
C TYR P 109 6.70 -23.26 18.22
N VAL P 110 6.06 -24.42 18.01
CA VAL P 110 5.27 -24.71 16.84
C VAL P 110 3.78 -24.82 17.16
N GLY P 111 3.07 -23.81 16.66
CA GLY P 111 1.63 -23.94 16.59
C GLY P 111 0.88 -22.83 15.86
N ALA P 112 -0.24 -23.34 15.37
CA ALA P 112 -1.24 -22.52 14.71
C ALA P 112 -1.74 -21.24 15.37
N THR P 113 -2.19 -21.44 16.61
CA THR P 113 -2.53 -20.39 17.55
C THR P 113 -1.62 -20.31 18.78
N ALA P 114 -1.46 -19.16 19.43
CA ALA P 114 -0.73 -19.04 20.68
C ALA P 114 -1.12 -20.18 21.61
N GLY P 115 -2.43 -20.27 21.81
CA GLY P 115 -3.04 -21.46 22.37
C GLY P 115 -2.32 -22.79 22.28
N ASP P 116 -2.52 -23.25 21.05
CA ASP P 116 -1.83 -24.47 20.67
C ASP P 116 -0.31 -24.57 20.70
N ALA P 117 0.24 -23.43 20.30
CA ALA P 117 1.68 -23.28 20.22
C ALA P 117 2.47 -23.30 21.51
N LEU P 118 1.76 -22.85 22.55
CA LEU P 118 2.25 -22.89 23.91
C LEU P 118 2.80 -24.23 24.38
N ASP P 119 2.06 -25.25 23.95
CA ASP P 119 2.33 -26.65 24.23
C ASP P 119 3.46 -27.45 23.60
N ASN P 120 3.78 -26.93 22.42
CA ASN P 120 4.70 -27.56 21.50
C ASN P 120 5.93 -26.74 21.16
N PRO P 121 7.12 -27.14 21.59
CA PRO P 121 8.29 -26.45 21.06
C PRO P 121 9.11 -27.42 20.22
N VAL P 122 9.49 -26.86 19.07
CA VAL P 122 10.28 -27.55 18.06
C VAL P 122 11.58 -26.87 17.70
N THR P 123 12.67 -27.34 18.31
CA THR P 123 14.00 -26.78 18.14
C THR P 123 14.72 -27.12 16.84
N ASN P 124 15.21 -25.98 16.35
CA ASN P 124 16.02 -25.85 15.15
C ASN P 124 15.60 -26.62 13.90
N GLY P 125 14.44 -26.16 13.44
CA GLY P 125 13.87 -26.52 12.16
C GLY P 125 14.14 -25.42 11.13
N VAL P 126 13.10 -25.21 10.32
CA VAL P 126 13.09 -24.25 9.23
C VAL P 126 11.82 -23.50 8.83
N PHE P 127 12.04 -22.23 8.52
CA PHE P 127 11.15 -21.23 7.98
C PHE P 127 11.55 -20.69 6.62
N ILE P 128 10.60 -19.99 6.00
CA ILE P 128 10.82 -19.12 4.87
C ILE P 128 10.06 -17.80 5.02
N SER P 129 10.70 -16.72 4.58
CA SER P 129 10.18 -15.37 4.68
C SER P 129 9.36 -14.96 3.46
N THR P 130 8.29 -14.22 3.75
CA THR P 130 7.43 -13.53 2.82
C THR P 130 8.19 -12.82 1.71
N VAL P 131 9.12 -12.00 2.20
CA VAL P 131 10.13 -11.36 1.37
C VAL P 131 10.86 -12.35 0.48
N GLN P 132 11.44 -13.35 1.15
CA GLN P 132 12.15 -14.39 0.43
C GLN P 132 11.41 -15.18 -0.63
N ILE P 133 10.26 -15.68 -0.21
CA ILE P 133 9.37 -16.28 -1.18
C ILE P 133 9.00 -15.34 -2.31
N MET P 134 8.75 -14.05 -2.03
CA MET P 134 8.55 -13.00 -3.00
C MET P 134 9.57 -13.04 -4.13
N ASN P 135 10.84 -12.92 -3.71
CA ASN P 135 12.00 -12.88 -4.56
C ASN P 135 12.35 -14.20 -5.24
N LEU P 136 12.21 -15.36 -4.60
CA LEU P 136 12.21 -16.70 -5.13
C LEU P 136 11.22 -17.00 -6.25
N GLN P 137 9.96 -16.76 -5.91
CA GLN P 137 8.93 -16.76 -6.94
C GLN P 137 9.20 -15.92 -8.19
N ARG P 138 9.58 -14.68 -7.91
CA ARG P 138 9.98 -13.67 -8.87
C ARG P 138 10.92 -14.26 -9.90
N THR P 139 11.99 -14.88 -9.41
CA THR P 139 12.95 -15.65 -10.17
C THR P 139 12.39 -16.78 -11.03
N ILE P 140 11.64 -17.66 -10.36
CA ILE P 140 10.99 -18.76 -11.05
C ILE P 140 10.07 -18.35 -12.19
N ALA P 141 9.27 -17.30 -11.95
CA ALA P 141 8.35 -16.73 -12.90
C ALA P 141 9.03 -16.18 -14.15
N ALA P 142 10.17 -15.57 -13.83
CA ALA P 142 11.04 -14.95 -14.80
C ALA P 142 11.72 -15.93 -15.74
N ARG P 143 12.09 -17.04 -15.09
CA ARG P 143 12.68 -18.20 -15.73
C ARG P 143 11.74 -18.80 -16.77
N MET P 144 10.52 -18.99 -16.29
CA MET P 144 9.38 -19.41 -17.08
C MET P 144 9.04 -18.52 -18.26
N ARG P 145 8.97 -17.23 -17.90
CA ARG P 145 8.85 -16.37 -19.06
C ARG P 145 9.93 -16.08 -20.09
N ASP P 146 11.08 -16.52 -19.60
CA ASP P 146 12.17 -16.70 -20.53
C ASP P 146 12.21 -17.91 -21.46
N VAL P 147 11.56 -18.96 -20.97
CA VAL P 147 11.44 -20.22 -21.66
C VAL P 147 10.25 -20.35 -22.60
N ALA P 148 9.31 -19.41 -22.44
CA ALA P 148 8.04 -19.45 -23.13
C ALA P 148 7.98 -19.58 -24.65
N LEU P 149 9.07 -19.06 -25.21
CA LEU P 149 9.39 -19.21 -26.62
C LEU P 149 9.97 -20.58 -26.96
N TRP P 150 10.79 -21.04 -26.00
CA TRP P 150 11.51 -22.29 -26.15
C TRP P 150 10.55 -23.47 -26.15
N GLN P 151 9.69 -23.44 -25.12
CA GLN P 151 8.68 -24.46 -24.91
C GLN P 151 7.89 -24.74 -26.18
N LYS P 152 7.37 -23.63 -26.73
CA LYS P 152 6.61 -23.61 -27.96
C LYS P 152 7.31 -24.29 -29.13
N HIS P 153 8.53 -23.78 -29.33
CA HIS P 153 9.42 -24.30 -30.36
C HIS P 153 9.69 -25.79 -30.21
N LEU P 154 10.03 -26.21 -28.99
CA LEU P 154 10.19 -27.62 -28.66
C LEU P 154 9.05 -28.56 -29.00
N ASP P 155 7.86 -28.10 -28.61
CA ASP P 155 6.55 -28.60 -29.00
C ASP P 155 6.23 -28.77 -30.48
N THR P 156 6.70 -27.75 -31.22
CA THR P 156 6.43 -27.81 -32.64
C THR P 156 7.08 -28.98 -33.36
N ALA P 157 8.36 -29.13 -33.00
CA ALA P 157 9.21 -30.22 -33.42
C ALA P 157 8.57 -31.59 -33.21
N MET P 158 8.20 -31.72 -31.93
CA MET P 158 7.54 -32.87 -31.36
C MET P 158 6.17 -33.24 -31.90
N THR P 159 5.58 -32.20 -32.50
CA THR P 159 4.44 -32.52 -33.34
C THR P 159 4.53 -32.61 -34.85
N MET P 160 5.43 -31.79 -35.40
CA MET P 160 5.73 -31.82 -36.82
C MET P 160 6.16 -33.09 -37.54
N LEU P 161 6.67 -34.07 -36.79
CA LEU P 161 6.54 -35.51 -36.93
C LEU P 161 6.50 -36.25 -35.60
N THR P 162 5.35 -36.12 -34.93
CA THR P 162 5.10 -36.62 -33.60
C THR P 162 5.55 -37.98 -33.08
N PRO P 163 6.60 -37.94 -32.25
CA PRO P 163 7.15 -39.09 -31.56
C PRO P 163 6.33 -39.74 -30.46
N ASP P 164 5.01 -39.79 -30.68
CA ASP P 164 4.16 -40.20 -29.57
C ASP P 164 3.40 -41.49 -29.83
N ILE P 165 3.94 -42.58 -29.28
CA ILE P 165 3.22 -43.82 -29.42
C ILE P 165 2.84 -44.21 -28.00
N SER P 166 1.56 -43.83 -27.87
CA SER P 166 0.70 -44.03 -26.73
C SER P 166 0.36 -45.48 -26.39
N ALA P 167 0.59 -46.32 -27.40
CA ALA P 167 0.30 -47.73 -27.36
C ALA P 167 1.26 -48.64 -28.12
N GLY P 168 2.05 -49.29 -27.25
CA GLY P 168 3.11 -50.17 -27.71
C GLY P 168 4.47 -49.53 -27.97
N SER P 169 4.81 -49.66 -29.25
CA SER P 169 6.14 -49.32 -29.73
C SER P 169 6.21 -49.14 -31.24
N ALA P 170 6.89 -48.06 -31.58
CA ALA P 170 7.28 -47.69 -32.93
C ALA P 170 8.79 -47.51 -33.02
N SER P 171 9.32 -47.78 -34.21
CA SER P 171 10.70 -47.50 -34.57
C SER P 171 10.94 -47.18 -36.04
N CYS P 172 11.80 -46.18 -36.29
CA CYS P 172 12.18 -45.74 -37.61
C CYS P 172 13.52 -45.01 -37.57
N ASN P 173 14.28 -44.92 -38.66
CA ASN P 173 15.54 -44.20 -38.73
C ASN P 173 15.45 -42.76 -38.25
N TRP P 174 16.05 -42.46 -37.10
CA TRP P 174 16.04 -41.12 -36.55
C TRP P 174 16.73 -40.08 -37.42
N LYS P 175 17.81 -40.60 -38.03
CA LYS P 175 18.52 -39.92 -39.09
C LYS P 175 17.75 -39.39 -40.29
N SER P 176 17.01 -40.35 -40.85
CA SER P 176 15.96 -40.13 -41.82
C SER P 176 14.91 -39.06 -41.53
N LEU P 177 14.35 -39.20 -40.32
CA LEU P 177 13.45 -38.28 -39.66
C LEU P 177 14.02 -36.89 -39.45
N LEU P 178 15.15 -36.89 -38.73
CA LEU P 178 15.96 -35.71 -38.53
C LEU P 178 16.36 -34.87 -39.73
N ALA P 179 16.76 -35.59 -40.79
CA ALA P 179 17.15 -34.88 -41.98
C ALA P 179 15.98 -34.32 -42.77
N PHE P 180 14.87 -35.07 -42.81
CA PHE P 180 13.65 -34.54 -43.40
C PHE P 180 13.05 -33.36 -42.66
N ALA P 181 13.11 -33.41 -41.33
CA ALA P 181 12.85 -32.31 -40.43
C ALA P 181 13.59 -31.05 -40.84
N LYS P 182 14.90 -31.22 -40.99
CA LYS P 182 15.71 -30.07 -41.33
C LYS P 182 15.71 -29.53 -42.75
N ASP P 183 15.11 -30.38 -43.60
CA ASP P 183 14.75 -30.12 -44.97
C ASP P 183 13.37 -29.51 -45.22
N ILE P 184 12.50 -29.76 -44.24
CA ILE P 184 11.15 -29.26 -44.29
C ILE P 184 11.05 -28.11 -43.29
N LEU P 185 11.63 -28.03 -42.10
CA LEU P 185 11.36 -27.05 -41.06
C LEU P 185 11.59 -25.58 -41.37
N PRO P 186 10.71 -24.72 -40.84
CA PRO P 186 10.90 -23.31 -41.09
C PRO P 186 12.18 -22.79 -40.47
N LEU P 187 12.87 -22.13 -41.41
CA LEU P 187 14.06 -21.37 -41.08
C LEU P 187 14.03 -20.42 -39.89
N ASP P 188 12.91 -19.71 -39.80
CA ASP P 188 12.67 -18.85 -38.65
C ASP P 188 12.57 -19.41 -37.25
N ASN P 189 12.42 -20.73 -37.16
CA ASN P 189 12.45 -21.45 -35.90
C ASN P 189 13.75 -21.33 -35.10
N LEU P 190 13.52 -21.24 -33.79
CA LEU P 190 14.56 -21.39 -32.81
C LEU P 190 15.34 -22.70 -32.73
N CYS P 191 14.59 -23.71 -33.18
CA CYS P 191 15.12 -25.04 -33.42
C CYS P 191 16.25 -25.16 -34.44
N LEU P 192 16.12 -24.33 -35.47
CA LEU P 192 17.24 -24.27 -36.39
C LEU P 192 18.49 -23.49 -36.04
N THR P 193 18.35 -22.51 -35.15
CA THR P 193 19.46 -21.84 -34.51
C THR P 193 20.12 -22.67 -33.41
N TYR P 194 19.25 -23.32 -32.64
CA TYR P 194 19.72 -24.07 -31.48
C TYR P 194 19.64 -25.58 -31.53
N PRO P 195 20.02 -26.21 -32.65
CA PRO P 195 19.71 -27.61 -32.85
C PRO P 195 20.09 -28.58 -31.74
N ASN P 196 21.37 -28.42 -31.43
CA ASN P 196 22.19 -29.02 -30.40
C ASN P 196 21.62 -28.95 -28.99
N GLU P 197 21.27 -27.76 -28.54
CA GLU P 197 20.51 -27.64 -27.31
C GLU P 197 19.14 -28.32 -27.30
N PHE P 198 18.32 -28.05 -28.30
CA PHE P 198 16.95 -28.53 -28.34
C PHE P 198 16.79 -30.04 -28.26
N TYR P 199 17.65 -30.67 -29.06
CA TYR P 199 17.87 -32.10 -29.10
C TYR P 199 18.33 -32.74 -27.80
N ASN P 200 19.34 -32.13 -27.18
CA ASN P 200 19.80 -32.43 -25.84
C ASN P 200 18.70 -32.43 -24.77
N VAL P 201 17.97 -31.32 -24.78
CA VAL P 201 16.78 -31.18 -23.96
C VAL P 201 15.72 -32.24 -24.24
N ALA P 202 15.33 -32.29 -25.51
CA ALA P 202 14.50 -33.40 -25.95
C ALA P 202 14.84 -34.80 -25.46
N ILE P 203 16.12 -35.11 -25.66
CA ILE P 203 16.66 -36.34 -25.12
C ILE P 203 16.53 -36.46 -23.61
N HIS P 204 16.68 -35.33 -22.91
CA HIS P 204 16.59 -35.30 -21.47
C HIS P 204 15.20 -35.46 -20.88
N ARG P 205 14.21 -35.11 -21.71
CA ARG P 205 12.80 -35.23 -21.43
C ARG P 205 12.08 -36.48 -21.92
N TYR P 206 12.51 -36.84 -23.12
CA TYR P 206 11.96 -37.97 -23.86
C TYR P 206 12.94 -39.14 -23.81
N PRO P 207 12.85 -40.05 -22.84
CA PRO P 207 13.63 -41.26 -22.70
C PRO P 207 13.51 -42.13 -23.93
N ALA P 208 12.38 -41.94 -24.62
CA ALA P 208 12.07 -42.45 -25.93
C ALA P 208 12.97 -42.20 -27.14
N LEU P 209 13.91 -41.28 -26.90
CA LEU P 209 14.86 -40.74 -27.83
C LEU P 209 16.29 -40.80 -27.34
N LYS P 210 17.21 -41.15 -28.24
CA LYS P 210 18.62 -41.25 -27.92
C LYS P 210 19.55 -40.27 -28.62
N PRO P 211 20.65 -39.83 -28.01
CA PRO P 211 21.61 -39.00 -28.72
C PRO P 211 22.24 -39.59 -29.98
N GLY P 212 22.39 -38.75 -31.00
CA GLY P 212 23.24 -39.01 -32.15
C GLY P 212 24.26 -40.12 -32.22
N ASN P 213 25.51 -39.69 -32.09
CA ASN P 213 26.70 -40.52 -32.03
C ASN P 213 27.72 -40.48 -30.90
N PRO P 214 27.31 -40.00 -29.73
CA PRO P 214 28.27 -39.56 -28.74
C PRO P 214 29.46 -40.41 -28.36
N ASP P 215 29.13 -41.69 -28.15
CA ASP P 215 29.94 -42.86 -28.39
C ASP P 215 29.13 -43.85 -29.22
N THR P 216 29.37 -43.87 -30.54
CA THR P 216 28.62 -44.75 -31.40
C THR P 216 28.57 -46.21 -30.95
N LYS P 217 29.56 -46.55 -30.12
CA LYS P 217 29.61 -47.65 -29.18
C LYS P 217 28.38 -48.00 -28.37
N LEU P 218 28.10 -46.90 -27.68
CA LEU P 218 26.96 -46.65 -26.82
C LEU P 218 26.29 -45.29 -26.95
N PRO P 219 25.37 -45.23 -27.91
CA PRO P 219 24.49 -44.07 -28.00
C PRO P 219 23.25 -44.22 -27.14
N ASP P 220 22.86 -45.46 -26.90
CA ASP P 220 21.63 -45.88 -26.26
C ASP P 220 21.85 -46.26 -24.81
N ALA P 221 20.79 -46.00 -24.04
CA ALA P 221 20.71 -46.34 -22.63
C ALA P 221 19.30 -46.73 -22.19
N GLN P 222 19.21 -47.38 -21.03
CA GLN P 222 17.95 -47.70 -20.40
C GLN P 222 17.45 -46.89 -19.21
N ALA P 223 18.51 -46.36 -18.59
CA ALA P 223 18.37 -45.27 -17.64
C ALA P 223 18.57 -43.87 -18.22
N HIS P 224 17.52 -43.12 -17.94
CA HIS P 224 17.30 -41.81 -18.52
C HIS P 224 17.18 -40.90 -17.29
N PRO P 225 16.45 -39.79 -17.27
CA PRO P 225 16.38 -39.14 -15.98
C PRO P 225 15.30 -39.74 -15.09
N LEU P 226 14.62 -38.88 -14.32
CA LEU P 226 13.53 -39.31 -13.47
C LEU P 226 12.27 -39.72 -14.21
N GLY P 227 11.83 -38.89 -15.15
CA GLY P 227 10.72 -39.14 -16.04
C GLY P 227 9.97 -40.47 -15.91
N GLU P 228 10.60 -41.50 -16.46
CA GLU P 228 10.28 -42.90 -16.29
C GLU P 228 9.13 -43.36 -15.39
N VAL P 229 9.31 -42.99 -14.12
CA VAL P 229 8.35 -43.19 -13.06
C VAL P 229 6.93 -42.80 -13.45
N ALA P 230 6.76 -41.50 -13.68
CA ALA P 230 5.50 -41.01 -14.19
C ALA P 230 4.94 -41.62 -15.47
N GLY P 231 5.89 -42.08 -16.27
CA GLY P 231 5.53 -42.73 -17.52
C GLY P 231 4.88 -44.10 -17.44
N ALA P 232 5.42 -44.90 -16.52
CA ALA P 232 4.84 -46.18 -16.20
C ALA P 232 3.38 -46.32 -15.81
N PHE P 233 2.99 -45.26 -15.09
CA PHE P 233 1.59 -44.98 -14.87
C PHE P 233 0.61 -44.55 -15.94
N ASN P 234 1.18 -43.89 -16.95
CA ASN P 234 0.44 -43.70 -18.18
C ASN P 234 0.45 -44.82 -19.21
N ALA P 235 1.30 -45.83 -19.02
CA ALA P 235 1.39 -46.97 -19.90
C ALA P 235 0.46 -48.15 -19.66
N ALA P 236 -0.21 -48.43 -20.78
CA ALA P 236 -1.19 -49.49 -20.82
C ALA P 236 -0.78 -50.89 -20.36
N THR P 237 -1.59 -51.46 -19.48
CA THR P 237 -1.34 -52.73 -18.83
C THR P 237 -2.29 -53.76 -19.44
N SER P 238 -2.02 -55.04 -19.17
CA SER P 238 -2.88 -56.19 -19.33
C SER P 238 -4.39 -56.28 -19.11
N GLU P 239 -4.78 -55.45 -18.15
CA GLU P 239 -6.18 -55.32 -17.80
C GLU P 239 -6.84 -53.95 -17.82
N VAL P 240 -6.01 -52.93 -17.61
CA VAL P 240 -6.35 -51.54 -17.83
C VAL P 240 -5.58 -50.74 -18.87
N GLY P 241 -6.28 -49.86 -19.58
CA GLY P 241 -5.73 -48.71 -20.27
C GLY P 241 -4.85 -47.89 -19.33
N SER P 242 -5.39 -46.79 -18.80
CA SER P 242 -4.58 -45.92 -17.97
C SER P 242 -5.06 -45.90 -16.53
N LEU P 243 -4.13 -46.20 -15.64
CA LEU P 243 -4.28 -46.12 -14.20
C LEU P 243 -4.70 -44.79 -13.60
N VAL P 244 -3.96 -43.76 -14.03
CA VAL P 244 -4.38 -42.39 -13.76
C VAL P 244 -5.79 -42.01 -14.21
N GLY P 245 -6.04 -42.49 -15.43
CA GLY P 245 -7.33 -42.28 -16.07
C GLY P 245 -8.56 -42.61 -15.25
N SER P 246 -8.67 -43.94 -15.12
CA SER P 246 -9.74 -44.59 -14.38
C SER P 246 -9.88 -44.11 -12.95
N SER P 247 -8.73 -43.81 -12.34
CA SER P 247 -8.67 -43.24 -11.01
C SER P 247 -9.27 -41.85 -10.90
N SER P 248 -8.82 -40.93 -11.77
CA SER P 248 -9.38 -39.61 -11.99
C SER P 248 -10.86 -39.57 -12.30
N THR P 249 -11.23 -40.36 -13.31
CA THR P 249 -12.55 -40.52 -13.87
C THR P 249 -13.44 -40.79 -12.67
N LEU P 250 -13.18 -41.92 -12.01
CA LEU P 250 -13.98 -42.34 -10.87
C LEU P 250 -14.10 -41.28 -9.78
N SER P 251 -12.95 -40.66 -9.48
CA SER P 251 -12.91 -39.60 -8.49
C SER P 251 -13.77 -38.41 -8.85
N GLN P 252 -13.81 -37.93 -10.10
CA GLN P 252 -14.75 -36.96 -10.63
C GLN P 252 -16.24 -37.30 -10.47
N ALA P 253 -16.54 -38.58 -10.68
CA ALA P 253 -17.84 -39.14 -10.40
C ALA P 253 -18.32 -39.09 -8.96
N ILE P 254 -17.49 -39.60 -8.04
CA ILE P 254 -17.62 -39.38 -6.61
C ILE P 254 -17.92 -37.92 -6.29
N SER P 255 -16.98 -37.06 -6.68
CA SER P 255 -17.16 -35.69 -6.24
C SER P 255 -18.38 -34.88 -6.69
N THR P 256 -18.83 -35.26 -7.88
CA THR P 256 -20.16 -34.90 -8.32
C THR P 256 -21.29 -35.53 -7.51
N MET P 257 -21.16 -36.79 -7.11
CA MET P 257 -22.09 -37.35 -6.15
C MET P 257 -22.19 -36.62 -4.81
N ALA P 258 -20.98 -36.27 -4.35
CA ALA P 258 -20.73 -35.45 -3.19
C ALA P 258 -21.37 -34.08 -3.03
N GLY P 259 -21.26 -33.44 -4.19
CA GLY P 259 -21.88 -32.15 -4.43
C GLY P 259 -23.40 -32.15 -4.61
N LYS P 260 -23.88 -33.26 -5.16
CA LYS P 260 -25.32 -33.47 -5.20
C LYS P 260 -25.99 -33.73 -3.85
N ASP P 261 -25.15 -34.24 -2.96
CA ASP P 261 -25.40 -34.77 -1.63
C ASP P 261 -26.44 -35.89 -1.46
N LEU P 262 -26.57 -36.65 -2.54
CA LEU P 262 -27.47 -37.78 -2.66
C LEU P 262 -28.95 -37.71 -2.29
N ASP P 263 -29.06 -37.46 -0.99
CA ASP P 263 -30.23 -37.36 -0.13
C ASP P 263 -31.37 -36.66 -0.85
N LEU P 264 -31.00 -35.57 -1.55
CA LEU P 264 -31.90 -34.93 -2.49
C LEU P 264 -33.16 -35.56 -3.07
N ILE P 265 -33.02 -36.79 -3.57
CA ILE P 265 -34.12 -37.59 -4.06
C ILE P 265 -35.12 -38.11 -3.03
N GLU P 266 -34.69 -38.31 -1.78
CA GLU P 266 -35.49 -38.97 -0.76
C GLU P 266 -36.23 -37.98 0.12
N ALA P 267 -37.02 -37.23 -0.66
CA ALA P 267 -37.68 -36.09 -0.04
C ALA P 267 -39.17 -36.04 -0.40
N ASP P 268 -39.93 -36.45 0.61
CA ASP P 268 -41.38 -36.36 0.62
C ASP P 268 -42.05 -35.09 1.12
N THR P 269 -41.54 -34.74 2.31
CA THR P 269 -42.02 -33.70 3.19
C THR P 269 -40.99 -32.59 3.08
N PRO P 270 -41.38 -31.31 3.13
CA PRO P 270 -40.60 -30.15 2.75
C PRO P 270 -39.09 -30.04 2.83
N LEU P 271 -38.45 -30.13 1.66
CA LEU P 271 -37.05 -29.79 1.50
C LEU P 271 -36.84 -28.46 0.80
N PRO P 272 -36.12 -27.62 1.54
CA PRO P 272 -36.05 -26.23 1.15
C PRO P 272 -35.43 -25.77 -0.17
N VAL P 273 -36.26 -25.06 -0.93
CA VAL P 273 -35.95 -24.55 -2.25
C VAL P 273 -34.52 -24.25 -2.69
N SER P 274 -34.04 -23.38 -1.80
CA SER P 274 -32.70 -22.84 -1.85
C SER P 274 -31.54 -23.83 -1.94
N VAL P 275 -31.76 -24.88 -1.16
CA VAL P 275 -30.99 -26.10 -1.01
C VAL P 275 -31.04 -27.02 -2.22
N PHE P 276 -32.27 -27.31 -2.64
CA PHE P 276 -32.47 -28.15 -3.80
C PHE P 276 -32.18 -27.42 -5.10
N THR P 277 -32.59 -26.16 -5.33
CA THR P 277 -32.52 -25.47 -6.60
C THR P 277 -31.13 -24.89 -6.86
N PRO P 278 -30.44 -25.22 -7.95
CA PRO P 278 -29.32 -24.39 -8.35
C PRO P 278 -29.79 -23.20 -9.17
N SER P 279 -29.17 -23.03 -10.34
CA SER P 279 -29.49 -22.02 -11.34
C SER P 279 -30.49 -22.41 -12.43
N LEU P 280 -31.38 -21.44 -12.58
CA LEU P 280 -32.49 -21.56 -13.49
C LEU P 280 -32.55 -20.77 -14.79
N ALA P 281 -33.08 -21.37 -15.86
CA ALA P 281 -33.30 -20.70 -17.12
C ALA P 281 -34.72 -20.47 -17.63
N PRO P 282 -35.01 -19.45 -18.43
CA PRO P 282 -36.29 -19.27 -19.11
C PRO P 282 -36.74 -20.48 -19.92
N ARG P 283 -38.05 -20.65 -20.15
CA ARG P 283 -38.58 -21.64 -21.06
C ARG P 283 -39.60 -21.05 -22.02
N SER P 284 -39.85 -21.81 -23.08
CA SER P 284 -40.64 -21.38 -24.21
C SER P 284 -41.90 -22.24 -24.37
N TYR P 285 -43.09 -21.63 -24.34
CA TYR P 285 -44.35 -22.34 -24.45
C TYR P 285 -45.19 -21.74 -25.57
N ARG P 286 -46.14 -22.54 -26.03
CA ARG P 286 -47.10 -22.05 -27.01
C ARG P 286 -48.54 -21.87 -26.54
N PRO P 287 -49.18 -20.81 -27.03
CA PRO P 287 -50.62 -20.78 -27.07
C PRO P 287 -51.24 -21.89 -27.92
N ALA P 288 -51.43 -21.53 -29.20
CA ALA P 288 -51.62 -22.50 -30.25
C ALA P 288 -52.50 -23.72 -29.99
N PHE P 289 -51.80 -24.80 -29.60
CA PHE P 289 -52.43 -26.07 -29.33
C PHE P 289 -52.02 -26.61 -27.96
N ILE P 290 -51.74 -25.74 -26.99
CA ILE P 290 -51.53 -26.22 -25.63
C ILE P 290 -52.81 -26.75 -25.01
N LYS P 291 -52.75 -27.48 -23.90
CA LYS P 291 -53.99 -28.06 -23.45
C LYS P 291 -54.50 -27.56 -22.10
N PRO P 292 -55.54 -26.73 -22.23
CA PRO P 292 -56.15 -26.15 -21.05
C PRO P 292 -56.34 -26.97 -19.79
N GLU P 293 -56.69 -28.24 -20.02
CA GLU P 293 -56.82 -29.23 -18.98
C GLU P 293 -55.56 -29.46 -18.16
N ASP P 294 -54.42 -29.48 -18.84
CA ASP P 294 -53.16 -29.83 -18.22
C ASP P 294 -52.33 -28.69 -17.67
N ALA P 295 -52.54 -27.54 -18.32
CA ALA P 295 -51.70 -26.37 -18.18
C ALA P 295 -52.17 -25.38 -17.13
N LYS P 296 -51.72 -25.65 -15.90
CA LYS P 296 -52.02 -24.76 -14.79
C LYS P 296 -52.14 -23.25 -14.95
N TRP P 297 -51.04 -22.62 -15.36
CA TRP P 297 -50.97 -21.22 -15.74
C TRP P 297 -51.48 -20.71 -17.08
N ILE P 298 -51.99 -21.61 -17.91
CA ILE P 298 -52.45 -21.34 -19.27
C ILE P 298 -53.51 -22.31 -19.79
N ALA P 299 -54.74 -21.79 -19.75
CA ALA P 299 -56.00 -22.36 -20.16
C ALA P 299 -56.64 -21.57 -21.29
N GLU P 300 -57.90 -21.85 -21.64
CA GLU P 300 -58.64 -21.11 -22.64
C GLU P 300 -60.04 -20.71 -22.22
N PHE P 301 -60.51 -19.54 -22.70
CA PHE P 301 -61.91 -19.26 -22.90
C PHE P 301 -62.60 -20.16 -23.92
N ASN P 302 -63.87 -20.43 -23.63
CA ASN P 302 -64.66 -21.43 -24.31
C ASN P 302 -65.64 -20.90 -25.35
N ASN P 303 -65.80 -21.61 -26.47
CA ASN P 303 -66.64 -21.16 -27.56
C ASN P 303 -68.05 -20.92 -27.04
N SER P 304 -68.64 -19.89 -27.65
CA SER P 304 -69.88 -19.24 -27.27
C SER P 304 -69.80 -18.19 -26.16
N SER P 305 -69.96 -16.95 -26.61
CA SER P 305 -70.28 -15.76 -25.85
C SER P 305 -70.56 -14.50 -26.66
N LEU P 306 -69.42 -14.09 -27.21
CA LEU P 306 -69.10 -13.11 -28.23
C LEU P 306 -68.93 -11.71 -27.69
N ILE P 307 -67.68 -11.46 -27.27
CA ILE P 307 -67.42 -10.08 -26.92
C ILE P 307 -66.53 -9.56 -28.05
N ARG P 308 -67.31 -8.92 -28.93
CA ARG P 308 -66.79 -8.33 -30.15
C ARG P 308 -66.24 -6.92 -30.03
N LYS P 309 -67.09 -5.89 -30.13
CA LYS P 309 -66.55 -4.56 -30.07
C LYS P 309 -66.32 -3.98 -28.68
N THR P 310 -65.01 -3.82 -28.47
CA THR P 310 -64.47 -3.12 -27.32
C THR P 310 -63.60 -1.92 -27.67
N LEU P 311 -63.89 -0.74 -27.12
CA LEU P 311 -63.01 0.40 -27.21
C LEU P 311 -61.65 0.05 -26.62
N THR P 312 -60.62 0.31 -27.42
CA THR P 312 -59.22 0.04 -27.15
C THR P 312 -58.25 1.17 -26.84
N TYR P 313 -58.60 2.32 -27.43
CA TYR P 313 -57.89 3.59 -27.37
C TYR P 313 -58.89 4.72 -27.47
N SER P 314 -58.30 5.91 -27.46
CA SER P 314 -59.07 7.14 -27.51
C SER P 314 -59.83 7.15 -28.84
N GLY P 315 -61.11 6.88 -28.58
CA GLY P 315 -62.17 6.84 -29.56
C GLY P 315 -61.94 5.97 -30.79
N ALA P 316 -61.27 4.87 -30.45
CA ALA P 316 -60.67 3.94 -31.39
C ALA P 316 -61.03 2.55 -30.88
N THR P 317 -61.32 1.66 -31.82
CA THR P 317 -61.96 0.38 -31.57
C THR P 317 -61.37 -0.84 -32.28
N TYR P 318 -61.33 -1.95 -31.55
CA TYR P 318 -60.95 -3.29 -31.96
C TYR P 318 -61.92 -4.38 -31.52
N THR P 319 -62.16 -5.27 -32.47
CA THR P 319 -62.95 -6.43 -32.07
C THR P 319 -62.13 -7.57 -31.50
N VAL P 320 -62.17 -7.63 -30.17
CA VAL P 320 -61.51 -8.79 -29.60
C VAL P 320 -62.19 -10.13 -29.85
N GLN P 321 -63.48 -9.98 -30.13
CA GLN P 321 -64.36 -10.90 -30.80
C GLN P 321 -64.58 -12.32 -30.26
N LEU P 322 -64.47 -12.38 -28.94
CA LEU P 322 -64.39 -13.50 -28.02
C LEU P 322 -65.38 -14.63 -28.19
N GLY P 323 -64.86 -15.73 -28.74
CA GLY P 323 -65.63 -16.94 -28.96
C GLY P 323 -64.86 -18.22 -29.19
N PRO P 324 -64.85 -18.79 -30.40
CA PRO P 324 -64.25 -20.07 -30.71
C PRO P 324 -62.74 -20.11 -30.52
N GLY P 325 -62.18 -20.51 -29.36
CA GLY P 325 -60.80 -20.77 -29.00
C GLY P 325 -59.84 -19.60 -29.09
N PRO P 326 -60.29 -18.45 -28.58
CA PRO P 326 -59.55 -17.21 -28.69
C PRO P 326 -58.21 -17.19 -28.00
N THR P 327 -57.21 -17.58 -28.80
CA THR P 327 -55.82 -17.73 -28.45
C THR P 327 -55.67 -18.54 -27.17
N ARG P 328 -55.29 -17.94 -26.04
CA ARG P 328 -55.20 -18.57 -24.74
C ARG P 328 -55.33 -17.53 -23.63
N VAL P 329 -55.79 -18.04 -22.48
CA VAL P 329 -55.87 -17.22 -21.29
C VAL P 329 -54.77 -17.62 -20.31
N ILE P 330 -53.89 -16.61 -20.30
CA ILE P 330 -52.70 -16.87 -19.52
C ILE P 330 -52.98 -16.56 -18.07
N ASP P 331 -53.02 -17.63 -17.27
CA ASP P 331 -53.38 -17.58 -15.86
C ASP P 331 -52.25 -17.28 -14.89
N MET P 332 -51.95 -15.98 -14.84
CA MET P 332 -50.85 -15.45 -14.06
C MET P 332 -51.28 -14.93 -12.69
N ASN P 333 -52.31 -15.59 -12.17
CA ASN P 333 -52.74 -15.39 -10.80
C ASN P 333 -51.99 -16.14 -9.70
N ALA P 334 -50.99 -15.38 -9.28
CA ALA P 334 -49.96 -15.72 -8.32
C ALA P 334 -49.17 -16.99 -8.60
N MET P 335 -48.62 -16.85 -9.81
CA MET P 335 -47.82 -17.87 -10.46
C MET P 335 -46.37 -17.45 -10.49
N ILE P 336 -45.77 -17.35 -9.31
CA ILE P 336 -44.46 -16.79 -9.07
C ILE P 336 -44.11 -15.48 -9.77
N ASP P 337 -42.86 -15.03 -9.80
CA ASP P 337 -42.52 -13.86 -10.61
C ASP P 337 -41.67 -14.10 -11.85
N SER P 338 -42.23 -13.77 -13.01
CA SER P 338 -41.84 -13.98 -14.39
C SER P 338 -41.90 -12.74 -15.27
N VAL P 339 -41.26 -12.86 -16.44
CA VAL P 339 -41.41 -11.82 -17.45
C VAL P 339 -41.95 -12.46 -18.73
N LEU P 340 -43.17 -12.10 -19.08
CA LEU P 340 -43.88 -12.71 -20.19
C LEU P 340 -43.33 -12.24 -21.53
N THR P 341 -42.24 -12.91 -21.88
CA THR P 341 -41.49 -12.70 -23.10
C THR P 341 -42.16 -13.30 -24.32
N LEU P 342 -43.04 -12.54 -24.98
CA LEU P 342 -43.86 -12.96 -26.10
C LEU P 342 -43.06 -12.69 -27.37
N ASP P 343 -42.84 -13.82 -28.08
CA ASP P 343 -42.01 -13.89 -29.27
C ASP P 343 -42.83 -14.38 -30.45
N VAL P 344 -43.23 -13.28 -31.09
CA VAL P 344 -44.10 -13.35 -32.24
C VAL P 344 -43.26 -13.16 -33.49
N SER P 345 -43.42 -14.17 -34.35
CA SER P 345 -42.95 -14.07 -35.71
C SER P 345 -43.74 -15.01 -36.60
N GLY P 346 -43.90 -14.81 -37.91
CA GLY P 346 -44.74 -15.56 -38.82
C GLY P 346 -46.16 -15.04 -38.89
N THR P 347 -46.80 -15.34 -37.76
CA THR P 347 -48.17 -14.96 -37.52
C THR P 347 -48.50 -13.47 -37.52
N ILE P 348 -49.20 -13.15 -38.61
CA ILE P 348 -49.98 -11.93 -38.59
C ILE P 348 -51.43 -12.09 -38.99
N LEU P 349 -51.59 -12.88 -40.06
CA LEU P 349 -52.86 -13.22 -40.66
C LEU P 349 -53.78 -12.01 -40.76
N PRO P 350 -53.68 -11.19 -41.81
CA PRO P 350 -54.46 -9.97 -41.97
C PRO P 350 -55.96 -10.14 -41.90
N TYR P 351 -56.65 -9.14 -41.33
CA TYR P 351 -58.09 -9.18 -41.21
C TYR P 351 -58.79 -9.59 -42.49
N ASP P 352 -59.41 -10.76 -42.41
CA ASP P 352 -60.37 -11.32 -43.35
C ASP P 352 -60.52 -10.57 -44.67
N THR P 353 -61.27 -9.47 -44.67
CA THR P 353 -61.09 -8.49 -45.73
C THR P 353 -61.54 -7.08 -45.39
N ASN P 354 -60.75 -6.51 -44.47
CA ASN P 354 -60.87 -5.21 -43.87
C ASN P 354 -59.71 -4.33 -44.32
N PRO P 355 -59.96 -3.09 -44.76
CA PRO P 355 -58.94 -2.08 -44.91
C PRO P 355 -58.37 -1.51 -43.61
N ASP P 356 -58.33 -2.48 -42.70
CA ASP P 356 -57.75 -2.30 -41.39
C ASP P 356 -56.52 -3.16 -41.18
N LEU P 357 -55.81 -3.15 -42.30
CA LEU P 357 -54.65 -3.99 -42.56
C LEU P 357 -53.40 -3.36 -41.97
N SER P 358 -53.29 -2.08 -42.34
CA SER P 358 -52.59 -1.06 -41.58
C SER P 358 -53.36 -0.79 -40.29
N THR P 359 -52.61 -0.57 -39.22
CA THR P 359 -52.96 -0.31 -37.83
C THR P 359 -53.27 -1.43 -36.86
N SER P 360 -53.00 -2.62 -37.38
CA SER P 360 -53.06 -3.83 -36.59
C SER P 360 -51.85 -4.66 -36.15
N VAL P 361 -51.70 -4.57 -34.84
CA VAL P 361 -50.55 -5.13 -34.14
C VAL P 361 -50.76 -6.40 -33.32
N PRO P 362 -49.70 -7.21 -33.32
CA PRO P 362 -49.51 -8.23 -32.31
C PRO P 362 -49.32 -7.59 -30.95
N ALA P 363 -50.32 -7.91 -30.12
CA ALA P 363 -50.33 -7.47 -28.74
C ALA P 363 -50.68 -8.51 -27.69
N PHE P 364 -50.30 -8.15 -26.47
CA PHE P 364 -50.67 -8.76 -25.21
C PHE P 364 -51.53 -7.83 -24.36
N VAL P 365 -52.62 -8.44 -23.89
CA VAL P 365 -53.55 -7.75 -23.00
C VAL P 365 -53.74 -8.54 -21.73
N LEU P 366 -53.49 -7.96 -20.55
CA LEU P 366 -53.82 -8.62 -19.30
C LEU P 366 -55.26 -8.30 -18.97
N ILE P 367 -56.01 -9.27 -18.44
CA ILE P 367 -57.36 -9.08 -17.96
C ILE P 367 -57.49 -9.25 -16.44
N GLN P 368 -57.99 -8.20 -15.80
CA GLN P 368 -57.96 -7.99 -14.37
C GLN P 368 -59.30 -7.84 -13.66
N THR P 369 -59.91 -9.02 -13.52
CA THR P 369 -61.26 -9.13 -13.01
C THR P 369 -61.51 -10.15 -11.93
N SER P 370 -62.33 -9.76 -10.94
CA SER P 370 -62.89 -10.67 -9.97
C SER P 370 -64.04 -11.55 -10.45
N VAL P 371 -64.24 -11.48 -11.77
CA VAL P 371 -65.20 -12.33 -12.46
C VAL P 371 -64.46 -13.38 -13.26
N PRO P 372 -64.50 -14.62 -12.75
CA PRO P 372 -63.84 -15.76 -13.36
C PRO P 372 -64.26 -15.97 -14.80
N ILE P 373 -63.23 -15.96 -15.65
CA ILE P 373 -63.36 -16.18 -17.08
C ILE P 373 -64.59 -16.85 -17.70
N GLN P 374 -65.03 -17.96 -17.10
CA GLN P 374 -66.28 -18.54 -17.57
C GLN P 374 -67.58 -17.79 -17.39
N GLN P 375 -67.47 -16.79 -16.51
CA GLN P 375 -68.54 -15.85 -16.31
C GLN P 375 -68.55 -14.62 -17.22
N VAL P 376 -67.44 -14.47 -17.95
CA VAL P 376 -67.23 -13.27 -18.72
C VAL P 376 -67.84 -13.25 -20.12
N THR P 377 -69.10 -12.81 -20.07
CA THR P 377 -69.93 -12.78 -21.26
C THR P 377 -70.26 -11.50 -22.01
N THR P 378 -70.30 -10.39 -21.28
CA THR P 378 -70.41 -9.07 -21.86
C THR P 378 -69.26 -8.18 -21.43
N ALA P 379 -69.17 -7.01 -22.07
CA ALA P 379 -68.26 -5.96 -21.65
C ALA P 379 -68.30 -5.59 -20.17
N ALA P 380 -69.51 -5.66 -19.63
CA ALA P 380 -69.64 -5.31 -18.23
C ALA P 380 -68.75 -5.97 -17.19
N ASN P 381 -68.61 -7.28 -17.46
CA ASN P 381 -67.79 -8.25 -16.76
C ASN P 381 -66.30 -7.96 -16.59
N ILE P 382 -65.75 -7.47 -17.70
CA ILE P 382 -64.31 -7.38 -17.76
C ILE P 382 -63.47 -6.80 -16.62
N THR P 383 -64.07 -5.82 -15.95
CA THR P 383 -63.44 -4.93 -15.00
C THR P 383 -62.39 -4.10 -15.74
N ALA P 384 -61.26 -4.79 -15.86
CA ALA P 384 -60.12 -4.28 -16.60
C ALA P 384 -59.64 -5.12 -17.77
N ILE P 385 -59.78 -4.60 -18.99
CA ILE P 385 -58.90 -4.97 -20.08
C ILE P 385 -57.73 -4.01 -20.25
N THR P 386 -56.53 -4.38 -19.82
CA THR P 386 -55.38 -3.53 -20.01
C THR P 386 -54.46 -4.16 -21.05
N VAL P 387 -54.46 -3.41 -22.16
CA VAL P 387 -53.43 -3.54 -23.17
C VAL P 387 -52.06 -3.15 -22.66
N VAL P 388 -51.23 -4.17 -22.42
CA VAL P 388 -49.92 -4.08 -21.81
C VAL P 388 -48.79 -4.03 -22.83
N SER P 389 -48.95 -5.01 -23.73
CA SER P 389 -47.83 -5.34 -24.59
C SER P 389 -48.04 -5.09 -26.08
N ALA P 390 -47.80 -3.84 -26.49
CA ALA P 390 -47.75 -3.55 -27.90
C ALA P 390 -46.69 -2.62 -28.47
N ALA P 391 -46.18 -1.77 -27.57
CA ALA P 391 -45.35 -0.65 -27.96
C ALA P 391 -45.95 0.36 -28.93
N GLY P 392 -45.41 0.59 -30.12
CA GLY P 392 -46.09 1.48 -31.03
C GLY P 392 -47.36 0.83 -31.59
N ALA P 393 -48.45 1.23 -30.93
CA ALA P 393 -49.68 0.52 -31.21
C ALA P 393 -50.57 1.14 -32.28
N SER P 394 -50.04 1.03 -33.50
CA SER P 394 -50.65 1.25 -34.79
C SER P 394 -50.46 0.04 -35.69
N ALA P 395 -49.61 0.18 -36.71
CA ALA P 395 -49.03 -0.85 -37.54
C ALA P 395 -48.31 -0.38 -38.80
N ILE P 396 -47.48 -1.32 -39.28
CA ILE P 396 -46.77 -1.33 -40.54
C ILE P 396 -46.57 -2.79 -40.94
N ASN P 397 -46.71 -2.92 -42.26
CA ASN P 397 -46.51 -4.17 -42.97
C ASN P 397 -45.11 -4.76 -42.85
N LEU P 398 -44.85 -5.30 -41.67
CA LEU P 398 -43.69 -6.06 -41.25
C LEU P 398 -43.61 -7.50 -41.73
N ALA P 399 -44.79 -7.90 -42.21
CA ALA P 399 -45.00 -9.14 -42.92
C ALA P 399 -44.39 -9.15 -44.32
N ILE P 400 -43.70 -10.28 -44.53
CA ILE P 400 -43.11 -10.54 -45.84
C ILE P 400 -44.16 -10.72 -46.92
N ASN P 401 -44.72 -9.55 -47.25
CA ASN P 401 -45.91 -9.43 -48.08
C ASN P 401 -45.89 -9.49 -49.60
N VAL P 402 -44.64 -9.33 -50.04
CA VAL P 402 -44.30 -9.26 -51.44
C VAL P 402 -44.82 -10.41 -52.28
N ARG P 403 -44.73 -11.61 -51.70
CA ARG P 403 -44.92 -12.81 -52.51
C ARG P 403 -46.17 -13.51 -51.97
N GLY P 404 -47.04 -12.62 -51.51
CA GLY P 404 -48.28 -13.13 -50.97
C GLY P 404 -48.25 -13.53 -49.50
N GLN P 405 -47.03 -13.70 -48.97
CA GLN P 405 -46.86 -14.23 -47.63
C GLN P 405 -47.40 -13.33 -46.53
N PRO P 406 -48.01 -13.84 -45.46
CA PRO P 406 -48.35 -12.99 -44.33
C PRO P 406 -47.51 -13.50 -43.17
N ARG P 407 -46.25 -13.08 -43.27
CA ARG P 407 -45.22 -13.45 -42.32
C ARG P 407 -44.97 -11.97 -42.04
N PHE P 408 -45.46 -11.69 -40.83
CA PHE P 408 -44.90 -11.07 -39.65
C PHE P 408 -43.57 -11.08 -38.90
N ASN P 409 -42.81 -10.00 -39.11
CA ASN P 409 -41.47 -9.73 -38.63
C ASN P 409 -41.35 -10.20 -37.18
N MET P 410 -40.18 -10.62 -36.71
CA MET P 410 -40.00 -11.00 -35.32
C MET P 410 -40.08 -9.85 -34.32
N LEU P 411 -41.22 -9.85 -33.61
CA LEU P 411 -41.36 -9.09 -32.39
C LEU P 411 -41.04 -9.65 -31.02
N HIS P 412 -40.45 -8.77 -30.21
CA HIS P 412 -40.19 -9.08 -28.82
C HIS P 412 -41.11 -8.29 -27.89
N LEU P 413 -42.18 -8.88 -27.36
CA LEU P 413 -43.06 -8.26 -26.37
C LEU P 413 -42.65 -8.54 -24.94
N GLN P 414 -42.88 -7.65 -23.97
CA GLN P 414 -42.63 -7.81 -22.55
C GLN P 414 -43.80 -7.34 -21.71
N ALA P 415 -44.20 -8.29 -20.86
CA ALA P 415 -45.05 -8.02 -19.72
C ALA P 415 -44.49 -8.41 -18.37
N THR P 416 -43.87 -7.44 -17.70
CA THR P 416 -43.45 -7.65 -16.32
C THR P 416 -44.41 -8.21 -15.27
N PHE P 417 -44.69 -9.50 -15.41
CA PHE P 417 -45.48 -10.24 -14.45
C PHE P 417 -44.88 -10.36 -13.05
N GLU P 418 -45.18 -9.27 -12.33
CA GLU P 418 -45.01 -9.15 -10.90
C GLU P 418 -46.35 -9.10 -10.16
N ARG P 419 -46.57 -10.31 -9.65
CA ARG P 419 -47.77 -10.48 -8.86
C ARG P 419 -48.07 -9.53 -7.70
N GLU P 420 -46.98 -8.94 -7.21
CA GLU P 420 -47.04 -7.85 -6.26
C GLU P 420 -47.69 -6.56 -6.76
N THR P 421 -47.49 -6.29 -8.04
CA THR P 421 -48.23 -5.23 -8.71
C THR P 421 -49.75 -5.13 -8.55
N ILE P 422 -50.30 -6.35 -8.55
CA ILE P 422 -51.71 -6.51 -8.28
C ILE P 422 -52.03 -7.14 -6.93
N THR P 423 -51.17 -8.01 -6.40
CA THR P 423 -51.37 -8.83 -5.22
C THR P 423 -52.62 -9.70 -5.19
N GLY P 424 -52.91 -10.43 -6.26
CA GLY P 424 -54.16 -11.16 -6.36
C GLY P 424 -55.44 -10.32 -6.34
N ILE P 425 -56.46 -11.01 -5.85
CA ILE P 425 -57.76 -10.41 -5.64
C ILE P 425 -58.71 -10.08 -6.78
N PRO P 426 -58.28 -9.30 -7.78
CA PRO P 426 -58.93 -9.40 -9.08
C PRO P 426 -58.31 -10.28 -10.16
N TYR P 427 -58.51 -11.59 -9.96
CA TYR P 427 -57.62 -12.60 -10.47
C TYR P 427 -57.06 -12.39 -11.87
N ILE P 428 -55.79 -12.75 -12.02
CA ILE P 428 -54.99 -12.28 -13.13
C ILE P 428 -55.01 -13.17 -14.36
N TYR P 429 -55.44 -12.55 -15.46
CA TYR P 429 -55.49 -13.05 -16.81
C TYR P 429 -54.81 -12.20 -17.88
N GLY P 430 -54.58 -12.83 -19.03
CA GLY P 430 -53.97 -12.20 -20.18
C GLY P 430 -54.27 -13.02 -21.43
N LEU P 431 -54.31 -12.25 -22.52
CA LEU P 431 -54.58 -12.76 -23.84
C LEU P 431 -53.59 -12.29 -24.90
N GLY P 432 -53.62 -12.91 -26.08
CA GLY P 432 -52.78 -12.55 -27.21
C GLY P 432 -53.59 -12.12 -28.43
N THR P 433 -53.26 -11.02 -29.10
CA THR P 433 -54.02 -10.50 -30.22
C THR P 433 -53.49 -9.33 -31.03
N PHE P 434 -53.71 -9.48 -32.34
CA PHE P 434 -53.70 -8.39 -33.30
C PHE P 434 -54.68 -7.25 -33.06
N LEU P 435 -54.33 -6.36 -32.12
CA LEU P 435 -55.18 -5.33 -31.58
C LEU P 435 -55.09 -4.10 -32.49
N ILE P 436 -56.21 -3.46 -32.80
CA ILE P 436 -56.27 -2.23 -33.57
C ILE P 436 -56.90 -1.01 -32.90
N PRO P 437 -56.33 0.16 -33.19
CA PRO P 437 -57.15 1.35 -33.09
C PRO P 437 -58.23 1.52 -34.15
N SER P 438 -57.78 1.39 -35.40
CA SER P 438 -58.71 1.48 -36.50
C SER P 438 -59.80 0.43 -36.70
N PRO P 439 -61.03 0.94 -36.57
CA PRO P 439 -62.12 0.07 -36.17
C PRO P 439 -62.34 -1.13 -37.08
N THR P 440 -62.47 -2.28 -36.43
CA THR P 440 -62.67 -3.53 -37.15
C THR P 440 -64.08 -4.09 -37.22
N SER P 441 -64.40 -4.45 -38.46
CA SER P 441 -65.74 -4.90 -38.81
C SER P 441 -66.13 -6.26 -38.23
N SER P 442 -66.74 -6.19 -37.05
CA SER P 442 -67.24 -7.38 -36.39
C SER P 442 -67.99 -8.47 -37.16
N SER P 443 -68.87 -7.99 -38.03
CA SER P 443 -69.59 -8.81 -38.98
C SER P 443 -68.67 -9.53 -39.94
N ASN P 444 -67.80 -8.71 -40.54
CA ASN P 444 -66.69 -9.23 -41.30
C ASN P 444 -65.71 -10.21 -40.66
N PHE P 445 -64.93 -9.70 -39.72
CA PHE P 445 -63.95 -10.54 -39.03
C PHE P 445 -64.55 -11.23 -37.81
N SER P 446 -65.39 -12.19 -38.17
CA SER P 446 -65.88 -13.18 -37.23
C SER P 446 -64.93 -14.00 -36.36
N ASN P 447 -63.71 -14.23 -36.87
CA ASN P 447 -62.73 -14.80 -35.96
C ASN P 447 -62.30 -14.00 -34.75
N PRO P 448 -62.41 -14.52 -33.52
CA PRO P 448 -62.09 -13.91 -32.25
C PRO P 448 -60.64 -13.48 -32.22
N THR P 449 -59.68 -14.40 -32.06
CA THR P 449 -58.35 -14.10 -32.55
C THR P 449 -57.16 -15.03 -32.47
N LEU P 450 -56.49 -14.84 -33.61
CA LEU P 450 -55.42 -15.77 -33.90
C LEU P 450 -53.91 -15.63 -34.01
N MET P 451 -53.77 -14.87 -32.92
CA MET P 451 -52.39 -14.53 -32.65
C MET P 451 -51.58 -15.60 -31.93
N ASP P 452 -51.12 -16.56 -32.73
CA ASP P 452 -50.39 -17.76 -32.35
C ASP P 452 -48.89 -17.94 -32.55
N GLY P 453 -48.08 -17.44 -31.61
CA GLY P 453 -46.64 -17.66 -31.67
C GLY P 453 -45.95 -18.28 -30.47
N LEU P 454 -44.90 -17.57 -30.02
CA LEU P 454 -44.29 -18.09 -28.81
C LEU P 454 -44.46 -17.18 -27.61
N LEU P 455 -44.46 -17.85 -26.45
CA LEU P 455 -44.53 -17.25 -25.13
C LEU P 455 -43.47 -17.81 -24.18
N THR P 456 -42.36 -17.07 -24.15
CA THR P 456 -41.17 -17.48 -23.42
C THR P 456 -41.24 -16.87 -22.03
N VAL P 457 -41.75 -17.66 -21.08
CA VAL P 457 -41.74 -17.33 -19.67
C VAL P 457 -40.30 -17.22 -19.20
N THR P 458 -39.99 -16.01 -18.72
CA THR P 458 -38.80 -15.69 -17.94
C THR P 458 -38.88 -15.80 -16.43
N PRO P 459 -38.78 -16.96 -15.77
CA PRO P 459 -38.87 -17.07 -14.33
C PRO P 459 -37.77 -16.45 -13.48
N VAL P 460 -37.90 -15.13 -13.49
CA VAL P 460 -37.00 -14.25 -12.78
C VAL P 460 -36.65 -14.54 -11.33
N LEU P 461 -37.73 -14.86 -10.63
CA LEU P 461 -37.69 -15.10 -9.19
C LEU P 461 -37.32 -16.56 -9.00
N LEU P 462 -36.00 -16.74 -9.02
CA LEU P 462 -35.35 -17.95 -8.56
C LEU P 462 -35.60 -18.24 -7.08
N ARG P 463 -36.14 -17.24 -6.37
CA ARG P 463 -36.73 -17.47 -5.07
C ARG P 463 -38.08 -18.17 -4.90
N GLU P 464 -37.90 -19.37 -4.35
CA GLU P 464 -39.02 -20.17 -3.88
C GLU P 464 -39.57 -20.96 -5.05
N THR P 465 -39.04 -22.15 -5.39
CA THR P 465 -39.53 -22.89 -6.53
C THR P 465 -40.81 -23.65 -6.25
N THR P 466 -41.71 -23.50 -7.23
CA THR P 466 -43.04 -24.07 -7.34
C THR P 466 -43.02 -25.58 -7.51
N TYR P 467 -43.77 -26.22 -6.62
CA TYR P 467 -44.26 -27.57 -6.78
C TYR P 467 -45.70 -27.66 -7.28
N LYS P 468 -45.80 -27.74 -8.60
CA LYS P 468 -47.06 -27.96 -9.30
C LYS P 468 -48.15 -26.96 -8.94
N GLY P 469 -47.96 -25.74 -9.44
CA GLY P 469 -48.81 -24.63 -9.08
C GLY P 469 -48.77 -24.07 -7.66
N GLU P 470 -48.28 -24.93 -6.77
CA GLU P 470 -48.16 -24.64 -5.36
C GLU P 470 -46.88 -23.86 -5.10
N VAL P 471 -46.91 -22.54 -5.01
CA VAL P 471 -45.79 -21.69 -4.63
C VAL P 471 -45.31 -21.98 -3.21
N VAL P 472 -44.40 -22.94 -3.14
CA VAL P 472 -43.81 -23.41 -1.91
C VAL P 472 -42.31 -23.28 -1.70
N ASP P 473 -41.95 -23.09 -0.43
CA ASP P 473 -40.56 -23.22 -0.05
C ASP P 473 -39.92 -24.60 0.01
N ALA P 474 -40.67 -25.47 -0.66
CA ALA P 474 -40.40 -26.89 -0.64
C ALA P 474 -40.22 -27.53 -2.01
N ILE P 475 -39.17 -28.35 -2.14
CA ILE P 475 -39.01 -29.23 -3.27
C ILE P 475 -38.92 -30.65 -2.75
N VAL P 476 -40.00 -31.34 -3.12
CA VAL P 476 -40.21 -32.73 -2.76
C VAL P 476 -40.24 -33.75 -3.88
N PRO P 477 -39.05 -34.24 -4.26
CA PRO P 477 -38.91 -35.18 -5.34
C PRO P 477 -39.72 -36.47 -5.23
N ALA P 478 -39.53 -37.21 -4.14
CA ALA P 478 -40.24 -38.47 -4.08
C ALA P 478 -41.75 -38.44 -4.26
N THR P 479 -42.44 -37.35 -3.90
CA THR P 479 -43.86 -37.23 -4.09
C THR P 479 -44.21 -36.73 -5.49
N VAL P 480 -43.27 -36.10 -6.18
CA VAL P 480 -43.48 -35.71 -7.55
C VAL P 480 -43.76 -36.91 -8.44
N MET P 481 -43.14 -38.05 -8.11
CA MET P 481 -43.21 -39.34 -8.75
C MET P 481 -44.64 -39.73 -9.07
N ALA P 482 -44.86 -40.25 -10.28
CA ALA P 482 -46.14 -40.68 -10.80
C ALA P 482 -47.30 -39.70 -10.74
N ASN P 483 -46.91 -38.43 -10.60
CA ASN P 483 -47.91 -37.39 -10.63
C ASN P 483 -47.82 -36.31 -11.70
N GLN P 484 -47.21 -36.80 -12.78
CA GLN P 484 -46.87 -36.04 -13.96
C GLN P 484 -46.89 -36.79 -15.29
N THR P 485 -47.76 -36.21 -16.12
CA THR P 485 -47.92 -36.64 -17.49
C THR P 485 -46.93 -35.93 -18.40
N SER P 486 -46.62 -36.46 -19.58
CA SER P 486 -45.63 -35.77 -20.39
C SER P 486 -45.94 -34.32 -20.73
N GLU P 487 -47.24 -34.21 -21.04
CA GLU P 487 -47.90 -32.92 -21.19
C GLU P 487 -47.74 -31.89 -20.08
N GLU P 488 -47.84 -32.43 -18.86
CA GLU P 488 -47.75 -31.62 -17.67
C GLU P 488 -46.34 -31.07 -17.49
N VAL P 489 -45.39 -32.01 -17.62
CA VAL P 489 -43.99 -31.67 -17.58
C VAL P 489 -43.64 -30.58 -18.58
N ALA P 490 -44.00 -30.85 -19.83
CA ALA P 490 -43.76 -29.86 -20.85
C ALA P 490 -44.28 -28.44 -20.62
N SER P 491 -45.54 -28.48 -20.17
CA SER P 491 -46.27 -27.31 -19.70
C SER P 491 -45.75 -26.50 -18.53
N ALA P 492 -45.31 -27.31 -17.57
CA ALA P 492 -44.79 -26.74 -16.34
C ALA P 492 -43.82 -25.57 -16.35
N LEU P 493 -43.98 -24.63 -15.41
CA LEU P 493 -43.07 -23.51 -15.35
C LEU P 493 -41.63 -23.93 -15.08
N ALA P 494 -40.72 -23.16 -15.67
CA ALA P 494 -39.32 -23.34 -15.38
C ALA P 494 -38.86 -23.59 -13.95
N ASN P 495 -39.53 -22.87 -13.04
CA ASN P 495 -39.44 -22.83 -11.59
C ASN P 495 -40.03 -24.03 -10.88
N ASP P 496 -40.11 -25.17 -11.58
CA ASP P 496 -40.86 -26.30 -11.06
C ASP P 496 -40.11 -27.61 -10.86
N ALA P 497 -40.28 -28.10 -9.63
CA ALA P 497 -39.65 -29.32 -9.19
C ALA P 497 -39.07 -30.37 -10.13
N ILE P 498 -39.95 -30.80 -11.02
CA ILE P 498 -39.65 -31.65 -12.16
C ILE P 498 -38.33 -31.42 -12.89
N VAL P 499 -38.11 -30.20 -13.39
CA VAL P 499 -36.90 -30.05 -14.18
C VAL P 499 -35.57 -30.06 -13.45
N LEU P 500 -35.76 -29.60 -12.21
CA LEU P 500 -34.69 -29.51 -11.24
C LEU P 500 -34.09 -30.84 -10.82
N VAL P 501 -35.04 -31.75 -10.63
CA VAL P 501 -34.85 -33.14 -10.29
C VAL P 501 -34.16 -33.85 -11.44
N SER P 502 -34.71 -33.70 -12.64
CA SER P 502 -34.06 -34.25 -13.82
C SER P 502 -32.61 -33.76 -13.96
N ASN P 503 -32.35 -32.47 -13.74
CA ASN P 503 -31.00 -31.95 -13.81
C ASN P 503 -29.99 -32.63 -12.90
N HIS P 504 -30.43 -32.86 -11.66
CA HIS P 504 -29.75 -33.69 -10.70
C HIS P 504 -29.56 -35.16 -11.07
N LEU P 505 -30.64 -35.81 -11.50
CA LEU P 505 -30.75 -37.09 -12.17
C LEU P 505 -29.92 -37.33 -13.43
N ASN P 506 -29.66 -36.24 -14.14
CA ASN P 506 -28.77 -36.30 -15.28
C ASN P 506 -27.30 -36.53 -14.90
N LYS P 507 -26.85 -35.93 -13.81
CA LYS P 507 -25.57 -36.18 -13.16
C LYS P 507 -25.37 -37.58 -12.60
N LEU P 508 -26.42 -38.12 -11.99
CA LEU P 508 -26.44 -39.54 -11.71
C LEU P 508 -26.26 -40.46 -12.92
N ALA P 509 -27.06 -40.20 -13.94
CA ALA P 509 -26.82 -40.88 -15.20
C ALA P 509 -25.45 -40.91 -15.87
N ASN P 510 -24.86 -39.72 -15.83
CA ASN P 510 -23.52 -39.42 -16.30
C ASN P 510 -22.44 -40.29 -15.69
N VAL P 511 -22.63 -40.38 -14.37
CA VAL P 511 -21.80 -41.21 -13.52
C VAL P 511 -21.87 -42.68 -13.92
N VAL P 512 -23.14 -43.07 -14.02
CA VAL P 512 -23.46 -44.46 -14.28
C VAL P 512 -22.88 -44.90 -15.63
N GLY P 513 -23.03 -44.09 -16.67
CA GLY P 513 -22.50 -44.46 -17.98
C GLY P 513 -21.02 -44.58 -18.30
N ASP P 514 -20.35 -43.63 -17.65
CA ASP P 514 -18.90 -43.51 -17.66
C ASP P 514 -18.11 -44.47 -16.80
N ALA P 515 -18.73 -44.80 -15.66
CA ALA P 515 -18.15 -45.65 -14.65
C ALA P 515 -18.61 -47.09 -14.55
N ILE P 516 -19.93 -47.22 -14.71
CA ILE P 516 -20.49 -48.55 -14.58
C ILE P 516 -20.74 -49.03 -16.00
N PRO P 517 -20.42 -50.26 -16.39
CA PRO P 517 -20.62 -50.79 -17.72
C PRO P 517 -22.03 -51.27 -18.07
N VAL P 518 -22.79 -50.17 -18.15
CA VAL P 518 -24.13 -50.20 -18.70
C VAL P 518 -24.17 -49.76 -20.16
N ALA P 519 -23.02 -49.96 -20.82
CA ALA P 519 -23.02 -49.94 -22.27
C ALA P 519 -23.50 -51.02 -23.22
N SER P 520 -23.17 -51.33 -24.47
CA SER P 520 -24.01 -52.25 -25.22
C SER P 520 -24.38 -53.69 -24.90
N ARG P 521 -24.99 -53.97 -23.74
CA ARG P 521 -25.79 -55.12 -23.39
C ARG P 521 -25.08 -55.86 -22.27
N THR P 522 -24.10 -55.15 -21.68
CA THR P 522 -23.36 -55.72 -20.57
C THR P 522 -24.06 -55.71 -19.22
N ASP P 523 -24.72 -56.82 -18.89
CA ASP P 523 -25.27 -56.95 -17.57
C ASP P 523 -24.23 -57.37 -16.54
N ASP P 524 -23.93 -56.40 -15.68
CA ASP P 524 -22.99 -56.36 -14.57
C ASP P 524 -23.65 -56.39 -13.20
N SER P 525 -23.09 -57.29 -12.39
CA SER P 525 -23.35 -57.09 -10.97
C SER P 525 -23.59 -55.85 -10.14
N ALA P 526 -22.89 -54.86 -10.69
CA ALA P 526 -23.22 -53.49 -10.35
C ALA P 526 -24.69 -53.11 -10.32
N THR P 527 -25.43 -53.67 -11.28
CA THR P 527 -26.85 -53.38 -11.42
C THR P 527 -27.79 -53.92 -10.35
N SER P 528 -27.15 -54.55 -9.36
CA SER P 528 -27.82 -55.27 -8.29
C SER P 528 -28.76 -54.65 -7.27
N ALA P 529 -28.66 -53.33 -7.19
CA ALA P 529 -29.34 -52.43 -6.27
C ALA P 529 -30.82 -52.34 -6.56
N ILE P 530 -31.05 -52.10 -7.86
CA ILE P 530 -32.41 -52.17 -8.35
C ILE P 530 -33.11 -53.53 -8.31
N VAL P 531 -32.26 -54.52 -8.57
CA VAL P 531 -32.83 -55.85 -8.53
C VAL P 531 -33.20 -56.29 -7.13
N SER P 532 -32.40 -55.95 -6.11
CA SER P 532 -32.63 -56.26 -4.72
C SER P 532 -33.93 -55.67 -4.18
N ARG P 533 -34.24 -54.44 -4.61
CA ARG P 533 -35.52 -53.82 -4.33
C ARG P 533 -36.70 -54.51 -5.02
N LEU P 534 -36.46 -54.83 -6.29
CA LEU P 534 -37.41 -55.61 -7.05
C LEU P 534 -37.71 -56.98 -6.45
N ALA P 535 -36.62 -57.62 -6.04
CA ALA P 535 -36.80 -58.96 -5.52
C ALA P 535 -37.70 -59.08 -4.30
N VAL P 536 -37.54 -58.11 -3.40
CA VAL P 536 -38.36 -58.10 -2.21
C VAL P 536 -39.79 -57.60 -2.32
N GLN P 537 -39.86 -56.62 -3.22
CA GLN P 537 -41.18 -56.20 -3.62
C GLN P 537 -42.11 -57.21 -4.28
N HIS P 538 -41.48 -58.14 -5.00
CA HIS P 538 -42.30 -59.13 -5.67
C HIS P 538 -42.92 -60.20 -4.78
N LYS P 539 -43.03 -59.89 -3.48
CA LYS P 539 -43.54 -60.98 -2.67
C LYS P 539 -45.06 -61.03 -2.50
N LEU P 540 -45.50 -61.37 -3.71
CA LEU P 540 -46.92 -61.58 -3.93
C LEU P 540 -47.40 -62.95 -3.49
N SER P 541 -47.60 -63.08 -2.18
CA SER P 541 -48.01 -64.36 -1.65
C SER P 541 -49.51 -64.33 -1.37
N GLN P 542 -50.14 -65.46 -1.72
CA GLN P 542 -51.56 -65.61 -1.45
C GLN P 542 -51.57 -66.82 -0.52
N VAL P 543 -52.64 -67.61 -0.68
CA VAL P 543 -52.97 -68.85 -0.02
C VAL P 543 -52.62 -70.03 -0.91
N GLY P 544 -51.94 -71.02 -0.31
CA GLY P 544 -51.61 -72.18 -1.11
C GLY P 544 -50.38 -72.01 -2.00
N GLN P 545 -50.71 -72.04 -3.28
CA GLN P 545 -49.80 -71.65 -4.35
C GLN P 545 -49.73 -70.15 -4.63
N ALA P 546 -48.81 -69.51 -3.93
CA ALA P 546 -48.37 -68.16 -4.24
C ALA P 546 -47.63 -68.09 -5.57
N SER P 547 -47.32 -66.89 -6.04
CA SER P 547 -46.69 -66.47 -7.28
C SER P 547 -45.50 -67.40 -7.55
N PRO P 548 -45.61 -68.26 -8.56
CA PRO P 548 -44.51 -69.13 -8.91
C PRO P 548 -43.47 -68.64 -9.92
N THR P 549 -42.74 -67.70 -9.30
CA THR P 549 -41.71 -66.93 -9.96
C THR P 549 -40.32 -67.53 -9.85
N PRO P 550 -39.82 -68.22 -10.88
CA PRO P 550 -38.50 -68.83 -10.87
C PRO P 550 -37.51 -67.74 -10.48
N PRO P 551 -36.82 -67.95 -9.35
CA PRO P 551 -36.14 -66.89 -8.63
C PRO P 551 -35.62 -65.64 -9.32
N ASP P 552 -35.85 -64.47 -8.72
CA ASP P 552 -35.64 -63.13 -9.25
C ASP P 552 -34.44 -62.77 -10.12
N TYR P 553 -33.51 -63.70 -9.91
CA TYR P 553 -32.13 -63.49 -10.31
C TYR P 553 -31.79 -63.43 -11.80
N PRO P 554 -32.43 -64.27 -12.62
CA PRO P 554 -32.42 -64.03 -14.05
C PRO P 554 -33.49 -63.00 -14.39
N LEU P 555 -34.71 -63.45 -14.05
CA LEU P 555 -35.96 -62.81 -14.38
C LEU P 555 -36.10 -61.29 -14.33
N LEU P 556 -36.11 -60.81 -13.09
CA LEU P 556 -36.16 -59.44 -12.62
C LEU P 556 -34.90 -58.63 -12.93
N TRP P 557 -33.78 -59.37 -12.88
CA TRP P 557 -32.48 -58.84 -13.27
C TRP P 557 -32.50 -58.29 -14.70
N ARG P 558 -33.03 -59.08 -15.62
CA ARG P 558 -33.11 -58.63 -16.99
C ARG P 558 -34.09 -57.50 -17.27
N ARG P 559 -35.25 -57.62 -16.63
CA ARG P 559 -36.25 -56.58 -16.60
C ARG P 559 -35.76 -55.23 -16.09
N ALA P 560 -34.96 -55.34 -15.03
CA ALA P 560 -34.30 -54.26 -14.34
C ALA P 560 -33.16 -53.65 -15.13
N LYS P 561 -32.33 -54.35 -15.92
CA LYS P 561 -31.44 -53.72 -16.87
C LYS P 561 -32.16 -52.87 -17.90
N ARG P 562 -33.18 -53.52 -18.47
CA ARG P 562 -34.08 -52.83 -19.37
C ARG P 562 -34.64 -51.46 -19.03
N ALA P 563 -35.21 -51.41 -17.83
CA ALA P 563 -35.60 -50.20 -17.15
C ALA P 563 -34.51 -49.28 -16.61
N ALA P 564 -33.37 -49.78 -16.13
CA ALA P 564 -32.21 -48.93 -16.00
C ALA P 564 -31.70 -48.11 -17.18
N SER P 565 -31.63 -48.86 -18.28
CA SER P 565 -31.30 -48.50 -19.64
C SER P 565 -32.26 -47.42 -20.12
N MET P 566 -33.57 -47.62 -20.02
CA MET P 566 -34.56 -46.57 -20.18
C MET P 566 -34.42 -45.32 -19.32
N PHE P 567 -34.15 -45.50 -18.03
CA PHE P 567 -33.70 -44.33 -17.31
C PHE P 567 -32.51 -43.53 -17.82
N VAL P 568 -31.46 -44.27 -18.16
CA VAL P 568 -30.23 -43.76 -18.74
C VAL P 568 -30.30 -43.00 -20.06
N SER P 569 -31.00 -43.64 -20.99
CA SER P 569 -31.43 -43.05 -22.24
C SER P 569 -32.31 -41.81 -22.37
N ASN P 570 -33.15 -41.65 -21.33
CA ASN P 570 -33.86 -40.45 -20.96
C ASN P 570 -34.22 -40.34 -19.48
N PRO P 571 -33.45 -39.52 -18.78
CA PRO P 571 -33.73 -39.22 -17.39
C PRO P 571 -35.07 -38.74 -16.84
N SER P 572 -35.72 -37.95 -17.69
CA SER P 572 -37.10 -37.60 -17.42
C SER P 572 -38.22 -38.60 -17.21
N LEU P 573 -38.07 -39.77 -17.85
CA LEU P 573 -38.95 -40.90 -17.62
C LEU P 573 -39.26 -41.28 -16.17
N ALA P 574 -38.31 -40.90 -15.31
CA ALA P 574 -38.46 -41.03 -13.88
C ALA P 574 -39.60 -40.26 -13.21
N LEU P 575 -39.84 -39.15 -13.92
CA LEU P 575 -40.93 -38.28 -13.53
C LEU P 575 -42.25 -38.53 -14.26
N GLN P 576 -42.11 -39.33 -15.33
CA GLN P 576 -43.23 -39.63 -16.19
C GLN P 576 -44.05 -40.85 -15.76
N VAL P 577 -45.28 -40.48 -15.45
CA VAL P 577 -46.35 -41.44 -15.27
C VAL P 577 -46.27 -42.64 -16.20
N GLY P 578 -46.75 -43.73 -15.60
CA GLY P 578 -46.83 -45.08 -16.12
C GLY P 578 -45.61 -45.81 -16.65
N ILE P 579 -44.53 -45.75 -15.87
CA ILE P 579 -43.28 -46.36 -16.26
C ILE P 579 -43.23 -47.63 -15.43
N PRO P 580 -43.16 -48.83 -16.00
CA PRO P 580 -43.38 -50.06 -15.28
C PRO P 580 -42.96 -50.14 -13.82
N VAL P 581 -41.64 -50.20 -13.64
CA VAL P 581 -41.02 -50.37 -12.34
C VAL P 581 -40.31 -49.20 -11.68
N LEU P 582 -39.90 -48.19 -12.45
CA LEU P 582 -39.38 -46.94 -11.94
C LEU P 582 -40.29 -45.98 -11.20
N THR P 583 -41.58 -46.07 -11.53
CA THR P 583 -42.65 -45.52 -10.73
C THR P 583 -42.52 -45.69 -9.22
N GLN P 584 -41.83 -46.75 -8.78
CA GLN P 584 -41.39 -46.96 -7.42
C GLN P 584 -40.05 -46.36 -7.00
N SER P 585 -40.31 -45.22 -6.34
CA SER P 585 -39.26 -44.35 -5.84
C SER P 585 -38.12 -44.93 -5.01
N GLY P 586 -38.50 -46.04 -4.37
CA GLY P 586 -37.62 -46.98 -3.69
C GLY P 586 -36.43 -47.45 -4.51
N MET P 587 -36.81 -47.93 -5.69
CA MET P 587 -35.78 -48.24 -6.66
C MET P 587 -34.91 -47.10 -7.18
N LEU P 588 -35.50 -45.92 -7.11
CA LEU P 588 -34.63 -44.83 -7.51
C LEU P 588 -33.70 -44.40 -6.39
N SER P 589 -34.18 -44.41 -5.15
CA SER P 589 -33.38 -44.23 -3.95
C SER P 589 -32.25 -45.24 -3.83
N ALA P 590 -32.63 -46.49 -4.11
CA ALA P 590 -31.69 -47.59 -4.19
C ALA P 590 -30.54 -47.49 -5.18
N LEU P 591 -30.87 -46.93 -6.35
CA LEU P 591 -29.90 -46.67 -7.40
C LEU P 591 -28.94 -45.56 -7.02
N THR P 592 -29.56 -44.45 -6.60
CA THR P 592 -28.91 -43.25 -6.14
C THR P 592 -27.81 -43.49 -5.12
N SER P 593 -28.23 -44.13 -4.02
CA SER P 593 -27.33 -44.58 -2.98
C SER P 593 -26.32 -45.62 -3.47
N GLY P 594 -26.95 -46.67 -4.00
CA GLY P 594 -26.21 -47.76 -4.58
C GLY P 594 -24.93 -47.45 -5.36
N VAL P 595 -25.04 -46.48 -6.26
CA VAL P 595 -23.88 -46.09 -7.05
C VAL P 595 -22.59 -45.72 -6.35
N GLY P 596 -22.84 -44.96 -5.28
CA GLY P 596 -21.70 -44.47 -4.53
C GLY P 596 -20.78 -45.49 -3.89
N THR P 597 -21.43 -46.44 -3.21
CA THR P 597 -20.77 -47.67 -2.81
C THR P 597 -20.02 -48.42 -3.91
N ALA P 598 -20.72 -48.56 -5.04
CA ALA P 598 -20.18 -49.12 -6.26
C ALA P 598 -18.93 -48.51 -6.86
N LEU P 599 -18.80 -47.19 -6.74
CA LEU P 599 -17.62 -46.41 -7.06
C LEU P 599 -16.57 -46.68 -5.99
N ARG P 600 -16.94 -46.39 -4.75
CA ARG P 600 -16.18 -46.61 -3.53
C ARG P 600 -15.29 -47.85 -3.51
N THR P 601 -15.94 -49.02 -3.54
CA THR P 601 -15.25 -50.29 -3.47
C THR P 601 -15.17 -51.21 -4.69
N GLY P 602 -15.37 -50.53 -5.82
CA GLY P 602 -15.33 -51.18 -7.12
C GLY P 602 -13.89 -51.50 -7.49
N SER P 603 -13.70 -52.75 -7.93
CA SER P 603 -12.36 -53.10 -8.34
C SER P 603 -12.20 -52.71 -9.79
N LEU P 604 -11.79 -51.46 -10.02
CA LEU P 604 -11.63 -50.73 -11.27
C LEU P 604 -12.01 -51.32 -12.62
N GLY P 605 -13.29 -51.02 -12.86
CA GLY P 605 -14.06 -51.61 -13.94
C GLY P 605 -13.56 -51.43 -15.37
N LYS P 606 -12.92 -52.49 -15.87
CA LYS P 606 -12.47 -52.42 -17.25
C LYS P 606 -13.01 -53.51 -18.16
N GLY P 607 -14.13 -53.12 -18.78
CA GLY P 607 -14.81 -54.02 -19.69
C GLY P 607 -14.02 -54.82 -20.73
N VAL P 608 -14.04 -56.13 -20.48
CA VAL P 608 -13.31 -57.02 -21.35
C VAL P 608 -13.33 -56.81 -22.86
N THR P 609 -14.55 -56.61 -23.38
CA THR P 609 -14.81 -56.15 -24.73
C THR P 609 -13.93 -54.98 -25.14
N ASP P 610 -14.13 -53.92 -24.34
CA ASP P 610 -13.44 -52.69 -24.65
C ASP P 610 -11.91 -52.77 -24.60
N ALA P 611 -11.44 -53.63 -23.70
CA ALA P 611 -10.00 -53.83 -23.62
C ALA P 611 -9.37 -54.33 -24.90
N SER P 612 -9.83 -55.50 -25.34
CA SER P 612 -9.47 -56.10 -26.60
C SER P 612 -9.54 -55.23 -27.85
N GLU P 613 -10.65 -54.49 -27.80
CA GLU P 613 -10.86 -53.52 -28.86
C GLU P 613 -9.94 -52.32 -28.98
N LYS P 614 -9.64 -51.86 -27.76
CA LYS P 614 -8.63 -50.83 -27.62
C LYS P 614 -7.20 -51.24 -27.95
N LEU P 615 -6.89 -52.44 -27.46
CA LEU P 615 -5.72 -53.15 -27.95
C LEU P 615 -5.39 -53.33 -29.42
N ARG P 616 -6.45 -53.80 -30.08
CA ARG P 616 -6.51 -53.96 -31.51
C ARG P 616 -6.40 -52.64 -32.26
N ALA P 617 -7.29 -51.70 -31.96
CA ALA P 617 -7.21 -50.40 -32.60
C ALA P 617 -5.89 -49.65 -32.48
N ARG P 618 -5.38 -49.85 -31.27
CA ARG P 618 -4.08 -49.31 -30.94
C ARG P 618 -2.83 -49.77 -31.69
N GLN P 619 -2.98 -51.07 -31.92
CA GLN P 619 -1.95 -51.75 -32.67
C GLN P 619 -1.89 -51.28 -34.12
N SER P 620 -3.06 -51.32 -34.75
CA SER P 620 -3.31 -50.86 -36.11
C SER P 620 -2.94 -49.42 -36.41
N LEU P 621 -3.15 -48.59 -35.39
CA LEU P 621 -2.63 -47.24 -35.39
C LEU P 621 -1.13 -47.02 -35.53
N THR P 622 -0.46 -47.74 -34.64
CA THR P 622 0.98 -47.97 -34.64
C THR P 622 1.39 -48.46 -36.02
N VAL P 623 0.78 -49.53 -36.54
CA VAL P 623 1.08 -49.97 -37.89
C VAL P 623 1.15 -48.90 -38.97
N ALA P 624 0.03 -48.20 -39.10
CA ALA P 624 -0.08 -47.08 -40.02
C ALA P 624 0.92 -45.97 -39.71
N LYS P 625 1.26 -45.66 -38.46
CA LYS P 625 2.36 -44.77 -38.15
C LYS P 625 3.75 -45.13 -38.64
N GLN P 626 4.05 -46.39 -38.34
CA GLN P 626 5.15 -47.06 -39.04
C GLN P 626 5.21 -46.89 -40.55
N ALA P 627 4.09 -47.29 -41.18
CA ALA P 627 3.94 -47.04 -42.60
C ALA P 627 4.09 -45.60 -43.07
N PHE P 628 3.61 -44.61 -42.30
CA PHE P 628 3.89 -43.21 -42.53
C PHE P 628 5.33 -42.75 -42.51
N PHE P 629 5.95 -43.17 -41.41
CA PHE P 629 7.37 -42.95 -41.24
C PHE P 629 8.17 -43.55 -42.39
N ASP P 630 7.73 -44.75 -42.75
CA ASP P 630 8.27 -45.44 -43.91
C ASP P 630 8.31 -44.70 -45.23
N GLN P 631 7.14 -44.11 -45.51
CA GLN P 631 6.96 -43.17 -46.60
C GLN P 631 7.91 -41.99 -46.46
N ILE P 632 8.03 -41.42 -45.26
CA ILE P 632 8.99 -40.38 -44.94
C ILE P 632 10.44 -40.83 -45.16
N GLY P 633 10.75 -42.05 -44.69
CA GLY P 633 12.01 -42.68 -45.03
C GLY P 633 12.36 -42.75 -46.51
N SER P 634 11.33 -43.09 -47.29
CA SER P 634 11.36 -43.13 -48.73
C SER P 634 11.66 -41.84 -49.50
N LEU P 635 10.96 -40.81 -49.00
CA LEU P 635 10.98 -39.52 -49.66
C LEU P 635 12.15 -38.57 -49.38
N TRP P 636 12.60 -38.75 -48.14
CA TRP P 636 13.94 -38.31 -47.79
C TRP P 636 14.62 -39.19 -46.75
N PRO P 637 15.32 -40.21 -47.26
CA PRO P 637 16.15 -41.10 -46.49
C PRO P 637 17.30 -40.25 -45.97
N GLY P 638 16.99 -39.45 -44.95
CA GLY P 638 17.98 -38.64 -44.26
C GLY P 638 19.19 -39.39 -43.71
N LYS P 639 20.35 -39.22 -44.35
CA LYS P 639 21.57 -39.87 -43.97
C LYS P 639 21.55 -41.35 -43.63
N THR Q 1 -6.12 -7.49 22.68
CA THR Q 1 -6.86 -6.75 21.65
C THR Q 1 -6.89 -5.23 21.77
N TYR Q 2 -7.01 -4.66 20.57
CA TYR Q 2 -7.03 -3.22 20.40
C TYR Q 2 -8.36 -2.59 20.01
N ASN Q 3 -8.64 -1.45 20.64
CA ASN Q 3 -9.72 -0.57 20.26
C ASN Q 3 -9.82 -0.39 18.75
N ILE Q 4 -10.92 -0.88 18.18
CA ILE Q 4 -10.99 -0.71 16.75
C ILE Q 4 -11.16 0.66 16.12
N THR Q 5 -11.76 1.45 17.01
CA THR Q 5 -12.06 2.83 16.72
C THR Q 5 -10.96 3.86 16.92
N GLY Q 6 -9.80 3.45 16.40
CA GLY Q 6 -8.60 4.25 16.36
C GLY Q 6 -7.91 4.61 15.05
N ASP Q 7 -6.83 5.37 15.09
CA ASP Q 7 -6.12 5.90 13.94
C ASP Q 7 -4.74 5.28 13.76
N GLY Q 8 -4.43 5.20 12.47
CA GLY Q 8 -3.26 4.50 11.97
C GLY Q 8 -3.49 3.33 11.03
N ASN Q 9 -4.70 2.77 11.08
CA ASN Q 9 -5.14 1.65 10.29
C ASN Q 9 -5.24 1.75 8.77
N SER Q 10 -4.42 0.94 8.11
CA SER Q 10 -4.26 0.82 6.68
C SER Q 10 -5.35 0.01 5.99
N PHE Q 11 -5.77 0.59 4.86
CA PHE Q 11 -6.63 -0.10 3.93
C PHE Q 11 -5.90 -0.29 2.61
N THR Q 12 -5.13 -1.37 2.74
CA THR Q 12 -4.36 -1.84 1.60
C THR Q 12 -4.61 -3.25 1.08
N PRO Q 13 -5.65 -3.34 0.25
CA PRO Q 13 -5.85 -4.47 -0.63
C PRO Q 13 -4.91 -4.59 -1.82
N THR Q 14 -4.15 -5.69 -1.78
CA THR Q 14 -3.15 -6.08 -2.76
C THR Q 14 -3.33 -7.51 -3.26
N SER Q 15 -2.90 -7.62 -4.52
CA SER Q 15 -2.89 -8.90 -5.19
C SER Q 15 -2.17 -10.09 -4.57
N ASP Q 16 -1.15 -9.57 -3.89
CA ASP Q 16 -0.24 -10.28 -3.00
C ASP Q 16 -0.90 -10.96 -1.80
N MET Q 17 -1.91 -10.22 -1.33
CA MET Q 17 -2.72 -10.53 -0.17
C MET Q 17 -4.19 -10.82 -0.47
N THR Q 18 -4.43 -11.72 -1.41
CA THR Q 18 -5.78 -12.06 -1.79
C THR Q 18 -6.50 -12.90 -0.76
N SER Q 19 -7.38 -12.09 -0.15
CA SER Q 19 -8.23 -12.82 0.77
C SER Q 19 -7.88 -14.27 0.47
N THR Q 20 -7.95 -15.18 1.44
CA THR Q 20 -8.13 -16.59 1.69
C THR Q 20 -8.14 -17.10 3.12
N ALA Q 21 -8.81 -18.21 3.42
CA ALA Q 21 -9.13 -18.87 4.67
C ALA Q 21 -8.87 -20.34 4.39
N ALA Q 22 -9.35 -21.23 5.25
CA ALA Q 22 -9.57 -22.57 4.75
C ALA Q 22 -11.02 -23.03 4.62
N PRO Q 23 -11.58 -22.83 3.42
CA PRO Q 23 -12.98 -23.02 3.14
C PRO Q 23 -13.21 -24.53 3.32
N ALA Q 24 -12.56 -25.51 2.69
CA ALA Q 24 -12.82 -26.93 2.74
C ALA Q 24 -11.49 -27.64 2.55
N ILE Q 25 -11.51 -28.85 3.11
CA ILE Q 25 -10.33 -29.63 2.87
C ILE Q 25 -10.44 -30.91 2.05
N ASP Q 26 -9.37 -31.43 1.43
CA ASP Q 26 -9.47 -32.75 0.84
C ASP Q 26 -9.75 -33.92 1.76
N LEU Q 27 -10.87 -34.61 1.53
CA LEU Q 27 -11.23 -35.82 2.24
C LEU Q 27 -11.57 -37.05 1.42
N LYS Q 28 -10.73 -37.24 0.40
CA LYS Q 28 -10.96 -38.32 -0.54
C LYS Q 28 -10.63 -39.63 0.17
N PRO Q 29 -11.41 -40.71 0.00
CA PRO Q 29 -11.13 -41.96 0.66
C PRO Q 29 -9.73 -42.53 0.56
N GLY Q 30 -9.37 -42.53 -0.72
CA GLY Q 30 -8.02 -42.83 -1.15
C GLY Q 30 -6.96 -42.18 -0.27
N VAL Q 31 -7.31 -40.91 0.01
CA VAL Q 31 -6.43 -40.03 0.73
C VAL Q 31 -6.42 -40.24 2.24
N LEU Q 32 -7.52 -40.81 2.76
CA LEU Q 32 -7.56 -41.15 4.16
C LEU Q 32 -6.56 -42.11 4.77
N ASN Q 33 -6.05 -43.03 3.95
CA ASN Q 33 -5.29 -44.16 4.45
C ASN Q 33 -4.01 -44.03 5.25
N PRO Q 34 -2.88 -43.68 4.65
CA PRO Q 34 -1.58 -43.93 5.24
C PRO Q 34 -1.44 -44.34 6.71
N THR Q 35 -1.41 -45.63 7.02
CA THR Q 35 -1.53 -46.86 6.25
C THR Q 35 -1.73 -48.11 7.09
N GLY Q 36 -0.61 -48.66 7.58
CA GLY Q 36 -0.44 -49.94 8.26
C GLY Q 36 -1.18 -49.99 9.59
N LYS Q 37 -2.05 -50.97 9.81
CA LYS Q 37 -2.58 -51.19 11.13
C LYS Q 37 -1.54 -51.91 11.98
N LEU Q 38 -1.58 -51.53 13.25
CA LEU Q 38 -0.67 -52.07 14.24
C LEU Q 38 -1.15 -53.33 14.95
N TRP Q 39 -0.22 -54.28 14.85
CA TRP Q 39 -0.39 -55.62 15.39
C TRP Q 39 0.60 -56.20 16.39
N ARG Q 40 0.58 -57.46 16.80
CA ARG Q 40 1.37 -58.09 17.84
C ARG Q 40 1.52 -59.58 17.58
N PRO Q 41 2.68 -60.18 17.90
CA PRO Q 41 3.04 -61.58 17.87
C PRO Q 41 2.30 -62.47 18.86
N VAL Q 42 1.05 -62.63 18.43
CA VAL Q 42 0.00 -63.28 19.20
C VAL Q 42 -0.43 -62.45 20.40
N GLY Q 43 0.58 -62.44 21.28
CA GLY Q 43 0.60 -61.73 22.54
C GLY Q 43 1.76 -62.15 23.43
N THR Q 44 2.28 -63.36 23.22
CA THR Q 44 3.54 -63.83 23.76
C THR Q 44 4.80 -63.18 23.21
N SER Q 45 5.97 -63.58 23.73
CA SER Q 45 7.29 -63.05 23.45
C SER Q 45 7.67 -63.23 21.99
N VAL Q 46 8.93 -62.88 21.72
CA VAL Q 46 9.48 -62.82 20.38
C VAL Q 46 9.83 -64.24 19.98
N ALA Q 47 8.77 -64.80 19.39
CA ALA Q 47 8.70 -66.12 18.80
C ALA Q 47 7.61 -66.36 17.77
N THR Q 48 6.42 -65.95 18.20
CA THR Q 48 5.24 -66.01 17.37
C THR Q 48 5.03 -65.14 16.15
N ILE Q 49 6.09 -64.56 15.56
CA ILE Q 49 6.13 -63.70 14.40
C ILE Q 49 5.21 -64.11 13.25
N ASP Q 50 5.18 -65.43 13.13
CA ASP Q 50 4.21 -66.09 12.28
C ASP Q 50 2.72 -65.74 12.34
N SER Q 51 2.35 -65.25 13.52
CA SER Q 51 0.99 -64.89 13.89
C SER Q 51 0.92 -63.47 14.43
N LEU Q 52 0.03 -62.68 13.83
CA LEU Q 52 -0.40 -61.44 14.42
C LEU Q 52 -1.90 -61.23 14.61
N ALA Q 53 -2.20 -60.68 15.78
CA ALA Q 53 -3.44 -60.08 16.21
C ALA Q 53 -3.39 -58.56 16.31
N ILE Q 54 -4.42 -57.93 15.72
CA ILE Q 54 -4.53 -56.51 15.91
C ILE Q 54 -4.68 -56.04 17.35
N VAL Q 55 -3.91 -54.99 17.59
CA VAL Q 55 -3.97 -54.20 18.80
C VAL Q 55 -5.39 -53.72 19.03
N SER Q 56 -5.53 -53.03 20.18
CA SER Q 56 -6.80 -52.87 20.85
C SER Q 56 -7.72 -51.82 20.26
N ASP Q 57 -8.37 -52.32 19.21
CA ASP Q 57 -9.42 -51.65 18.48
C ASP Q 57 -10.66 -51.38 19.31
N ARG Q 58 -10.79 -52.31 20.26
CA ARG Q 58 -11.65 -52.22 21.43
C ARG Q 58 -12.08 -50.90 22.05
N PHE Q 59 -10.98 -50.19 22.30
CA PHE Q 59 -11.07 -48.80 22.71
C PHE Q 59 -9.95 -47.81 22.44
N GLY Q 60 -8.97 -48.26 21.66
CA GLY Q 60 -7.71 -47.54 21.51
C GLY Q 60 -6.92 -48.24 20.42
N GLN Q 61 -5.61 -48.36 20.69
CA GLN Q 61 -4.62 -48.84 19.75
C GLN Q 61 -5.01 -49.48 18.43
N TYR Q 62 -5.05 -48.50 17.52
CA TYR Q 62 -5.28 -48.69 16.10
C TYR Q 62 -4.03 -48.49 15.27
N SER Q 63 -4.23 -48.29 13.97
CA SER Q 63 -3.26 -48.09 12.91
C SER Q 63 -2.22 -46.99 13.13
N PHE Q 64 -1.06 -47.09 12.49
CA PHE Q 64 -0.19 -45.96 12.22
C PHE Q 64 -0.84 -44.76 11.57
N VAL Q 65 -0.90 -43.62 12.27
CA VAL Q 65 -1.61 -42.44 11.82
C VAL Q 65 -1.11 -41.83 10.52
N ASN Q 66 -2.08 -41.37 9.72
CA ASN Q 66 -1.87 -40.68 8.47
C ASN Q 66 -1.13 -39.38 8.75
N GLU Q 67 0.19 -39.36 8.59
CA GLU Q 67 1.01 -38.17 8.49
C GLU Q 67 0.38 -36.92 7.88
N GLY Q 68 -0.27 -37.13 6.73
CA GLY Q 68 -0.95 -36.08 6.00
C GLY Q 68 -2.22 -35.65 6.73
N MET Q 69 -2.93 -36.67 7.21
CA MET Q 69 -4.17 -36.45 7.94
C MET Q 69 -4.01 -35.70 9.26
N ARG Q 70 -2.99 -36.09 10.01
CA ARG Q 70 -2.55 -35.27 11.12
C ARG Q 70 -2.22 -33.80 10.94
N GLU Q 71 -1.39 -33.65 9.90
CA GLU Q 71 -0.97 -32.34 9.44
C GLU Q 71 -2.13 -31.49 8.96
N THR Q 72 -2.99 -32.06 8.12
CA THR Q 72 -4.25 -31.47 7.71
C THR Q 72 -5.27 -31.03 8.75
N PHE Q 73 -5.57 -32.08 9.50
CA PHE Q 73 -6.45 -31.93 10.65
C PHE Q 73 -6.15 -30.91 11.74
N SER Q 74 -4.87 -30.81 12.11
CA SER Q 74 -4.28 -29.81 12.99
C SER Q 74 -4.51 -28.43 12.39
N LYS Q 75 -4.37 -28.29 11.07
CA LYS Q 75 -4.64 -27.06 10.36
C LYS Q 75 -6.05 -26.47 10.45
N ALA Q 76 -6.92 -27.48 10.30
CA ALA Q 76 -8.34 -27.33 10.50
C ALA Q 76 -8.67 -26.78 11.87
N LEU Q 77 -8.04 -27.37 12.88
CA LEU Q 77 -8.22 -26.88 14.23
C LEU Q 77 -7.87 -25.42 14.45
N PHE Q 78 -6.89 -24.96 13.67
CA PHE Q 78 -6.40 -23.60 13.58
C PHE Q 78 -7.33 -22.52 13.04
N ASP Q 79 -8.17 -22.87 12.06
CA ASP Q 79 -9.37 -22.14 11.72
C ASP Q 79 -10.21 -21.68 12.91
N ILE Q 80 -10.57 -22.60 13.80
CA ILE Q 80 -11.32 -22.29 15.01
C ILE Q 80 -10.62 -21.36 15.98
N ASN Q 81 -9.31 -21.61 16.06
CA ASN Q 81 -8.35 -20.83 16.82
C ASN Q 81 -8.25 -19.35 16.43
N MET Q 82 -8.52 -19.11 15.16
CA MET Q 82 -8.65 -17.77 14.61
C MET Q 82 -9.72 -16.88 15.22
N TRP Q 83 -10.70 -17.61 15.75
CA TRP Q 83 -11.73 -17.02 16.56
C TRP Q 83 -11.77 -17.29 18.06
N GLN Q 84 -10.67 -17.79 18.62
CA GLN Q 84 -10.61 -18.14 20.02
C GLN Q 84 -11.12 -17.20 21.09
N PRO Q 85 -10.73 -15.92 21.01
CA PRO Q 85 -11.29 -14.89 21.88
C PRO Q 85 -12.79 -14.71 21.84
N LEU Q 86 -13.29 -14.94 20.62
CA LEU Q 86 -14.73 -14.88 20.41
C LEU Q 86 -15.53 -16.08 20.89
N PHE Q 87 -15.04 -17.28 20.55
CA PHE Q 87 -15.55 -18.49 21.14
C PHE Q 87 -15.65 -18.48 22.66
N GLN Q 88 -14.51 -18.09 23.22
CA GLN Q 88 -14.38 -17.97 24.66
C GLN Q 88 -15.40 -17.05 25.30
N ALA Q 89 -15.58 -15.92 24.61
CA ALA Q 89 -16.54 -14.94 25.04
C ALA Q 89 -17.99 -15.40 24.90
N THR Q 90 -18.24 -16.21 23.88
CA THR Q 90 -19.50 -16.90 23.65
C THR Q 90 -19.70 -18.08 24.58
N LYS Q 91 -18.74 -18.40 25.46
CA LYS Q 91 -18.78 -19.61 26.26
C LYS Q 91 -19.13 -21.00 25.74
N THR Q 92 -18.75 -21.15 24.47
CA THR Q 92 -19.11 -22.26 23.62
C THR Q 92 -18.08 -23.37 23.49
N GLY Q 93 -17.61 -23.82 24.66
CA GLY Q 93 -16.59 -24.86 24.74
C GLY Q 93 -15.26 -24.58 24.06
N CYS Q 94 -14.88 -23.31 23.99
CA CYS Q 94 -13.74 -22.85 23.22
C CYS Q 94 -12.39 -23.56 23.19
N GLY Q 95 -12.08 -24.13 24.36
CA GLY Q 95 -10.82 -24.76 24.69
C GLY Q 95 -10.10 -25.56 23.61
N PRO Q 96 -9.10 -24.93 23.00
CA PRO Q 96 -8.42 -25.60 21.92
C PRO Q 96 -7.94 -27.05 21.98
N ILE Q 97 -8.70 -27.89 21.28
CA ILE Q 97 -8.57 -29.33 21.31
C ILE Q 97 -7.29 -30.11 21.55
N VAL Q 98 -6.25 -29.64 20.85
CA VAL Q 98 -4.96 -30.28 20.84
C VAL Q 98 -4.92 -31.76 20.45
N LEU Q 99 -5.13 -31.83 19.14
CA LEU Q 99 -5.25 -33.06 18.38
C LEU Q 99 -4.27 -34.17 18.74
N SER Q 100 -3.08 -33.65 19.01
CA SER Q 100 -1.92 -34.38 19.49
C SER Q 100 -2.13 -35.35 20.65
N SER Q 101 -3.05 -34.94 21.51
CA SER Q 101 -3.43 -35.70 22.68
C SER Q 101 -4.15 -36.99 22.30
N PHE Q 102 -4.84 -36.88 21.16
CA PHE Q 102 -5.54 -38.00 20.58
C PHE Q 102 -4.82 -39.12 19.85
N THR Q 103 -3.79 -38.64 19.14
CA THR Q 103 -2.68 -39.35 18.55
C THR Q 103 -1.75 -40.05 19.54
N THR Q 104 -2.21 -41.21 20.01
CA THR Q 104 -1.63 -41.99 21.08
C THR Q 104 -0.74 -43.16 20.73
N THR Q 105 0.20 -43.52 21.61
CA THR Q 105 1.26 -44.42 21.21
C THR Q 105 0.72 -45.78 20.83
N THR Q 106 1.14 -46.28 19.67
CA THR Q 106 1.02 -47.66 19.23
C THR Q 106 2.35 -48.33 18.95
N SER Q 107 2.64 -49.52 19.50
CA SER Q 107 3.94 -50.16 19.44
C SER Q 107 3.85 -51.65 19.16
N GLY Q 108 4.37 -51.95 17.96
CA GLY Q 108 4.42 -53.28 17.39
C GLY Q 108 4.57 -53.40 15.88
N TYR Q 109 3.78 -54.29 15.27
CA TYR Q 109 3.87 -54.47 13.83
C TYR Q 109 3.00 -53.63 12.91
N VAL Q 110 3.59 -53.15 11.81
CA VAL Q 110 2.92 -52.33 10.82
C VAL Q 110 2.72 -53.05 9.50
N GLY Q 111 1.44 -53.32 9.25
CA GLY Q 111 1.04 -53.69 7.91
C GLY Q 111 -0.46 -53.82 7.66
N ALA Q 112 -0.69 -53.56 6.37
CA ALA Q 112 -1.99 -53.72 5.79
C ALA Q 112 -2.80 -55.01 5.98
N THR Q 113 -2.12 -56.11 5.65
CA THR Q 113 -2.53 -57.46 5.94
C THR Q 113 -1.64 -58.21 6.92
N ALA Q 114 -2.12 -59.21 7.66
CA ALA Q 114 -1.31 -60.05 8.53
C ALA Q 114 -0.04 -60.45 7.79
N GLY Q 115 -0.28 -61.03 6.62
CA GLY Q 115 0.75 -61.17 5.61
C GLY Q 115 1.98 -60.27 5.64
N ASP Q 116 1.61 -59.11 5.11
CA ASP Q 116 2.57 -58.02 5.11
C ASP Q 116 3.14 -57.49 6.43
N ALA Q 117 2.20 -57.47 7.37
CA ALA Q 117 2.50 -56.98 8.70
C ALA Q 117 3.48 -57.79 9.55
N LEU Q 118 3.45 -59.08 9.25
CA LEU Q 118 4.38 -60.02 9.85
C LEU Q 118 5.86 -59.65 9.78
N ASP Q 119 6.18 -59.09 8.62
CA ASP Q 119 7.51 -58.61 8.26
C ASP Q 119 8.16 -57.35 8.82
N ASN Q 120 7.20 -56.50 9.20
CA ASN Q 120 7.49 -55.14 9.62
C ASN Q 120 7.06 -54.79 11.03
N PRO Q 121 7.98 -54.58 11.97
CA PRO Q 121 7.54 -54.04 13.24
C PRO Q 121 8.09 -52.64 13.44
N VAL Q 122 7.16 -51.80 13.87
CA VAL Q 122 7.39 -50.40 14.13
C VAL Q 122 7.08 -49.95 15.55
N THR Q 123 8.12 -49.88 16.39
CA THR Q 123 8.02 -49.53 17.80
C THR Q 123 7.81 -48.06 18.11
N ASN Q 124 6.81 -47.99 19.01
CA ASN Q 124 6.33 -46.78 19.62
C ASN Q 124 6.11 -45.54 18.76
N GLY Q 125 5.13 -45.76 17.88
CA GLY Q 125 4.53 -44.72 17.05
C GLY Q 125 3.21 -44.27 17.66
N VAL Q 126 2.28 -44.02 16.74
CA VAL Q 126 0.93 -43.55 17.02
C VAL Q 126 -0.26 -43.98 16.18
N PHE Q 127 -1.35 -44.21 16.90
CA PHE Q 127 -2.71 -44.50 16.49
C PHE Q 127 -3.74 -43.46 16.92
N ILE Q 128 -4.92 -43.59 16.32
CA ILE Q 128 -6.15 -42.96 16.76
C ILE Q 128 -7.33 -43.91 16.70
N SER Q 129 -8.20 -43.81 17.70
CA SER Q 129 -9.36 -44.66 17.85
C SER Q 129 -10.60 -44.10 17.16
N THR Q 130 -11.35 -45.03 16.58
CA THR Q 130 -12.67 -44.86 16.01
C THR Q 130 -13.58 -43.98 16.86
N VAL Q 131 -13.66 -44.44 18.12
CA VAL Q 131 -14.29 -43.70 19.19
C VAL Q 131 -13.76 -42.26 19.30
N GLN Q 132 -12.44 -42.20 19.43
CA GLN Q 132 -11.80 -40.90 19.51
C GLN Q 132 -11.99 -39.90 18.37
N ILE Q 133 -11.74 -40.43 17.18
CA ILE Q 133 -12.08 -39.66 16.00
C ILE Q 133 -13.55 -39.26 15.95
N MET Q 134 -14.47 -40.13 16.35
CA MET Q 134 -15.88 -39.87 16.51
C MET Q 134 -16.15 -38.58 17.27
N ASN Q 135 -15.61 -38.53 18.49
CA ASN Q 135 -15.72 -37.44 19.44
C ASN Q 135 -14.96 -36.18 19.07
N LEU Q 136 -13.77 -36.26 18.51
CA LEU Q 136 -12.98 -35.23 17.84
C LEU Q 136 -13.68 -34.50 16.70
N GLN Q 137 -14.08 -35.32 15.72
CA GLN Q 137 -14.96 -34.81 14.69
C GLN Q 137 -16.20 -34.05 15.15
N ARG Q 138 -16.90 -34.70 16.08
CA ARG Q 138 -18.09 -34.20 16.74
C ARG Q 138 -17.89 -32.76 17.20
N THR Q 139 -16.79 -32.55 17.93
CA THR Q 139 -16.31 -31.24 18.34
C THR Q 139 -16.06 -30.22 17.24
N ILE Q 140 -15.26 -30.65 16.25
CA ILE Q 140 -14.99 -29.81 15.11
C ILE Q 140 -16.21 -29.36 14.33
N ALA Q 141 -17.15 -30.29 14.13
CA ALA Q 141 -18.40 -30.07 13.45
C ALA Q 141 -19.29 -29.04 14.14
N ALA Q 142 -19.23 -29.19 15.47
CA ALA Q 142 -19.96 -28.36 16.40
C ALA Q 142 -19.49 -26.91 16.44
N ARG Q 143 -18.16 -26.84 16.35
CA ARG Q 143 -17.42 -25.60 16.28
C ARG Q 143 -17.81 -24.78 15.05
N MET Q 144 -17.79 -25.52 13.94
CA MET Q 144 -18.25 -25.05 12.65
C MET Q 144 -19.70 -24.58 12.60
N ARG Q 145 -20.52 -25.47 13.16
CA ARG Q 145 -21.88 -24.95 13.30
C ARG Q 145 -22.30 -23.84 14.24
N ASP Q 146 -21.31 -23.67 15.13
CA ASP Q 146 -21.34 -22.44 15.90
C ASP Q 146 -20.90 -21.13 15.27
N VAL Q 147 -20.02 -21.29 14.29
CA VAL Q 147 -19.45 -20.19 13.53
C VAL Q 147 -20.23 -19.77 12.30
N ALA Q 148 -21.18 -20.62 11.92
CA ALA Q 148 -21.93 -20.46 10.69
C ALA Q 148 -22.67 -19.17 10.40
N LEU Q 149 -23.03 -18.55 11.52
CA LEU Q 149 -23.56 -17.20 11.55
C LEU Q 149 -22.51 -16.12 11.43
N TRP Q 150 -21.37 -16.44 12.05
CA TRP Q 150 -20.25 -15.52 12.12
C TRP Q 150 -19.63 -15.34 10.74
N GLN Q 151 -19.37 -16.49 10.12
CA GLN Q 151 -18.77 -16.56 8.79
C GLN Q 151 -19.50 -15.65 7.82
N LYS Q 152 -20.82 -15.85 7.79
CA LYS Q 152 -21.75 -15.10 6.97
C LYS Q 152 -21.64 -13.60 7.15
N HIS Q 153 -21.75 -13.24 8.43
CA HIS Q 153 -21.62 -11.85 8.85
C HIS Q 153 -20.29 -11.22 8.44
N LEU Q 154 -19.19 -11.95 8.70
CA LEU Q 154 -17.88 -11.55 8.25
C LEU Q 154 -17.70 -11.22 6.78
N ASP Q 155 -18.22 -12.16 5.98
CA ASP Q 155 -18.45 -12.05 4.55
C ASP Q 155 -19.22 -10.86 4.02
N THR Q 156 -20.27 -10.54 4.78
CA THR Q 156 -21.08 -9.43 4.35
C THR Q 156 -20.36 -8.09 4.31
N ALA Q 157 -19.64 -7.88 5.42
CA ALA Q 157 -18.74 -6.76 5.63
C ALA Q 157 -17.76 -6.56 4.49
N MET Q 158 -17.09 -7.69 4.26
CA MET Q 158 -16.09 -7.88 3.23
C MET Q 158 -16.53 -7.74 1.78
N THR Q 159 -17.86 -7.89 1.65
CA THR Q 159 -18.42 -7.43 0.40
C THR Q 159 -19.15 -6.10 0.26
N MET Q 160 -19.80 -5.69 1.35
CA MET Q 160 -20.43 -4.40 1.45
C MET Q 160 -19.71 -3.09 1.17
N LEU Q 161 -18.38 -3.14 1.24
CA LEU Q 161 -17.38 -2.44 0.47
C LEU Q 161 -16.08 -3.22 0.27
N THR Q 162 -16.19 -4.21 -0.62
CA THR Q 162 -15.17 -5.19 -0.90
C THR Q 162 -13.69 -4.87 -1.03
N PRO Q 163 -12.93 -5.23 0.00
CA PRO Q 163 -11.49 -5.11 0.06
C PRO Q 163 -10.65 -6.03 -0.82
N ASP Q 164 -11.14 -6.26 -2.03
CA ASP Q 164 -10.50 -7.28 -2.82
C ASP Q 164 -9.88 -6.76 -4.11
N ILE Q 165 -8.56 -6.55 -4.06
CA ILE Q 165 -7.89 -6.14 -5.27
C ILE Q 165 -6.94 -7.27 -5.60
N SER Q 166 -7.57 -7.98 -6.54
CA SER Q 166 -7.06 -9.13 -7.27
C SER Q 166 -5.87 -8.90 -8.17
N ALA Q 167 -5.69 -7.61 -8.47
CA ALA Q 167 -4.66 -7.12 -9.35
C ALA Q 167 -4.06 -5.77 -9.01
N GLY Q 168 -2.83 -5.93 -8.50
CA GLY Q 168 -2.07 -4.80 -7.99
C GLY Q 168 -2.27 -4.41 -6.54
N SER Q 169 -2.75 -3.16 -6.44
CA SER Q 169 -2.85 -2.47 -5.17
C SER Q 169 -3.79 -1.28 -5.23
N ALA Q 170 -4.60 -1.24 -4.17
CA ALA Q 170 -5.48 -0.14 -3.83
C ALA Q 170 -5.19 0.37 -2.42
N SER Q 171 -5.46 1.66 -2.23
CA SER Q 171 -5.45 2.30 -0.93
C SER Q 171 -6.42 3.46 -0.75
N CYS Q 172 -7.06 3.52 0.42
CA CYS Q 172 -7.99 4.55 0.78
C CYS Q 172 -8.10 4.65 2.31
N ASN Q 173 -8.52 5.77 2.90
CA ASN Q 173 -8.72 5.94 4.32
C ASN Q 173 -9.61 4.88 4.95
N TRP Q 174 -9.03 3.99 5.76
CA TRP Q 174 -9.78 2.95 6.42
C TRP Q 174 -10.84 3.45 7.39
N LYS Q 175 -10.42 4.54 8.02
CA LYS Q 175 -11.29 5.37 8.83
C LYS Q 175 -12.60 5.88 8.25
N SER Q 176 -12.40 6.51 7.08
CA SER Q 176 -13.43 6.86 6.14
C SER Q 176 -14.43 5.80 5.72
N LEU Q 177 -13.85 4.66 5.31
CA LEU Q 177 -14.49 3.40 5.01
C LEU Q 177 -15.29 2.81 6.17
N LEU Q 178 -14.53 2.60 7.25
CA LEU Q 178 -15.08 2.18 8.52
C LEU Q 178 -16.26 2.95 9.10
N ALA Q 179 -16.15 4.27 9.01
CA ALA Q 179 -17.23 5.09 9.52
C ALA Q 179 -18.46 5.10 8.63
N PHE Q 180 -18.25 5.09 7.32
CA PHE Q 180 -19.36 4.94 6.40
C PHE Q 180 -20.07 3.60 6.49
N ALA Q 181 -19.29 2.53 6.67
CA ALA Q 181 -19.75 1.21 7.06
C ALA Q 181 -20.72 1.25 8.23
N LYS Q 182 -20.25 1.89 9.29
CA LYS Q 182 -21.07 1.94 10.48
C LYS Q 182 -22.27 2.89 10.55
N ASP Q 183 -22.24 3.75 9.53
CA ASP Q 183 -23.31 4.67 9.16
C ASP Q 183 -24.36 4.15 8.18
N ILE Q 184 -23.88 3.15 7.45
CA ILE Q 184 -24.74 2.54 6.45
C ILE Q 184 -25.11 1.18 7.02
N LEU Q 185 -24.36 0.29 7.69
CA LEU Q 185 -24.66 -1.09 8.02
C LEU Q 185 -25.90 -1.41 8.85
N PRO Q 186 -26.56 -2.51 8.51
CA PRO Q 186 -27.74 -2.85 9.26
C PRO Q 186 -27.40 -3.17 10.72
N LEU Q 187 -28.19 -2.45 11.51
CA LEU Q 187 -28.22 -2.65 12.94
C LEU Q 187 -28.34 -4.07 13.49
N ASP Q 188 -29.20 -4.84 12.82
CA ASP Q 188 -29.33 -6.25 13.15
C ASP Q 188 -28.17 -7.21 12.97
N ASN Q 189 -27.13 -6.75 12.27
CA ASN Q 189 -25.87 -7.46 12.12
C ASN Q 189 -25.12 -7.75 13.42
N LEU Q 190 -24.56 -8.95 13.42
CA LEU Q 190 -23.57 -9.34 14.41
C LEU Q 190 -22.26 -8.58 14.50
N CYS Q 191 -21.97 -8.01 13.34
CA CYS Q 191 -20.90 -7.05 13.19
C CYS Q 191 -20.98 -5.76 14.00
N LEU Q 192 -22.24 -5.31 14.14
CA LEU Q 192 -22.42 -4.19 15.04
C LEU Q 192 -22.45 -4.40 16.55
N THR Q 193 -22.77 -5.63 16.97
CA THR Q 193 -22.59 -6.08 18.32
C THR Q 193 -21.15 -6.40 18.67
N TYR Q 194 -20.49 -7.06 17.71
CA TYR Q 194 -19.13 -7.53 17.94
C TYR Q 194 -18.01 -6.85 17.18
N PRO Q 195 -18.01 -5.52 17.09
CA PRO Q 195 -17.13 -4.83 16.18
C PRO Q 195 -15.65 -5.21 16.20
N ASN Q 196 -15.20 -5.10 17.46
CA ASN Q 196 -13.91 -5.41 18.04
C ASN Q 196 -13.38 -6.80 17.73
N GLU Q 197 -14.18 -7.83 18.02
CA GLU Q 197 -13.84 -9.16 17.55
C GLU Q 197 -13.74 -9.33 16.04
N PHE Q 198 -14.76 -8.89 15.30
CA PHE Q 198 -14.84 -9.13 13.87
C PHE Q 198 -13.67 -8.58 13.06
N TYR Q 199 -13.35 -7.35 13.46
CA TYR Q 199 -12.18 -6.61 13.00
C TYR Q 199 -10.83 -7.25 13.27
N ASN Q 200 -10.65 -7.70 14.52
CA ASN Q 200 -9.54 -8.51 14.96
C ASN Q 200 -9.32 -9.76 14.11
N VAL Q 201 -10.42 -10.51 13.97
CA VAL Q 201 -10.47 -11.65 13.07
C VAL Q 201 -10.13 -11.31 11.63
N ALA Q 202 -10.90 -10.35 11.11
CA ALA Q 202 -10.54 -9.79 9.82
C ALA Q 202 -9.08 -9.48 9.55
N ILE Q 203 -8.53 -8.73 10.52
CA ILE Q 203 -7.12 -8.45 10.51
C ILE Q 203 -6.24 -9.69 10.54
N HIS Q 204 -6.70 -10.73 11.25
CA HIS Q 204 -5.97 -11.97 11.36
C HIS Q 204 -5.98 -12.87 10.14
N ARG Q 205 -7.00 -12.66 9.31
CA ARG Q 205 -7.20 -13.32 8.05
C ARG Q 205 -6.72 -12.61 6.79
N TYR Q 206 -6.96 -11.30 6.85
CA TYR Q 206 -6.66 -10.38 5.78
C TYR Q 206 -5.42 -9.57 6.12
N PRO Q 207 -4.20 -10.01 5.77
CA PRO Q 207 -2.93 -9.33 5.93
C PRO Q 207 -2.97 -7.97 5.28
N ALA Q 208 -3.84 -7.86 4.28
CA ALA Q 208 -4.25 -6.64 3.62
C ALA Q 208 -4.82 -5.45 4.37
N LEU Q 209 -5.10 -5.75 5.64
CA LEU Q 209 -5.73 -4.87 6.62
C LEU Q 209 -4.95 -4.77 7.92
N LYS Q 210 -4.89 -3.55 8.46
CA LYS Q 210 -4.19 -3.30 9.71
C LYS Q 210 -5.03 -2.82 10.88
N PRO Q 211 -4.70 -3.16 12.13
CA PRO Q 211 -5.42 -2.61 13.26
C PRO Q 211 -5.44 -1.09 13.40
N GLY Q 212 -6.60 -0.56 13.80
CA GLY Q 212 -6.76 0.79 14.28
C GLY Q 212 -5.59 1.69 14.68
N ASN Q 213 -5.46 1.82 15.99
CA ASN Q 213 -4.41 2.53 16.68
C ASN Q 213 -3.51 1.92 17.75
N PRO Q 214 -3.37 0.60 17.73
CA PRO Q 214 -2.89 -0.11 18.90
C PRO Q 214 -1.63 0.37 19.62
N ASP Q 215 -0.62 0.64 18.79
CA ASP Q 215 0.41 1.63 18.96
C ASP Q 215 0.48 2.49 17.70
N THR Q 216 -0.14 3.67 17.72
CA THR Q 216 -0.16 4.53 16.56
C THR Q 216 1.20 4.77 15.92
N LYS Q 217 2.24 4.57 16.75
CA LYS Q 217 3.61 4.29 16.42
C LYS Q 217 3.94 3.35 15.27
N LEU Q 218 3.37 2.19 15.60
CA LEU Q 218 3.27 0.98 14.81
C LEU Q 218 1.92 0.27 14.82
N PRO Q 219 1.07 0.74 13.90
CA PRO Q 219 -0.15 0.00 13.64
C PRO Q 219 0.01 -1.07 12.57
N ASP Q 220 0.99 -0.85 11.70
CA ASP Q 220 1.27 -1.62 10.50
C ASP Q 220 2.43 -2.59 10.71
N ALA Q 221 2.31 -3.70 9.99
CA ALA Q 221 3.31 -4.75 9.93
C ALA Q 221 3.39 -5.42 8.56
N GLN Q 222 4.50 -6.12 8.34
CA GLN Q 222 4.70 -6.95 7.16
C GLN Q 222 4.56 -8.46 7.23
N ALA Q 223 4.79 -8.84 8.48
CA ALA Q 223 4.46 -10.16 8.99
C ALA Q 223 3.11 -10.23 9.68
N HIS Q 224 2.31 -11.15 9.13
CA HIS Q 224 0.91 -11.32 9.45
C HIS Q 224 0.85 -12.77 9.91
N PRO Q 225 -0.25 -13.53 9.76
CA PRO Q 225 -0.07 -14.91 10.14
C PRO Q 225 0.53 -15.75 9.03
N LEU Q 226 0.07 -17.00 8.91
CA LEU Q 226 0.51 -17.90 7.86
C LEU Q 226 0.03 -17.52 6.46
N GLY Q 227 -1.27 -17.27 6.34
CA GLY Q 227 -1.90 -16.79 5.12
C GLY Q 227 -1.05 -16.56 3.88
N GLU Q 228 -0.34 -15.43 3.90
CA GLU Q 228 0.75 -15.08 3.02
C GLU Q 228 1.23 -16.00 1.91
N VAL Q 229 1.69 -17.15 2.39
CA VAL Q 229 2.10 -18.28 1.59
C VAL Q 229 1.14 -18.61 0.45
N ALA Q 230 -0.05 -19.06 0.86
CA ALA Q 230 -1.13 -19.24 -0.08
C ALA Q 230 -1.52 -18.12 -1.03
N GLY Q 231 -1.29 -16.93 -0.49
CA GLY Q 231 -1.57 -15.72 -1.25
C GLY Q 231 -0.66 -15.41 -2.44
N ALA Q 232 0.63 -15.64 -2.20
CA ALA Q 232 1.63 -15.54 -3.25
C ALA Q 232 1.47 -16.31 -4.56
N PHE Q 233 0.91 -17.49 -4.33
CA PHE Q 233 0.37 -18.26 -5.44
C PHE Q 233 -0.87 -17.91 -6.24
N ASN Q 234 -1.74 -17.16 -5.57
CA ASN Q 234 -2.79 -16.47 -6.29
C ASN Q 234 -2.46 -15.12 -6.91
N ALA Q 235 -1.31 -14.55 -6.57
CA ALA Q 235 -0.87 -13.29 -7.12
C ALA Q 235 -0.12 -13.28 -8.44
N ALA Q 236 -0.72 -12.45 -9.30
CA ALA Q 236 -0.22 -12.28 -10.65
C ALA Q 236 1.24 -11.90 -10.85
N THR Q 237 1.90 -12.67 -11.72
CA THR Q 237 3.32 -12.57 -11.99
C THR Q 237 3.49 -11.92 -13.37
N SER Q 238 4.75 -11.60 -13.69
CA SER Q 238 5.25 -11.16 -14.97
C SER Q 238 4.97 -11.80 -16.32
N GLU Q 239 4.77 -13.12 -16.17
CA GLU Q 239 4.37 -13.92 -17.30
C GLU Q 239 3.08 -14.73 -17.28
N VAL Q 240 2.66 -15.07 -16.06
CA VAL Q 240 1.35 -15.62 -15.76
C VAL Q 240 0.40 -14.84 -14.86
N GLY Q 241 -0.89 -14.88 -15.17
CA GLY Q 241 -1.98 -14.63 -14.25
C GLY Q 241 -1.84 -15.46 -12.99
N SER Q 242 -2.58 -16.57 -12.90
CA SER Q 242 -2.54 -17.38 -11.70
C SER Q 242 -1.93 -18.75 -11.95
N LEU Q 243 -0.90 -19.03 -11.13
CA LEU Q 243 -0.25 -20.32 -11.05
C LEU Q 243 -1.09 -21.55 -10.75
N VAL Q 244 -1.89 -21.40 -9.69
CA VAL Q 244 -2.94 -22.35 -9.43
C VAL Q 244 -3.94 -22.63 -10.55
N GLY Q 245 -4.31 -21.49 -11.13
CA GLY Q 245 -5.22 -21.48 -12.26
C GLY Q 245 -4.91 -22.44 -13.40
N SER Q 246 -3.84 -22.00 -14.08
CA SER Q 246 -3.27 -22.68 -15.22
C SER Q 246 -2.92 -24.14 -14.95
N SER Q 247 -2.45 -24.39 -13.73
CA SER Q 247 -2.15 -25.73 -13.25
C SER Q 247 -3.38 -26.63 -13.15
N SER Q 248 -4.42 -26.17 -12.45
CA SER Q 248 -5.74 -26.74 -12.39
C SER Q 248 -6.41 -27.02 -13.72
N THR Q 249 -6.46 -25.94 -14.52
CA THR Q 249 -7.06 -25.86 -15.83
C THR Q 249 -6.48 -27.04 -16.60
N LEU Q 250 -5.16 -27.00 -16.78
CA LEU Q 250 -4.48 -28.04 -17.54
C LEU Q 250 -4.75 -29.45 -17.03
N SER Q 251 -4.70 -29.59 -15.71
CA SER Q 251 -4.97 -30.86 -15.07
C SER Q 251 -6.38 -31.38 -15.35
N GLN Q 252 -7.43 -30.56 -15.33
CA GLN Q 252 -8.77 -30.87 -15.79
C GLN Q 252 -8.89 -31.36 -17.23
N ALA Q 253 -8.12 -30.71 -18.10
CA ALA Q 253 -7.94 -31.14 -19.47
C ALA Q 253 -7.34 -32.53 -19.70
N ILE Q 254 -6.19 -32.78 -19.07
CA ILE Q 254 -5.63 -34.12 -18.91
C ILE Q 254 -6.68 -35.13 -18.50
N SER Q 255 -7.27 -34.86 -17.32
CA SER Q 255 -8.16 -35.89 -16.82
C SER Q 255 -9.41 -36.30 -17.57
N THR Q 256 -9.91 -35.28 -18.29
CA THR Q 256 -10.85 -35.53 -19.37
C THR Q 256 -10.28 -36.31 -20.54
N MET Q 257 -9.04 -36.04 -20.95
CA MET Q 257 -8.37 -36.90 -21.91
C MET Q 257 -8.24 -38.36 -21.50
N ALA Q 258 -7.90 -38.51 -20.22
CA ALA Q 258 -7.82 -39.75 -19.49
C ALA Q 258 -9.01 -40.70 -19.42
N GLY Q 259 -10.10 -39.98 -19.17
CA GLY Q 259 -11.43 -40.56 -19.18
C GLY Q 259 -12.00 -40.92 -20.54
N LYS Q 260 -11.59 -40.14 -21.54
CA LYS Q 260 -11.91 -40.50 -22.91
C LYS Q 260 -11.19 -41.73 -23.46
N ASP Q 261 -10.04 -41.96 -22.83
CA ASP Q 261 -8.99 -42.92 -23.13
C ASP Q 261 -8.36 -42.93 -24.52
N LEU Q 262 -8.39 -41.73 -25.11
CA LEU Q 262 -7.87 -41.44 -26.43
C LEU Q 262 -8.20 -42.29 -27.66
N ASP Q 263 -7.70 -43.52 -27.49
CA ASP Q 263 -7.70 -44.66 -28.37
C ASP Q 263 -9.00 -44.75 -29.15
N LEU Q 264 -10.10 -44.54 -28.43
CA LEU Q 264 -11.40 -44.33 -29.05
C LEU Q 264 -11.62 -44.01 -30.52
N ILE Q 265 -10.89 -43.00 -31.02
CA ILE Q 265 -10.89 -42.61 -32.41
C ILE Q 265 -10.23 -43.58 -33.40
N GLU Q 266 -9.27 -44.39 -32.96
CA GLU Q 266 -8.47 -45.22 -33.83
C GLU Q 266 -8.99 -46.65 -33.93
N ALA Q 267 -10.24 -46.59 -34.39
CA ALA Q 267 -11.00 -47.82 -34.39
C ALA Q 267 -11.71 -48.05 -35.73
N ASP Q 268 -11.09 -48.98 -36.46
CA ASP Q 268 -11.61 -49.50 -37.70
C ASP Q 268 -12.54 -50.71 -37.66
N THR Q 269 -12.02 -51.68 -36.90
CA THR Q 269 -12.50 -53.04 -36.75
C THR Q 269 -13.08 -53.07 -35.35
N PRO Q 270 -14.17 -53.81 -35.13
CA PRO Q 270 -15.05 -53.75 -33.98
C PRO Q 270 -14.61 -53.35 -32.58
N LEU Q 271 -14.97 -52.12 -32.20
CA LEU Q 271 -14.87 -51.66 -30.83
C LEU Q 271 -16.22 -51.60 -30.13
N PRO Q 272 -16.25 -52.34 -29.03
CA PRO Q 272 -17.51 -52.60 -28.37
C PRO Q 272 -18.38 -51.49 -27.80
N VAL Q 273 -19.63 -51.46 -28.30
CA VAL Q 273 -20.64 -50.48 -27.97
C VAL Q 273 -20.66 -49.75 -26.64
N SER Q 274 -20.70 -50.73 -25.72
CA SER Q 274 -20.69 -50.45 -24.30
C SER Q 274 -19.61 -49.56 -23.70
N VAL Q 275 -18.44 -49.83 -24.28
CA VAL Q 275 -17.17 -49.16 -24.13
C VAL Q 275 -17.13 -47.75 -24.72
N PHE Q 276 -17.53 -47.70 -25.98
CA PHE Q 276 -17.57 -46.43 -26.69
C PHE Q 276 -18.74 -45.56 -26.27
N THR Q 277 -19.97 -46.06 -26.08
CA THR Q 277 -21.18 -45.28 -25.87
C THR Q 277 -21.32 -44.87 -24.42
N PRO Q 278 -21.44 -43.58 -24.09
CA PRO Q 278 -21.96 -43.24 -22.78
C PRO Q 278 -23.48 -43.24 -22.77
N SER Q 279 -24.05 -42.12 -22.29
CA SER Q 279 -25.47 -41.83 -22.23
C SER Q 279 -26.08 -41.10 -23.42
N LEU Q 280 -27.20 -41.71 -23.81
CA LEU Q 280 -27.94 -41.28 -24.97
C LEU Q 280 -29.28 -40.56 -24.81
N ALA Q 281 -29.56 -39.59 -25.69
CA ALA Q 281 -30.84 -38.90 -25.73
C ALA Q 281 -31.74 -39.07 -26.95
N PRO Q 282 -33.07 -38.94 -26.86
CA PRO Q 282 -33.97 -38.90 -27.99
C PRO Q 282 -33.63 -37.84 -29.03
N ARG Q 283 -34.02 -38.02 -30.29
CA ARG Q 283 -33.91 -37.01 -31.32
C ARG Q 283 -35.22 -36.81 -32.07
N SER Q 284 -35.30 -35.68 -32.76
CA SER Q 284 -36.49 -35.20 -33.43
C SER Q 284 -36.31 -35.11 -34.94
N TYR Q 285 -37.14 -35.81 -35.71
CA TYR Q 285 -37.04 -35.83 -37.16
C TYR Q 285 -38.39 -35.46 -37.78
N ARG Q 286 -38.31 -35.03 -39.04
CA ARG Q 286 -39.53 -34.76 -39.78
C ARG Q 286 -39.87 -35.73 -40.91
N PRO Q 287 -41.17 -36.00 -41.07
CA PRO Q 287 -41.67 -36.46 -42.35
C PRO Q 287 -41.47 -35.47 -43.49
N ALA Q 288 -42.49 -34.63 -43.65
CA ALA Q 288 -42.35 -33.40 -44.40
C ALA Q 288 -41.51 -33.45 -45.67
N PHE Q 289 -40.28 -32.98 -45.49
CA PHE Q 289 -39.34 -32.88 -46.60
C PHE Q 289 -38.05 -33.63 -46.30
N ILE Q 290 -38.12 -34.73 -45.55
CA ILE Q 290 -36.95 -35.57 -45.40
C ILE Q 290 -36.61 -36.30 -46.69
N LYS Q 291 -35.41 -36.87 -46.82
CA LYS Q 291 -35.11 -37.41 -48.14
C LYS Q 291 -34.94 -38.92 -48.20
N PRO Q 292 -35.99 -39.54 -48.76
CA PRO Q 292 -35.99 -40.98 -48.89
C PRO Q 292 -34.72 -41.73 -49.28
N GLU Q 293 -33.97 -41.10 -50.18
CA GLU Q 293 -32.68 -41.58 -50.61
C GLU Q 293 -31.66 -41.73 -49.50
N ASP Q 294 -31.65 -40.76 -48.58
CA ASP Q 294 -30.65 -40.69 -47.54
C ASP Q 294 -30.97 -41.37 -46.23
N ALA Q 295 -32.28 -41.41 -45.99
CA ALA Q 295 -32.84 -41.76 -44.70
C ALA Q 295 -33.20 -43.23 -44.55
N LYS Q 296 -32.19 -43.99 -44.11
CA LYS Q 296 -32.37 -45.40 -43.84
C LYS Q 296 -33.67 -45.98 -43.29
N TRP Q 297 -34.04 -45.54 -42.08
CA TRP Q 297 -35.31 -45.82 -41.45
C TRP Q 297 -36.60 -45.10 -41.83
N ILE Q 298 -36.50 -44.17 -42.78
CA ILE Q 298 -37.59 -43.33 -43.24
C ILE Q 298 -37.45 -42.83 -44.68
N ALA Q 299 -38.24 -43.50 -45.53
CA ALA Q 299 -38.41 -43.34 -46.95
C ALA Q 299 -39.84 -42.97 -47.31
N GLU Q 300 -40.21 -42.97 -48.59
CA GLU Q 300 -41.57 -42.72 -49.03
C GLU Q 300 -42.10 -43.72 -50.05
N PHE Q 301 -43.41 -43.99 -50.00
CA PHE Q 301 -44.19 -44.43 -51.13
C PHE Q 301 -44.24 -43.41 -52.27
N ASN Q 302 -44.29 -43.97 -53.48
CA ASN Q 302 -44.14 -43.23 -54.72
C ASN Q 302 -45.43 -42.92 -55.49
N ASN Q 303 -45.52 -41.73 -56.08
CA ASN Q 303 -46.74 -41.31 -56.75
C ASN Q 303 -47.09 -42.33 -57.83
N SER Q 304 -48.41 -42.47 -57.97
CA SER Q 304 -49.10 -43.50 -58.72
C SER Q 304 -49.29 -44.85 -58.06
N SER Q 305 -50.56 -45.08 -57.69
CA SER Q 305 -51.17 -46.34 -57.35
C SER Q 305 -52.67 -46.34 -57.13
N LEU Q 306 -52.93 -45.67 -56.00
CA LEU Q 306 -54.14 -45.13 -55.41
C LEU Q 306 -54.89 -46.15 -54.57
N ILE Q 307 -54.47 -46.17 -53.30
CA ILE Q 307 -55.27 -46.98 -52.40
C ILE Q 307 -55.99 -45.98 -51.53
N ARG Q 308 -57.22 -45.79 -52.03
CA ARG Q 308 -58.17 -44.85 -51.46
C ARG Q 308 -59.04 -45.39 -50.33
N LYS Q 309 -60.15 -46.05 -50.64
CA LYS Q 309 -60.99 -46.50 -49.55
C LYS Q 309 -60.61 -47.83 -48.92
N THR Q 310 -60.21 -47.64 -47.66
CA THR Q 310 -59.96 -48.71 -46.73
C THR Q 310 -60.81 -48.66 -45.46
N LEU Q 311 -61.52 -49.74 -45.12
CA LEU Q 311 -62.17 -49.87 -43.84
C LEU Q 311 -61.14 -49.73 -42.73
N THR Q 312 -61.46 -48.83 -41.80
CA THR Q 312 -60.66 -48.47 -40.65
C THR Q 312 -61.06 -48.89 -39.25
N TYR Q 313 -62.38 -49.04 -39.10
CA TYR Q 313 -63.12 -49.40 -37.90
C TYR Q 313 -64.37 -50.16 -38.30
N SER Q 314 -65.10 -50.49 -37.24
CA SER Q 314 -66.33 -51.25 -37.38
C SER Q 314 -67.30 -50.41 -38.21
N GLY Q 315 -67.35 -50.94 -39.43
CA GLY Q 315 -68.19 -50.47 -40.51
C GLY Q 315 -68.10 -48.99 -40.86
N ALA Q 316 -66.85 -48.56 -40.70
CA ALA Q 316 -66.45 -47.16 -40.70
C ALA Q 316 -65.21 -47.09 -41.58
N THR Q 317 -65.11 -46.01 -42.35
CA THR Q 317 -64.19 -45.87 -43.46
C THR Q 317 -63.43 -44.56 -43.57
N TYR Q 318 -62.16 -44.66 -43.94
CA TYR Q 318 -61.22 -43.60 -44.26
C TYR Q 318 -60.44 -43.81 -45.55
N THR Q 319 -60.33 -42.71 -46.28
CA THR Q 319 -59.47 -42.79 -47.44
C THR Q 319 -58.00 -42.49 -47.16
N VAL Q 320 -57.26 -43.58 -47.07
CA VAL Q 320 -55.84 -43.33 -46.92
C VAL Q 320 -55.14 -42.76 -48.15
N GLN Q 321 -55.82 -43.02 -49.27
CA GLN Q 321 -55.74 -42.35 -50.55
C GLN Q 321 -54.42 -42.25 -51.30
N LEU Q 322 -53.62 -43.29 -51.06
CA LEU Q 322 -52.23 -43.53 -51.38
C LEU Q 322 -51.76 -43.24 -52.80
N GLY Q 323 -51.03 -42.13 -52.90
CA GLY Q 323 -50.46 -41.67 -54.14
C GLY Q 323 -49.33 -40.65 -54.06
N PRO Q 324 -49.54 -39.38 -54.46
CA PRO Q 324 -48.53 -38.35 -54.54
C PRO Q 324 -47.93 -38.02 -53.18
N GLY Q 325 -46.80 -38.58 -52.74
CA GLY Q 325 -45.96 -38.31 -51.59
C GLY Q 325 -46.61 -38.43 -50.22
N PRO Q 326 -47.38 -39.50 -50.05
CA PRO Q 326 -48.16 -39.71 -48.85
C PRO Q 326 -47.38 -39.84 -47.55
N THR Q 327 -47.20 -38.66 -46.95
CA THR Q 327 -46.45 -38.42 -45.74
C THR Q 327 -45.08 -39.07 -45.83
N ARG Q 328 -44.81 -40.16 -45.09
CA ARG Q 328 -43.59 -40.93 -45.12
C ARG Q 328 -43.83 -42.35 -44.63
N VAL Q 329 -42.96 -43.24 -45.10
CA VAL Q 329 -42.98 -44.61 -44.67
C VAL Q 329 -41.79 -44.89 -43.76
N ILE Q 330 -42.29 -45.04 -42.53
CA ILE Q 330 -41.28 -45.16 -41.49
C ILE Q 330 -40.83 -46.61 -41.43
N ASP Q 331 -39.58 -46.82 -41.84
CA ASP Q 331 -38.97 -48.12 -41.97
C ASP Q 331 -38.32 -48.68 -40.71
N MET Q 332 -39.20 -49.20 -39.85
CA MET Q 332 -38.84 -49.71 -38.54
C MET Q 332 -38.65 -51.22 -38.53
N ASN Q 333 -38.19 -51.72 -39.67
CA ASN Q 333 -37.73 -53.08 -39.79
C ASN Q 333 -36.31 -53.42 -39.34
N ALA Q 334 -36.36 -53.76 -38.05
CA ALA Q 334 -35.24 -54.06 -37.17
C ALA Q 334 -34.16 -52.99 -37.07
N MET Q 335 -34.76 -51.87 -36.67
CA MET Q 335 -34.06 -50.62 -36.51
C MET Q 335 -33.94 -50.27 -35.03
N ILE Q 336 -33.18 -51.11 -34.31
CA ILE Q 336 -33.07 -51.10 -32.86
C ILE Q 336 -34.36 -50.99 -32.06
N ASP Q 337 -34.34 -50.73 -30.76
CA ASP Q 337 -35.57 -50.45 -30.04
C ASP Q 337 -35.79 -49.03 -29.54
N SER Q 338 -36.84 -48.40 -30.04
CA SER Q 338 -37.31 -47.02 -29.94
C SER Q 338 -38.78 -46.86 -29.57
N VAL Q 339 -39.10 -45.63 -29.19
CA VAL Q 339 -40.50 -45.28 -28.98
C VAL Q 339 -40.88 -44.12 -29.89
N LEU Q 340 -41.74 -44.41 -30.87
CA LEU Q 340 -42.09 -43.46 -31.90
C LEU Q 340 -43.01 -42.37 -31.37
N THR Q 341 -42.32 -41.40 -30.75
CA THR Q 341 -42.91 -40.23 -30.14
C THR Q 341 -43.32 -39.17 -31.15
N LEU Q 342 -44.54 -39.26 -31.68
CA LEU Q 342 -45.08 -38.42 -32.72
C LEU Q 342 -45.72 -37.21 -32.07
N ASP Q 343 -45.17 -36.05 -32.46
CA ASP Q 343 -45.48 -34.76 -31.90
C ASP Q 343 -46.00 -33.83 -33.00
N VAL Q 344 -47.34 -33.92 -32.93
CA VAL Q 344 -48.17 -33.23 -33.88
C VAL Q 344 -48.74 -31.98 -33.21
N SER Q 345 -48.47 -30.88 -33.91
CA SER Q 345 -49.13 -29.64 -33.60
C SER Q 345 -49.14 -28.75 -34.84
N GLY Q 346 -50.05 -27.80 -35.06
CA GLY Q 346 -50.21 -26.99 -36.25
C GLY Q 346 -51.12 -27.64 -37.29
N THR Q 347 -50.47 -28.68 -37.84
CA THR Q 347 -51.08 -29.51 -38.85
C THR Q 347 -52.35 -30.27 -38.48
N ILE Q 348 -53.41 -29.74 -39.10
CA ILE Q 348 -54.59 -30.56 -39.23
C ILE Q 348 -55.14 -30.65 -40.65
N LEU Q 349 -55.16 -29.46 -41.26
CA LEU Q 349 -55.63 -29.25 -42.62
C LEU Q 349 -56.92 -30.01 -42.90
N PRO Q 350 -58.09 -29.47 -42.57
CA PRO Q 350 -59.36 -30.13 -42.74
C PRO Q 350 -59.68 -30.63 -44.14
N TYR Q 351 -60.37 -31.77 -44.22
CA TYR Q 351 -60.73 -32.33 -45.50
C TYR Q 351 -61.33 -31.33 -46.47
N ASP Q 352 -60.56 -31.09 -47.53
CA ASP Q 352 -60.94 -30.39 -48.75
C ASP Q 352 -62.28 -29.68 -48.71
N THR Q 353 -63.38 -30.41 -48.88
CA THR Q 353 -64.66 -29.90 -48.40
C THR Q 353 -65.73 -30.95 -48.14
N ASN Q 354 -65.42 -31.70 -47.08
CA ASN Q 354 -66.15 -32.82 -46.53
C ASN Q 354 -66.70 -32.44 -45.16
N PRO Q 355 -67.98 -32.70 -44.88
CA PRO Q 355 -68.55 -32.68 -43.54
C PRO Q 355 -68.09 -33.81 -42.63
N ASP Q 356 -66.82 -34.13 -42.89
CA ASP Q 356 -66.07 -35.10 -42.15
C ASP Q 356 -64.89 -34.49 -41.42
N LEU Q 357 -65.29 -33.31 -40.93
CA LEU Q 357 -64.41 -32.34 -40.31
C LEU Q 357 -64.18 -32.68 -38.85
N SER Q 358 -65.34 -32.90 -38.22
CA SER Q 358 -65.51 -33.75 -37.05
C SER Q 358 -65.25 -35.20 -37.45
N THR Q 359 -64.61 -35.94 -36.55
CA THR Q 359 -64.18 -37.33 -36.58
C THR Q 359 -62.87 -37.75 -37.23
N SER Q 360 -62.14 -36.69 -37.59
CA SER Q 360 -60.79 -36.83 -38.09
C SER Q 360 -59.53 -36.42 -37.34
N VAL Q 361 -58.84 -37.50 -36.99
CA VAL Q 361 -57.67 -37.45 -36.15
C VAL Q 361 -56.29 -37.64 -36.79
N PRO Q 362 -55.32 -36.93 -36.22
CA PRO Q 362 -53.92 -37.25 -36.39
C PRO Q 362 -53.63 -38.61 -35.76
N ALA Q 363 -53.24 -39.49 -36.69
CA ALA Q 363 -52.85 -40.84 -36.33
C ALA Q 363 -51.57 -41.36 -36.97
N PHE Q 364 -51.08 -42.42 -36.32
CA PHE Q 364 -50.04 -43.32 -36.77
C PHE Q 364 -50.56 -44.72 -37.01
N VAL Q 365 -50.20 -45.22 -38.20
CA VAL Q 365 -50.54 -46.56 -38.59
C VAL Q 365 -49.29 -47.35 -38.97
N LEU Q 366 -49.04 -48.50 -38.34
CA LEU Q 366 -47.95 -49.36 -38.76
C LEU Q 366 -48.47 -50.28 -39.86
N ILE Q 367 -47.66 -50.55 -40.88
CA ILE Q 367 -47.99 -51.49 -41.94
C ILE Q 367 -47.07 -52.70 -41.94
N GLN Q 368 -47.71 -53.87 -41.85
CA GLN Q 368 -47.09 -55.13 -41.55
C GLN Q 368 -47.24 -56.26 -42.58
N THR Q 369 -46.44 -56.05 -43.62
CA THR Q 369 -46.52 -56.89 -44.80
C THR Q 369 -45.20 -57.42 -45.36
N SER Q 370 -45.24 -58.69 -45.77
CA SER Q 370 -44.19 -59.28 -46.57
C SER Q 370 -44.13 -58.89 -48.04
N VAL Q 371 -44.96 -57.90 -48.35
CA VAL Q 371 -44.98 -57.28 -49.66
C VAL Q 371 -44.35 -55.89 -49.58
N PRO Q 372 -43.12 -55.79 -50.09
CA PRO Q 372 -42.37 -54.56 -50.10
C PRO Q 372 -43.11 -53.40 -50.74
N ILE Q 373 -43.25 -52.35 -49.93
CA ILE Q 373 -43.89 -51.11 -50.33
C ILE Q 373 -44.10 -50.72 -51.79
N GLN Q 374 -43.06 -50.87 -52.61
CA GLN Q 374 -43.25 -50.64 -54.03
C GLN Q 374 -44.16 -51.57 -54.83
N GLN Q 375 -44.41 -52.70 -54.17
CA GLN Q 375 -45.39 -53.65 -54.68
C GLN Q 375 -46.82 -53.43 -54.24
N VAL Q 376 -46.98 -52.52 -53.27
CA VAL Q 376 -48.27 -52.33 -52.64
C VAL Q 376 -49.25 -51.40 -53.36
N THR Q 377 -49.97 -52.05 -54.27
CA THR Q 377 -50.88 -51.35 -55.15
C THR Q 377 -52.39 -51.41 -54.96
N THR Q 378 -52.88 -52.52 -54.40
CA THR Q 378 -54.26 -52.65 -53.98
C THR Q 378 -54.36 -53.02 -52.51
N ALA Q 379 -55.59 -52.97 -51.98
CA ALA Q 379 -55.88 -53.47 -50.66
C ALA Q 379 -55.38 -54.88 -50.35
N ALA Q 380 -55.41 -55.70 -51.39
CA ALA Q 380 -54.96 -57.06 -51.16
C ALA Q 380 -53.61 -57.34 -50.55
N ASN Q 381 -52.70 -56.48 -51.04
CA ASN Q 381 -51.31 -56.37 -50.66
C ASN Q 381 -50.96 -56.13 -49.19
N ILE Q 382 -51.77 -55.24 -48.61
CA ILE Q 382 -51.41 -54.74 -47.30
C ILE Q 382 -50.98 -55.67 -46.18
N THR Q 383 -51.57 -56.86 -46.18
CA THR Q 383 -51.55 -57.82 -45.09
C THR Q 383 -52.26 -57.21 -43.90
N ALA Q 384 -51.44 -56.43 -43.20
CA ALA Q 384 -51.87 -55.66 -42.06
C ALA Q 384 -51.69 -54.15 -42.15
N ILE Q 385 -52.80 -53.41 -42.21
CA ILE Q 385 -52.82 -52.05 -41.73
C ILE Q 385 -53.30 -51.92 -40.28
N THR Q 386 -52.38 -51.71 -39.33
CA THR Q 386 -52.80 -51.54 -37.95
C THR Q 386 -52.57 -50.08 -37.56
N VAL Q 387 -53.75 -49.50 -37.35
CA VAL Q 387 -53.88 -48.25 -36.63
C VAL Q 387 -53.47 -48.38 -35.18
N VAL Q 388 -52.28 -47.85 -34.87
CA VAL Q 388 -51.60 -47.95 -33.58
C VAL Q 388 -51.83 -46.74 -32.70
N SER Q 389 -51.59 -45.62 -33.38
CA SER Q 389 -51.47 -44.38 -32.64
C SER Q 389 -52.53 -43.32 -32.90
N ALA Q 390 -53.63 -43.45 -32.18
CA ALA Q 390 -54.62 -42.38 -32.19
C ALA Q 390 -55.30 -41.97 -30.90
N ALA Q 391 -55.32 -42.90 -29.96
CA ALA Q 391 -56.16 -42.77 -28.78
C ALA Q 391 -57.66 -42.62 -29.01
N GLY Q 392 -58.30 -41.55 -28.54
CA GLY Q 392 -59.71 -41.44 -28.85
C GLY Q 392 -59.90 -41.11 -30.32
N ALA Q 393 -60.21 -42.20 -31.03
CA ALA Q 393 -60.20 -42.08 -32.48
C ALA Q 393 -61.54 -41.76 -33.12
N SER Q 394 -61.94 -40.52 -32.86
CA SER Q 394 -63.02 -39.75 -33.45
C SER Q 394 -62.50 -38.41 -33.94
N ALA Q 395 -62.88 -37.34 -33.25
CA ALA Q 395 -62.36 -35.99 -33.30
C ALA Q 395 -63.16 -34.90 -32.61
N ILE Q 396 -62.43 -33.81 -32.33
CA ILE Q 396 -62.88 -32.52 -31.88
C ILE Q 396 -61.90 -31.48 -32.42
N ASN Q 397 -62.55 -30.37 -32.76
CA ASN Q 397 -61.89 -29.17 -33.23
C ASN Q 397 -60.93 -28.52 -32.24
N LEU Q 398 -59.78 -29.19 -32.11
CA LEU Q 398 -58.60 -28.81 -31.36
C LEU Q 398 -57.72 -27.74 -32.00
N ALA Q 399 -58.03 -27.56 -33.28
CA ALA Q 399 -57.50 -26.49 -34.10
C ALA Q 399 -58.07 -25.12 -33.75
N ILE Q 400 -57.10 -24.21 -33.66
CA ILE Q 400 -57.42 -22.82 -33.42
C ILE Q 400 -58.20 -22.20 -34.58
N ASN Q 401 -59.46 -22.62 -34.58
CA ASN Q 401 -60.37 -22.39 -35.68
C ASN Q 401 -61.15 -21.09 -35.88
N VAL Q 402 -61.10 -20.37 -34.77
CA VAL Q 402 -61.83 -19.12 -34.60
C VAL Q 402 -61.54 -18.06 -35.66
N ARG Q 403 -60.28 -18.01 -36.10
CA ARG Q 403 -59.74 -16.89 -36.84
C ARG Q 403 -59.39 -17.46 -38.21
N GLY Q 404 -60.13 -18.52 -38.54
CA GLY Q 404 -59.82 -19.17 -39.80
C GLY Q 404 -58.71 -20.21 -39.76
N GLN Q 405 -57.90 -20.14 -38.69
CA GLN Q 405 -56.71 -20.97 -38.61
C GLN Q 405 -56.98 -22.47 -38.55
N PRO Q 406 -56.20 -23.34 -39.19
CA PRO Q 406 -56.35 -24.77 -38.98
C PRO Q 406 -55.06 -25.22 -38.30
N ARG Q 407 -55.03 -24.91 -37.00
CA ARG Q 407 -53.93 -25.21 -36.11
C ARG Q 407 -54.80 -26.08 -35.20
N PHE Q 408 -54.36 -27.32 -35.42
CA PHE Q 408 -54.22 -28.36 -34.42
C PHE Q 408 -53.36 -28.51 -33.18
N ASN Q 409 -54.11 -28.59 -32.07
CA ASN Q 409 -53.57 -28.58 -30.74
C ASN Q 409 -52.43 -29.57 -30.65
N MET Q 410 -51.48 -29.38 -29.73
CA MET Q 410 -50.39 -30.33 -29.58
C MET Q 410 -50.75 -31.69 -29.00
N LEU Q 411 -50.73 -32.66 -29.93
CA LEU Q 411 -50.70 -34.05 -29.55
C LEU Q 411 -49.41 -34.84 -29.36
N HIS Q 412 -49.49 -35.69 -28.33
CA HIS Q 412 -48.41 -36.62 -28.09
C HIS Q 412 -48.81 -38.06 -28.42
N LEU Q 413 -48.40 -38.61 -29.57
CA LEU Q 413 -48.63 -39.99 -29.94
C LEU Q 413 -47.51 -40.93 -29.54
N GLN Q 414 -47.75 -42.20 -29.22
CA GLN Q 414 -46.78 -43.22 -28.91
C GLN Q 414 -47.06 -44.54 -29.62
N ALA Q 415 -45.98 -44.95 -30.29
CA ALA Q 415 -45.85 -46.30 -30.79
C ALA Q 415 -44.64 -47.07 -30.30
N THR Q 416 -44.83 -47.85 -29.23
CA THR Q 416 -43.79 -48.75 -28.79
C THR Q 416 -43.09 -49.71 -29.74
N PHE Q 417 -42.24 -49.11 -30.60
CA PHE Q 417 -41.40 -49.86 -31.51
C PHE Q 417 -40.37 -50.76 -30.85
N GLU Q 418 -40.92 -51.94 -30.54
CA GLU Q 418 -40.19 -53.13 -30.16
C GLU Q 418 -40.25 -54.21 -31.23
N ARG Q 419 -39.10 -54.19 -31.90
CA ARG Q 419 -38.92 -55.18 -32.95
C ARG Q 419 -39.12 -56.65 -32.65
N GLU Q 420 -38.98 -56.96 -31.36
CA GLU Q 420 -39.34 -58.25 -30.80
C GLU Q 420 -40.81 -58.62 -30.86
N THR Q 421 -41.66 -57.60 -30.73
CA THR Q 421 -43.08 -57.77 -31.00
C THR Q 421 -43.54 -58.46 -32.26
N ILE Q 422 -42.77 -58.11 -33.30
CA ILE Q 422 -42.94 -58.74 -34.59
C ILE Q 422 -41.83 -59.70 -34.98
N THR Q 423 -40.59 -59.46 -34.55
CA THR Q 423 -39.38 -60.14 -34.96
C THR Q 423 -39.08 -60.23 -36.44
N GLY Q 424 -39.18 -59.10 -37.17
CA GLY Q 424 -39.08 -59.12 -38.60
C GLY Q 424 -40.12 -59.94 -39.35
N ILE Q 425 -39.65 -60.38 -40.52
CA ILE Q 425 -40.41 -61.28 -41.37
C ILE Q 425 -41.59 -60.78 -42.20
N PRO Q 426 -42.60 -60.15 -41.61
CA PRO Q 426 -43.43 -59.25 -42.38
C PRO Q 426 -43.13 -57.76 -42.36
N TYR Q 427 -42.07 -57.41 -43.09
CA TYR Q 427 -41.27 -56.23 -42.82
C TYR Q 427 -42.02 -54.98 -42.40
N ILE Q 428 -41.42 -54.27 -41.46
CA ILE Q 428 -42.13 -53.27 -40.69
C ILE Q 428 -42.10 -51.87 -41.26
N TYR Q 429 -43.33 -51.38 -41.48
CA TYR Q 429 -43.69 -50.04 -41.92
C TYR Q 429 -44.70 -49.30 -41.07
N GLY Q 430 -44.76 -47.98 -41.30
CA GLY Q 430 -45.69 -47.10 -40.60
C GLY Q 430 -45.81 -45.80 -41.40
N LEU Q 431 -47.02 -45.26 -41.23
CA LEU Q 431 -47.43 -44.03 -41.86
C LEU Q 431 -48.05 -43.01 -40.91
N GLY Q 432 -48.22 -41.77 -41.35
CA GLY Q 432 -48.83 -40.70 -40.59
C GLY Q 432 -50.08 -40.15 -41.26
N THR Q 433 -51.21 -39.97 -40.56
CA THR Q 433 -52.46 -39.52 -41.14
C THR Q 433 -53.63 -39.18 -40.25
N PHE Q 434 -54.30 -38.10 -40.66
CA PHE Q 434 -55.67 -37.78 -40.29
C PHE Q 434 -56.73 -38.82 -40.62
N LEU Q 435 -56.81 -39.87 -39.79
CA LEU Q 435 -57.59 -41.06 -40.01
C LEU Q 435 -59.00 -40.82 -39.50
N ILE Q 436 -60.04 -41.21 -40.23
CA ILE Q 436 -61.43 -41.13 -39.84
C ILE Q 436 -62.21 -42.44 -39.77
N PRO Q 437 -63.10 -42.53 -38.77
CA PRO Q 437 -64.24 -43.41 -38.96
C PRO Q 437 -65.30 -42.97 -39.97
N SER Q 438 -65.71 -41.71 -39.79
CA SER Q 438 -66.68 -41.14 -40.70
C SER Q 438 -66.31 -40.91 -42.16
N PRO Q 439 -67.03 -41.64 -43.01
CA PRO Q 439 -66.49 -41.96 -44.31
C PRO Q 439 -66.11 -40.75 -45.15
N THR Q 440 -64.90 -40.84 -45.71
CA THR Q 440 -64.38 -39.76 -46.53
C THR Q 440 -64.45 -39.93 -48.04
N SER Q 441 -64.93 -38.84 -48.64
CA SER Q 441 -65.19 -38.81 -50.07
C SER Q 441 -63.95 -38.82 -50.94
N SER Q 442 -63.55 -40.04 -51.32
CA SER Q 442 -62.42 -40.23 -52.21
C SER Q 442 -62.23 -39.38 -53.45
N SER Q 443 -63.36 -39.16 -54.12
CA SER Q 443 -63.46 -38.26 -55.25
C SER Q 443 -63.13 -36.82 -54.88
N ASN Q 444 -63.82 -36.40 -53.82
CA ASN Q 444 -63.48 -35.16 -53.15
C ASN Q 444 -62.06 -34.92 -52.66
N PHE Q 445 -61.68 -35.67 -51.62
CA PHE Q 445 -60.37 -35.54 -51.03
C PHE Q 445 -59.35 -36.45 -51.72
N SER Q 446 -59.06 -36.02 -52.95
CA SER Q 446 -57.93 -36.54 -53.70
C SER Q 446 -56.52 -36.56 -53.12
N ASN Q 447 -56.25 -35.64 -52.20
CA ASN Q 447 -55.00 -35.80 -51.47
C ASN Q 447 -54.82 -37.03 -50.59
N PRO Q 448 -53.78 -37.85 -50.79
CA PRO Q 448 -53.46 -39.07 -50.08
C PRO Q 448 -53.34 -38.79 -48.58
N THR Q 449 -52.24 -38.19 -48.13
CA THR Q 449 -52.32 -37.47 -46.87
C THR Q 449 -51.16 -36.73 -46.21
N LEU Q 450 -51.73 -35.64 -45.68
CA LEU Q 450 -50.88 -34.56 -45.21
C LEU Q 450 -50.49 -34.09 -43.82
N MET Q 451 -50.44 -35.27 -43.21
CA MET Q 451 -50.12 -35.18 -41.79
C MET Q 451 -48.65 -35.02 -41.47
N ASP Q 452 -48.19 -33.78 -41.59
CA ASP Q 452 -46.81 -33.32 -41.43
C ASP Q 452 -46.30 -32.57 -40.22
N GLY Q 453 -45.93 -33.28 -39.14
CA GLY Q 453 -45.32 -32.67 -37.99
C GLY Q 453 -43.97 -33.16 -37.50
N LEU Q 454 -43.94 -33.49 -36.21
CA LEU Q 454 -42.69 -34.05 -35.75
C LEU Q 454 -42.79 -35.51 -35.34
N LEU Q 455 -41.66 -36.19 -35.50
CA LEU Q 455 -41.42 -37.57 -35.13
C LEU Q 455 -40.14 -37.76 -34.32
N THR Q 456 -40.35 -37.74 -33.00
CA THR Q 456 -39.26 -37.75 -32.04
C THR Q 456 -39.01 -39.19 -31.66
N VAL Q 457 -38.03 -39.80 -32.35
CA VAL Q 457 -37.52 -41.12 -32.02
C VAL Q 457 -36.90 -41.08 -30.63
N THR Q 458 -37.48 -41.90 -29.75
CA THR Q 458 -36.93 -42.30 -28.46
C THR Q 458 -36.05 -43.53 -28.40
N PRO Q 459 -34.76 -43.52 -28.74
CA PRO Q 459 -33.92 -44.71 -28.69
C PRO Q 459 -33.60 -45.32 -27.34
N VAL Q 460 -34.67 -45.94 -26.86
CA VAL Q 460 -34.69 -46.61 -25.58
C VAL Q 460 -33.55 -47.57 -25.22
N LEU Q 461 -33.29 -48.38 -26.24
CA LEU Q 461 -32.30 -49.45 -26.14
C LEU Q 461 -30.93 -48.85 -26.43
N LEU Q 462 -30.40 -48.29 -25.34
CA LEU Q 462 -29.00 -47.93 -25.26
C LEU Q 462 -28.06 -49.12 -25.42
N ARG Q 463 -28.61 -50.34 -25.36
CA ARG Q 463 -27.92 -51.52 -25.84
C ARG Q 463 -27.72 -51.80 -27.31
N GLU Q 464 -26.42 -51.67 -27.63
CA GLU Q 464 -25.91 -52.10 -28.92
C GLU Q 464 -26.08 -50.96 -29.91
N THR Q 465 -25.19 -49.98 -30.02
CA THR Q 465 -25.38 -48.86 -30.92
C THR Q 465 -25.05 -49.19 -32.37
N THR Q 466 -25.98 -48.75 -33.22
CA THR Q 466 -26.03 -48.85 -34.66
C THR Q 466 -24.93 -48.04 -35.34
N TYR Q 467 -24.20 -48.76 -36.18
CA TYR Q 467 -23.39 -48.20 -37.24
C TYR Q 467 -24.04 -48.23 -38.62
N LYS Q 468 -24.73 -47.13 -38.91
CA LYS Q 468 -25.32 -46.87 -40.20
C LYS Q 468 -26.25 -47.98 -40.68
N GLY Q 469 -27.42 -48.03 -40.02
CA GLY Q 469 -28.36 -49.12 -40.23
C GLY Q 469 -28.01 -50.53 -39.77
N GLU Q 470 -26.71 -50.72 -39.62
CA GLU Q 470 -26.13 -51.99 -39.21
C GLU Q 470 -26.17 -52.11 -37.69
N VAL Q 471 -27.18 -52.78 -37.12
CA VAL Q 471 -27.28 -53.08 -35.71
C VAL Q 471 -26.15 -53.98 -35.21
N VAL Q 472 -25.06 -53.31 -34.83
CA VAL Q 472 -23.84 -53.93 -34.38
C VAL Q 472 -23.35 -53.65 -32.96
N ASP Q 473 -22.68 -54.67 -32.41
CA ASP Q 473 -21.94 -54.46 -31.18
C ASP Q 473 -20.64 -53.68 -31.22
N ALA Q 474 -20.56 -52.99 -32.36
CA ALA Q 474 -19.36 -52.29 -32.74
C ALA Q 474 -19.54 -50.81 -33.05
N ILE Q 475 -18.64 -49.99 -32.50
CA ILE Q 475 -18.52 -48.61 -32.90
C ILE Q 475 -17.09 -48.39 -33.39
N VAL Q 476 -17.12 -48.14 -34.71
CA VAL Q 476 -15.91 -47.90 -35.45
C VAL Q 476 -15.71 -46.53 -36.09
N PRO Q 477 -15.16 -45.61 -35.30
CA PRO Q 477 -14.97 -44.24 -35.73
C PRO Q 477 -14.18 -44.03 -37.01
N ALA Q 478 -12.95 -44.55 -37.04
CA ALA Q 478 -12.16 -44.27 -38.22
C ALA Q 478 -12.76 -44.65 -39.56
N THR Q 479 -13.62 -45.66 -39.64
CA THR Q 479 -14.29 -46.04 -40.88
C THR Q 479 -15.54 -45.22 -41.14
N VAL Q 480 -16.09 -44.61 -40.10
CA VAL Q 480 -17.21 -43.71 -40.29
C VAL Q 480 -16.84 -42.53 -41.18
N MET Q 481 -15.59 -42.10 -41.10
CA MET Q 481 -14.95 -41.01 -41.82
C MET Q 481 -15.28 -41.08 -43.31
N ALA Q 482 -15.59 -39.91 -43.87
CA ALA Q 482 -15.94 -39.72 -45.27
C ALA Q 482 -17.05 -40.58 -45.85
N ASN Q 483 -17.84 -41.13 -44.93
CA ASN Q 483 -18.99 -41.91 -45.36
C ASN Q 483 -20.37 -41.46 -44.92
N GLN Q 484 -20.37 -40.13 -44.72
CA GLN Q 484 -21.51 -39.38 -44.23
C GLN Q 484 -21.65 -37.95 -44.74
N THR Q 485 -22.83 -37.80 -45.35
CA THR Q 485 -23.29 -36.53 -45.87
C THR Q 485 -24.01 -35.76 -44.78
N SER Q 486 -24.16 -34.44 -44.89
CA SER Q 486 -24.81 -33.74 -43.81
C SER Q 486 -26.22 -34.19 -43.47
N GLU Q 487 -26.88 -34.42 -44.61
CA GLU Q 487 -28.17 -35.09 -44.63
C GLU Q 487 -28.32 -36.41 -43.90
N GLU Q 488 -27.27 -37.22 -44.08
CA GLU Q 488 -27.24 -38.54 -43.48
C GLU Q 488 -27.11 -38.45 -41.97
N VAL Q 489 -26.15 -37.62 -41.57
CA VAL Q 489 -25.96 -37.32 -40.17
C VAL Q 489 -27.23 -36.85 -39.50
N ALA Q 490 -27.81 -35.80 -40.09
CA ALA Q 490 -29.06 -35.31 -39.55
C ALA Q 490 -30.20 -36.30 -39.36
N SER Q 491 -30.33 -37.09 -40.43
CA SER Q 491 -31.22 -38.24 -40.50
C SER Q 491 -31.05 -39.40 -39.53
N ALA Q 492 -29.75 -39.69 -39.38
CA ALA Q 492 -29.37 -40.79 -38.52
C ALA Q 492 -29.98 -40.98 -37.14
N LEU Q 493 -30.26 -42.22 -36.74
CA LEU Q 493 -30.80 -42.46 -35.43
C LEU Q 493 -29.87 -42.00 -34.31
N ALA Q 494 -30.51 -41.54 -33.24
CA ALA Q 494 -29.76 -41.24 -32.04
C ALA Q 494 -28.64 -42.16 -31.55
N ASN Q 495 -28.92 -43.45 -31.71
CA ASN Q 495 -28.15 -44.64 -31.44
C ASN Q 495 -27.02 -44.91 -32.41
N ASP Q 496 -26.53 -43.86 -33.08
CA ASP Q 496 -25.61 -44.04 -34.18
C ASP Q 496 -24.24 -43.38 -34.09
N ALA Q 497 -23.24 -44.24 -34.31
CA ALA Q 497 -21.85 -43.86 -34.23
C ALA Q 497 -21.36 -42.42 -34.30
N ILE Q 498 -21.79 -41.78 -35.39
CA ILE Q 498 -21.65 -40.36 -35.64
C ILE Q 498 -21.80 -39.41 -34.47
N VAL Q 499 -22.94 -39.45 -33.78
CA VAL Q 499 -23.11 -38.45 -32.76
C VAL Q 499 -22.29 -38.61 -31.48
N LEU Q 500 -22.04 -39.91 -31.30
CA LEU Q 500 -21.24 -40.40 -30.18
C LEU Q 500 -19.78 -39.95 -30.19
N VAL Q 501 -19.27 -40.03 -31.42
CA VAL Q 501 -17.95 -39.63 -31.83
C VAL Q 501 -17.80 -38.13 -31.68
N SER Q 502 -18.75 -37.39 -32.25
CA SER Q 502 -18.75 -35.95 -32.06
C SER Q 502 -18.74 -35.55 -30.58
N ASN Q 503 -19.54 -36.21 -29.75
CA ASN Q 503 -19.57 -35.93 -28.33
C ASN Q 503 -18.22 -36.06 -27.61
N HIS Q 504 -17.51 -37.12 -27.97
CA HIS Q 504 -16.12 -37.33 -27.62
C HIS Q 504 -15.12 -36.31 -28.15
N LEU Q 505 -15.18 -36.04 -29.45
CA LEU Q 505 -14.60 -34.94 -30.21
C LEU Q 505 -14.81 -33.51 -29.73
N ASN Q 506 -15.98 -33.31 -29.10
CA ASN Q 506 -16.27 -32.04 -28.47
C ASN Q 506 -15.41 -31.76 -27.24
N LYS Q 507 -15.14 -32.78 -26.43
CA LYS Q 507 -14.20 -32.76 -25.34
C LYS Q 507 -12.73 -32.55 -25.71
N LEU Q 508 -12.31 -33.18 -26.81
CA LEU Q 508 -11.06 -32.80 -27.42
C LEU Q 508 -10.95 -31.33 -27.81
N ALA Q 509 -11.96 -30.86 -28.55
CA ALA Q 509 -12.03 -29.42 -28.80
C ALA Q 509 -11.95 -28.40 -27.68
N ASN Q 510 -12.66 -28.76 -26.61
CA ASN Q 510 -12.73 -28.04 -25.35
C ASN Q 510 -11.36 -27.80 -24.72
N VAL Q 511 -10.64 -28.92 -24.77
CA VAL Q 511 -9.27 -28.98 -24.29
C VAL Q 511 -8.36 -28.01 -25.05
N VAL Q 512 -8.51 -28.20 -26.36
CA VAL Q 512 -7.67 -27.48 -27.31
C VAL Q 512 -7.88 -25.98 -27.17
N GLY Q 513 -9.12 -25.50 -27.06
CA GLY Q 513 -9.38 -24.08 -26.92
C GLY Q 513 -8.99 -23.26 -25.69
N ASP Q 514 -9.16 -23.99 -24.59
CA ASP Q 514 -8.80 -23.55 -23.26
C ASP Q 514 -7.33 -23.57 -22.88
N ALA Q 515 -6.66 -24.58 -23.44
CA ALA Q 515 -5.26 -24.84 -23.19
C ALA Q 515 -4.23 -24.46 -24.23
N ILE Q 516 -4.65 -24.71 -25.47
CA ILE Q 516 -3.71 -24.42 -26.55
C ILE Q 516 -4.19 -23.11 -27.16
N PRO Q 517 -3.34 -22.14 -27.47
CA PRO Q 517 -3.72 -20.87 -28.06
C PRO Q 517 -3.97 -20.84 -29.56
N VAL Q 518 -5.11 -21.52 -29.74
CA VAL Q 518 -5.81 -21.50 -31.01
C VAL Q 518 -6.96 -20.50 -31.04
N ALA Q 519 -6.81 -19.48 -30.19
CA ALA Q 519 -7.60 -18.28 -30.35
C ALA Q 519 -7.40 -17.16 -31.36
N SER Q 520 -7.69 -15.86 -31.31
CA SER Q 520 -7.66 -15.09 -32.54
C SER Q 520 -6.51 -14.88 -33.52
N ARG Q 521 -5.82 -15.90 -34.01
CA ARG Q 521 -5.06 -16.01 -35.25
C ARG Q 521 -3.63 -16.37 -34.82
N THR Q 522 -3.56 -16.84 -33.58
CA THR Q 522 -2.29 -17.25 -33.04
C THR Q 522 -1.78 -18.63 -33.48
N ASP Q 523 -0.96 -18.62 -34.53
CA ASP Q 523 -0.31 -19.86 -34.92
C ASP Q 523 0.89 -20.18 -34.05
N ASP Q 524 0.72 -21.23 -33.24
CA ASP Q 524 1.63 -21.79 -32.27
C ASP Q 524 2.14 -23.18 -32.67
N SER Q 525 3.45 -23.29 -32.49
CA SER Q 525 3.96 -24.65 -32.49
C SER Q 525 3.38 -25.97 -32.01
N ALA Q 526 2.53 -25.70 -31.01
CA ALA Q 526 1.54 -26.70 -30.66
C ALA Q 526 0.79 -27.38 -31.78
N THR Q 527 0.48 -26.59 -32.81
CA THR Q 527 -0.27 -27.08 -33.94
C THR Q 527 0.42 -28.05 -34.89
N SER Q 528 1.65 -28.38 -34.49
CA SER Q 528 2.56 -29.18 -35.29
C SER Q 528 2.37 -30.63 -35.70
N ALA Q 529 1.50 -31.27 -34.93
CA ALA Q 529 1.00 -32.62 -35.09
C ALA Q 529 0.30 -32.93 -36.40
N ILE Q 530 -0.66 -32.02 -36.65
CA ILE Q 530 -1.30 -32.04 -37.95
C ILE Q 530 -0.47 -31.71 -39.18
N VAL Q 531 0.45 -30.78 -38.90
CA VAL Q 531 1.32 -30.43 -39.99
C VAL Q 531 2.31 -31.52 -40.35
N SER Q 532 2.82 -32.24 -39.36
CA SER Q 532 3.76 -33.32 -39.57
C SER Q 532 3.18 -34.50 -40.36
N ARG Q 533 1.90 -34.78 -40.13
CA ARG Q 533 1.16 -35.72 -40.95
C ARG Q 533 0.94 -35.25 -42.38
N LEU Q 534 0.59 -33.95 -42.47
CA LEU Q 534 0.48 -33.32 -43.77
C LEU Q 534 1.77 -33.30 -44.57
N ALA Q 535 2.83 -33.00 -43.84
CA ALA Q 535 4.10 -32.91 -44.53
C ALA Q 535 4.58 -34.16 -45.22
N VAL Q 536 4.35 -35.29 -44.54
CA VAL Q 536 4.75 -36.57 -45.11
C VAL Q 536 3.84 -37.18 -46.17
N GLN Q 537 2.56 -36.89 -45.90
CA GLN Q 537 1.60 -37.17 -46.94
C GLN Q 537 1.73 -36.50 -48.30
N HIS Q 538 2.26 -35.28 -48.26
CA HIS Q 538 2.41 -34.56 -49.51
C HIS Q 538 3.53 -35.05 -50.43
N LYS Q 539 3.98 -36.30 -50.21
CA LYS Q 539 5.11 -36.73 -51.00
C LYS Q 539 4.72 -37.29 -52.37
N LEU Q 540 4.20 -36.29 -53.09
CA LEU Q 540 3.79 -36.49 -54.47
C LEU Q 540 4.96 -36.42 -55.45
N SER Q 541 5.69 -37.52 -55.54
CA SER Q 541 6.84 -37.54 -56.40
C SER Q 541 6.49 -38.29 -57.68
N GLN Q 542 6.98 -37.73 -58.78
CA GLN Q 542 6.80 -38.36 -60.07
C GLN Q 542 8.24 -38.59 -60.51
N VAL Q 543 8.42 -38.48 -61.83
CA VAL Q 543 9.64 -38.59 -62.59
C VAL Q 543 10.20 -37.21 -62.93
N GLY Q 544 11.50 -37.05 -62.69
CA GLY Q 544 12.07 -35.77 -63.02
C GLY Q 544 11.86 -34.69 -61.97
N GLN Q 545 11.07 -33.72 -62.43
CA GLN Q 545 10.49 -32.69 -61.59
C GLN Q 545 9.19 -33.09 -60.89
N ALA Q 546 9.36 -33.65 -59.70
CA ALA Q 546 8.29 -33.83 -58.73
C ALA Q 546 7.75 -32.50 -58.22
N SER Q 547 6.66 -32.54 -57.45
CA SER Q 547 5.86 -31.48 -56.87
C SER Q 547 6.81 -30.44 -56.27
N PRO Q 548 6.91 -29.27 -56.88
CA PRO Q 548 7.73 -28.21 -56.33
C PRO Q 548 7.13 -27.24 -55.32
N THR Q 549 6.98 -27.92 -54.17
CA THR Q 549 6.34 -27.35 -53.00
C THR Q 549 7.31 -26.73 -52.01
N PRO Q 550 7.46 -25.40 -52.01
CA PRO Q 550 8.35 -24.68 -51.12
C PRO Q 550 8.04 -25.16 -49.70
N PRO Q 551 9.03 -25.75 -49.04
CA PRO Q 551 8.81 -26.59 -47.88
C PRO Q 551 7.63 -26.40 -46.95
N ASP Q 552 6.96 -27.48 -46.55
CA ASP Q 552 5.70 -27.57 -45.83
C ASP Q 552 5.33 -26.61 -44.71
N TYR Q 553 6.47 -26.05 -44.28
CA TYR Q 553 6.52 -25.34 -43.02
C TYR Q 553 5.79 -24.01 -42.88
N PRO Q 554 5.78 -23.19 -43.92
CA PRO Q 554 4.83 -22.10 -43.99
C PRO Q 554 3.50 -22.62 -44.51
N LEU Q 555 3.65 -23.12 -45.73
CA LEU Q 555 2.58 -23.55 -46.60
C LEU Q 555 1.38 -24.31 -46.05
N LEU Q 556 1.67 -25.56 -45.68
CA LEU Q 556 0.83 -26.56 -45.05
C LEU Q 556 0.44 -26.24 -43.62
N TRP Q 557 1.39 -25.58 -42.95
CA TRP Q 557 1.19 -25.04 -41.61
C TRP Q 557 -0.01 -24.12 -41.56
N ARG Q 558 -0.07 -23.17 -42.51
CA ARG Q 558 -1.19 -22.25 -42.53
C ARG Q 558 -2.52 -22.85 -42.93
N ARG Q 559 -2.46 -23.73 -43.94
CA ARG Q 559 -3.58 -24.55 -44.35
C ARG Q 559 -4.19 -25.40 -43.26
N ALA Q 560 -3.27 -25.96 -42.46
CA ALA Q 560 -3.53 -26.79 -41.30
C ALA Q 560 -4.07 -26.02 -40.11
N LYS Q 561 -3.69 -24.77 -39.81
CA LYS Q 561 -4.41 -23.95 -38.84
C LYS Q 561 -5.86 -23.70 -39.23
N ARG Q 562 -5.98 -23.29 -40.49
CA ARG Q 562 -7.30 -23.17 -41.09
C ARG Q 562 -8.36 -24.24 -40.92
N ALA Q 563 -7.93 -25.45 -41.27
CA ALA Q 563 -8.63 -26.69 -40.98
C ALA Q 563 -8.70 -27.16 -39.54
N ALA Q 564 -7.69 -26.95 -38.70
CA ALA Q 564 -7.92 -27.04 -37.27
C ALA Q 564 -9.03 -26.25 -36.59
N SER Q 565 -9.02 -24.99 -37.01
CA SER Q 565 -9.94 -23.91 -36.72
C SER Q 565 -11.34 -24.29 -37.15
N MET Q 566 -11.54 -24.74 -38.39
CA MET Q 566 -12.76 -25.41 -38.82
C MET Q 566 -13.22 -26.61 -38.02
N PHE Q 567 -12.30 -27.52 -37.71
CA PHE Q 567 -12.67 -28.48 -36.69
C PHE Q 567 -13.19 -28.01 -35.34
N VAL Q 568 -12.47 -27.03 -34.79
CA VAL Q 568 -12.79 -26.37 -33.55
C VAL Q 568 -14.12 -25.63 -33.43
N SER Q 569 -14.36 -24.81 -34.45
CA SER Q 569 -15.62 -24.17 -34.72
C SER Q 569 -16.93 -24.91 -34.97
N ASN Q 570 -16.77 -26.13 -35.51
CA ASN Q 570 -17.72 -27.21 -35.54
C ASN Q 570 -17.12 -28.60 -35.64
N PRO Q 571 -17.13 -29.29 -34.49
CA PRO Q 571 -16.70 -30.68 -34.44
C PRO Q 571 -17.20 -31.79 -35.35
N SER Q 572 -18.49 -31.66 -35.67
CA SER Q 572 -19.06 -32.51 -36.70
C SER Q 572 -18.52 -32.63 -38.12
N LEU Q 573 -17.91 -31.53 -38.59
CA LEU Q 573 -17.18 -31.52 -39.83
C LEU Q 573 -16.20 -32.65 -40.11
N ALA Q 574 -15.73 -33.22 -39.00
CA ALA Q 574 -14.90 -34.41 -39.01
C ALA Q 574 -15.50 -35.68 -39.59
N LEU Q 575 -16.82 -35.65 -39.40
CA LEU Q 575 -17.65 -36.73 -39.92
C LEU Q 575 -18.25 -36.46 -41.29
N GLN Q 576 -18.18 -35.18 -41.65
CA GLN Q 576 -18.75 -34.71 -42.89
C GLN Q 576 -17.83 -34.80 -44.11
N VAL Q 577 -18.36 -35.64 -44.99
CA VAL Q 577 -17.81 -35.72 -46.34
C VAL Q 577 -17.37 -34.39 -46.94
N GLY Q 578 -16.20 -34.58 -47.56
CA GLY Q 578 -15.62 -33.58 -48.44
C GLY Q 578 -14.95 -32.38 -47.80
N ILE Q 579 -14.22 -32.73 -46.74
CA ILE Q 579 -13.58 -31.70 -45.94
C ILE Q 579 -12.12 -31.83 -46.38
N PRO Q 580 -11.48 -30.80 -46.93
CA PRO Q 580 -10.19 -30.94 -47.58
C PRO Q 580 -9.21 -31.97 -47.07
N VAL Q 581 -8.64 -31.64 -45.90
CA VAL Q 581 -7.61 -32.44 -45.27
C VAL Q 581 -7.94 -33.27 -44.03
N LEU Q 582 -9.02 -32.93 -43.31
CA LEU Q 582 -9.55 -33.72 -42.22
C LEU Q 582 -10.18 -35.07 -42.52
N THR Q 583 -10.71 -35.20 -43.73
CA THR Q 583 -11.04 -36.47 -44.34
C THR Q 583 -10.05 -37.60 -44.11
N GLN Q 584 -8.77 -37.27 -43.92
CA GLN Q 584 -7.71 -38.16 -43.46
C GLN Q 584 -7.54 -38.32 -41.96
N SER Q 585 -8.14 -39.45 -41.58
CA SER Q 585 -8.21 -39.89 -40.20
C SER Q 585 -6.95 -39.95 -39.36
N GLY Q 586 -5.86 -40.13 -40.11
CA GLY Q 586 -4.49 -39.98 -39.66
C GLY Q 586 -4.19 -38.68 -38.93
N MET Q 587 -4.58 -37.61 -39.62
CA MET Q 587 -4.53 -36.32 -38.97
C MET Q 587 -5.42 -36.11 -37.75
N LEU Q 588 -6.50 -36.88 -37.73
CA LEU Q 588 -7.29 -36.73 -36.53
C LEU Q 588 -6.71 -37.53 -35.37
N SER Q 589 -6.18 -38.73 -35.66
CA SER Q 589 -5.42 -39.52 -34.71
C SER Q 589 -4.21 -38.80 -34.15
N ALA Q 590 -3.50 -38.15 -35.07
CA ALA Q 590 -2.39 -37.29 -34.75
C ALA Q 590 -2.65 -36.12 -33.81
N LEU Q 591 -3.82 -35.50 -33.99
CA LEU Q 591 -4.29 -34.41 -33.15
C LEU Q 591 -4.64 -34.89 -31.75
N THR Q 592 -5.47 -35.93 -31.75
CA THR Q 592 -5.96 -36.63 -30.58
C THR Q 592 -4.86 -36.99 -29.60
N SER Q 593 -3.91 -37.78 -30.11
CA SER Q 593 -2.70 -38.14 -29.39
C SER Q 593 -1.84 -36.94 -29.03
N GLY Q 594 -1.51 -36.24 -30.11
CA GLY Q 594 -0.73 -35.02 -30.02
C GLY Q 594 -0.99 -34.07 -28.85
N VAL Q 595 -2.27 -33.79 -28.61
CA VAL Q 595 -2.63 -32.92 -27.52
C VAL Q 595 -2.13 -33.23 -26.12
N GLY Q 596 -2.22 -34.54 -25.87
CA GLY Q 596 -1.84 -34.99 -24.55
C GLY Q 596 -0.41 -34.76 -24.12
N THR Q 597 0.50 -35.13 -25.02
CA THR Q 597 1.88 -34.70 -24.94
C THR Q 597 2.11 -33.20 -24.76
N ALA Q 598 1.37 -32.43 -25.57
CA ALA Q 598 1.33 -30.98 -25.50
C ALA Q 598 0.93 -30.34 -24.19
N LEU Q 599 0.01 -30.98 -23.47
CA LEU Q 599 -0.39 -30.64 -22.12
C LEU Q 599 0.72 -31.05 -21.17
N ARG Q 600 1.05 -32.35 -21.21
CA ARG Q 600 2.13 -33.00 -20.50
C ARG Q 600 3.39 -32.18 -20.26
N THR Q 601 4.08 -31.85 -21.35
CA THR Q 601 5.33 -31.12 -21.27
C THR Q 601 5.39 -29.69 -21.79
N GLY Q 602 4.20 -29.10 -21.81
CA GLY Q 602 4.03 -27.73 -22.23
C GLY Q 602 4.53 -26.79 -21.14
N SER Q 603 5.31 -25.81 -21.59
CA SER Q 603 5.81 -24.86 -20.62
C SER Q 603 4.78 -23.77 -20.48
N LEU Q 604 3.81 -23.98 -19.58
CA LEU Q 604 2.62 -23.22 -19.27
C LEU Q 604 2.21 -21.97 -20.03
N GLY Q 605 1.43 -22.32 -21.06
CA GLY Q 605 1.06 -21.43 -22.14
C GLY Q 605 0.30 -20.15 -21.79
N LYS Q 606 1.05 -19.05 -21.77
CA LYS Q 606 0.41 -17.78 -21.50
C LYS Q 606 0.59 -16.73 -22.59
N GLY Q 607 -0.42 -16.77 -23.48
CA GLY Q 607 -0.41 -15.84 -24.60
C GLY Q 607 -0.11 -14.37 -24.39
N VAL Q 608 1.04 -14.00 -24.97
CA VAL Q 608 1.50 -12.64 -24.82
C VAL Q 608 0.51 -11.48 -24.93
N THR Q 609 -0.31 -11.56 -25.98
CA THR Q 609 -1.48 -10.71 -26.17
C THR Q 609 -2.34 -10.60 -24.92
N ASP Q 610 -2.80 -11.79 -24.52
CA ASP Q 610 -3.70 -11.85 -23.39
C ASP Q 610 -3.13 -11.33 -22.08
N ALA Q 611 -1.82 -11.54 -21.92
CA ALA Q 611 -1.15 -11.04 -20.74
C ALA Q 611 -1.27 -9.53 -20.56
N SER Q 612 -0.74 -8.81 -21.54
CA SER Q 612 -0.84 -7.37 -21.66
C SER Q 612 -2.21 -6.75 -21.47
N GLU Q 613 -3.13 -7.48 -22.13
CA GLU Q 613 -4.53 -7.10 -22.01
C GLU Q 613 -5.22 -7.22 -20.66
N LYS Q 614 -4.81 -8.33 -20.04
CA LYS Q 614 -5.22 -8.56 -18.67
C LYS Q 614 -4.63 -7.62 -17.63
N LEU Q 615 -3.34 -7.39 -17.84
CA LEU Q 615 -2.68 -6.28 -17.18
C LEU Q 615 -3.22 -4.86 -17.15
N ARG Q 616 -3.55 -4.47 -18.38
CA ARG Q 616 -4.22 -3.22 -18.67
C ARG Q 616 -5.63 -3.13 -18.09
N ALA Q 617 -6.48 -4.11 -18.42
CA ALA Q 617 -7.81 -4.14 -17.85
C ALA Q 617 -7.91 -4.10 -16.33
N ARG Q 618 -6.93 -4.85 -15.81
CA ARG Q 618 -6.76 -4.92 -14.38
C ARG Q 618 -6.42 -3.68 -13.57
N GLN Q 619 -5.58 -2.96 -14.32
CA GLN Q 619 -5.13 -1.70 -13.79
C GLN Q 619 -6.25 -0.67 -13.72
N SER Q 620 -6.94 -0.52 -14.86
CA SER Q 620 -8.11 0.32 -15.03
C SER Q 620 -9.28 0.05 -14.09
N LEU Q 621 -9.44 -1.24 -13.78
CA LEU Q 621 -10.33 -1.64 -12.72
C LEU Q 621 -10.10 -1.12 -11.31
N THR Q 622 -8.83 -1.32 -10.92
CA THR Q 622 -8.21 -0.74 -9.76
C THR Q 622 -8.42 0.77 -9.78
N VAL Q 623 -8.08 1.48 -10.86
CA VAL Q 623 -8.37 2.90 -10.95
C VAL Q 623 -9.77 3.35 -10.55
N ALA Q 624 -10.74 2.75 -11.24
CA ALA Q 624 -12.14 3.00 -10.96
C ALA Q 624 -12.53 2.59 -9.54
N LYS Q 625 -11.98 1.53 -8.94
CA LYS Q 625 -12.16 1.25 -7.53
C LYS Q 625 -11.69 2.28 -6.51
N GLN Q 626 -10.45 2.70 -6.78
CA GLN Q 626 -9.97 3.94 -6.20
C GLN Q 626 -10.89 5.14 -6.27
N ALA Q 627 -11.28 5.47 -7.50
CA ALA Q 627 -12.29 6.49 -7.68
C ALA Q 627 -13.63 6.29 -6.98
N PHE Q 628 -14.12 5.06 -6.87
CA PHE Q 628 -15.25 4.74 -6.03
C PHE Q 628 -15.14 5.00 -4.54
N PHE Q 629 -14.02 4.47 -4.04
CA PHE Q 629 -13.65 4.72 -2.67
C PHE Q 629 -13.56 6.21 -2.37
N ASP Q 630 -12.95 6.89 -3.34
CA ASP Q 630 -12.87 8.33 -3.31
C ASP Q 630 -14.15 9.13 -3.10
N GLN Q 631 -15.13 8.70 -3.91
CA GLN Q 631 -16.51 9.13 -3.79
C GLN Q 631 -17.05 8.82 -2.39
N ILE Q 632 -16.80 7.60 -1.89
CA ILE Q 632 -17.13 7.22 -0.53
C ILE Q 632 -16.44 8.08 0.51
N GLY Q 633 -15.15 8.33 0.31
CA GLY Q 633 -14.45 9.32 1.10
C GLY Q 633 -15.07 10.70 1.19
N SER Q 634 -15.57 11.15 0.04
CA SER Q 634 -16.31 12.39 -0.13
C SER Q 634 -17.62 12.56 0.61
N LEU Q 635 -18.37 11.45 0.52
CA LEU Q 635 -19.72 11.44 1.03
C LEU Q 635 -19.94 11.18 2.52
N TRP Q 636 -18.98 10.37 3.00
CA TRP Q 636 -18.72 10.34 4.42
C TRP Q 636 -17.25 10.10 4.76
N PRO Q 637 -16.52 11.20 4.86
CA PRO Q 637 -15.14 11.25 5.29
C PRO Q 637 -15.16 10.81 6.75
N GLY Q 638 -15.32 9.51 6.97
CA GLY Q 638 -15.27 8.91 8.29
C GLY Q 638 -14.00 9.20 9.09
N LYS Q 639 -14.12 10.06 10.11
CA LYS Q 639 -13.01 10.44 10.97
C LYS Q 639 -11.68 10.80 10.31
N MET R 1 18.34 -2.64 -73.10
CA MET R 1 16.88 -2.59 -72.99
C MET R 1 16.27 -3.96 -72.74
N PRO R 2 16.12 -4.23 -71.43
CA PRO R 2 15.10 -5.01 -70.78
C PRO R 2 13.87 -4.15 -70.52
N LEU R 3 12.80 -4.78 -71.00
CA LEU R 3 11.46 -4.23 -70.89
C LEU R 3 11.00 -3.92 -69.47
N HIS R 4 10.41 -2.73 -69.39
CA HIS R 4 9.78 -2.36 -68.14
C HIS R 4 8.41 -1.76 -68.37
N MET R 5 7.55 -1.82 -67.35
CA MET R 5 6.11 -1.68 -67.47
C MET R 5 5.51 -2.55 -68.57
N ILE R 6 5.70 -3.85 -68.32
CA ILE R 6 5.50 -4.79 -69.40
C ILE R 6 4.14 -4.78 -70.07
N PRO R 7 3.03 -4.96 -69.34
CA PRO R 7 1.72 -4.92 -69.94
C PRO R 7 1.35 -3.70 -70.77
N GLN R 8 1.93 -2.52 -70.48
CA GLN R 8 1.76 -1.25 -71.15
C GLN R 8 2.46 -0.91 -72.46
N VAL R 9 3.77 -1.16 -72.35
CA VAL R 9 4.60 -1.19 -73.54
C VAL R 9 4.22 -2.25 -74.56
N ALA R 10 3.65 -3.33 -74.00
CA ALA R 10 2.88 -4.33 -74.71
C ALA R 10 1.62 -3.82 -75.39
N HIS R 11 0.93 -2.99 -74.61
CA HIS R 11 -0.18 -2.16 -75.04
C HIS R 11 -0.05 -1.33 -76.31
N ALA R 12 1.07 -0.62 -76.17
CA ALA R 12 1.61 0.21 -77.24
C ALA R 12 2.07 -0.53 -78.49
N MET R 13 2.78 -1.62 -78.21
CA MET R 13 3.12 -2.52 -79.30
C MET R 13 1.93 -2.85 -80.19
N VAL R 14 0.95 -3.38 -79.46
CA VAL R 14 -0.31 -3.84 -80.03
C VAL R 14 -1.18 -2.79 -80.71
N ARG R 15 -1.03 -1.55 -80.23
CA ARG R 15 -1.58 -0.38 -80.87
C ARG R 15 -1.05 0.03 -82.24
N ALA R 16 0.26 -0.25 -82.33
CA ALA R 16 0.88 -0.35 -83.64
C ALA R 16 0.50 -1.42 -84.67
N ALA R 17 0.24 -2.56 -84.04
CA ALA R 17 -0.41 -3.68 -84.70
C ALA R 17 -1.83 -3.38 -85.18
N ALA R 18 -2.59 -2.77 -84.27
CA ALA R 18 -3.98 -2.46 -84.54
C ALA R 18 -4.28 -1.43 -85.62
N ALA R 19 -3.31 -0.52 -85.76
CA ALA R 19 -3.21 0.47 -86.80
C ALA R 19 -2.16 0.22 -87.87
N GLY R 20 -2.08 -1.10 -88.11
CA GLY R 20 -1.33 -1.74 -89.17
C GLY R 20 0.20 -1.69 -89.14
N ARG R 21 0.76 -0.49 -89.05
CA ARG R 21 2.18 -0.22 -88.85
C ARG R 21 2.83 -0.58 -87.53
N LEU R 22 3.36 -1.80 -87.58
CA LEU R 22 4.15 -2.31 -86.47
C LEU R 22 5.47 -2.74 -87.06
N THR R 23 6.60 -2.14 -86.65
CA THR R 23 7.90 -2.65 -87.03
C THR R 23 8.37 -4.01 -86.53
N LEU R 24 7.90 -5.01 -87.28
CA LEU R 24 8.12 -6.40 -86.96
C LEU R 24 9.33 -7.16 -87.46
N TYR R 25 10.49 -6.65 -87.04
CA TYR R 25 11.73 -7.03 -87.68
C TYR R 25 12.63 -8.06 -87.00
N THR R 26 12.67 -9.26 -87.58
CA THR R 26 13.68 -10.17 -87.09
C THR R 26 15.00 -9.99 -87.83
N ARG R 27 16.06 -10.50 -87.20
CA ARG R 27 17.42 -10.07 -87.46
C ARG R 27 17.75 -9.35 -88.76
N THR R 28 17.76 -10.16 -89.83
CA THR R 28 17.91 -9.70 -91.20
C THR R 28 16.68 -9.35 -92.02
N ARG R 29 15.56 -9.98 -91.67
CA ARG R 29 14.31 -9.86 -92.41
C ARG R 29 13.27 -8.97 -91.75
N THR R 30 12.91 -7.97 -92.56
CA THR R 30 12.08 -6.85 -92.18
C THR R 30 10.69 -7.03 -91.60
N GLU R 31 10.02 -8.11 -92.02
CA GLU R 31 8.78 -8.44 -91.33
C GLU R 31 8.87 -9.92 -90.97
N THR R 32 8.40 -10.30 -89.78
CA THR R 32 8.12 -11.64 -89.33
C THR R 32 6.84 -12.11 -90.03
N THR R 33 7.06 -12.34 -91.32
CA THR R 33 6.08 -12.85 -92.27
C THR R 33 5.66 -14.30 -92.04
N ASN R 34 6.69 -15.14 -92.13
CA ASN R 34 6.75 -16.46 -91.54
C ASN R 34 7.07 -16.27 -90.06
N PHE R 35 6.72 -17.29 -89.30
CA PHE R 35 6.83 -17.26 -87.86
C PHE R 35 8.14 -17.30 -87.10
N ASP R 36 9.13 -16.70 -87.77
CA ASP R 36 10.47 -16.51 -87.24
C ASP R 36 10.69 -15.25 -86.40
N HIS R 37 10.19 -15.43 -85.18
CA HIS R 37 10.37 -14.60 -84.01
C HIS R 37 11.27 -13.40 -84.33
N ALA R 38 10.58 -12.26 -84.35
CA ALA R 38 11.19 -10.95 -84.44
C ALA R 38 12.23 -10.60 -83.38
N GLU R 39 13.09 -9.63 -83.70
CA GLU R 39 14.14 -9.07 -82.87
C GLU R 39 14.01 -7.59 -82.55
N TYR R 40 13.52 -6.81 -83.52
CA TYR R 40 13.35 -5.37 -83.39
C TYR R 40 12.05 -4.74 -83.84
N VAL R 41 11.11 -4.72 -82.90
CA VAL R 41 9.89 -3.96 -83.03
C VAL R 41 9.98 -2.70 -82.18
N THR R 42 10.24 -1.55 -82.82
CA THR R 42 10.51 -0.21 -82.32
C THR R 42 9.37 0.38 -81.51
N CYS R 43 9.21 0.02 -80.23
CA CYS R 43 8.11 0.63 -79.51
C CYS R 43 8.52 1.93 -78.83
N GLY R 44 8.56 2.89 -79.75
CA GLY R 44 9.23 4.09 -79.30
C GLY R 44 10.60 3.95 -78.64
N ARG R 45 11.53 3.66 -79.54
CA ARG R 45 12.79 3.13 -79.06
C ARG R 45 12.88 1.76 -78.41
N TYR R 46 11.87 1.22 -77.73
CA TYR R 46 11.87 -0.13 -77.21
C TYR R 46 11.80 -1.20 -78.28
N THR R 47 12.93 -1.71 -78.78
CA THR R 47 13.04 -2.90 -79.60
C THR R 47 12.59 -4.24 -79.03
N ILE R 48 11.29 -4.46 -79.18
CA ILE R 48 10.60 -5.72 -78.96
C ILE R 48 11.06 -6.92 -79.78
N CYS R 49 11.22 -8.00 -78.99
CA CYS R 49 11.84 -9.24 -79.39
C CYS R 49 10.92 -10.42 -79.13
N ALA R 50 10.32 -10.82 -80.25
CA ALA R 50 9.40 -11.93 -80.33
C ALA R 50 9.89 -13.33 -79.97
N PHE R 51 11.19 -13.44 -80.25
CA PHE R 51 12.03 -14.43 -79.60
C PHE R 51 11.82 -14.80 -78.14
N CYS R 52 11.56 -13.75 -77.36
CA CYS R 52 11.26 -13.93 -75.96
C CYS R 52 9.96 -13.26 -75.52
N LEU R 53 9.17 -12.79 -76.48
CA LEU R 53 8.17 -11.79 -76.18
C LEU R 53 8.55 -10.49 -75.50
N THR R 54 9.64 -10.61 -74.74
CA THR R 54 10.37 -9.51 -74.15
C THR R 54 11.10 -8.69 -75.20
N THR R 55 12.30 -8.15 -74.95
CA THR R 55 13.00 -7.21 -75.81
C THR R 55 14.48 -7.50 -75.95
N LEU R 56 14.97 -7.11 -77.12
CA LEU R 56 16.29 -7.32 -77.69
C LEU R 56 16.76 -8.76 -77.92
N ALA R 57 16.92 -9.40 -76.77
CA ALA R 57 17.55 -10.71 -76.78
C ALA R 57 16.50 -11.79 -76.56
N PRO R 58 16.67 -12.95 -77.21
CA PRO R 58 15.94 -14.17 -76.94
C PRO R 58 16.08 -14.79 -75.56
N HIS R 59 15.02 -15.46 -75.09
CA HIS R 59 15.07 -16.23 -73.87
C HIS R 59 16.01 -17.42 -73.73
N ALA R 60 15.98 -18.16 -74.84
CA ALA R 60 16.96 -19.20 -75.00
C ALA R 60 17.45 -19.42 -76.42
N ASN R 61 18.38 -20.37 -76.58
CA ASN R 61 18.68 -21.01 -77.85
C ASN R 61 17.82 -22.16 -78.34
N VAL R 62 16.60 -22.22 -77.78
CA VAL R 62 15.62 -23.25 -78.06
C VAL R 62 14.61 -22.63 -79.02
N LYS R 63 15.06 -22.64 -80.28
CA LYS R 63 14.28 -22.08 -81.36
C LYS R 63 12.84 -22.55 -81.49
N THR R 64 12.52 -23.73 -80.94
CA THR R 64 11.14 -24.10 -80.71
C THR R 64 10.31 -23.26 -79.75
N ILE R 65 10.79 -22.99 -78.53
CA ILE R 65 10.11 -22.11 -77.61
C ILE R 65 10.07 -20.63 -77.97
N GLN R 66 11.21 -20.26 -78.58
CA GLN R 66 11.50 -18.95 -79.13
C GLN R 66 10.62 -18.46 -80.26
N ASP R 67 10.39 -19.41 -81.17
CA ASP R 67 9.26 -19.37 -82.07
C ASP R 67 7.86 -19.44 -81.47
N SER R 68 7.77 -20.23 -80.40
CA SER R 68 6.59 -20.29 -79.56
C SER R 68 6.23 -18.95 -78.94
N HIS R 69 7.19 -18.20 -78.41
CA HIS R 69 7.06 -16.80 -78.05
C HIS R 69 6.39 -15.96 -79.13
N ALA R 70 6.89 -16.24 -80.34
CA ALA R 70 6.34 -15.76 -81.59
C ALA R 70 4.90 -16.15 -81.87
N CYS R 71 4.71 -17.45 -82.12
CA CYS R 71 3.39 -18.06 -82.11
C CYS R 71 2.32 -17.63 -81.12
N SER R 72 2.76 -17.32 -79.89
CA SER R 72 1.95 -16.67 -78.88
C SER R 72 1.21 -15.40 -79.22
N ARG R 73 1.99 -14.53 -79.87
CA ARG R 73 1.44 -13.41 -80.62
C ARG R 73 1.00 -13.66 -82.05
N GLN R 74 0.57 -14.88 -82.37
CA GLN R 74 -0.27 -15.09 -83.53
C GLN R 74 -1.46 -14.17 -83.70
N PRO R 75 -2.18 -13.83 -82.62
CA PRO R 75 -3.14 -12.75 -82.65
C PRO R 75 -2.65 -11.37 -83.08
N ASN R 76 -1.43 -11.02 -82.66
CA ASN R 76 -0.81 -9.75 -82.95
C ASN R 76 -0.33 -9.64 -84.39
N GLU R 77 0.34 -10.73 -84.77
CA GLU R 77 0.77 -10.85 -86.15
C GLU R 77 -0.33 -10.73 -87.20
N ALA R 78 -1.32 -11.61 -87.04
CA ALA R 78 -2.57 -11.60 -87.77
C ALA R 78 -3.43 -10.34 -87.84
N ILE R 79 -3.54 -9.71 -86.68
CA ILE R 79 -4.17 -8.41 -86.67
C ILE R 79 -3.42 -7.33 -87.43
N ARG R 80 -2.11 -7.32 -87.20
CA ARG R 80 -1.26 -6.35 -87.86
C ARG R 80 -1.36 -6.41 -89.37
N SER R 81 -1.14 -7.64 -89.82
CA SER R 81 -1.17 -7.87 -91.25
C SER R 81 -2.46 -7.53 -91.98
N LEU R 82 -3.49 -7.97 -91.25
CA LEU R 82 -4.89 -7.91 -91.62
C LEU R 82 -5.40 -6.47 -91.77
N VAL R 83 -5.04 -5.63 -90.80
CA VAL R 83 -5.34 -4.22 -90.76
C VAL R 83 -4.60 -3.46 -91.84
N GLU R 84 -3.33 -3.86 -92.02
CA GLU R 84 -2.61 -3.38 -93.18
C GLU R 84 -3.41 -3.59 -94.46
N VAL R 85 -3.62 -4.88 -94.75
CA VAL R 85 -4.50 -5.38 -95.79
C VAL R 85 -5.75 -4.55 -96.01
N SER R 86 -6.69 -4.51 -95.06
CA SER R 86 -7.97 -3.82 -95.17
C SER R 86 -7.83 -2.36 -95.54
N ASP R 87 -6.72 -1.77 -95.09
CA ASP R 87 -6.34 -0.38 -95.22
C ASP R 87 -5.31 -0.08 -96.30
N LYS R 88 -5.63 -0.83 -97.36
CA LYS R 88 -4.92 -0.98 -98.61
C LYS R 88 -5.63 -1.68 -99.77
N ALA R 89 -6.19 -2.84 -99.41
CA ALA R 89 -7.03 -3.59 -100.31
C ALA R 89 -7.67 -4.80 -99.64
N GLN R 90 -8.99 -4.89 -99.85
CA GLN R 90 -9.90 -5.81 -99.20
C GLN R 90 -11.21 -5.90 -99.97
N THR R 91 -12.01 -6.81 -99.41
CA THR R 91 -13.24 -7.35 -99.96
C THR R 91 -14.04 -6.40 -100.84
N ALA R 92 -13.97 -6.56 -102.15
CA ALA R 92 -14.49 -5.50 -102.98
C ALA R 92 -15.92 -4.98 -102.85
N LEU R 93 -16.16 -3.69 -103.08
CA LEU R 93 -17.45 -3.04 -103.13
C LEU R 93 -18.32 -3.62 -104.24
N VAL R 94 -18.94 -4.75 -103.91
CA VAL R 94 -19.96 -5.43 -104.70
C VAL R 94 -21.32 -4.83 -104.35
N GLY R 95 -21.71 -3.92 -105.24
CA GLY R 95 -22.96 -3.19 -105.10
C GLY R 95 -23.19 -2.23 -103.94
N SER R 96 -24.05 -1.22 -104.02
CA SER R 96 -24.21 -0.30 -102.91
C SER R 96 -25.67 0.01 -102.61
N ARG R 97 -25.85 -0.17 -101.29
CA ARG R 97 -27.12 -0.36 -100.63
C ARG R 97 -28.38 0.49 -100.79
N THR R 98 -28.26 1.78 -100.46
CA THR R 98 -29.38 2.70 -100.41
C THR R 98 -29.88 3.32 -101.70
N VAL R 99 -29.85 2.44 -102.71
CA VAL R 99 -30.05 2.89 -104.06
C VAL R 99 -29.24 4.10 -104.51
N ASP R 100 -29.75 5.30 -104.20
CA ASP R 100 -29.20 6.59 -104.55
C ASP R 100 -29.80 7.83 -103.89
N TYR R 101 -29.31 8.20 -102.70
CA TYR R 101 -29.73 9.38 -101.98
C TYR R 101 -28.89 10.62 -102.23
N HIS R 102 -28.05 10.56 -103.27
CA HIS R 102 -27.18 11.64 -103.66
C HIS R 102 -27.16 11.97 -105.14
N GLU R 103 -26.66 13.17 -105.43
CA GLU R 103 -26.54 13.67 -106.79
C GLU R 103 -25.41 14.64 -107.05
N LEU R 104 -24.77 14.45 -108.21
CA LEU R 104 -23.78 15.27 -108.89
C LEU R 104 -24.16 16.02 -110.15
N ASP R 105 -24.66 17.24 -109.91
CA ASP R 105 -25.19 17.99 -111.02
C ASP R 105 -24.19 19.04 -111.50
N VAL R 106 -23.21 18.64 -112.31
CA VAL R 106 -22.14 19.54 -112.69
C VAL R 106 -22.35 20.68 -113.67
N LYS R 107 -23.48 21.34 -113.43
CA LYS R 107 -24.17 22.03 -114.51
C LYS R 107 -24.04 23.53 -114.31
N ALA R 108 -22.82 24.02 -114.52
CA ALA R 108 -22.30 25.34 -114.21
C ALA R 108 -22.09 25.64 -112.74
N GLY R 109 -23.23 25.78 -112.06
CA GLY R 109 -23.28 25.75 -110.61
C GLY R 109 -23.53 24.31 -110.19
N PHE R 110 -22.57 23.75 -109.45
CA PHE R 110 -22.58 22.35 -109.09
C PHE R 110 -23.58 22.03 -107.99
N VAL R 111 -24.74 21.59 -108.50
CA VAL R 111 -25.82 21.10 -107.67
C VAL R 111 -25.50 19.71 -107.12
N ALA R 112 -24.83 19.57 -105.98
CA ALA R 112 -24.48 18.30 -105.38
C ALA R 112 -25.16 18.12 -104.04
N PRO R 113 -26.37 17.55 -104.11
CA PRO R 113 -27.09 17.02 -102.97
C PRO R 113 -26.65 15.68 -102.37
N THR R 114 -26.62 15.83 -101.04
CA THR R 114 -26.53 14.81 -100.02
C THR R 114 -27.85 14.72 -99.27
N ALA R 115 -28.51 13.56 -99.35
CA ALA R 115 -29.78 13.34 -98.68
C ALA R 115 -29.82 12.11 -97.77
N ASP R 116 -30.14 12.36 -96.51
CA ASP R 116 -30.21 11.32 -95.49
C ASP R 116 -29.10 10.29 -95.56
N GLU R 117 -29.46 9.14 -96.15
CA GLU R 117 -28.70 7.91 -96.09
C GLU R 117 -28.16 7.49 -97.45
N THR R 118 -27.18 8.28 -97.89
CA THR R 118 -26.75 8.25 -99.28
C THR R 118 -26.63 7.00 -100.13
N ILE R 119 -25.35 6.68 -100.40
CA ILE R 119 -24.73 5.48 -100.90
C ILE R 119 -23.21 5.55 -100.98
N ALA R 120 -22.49 4.49 -101.38
CA ALA R 120 -21.04 4.42 -101.43
C ALA R 120 -20.39 3.98 -102.73
N PRO R 121 -20.11 4.90 -103.65
CA PRO R 121 -19.08 4.72 -104.66
C PRO R 121 -17.65 4.54 -104.20
N SER R 122 -17.34 5.36 -103.19
CA SER R 122 -16.01 5.34 -102.62
C SER R 122 -15.49 4.00 -102.12
N LYS R 123 -14.24 3.73 -102.51
CA LYS R 123 -13.49 2.62 -101.96
C LYS R 123 -12.31 2.93 -101.04
N ASP R 124 -11.63 4.04 -101.34
CA ASP R 124 -10.44 4.43 -100.61
C ASP R 124 -9.26 3.49 -100.37
N ILE R 125 -9.51 2.46 -99.56
CA ILE R 125 -8.45 1.53 -99.23
C ILE R 125 -7.07 1.92 -98.72
N VAL R 126 -6.26 2.18 -99.76
CA VAL R 126 -4.81 2.25 -99.77
C VAL R 126 -4.21 3.24 -98.79
N GLU R 127 -2.88 3.08 -98.66
CA GLU R 127 -2.01 4.03 -98.02
C GLU R 127 -2.17 4.17 -96.52
N LEU R 128 -2.49 3.08 -95.82
CA LEU R 128 -2.42 3.11 -94.38
C LEU R 128 -1.13 3.59 -93.73
N PRO R 129 0.08 3.30 -94.18
CA PRO R 129 1.30 3.96 -93.76
C PRO R 129 1.34 5.44 -94.14
N PHE R 130 0.72 6.16 -93.20
CA PHE R 130 0.67 7.61 -93.06
C PHE R 130 0.43 8.46 -94.29
N ARG R 131 -0.38 7.93 -95.21
CA ARG R 131 -0.75 8.70 -96.38
C ARG R 131 -2.24 8.71 -96.70
N THR R 132 -2.62 9.63 -97.59
CA THR R 132 -4.02 9.66 -97.99
C THR R 132 -4.45 8.55 -98.94
N CYS R 133 -5.42 7.79 -98.43
CA CYS R 133 -5.67 6.52 -99.08
C CYS R 133 -5.54 6.41 -100.58
N ASP R 134 -6.29 7.31 -101.24
CA ASP R 134 -6.14 7.41 -102.68
C ASP R 134 -5.28 8.62 -103.04
N LEU R 135 -4.01 8.30 -103.27
CA LEU R 135 -2.95 9.25 -103.55
C LEU R 135 -2.69 10.38 -102.56
N ASP R 136 -2.80 11.61 -103.04
CA ASP R 136 -3.08 12.78 -102.22
C ASP R 136 -4.46 13.39 -102.36
N ASP R 137 -5.38 12.49 -102.70
CA ASP R 137 -6.63 13.02 -103.22
C ASP R 137 -7.83 12.84 -102.29
N SER R 138 -7.80 11.79 -101.48
CA SER R 138 -8.68 11.58 -100.35
C SER R 138 -9.40 12.67 -99.58
N SER R 139 -8.44 13.57 -99.34
CA SER R 139 -8.75 14.85 -98.72
C SER R 139 -9.83 15.69 -99.37
N ALA R 140 -9.60 16.02 -100.65
CA ALA R 140 -10.43 16.78 -101.55
C ALA R 140 -11.68 16.02 -101.98
N THR R 141 -11.54 14.74 -102.32
CA THR R 141 -12.73 14.05 -102.77
C THR R 141 -13.79 13.78 -101.72
N ALA R 142 -13.31 13.51 -100.50
CA ALA R 142 -14.21 13.47 -99.37
C ALA R 142 -15.05 14.69 -99.01
N CYS R 143 -14.55 15.89 -99.34
CA CYS R 143 -15.28 17.14 -99.34
C CYS R 143 -16.66 17.09 -99.99
N VAL R 144 -16.54 16.67 -101.24
CA VAL R 144 -17.67 16.26 -102.04
C VAL R 144 -18.42 15.09 -101.42
N ARG R 145 -17.70 14.03 -101.04
CA ARG R 145 -18.30 12.81 -100.58
C ARG R 145 -18.79 12.79 -99.14
N ASN R 146 -19.07 13.96 -98.57
CA ASN R 146 -19.76 14.03 -97.30
C ASN R 146 -20.82 15.13 -97.26
N HIS R 147 -20.33 16.30 -97.65
CA HIS R 147 -21.17 17.47 -97.61
C HIS R 147 -22.01 17.70 -98.87
N CYS R 148 -21.25 17.59 -99.96
CA CYS R 148 -21.77 17.77 -101.29
C CYS R 148 -22.62 16.68 -101.92
N GLN R 149 -21.92 15.57 -102.12
CA GLN R 149 -22.46 14.35 -102.69
C GLN R 149 -21.88 13.08 -102.09
N ALA R 150 -22.33 12.94 -100.84
CA ALA R 150 -21.76 11.99 -99.91
C ALA R 150 -21.63 10.51 -100.24
N GLY R 151 -20.44 10.15 -100.75
CA GLY R 151 -20.26 8.81 -101.25
C GLY R 151 -19.83 7.68 -100.34
N HIS R 152 -20.44 7.78 -99.16
CA HIS R 152 -20.10 6.94 -98.03
C HIS R 152 -21.24 6.25 -97.30
N ASP R 153 -21.96 7.09 -96.57
CA ASP R 153 -23.12 6.78 -95.74
C ASP R 153 -24.22 5.97 -96.42
N GLY R 154 -25.22 5.55 -95.65
CA GLY R 154 -26.38 4.82 -96.13
C GLY R 154 -27.25 4.29 -95.00
N VAL R 155 -27.51 2.98 -95.14
CA VAL R 155 -28.43 2.35 -94.24
C VAL R 155 -28.11 2.48 -92.75
N ILE R 156 -27.15 1.69 -92.26
CA ILE R 156 -26.81 1.79 -90.85
C ILE R 156 -25.55 2.60 -90.62
N HIS R 157 -25.52 3.77 -91.25
CA HIS R 157 -24.27 4.45 -91.58
C HIS R 157 -24.01 5.94 -91.42
N LEU R 158 -22.91 6.26 -90.74
CA LEU R 158 -22.52 7.64 -90.51
C LEU R 158 -23.62 8.56 -90.00
N PRO R 159 -23.54 8.99 -88.73
CA PRO R 159 -24.57 9.77 -88.08
C PRO R 159 -24.20 11.24 -88.26
N ILE R 160 -24.31 11.68 -89.51
CA ILE R 160 -23.94 13.03 -89.88
C ILE R 160 -24.87 14.13 -89.38
N LEU R 161 -25.90 14.35 -90.21
CA LEU R 161 -26.78 15.49 -90.11
C LEU R 161 -27.76 15.58 -88.95
N SER R 162 -27.55 14.59 -88.09
CA SER R 162 -27.81 14.46 -86.67
C SER R 162 -26.66 14.05 -85.76
N GLY R 163 -25.86 15.00 -85.28
CA GLY R 163 -24.66 14.72 -84.53
C GLY R 163 -23.34 15.27 -85.06
N ASP R 164 -22.79 14.43 -85.95
CA ASP R 164 -21.54 14.73 -86.63
C ASP R 164 -21.63 15.34 -88.02
N PHE R 165 -22.39 16.44 -88.02
CA PHE R 165 -22.79 17.31 -89.10
C PHE R 165 -22.17 17.28 -90.49
N LYS R 166 -20.94 17.82 -90.47
CA LYS R 166 -20.19 17.97 -91.70
C LYS R 166 -18.86 17.30 -91.42
N LEU R 167 -18.59 16.15 -92.06
CA LEU R 167 -17.29 15.54 -92.11
C LEU R 167 -16.23 16.10 -93.06
N PRO R 168 -16.49 17.07 -93.93
CA PRO R 168 -15.48 18.08 -94.19
C PRO R 168 -14.81 18.86 -93.07
N ASN R 169 -15.57 18.99 -91.98
CA ASN R 169 -15.14 19.82 -90.87
C ASN R 169 -14.83 19.33 -89.46
N GLU R 170 -15.59 18.24 -89.29
CA GLU R 170 -15.58 17.41 -88.11
C GLU R 170 -14.82 16.09 -88.16
N HIS R 171 -13.97 15.85 -87.16
CA HIS R 171 -13.10 14.68 -87.13
C HIS R 171 -13.35 13.27 -87.63
N PRO R 172 -14.44 12.58 -87.29
CA PRO R 172 -14.49 11.14 -87.40
C PRO R 172 -14.48 10.48 -88.77
N THR R 173 -14.86 9.21 -88.83
CA THR R 173 -14.72 8.42 -90.03
C THR R 173 -16.05 7.98 -90.63
N LYS R 174 -16.04 7.75 -91.94
CA LYS R 174 -17.19 7.59 -92.82
C LYS R 174 -17.39 6.17 -93.34
N PRO R 175 -18.47 5.50 -92.94
CA PRO R 175 -18.80 4.16 -93.38
C PRO R 175 -19.33 4.02 -94.80
N LEU R 176 -18.85 2.90 -95.36
CA LEU R 176 -19.12 2.51 -96.73
C LEU R 176 -20.37 1.64 -96.84
N ASP R 177 -21.40 2.29 -97.38
CA ASP R 177 -22.67 1.75 -97.82
C ASP R 177 -22.33 0.75 -98.91
N ASP R 178 -22.29 -0.53 -98.55
CA ASP R 178 -22.02 -1.60 -99.50
C ASP R 178 -22.80 -2.88 -99.27
N THR R 179 -23.48 -3.35 -100.32
CA THR R 179 -24.16 -4.63 -100.32
C THR R 179 -23.34 -5.83 -99.89
N HIS R 180 -22.17 -5.91 -100.55
CA HIS R 180 -21.15 -6.80 -100.05
C HIS R 180 -20.75 -6.70 -98.57
N PRO R 181 -20.76 -7.87 -97.96
CA PRO R 181 -20.76 -8.04 -96.52
C PRO R 181 -19.70 -7.22 -95.77
N HIS R 182 -20.27 -6.17 -95.17
CA HIS R 182 -19.49 -5.33 -94.30
C HIS R 182 -18.13 -4.77 -94.71
N ASP R 183 -17.92 -4.51 -96.00
CA ASP R 183 -16.70 -3.93 -96.51
C ASP R 183 -16.46 -2.44 -96.25
N LYS R 184 -16.99 -2.04 -95.09
CA LYS R 184 -16.93 -0.72 -94.48
C LYS R 184 -15.61 -0.06 -94.15
N VAL R 185 -15.05 0.59 -95.19
CA VAL R 185 -13.76 1.25 -95.19
C VAL R 185 -14.01 2.71 -94.86
N LEU R 186 -13.90 2.95 -93.55
CA LEU R 186 -14.21 4.23 -92.96
C LEU R 186 -13.23 5.38 -93.16
N THR R 187 -13.37 6.00 -94.33
CA THR R 187 -12.61 7.16 -94.74
C THR R 187 -12.61 8.33 -93.76
N ARG R 188 -11.43 8.77 -93.32
CA ARG R 188 -11.29 9.87 -92.38
C ARG R 188 -11.80 11.21 -92.89
N CYS R 189 -12.08 12.20 -92.05
CA CYS R 189 -12.42 13.55 -92.43
C CYS R 189 -11.36 14.35 -93.19
N PRO R 190 -11.78 15.17 -94.16
CA PRO R 190 -10.90 16.12 -94.81
C PRO R 190 -10.11 17.00 -93.85
N LYS R 191 -10.72 17.49 -92.78
CA LYS R 191 -9.99 18.23 -91.78
C LYS R 191 -8.88 17.60 -90.92
N THR R 192 -9.11 16.31 -90.72
CA THR R 192 -8.13 15.40 -90.16
C THR R 192 -6.83 15.42 -90.96
N GLY R 193 -6.86 15.97 -92.18
CA GLY R 193 -5.65 16.21 -92.94
C GLY R 193 -4.94 15.01 -93.56
N LEU R 194 -4.79 14.01 -92.70
CA LEU R 194 -4.34 12.72 -93.20
C LEU R 194 -5.43 11.66 -93.20
N LEU R 195 -5.87 11.37 -94.43
CA LEU R 195 -7.02 10.51 -94.63
C LEU R 195 -6.68 9.06 -94.92
N LEU R 196 -6.74 8.34 -93.79
CA LEU R 196 -6.64 6.89 -93.73
C LEU R 196 -8.05 6.31 -93.70
N VAL R 197 -7.98 4.99 -93.94
CA VAL R 197 -9.15 4.14 -93.99
C VAL R 197 -9.10 3.08 -92.90
N HIS R 198 -10.16 2.89 -92.11
CA HIS R 198 -10.37 1.81 -91.17
C HIS R 198 -11.61 0.96 -91.42
N ASP R 199 -11.34 -0.15 -92.09
CA ASP R 199 -12.41 -1.11 -92.31
C ASP R 199 -12.93 -1.73 -91.02
N THR R 200 -14.14 -1.33 -90.63
CA THR R 200 -14.90 -2.00 -89.60
C THR R 200 -15.52 -3.35 -89.89
N HIS R 201 -14.65 -4.35 -89.77
CA HIS R 201 -14.91 -5.77 -89.86
C HIS R 201 -16.13 -6.33 -89.13
N ALA R 202 -16.53 -5.60 -88.09
CA ALA R 202 -17.80 -5.73 -87.40
C ALA R 202 -18.25 -4.35 -86.93
N HIS R 203 -19.34 -3.96 -87.59
CA HIS R 203 -19.76 -2.58 -87.77
C HIS R 203 -20.85 -2.09 -86.83
N ALA R 204 -20.34 -1.49 -85.76
CA ALA R 204 -20.99 -0.52 -84.90
C ALA R 204 -19.96 0.04 -83.94
N THR R 205 -19.41 -0.77 -83.04
CA THR R 205 -18.47 -0.27 -82.05
C THR R 205 -17.00 -0.19 -82.44
N ALA R 206 -16.04 -0.04 -81.52
CA ALA R 206 -14.62 -0.03 -81.77
C ALA R 206 -13.99 -1.40 -82.01
N VAL R 207 -14.70 -2.48 -81.67
CA VAL R 207 -14.29 -3.86 -81.73
C VAL R 207 -12.91 -4.49 -81.60
N VAL R 208 -11.99 -3.95 -82.40
CA VAL R 208 -10.61 -4.35 -82.26
C VAL R 208 -9.89 -4.15 -80.93
N ALA R 209 -10.34 -3.10 -80.26
CA ALA R 209 -9.73 -2.73 -79.00
C ALA R 209 -9.55 -3.79 -77.92
N THR R 210 -10.59 -4.60 -77.68
CA THR R 210 -10.45 -5.71 -76.77
C THR R 210 -9.59 -6.80 -77.38
N ALA R 211 -10.07 -7.17 -78.57
CA ALA R 211 -9.39 -8.21 -79.32
C ALA R 211 -7.86 -8.12 -79.42
N ALA R 212 -7.44 -6.90 -79.72
CA ALA R 212 -6.03 -6.62 -79.82
C ALA R 212 -5.31 -6.68 -78.47
N THR R 213 -5.73 -5.84 -77.52
CA THR R 213 -5.20 -5.88 -76.17
C THR R 213 -5.13 -7.14 -75.32
N ARG R 214 -6.14 -7.99 -75.52
CA ARG R 214 -6.19 -9.38 -75.13
C ARG R 214 -5.00 -10.24 -75.52
N ALA R 215 -4.33 -10.02 -76.65
CA ALA R 215 -3.09 -10.66 -77.04
C ALA R 215 -1.85 -10.37 -76.21
N ILE R 216 -1.93 -9.29 -75.43
CA ILE R 216 -0.95 -9.03 -74.39
C ILE R 216 -1.05 -10.08 -73.29
N LEU R 217 -2.17 -10.76 -73.09
CA LEU R 217 -2.15 -11.88 -72.17
C LEU R 217 -1.09 -12.91 -72.52
N MET R 218 -1.11 -13.38 -73.77
CA MET R 218 -0.06 -14.22 -74.33
C MET R 218 1.34 -13.65 -74.21
N HIS R 219 1.56 -12.37 -74.55
CA HIS R 219 2.72 -11.61 -74.13
C HIS R 219 3.12 -11.81 -72.68
N ASP R 220 2.35 -11.26 -71.74
CA ASP R 220 2.59 -11.32 -70.31
C ASP R 220 2.94 -12.65 -69.66
N LEU R 221 2.38 -13.72 -70.23
CA LEU R 221 2.62 -15.05 -69.73
C LEU R 221 4.03 -15.54 -70.04
N LEU R 222 4.46 -15.50 -71.31
CA LEU R 222 5.79 -15.96 -71.66
C LEU R 222 6.98 -15.01 -71.59
N THR R 223 6.59 -13.74 -71.41
CA THR R 223 7.55 -12.82 -70.82
C THR R 223 7.77 -12.80 -69.32
N SER R 224 6.69 -12.49 -68.61
CA SER R 224 6.76 -12.39 -67.16
C SER R 224 5.99 -13.44 -66.37
N ALA R 225 6.34 -14.62 -66.88
CA ALA R 225 5.83 -15.85 -66.31
C ALA R 225 4.35 -16.22 -66.27
N ASN R 226 3.52 -15.31 -65.78
CA ASN R 226 2.08 -15.36 -65.89
C ASN R 226 1.43 -13.99 -65.93
N ALA R 227 0.40 -13.95 -66.77
CA ALA R 227 -0.38 -12.75 -67.01
C ALA R 227 -1.18 -12.30 -65.81
N ASP R 228 -0.58 -11.35 -65.09
CA ASP R 228 -1.17 -10.83 -63.87
C ASP R 228 -2.40 -9.94 -64.07
N ASP R 229 -3.57 -10.49 -63.73
CA ASP R 229 -4.92 -10.02 -63.98
C ASP R 229 -5.26 -9.69 -65.43
N GLY R 230 -4.57 -8.72 -66.03
CA GLY R 230 -4.61 -8.33 -67.43
C GLY R 230 -6.03 -8.12 -67.95
N HIS R 231 -6.53 -9.14 -68.65
CA HIS R 231 -7.88 -9.13 -69.15
C HIS R 231 -9.01 -8.83 -68.18
N GLN R 232 -8.85 -9.22 -66.91
CA GLN R 232 -9.82 -8.95 -65.87
C GLN R 232 -10.22 -7.47 -65.80
N ALA R 233 -9.19 -6.67 -66.07
CA ALA R 233 -9.18 -5.25 -66.35
C ALA R 233 -9.33 -4.79 -67.79
N ARG R 234 -8.61 -5.44 -68.70
CA ARG R 234 -8.71 -5.30 -70.14
C ARG R 234 -10.03 -5.46 -70.88
N SER R 235 -10.86 -6.32 -70.30
CA SER R 235 -12.19 -6.70 -70.76
C SER R 235 -13.11 -5.49 -70.83
N ALA R 236 -13.32 -4.80 -69.71
CA ALA R 236 -13.92 -3.48 -69.73
C ALA R 236 -13.19 -2.36 -70.46
N CYS R 237 -11.94 -2.19 -70.03
CA CYS R 237 -11.02 -1.20 -70.57
C CYS R 237 -10.93 -0.82 -72.04
N TYR R 238 -11.01 -1.91 -72.79
CA TYR R 238 -10.95 -1.79 -74.23
C TYR R 238 -12.17 -2.14 -75.08
N GLY R 239 -12.65 -1.15 -75.81
CA GLY R 239 -13.73 -1.21 -76.77
C GLY R 239 -14.14 -2.56 -77.32
N PRO R 240 -15.44 -2.92 -77.28
CA PRO R 240 -15.90 -4.28 -77.22
C PRO R 240 -15.68 -5.17 -78.44
N ALA R 241 -15.02 -6.31 -78.26
CA ALA R 241 -15.01 -7.36 -79.25
C ALA R 241 -16.33 -8.10 -79.34
N PHE R 242 -16.99 -7.82 -80.47
CA PHE R 242 -18.13 -8.56 -80.99
C PHE R 242 -17.98 -9.05 -82.42
N ASN R 243 -18.31 -10.34 -82.46
CA ASN R 243 -18.15 -11.17 -83.64
C ASN R 243 -16.73 -11.30 -84.18
N ASN R 244 -16.55 -12.36 -84.97
CA ASN R 244 -15.39 -12.68 -85.78
C ASN R 244 -14.25 -11.79 -86.24
N LEU R 245 -14.68 -10.55 -86.46
CA LEU R 245 -13.87 -9.58 -87.17
C LEU R 245 -13.28 -9.79 -88.55
N THR R 246 -14.22 -10.38 -89.29
CA THR R 246 -14.09 -10.52 -90.72
C THR R 246 -15.43 -10.12 -91.32
N PHE R 247 -15.34 -9.00 -92.04
CA PHE R 247 -16.44 -8.30 -92.68
C PHE R 247 -17.84 -8.90 -92.51
N ALA R 248 -18.39 -8.61 -91.33
CA ALA R 248 -19.64 -9.00 -90.74
C ALA R 248 -20.38 -7.95 -89.92
N CYS R 249 -21.70 -8.12 -90.03
CA CYS R 249 -22.67 -7.30 -89.33
C CYS R 249 -22.23 -6.37 -88.20
N HIS R 250 -22.11 -6.93 -87.00
CA HIS R 250 -22.22 -6.26 -85.72
C HIS R 250 -23.44 -5.41 -85.44
N SER R 251 -23.97 -4.68 -86.42
CA SER R 251 -25.27 -4.03 -86.34
C SER R 251 -25.55 -3.06 -85.19
N THR R 252 -26.56 -3.33 -84.37
CA THR R 252 -26.56 -2.81 -83.01
C THR R 252 -26.59 -1.29 -82.89
N CYS R 253 -25.46 -0.70 -82.49
CA CYS R 253 -25.23 0.73 -82.42
C CYS R 253 -25.27 1.52 -83.71
N ALA R 254 -24.49 1.06 -84.70
CA ALA R 254 -24.58 1.62 -86.04
C ALA R 254 -25.95 1.40 -86.66
N SER R 255 -26.66 0.37 -86.23
CA SER R 255 -28.05 0.13 -86.58
C SER R 255 -29.13 1.12 -86.18
N ASP R 256 -28.84 1.82 -85.07
CA ASP R 256 -29.74 2.76 -84.45
C ASP R 256 -29.27 4.19 -84.68
N MET R 257 -28.16 4.49 -84.01
CA MET R 257 -27.49 5.75 -84.23
C MET R 257 -27.20 6.25 -85.64
N ALA R 258 -26.25 5.61 -86.33
CA ALA R 258 -25.81 5.96 -87.66
C ALA R 258 -26.89 5.90 -88.73
N HIS R 259 -27.79 4.94 -88.57
CA HIS R 259 -28.85 4.71 -89.52
C HIS R 259 -29.72 5.96 -89.50
N PHE R 260 -30.31 6.31 -88.35
CA PHE R 260 -31.06 7.55 -88.28
C PHE R 260 -30.40 8.93 -88.29
N ASP R 261 -29.37 9.01 -87.45
CA ASP R 261 -28.61 10.24 -87.36
C ASP R 261 -27.71 10.60 -88.54
N CYS R 262 -27.91 9.79 -89.58
CA CYS R 262 -27.35 10.14 -90.87
C CYS R 262 -27.87 11.42 -91.51
N GLY R 263 -29.19 11.42 -91.30
CA GLY R 263 -30.08 12.47 -91.74
C GLY R 263 -30.64 13.12 -90.48
N GLN R 264 -31.60 12.39 -89.90
CA GLN R 264 -32.49 12.69 -88.79
C GLN R 264 -33.04 14.08 -88.56
N ILE R 265 -32.17 14.98 -88.11
CA ILE R 265 -32.53 16.39 -88.04
C ILE R 265 -32.55 17.07 -89.41
N VAL R 266 -31.44 17.74 -89.72
CA VAL R 266 -31.31 18.56 -90.91
C VAL R 266 -31.57 17.73 -92.15
N GLY R 267 -31.19 16.45 -92.16
CA GLY R 267 -31.43 15.49 -93.21
C GLY R 267 -30.63 15.65 -94.49
N LEU R 268 -30.40 16.94 -94.77
CA LEU R 268 -29.80 17.46 -95.98
C LEU R 268 -28.43 18.11 -95.81
N ASP R 269 -27.59 17.84 -96.81
CA ASP R 269 -26.34 18.53 -96.99
C ASP R 269 -26.12 18.92 -98.46
N LEU R 270 -25.90 20.19 -98.79
CA LEU R 270 -25.61 20.66 -100.12
C LEU R 270 -24.39 21.48 -100.54
N HIS R 271 -23.99 21.26 -101.79
CA HIS R 271 -23.05 22.10 -102.52
C HIS R 271 -23.62 22.49 -103.87
N VAL R 272 -23.55 23.80 -104.12
CA VAL R 272 -23.81 24.34 -105.45
C VAL R 272 -22.79 25.01 -106.34
N GLU R 273 -21.59 25.17 -105.75
CA GLU R 273 -20.48 25.82 -106.41
C GLU R 273 -19.55 24.98 -107.25
N PRO R 274 -19.21 25.49 -108.44
CA PRO R 274 -18.28 24.76 -109.29
C PRO R 274 -16.98 24.35 -108.61
N SER R 275 -16.88 23.07 -108.25
CA SER R 275 -15.80 22.42 -107.53
C SER R 275 -15.80 20.91 -107.65
N ASP R 276 -16.73 20.34 -106.88
CA ASP R 276 -17.15 18.96 -106.90
C ASP R 276 -16.81 18.10 -108.12
N MET S 1 34.51 46.11 -63.36
CA MET S 1 34.42 45.54 -64.72
C MET S 1 35.75 45.57 -65.47
N PRO S 2 36.44 44.44 -65.29
CA PRO S 2 37.34 43.78 -66.22
C PRO S 2 36.56 42.89 -67.17
N LEU S 3 36.92 43.20 -68.41
CA LEU S 3 36.37 42.52 -69.57
C LEU S 3 36.55 41.01 -69.58
N HIS S 4 35.43 40.37 -69.92
CA HIS S 4 35.50 38.95 -70.13
C HIS S 4 34.75 38.51 -71.39
N MET S 5 35.12 37.37 -71.96
CA MET S 5 34.86 36.99 -73.33
C MET S 5 35.26 38.07 -74.33
N ILE S 6 36.57 38.32 -74.28
CA ILE S 6 37.05 39.52 -74.92
C ILE S 6 36.73 39.69 -76.39
N PRO S 7 37.09 38.75 -77.28
CA PRO S 7 36.76 38.87 -78.68
C PRO S 7 35.30 39.12 -79.05
N GLN S 8 34.34 38.67 -78.23
CA GLN S 8 32.90 38.81 -78.37
C GLN S 8 32.18 40.10 -78.00
N VAL S 9 32.51 40.48 -76.77
CA VAL S 9 32.19 41.81 -76.30
C VAL S 9 32.80 42.95 -77.10
N ALA S 10 33.95 42.61 -77.67
CA ALA S 10 34.60 43.31 -78.76
C ALA S 10 33.81 43.39 -80.06
N HIS S 11 33.27 42.21 -80.37
CA HIS S 11 32.27 41.99 -81.40
C HIS S 11 31.06 42.91 -81.49
N ALA S 12 30.51 42.91 -80.27
CA ALA S 12 29.40 43.76 -79.90
C ALA S 12 29.68 45.26 -79.94
N MET S 13 30.84 45.57 -79.35
CA MET S 13 31.30 46.93 -79.47
C MET S 13 31.24 47.48 -80.89
N VAL S 14 31.94 46.69 -81.72
CA VAL S 14 32.08 46.96 -83.14
C VAL S 14 30.81 46.96 -83.97
N ARG S 15 29.83 46.19 -83.50
CA ARG S 15 28.48 46.22 -84.01
C ARG S 15 27.64 47.48 -83.80
N ALA S 16 27.95 48.06 -82.64
CA ALA S 16 27.62 49.44 -82.42
C ALA S 16 28.23 50.58 -83.22
N ALA S 17 29.51 50.32 -83.49
CA ALA S 17 30.28 51.06 -84.46
C ALA S 17 29.75 50.95 -85.89
N ALA S 18 29.45 49.72 -86.27
CA ALA S 18 28.98 49.43 -87.61
C ALA S 18 27.62 49.98 -88.02
N ALA S 19 26.79 50.11 -86.99
CA ALA S 19 25.49 50.76 -87.01
C ALA S 19 25.42 52.12 -86.34
N GLY S 20 26.56 52.79 -86.55
CA GLY S 20 26.85 54.17 -86.22
C GLY S 20 26.90 54.59 -84.76
N ARG S 21 25.84 54.30 -84.01
CA ARG S 21 25.74 54.48 -82.57
C ARG S 21 26.58 53.62 -81.64
N LEU S 22 27.74 54.21 -81.34
CA LEU S 22 28.65 53.62 -80.39
C LEU S 22 28.92 54.70 -79.36
N THR S 23 28.57 54.49 -78.09
CA THR S 23 28.99 55.38 -77.03
C THR S 23 30.47 55.51 -76.68
N LEU S 24 31.11 56.36 -77.47
CA LEU S 24 32.54 56.58 -77.41
C LEU S 24 33.14 57.66 -76.51
N TYR S 25 32.89 57.46 -75.22
CA TYR S 25 33.09 58.53 -74.28
C TYR S 25 34.34 58.54 -73.41
N THR S 26 35.26 59.45 -73.71
CA THR S 26 36.35 59.61 -72.77
C THR S 26 35.99 60.62 -71.69
N ARG S 27 36.75 60.54 -70.60
CA ARG S 27 36.34 61.07 -69.30
C ARG S 27 35.24 62.11 -69.23
N THR S 28 35.60 63.31 -69.64
CA THR S 28 34.71 64.45 -69.79
C THR S 28 34.02 64.70 -71.12
N ARG S 29 34.66 64.24 -72.19
CA ARG S 29 34.22 64.48 -73.55
C ARG S 29 33.56 63.29 -74.22
N THR S 30 32.32 63.59 -74.62
CA THR S 30 31.35 62.63 -75.12
C THR S 30 31.65 61.73 -76.32
N GLU S 31 32.47 62.25 -77.24
CA GLU S 31 32.94 61.36 -78.28
C GLU S 31 34.45 61.53 -78.34
N THR S 32 35.19 60.44 -78.52
CA THR S 32 36.60 60.37 -78.91
C THR S 32 36.71 60.76 -80.37
N THR S 33 36.49 62.07 -80.54
CA THR S 33 36.56 62.77 -81.81
C THR S 33 37.98 62.89 -82.38
N ASN S 34 38.80 63.55 -81.57
CA ASN S 34 40.24 63.46 -81.57
C ASN S 34 40.59 62.18 -80.84
N PHE S 35 41.81 61.72 -81.13
CA PHE S 35 42.28 60.44 -80.64
C PHE S 35 42.67 60.19 -79.19
N ASP S 36 41.94 60.89 -78.33
CA ASP S 36 42.02 60.77 -76.89
C ASP S 36 41.16 59.69 -76.25
N HIS S 37 41.72 58.49 -76.44
CA HIS S 37 41.36 57.23 -75.81
C HIS S 37 40.19 57.42 -74.86
N ALA S 38 39.08 56.86 -75.33
CA ALA S 38 37.87 56.71 -74.55
C ALA S 38 37.96 55.97 -73.23
N GLU S 39 37.00 56.21 -72.33
CA GLU S 39 36.83 55.61 -71.03
C GLU S 39 35.54 54.82 -70.82
N TYR S 40 34.45 55.29 -71.41
CA TYR S 40 33.14 54.67 -71.32
C TYR S 40 32.30 54.47 -72.57
N VAL S 41 32.58 53.33 -73.21
CA VAL S 41 31.74 52.82 -74.28
C VAL S 41 30.86 51.70 -73.76
N THR S 42 29.59 51.98 -73.49
CA THR S 42 28.53 51.19 -72.88
C THR S 42 28.21 49.93 -73.66
N CYS S 43 28.97 48.83 -73.53
CA CYS S 43 28.59 47.66 -74.28
C CYS S 43 27.64 46.77 -73.50
N GLY S 44 26.40 47.29 -73.55
CA GLY S 44 25.46 46.74 -72.59
C GLY S 44 25.82 46.59 -71.12
N ARG S 45 25.96 47.78 -70.56
CA ARG S 45 26.70 47.91 -69.31
C ARG S 45 28.21 47.79 -69.27
N TYR S 46 28.89 47.03 -70.14
CA TYR S 46 30.34 46.99 -70.21
C TYR S 46 30.96 48.28 -70.74
N THR S 47 31.32 49.24 -69.89
CA THR S 47 32.15 50.38 -70.19
C THR S 47 33.57 50.16 -70.68
N ILE S 48 33.65 49.97 -72.00
CA ILE S 48 34.87 49.96 -72.79
C ILE S 48 35.74 51.21 -72.77
N CYS S 49 37.02 50.90 -72.58
CA CYS S 49 38.08 51.85 -72.31
C CYS S 49 39.22 51.69 -73.31
N ALA S 50 39.16 52.66 -74.22
CA ALA S 50 40.11 52.79 -75.31
C ALA S 50 41.57 53.06 -74.97
N PHE S 51 41.66 53.76 -73.84
CA PHE S 51 42.85 53.74 -73.01
C PHE S 51 43.71 52.49 -72.89
N CYS S 52 42.97 51.38 -72.74
CA CYS S 52 43.62 50.09 -72.69
C CYS S 52 43.08 49.08 -73.68
N LEU S 53 42.26 49.54 -74.63
CA LEU S 53 41.37 48.65 -75.34
C LEU S 53 40.41 47.74 -74.59
N THR S 54 40.86 47.44 -73.37
CA THR S 54 40.09 46.78 -72.33
C THR S 54 38.99 47.68 -71.79
N THR S 55 38.65 47.67 -70.50
CA THR S 55 37.50 48.35 -69.93
C THR S 55 37.82 49.02 -68.59
N LEU S 56 37.07 50.10 -68.37
CA LEU S 56 37.14 51.07 -67.31
C LEU S 56 38.43 51.88 -67.17
N ALA S 57 39.46 51.11 -66.81
CA ALA S 57 40.71 51.72 -66.42
C ALA S 57 41.74 51.55 -67.52
N PRO S 58 42.59 52.56 -67.75
CA PRO S 58 43.79 52.48 -68.55
C PRO S 58 44.85 51.48 -68.15
N HIS S 59 45.59 50.96 -69.14
CA HIS S 59 46.74 50.11 -68.88
C HIS S 59 47.96 50.65 -68.15
N ALA S 60 48.25 51.88 -68.59
CA ALA S 60 49.23 52.65 -67.87
C ALA S 60 48.96 54.16 -67.82
N ASN S 61 49.85 54.87 -67.14
CA ASN S 61 50.02 56.31 -67.30
C ASN S 61 50.87 56.86 -68.44
N VAL S 62 51.04 56.00 -69.44
CA VAL S 62 51.85 56.26 -70.62
C VAL S 62 50.88 56.63 -71.73
N LYS S 63 50.46 57.89 -71.65
CA LYS S 63 49.52 58.45 -72.59
C LYS S 63 49.83 58.27 -74.07
N THR S 64 51.10 58.04 -74.41
CA THR S 64 51.45 57.54 -75.73
C THR S 64 50.95 56.16 -76.12
N ILE S 65 51.15 55.13 -75.30
CA ILE S 65 50.62 53.81 -75.56
C ILE S 65 49.11 53.65 -75.44
N GLN S 66 48.63 54.42 -74.47
CA GLN S 66 47.23 54.60 -74.13
C GLN S 66 46.31 55.17 -75.20
N ASP S 67 46.86 56.22 -75.80
CA ASP S 67 46.43 56.68 -77.10
C ASP S 67 46.63 55.73 -78.28
N SER S 68 47.74 54.99 -78.22
CA SER S 68 48.03 53.89 -79.12
C SER S 68 46.97 52.79 -79.09
N HIS S 69 46.51 52.38 -77.90
CA HIS S 69 45.33 51.57 -77.70
C HIS S 69 44.13 52.08 -78.50
N ALA S 70 43.98 53.40 -78.40
CA ALA S 70 43.05 54.20 -79.16
C ALA S 70 43.24 54.14 -80.68
N CYS S 71 44.35 54.71 -81.13
CA CYS S 71 44.86 54.49 -82.47
C CYS S 71 44.73 53.13 -83.16
N SER S 72 44.91 52.07 -82.36
CA SER S 72 44.60 50.71 -82.76
C SER S 72 43.24 50.36 -83.35
N ARG S 73 42.26 50.93 -82.65
CA ARG S 73 40.93 51.07 -83.17
C ARG S 73 40.62 52.30 -84.02
N GLN S 74 41.62 52.84 -84.72
CA GLN S 74 41.37 53.70 -85.86
C GLN S 74 40.38 53.17 -86.89
N PRO S 75 40.38 51.88 -87.22
CA PRO S 75 39.31 51.26 -87.98
C PRO S 75 37.90 51.38 -87.39
N ASN S 76 37.80 51.26 -86.07
CA ASN S 76 36.54 51.30 -85.34
C ASN S 76 35.97 52.71 -85.26
N GLU S 77 36.88 53.60 -84.91
CA GLU S 77 36.54 55.00 -84.90
C GLU S 77 35.99 55.58 -86.20
N ALA S 78 36.82 55.40 -87.24
CA ALA S 78 36.46 55.68 -88.62
C ALA S 78 35.22 55.07 -89.23
N ILE S 79 35.04 53.79 -88.92
CA ILE S 79 33.79 53.17 -89.32
C ILE S 79 32.54 53.76 -88.65
N ARG S 80 32.69 53.95 -87.34
CA ARG S 80 31.60 54.48 -86.55
C ARG S 80 31.13 55.83 -87.05
N SER S 81 32.14 56.69 -87.17
CA SER S 81 31.84 58.03 -87.62
C SER S 81 31.19 58.18 -88.98
N LEU S 82 31.79 57.36 -89.85
CA LEU S 82 31.52 57.23 -91.26
C LEU S 82 30.10 56.76 -91.54
N VAL S 83 29.69 55.73 -90.80
CA VAL S 83 28.36 55.14 -90.85
C VAL S 83 27.32 56.11 -90.32
N GLU S 84 27.69 56.80 -89.24
CA GLU S 84 26.88 57.90 -88.78
C GLU S 84 26.59 58.87 -89.91
N VAL S 85 27.68 59.48 -90.40
CA VAL S 85 27.72 60.30 -91.60
C VAL S 85 26.80 59.83 -92.72
N SER S 86 27.03 58.69 -93.34
CA SER S 86 26.28 58.17 -94.47
C SER S 86 24.79 58.09 -94.21
N ASP S 87 24.47 57.83 -92.94
CA ASP S 87 23.14 57.62 -92.39
C ASP S 87 22.54 58.81 -91.65
N LYS S 88 22.85 59.90 -92.36
CA LYS S 88 22.60 61.29 -92.04
C LYS S 88 22.80 62.33 -93.13
N ALA S 89 23.97 62.20 -93.76
CA ALA S 89 24.31 63.00 -94.93
C ALA S 89 25.63 62.57 -95.54
N GLN S 90 25.56 62.38 -96.88
CA GLN S 90 26.60 61.82 -97.72
C GLN S 90 26.34 62.14 -99.18
N THR S 91 27.33 61.68 -99.94
CA THR S 91 27.57 61.96 -101.34
C THR S 91 26.32 62.19 -102.17
N ALA S 92 26.02 63.46 -102.49
CA ALA S 92 24.71 63.69 -103.04
C ALA S 92 24.19 62.97 -104.28
N LEU S 93 22.88 62.70 -104.36
CA LEU S 93 22.18 62.14 -105.49
C LEU S 93 22.28 63.05 -106.72
N VAL S 94 23.42 62.93 -107.40
CA VAL S 94 23.71 63.52 -108.69
C VAL S 94 23.19 62.60 -109.78
N GLY S 95 22.01 63.01 -110.24
CA GLY S 95 21.30 62.26 -111.27
C GLY S 95 20.80 60.85 -111.02
N SER S 96 19.77 60.32 -111.70
CA SER S 96 19.30 58.98 -111.41
C SER S 96 19.02 58.16 -112.66
N ARG S 97 19.64 56.99 -112.51
CA ARG S 97 19.98 56.06 -113.57
C ARG S 97 19.05 55.56 -114.67
N THR S 98 17.97 54.88 -114.25
CA THR S 98 17.07 54.20 -115.16
C THR S 98 16.00 55.01 -115.87
N VAL S 99 16.48 56.20 -116.26
CA VAL S 99 15.55 57.20 -116.75
C VAL S 99 14.32 57.47 -115.89
N ASP S 100 13.29 56.66 -116.10
CA ASP S 100 11.99 56.72 -115.46
C ASP S 100 11.02 55.56 -115.66
N TYR S 101 11.12 54.52 -114.82
CA TYR S 101 10.26 53.37 -114.83
C TYR S 101 9.06 53.47 -113.90
N HIS S 102 8.80 54.68 -113.39
CA HIS S 102 7.70 54.94 -112.49
C HIS S 102 6.87 56.18 -112.82
N GLU S 103 5.67 56.21 -112.23
CA GLU S 103 4.75 57.30 -112.40
C GLU S 103 3.81 57.58 -111.24
N LEU S 104 3.61 58.87 -110.98
CA LEU S 104 2.67 59.53 -110.08
C LEU S 104 1.51 60.30 -110.66
N ASP S 105 0.42 59.55 -110.86
CA ASP S 105 -0.71 60.14 -111.56
C ASP S 105 -1.79 60.55 -110.56
N VAL S 106 -1.65 61.70 -109.91
CA VAL S 106 -2.55 62.09 -108.85
C VAL S 106 -3.98 62.54 -109.13
N LYS S 107 -4.57 61.76 -110.04
CA LYS S 107 -5.64 62.30 -110.87
C LYS S 107 -6.96 61.68 -110.45
N ALA S 108 -7.43 62.09 -109.26
CA ALA S 108 -8.51 61.55 -108.48
C ALA S 108 -8.28 60.19 -107.82
N GLY S 109 -8.23 59.19 -108.71
CA GLY S 109 -7.69 57.89 -108.37
C GLY S 109 -6.22 57.90 -108.73
N PHE S 110 -5.38 57.71 -107.71
CA PHE S 110 -3.94 57.83 -107.85
C PHE S 110 -3.31 56.64 -108.57
N VAL S 111 -3.15 56.87 -109.87
CA VAL S 111 -2.46 55.94 -110.75
C VAL S 111 -0.95 56.01 -110.52
N ALA S 112 -0.39 55.23 -109.59
CA ALA S 112 1.03 55.20 -109.31
C ALA S 112 1.63 53.85 -109.64
N PRO S 113 2.06 53.72 -110.89
CA PRO S 113 2.92 52.66 -111.35
C PRO S 113 4.40 52.66 -111.00
N THR S 114 4.73 51.44 -110.57
CA THR S 114 6.05 50.88 -110.38
C THR S 114 6.33 49.83 -111.45
N ALA S 115 7.34 50.07 -112.29
CA ALA S 115 7.71 49.14 -113.35
C ALA S 115 9.17 48.71 -113.35
N ASP S 116 9.38 47.39 -113.26
CA ASP S 116 10.69 46.79 -113.23
C ASP S 116 11.70 47.52 -112.36
N GLU S 117 12.54 48.31 -113.04
CA GLU S 117 13.76 48.88 -112.51
C GLU S 117 13.70 50.40 -112.43
N THR S 118 12.87 50.85 -111.49
CA THR S 118 12.44 52.23 -111.46
C THR S 118 13.32 53.44 -111.77
N ILE S 119 13.58 54.16 -110.69
CA ILE S 119 14.58 55.19 -110.41
C ILE S 119 14.57 55.71 -108.98
N ALA S 120 15.46 56.62 -108.58
CA ALA S 120 15.60 57.14 -107.24
C ALA S 120 15.59 58.65 -107.02
N PRO S 121 14.42 59.26 -106.87
CA PRO S 121 14.30 60.53 -106.19
C PRO S 121 14.71 60.63 -104.73
N SER S 122 14.32 59.55 -104.04
CA SER S 122 14.62 59.45 -102.63
C SER S 122 16.08 59.59 -102.21
N LYS S 123 16.26 60.41 -101.19
CA LYS S 123 17.54 60.50 -100.50
C LYS S 123 17.64 59.95 -99.09
N ASP S 124 16.55 60.07 -98.34
CA ASP S 124 16.51 59.66 -96.94
C ASP S 124 17.54 60.10 -95.93
N ILE S 125 18.77 59.62 -96.10
CA ILE S 125 19.82 59.95 -95.17
C ILE S 125 19.72 59.81 -93.65
N VAL S 126 19.15 60.89 -93.11
CA VAL S 126 19.18 61.32 -91.73
C VAL S 126 18.64 60.31 -90.73
N GLU S 127 18.90 60.67 -89.47
CA GLU S 127 18.30 60.06 -88.31
C GLU S 127 18.68 58.62 -88.03
N LEU S 128 19.93 58.24 -88.32
CA LEU S 128 20.41 56.95 -87.87
C LEU S 128 20.27 56.61 -86.39
N PRO S 129 20.46 57.49 -85.41
CA PRO S 129 20.06 57.28 -84.03
C PRO S 129 18.55 57.15 -83.85
N PHE S 130 18.16 55.90 -84.08
CA PHE S 130 16.86 55.30 -83.85
C PHE S 130 15.61 56.07 -84.28
N ARG S 131 15.74 56.81 -85.37
CA ARG S 131 14.58 57.49 -85.91
C ARG S 131 14.36 57.32 -87.42
N THR S 132 13.17 57.71 -87.87
CA THR S 132 12.93 57.62 -89.30
C THR S 132 13.60 58.69 -90.14
N CYS S 133 14.43 58.18 -91.05
CA CYS S 133 15.38 59.09 -91.66
C CYS S 133 14.95 60.52 -91.97
N ASP S 134 13.84 60.59 -92.71
CA ASP S 134 13.25 61.88 -92.95
C ASP S 134 12.05 62.10 -92.03
N LEU S 135 12.34 62.80 -90.93
CA LEU S 135 11.42 63.07 -89.84
C LEU S 135 10.72 61.91 -89.14
N ASP S 136 9.39 61.91 -89.19
CA ASP S 136 8.58 60.72 -89.03
C ASP S 136 7.87 60.24 -90.29
N ASP S 137 8.54 60.52 -91.41
CA ASP S 137 7.79 60.43 -92.64
C ASP S 137 8.22 59.31 -93.56
N SER S 138 9.49 58.91 -93.48
CA SER S 138 10.03 57.69 -94.05
C SER S 138 9.23 56.43 -94.35
N SER S 139 8.54 56.23 -93.23
CA SER S 139 7.55 55.17 -93.15
C SER S 139 6.46 55.17 -94.21
N ALA S 140 5.73 56.27 -94.28
CA ALA S 140 4.64 56.59 -95.19
C ALA S 140 5.11 56.82 -96.61
N THR S 141 6.21 57.57 -96.77
CA THR S 141 6.62 57.84 -98.14
C THR S 141 7.18 56.65 -98.90
N ALA S 142 7.90 55.80 -98.17
CA ALA S 142 8.27 54.51 -98.73
C ALA S 142 7.20 53.55 -99.23
N CYS S 143 6.01 53.62 -98.66
CA CYS S 143 4.80 52.99 -99.13
C CYS S 143 4.54 53.16 -100.63
N VAL S 144 4.48 54.46 -100.93
CA VAL S 144 4.52 54.95 -102.29
C VAL S 144 5.79 54.54 -103.02
N ARG S 145 6.95 54.77 -102.40
CA ARG S 145 8.22 54.54 -103.05
C ARG S 145 8.72 53.10 -103.13
N ASN S 146 7.80 52.13 -103.05
CA ASN S 146 8.15 50.76 -103.36
C ASN S 146 7.07 50.06 -104.18
N HIS S 147 5.87 50.18 -103.63
CA HIS S 147 4.74 49.51 -104.23
C HIS S 147 4.04 50.32 -105.32
N CYS S 148 3.80 51.56 -104.91
CA CYS S 148 3.13 52.53 -105.74
C CYS S 148 3.87 53.19 -106.89
N GLN S 149 4.89 53.93 -106.45
CA GLN S 149 5.80 54.67 -107.31
C GLN S 149 7.23 54.72 -106.80
N ALA S 150 7.76 53.50 -106.93
CA ALA S 150 9.02 53.14 -106.28
C ALA S 150 10.29 53.95 -106.48
N GLY S 151 10.52 54.88 -105.56
CA GLY S 151 11.60 55.82 -105.74
C GLY S 151 13.01 55.50 -105.26
N HIS S 152 13.28 54.22 -105.51
CA HIS S 152 14.49 53.57 -105.03
C HIS S 152 15.33 52.80 -106.03
N ASP S 153 14.76 51.64 -106.37
CA ASP S 153 15.26 50.65 -107.29
C ASP S 153 15.71 51.17 -108.65
N GLY S 154 16.32 50.31 -109.47
CA GLY S 154 16.78 50.61 -110.80
C GLY S 154 17.62 49.49 -111.42
N VAL S 155 18.76 49.96 -111.92
CA VAL S 155 19.63 49.06 -112.66
C VAL S 155 20.04 47.80 -111.93
N ILE S 156 21.00 47.90 -111.02
CA ILE S 156 21.43 46.71 -110.30
C ILE S 156 20.83 46.62 -108.91
N HIS S 157 19.51 46.84 -108.86
CA HIS S 157 18.84 47.30 -107.66
C HIS S 157 17.52 46.77 -107.11
N LEU S 158 17.53 46.39 -105.83
CA LEU S 158 16.35 45.87 -105.19
C LEU S 158 15.60 44.78 -105.94
N PRO S 159 15.64 43.53 -105.45
CA PRO S 159 15.08 42.38 -106.13
C PRO S 159 13.67 42.18 -105.59
N ILE S 160 12.81 43.12 -105.96
CA ILE S 160 11.45 43.15 -105.49
C ILE S 160 10.54 42.06 -106.05
N LEU S 161 9.98 42.42 -107.22
CA LEU S 161 8.90 41.70 -107.85
C LEU S 161 9.16 40.34 -108.47
N SER S 162 10.41 39.94 -108.19
CA SER S 162 11.00 38.62 -108.07
C SER S 162 11.77 38.29 -106.79
N GLY S 163 11.10 37.80 -105.75
CA GLY S 163 11.71 37.59 -104.45
C GLY S 163 11.08 38.30 -103.26
N ASP S 164 11.58 39.53 -103.11
CA ASP S 164 11.14 40.43 -102.07
C ASP S 164 10.08 41.46 -102.42
N PHE S 165 9.01 40.87 -102.97
CA PHE S 165 7.79 41.44 -103.51
C PHE S 165 7.37 42.88 -103.29
N LYS S 166 6.94 43.07 -102.04
CA LYS S 166 6.41 44.36 -101.62
C LYS S 166 7.21 44.74 -100.39
N LEU S 167 8.08 45.75 -100.50
CA LEU S 167 8.70 46.39 -99.36
C LEU S 167 7.92 47.40 -98.53
N PRO S 168 6.68 47.78 -98.84
CA PRO S 168 5.72 48.02 -97.80
C PRO S 168 5.43 46.97 -96.74
N ASN S 169 5.63 45.71 -97.15
CA ASN S 169 5.28 44.59 -96.31
C ASN S 169 6.25 43.58 -95.71
N GLU S 170 7.28 43.53 -96.57
CA GLU S 170 8.48 42.74 -96.37
C GLU S 170 9.73 43.44 -95.88
N HIS S 171 10.38 42.89 -94.84
CA HIS S 171 11.52 43.49 -94.18
C HIS S 171 12.65 44.32 -94.79
N PRO S 172 13.33 43.89 -95.84
CA PRO S 172 14.64 44.44 -96.14
C PRO S 172 14.78 45.87 -96.62
N THR S 173 15.92 46.22 -97.22
CA THR S 173 16.25 47.59 -97.54
C THR S 173 16.37 47.85 -99.02
N LYS S 174 16.12 49.12 -99.41
CA LYS S 174 15.89 49.60 -100.75
C LYS S 174 17.02 50.45 -101.31
N PRO S 175 17.73 49.97 -102.34
CA PRO S 175 18.81 50.69 -102.98
C PRO S 175 18.41 51.85 -103.88
N LEU S 176 19.27 52.86 -103.77
CA LEU S 176 19.15 54.11 -104.47
C LEU S 176 19.84 54.12 -105.82
N ASP S 177 18.98 54.08 -106.84
CA ASP S 177 19.26 54.25 -108.25
C ASP S 177 19.84 55.65 -108.38
N ASP S 178 21.16 55.75 -108.45
CA ASP S 178 21.84 57.02 -108.62
C ASP S 178 23.07 56.98 -109.50
N THR S 179 23.09 57.86 -110.50
CA THR S 179 24.25 58.06 -111.35
C THR S 179 25.58 58.31 -110.66
N HIS S 180 25.49 59.28 -109.75
CA HIS S 180 26.56 59.43 -108.78
C HIS S 180 27.00 58.20 -108.00
N PRO S 181 28.32 58.02 -108.03
CA PRO S 181 28.97 56.78 -107.66
C PRO S 181 28.54 56.18 -106.34
N HIS S 182 27.75 55.13 -106.54
CA HIS S 182 27.29 54.32 -105.42
C HIS S 182 26.72 54.93 -104.15
N ASP S 183 26.03 56.07 -104.25
CA ASP S 183 25.38 56.71 -103.13
C ASP S 183 24.10 56.09 -102.60
N LYS S 184 24.09 54.76 -102.73
CA LYS S 184 23.08 53.80 -102.30
C LYS S 184 22.66 53.70 -100.84
N VAL S 185 21.73 54.59 -100.48
CA VAL S 185 21.19 54.78 -99.16
C VAL S 185 19.93 53.95 -99.06
N LEU S 186 20.18 52.73 -98.58
CA LEU S 186 19.16 51.70 -98.50
C LEU S 186 18.08 51.82 -97.45
N THR S 187 17.08 52.63 -97.79
CA THR S 187 15.89 52.85 -96.99
C THR S 187 15.15 51.61 -96.54
N ARG S 188 14.96 51.43 -95.24
CA ARG S 188 14.28 50.28 -94.67
C ARG S 188 12.82 50.17 -95.07
N CYS S 189 12.16 49.00 -94.94
CA CYS S 189 10.74 48.81 -95.15
C CYS S 189 9.80 49.56 -94.23
N PRO S 190 8.68 50.04 -94.76
CA PRO S 190 7.60 50.59 -93.94
C PRO S 190 7.16 49.70 -92.78
N LYS S 191 7.04 48.39 -93.00
CA LYS S 191 6.75 47.50 -91.90
C LYS S 191 7.70 47.26 -90.74
N THR S 192 8.98 47.43 -91.10
CA THR S 192 10.08 47.53 -90.16
C THR S 192 9.81 48.61 -89.12
N GLY S 193 8.91 49.55 -89.42
CA GLY S 193 8.49 50.51 -88.41
C GLY S 193 9.43 51.67 -88.13
N LEU S 194 10.69 51.26 -87.91
CA LEU S 194 11.74 52.25 -87.82
C LEU S 194 12.67 52.25 -89.03
N LEU S 195 12.48 53.31 -89.82
CA LEU S 195 13.13 53.43 -91.10
C LEU S 195 14.42 54.25 -91.10
N LEU S 196 15.48 53.45 -90.96
CA LEU S 196 16.86 53.88 -91.09
C LEU S 196 17.33 53.61 -92.52
N VAL S 197 18.47 54.26 -92.73
CA VAL S 197 19.18 54.21 -93.99
C VAL S 197 20.55 53.59 -93.82
N HIS S 198 20.96 52.62 -94.65
CA HIS S 198 22.28 52.05 -94.77
C HIS S 198 22.91 52.17 -96.15
N ASP S 199 23.73 53.21 -96.25
CA ASP S 199 24.48 53.37 -97.48
C ASP S 199 25.49 52.26 -97.73
N THR S 200 25.18 51.41 -98.71
CA THR S 200 26.11 50.45 -99.25
C THR S 200 27.24 50.96 -100.15
N HIS S 201 28.27 51.44 -99.45
CA HIS S 201 29.55 51.89 -99.94
C HIS S 201 30.26 51.04 -101.00
N ALA S 202 29.92 49.76 -100.99
CA ALA S 202 30.21 48.78 -102.03
C ALA S 202 29.05 47.78 -102.11
N HIS S 203 28.40 47.90 -103.26
CA HIS S 203 27.02 47.51 -103.48
C HIS S 203 26.83 46.19 -104.19
N ALA S 204 26.68 45.18 -103.32
CA ALA S 204 26.03 43.91 -103.55
C ALA S 204 25.90 43.17 -102.22
N THR S 205 27.02 42.79 -101.58
CA THR S 205 26.95 42.04 -100.35
C THR S 205 26.83 42.83 -99.04
N ALA S 206 27.07 42.24 -97.86
CA ALA S 206 27.06 42.90 -96.57
C ALA S 206 28.29 43.75 -96.26
N VAL S 207 29.37 43.56 -97.01
CA VAL S 207 30.67 44.19 -96.87
C VAL S 207 31.38 44.69 -95.63
N VAL S 208 30.66 45.53 -94.88
CA VAL S 208 31.15 45.96 -93.59
C VAL S 208 31.48 44.93 -92.52
N ALA S 209 30.71 43.84 -92.60
CA ALA S 209 30.85 42.78 -91.62
C ALA S 209 32.23 42.21 -91.35
N THR S 210 33.00 41.93 -92.40
CA THR S 210 34.37 41.51 -92.19
C THR S 210 35.22 42.67 -91.73
N ALA S 211 35.12 43.71 -92.56
CA ALA S 211 35.87 44.92 -92.27
C ALA S 211 35.84 45.45 -90.84
N ALA S 212 34.62 45.47 -90.33
CA ALA S 212 34.42 45.90 -88.96
C ALA S 212 34.98 44.92 -87.92
N THR S 213 34.52 43.67 -87.94
CA THR S 213 35.05 42.65 -87.07
C THR S 213 36.53 42.30 -86.99
N ARG S 214 37.19 42.44 -88.14
CA ARG S 214 38.62 42.51 -88.31
C ARG S 214 39.37 43.51 -87.43
N ALA S 215 38.80 44.65 -87.05
CA ALA S 215 39.34 45.59 -86.09
C ALA S 215 39.44 45.14 -84.64
N ILE S 216 38.70 44.07 -84.32
CA ILE S 216 38.88 43.37 -83.07
C ILE S 216 40.23 42.67 -83.04
N LEU S 217 40.88 42.37 -84.17
CA LEU S 217 42.24 41.90 -84.08
C LEU S 217 43.15 42.87 -83.33
N MET S 218 43.16 44.13 -83.77
CA MET S 218 43.78 45.23 -83.05
C MET S 218 43.39 45.37 -81.60
N HIS S 219 42.09 45.33 -81.27
CA HIS S 219 41.60 45.07 -79.94
C HIS S 219 42.32 43.96 -79.19
N ASP S 220 42.09 42.70 -79.59
CA ASP S 220 42.66 41.51 -78.98
C ASP S 220 44.15 41.46 -78.70
N LEU S 221 44.92 42.15 -79.54
CA LEU S 221 46.36 42.19 -79.41
C LEU S 221 46.79 43.06 -78.23
N LEU S 222 46.33 44.31 -78.16
CA LEU S 222 46.71 45.18 -77.06
C LEU S 222 45.92 45.18 -75.75
N THR S 223 44.78 44.50 -75.87
CA THR S 223 44.18 43.98 -74.65
C THR S 223 44.71 42.70 -74.03
N SER S 224 44.59 41.62 -74.83
CA SER S 224 45.02 40.31 -74.36
C SER S 224 46.23 39.71 -75.04
N ALA S 225 47.18 40.65 -75.04
CA ALA S 225 48.50 40.37 -75.56
C ALA S 225 48.76 39.99 -77.02
N ASN S 226 48.04 39.01 -77.53
CA ASN S 226 47.96 38.69 -78.94
C ASN S 226 46.62 38.08 -79.34
N ALA S 227 46.23 38.50 -80.54
CA ALA S 227 44.97 38.10 -81.14
C ALA S 227 44.94 36.62 -81.51
N ASP S 228 44.33 35.87 -80.59
CA ASP S 228 44.25 34.43 -80.75
C ASP S 228 43.28 33.94 -81.83
N ASP S 229 43.83 33.46 -82.93
CA ASP S 229 43.23 33.12 -84.20
C ASP S 229 42.39 34.20 -84.87
N GLY S 230 41.30 34.64 -84.22
CA GLY S 230 40.45 35.75 -84.56
C GLY S 230 39.99 35.72 -86.01
N HIS S 231 40.67 36.52 -86.84
CA HIS S 231 40.40 36.55 -88.27
C HIS S 231 40.39 35.24 -89.02
N GLN S 232 41.22 34.28 -88.60
CA GLN S 232 41.27 32.95 -89.18
C GLN S 232 39.90 32.30 -89.32
N ALA S 233 39.10 32.59 -88.28
CA ALA S 233 37.68 32.41 -88.10
C ALA S 233 36.74 33.51 -88.57
N ARG S 234 37.07 34.76 -88.24
CA ARG S 234 36.42 35.96 -88.69
C ARG S 234 36.23 36.29 -90.18
N SER S 235 37.19 35.77 -90.95
CA SER S 235 37.30 35.89 -92.38
C SER S 235 36.09 35.30 -93.08
N ALA S 236 35.83 34.01 -92.88
CA ALA S 236 34.55 33.42 -93.23
C ALA S 236 33.29 33.94 -92.56
N CYS S 237 33.37 33.89 -91.22
CA CYS S 237 32.32 34.34 -90.34
C CYS S 237 31.44 35.56 -90.59
N TYR S 238 32.20 36.56 -91.04
CA TYR S 238 31.57 37.83 -91.35
C TYR S 238 31.54 38.32 -92.79
N GLY S 239 30.32 38.53 -93.28
CA GLY S 239 29.97 39.06 -94.59
C GLY S 239 31.01 39.87 -95.35
N PRO S 240 31.29 39.53 -96.61
CA PRO S 240 32.56 39.78 -97.27
C PRO S 240 32.96 41.22 -97.53
N ALA S 241 34.13 41.62 -97.02
CA ALA S 241 34.76 42.85 -97.45
C ALA S 241 35.34 42.77 -98.86
N PHE S 242 34.65 43.48 -99.74
CA PHE S 242 35.08 43.83 -101.08
C PHE S 242 35.05 45.31 -101.41
N ASN S 243 36.22 45.67 -101.93
CA ASN S 243 36.59 47.04 -102.23
C ASN S 243 36.61 47.99 -101.05
N ASN S 244 37.34 49.10 -101.27
CA ASN S 244 37.41 50.28 -100.44
C ASN S 244 36.50 50.77 -99.33
N LEU S 245 35.23 50.44 -99.59
CA LEU S 245 34.12 51.01 -98.85
C LEU S 245 33.86 52.50 -98.71
N THR S 246 34.10 53.06 -99.89
CA THR S 246 33.73 54.43 -100.18
C THR S 246 33.07 54.43 -101.55
N PHE S 247 31.77 54.74 -101.46
CA PHE S 247 30.84 54.74 -102.57
C PHE S 247 31.36 54.36 -103.94
N ALA S 248 31.48 53.04 -104.11
CA ALA S 248 31.97 52.25 -105.21
C ALA S 248 31.23 50.96 -105.51
N CYS S 249 31.28 50.70 -106.83
CA CYS S 249 30.71 49.51 -107.42
C CYS S 249 30.26 48.34 -106.55
N HIS S 250 31.22 47.48 -106.21
CA HIS S 250 31.03 46.09 -105.86
C HIS S 250 30.25 45.18 -106.81
N SER S 251 29.20 45.67 -107.45
CA SER S 251 28.54 44.99 -108.56
C SER S 251 28.04 43.57 -108.35
N THR S 252 28.52 42.60 -109.14
CA THR S 252 28.51 41.22 -108.70
C THR S 252 27.13 40.63 -108.44
N CYS S 253 26.78 40.42 -107.17
CA CYS S 253 25.49 39.97 -106.70
C CYS S 253 24.28 40.87 -106.96
N ALA S 254 24.42 42.13 -106.56
CA ALA S 254 23.42 43.13 -106.91
C ALA S 254 23.32 43.34 -108.41
N SER S 255 24.40 43.06 -109.15
CA SER S 255 24.41 43.03 -110.60
C SER S 255 23.56 42.02 -111.36
N ASP S 256 23.33 40.90 -110.67
CA ASP S 256 22.61 39.75 -111.20
C ASP S 256 21.22 39.66 -110.58
N MET S 257 21.24 39.30 -109.31
CA MET S 257 20.02 39.31 -108.52
C MET S 257 19.08 40.50 -108.55
N ALA S 258 19.48 41.61 -107.93
CA ALA S 258 18.72 42.82 -107.81
C ALA S 258 18.34 43.48 -109.13
N HIS S 259 19.24 43.37 -110.10
CA HIS S 259 19.05 43.96 -111.41
C HIS S 259 17.85 43.27 -112.03
N PHE S 260 17.88 41.95 -112.21
CA PHE S 260 16.70 41.27 -112.70
C PHE S 260 15.45 41.04 -111.87
N ASP S 261 15.74 40.58 -110.65
CA ASP S 261 14.67 40.34 -109.70
C ASP S 261 13.96 41.56 -109.12
N CYS S 262 14.34 42.69 -109.71
CA CYS S 262 13.59 43.90 -109.45
C CYS S 262 12.14 43.90 -109.92
N GLY S 263 12.15 43.31 -111.12
CA GLY S 263 10.95 43.10 -111.90
C GLY S 263 10.76 41.59 -112.01
N GLN S 264 11.59 41.01 -112.87
CA GLN S 264 11.64 39.65 -113.36
C GLN S 264 10.38 38.83 -113.60
N ILE S 265 9.75 38.40 -112.51
CA ILE S 265 8.45 37.79 -112.62
C ILE S 265 7.33 38.78 -112.88
N VAL S 266 6.66 39.20 -111.80
CA VAL S 266 5.48 40.03 -111.87
C VAL S 266 5.80 41.34 -112.59
N GLY S 267 7.02 41.87 -112.43
CA GLY S 267 7.54 43.05 -113.09
C GLY S 267 6.97 44.39 -112.66
N LEU S 268 5.69 44.30 -112.30
CA LEU S 268 4.81 45.40 -111.98
C LEU S 268 4.35 45.46 -110.51
N ASP S 269 4.29 46.71 -110.05
CA ASP S 269 3.65 47.04 -108.79
C ASP S 269 2.79 48.29 -108.91
N LEU S 270 1.50 48.25 -108.58
CA LEU S 270 0.61 49.39 -108.59
C LEU S 270 -0.22 49.88 -107.41
N HIS S 271 -0.44 51.19 -107.41
CA HIS S 271 -1.41 51.87 -106.58
C HIS S 271 -2.30 52.79 -107.42
N VAL S 272 -3.61 52.62 -107.20
CA VAL S 272 -4.58 53.54 -107.72
C VAL S 272 -5.47 54.45 -106.88
N GLU S 273 -5.35 54.24 -105.56
CA GLU S 273 -6.13 54.96 -104.58
C GLU S 273 -5.56 56.28 -104.05
N PRO S 274 -6.44 57.29 -103.96
CA PRO S 274 -6.00 58.56 -103.43
C PRO S 274 -5.31 58.49 -102.08
N SER S 275 -3.98 58.61 -102.10
CA SER S 275 -3.05 58.50 -100.98
C SER S 275 -1.68 59.08 -101.27
N ASP S 276 -0.94 58.28 -102.03
CA ASP S 276 0.32 58.61 -102.67
C ASP S 276 0.72 60.08 -102.80
N MET T 1 -6.48 26.77 -37.58
CA MET T 1 -6.45 28.13 -38.14
C MET T 1 -6.67 29.21 -37.08
N PRO T 2 -5.52 29.65 -36.56
CA PRO T 2 -5.18 30.97 -36.07
C PRO T 2 -4.76 31.85 -37.23
N LEU T 3 -5.47 32.98 -37.19
CA LEU T 3 -5.30 34.06 -38.14
C LEU T 3 -3.88 34.62 -38.22
N HIS T 4 -3.50 34.78 -39.49
CA HIS T 4 -2.23 35.45 -39.72
C HIS T 4 -2.35 36.48 -40.84
N MET T 5 -1.46 37.48 -40.85
CA MET T 5 -1.62 38.74 -41.53
C MET T 5 -2.96 39.41 -41.25
N ILE T 6 -3.09 39.71 -39.95
CA ILE T 6 -4.42 40.02 -39.46
C ILE T 6 -5.14 41.17 -40.14
N PRO T 7 -4.57 42.38 -40.21
CA PRO T 7 -5.21 43.48 -40.89
C PRO T 7 -5.66 43.26 -42.32
N GLN T 8 -5.01 42.39 -43.09
CA GLN T 8 -5.27 42.01 -44.46
C GLN T 8 -6.38 41.03 -44.83
N VAL T 9 -6.27 39.91 -44.11
CA VAL T 9 -7.36 38.95 -44.06
C VAL T 9 -8.67 39.49 -43.51
N ALA T 10 -8.48 40.47 -42.63
CA ALA T 10 -9.50 41.41 -42.20
C ALA T 10 -10.09 42.29 -43.29
N HIS T 11 -9.14 42.79 -44.08
CA HIS T 11 -9.39 43.47 -45.34
C HIS T 11 -10.33 42.85 -46.36
N ALA T 12 -9.92 41.59 -46.55
CA ALA T 12 -10.64 40.63 -47.36
C ALA T 12 -12.03 40.25 -46.84
N MET T 13 -12.04 40.00 -45.53
CA MET T 13 -13.33 39.81 -44.89
C MET T 13 -14.35 40.88 -45.25
N VAL T 14 -13.88 42.09 -44.96
CA VAL T 14 -14.64 43.31 -45.15
C VAL T 14 -15.03 43.65 -46.58
N ARG T 15 -14.19 43.19 -47.52
CA ARG T 15 -14.49 43.19 -48.93
C ARG T 15 -15.63 42.33 -49.46
N ALA T 16 -15.73 41.20 -48.74
CA ALA T 16 -16.97 40.44 -48.76
C ALA T 16 -18.27 40.97 -48.21
N ALA T 17 -18.05 41.70 -47.11
CA ALA T 17 -19.05 42.58 -46.53
C ALA T 17 -19.49 43.71 -47.43
N ALA T 18 -18.50 44.35 -48.04
CA ALA T 18 -18.76 45.50 -48.89
C ALA T 18 -19.50 45.24 -50.20
N ALA T 19 -19.29 44.02 -50.69
CA ALA T 19 -19.99 43.43 -51.81
C ALA T 19 -21.02 42.35 -51.46
N GLY T 20 -21.64 42.68 -50.33
CA GLY T 20 -22.78 42.02 -49.73
C GLY T 20 -22.64 40.60 -49.21
N ARG T 21 -22.15 39.69 -50.06
CA ARG T 21 -21.80 38.32 -49.73
C ARG T 21 -20.61 38.06 -48.82
N LEU T 22 -20.99 37.96 -47.55
CA LEU T 22 -20.03 37.59 -46.52
C LEU T 22 -20.65 36.40 -45.80
N THR T 23 -20.01 35.23 -45.81
CA THR T 23 -20.43 34.13 -44.97
C THR T 23 -20.32 34.24 -43.46
N LEU T 24 -21.36 34.87 -42.92
CA LEU T 24 -21.46 35.20 -41.51
C LEU T 24 -22.09 34.24 -40.51
N TYR T 25 -21.44 33.08 -40.44
CA TYR T 25 -22.09 31.95 -39.80
C TYR T 25 -21.70 31.56 -38.38
N THR T 26 -22.61 31.82 -37.44
CA THR T 26 -22.35 31.28 -36.12
C THR T 26 -22.91 29.87 -35.99
N ARG T 27 -22.40 29.17 -34.98
CA ARG T 27 -22.44 27.72 -34.92
C ARG T 27 -23.44 26.96 -35.78
N THR T 28 -24.69 27.05 -35.34
CA THR T 28 -25.85 26.52 -36.03
C THR T 28 -26.61 27.40 -37.01
N ARG T 29 -26.54 28.71 -36.76
CA ARG T 29 -27.28 29.71 -37.52
C ARG T 29 -26.46 30.49 -38.54
N THR T 30 -26.96 30.35 -39.76
CA THR T 30 -26.32 30.81 -40.98
C THR T 30 -25.90 32.26 -41.18
N GLU T 31 -26.66 33.16 -40.57
CA GLU T 31 -26.19 34.54 -40.56
C GLU T 31 -26.27 35.01 -39.12
N THR T 32 -25.28 35.77 -38.64
CA THR T 32 -25.28 36.57 -37.44
C THR T 32 -26.17 37.78 -37.67
N THR T 33 -27.45 37.44 -37.71
CA THR T 33 -28.56 38.37 -37.86
C THR T 33 -28.80 39.27 -36.66
N ASN T 34 -29.07 38.59 -35.54
CA ASN T 34 -28.90 39.08 -34.18
C ASN T 34 -27.41 38.96 -33.88
N PHE T 35 -27.02 39.76 -32.89
CA PHE T 35 -25.63 39.89 -32.51
C PHE T 35 -24.83 38.81 -31.80
N ASP T 36 -25.22 37.59 -32.14
CA ASP T 36 -24.58 36.36 -31.69
C ASP T 36 -23.40 35.88 -32.51
N HIS T 37 -22.31 36.60 -32.24
CA HIS T 37 -20.94 36.35 -32.62
C HIS T 37 -20.84 35.07 -33.43
N ALA T 38 -20.55 35.32 -34.71
CA ALA T 38 -20.21 34.30 -35.67
C ALA T 38 -19.02 33.39 -35.34
N GLU T 39 -19.00 32.22 -35.96
CA GLU T 39 -17.97 31.20 -35.87
C GLU T 39 -17.23 30.86 -37.17
N TYR T 40 -17.95 30.90 -38.28
CA TYR T 40 -17.42 30.60 -39.60
C TYR T 40 -17.74 31.52 -40.77
N VAL T 41 -16.89 32.55 -40.88
CA VAL T 41 -16.87 33.39 -42.06
C VAL T 41 -15.69 33.02 -42.93
N THR T 42 -15.94 32.30 -44.02
CA THR T 42 -15.05 31.68 -44.99
C THR T 42 -14.17 32.69 -45.73
N CYS T 43 -13.06 33.16 -45.15
CA CYS T 43 -12.27 34.11 -45.91
C CYS T 43 -11.21 33.39 -46.74
N GLY T 44 -11.80 32.89 -47.84
CA GLY T 44 -10.99 31.92 -48.55
C GLY T 44 -10.30 30.79 -47.82
N ARG T 45 -11.19 29.90 -47.36
CA ARG T 45 -10.80 28.99 -46.30
C ARG T 45 -10.59 29.48 -44.88
N TYR T 46 -10.15 30.71 -44.60
CA TYR T 46 -10.06 31.24 -43.25
C TYR T 46 -11.41 31.50 -42.59
N THR T 47 -11.96 30.54 -41.85
CA THR T 47 -13.08 30.69 -40.96
C THR T 47 -12.98 31.65 -39.79
N ILE T 48 -13.26 32.91 -40.10
CA ILE T 48 -13.48 34.01 -39.17
C ILE T 48 -14.58 33.85 -38.13
N CYS T 49 -14.14 34.18 -36.92
CA CYS T 49 -14.86 33.97 -35.68
C CYS T 49 -15.01 35.27 -34.90
N ALA T 50 -16.24 35.76 -35.05
CA ALA T 50 -16.70 36.97 -34.42
C ALA T 50 -16.75 37.05 -32.90
N PHE T 51 -16.96 35.84 -32.38
CA PHE T 51 -16.58 35.48 -31.03
C PHE T 51 -15.32 36.07 -30.40
N CYS T 52 -14.29 36.08 -31.24
CA CYS T 52 -13.02 36.65 -30.84
C CYS T 52 -12.48 37.70 -31.80
N LEU T 53 -13.30 38.12 -32.75
CA LEU T 53 -12.79 38.77 -33.94
C LEU T 53 -11.73 38.09 -34.80
N THR T 54 -10.98 37.26 -34.08
CA THR T 54 -10.04 36.30 -34.64
C THR T 54 -10.74 35.17 -35.38
N THR T 55 -10.28 33.91 -35.36
CA THR T 55 -10.77 32.81 -36.16
C THR T 55 -10.88 31.51 -35.38
N LEU T 56 -11.86 30.73 -35.85
CA LEU T 56 -12.37 29.48 -35.31
C LEU T 56 -13.00 29.49 -33.93
N ALA T 57 -12.08 29.76 -32.99
CA ALA T 57 -12.43 29.60 -31.60
C ALA T 57 -12.61 30.98 -30.95
N PRO T 58 -13.58 31.11 -30.03
CA PRO T 58 -13.72 32.23 -29.14
C PRO T 58 -12.58 32.54 -28.19
N HIS T 59 -12.41 33.82 -27.85
CA HIS T 59 -11.46 34.23 -26.84
C HIS T 59 -11.64 33.80 -25.40
N ALA T 60 -12.91 33.89 -25.02
CA ALA T 60 -13.31 33.29 -23.77
C ALA T 60 -14.70 32.68 -23.76
N ASN T 61 -15.07 32.11 -22.61
CA ASN T 61 -16.45 31.83 -22.24
C ASN T 61 -17.31 32.95 -21.65
N VAL T 62 -16.88 34.18 -21.91
CA VAL T 62 -17.50 35.39 -21.42
C VAL T 62 -18.31 35.95 -22.59
N LYS T 63 -19.47 35.32 -22.75
CA LYS T 63 -20.39 35.69 -23.80
C LYS T 63 -20.74 37.16 -23.95
N THR T 64 -20.58 37.94 -22.88
CA THR T 64 -20.57 39.38 -22.99
C THR T 64 -19.46 40.03 -23.80
N ILE T 65 -18.19 39.71 -23.56
CA ILE T 65 -17.10 40.19 -24.37
C ILE T 65 -17.01 39.66 -25.80
N GLN T 66 -17.41 38.39 -25.86
CA GLN T 66 -17.51 37.59 -27.06
C GLN T 66 -18.50 38.06 -28.12
N ASP T 67 -19.65 38.43 -27.58
CA ASP T 67 -20.58 39.31 -28.27
C ASP T 67 -20.12 40.73 -28.56
N SER T 68 -19.34 41.25 -27.62
CA SER T 68 -18.63 42.50 -27.78
C SER T 68 -17.67 42.50 -28.96
N HIS T 69 -16.88 41.45 -29.14
CA HIS T 69 -16.13 41.15 -30.35
C HIS T 69 -16.96 41.32 -31.62
N ALA T 70 -18.15 40.75 -31.50
CA ALA T 70 -19.25 40.88 -32.45
C ALA T 70 -19.72 42.30 -32.70
N CYS T 71 -20.35 42.88 -31.67
CA CYS T 71 -20.60 44.31 -31.60
C CYS T 71 -19.60 45.31 -32.14
N SER T 72 -18.32 45.01 -31.93
CA SER T 72 -17.22 45.72 -32.56
C SER T 72 -17.19 45.92 -34.06
N ARG T 73 -17.52 44.79 -34.71
CA ARG T 73 -17.93 44.80 -36.10
C ARG T 73 -19.39 45.06 -36.42
N GLN T 74 -20.09 45.81 -35.57
CA GLN T 74 -21.32 46.46 -35.97
C GLN T 74 -21.28 47.24 -37.28
N PRO T 75 -20.19 47.96 -37.58
CA PRO T 75 -19.96 48.50 -38.91
C PRO T 75 -19.93 47.49 -40.06
N ASN T 76 -19.35 46.32 -39.82
CA ASN T 76 -19.20 45.27 -40.80
C ASN T 76 -20.51 44.54 -41.09
N GLU T 77 -21.16 44.23 -39.97
CA GLU T 77 -22.48 43.65 -40.05
C GLU T 77 -23.51 44.44 -40.83
N ALA T 78 -23.68 45.69 -40.36
CA ALA T 78 -24.46 46.72 -41.03
C ALA T 78 -24.21 47.07 -42.48
N ILE T 79 -22.91 47.15 -42.79
CA ILE T 79 -22.56 47.30 -44.19
C ILE T 79 -22.93 46.13 -45.08
N ARG T 80 -22.63 44.95 -44.54
CA ARG T 80 -22.90 43.73 -45.25
C ARG T 80 -24.37 43.59 -45.64
N SER T 81 -25.14 43.72 -44.55
CA SER T 81 -26.57 43.59 -44.72
C SER T 81 -27.26 44.55 -45.70
N LEU T 82 -26.76 45.78 -45.49
CA LEU T 82 -27.18 46.99 -46.16
C LEU T 82 -26.93 46.94 -47.67
N VAL T 83 -25.73 46.49 -48.04
CA VAL T 83 -25.28 46.32 -49.41
C VAL T 83 -26.04 45.19 -50.08
N GLU T 84 -26.27 44.12 -49.31
CA GLU T 84 -27.17 43.09 -49.76
C GLU T 84 -28.51 43.69 -50.18
N VAL T 85 -29.19 44.27 -49.19
CA VAL T 85 -30.38 45.08 -49.34
C VAL T 85 -30.42 45.93 -50.59
N SER T 86 -29.56 46.94 -50.75
CA SER T 86 -29.54 47.88 -51.85
C SER T 86 -29.46 47.20 -53.21
N ASP T 87 -28.78 46.04 -53.20
CA ASP T 87 -28.47 45.21 -54.34
C ASP T 87 -29.34 43.97 -54.50
N LYS T 88 -30.59 44.34 -54.22
CA LYS T 88 -31.78 43.52 -54.15
C LYS T 88 -33.14 44.21 -54.07
N ALA T 89 -33.17 45.18 -53.15
CA ALA T 89 -34.32 46.06 -53.02
C ALA T 89 -34.07 47.18 -52.01
N GLN T 90 -34.39 48.39 -52.46
CA GLN T 90 -34.11 49.66 -51.81
C GLN T 90 -34.94 50.77 -52.41
N THR T 91 -34.74 51.92 -51.76
CA THR T 91 -35.50 53.15 -51.86
C THR T 91 -36.10 53.42 -53.23
N ALA T 92 -37.40 53.18 -53.39
CA ALA T 92 -37.90 53.19 -54.75
C ALA T 92 -37.71 54.36 -55.70
N LEU T 93 -37.57 54.10 -57.00
CA LEU T 93 -37.51 55.07 -58.08
C LEU T 93 -38.79 55.90 -58.17
N VAL T 94 -38.85 56.90 -57.30
CA VAL T 94 -39.86 57.94 -57.27
C VAL T 94 -39.44 59.06 -58.21
N GLY T 95 -40.05 58.96 -59.39
CA GLY T 95 -39.78 59.89 -60.47
C GLY T 95 -38.41 59.98 -61.13
N SER T 96 -38.23 60.43 -62.36
CA SER T 96 -36.91 60.46 -62.97
C SER T 96 -36.62 61.75 -63.71
N ARG T 97 -35.44 62.20 -63.29
CA ARG T 97 -34.94 63.56 -63.41
C ARG T 97 -34.93 64.40 -64.68
N THR T 98 -34.22 63.92 -65.69
CA THR T 98 -33.97 64.66 -66.91
C THR T 98 -35.05 64.69 -68.00
N VAL T 99 -36.26 64.80 -67.44
CA VAL T 99 -37.44 64.61 -68.27
C VAL T 99 -37.44 63.37 -69.16
N ASP T 100 -36.83 63.50 -70.34
CA ASP T 100 -36.73 62.49 -71.38
C ASP T 100 -35.79 62.75 -72.55
N TYR T 101 -34.52 62.37 -72.39
CA TYR T 101 -33.50 62.49 -73.42
C TYR T 101 -33.32 61.24 -74.28
N HIS T 102 -34.28 60.32 -74.17
CA HIS T 102 -34.27 59.08 -74.92
C HIS T 102 -35.59 58.70 -75.59
N GLU T 103 -35.46 57.79 -76.55
CA GLU T 103 -36.60 57.28 -77.30
C GLU T 103 -36.50 55.86 -77.82
N LEU T 104 -37.61 55.14 -77.71
CA LEU T 104 -37.95 53.84 -78.24
C LEU T 104 -38.96 53.73 -79.38
N ASP T 105 -38.39 53.82 -80.58
CA ASP T 105 -39.27 53.87 -81.74
C ASP T 105 -39.35 52.52 -82.44
N VAL T 106 -40.17 51.59 -81.92
CA VAL T 106 -40.18 50.24 -82.42
C VAL T 106 -40.81 49.89 -83.77
N LYS T 107 -40.44 50.76 -84.71
CA LYS T 107 -41.31 50.99 -85.85
C LYS T 107 -40.67 50.40 -87.11
N ALA T 108 -40.65 49.07 -87.14
CA ALA T 108 -39.93 48.19 -88.05
C ALA T 108 -38.42 48.13 -87.88
N GLY T 109 -37.80 49.26 -88.24
CA GLY T 109 -36.44 49.56 -87.86
C GLY T 109 -36.49 50.35 -86.56
N PHE T 110 -35.89 49.76 -85.52
CA PHE T 110 -35.96 50.31 -84.18
C PHE T 110 -35.08 51.54 -83.99
N VAL T 111 -35.76 52.68 -84.15
CA VAL T 111 -35.19 53.98 -83.89
C VAL T 111 -35.07 54.23 -82.39
N ALA T 112 -33.97 53.85 -81.74
CA ALA T 112 -33.76 54.05 -80.33
C ALA T 112 -32.57 54.97 -80.07
N PRO T 113 -32.89 56.26 -80.03
CA PRO T 113 -32.01 57.30 -79.52
C PRO T 113 -31.80 57.44 -78.02
N THR T 114 -30.49 57.59 -77.80
CA THR T 114 -29.82 58.02 -76.59
C THR T 114 -29.21 59.40 -76.80
N ALA T 115 -29.67 60.39 -76.03
CA ALA T 115 -29.18 61.75 -76.14
C ALA T 115 -28.70 62.35 -74.83
N ASP T 116 -27.43 62.77 -74.83
CA ASP T 116 -26.77 63.36 -73.68
C ASP T 116 -27.08 62.67 -72.36
N GLU T 117 -28.00 63.28 -71.62
CA GLU T 117 -28.27 63.00 -70.23
C GLU T 117 -29.66 62.42 -70.00
N THR T 118 -29.77 61.17 -70.46
CA THR T 118 -31.08 60.55 -70.62
C THR T 118 -32.25 60.71 -69.67
N ILE T 119 -32.53 59.59 -68.99
CA ILE T 119 -33.31 59.33 -67.80
C ILE T 119 -33.28 57.88 -67.34
N ALA T 120 -33.91 57.52 -66.22
CA ALA T 120 -33.90 56.19 -65.64
C ALA T 120 -35.22 55.50 -65.33
N PRO T 121 -35.80 54.78 -66.30
CA PRO T 121 -36.75 53.74 -66.00
C PRO T 121 -36.28 52.53 -65.20
N SER T 122 -35.05 52.15 -65.56
CA SER T 122 -34.44 51.02 -64.90
C SER T 122 -34.31 51.07 -63.39
N LYS T 123 -34.70 49.93 -62.79
CA LYS T 123 -34.45 49.70 -61.38
C LYS T 123 -33.41 48.66 -60.98
N ASP T 124 -33.32 47.61 -61.80
CA ASP T 124 -32.43 46.49 -61.52
C ASP T 124 -32.42 45.75 -60.19
N ILE T 125 -31.94 46.46 -59.16
CA ILE T 125 -31.85 45.85 -57.85
C ILE T 125 -31.17 44.52 -57.55
N VAL T 126 -32.01 43.51 -57.76
CA VAL T 126 -31.91 42.15 -57.29
C VAL T 126 -30.65 41.41 -57.69
N GLU T 127 -30.50 40.26 -57.03
CA GLU T 127 -29.55 39.24 -57.39
C GLU T 127 -28.08 39.59 -57.20
N LEU T 128 -27.75 40.37 -56.16
CA LEU T 128 -26.37 40.54 -55.80
C LEU T 128 -25.52 39.30 -55.58
N PRO T 129 -25.96 38.19 -54.98
CA PRO T 129 -25.30 36.90 -55.03
C PRO T 129 -25.20 36.31 -56.43
N PHE T 130 -24.14 36.79 -57.07
CA PHE T 130 -23.59 36.38 -58.34
C PHE T 130 -24.52 36.12 -59.51
N ARG T 131 -25.61 36.90 -59.57
CA ARG T 131 -26.51 36.77 -60.69
C ARG T 131 -26.90 38.10 -61.33
N THR T 132 -27.51 38.01 -62.52
CA THR T 132 -27.97 39.22 -63.16
C THR T 132 -29.23 39.83 -62.57
N CYS T 133 -29.03 41.07 -62.12
CA CYS T 133 -30.05 41.62 -61.24
C CYS T 133 -31.50 41.28 -61.48
N ASP T 134 -31.91 41.57 -62.72
CA ASP T 134 -33.24 41.16 -63.14
C ASP T 134 -33.18 39.90 -63.98
N LEU T 135 -33.40 38.78 -63.29
CA LEU T 135 -33.32 37.44 -63.81
C LEU T 135 -32.03 36.99 -64.48
N ASP T 136 -32.12 36.58 -65.75
CA ASP T 136 -31.01 36.59 -66.67
C ASP T 136 -31.06 37.64 -67.78
N ASP T 137 -31.70 38.75 -67.39
CA ASP T 137 -32.12 39.64 -68.45
C ASP T 137 -31.37 40.96 -68.51
N SER T 138 -30.90 41.42 -67.34
CA SER T 138 -29.95 42.50 -67.19
C SER T 138 -28.93 42.93 -68.25
N SER T 139 -28.37 41.78 -68.62
CA SER T 139 -27.43 41.74 -69.72
C SER T 139 -27.87 42.35 -71.05
N ALA T 140 -28.97 41.82 -71.57
CA ALA T 140 -29.67 42.17 -72.79
C ALA T 140 -30.37 43.51 -72.70
N THR T 141 -31.07 43.76 -71.58
CA THR T 141 -31.78 45.02 -71.51
C THR T 141 -30.92 46.26 -71.40
N ALA T 142 -29.81 46.12 -70.67
CA ALA T 142 -28.81 47.16 -70.68
C ALA T 142 -28.15 47.57 -71.99
N CYS T 143 -28.08 46.67 -72.96
CA CYS T 143 -27.75 46.91 -74.35
C CYS T 143 -28.47 48.11 -74.96
N VAL T 144 -29.79 47.93 -74.87
CA VAL T 144 -30.74 48.99 -75.14
C VAL T 144 -30.54 50.17 -74.20
N ARG T 145 -30.46 49.92 -72.90
CA ARG T 145 -30.41 50.96 -71.90
C ARG T 145 -29.08 51.69 -71.71
N ASN T 146 -28.21 51.62 -72.71
CA ASN T 146 -27.02 52.46 -72.70
C ASN T 146 -26.73 53.09 -74.06
N HIS T 147 -26.72 52.17 -75.03
CA HIS T 147 -26.38 52.57 -76.39
C HIS T 147 -27.56 53.05 -77.20
N CYS T 148 -28.59 52.21 -77.10
CA CYS T 148 -29.84 52.41 -77.81
C CYS T 148 -30.82 53.45 -77.32
N GLN T 149 -31.28 53.14 -76.10
CA GLN T 149 -32.24 53.95 -75.36
C GLN T 149 -31.99 53.94 -73.85
N ALA T 150 -30.88 54.61 -73.59
CA ALA T 150 -30.24 54.57 -72.29
C ALA T 150 -30.99 54.88 -71.01
N GLY T 151 -31.50 53.82 -70.36
CA GLY T 151 -32.38 54.02 -69.22
C GLY T 151 -31.82 54.15 -67.83
N HIS T 152 -30.70 54.88 -67.85
CA HIS T 152 -29.85 55.03 -66.68
C HIS T 152 -29.43 56.45 -66.29
N ASP T 153 -28.53 56.96 -67.13
CA ASP T 153 -27.91 58.27 -67.07
C ASP T 153 -28.87 59.44 -66.93
N GLY T 154 -28.32 60.64 -66.73
CA GLY T 154 -29.07 61.88 -66.62
C GLY T 154 -28.21 63.05 -66.18
N VAL T 155 -28.74 63.71 -65.15
CA VAL T 155 -28.13 64.94 -64.68
C VAL T 155 -26.66 64.84 -64.31
N ILE T 156 -26.36 64.30 -63.13
CA ILE T 156 -24.97 64.19 -62.74
C ILE T 156 -24.42 62.78 -62.93
N HIS T 157 -24.68 62.25 -64.12
CA HIS T 157 -24.71 60.82 -64.36
C HIS T 157 -24.10 60.10 -65.55
N LEU T 158 -23.29 59.08 -65.25
CA LEU T 158 -22.64 58.30 -66.28
C LEU T 158 -21.94 59.09 -67.38
N PRO T 159 -20.60 59.09 -67.42
CA PRO T 159 -19.82 59.89 -68.34
C PRO T 159 -19.52 59.02 -69.56
N ILE T 160 -20.59 58.77 -70.31
CA ILE T 160 -20.53 57.92 -71.47
C ILE T 160 -19.77 58.49 -72.68
N LEU T 161 -20.56 59.23 -73.45
CA LEU T 161 -20.19 59.69 -74.78
C LEU T 161 -19.13 60.76 -74.93
N SER T 162 -18.58 61.03 -73.74
CA SER T 162 -17.28 61.55 -73.36
C SER T 162 -16.46 60.77 -72.34
N GLY T 163 -15.67 59.79 -72.77
CA GLY T 163 -14.96 58.90 -71.88
C GLY T 163 -15.22 57.40 -72.02
N ASP T 164 -16.28 57.03 -71.30
CA ASP T 164 -16.76 55.67 -71.28
C ASP T 164 -17.91 55.30 -72.20
N PHE T 165 -17.63 55.64 -73.47
CA PHE T 165 -18.42 55.55 -74.67
C PHE T 165 -19.72 54.74 -74.77
N LYS T 166 -19.46 53.43 -74.80
CA LYS T 166 -20.54 52.48 -74.96
C LYS T 166 -20.38 51.51 -73.80
N LEU T 167 -21.32 51.55 -72.84
CA LEU T 167 -21.48 50.52 -71.83
C LEU T 167 -22.14 49.21 -72.17
N PRO T 168 -22.70 48.97 -73.36
CA PRO T 168 -22.59 47.66 -73.95
C PRO T 168 -21.24 46.95 -74.12
N ASN T 169 -20.21 47.80 -74.25
CA ASN T 169 -18.88 47.31 -74.54
C ASN T 169 -17.67 47.42 -73.63
N GLU T 170 -17.87 48.53 -72.90
CA GLU T 170 -16.99 48.99 -71.84
C GLU T 170 -17.39 48.72 -70.40
N HIS T 171 -16.46 48.18 -69.61
CA HIS T 171 -16.72 47.76 -68.25
C HIS T 171 -17.63 48.37 -67.19
N PRO T 172 -17.57 49.69 -66.91
CA PRO T 172 -18.11 50.19 -65.66
C PRO T 172 -19.62 50.18 -65.41
N THR T 173 -20.07 50.97 -64.43
CA THR T 173 -21.45 50.89 -63.99
C THR T 173 -22.23 52.17 -64.23
N LYS T 174 -23.55 52.02 -64.35
CA LYS T 174 -24.51 52.98 -64.86
C LYS T 174 -25.44 53.57 -63.80
N PRO T 175 -25.32 54.86 -63.49
CA PRO T 175 -26.16 55.54 -62.52
C PRO T 175 -27.59 55.83 -62.96
N LEU T 176 -28.42 55.67 -61.94
CA LEU T 176 -29.86 55.83 -62.02
C LEU T 176 -30.31 57.26 -61.75
N ASP T 177 -30.70 57.90 -62.85
CA ASP T 177 -31.36 59.19 -62.94
C ASP T 177 -32.68 59.04 -62.20
N ASP T 178 -32.72 59.49 -60.94
CA ASP T 178 -33.91 59.43 -60.13
C ASP T 178 -34.12 60.62 -59.22
N THR T 179 -35.30 61.23 -59.32
CA THR T 179 -35.73 62.29 -58.42
C THR T 179 -35.62 62.01 -56.93
N HIS T 180 -36.20 60.85 -56.61
CA HIS T 180 -35.92 60.28 -55.30
C HIS T 180 -34.47 60.12 -54.87
N PRO T 181 -34.23 60.63 -53.66
CA PRO T 181 -32.90 60.92 -53.15
C PRO T 181 -31.89 59.80 -53.30
N HIS T 182 -31.03 60.07 -54.29
CA HIS T 182 -29.91 59.20 -54.54
C HIS T 182 -30.04 57.69 -54.65
N ASP T 183 -31.18 57.19 -55.12
CA ASP T 183 -31.41 55.77 -55.33
C ASP T 183 -30.71 55.11 -56.51
N LYS T 184 -29.51 55.65 -56.77
CA LYS T 184 -28.55 55.26 -57.77
C LYS T 184 -27.94 53.86 -57.78
N VAL T 185 -28.70 52.96 -58.40
CA VAL T 185 -28.43 51.54 -58.53
C VAL T 185 -27.69 51.32 -59.84
N LEU T 186 -26.37 51.37 -59.68
CA LEU T 186 -25.44 51.32 -60.79
C LEU T 186 -25.23 50.00 -61.51
N THR T 187 -26.18 49.73 -62.41
CA THR T 187 -26.16 48.57 -63.27
C THR T 187 -24.89 48.35 -64.07
N ARG T 188 -24.26 47.18 -63.92
CA ARG T 188 -23.03 46.83 -64.61
C ARG T 188 -23.15 46.77 -66.12
N CYS T 189 -22.08 46.82 -66.90
CA CYS T 189 -22.06 46.63 -68.34
C CYS T 189 -22.47 45.25 -68.84
N PRO T 190 -23.17 45.21 -69.98
CA PRO T 190 -23.45 43.97 -70.67
C PRO T 190 -22.24 43.09 -70.92
N LYS T 191 -21.11 43.69 -71.31
CA LYS T 191 -19.89 42.91 -71.45
C LYS T 191 -19.20 42.26 -70.27
N THR T 192 -19.39 42.92 -69.12
CA THR T 192 -19.08 42.41 -67.81
C THR T 192 -19.76 41.07 -67.56
N GLY T 193 -20.75 40.71 -68.36
CA GLY T 193 -21.31 39.36 -68.33
C GLY T 193 -22.22 39.03 -67.16
N LEU T 194 -21.69 39.37 -65.99
CA LEU T 194 -22.51 39.29 -64.80
C LEU T 194 -22.90 40.66 -64.25
N LEU T 195 -24.18 40.96 -64.47
CA LEU T 195 -24.72 42.27 -64.18
C LEU T 195 -25.39 42.39 -62.82
N LEU T 196 -24.54 42.89 -61.92
CA LEU T 196 -24.91 43.29 -60.58
C LEU T 196 -25.14 44.80 -60.56
N VAL T 197 -25.76 45.13 -59.43
CA VAL T 197 -26.13 46.49 -59.12
C VAL T 197 -25.41 46.99 -57.87
N HIS T 198 -24.78 48.17 -57.88
CA HIS T 198 -24.21 48.88 -56.76
C HIS T 198 -24.78 50.27 -56.52
N ASP T 199 -25.74 50.28 -55.59
CA ASP T 199 -26.30 51.56 -55.19
C ASP T 199 -25.29 52.47 -54.50
N THR T 200 -24.88 53.52 -55.21
CA THR T 200 -24.13 54.61 -54.63
C THR T 200 -24.86 55.60 -53.72
N HIS T 201 -24.99 55.14 -52.48
CA HIS T 201 -25.50 55.85 -51.33
C HIS T 201 -25.06 57.29 -51.09
N ALA T 202 -23.88 57.59 -51.62
CA ALA T 202 -23.34 58.93 -51.80
C ALA T 202 -22.52 58.96 -53.08
N HIS T 203 -23.09 59.74 -54.00
CA HIS T 203 -22.88 59.63 -55.43
C HIS T 203 -21.92 60.63 -56.05
N ALA T 204 -20.68 60.14 -56.12
CA ALA T 204 -19.61 60.56 -57.00
C ALA T 204 -18.46 59.57 -56.88
N THR T 205 -17.81 59.49 -55.72
CA THR T 205 -16.67 58.61 -55.57
C THR T 205 -16.92 57.16 -55.20
N ALA T 206 -15.93 56.37 -54.75
CA ALA T 206 -16.08 55.01 -54.28
C ALA T 206 -16.68 54.84 -52.90
N VAL T 207 -16.71 55.93 -52.11
CA VAL T 207 -17.16 55.99 -50.73
C VAL T 207 -17.14 54.94 -49.63
N VAL T 208 -17.68 53.78 -49.97
CA VAL T 208 -17.57 52.65 -49.07
C VAL T 208 -16.21 52.14 -48.64
N ALA T 209 -15.28 52.32 -49.59
CA ALA T 209 -13.94 51.85 -49.37
C ALA T 209 -13.21 52.22 -48.09
N THR T 210 -13.29 53.50 -47.68
CA THR T 210 -12.73 53.89 -46.41
C THR T 210 -13.59 53.36 -45.27
N ALA T 211 -14.87 53.72 -45.42
CA ALA T 211 -15.84 53.31 -44.43
C ALA T 211 -15.81 51.85 -43.96
N ALA T 212 -15.71 51.00 -44.98
CA ALA T 212 -15.63 49.58 -44.73
C ALA T 212 -14.31 49.17 -44.07
N THR T 213 -13.19 49.43 -44.73
CA THR T 213 -11.87 49.18 -44.16
C THR T 213 -11.43 49.68 -42.80
N ARG T 214 -11.95 50.87 -42.47
CA ARG T 214 -11.99 51.44 -41.14
C ARG T 214 -12.54 50.57 -40.02
N ALA T 215 -13.51 49.69 -40.26
CA ALA T 215 -13.99 48.69 -39.33
C ALA T 215 -13.04 47.57 -38.91
N ILE T 216 -11.99 47.40 -39.71
CA ILE T 216 -10.85 46.59 -39.32
C ILE T 216 -10.11 47.21 -38.14
N LEU T 217 -10.20 48.52 -37.90
CA LEU T 217 -9.66 49.03 -36.67
C LEU T 217 -10.23 48.33 -35.44
N MET T 218 -11.56 48.30 -35.33
CA MET T 218 -12.28 47.51 -34.35
C MET T 218 -11.89 46.04 -34.30
N HIS T 219 -11.84 45.36 -35.45
CA HIS T 219 -11.13 44.09 -35.59
C HIS T 219 -9.78 44.04 -34.90
N ASP T 220 -8.77 44.72 -35.44
CA ASP T 220 -7.40 44.76 -34.94
C ASP T 220 -7.16 44.99 -33.45
N LEU T 221 -8.07 45.77 -32.83
CA LEU T 221 -7.97 46.08 -31.43
C LEU T 221 -8.32 44.88 -30.56
N LEU T 222 -9.49 44.26 -30.75
CA LEU T 222 -9.87 43.12 -29.94
C LEU T 222 -9.45 41.71 -30.35
N THR T 223 -8.92 41.68 -31.57
CA THR T 223 -8.03 40.59 -31.89
C THR T 223 -6.58 40.62 -31.45
N SER T 224 -5.88 41.64 -31.95
CA SER T 224 -4.47 41.78 -31.64
C SER T 224 -4.08 42.98 -30.78
N ALA T 225 -4.89 42.97 -29.72
CA ALA T 225 -4.74 43.95 -28.67
C ALA T 225 -4.91 45.45 -28.87
N ASN T 226 -4.23 45.99 -29.87
CA ASN T 226 -4.45 47.33 -30.39
C ASN T 226 -4.10 47.46 -31.86
N ALA T 227 -4.96 48.26 -32.49
CA ALA T 227 -4.88 48.53 -33.92
C ALA T 227 -3.66 49.34 -34.30
N ASP T 228 -2.65 48.58 -34.75
CA ASP T 228 -1.38 49.17 -35.12
C ASP T 228 -1.38 49.97 -36.41
N ASP T 229 -1.30 51.29 -36.27
CA ASP T 229 -1.48 52.34 -37.25
C ASP T 229 -2.78 52.31 -38.04
N GLY T 230 -3.03 51.25 -38.82
CA GLY T 230 -4.24 50.92 -39.53
C GLY T 230 -4.76 52.06 -40.38
N HIS T 231 -5.76 52.76 -39.82
CA HIS T 231 -6.33 53.93 -40.45
C HIS T 231 -5.38 55.03 -40.91
N GLN T 232 -4.29 55.24 -40.16
CA GLN T 232 -3.27 56.20 -40.51
C GLN T 232 -2.80 56.10 -41.95
N ALA T 233 -2.74 54.83 -42.36
CA ALA T 233 -2.59 54.28 -43.70
C ALA T 233 -3.84 54.04 -44.53
N ARG T 234 -4.86 53.44 -43.92
CA ARG T 234 -6.19 53.24 -44.45
C ARG T 234 -7.03 54.39 -44.98
N SER T 235 -6.78 55.56 -44.38
CA SER T 235 -7.42 56.84 -44.63
C SER T 235 -7.19 57.27 -46.08
N ALA T 236 -5.92 57.43 -46.49
CA ALA T 236 -5.59 57.53 -47.89
C ALA T 236 -5.90 56.35 -48.81
N CYS T 237 -5.37 55.20 -48.39
CA CYS T 237 -5.52 53.93 -49.06
C CYS T 237 -6.80 53.48 -49.75
N TYR T 238 -7.86 53.79 -48.99
CA TYR T 238 -9.19 53.46 -49.45
C TYR T 238 -10.17 54.56 -49.79
N GLY T 239 -10.62 54.55 -51.05
CA GLY T 239 -11.61 55.42 -51.64
C GLY T 239 -12.57 56.17 -50.72
N PRO T 240 -12.70 57.48 -50.87
CA PRO T 240 -13.10 58.38 -49.80
C PRO T 240 -14.50 58.27 -49.25
N ALA T 241 -14.62 58.07 -47.94
CA ALA T 241 -15.88 58.25 -47.25
C ALA T 241 -16.28 59.71 -47.10
N PHE T 242 -17.31 60.04 -47.87
CA PHE T 242 -18.09 61.25 -47.77
C PHE T 242 -19.60 61.04 -47.64
N ASN T 243 -20.04 61.77 -46.62
CA ASN T 243 -21.39 61.70 -46.12
C ASN T 243 -21.85 60.34 -45.60
N ASN T 244 -22.92 60.39 -44.80
CA ASN T 244 -23.72 59.30 -44.29
C ASN T 244 -23.82 57.86 -44.78
N LEU T 245 -23.68 57.80 -46.10
CA LEU T 245 -24.00 56.61 -46.85
C LEU T 245 -25.36 55.91 -46.81
N THR T 246 -26.29 56.85 -46.81
CA THR T 246 -27.69 56.54 -46.99
C THR T 246 -28.24 57.55 -48.00
N PHE T 247 -28.57 56.96 -49.16
CA PHE T 247 -29.05 57.65 -50.34
C PHE T 247 -29.15 59.16 -50.29
N ALA T 248 -27.98 59.78 -50.44
CA ALA T 248 -27.61 61.18 -50.41
C ALA T 248 -26.57 61.64 -51.41
N CYS T 249 -26.80 62.90 -51.78
CA CYS T 249 -25.94 63.64 -52.69
C CYS T 249 -24.57 63.11 -53.08
N HIS T 250 -23.59 63.39 -52.21
CA HIS T 250 -22.19 63.48 -52.54
C HIS T 250 -21.73 64.38 -53.68
N SER T 251 -22.49 64.46 -54.77
CA SER T 251 -22.30 65.45 -55.81
C SER T 251 -20.94 65.58 -56.48
N THR T 252 -20.30 66.75 -56.41
CA THR T 252 -18.86 66.81 -56.54
C THR T 252 -18.29 66.34 -57.87
N CYS T 253 -17.66 65.17 -57.88
CA CYS T 253 -17.15 64.48 -59.06
C CYS T 253 -18.15 64.04 -60.11
N ALA T 254 -19.18 63.31 -59.66
CA ALA T 254 -20.28 62.97 -60.52
C ALA T 254 -21.04 64.21 -61.00
N SER T 255 -20.98 65.30 -60.23
CA SER T 255 -21.48 66.60 -60.62
C SER T 255 -20.86 67.34 -61.81
N ASP T 256 -19.59 67.02 -62.03
CA ASP T 256 -18.77 67.64 -63.05
C ASP T 256 -18.54 66.69 -64.22
N MET T 257 -17.73 65.68 -63.90
CA MET T 257 -17.53 64.58 -64.84
C MET T 257 -18.71 63.92 -65.53
N ALA T 258 -19.49 63.13 -64.79
CA ALA T 258 -20.63 62.39 -65.28
C ALA T 258 -21.74 63.23 -65.89
N HIS T 259 -21.93 64.42 -65.33
CA HIS T 259 -22.97 65.32 -65.76
C HIS T 259 -22.63 65.70 -67.19
N PHE T 260 -21.47 66.32 -67.43
CA PHE T 260 -21.08 66.61 -68.79
C PHE T 260 -20.64 65.55 -69.79
N ASP T 261 -19.75 64.70 -69.27
CA ASP T 261 -19.25 63.59 -70.06
C ASP T 261 -20.21 62.45 -70.35
N CYS T 262 -21.45 62.73 -69.97
CA CYS T 262 -22.53 61.88 -70.41
C CYS T 262 -22.79 61.83 -71.91
N GLY T 263 -22.68 63.09 -72.32
CA GLY T 263 -22.86 63.48 -73.71
C GLY T 263 -21.49 63.99 -74.16
N GLN T 264 -21.22 65.23 -73.73
CA GLN T 264 -20.14 66.14 -74.04
C GLN T 264 -19.52 66.22 -75.43
N ILE T 265 -18.77 65.19 -75.80
CA ILE T 265 -18.32 65.07 -77.18
C ILE T 265 -19.42 64.62 -78.14
N VAL T 266 -19.45 63.31 -78.40
CA VAL T 266 -20.33 62.72 -79.40
C VAL T 266 -21.77 63.04 -79.06
N GLY T 267 -22.13 63.10 -77.78
CA GLY T 267 -23.43 63.47 -77.27
C GLY T 267 -24.56 62.46 -77.46
N LEU T 268 -24.43 61.77 -78.60
CA LEU T 268 -25.39 60.83 -79.15
C LEU T 268 -24.94 59.37 -79.16
N ASP T 269 -25.93 58.53 -78.88
CA ASP T 269 -25.82 57.10 -79.08
C ASP T 269 -27.07 56.52 -79.72
N LEU T 270 -27.00 55.83 -80.86
CA LEU T 270 -28.12 55.18 -81.52
C LEU T 270 -28.19 53.71 -81.88
N HIS T 271 -29.42 53.21 -81.87
CA HIS T 271 -29.81 51.94 -82.46
C HIS T 271 -31.02 52.11 -83.36
N VAL T 272 -30.86 51.55 -84.57
CA VAL T 272 -31.97 51.41 -85.48
C VAL T 272 -32.56 50.08 -85.94
N GLU T 273 -31.89 49.01 -85.49
CA GLU T 273 -32.25 47.64 -85.84
C GLU T 273 -33.24 46.93 -84.93
N PRO T 274 -34.20 46.24 -85.56
CA PRO T 274 -35.15 45.48 -84.79
C PRO T 274 -34.55 44.53 -83.77
N SER T 275 -34.59 44.93 -82.50
CA SER T 275 -34.02 44.26 -81.34
C SER T 275 -34.59 44.75 -80.03
N ASP T 276 -34.08 45.94 -79.66
CA ASP T 276 -34.55 46.79 -78.59
C ASP T 276 -35.92 46.54 -78.00
N THR U 1 56.16 -20.76 -43.59
CA THR U 1 54.99 -20.76 -44.49
C THR U 1 54.61 -22.08 -45.14
N TYR U 2 53.31 -22.13 -45.41
CA TYR U 2 52.67 -23.29 -45.98
C TYR U 2 52.22 -23.18 -47.43
N ASN U 3 52.45 -24.25 -48.18
CA ASN U 3 51.89 -24.45 -49.50
C ASN U 3 50.42 -24.06 -49.57
N ILE U 4 50.14 -23.00 -50.35
CA ILE U 4 48.73 -22.64 -50.40
C ILE U 4 47.69 -23.54 -51.06
N THR U 5 48.33 -24.27 -51.96
CA THR U 5 47.62 -25.24 -52.78
C THR U 5 47.38 -26.62 -52.20
N GLY U 6 46.94 -26.55 -50.94
CA GLY U 6 46.53 -27.71 -50.17
C GLY U 6 45.12 -27.83 -49.60
N ASP U 7 44.82 -28.93 -48.92
CA ASP U 7 43.51 -29.28 -48.41
C ASP U 7 43.42 -29.24 -46.89
N GLY U 8 42.21 -28.86 -46.49
CA GLY U 8 41.88 -28.54 -45.12
C GLY U 8 41.40 -27.13 -44.79
N ASN U 9 41.73 -26.20 -45.69
CA ASN U 9 41.40 -24.80 -45.59
C ASN U 9 39.95 -24.33 -45.63
N SER U 10 39.53 -23.74 -44.52
CA SER U 10 38.20 -23.22 -44.23
C SER U 10 37.92 -21.87 -44.88
N PHE U 11 36.70 -21.82 -45.42
CA PHE U 11 36.12 -20.57 -45.88
C PHE U 11 34.89 -20.26 -45.06
N THR U 12 35.29 -19.68 -43.93
CA THR U 12 34.32 -19.20 -42.97
C THR U 12 34.32 -17.72 -42.61
N PRO U 13 33.65 -16.95 -43.47
CA PRO U 13 33.22 -15.61 -43.14
C PRO U 13 32.06 -15.48 -42.17
N THR U 14 32.40 -14.85 -41.04
CA THR U 14 31.53 -14.59 -39.91
C THR U 14 31.54 -13.12 -39.48
N SER U 15 30.36 -12.78 -38.96
CA SER U 15 30.16 -11.46 -38.40
C SER U 15 31.07 -10.93 -37.31
N ASP U 16 31.46 -12.01 -36.62
CA ASP U 16 32.45 -12.06 -35.57
C ASP U 16 33.85 -11.64 -35.96
N MET U 17 34.14 -12.01 -37.21
CA MET U 17 35.40 -11.83 -37.91
C MET U 17 35.33 -10.90 -39.11
N THR U 18 34.76 -9.71 -38.90
CA THR U 18 34.64 -8.77 -40.00
C THR U 18 35.96 -8.12 -40.39
N SER U 19 36.31 -8.67 -41.55
CA SER U 19 37.51 -8.01 -42.05
C SER U 19 37.66 -6.80 -41.12
N THR U 20 38.88 -6.33 -40.89
CA THR U 20 39.60 -5.12 -40.53
C THR U 20 41.12 -5.17 -40.42
N ALA U 21 41.83 -4.05 -40.61
CA ALA U 21 43.25 -3.77 -40.71
C ALA U 21 43.44 -2.52 -39.87
N ALA U 22 44.60 -1.88 -40.03
CA ALA U 22 44.58 -0.48 -39.65
C ALA U 22 44.73 0.54 -40.78
N PRO U 23 43.59 0.98 -41.32
CA PRO U 23 43.49 1.80 -42.51
C PRO U 23 44.16 3.11 -42.12
N ALA U 24 43.87 3.91 -41.10
CA ALA U 24 44.41 5.21 -40.77
C ALA U 24 44.34 5.34 -39.26
N ILE U 25 45.27 6.20 -38.84
CA ILE U 25 45.21 6.49 -37.41
C ILE U 25 44.87 7.90 -36.96
N ASP U 26 44.37 8.14 -35.74
CA ASP U 26 44.26 9.51 -35.28
C ASP U 26 45.54 10.31 -35.12
N LEU U 27 45.65 11.41 -35.86
CA LEU U 27 46.74 12.36 -35.75
C LEU U 27 46.40 13.82 -35.51
N LYS U 28 45.44 13.99 -34.61
CA LYS U 28 44.95 15.32 -34.33
C LYS U 28 46.02 16.08 -33.55
N PRO U 29 46.27 17.36 -33.82
CA PRO U 29 47.28 18.10 -33.10
C PRO U 29 47.27 18.06 -31.59
N GLY U 30 46.03 18.35 -31.19
CA GLY U 30 45.62 18.22 -29.80
C GLY U 30 46.14 16.95 -29.15
N VAL U 31 46.01 15.91 -29.99
CA VAL U 31 46.32 14.56 -29.58
C VAL U 31 47.80 14.24 -29.58
N LEU U 32 48.57 14.97 -30.38
CA LEU U 32 50.00 14.81 -30.37
C LEU U 32 50.83 15.03 -29.10
N ASN U 33 50.30 15.90 -28.23
CA ASN U 33 51.09 16.40 -27.13
C ASN U 33 51.69 15.51 -26.04
N PRO U 34 50.91 14.97 -25.11
CA PRO U 34 51.45 14.47 -23.86
C PRO U 34 52.94 14.27 -23.65
N THR U 35 53.68 15.25 -23.13
CA THR U 35 53.38 16.62 -22.73
C THR U 35 54.60 17.48 -22.43
N GLY U 36 55.14 17.35 -21.21
CA GLY U 36 56.18 18.14 -20.60
C GLY U 36 57.51 18.03 -21.33
N LYS U 37 58.10 19.15 -21.76
CA LYS U 37 59.48 19.09 -22.23
C LYS U 37 60.43 19.02 -21.04
N LEU U 38 61.49 18.27 -21.30
CA LEU U 38 62.53 18.05 -20.32
C LEU U 38 63.65 19.07 -20.29
N TRP U 39 63.80 19.55 -19.06
CA TRP U 39 64.76 20.59 -18.71
C TRP U 39 65.81 20.35 -17.64
N ARG U 40 66.62 21.30 -17.17
CA ARG U 40 67.73 21.18 -16.26
C ARG U 40 67.97 22.48 -15.50
N PRO U 41 68.38 22.43 -14.24
CA PRO U 41 68.78 23.50 -13.34
C PRO U 41 70.07 24.21 -13.72
N VAL U 42 69.82 24.99 -14.77
CA VAL U 42 70.83 25.70 -15.52
C VAL U 42 71.73 24.77 -16.33
N GLY U 43 72.45 24.08 -15.44
CA GLY U 43 73.43 23.08 -15.79
C GLY U 43 74.27 22.66 -14.59
N THR U 44 74.43 23.55 -13.60
CA THR U 44 75.03 23.23 -12.33
C THR U 44 74.17 22.37 -11.40
N SER U 45 74.72 22.09 -10.22
CA SER U 45 74.14 21.20 -9.22
C SER U 45 72.80 21.70 -8.70
N VAL U 46 72.35 20.98 -7.67
CA VAL U 46 71.02 21.17 -7.15
C VAL U 46 71.02 22.36 -6.20
N ALA U 47 70.78 23.46 -6.91
CA ALA U 47 70.65 24.81 -6.41
C ALA U 47 69.88 25.82 -7.25
N THR U 48 70.27 25.78 -8.53
CA THR U 48 69.60 26.58 -9.53
C THR U 48 68.17 26.32 -9.99
N ILE U 49 67.33 25.63 -9.22
CA ILE U 49 65.96 25.26 -9.46
C ILE U 49 65.09 26.35 -10.07
N ASP U 50 65.43 27.54 -9.57
CA ASP U 50 64.92 28.77 -10.15
C ASP U 50 64.99 29.03 -11.64
N SER U 51 65.96 28.36 -12.25
CA SER U 51 66.31 28.47 -13.65
C SER U 51 66.35 27.11 -14.33
N LEU U 52 65.60 26.99 -15.41
CA LEU U 52 65.78 25.88 -16.34
C LEU U 52 66.00 26.24 -17.80
N ALA U 53 66.95 25.50 -18.37
CA ALA U 53 67.26 25.32 -19.78
C ALA U 53 66.85 23.97 -20.35
N ILE U 54 66.18 24.06 -21.49
CA ILE U 54 65.89 22.81 -22.17
C ILE U 54 67.10 21.99 -22.59
N VAL U 55 66.91 20.69 -22.31
CA VAL U 55 67.79 19.64 -22.75
C VAL U 55 67.97 19.71 -24.26
N SER U 56 68.83 18.79 -24.72
CA SER U 56 69.51 18.93 -26.00
C SER U 56 68.68 18.58 -27.22
N ASP U 57 67.93 19.63 -27.55
CA ASP U 57 67.11 19.71 -28.75
C ASP U 57 67.90 19.69 -30.04
N ARG U 58 69.11 20.22 -29.82
CA ARG U 58 70.24 20.09 -30.73
C ARG U 58 70.44 18.93 -31.68
N PHE U 59 70.34 17.80 -30.98
CA PHE U 59 70.27 16.51 -31.64
C PHE U 59 69.60 15.31 -30.99
N GLY U 60 68.92 15.57 -29.86
CA GLY U 60 68.44 14.51 -29.00
C GLY U 60 67.59 15.16 -27.92
N GLN U 61 67.78 14.65 -26.70
CA GLN U 61 66.96 14.99 -25.55
C GLN U 61 65.96 16.14 -25.57
N TYR U 62 64.79 15.62 -25.94
CA TYR U 62 63.55 16.34 -25.99
C TYR U 62 62.59 15.97 -24.88
N SER U 63 61.31 16.31 -25.07
CA SER U 63 60.18 16.11 -24.19
C SER U 63 59.93 14.69 -23.69
N PHE U 64 59.27 14.53 -22.55
CA PHE U 64 58.57 13.31 -22.20
C PHE U 64 57.61 12.75 -23.23
N VAL U 65 57.89 11.57 -23.78
CA VAL U 65 57.14 11.00 -24.88
C VAL U 65 55.68 10.72 -24.57
N ASN U 66 54.86 10.97 -25.60
CA ASN U 66 53.43 10.73 -25.61
C ASN U 66 53.20 9.22 -25.47
N GLU U 67 52.94 8.75 -24.25
CA GLU U 67 52.38 7.43 -23.98
C GLU U 67 51.45 6.82 -25.02
N GLY U 68 50.49 7.64 -25.46
CA GLY U 68 49.51 7.25 -26.46
C GLY U 68 50.16 7.15 -27.83
N MET U 69 51.01 8.14 -28.11
CA MET U 69 51.72 8.18 -29.38
C MET U 69 52.71 7.06 -29.60
N ARG U 70 53.46 6.72 -28.56
CA ARG U 70 54.20 5.46 -28.54
C ARG U 70 53.50 4.14 -28.82
N GLU U 71 52.41 4.05 -28.06
CA GLU U 71 51.50 2.91 -28.17
C GLU U 71 50.87 2.79 -29.55
N THR U 72 50.34 3.91 -30.06
CA THR U 72 49.87 4.04 -31.41
C THR U 72 50.78 3.71 -32.59
N PHE U 73 51.86 4.49 -32.49
CA PHE U 73 52.96 4.31 -33.41
C PHE U 73 53.63 2.96 -33.62
N SER U 74 53.83 2.24 -32.52
CA SER U 74 54.28 0.86 -32.41
C SER U 74 53.28 -0.03 -33.14
N LYS U 75 51.98 0.23 -32.99
CA LYS U 75 50.94 -0.47 -33.69
C LYS U 75 50.93 -0.44 -35.21
N ALA U 76 51.19 0.81 -35.61
CA ALA U 76 51.46 1.18 -36.98
C ALA U 76 52.60 0.37 -37.59
N LEU U 77 53.69 0.29 -36.83
CA LEU U 77 54.81 -0.51 -37.26
C LEU U 77 54.50 -1.97 -37.53
N PHE U 78 53.52 -2.48 -36.78
CA PHE U 78 52.96 -3.81 -36.87
C PHE U 78 52.17 -4.18 -38.12
N ASP U 79 51.42 -3.24 -38.69
CA ASP U 79 50.98 -3.27 -40.07
C ASP U 79 52.00 -3.73 -41.09
N ILE U 80 53.18 -3.10 -41.10
CA ILE U 80 54.27 -3.46 -41.98
C ILE U 80 54.82 -4.87 -41.77
N ASN U 81 54.87 -5.21 -40.48
CA ASN U 81 55.24 -6.51 -39.95
C ASN U 81 54.38 -7.67 -40.43
N MET U 82 53.12 -7.35 -40.70
CA MET U 82 52.17 -8.25 -41.31
C MET U 82 52.55 -8.80 -42.68
N TRP U 83 53.37 -7.96 -43.32
CA TRP U 83 54.02 -8.34 -44.56
C TRP U 83 55.52 -8.60 -44.57
N GLN U 84 56.12 -8.80 -43.40
CA GLN U 84 57.55 -8.98 -43.28
C GLN U 84 58.29 -9.96 -44.19
N PRO U 85 57.75 -11.17 -44.35
CA PRO U 85 58.28 -12.11 -45.32
C PRO U 85 58.30 -11.68 -46.77
N LEU U 86 57.29 -10.87 -47.06
CA LEU U 86 57.19 -10.28 -48.37
C LEU U 86 58.10 -9.09 -48.66
N PHE U 87 58.12 -8.16 -47.71
CA PHE U 87 59.13 -7.11 -47.73
C PHE U 87 60.56 -7.59 -47.93
N GLN U 88 60.87 -8.56 -47.07
CA GLN U 88 62.16 -9.20 -47.08
C GLN U 88 62.55 -9.81 -48.42
N ALA U 89 61.54 -10.47 -48.99
CA ALA U 89 61.70 -11.07 -50.29
C ALA U 89 61.85 -10.05 -51.42
N THR U 90 61.17 -8.92 -51.28
CA THR U 90 61.29 -7.76 -52.14
C THR U 90 62.58 -6.98 -51.90
N LYS U 91 63.41 -7.38 -50.94
CA LYS U 91 64.57 -6.60 -50.56
C LYS U 91 64.58 -5.10 -50.29
N THR U 92 63.40 -4.70 -49.79
CA THR U 92 63.01 -3.32 -49.64
C THR U 92 63.17 -2.72 -48.25
N GLY U 93 64.37 -2.91 -47.70
CA GLY U 93 64.70 -2.47 -46.37
C GLY U 93 63.87 -3.00 -45.22
N CYS U 94 63.35 -4.21 -45.36
CA CYS U 94 62.38 -4.79 -44.46
C CYS U 94 62.48 -4.71 -42.94
N GLY U 95 63.74 -4.73 -42.50
CA GLY U 95 64.15 -4.81 -41.12
C GLY U 95 63.35 -4.05 -40.07
N PRO U 96 62.48 -4.78 -39.37
CA PRO U 96 61.62 -4.11 -38.42
C PRO U 96 62.13 -3.09 -37.41
N ILE U 97 61.81 -1.83 -37.72
CA ILE U 97 62.31 -0.65 -37.04
C ILE U 97 62.67 -0.58 -35.56
N VAL U 98 61.77 -1.15 -34.76
CA VAL U 98 61.86 -1.11 -33.32
C VAL U 98 62.00 0.27 -32.67
N LEU U 99 60.80 0.84 -32.76
CA LEU U 99 60.50 2.20 -32.33
C LEU U 99 61.13 2.65 -31.01
N SER U 100 61.11 1.64 -30.15
CA SER U 100 61.70 1.65 -28.83
C SER U 100 63.13 2.17 -28.71
N SER U 101 63.89 1.89 -29.76
CA SER U 101 65.27 2.31 -29.88
C SER U 101 65.39 3.83 -29.99
N PHE U 102 64.35 4.37 -30.61
CA PHE U 102 64.22 5.81 -30.76
C PHE U 102 63.86 6.73 -29.61
N THR U 103 62.95 6.15 -28.82
CA THR U 103 62.54 6.51 -27.48
C THR U 103 63.62 6.42 -26.42
N THR U 104 64.48 7.43 -26.40
CA THR U 104 65.70 7.51 -25.62
C THR U 104 65.68 8.27 -24.32
N THR U 105 66.55 7.92 -23.36
CA THR U 105 66.39 8.40 -22.02
C THR U 105 66.52 9.91 -21.94
N THR U 106 65.55 10.56 -21.29
CA THR U 106 65.61 11.93 -20.83
C THR U 106 65.48 12.07 -19.32
N SER U 107 66.35 12.80 -18.61
CA SER U 107 66.40 12.85 -17.17
C SER U 107 66.64 14.26 -16.63
N GLY U 108 65.57 14.70 -15.97
CA GLY U 108 65.46 16.01 -15.36
C GLY U 108 64.08 16.56 -15.09
N TYR U 109 63.86 17.84 -15.41
CA TYR U 109 62.56 18.44 -15.18
C TYR U 109 61.49 18.38 -16.25
N VAL U 110 60.24 18.11 -15.84
CA VAL U 110 59.10 18.00 -16.73
C VAL U 110 58.10 19.14 -16.54
N GLY U 111 58.09 19.95 -17.59
CA GLY U 111 56.98 20.88 -17.72
C GLY U 111 56.91 21.67 -19.02
N ALA U 112 55.63 21.96 -19.26
CA ALA U 112 55.27 22.82 -20.36
C ALA U 112 55.93 24.17 -20.60
N THR U 113 55.91 24.96 -19.51
CA THR U 113 56.67 26.18 -19.36
C THR U 113 57.76 26.14 -18.31
N ALA U 114 58.83 26.93 -18.41
CA ALA U 114 59.85 27.05 -17.38
C ALA U 114 59.19 27.13 -16.02
N GLY U 115 58.29 28.12 -15.92
CA GLY U 115 57.31 28.18 -14.87
C GLY U 115 56.94 26.91 -14.11
N ASP U 116 56.09 26.24 -14.88
CA ASP U 116 55.66 24.94 -14.43
C ASP U 116 56.65 23.80 -14.20
N ALA U 117 57.62 23.85 -15.12
CA ALA U 117 58.68 22.86 -15.12
C ALA U 117 59.67 22.87 -13.96
N LEU U 118 59.82 24.09 -13.44
CA LEU U 118 60.62 24.33 -12.25
C LEU U 118 60.31 23.46 -11.05
N ASP U 119 59.00 23.23 -10.90
CA ASP U 119 58.40 22.43 -9.86
C ASP U 119 58.45 20.91 -9.81
N ASN U 120 58.60 20.41 -11.04
CA ASN U 120 58.51 19.00 -11.34
C ASN U 120 59.77 18.41 -11.97
N PRO U 121 60.51 17.55 -11.26
CA PRO U 121 61.56 16.83 -11.95
C PRO U 121 61.23 15.35 -12.01
N VAL U 122 61.44 14.86 -13.24
CA VAL U 122 61.21 13.47 -13.60
C VAL U 122 62.42 12.73 -14.14
N THR U 123 63.10 11.98 -13.27
CA THR U 123 64.31 11.25 -13.58
C THR U 123 64.14 9.97 -14.39
N ASN U 124 65.03 10.01 -15.38
CA ASN U 124 65.25 8.95 -16.35
C ASN U 124 64.05 8.27 -16.99
N GLY U 125 63.36 9.14 -17.74
CA GLY U 125 62.32 8.76 -18.65
C GLY U 125 62.83 8.69 -20.08
N VAL U 126 61.97 9.17 -20.98
CA VAL U 126 62.19 9.20 -22.40
C VAL U 126 61.63 10.32 -23.28
N PHE U 127 62.49 10.70 -24.23
CA PHE U 127 62.30 11.61 -25.34
C PHE U 127 62.46 11.00 -26.72
N ILE U 128 62.02 11.77 -27.71
CA ILE U 128 62.34 11.56 -29.11
C ILE U 128 62.69 12.87 -29.81
N SER U 129 63.67 12.79 -30.70
CA SER U 129 64.19 13.94 -31.44
C SER U 129 63.47 14.17 -32.76
N THR U 130 63.29 15.46 -33.04
CA THR U 130 62.80 16.02 -34.28
C THR U 130 63.39 15.34 -35.51
N VAL U 131 64.72 15.35 -35.48
CA VAL U 131 65.54 14.60 -36.41
C VAL U 131 65.11 13.14 -36.51
N GLN U 132 65.11 12.50 -35.34
CA GLN U 132 64.71 11.11 -35.28
C GLN U 132 63.33 10.73 -35.78
N ILE U 133 62.35 11.48 -35.26
CA ILE U 133 61.02 11.34 -35.81
C ILE U 133 60.96 11.60 -37.31
N MET U 134 61.70 12.58 -37.83
CA MET U 134 61.88 12.85 -39.23
C MET U 134 62.19 11.59 -40.04
N ASN U 135 63.28 10.94 -39.63
CA ASN U 135 63.82 9.74 -40.23
C ASN U 135 62.99 8.48 -40.03
N LEU U 136 62.40 8.26 -38.86
CA LEU U 136 61.37 7.30 -38.52
C LEU U 136 60.11 7.33 -39.37
N GLN U 137 59.49 8.51 -39.35
CA GLN U 137 58.43 8.78 -40.31
C GLN U 137 58.70 8.47 -41.78
N ARG U 138 59.86 8.99 -42.21
CA ARG U 138 60.43 8.80 -43.52
C ARG U 138 60.35 7.34 -43.94
N THR U 139 60.86 6.47 -43.07
CA THR U 139 60.80 5.03 -43.18
C THR U 139 59.39 4.44 -43.29
N ILE U 140 58.54 4.81 -42.33
CA ILE U 140 57.16 4.37 -42.34
C ILE U 140 56.39 4.73 -43.60
N ALA U 141 56.57 5.96 -44.07
CA ALA U 141 55.97 6.50 -45.27
C ALA U 141 56.35 5.73 -46.54
N ALA U 142 57.64 5.40 -46.50
CA ALA U 142 58.31 4.66 -47.56
C ALA U 142 57.82 3.22 -47.70
N ARG U 143 57.61 2.66 -46.50
CA ARG U 143 57.06 1.34 -46.32
C ARG U 143 55.68 1.20 -46.93
N MET U 144 54.88 2.20 -46.56
CA MET U 144 53.54 2.41 -47.09
C MET U 144 53.46 2.61 -48.59
N ARG U 145 54.35 3.50 -49.03
CA ARG U 145 54.43 3.55 -50.48
C ARG U 145 54.97 2.44 -51.37
N ASP U 146 55.67 1.61 -50.59
CA ASP U 146 55.99 0.32 -51.15
C ASP U 146 54.94 -0.77 -51.23
N VAL U 147 53.98 -0.66 -50.29
CA VAL U 147 52.86 -1.57 -50.17
C VAL U 147 51.63 -1.21 -50.98
N ALA U 148 51.64 0.03 -51.49
CA ALA U 148 50.50 0.61 -52.16
C ALA U 148 49.85 -0.12 -53.33
N LEU U 149 50.74 -0.87 -53.98
CA LEU U 149 50.36 -1.83 -55.01
C LEU U 149 49.80 -3.13 -54.46
N TRP U 150 50.40 -3.52 -53.33
CA TRP U 150 50.05 -4.77 -52.69
C TRP U 150 48.64 -4.70 -52.10
N GLN U 151 48.42 -3.61 -51.36
CA GLN U 151 47.15 -3.33 -50.72
C GLN U 151 46.00 -3.50 -51.69
N LYS U 152 46.13 -2.79 -52.81
CA LYS U 152 45.20 -2.79 -53.91
C LYS U 152 44.86 -4.20 -54.42
N HIS U 153 45.95 -4.89 -54.74
CA HIS U 153 45.88 -6.25 -55.21
C HIS U 153 45.18 -7.18 -54.23
N LEU U 154 45.57 -7.09 -52.96
CA LEU U 154 44.91 -7.80 -51.86
C LEU U 154 43.40 -7.65 -51.74
N ASP U 155 43.00 -6.38 -51.79
CA ASP U 155 41.65 -5.89 -51.96
C ASP U 155 40.81 -6.43 -53.12
N THR U 156 41.51 -6.56 -54.25
CA THR U 156 40.81 -7.05 -55.41
C THR U 156 40.26 -8.45 -55.27
N ALA U 157 41.17 -9.28 -54.77
CA ALA U 157 40.93 -10.67 -54.41
C ALA U 157 39.70 -10.85 -53.52
N MET U 158 39.81 -10.07 -52.45
CA MET U 158 38.83 -9.96 -51.39
C MET U 158 37.46 -9.42 -51.77
N THR U 159 37.49 -8.72 -52.91
CA THR U 159 36.21 -8.48 -53.53
C THR U 159 35.69 -9.28 -54.72
N MET U 160 36.64 -9.73 -55.55
CA MET U 160 36.37 -10.64 -56.65
C MET U 160 35.62 -11.95 -56.53
N LEU U 161 35.56 -12.43 -55.29
CA LEU U 161 34.55 -13.17 -54.58
C LEU U 161 34.50 -12.95 -53.07
N THR U 162 34.00 -11.76 -52.72
CA THR U 162 33.98 -11.24 -51.37
C THR U 162 33.62 -12.05 -50.13
N PRO U 163 34.66 -12.37 -49.37
CA PRO U 163 34.55 -13.07 -48.10
C PRO U 163 33.95 -12.33 -46.90
N ASP U 164 32.93 -11.52 -47.20
CA ASP U 164 32.47 -10.63 -46.15
C ASP U 164 31.04 -10.90 -45.72
N ILE U 165 30.91 -11.61 -44.59
CA ILE U 165 29.58 -11.82 -44.08
C ILE U 165 29.56 -11.11 -42.73
N SER U 166 28.96 -9.94 -42.98
CA SER U 166 28.62 -8.91 -42.01
C SER U 166 27.60 -9.29 -40.95
N ALA U 167 26.87 -10.36 -41.28
CA ALA U 167 25.80 -10.88 -40.48
C ALA U 167 25.63 -12.41 -40.49
N GLY U 168 26.07 -12.92 -39.34
CA GLY U 168 26.09 -14.35 -39.11
C GLY U 168 27.36 -15.10 -39.55
N SER U 169 27.06 -15.99 -40.49
CA SER U 169 28.04 -16.97 -40.93
C SER U 169 27.67 -17.61 -42.26
N ALA U 170 28.72 -17.68 -43.08
CA ALA U 170 28.75 -18.39 -44.35
C ALA U 170 29.87 -19.41 -44.38
N SER U 171 29.66 -20.47 -45.15
CA SER U 171 30.66 -21.46 -45.47
C SER U 171 30.53 -22.14 -46.82
N CYS U 172 31.66 -22.32 -47.50
CA CYS U 172 31.74 -22.96 -48.80
C CYS U 172 33.15 -23.50 -49.03
N ASN U 173 33.37 -24.51 -49.89
CA ASN U 173 34.67 -25.05 -50.24
C ASN U 173 35.68 -24.01 -50.67
N TRP U 174 36.68 -23.74 -49.81
CA TRP U 174 37.72 -22.77 -50.13
C TRP U 174 38.54 -23.11 -51.36
N LYS U 175 38.75 -24.43 -51.45
CA LYS U 175 39.31 -25.06 -52.62
C LYS U 175 38.69 -24.77 -53.99
N SER U 176 37.38 -25.02 -53.98
CA SER U 176 36.45 -24.59 -55.01
C SER U 176 36.49 -23.14 -55.48
N LEU U 177 36.46 -22.26 -54.47
CA LEU U 177 36.63 -20.83 -54.54
C LEU U 177 37.98 -20.40 -55.10
N LEU U 178 39.00 -20.89 -54.38
CA LEU U 178 40.38 -20.74 -54.80
C LEU U 178 40.77 -21.11 -56.22
N ALA U 179 40.24 -22.26 -56.63
CA ALA U 179 40.54 -22.72 -57.98
C ALA U 179 39.80 -21.94 -59.06
N PHE U 180 38.55 -21.56 -58.78
CA PHE U 180 37.83 -20.69 -59.69
C PHE U 180 38.42 -19.29 -59.81
N ALA U 181 38.88 -18.75 -58.68
CA ALA U 181 39.71 -17.58 -58.60
C ALA U 181 40.88 -17.62 -59.57
N LYS U 182 41.63 -18.71 -59.46
CA LYS U 182 42.80 -18.83 -60.30
C LYS U 182 42.64 -19.19 -61.77
N ASP U 183 41.40 -19.60 -62.04
CA ASP U 183 40.84 -19.83 -63.36
C ASP U 183 40.19 -18.65 -64.06
N ILE U 184 39.79 -17.75 -63.16
CA ILE U 184 39.14 -16.55 -63.63
C ILE U 184 40.18 -15.46 -63.50
N LEU U 185 41.00 -15.17 -62.48
CA LEU U 185 41.78 -13.98 -62.24
C LEU U 185 42.78 -13.51 -63.29
N PRO U 186 42.88 -12.19 -63.42
CA PRO U 186 43.81 -11.69 -64.43
C PRO U 186 45.24 -12.04 -64.07
N LEU U 187 45.82 -12.60 -65.13
CA LEU U 187 47.23 -12.90 -65.16
C LEU U 187 48.22 -11.83 -64.74
N ASP U 188 47.92 -10.61 -65.16
CA ASP U 188 48.70 -9.46 -64.75
C ASP U 188 48.76 -9.03 -63.28
N ASN U 189 47.86 -9.60 -62.48
CA ASN U 189 47.86 -9.44 -61.04
C ASN U 189 49.11 -9.93 -60.32
N LEU U 190 49.46 -9.12 -59.32
CA LEU U 190 50.44 -9.50 -58.32
C LEU U 190 50.17 -10.71 -57.44
N CYS U 191 48.86 -10.92 -57.31
CA CYS U 191 48.31 -12.12 -56.72
C CYS U 191 48.65 -13.46 -57.36
N LEU U 192 48.74 -13.40 -58.68
CA LEU U 192 49.23 -14.58 -59.37
C LEU U 192 50.72 -14.90 -59.39
N THR U 193 51.55 -13.86 -59.22
CA THR U 193 52.97 -14.00 -58.96
C THR U 193 53.28 -14.41 -57.53
N TYR U 194 52.54 -13.79 -56.61
CA TYR U 194 52.79 -14.00 -55.20
C TYR U 194 51.75 -14.77 -54.39
N PRO U 195 51.24 -15.88 -54.92
CA PRO U 195 50.07 -16.51 -54.32
C PRO U 195 50.10 -16.78 -52.83
N ASN U 196 51.20 -17.46 -52.53
CA ASN U 196 51.75 -17.90 -51.27
C ASN U 196 51.89 -16.82 -50.21
N GLU U 197 52.55 -15.73 -50.55
CA GLU U 197 52.52 -14.56 -49.68
C GLU U 197 51.16 -13.95 -49.43
N PHE U 198 50.40 -13.68 -50.49
CA PHE U 198 49.13 -12.96 -50.39
C PHE U 198 48.10 -13.62 -49.49
N TYR U 199 48.03 -14.94 -49.71
CA TYR U 199 47.26 -15.87 -48.91
C TYR U 199 47.62 -15.94 -47.43
N ASN U 200 48.92 -16.06 -47.16
CA ASN U 200 49.51 -15.93 -45.85
C ASN U 200 49.11 -14.68 -45.09
N VAL U 201 49.31 -13.56 -45.80
CA VAL U 201 48.85 -12.26 -45.34
C VAL U 201 47.36 -12.20 -45.07
N ALA U 202 46.62 -12.52 -46.13
CA ALA U 202 45.19 -12.73 -45.94
C ALA U 202 44.71 -13.49 -44.72
N ILE U 203 45.33 -14.66 -44.57
CA ILE U 203 45.12 -15.46 -43.39
C ILE U 203 45.48 -14.75 -42.09
N HIS U 204 46.53 -13.94 -42.14
CA HIS U 204 46.99 -13.19 -40.99
C HIS U 204 46.13 -12.00 -40.55
N ARG U 205 45.38 -11.51 -41.53
CA ARG U 205 44.42 -10.43 -41.38
C ARG U 205 42.96 -10.80 -41.14
N TYR U 206 42.62 -11.85 -41.89
CA TYR U 206 41.27 -12.40 -41.92
C TYR U 206 41.22 -13.69 -41.12
N PRO U 207 40.93 -13.67 -39.82
CA PRO U 207 40.76 -14.81 -38.94
C PRO U 207 39.69 -15.75 -39.48
N ALA U 208 38.79 -15.16 -40.26
CA ALA U 208 37.79 -15.82 -41.08
C ALA U 208 38.16 -16.87 -42.13
N LEU U 209 39.48 -16.93 -42.34
CA LEU U 209 40.15 -17.76 -43.31
C LEU U 209 41.28 -18.59 -42.72
N LYS U 210 41.38 -19.84 -43.18
CA LYS U 210 42.41 -20.75 -42.72
C LYS U 210 43.44 -21.22 -43.74
N PRO U 211 44.68 -21.48 -43.37
CA PRO U 211 45.63 -22.05 -44.33
C PRO U 211 45.25 -23.38 -44.97
N GLY U 212 45.53 -23.52 -46.26
CA GLY U 212 45.56 -24.77 -46.98
C GLY U 212 45.54 -26.13 -46.29
N ASN U 213 46.74 -26.72 -46.29
CA ASN U 213 47.05 -27.99 -45.65
C ASN U 213 48.18 -28.18 -44.65
N PRO U 214 48.60 -27.09 -43.99
CA PRO U 214 49.89 -27.09 -43.34
C PRO U 214 50.31 -28.23 -42.43
N ASP U 215 49.35 -28.57 -41.57
CA ASP U 215 49.09 -29.88 -41.02
C ASP U 215 47.62 -30.22 -41.23
N THR U 216 47.31 -31.00 -42.27
CA THR U 216 45.93 -31.33 -42.56
C THR U 216 45.13 -31.87 -41.38
N LYS U 217 45.89 -32.37 -40.41
CA LYS U 217 45.55 -32.57 -39.01
C LYS U 217 44.76 -31.51 -38.27
N LEU U 218 45.51 -30.40 -38.35
CA LEU U 218 45.17 -29.07 -37.91
C LEU U 218 45.52 -27.93 -38.86
N PRO U 219 44.58 -27.67 -39.77
CA PRO U 219 44.68 -26.48 -40.58
C PRO U 219 44.02 -25.26 -39.93
N ASP U 220 43.04 -25.55 -39.06
CA ASP U 220 42.15 -24.61 -38.43
C ASP U 220 42.58 -24.30 -37.01
N ALA U 221 42.27 -23.06 -36.63
CA ALA U 221 42.47 -22.54 -35.29
C ALA U 221 41.41 -21.54 -34.87
N GLN U 222 41.34 -21.30 -33.55
CA GLN U 222 40.48 -20.28 -32.98
C GLN U 222 41.06 -18.95 -32.50
N ALA U 223 42.35 -19.14 -32.21
CA ALA U 223 43.27 -18.04 -32.03
C ALA U 223 44.07 -17.69 -33.28
N HIS U 224 43.93 -16.41 -33.59
CA HIS U 224 44.41 -15.82 -34.84
C HIS U 224 45.32 -14.70 -34.35
N PRO U 225 45.52 -13.57 -35.03
CA PRO U 225 46.33 -12.58 -34.35
C PRO U 225 45.50 -11.73 -33.39
N LEU U 226 45.85 -10.45 -33.31
CA LEU U 226 45.12 -9.50 -32.49
C LEU U 226 43.72 -9.16 -32.99
N GLY U 227 43.62 -8.82 -34.27
CA GLY U 227 42.37 -8.58 -34.97
C GLY U 227 41.07 -8.69 -34.20
N GLU U 228 40.66 -9.94 -34.00
CA GLU U 228 39.62 -10.38 -33.11
C GLU U 228 38.84 -9.40 -32.23
N VAL U 229 39.63 -8.76 -31.38
CA VAL U 229 39.21 -7.68 -30.50
C VAL U 229 38.34 -6.64 -31.18
N ALA U 230 38.97 -5.93 -32.12
CA ALA U 230 38.23 -5.01 -32.96
C ALA U 230 37.00 -5.51 -33.72
N GLY U 231 37.10 -6.81 -34.01
CA GLY U 231 36.00 -7.47 -34.70
C GLY U 231 34.71 -7.69 -33.93
N ALA U 232 34.90 -8.09 -32.67
CA ALA U 232 33.80 -8.21 -31.74
C ALA U 232 32.83 -7.07 -31.49
N PHE U 233 33.49 -5.90 -31.55
CA PHE U 233 32.76 -4.65 -31.67
C PHE U 233 31.98 -4.20 -32.89
N ASN U 234 32.45 -4.71 -34.03
CA ASN U 234 31.62 -4.66 -35.23
C ASN U 234 30.57 -5.73 -35.43
N ALA U 235 30.59 -6.79 -34.62
CA ALA U 235 29.63 -7.86 -34.68
C ALA U 235 28.32 -7.71 -33.92
N ALA U 236 27.29 -7.90 -34.75
CA ALA U 236 25.92 -7.78 -34.28
C ALA U 236 25.49 -8.62 -33.08
N THR U 237 24.86 -7.94 -32.12
CA THR U 237 24.46 -8.49 -30.84
C THR U 237 22.94 -8.64 -30.86
N SER U 238 22.42 -9.35 -29.85
CA SER U 238 21.03 -9.47 -29.46
C SER U 238 20.01 -8.34 -29.39
N GLU U 239 20.60 -7.19 -29.07
CA GLU U 239 19.84 -5.96 -29.03
C GLU U 239 20.23 -4.78 -29.91
N VAL U 240 21.53 -4.72 -30.21
CA VAL U 240 22.08 -3.83 -31.21
C VAL U 240 22.76 -4.44 -32.43
N GLY U 241 22.58 -3.78 -33.59
CA GLY U 241 23.46 -3.88 -34.74
C GLY U 241 24.90 -3.64 -34.36
N SER U 242 25.42 -2.43 -34.58
CA SER U 242 26.81 -2.17 -34.31
C SER U 242 26.99 -1.15 -33.18
N LEU U 243 27.76 -1.58 -32.19
CA LEU U 243 28.21 -0.77 -31.08
C LEU U 243 28.96 0.52 -31.38
N VAL U 244 29.98 0.33 -32.24
CA VAL U 244 30.64 1.49 -32.83
C VAL U 244 29.76 2.49 -33.56
N GLY U 245 28.85 1.87 -34.33
CA GLY U 245 27.86 2.59 -35.09
C GLY U 245 27.09 3.68 -34.35
N SER U 246 26.22 3.11 -33.52
CA SER U 246 25.32 3.85 -32.64
C SER U 246 26.02 4.87 -31.76
N SER U 247 27.22 4.48 -31.32
CA SER U 247 28.08 5.35 -30.54
C SER U 247 28.59 6.57 -31.31
N SER U 248 29.17 6.34 -32.48
CA SER U 248 29.54 7.34 -33.47
C SER U 248 28.42 8.28 -33.90
N THR U 249 27.32 7.66 -34.32
CA THR U 249 26.11 8.27 -34.81
C THR U 249 25.74 9.30 -33.77
N LEU U 250 25.45 8.81 -32.57
CA LEU U 250 25.02 9.68 -31.49
C LEU U 250 25.97 10.82 -31.18
N SER U 251 27.27 10.48 -31.19
CA SER U 251 28.31 11.46 -30.96
C SER U 251 28.34 12.55 -32.02
N GLN U 252 28.18 12.27 -33.31
CA GLN U 252 27.96 13.21 -34.38
C GLN U 252 26.77 14.15 -34.21
N ALA U 253 25.68 13.59 -33.71
CA ALA U 253 24.52 14.36 -33.30
C ALA U 253 24.72 15.38 -32.18
N ILE U 254 25.29 14.93 -31.07
CA ILE U 254 25.83 15.79 -30.04
C ILE U 254 26.65 16.94 -30.62
N SER U 255 27.71 16.54 -31.33
CA SER U 255 28.61 17.60 -31.76
C SER U 255 28.12 18.70 -32.69
N THR U 256 27.16 18.27 -33.51
CA THR U 256 26.30 19.21 -34.22
C THR U 256 25.42 20.05 -33.31
N MET U 257 24.84 19.46 -32.27
CA MET U 257 24.17 20.28 -31.26
C MET U 257 25.02 21.33 -30.58
N ALA U 258 26.25 20.88 -30.28
CA ALA U 258 27.34 21.66 -29.76
C ALA U 258 27.83 22.92 -30.46
N GLY U 259 27.91 22.66 -31.77
CA GLY U 259 28.20 23.68 -32.76
C GLY U 259 27.09 24.67 -33.06
N LYS U 260 25.85 24.18 -32.92
CA LYS U 260 24.71 25.07 -32.99
C LYS U 260 24.54 26.03 -31.82
N ASP U 261 25.11 25.56 -30.71
CA ASP U 261 25.06 26.06 -29.35
C ASP U 261 23.71 26.30 -28.68
N LEU U 262 22.76 25.47 -29.15
CA LEU U 262 21.39 25.47 -28.71
C LEU U 262 20.53 26.74 -28.60
N ASP U 263 21.05 27.53 -27.67
CA ASP U 263 20.61 28.81 -27.15
C ASP U 263 20.00 29.67 -28.26
N LEU U 264 20.70 29.67 -29.40
CA LEU U 264 20.16 30.22 -30.63
C LEU U 264 18.69 30.51 -30.87
N ILE U 265 17.83 29.54 -30.58
CA ILE U 265 16.39 29.67 -30.64
C ILE U 265 15.74 30.57 -29.60
N GLU U 266 16.33 30.73 -28.42
CA GLU U 266 15.72 31.43 -27.31
C GLU U 266 16.14 32.88 -27.21
N ALA U 267 15.80 33.49 -28.35
CA ALA U 267 16.27 34.84 -28.56
C ALA U 267 15.16 35.76 -29.02
N ASP U 268 14.71 36.55 -28.05
CA ASP U 268 13.76 37.62 -28.25
C ASP U 268 14.27 39.02 -28.62
N THR U 269 15.26 39.37 -27.80
CA THR U 269 15.88 40.68 -27.70
C THR U 269 17.26 40.48 -28.32
N PRO U 270 17.81 41.46 -29.03
CA PRO U 270 18.96 41.37 -29.92
C PRO U 270 20.11 40.38 -29.76
N LEU U 271 20.08 39.34 -30.59
CA LEU U 271 21.21 38.44 -30.78
C LEU U 271 21.96 38.70 -32.08
N PRO U 272 23.25 38.97 -31.88
CA PRO U 272 24.05 39.48 -32.97
C PRO U 272 24.29 38.68 -34.24
N VAL U 273 23.91 39.31 -35.36
CA VAL U 273 23.99 38.75 -36.70
C VAL U 273 25.01 37.70 -37.09
N SER U 274 26.20 38.22 -36.78
CA SER U 274 27.44 37.50 -37.00
C SER U 274 27.61 36.12 -36.39
N VAL U 275 27.06 36.10 -35.18
CA VAL U 275 26.88 34.96 -34.30
C VAL U 275 25.85 33.94 -34.77
N PHE U 276 24.66 34.49 -35.08
CA PHE U 276 23.59 33.65 -35.58
C PHE U 276 23.80 33.24 -37.02
N THR U 277 24.24 34.09 -37.96
CA THR U 277 24.28 33.82 -39.38
C THR U 277 25.52 33.04 -39.78
N PRO U 278 25.41 31.87 -40.42
CA PRO U 278 26.57 31.33 -41.11
C PRO U 278 26.71 31.93 -42.49
N SER U 279 26.84 31.05 -43.49
CA SER U 279 26.91 31.35 -44.91
C SER U 279 25.60 31.36 -45.69
N LEU U 280 25.54 32.45 -46.45
CA LEU U 280 24.37 32.75 -47.24
C LEU U 280 24.39 32.63 -48.76
N ALA U 281 23.26 32.20 -49.35
CA ALA U 281 23.10 32.13 -50.78
C ALA U 281 22.08 33.04 -51.48
N PRO U 282 22.24 33.42 -52.74
CA PRO U 282 21.24 34.13 -53.52
C PRO U 282 19.89 33.43 -53.56
N ARG U 283 18.79 34.17 -53.77
CA ARG U 283 17.48 33.60 -54.02
C ARG U 283 16.81 34.21 -55.24
N SER U 284 15.79 33.50 -55.72
CA SER U 284 15.11 33.79 -56.97
C SER U 284 13.65 34.14 -56.75
N TYR U 285 13.21 35.33 -57.18
CA TYR U 285 11.86 35.79 -57.00
C TYR U 285 11.26 36.21 -58.34
N ARG U 286 9.93 36.25 -58.37
CA ARG U 286 9.24 36.74 -59.55
C ARG U 286 8.53 38.08 -59.41
N PRO U 287 8.59 38.88 -60.47
CA PRO U 287 7.58 39.90 -60.68
C PRO U 287 6.15 39.36 -60.82
N ALA U 288 5.80 39.10 -62.09
CA ALA U 288 4.68 38.24 -62.39
C ALA U 288 3.45 38.39 -61.50
N PHE U 289 3.35 37.42 -60.60
CA PHE U 289 2.19 37.34 -59.73
C PHE U 289 2.62 37.38 -58.26
N ILE U 290 3.70 38.10 -57.92
CA ILE U 290 4.02 38.31 -56.53
C ILE U 290 3.02 39.23 -55.85
N LYS U 291 2.98 39.30 -54.52
CA LYS U 291 1.90 40.07 -53.95
C LYS U 291 2.33 41.32 -53.19
N PRO U 292 2.10 42.44 -53.87
CA PRO U 292 2.45 43.72 -53.29
C PRO U 292 2.23 43.99 -51.81
N GLU U 293 1.11 43.45 -51.31
CA GLU U 293 0.75 43.50 -49.91
C GLU U 293 1.76 42.86 -48.98
N ASP U 294 2.31 41.73 -49.42
CA ASP U 294 3.17 40.92 -48.60
C ASP U 294 4.67 41.19 -48.69
N ALA U 295 5.02 41.66 -49.89
CA ALA U 295 6.39 41.74 -50.33
C ALA U 295 7.04 43.09 -50.09
N LYS U 296 7.61 43.19 -48.90
CA LYS U 296 8.36 44.37 -48.52
C LYS U 296 9.18 45.19 -49.50
N TRP U 297 10.20 44.57 -50.08
CA TRP U 297 11.00 45.08 -51.17
C TRP U 297 10.49 45.11 -52.62
N ILE U 298 9.29 44.60 -52.85
CA ILE U 298 8.66 44.47 -54.15
C ILE U 298 7.14 44.47 -54.14
N ALA U 299 6.63 45.64 -54.54
CA ALA U 299 5.25 46.04 -54.68
C ALA U 299 4.92 46.41 -56.12
N GLU U 300 3.74 46.99 -56.38
CA GLU U 300 3.35 47.45 -57.69
C GLU U 300 2.77 48.86 -57.71
N PHE U 301 3.02 49.60 -58.80
CA PHE U 301 2.16 50.66 -59.28
C PHE U 301 0.76 50.19 -59.66
N ASN U 302 -0.19 51.10 -59.41
CA ASN U 302 -1.62 50.82 -59.50
C ASN U 302 -2.32 51.32 -60.75
N ASN U 303 -3.27 50.55 -61.28
CA ASN U 303 -3.94 50.90 -62.51
C ASN U 303 -4.58 52.26 -62.37
N SER U 304 -4.56 52.95 -63.51
CA SER U 304 -4.86 54.35 -63.69
C SER U 304 -3.78 55.37 -63.36
N SER U 305 -3.26 55.93 -64.45
CA SER U 305 -2.46 57.14 -64.53
C SER U 305 -2.14 57.66 -65.92
N LEU U 306 -1.28 56.81 -66.50
CA LEU U 306 -0.80 56.63 -67.86
C LEU U 306 0.39 57.52 -68.18
N ILE U 307 1.54 56.94 -67.85
CA ILE U 307 2.73 57.64 -68.31
C ILE U 307 3.28 56.77 -69.43
N ARG U 308 2.85 57.27 -70.60
CA ARG U 308 3.15 56.66 -71.88
C ARG U 308 4.47 57.08 -72.53
N LYS U 309 4.49 58.18 -73.26
CA LYS U 309 5.73 58.53 -73.92
C LYS U 309 6.74 59.31 -73.08
N THR U 310 7.82 58.56 -72.86
CA THR U 310 9.03 59.07 -72.27
C THR U 310 10.27 58.93 -73.13
N LEU U 311 11.00 60.01 -73.38
CA LEU U 311 12.32 59.96 -73.99
C LEU U 311 13.22 59.06 -73.17
N THR U 312 13.83 58.11 -73.88
CA THR U 312 14.72 57.09 -73.36
C THR U 312 16.21 57.15 -73.64
N TYR U 313 16.51 57.74 -74.80
CA TYR U 313 17.81 57.93 -75.40
C TYR U 313 17.79 59.21 -76.23
N SER U 314 18.97 59.43 -76.83
CA SER U 314 19.19 60.61 -77.64
C SER U 314 18.21 60.55 -78.81
N GLY U 315 17.24 61.44 -78.58
CA GLY U 315 16.13 61.73 -79.47
C GLY U 315 15.32 60.53 -79.96
N ALA U 316 15.21 59.62 -78.99
CA ALA U 316 14.72 58.27 -79.18
C ALA U 316 13.76 58.03 -78.02
N THR U 317 12.68 57.32 -78.31
CA THR U 317 11.51 57.21 -77.46
C THR U 317 10.91 55.82 -77.29
N TYR U 318 10.48 55.53 -76.06
CA TYR U 318 9.76 54.37 -75.60
C TYR U 318 8.55 54.66 -74.73
N THR U 319 7.49 53.92 -75.02
CA THR U 319 6.36 54.05 -74.13
C THR U 319 6.40 53.12 -72.93
N VAL U 320 6.80 53.73 -71.82
CA VAL U 320 6.72 52.90 -70.63
C VAL U 320 5.32 52.56 -70.14
N GLN U 321 4.42 53.43 -70.59
CA GLN U 321 2.98 53.24 -70.71
C GLN U 321 2.13 52.91 -69.50
N LEU U 322 2.63 53.40 -68.36
CA LEU U 322 2.30 53.16 -66.97
C LEU U 322 0.83 53.19 -66.58
N GLY U 323 0.31 51.98 -66.35
CA GLY U 323 -1.06 51.78 -65.93
C GLY U 323 -1.42 50.44 -65.32
N PRO U 324 -2.19 49.59 -65.99
CA PRO U 324 -2.69 48.33 -65.47
C PRO U 324 -1.58 47.33 -65.14
N GLY U 325 -1.08 47.23 -63.91
CA GLY U 325 -0.15 46.29 -63.31
C GLY U 325 1.22 46.18 -63.94
N PRO U 326 1.81 47.35 -64.24
CA PRO U 326 3.07 47.42 -64.93
C PRO U 326 4.27 46.79 -64.23
N THR U 327 4.43 45.52 -64.58
CA THR U 327 5.43 44.60 -64.06
C THR U 327 5.46 44.65 -62.54
N ARG U 328 6.49 45.22 -61.91
CA ARG U 328 6.60 45.41 -60.48
C ARG U 328 7.55 46.55 -60.18
N VAL U 329 7.32 47.13 -58.99
CA VAL U 329 8.20 48.17 -58.49
C VAL U 329 9.04 47.63 -57.34
N ILE U 330 10.29 47.53 -57.81
CA ILE U 330 11.22 46.90 -56.90
C ILE U 330 11.73 47.94 -55.91
N ASP U 331 11.31 47.77 -54.66
CA ASP U 331 11.57 48.68 -53.57
C ASP U 331 12.89 48.48 -52.84
N MET U 332 13.93 48.98 -53.50
CA MET U 332 15.30 48.83 -53.04
C MET U 332 15.80 50.04 -52.25
N ASN U 333 14.85 50.67 -51.56
CA ASN U 333 15.15 51.70 -50.59
C ASN U 333 15.57 51.28 -49.18
N ALA U 334 16.90 51.16 -49.18
CA ALA U 334 17.72 50.68 -48.08
C ALA U 334 17.37 49.31 -47.53
N MET U 335 17.44 48.44 -48.54
CA MET U 335 17.12 47.03 -48.41
C MET U 335 18.39 46.20 -48.53
N ILE U 336 19.28 46.37 -47.55
CA ILE U 336 20.62 45.84 -47.53
C ILE U 336 21.45 45.98 -48.81
N ASP U 337 22.59 45.31 -48.97
CA ASP U 337 23.27 45.32 -50.24
C ASP U 337 23.29 44.02 -51.05
N SER U 338 22.70 44.07 -52.24
CA SER U 338 22.37 43.04 -53.21
C SER U 338 22.78 43.35 -54.64
N VAL U 339 22.76 42.30 -55.46
CA VAL U 339 22.96 42.50 -56.88
C VAL U 339 21.75 41.95 -57.64
N LEU U 340 20.99 42.86 -58.25
CA LEU U 340 19.74 42.53 -58.89
C LEU U 340 19.95 41.79 -60.20
N THR U 341 20.17 40.49 -59.99
CA THR U 341 20.39 39.51 -61.04
C THR U 341 19.12 39.11 -61.78
N LEU U 342 18.77 39.85 -62.83
CA LEU U 342 17.54 39.70 -63.60
C LEU U 342 17.82 38.68 -64.69
N ASP U 343 17.03 37.62 -64.63
CA ASP U 343 17.15 36.44 -65.46
C ASP U 343 15.86 36.22 -66.25
N VAL U 344 16.06 36.81 -67.44
CA VAL U 344 15.01 36.86 -68.42
C VAL U 344 15.27 35.80 -69.47
N SER U 345 14.23 34.98 -69.63
CA SER U 345 14.15 34.07 -70.76
C SER U 345 12.70 33.73 -71.03
N GLY U 346 12.26 33.36 -72.23
CA GLY U 346 10.89 33.13 -72.64
C GLY U 346 10.19 34.39 -73.14
N THR U 347 9.96 35.20 -72.11
CA THR U 347 9.33 36.50 -72.27
C THR U 347 10.04 37.52 -73.14
N ILE U 348 9.37 37.69 -74.29
CA ILE U 348 9.62 38.91 -75.03
C ILE U 348 8.37 39.68 -75.42
N LEU U 349 7.40 38.87 -75.88
CA LEU U 349 6.10 39.34 -76.31
C LEU U 349 6.17 40.59 -77.17
N PRO U 350 6.41 40.47 -78.47
CA PRO U 350 6.58 41.60 -79.36
C PRO U 350 5.45 42.62 -79.38
N TYR U 351 5.81 43.90 -79.54
CA TYR U 351 4.82 44.96 -79.57
C TYR U 351 3.63 44.65 -80.46
N ASP U 352 2.48 44.51 -79.80
CA ASP U 352 1.14 44.47 -80.35
C ASP U 352 1.06 44.37 -81.86
N THR U 353 1.23 45.49 -82.57
CA THR U 353 1.61 45.40 -83.97
C THR U 353 2.30 46.63 -84.54
N ASN U 354 3.52 46.79 -84.01
CA ASN U 354 4.47 47.85 -84.28
C ASN U 354 5.68 47.30 -85.02
N PRO U 355 6.13 47.92 -86.11
CA PRO U 355 7.42 47.69 -86.71
C PRO U 355 8.62 48.15 -85.90
N ASP U 356 8.37 48.01 -84.60
CA ASP U 356 9.34 48.31 -83.56
C ASP U 356 9.72 47.06 -82.77
N LEU U 357 9.82 46.05 -83.63
CA LEU U 357 10.01 44.67 -83.25
C LEU U 357 11.48 44.38 -82.99
N SER U 358 12.25 44.81 -84.00
CA SER U 358 13.63 45.22 -83.89
C SER U 358 13.72 46.49 -83.06
N THR U 359 14.74 46.55 -82.22
CA THR U 359 15.15 47.58 -81.28
C THR U 359 14.57 47.65 -79.87
N SER U 360 13.82 46.57 -79.60
CA SER U 360 13.29 46.34 -78.28
C SER U 360 13.76 45.23 -77.34
N VAL U 361 14.37 45.77 -76.29
CA VAL U 361 15.05 44.97 -75.29
C VAL U 361 14.40 44.82 -73.92
N PRO U 362 14.62 43.63 -73.35
CA PRO U 362 14.46 43.41 -71.93
C PRO U 362 15.46 44.24 -71.15
N ALA U 363 14.85 45.16 -70.39
CA ALA U 363 15.60 46.03 -69.51
C ALA U 363 15.07 46.21 -68.09
N PHE U 364 15.99 46.69 -67.26
CA PHE U 364 15.78 47.19 -65.92
C PHE U 364 16.06 48.69 -65.84
N VAL U 365 15.08 49.36 -65.23
CA VAL U 365 15.18 50.78 -64.98
C VAL U 365 14.99 51.09 -63.51
N LEU U 366 15.95 51.76 -62.85
CA LEU U 366 15.73 52.20 -61.50
C LEU U 366 15.05 53.56 -61.54
N ILE U 367 14.10 53.82 -60.63
CA ILE U 367 13.46 55.10 -60.48
C ILE U 367 13.78 55.78 -59.16
N GLN U 368 14.30 57.00 -59.29
CA GLN U 368 14.96 57.74 -58.22
C GLN U 368 14.38 59.10 -57.87
N THR U 369 13.26 58.96 -57.15
CA THR U 369 12.43 60.11 -56.82
C THR U 369 11.98 60.24 -55.37
N SER U 370 12.02 61.47 -54.87
CA SER U 370 11.37 61.82 -53.62
C SER U 370 9.85 61.96 -53.64
N VAL U 371 9.30 61.54 -54.77
CA VAL U 371 7.87 61.46 -54.97
C VAL U 371 7.43 60.01 -54.95
N PRO U 372 6.81 59.61 -53.83
CA PRO U 372 6.34 58.25 -53.63
C PRO U 372 5.41 57.78 -54.74
N ILE U 373 5.83 56.67 -55.34
CA ILE U 373 5.11 55.99 -56.39
C ILE U 373 3.63 56.22 -56.65
N GLN U 374 2.82 56.21 -55.59
CA GLN U 374 1.42 56.58 -55.76
C GLN U 374 1.06 58.00 -56.17
N GLN U 375 2.07 58.84 -56.00
CA GLN U 375 1.98 60.21 -56.48
C GLN U 375 2.44 60.44 -57.91
N VAL U 376 3.06 59.41 -58.48
CA VAL U 376 3.70 59.53 -59.77
C VAL U 376 2.80 59.37 -60.99
N THR U 377 2.22 60.51 -61.33
CA THR U 377 1.24 60.58 -62.40
C THR U 377 1.56 61.16 -63.77
N THR U 378 2.49 62.10 -63.81
CA THR U 378 3.05 62.62 -65.04
C THR U 378 4.56 62.48 -65.08
N ALA U 379 5.14 62.74 -66.25
CA ALA U 379 6.58 62.84 -66.39
C ALA U 379 7.29 63.75 -65.40
N ALA U 380 6.59 64.82 -65.04
CA ALA U 380 7.21 65.73 -64.10
C ALA U 380 7.77 65.22 -62.78
N ASN U 381 6.95 64.31 -62.26
CA ASN U 381 7.15 63.51 -61.06
C ASN U 381 8.43 62.69 -60.94
N ILE U 382 8.73 62.05 -62.05
CA ILE U 382 9.78 61.04 -62.00
C ILE U 382 11.11 61.28 -61.30
N THR U 383 11.55 62.53 -61.36
CA THR U 383 12.88 62.99 -61.03
C THR U 383 13.87 62.36 -61.99
N ALA U 384 14.19 61.12 -61.59
CA ALA U 384 15.03 60.24 -62.37
C ALA U 384 14.44 58.92 -62.80
N ILE U 385 14.24 58.74 -64.11
CA ILE U 385 14.24 57.43 -64.70
C ILE U 385 15.60 57.03 -65.28
N THR U 386 16.35 56.17 -64.58
CA THR U 386 17.61 55.71 -65.11
C THR U 386 17.49 54.24 -65.51
N VAL U 387 17.59 54.14 -66.83
CA VAL U 387 17.86 52.87 -67.49
C VAL U 387 19.24 52.33 -67.14
N VAL U 388 19.26 51.32 -66.28
CA VAL U 388 20.44 50.70 -65.70
C VAL U 388 20.89 49.46 -66.46
N SER U 389 19.85 48.64 -66.64
CA SER U 389 20.13 47.28 -67.05
C SER U 389 19.62 46.88 -68.43
N ALA U 390 20.44 47.19 -69.45
CA ALA U 390 20.15 46.66 -70.77
C ALA U 390 21.29 46.14 -71.64
N ALA U 391 22.50 46.63 -71.35
CA ALA U 391 23.66 46.48 -72.20
C ALA U 391 23.53 47.01 -73.62
N GLY U 392 23.62 46.19 -74.67
CA GLY U 392 23.40 46.74 -76.00
C GLY U 392 21.92 47.03 -76.22
N ALA U 393 21.64 48.32 -76.03
CA ALA U 393 20.24 48.70 -75.97
C ALA U 393 19.64 49.18 -77.30
N SER U 394 19.52 48.18 -78.17
CA SER U 394 18.79 48.15 -79.43
C SER U 394 17.85 46.96 -79.46
N ALA U 395 18.17 45.96 -80.28
CA ALA U 395 17.63 44.61 -80.33
C ALA U 395 17.99 43.78 -81.55
N ILE U 396 17.82 42.47 -81.33
CA ILE U 396 17.87 41.38 -82.28
C ILE U 396 16.94 40.29 -81.77
N ASN U 397 16.31 39.70 -82.78
CA ASN U 397 15.41 38.58 -82.65
C ASN U 397 16.04 37.31 -82.07
N LEU U 398 16.29 37.39 -80.76
CA LEU U 398 16.77 36.35 -79.87
C LEU U 398 15.75 35.30 -79.45
N ALA U 399 14.51 35.71 -79.75
CA ALA U 399 13.33 34.88 -79.67
C ALA U 399 13.26 33.79 -80.72
N ILE U 400 12.96 32.60 -80.19
CA ILE U 400 12.75 31.45 -81.05
C ILE U 400 11.53 31.62 -81.95
N ASN U 401 11.78 32.48 -82.95
CA ASN U 401 10.73 33.01 -83.80
C ASN U 401 10.18 32.28 -85.00
N VAL U 402 10.99 31.26 -85.34
CA VAL U 402 10.79 30.42 -86.50
C VAL U 402 9.42 29.76 -86.61
N ARG U 403 8.91 29.31 -85.45
CA ARG U 403 7.75 28.45 -85.41
C ARG U 403 6.64 29.25 -84.72
N GLY U 404 6.75 30.55 -84.94
CA GLY U 404 5.75 31.42 -84.33
C GLY U 404 6.03 31.84 -82.90
N GLN U 405 6.95 31.13 -82.25
CA GLN U 405 7.20 31.33 -80.83
C GLN U 405 7.79 32.70 -80.49
N PRO U 406 7.40 33.35 -79.40
CA PRO U 406 8.09 34.56 -78.98
C PRO U 406 8.76 34.22 -77.65
N ARG U 407 9.87 33.49 -77.83
CA ARG U 407 10.74 33.03 -76.77
C ARG U 407 11.92 33.81 -77.31
N PHE U 408 12.09 34.76 -76.39
CA PHE U 408 13.34 35.25 -75.86
C PHE U 408 14.51 34.62 -75.11
N ASN U 409 15.64 34.55 -75.81
CA ASN U 409 16.89 33.96 -75.42
C ASN U 409 17.18 34.32 -73.97
N MET U 410 17.90 33.48 -73.22
CA MET U 410 18.27 33.80 -71.85
C MET U 410 19.28 34.92 -71.69
N LEU U 411 18.74 36.04 -71.22
CA LEU U 411 19.54 37.11 -70.67
C LEU U 411 19.88 37.22 -69.19
N HIS U 412 21.14 37.64 -68.97
CA HIS U 412 21.60 37.91 -67.62
C HIS U 412 21.77 39.40 -67.40
N LEU U 413 20.85 40.10 -66.74
CA LEU U 413 20.98 41.50 -66.38
C LEU U 413 21.57 41.72 -65.00
N GLN U 414 22.32 42.80 -64.74
CA GLN U 414 22.87 43.18 -63.46
C GLN U 414 22.65 44.66 -63.15
N ALA U 415 22.08 44.82 -61.96
CA ALA U 415 22.05 46.09 -61.27
C ALA U 415 22.66 46.09 -59.88
N THR U 416 23.93 46.47 -59.81
CA THR U 416 24.56 46.70 -58.53
C THR U 416 23.92 47.56 -57.44
N PHE U 417 22.86 46.99 -56.86
CA PHE U 417 22.18 47.62 -55.73
C PHE U 417 23.01 47.75 -54.47
N GLU U 418 23.73 48.87 -54.52
CA GLU U 418 24.42 49.47 -53.40
C GLU U 418 23.78 50.78 -52.96
N ARG U 419 23.04 50.53 -51.88
CA ARG U 419 22.38 51.66 -51.25
C ARG U 419 23.16 52.91 -50.87
N GLU U 420 24.47 52.67 -50.70
CA GLU U 420 25.44 53.73 -50.54
C GLU U 420 25.63 54.65 -51.73
N THR U 421 25.48 54.07 -52.93
CA THR U 421 25.41 54.86 -54.14
C THR U 421 24.49 56.07 -54.21
N ILE U 422 23.34 55.80 -53.59
CA ILE U 422 22.35 56.85 -53.42
C ILE U 422 22.20 57.36 -51.99
N THR U 423 22.42 56.53 -50.98
CA THR U 423 22.17 56.77 -49.57
C THR U 423 20.77 57.22 -49.18
N GLY U 424 19.74 56.53 -49.67
CA GLY U 424 18.38 56.99 -49.50
C GLY U 424 18.04 58.36 -50.07
N ILE U 425 17.05 58.94 -49.38
CA ILE U 425 16.60 60.29 -49.67
C ILE U 425 15.76 60.61 -50.91
N PRO U 426 16.20 60.28 -52.12
CA PRO U 426 15.24 60.09 -53.19
C PRO U 426 14.75 58.69 -53.52
N TYR U 427 13.85 58.22 -52.64
CA TYR U 427 13.64 56.81 -52.39
C TYR U 427 13.68 55.90 -53.61
N ILE U 428 14.28 54.73 -53.40
CA ILE U 428 14.75 53.90 -54.49
C ILE U 428 13.73 52.87 -55.00
N TYR U 429 13.45 53.02 -56.29
CA TYR U 429 12.64 52.16 -57.12
C TYR U 429 13.27 51.66 -58.41
N GLY U 430 12.63 50.62 -58.98
CA GLY U 430 13.06 50.00 -60.21
C GLY U 430 11.89 49.22 -60.80
N LEU U 431 11.99 49.17 -62.13
CA LEU U 431 11.02 48.48 -62.96
C LEU U 431 11.63 47.54 -63.98
N GLY U 432 10.81 46.68 -64.60
CA GLY U 432 11.23 45.76 -65.64
C GLY U 432 10.52 46.02 -66.97
N THR U 433 11.20 46.05 -68.11
CA THR U 433 10.62 46.38 -69.40
C THR U 433 11.44 46.24 -70.67
N PHE U 434 10.75 45.72 -71.68
CA PHE U 434 11.11 45.87 -73.08
C PHE U 434 11.23 47.29 -73.62
N LEU U 435 12.36 47.93 -73.33
CA LEU U 435 12.61 49.34 -73.55
C LEU U 435 13.13 49.51 -74.97
N ILE U 436 12.66 50.50 -75.72
CA ILE U 436 13.12 50.85 -77.04
C ILE U 436 13.68 52.25 -77.23
N PRO U 437 14.71 52.34 -78.08
CA PRO U 437 14.92 53.61 -78.75
C PRO U 437 13.92 53.99 -79.84
N SER U 438 13.72 53.02 -80.74
CA SER U 438 12.76 53.22 -81.80
C SER U 438 11.27 53.37 -81.46
N PRO U 439 10.77 54.56 -81.77
CA PRO U 439 9.60 55.06 -81.07
C PRO U 439 8.39 54.16 -81.16
N THR U 440 7.79 53.94 -79.99
CA THR U 440 6.61 53.09 -79.89
C THR U 440 5.26 53.77 -79.79
N SER U 441 4.37 53.23 -80.64
CA SER U 441 3.05 53.78 -80.80
C SER U 441 2.12 53.60 -79.60
N SER U 442 2.15 54.62 -78.74
CA SER U 442 1.28 54.63 -77.57
C SER U 442 -0.20 54.25 -77.66
N SER U 443 -0.79 54.74 -78.75
CA SER U 443 -2.15 54.38 -79.13
C SER U 443 -2.30 52.89 -79.42
N ASN U 444 -1.39 52.44 -80.29
CA ASN U 444 -1.20 51.02 -80.50
C ASN U 444 -0.94 50.10 -79.33
N PHE U 445 0.26 50.23 -78.75
CA PHE U 445 0.66 49.41 -77.63
C PHE U 445 0.23 50.02 -76.30
N SER U 446 -1.10 49.95 -76.13
CA SER U 446 -1.73 50.20 -74.85
C SER U 446 -1.29 49.47 -73.59
N ASN U 447 -0.76 48.26 -73.74
CA ASN U 447 -0.11 47.65 -72.60
C ASN U 447 1.09 48.35 -71.97
N PRO U 448 1.08 48.68 -70.68
CA PRO U 448 2.14 49.37 -69.97
C PRO U 448 3.45 48.60 -70.06
N THR U 449 3.57 47.48 -69.34
CA THR U 449 4.58 46.50 -69.72
C THR U 449 4.84 45.18 -69.00
N LEU U 450 5.11 44.31 -69.98
CA LEU U 450 5.06 42.91 -69.65
C LEU U 450 6.15 41.83 -69.60
N MET U 451 7.11 42.63 -69.13
CA MET U 451 8.37 41.96 -68.95
C MET U 451 8.50 41.13 -67.68
N ASP U 452 7.94 39.93 -67.74
CA ASP U 452 7.82 38.95 -66.69
C ASP U 452 8.67 37.69 -66.59
N GLY U 453 9.88 37.79 -66.04
CA GLY U 453 10.71 36.64 -65.79
C GLY U 453 11.23 36.36 -64.39
N LEU U 454 12.55 36.19 -64.30
CA LEU U 454 13.07 36.02 -62.96
C LEU U 454 13.94 37.18 -62.51
N LEU U 455 13.92 37.37 -61.19
CA LEU U 455 14.71 38.33 -60.44
C LEU U 455 15.42 37.70 -59.25
N THR U 456 16.67 37.33 -59.52
CA THR U 456 17.49 36.59 -58.58
C THR U 456 18.31 37.59 -57.78
N VAL U 457 17.78 37.97 -56.61
CA VAL U 457 18.48 38.79 -55.65
C VAL U 457 19.72 38.04 -55.17
N THR U 458 20.87 38.67 -55.42
CA THR U 458 22.16 38.35 -54.85
C THR U 458 22.55 39.04 -53.55
N PRO U 459 22.13 38.65 -52.35
CA PRO U 459 22.49 39.31 -51.11
C PRO U 459 23.95 39.23 -50.65
N VAL U 460 24.68 40.04 -51.42
CA VAL U 460 26.11 40.19 -51.23
C VAL U 460 26.68 40.45 -49.85
N LEU U 461 25.96 41.37 -49.21
CA LEU U 461 26.33 41.86 -47.90
C LEU U 461 25.74 40.92 -46.87
N LEU U 462 26.54 39.87 -46.65
CA LEU U 462 26.39 38.97 -45.52
C LEU U 462 26.55 39.66 -44.18
N ARG U 463 27.05 40.90 -44.21
CA ARG U 463 26.93 41.79 -43.07
C ARG U 463 25.63 42.46 -42.68
N GLU U 464 25.18 41.94 -41.53
CA GLU U 464 24.06 42.53 -40.82
C GLU U 464 22.76 41.97 -41.38
N THR U 465 22.27 40.81 -40.94
CA THR U 465 21.07 40.22 -41.51
C THR U 465 19.79 40.87 -40.99
N THR U 466 18.92 41.15 -41.96
CA THR U 466 17.60 41.74 -41.88
C THR U 466 16.61 40.84 -41.16
N TYR U 467 16.00 41.45 -40.15
CA TYR U 467 14.74 41.00 -39.57
C TYR U 467 13.52 41.76 -40.07
N LYS U 468 12.94 41.18 -41.13
CA LYS U 468 11.68 41.63 -41.69
C LYS U 468 11.68 43.11 -42.07
N GLY U 469 12.40 43.39 -43.16
CA GLY U 469 12.65 44.76 -43.58
C GLY U 469 13.52 45.67 -42.73
N GLU U 470 13.62 45.27 -41.46
CA GLU U 470 14.37 45.99 -40.46
C GLU U 470 15.84 45.61 -40.54
N VAL U 471 16.69 46.38 -41.22
CA VAL U 471 18.13 46.21 -41.28
C VAL U 471 18.77 46.36 -39.91
N VAL U 472 18.83 45.22 -39.22
CA VAL U 472 19.38 45.11 -37.88
C VAL U 472 20.56 44.21 -37.61
N ASP U 473 21.37 44.64 -36.64
CA ASP U 473 22.40 43.75 -36.11
C ASP U 473 21.98 42.59 -35.22
N ALA U 474 20.68 42.35 -35.36
CA ALA U 474 19.99 41.40 -34.51
C ALA U 474 19.23 40.31 -35.26
N ILE U 475 19.39 39.07 -34.79
CA ILE U 475 18.55 37.97 -35.21
C ILE U 475 17.89 37.39 -33.96
N VAL U 476 16.58 37.63 -34.01
CA VAL U 476 15.70 37.20 -32.95
C VAL U 476 14.63 36.16 -33.29
N PRO U 477 15.02 34.89 -33.20
CA PRO U 477 14.16 33.78 -33.54
C PRO U 477 12.82 33.73 -32.82
N ALA U 478 12.86 33.69 -31.48
CA ALA U 478 11.60 33.55 -30.79
C ALA U 478 10.50 34.57 -31.12
N THR U 479 10.83 35.80 -31.50
CA THR U 479 9.85 36.79 -31.88
C THR U 479 9.44 36.67 -33.34
N VAL U 480 10.26 36.02 -34.16
CA VAL U 480 9.88 35.75 -35.52
C VAL U 480 8.62 34.90 -35.60
N MET U 481 8.44 34.01 -34.64
CA MET U 481 7.36 33.07 -34.44
C MET U 481 6.01 33.75 -34.63
N ALA U 482 5.11 33.06 -35.34
CA ALA U 482 3.77 33.51 -35.65
C ALA U 482 3.61 34.88 -36.29
N ASN U 483 4.72 35.35 -36.86
CA ASN U 483 4.67 36.61 -37.56
C ASN U 483 5.05 36.64 -39.04
N GLN U 484 4.79 35.44 -39.59
CA GLN U 484 5.09 35.07 -40.95
C GLN U 484 4.15 34.08 -41.62
N THR U 485 3.63 34.62 -42.72
CA THR U 485 2.75 33.89 -43.61
C THR U 485 3.58 33.14 -44.65
N SER U 486 3.06 32.11 -45.30
CA SER U 486 3.90 31.40 -46.24
C SER U 486 4.48 32.24 -47.37
N GLU U 487 3.54 33.08 -47.82
CA GLU U 487 3.85 34.17 -48.73
C GLU U 487 4.99 35.11 -48.39
N GLU U 488 5.01 35.45 -47.10
CA GLU U 488 6.00 36.36 -46.57
C GLU U 488 7.39 35.73 -46.58
N VAL U 489 7.40 34.50 -46.05
CA VAL U 489 8.61 33.70 -46.08
C VAL U 489 9.19 33.56 -47.48
N ALA U 490 8.33 33.11 -48.39
CA ALA U 490 8.77 33.00 -49.76
C ALA U 490 9.37 34.24 -50.43
N SER U 491 8.65 35.32 -50.16
CA SER U 491 9.03 36.68 -50.51
C SER U 491 10.31 37.28 -49.95
N ALA U 492 10.45 36.96 -48.66
CA ALA U 492 11.59 37.45 -47.92
C ALA U 492 13.00 37.40 -48.49
N LEU U 493 13.80 38.44 -48.26
CA LEU U 493 15.16 38.40 -48.75
C LEU U 493 15.98 37.28 -48.15
N ALA U 494 16.90 36.77 -48.98
CA ALA U 494 17.86 35.81 -48.48
C ALA U 494 18.52 36.01 -47.12
N ASN U 495 18.82 37.27 -46.86
CA ASN U 495 19.42 37.89 -45.69
C ASN U 495 18.49 37.99 -44.49
N ASP U 496 17.47 37.13 -44.42
CA ASP U 496 16.42 37.30 -43.44
C ASP U 496 16.19 36.16 -42.46
N ALA U 497 16.18 36.58 -41.20
CA ALA U 497 16.00 35.68 -40.07
C ALA U 497 15.42 34.28 -40.19
N ILE U 498 14.23 34.28 -40.78
CA ILE U 498 13.50 33.09 -41.20
C ILE U 498 14.31 31.94 -41.78
N VAL U 499 15.06 32.20 -42.86
CA VAL U 499 15.70 31.05 -43.47
C VAL U 499 16.89 30.44 -42.73
N LEU U 500 17.47 31.39 -41.99
CA LEU U 500 18.62 31.11 -41.14
C LEU U 500 18.33 30.16 -39.99
N VAL U 501 17.17 30.45 -39.41
CA VAL U 501 16.53 29.72 -38.33
C VAL U 501 16.16 28.33 -38.80
N SER U 502 15.47 28.25 -39.94
CA SER U 502 15.17 26.96 -40.52
C SER U 502 16.43 26.13 -40.76
N ASN U 503 17.50 26.71 -41.28
CA ASN U 503 18.75 26.00 -41.49
C ASN U 503 19.35 25.34 -40.26
N HIS U 504 19.32 26.09 -39.16
CA HIS U 504 19.59 25.61 -37.83
C HIS U 504 18.67 24.52 -37.28
N LEU U 505 17.35 24.75 -37.38
CA LEU U 505 16.24 23.84 -37.23
C LEU U 505 16.23 22.55 -38.03
N ASN U 506 16.85 22.62 -39.21
CA ASN U 506 17.04 21.43 -40.02
C ASN U 506 18.04 20.44 -39.44
N LYS U 507 19.11 20.93 -38.82
CA LYS U 507 20.06 20.17 -38.02
C LYS U 507 19.52 19.54 -36.75
N LEU U 508 18.66 20.28 -36.06
CA LEU U 508 17.85 19.66 -35.02
C LEU U 508 16.99 18.50 -35.48
N ALA U 509 16.22 18.74 -36.55
CA ALA U 509 15.52 17.63 -37.17
C ALA U 509 16.22 16.34 -37.56
N ASN U 510 17.41 16.57 -38.14
CA ASN U 510 18.35 15.56 -38.57
C ASN U 510 18.76 14.61 -37.45
N VAL U 511 19.03 15.29 -36.34
CA VAL U 511 19.37 14.64 -35.10
C VAL U 511 18.27 13.72 -34.59
N VAL U 512 17.11 14.37 -34.59
CA VAL U 512 15.91 13.75 -34.06
C VAL U 512 15.57 12.50 -34.85
N GLY U 513 15.62 12.55 -36.18
CA GLY U 513 15.29 11.38 -36.99
C GLY U 513 16.14 10.12 -37.02
N ASP U 514 17.44 10.43 -36.96
CA ASP U 514 18.51 9.46 -36.89
C ASP U 514 18.75 8.78 -35.56
N ALA U 515 18.50 9.57 -34.51
CA ALA U 515 18.72 9.16 -33.13
C ALA U 515 17.52 8.77 -32.30
N ILE U 516 16.46 9.57 -32.49
CA ILE U 516 15.28 9.31 -31.69
C ILE U 516 14.32 8.60 -32.62
N PRO U 517 13.63 7.53 -32.20
CA PRO U 517 12.70 6.78 -33.03
C PRO U 517 11.29 7.36 -33.18
N VAL U 518 11.44 8.46 -33.93
CA VAL U 518 10.30 9.15 -34.51
C VAL U 518 10.03 8.76 -35.96
N ALA U 519 10.49 7.53 -36.27
CA ALA U 519 10.01 6.89 -37.47
C ALA U 519 8.67 6.19 -37.64
N SER U 520 8.33 5.15 -38.42
CA SER U 520 6.92 4.91 -38.63
C SER U 520 5.82 4.56 -37.63
N ARG U 521 5.63 5.36 -36.58
CA ARG U 521 4.44 5.55 -35.76
C ARG U 521 4.83 5.17 -34.34
N THR U 522 6.16 5.14 -34.16
CA THR U 522 6.70 4.81 -32.85
C THR U 522 6.69 5.93 -31.82
N ASP U 523 5.63 5.95 -31.01
CA ASP U 523 5.63 6.88 -29.89
C ASP U 523 6.45 6.38 -28.72
N ASP U 524 7.57 7.08 -28.53
CA ASP U 524 8.60 6.91 -27.51
C ASP U 524 8.63 8.00 -26.47
N SER U 525 8.73 7.51 -25.23
CA SER U 525 9.16 8.46 -24.23
C SER U 525 10.08 9.67 -24.26
N ALA U 526 11.00 9.44 -25.20
CA ALA U 526 11.74 10.56 -25.73
C ALA U 526 10.97 11.83 -26.07
N THR U 527 9.77 11.62 -26.61
CA THR U 527 8.93 12.72 -27.04
C THR U 527 8.30 13.59 -25.96
N SER U 528 8.69 13.25 -24.72
CA SER U 528 8.14 13.83 -23.51
C SER U 528 8.23 15.30 -23.10
N ALA U 529 9.21 15.94 -23.73
CA ALA U 529 9.58 17.33 -23.60
C ALA U 529 8.51 18.31 -24.04
N ILE U 530 8.05 18.00 -25.26
CA ILE U 530 6.89 18.72 -25.77
C ILE U 530 5.56 18.51 -25.05
N VAL U 531 5.44 17.26 -24.60
CA VAL U 531 4.21 16.98 -23.89
C VAL U 531 4.16 17.65 -22.52
N SER U 532 5.29 17.72 -21.82
CA SER U 532 5.38 18.35 -20.51
C SER U 532 5.08 19.83 -20.54
N ARG U 533 5.49 20.52 -21.61
CA ARG U 533 5.09 21.89 -21.87
C ARG U 533 3.60 22.05 -22.17
N LEU U 534 3.12 21.13 -23.00
CA LEU U 534 1.70 21.05 -23.27
C LEU U 534 0.82 20.80 -22.05
N ALA U 535 1.33 19.86 -21.25
CA ALA U 535 0.54 19.52 -20.08
C ALA U 535 0.27 20.66 -19.10
N VAL U 536 1.31 21.47 -18.89
CA VAL U 536 1.16 22.61 -18.00
C VAL U 536 0.44 23.83 -18.52
N GLN U 537 0.70 23.99 -19.82
CA GLN U 537 -0.09 24.98 -20.54
C GLN U 537 -1.61 24.81 -20.60
N HIS U 538 -2.02 23.54 -20.60
CA HIS U 538 -3.44 23.29 -20.67
C HIS U 538 -4.23 23.56 -19.40
N LYS U 539 -3.66 24.39 -18.52
CA LYS U 539 -4.38 24.57 -17.27
C LYS U 539 -5.43 25.67 -17.30
N LEU U 540 -6.40 25.26 -18.13
CA LEU U 540 -7.58 26.06 -18.34
C LEU U 540 -8.63 25.87 -17.26
N SER U 541 -8.40 26.54 -16.13
CA SER U 541 -9.30 26.40 -15.01
C SER U 541 -10.22 27.61 -14.97
N GLN U 542 -11.49 27.30 -14.68
CA GLN U 542 -12.49 28.35 -14.51
C GLN U 542 -12.94 28.12 -13.07
N VAL U 543 -14.23 28.41 -12.87
CA VAL U 543 -15.01 28.29 -11.66
C VAL U 543 -15.82 27.00 -11.68
N GLY U 544 -15.75 26.27 -10.57
CA GLY U 544 -16.54 25.04 -10.53
C GLY U 544 -15.90 23.85 -11.23
N GLN U 545 -16.58 23.48 -12.32
CA GLN U 545 -16.08 22.55 -13.30
C GLN U 545 -15.20 23.18 -14.37
N ALA U 546 -13.89 23.19 -14.07
CA ALA U 546 -12.85 23.43 -15.03
C ALA U 546 -12.75 22.34 -16.08
N SER U 547 -11.93 22.55 -17.12
CA SER U 547 -11.66 21.75 -18.30
C SER U 547 -11.52 20.30 -17.89
N PRO U 548 -12.50 19.46 -18.23
CA PRO U 548 -12.40 18.04 -17.92
C PRO U 548 -11.72 17.12 -18.92
N THR U 549 -10.41 17.37 -18.85
CA THR U 549 -9.44 16.75 -19.74
C THR U 549 -8.79 15.49 -19.16
N PRO U 550 -9.25 14.30 -19.56
CA PRO U 550 -8.73 13.04 -19.08
C PRO U 550 -7.22 13.09 -19.26
N PRO U 551 -6.47 12.98 -18.16
CA PRO U 551 -5.09 13.40 -18.09
C PRO U 551 -4.17 13.39 -19.31
N ASP U 552 -3.39 14.44 -19.51
CA ASP U 552 -2.57 14.77 -20.67
C ASP U 552 -1.81 13.72 -21.46
N TYR U 553 -1.68 12.65 -20.67
CA TYR U 553 -0.74 11.60 -20.97
C TYR U 553 -0.98 10.70 -22.18
N PRO U 554 -2.24 10.34 -22.46
CA PRO U 554 -2.58 9.81 -23.76
C PRO U 554 -2.79 10.96 -24.73
N LEU U 555 -3.79 11.74 -24.33
CA LEU U 555 -4.37 12.83 -25.08
C LEU U 555 -3.50 13.76 -25.91
N LEU U 556 -2.77 14.59 -25.17
CA LEU U 556 -1.77 15.57 -25.56
C LEU U 556 -0.50 14.97 -26.14
N TRP U 557 -0.16 13.80 -25.57
CA TRP U 557 0.93 12.98 -26.05
C TRP U 557 0.77 12.63 -27.53
N ARG U 558 -0.42 12.17 -27.90
CA ARG U 558 -0.65 11.84 -29.28
C ARG U 558 -0.73 13.01 -30.25
N ARG U 559 -1.39 14.07 -29.77
CA ARG U 559 -1.41 15.35 -30.45
C ARG U 559 -0.06 15.96 -30.74
N ALA U 560 0.80 15.81 -29.72
CA ALA U 560 2.18 16.24 -29.70
C ALA U 560 3.09 15.37 -30.57
N LYS U 561 2.95 14.06 -30.73
CA LYS U 561 3.63 13.33 -31.78
C LYS U 561 3.31 13.82 -33.18
N ARG U 562 2.00 13.93 -33.38
CA ARG U 562 1.49 14.54 -34.61
C ARG U 562 2.10 15.82 -35.15
N ALA U 563 2.14 16.80 -34.26
CA ALA U 563 2.88 18.05 -34.42
C ALA U 563 4.39 17.99 -34.38
N ALA U 564 5.04 17.13 -33.59
CA ALA U 564 6.43 16.82 -33.85
C ALA U 564 6.89 16.35 -35.22
N SER U 565 6.08 15.40 -35.69
CA SER U 565 6.07 14.74 -36.98
C SER U 565 5.90 15.78 -38.09
N MET U 566 4.91 16.66 -38.02
CA MET U 566 4.83 17.85 -38.84
C MET U 566 6.02 18.79 -38.83
N PHE U 567 6.54 19.10 -37.64
CA PHE U 567 7.84 19.73 -37.67
C PHE U 567 9.00 19.08 -38.41
N VAL U 568 9.13 17.78 -38.17
CA VAL U 568 10.11 16.92 -38.80
C VAL U 568 10.09 16.77 -40.32
N SER U 569 8.88 16.50 -40.80
CA SER U 569 8.50 16.55 -42.20
C SER U 569 8.64 17.78 -43.08
N ASN U 570 8.52 18.93 -42.42
CA ASN U 570 8.92 20.25 -42.86
C ASN U 570 9.25 21.24 -41.74
N PRO U 571 10.55 21.44 -41.55
CA PRO U 571 11.02 22.44 -40.62
C PRO U 571 10.58 23.89 -40.58
N SER U 572 10.34 24.40 -41.78
CA SER U 572 9.69 25.70 -41.90
C SER U 572 8.35 26.06 -41.27
N LEU U 573 7.50 25.05 -41.12
CA LEU U 573 6.26 25.16 -40.39
C LEU U 573 6.30 25.84 -39.02
N ALA U 574 7.49 25.77 -38.43
CA ALA U 574 7.81 26.45 -37.20
C ALA U 574 7.74 27.98 -37.21
N LEU U 575 8.01 28.42 -38.44
CA LEU U 575 7.95 29.84 -38.72
C LEU U 575 6.63 30.30 -39.30
N GLN U 576 5.85 29.30 -39.73
CA GLN U 576 4.58 29.54 -40.37
C GLN U 576 3.40 29.65 -39.43
N VAL U 577 2.88 30.89 -39.51
CA VAL U 577 1.60 31.19 -38.91
C VAL U 577 0.55 30.09 -38.99
N GLY U 578 -0.06 30.01 -37.80
CA GLY U 578 -1.27 29.22 -37.64
C GLY U 578 -1.13 27.72 -37.52
N ILE U 579 -0.07 27.34 -36.78
CA ILE U 579 0.28 25.95 -36.66
C ILE U 579 -0.20 25.64 -35.24
N PRO U 580 -1.11 24.68 -35.03
CA PRO U 580 -1.80 24.51 -33.76
C PRO U 580 -1.04 24.83 -32.48
N VAL U 581 -0.10 23.94 -32.17
CA VAL U 581 0.68 24.00 -30.94
C VAL U 581 2.14 24.42 -30.98
N LEU U 582 2.79 24.31 -32.14
CA LEU U 582 4.12 24.83 -32.37
C LEU U 582 4.34 26.34 -32.40
N THR U 583 3.28 27.07 -32.76
CA THR U 583 3.17 28.48 -32.52
C THR U 583 3.67 28.99 -31.18
N GLN U 584 3.64 28.13 -30.15
CA GLN U 584 4.27 28.33 -28.86
C GLN U 584 5.72 27.89 -28.73
N SER U 585 6.50 28.96 -28.85
CA SER U 585 7.95 28.91 -28.82
C SER U 585 8.66 28.18 -27.70
N GLY U 586 7.93 28.15 -26.58
CA GLY U 586 8.18 27.33 -25.41
C GLY U 586 8.42 25.86 -25.70
N MET U 587 7.43 25.33 -26.43
CA MET U 587 7.61 23.99 -26.94
C MET U 587 8.77 23.74 -27.92
N LEU U 588 9.13 24.83 -28.59
CA LEU U 588 10.27 24.61 -29.45
C LEU U 588 11.58 24.68 -28.68
N SER U 589 11.67 25.58 -27.70
CA SER U 589 12.76 25.65 -26.75
C SER U 589 12.95 24.36 -25.96
N ALA U 590 11.80 23.83 -25.52
CA ALA U 590 11.73 22.55 -24.86
C ALA U 590 12.24 21.33 -25.62
N LEU U 591 11.97 21.33 -26.92
CA LEU U 591 12.44 20.30 -27.84
C LEU U 591 13.94 20.38 -28.05
N THR U 592 14.35 21.60 -28.39
CA THR U 592 15.72 21.99 -28.63
C THR U 592 16.68 21.54 -27.53
N SER U 593 16.38 22.00 -26.32
CA SER U 593 17.08 21.60 -25.12
C SER U 593 16.95 20.11 -24.84
N GLY U 594 15.66 19.74 -24.75
CA GLY U 594 15.29 18.36 -24.52
C GLY U 594 16.10 17.27 -25.21
N VAL U 595 16.33 17.45 -26.50
CA VAL U 595 17.09 16.47 -27.26
C VAL U 595 18.48 16.08 -26.75
N GLY U 596 19.15 17.15 -26.32
CA GLY U 596 20.51 16.94 -25.88
C GLY U 596 20.73 16.04 -24.68
N THR U 597 19.92 16.30 -23.65
CA THR U 597 19.73 15.35 -22.56
C THR U 597 19.39 13.92 -22.97
N ALA U 598 18.44 13.83 -23.89
CA ALA U 598 18.03 12.59 -24.51
C ALA U 598 19.08 11.75 -25.22
N LEU U 599 20.04 12.42 -25.85
CA LEU U 599 21.23 11.84 -26.44
C LEU U 599 22.16 11.44 -25.31
N ARG U 600 22.53 12.42 -24.48
CA ARG U 600 23.33 12.31 -23.29
C ARG U 600 23.18 11.04 -22.47
N THR U 601 21.98 10.85 -21.91
CA THR U 601 21.70 9.70 -21.06
C THR U 601 20.74 8.62 -21.54
N GLY U 602 20.64 8.60 -22.87
CA GLY U 602 19.80 7.63 -23.55
C GLY U 602 20.47 6.28 -23.53
N SER U 603 19.66 5.28 -23.18
CA SER U 603 20.23 3.95 -23.16
C SER U 603 20.07 3.37 -24.56
N LEU U 604 21.07 3.63 -25.41
CA LEU U 604 21.21 3.34 -26.82
C LEU U 604 20.11 2.69 -27.65
N GLY U 605 19.32 3.64 -28.15
CA GLY U 605 18.04 3.39 -28.78
C GLY U 605 18.00 2.48 -30.00
N LYS U 606 17.61 1.23 -29.75
CA LYS U 606 17.49 0.32 -30.87
C LYS U 606 16.11 -0.29 -31.06
N GLY U 607 15.36 0.43 -31.90
CA GLY U 607 14.01 0.02 -32.21
C GLY U 607 13.69 -1.44 -32.53
N VAL U 608 12.94 -2.00 -31.59
CA VAL U 608 12.58 -3.40 -31.73
C VAL U 608 12.17 -3.96 -33.08
N THR U 609 11.27 -3.22 -33.75
CA THR U 609 10.92 -3.41 -35.13
C THR U 609 12.13 -3.60 -36.04
N ASP U 610 12.93 -2.53 -36.01
CA ASP U 610 14.09 -2.52 -36.89
C ASP U 610 15.11 -3.61 -36.65
N ALA U 611 15.21 -4.00 -35.38
CA ALA U 611 16.10 -5.09 -35.05
C ALA U 611 15.78 -6.40 -35.75
N SER U 612 14.57 -6.89 -35.49
CA SER U 612 14.00 -8.04 -36.16
C SER U 612 14.08 -8.10 -37.67
N GLU U 613 13.79 -6.90 -38.17
CA GLU U 613 13.88 -6.71 -39.61
C GLU U 613 15.24 -6.77 -40.29
N LYS U 614 16.16 -6.19 -39.51
CA LYS U 614 17.56 -6.30 -39.86
C LYS U 614 18.17 -7.68 -39.77
N LEU U 615 17.81 -8.32 -38.65
CA LEU U 615 18.00 -9.76 -38.54
C LEU U 615 17.61 -10.77 -39.60
N ARG U 616 16.34 -10.56 -39.99
CA ARG U 616 15.71 -11.26 -41.08
C ARG U 616 16.35 -10.98 -42.44
N ALA U 617 16.43 -9.69 -42.80
CA ALA U 617 17.09 -9.35 -44.05
C ALA U 617 18.52 -9.84 -44.24
N ARG U 618 19.16 -9.76 -43.08
CA ARG U 618 20.52 -10.24 -42.98
C ARG U 618 20.85 -11.71 -43.21
N GLN U 619 19.84 -12.41 -42.69
CA GLN U 619 19.86 -13.85 -42.81
C GLN U 619 19.70 -14.30 -44.25
N SER U 620 18.63 -13.78 -44.88
CA SER U 620 18.29 -13.98 -46.27
C SER U 620 19.36 -13.61 -47.29
N LEU U 621 20.08 -12.55 -46.94
CA LEU U 621 21.29 -12.21 -47.65
C LEU U 621 22.43 -13.21 -47.74
N THR U 622 22.75 -13.67 -46.52
CA THR U 622 23.59 -14.81 -46.25
C THR U 622 23.10 -16.01 -47.05
N VAL U 623 21.82 -16.39 -46.96
CA VAL U 623 21.29 -17.45 -47.78
C VAL U 623 21.63 -17.42 -49.27
N ALA U 624 21.25 -16.30 -49.88
CA ALA U 624 21.57 -16.03 -51.27
C ALA U 624 23.06 -16.02 -51.55
N LYS U 625 23.93 -15.53 -50.66
CA LYS U 625 25.37 -15.70 -50.78
C LYS U 625 25.94 -17.11 -50.83
N GLN U 626 25.44 -17.86 -49.86
CA GLN U 626 25.53 -19.30 -49.94
C GLN U 626 25.16 -19.94 -51.26
N ALA U 627 23.92 -19.67 -51.68
CA ALA U 627 23.49 -20.07 -53.00
C ALA U 627 24.33 -19.62 -54.18
N PHE U 628 24.89 -18.40 -54.15
CA PHE U 628 25.88 -17.95 -55.10
C PHE U 628 27.18 -18.73 -55.19
N PHE U 629 27.73 -18.88 -53.99
CA PHE U 629 28.91 -19.71 -53.83
C PHE U 629 28.69 -21.13 -54.36
N ASP U 630 27.50 -21.62 -54.01
CA ASP U 630 27.05 -22.90 -54.52
C ASP U 630 27.08 -23.14 -56.02
N GLN U 631 26.55 -22.12 -56.70
CA GLN U 631 26.64 -21.98 -58.14
C GLN U 631 28.08 -21.97 -58.60
N ILE U 632 28.94 -21.19 -57.92
CA ILE U 632 30.38 -21.20 -58.16
C ILE U 632 31.03 -22.55 -57.91
N GLY U 633 30.63 -23.20 -56.82
CA GLY U 633 30.99 -24.60 -56.62
C GLY U 633 30.67 -25.57 -57.75
N SER U 634 29.48 -25.36 -58.31
CA SER U 634 28.97 -26.07 -59.46
C SER U 634 29.73 -25.94 -60.77
N LEU U 635 30.08 -24.67 -61.02
CA LEU U 635 30.67 -24.30 -62.29
C LEU U 635 32.17 -24.50 -62.47
N TRP U 636 32.81 -24.35 -61.31
CA TRP U 636 34.14 -24.90 -61.14
C TRP U 636 34.40 -25.38 -59.72
N PRO U 637 34.08 -26.66 -59.50
CA PRO U 637 34.35 -27.37 -58.28
C PRO U 637 35.86 -27.50 -58.20
N GLY U 638 36.52 -26.39 -57.84
CA GLY U 638 37.96 -26.34 -57.64
C GLY U 638 38.50 -27.35 -56.65
N LYS U 639 39.19 -28.39 -57.15
CA LYS U 639 39.77 -29.44 -56.34
C LYS U 639 38.94 -30.05 -55.23
N THR V 1 64.23 37.91 -22.69
CA THR V 1 63.83 38.35 -24.02
C THR V 1 64.81 39.25 -24.78
N TYR V 2 64.67 39.10 -26.10
CA TYR V 2 65.51 39.79 -27.05
C TYR V 2 64.85 40.90 -27.86
N ASN V 3 65.59 41.99 -28.03
CA ASN V 3 65.26 43.07 -28.95
C ASN V 3 64.78 42.53 -30.30
N ILE V 4 63.51 42.80 -30.59
CA ILE V 4 63.07 42.28 -31.88
C ILE V 4 63.60 42.85 -33.19
N THR V 5 63.99 44.10 -32.96
CA THR V 5 64.55 44.91 -34.01
C THR V 5 66.04 44.78 -34.31
N GLY V 6 66.41 43.49 -34.38
CA GLY V 6 67.73 43.04 -34.74
C GLY V 6 67.97 42.15 -35.95
N ASP V 7 69.22 41.80 -36.23
CA ASP V 7 69.66 41.06 -37.40
C ASP V 7 70.15 39.67 -37.05
N GLY V 8 69.88 38.81 -38.03
CA GLY V 8 70.07 37.38 -37.93
C GLY V 8 68.85 36.48 -38.05
N ASN V 9 67.67 37.08 -37.83
CA ASN V 9 66.38 36.43 -37.90
C ASN V 9 65.85 35.85 -39.20
N SER V 10 65.69 34.53 -39.20
CA SER V 10 65.22 33.69 -40.29
C SER V 10 63.72 33.75 -40.50
N PHE V 11 63.41 33.81 -41.80
CA PHE V 11 62.05 33.65 -42.26
C PHE V 11 61.98 32.42 -43.16
N THR V 12 61.86 31.35 -42.38
CA THR V 12 61.72 30.04 -42.96
C THR V 12 60.48 29.22 -42.62
N PRO V 13 59.41 29.53 -43.36
CA PRO V 13 58.25 28.67 -43.46
C PRO V 13 58.42 27.39 -44.27
N THR V 14 58.26 26.29 -43.53
CA THR V 14 58.37 24.93 -44.01
C THR V 14 57.18 24.06 -43.64
N SER V 15 56.98 23.11 -44.57
CA SER V 15 55.94 22.12 -44.38
C SER V 15 55.90 21.26 -43.13
N ASP V 16 57.17 21.12 -42.77
CA ASP V 16 57.67 20.50 -41.55
C ASP V 16 57.21 21.15 -40.26
N MET V 17 57.12 22.48 -40.38
CA MET V 17 56.78 23.44 -39.34
C MET V 17 55.46 24.18 -39.57
N THR V 18 54.40 23.43 -39.86
CA THR V 18 53.12 24.05 -40.13
C THR V 18 52.45 24.58 -38.88
N SER V 19 52.52 25.91 -38.96
CA SER V 19 51.79 26.56 -37.90
C SER V 19 51.00 25.43 -37.23
N THR V 20 50.75 25.42 -35.93
CA THR V 20 49.82 24.88 -34.96
C THR V 20 50.00 25.28 -33.50
N ALA V 21 48.93 25.30 -32.71
CA ALA V 21 48.74 25.76 -31.35
C ALA V 21 47.89 24.66 -30.72
N ALA V 22 47.29 24.92 -29.56
CA ALA V 22 46.12 24.13 -29.23
C ALA V 22 44.78 24.86 -29.23
N PRO V 23 44.09 24.82 -30.38
CA PRO V 23 42.90 25.58 -30.66
C PRO V 23 41.86 25.03 -29.68
N ALA V 24 41.48 23.75 -29.58
CA ALA V 24 40.42 23.20 -28.76
C ALA V 24 40.83 21.79 -28.38
N ILE V 25 40.24 21.42 -27.24
CA ILE V 25 40.48 20.04 -26.87
C ILE V 25 39.31 19.07 -26.83
N ASP V 26 39.52 17.75 -26.93
CA ASP V 26 38.41 16.84 -26.69
C ASP V 26 37.80 16.84 -25.29
N LEU V 27 36.51 17.18 -25.22
CA LEU V 27 35.74 17.10 -24.00
C LEU V 27 34.43 16.30 -24.01
N LYS V 28 34.56 15.14 -24.64
CA LYS V 28 33.38 14.31 -24.82
C LYS V 28 33.04 13.70 -23.47
N PRO V 29 31.76 13.60 -23.09
CA PRO V 29 31.39 13.03 -21.81
C PRO V 29 31.96 11.68 -21.41
N GLY V 30 31.76 10.84 -22.43
CA GLY V 30 32.37 9.52 -22.48
C GLY V 30 33.82 9.53 -22.03
N VAL V 31 34.48 10.57 -22.55
CA VAL V 31 35.89 10.75 -22.36
C VAL V 31 36.29 11.31 -20.99
N LEU V 32 35.35 12.03 -20.37
CA LEU V 32 35.60 12.53 -19.03
C LEU V 32 35.89 11.58 -17.88
N ASN V 33 35.38 10.35 -17.99
CA ASN V 33 35.37 9.44 -16.86
C ASN V 33 36.62 8.96 -16.14
N PRO V 34 37.42 8.06 -16.72
CA PRO V 34 38.37 7.28 -15.95
C PRO V 34 38.71 7.63 -14.51
N THR V 35 38.02 7.05 -13.52
CA THR V 35 36.90 6.13 -13.48
C THR V 35 36.27 6.00 -12.10
N GLY V 36 36.86 5.13 -11.27
CA GLY V 36 36.42 4.66 -9.98
C GLY V 36 36.33 5.75 -8.94
N LYS V 37 35.17 5.95 -8.29
CA LYS V 37 35.13 6.82 -7.13
C LYS V 37 35.69 6.08 -5.93
N LEU V 38 36.35 6.89 -5.11
CA LEU V 38 36.99 6.41 -3.90
C LEU V 38 36.10 6.40 -2.66
N TRP V 39 36.11 5.19 -2.10
CA TRP V 39 35.33 4.84 -0.93
C TRP V 39 36.00 4.29 0.31
N ARG V 40 35.34 3.81 1.36
CA ARG V 40 35.85 3.39 2.66
C ARG V 40 34.92 2.36 3.30
N PRO V 41 35.45 1.37 4.02
CA PRO V 41 34.80 0.34 4.81
C PRO V 41 34.08 0.86 6.06
N VAL V 42 32.96 1.46 5.68
CA VAL V 42 32.09 2.22 6.55
C VAL V 42 32.73 3.51 7.04
N GLY V 43 33.75 3.20 7.84
CA GLY V 43 34.64 4.15 8.49
C GLY V 43 35.49 3.51 9.57
N THR V 44 35.02 2.39 10.12
CA THR V 44 35.78 1.50 10.97
C THR V 44 36.87 0.68 10.28
N SER V 45 37.61 -0.12 11.06
CA SER V 45 38.76 -0.90 10.64
C SER V 45 38.42 -1.95 9.60
N VAL V 46 39.43 -2.78 9.32
CA VAL V 46 39.37 -3.74 8.24
C VAL V 46 38.58 -4.94 8.75
N ALA V 47 37.29 -4.76 8.48
CA ALA V 47 36.20 -5.68 8.74
C ALA V 47 34.94 -5.49 7.91
N THR V 48 34.53 -4.23 7.91
CA THR V 48 33.38 -3.81 7.14
C THR V 48 33.35 -3.75 5.63
N ILE V 49 34.24 -4.46 4.92
CA ILE V 49 34.41 -4.57 3.50
C ILE V 49 33.13 -4.66 2.68
N ASP V 50 32.22 -5.39 3.34
CA ASP V 50 30.84 -5.44 2.90
C ASP V 50 30.05 -4.17 2.60
N SER V 51 30.52 -3.11 3.26
CA SER V 51 29.93 -1.77 3.21
C SER V 51 30.95 -0.71 2.85
N LEU V 52 30.63 0.06 1.82
CA LEU V 52 31.32 1.30 1.56
C LEU V 52 30.48 2.57 1.43
N ALA V 53 31.01 3.61 2.06
CA ALA V 53 30.68 5.01 1.94
C ALA V 53 31.71 5.83 1.18
N ILE V 54 31.17 6.63 0.24
CA ILE V 54 32.08 7.54 -0.43
C ILE V 54 32.75 8.57 0.46
N VAL V 55 34.05 8.69 0.15
CA VAL V 55 34.92 9.70 0.69
C VAL V 55 34.32 11.08 0.47
N SER V 56 35.05 12.06 1.00
CA SER V 56 34.50 13.36 1.34
C SER V 56 34.34 14.31 0.15
N ASP V 57 33.20 14.04 -0.49
CA ASP V 57 32.61 14.80 -1.57
C ASP V 57 32.23 16.21 -1.17
N ARG V 58 31.89 16.24 0.12
CA ARG V 58 31.75 17.42 0.94
C ARG V 58 32.49 18.72 0.66
N PHE V 59 33.79 18.43 0.57
CA PHE V 59 34.75 19.43 0.11
C PHE V 59 36.06 19.03 -0.54
N GLY V 60 36.19 17.73 -0.84
CA GLY V 60 37.46 17.15 -1.23
C GLY V 60 37.19 15.72 -1.65
N GLN V 61 38.12 14.85 -1.22
CA GLN V 61 38.17 13.46 -1.62
C GLN V 61 37.04 12.79 -2.38
N TYR V 62 37.33 12.93 -3.68
CA TYR V 62 36.55 12.34 -4.76
C TYR V 62 37.26 11.17 -5.42
N SER V 63 36.79 10.83 -6.63
CA SER V 63 37.23 9.77 -7.50
C SER V 63 38.71 9.71 -7.83
N PHE V 64 39.25 8.54 -8.18
CA PHE V 64 40.48 8.40 -8.94
C PHE V 64 40.55 9.21 -10.23
N VAL V 65 41.47 10.18 -10.30
CA VAL V 65 41.55 11.10 -11.41
C VAL V 65 41.83 10.47 -12.77
N ASN V 66 41.19 11.06 -13.77
CA ASN V 66 41.33 10.69 -15.17
C ASN V 66 42.76 10.99 -15.61
N GLU V 67 43.63 9.98 -15.61
CA GLU V 67 44.92 10.00 -16.28
C GLU V 67 45.06 10.82 -17.55
N GLY V 68 44.08 10.65 -18.44
CA GLY V 68 44.01 11.36 -19.70
C GLY V 68 43.66 12.83 -19.47
N MET V 69 42.69 13.02 -18.57
CA MET V 69 42.22 14.35 -18.24
C MET V 69 43.25 15.23 -17.56
N ARG V 70 43.98 14.65 -16.61
CA ARG V 70 45.19 15.26 -16.12
C ARG V 70 46.28 15.73 -17.07
N GLU V 71 46.59 14.75 -17.91
CA GLU V 71 47.55 14.94 -18.99
C GLU V 71 47.11 16.00 -19.99
N THR V 72 45.86 15.93 -20.44
CA THR V 72 45.23 16.95 -21.24
C THR V 72 45.15 18.39 -20.74
N PHE V 73 44.53 18.39 -19.56
CA PHE V 73 44.43 19.61 -18.80
C PHE V 73 45.65 20.45 -18.46
N SER V 74 46.74 19.76 -18.07
CA SER V 74 48.07 20.26 -17.85
C SER V 74 48.57 20.90 -19.13
N LYS V 75 48.32 20.27 -20.28
CA LYS V 75 48.65 20.80 -21.60
C LYS V 75 48.07 22.14 -22.00
N ALA V 76 46.78 22.16 -21.64
CA ALA V 76 45.95 23.35 -21.71
C ALA V 76 46.55 24.51 -20.93
N LEU V 77 46.96 24.20 -19.69
CA LEU V 77 47.62 25.20 -18.89
C LEU V 77 48.87 25.83 -19.50
N PHE V 78 49.56 25.02 -20.31
CA PHE V 78 50.72 25.35 -21.09
C PHE V 78 50.57 26.35 -22.24
N ASP V 79 49.43 26.31 -22.94
CA ASP V 79 48.95 27.41 -23.74
C ASP V 79 49.06 28.80 -23.11
N ILE V 80 48.54 28.96 -21.90
CA ILE V 80 48.62 30.21 -21.16
C ILE V 80 50.04 30.66 -20.82
N ASN V 81 50.82 29.64 -20.47
CA ASN V 81 52.24 29.70 -20.20
C ASN V 81 53.11 30.25 -21.33
N MET V 82 52.63 29.99 -22.55
CA MET V 82 53.20 30.54 -23.77
C MET V 82 53.22 32.06 -23.87
N TRP V 83 52.26 32.60 -23.13
CA TRP V 83 52.20 34.03 -22.91
C TRP V 83 52.53 34.59 -21.53
N GLN V 84 53.18 33.80 -20.68
CA GLN V 84 53.48 34.21 -19.32
C GLN V 84 54.09 35.57 -19.03
N PRO V 85 55.14 35.94 -19.79
CA PRO V 85 55.69 37.27 -19.70
C PRO V 85 54.76 38.43 -20.00
N LEU V 86 53.84 38.11 -20.91
CA LEU V 86 52.81 39.07 -21.27
C LEU V 86 51.65 39.21 -20.28
N PHE V 87 51.13 38.07 -19.85
CA PHE V 87 50.21 38.05 -18.73
C PHE V 87 50.66 38.83 -17.50
N GLN V 88 51.90 38.48 -17.14
CA GLN V 88 52.57 39.11 -16.02
C GLN V 88 52.66 40.62 -16.10
N ALA V 89 53.01 41.03 -17.33
CA ALA V 89 53.11 42.44 -17.64
C ALA V 89 51.77 43.16 -17.63
N THR V 90 50.73 42.44 -18.05
CA THR V 90 49.34 42.86 -17.98
C THR V 90 48.78 42.80 -16.57
N LYS V 91 49.54 42.34 -15.57
CA LYS V 91 49.03 42.10 -14.24
C LYS V 91 47.73 41.38 -13.92
N THR V 92 47.48 40.43 -14.83
CA THR V 92 46.22 39.72 -14.94
C THR V 92 46.18 38.34 -14.31
N GLY V 93 46.63 38.28 -13.05
CA GLY V 93 46.71 37.05 -12.30
C GLY V 93 47.57 35.94 -12.86
N CYS V 94 48.62 36.31 -13.60
CA CYS V 94 49.43 35.39 -14.37
C CYS V 94 49.92 34.04 -13.85
N GLY V 95 50.17 34.06 -12.54
CA GLY V 95 50.77 32.97 -11.79
C GLY V 95 50.39 31.54 -12.14
N PRO V 96 51.28 30.88 -12.89
CA PRO V 96 50.94 29.55 -13.33
C PRO V 96 50.39 28.46 -12.42
N ILE V 97 49.09 28.24 -12.60
CA ILE V 97 48.28 27.38 -11.75
C ILE V 97 48.77 26.16 -10.98
N VAL V 98 49.53 25.36 -11.71
CA VAL V 98 50.03 24.09 -11.22
C VAL V 98 48.99 23.10 -10.70
N LEU V 99 48.35 22.61 -11.77
CA LEU V 99 47.23 21.69 -11.70
C LEU V 99 47.31 20.56 -10.68
N SER V 100 48.57 20.12 -10.63
CA SER V 100 49.08 19.12 -9.71
C SER V 100 48.72 19.30 -8.23
N SER V 101 48.65 20.57 -7.85
CA SER V 101 48.29 20.95 -6.50
C SER V 101 46.86 20.60 -6.16
N PHE V 102 46.06 20.64 -7.22
CA PHE V 102 44.66 20.27 -7.14
C PHE V 102 44.21 18.81 -7.03
N THR V 103 44.98 18.03 -7.77
CA THR V 103 45.09 16.58 -7.75
C THR V 103 45.64 16.02 -6.45
N THR V 104 44.76 15.92 -5.45
CA THR V 104 45.04 15.59 -4.07
C THR V 104 44.80 14.16 -3.61
N THR V 105 45.52 13.71 -2.59
CA THR V 105 45.56 12.30 -2.30
C THR V 105 44.19 11.78 -1.90
N THR V 106 43.76 10.69 -2.54
CA THR V 106 42.66 9.83 -2.12
C THR V 106 43.07 8.41 -1.82
N SER V 107 42.70 7.80 -0.68
CA SER V 107 43.19 6.51 -0.24
C SER V 107 42.08 5.65 0.37
N GLY V 108 41.84 4.58 -0.39
CA GLY V 108 40.84 3.58 -0.11
C GLY V 108 40.34 2.71 -1.26
N TYR V 109 39.03 2.53 -1.35
CA TYR V 109 38.48 1.71 -2.41
C TYR V 109 38.08 2.34 -3.73
N VAL V 110 38.40 1.68 -4.84
CA VAL V 110 38.13 2.14 -6.18
C VAL V 110 37.07 1.30 -6.88
N GLY V 111 35.92 1.96 -7.06
CA GLY V 111 34.96 1.43 -8.00
C GLY V 111 33.75 2.32 -8.28
N ALA V 112 33.30 2.02 -9.50
CA ALA V 112 32.08 2.60 -10.03
C ALA V 112 30.80 2.58 -9.23
N THR V 113 30.46 1.35 -8.81
CA THR V 113 29.42 1.06 -7.84
C THR V 113 29.90 0.47 -6.53
N ALA V 114 29.20 0.63 -5.41
CA ALA V 114 29.52 0.00 -4.15
C ALA V 114 29.90 -1.45 -4.40
N GLY V 115 28.97 -2.14 -5.05
CA GLY V 115 29.24 -3.40 -5.70
C GLY V 115 30.67 -3.78 -6.06
N ASP V 116 30.96 -3.13 -7.19
CA ASP V 116 32.31 -3.24 -7.69
C ASP V 116 33.50 -2.78 -6.84
N ALA V 117 33.19 -1.66 -6.19
CA ALA V 117 34.16 -1.01 -5.34
C ALA V 117 34.63 -1.74 -4.08
N LEU V 118 33.70 -2.55 -3.60
CA LEU V 118 33.95 -3.44 -2.49
C LEU V 118 35.19 -4.32 -2.60
N ASP V 119 35.36 -4.79 -3.84
CA ASP V 119 36.46 -5.64 -4.25
C ASP V 119 37.89 -5.18 -4.44
N ASN V 120 37.91 -3.87 -4.71
CA ASN V 120 39.11 -3.17 -5.12
C ASN V 120 39.52 -2.02 -4.19
N PRO V 121 40.62 -2.13 -3.45
CA PRO V 121 41.09 -0.95 -2.75
C PRO V 121 42.43 -0.51 -3.32
N VAL V 122 42.45 0.81 -3.55
CA VAL V 122 43.59 1.51 -4.09
C VAL V 122 44.15 2.62 -3.21
N THR V 123 45.21 2.29 -2.46
CA THR V 123 45.84 3.19 -1.51
C THR V 123 46.74 4.28 -2.10
N ASN V 124 46.40 5.42 -1.51
CA ASN V 124 47.04 6.71 -1.75
C ASN V 124 47.37 7.13 -3.17
N GLY V 125 46.25 7.30 -3.88
CA GLY V 125 46.20 7.91 -5.19
C GLY V 125 45.77 9.36 -5.09
N VAL V 126 44.96 9.74 -6.08
CA VAL V 126 44.43 11.07 -6.26
C VAL V 126 43.04 11.31 -6.83
N PHE V 127 42.39 12.30 -6.21
CA PHE V 127 41.12 12.92 -6.54
C PHE V 127 41.20 14.41 -6.87
N ILE V 128 40.10 14.91 -7.43
CA ILE V 128 39.80 16.32 -7.55
C ILE V 128 38.36 16.62 -7.17
N SER V 129 38.15 17.76 -6.50
CA SER V 129 36.86 18.19 -6.02
C SER V 129 36.12 19.07 -7.03
N THR V 130 34.80 18.83 -7.06
CA THR V 130 33.80 19.61 -7.76
C THR V 130 34.02 21.11 -7.64
N VAL V 131 34.12 21.49 -6.37
CA VAL V 131 34.52 22.83 -5.98
C VAL V 131 35.81 23.26 -6.65
N GLN V 132 36.83 22.43 -6.44
CA GLN V 132 38.11 22.70 -7.04
C GLN V 132 38.21 22.84 -8.55
N ILE V 133 37.64 21.83 -9.20
CA ILE V 133 37.49 21.95 -10.64
C ILE V 133 36.70 23.19 -11.06
N MET V 134 35.65 23.56 -10.33
CA MET V 134 34.90 24.78 -10.50
C MET V 134 35.79 26.00 -10.63
N ASN V 135 36.61 26.20 -9.59
CA ASN V 135 37.54 27.29 -9.45
C ASN V 135 38.75 27.28 -10.38
N LEU V 136 39.34 26.11 -10.67
CA LEU V 136 40.29 25.80 -11.72
C LEU V 136 39.88 26.16 -13.15
N GLN V 137 38.75 25.57 -13.53
CA GLN V 137 38.09 25.98 -14.74
C GLN V 137 37.86 27.48 -14.93
N ARG V 138 37.29 28.06 -13.88
CA ARG V 138 37.01 29.47 -13.71
C ARG V 138 38.22 30.29 -14.14
N THR V 139 39.37 29.97 -13.57
CA THR V 139 40.68 30.52 -13.90
C THR V 139 41.10 30.38 -15.36
N ILE V 140 41.05 29.13 -15.84
CA ILE V 140 41.37 28.86 -17.22
C ILE V 140 40.54 29.62 -18.24
N ALA V 141 39.23 29.69 -17.99
CA ALA V 141 38.26 30.40 -18.80
C ALA V 141 38.53 31.90 -18.90
N ALA V 142 38.94 32.38 -17.73
CA ALA V 142 39.29 33.77 -17.51
C ALA V 142 40.54 34.23 -18.23
N ARG V 143 41.48 33.27 -18.21
CA ARG V 143 42.75 33.37 -18.90
C ARG V 143 42.57 33.53 -20.40
N MET V 144 41.73 32.62 -20.89
CA MET V 144 41.26 32.59 -22.26
C MET V 144 40.53 33.85 -22.72
N ARG V 145 39.60 34.22 -21.84
CA ARG V 145 39.04 35.52 -22.18
C ARG V 145 39.76 36.86 -22.07
N ASP V 146 40.86 36.66 -21.34
CA ASP V 146 41.88 37.68 -21.39
C ASP V 146 42.80 37.78 -22.60
N VAL V 147 42.97 36.61 -23.22
CA VAL V 147 43.81 36.46 -24.40
C VAL V 147 43.09 36.66 -25.73
N ALA V 148 41.77 36.71 -25.66
CA ALA V 148 40.91 36.77 -26.84
C ALA V 148 41.13 37.85 -27.88
N LEU V 149 41.65 38.96 -27.34
CA LEU V 149 42.14 40.06 -28.13
C LEU V 149 43.51 39.82 -28.74
N TRP V 150 44.32 39.13 -27.93
CA TRP V 150 45.70 38.86 -28.28
C TRP V 150 45.76 37.88 -29.45
N GLN V 151 45.01 36.80 -29.28
CA GLN V 151 44.91 35.75 -30.26
C GLN V 151 44.64 36.29 -31.66
N LYS V 152 43.58 37.11 -31.69
CA LYS V 152 43.13 37.80 -32.88
C LYS V 152 44.22 38.60 -33.58
N HIS V 153 44.82 39.46 -32.74
CA HIS V 153 45.92 40.30 -33.16
C HIS V 153 47.10 39.50 -33.72
N LEU V 154 47.50 38.46 -32.99
CA LEU V 154 48.51 37.53 -33.43
C LEU V 154 48.33 36.90 -34.82
N ASP V 155 47.10 36.40 -34.99
CA ASP V 155 46.52 35.97 -36.24
C ASP V 155 46.54 36.91 -37.44
N THR V 156 46.29 38.17 -37.10
CA THR V 156 46.27 39.15 -38.17
C THR V 156 47.60 39.33 -38.88
N ALA V 157 48.61 39.42 -38.01
CA ALA V 157 50.01 39.49 -38.37
C ALA V 157 50.44 38.38 -39.32
N MET V 158 50.12 37.20 -38.81
CA MET V 158 50.32 35.91 -39.44
C MET V 158 49.62 35.64 -40.76
N THR V 159 48.56 36.44 -40.91
CA THR V 159 47.99 36.51 -42.25
C THR V 159 48.30 37.66 -43.20
N MET V 160 48.47 38.84 -42.59
CA MET V 160 48.86 40.02 -43.33
C MET V 160 50.10 40.06 -44.20
N LEU V 161 51.04 39.15 -43.98
CA LEU V 161 51.92 38.46 -44.91
C LEU V 161 52.25 37.04 -44.49
N THR V 162 51.25 36.18 -44.67
CA THR V 162 51.24 34.80 -44.25
C THR V 162 52.43 33.85 -44.38
N PRO V 163 53.07 33.60 -43.25
CA PRO V 163 54.17 32.66 -43.11
C PRO V 163 53.88 31.17 -43.23
N ASP V 164 52.97 30.85 -44.16
CA ASP V 164 52.50 29.48 -44.16
C ASP V 164 52.81 28.72 -45.44
N ILE V 165 53.88 27.93 -45.37
CA ILE V 165 54.18 27.12 -46.53
C ILE V 165 54.01 25.68 -46.06
N SER V 166 52.79 25.33 -46.50
CA SER V 166 52.17 24.03 -46.40
C SER V 166 52.84 22.88 -47.15
N ALA V 167 53.68 23.30 -48.10
CA ALA V 167 54.39 22.42 -48.98
C ALA V 167 55.79 22.88 -49.40
N GLY V 168 56.71 22.16 -48.76
CA GLY V 168 58.13 22.44 -48.91
C GLY V 168 58.74 23.46 -47.96
N SER V 169 59.21 24.51 -48.64
CA SER V 169 60.02 25.52 -48.00
C SER V 169 60.11 26.80 -48.82
N ALA V 170 59.93 27.89 -48.06
CA ALA V 170 60.12 29.26 -48.49
C ALA V 170 61.14 29.97 -47.60
N SER V 171 61.84 30.94 -48.19
CA SER V 171 62.70 31.86 -47.48
C SER V 171 62.83 33.25 -48.09
N CYS V 172 62.82 34.27 -47.22
CA CYS V 172 62.95 35.66 -47.60
C CYS V 172 63.46 36.49 -46.43
N ASN V 173 64.09 37.64 -46.62
CA ASN V 173 64.55 38.53 -45.57
C ASN V 173 63.47 38.89 -44.55
N TRP V 174 63.59 38.37 -43.33
CA TRP V 174 62.64 38.65 -42.28
C TRP V 174 62.55 40.12 -41.88
N LYS V 175 63.75 40.69 -41.93
CA LYS V 175 63.96 42.13 -41.82
C LYS V 175 63.16 43.05 -42.72
N SER V 176 63.31 42.72 -44.00
CA SER V 176 62.49 43.20 -45.09
C SER V 176 60.97 43.15 -44.94
N LEU V 177 60.51 41.96 -44.56
CA LEU V 177 59.17 41.60 -44.17
C LEU V 177 58.64 42.38 -42.97
N LEU V 178 59.41 42.22 -41.89
CA LEU V 178 59.20 42.98 -40.67
C LEU V 178 59.06 44.49 -40.75
N ALA V 179 59.95 45.07 -41.56
CA ALA V 179 59.90 46.51 -41.71
C ALA V 179 58.74 46.99 -42.58
N PHE V 180 58.43 46.22 -43.63
CA PHE V 180 57.23 46.52 -44.41
C PHE V 180 55.93 46.35 -43.65
N ALA V 181 55.86 45.32 -42.82
CA ALA V 181 54.84 45.12 -41.81
C ALA V 181 54.60 46.36 -40.97
N LYS V 182 55.70 46.86 -40.40
CA LYS V 182 55.58 48.01 -39.54
C LYS V 182 55.37 49.39 -40.16
N ASP V 183 55.57 49.38 -41.48
CA ASP V 183 55.27 50.45 -42.41
C ASP V 183 53.89 50.47 -43.02
N ILE V 184 53.30 49.26 -43.02
CA ILE V 184 51.97 49.08 -43.56
C ILE V 184 51.03 48.88 -42.39
N LEU V 185 51.27 48.20 -41.26
CA LEU V 185 50.32 47.83 -40.24
C LEU V 185 49.54 48.92 -39.51
N PRO V 186 48.27 48.63 -39.23
CA PRO V 186 47.50 49.64 -38.53
C PRO V 186 48.03 49.89 -37.13
N LEU V 187 48.20 51.21 -36.97
CA LEU V 187 48.56 51.78 -35.69
C LEU V 187 47.78 51.35 -34.46
N ASP V 188 46.46 51.24 -34.65
CA ASP V 188 45.58 50.73 -33.61
C ASP V 188 45.73 49.32 -33.09
N ASN V 189 46.50 48.50 -33.81
CA ASN V 189 46.88 47.16 -33.40
C ASN V 189 47.67 47.07 -32.10
N LEU V 190 47.29 46.02 -31.36
CA LEU V 190 48.07 45.57 -30.23
C LEU V 190 49.50 45.09 -30.45
N CYS V 191 49.66 44.64 -31.69
CA CYS V 191 50.97 44.33 -32.24
C CYS V 191 51.99 45.45 -32.31
N LEU V 192 51.46 46.64 -32.59
CA LEU V 192 52.35 47.79 -32.50
C LEU V 192 52.71 48.38 -31.15
N THR V 193 51.86 48.15 -30.15
CA THR V 193 52.17 48.41 -28.76
C THR V 193 53.09 47.36 -28.14
N TYR V 194 52.80 46.10 -28.48
CA TYR V 194 53.52 44.99 -27.90
C TYR V 194 54.48 44.20 -28.78
N PRO V 195 55.27 44.87 -29.61
CA PRO V 195 56.02 44.19 -30.66
C PRO V 195 56.81 42.95 -30.27
N ASN V 196 57.62 43.26 -29.26
CA ASN V 196 58.52 42.45 -28.47
C ASN V 196 57.91 41.19 -27.88
N GLU V 197 56.81 41.34 -27.15
CA GLU V 197 56.04 40.17 -26.75
C GLU V 197 55.47 39.32 -27.88
N PHE V 198 54.80 39.94 -28.84
CA PHE V 198 54.10 39.23 -29.89
C PHE V 198 54.97 38.31 -30.75
N TYR V 199 56.12 38.92 -31.08
CA TYR V 199 57.22 38.27 -31.74
C TYR V 199 57.86 37.09 -31.02
N ASN V 200 58.13 37.29 -29.73
CA ASN V 200 58.54 36.28 -28.79
C ASN V 200 57.61 35.06 -28.76
N VAL V 201 56.32 35.38 -28.57
CA VAL V 201 55.26 34.40 -28.66
C VAL V 201 55.22 33.67 -30.00
N ALA V 202 55.10 34.49 -31.05
CA ALA V 202 55.26 33.95 -32.37
C ALA V 202 56.38 32.95 -32.63
N ILE V 203 57.56 33.42 -32.20
CA ILE V 203 58.72 32.55 -32.22
C ILE V 203 58.56 31.28 -31.40
N HIS V 204 57.84 31.37 -30.29
CA HIS V 204 57.59 30.24 -29.41
C HIS V 204 56.60 29.20 -29.92
N ARG V 205 55.73 29.67 -30.81
CA ARG V 205 54.74 28.88 -31.50
C ARG V 205 55.08 28.34 -32.88
N TYR V 206 55.77 29.24 -33.59
CA TYR V 206 56.18 29.03 -34.96
C TYR V 206 57.68 28.72 -34.99
N PRO V 207 58.11 27.46 -34.92
CA PRO V 207 59.49 27.01 -35.03
C PRO V 207 60.09 27.47 -36.35
N ALA V 208 59.21 27.68 -37.32
CA ALA V 208 59.47 28.33 -38.60
C ALA V 208 60.08 29.71 -38.70
N LEU V 209 60.14 30.33 -37.52
CA LEU V 209 60.59 31.69 -37.28
C LEU V 209 61.65 31.78 -36.19
N LYS V 210 62.65 32.63 -36.43
CA LYS V 210 63.73 32.84 -35.47
C LYS V 210 63.85 34.23 -34.87
N PRO V 211 64.30 34.37 -33.61
CA PRO V 211 64.54 35.71 -33.08
C PRO V 211 65.53 36.59 -33.82
N GLY V 212 65.19 37.89 -33.92
CA GLY V 212 66.10 38.94 -34.31
C GLY V 212 67.62 38.77 -34.37
N ASN V 213 68.24 39.35 -33.34
CA ASN V 213 69.66 39.29 -33.07
C ASN V 213 70.28 38.81 -31.77
N PRO V 214 69.53 38.00 -31.01
CA PRO V 214 69.83 37.82 -29.61
C PRO V 214 71.24 37.51 -29.15
N ASP V 215 71.82 36.56 -29.89
CA ASP V 215 73.24 36.42 -30.20
C ASP V 215 73.39 36.25 -31.70
N THR V 216 73.71 37.34 -32.41
CA THR V 216 73.83 37.28 -33.85
C THR V 216 74.71 36.15 -34.37
N LYS V 217 75.58 35.68 -33.48
CA LYS V 217 76.25 34.40 -33.44
C LYS V 217 75.49 33.15 -33.83
N LEU V 218 74.47 33.09 -32.97
CA LEU V 218 73.37 32.14 -32.94
C LEU V 218 72.00 32.74 -32.68
N PRO V 219 71.37 33.18 -33.77
CA PRO V 219 69.97 33.53 -33.70
C PRO V 219 69.03 32.35 -33.94
N ASP V 220 69.55 31.36 -34.68
CA ASP V 220 68.86 30.21 -35.21
C ASP V 220 69.12 28.97 -34.36
N ALA V 221 68.08 28.13 -34.35
CA ALA V 221 68.09 26.83 -33.71
C ALA V 221 67.26 25.79 -34.43
N GLN V 222 67.51 24.51 -34.11
CA GLN V 222 66.72 23.40 -34.59
C GLN V 222 65.69 22.73 -33.70
N ALA V 223 66.05 22.93 -32.43
CA ALA V 223 65.14 22.70 -31.33
C ALA V 223 64.41 23.95 -30.83
N HIS V 224 63.09 23.75 -30.85
CA HIS V 224 62.13 24.81 -30.64
C HIS V 224 61.32 24.31 -29.45
N PRO V 225 60.03 24.60 -29.26
CA PRO V 225 59.41 23.92 -28.14
C PRO V 225 58.91 22.53 -28.52
N LEU V 226 57.76 22.15 -27.96
CA LEU V 226 57.14 20.87 -28.27
C LEU V 226 56.57 20.77 -29.68
N GLY V 227 55.78 21.77 -30.07
CA GLY V 227 55.22 21.93 -31.40
C GLY V 227 55.52 20.86 -32.45
N GLU V 228 56.73 20.98 -32.98
CA GLU V 228 57.41 19.99 -33.80
C GLU V 228 56.78 18.65 -34.15
N VAL V 229 56.52 17.92 -33.05
CA VAL V 229 55.83 16.65 -33.03
C VAL V 229 54.56 16.66 -33.88
N ALA V 230 53.60 17.44 -33.42
CA ALA V 230 52.39 17.65 -34.20
C ALA V 230 52.52 18.11 -35.63
N GLY V 231 53.62 18.84 -35.85
CA GLY V 231 53.91 19.33 -37.18
C GLY V 231 54.33 18.31 -38.24
N ALA V 232 55.17 17.39 -37.77
CA ALA V 232 55.55 16.25 -38.58
C ALA V 232 54.51 15.35 -39.24
N PHE V 233 53.45 15.23 -38.45
CA PHE V 233 52.20 14.69 -38.96
C PHE V 233 51.30 15.39 -39.96
N ASN V 234 51.39 16.72 -39.92
CA ASN V 234 50.85 17.51 -41.01
C ASN V 234 51.71 17.72 -42.25
N ALA V 235 53.00 17.35 -42.18
CA ALA V 235 53.91 17.46 -43.29
C ALA V 235 53.98 16.32 -44.30
N ALA V 236 53.79 16.80 -45.53
CA ALA V 236 53.76 15.92 -46.68
C ALA V 236 54.95 14.99 -46.90
N THR V 237 54.64 13.71 -47.12
CA THR V 237 55.58 12.63 -47.25
C THR V 237 55.63 12.23 -48.71
N SER V 238 56.64 11.44 -49.08
CA SER V 238 56.79 10.65 -50.28
C SER V 238 55.72 9.89 -51.05
N GLU V 239 54.78 9.45 -50.22
CA GLU V 239 53.62 8.74 -50.73
C GLU V 239 52.23 9.25 -50.39
N VAL V 240 52.15 9.91 -49.24
CA VAL V 240 50.99 10.69 -48.83
C VAL V 240 51.14 12.19 -48.62
N GLY V 241 50.11 12.94 -48.99
CA GLY V 241 49.82 14.27 -48.49
C GLY V 241 49.83 14.30 -46.97
N SER V 242 48.65 14.27 -46.36
CA SER V 242 48.58 14.37 -44.91
C SER V 242 48.06 13.10 -44.27
N LEU V 243 48.87 12.58 -43.34
CA LEU V 243 48.54 11.47 -42.47
C LEU V 243 47.28 11.56 -41.63
N VAL V 244 47.20 12.69 -40.93
CA VAL V 244 45.96 13.04 -40.28
C VAL V 244 44.70 13.10 -41.15
N GLY V 245 44.95 13.70 -42.32
CA GLY V 245 43.94 13.84 -43.34
C GLY V 245 43.15 12.58 -43.70
N SER V 246 43.94 11.75 -44.39
CA SER V 246 43.51 10.46 -44.87
C SER V 246 42.93 9.55 -43.80
N SER V 247 43.52 9.65 -42.61
CA SER V 247 43.05 8.94 -41.44
C SER V 247 41.67 9.38 -40.96
N SER V 248 41.48 10.68 -40.77
CA SER V 248 40.21 11.35 -40.52
C SER V 248 39.12 11.07 -41.52
N THR V 249 39.48 11.31 -42.79
CA THR V 249 38.67 11.18 -43.98
C THR V 249 38.06 9.79 -43.88
N LEU V 250 38.94 8.78 -43.92
CA LEU V 250 38.49 7.41 -43.88
C LEU V 250 37.59 7.06 -42.69
N SER V 251 37.99 7.57 -41.53
CA SER V 251 37.22 7.37 -40.32
C SER V 251 35.82 7.97 -40.39
N GLN V 252 35.62 9.17 -40.96
CA GLN V 252 34.32 9.74 -41.30
C GLN V 252 33.44 8.92 -42.22
N ALA V 253 34.08 8.30 -43.21
CA ALA V 253 33.46 7.32 -44.07
C ALA V 253 32.92 6.06 -43.40
N ILE V 254 33.78 5.38 -42.65
CA ILE V 254 33.38 4.35 -41.70
C ILE V 254 32.16 4.76 -40.90
N SER V 255 32.32 5.85 -40.14
CA SER V 255 31.24 6.17 -39.24
C SER V 255 29.85 6.49 -39.78
N THR V 256 29.89 7.05 -40.98
CA THR V 256 28.72 7.11 -41.82
C THR V 256 28.20 5.74 -42.28
N MET V 257 29.09 4.83 -42.64
CA MET V 257 28.68 3.46 -42.86
C MET V 257 28.00 2.77 -41.69
N ALA V 258 28.59 3.04 -40.54
CA ALA V 258 28.11 2.65 -39.22
C ALA V 258 26.72 3.02 -38.75
N GLY V 259 26.49 4.30 -39.07
CA GLY V 259 25.21 4.93 -38.88
C GLY V 259 24.10 4.52 -39.86
N LYS V 260 24.53 4.18 -41.07
CA LYS V 260 23.62 3.59 -42.02
C LYS V 260 23.15 2.17 -41.72
N ASP V 261 24.02 1.52 -40.95
CA ASP V 261 24.04 0.12 -40.54
C ASP V 261 23.99 -0.96 -41.61
N LEU V 262 24.53 -0.58 -42.77
CA LEU V 262 24.60 -1.40 -43.96
C LEU V 262 23.42 -2.17 -44.52
N ASP V 263 23.05 -3.10 -43.65
CA ASP V 263 22.02 -4.12 -43.72
C ASP V 263 20.79 -3.60 -44.44
N LEU V 264 20.40 -2.37 -44.09
CA LEU V 264 19.42 -1.63 -44.84
C LEU V 264 18.97 -1.96 -46.26
N ILE V 265 19.93 -2.17 -47.15
CA ILE V 265 19.71 -2.61 -48.52
C ILE V 265 19.21 -4.04 -48.71
N GLU V 266 19.52 -4.96 -47.79
CA GLU V 266 19.25 -6.37 -47.96
C GLU V 266 17.94 -6.80 -47.30
N ALA V 267 16.95 -6.09 -47.84
CA ALA V 267 15.65 -6.21 -47.21
C ALA V 267 14.55 -6.43 -48.24
N ASP V 268 14.15 -7.70 -48.27
CA ASP V 268 13.02 -8.18 -49.04
C ASP V 268 11.63 -8.14 -48.43
N THR V 269 11.65 -8.68 -47.21
CA THR V 269 10.50 -9.00 -46.38
C THR V 269 10.56 -7.96 -45.28
N PRO V 270 9.42 -7.47 -44.77
CA PRO V 270 9.24 -6.29 -43.95
C PRO V 270 10.28 -5.75 -42.99
N LEU V 271 10.94 -4.67 -43.40
CA LEU V 271 11.78 -3.87 -42.53
C LEU V 271 11.11 -2.56 -42.13
N PRO V 272 11.02 -2.43 -40.81
CA PRO V 272 10.19 -1.37 -40.26
C PRO V 272 10.49 0.10 -40.50
N VAL V 273 9.47 0.78 -41.06
CA VAL V 273 9.50 2.16 -41.45
C VAL V 273 10.41 3.17 -40.76
N SER V 274 10.09 3.12 -39.47
CA SER V 274 10.75 3.93 -38.44
C SER V 274 12.27 3.90 -38.36
N VAL V 275 12.71 2.66 -38.57
CA VAL V 275 14.07 2.17 -38.69
C VAL V 275 14.79 2.61 -39.96
N PHE V 276 14.11 2.35 -41.07
CA PHE V 276 14.64 2.73 -42.37
C PHE V 276 14.51 4.22 -42.63
N THR V 277 13.40 4.90 -42.33
CA THR V 277 13.13 6.28 -42.72
C THR V 277 13.79 7.28 -41.78
N PRO V 278 14.63 8.20 -42.24
CA PRO V 278 14.95 9.35 -41.43
C PRO V 278 13.90 10.44 -41.57
N SER V 279 14.38 11.65 -41.86
CA SER V 279 13.59 12.84 -42.13
C SER V 279 13.22 13.13 -43.57
N LEU V 280 11.92 13.42 -43.67
CA LEU V 280 11.28 13.66 -44.94
C LEU V 280 10.85 15.06 -45.35
N ALA V 281 10.96 15.38 -46.65
CA ALA V 281 10.49 16.63 -47.21
C ALA V 281 9.34 16.63 -48.21
N PRO V 282 8.53 17.68 -48.33
CA PRO V 282 7.54 17.83 -49.38
C PRO V 282 8.08 17.68 -50.80
N ARG V 283 7.26 17.28 -51.77
CA ARG V 283 7.62 17.28 -53.17
C ARG V 283 6.57 17.96 -54.03
N SER V 284 7.00 18.31 -55.25
CA SER V 284 6.24 19.11 -56.19
C SER V 284 5.90 18.34 -57.45
N TYR V 285 4.62 18.21 -57.77
CA TYR V 285 4.17 17.47 -58.94
C TYR V 285 3.26 18.34 -59.80
N ARG V 286 3.14 17.92 -61.06
CA ARG V 286 2.22 18.60 -61.95
C ARG V 286 0.97 17.82 -62.36
N PRO V 287 -0.16 18.52 -62.48
CA PRO V 287 -1.24 18.05 -63.32
C PRO V 287 -0.87 17.91 -64.79
N ALA V 288 -1.12 19.01 -65.50
CA ALA V 288 -0.50 19.25 -66.80
C ALA V 288 -0.36 18.09 -67.78
N PHE V 289 0.82 17.47 -67.71
CA PHE V 289 1.17 16.37 -68.58
C PHE V 289 1.69 15.18 -67.78
N ILE V 290 1.21 14.98 -66.55
CA ILE V 290 1.55 13.76 -65.83
C ILE V 290 0.88 12.54 -66.46
N LYS V 291 1.29 11.32 -66.11
CA LYS V 291 0.72 10.22 -66.84
C LYS V 291 -0.14 9.27 -66.02
N PRO V 292 -1.45 9.43 -66.24
CA PRO V 292 -2.41 8.61 -65.54
C PRO V 292 -2.14 7.13 -65.31
N GLU V 293 -1.52 6.51 -66.32
CA GLU V 293 -1.08 5.15 -66.28
C GLU V 293 -0.08 4.84 -65.18
N ASP V 294 0.85 5.77 -64.96
CA ASP V 294 1.95 5.57 -64.05
C ASP V 294 1.75 6.04 -62.61
N ALA V 295 0.89 7.06 -62.54
CA ALA V 295 0.74 7.87 -61.34
C ALA V 295 -0.39 7.40 -60.42
N LYS V 296 -0.01 6.48 -59.54
CA LYS V 296 -0.93 5.98 -58.54
C LYS V 296 -2.01 6.85 -57.90
N TRP V 297 -1.57 7.89 -57.19
CA TRP V 297 -2.40 8.94 -56.64
C TRP V 297 -2.98 10.06 -57.50
N ILE V 298 -2.67 10.06 -58.80
CA ILE V 298 -3.05 11.07 -59.77
C ILE V 298 -3.13 10.58 -61.20
N ALA V 299 -4.39 10.40 -61.60
CA ALA V 299 -4.91 9.95 -62.87
C ALA V 299 -5.78 11.01 -63.52
N GLU V 300 -6.49 10.69 -64.61
CA GLU V 300 -7.43 11.58 -65.26
C GLU V 300 -8.78 10.96 -65.58
N PHE V 301 -9.84 11.77 -65.53
CA PHE V 301 -11.05 11.58 -66.29
C PHE V 301 -10.85 11.65 -67.80
N ASN V 302 -11.64 10.82 -68.48
CA ASN V 302 -11.51 10.54 -69.90
C ASN V 302 -12.47 11.27 -70.83
N ASN V 303 -11.99 11.71 -72.00
CA ASN V 303 -12.80 12.48 -72.91
C ASN V 303 -14.06 11.69 -73.25
N SER V 304 -15.11 12.49 -73.43
CA SER V 304 -16.51 12.10 -73.54
C SER V 304 -17.27 11.81 -72.25
N SER V 305 -18.16 12.76 -71.95
CA SER V 305 -19.27 12.68 -71.02
C SER V 305 -20.23 13.85 -71.01
N LEU V 306 -19.60 14.91 -70.50
CA LEU V 306 -19.89 16.33 -70.43
C LEU V 306 -20.76 16.71 -69.24
N ILE V 307 -20.03 16.96 -68.14
CA ILE V 307 -20.79 17.51 -67.04
C ILE V 307 -20.37 18.97 -66.97
N ARG V 308 -21.28 19.71 -67.61
CA ARG V 308 -21.15 21.14 -67.76
C ARG V 308 -21.69 22.00 -66.63
N LYS V 309 -22.99 22.30 -66.63
CA LYS V 309 -23.48 23.15 -65.57
C LYS V 309 -23.85 22.47 -64.25
N THR V 310 -23.00 22.85 -63.29
CA THR V 310 -23.19 22.53 -61.89
C THR V 310 -23.30 23.74 -60.97
N LEU V 311 -24.36 23.83 -60.17
CA LEU V 311 -24.46 24.81 -59.11
C LEU V 311 -23.27 24.66 -58.16
N THR V 312 -22.60 25.78 -57.94
CA THR V 312 -21.42 25.94 -57.12
C THR V 312 -21.47 26.64 -55.78
N TYR V 313 -22.43 27.57 -55.72
CA TYR V 313 -22.75 28.44 -54.61
C TYR V 313 -24.25 28.76 -54.64
N SER V 314 -24.60 29.58 -53.66
CA SER V 314 -25.97 29.99 -53.48
C SER V 314 -26.41 30.75 -54.72
N GLY V 315 -27.20 29.94 -55.42
CA GLY V 315 -27.85 30.29 -56.67
C GLY V 315 -26.98 30.87 -57.79
N ALA V 316 -25.78 30.27 -57.77
CA ALA V 316 -24.62 30.74 -58.50
C ALA V 316 -24.03 29.49 -59.14
N THR V 317 -23.55 29.65 -60.37
CA THR V 317 -23.20 28.55 -61.26
C THR V 317 -21.89 28.66 -62.02
N TYR V 318 -21.19 27.53 -62.13
CA TYR V 318 -19.98 27.28 -62.89
C TYR V 318 -20.02 26.02 -63.74
N THR V 319 -19.49 26.20 -64.96
CA THR V 319 -19.36 25.02 -65.78
C THR V 319 -18.05 24.25 -65.56
N VAL V 320 -18.19 23.18 -64.78
CA VAL V 320 -17.00 22.38 -64.67
C VAL V 320 -16.58 21.63 -65.92
N GLN V 321 -17.61 21.45 -66.75
CA GLN V 321 -17.56 21.17 -68.17
C GLN V 321 -16.85 19.95 -68.71
N LEU V 322 -16.86 18.92 -67.85
CA LEU V 322 -16.16 17.66 -67.82
C LEU V 322 -16.14 16.83 -69.10
N GLY V 323 -14.96 16.87 -69.73
CA GLY V 323 -14.71 16.14 -70.96
C GLY V 323 -13.26 15.91 -71.35
N PRO V 324 -12.75 16.56 -72.42
CA PRO V 324 -11.42 16.34 -72.95
C PRO V 324 -10.29 16.70 -71.99
N GLY V 325 -9.73 15.81 -71.17
CA GLY V 325 -8.58 15.89 -70.30
C GLY V 325 -8.63 16.92 -69.18
N PRO V 326 -9.79 16.97 -68.50
CA PRO V 326 -10.05 17.97 -67.49
C PRO V 326 -9.14 17.92 -66.28
N THR V 327 -8.06 18.69 -66.43
CA THR V 327 -6.96 18.85 -65.49
C THR V 327 -6.46 17.49 -65.05
N ARG V 328 -6.69 17.06 -63.80
CA ARG V 328 -6.34 15.77 -63.27
C ARG V 328 -7.24 15.41 -62.09
N VAL V 329 -7.36 14.09 -61.90
CA VAL V 329 -8.10 13.57 -60.76
C VAL V 329 -7.12 12.99 -59.74
N ILE V 330 -7.14 13.83 -58.70
CA ILE V 330 -6.16 13.52 -57.67
C ILE V 330 -6.74 12.46 -56.75
N ASP V 331 -6.15 11.27 -56.85
CA ASP V 331 -6.59 10.08 -56.15
C ASP V 331 -6.05 9.90 -54.74
N MET V 332 -6.69 10.64 -53.84
CA MET V 332 -6.31 10.71 -52.44
C MET V 332 -7.12 9.78 -51.55
N ASN V 333 -7.51 8.66 -52.16
CA ASN V 333 -8.09 7.54 -51.44
C ASN V 333 -7.17 6.57 -50.74
N ALA V 334 -6.98 7.01 -49.50
CA ALA V 334 -6.08 6.46 -48.50
C ALA V 334 -4.62 6.30 -48.90
N MET V 335 -4.18 7.51 -49.26
CA MET V 335 -2.86 7.75 -49.77
C MET V 335 -2.05 8.52 -48.74
N ILE V 336 -1.80 7.87 -47.59
CA ILE V 336 -1.22 8.45 -46.40
C ILE V 336 -1.76 9.79 -45.94
N ASP V 337 -1.13 10.52 -45.02
CA ASP V 337 -1.57 11.86 -44.71
C ASP V 337 -0.65 13.01 -45.12
N SER V 338 -1.15 13.88 -46.00
CA SER V 338 -0.58 14.97 -46.75
C SER V 338 -1.37 16.28 -46.69
N VAL V 339 -0.68 17.35 -47.11
CA VAL V 339 -1.36 18.62 -47.27
C VAL V 339 -1.21 19.09 -48.71
N LEU V 340 -2.32 19.11 -49.44
CA LEU V 340 -2.32 19.39 -50.86
C LEU V 340 -2.09 20.87 -51.14
N THR V 341 -0.79 21.17 -51.10
CA THR V 341 -0.25 22.50 -51.32
C THR V 341 -0.23 22.88 -52.80
N LEU V 342 -1.32 23.48 -53.30
CA LEU V 342 -1.52 23.83 -54.69
C LEU V 342 -0.96 25.23 -54.90
N ASP V 343 0.01 25.26 -55.81
CA ASP V 343 0.79 26.44 -56.11
C ASP V 343 0.65 26.81 -57.59
N VAL V 344 -0.32 27.73 -57.62
CA VAL V 344 -0.79 28.28 -58.88
C VAL V 344 -0.15 29.64 -59.08
N SER V 345 0.48 29.72 -60.25
CA SER V 345 0.90 31.01 -60.78
C SER V 345 1.04 30.91 -62.29
N GLY V 346 0.92 31.97 -63.10
CA GLY V 346 0.90 31.96 -64.54
C GLY V 346 -0.49 31.78 -65.12
N THR V 347 -0.88 30.53 -64.93
CA THR V 347 -2.18 30.05 -65.36
C THR V 347 -3.41 30.72 -64.75
N ILE V 348 -4.02 31.47 -65.67
CA ILE V 348 -5.41 31.81 -65.43
C ILE V 348 -6.34 31.51 -66.60
N LEU V 349 -5.81 31.87 -67.77
CA LEU V 349 -6.48 31.70 -69.05
C LEU V 349 -7.96 32.09 -69.00
N PRO V 350 -8.31 33.36 -69.15
CA PRO V 350 -9.67 33.84 -69.05
C PRO V 350 -10.69 33.17 -69.95
N TYR V 351 -11.92 32.99 -69.44
CA TYR V 351 -12.97 32.37 -70.21
C TYR V 351 -13.08 32.90 -71.63
N ASP V 352 -12.77 31.99 -72.57
CA ASP V 352 -13.01 32.08 -73.99
C ASP V 352 -13.48 33.43 -74.50
N THR V 353 -14.77 33.75 -74.34
CA THR V 353 -15.17 35.13 -74.37
C THR V 353 -16.48 35.45 -73.67
N ASN V 354 -16.36 35.33 -72.34
CA ASN V 354 -17.38 35.51 -71.33
C ASN V 354 -17.07 36.72 -70.49
N PRO V 355 -18.03 37.63 -70.25
CA PRO V 355 -17.93 38.64 -69.22
C PRO V 355 -18.03 38.14 -67.78
N ASP V 356 -17.43 36.94 -67.70
CA ASP V 356 -17.27 36.24 -66.45
C ASP V 356 -15.80 36.05 -66.09
N LEU V 357 -15.17 37.19 -66.38
CA LEU V 357 -13.74 37.37 -66.33
C LEU V 357 -13.28 37.68 -64.92
N SER V 358 -14.00 38.68 -64.40
CA SER V 358 -14.26 38.88 -62.99
C SER V 358 -15.14 37.75 -62.47
N THR V 359 -14.84 37.30 -61.25
CA THR V 359 -15.42 36.25 -60.43
C THR V 359 -15.00 34.79 -60.61
N SER V 360 -13.95 34.68 -61.42
CA SER V 360 -13.28 33.41 -61.60
C SER V 360 -11.89 33.08 -61.09
N VAL V 361 -11.97 32.16 -60.13
CA VAL V 361 -10.83 31.74 -59.35
C VAL V 361 -10.22 30.37 -59.61
N PRO V 362 -8.90 30.33 -59.45
CA PRO V 362 -8.19 29.08 -59.26
C PRO V 362 -8.62 28.43 -57.96
N ALA V 363 -9.23 27.27 -58.18
CA ALA V 363 -9.67 26.41 -57.08
C ALA V 363 -9.36 24.93 -57.19
N PHE V 364 -9.44 24.32 -56.00
CA PHE V 364 -9.44 22.90 -55.76
C PHE V 364 -10.78 22.41 -55.21
N VAL V 365 -11.25 21.35 -55.86
CA VAL V 365 -12.47 20.69 -55.47
C VAL V 365 -12.23 19.20 -55.20
N LEU V 366 -12.56 18.71 -54.01
CA LEU V 366 -12.49 17.28 -53.76
C LEU V 366 -13.81 16.66 -54.19
N ILE V 367 -13.78 15.47 -54.81
CA ILE V 367 -14.96 14.73 -55.17
C ILE V 367 -15.09 13.43 -54.39
N GLN V 368 -16.24 13.29 -53.73
CA GLN V 368 -16.50 12.30 -52.70
C GLN V 368 -17.67 11.36 -52.92
N THR V 369 -17.35 10.42 -53.81
CA THR V 369 -18.33 9.48 -54.31
C THR V 369 -17.96 8.01 -54.33
N SER V 370 -18.93 7.17 -53.96
CA SER V 370 -18.84 5.74 -54.17
C SER V 370 -19.05 5.24 -55.59
N VAL V 371 -19.11 6.22 -56.49
CA VAL V 371 -19.21 5.97 -57.92
C VAL V 371 -17.86 6.29 -58.57
N PRO V 372 -17.12 5.24 -58.93
CA PRO V 372 -15.81 5.35 -59.53
C PRO V 372 -15.83 6.20 -60.80
N ILE V 373 -14.98 7.23 -60.74
CA ILE V 373 -14.78 8.16 -61.83
C ILE V 373 -15.19 7.86 -63.27
N GLN V 374 -14.84 6.66 -63.75
CA GLN V 374 -15.32 6.26 -65.05
C GLN V 374 -16.81 6.06 -65.28
N GLN V 375 -17.47 5.94 -64.13
CA GLN V 375 -18.93 5.89 -64.12
C GLN V 375 -19.63 7.23 -64.03
N VAL V 376 -18.84 8.27 -63.77
CA VAL V 376 -19.40 9.58 -63.49
C VAL V 376 -19.73 10.44 -64.70
N THR V 377 -20.96 10.19 -65.15
CA THR V 377 -21.47 10.81 -66.36
C THR V 377 -22.48 11.95 -66.34
N THR V 378 -23.32 11.95 -65.29
CA THR V 378 -24.22 13.06 -65.04
C THR V 378 -24.00 13.61 -63.63
N ALA V 379 -24.64 14.74 -63.34
CA ALA V 379 -24.71 15.30 -62.01
C ALA V 379 -25.14 14.33 -60.92
N ALA V 380 -26.06 13.44 -61.31
CA ALA V 380 -26.52 12.49 -60.30
C ALA V 380 -25.54 11.67 -59.51
N ASN V 381 -24.54 11.25 -60.29
CA ASN V 381 -23.36 10.50 -59.91
C ASN V 381 -22.47 11.05 -58.80
N ILE V 382 -22.27 12.36 -58.92
CA ILE V 382 -21.24 12.96 -58.08
C ILE V 382 -21.13 12.68 -56.59
N THR V 383 -22.30 12.47 -55.99
CA THR V 383 -22.53 12.44 -54.56
C THR V 383 -22.22 13.81 -53.99
N ALA V 384 -20.91 13.97 -53.78
CA ALA V 384 -20.33 15.20 -53.33
C ALA V 384 -19.29 15.84 -54.22
N ILE V 385 -19.62 17.00 -54.80
CA ILE V 385 -18.60 17.97 -55.17
C ILE V 385 -18.35 19.02 -54.12
N THR V 386 -17.25 18.92 -53.37
CA THR V 386 -16.96 19.94 -52.38
C THR V 386 -15.75 20.73 -52.85
N VAL V 387 -16.12 21.98 -53.13
CA VAL V 387 -15.17 23.07 -53.27
C VAL V 387 -14.46 23.37 -51.95
N VAL V 388 -13.20 22.94 -51.86
CA VAL V 388 -12.35 22.99 -50.70
C VAL V 388 -11.44 24.21 -50.68
N SER V 389 -10.81 24.33 -51.85
CA SER V 389 -9.68 25.23 -51.92
C SER V 389 -9.84 26.44 -52.84
N ALA V 390 -10.45 27.49 -52.30
CA ALA V 390 -10.44 28.75 -53.00
C ALA V 390 -10.22 30.06 -52.25
N ALA V 391 -10.49 30.00 -50.94
CA ALA V 391 -10.58 31.18 -50.12
C ALA V 391 -11.60 32.24 -50.53
N GLY V 392 -11.23 33.48 -50.85
CA GLY V 392 -12.23 34.40 -51.33
C GLY V 392 -12.67 34.04 -52.74
N ALA V 393 -13.82 33.34 -52.74
CA ALA V 393 -14.23 32.74 -53.99
C ALA V 393 -15.19 33.57 -54.84
N SER V 394 -14.59 34.65 -55.36
CA SER V 394 -15.06 35.55 -56.39
C SER V 394 -14.02 35.68 -57.49
N ALA V 395 -13.37 36.85 -57.58
CA ALA V 395 -12.17 37.16 -58.32
C ALA V 395 -11.81 38.63 -58.45
N ILE V 396 -10.53 38.81 -58.77
CA ILE V 396 -9.86 40.03 -59.17
C ILE V 396 -8.71 39.65 -60.09
N ASN V 397 -8.58 40.54 -61.06
CA ASN V 397 -7.53 40.50 -62.06
C ASN V 397 -6.11 40.62 -61.51
N LEU V 398 -5.70 39.50 -60.92
CA LEU V 398 -4.37 39.20 -60.40
C LEU V 398 -3.30 38.85 -61.42
N ALA V 399 -3.86 38.60 -62.61
CA ALA V 399 -3.11 38.41 -63.84
C ALA V 399 -2.50 39.70 -64.37
N ILE V 400 -1.22 39.53 -64.70
CA ILE V 400 -0.48 40.61 -65.33
C ILE V 400 -1.04 40.96 -66.71
N ASN V 401 -2.17 41.65 -66.60
CA ASN V 401 -3.05 41.90 -67.73
C ASN V 401 -2.85 43.06 -68.70
N VAL V 402 -1.97 43.94 -68.20
CA VAL V 402 -1.62 45.19 -68.83
C VAL V 402 -1.15 45.04 -70.27
N ARG V 403 -0.35 43.99 -70.50
CA ARG V 403 0.39 43.91 -71.75
C ARG V 403 -0.13 42.70 -72.50
N GLY V 404 -1.42 42.49 -72.24
CA GLY V 404 -2.05 41.35 -72.87
C GLY V 404 -1.91 40.03 -72.13
N GLN V 405 -0.95 39.97 -71.22
CA GLN V 405 -0.63 38.72 -70.55
C GLN V 405 -1.73 38.15 -69.68
N PRO V 406 -1.97 36.83 -69.64
CA PRO V 406 -2.90 36.27 -68.67
C PRO V 406 -2.06 35.41 -67.74
N ARG V 407 -1.39 36.17 -66.86
CA ARG V 407 -0.49 35.60 -65.88
C ARG V 407 -1.28 36.23 -64.75
N PHE V 408 -1.99 35.26 -64.17
CA PHE V 408 -2.09 34.91 -62.77
C PHE V 408 -1.20 34.80 -61.55
N ASN V 409 -1.32 35.79 -60.66
CA ASN V 409 -0.57 36.05 -59.47
C ASN V 409 -0.32 34.74 -58.74
N MET V 410 0.78 34.56 -57.99
CA MET V 410 1.01 33.36 -57.22
C MET V 410 0.09 33.15 -56.03
N LEU V 411 -0.83 32.20 -56.23
CA LEU V 411 -1.56 31.62 -55.14
C LEU V 411 -1.10 30.37 -54.40
N HIS V 412 -1.34 30.42 -53.08
CA HIS V 412 -1.08 29.28 -52.23
C HIS V 412 -2.38 28.64 -51.75
N LEU V 413 -2.85 27.53 -52.34
CA LEU V 413 -4.01 26.80 -51.89
C LEU V 413 -3.68 25.67 -50.92
N GLN V 414 -4.55 25.32 -49.96
CA GLN V 414 -4.40 24.22 -49.02
C GLN V 414 -5.68 23.40 -48.89
N ALA V 415 -5.42 22.10 -49.10
CA ALA V 415 -6.36 21.06 -48.73
C ALA V 415 -5.82 20.01 -47.78
N THR V 416 -6.07 20.23 -46.48
CA THR V 416 -5.78 19.20 -45.50
C THR V 416 -6.21 17.75 -45.67
N PHE V 417 -5.56 17.08 -46.62
CA PHE V 417 -5.75 15.67 -46.85
C PHE V 417 -5.37 14.76 -45.70
N GLU V 418 -6.39 14.66 -44.84
CA GLU V 418 -6.51 13.67 -43.79
C GLU V 418 -7.60 12.65 -44.06
N ARG V 419 -7.02 11.53 -44.50
CA ARG V 419 -7.88 10.41 -44.77
C ARG V 419 -8.85 9.91 -43.72
N GLU V 420 -8.49 10.22 -42.48
CA GLU V 420 -9.36 10.05 -41.34
C GLU V 420 -10.64 10.88 -41.32
N THR V 421 -10.55 12.08 -41.88
CA THR V 421 -11.72 12.88 -42.16
C THR V 421 -12.93 12.26 -42.85
N ILE V 422 -12.52 11.42 -43.81
CA ILE V 422 -13.49 10.62 -44.54
C ILE V 422 -13.45 9.13 -44.20
N THR V 423 -12.30 8.58 -43.85
CA THR V 423 -12.03 7.16 -43.67
C THR V 423 -12.38 6.22 -44.82
N GLY V 424 -11.99 6.57 -46.05
CA GLY V 424 -12.43 5.83 -47.21
C GLY V 424 -13.94 5.79 -47.46
N ILE V 425 -14.29 4.68 -48.11
CA ILE V 425 -15.68 4.37 -48.39
C ILE V 425 -16.46 5.09 -49.48
N PRO V 426 -16.57 6.41 -49.45
CA PRO V 426 -16.84 7.14 -50.67
C PRO V 426 -15.68 7.73 -51.46
N TYR V 427 -14.98 6.82 -52.15
CA TYR V 427 -13.60 7.00 -52.52
C TYR V 427 -13.19 8.40 -52.96
N ILE V 428 -11.99 8.78 -52.53
CA ILE V 428 -11.59 10.17 -52.52
C ILE V 428 -10.88 10.64 -53.78
N TYR V 429 -11.50 11.67 -54.38
CA TYR V 429 -11.06 12.43 -55.53
C TYR V 429 -11.00 13.94 -55.35
N GLY V 430 -10.30 14.59 -56.28
CA GLY V 430 -10.13 16.03 -56.31
C GLY V 430 -9.68 16.45 -57.70
N LEU V 431 -10.12 17.68 -57.99
CA LEU V 431 -9.85 18.34 -59.25
C LEU V 431 -9.30 19.76 -59.11
N GLY V 432 -8.78 20.32 -60.19
CA GLY V 432 -8.29 21.69 -60.23
C GLY V 432 -9.03 22.57 -61.22
N THR V 433 -9.45 23.79 -60.86
CA THR V 433 -10.25 24.64 -61.73
C THR V 433 -10.53 26.08 -61.31
N PHE V 434 -10.47 26.93 -62.33
CA PHE V 434 -11.09 28.24 -62.34
C PHE V 434 -12.59 28.30 -62.14
N LEU V 435 -13.01 28.18 -60.87
CA LEU V 435 -14.40 28.00 -60.47
C LEU V 435 -15.03 29.37 -60.33
N ILE V 436 -16.27 29.56 -60.81
CA ILE V 436 -17.04 30.77 -60.68
C ILE V 436 -18.37 30.66 -59.97
N PRO V 437 -18.72 31.70 -59.20
CA PRO V 437 -20.12 31.96 -58.98
C PRO V 437 -20.93 32.48 -60.15
N SER V 438 -20.36 33.53 -60.75
CA SER V 438 -21.00 34.09 -61.92
C SER V 438 -21.09 33.31 -63.22
N PRO V 439 -22.35 33.04 -63.58
CA PRO V 439 -22.63 31.88 -64.40
C PRO V 439 -21.89 31.88 -65.73
N THR V 440 -21.30 30.72 -66.02
CA THR V 440 -20.54 30.54 -67.25
C THR V 440 -21.21 29.81 -68.40
N SER V 441 -21.07 30.46 -69.55
CA SER V 441 -21.73 30.01 -70.76
C SER V 441 -21.18 28.72 -71.34
N SER V 442 -21.80 27.62 -70.92
CA SER V 442 -21.44 26.31 -71.43
C SER V 442 -21.20 26.05 -72.91
N SER V 443 -22.09 26.67 -73.70
CA SER V 443 -21.98 26.70 -75.14
C SER V 443 -20.71 27.41 -75.62
N ASN V 444 -20.55 28.60 -75.06
CA ASN V 444 -19.30 29.33 -75.17
C ASN V 444 -18.00 28.67 -74.75
N PHE V 445 -17.85 28.48 -73.44
CA PHE V 445 -16.65 27.88 -72.90
C PHE V 445 -16.76 26.36 -72.84
N SER V 446 -16.71 25.81 -74.06
CA SER V 446 -16.51 24.39 -74.27
C SER V 446 -15.35 23.64 -73.64
N ASN V 447 -14.25 24.35 -73.38
CA ASN V 447 -13.24 23.71 -72.56
C ASN V 447 -13.58 23.34 -71.12
N PRO V 448 -13.45 22.08 -70.70
CA PRO V 448 -13.74 21.53 -69.40
C PRO V 448 -12.96 22.26 -68.32
N THR V 449 -11.66 22.00 -68.17
CA THR V 449 -10.81 23.01 -67.57
C THR V 449 -9.31 22.89 -67.32
N LEU V 450 -8.83 24.11 -67.57
CA LEU V 450 -7.39 24.22 -67.64
C LEU V 450 -6.37 24.93 -66.77
N MET V 451 -6.88 24.54 -65.60
CA MET V 451 -6.11 25.01 -64.46
C MET V 451 -4.87 24.18 -64.13
N ASP V 452 -3.81 24.46 -64.89
CA ASP V 452 -2.52 23.80 -64.87
C ASP V 452 -1.26 24.39 -64.24
N GLY V 453 -1.08 24.23 -62.93
CA GLY V 453 0.13 24.66 -62.27
C GLY V 453 0.93 23.65 -61.45
N LEU V 454 1.18 24.05 -60.20
CA LEU V 454 1.86 23.08 -59.38
C LEU V 454 1.01 22.56 -58.23
N LEU V 455 1.31 21.32 -57.86
CA LEU V 455 0.73 20.58 -56.75
C LEU V 455 1.78 19.94 -55.85
N THR V 456 2.12 20.70 -54.80
CA THR V 456 3.19 20.36 -53.90
C THR V 456 2.59 19.58 -52.74
N VAL V 457 2.64 18.25 -52.86
CA VAL V 457 2.27 17.34 -51.79
C VAL V 457 3.22 17.54 -50.62
N THR V 458 2.61 17.91 -49.50
CA THR V 458 3.18 17.91 -48.17
C THR V 458 3.03 16.66 -47.32
N PRO V 459 3.81 15.58 -47.47
CA PRO V 459 3.67 14.38 -46.68
C PRO V 459 3.99 14.44 -45.19
N VAL V 460 3.00 15.09 -44.56
CA VAL V 460 3.02 15.33 -43.13
C VAL V 460 3.31 14.18 -42.18
N LEU V 461 2.64 13.08 -42.54
CA LEU V 461 2.68 11.87 -41.75
C LEU V 461 3.91 11.07 -42.18
N LEU V 462 5.01 11.48 -41.54
CA LEU V 462 6.25 10.72 -41.53
C LEU V 462 6.09 9.34 -40.90
N ARG V 463 4.96 9.11 -40.23
CA ARG V 463 4.53 7.78 -39.87
C ARG V 463 3.98 6.80 -40.91
N GLU V 464 4.85 5.81 -41.10
CA GLU V 464 4.49 4.63 -41.88
C GLU V 464 4.75 4.91 -43.35
N THR V 465 5.96 4.74 -43.89
CA THR V 465 6.21 5.06 -45.28
C THR V 465 5.72 3.99 -46.23
N THR V 466 5.07 4.50 -47.28
CA THR V 466 4.47 3.82 -48.41
C THR V 466 5.51 3.16 -49.31
N TYR V 467 5.28 1.86 -49.51
CA TYR V 467 5.83 1.11 -50.61
C TYR V 467 4.87 0.92 -51.79
N LYS V 468 4.98 1.87 -52.73
CA LYS V 468 4.29 1.84 -54.00
C LYS V 468 2.78 1.69 -53.85
N GLY V 469 2.16 2.79 -53.41
CA GLY V 469 0.76 2.79 -53.08
C GLY V 469 0.27 2.01 -51.85
N GLU V 470 1.10 1.05 -51.48
CA GLU V 470 0.85 0.14 -50.38
C GLU V 470 1.26 0.80 -49.07
N VAL V 471 0.35 1.42 -48.33
CA VAL V 471 0.57 1.98 -47.01
C VAL V 471 0.96 0.91 -46.00
N VAL V 472 2.28 0.68 -45.94
CA VAL V 472 2.90 -0.32 -45.09
C VAL V 472 3.90 0.13 -44.04
N ASP V 473 3.90 -0.62 -42.94
CA ASP V 473 4.98 -0.49 -41.97
C ASP V 473 6.36 -1.02 -42.31
N ALA V 474 6.46 -1.22 -43.63
CA ALA V 474 7.61 -1.88 -44.22
C ALA V 474 8.30 -1.11 -45.32
N ILE V 475 9.63 -1.06 -45.23
CA ILE V 475 10.45 -0.59 -46.33
C ILE V 475 11.41 -1.71 -46.71
N VAL V 476 11.10 -2.16 -47.93
CA VAL V 476 11.83 -3.24 -48.55
C VAL V 476 12.60 -2.94 -49.82
N PRO V 477 13.85 -2.47 -49.64
CA PRO V 477 14.70 -2.08 -50.74
C PRO V 477 14.94 -3.12 -51.82
N ALA V 478 15.46 -4.29 -51.42
CA ALA V 478 15.76 -5.24 -52.46
C ALA V 478 14.64 -5.63 -53.42
N THR V 479 13.37 -5.59 -53.00
CA THR V 479 12.26 -5.89 -53.87
C THR V 479 11.80 -4.68 -54.68
N VAL V 480 12.16 -3.47 -54.23
CA VAL V 480 11.89 -2.29 -55.00
C VAL V 480 12.58 -2.33 -56.36
N MET V 481 13.76 -2.96 -56.42
CA MET V 481 14.63 -3.16 -57.55
C MET V 481 13.86 -3.65 -58.77
N ALA V 482 14.18 -3.06 -59.93
CA ALA V 482 13.57 -3.35 -61.20
C ALA V 482 12.05 -3.28 -61.31
N ASN V 483 11.48 -2.59 -60.33
CA ASN V 483 10.05 -2.38 -60.35
C ASN V 483 9.52 -0.96 -60.39
N GLN V 484 10.41 -0.15 -60.99
CA GLN V 484 10.28 1.28 -61.13
C GLN V 484 10.90 1.90 -62.38
N THR V 485 9.96 2.54 -63.07
CA THR V 485 10.27 3.31 -64.26
C THR V 485 10.63 4.73 -63.88
N SER V 486 11.33 5.49 -64.72
CA SER V 486 11.69 6.83 -64.30
C SER V 486 10.54 7.74 -63.91
N GLU V 487 9.54 7.58 -64.79
CA GLU V 487 8.22 8.12 -64.57
C GLU V 487 7.52 7.86 -63.24
N GLU V 488 7.68 6.60 -62.82
CA GLU V 488 7.09 6.15 -61.58
C GLU V 488 7.75 6.80 -60.37
N VAL V 489 9.08 6.73 -60.42
CA VAL V 489 9.89 7.40 -59.42
C VAL V 489 9.54 8.86 -59.26
N ALA V 490 9.59 9.56 -60.40
CA ALA V 490 9.20 10.96 -60.37
C ALA V 490 7.85 11.33 -59.77
N SER V 491 6.91 10.51 -60.21
CA SER V 491 5.54 10.50 -59.72
C SER V 491 5.26 10.20 -58.25
N ALA V 492 6.02 9.20 -57.83
CA ALA V 492 5.90 8.74 -56.46
C ALA V 492 5.85 9.70 -55.28
N LEU V 493 5.00 9.40 -54.30
CA LEU V 493 4.94 10.28 -53.14
C LEU V 493 6.25 10.36 -52.38
N ALA V 494 6.47 11.56 -51.82
CA ALA V 494 7.59 11.73 -50.94
C ALA V 494 7.95 10.66 -49.91
N ASN V 495 6.89 10.11 -49.33
CA ASN V 495 6.76 9.04 -48.36
C ASN V 495 7.05 7.65 -48.89
N ASP V 496 7.82 7.56 -49.99
CA ASP V 496 7.96 6.30 -50.68
C ASP V 496 9.37 5.73 -50.83
N ALA V 497 9.43 4.46 -50.43
CA ALA V 497 10.67 3.70 -50.44
C ALA V 497 11.89 4.09 -51.26
N ILE V 498 11.61 4.23 -52.56
CA ILE V 498 12.52 4.77 -53.55
C ILE V 498 13.43 5.93 -53.14
N VAL V 499 12.85 7.04 -52.67
CA VAL V 499 13.72 8.16 -52.41
C VAL V 499 14.63 8.07 -51.19
N LEU V 500 14.05 7.28 -50.28
CA LEU V 500 14.68 6.96 -49.01
C LEU V 500 15.96 6.17 -49.12
N VAL V 501 15.85 5.20 -50.03
CA VAL V 501 16.87 4.27 -50.45
C VAL V 501 17.97 5.04 -51.16
N SER V 502 17.60 5.85 -52.15
CA SER V 502 18.56 6.71 -52.80
C SER V 502 19.33 7.58 -51.82
N ASN V 503 18.65 8.19 -50.84
CA ASN V 503 19.30 9.00 -49.83
C ASN V 503 20.40 8.31 -49.05
N HIS V 504 20.11 7.07 -48.65
CA HIS V 504 21.06 6.13 -48.11
C HIS V 504 22.21 5.71 -49.01
N LEU V 505 21.89 5.32 -50.25
CA LEU V 505 22.72 5.12 -51.42
C LEU V 505 23.63 6.27 -51.86
N ASN V 506 23.18 7.48 -51.57
CA ASN V 506 24.00 8.66 -51.81
C ASN V 506 25.19 8.77 -50.87
N LYS V 507 25.03 8.40 -49.60
CA LYS V 507 26.07 8.23 -48.61
C LYS V 507 27.09 7.13 -48.89
N LEU V 508 26.60 6.00 -49.38
CA LEU V 508 27.50 5.04 -49.99
C LEU V 508 28.37 5.55 -51.12
N ALA V 509 27.72 6.20 -52.09
CA ALA V 509 28.48 6.89 -53.11
C ALA V 509 29.57 7.89 -52.76
N ASN V 510 29.23 8.70 -51.76
CA ASN V 510 30.06 9.70 -51.14
C ASN V 510 31.37 9.15 -50.61
N VAL V 511 31.16 8.01 -49.94
CA VAL V 511 32.23 7.22 -49.38
C VAL V 511 33.20 6.74 -50.45
N VAL V 512 32.53 6.15 -51.44
CA VAL V 512 33.24 5.51 -52.54
C VAL V 512 34.10 6.54 -53.28
N GLY V 513 33.57 7.71 -53.59
CA GLY V 513 34.34 8.71 -54.31
C GLY V 513 35.56 9.42 -53.73
N ASP V 514 35.35 9.66 -52.43
CA ASP V 514 36.34 10.26 -51.55
C ASP V 514 37.48 9.38 -51.07
N ALA V 515 37.11 8.10 -50.90
CA ALA V 515 38.01 7.09 -50.39
C ALA V 515 38.61 6.08 -51.36
N ILE V 516 37.74 5.67 -52.28
CA ILE V 516 38.19 4.67 -53.22
C ILE V 516 38.47 5.43 -54.51
N PRO V 517 39.57 5.19 -55.23
CA PRO V 517 39.90 5.88 -56.46
C PRO V 517 39.22 5.39 -57.73
N VAL V 518 37.94 5.74 -57.63
CA VAL V 518 37.03 5.69 -58.74
C VAL V 518 36.86 7.03 -59.45
N ALA V 519 37.90 7.83 -59.32
CA ALA V 519 38.04 8.97 -60.21
C ALA V 519 38.51 8.96 -61.66
N SER V 520 39.08 9.89 -62.43
CA SER V 520 39.15 9.69 -63.86
C SER V 520 39.80 8.54 -64.63
N ARG V 521 39.42 7.29 -64.41
CA ARG V 521 39.55 6.12 -65.26
C ARG V 521 40.45 5.13 -64.54
N THR V 522 40.64 5.39 -63.25
CA THR V 522 41.45 4.51 -62.43
C THR V 522 40.78 3.22 -61.97
N ASP V 523 40.99 2.15 -62.74
CA ASP V 523 40.53 0.85 -62.31
C ASP V 523 41.47 0.22 -61.29
N ASP V 524 40.95 0.16 -60.05
CA ASP V 524 41.52 -0.33 -58.82
C ASP V 524 40.90 -1.64 -58.34
N SER V 525 41.83 -2.54 -57.99
CA SER V 525 41.34 -3.61 -57.15
C SER V 525 40.25 -3.69 -56.09
N ALA V 526 40.18 -2.50 -55.52
CA ALA V 526 38.98 -2.16 -54.76
C ALA V 526 37.64 -2.52 -55.38
N THR V 527 37.56 -2.34 -56.70
CA THR V 527 36.34 -2.58 -57.43
C THR V 527 35.89 -4.02 -57.58
N SER V 528 36.67 -4.89 -56.94
CA SER V 528 36.55 -6.34 -57.04
C SER V 528 35.34 -7.14 -56.60
N ALA V 529 34.52 -6.47 -55.78
CA ALA V 529 33.33 -6.96 -55.11
C ALA V 529 32.20 -7.22 -56.09
N ILE V 530 32.01 -6.18 -56.90
CA ILE V 530 31.10 -6.32 -58.02
C ILE V 530 31.48 -7.30 -59.12
N VAL V 531 32.80 -7.34 -59.32
CA VAL V 531 33.25 -8.27 -60.33
C VAL V 531 33.11 -9.72 -59.91
N SER V 532 33.37 -10.02 -58.63
CA SER V 532 33.26 -11.34 -58.06
C SER V 532 31.85 -11.93 -58.14
N ARG V 533 30.85 -11.06 -57.93
CA ARG V 533 29.46 -11.41 -58.15
C ARG V 533 29.12 -11.65 -59.61
N LEU V 534 29.64 -10.76 -60.45
CA LEU V 534 29.53 -10.94 -61.88
C LEU V 534 30.16 -12.22 -62.42
N ALA V 535 31.35 -12.47 -61.86
CA ALA V 535 32.05 -13.64 -62.36
C ALA V 535 31.33 -14.97 -62.17
N VAL V 536 30.71 -15.09 -61.01
CA VAL V 536 29.98 -16.31 -60.71
C VAL V 536 28.60 -16.47 -61.33
N GLN V 537 27.98 -15.29 -61.40
CA GLN V 537 26.77 -15.23 -62.20
C GLN V 537 26.83 -15.59 -63.67
N HIS V 538 27.98 -15.30 -64.27
CA HIS V 538 28.10 -15.59 -65.68
C HIS V 538 28.26 -17.06 -66.05
N LYS V 539 27.84 -17.94 -65.12
CA LYS V 539 28.09 -19.32 -65.48
C LYS V 539 26.98 -20.01 -66.26
N LEU V 540 27.02 -19.42 -67.46
CA LEU V 540 26.12 -19.87 -68.51
C LEU V 540 26.64 -21.10 -69.23
N SER V 541 26.43 -22.26 -68.61
CA SER V 541 26.92 -23.49 -69.19
C SER V 541 25.75 -24.22 -69.85
N GLN V 542 26.07 -24.76 -71.03
CA GLN V 542 25.10 -25.57 -71.74
C GLN V 542 25.80 -26.92 -71.83
N VAL V 543 25.53 -27.59 -72.95
CA VAL V 543 26.05 -28.88 -73.37
C VAL V 543 27.18 -28.69 -74.37
N GLY V 544 28.28 -29.41 -74.14
CA GLY V 544 29.38 -29.29 -75.07
C GLY V 544 30.26 -28.08 -74.83
N GLN V 545 30.17 -27.21 -75.84
CA GLN V 545 30.70 -25.87 -75.79
C GLN V 545 29.79 -24.84 -75.14
N ALA V 546 29.97 -24.71 -73.82
CA ALA V 546 29.45 -23.61 -73.05
C ALA V 546 30.09 -22.27 -73.42
N SER V 547 29.57 -21.16 -72.89
CA SER V 547 29.90 -19.76 -73.09
C SER V 547 31.41 -19.62 -73.08
N PRO V 548 32.02 -19.34 -74.23
CA PRO V 548 33.44 -19.12 -74.30
C PRO V 548 33.99 -17.71 -74.07
N THR V 549 33.84 -17.44 -72.77
CA THR V 549 34.17 -16.15 -72.19
C THR V 549 35.58 -16.05 -71.65
N PRO V 550 36.51 -15.44 -72.38
CA PRO V 550 37.89 -15.29 -71.96
C PRO V 550 37.86 -14.67 -70.56
N PRO V 551 38.40 -15.40 -69.58
CA PRO V 551 38.13 -15.15 -68.17
C PRO V 551 37.76 -13.78 -67.64
N ASP V 552 36.75 -13.70 -66.78
CA ASP V 552 36.07 -12.52 -66.27
C ASP V 552 36.81 -11.24 -65.94
N TYR V 553 38.09 -11.55 -65.79
CA TYR V 553 39.01 -10.64 -65.13
C TYR V 553 39.40 -9.34 -65.85
N PRO V 554 39.55 -9.37 -67.17
CA PRO V 554 39.55 -8.14 -67.93
C PRO V 554 38.11 -7.71 -68.21
N LEU V 555 37.48 -8.65 -68.91
CA LEU V 555 36.16 -8.51 -69.49
C LEU V 555 35.04 -7.80 -68.73
N LEU V 556 34.59 -8.52 -67.70
CA LEU V 556 33.59 -8.18 -66.70
C LEU V 556 34.03 -7.07 -65.75
N TRP V 557 35.33 -7.08 -65.47
CA TRP V 557 35.99 -6.04 -64.70
C TRP V 557 35.77 -4.66 -65.31
N ARG V 558 35.99 -4.56 -66.62
CA ARG V 558 35.78 -3.28 -67.28
C ARG V 558 34.33 -2.83 -67.41
N ARG V 559 33.48 -3.81 -67.73
CA ARG V 559 32.04 -3.64 -67.72
C ARG V 559 31.45 -3.16 -66.41
N ALA V 560 32.01 -3.74 -65.35
CA ALA V 560 31.71 -3.47 -63.96
C ALA V 560 32.24 -2.13 -63.47
N LYS V 561 33.39 -1.59 -63.88
CA LYS V 561 33.74 -0.21 -63.64
C LYS V 561 32.75 0.78 -64.24
N ARG V 562 32.50 0.51 -65.52
CA ARG V 562 31.46 1.24 -66.22
C ARG V 562 30.10 1.50 -65.60
N ALA V 563 29.51 0.40 -65.14
CA ALA V 563 28.34 0.36 -64.28
C ALA V 563 28.49 0.82 -62.84
N ALA V 564 29.63 0.59 -62.16
CA ALA V 564 29.91 1.36 -60.97
C ALA V 564 29.86 2.89 -60.97
N SER V 565 30.53 3.36 -62.03
CA SER V 565 30.67 4.73 -62.50
C SER V 565 29.30 5.32 -62.78
N MET V 566 28.45 4.65 -63.56
CA MET V 566 27.04 4.97 -63.66
C MET V 566 26.23 5.02 -62.38
N PHE V 567 26.41 4.02 -61.51
CA PHE V 567 25.90 4.24 -60.18
C PHE V 567 26.29 5.48 -59.39
N VAL V 568 27.60 5.75 -59.42
CA VAL V 568 28.23 6.90 -58.79
C VAL V 568 27.81 8.29 -59.25
N SER V 569 27.81 8.42 -60.59
CA SER V 569 27.24 9.54 -61.29
C SER V 569 25.78 9.96 -61.21
N ASN V 570 24.95 8.95 -60.96
CA ASN V 570 23.59 9.04 -60.48
C ASN V 570 23.08 7.83 -59.70
N PRO V 571 23.04 7.99 -58.38
CA PRO V 571 22.48 6.97 -57.51
C PRO V 571 21.12 6.32 -57.68
N SER V 572 20.20 7.16 -58.14
CA SER V 572 18.92 6.64 -58.57
C SER V 572 18.72 5.55 -59.61
N LEU V 573 19.68 5.48 -60.55
CA LEU V 573 19.76 4.40 -61.51
C LEU V 573 19.63 2.97 -60.99
N ALA V 574 19.98 2.83 -59.72
CA ALA V 574 19.80 1.61 -58.96
C ALA V 574 18.39 1.09 -58.78
N LEU V 575 17.55 2.14 -58.78
CA LEU V 575 16.12 1.91 -58.69
C LEU V 575 15.39 1.86 -60.02
N GLN V 576 16.12 2.32 -61.03
CA GLN V 576 15.59 2.42 -62.38
C GLN V 576 15.75 1.17 -63.23
N VAL V 577 14.55 0.68 -63.53
CA VAL V 577 14.38 -0.36 -64.53
C VAL V 577 15.33 -0.24 -65.72
N GLY V 578 15.63 -1.46 -66.18
CA GLY V 578 16.53 -1.79 -67.28
C GLY V 578 17.97 -1.32 -67.32
N ILE V 579 18.67 -1.51 -66.18
CA ILE V 579 20.03 -1.06 -66.04
C ILE V 579 20.81 -2.36 -66.17
N PRO V 580 21.72 -2.52 -67.13
CA PRO V 580 22.31 -3.80 -67.46
C PRO V 580 22.51 -4.83 -66.34
N VAL V 581 23.51 -4.52 -65.52
CA VAL V 581 23.93 -5.39 -64.45
C VAL V 581 23.62 -5.03 -63.00
N LEU V 582 23.34 -3.76 -62.71
CA LEU V 582 22.85 -3.32 -61.42
C LEU V 582 21.46 -3.71 -60.97
N THR V 583 20.59 -3.96 -61.96
CA THR V 583 19.34 -4.67 -61.77
C THR V 583 19.40 -5.88 -60.84
N GLN V 584 20.57 -6.52 -60.73
CA GLN V 584 20.89 -7.53 -59.75
C GLN V 584 21.43 -7.06 -58.41
N SER V 585 20.43 -7.07 -57.53
CA SER V 585 20.58 -6.62 -56.15
C SER V 585 21.71 -7.15 -55.29
N GLY V 586 22.09 -8.37 -55.70
CA GLY V 586 23.30 -9.07 -55.27
C GLY V 586 24.58 -8.26 -55.38
N MET V 587 24.74 -7.73 -56.59
CA MET V 587 25.81 -6.78 -56.79
C MET V 587 25.76 -5.47 -55.99
N LEU V 588 24.52 -5.10 -55.65
CA LEU V 588 24.48 -3.92 -54.83
C LEU V 588 24.78 -4.23 -53.37
N SER V 589 24.30 -5.37 -52.88
CA SER V 589 24.64 -5.90 -51.58
C SER V 589 26.14 -6.11 -51.40
N ALA V 590 26.72 -6.69 -52.45
CA ALA V 590 28.15 -6.88 -52.55
C ALA V 590 29.03 -5.65 -52.47
N LEU V 591 28.55 -4.56 -53.08
CA LEU V 591 29.21 -3.27 -53.06
C LEU V 591 29.15 -2.64 -51.68
N THR V 592 27.91 -2.60 -51.18
CA THR V 592 27.53 -2.09 -49.88
C THR V 592 28.40 -2.62 -48.75
N SER V 593 28.40 -3.94 -48.63
CA SER V 593 29.25 -4.66 -47.71
C SER V 593 30.73 -4.47 -48.01
N GLY V 594 31.03 -4.83 -49.26
CA GLY V 594 32.38 -4.70 -49.78
C GLY V 594 33.19 -3.48 -49.38
N VAL V 595 32.57 -2.30 -49.48
CA VAL V 595 33.24 -1.07 -49.13
C VAL V 595 33.87 -0.96 -47.74
N GLY V 596 33.07 -1.48 -46.81
CA GLY V 596 33.51 -1.39 -45.43
C GLY V 596 34.81 -2.10 -45.06
N THR V 597 34.88 -3.35 -45.50
CA THR V 597 36.15 -4.06 -45.53
C THR V 597 37.31 -3.34 -46.20
N ALA V 598 37.01 -2.78 -47.37
CA ALA V 598 37.91 -1.95 -48.14
C ALA V 598 38.49 -0.71 -47.47
N LEU V 599 37.70 -0.07 -46.62
CA LEU V 599 38.10 1.02 -45.74
C LEU V 599 38.95 0.42 -44.62
N ARG V 600 38.35 -0.52 -43.89
CA ARG V 600 38.92 -1.30 -42.82
C ARG V 600 40.40 -1.66 -42.96
N THR V 601 40.71 -2.46 -43.97
CA THR V 601 42.05 -2.94 -44.22
C THR V 601 42.85 -2.45 -45.42
N GLY V 602 42.36 -1.30 -45.88
CA GLY V 602 42.96 -0.63 -47.02
C GLY V 602 44.28 0.01 -46.60
N SER V 603 45.29 -0.22 -47.44
CA SER V 603 46.56 0.38 -47.12
C SER V 603 46.57 1.77 -47.74
N LEU V 604 46.10 2.75 -46.98
CA LEU V 604 45.85 4.15 -47.28
C LEU V 604 46.10 4.75 -48.66
N GLY V 605 44.98 4.64 -49.38
CA GLY V 605 44.92 4.89 -50.80
C GLY V 605 45.32 6.25 -51.33
N LYS V 606 46.54 6.32 -51.83
CA LYS V 606 46.98 7.59 -52.41
C LYS V 606 47.39 7.51 -53.87
N GLY V 607 46.38 7.79 -54.68
CA GLY V 607 46.57 7.78 -56.12
C GLY V 607 47.78 8.45 -56.75
N VAL V 608 48.61 7.57 -57.31
CA VAL V 608 49.84 8.03 -57.91
C VAL V 608 49.84 9.30 -58.75
N THR V 609 48.86 9.37 -59.66
CA THR V 609 48.51 10.56 -60.41
C THR V 609 48.42 11.81 -59.55
N ASP V 610 47.50 11.68 -58.59
CA ASP V 610 47.21 12.81 -57.73
C ASP V 610 48.39 13.28 -56.89
N ALA V 611 49.22 12.31 -56.51
CA ALA V 611 50.41 12.63 -55.74
C ALA V 611 51.35 13.61 -56.46
N SER V 612 51.83 13.16 -57.62
CA SER V 612 52.64 13.95 -58.54
C SER V 612 52.13 15.34 -58.88
N GLU V 613 50.81 15.31 -59.10
CA GLU V 613 50.12 16.55 -59.35
C GLU V 613 50.02 17.61 -58.25
N LYS V 614 49.83 17.00 -57.09
CA LYS V 614 49.87 17.79 -55.87
C LYS V 614 51.23 18.35 -55.49
N LEU V 615 52.21 17.45 -55.65
CA LEU V 615 53.60 17.89 -55.66
C LEU V 615 54.11 19.05 -56.50
N ARG V 616 53.72 18.92 -57.77
CA ARG V 616 53.92 19.93 -58.78
C ARG V 616 53.21 21.24 -58.50
N ALA V 617 51.89 21.18 -58.31
CA ALA V 617 51.14 22.37 -57.96
C ALA V 617 51.62 23.15 -56.75
N ARG V 618 52.00 22.30 -55.79
CA ARG V 618 52.57 22.79 -54.56
C ARG V 618 53.87 23.59 -54.57
N GLN V 619 54.66 23.03 -55.49
CA GLN V 619 55.96 23.62 -55.74
C GLN V 619 55.84 25.00 -56.36
N SER V 620 55.07 25.06 -57.45
CA SER V 620 54.72 26.26 -58.19
C SER V 620 54.07 27.38 -57.40
N LEU V 621 53.25 26.94 -56.43
CA LEU V 621 52.75 27.85 -55.42
C LEU V 621 53.72 28.60 -54.53
N THR V 622 54.61 27.77 -53.98
CA THR V 622 55.81 28.17 -53.29
C THR V 622 56.61 29.12 -54.18
N VAL V 623 56.92 28.76 -55.43
CA VAL V 623 57.58 29.67 -56.34
C VAL V 623 57.03 31.10 -56.41
N ALA V 624 55.74 31.16 -56.74
CA ALA V 624 55.02 32.40 -56.78
C ALA V 624 54.99 33.12 -55.44
N LYS V 625 54.91 32.44 -54.29
CA LYS V 625 55.10 33.05 -52.99
C LYS V 625 56.43 33.74 -52.70
N GLN V 626 57.45 32.96 -53.02
CA GLN V 626 58.77 33.54 -53.20
C GLN V 626 58.86 34.81 -54.02
N ALA V 627 58.38 34.70 -55.26
CA ALA V 627 58.25 35.88 -56.09
C ALA V 627 57.46 37.05 -55.53
N PHE V 628 56.37 36.78 -54.80
CA PHE V 628 55.66 37.80 -54.05
C PHE V 628 56.42 38.54 -52.96
N PHE V 629 57.05 37.70 -52.14
CA PHE V 629 57.94 38.20 -51.11
C PHE V 629 59.03 39.06 -51.70
N ASP V 630 59.55 38.54 -52.82
CA ASP V 630 60.53 39.27 -53.60
C ASP V 630 60.22 40.71 -54.01
N GLN V 631 58.99 40.81 -54.53
CA GLN V 631 58.34 42.08 -54.82
C GLN V 631 58.24 42.93 -53.56
N ILE V 632 57.83 42.33 -52.44
CA ILE V 632 57.82 42.98 -51.14
C ILE V 632 59.21 43.43 -50.71
N GLY V 633 60.20 42.55 -50.89
CA GLY V 633 61.58 42.92 -50.71
C GLY V 633 62.05 44.16 -51.47
N SER V 634 61.59 44.22 -52.73
CA SER V 634 61.80 45.33 -53.64
C SER V 634 61.24 46.70 -53.26
N LEU V 635 59.99 46.59 -52.79
CA LEU V 635 59.22 47.79 -52.51
C LEU V 635 59.42 48.48 -51.17
N TRP V 636 59.76 47.60 -50.22
CA TRP V 636 60.41 48.05 -49.01
C TRP V 636 61.39 47.03 -48.43
N PRO V 637 62.63 47.14 -48.92
CA PRO V 637 63.77 46.37 -48.44
C PRO V 637 63.98 46.83 -47.00
N GLY V 638 63.12 46.34 -46.10
CA GLY V 638 63.24 46.59 -44.69
C GLY V 638 64.57 46.21 -44.06
N LYS V 639 65.39 47.21 -43.71
CA LYS V 639 66.70 47.01 -43.12
C LYS V 639 67.62 45.96 -43.71
N THR W 1 17.66 2.57 0.22
CA THR W 1 16.74 3.49 -0.46
C THR W 1 15.69 4.18 0.40
N TYR W 2 15.35 5.36 -0.10
CA TYR W 2 14.39 6.24 0.55
C TYR W 2 13.03 6.39 -0.11
N ASN W 3 12.00 6.40 0.73
CA ASN W 3 10.65 6.78 0.35
C ASN W 3 10.63 8.00 -0.56
N ILE W 4 10.19 7.78 -1.80
CA ILE W 4 10.18 8.96 -2.65
C ILE W 4 9.21 10.11 -2.41
N THR W 5 8.16 9.61 -1.76
CA THR W 5 7.05 10.45 -1.37
C THR W 5 7.15 11.23 -0.07
N GLY W 6 8.33 11.83 0.04
CA GLY W 6 8.70 12.71 1.12
C GLY W 6 9.11 14.16 0.87
N ASP W 7 9.40 14.92 1.92
CA ASP W 7 9.70 16.33 1.89
C ASP W 7 11.15 16.64 2.24
N GLY W 8 11.57 17.71 1.56
CA GLY W 8 12.95 18.15 1.53
C GLY W 8 13.66 18.19 0.18
N ASN W 9 13.13 17.42 -0.76
CA ASN W 9 13.63 17.27 -2.11
C ASN W 9 13.65 18.46 -3.07
N SER W 10 14.88 18.85 -3.45
CA SER W 10 15.21 19.95 -4.32
C SER W 10 15.01 19.66 -5.80
N PHE W 11 14.45 20.70 -6.43
CA PHE W 11 14.36 20.73 -7.88
C PHE W 11 15.17 21.92 -8.40
N THR W 12 16.44 21.54 -8.46
CA THR W 12 17.45 22.45 -8.97
C THR W 12 18.25 22.02 -10.19
N PRO W 13 17.63 22.24 -11.35
CA PRO W 13 18.32 22.25 -12.63
C PRO W 13 19.23 23.45 -12.90
N THR W 14 20.51 23.11 -13.03
CA THR W 14 21.61 24.02 -13.29
C THR W 14 22.47 23.60 -14.46
N SER W 15 23.00 24.66 -15.06
CA SER W 15 23.94 24.51 -16.17
C SER W 15 25.19 23.66 -16.00
N ASP W 16 25.53 23.78 -14.72
CA ASP W 16 26.57 23.05 -14.03
C ASP W 16 26.42 21.53 -14.01
N MET W 17 25.12 21.19 -13.90
CA MET W 17 24.60 19.85 -13.79
C MET W 17 23.75 19.39 -14.96
N THR W 18 24.27 19.57 -16.18
CA THR W 18 23.53 19.20 -17.36
C THR W 18 23.44 17.70 -17.57
N SER W 19 22.19 17.34 -17.27
CA SER W 19 21.95 15.94 -17.55
C SER W 19 23.20 15.54 -18.33
N THR W 20 23.65 14.28 -18.24
CA THR W 20 24.43 13.29 -18.94
C THR W 20 24.62 11.91 -18.33
N ALA W 21 24.81 10.86 -19.11
CA ALA W 21 24.88 9.43 -18.86
C ALA W 21 26.08 8.98 -19.68
N ALA W 22 26.22 7.67 -19.88
CA ALA W 22 27.00 7.27 -21.03
C ALA W 22 26.25 6.62 -22.18
N PRO W 23 25.82 7.44 -23.14
CA PRO W 23 24.95 7.06 -24.23
C PRO W 23 25.75 6.05 -25.05
N ALA W 24 26.95 6.25 -25.59
CA ALA W 24 27.70 5.37 -26.47
C ALA W 24 29.17 5.64 -26.20
N ILE W 25 29.90 4.56 -26.51
CA ILE W 25 31.33 4.75 -26.41
C ILE W 25 32.18 4.68 -27.67
N ASP W 26 33.37 5.26 -27.73
CA ASP W 26 34.24 5.00 -28.86
C ASP W 26 34.70 3.57 -29.07
N LEU W 27 34.35 2.99 -30.22
CA LEU W 27 34.82 1.68 -30.63
C LEU W 27 35.48 1.54 -31.99
N LYS W 28 36.33 2.53 -32.25
CA LYS W 28 36.98 2.60 -33.55
C LYS W 28 38.01 1.49 -33.62
N PRO W 29 38.17 0.78 -34.75
CA PRO W 29 39.13 -0.29 -34.85
C PRO W 29 40.57 -0.01 -34.40
N GLY W 30 40.97 1.11 -35.01
CA GLY W 30 42.21 1.77 -34.68
C GLY W 30 42.46 1.81 -33.18
N VAL W 31 41.34 2.14 -32.53
CA VAL W 31 41.33 2.36 -31.09
C VAL W 31 41.32 1.09 -30.27
N LEU W 32 40.82 -0.01 -30.86
CA LEU W 32 40.87 -1.28 -30.17
C LEU W 32 42.19 -1.91 -29.76
N ASN W 33 43.26 -1.57 -30.47
CA ASN W 33 44.52 -2.27 -30.33
C ASN W 33 45.30 -2.36 -29.03
N PRO W 34 45.97 -1.29 -28.58
CA PRO W 34 47.03 -1.44 -27.60
C PRO W 34 47.26 -2.72 -26.83
N THR W 35 48.11 -3.63 -27.30
CA THR W 35 48.90 -3.73 -28.51
C THR W 35 49.50 -5.11 -28.75
N GLY W 36 50.64 -5.36 -28.12
CA GLY W 36 51.53 -6.50 -28.27
C GLY W 36 50.89 -7.82 -27.89
N LYS W 37 50.87 -8.82 -28.78
CA LYS W 37 50.49 -10.15 -28.36
C LYS W 37 51.65 -10.81 -27.63
N LEU W 38 51.22 -11.60 -26.65
CA LEU W 38 52.15 -12.32 -25.80
C LEU W 38 52.56 -13.70 -26.29
N TRP W 39 53.89 -13.79 -26.33
CA TRP W 39 54.60 -14.96 -26.81
C TRP W 39 55.60 -15.69 -25.93
N ARG W 40 56.39 -16.67 -26.36
CA ARG W 40 57.29 -17.52 -25.60
C ARG W 40 58.41 -18.05 -26.47
N PRO W 41 59.62 -18.21 -25.94
CA PRO W 41 60.83 -18.77 -26.50
C PRO W 41 60.77 -20.27 -26.77
N VAL W 42 59.99 -20.48 -27.84
CA VAL W 42 59.56 -21.78 -28.30
C VAL W 42 58.57 -22.43 -27.34
N GLY W 43 59.21 -22.74 -26.22
CA GLY W 43 58.63 -23.34 -25.04
C GLY W 43 59.66 -23.83 -24.04
N THR W 44 60.88 -24.11 -24.52
CA THR W 44 62.06 -24.34 -23.72
C THR W 44 62.63 -23.11 -23.01
N SER W 45 63.70 -23.30 -22.24
CA SER W 45 64.35 -22.33 -21.38
C SER W 45 64.92 -21.16 -22.17
N VAL W 46 65.65 -20.31 -21.44
CA VAL W 46 66.15 -19.05 -21.94
C VAL W 46 67.41 -19.36 -22.74
N ALA W 47 67.06 -19.57 -24.01
CA ALA W 47 67.94 -19.84 -25.12
C ALA W 47 67.40 -19.55 -26.52
N THR W 48 66.19 -20.11 -26.70
CA THR W 48 65.45 -19.93 -27.93
C THR W 48 64.85 -18.58 -28.34
N ILE W 49 65.32 -17.45 -27.82
CA ILE W 49 64.90 -16.09 -28.06
C ILE W 49 64.61 -15.75 -29.52
N ASP W 50 65.47 -16.38 -30.31
CA ASP W 50 65.27 -16.40 -31.74
C ASP W 50 63.94 -16.80 -32.36
N SER W 51 63.21 -17.58 -31.57
CA SER W 51 61.93 -18.17 -31.92
C SER W 51 60.87 -17.88 -30.87
N LEU W 52 59.76 -17.31 -31.34
CA LEU W 52 58.55 -17.27 -30.53
C LEU W 52 57.28 -17.84 -31.16
N ALA W 53 56.57 -18.57 -30.31
CA ALA W 53 55.20 -19.03 -30.42
C ALA W 53 54.22 -18.31 -29.51
N ILE W 54 53.11 -17.90 -30.13
CA ILE W 54 52.07 -17.32 -29.32
C ILE W 54 51.49 -18.24 -28.25
N VAL W 55 51.34 -17.59 -27.10
CA VAL W 55 50.65 -18.14 -25.95
C VAL W 55 49.25 -18.57 -26.35
N SER W 56 48.57 -19.15 -25.36
CA SER W 56 47.45 -20.04 -25.56
C SER W 56 46.12 -19.36 -25.88
N ASP W 57 46.08 -19.05 -27.18
CA ASP W 57 44.94 -18.52 -27.90
C ASP W 57 43.76 -19.47 -27.92
N ARG W 58 44.18 -20.73 -27.89
CA ARG W 58 43.36 -21.90 -27.61
C ARG W 58 42.11 -21.85 -26.75
N PHE W 59 42.41 -21.26 -25.59
CA PHE W 59 41.38 -20.88 -24.65
C PHE W 59 41.60 -19.75 -23.65
N GLY W 60 42.71 -19.02 -23.83
CA GLY W 60 43.17 -18.09 -22.82
C GLY W 60 44.34 -17.32 -23.43
N GLN W 61 45.35 -17.13 -22.58
CA GLN W 61 46.51 -16.30 -22.87
C GLN W 61 46.79 -15.74 -24.26
N TYR W 62 46.19 -14.55 -24.32
CA TYR W 62 46.30 -13.65 -25.45
C TYR W 62 47.19 -12.45 -25.15
N SER W 63 47.04 -11.41 -25.97
CA SER W 63 47.74 -10.15 -25.98
C SER W 63 47.76 -9.36 -24.67
N PHE W 64 48.75 -8.50 -24.44
CA PHE W 64 48.67 -7.38 -23.52
C PHE W 64 47.46 -6.48 -23.66
N VAL W 65 46.59 -6.45 -22.66
CA VAL W 65 45.33 -5.74 -22.71
C VAL W 65 45.44 -4.24 -22.92
N ASN W 66 44.49 -3.73 -23.70
CA ASN W 66 44.33 -2.33 -24.01
C ASN W 66 43.98 -1.59 -22.73
N GLU W 67 44.96 -0.99 -22.06
CA GLU W 67 44.78 0.00 -21.03
C GLU W 67 43.56 0.91 -21.10
N GLY W 68 43.34 1.45 -22.30
CA GLY W 68 42.21 2.32 -22.57
C GLY W 68 40.91 1.53 -22.61
N MET W 69 41.01 0.36 -23.25
CA MET W 69 39.87 -0.51 -23.39
C MET W 69 39.36 -1.09 -22.08
N ARG W 70 40.28 -1.52 -21.22
CA ARG W 70 39.96 -1.78 -19.84
C ARG W 70 39.24 -0.75 -18.99
N GLU W 71 39.87 0.43 -19.09
CA GLU W 71 39.36 1.62 -18.44
C GLU W 71 37.98 2.02 -18.94
N THR W 72 37.81 2.07 -20.27
CA THR W 72 36.53 2.24 -20.92
C THR W 72 35.37 1.30 -20.62
N PHE W 73 35.77 0.05 -20.87
CA PHE W 73 34.90 -1.07 -20.56
C PHE W 73 34.33 -1.27 -19.16
N SER W 74 35.17 -1.04 -18.15
CA SER W 74 34.86 -0.98 -16.74
C SER W 74 33.83 0.11 -16.51
N LYS W 75 33.98 1.27 -17.17
CA LYS W 75 33.03 2.36 -17.12
C LYS W 75 31.60 2.09 -17.55
N ALA W 76 31.63 1.37 -18.68
CA ALA W 76 30.46 0.78 -19.29
C ALA W 76 29.70 -0.11 -18.31
N LEU W 77 30.46 -0.98 -17.63
CA LEU W 77 29.86 -1.83 -16.62
C LEU W 77 29.13 -1.09 -15.50
N PHE W 78 29.63 0.10 -15.20
CA PHE W 78 29.11 1.06 -14.24
C PHE W 78 27.75 1.69 -14.54
N ASP W 79 27.46 1.98 -15.81
CA ASP W 79 26.12 2.18 -16.32
C ASP W 79 25.07 1.21 -15.80
N ILE W 80 25.33 -0.09 -15.94
CA ILE W 80 24.44 -1.13 -15.46
C ILE W 80 24.23 -1.14 -13.95
N ASN W 81 25.35 -0.86 -13.28
CA ASN W 81 25.48 -0.68 -11.85
C ASN W 81 24.60 0.41 -11.25
N MET W 82 24.38 1.44 -12.07
CA MET W 82 23.46 2.51 -11.78
C MET W 82 22.00 2.12 -11.52
N TRP W 83 21.71 0.97 -12.14
CA TRP W 83 20.47 0.28 -11.90
C TRP W 83 20.47 -1.03 -11.12
N GLN W 84 21.56 -1.32 -10.41
CA GLN W 84 21.67 -2.57 -9.69
C GLN W 84 20.56 -3.09 -8.80
N PRO W 85 20.01 -2.21 -7.96
CA PRO W 85 18.83 -2.55 -7.18
C PRO W 85 17.59 -2.96 -7.96
N LEU W 86 17.50 -2.33 -9.13
CA LEU W 86 16.42 -2.65 -10.04
C LEU W 86 16.57 -3.93 -10.84
N PHE W 87 17.77 -4.11 -11.42
CA PHE W 87 18.13 -5.39 -11.98
C PHE W 87 17.89 -6.60 -11.08
N GLN W 88 18.42 -6.41 -9.88
CA GLN W 88 18.28 -7.42 -8.84
C GLN W 88 16.85 -7.80 -8.52
N ALA W 89 16.05 -6.73 -8.45
CA ALA W 89 14.62 -6.89 -8.21
C ALA W 89 13.88 -7.56 -9.36
N THR W 90 14.33 -7.27 -10.57
CA THR W 90 13.88 -7.91 -11.80
C THR W 90 14.43 -9.33 -11.96
N LYS W 91 15.26 -9.81 -11.04
CA LYS W 91 15.94 -11.08 -11.20
C LYS W 91 16.66 -11.54 -12.47
N THR W 92 17.18 -10.50 -13.12
CA THR W 92 17.72 -10.56 -14.46
C THR W 92 19.24 -10.68 -14.55
N GLY W 93 19.77 -11.65 -13.80
CA GLY W 93 21.20 -11.89 -13.72
C GLY W 93 22.08 -10.74 -13.24
N CYS W 94 21.53 -9.88 -12.39
CA CYS W 94 22.15 -8.64 -11.98
C CYS W 94 23.62 -8.50 -11.61
N GLY W 95 24.10 -9.59 -11.01
CA GLY W 95 25.43 -9.73 -10.43
C GLY W 95 26.60 -9.05 -11.11
N PRO W 96 26.98 -7.89 -10.58
CA PRO W 96 28.05 -7.16 -11.24
C PRO W 96 29.36 -7.80 -11.70
N ILE W 97 29.43 -7.97 -13.03
CA ILE W 97 30.47 -8.71 -13.71
C ILE W 97 31.92 -8.82 -13.24
N VAL W 98 32.45 -7.67 -12.85
CA VAL W 98 33.84 -7.53 -12.45
C VAL W 98 34.88 -8.00 -13.46
N LEU W 99 34.91 -7.10 -14.45
CA LEU W 99 35.72 -7.20 -15.63
C LEU W 99 37.15 -7.71 -15.46
N SER W 100 37.65 -7.21 -14.33
CA SER W 100 38.96 -7.55 -13.77
C SER W 100 39.30 -9.03 -13.68
N SER W 101 38.25 -9.81 -13.44
CA SER W 101 38.36 -11.25 -13.34
C SER W 101 38.74 -11.89 -14.67
N PHE W 102 38.25 -11.20 -15.71
CA PHE W 102 38.55 -11.58 -17.07
C PHE W 102 39.91 -11.36 -17.73
N THR W 103 40.42 -10.19 -17.32
CA THR W 103 41.79 -9.70 -17.45
C THR W 103 42.82 -10.50 -16.67
N THR W 104 43.20 -11.63 -17.26
CA THR W 104 44.04 -12.67 -16.67
C THR W 104 45.51 -12.69 -17.01
N THR W 105 46.35 -13.22 -16.12
CA THR W 105 47.78 -13.00 -16.24
C THR W 105 48.32 -13.61 -17.52
N THR W 106 49.08 -12.83 -18.28
CA THR W 106 49.95 -13.25 -19.36
C THR W 106 51.41 -12.92 -19.13
N SER W 107 52.37 -13.86 -19.27
CA SER W 107 53.75 -13.68 -18.91
C SER W 107 54.72 -14.28 -19.93
N GLY W 108 55.42 -13.32 -20.54
CA GLY W 108 56.40 -13.56 -21.58
C GLY W 108 56.74 -12.40 -22.51
N TYR W 109 56.82 -12.68 -23.82
CA TYR W 109 57.17 -11.63 -24.75
C TYR W 109 56.06 -10.79 -25.38
N VAL W 110 56.29 -9.48 -25.48
CA VAL W 110 55.35 -8.52 -26.04
C VAL W 110 55.83 -7.95 -27.37
N GLY W 111 55.07 -8.37 -28.38
CA GLY W 111 55.16 -7.67 -29.66
C GLY W 111 54.17 -8.09 -30.73
N ALA W 112 53.97 -7.04 -31.52
CA ALA W 112 53.17 -7.14 -32.73
C ALA W 112 53.40 -8.24 -33.74
N THR W 113 54.67 -8.32 -34.15
CA THR W 113 55.23 -9.40 -34.93
C THR W 113 56.29 -10.24 -34.21
N ALA W 114 56.51 -11.51 -34.55
CA ALA W 114 57.58 -12.31 -33.99
C ALA W 114 58.86 -11.50 -33.96
N GLY W 115 59.20 -10.98 -35.14
CA GLY W 115 60.16 -9.90 -35.27
C GLY W 115 60.46 -9.02 -34.07
N ASP W 116 59.47 -8.13 -33.99
CA ASP W 116 59.47 -7.22 -32.86
C ASP W 116 59.41 -7.75 -31.43
N ALA W 117 58.59 -8.81 -31.35
CA ALA W 117 58.35 -9.47 -30.09
C ALA W 117 59.52 -10.21 -29.43
N LEU W 118 60.39 -10.66 -30.32
CA LEU W 118 61.64 -11.28 -29.93
C LEU W 118 62.48 -10.50 -28.93
N ASP W 119 62.49 -9.20 -29.18
CA ASP W 119 63.19 -8.20 -28.40
C ASP W 119 62.77 -7.74 -27.00
N ASN W 120 61.46 -7.93 -26.85
CA ASN W 120 60.73 -7.42 -25.70
C ASN W 120 60.03 -8.50 -24.88
N PRO W 121 60.47 -8.77 -23.65
CA PRO W 121 59.66 -9.63 -22.82
C PRO W 121 59.12 -8.85 -21.62
N VAL W 122 57.82 -9.08 -21.44
CA VAL W 122 57.02 -8.47 -20.39
C VAL W 122 56.36 -9.44 -19.44
N THR W 123 56.99 -9.67 -18.29
CA THR W 123 56.54 -10.61 -17.28
C THR W 123 55.37 -10.17 -16.41
N ASN W 124 54.49 -11.18 -16.39
CA ASN W 124 53.26 -11.18 -15.62
C ASN W 124 52.37 -9.95 -15.64
N GLY W 125 51.88 -9.73 -16.86
CA GLY W 125 50.85 -8.77 -17.16
C GLY W 125 49.50 -9.48 -17.28
N VAL W 126 48.74 -8.98 -18.27
CA VAL W 126 47.40 -9.43 -18.60
C VAL W 126 46.89 -9.43 -20.03
N PHE W 127 46.16 -10.50 -20.32
CA PHE W 127 45.38 -10.82 -21.50
C PHE W 127 43.89 -10.98 -21.26
N ILE W 128 43.15 -11.00 -22.38
CA ILE W 128 41.78 -11.45 -22.44
C ILE W 128 41.56 -12.33 -23.67
N SER W 129 40.73 -13.37 -23.49
CA SER W 129 40.43 -14.35 -24.52
C SER W 129 39.20 -13.97 -25.34
N THR W 130 39.32 -14.28 -26.64
CA THR W 130 38.29 -14.22 -27.64
C THR W 130 36.95 -14.74 -27.16
N VAL W 131 37.06 -15.98 -26.66
CA VAL W 131 35.99 -16.65 -25.95
C VAL W 131 35.42 -15.79 -24.83
N GLN W 132 36.33 -15.37 -23.95
CA GLN W 132 35.94 -14.54 -22.85
C GLN W 132 35.27 -13.20 -23.14
N ILE W 133 35.94 -12.46 -24.02
CA ILE W 133 35.28 -11.28 -24.54
C ILE W 133 33.94 -11.55 -25.19
N MET W 134 33.79 -12.65 -25.93
CA MET W 134 32.55 -13.14 -26.49
C MET W 134 31.42 -13.14 -25.48
N ASN W 135 31.67 -13.87 -24.39
CA ASN W 135 30.77 -14.07 -23.27
C ASN W 135 30.51 -12.86 -22.39
N LEU W 136 31.52 -12.04 -22.10
CA LEU W 136 31.48 -10.71 -21.54
C LEU W 136 30.61 -9.69 -22.25
N GLN W 137 30.95 -9.49 -23.53
CA GLN W 137 30.07 -8.75 -24.40
C GLN W 137 28.60 -9.16 -24.43
N ARG W 138 28.42 -10.46 -24.58
CA ARG W 138 27.13 -11.14 -24.57
C ARG W 138 26.28 -10.67 -23.40
N THR W 139 26.88 -10.72 -22.20
CA THR W 139 26.32 -10.19 -20.98
C THR W 139 25.94 -8.71 -20.98
N ILE W 140 26.92 -7.89 -21.37
CA ILE W 140 26.69 -6.47 -21.49
C ILE W 140 25.57 -6.07 -22.43
N ALA W 141 25.51 -6.74 -23.58
CA ALA W 141 24.50 -6.55 -24.61
C ALA W 141 23.09 -6.86 -24.12
N ALA W 142 23.10 -7.93 -23.34
CA ALA W 142 21.91 -8.48 -22.72
C ALA W 142 21.29 -7.59 -21.66
N ARG W 143 22.24 -7.01 -20.92
CA ARG W 143 21.97 -6.03 -19.88
C ARG W 143 21.27 -4.80 -20.44
N MET W 144 21.89 -4.32 -21.51
CA MET W 144 21.39 -3.24 -22.34
C MET W 144 20.01 -3.47 -22.94
N ARG W 145 19.92 -4.66 -23.54
CA ARG W 145 18.56 -4.99 -23.94
C ARG W 145 17.41 -5.29 -23.00
N ASP W 146 17.92 -5.54 -21.78
CA ASP W 146 17.01 -5.49 -20.66
C ASP W 146 16.53 -4.17 -20.10
N VAL W 147 17.40 -3.17 -20.30
CA VAL W 147 17.17 -1.81 -19.87
C VAL W 147 16.44 -0.92 -20.85
N ALA W 148 16.35 -1.41 -22.09
CA ALA W 148 15.82 -0.65 -23.21
C ALA W 148 14.45 -0.01 -23.10
N LEU W 149 13.65 -0.69 -22.29
CA LEU W 149 12.36 -0.20 -21.85
C LEU W 149 12.44 0.85 -20.75
N TRP W 150 13.42 0.61 -19.88
CA TRP W 150 13.63 1.45 -18.72
C TRP W 150 14.12 2.82 -19.13
N GLN W 151 15.14 2.80 -19.98
CA GLN W 151 15.77 3.99 -20.52
C GLN W 151 14.73 4.96 -21.06
N LYS W 152 13.89 4.40 -21.94
CA LYS W 152 12.79 5.10 -22.57
C LYS W 152 11.86 5.79 -21.58
N HIS W 153 11.40 4.95 -20.66
CA HIS W 153 10.53 5.40 -19.59
C HIS W 153 11.13 6.52 -18.75
N LEU W 154 12.40 6.33 -18.34
CA LEU W 154 13.16 7.36 -17.66
C LEU W 154 13.24 8.74 -18.31
N ASP W 155 13.57 8.67 -19.60
CA ASP W 155 13.47 9.74 -20.57
C ASP W 155 12.17 10.51 -20.72
N THR W 156 11.09 9.71 -20.65
CA THR W 156 9.80 10.34 -20.80
C THR W 156 9.45 11.33 -19.69
N ALA W 157 9.73 10.85 -18.48
CA ALA W 157 9.63 11.59 -17.25
C ALA W 157 10.34 12.93 -17.29
N MET W 158 11.61 12.75 -17.65
CA MET W 158 12.58 13.81 -17.84
C MET W 158 12.32 14.85 -18.92
N THR W 159 11.45 14.39 -19.83
CA THR W 159 10.86 15.40 -20.68
C THR W 159 9.46 15.94 -20.49
N MET W 160 8.59 15.08 -19.96
CA MET W 160 7.25 15.45 -19.56
C MET W 160 6.94 16.61 -18.63
N LEU W 161 7.95 17.01 -17.86
CA LEU W 161 8.31 18.33 -17.39
C LEU W 161 9.81 18.54 -17.19
N THR W 162 10.48 18.66 -18.35
CA THR W 162 11.93 18.75 -18.46
C THR W 162 12.82 19.54 -17.53
N PRO W 163 13.51 18.81 -16.65
CA PRO W 163 14.50 19.35 -15.73
C PRO W 163 15.82 19.86 -16.29
N ASP W 164 15.73 20.49 -17.47
CA ASP W 164 16.98 20.80 -18.14
C ASP W 164 17.23 22.29 -18.31
N ILE W 165 18.05 22.83 -17.41
CA ILE W 165 18.40 24.23 -17.58
C ILE W 165 19.90 24.24 -17.85
N SER W 166 20.00 24.35 -19.18
CA SER W 166 21.20 24.49 -19.96
C SER W 166 22.04 25.75 -19.72
N ALA W 167 21.34 26.71 -19.11
CA ALA W 167 21.89 28.03 -18.83
C ALA W 167 21.39 28.68 -17.54
N GLY W 168 22.35 28.64 -16.61
CA GLY W 168 22.12 29.12 -15.26
C GLY W 168 21.56 28.13 -14.26
N SER W 169 20.37 28.54 -13.82
CA SER W 169 19.70 27.89 -12.70
C SER W 169 18.22 28.22 -12.62
N ALA W 170 17.47 27.13 -12.41
CA ALA W 170 16.06 27.13 -12.11
C ALA W 170 15.78 26.41 -10.80
N SER W 171 14.71 26.83 -10.13
CA SER W 171 14.15 26.16 -8.97
C SER W 171 12.65 26.30 -8.78
N CYS W 172 12.02 25.19 -8.38
CA CYS W 172 10.59 25.11 -8.13
C CYS W 172 10.29 23.95 -7.19
N ASN W 173 9.18 23.94 -6.45
CA ASN W 173 8.76 22.85 -5.59
C ASN W 173 8.74 21.49 -6.27
N TRP W 174 9.68 20.61 -5.91
CA TRP W 174 9.75 19.27 -6.48
C TRP W 174 8.52 18.42 -6.21
N LYS W 175 8.04 18.65 -4.99
CA LYS W 175 6.76 18.15 -4.52
C LYS W 175 5.52 18.39 -5.38
N SER W 176 5.37 19.68 -5.64
CA SER W 176 4.47 20.24 -6.64
C SER W 176 4.49 19.65 -8.03
N LEU W 177 5.71 19.57 -8.56
CA LEU W 177 6.10 18.92 -9.80
C LEU W 177 5.79 17.43 -9.84
N LEU W 178 6.37 16.75 -8.84
CA LEU W 178 6.10 15.36 -8.58
C LEU W 178 4.66 14.89 -8.48
N ALA W 179 3.87 15.69 -7.76
CA ALA W 179 2.48 15.34 -7.61
C ALA W 179 1.65 15.59 -8.87
N PHE W 180 1.96 16.68 -9.58
CA PHE W 180 1.32 16.90 -10.86
C PHE W 180 1.68 15.87 -11.93
N ALA W 181 2.94 15.45 -11.93
CA ALA W 181 3.43 14.29 -12.66
C ALA W 181 2.56 13.07 -12.46
N LYS W 182 2.37 12.76 -11.18
CA LYS W 182 1.61 11.56 -10.87
C LYS W 182 0.09 11.59 -11.01
N ASP W 183 -0.35 12.83 -11.17
CA ASP W 183 -1.71 13.20 -11.51
C ASP W 183 -2.05 13.32 -12.99
N ILE W 184 -0.95 13.53 -13.73
CA ILE W 184 -1.07 13.67 -15.17
C ILE W 184 -0.49 12.38 -15.74
N LEU W 185 0.57 11.67 -15.37
CA LEU W 185 1.22 10.59 -16.08
C LEU W 185 0.42 9.34 -16.43
N PRO W 186 0.71 8.79 -17.61
CA PRO W 186 -0.02 7.60 -17.99
C PRO W 186 0.29 6.43 -17.05
N LEU W 187 -0.86 5.91 -16.62
CA LEU W 187 -0.90 4.69 -15.85
C LEU W 187 -0.10 3.48 -16.33
N ASP W 188 -0.15 3.28 -17.64
CA ASP W 188 0.65 2.25 -18.27
C ASP W 188 2.17 2.30 -18.23
N ASN W 189 2.71 3.45 -17.84
CA ASN W 189 4.11 3.65 -17.60
C ASN W 189 4.73 2.76 -16.52
N LEU W 190 5.95 2.34 -16.83
CA LEU W 190 6.84 1.72 -15.87
C LEU W 190 7.28 2.51 -14.65
N CYS W 191 7.25 3.82 -14.91
CA CYS W 191 7.42 4.82 -13.88
C CYS W 191 6.42 4.84 -12.74
N LEU W 192 5.18 4.52 -13.12
CA LEU W 192 4.20 4.35 -12.07
C LEU W 192 4.17 3.06 -11.25
N THR W 193 4.69 1.98 -11.83
CA THR W 193 4.98 0.75 -11.11
C THR W 193 6.23 0.85 -10.25
N TYR W 194 7.26 1.47 -10.82
CA TYR W 194 8.55 1.52 -10.17
C TYR W 194 9.00 2.88 -9.63
N PRO W 195 8.13 3.65 -8.99
CA PRO W 195 8.44 5.03 -8.69
C PRO W 195 9.77 5.36 -8.03
N ASN W 196 9.90 4.60 -6.94
CA ASN W 196 10.99 4.45 -6.00
C ASN W 196 12.35 4.15 -6.64
N GLU W 197 12.41 3.09 -7.46
CA GLU W 197 13.59 2.88 -8.28
C GLU W 197 13.94 4.00 -9.25
N PHE W 198 12.97 4.43 -10.06
CA PHE W 198 13.21 5.39 -11.12
C PHE W 198 13.80 6.72 -10.69
N TYR W 199 13.18 7.17 -9.58
CA TYR W 199 13.61 8.33 -8.83
C TYR W 199 15.01 8.27 -8.23
N ASN W 200 15.30 7.14 -7.58
CA ASN W 200 16.62 6.77 -7.12
C ASN W 200 17.70 6.85 -8.18
N VAL W 201 17.40 6.18 -9.30
CA VAL W 201 18.20 6.25 -10.50
C VAL W 201 18.39 7.66 -11.03
N ALA W 202 17.24 8.29 -11.28
CA ALA W 202 17.28 9.71 -11.58
C ALA W 202 18.17 10.62 -10.74
N ILE W 203 17.98 10.44 -9.44
CA ILE W 203 18.85 11.10 -8.48
C ILE W 203 20.32 10.75 -8.63
N HIS W 204 20.59 9.50 -9.00
CA HIS W 204 21.94 9.01 -9.18
C HIS W 204 22.66 9.49 -10.43
N ARG W 205 21.84 9.87 -11.42
CA ARG W 205 22.28 10.42 -12.69
C ARG W 205 22.29 11.94 -12.83
N TYR W 206 21.24 12.48 -12.21
CA TYR W 206 20.96 13.91 -12.22
C TYR W 206 21.31 14.51 -10.86
N PRO W 207 22.54 14.99 -10.64
CA PRO W 207 23.01 15.68 -9.46
C PRO W 207 22.14 16.89 -9.15
N ALA W 208 21.53 17.40 -10.22
CA ALA W 208 20.49 18.40 -10.21
C ALA W 208 19.20 18.23 -9.42
N LEU W 209 19.05 17.00 -8.94
CA LEU W 209 17.91 16.48 -8.23
C LEU W 209 18.28 15.82 -6.91
N LYS W 210 17.46 16.06 -5.88
CA LYS W 210 17.68 15.48 -4.58
C LYS W 210 16.63 14.52 -4.06
N PRO W 211 16.96 13.49 -3.28
CA PRO W 211 15.94 12.65 -2.68
C PRO W 211 14.89 13.33 -1.79
N GLY W 212 13.65 12.89 -1.93
CA GLY W 212 12.57 13.17 -0.99
C GLY W 212 12.82 13.75 0.40
N ASN W 213 12.69 12.85 1.37
CA ASN W 213 12.92 13.07 2.78
C ASN W 213 13.88 12.25 3.63
N PRO W 214 14.86 11.61 2.99
CA PRO W 214 15.56 10.52 3.63
C PRO W 214 16.09 10.66 5.05
N ASP W 215 16.75 11.81 5.24
CA ASP W 215 16.84 12.57 6.47
C ASP W 215 16.46 14.01 6.16
N THR W 216 15.21 14.38 6.47
CA THR W 216 14.74 15.73 6.18
C THR W 216 15.66 16.84 6.69
N LYS W 217 16.47 16.47 7.68
CA LYS W 217 17.71 17.07 8.11
C LYS W 217 18.69 17.59 7.07
N LEU W 218 19.01 16.51 6.34
CA LEU W 218 19.83 16.45 5.14
C LEU W 218 19.29 15.59 4.00
N PRO W 219 18.46 16.24 3.18
CA PRO W 219 18.06 15.62 1.94
C PRO W 219 19.01 15.94 0.79
N ASP W 220 19.69 17.08 0.92
CA ASP W 220 20.53 17.70 -0.08
C ASP W 220 22.00 17.45 0.19
N ALA W 221 22.73 17.38 -0.93
CA ALA W 221 24.17 17.24 -0.96
C ALA W 221 24.83 17.97 -2.12
N GLN W 222 26.15 18.18 -2.01
CA GLN W 222 26.95 18.73 -3.08
C GLN W 222 27.85 17.83 -3.92
N ALA W 223 28.14 16.73 -3.22
CA ALA W 223 28.72 15.54 -3.79
C ALA W 223 27.68 14.49 -4.15
N HIS W 224 27.78 14.15 -5.44
CA HIS W 224 26.81 13.30 -6.12
C HIS W 224 27.67 12.16 -6.65
N PRO W 225 27.38 11.49 -7.77
CA PRO W 225 28.38 10.53 -8.18
C PRO W 225 29.51 11.17 -8.97
N LEU W 226 30.00 10.44 -9.98
CA LEU W 226 31.04 10.94 -10.86
C LEU W 226 30.59 12.04 -11.81
N GLY W 227 29.46 11.82 -12.50
CA GLY W 227 28.80 12.78 -13.36
C GLY W 227 29.43 14.15 -13.53
N GLU W 228 29.20 14.97 -12.51
CA GLU W 228 29.86 16.24 -12.25
C GLU W 228 30.94 16.79 -13.17
N VAL W 229 32.00 15.98 -13.24
CA VAL W 229 33.14 16.16 -14.11
C VAL W 229 32.76 16.52 -15.53
N ALA W 230 32.13 15.54 -16.20
CA ALA W 230 31.56 15.78 -17.50
C ALA W 230 30.63 16.97 -17.71
N GLY W 231 29.95 17.25 -16.60
CA GLY W 231 29.03 18.37 -16.60
C GLY W 231 29.62 19.77 -16.66
N ALA W 232 30.70 19.93 -15.90
CA ALA W 232 31.48 21.16 -15.94
C ALA W 232 32.02 21.71 -17.25
N PHE W 233 32.36 20.71 -18.06
CA PHE W 233 32.59 20.97 -19.47
C PHE W 233 31.52 21.33 -20.49
N ASN W 234 30.30 20.88 -20.17
CA ASN W 234 29.15 21.43 -20.84
C ASN W 234 28.55 22.73 -20.32
N ALA W 235 29.00 23.19 -19.15
CA ALA W 235 28.54 24.43 -18.56
C ALA W 235 29.23 25.72 -18.96
N ALA W 236 28.34 26.61 -19.41
CA ALA W 236 28.73 27.92 -19.89
C ALA W 236 29.58 28.79 -18.97
N THR W 237 30.67 29.32 -19.55
CA THR W 237 31.69 30.08 -18.86
C THR W 237 31.54 31.53 -19.28
N SER W 238 32.28 32.40 -18.59
CA SER W 238 32.49 33.81 -18.87
C SER W 238 32.86 34.40 -20.22
N GLU W 239 33.57 33.53 -20.94
CA GLU W 239 33.93 33.83 -22.31
C GLU W 239 33.49 32.94 -23.46
N VAL W 240 33.28 31.67 -23.12
CA VAL W 240 32.64 30.68 -23.97
C VAL W 240 31.33 30.05 -23.52
N GLY W 241 30.43 29.81 -24.47
CA GLY W 241 29.36 28.84 -24.39
C GLY W 241 29.89 27.47 -23.96
N SER W 242 30.07 26.57 -24.92
CA SER W 242 30.50 25.23 -24.57
C SER W 242 31.90 24.91 -25.11
N LEU W 243 32.75 24.51 -24.17
CA LEU W 243 34.09 24.00 -24.44
C LEU W 243 34.24 22.82 -25.39
N VAL W 244 33.44 21.80 -25.10
CA VAL W 244 33.27 20.71 -26.04
C VAL W 244 32.82 21.08 -27.45
N GLY W 245 31.87 22.01 -27.43
CA GLY W 245 31.30 22.55 -28.65
C GLY W 245 32.30 23.04 -29.70
N SER W 246 32.85 24.17 -29.27
CA SER W 246 33.85 24.90 -30.03
C SER W 246 35.05 24.06 -30.45
N SER W 247 35.44 23.15 -29.54
CA SER W 247 36.49 22.19 -29.79
C SER W 247 36.17 21.19 -30.89
N SER W 248 35.02 20.53 -30.81
CA SER W 248 34.41 19.70 -31.82
C SER W 248 34.24 20.34 -33.19
N THR W 249 33.58 21.50 -33.14
CA THR W 249 33.22 22.34 -34.26
C THR W 249 34.52 22.52 -35.04
N LEU W 250 35.48 23.16 -34.38
CA LEU W 250 36.75 23.45 -35.03
C LEU W 250 37.45 22.23 -35.61
N SER W 251 37.43 21.14 -34.84
CA SER W 251 38.01 19.89 -35.27
C SER W 251 37.34 19.32 -36.51
N GLN W 252 36.01 19.35 -36.66
CA GLN W 252 35.28 19.08 -37.88
C GLN W 252 35.65 19.89 -39.12
N ALA W 253 35.90 21.18 -38.87
CA ALA W 253 36.46 22.07 -39.86
C ALA W 253 37.84 21.73 -40.40
N ILE W 254 38.80 21.54 -39.49
CA ILE W 254 40.08 20.91 -39.79
C ILE W 254 39.91 19.68 -40.67
N SER W 255 39.20 18.70 -40.12
CA SER W 255 39.16 17.45 -40.86
C SER W 255 38.58 17.38 -42.26
N THR W 256 37.63 18.29 -42.45
CA THR W 256 37.20 18.66 -43.78
C THR W 256 38.27 19.35 -44.61
N MET W 257 39.04 20.26 -44.03
CA MET W 257 40.20 20.78 -44.72
C MET W 257 41.23 19.75 -45.16
N ALA W 258 41.44 18.81 -44.24
CA ALA W 258 42.25 17.61 -44.39
C ALA W 258 42.00 16.64 -45.54
N GLY W 259 40.68 16.44 -45.62
CA GLY W 259 40.08 15.65 -46.68
C GLY W 259 40.04 16.31 -48.06
N LYS W 260 39.94 17.65 -48.03
CA LYS W 260 40.08 18.40 -49.26
C LYS W 260 41.48 18.44 -49.86
N ASP W 261 42.42 18.25 -48.94
CA ASP W 261 43.87 18.36 -49.04
C ASP W 261 44.49 19.64 -49.55
N LEU W 262 43.74 20.72 -49.30
CA LEU W 262 44.09 22.07 -49.69
C LEU W 262 44.52 22.47 -51.09
N ASP W 263 45.68 21.88 -51.36
CA ASP W 263 46.54 21.95 -52.53
C ASP W 263 45.72 22.03 -53.81
N LEU W 264 44.68 21.20 -53.86
CA LEU W 264 43.66 21.32 -54.87
C LEU W 264 43.43 22.55 -55.75
N ILE W 265 43.35 23.72 -55.11
CA ILE W 265 43.25 25.00 -55.77
C ILE W 265 44.48 25.48 -56.54
N GLU W 266 45.68 25.07 -56.13
CA GLU W 266 46.91 25.60 -56.67
C GLU W 266 47.50 24.75 -57.80
N ALA W 267 46.57 24.68 -58.77
CA ALA W 267 46.82 23.76 -59.85
C ALA W 267 46.60 24.40 -61.21
N ASP W 268 47.74 24.72 -61.81
CA ASP W 268 47.83 25.21 -63.17
C ASP W 268 47.94 24.22 -64.32
N THR W 269 48.90 23.31 -64.07
CA THR W 269 49.42 22.31 -64.97
C THR W 269 48.87 21.01 -64.43
N PRO W 270 48.53 20.05 -65.31
CA PRO W 270 47.73 18.88 -65.06
C PRO W 270 47.63 18.16 -63.72
N LEU W 271 46.50 18.39 -63.03
CA LEU W 271 46.12 17.60 -61.87
C LEU W 271 45.01 16.60 -62.17
N PRO W 272 45.37 15.36 -61.88
CA PRO W 272 44.53 14.27 -62.34
C PRO W 272 43.09 14.09 -61.89
N VAL W 273 42.21 14.05 -62.88
CA VAL W 273 40.77 13.95 -62.72
C VAL W 273 40.14 13.28 -61.50
N SER W 274 40.66 12.05 -61.49
CA SER W 274 40.32 11.10 -60.44
C SER W 274 40.47 11.49 -58.97
N VAL W 275 41.58 12.22 -58.82
CA VAL W 275 42.06 12.91 -57.64
C VAL W 275 41.22 14.12 -57.24
N PHE W 276 41.03 15.00 -58.23
CA PHE W 276 40.22 16.18 -58.02
C PHE W 276 38.72 15.89 -57.96
N THR W 277 38.14 15.05 -58.80
CA THR W 277 36.71 14.85 -58.94
C THR W 277 36.16 13.89 -57.90
N PRO W 278 35.19 14.27 -57.07
CA PRO W 278 34.44 13.26 -56.35
C PRO W 278 33.31 12.70 -57.20
N SER W 279 32.10 12.70 -56.63
CA SER W 279 30.85 12.31 -57.26
C SER W 279 30.04 13.39 -57.95
N LEU W 280 29.65 12.97 -59.16
CA LEU W 280 28.93 13.83 -60.08
C LEU W 280 27.45 13.59 -60.35
N ALA W 281 26.69 14.69 -60.54
CA ALA W 281 25.30 14.63 -60.92
C ALA W 281 24.87 15.15 -62.29
N PRO W 282 23.79 14.67 -62.92
CA PRO W 282 23.21 15.24 -64.13
C PRO W 282 22.88 16.73 -64.01
N ARG W 283 22.83 17.46 -65.12
CA ARG W 283 22.35 18.83 -65.16
C ARG W 283 21.34 19.04 -66.28
N SER W 284 20.60 20.14 -66.14
CA SER W 284 19.47 20.47 -66.98
C SER W 284 19.70 21.75 -67.76
N TYR W 285 19.64 21.68 -69.10
CA TYR W 285 19.87 22.83 -69.96
C TYR W 285 18.69 23.01 -70.91
N ARG W 286 18.60 24.25 -71.44
CA ARG W 286 17.60 24.52 -72.44
C ARG W 286 18.10 24.77 -73.86
N PRO W 287 17.34 24.27 -74.84
CA PRO W 287 17.41 24.84 -76.17
C PRO W 287 17.02 26.31 -76.25
N ALA W 288 15.73 26.51 -76.49
CA ALA W 288 15.09 27.79 -76.22
C ALA W 288 15.88 29.04 -76.57
N PHE W 289 16.46 29.60 -75.50
CA PHE W 289 17.20 30.84 -75.61
C PHE W 289 18.63 30.69 -75.09
N ILE W 290 19.23 29.51 -75.26
CA ILE W 290 20.63 29.37 -74.94
C ILE W 290 21.51 30.10 -75.94
N LYS W 291 22.79 30.33 -75.65
CA LYS W 291 23.52 31.17 -76.58
C LYS W 291 24.65 30.48 -77.34
N PRO W 292 24.33 30.22 -78.61
CA PRO W 292 25.30 29.56 -79.46
C PRO W 292 26.78 29.93 -79.39
N GLU W 293 27.02 31.23 -79.19
CA GLU W 293 28.33 31.77 -78.99
C GLU W 293 29.09 31.20 -77.79
N ASP W 294 28.34 30.99 -76.70
CA ASP W 294 28.93 30.59 -75.44
C ASP W 294 29.00 29.11 -75.16
N ALA W 295 28.03 28.43 -75.77
CA ALA W 295 27.71 27.05 -75.47
C ALA W 295 28.40 26.03 -76.36
N LYS W 296 29.60 25.67 -75.92
CA LYS W 296 30.37 24.66 -76.61
C LYS W 296 29.74 23.46 -77.31
N TRP W 297 29.06 22.62 -76.53
CA TRP W 297 28.23 21.53 -77.00
C TRP W 297 26.85 21.74 -77.59
N ILE W 298 26.39 22.99 -77.64
CA ILE W 298 25.08 23.41 -78.09
C ILE W 298 25.00 24.82 -78.65
N ALA W 299 24.95 24.84 -79.98
CA ALA W 299 24.88 25.97 -80.89
C ALA W 299 23.60 25.92 -81.72
N GLU W 300 23.47 26.77 -82.74
CA GLU W 300 22.34 26.77 -83.65
C GLU W 300 22.72 26.84 -85.12
N PHE W 301 21.92 26.19 -85.97
CA PHE W 301 21.75 26.55 -87.36
C PHE W 301 21.16 27.94 -87.56
N ASN W 302 21.61 28.57 -88.65
CA ASN W 302 21.38 29.97 -88.95
C ASN W 302 20.30 30.25 -89.99
N ASN W 303 19.49 31.30 -89.78
CA ASN W 303 18.39 31.61 -90.67
C ASN W 303 18.92 31.78 -92.09
N SER W 304 18.05 31.35 -93.00
CA SER W 304 18.30 31.13 -94.41
C SER W 304 18.99 29.85 -94.84
N SER W 305 18.16 28.99 -95.44
CA SER W 305 18.51 27.84 -96.25
C SER W 305 17.36 27.14 -96.96
N LEU W 306 16.61 26.52 -96.04
CA LEU W 306 15.29 25.92 -96.08
C LEU W 306 15.33 24.46 -96.51
N ILE W 307 15.54 23.63 -95.49
CA ILE W 307 15.39 22.22 -95.81
C ILE W 307 14.09 21.81 -95.15
N ARG W 308 13.11 21.86 -96.05
CA ARG W 308 11.72 21.56 -95.75
C ARG W 308 11.32 20.09 -95.81
N LYS W 309 10.96 19.59 -96.99
CA LYS W 309 10.52 18.21 -97.02
C LYS W 309 11.61 17.16 -97.12
N THR W 310 11.65 16.43 -96.00
CA THR W 310 12.45 15.24 -95.85
C THR W 310 11.66 13.98 -95.51
N LEU W 311 11.80 12.90 -96.28
CA LEU W 311 11.27 11.60 -95.92
C LEU W 311 11.83 11.19 -94.56
N THR W 312 10.89 10.83 -93.68
CA THR W 312 11.13 10.42 -92.30
C THR W 312 10.96 8.97 -91.89
N TYR W 313 10.06 8.31 -92.62
CA TYR W 313 9.64 6.93 -92.48
C TYR W 313 9.25 6.39 -93.84
N SER W 314 8.82 5.13 -93.78
CA SER W 314 8.42 4.41 -94.96
C SER W 314 7.23 5.13 -95.59
N GLY W 315 7.68 5.78 -96.67
CA GLY W 315 6.85 6.57 -97.56
C GLY W 315 5.97 7.64 -96.93
N ALA W 316 6.59 8.20 -95.90
CA ALA W 316 5.97 9.06 -94.93
C ALA W 316 6.94 10.23 -94.75
N THR W 317 6.38 11.43 -94.59
CA THR W 317 7.08 12.69 -94.69
C THR W 317 6.78 13.73 -93.62
N TYR W 318 7.83 14.43 -93.19
CA TYR W 318 7.86 15.57 -92.29
C TYR W 318 8.72 16.73 -92.77
N THR W 319 8.15 17.91 -92.57
CA THR W 319 8.96 19.08 -92.86
C THR W 319 9.82 19.54 -91.69
N VAL W 320 11.08 19.15 -91.78
CA VAL W 320 11.95 19.69 -90.76
C VAL W 320 12.22 21.19 -90.82
N GLN W 321 12.01 21.66 -92.05
CA GLN W 321 11.76 23.03 -92.44
C GLN W 321 12.75 24.14 -92.12
N LEU W 322 14.01 23.71 -92.07
CA LEU W 322 15.23 24.32 -91.61
C LEU W 322 15.53 25.74 -92.07
N GLY W 323 15.34 26.66 -91.12
CA GLY W 323 15.61 28.07 -91.34
C GLY W 323 15.74 28.94 -90.10
N PRO W 324 14.80 29.84 -89.80
CA PRO W 324 14.87 30.80 -88.72
C PRO W 324 14.95 30.15 -87.35
N GLY W 325 16.11 29.92 -86.73
CA GLY W 325 16.44 29.48 -85.39
C GLY W 325 15.89 28.12 -84.96
N PRO W 326 16.01 27.15 -85.88
CA PRO W 326 15.44 25.83 -85.67
C PRO W 326 15.98 25.05 -84.48
N THR W 327 15.27 25.27 -83.38
CA THR W 327 15.53 24.72 -82.06
C THR W 327 16.99 24.94 -81.69
N ARG W 328 17.83 23.90 -81.65
CA ARG W 328 19.24 23.95 -81.39
C ARG W 328 19.95 22.73 -81.98
N VAL W 329 21.23 22.96 -82.26
CA VAL W 329 22.10 21.90 -82.73
C VAL W 329 23.06 21.48 -81.63
N ILE W 330 22.66 20.28 -81.22
CA ILE W 330 23.37 19.77 -80.07
C ILE W 330 24.67 19.11 -80.55
N ASP W 331 25.77 19.77 -80.20
CA ASP W 331 27.11 19.40 -80.64
C ASP W 331 27.82 18.38 -79.78
N MET W 332 27.42 17.13 -80.02
CA MET W 332 27.89 15.98 -79.27
C MET W 332 29.03 15.24 -79.95
N ASN W 333 29.82 16.04 -80.67
CA ASN W 333 31.09 15.58 -81.22
C ASN W 333 32.31 15.55 -80.31
N ALA W 334 32.36 14.36 -79.71
CA ALA W 334 33.29 13.94 -78.69
C ALA W 334 33.38 14.80 -77.45
N MET W 335 32.15 14.87 -76.93
CA MET W 335 31.81 15.65 -75.76
C MET W 335 31.52 14.72 -74.58
N ILE W 336 32.56 14.01 -74.15
CA ILE W 336 32.49 12.94 -73.17
C ILE W 336 31.38 11.92 -73.35
N ASP W 337 31.08 11.04 -72.38
CA ASP W 337 29.90 10.19 -72.48
C ASP W 337 28.75 10.48 -71.53
N SER W 338 27.60 10.81 -72.10
CA SER W 338 26.33 11.30 -71.58
C SER W 338 25.10 10.56 -72.08
N VAL W 339 23.99 10.80 -71.37
CA VAL W 339 22.72 10.31 -71.85
C VAL W 339 21.77 11.50 -72.02
N LEU W 340 21.42 11.79 -73.27
CA LEU W 340 20.64 12.97 -73.61
C LEU W 340 19.17 12.79 -73.22
N THR W 341 18.98 13.06 -71.93
CA THR W 341 17.70 13.00 -71.25
C THR W 341 16.80 14.19 -71.55
N LEU W 342 16.01 14.11 -72.62
CA LEU W 342 15.16 15.16 -73.14
C LEU W 342 13.81 15.06 -72.44
N ASP W 343 13.51 16.17 -71.75
CA ASP W 343 12.35 16.30 -70.88
C ASP W 343 11.47 17.43 -71.37
N VAL W 344 10.54 16.86 -72.15
CA VAL W 344 9.55 17.66 -72.84
C VAL W 344 8.25 17.59 -72.07
N SER W 345 7.78 18.81 -71.77
CA SER W 345 6.43 18.98 -71.30
C SER W 345 5.97 20.40 -71.60
N GLY W 346 4.68 20.74 -71.73
CA GLY W 346 4.15 22.03 -72.15
C GLY W 346 4.03 22.16 -73.66
N THR W 347 5.25 22.29 -74.19
CA THR W 347 5.45 22.41 -75.62
C THR W 347 4.99 21.27 -76.51
N ILE W 348 3.92 21.64 -77.21
CA ILE W 348 3.60 20.89 -78.41
C ILE W 348 3.38 21.73 -79.66
N LEU W 349 2.66 22.83 -79.42
CA LEU W 349 2.31 23.81 -80.42
C LEU W 349 1.89 23.18 -81.74
N PRO W 350 0.63 22.79 -81.90
CA PRO W 350 0.14 22.11 -83.09
C PRO W 350 0.38 22.82 -84.41
N TYR W 351 0.65 22.04 -85.46
CA TYR W 351 0.89 22.60 -86.78
C TYR W 351 -0.12 23.67 -87.17
N ASP W 352 0.40 24.89 -87.28
CA ASP W 352 -0.22 26.05 -87.88
C ASP W 352 -1.70 25.91 -88.24
N THR W 353 -2.01 25.27 -89.37
CA THR W 353 -3.33 24.71 -89.52
C THR W 353 -3.45 23.56 -90.52
N ASN W 354 -2.84 22.47 -90.07
CA ASN W 354 -2.70 21.19 -90.74
C ASN W 354 -3.51 20.14 -90.00
N PRO W 355 -4.32 19.32 -90.69
CA PRO W 355 -4.89 18.10 -90.17
C PRO W 355 -3.89 16.96 -89.94
N ASP W 356 -2.73 17.47 -89.55
CA ASP W 356 -1.60 16.64 -89.18
C ASP W 356 -1.20 16.82 -87.72
N LEU W 357 -2.34 16.92 -87.02
CA LEU W 357 -2.39 17.27 -85.61
C LEU W 357 -2.14 16.04 -84.75
N SER W 358 -2.92 15.03 -85.12
CA SER W 358 -2.61 13.62 -84.95
C SER W 358 -1.42 13.26 -85.83
N THR W 359 -0.55 12.41 -85.29
CA THR W 359 0.69 11.86 -85.80
C THR W 359 2.02 12.61 -85.69
N SER W 360 1.89 13.70 -84.94
CA SER W 360 3.04 14.50 -84.56
C SER W 360 3.62 14.59 -83.15
N VAL W 361 4.82 14.00 -83.13
CA VAL W 361 5.56 13.80 -81.90
C VAL W 361 6.77 14.68 -81.63
N PRO W 362 6.94 14.97 -80.34
CA PRO W 362 8.22 15.42 -79.83
C PRO W 362 9.29 14.34 -79.98
N ALA W 363 10.25 14.73 -80.82
CA ALA W 363 11.40 13.89 -81.09
C ALA W 363 12.76 14.57 -81.07
N PHE W 364 13.75 13.70 -80.91
CA PHE W 364 15.17 13.94 -81.10
C PHE W 364 15.74 13.20 -82.30
N VAL W 365 16.46 13.98 -83.10
CA VAL W 365 17.15 13.46 -84.26
C VAL W 365 18.63 13.79 -84.21
N LEU W 366 19.51 12.79 -84.27
CA LEU W 366 20.93 13.06 -84.39
C LEU W 366 21.27 13.24 -85.86
N ILE W 367 22.15 14.19 -86.19
CA ILE W 367 22.65 14.38 -87.53
C ILE W 367 24.13 14.08 -87.66
N GLN W 368 24.42 13.17 -88.59
CA GLN W 368 25.70 12.50 -88.73
C GLN W 368 26.44 12.65 -90.06
N THR W 369 27.00 13.85 -90.15
CA THR W 369 27.62 14.30 -91.38
C THR W 369 29.02 14.91 -91.26
N SER W 370 29.87 14.56 -92.22
CA SER W 370 31.13 15.24 -92.44
C SER W 370 31.06 16.60 -93.13
N VAL W 371 29.82 17.07 -93.26
CA VAL W 371 29.54 18.39 -93.76
C VAL W 371 29.08 19.28 -92.62
N PRO W 372 29.97 20.18 -92.19
CA PRO W 372 29.72 21.10 -91.09
C PRO W 372 28.46 21.92 -91.31
N ILE W 373 27.58 21.81 -90.31
CA ILE W 373 26.32 22.53 -90.27
C ILE W 373 26.06 23.79 -91.09
N GLN W 374 27.02 24.72 -91.09
CA GLN W 374 26.88 25.86 -91.97
C GLN W 374 26.91 25.67 -93.48
N GLN W 375 27.41 24.48 -93.82
CA GLN W 375 27.36 24.02 -95.20
C GLN W 375 26.10 23.28 -95.62
N VAL W 376 25.28 22.96 -94.62
CA VAL W 376 24.13 22.10 -94.86
C VAL W 376 22.87 22.80 -95.35
N THR W 377 22.86 22.90 -96.68
CA THR W 377 21.81 23.61 -97.39
C THR W 377 20.71 22.90 -98.15
N THR W 378 21.03 21.70 -98.66
CA THR W 378 20.05 20.83 -99.26
C THR W 378 20.06 19.46 -98.59
N ALA W 379 19.07 18.63 -98.92
CA ALA W 379 19.04 17.24 -98.53
C ALA W 379 20.31 16.45 -98.80
N ALA W 380 20.95 16.81 -99.93
CA ALA W 380 22.15 16.09 -100.26
C ALA W 380 23.28 15.96 -99.24
N ASN W 381 23.44 17.10 -98.58
CA ASN W 381 24.34 17.37 -97.48
C ASN W 381 24.29 16.48 -96.26
N ILE W 382 23.03 16.22 -95.87
CA ILE W 382 22.84 15.60 -94.57
C ILE W 382 23.65 14.39 -94.12
N THR W 383 24.01 13.56 -95.10
CA THR W 383 24.55 12.23 -94.92
C THR W 383 23.49 11.36 -94.25
N ALA W 384 23.51 11.53 -92.93
CA ALA W 384 22.56 10.91 -92.04
C ALA W 384 21.70 11.83 -91.19
N ILE W 385 20.39 11.85 -91.47
CA ILE W 385 19.42 12.19 -90.44
C ILE W 385 18.83 10.97 -89.75
N THR W 386 19.26 10.68 -88.52
CA THR W 386 18.70 9.56 -87.80
C THR W 386 17.87 10.10 -86.65
N VAL W 387 16.57 9.82 -86.88
CA VAL W 387 15.58 9.88 -85.83
C VAL W 387 15.81 8.83 -84.75
N VAL W 388 16.32 9.29 -83.60
CA VAL W 388 16.74 8.49 -82.47
C VAL W 388 15.68 8.36 -81.40
N SER W 389 15.18 9.56 -81.09
CA SER W 389 14.38 9.69 -79.89
C SER W 389 12.92 10.06 -80.09
N ALA W 390 12.09 9.04 -80.33
CA ALA W 390 10.66 9.25 -80.33
C ALA W 390 9.74 8.22 -79.68
N ALA W 391 10.26 6.99 -79.61
CA ALA W 391 9.43 5.85 -79.28
C ALA W 391 8.24 5.57 -80.19
N GLY W 392 7.00 5.54 -79.69
CA GLY W 392 5.92 5.34 -80.63
C GLY W 392 5.71 6.58 -81.48
N ALA W 393 6.29 6.44 -82.68
CA ALA W 393 6.37 7.63 -83.52
C ALA W 393 5.24 7.81 -84.51
N SER W 394 4.09 8.11 -83.90
CA SER W 394 2.84 8.58 -84.47
C SER W 394 2.38 9.86 -83.78
N ALA W 395 1.31 9.74 -82.98
CA ALA W 395 0.82 10.68 -81.99
C ALA W 395 -0.58 10.42 -81.45
N ILE W 396 -0.78 11.05 -80.29
CA ILE W 396 -2.02 11.21 -79.56
C ILE W 396 -1.94 12.52 -78.77
N ASN W 397 -3.12 13.14 -78.77
CA ASN W 397 -3.38 14.37 -78.04
C ASN W 397 -3.20 14.27 -76.54
N LEU W 398 -1.93 14.25 -76.16
CA LEU W 398 -1.37 14.29 -74.82
C LEU W 398 -1.36 15.66 -74.15
N ALA W 399 -1.59 16.63 -75.03
CA ALA W 399 -1.81 18.01 -74.67
C ALA W 399 -3.17 18.25 -74.04
N ILE W 400 -3.06 19.01 -72.95
CA ILE W 400 -4.25 19.44 -72.24
C ILE W 400 -5.11 20.37 -73.07
N ASN W 401 -5.77 19.71 -74.02
CA ASN W 401 -6.48 20.35 -75.10
C ASN W 401 -7.90 20.92 -74.98
N VAL W 402 -8.47 20.45 -73.87
CA VAL W 402 -9.85 20.72 -73.51
C VAL W 402 -10.22 22.19 -73.44
N ARG W 403 -9.28 23.01 -72.97
CA ARG W 403 -9.54 24.36 -72.53
C ARG W 403 -8.77 25.25 -73.49
N GLY W 404 -8.57 24.68 -74.68
CA GLY W 404 -7.78 25.43 -75.64
C GLY W 404 -6.27 25.26 -75.53
N GLN W 405 -5.81 24.75 -74.38
CA GLN W 405 -4.40 24.67 -74.10
C GLN W 405 -3.62 23.74 -75.01
N PRO W 406 -2.40 24.06 -75.44
CA PRO W 406 -1.58 23.09 -76.15
C PRO W 406 -0.40 22.80 -75.24
N ARG W 407 -0.71 21.99 -74.24
CA ARG W 407 0.20 21.52 -73.22
C ARG W 407 0.04 20.06 -73.60
N PHE W 408 1.21 19.73 -74.16
CA PHE W 408 1.91 18.47 -74.01
C PHE W 408 2.51 17.73 -72.83
N ASN W 409 1.88 16.57 -72.60
CA ASN W 409 2.13 15.73 -71.45
C ASN W 409 3.64 15.55 -71.28
N MET W 410 4.12 15.29 -70.06
CA MET W 410 5.53 15.06 -69.85
C MET W 410 6.12 13.78 -70.42
N LEU W 411 6.87 14.00 -71.50
CA LEU W 411 7.76 12.98 -72.01
C LEU W 411 9.22 12.88 -71.57
N HIS W 412 9.63 11.62 -71.44
CA HIS W 412 11.02 11.32 -71.15
C HIS W 412 11.70 10.69 -72.36
N LEU W 413 12.49 11.43 -73.14
CA LEU W 413 13.28 10.92 -74.25
C LEU W 413 14.69 10.51 -73.85
N GLN W 414 15.32 9.52 -74.47
CA GLN W 414 16.69 9.08 -74.28
C GLN W 414 17.42 8.85 -75.59
N ALA W 415 18.57 9.53 -75.62
CA ALA W 415 19.61 9.26 -76.58
C ALA W 415 20.97 8.92 -75.99
N THR W 416 21.23 7.61 -75.84
CA THR W 416 22.56 7.17 -75.46
C THR W 416 23.81 7.67 -76.16
N PHE W 417 24.13 8.93 -75.91
CA PHE W 417 25.35 9.54 -76.40
C PHE W 417 26.64 8.94 -75.88
N GLU W 418 26.98 7.89 -76.63
CA GLU W 418 28.27 7.23 -76.61
C GLU W 418 29.07 7.47 -77.89
N ARG W 419 29.98 8.42 -77.64
CA ARG W 419 30.86 8.77 -78.73
C ARG W 419 31.66 7.68 -79.44
N GLU W 420 31.84 6.59 -78.71
CA GLU W 420 32.36 5.35 -79.25
C GLU W 420 31.53 4.67 -80.33
N THR W 421 30.21 4.79 -80.19
CA THR W 421 29.30 4.41 -81.25
C THR W 421 29.55 4.86 -82.68
N ILE W 422 29.99 6.11 -82.70
CA ILE W 422 30.43 6.72 -83.94
C ILE W 422 31.93 6.92 -84.07
N THR W 423 32.64 7.16 -82.97
CA THR W 423 34.04 7.54 -82.90
C THR W 423 34.46 8.77 -83.70
N GLY W 424 33.73 9.88 -83.61
CA GLY W 424 33.96 11.01 -84.47
C GLY W 424 33.81 10.77 -85.97
N ILE W 425 34.59 11.62 -86.66
CA ILE W 425 34.70 11.54 -88.10
C ILE W 425 33.59 12.01 -89.04
N PRO W 426 32.36 11.52 -88.89
CA PRO W 426 31.22 12.30 -89.37
C PRO W 426 30.45 13.16 -88.38
N TYR W 427 31.08 14.29 -88.07
CA TYR W 427 30.87 14.99 -86.82
C TYR W 427 29.43 15.06 -86.31
N ILE W 428 29.32 14.92 -84.99
CA ILE W 428 28.04 14.58 -84.38
C ILE W 428 27.19 15.77 -83.96
N TYR W 429 25.99 15.77 -84.54
CA TYR W 429 24.88 16.67 -84.31
C TYR W 429 23.54 16.05 -83.96
N GLY W 430 22.65 16.88 -83.44
CA GLY W 430 21.31 16.48 -83.05
C GLY W 430 20.43 17.73 -82.93
N LEU W 431 19.16 17.44 -83.22
CA LEU W 431 18.11 18.44 -83.18
C LEU W 431 16.87 18.01 -82.40
N GLY W 432 15.97 18.94 -82.11
CA GLY W 432 14.72 18.69 -81.41
C GLY W 432 13.51 19.05 -82.24
N THR W 433 12.47 18.21 -82.34
CA THR W 433 11.32 18.44 -83.19
C THR W 433 10.12 17.51 -83.11
N PHE W 434 8.96 18.15 -83.17
CA PHE W 434 7.70 17.53 -83.54
C PHE W 434 7.64 16.86 -84.91
N LEU W 435 8.19 15.65 -84.99
CA LEU W 435 8.42 14.91 -86.21
C LEU W 435 7.15 14.14 -86.55
N ILE W 436 6.73 14.13 -87.82
CA ILE W 436 5.60 13.37 -88.32
C ILE W 436 5.88 12.35 -89.42
N PRO W 437 5.18 11.22 -89.35
CA PRO W 437 4.94 10.49 -90.58
C PRO W 437 3.97 11.11 -91.57
N SER W 438 2.81 11.48 -91.02
CA SER W 438 1.81 12.14 -91.85
C SER W 438 2.07 13.52 -92.43
N PRO W 439 2.13 13.54 -93.76
CA PRO W 439 2.88 14.57 -94.44
C PRO W 439 2.45 15.99 -94.10
N THR W 440 3.46 16.81 -93.81
CA THR W 440 3.22 18.19 -93.45
C THR W 440 3.44 19.25 -94.52
N SER W 441 2.42 20.11 -94.59
CA SER W 441 2.36 21.13 -95.62
C SER W 441 3.37 22.25 -95.47
N SER W 442 4.52 22.03 -96.13
CA SER W 442 5.57 23.03 -96.14
C SER W 442 5.29 24.50 -96.37
N SER W 443 4.37 24.73 -97.31
CA SER W 443 3.82 26.05 -97.59
C SER W 443 3.07 26.63 -96.40
N ASN W 444 2.16 25.79 -95.91
CA ASN W 444 1.53 26.04 -94.63
C ASN W 444 2.36 26.30 -93.38
N PHE W 445 3.04 25.23 -92.92
CA PHE W 445 3.86 25.32 -91.74
C PHE W 445 5.29 25.74 -92.08
N SER W 446 5.36 27.02 -92.45
CA SER W 446 6.60 27.74 -92.57
C SER W 446 7.61 27.78 -91.42
N ASN W 447 7.11 27.66 -90.18
CA ASN W 447 8.06 27.46 -89.10
C ASN W 447 8.92 26.20 -89.11
N PRO W 448 10.25 26.29 -89.08
CA PRO W 448 11.22 25.21 -89.10
C PRO W 448 10.96 24.25 -87.95
N THR W 449 11.33 24.61 -86.73
CA THR W 449 10.68 23.98 -85.60
C THR W 449 10.96 24.27 -84.13
N LEU W 450 9.76 24.23 -83.53
CA LEU W 450 9.62 24.73 -82.18
C LEU W 450 9.46 24.06 -80.83
N MET W 451 10.20 22.98 -81.06
CA MET W 451 10.24 22.05 -79.94
C MET W 451 11.19 22.42 -78.82
N ASP W 452 10.72 23.34 -77.96
CA ASP W 452 11.42 23.94 -76.85
C ASP W 452 11.17 23.57 -75.39
N GLY W 453 11.81 22.51 -74.89
CA GLY W 453 11.72 22.16 -73.50
C GLY W 453 13.00 22.01 -72.68
N LEU W 454 13.11 20.84 -72.04
CA LEU W 454 14.35 20.65 -71.33
C LEU W 454 15.20 19.53 -71.92
N LEU W 455 16.51 19.70 -71.73
CA LEU W 455 17.56 18.77 -72.11
C LEU W 455 18.54 18.51 -70.97
N THR W 456 18.25 17.43 -70.25
CA THR W 456 18.96 17.07 -69.04
C THR W 456 20.07 16.12 -69.42
N VAL W 457 21.27 16.67 -69.64
CA VAL W 457 22.48 15.90 -69.85
C VAL W 457 22.76 15.09 -68.60
N THR W 458 22.80 13.77 -68.81
CA THR W 458 23.32 12.77 -67.91
C THR W 458 24.79 12.39 -68.03
N PRO W 459 25.78 13.11 -67.52
CA PRO W 459 27.17 12.76 -67.63
C PRO W 459 27.68 11.51 -66.92
N VAL W 460 27.25 10.42 -67.57
CA VAL W 460 27.54 9.08 -67.13
C VAL W 460 28.98 8.70 -66.79
N LEU W 461 29.82 9.17 -67.70
CA LEU W 461 31.24 8.89 -67.65
C LEU W 461 31.90 9.92 -66.74
N LEU W 462 31.82 9.56 -65.45
CA LEU W 462 32.60 10.19 -64.41
C LEU W 462 34.11 10.02 -64.61
N ARG W 463 34.49 9.14 -65.54
CA ARG W 463 35.84 9.14 -66.08
C ARG W 463 36.34 10.20 -67.03
N GLU W 464 37.24 10.98 -66.43
CA GLU W 464 38.04 11.95 -67.17
C GLU W 464 37.25 13.24 -67.28
N THR W 465 37.28 14.16 -66.32
CA THR W 465 36.49 15.37 -66.39
C THR W 465 37.11 16.43 -67.30
N THR W 466 36.22 16.99 -68.11
CA THR W 466 36.41 18.03 -69.10
C THR W 466 36.75 19.37 -68.47
N TYR W 467 37.86 19.90 -68.96
CA TYR W 467 38.20 21.31 -68.87
C TYR W 467 37.88 22.13 -70.12
N LYS W 468 36.66 22.67 -70.10
CA LYS W 468 36.21 23.60 -71.11
C LYS W 468 36.30 23.05 -72.53
N GLY W 469 35.40 22.10 -72.82
CA GLY W 469 35.44 21.36 -74.06
C GLY W 469 36.58 20.38 -74.33
N GLU W 470 37.67 20.64 -73.59
CA GLU W 470 38.89 19.85 -73.68
C GLU W 470 38.78 18.61 -72.83
N VAL W 471 38.42 17.45 -73.39
CA VAL W 471 38.39 16.17 -72.72
C VAL W 471 39.78 15.74 -72.27
N VAL W 472 40.09 16.19 -71.04
CA VAL W 472 41.36 15.93 -70.39
C VAL W 472 41.39 15.17 -69.07
N ASP W 473 42.50 14.44 -68.90
CA ASP W 473 42.79 13.87 -67.61
C ASP W 473 43.23 14.78 -66.47
N ALA W 474 42.95 16.05 -66.77
CA ALA W 474 43.43 17.15 -65.95
C ALA W 474 42.34 18.09 -65.45
N ILE W 475 42.40 18.42 -64.17
CA ILE W 475 41.62 19.50 -63.61
C ILE W 475 42.58 20.51 -62.99
N VAL W 476 42.53 21.65 -63.69
CA VAL W 476 43.36 22.79 -63.35
C VAL W 476 42.65 24.05 -62.90
N PRO W 477 42.36 24.13 -61.60
CA PRO W 477 41.65 25.25 -61.02
C PRO W 477 42.24 26.63 -61.28
N ALA W 478 43.50 26.81 -60.88
CA ALA W 478 44.02 28.16 -61.01
C ALA W 478 43.96 28.78 -62.40
N THR W 479 44.01 28.00 -63.48
CA THR W 479 43.89 28.53 -64.83
C THR W 479 42.46 28.70 -65.27
N VAL W 480 41.53 28.02 -64.60
CA VAL W 480 40.12 28.24 -64.88
C VAL W 480 39.71 29.68 -64.60
N MET W 481 40.34 30.30 -63.60
CA MET W 481 40.18 31.65 -63.11
C MET W 481 40.12 32.64 -64.26
N ALA W 482 39.18 33.57 -64.17
CA ALA W 482 38.94 34.63 -65.13
C ALA W 482 38.75 34.23 -66.60
N ASN W 483 38.44 32.95 -66.76
CA ASN W 483 38.15 32.45 -68.09
C ASN W 483 36.78 31.86 -68.37
N GLN W 484 35.88 32.40 -67.54
CA GLN W 484 34.48 32.01 -67.47
C GLN W 484 33.48 33.10 -67.11
N THR W 485 32.57 33.22 -68.09
CA THR W 485 31.45 34.13 -67.99
C THR W 485 30.29 33.43 -67.30
N SER W 486 29.32 34.16 -66.74
CA SER W 486 28.25 33.45 -66.05
C SER W 486 27.48 32.45 -66.89
N GLU W 487 27.24 32.97 -68.10
CA GLU W 487 26.75 32.18 -69.21
C GLU W 487 27.43 30.86 -69.54
N GLU W 488 28.76 30.95 -69.50
CA GLU W 488 29.60 29.81 -69.81
C GLU W 488 29.47 28.73 -68.74
N VAL W 489 29.59 29.21 -67.49
CA VAL W 489 29.39 28.35 -66.35
C VAL W 489 28.06 27.62 -66.40
N ALA W 490 27.00 28.42 -66.54
CA ALA W 490 25.69 27.82 -66.65
C ALA W 490 25.48 26.74 -67.71
N SER W 491 26.03 27.11 -68.88
CA SER W 491 26.13 26.25 -70.04
C SER W 491 26.93 24.95 -69.96
N ALA W 492 28.06 25.14 -69.29
CA ALA W 492 28.98 24.04 -69.10
C ALA W 492 28.52 22.65 -68.68
N LEU W 493 29.10 21.60 -69.26
CA LEU W 493 28.71 20.25 -68.87
C LEU W 493 28.98 19.97 -67.39
N ALA W 494 28.09 19.15 -66.84
CA ALA W 494 28.31 18.65 -65.50
C ALA W 494 29.70 18.21 -65.06
N ASN W 495 30.37 17.54 -66.01
CA ASN W 495 31.71 16.99 -66.04
C ASN W 495 32.82 18.01 -66.14
N ASP W 496 32.55 19.25 -65.73
CA ASP W 496 33.48 20.33 -65.99
C ASP W 496 34.04 21.09 -64.80
N ALA W 497 35.37 21.17 -64.85
CA ALA W 497 36.15 21.81 -63.80
C ALA W 497 35.56 22.79 -62.80
N ILE W 498 34.94 23.82 -63.39
CA ILE W 498 34.13 24.81 -62.70
C ILE W 498 33.26 24.35 -61.55
N VAL W 499 32.36 23.39 -61.78
CA VAL W 499 31.47 23.06 -60.70
C VAL W 499 32.04 22.28 -59.52
N LEU W 500 33.08 21.56 -59.95
CA LEU W 500 33.86 20.72 -59.07
C LEU W 500 34.65 21.49 -58.01
N VAL W 501 35.21 22.58 -58.54
CA VAL W 501 35.98 23.58 -57.82
C VAL W 501 35.07 24.30 -56.84
N SER W 502 33.94 24.79 -57.34
CA SER W 502 32.97 25.40 -56.45
C SER W 502 32.55 24.46 -55.32
N ASN W 503 32.31 23.18 -55.59
CA ASN W 503 31.96 22.23 -54.56
C ASN W 503 32.95 22.10 -53.42
N HIS W 504 34.22 22.07 -53.81
CA HIS W 504 35.36 22.19 -52.92
C HIS W 504 35.48 23.49 -52.14
N LEU W 505 35.38 24.62 -52.83
CA LEU W 505 35.18 25.98 -52.40
C LEU W 505 34.02 26.28 -51.46
N ASN W 506 32.96 25.49 -51.61
CA ASN W 506 31.83 25.57 -50.70
C ASN W 506 32.14 25.07 -49.29
N LYS W 507 32.94 24.00 -49.18
CA LYS W 507 33.52 23.51 -47.95
C LYS W 507 34.50 24.44 -47.24
N LEU W 508 35.34 25.11 -48.03
CA LEU W 508 36.07 26.23 -47.49
C LEU W 508 35.23 27.34 -46.89
N ALA W 509 34.24 27.79 -47.67
CA ALA W 509 33.27 28.71 -47.10
C ALA W 509 32.54 28.41 -45.80
N ASN W 510 32.13 27.15 -45.73
CA ASN W 510 31.47 26.52 -44.61
C ASN W 510 32.26 26.65 -43.30
N VAL W 511 33.54 26.36 -43.52
CA VAL W 511 34.54 26.46 -42.47
C VAL W 511 34.66 27.87 -41.92
N VAL W 512 34.81 28.74 -42.93
CA VAL W 512 35.04 30.14 -42.67
C VAL W 512 33.88 30.74 -41.89
N GLY W 513 32.64 30.46 -42.28
CA GLY W 513 31.50 31.02 -41.57
C GLY W 513 31.11 30.64 -40.14
N ASP W 514 31.35 29.34 -39.94
CA ASP W 514 31.17 28.67 -38.66
C ASP W 514 32.24 28.90 -37.60
N ALA W 515 33.47 29.04 -38.12
CA ALA W 515 34.65 29.20 -37.31
C ALA W 515 35.26 30.59 -37.16
N ILE W 516 35.26 31.27 -38.32
CA ILE W 516 35.87 32.58 -38.30
C ILE W 516 34.72 33.56 -38.26
N PRO W 517 34.73 34.62 -37.45
CA PRO W 517 33.67 35.60 -37.34
C PRO W 517 33.62 36.68 -38.42
N VAL W 518 33.26 36.06 -39.55
CA VAL W 518 32.85 36.80 -40.73
C VAL W 518 31.35 36.94 -40.86
N ALA W 519 30.69 36.87 -39.69
CA ALA W 519 29.32 37.34 -39.60
C ALA W 519 28.83 38.78 -39.54
N SER W 520 27.75 39.32 -38.97
CA SER W 520 27.40 40.68 -39.30
C SER W 520 28.21 41.96 -39.16
N ARG W 521 29.45 42.06 -39.62
CA ARG W 521 30.22 43.23 -40.01
C ARG W 521 31.46 43.22 -39.14
N THR W 522 31.70 42.04 -38.58
CA THR W 522 32.86 41.86 -37.73
C THR W 522 34.19 41.66 -38.45
N ASP W 523 34.91 42.77 -38.64
CA ASP W 523 36.25 42.65 -39.17
C ASP W 523 37.27 42.25 -38.12
N ASP W 524 37.74 41.00 -38.27
CA ASP W 524 38.70 40.30 -37.45
C ASP W 524 40.03 40.06 -38.15
N SER W 525 41.07 40.33 -37.35
CA SER W 525 42.34 39.79 -37.79
C SER W 525 42.73 38.53 -38.53
N ALA W 526 41.82 37.60 -38.23
CA ALA W 526 41.71 36.45 -39.11
C ALA W 526 41.74 36.69 -40.61
N THR W 527 41.08 37.78 -41.00
CA THR W 527 40.97 38.13 -42.40
C THR W 527 42.23 38.61 -43.13
N SER W 528 43.31 38.56 -42.34
CA SER W 528 44.60 39.08 -42.75
C SER W 528 45.45 38.58 -43.90
N ALA W 529 45.17 37.32 -44.24
CA ALA W 529 45.71 36.56 -45.36
C ALA W 529 45.52 37.17 -46.74
N ILE W 530 44.25 37.50 -46.96
CA ILE W 530 43.92 38.26 -48.15
C ILE W 530 44.45 39.68 -48.27
N VAL W 531 44.48 40.27 -47.07
CA VAL W 531 45.00 41.62 -47.08
C VAL W 531 46.50 41.68 -47.33
N SER W 532 47.26 40.72 -46.79
CA SER W 532 48.69 40.66 -46.97
C SER W 532 49.13 40.44 -48.41
N ARG W 533 48.34 39.65 -49.15
CA ARG W 533 48.50 39.53 -50.59
C ARG W 533 48.18 40.81 -51.36
N LEU W 534 47.07 41.43 -50.93
CA LEU W 534 46.70 42.72 -51.46
C LEU W 534 47.73 43.82 -51.23
N ALA W 535 48.23 43.79 -49.99
CA ALA W 535 49.18 44.83 -49.66
C ALA W 535 50.45 44.88 -50.51
N VAL W 536 50.96 43.68 -50.80
CA VAL W 536 52.16 43.57 -51.62
C VAL W 536 52.00 43.75 -53.12
N GLN W 537 50.84 43.24 -53.52
CA GLN W 537 50.41 43.55 -54.87
C GLN W 537 50.21 45.00 -55.29
N HIS W 538 49.79 45.80 -54.31
CA HIS W 538 49.56 47.19 -54.63
C HIS W 538 50.81 48.04 -54.81
N LYS W 539 51.94 47.40 -55.11
CA LYS W 539 53.15 48.19 -55.19
C LYS W 539 53.39 48.81 -56.56
N LEU W 540 52.42 49.70 -56.78
CA LEU W 540 52.38 50.50 -57.98
C LEU W 540 53.30 51.71 -57.90
N SER W 541 54.59 51.47 -58.12
CA SER W 541 55.55 52.55 -58.02
C SER W 541 55.93 53.01 -59.43
N GLN W 542 56.03 54.34 -59.54
CA GLN W 542 56.45 54.94 -60.78
C GLN W 542 57.71 55.68 -60.37
N VAL W 543 57.92 56.82 -61.04
CA VAL W 543 58.98 57.78 -60.87
C VAL W 543 58.51 58.96 -60.04
N GLY W 544 59.34 59.33 -59.05
CA GLY W 544 58.95 60.46 -58.24
C GLY W 544 57.96 60.14 -57.14
N GLN W 545 56.78 60.72 -57.35
CA GLN W 545 55.57 60.40 -56.60
C GLN W 545 54.82 59.20 -57.13
N ALA W 546 55.18 58.03 -56.57
CA ALA W 546 54.40 56.81 -56.68
C ALA W 546 53.07 56.92 -55.96
N SER W 547 52.21 55.91 -56.12
CA SER W 547 50.85 55.74 -55.63
C SER W 547 50.81 56.14 -54.16
N PRO W 548 50.16 57.27 -53.86
CA PRO W 548 50.02 57.70 -52.49
C PRO W 548 48.82 57.21 -51.68
N THR W 549 49.04 55.92 -51.41
CA THR W 549 48.07 55.08 -50.73
C THR W 549 48.26 55.00 -49.23
N PRO W 550 47.49 55.74 -48.44
CA PRO W 550 47.58 55.74 -46.99
C PRO W 550 47.52 54.29 -46.53
N PRO W 551 48.58 53.83 -45.87
CA PRO W 551 48.85 52.41 -45.72
C PRO W 551 47.74 51.36 -45.70
N ASP W 552 47.92 50.26 -46.41
CA ASP W 552 46.97 49.20 -46.72
C ASP W 552 45.95 48.71 -45.72
N TYR W 553 46.37 49.07 -44.51
CA TYR W 553 45.82 48.49 -43.30
C TYR W 553 44.38 48.81 -42.91
N PRO W 554 43.92 50.05 -43.13
CA PRO W 554 42.50 50.33 -43.13
C PRO W 554 41.93 49.99 -44.50
N LEU W 555 42.50 50.72 -45.44
CA LEU W 555 42.07 50.78 -46.84
C LEU W 555 41.63 49.52 -47.56
N LEU W 556 42.64 48.69 -47.83
CA LEU W 556 42.63 47.38 -48.46
C LEU W 556 41.97 46.30 -47.60
N TRP W 557 42.16 46.46 -46.29
CA TRP W 557 41.52 45.64 -45.30
C TRP W 557 40.00 45.67 -45.43
N ARG W 558 39.43 46.86 -45.55
CA ARG W 558 37.99 46.96 -45.72
C ARG W 558 37.44 46.48 -47.05
N ARG W 559 38.19 46.82 -48.11
CA ARG W 559 37.94 46.31 -49.44
C ARG W 559 37.94 44.80 -49.57
N ALA W 560 38.90 44.22 -48.84
CA ALA W 560 39.13 42.80 -48.71
C ALA W 560 38.11 42.09 -47.85
N LYS W 561 37.52 42.63 -46.78
CA LYS W 561 36.35 42.07 -46.15
C LYS W 561 35.15 41.97 -47.09
N ARG W 562 34.91 43.11 -47.72
CA ARG W 562 33.92 43.19 -48.78
C ARG W 562 33.83 42.11 -49.85
N ALA W 563 34.99 41.89 -50.47
CA ALA W 563 35.26 40.77 -51.35
C ALA W 563 35.37 39.38 -50.73
N ALA W 564 35.89 39.21 -49.52
CA ALA W 564 35.63 37.98 -48.80
C ALA W 564 34.21 37.48 -48.60
N SER W 565 33.42 38.46 -48.17
CA SER W 565 32.00 38.48 -47.93
C SER W 565 31.26 38.09 -49.21
N MET W 566 31.54 38.75 -50.34
CA MET W 566 31.13 38.29 -51.65
C MET W 566 31.50 36.87 -52.05
N PHE W 567 32.76 36.49 -51.82
CA PHE W 567 33.00 35.07 -51.91
C PHE W 567 32.16 34.08 -51.11
N VAL W 568 31.99 34.43 -49.84
CA VAL W 568 31.18 33.70 -48.88
C VAL W 568 29.70 33.52 -49.17
N SER W 569 29.08 34.65 -49.50
CA SER W 569 27.75 34.75 -50.06
C SER W 569 27.30 34.08 -51.34
N ASN W 570 28.28 33.92 -52.24
CA ASN W 570 28.30 33.03 -53.38
C ASN W 570 29.68 32.60 -53.85
N PRO W 571 30.00 31.34 -53.50
CA PRO W 571 31.23 30.73 -53.96
C PRO W 571 31.69 30.66 -55.41
N SER W 572 30.68 30.52 -56.28
CA SER W 572 30.94 30.68 -57.70
C SER W 572 31.58 31.90 -58.35
N LEU W 573 31.35 33.05 -57.70
CA LEU W 573 32.01 34.29 -58.06
C LEU W 573 33.52 34.26 -58.29
N ALA W 574 34.13 33.27 -57.63
CA ALA W 574 35.53 32.94 -57.80
C ALA W 574 35.99 32.51 -59.18
N LEU W 575 34.97 31.91 -59.80
CA LEU W 575 35.14 31.46 -61.17
C LEU W 575 34.65 32.43 -62.23
N GLN W 576 33.89 33.41 -61.73
CA GLN W 576 33.28 34.41 -62.58
C GLN W 576 34.16 35.62 -62.86
N VAL W 577 34.42 35.68 -64.16
CA VAL W 577 35.01 36.88 -64.74
C VAL W 577 34.53 38.20 -64.16
N GLY W 578 35.58 39.00 -63.99
CA GLY W 578 35.43 40.41 -63.67
C GLY W 578 35.07 40.79 -62.24
N ILE W 579 35.74 40.05 -61.36
CA ILE W 579 35.45 40.21 -59.94
C ILE W 579 36.65 41.00 -59.46
N PRO W 580 36.50 42.19 -58.89
CA PRO W 580 37.61 43.09 -58.64
C PRO W 580 38.98 42.49 -58.31
N VAL W 581 39.06 41.97 -57.08
CA VAL W 581 40.28 41.43 -56.53
C VAL W 581 40.46 39.93 -56.39
N LEU W 582 39.37 39.16 -56.35
CA LEU W 582 39.38 37.72 -56.40
C LEU W 582 39.84 37.01 -57.66
N THR W 583 39.66 37.69 -58.79
CA THR W 583 40.33 37.38 -60.04
C THR W 583 41.79 36.96 -59.95
N GLN W 584 42.49 37.45 -58.91
CA GLN W 584 43.81 37.00 -58.51
C GLN W 584 43.89 35.82 -57.55
N SER W 585 44.15 34.72 -58.26
CA SER W 585 44.24 33.40 -57.68
C SER W 585 45.13 33.17 -56.46
N GLY W 586 46.13 34.05 -56.41
CA GLY W 586 47.01 34.27 -55.27
C GLY W 586 46.29 34.50 -53.95
N MET W 587 45.37 35.45 -54.03
CA MET W 587 44.47 35.64 -52.92
C MET W 587 43.55 34.50 -52.53
N LEU W 588 43.27 33.70 -53.55
CA LEU W 588 42.45 32.55 -53.17
C LEU W 588 43.29 31.44 -52.55
N SER W 589 44.50 31.23 -53.05
CA SER W 589 45.49 30.36 -52.46
C SER W 589 45.84 30.73 -51.03
N ALA W 590 46.04 32.05 -50.86
CA ALA W 590 46.25 32.65 -49.56
C ALA W 590 45.19 32.44 -48.49
N LEU W 591 43.93 32.48 -48.94
CA LEU W 591 42.77 32.23 -48.10
C LEU W 591 42.69 30.78 -47.68
N THR W 592 42.76 29.94 -48.70
CA THR W 592 42.74 28.49 -48.62
C THR W 592 43.69 27.93 -47.58
N SER W 593 44.97 28.27 -47.77
CA SER W 593 46.03 27.95 -46.83
C SER W 593 45.83 28.61 -45.47
N GLY W 594 45.72 29.93 -45.60
CA GLY W 594 45.47 30.77 -44.45
C GLY W 594 44.54 30.28 -43.35
N VAL W 595 43.37 29.78 -43.78
CA VAL W 595 42.40 29.27 -42.83
C VAL W 595 42.84 28.19 -41.85
N GLY W 596 43.62 27.29 -42.44
CA GLY W 596 44.06 26.16 -41.64
C GLY W 596 44.93 26.47 -40.42
N THR W 597 45.94 27.31 -40.67
CA THR W 597 46.66 27.96 -39.61
C THR W 597 45.82 28.68 -38.57
N ALA W 598 44.85 29.45 -39.08
CA ALA W 598 43.86 30.15 -38.29
C ALA W 598 42.99 29.33 -37.35
N LEU W 599 42.65 28.10 -37.76
CA LEU W 599 41.99 27.09 -36.97
C LEU W 599 43.00 26.54 -35.97
N ARG W 600 44.10 26.01 -36.49
CA ARG W 600 45.26 25.50 -35.78
C ARG W 600 45.62 26.21 -34.48
N THR W 601 46.04 27.47 -34.59
CA THR W 601 46.45 28.24 -33.44
C THR W 601 45.62 29.42 -32.97
N GLY W 602 44.35 29.31 -33.35
CA GLY W 602 43.34 30.28 -32.98
C GLY W 602 42.98 30.13 -31.51
N SER W 603 42.96 31.27 -30.82
CA SER W 603 42.60 31.19 -29.42
C SER W 603 41.09 31.29 -29.34
N LEU W 604 40.42 30.14 -29.44
CA LEU W 604 38.99 29.86 -29.51
C LEU W 604 37.95 30.96 -29.55
N GLY W 605 37.71 31.29 -30.82
CA GLY W 605 36.96 32.46 -31.24
C GLY W 605 35.52 32.59 -30.77
N LYS W 606 35.34 33.41 -29.73
CA LYS W 606 34.00 33.65 -29.26
C LYS W 606 33.54 35.10 -29.28
N GLY W 607 32.93 35.41 -30.43
CA GLY W 607 32.42 36.75 -30.63
C GLY W 607 31.65 37.48 -29.53
N VAL W 608 32.32 38.53 -29.04
CA VAL W 608 31.73 39.29 -27.96
C VAL W 608 30.24 39.63 -27.98
N THR W 609 29.79 40.10 -29.14
CA THR W 609 28.40 40.27 -29.48
C THR W 609 27.55 39.06 -29.12
N ASP W 610 27.96 37.97 -29.77
CA ASP W 610 27.21 36.73 -29.60
C ASP W 610 27.15 36.19 -28.18
N ALA W 611 28.24 36.44 -27.45
CA ALA W 611 28.28 36.03 -26.06
C ALA W 611 27.18 36.63 -25.21
N SER W 612 27.19 37.96 -25.14
CA SER W 612 26.17 38.78 -24.49
C SER W 612 24.73 38.46 -24.83
N GLU W 613 24.60 38.25 -26.14
CA GLU W 613 23.30 37.86 -26.67
C GLU W 613 22.72 36.50 -26.29
N LYS W 614 23.70 35.59 -26.26
CA LYS W 614 23.41 34.27 -25.75
C LYS W 614 23.10 34.17 -24.26
N LEU W 615 23.94 34.91 -23.53
CA LEU W 615 23.62 35.22 -22.16
C LEU W 615 22.27 35.75 -21.69
N ARG W 616 21.90 36.79 -22.44
CA ARG W 616 20.60 37.43 -22.34
C ARG W 616 19.44 36.51 -22.72
N ALA W 617 19.50 35.95 -23.93
CA ALA W 617 18.47 35.02 -24.34
C ALA W 617 18.21 33.83 -23.43
N ARG W 618 19.37 33.39 -22.95
CA ARG W 618 19.40 32.30 -22.00
C ARG W 618 18.75 32.45 -20.63
N GLN W 619 18.97 33.71 -20.24
CA GLN W 619 18.40 34.14 -18.98
C GLN W 619 16.88 34.19 -19.02
N SER W 620 16.39 34.90 -20.04
CA SER W 620 14.99 35.06 -20.37
C SER W 620 14.19 33.78 -20.59
N LEU W 621 14.91 32.82 -21.18
CA LEU W 621 14.40 31.46 -21.22
C LEU W 621 14.09 30.72 -19.93
N THR W 622 15.11 30.78 -19.08
CA THR W 622 15.06 30.41 -17.68
C THR W 622 13.91 31.14 -17.01
N VAL W 623 13.80 32.47 -17.12
CA VAL W 623 12.66 33.17 -16.59
C VAL W 623 11.27 32.60 -16.89
N ALA W 624 11.02 32.48 -18.19
CA ALA W 624 9.80 31.88 -18.67
C ALA W 624 9.64 30.43 -18.22
N LYS W 625 10.67 29.61 -18.10
CA LYS W 625 10.58 28.31 -17.47
C LYS W 625 10.14 28.24 -16.02
N GLN W 626 10.81 29.11 -15.26
CA GLN W 626 10.29 29.48 -13.96
C GLN W 626 8.81 29.82 -13.88
N ALA W 627 8.42 30.81 -14.70
CA ALA W 627 7.02 31.13 -14.85
C ALA W 627 6.09 30.00 -15.26
N PHE W 628 6.53 29.09 -16.13
CA PHE W 628 5.83 27.87 -16.43
C PHE W 628 5.57 26.89 -15.28
N PHE W 629 6.70 26.64 -14.62
CA PHE W 629 6.66 25.83 -13.41
C PHE W 629 5.71 26.42 -12.38
N ASP W 630 5.81 27.74 -12.28
CA ASP W 630 4.91 28.51 -11.45
C ASP W 630 3.41 28.31 -11.61
N GLN W 631 3.06 28.35 -12.91
CA GLN W 631 1.73 27.99 -13.38
C GLN W 631 1.40 26.56 -12.99
N ILE W 632 2.32 25.62 -13.17
CA ILE W 632 2.19 24.25 -12.71
C ILE W 632 2.03 24.14 -11.20
N GLY W 633 2.84 24.90 -10.48
CA GLY W 633 2.63 25.06 -9.05
C GLY W 633 1.24 25.48 -8.61
N SER W 634 0.69 26.43 -9.37
CA SER W 634 -0.65 26.94 -9.24
C SER W 634 -1.82 25.99 -9.43
N LEU W 635 -1.63 25.20 -10.50
CA LEU W 635 -2.69 24.32 -10.95
C LEU W 635 -2.83 22.96 -10.28
N TRP W 636 -1.65 22.51 -9.87
CA TRP W 636 -1.57 21.49 -8.84
C TRP W 636 -0.36 21.62 -7.94
N PRO W 637 -0.57 22.39 -6.86
CA PRO W 637 0.39 22.58 -5.80
C PRO W 637 0.50 21.22 -5.11
N GLY W 638 1.23 20.31 -5.76
CA GLY W 638 1.52 19.00 -5.23
C GLY W 638 2.19 18.98 -3.86
N LYS W 639 1.43 18.60 -2.82
CA LYS W 639 1.90 18.54 -1.45
C LYS W 639 2.73 19.71 -0.92
N THR X 1 75.00 -44.26 -62.50
CA THR X 1 73.89 -43.84 -63.37
C THR X 1 72.55 -44.54 -63.16
N TYR X 2 71.53 -43.75 -63.50
CA TYR X 2 70.15 -44.15 -63.35
C TYR X 2 69.38 -44.43 -64.63
N ASN X 3 68.59 -45.49 -64.58
CA ASN X 3 67.60 -45.81 -65.60
C ASN X 3 66.82 -44.57 -66.03
N ILE X 4 67.00 -44.21 -67.30
CA ILE X 4 66.26 -43.03 -67.71
C ILE X 4 64.74 -43.05 -67.83
N THR X 5 64.38 -44.31 -68.07
CA THR X 5 62.98 -44.67 -68.23
C THR X 5 62.15 -44.93 -66.98
N GLY X 6 62.36 -43.98 -66.06
CA GLY X 6 61.64 -43.90 -64.81
C GLY X 6 60.80 -42.69 -64.44
N ASP X 7 60.15 -42.71 -63.29
CA ASP X 7 59.21 -41.70 -62.81
C ASP X 7 59.75 -40.91 -61.63
N GLY X 8 59.30 -39.65 -61.67
CA GLY X 8 59.77 -38.61 -60.78
C GLY X 8 60.46 -37.40 -61.40
N ASN X 9 60.94 -37.58 -62.62
CA ASN X 9 61.64 -36.59 -63.40
C ASN X 9 60.93 -35.32 -63.87
N SER X 10 61.44 -34.18 -63.35
CA SER X 10 60.96 -32.83 -63.59
C SER X 10 61.39 -32.25 -64.92
N PHE X 11 60.39 -31.59 -65.51
CA PHE X 11 60.62 -30.76 -66.68
C PHE X 11 60.27 -29.32 -66.33
N THR X 12 61.34 -28.79 -65.72
CA THR X 12 61.32 -27.39 -65.33
C THR X 12 62.39 -26.47 -65.91
N PRO X 13 62.11 -25.99 -67.12
CA PRO X 13 62.78 -24.85 -67.69
C PRO X 13 62.43 -23.50 -67.10
N THR X 14 63.47 -22.89 -66.52
CA THR X 14 63.46 -21.60 -65.87
C THR X 14 64.55 -20.66 -66.37
N SER X 15 64.15 -19.39 -66.28
CA SER X 15 65.06 -18.31 -66.63
C SER X 15 66.41 -18.19 -65.96
N ASP X 16 66.24 -18.70 -64.73
CA ASP X 16 67.27 -18.95 -63.74
C ASP X 16 68.36 -19.92 -64.17
N MET X 17 67.86 -20.91 -64.92
CA MET X 17 68.58 -22.06 -65.44
C MET X 17 68.70 -22.10 -66.96
N THR X 18 69.11 -20.98 -67.56
CA THR X 18 69.25 -20.93 -68.99
C THR X 18 70.39 -21.76 -69.56
N SER X 19 70.07 -22.76 -70.40
CA SER X 19 71.04 -23.51 -71.18
C SER X 19 72.38 -22.86 -71.44
N THR X 20 73.42 -23.27 -70.71
CA THR X 20 74.78 -22.89 -71.07
C THR X 20 75.76 -23.99 -70.72
N ALA X 21 76.86 -24.02 -71.48
CA ALA X 21 77.97 -24.93 -71.50
C ALA X 21 79.22 -24.06 -71.56
N ALA X 22 80.37 -24.63 -71.93
CA ALA X 22 81.39 -23.73 -72.46
C ALA X 22 81.70 -23.85 -73.94
N PRO X 23 81.04 -23.05 -74.78
CA PRO X 23 81.13 -23.10 -76.22
C PRO X 23 82.51 -22.79 -76.79
N ALA X 24 83.13 -21.72 -76.28
CA ALA X 24 84.43 -21.25 -76.68
C ALA X 24 85.06 -20.41 -75.56
N ILE X 25 86.39 -20.45 -75.61
CA ILE X 25 87.05 -19.59 -74.65
C ILE X 25 87.89 -18.42 -75.15
N ASP X 26 88.14 -17.38 -74.36
CA ASP X 26 89.10 -16.38 -74.79
C ASP X 26 90.54 -16.83 -74.99
N LEU X 27 91.05 -16.69 -76.22
CA LEU X 27 92.42 -16.96 -76.56
C LEU X 27 93.20 -15.84 -77.25
N LYS X 28 92.99 -14.64 -76.73
CA LYS X 28 93.59 -13.47 -77.34
C LYS X 28 95.08 -13.49 -77.04
N PRO X 29 95.97 -13.15 -77.98
CA PRO X 29 97.39 -13.17 -77.72
C PRO X 29 97.92 -12.47 -76.48
N GLY X 30 97.40 -11.24 -76.46
CA GLY X 30 97.54 -10.36 -75.32
C GLY X 30 97.33 -11.09 -74.00
N VAL X 31 96.27 -11.90 -74.08
CA VAL X 31 95.78 -12.63 -72.94
C VAL X 31 96.59 -13.87 -72.57
N LEU X 32 97.29 -14.42 -73.57
CA LEU X 32 98.17 -15.54 -73.30
C LEU X 32 99.34 -15.42 -72.32
N ASN X 33 99.84 -14.20 -72.18
CA ASN X 33 101.10 -13.99 -71.49
C ASN X 33 101.34 -14.38 -70.03
N PRO X 34 100.81 -13.65 -69.06
CA PRO X 34 101.32 -13.72 -67.70
C PRO X 34 102.31 -14.79 -67.25
N THR X 35 103.62 -14.54 -67.34
CA THR X 35 104.39 -13.40 -67.79
C THR X 35 105.86 -13.78 -67.95
N GLY X 36 106.62 -13.67 -66.86
CA GLY X 36 108.06 -13.75 -66.70
C GLY X 36 108.64 -15.10 -67.08
N LYS X 37 109.60 -15.16 -68.00
CA LYS X 37 110.31 -16.40 -68.20
C LYS X 37 111.36 -16.56 -67.10
N LEU X 38 111.51 -17.85 -66.76
CA LEU X 38 112.44 -18.25 -65.71
C LEU X 38 113.86 -18.52 -66.18
N TRP X 39 114.71 -17.81 -65.44
CA TRP X 39 116.14 -17.81 -65.66
C TRP X 39 117.11 -18.19 -64.54
N ARG X 40 118.44 -18.07 -64.63
CA ARG X 40 119.45 -18.51 -63.70
C ARG X 40 120.71 -17.67 -63.83
N PRO X 41 121.42 -17.39 -62.74
CA PRO X 41 122.70 -16.73 -62.59
C PRO X 41 123.89 -17.46 -63.17
N VAL X 42 123.84 -17.39 -64.50
CA VAL X 42 124.71 -18.12 -65.41
C VAL X 42 124.43 -19.62 -65.40
N GLY X 43 124.79 -20.10 -64.21
CA GLY X 43 124.67 -21.48 -63.77
C GLY X 43 125.45 -21.76 -62.50
N THR X 44 126.47 -20.95 -62.22
CA THR X 44 127.15 -20.91 -60.94
C THR X 44 126.38 -20.31 -59.79
N SER X 45 126.99 -20.27 -58.60
CA SER X 45 126.43 -19.84 -57.34
C SER X 45 126.00 -18.39 -57.36
N VAL X 46 125.60 -17.93 -56.18
CA VAL X 46 125.03 -16.61 -55.98
C VAL X 46 126.17 -15.61 -55.93
N ALA X 47 126.42 -15.18 -57.17
CA ALA X 47 127.38 -14.18 -57.57
C ALA X 47 127.15 -13.50 -58.92
N THR X 48 126.92 -14.38 -59.89
CA THR X 48 126.61 -13.97 -61.24
C THR X 48 125.30 -13.28 -61.62
N ILE X 49 124.57 -12.68 -60.68
CA ILE X 49 123.32 -11.96 -60.81
C ILE X 49 123.19 -11.07 -62.04
N ASP X 50 124.36 -10.49 -62.28
CA ASP X 50 124.58 -9.76 -63.52
C ASP X 50 124.24 -10.37 -64.87
N SER X 51 124.26 -11.71 -64.87
CA SER X 51 124.04 -12.55 -66.02
C SER X 51 122.97 -13.60 -65.76
N LEU X 52 121.98 -13.62 -66.65
CA LEU X 52 121.07 -14.75 -66.73
C LEU X 52 120.91 -15.41 -68.09
N ALA X 53 120.89 -16.74 -68.01
CA ALA X 53 120.47 -17.70 -69.00
C ALA X 53 119.13 -18.37 -68.72
N ILE X 54 118.30 -18.38 -69.76
CA ILE X 54 117.07 -19.11 -69.61
C ILE X 54 117.22 -20.61 -69.33
N VAL X 55 116.36 -20.99 -68.38
CA VAL X 55 116.14 -22.38 -68.01
C VAL X 55 115.76 -23.17 -69.25
N SER X 56 115.59 -24.47 -69.01
CA SER X 56 115.69 -25.50 -70.03
C SER X 56 114.45 -25.64 -70.91
N ASP X 57 114.46 -24.73 -71.87
CA ASP X 57 113.54 -24.62 -72.98
C ASP X 57 113.59 -25.83 -73.91
N ARG X 58 114.81 -26.35 -73.91
CA ARG X 58 115.19 -27.65 -74.44
C ARG X 58 114.23 -28.84 -74.50
N PHE X 59 113.70 -29.01 -73.29
CA PHE X 59 112.59 -29.92 -73.08
C PHE X 59 111.62 -29.73 -71.93
N GLY X 60 111.73 -28.59 -71.25
CA GLY X 60 111.06 -28.38 -69.98
C GLY X 60 111.28 -26.92 -69.59
N GLN X 61 111.53 -26.75 -68.30
CA GLN X 61 111.61 -25.45 -67.65
C GLN X 61 111.65 -24.15 -68.45
N TYR X 62 110.38 -23.74 -68.57
CA TYR X 62 109.98 -22.50 -69.18
C TYR X 62 109.50 -21.47 -68.16
N SER X 63 108.77 -20.47 -68.66
CA SER X 63 108.19 -19.34 -67.97
C SER X 63 107.31 -19.65 -66.76
N PHE X 64 107.16 -18.72 -65.82
CA PHE X 64 106.05 -18.66 -64.89
C PHE X 64 104.66 -18.74 -65.51
N VAL X 65 103.91 -19.81 -65.24
CA VAL X 65 102.63 -20.06 -65.87
C VAL X 65 101.57 -19.01 -65.62
N ASN X 66 100.79 -18.77 -66.69
CA ASN X 66 99.66 -17.86 -66.70
C ASN X 66 98.60 -18.39 -65.75
N GLU X 67 98.56 -17.88 -64.52
CA GLU X 67 97.45 -18.02 -63.60
C GLU X 67 96.05 -18.14 -64.17
N GLY X 68 95.75 -17.24 -65.11
CA GLY X 68 94.48 -17.20 -65.79
C GLY X 68 94.34 -18.36 -66.77
N MET X 69 95.45 -18.61 -67.48
CA MET X 69 95.51 -19.68 -68.44
C MET X 69 95.37 -21.08 -67.86
N ARG X 70 96.06 -21.30 -66.74
CA ARG X 70 95.78 -22.46 -65.91
C ARG X 70 94.36 -22.76 -65.45
N GLU X 71 93.83 -21.67 -64.90
CA GLU X 71 92.46 -21.64 -64.43
C GLU X 71 91.45 -21.90 -65.53
N THR X 72 91.60 -21.18 -66.65
CA THR X 72 90.87 -21.40 -67.88
C THR X 72 90.85 -22.78 -68.52
N PHE X 73 92.12 -23.12 -68.78
CA PHE X 73 92.43 -24.44 -69.30
C PHE X 73 91.95 -25.71 -68.60
N SER X 74 92.02 -25.70 -67.27
CA SER X 74 91.50 -26.68 -66.34
C SER X 74 90.00 -26.75 -66.52
N LYS X 75 89.33 -25.61 -66.69
CA LYS X 75 87.90 -25.52 -66.97
C LYS X 75 87.37 -26.24 -68.20
N ALA X 76 88.20 -25.98 -69.21
CA ALA X 76 88.11 -26.61 -70.52
C ALA X 76 88.15 -28.12 -70.40
N LEU X 77 89.12 -28.60 -69.61
CA LEU X 77 89.22 -30.03 -69.38
C LEU X 77 87.99 -30.67 -68.78
N PHE X 78 87.27 -29.87 -67.98
CA PHE X 78 86.01 -30.19 -67.35
C PHE X 78 84.78 -30.39 -68.21
N ASP X 79 84.67 -29.63 -69.31
CA ASP X 79 83.84 -29.97 -70.45
C ASP X 79 83.87 -31.42 -70.89
N ILE X 80 85.07 -31.96 -71.13
CA ILE X 80 85.26 -33.34 -71.52
C ILE X 80 84.82 -34.36 -70.46
N ASN X 81 85.11 -33.97 -69.22
CA ASN X 81 84.74 -34.63 -67.99
C ASN X 81 83.25 -34.85 -67.80
N MET X 82 82.49 -33.90 -68.34
CA MET X 82 81.04 -33.95 -68.41
C MET X 82 80.45 -35.15 -69.16
N TRP X 83 81.31 -35.62 -70.07
CA TRP X 83 81.06 -36.85 -70.78
C TRP X 83 81.92 -38.07 -70.46
N GLN X 84 82.63 -38.05 -69.33
CA GLN X 84 83.52 -39.14 -68.98
C GLN X 84 83.08 -40.59 -69.06
N PRO X 85 81.89 -40.89 -68.54
CA PRO X 85 81.30 -42.20 -68.71
C PRO X 85 81.06 -42.67 -70.14
N LEU X 86 80.77 -41.66 -70.95
CA LEU X 86 80.60 -41.91 -72.37
C LEU X 86 81.86 -42.10 -73.19
N PHE X 87 82.82 -41.20 -72.97
CA PHE X 87 84.16 -41.40 -73.48
C PHE X 87 84.77 -42.77 -73.20
N GLN X 88 84.67 -43.09 -71.91
CA GLN X 88 85.15 -44.36 -71.40
C GLN X 88 84.54 -45.58 -72.09
N ALA X 89 83.23 -45.43 -72.27
CA ALA X 89 82.47 -46.47 -72.95
C ALA X 89 82.81 -46.60 -74.42
N THR X 90 83.11 -45.45 -75.05
CA THR X 90 83.61 -45.36 -76.41
C THR X 90 85.08 -45.78 -76.54
N LYS X 91 85.75 -46.14 -75.43
CA LYS X 91 87.17 -46.40 -75.44
C LYS X 91 88.21 -45.51 -76.10
N THR X 92 87.85 -44.23 -76.07
CA THR X 92 88.51 -43.17 -76.80
C THR X 92 89.50 -42.33 -76.00
N GLY X 93 90.40 -43.05 -75.32
CA GLY X 93 91.41 -42.44 -74.47
C GLY X 93 90.92 -41.57 -73.33
N CYS X 94 89.74 -41.87 -72.80
CA CYS X 94 89.04 -41.05 -71.84
C CYS X 94 89.72 -40.37 -70.66
N GLY X 95 90.72 -41.08 -70.15
CA GLY X 95 91.46 -40.77 -68.95
C GLY X 95 91.78 -39.31 -68.64
N PRO X 96 90.98 -38.73 -67.74
CA PRO X 96 91.17 -37.33 -67.46
C PRO X 96 92.53 -36.69 -67.19
N ILE X 97 92.99 -35.98 -68.21
CA ILE X 97 94.32 -35.41 -68.29
C ILE X 97 95.16 -34.95 -67.11
N VAL X 98 94.48 -34.22 -66.23
CA VAL X 98 95.09 -33.59 -65.08
C VAL X 98 96.29 -32.68 -65.35
N LEU X 99 95.82 -31.56 -65.88
CA LEU X 99 96.63 -30.46 -66.37
C LEU X 99 97.82 -30.06 -65.50
N SER X 100 97.48 -30.16 -64.21
CA SER X 100 98.38 -29.96 -63.08
C SER X 100 99.72 -30.67 -63.15
N SER X 101 99.68 -31.87 -63.75
CA SER X 101 100.84 -32.70 -63.92
C SER X 101 101.85 -32.07 -64.89
N PHE X 102 101.25 -31.33 -65.83
CA PHE X 102 102.03 -30.57 -66.79
C PHE X 102 102.79 -29.31 -66.44
N THR X 103 102.08 -28.57 -65.57
CA THR X 103 102.52 -27.46 -64.76
C THR X 103 103.58 -27.80 -63.72
N THR X 104 104.82 -27.89 -64.20
CA THR X 104 105.98 -28.38 -63.49
C THR X 104 106.94 -27.35 -62.88
N THR X 105 107.65 -27.73 -61.82
CA THR X 105 108.34 -26.73 -61.03
C THR X 105 109.41 -26.03 -61.84
N THR X 106 109.40 -24.70 -61.81
CA THR X 106 110.47 -23.82 -62.22
C THR X 106 111.03 -22.95 -61.10
N SER X 107 112.34 -22.87 -60.86
CA SER X 107 112.93 -22.20 -59.72
C SER X 107 114.19 -21.42 -60.08
N GLY X 108 113.98 -20.11 -59.94
CA GLY X 108 114.96 -19.08 -60.22
C GLY X 108 114.46 -17.66 -60.47
N TYR X 109 115.01 -17.01 -61.51
CA TYR X 109 114.59 -15.66 -61.80
C TYR X 109 113.42 -15.42 -62.75
N VAL X 110 112.56 -14.46 -62.41
CA VAL X 110 111.37 -14.10 -63.16
C VAL X 110 111.50 -12.72 -63.79
N GLY X 111 111.61 -12.78 -65.13
CA GLY X 111 111.39 -11.58 -65.90
C GLY X 111 111.35 -11.73 -67.42
N ALA X 112 110.60 -10.76 -67.94
CA ALA X 112 110.44 -10.51 -69.36
C ALA X 112 111.69 -10.48 -70.22
N THR X 113 112.58 -9.58 -69.83
CA THR X 113 113.93 -9.42 -70.34
C THR X 113 115.05 -9.74 -69.35
N ALA X 114 116.24 -10.16 -69.77
CA ALA X 114 117.38 -10.35 -68.89
C ALA X 114 117.47 -9.19 -67.91
N GLY X 115 117.53 -8.00 -68.52
CA GLY X 115 117.28 -6.77 -67.80
C GLY X 115 116.51 -6.78 -66.50
N ASP X 116 115.22 -6.87 -66.83
CA ASP X 116 114.25 -7.02 -65.76
C ASP X 116 114.31 -8.20 -64.80
N ALA X 117 114.66 -9.31 -65.45
CA ALA X 117 114.76 -10.58 -64.76
C ALA X 117 115.86 -10.75 -63.72
N LEU X 118 116.93 -9.99 -64.01
CA LEU X 118 118.05 -9.89 -63.10
C LEU X 118 117.72 -9.54 -61.66
N ASP X 119 116.75 -8.65 -61.56
CA ASP X 119 116.21 -8.14 -60.31
C ASP X 119 115.31 -8.92 -59.37
N ASN X 120 114.65 -9.86 -60.06
CA ASN X 120 113.58 -10.66 -59.49
C ASN X 120 113.84 -12.16 -59.52
N PRO X 121 114.04 -12.80 -58.36
CA PRO X 121 114.06 -14.25 -58.39
C PRO X 121 112.88 -14.80 -57.61
N VAL X 122 112.26 -15.77 -58.27
CA VAL X 122 111.09 -16.47 -57.78
C VAL X 122 111.26 -17.98 -57.66
N THR X 123 111.56 -18.44 -56.45
CA THR X 123 111.80 -19.84 -56.14
C THR X 123 110.58 -20.74 -56.06
N ASN X 124 110.86 -21.83 -56.77
CA ASN X 124 109.98 -22.98 -56.91
C ASN X 124 108.50 -22.76 -57.16
N GLY X 125 108.30 -22.18 -58.35
CA GLY X 125 107.01 -22.02 -58.99
C GLY X 125 106.81 -23.11 -60.03
N VAL X 126 106.19 -22.67 -61.12
CA VAL X 126 105.83 -23.46 -62.28
C VAL X 126 105.85 -22.90 -63.69
N PHE X 127 106.33 -23.77 -64.58
CA PHE X 127 106.37 -23.70 -66.03
C PHE X 127 105.58 -24.77 -66.76
N ILE X 128 105.40 -24.52 -68.06
CA ILE X 128 104.99 -25.52 -69.03
C ILE X 128 105.80 -25.43 -70.31
N SER X 129 106.09 -26.60 -70.89
CA SER X 129 106.89 -26.74 -72.08
C SER X 129 106.07 -26.71 -73.36
N THR X 130 106.66 -26.05 -74.36
CA THR X 130 106.23 -26.00 -75.75
C THR X 130 105.75 -27.34 -76.27
N VAL X 131 106.68 -28.30 -76.10
CA VAL X 131 106.42 -29.70 -76.32
C VAL X 131 105.17 -30.18 -75.60
N GLN X 132 105.20 -29.96 -74.28
CA GLN X 132 104.06 -30.34 -73.46
C GLN X 132 102.69 -29.77 -73.79
N ILE X 133 102.69 -28.44 -73.92
CA ILE X 133 101.50 -27.81 -74.44
C ILE X 133 101.07 -28.32 -75.81
N MET X 134 102.02 -28.62 -76.70
CA MET X 134 101.79 -29.27 -77.98
C MET X 134 100.91 -30.50 -77.86
N ASN X 135 101.39 -31.44 -77.03
CA ASN X 135 100.77 -32.71 -76.75
C ASN X 135 99.48 -32.67 -75.95
N LEU X 136 99.36 -31.79 -74.94
CA LEU X 136 98.17 -31.38 -74.22
C LEU X 136 97.03 -30.85 -75.07
N GLN X 137 97.37 -29.80 -75.82
CA GLN X 137 96.46 -29.34 -76.85
C GLN X 137 95.92 -30.38 -77.82
N ARG X 138 96.87 -31.16 -78.34
CA ARG X 138 96.66 -32.28 -79.23
C ARG X 138 95.53 -33.17 -78.72
N THR X 139 95.66 -33.57 -77.47
CA THR X 139 94.65 -34.29 -76.71
C THR X 139 93.28 -33.64 -76.61
N ILE X 140 93.29 -32.38 -76.15
CA ILE X 140 92.06 -31.62 -76.06
C ILE X 140 91.30 -31.46 -77.36
N ALA X 141 92.04 -31.20 -78.44
CA ALA X 141 91.52 -31.04 -79.78
C ALA X 141 90.84 -32.30 -80.33
N ALA X 142 91.51 -33.40 -79.94
CA ALA X 142 91.12 -34.74 -80.29
C ALA X 142 89.82 -35.19 -79.62
N ARG X 143 89.76 -34.76 -78.36
CA ARG X 143 88.61 -34.95 -77.50
C ARG X 143 87.36 -34.31 -78.06
N MET X 144 87.59 -33.04 -78.44
CA MET X 144 86.62 -32.22 -79.13
C MET X 144 86.15 -32.77 -80.47
N ARG X 145 87.14 -33.18 -81.27
CA ARG X 145 86.82 -33.87 -82.51
C ARG X 145 86.06 -35.19 -82.43
N ASP X 146 86.27 -35.80 -81.26
CA ASP X 146 85.48 -36.96 -80.90
C ASP X 146 84.03 -36.79 -80.46
N VAL X 147 83.80 -35.61 -79.87
CA VAL X 147 82.51 -35.20 -79.36
C VAL X 147 81.60 -34.51 -80.37
N ALA X 148 82.20 -34.11 -81.50
CA ALA X 148 81.55 -33.31 -82.50
C ALA X 148 80.21 -33.76 -83.09
N LEU X 149 80.11 -35.09 -83.07
CA LEU X 149 78.87 -35.78 -83.38
C LEU X 149 77.86 -35.78 -82.25
N TRP X 150 78.43 -35.89 -81.04
CA TRP X 150 77.65 -35.96 -79.83
C TRP X 150 76.93 -34.65 -79.56
N GLN X 151 77.75 -33.60 -79.62
CA GLN X 151 77.23 -32.27 -79.38
C GLN X 151 76.02 -31.92 -80.24
N LYS X 152 76.18 -32.20 -81.53
CA LYS X 152 75.13 -32.03 -82.52
C LYS X 152 73.83 -32.73 -82.14
N HIS X 153 74.03 -34.03 -81.87
CA HIS X 153 72.93 -34.88 -81.45
C HIS X 153 72.23 -34.39 -80.20
N LEU X 154 73.02 -34.03 -79.18
CA LEU X 154 72.51 -33.41 -77.98
C LEU X 154 71.62 -32.19 -78.13
N ASP X 155 72.14 -31.28 -78.95
CA ASP X 155 71.46 -30.14 -79.52
C ASP X 155 70.13 -30.35 -80.23
N THR X 156 70.10 -31.43 -80.99
CA THR X 156 68.90 -31.74 -81.74
C THR X 156 67.70 -31.98 -80.85
N ALA X 157 67.96 -32.82 -79.86
CA ALA X 157 67.06 -33.18 -78.78
C ALA X 157 66.43 -31.97 -78.10
N MET X 158 67.39 -31.15 -77.68
CA MET X 158 67.17 -29.89 -77.01
C MET X 158 66.44 -28.79 -77.79
N THR X 159 66.46 -28.98 -79.11
CA THR X 159 65.61 -28.19 -79.98
C THR X 159 64.28 -28.80 -80.41
N MET X 160 64.33 -30.10 -80.72
CA MET X 160 63.16 -30.82 -81.17
C MET X 160 61.85 -30.57 -80.43
N LEU X 161 61.94 -30.60 -79.11
CA LEU X 161 61.05 -29.93 -78.18
C LEU X 161 61.70 -29.08 -77.10
N THR X 162 62.25 -27.94 -77.56
CA THR X 162 63.06 -27.02 -76.78
C THR X 162 62.75 -26.60 -75.35
N PRO X 163 63.53 -27.16 -74.41
CA PRO X 163 63.49 -26.84 -73.00
C PRO X 163 63.98 -25.46 -72.55
N ASP X 164 63.69 -24.46 -73.36
CA ASP X 164 64.33 -23.18 -73.09
C ASP X 164 63.34 -22.08 -72.74
N ILE X 165 63.22 -21.83 -71.44
CA ILE X 165 62.36 -20.74 -71.04
C ILE X 165 63.29 -19.73 -70.39
N SER X 166 63.53 -18.82 -71.32
CA SER X 166 64.30 -17.60 -71.20
C SER X 166 63.75 -16.55 -70.23
N ALA X 167 62.46 -16.73 -69.95
CA ALA X 167 61.69 -15.84 -69.12
C ALA X 167 60.61 -16.49 -68.27
N GLY X 168 61.00 -16.53 -66.99
CA GLY X 168 60.19 -17.18 -65.97
C GLY X 168 60.42 -18.66 -65.75
N SER X 169 59.31 -19.35 -66.01
CA SER X 169 59.19 -20.76 -65.68
C SER X 169 58.05 -21.44 -66.43
N ALA X 170 58.42 -22.62 -66.94
CA ALA X 170 57.53 -23.59 -67.54
C ALA X 170 57.64 -24.94 -66.84
N SER X 171 56.54 -25.68 -66.85
CA SER X 171 56.48 -27.07 -66.42
C SER X 171 55.47 -27.95 -67.13
N CYS X 172 55.88 -29.17 -67.45
CA CYS X 172 55.06 -30.17 -68.11
C CYS X 172 55.58 -31.58 -67.83
N ASN X 173 54.78 -32.63 -67.91
CA ASN X 173 55.20 -34.01 -67.72
C ASN X 173 56.40 -34.42 -68.57
N TRP X 174 57.55 -34.61 -67.93
CA TRP X 174 58.76 -35.00 -68.64
C TRP X 174 58.66 -36.35 -69.34
N LYS X 175 57.93 -37.22 -68.62
CA LYS X 175 57.48 -38.49 -69.12
C LYS X 175 56.75 -38.55 -70.46
N SER X 176 55.71 -37.71 -70.47
CA SER X 176 54.97 -37.31 -71.65
C SER X 176 55.74 -36.81 -72.86
N LEU X 177 56.63 -35.87 -72.56
CA LEU X 177 57.64 -35.30 -73.44
C LEU X 177 58.63 -36.31 -73.99
N LEU X 178 59.28 -36.96 -73.03
CA LEU X 178 60.16 -38.08 -73.29
C LEU X 178 59.67 -39.22 -74.16
N ALA X 179 58.43 -39.62 -73.89
CA ALA X 179 57.85 -40.70 -74.68
C ALA X 179 57.44 -40.27 -76.08
N PHE X 180 56.93 -39.04 -76.21
CA PHE X 180 56.66 -38.50 -77.53
C PHE X 180 57.91 -38.28 -78.38
N ALA X 181 58.98 -37.81 -77.74
CA ALA X 181 60.33 -37.77 -78.27
C ALA X 181 60.73 -39.09 -78.90
N LYS X 182 60.60 -40.14 -78.08
CA LYS X 182 61.02 -41.44 -78.56
C LYS X 182 60.13 -42.20 -79.55
N ASP X 183 58.93 -41.64 -79.67
CA ASP X 183 57.93 -41.95 -80.67
C ASP X 183 57.99 -41.18 -81.98
N ILE X 184 58.60 -39.99 -81.94
CA ILE X 184 58.84 -39.14 -83.08
C ILE X 184 60.25 -39.03 -83.63
N LEU X 185 61.21 -39.29 -82.73
CA LEU X 185 62.62 -39.17 -83.03
C LEU X 185 63.26 -40.10 -84.05
N PRO X 186 64.11 -39.58 -84.94
CA PRO X 186 64.71 -40.46 -85.93
C PRO X 186 65.60 -41.51 -85.29
N LEU X 187 65.24 -42.72 -85.74
CA LEU X 187 66.01 -43.90 -85.44
C LEU X 187 67.53 -43.87 -85.62
N ASP X 188 67.93 -43.24 -86.71
CA ASP X 188 69.34 -43.01 -86.95
C ASP X 188 70.19 -42.16 -86.02
N ASN X 189 69.51 -41.42 -85.14
CA ASN X 189 70.14 -40.67 -84.07
C ASN X 189 70.94 -41.49 -83.08
N LEU X 190 72.06 -40.86 -82.70
CA LEU X 190 72.85 -41.29 -81.57
C LEU X 190 72.22 -41.30 -80.18
N CYS X 191 71.24 -40.40 -80.11
CA CYS X 191 70.33 -40.33 -78.98
C CYS X 191 69.49 -41.57 -78.68
N LEU X 192 69.09 -42.22 -79.78
CA LEU X 192 68.43 -43.49 -79.57
C LEU X 192 69.24 -44.74 -79.25
N THR X 193 70.52 -44.72 -79.62
CA THR X 193 71.48 -45.71 -79.18
C THR X 193 71.95 -45.46 -77.75
N TYR X 194 72.19 -44.18 -77.45
CA TYR X 194 72.75 -43.82 -76.17
C TYR X 194 71.85 -43.09 -75.19
N PRO X 195 70.60 -43.52 -75.02
CA PRO X 195 69.63 -42.72 -74.30
C PRO X 195 70.00 -42.17 -72.94
N ASN X 196 70.44 -43.18 -72.18
CA ASN X 196 70.99 -43.21 -70.84
C ASN X 196 72.16 -42.26 -70.61
N GLU X 197 73.19 -42.36 -71.45
CA GLU X 197 74.22 -41.33 -71.43
C GLU X 197 73.77 -39.91 -71.74
N PHE X 198 73.04 -39.72 -72.84
CA PHE X 198 72.66 -38.41 -73.31
C PHE X 198 71.87 -37.56 -72.32
N TYR X 199 70.92 -38.29 -71.73
CA TYR X 199 70.09 -37.82 -70.63
C TYR X 199 70.84 -37.43 -69.35
N ASN X 200 71.74 -38.31 -68.92
CA ASN X 200 72.70 -38.06 -67.87
C ASN X 200 73.51 -36.78 -68.04
N VAL X 201 74.09 -36.68 -69.24
CA VAL X 201 74.78 -35.48 -69.68
C VAL X 201 73.89 -34.25 -69.66
N ALA X 202 72.78 -34.37 -70.40
CA ALA X 202 71.75 -33.35 -70.30
C ALA X 202 71.39 -32.81 -68.93
N ILE X 203 71.13 -33.79 -68.06
CA ILE X 203 70.90 -33.49 -66.66
C ILE X 203 72.07 -32.78 -65.99
N HIS X 204 73.30 -33.15 -66.39
CA HIS X 204 74.50 -32.56 -65.84
C HIS X 204 74.82 -31.14 -66.29
N ARG X 205 74.26 -30.79 -67.45
CA ARG X 205 74.35 -29.48 -68.05
C ARG X 205 73.20 -28.52 -67.81
N TYR X 206 72.03 -29.15 -67.84
CA TYR X 206 70.76 -28.46 -67.68
C TYR X 206 70.19 -28.71 -66.29
N PRO X 207 70.48 -27.89 -65.29
CA PRO X 207 69.97 -27.93 -63.94
C PRO X 207 68.45 -27.89 -63.94
N ALA X 208 67.92 -27.29 -65.01
CA ALA X 208 66.53 -27.31 -65.40
C ALA X 208 65.73 -28.59 -65.58
N LEU X 209 66.52 -29.67 -65.57
CA LEU X 209 66.09 -31.04 -65.81
C LEU X 209 66.55 -31.99 -64.71
N LYS X 210 65.66 -32.91 -64.35
CA LYS X 210 65.95 -33.90 -63.33
C LYS X 210 65.98 -35.36 -63.77
N PRO X 211 66.80 -36.24 -63.19
CA PRO X 211 66.74 -37.64 -63.52
C PRO X 211 65.41 -38.36 -63.29
N GLY X 212 65.05 -39.23 -64.23
CA GLY X 212 64.00 -40.22 -64.07
C GLY X 212 63.38 -40.58 -62.72
N ASN X 213 63.81 -41.75 -62.25
CA ASN X 213 63.46 -42.31 -60.97
C ASN X 213 64.48 -42.76 -59.91
N PRO X 214 65.69 -42.21 -59.97
CA PRO X 214 66.82 -42.84 -59.31
C PRO X 214 66.71 -43.28 -57.86
N ASP X 215 66.14 -42.36 -57.08
CA ASP X 215 65.34 -42.59 -55.90
C ASP X 215 64.05 -41.80 -56.03
N THR X 216 62.97 -42.45 -56.46
CA THR X 216 61.71 -41.76 -56.64
C THR X 216 61.26 -40.90 -55.47
N LYS X 217 61.81 -41.26 -54.31
CA LYS X 217 61.97 -40.46 -53.11
C LYS X 217 62.37 -38.99 -53.21
N LEU X 218 63.54 -39.01 -53.84
CA LEU X 218 64.32 -37.88 -54.30
C LEU X 218 64.94 -38.01 -55.69
N PRO X 219 64.12 -37.62 -56.68
CA PRO X 219 64.65 -37.46 -58.02
C PRO X 219 65.20 -36.06 -58.28
N ASP X 220 64.68 -35.10 -57.52
CA ASP X 220 64.90 -33.67 -57.67
C ASP X 220 65.89 -33.16 -56.65
N ALA X 221 66.62 -32.13 -57.11
CA ALA X 221 67.57 -31.39 -56.31
C ALA X 221 67.64 -29.92 -56.66
N GLN X 222 68.22 -29.13 -55.76
CA GLN X 222 68.49 -27.73 -55.99
C GLN X 222 69.90 -27.25 -56.30
N ALA X 223 70.79 -28.13 -55.83
CA ALA X 223 72.21 -28.18 -56.16
C ALA X 223 72.47 -29.13 -57.32
N HIS X 224 73.07 -28.53 -58.35
CA HIS X 224 73.32 -29.15 -59.64
C HIS X 224 74.83 -29.01 -59.80
N PRO X 225 75.44 -28.91 -60.99
CA PRO X 225 76.87 -28.67 -60.93
C PRO X 225 77.18 -27.19 -60.74
N LEU X 226 78.27 -26.76 -61.40
CA LEU X 226 78.67 -25.36 -61.36
C LEU X 226 77.75 -24.41 -62.13
N GLY X 227 77.42 -24.77 -63.36
CA GLY X 227 76.47 -24.06 -64.20
C GLY X 227 75.79 -22.81 -63.66
N GLU X 228 74.80 -23.06 -62.81
CA GLU X 228 74.13 -22.11 -61.95
C GLU X 228 74.53 -20.65 -61.90
N VAL X 229 75.80 -20.49 -61.52
CA VAL X 229 76.51 -19.23 -61.47
C VAL X 229 76.33 -18.39 -62.73
N ALA X 230 76.86 -18.92 -63.83
CA ALA X 230 76.65 -18.26 -65.10
C ALA X 230 75.21 -18.04 -65.56
N GLY X 231 74.34 -18.90 -65.05
CA GLY X 231 72.93 -18.77 -65.33
C GLY X 231 72.18 -17.59 -64.73
N ALA X 232 72.52 -17.34 -63.46
CA ALA X 232 72.03 -16.17 -62.76
C ALA X 232 72.20 -14.78 -63.34
N PHE X 233 73.36 -14.67 -64.00
CA PHE X 233 73.66 -13.57 -64.90
C PHE X 233 72.92 -13.36 -66.22
N ASN X 234 72.49 -14.48 -66.79
CA ASN X 234 71.52 -14.42 -67.88
C ASN X 234 70.04 -14.31 -67.54
N ALA X 235 69.70 -14.48 -66.26
CA ALA X 235 68.33 -14.36 -65.80
C ALA X 235 67.81 -12.98 -65.42
N ALA X 236 66.69 -12.72 -66.09
CA ALA X 236 66.00 -11.45 -65.92
C ALA X 236 65.61 -11.00 -64.53
N THR X 237 65.96 -9.74 -64.21
CA THR X 237 65.79 -9.13 -62.91
C THR X 237 64.67 -8.11 -62.94
N SER X 238 64.40 -7.52 -61.78
CA SER X 238 63.37 -6.52 -61.55
C SER X 238 63.41 -5.20 -62.30
N GLU X 239 64.64 -4.84 -62.64
CA GLU X 239 64.93 -3.66 -63.41
C GLU X 239 65.63 -3.75 -64.77
N VAL X 240 66.42 -4.81 -64.93
CA VAL X 240 67.01 -5.23 -66.18
C VAL X 240 66.64 -6.60 -66.75
N GLY X 241 66.51 -6.69 -68.07
CA GLY X 241 66.62 -7.90 -68.84
C GLY X 241 67.90 -8.65 -68.51
N SER X 242 68.93 -8.50 -69.35
CA SER X 242 70.16 -9.24 -69.13
C SER X 242 71.32 -8.34 -68.80
N LEU X 243 71.94 -8.64 -67.65
CA LEU X 243 73.17 -8.03 -67.20
C LEU X 243 74.39 -8.08 -68.10
N VAL X 244 74.66 -9.29 -68.57
CA VAL X 244 75.62 -9.47 -69.65
C VAL X 244 75.38 -8.66 -70.91
N GLY X 245 74.09 -8.68 -71.27
CA GLY X 245 73.60 -7.95 -72.42
C GLY X 245 74.03 -6.49 -72.54
N SER X 246 73.37 -5.76 -71.63
CA SER X 246 73.55 -4.34 -71.47
C SER X 246 75.00 -3.92 -71.27
N SER X 247 75.74 -4.76 -70.55
CA SER X 247 77.16 -4.59 -70.33
C SER X 247 77.99 -4.68 -71.60
N SER X 248 77.82 -5.76 -72.36
CA SER X 248 78.35 -6.00 -73.69
C SER X 248 78.03 -4.90 -74.71
N THR X 249 76.73 -4.62 -74.81
CA THR X 249 76.09 -3.68 -75.70
C THR X 249 76.88 -2.39 -75.50
N LEU X 250 76.81 -1.86 -74.28
CA LEU X 250 77.46 -0.61 -73.96
C LEU X 250 78.95 -0.58 -74.29
N SER X 251 79.62 -1.69 -73.95
CA SER X 251 81.03 -1.84 -74.21
C SER X 251 81.35 -1.80 -75.70
N GLN X 252 80.58 -2.44 -76.59
CA GLN X 252 80.64 -2.29 -78.03
C GLN X 252 80.49 -0.87 -78.58
N ALA X 253 79.57 -0.13 -77.96
CA ALA X 253 79.43 1.29 -78.20
C ALA X 253 80.62 2.17 -77.88
N ILE X 254 81.13 2.06 -76.65
CA ILE X 254 82.42 2.60 -76.27
C ILE X 254 83.48 2.31 -77.31
N SER X 255 83.71 1.01 -77.55
CA SER X 255 84.83 0.70 -78.41
C SER X 255 84.84 1.17 -79.85
N THR X 256 83.62 1.27 -80.38
CA THR X 256 83.38 2.04 -81.58
C THR X 256 83.64 3.53 -81.44
N MET X 257 83.25 4.14 -80.32
CA MET X 257 83.67 5.50 -80.06
C MET X 257 85.18 5.74 -80.04
N ALA X 258 85.83 4.77 -79.39
CA ALA X 258 87.27 4.62 -79.30
C ALA X 258 88.13 4.58 -80.55
N GLY X 259 87.55 3.78 -81.45
CA GLY X 259 88.04 3.62 -82.80
C GLY X 259 87.80 4.79 -83.74
N LYS X 260 86.69 5.50 -83.49
CA LYS X 260 86.46 6.74 -84.20
C LYS X 260 87.37 7.90 -83.82
N ASP X 261 87.87 7.77 -82.58
CA ASP X 261 88.65 8.70 -81.80
C ASP X 261 88.11 10.09 -81.54
N LEU X 262 86.78 10.16 -81.55
CA LEU X 262 86.00 11.36 -81.34
C LEU X 262 86.26 12.66 -82.08
N ASP X 263 87.46 13.12 -81.74
CA ASP X 263 88.16 14.33 -82.12
C ASP X 263 87.89 14.69 -83.58
N LEU X 264 87.95 13.66 -84.43
CA LEU X 264 87.48 13.76 -85.79
C LEU X 264 86.57 14.85 -86.32
N ILE X 265 85.47 15.12 -85.61
CA ILE X 265 84.55 16.19 -85.90
C ILE X 265 85.06 17.61 -85.66
N GLU X 266 86.00 17.82 -84.74
CA GLU X 266 86.44 19.13 -84.31
C GLU X 266 87.70 19.61 -85.03
N ALA X 267 87.40 19.63 -86.33
CA ALA X 267 88.50 19.88 -87.24
C ALA X 267 88.16 20.93 -88.29
N ASP X 268 88.71 22.12 -88.01
CA ASP X 268 88.67 23.26 -88.90
C ASP X 268 89.76 23.42 -89.95
N THR X 269 90.97 23.27 -89.40
CA THR X 269 92.26 23.51 -90.01
C THR X 269 92.85 22.12 -90.20
N PRO X 270 93.57 21.91 -91.31
CA PRO X 270 93.97 20.63 -91.85
C PRO X 270 94.19 19.37 -91.03
N LEU X 271 93.21 18.45 -91.10
CA LEU X 271 93.37 17.11 -90.57
C LEU X 271 93.54 16.09 -91.70
N PRO X 272 94.66 15.39 -91.55
CA PRO X 272 95.13 14.55 -92.64
C PRO X 272 94.32 13.39 -93.19
N VAL X 273 94.05 13.43 -94.49
CA VAL X 273 93.28 12.49 -95.25
C VAL X 273 93.21 11.03 -94.80
N SER X 274 94.41 10.49 -94.72
CA SER X 274 94.68 9.10 -94.37
C SER X 274 94.18 8.65 -93.01
N VAL X 275 94.24 9.63 -92.11
CA VAL X 275 93.73 9.63 -90.74
C VAL X 275 92.22 9.60 -90.67
N PHE X 276 91.62 10.58 -91.36
CA PHE X 276 90.17 10.71 -91.40
C PHE X 276 89.52 9.66 -92.30
N THR X 277 90.02 9.34 -93.49
CA THR X 277 89.36 8.51 -94.48
C THR X 277 89.56 7.03 -94.20
N PRO X 278 88.52 6.22 -94.06
CA PRO X 278 88.73 4.78 -94.17
C PRO X 278 88.68 4.34 -95.62
N SER X 279 87.85 3.34 -95.89
CA SER X 279 87.57 2.77 -97.19
C SER X 279 86.41 3.36 -97.97
N LEU X 280 86.77 3.60 -99.23
CA LEU X 280 85.87 4.24 -100.18
C LEU X 280 85.25 3.44 -101.31
N ALA X 281 84.01 3.77 -101.67
CA ALA X 281 83.31 3.18 -102.80
C ALA X 281 82.95 4.05 -103.99
N PRO X 282 82.84 3.54 -105.22
CA PRO X 282 82.31 4.25 -106.37
C PRO X 282 80.93 4.87 -106.15
N ARG X 283 80.57 5.93 -106.87
CA ARG X 283 79.23 6.47 -106.88
C ARG X 283 78.71 6.68 -108.30
N SER X 284 77.39 6.84 -108.38
CA SER X 284 76.66 6.89 -109.63
C SER X 284 75.97 8.23 -109.82
N TYR X 285 76.28 8.95 -110.90
CA TYR X 285 75.69 10.24 -111.18
C TYR X 285 75.07 10.27 -112.57
N ARG X 286 74.18 11.24 -112.76
CA ARG X 286 73.59 11.43 -114.06
C ARG X 286 74.00 12.70 -114.82
N PRO X 287 74.16 12.57 -116.14
CA PRO X 287 74.03 13.71 -117.01
C PRO X 287 72.68 14.42 -116.96
N ALA X 288 71.82 13.93 -117.86
CA ALA X 288 70.40 14.13 -117.76
C ALA X 288 69.84 15.48 -117.32
N PHE X 289 69.62 15.56 -116.00
CA PHE X 289 69.10 16.74 -115.34
C PHE X 289 69.94 17.15 -114.15
N ILE X 290 71.25 16.90 -114.17
CA ILE X 290 72.11 17.42 -113.13
C ILE X 290 72.26 18.93 -113.24
N LYS X 291 72.78 19.61 -112.21
CA LYS X 291 72.73 21.05 -112.32
C LYS X 291 74.09 21.73 -112.38
N PRO X 292 74.40 22.16 -113.62
CA PRO X 292 75.66 22.82 -113.86
C PRO X 292 76.22 23.82 -112.84
N GLU X 293 75.30 24.58 -112.26
CA GLU X 293 75.60 25.52 -111.20
C GLU X 293 76.22 24.89 -109.96
N ASP X 294 75.72 23.72 -109.59
CA ASP X 294 76.10 23.06 -108.36
C ASP X 294 77.26 22.08 -108.43
N ALA X 295 77.34 21.51 -109.63
CA ALA X 295 78.17 20.34 -109.90
C ALA X 295 79.56 20.67 -110.41
N LYS X 296 80.45 20.87 -109.44
CA LYS X 296 81.85 21.11 -109.74
C LYS X 296 82.56 20.48 -110.92
N TRP X 297 82.66 19.15 -110.91
CA TRP X 297 83.12 18.33 -112.01
C TRP X 297 82.28 18.03 -113.24
N ILE X 298 81.05 18.53 -113.25
CA ILE X 298 80.06 18.31 -114.30
C ILE X 298 79.03 19.42 -114.45
N ALA X 299 79.28 20.19 -115.51
CA ALA X 299 78.54 21.33 -116.01
C ALA X 299 78.01 21.09 -117.43
N GLU X 300 77.49 22.11 -118.10
CA GLU X 300 77.04 22.02 -119.47
C GLU X 300 77.52 23.13 -120.38
N PHE X 301 77.76 22.82 -121.66
CA PHE X 301 77.66 23.76 -122.75
C PHE X 301 76.28 24.35 -122.95
N ASN X 302 76.29 25.61 -123.38
CA ASN X 302 75.12 26.47 -123.44
C ASN X 302 74.49 26.64 -124.82
N ASN X 303 73.16 26.68 -124.90
CA ASN X 303 72.47 26.77 -126.17
C ASN X 303 72.95 28.01 -126.92
N SER X 304 72.98 27.80 -128.24
CA SER X 304 73.60 28.66 -129.23
C SER X 304 75.10 28.54 -129.45
N SER X 305 75.41 27.94 -130.59
CA SER X 305 76.70 27.94 -131.27
C SER X 305 76.73 27.32 -132.66
N LEU X 306 76.58 26.00 -132.53
CA LEU X 306 76.29 24.92 -133.46
C LEU X 306 77.55 24.35 -134.10
N ILE X 307 78.09 23.38 -133.38
CA ILE X 307 79.18 22.67 -134.03
C ILE X 307 78.59 21.31 -134.38
N ARG X 308 78.19 21.33 -135.65
CA ARG X 308 77.54 20.19 -136.28
C ARG X 308 78.46 19.16 -136.90
N LYS X 309 78.91 19.36 -138.13
CA LYS X 309 79.74 18.33 -138.74
C LYS X 309 81.23 18.39 -138.40
N THR X 310 81.57 17.33 -137.67
CA THR X 310 82.93 16.99 -137.35
C THR X 310 83.38 15.61 -137.83
N LEU X 311 84.47 15.53 -138.58
CA LEU X 311 85.11 14.26 -138.90
C LEU X 311 85.47 13.53 -137.61
N THR X 312 85.01 12.28 -137.56
CA THR X 312 85.17 11.36 -136.45
C THR X 312 86.11 10.18 -136.55
N TYR X 313 86.27 9.72 -137.79
CA TYR X 313 87.06 8.60 -138.25
C TYR X 313 87.56 8.88 -139.66
N SER X 314 88.27 7.86 -140.13
CA SER X 314 88.87 7.92 -141.46
C SER X 314 87.74 8.04 -142.48
N GLY X 315 87.73 9.31 -142.90
CA GLY X 315 86.83 9.85 -143.91
C GLY X 315 85.33 9.61 -143.71
N ALA X 316 85.04 9.66 -142.41
CA ALA X 316 83.78 9.24 -141.82
C ALA X 316 83.40 10.35 -140.85
N THR X 317 82.10 10.64 -140.80
CA THR X 317 81.55 11.83 -140.17
C THR X 317 80.32 11.63 -139.29
N TYR X 318 80.30 12.36 -138.18
CA TYR X 318 79.23 12.51 -137.21
C TYR X 318 78.93 13.96 -136.82
N THR X 319 77.63 14.21 -136.74
CA THR X 319 77.25 15.50 -136.22
C THR X 319 77.13 15.55 -134.71
N VAL X 320 78.19 16.11 -134.12
CA VAL X 320 78.05 16.29 -132.70
C VAL X 320 77.06 17.36 -132.26
N GLN X 321 76.83 18.25 -133.23
CA GLN X 321 75.69 19.13 -133.37
C GLN X 321 75.33 20.14 -132.29
N LEU X 322 76.40 20.55 -131.60
CA LEU X 322 76.54 21.33 -130.38
C LEU X 322 75.71 22.59 -130.25
N GLY X 323 74.66 22.46 -129.43
CA GLY X 323 73.75 23.55 -129.13
C GLY X 323 72.87 23.39 -127.89
N PRO X 324 71.56 23.22 -128.00
CA PRO X 324 70.63 23.16 -126.89
C PRO X 324 70.84 21.96 -125.96
N GLY X 325 71.58 22.17 -124.87
CA GLY X 325 71.85 21.33 -123.73
C GLY X 325 72.49 19.98 -124.00
N PRO X 326 73.52 20.01 -124.85
CA PRO X 326 74.18 18.81 -125.32
C PRO X 326 74.85 17.95 -124.26
N THR X 327 74.02 17.02 -123.77
CA THR X 327 74.31 16.08 -122.70
C THR X 327 74.91 16.80 -121.51
N ARG X 328 76.21 16.63 -121.23
CA ARG X 328 76.93 17.31 -120.17
C ARG X 328 78.42 17.35 -120.48
N VAL X 329 79.07 18.37 -119.90
CA VAL X 329 80.50 18.50 -120.00
C VAL X 329 81.15 18.14 -118.67
N ILE X 330 81.78 16.99 -118.85
CA ILE X 330 82.34 16.41 -117.64
C ILE X 330 83.70 17.03 -117.41
N ASP X 331 83.76 17.84 -116.34
CA ASP X 331 84.92 18.63 -115.97
C ASP X 331 85.95 17.91 -115.11
N MET X 332 86.75 17.10 -115.82
CA MET X 332 87.76 16.25 -115.22
C MET X 332 89.15 16.88 -115.23
N ASN X 333 89.15 18.20 -115.15
CA ASN X 333 90.37 18.96 -114.94
C ASN X 333 90.89 19.09 -113.51
N ALA X 334 91.73 18.08 -113.29
CA ALA X 334 92.39 17.75 -112.04
C ALA X 334 91.49 17.56 -110.82
N MET X 335 90.61 16.61 -111.13
CA MET X 335 89.54 16.19 -110.24
C MET X 335 89.84 14.79 -109.72
N ILE X 336 90.91 14.69 -108.92
CA ILE X 336 91.50 13.45 -108.46
C ILE X 336 91.69 12.34 -109.47
N ASP X 337 91.99 11.10 -109.08
CA ASP X 337 91.99 10.00 -110.04
C ASP X 337 90.89 8.96 -109.92
N SER X 338 90.08 8.85 -110.98
CA SER X 338 88.85 8.12 -111.21
C SER X 338 88.81 7.29 -112.49
N VAL X 339 87.82 6.40 -112.54
CA VAL X 339 87.56 5.69 -113.78
C VAL X 339 86.12 5.93 -114.20
N LEU X 340 85.96 6.67 -115.31
CA LEU X 340 84.66 7.10 -115.76
C LEU X 340 83.85 5.95 -116.36
N THR X 341 83.24 5.23 -115.41
CA THR X 341 82.40 4.08 -115.65
C THR X 341 81.02 4.45 -116.15
N LEU X 342 80.85 4.59 -117.46
CA LEU X 342 79.64 5.03 -118.13
C LEU X 342 78.78 3.82 -118.40
N ASP X 343 77.59 3.87 -117.81
CA ASP X 343 76.62 2.80 -117.79
C ASP X 343 75.31 3.25 -118.43
N VAL X 344 75.39 2.85 -119.70
CA VAL X 344 74.34 3.18 -120.65
C VAL X 344 73.46 1.95 -120.83
N SER X 345 72.19 2.22 -120.60
CA SER X 345 71.16 1.28 -120.99
C SER X 345 69.84 2.03 -121.18
N GLY X 346 68.86 1.60 -121.98
CA GLY X 346 67.64 2.29 -122.32
C GLY X 346 67.79 3.19 -123.53
N THR X 347 68.51 4.27 -123.20
CA THR X 347 68.84 5.29 -124.16
C THR X 347 69.65 4.90 -125.38
N ILE X 348 68.89 4.92 -126.48
CA ILE X 348 69.56 5.02 -127.76
C ILE X 348 69.05 6.14 -128.65
N LEU X 349 67.71 6.22 -128.65
CA LEU X 349 66.95 7.18 -129.42
C LEU X 349 67.49 7.36 -130.83
N PRO X 350 67.10 6.53 -131.80
CA PRO X 350 67.60 6.56 -133.16
C PRO X 350 67.48 7.89 -133.88
N TYR X 351 68.47 8.20 -134.71
CA TYR X 351 68.46 9.44 -135.47
C TYR X 351 67.12 9.73 -136.14
N ASP X 352 66.50 10.81 -135.64
CA ASP X 352 65.35 11.48 -136.21
C ASP X 352 64.68 10.79 -137.39
N THR X 353 65.24 10.91 -138.59
CA THR X 353 64.94 9.93 -139.62
C THR X 353 65.98 9.79 -140.72
N ASN X 354 67.10 9.23 -140.26
CA ASN X 354 68.33 8.96 -140.98
C ASN X 354 68.53 7.46 -141.12
N PRO X 355 68.84 6.95 -142.32
CA PRO X 355 69.35 5.61 -142.54
C PRO X 355 70.75 5.36 -142.00
N ASP X 356 70.97 6.08 -140.90
CA ASP X 356 72.20 6.01 -140.13
C ASP X 356 71.96 5.48 -138.73
N LEU X 357 71.08 4.48 -138.81
CA LEU X 357 70.47 3.83 -137.68
C LEU X 357 71.38 2.73 -137.14
N SER X 358 71.80 1.93 -138.11
CA SER X 358 73.05 1.19 -138.12
C SER X 358 74.22 2.16 -138.19
N THR X 359 75.27 1.84 -137.44
CA THR X 359 76.54 2.52 -137.24
C THR X 359 76.70 3.62 -136.21
N SER X 360 75.61 3.74 -135.43
CA SER X 360 75.57 4.63 -134.29
C SER X 360 75.54 4.16 -132.84
N VAL X 361 76.70 4.49 -132.25
CA VAL X 361 77.01 4.07 -130.90
C VAL X 361 76.97 5.09 -129.77
N PRO X 362 76.57 4.59 -128.60
CA PRO X 362 76.84 5.27 -127.35
C PRO X 362 78.34 5.33 -127.09
N ALA X 363 78.79 6.58 -127.08
CA ALA X 363 80.17 6.89 -126.80
C ALA X 363 80.43 8.04 -125.83
N PHE X 364 81.66 8.00 -125.34
CA PHE X 364 82.33 9.04 -124.58
C PHE X 364 83.50 9.63 -125.35
N VAL X 365 83.48 10.97 -125.36
CA VAL X 365 84.54 11.74 -125.99
C VAL X 365 85.15 12.73 -125.00
N LEU X 366 86.46 12.68 -124.75
CA LEU X 366 87.10 13.70 -123.94
C LEU X 366 87.47 14.86 -124.85
N ILE X 367 87.33 16.09 -124.37
CA ILE X 367 87.75 17.28 -125.06
C ILE X 367 88.89 18.01 -124.37
N GLN X 368 89.97 18.20 -125.13
CA GLN X 368 91.26 18.60 -124.63
C GLN X 368 91.87 19.88 -125.20
N THR X 369 91.28 20.95 -124.66
CA THR X 369 91.55 22.29 -125.15
C THR X 369 91.86 23.35 -124.11
N SER X 370 92.85 24.20 -124.42
CA SER X 370 93.09 25.42 -123.70
C SER X 370 92.14 26.59 -123.96
N VAL X 371 91.08 26.23 -124.69
CA VAL X 371 89.98 27.15 -124.96
C VAL X 371 88.77 26.73 -124.14
N PRO X 372 88.50 27.49 -123.08
CA PRO X 372 87.40 27.24 -122.17
C PRO X 372 86.06 27.15 -122.89
N ILE X 373 85.42 26.00 -122.67
CA ILE X 373 84.12 25.69 -123.21
C ILE X 373 83.16 26.76 -123.72
N GLN X 374 82.99 27.84 -122.95
CA GLN X 374 82.20 28.94 -123.46
C GLN X 374 82.70 29.74 -124.66
N GLN X 375 83.99 29.52 -124.90
CA GLN X 375 84.62 30.05 -126.09
C GLN X 375 84.55 29.17 -127.33
N VAL X 376 84.11 27.93 -127.11
CA VAL X 376 84.17 26.93 -128.16
C VAL X 376 83.00 26.91 -129.14
N THR X 377 83.20 27.76 -130.15
CA THR X 377 82.19 28.00 -131.15
C THR X 377 82.26 27.42 -132.56
N THR X 378 83.49 27.22 -133.04
CA THR X 378 83.74 26.51 -134.28
C THR X 378 84.67 25.32 -134.05
N ALA X 379 84.80 24.49 -135.08
CA ALA X 379 85.80 23.44 -135.10
C ALA X 379 87.22 23.85 -134.73
N ALA X 380 87.55 25.07 -135.17
CA ALA X 380 88.90 25.52 -134.87
C ALA X 380 89.43 25.47 -133.44
N ASN X 381 88.49 25.84 -132.59
CA ASN X 381 88.56 25.86 -131.14
C ASN X 381 88.96 24.58 -130.41
N ILE X 382 88.35 23.50 -130.91
CA ILE X 382 88.45 22.26 -130.16
C ILE X 382 89.76 21.75 -129.59
N THR X 383 90.83 22.04 -130.33
CA THR X 383 92.15 21.46 -130.18
C THR X 383 92.07 19.98 -130.47
N ALA X 384 91.65 19.30 -129.40
CA ALA X 384 91.40 17.88 -129.41
C ALA X 384 89.99 17.44 -129.05
N ILE X 385 89.26 16.88 -130.02
CA ILE X 385 88.21 15.93 -129.74
C ILE X 385 88.67 14.47 -129.80
N THR X 386 88.89 13.83 -128.66
CA THR X 386 89.28 12.43 -128.68
C THR X 386 88.12 11.59 -128.16
N VAL X 387 87.63 10.85 -129.16
CA VAL X 387 86.79 9.70 -128.92
C VAL X 387 87.51 8.59 -128.18
N VAL X 388 87.18 8.46 -126.88
CA VAL X 388 87.81 7.56 -125.93
C VAL X 388 87.06 6.25 -125.76
N SER X 389 85.77 6.50 -125.55
CA SER X 389 84.94 5.41 -125.06
C SER X 389 83.84 4.93 -125.99
N ALA X 390 84.21 4.02 -126.89
CA ALA X 390 83.20 3.33 -127.68
C ALA X 390 83.35 1.84 -127.96
N ALA X 391 84.59 1.33 -127.89
CA ALA X 391 85.03 0.03 -128.34
C ALA X 391 84.81 -0.33 -129.80
N GLY X 392 83.87 -1.20 -130.16
CA GLY X 392 83.56 -1.41 -131.56
C GLY X 392 82.67 -0.31 -132.09
N ALA X 393 83.36 0.65 -132.71
CA ALA X 393 82.65 1.88 -133.05
C ALA X 393 82.06 1.94 -134.45
N SER X 394 81.03 1.11 -134.59
CA SER X 394 80.06 1.03 -135.66
C SER X 394 78.66 1.10 -135.10
N ALA X 395 77.94 -0.03 -135.14
CA ALA X 395 76.70 -0.35 -134.47
C ALA X 395 75.97 -1.61 -134.91
N ILE X 396 75.10 -2.04 -133.99
CA ILE X 396 74.10 -3.07 -134.12
C ILE X 396 72.96 -2.72 -133.18
N ASN X 397 71.79 -3.03 -133.72
CA ASN X 397 70.52 -2.89 -133.04
C ASN X 397 70.35 -3.73 -131.78
N LEU X 398 71.04 -3.26 -130.74
CA LEU X 398 71.04 -3.71 -129.36
C LEU X 398 69.83 -3.29 -128.54
N ALA X 399 69.11 -2.35 -129.13
CA ALA X 399 67.85 -1.87 -128.60
C ALA X 399 66.74 -2.86 -128.94
N ILE X 400 65.96 -3.03 -127.87
CA ILE X 400 64.77 -3.85 -127.89
C ILE X 400 63.72 -3.31 -128.86
N ASN X 401 64.06 -3.51 -130.13
CA ASN X 401 63.38 -2.89 -131.25
C ASN X 401 62.09 -3.42 -131.85
N VAL X 402 61.87 -4.68 -131.45
CA VAL X 402 60.80 -5.56 -131.87
C VAL X 402 59.41 -4.95 -131.79
N ARG X 403 59.06 -4.50 -130.57
CA ARG X 403 57.80 -3.82 -130.34
C ARG X 403 57.89 -2.31 -130.23
N GLY X 404 58.68 -1.79 -131.16
CA GLY X 404 58.77 -0.35 -131.29
C GLY X 404 59.77 0.33 -130.36
N GLN X 405 60.18 -0.38 -129.31
CA GLN X 405 61.00 0.19 -128.26
C GLN X 405 62.38 0.64 -128.73
N PRO X 406 62.93 1.76 -128.27
CA PRO X 406 64.31 2.08 -128.56
C PRO X 406 65.05 2.04 -127.22
N ARG X 407 65.27 0.79 -126.83
CA ARG X 407 65.88 0.48 -125.55
C ARG X 407 67.19 -0.29 -125.59
N PHE X 408 68.26 0.51 -125.58
CA PHE X 408 69.58 0.01 -125.89
C PHE X 408 70.16 -0.80 -124.73
N ASN X 409 70.50 -2.02 -125.12
CA ASN X 409 71.22 -2.99 -124.33
C ASN X 409 72.18 -2.28 -123.39
N MET X 410 72.42 -2.87 -122.21
CA MET X 410 73.38 -2.36 -121.25
C MET X 410 74.84 -2.43 -121.67
N LEU X 411 75.35 -1.24 -122.01
CA LEU X 411 76.78 -1.04 -122.09
C LEU X 411 77.62 -0.53 -120.93
N HIS X 412 78.82 -1.12 -120.86
CA HIS X 412 79.80 -0.68 -119.90
C HIS X 412 80.95 0.05 -120.58
N LEU X 413 81.01 1.38 -120.54
CA LEU X 413 82.10 2.17 -121.05
C LEU X 413 83.16 2.49 -120.00
N GLN X 414 84.45 2.62 -120.33
CA GLN X 414 85.53 3.03 -119.47
C GLN X 414 86.44 4.07 -120.11
N ALA X 415 86.57 5.14 -119.30
CA ALA X 415 87.61 6.13 -119.50
C ALA X 415 88.54 6.34 -118.32
N THR X 416 89.67 5.64 -118.34
CA THR X 416 90.71 5.90 -117.37
C THR X 416 91.22 7.30 -117.06
N PHE X 417 90.35 8.07 -116.39
CA PHE X 417 90.69 9.40 -115.92
C PHE X 417 91.81 9.45 -114.88
N GLU X 418 92.99 9.48 -115.50
CA GLU X 418 94.25 9.82 -114.87
C GLU X 418 94.81 11.15 -115.35
N ARG X 419 94.55 12.07 -114.42
CA ARG X 419 95.03 13.41 -114.66
C ARG X 419 96.49 13.65 -114.98
N GLU X 420 97.30 12.68 -114.55
CA GLU X 420 98.69 12.58 -114.94
C GLU X 420 98.97 12.34 -116.42
N THR X 421 98.06 11.61 -117.06
CA THR X 421 98.07 11.49 -118.50
C THR X 421 98.17 12.74 -119.37
N ILE X 422 97.46 13.73 -118.84
CA ILE X 422 97.50 15.05 -119.41
C ILE X 422 98.24 16.10 -118.59
N THR X 423 98.24 15.97 -117.25
CA THR X 423 98.74 16.93 -116.30
C THR X 423 98.20 18.35 -116.40
N GLY X 424 96.89 18.54 -116.51
CA GLY X 424 96.32 19.84 -116.79
C GLY X 424 96.74 20.51 -118.09
N ILE X 425 96.68 21.84 -117.99
CA ILE X 425 97.13 22.71 -119.06
C ILE X 425 96.31 22.91 -120.32
N PRO X 426 95.95 21.85 -121.06
CA PRO X 426 94.79 21.95 -121.92
C PRO X 426 93.44 21.44 -121.41
N TYR X 427 92.86 22.26 -120.53
CA TYR X 427 91.90 21.81 -119.54
C TYR X 427 90.91 20.74 -119.97
N ILE X 428 90.66 19.82 -119.06
CA ILE X 428 90.05 18.55 -119.41
C ILE X 428 88.53 18.52 -119.32
N TYR X 429 87.96 18.19 -120.48
CA TYR X 429 86.56 17.96 -120.74
C TYR X 429 86.19 16.63 -121.40
N GLY X 430 84.90 16.31 -121.34
CA GLY X 430 84.35 15.11 -121.92
C GLY X 430 82.84 15.26 -122.06
N LEU X 431 82.38 14.56 -123.09
CA LEU X 431 80.98 14.53 -123.46
C LEU X 431 80.43 13.13 -123.68
N GLY X 432 79.10 13.00 -123.76
CA GLY X 432 78.43 11.74 -124.02
C GLY X 432 77.61 11.75 -125.31
N THR X 433 77.69 10.74 -126.18
CA THR X 433 77.02 10.74 -127.46
C THR X 433 77.04 9.48 -128.32
N PHE X 434 75.87 9.24 -128.91
CA PHE X 434 75.69 8.40 -130.08
C PHE X 434 76.47 8.78 -131.33
N LEU X 435 77.76 8.42 -131.34
CA LEU X 435 78.75 8.85 -132.31
C LEU X 435 78.70 7.90 -133.51
N ILE X 436 78.73 8.40 -134.74
CA ILE X 436 78.77 7.62 -135.95
C ILE X 436 79.97 7.84 -136.86
N PRO X 437 80.43 6.75 -137.49
CA PRO X 437 81.12 6.92 -138.75
C PRO X 437 80.28 7.31 -139.95
N SER X 438 79.18 6.58 -140.14
CA SER X 438 78.23 6.80 -141.22
C SER X 438 77.50 8.14 -141.19
N PRO X 439 77.79 8.99 -142.18
CA PRO X 439 77.57 10.41 -142.03
C PRO X 439 76.13 10.80 -141.72
N THR X 440 76.02 11.68 -140.71
CA THR X 440 74.71 12.13 -140.27
C THR X 440 74.25 13.50 -140.73
N SER X 441 73.00 13.47 -141.20
CA SER X 441 72.39 14.64 -141.80
C SER X 441 72.07 15.78 -140.83
N SER X 442 73.05 16.68 -140.72
CA SER X 442 72.90 17.86 -139.89
C SER X 442 71.61 18.68 -139.90
N SER X 443 71.11 18.86 -141.12
CA SER X 443 69.83 19.48 -141.37
C SER X 443 68.68 18.70 -140.76
N ASN X 444 68.69 17.41 -141.10
CA ASN X 444 67.84 16.45 -140.42
C ASN X 444 67.87 16.33 -138.90
N PHE X 445 68.98 15.80 -138.39
CA PHE X 445 69.14 15.63 -136.96
C PHE X 445 69.72 16.86 -136.29
N SER X 446 68.84 17.87 -136.26
CA SER X 446 69.03 19.05 -135.44
C SER X 446 69.33 18.95 -133.95
N ASN X 447 68.88 17.87 -133.30
CA ASN X 447 69.33 17.57 -131.95
C ASN X 447 70.83 17.44 -131.72
N PRO X 448 71.49 18.22 -130.87
CA PRO X 448 72.91 18.14 -130.60
C PRO X 448 73.31 16.75 -130.11
N THR X 449 72.65 16.30 -129.03
CA THR X 449 72.80 14.96 -128.52
C THR X 449 71.99 14.65 -127.27
N LEU X 450 71.30 13.51 -127.33
CA LEU X 450 70.61 12.99 -126.17
C LEU X 450 71.00 11.66 -125.54
N MET X 451 72.32 11.49 -125.45
CA MET X 451 72.85 10.32 -124.78
C MET X 451 72.88 10.39 -123.27
N ASP X 452 71.72 10.16 -122.67
CA ASP X 452 71.40 10.24 -121.26
C ASP X 452 71.23 9.03 -120.35
N GLY X 453 72.32 8.48 -119.83
CA GLY X 453 72.23 7.39 -118.87
C GLY X 453 72.93 7.55 -117.52
N LEU X 454 73.76 6.54 -117.21
CA LEU X 454 74.49 6.70 -115.97
C LEU X 454 75.98 6.87 -116.19
N LEU X 455 76.58 7.60 -115.24
CA LEU X 455 77.99 7.88 -115.10
C LEU X 455 78.52 7.60 -113.70
N THR X 456 79.03 6.38 -113.57
CA THR X 456 79.47 5.85 -112.29
C THR X 456 80.95 6.13 -112.14
N VAL X 457 81.26 7.26 -111.48
CA VAL X 457 82.61 7.62 -111.10
C VAL X 457 83.16 6.57 -110.14
N THR X 458 84.25 5.94 -110.59
CA THR X 458 85.13 5.11 -109.80
C THR X 458 86.31 5.79 -109.12
N PRO X 459 86.21 6.46 -107.97
CA PRO X 459 87.34 7.10 -107.32
C PRO X 459 88.45 6.24 -106.74
N VAL X 460 89.19 5.76 -107.75
CA VAL X 460 90.32 4.88 -107.53
C VAL X 460 91.38 5.26 -106.50
N LEU X 461 91.70 6.54 -106.61
CA LEU X 461 92.75 7.14 -105.80
C LEU X 461 92.12 7.56 -104.48
N LEU X 462 92.07 6.56 -103.60
CA LEU X 462 91.81 6.72 -102.18
C LEU X 462 92.85 7.60 -101.50
N ARG X 463 93.97 7.86 -102.18
CA ARG X 463 94.90 8.91 -101.82
C ARG X 463 94.54 10.37 -102.02
N GLU X 464 94.33 10.99 -100.86
CA GLU X 464 94.20 12.43 -100.74
C GLU X 464 92.75 12.82 -101.00
N THR X 465 91.85 12.79 -100.03
CA THR X 465 90.46 13.10 -100.29
C THR X 465 90.18 14.60 -100.39
N THR X 466 89.41 14.91 -101.42
CA THR X 466 88.91 16.20 -101.85
C THR X 466 87.93 16.79 -100.85
N TYR X 467 88.26 18.03 -100.46
CA TYR X 467 87.34 18.97 -99.87
C TYR X 467 86.80 20.00 -100.85
N LYS X 468 85.65 19.64 -101.43
CA LYS X 468 84.87 20.51 -102.28
C LYS X 468 85.67 21.08 -103.45
N GLY X 469 85.95 20.20 -104.41
CA GLY X 469 86.82 20.52 -105.52
C GLY X 469 88.31 20.75 -105.28
N GLU X 470 88.58 21.06 -104.00
CA GLU X 470 89.92 21.36 -103.54
C GLU X 470 90.65 20.06 -103.21
N VAL X 471 91.47 19.53 -104.12
CA VAL X 471 92.33 18.37 -103.90
C VAL X 471 93.37 18.61 -102.82
N VAL X 472 92.94 18.33 -101.60
CA VAL X 472 93.72 18.51 -100.40
C VAL X 472 94.05 17.31 -99.53
N ASP X 473 95.23 17.40 -98.91
CA ASP X 473 95.57 16.46 -97.85
C ASP X 473 94.87 16.57 -96.50
N ALA X 474 93.77 17.32 -96.61
CA ALA X 474 93.01 17.74 -95.46
C ALA X 474 91.53 17.40 -95.51
N ILE X 475 91.04 16.86 -94.39
CA ILE X 475 89.61 16.72 -94.18
C ILE X 475 89.25 17.48 -92.91
N VAL X 476 88.48 18.52 -93.22
CA VAL X 476 88.00 19.45 -92.21
C VAL X 476 86.49 19.53 -92.00
N PRO X 477 85.98 18.63 -91.15
CA PRO X 477 84.56 18.55 -90.87
C PRO X 477 83.89 19.83 -90.41
N ALA X 478 84.39 20.40 -89.31
CA ALA X 478 83.67 21.56 -88.82
C ALA X 478 83.46 22.72 -89.78
N THR X 479 84.33 22.92 -90.77
CA THR X 479 84.14 23.96 -91.76
C THR X 479 83.26 23.51 -92.93
N VAL X 480 83.11 22.21 -93.11
CA VAL X 480 82.17 21.71 -94.10
C VAL X 480 80.75 22.16 -93.80
N MET X 481 80.41 22.27 -92.52
CA MET X 481 79.15 22.68 -91.93
C MET X 481 78.60 23.91 -92.63
N ALA X 482 77.29 23.87 -92.91
CA ALA X 482 76.54 24.93 -93.57
C ALA X 482 77.07 25.45 -94.90
N ASN X 483 77.92 24.61 -95.49
CA ASN X 483 78.42 24.95 -96.81
C ASN X 483 78.16 24.00 -97.96
N GLN X 484 77.02 23.33 -97.73
CA GLN X 484 76.50 22.28 -98.59
C GLN X 484 74.99 22.15 -98.64
N THR X 485 74.62 22.30 -99.91
CA THR X 485 73.22 22.01 -100.12
C THR X 485 72.89 20.61 -100.63
N SER X 486 71.62 20.20 -100.59
CA SER X 486 71.42 18.79 -100.83
C SER X 486 71.95 18.28 -102.17
N GLU X 487 71.67 19.18 -103.12
CA GLU X 487 72.23 19.08 -104.45
C GLU X 487 73.73 18.91 -104.61
N GLU X 488 74.43 19.66 -103.77
CA GLU X 488 75.88 19.65 -103.77
C GLU X 488 76.42 18.33 -103.25
N VAL X 489 75.84 17.94 -102.11
CA VAL X 489 76.15 16.65 -101.53
C VAL X 489 75.95 15.51 -102.52
N ALA X 490 74.74 15.47 -103.08
CA ALA X 490 74.48 14.46 -104.07
C ALA X 490 75.42 14.34 -105.26
N SER X 491 75.71 15.54 -105.76
CA SER X 491 76.70 15.78 -106.79
C SER X 491 78.16 15.42 -106.55
N ALA X 492 78.52 15.77 -105.31
CA ALA X 492 79.88 15.54 -104.88
C ALA X 492 80.61 14.22 -105.13
N LEU X 493 81.89 14.28 -105.48
CA LEU X 493 82.63 13.05 -105.70
C LEU X 493 82.70 12.17 -104.46
N ALA X 494 82.69 10.87 -104.75
CA ALA X 494 82.92 9.91 -103.68
C ALA X 494 84.00 10.16 -102.62
N ASN X 495 85.10 10.72 -103.11
CA ASN X 495 86.32 11.15 -102.47
C ASN X 495 86.20 12.44 -101.67
N ASP X 496 84.98 12.76 -101.22
CA ASP X 496 84.72 14.06 -100.64
C ASP X 496 84.20 14.12 -99.21
N ALA X 497 84.93 14.93 -98.45
CA ALA X 497 84.65 15.11 -97.03
C ALA X 497 83.32 14.76 -96.38
N ILE X 498 82.28 15.35 -96.98
CA ILE X 498 80.89 15.08 -96.71
C ILE X 498 80.49 13.64 -96.42
N VAL X 499 80.77 12.72 -97.34
CA VAL X 499 80.26 11.39 -97.10
C VAL X 499 80.96 10.56 -96.02
N LEU X 500 82.22 10.97 -95.91
CA LEU X 500 83.15 10.41 -94.94
C LEU X 500 82.77 10.66 -93.49
N VAL X 501 82.37 11.92 -93.32
CA VAL X 501 81.87 12.51 -92.10
C VAL X 501 80.56 11.84 -91.70
N SER X 502 79.62 11.79 -92.65
CA SER X 502 78.39 11.07 -92.40
C SER X 502 78.63 9.63 -91.97
N ASN X 503 79.56 8.91 -92.61
CA ASN X 503 79.87 7.55 -92.24
C ASN X 503 80.31 7.36 -90.79
N HIS X 504 81.17 8.28 -90.35
CA HIS X 504 81.53 8.45 -88.96
C HIS X 504 80.42 8.82 -88.00
N LEU X 505 79.62 9.84 -88.34
CA LEU X 505 78.34 10.26 -87.81
C LEU X 505 77.23 9.23 -87.70
N ASN X 506 77.26 8.27 -88.63
CA ASN X 506 76.35 7.14 -88.56
C ASN X 506 76.61 6.19 -87.40
N LYS X 507 77.89 5.96 -87.08
CA LYS X 507 78.35 5.26 -85.89
C LYS X 507 78.03 5.93 -84.56
N LEU X 508 78.18 7.25 -84.52
CA LEU X 508 77.60 8.00 -83.43
C LEU X 508 76.11 7.82 -83.21
N ALA X 509 75.35 7.99 -84.29
CA ALA X 509 73.95 7.63 -84.22
C ALA X 509 73.46 6.29 -83.71
N ASN X 510 74.21 5.29 -84.18
CA ASN X 510 74.06 3.89 -83.82
C ASN X 510 74.14 3.63 -82.32
N VAL X 511 75.16 4.31 -81.81
CA VAL X 511 75.44 4.31 -80.38
C VAL X 511 74.28 4.87 -79.58
N VAL X 512 73.90 6.05 -80.07
CA VAL X 512 72.89 6.84 -79.41
C VAL X 512 71.57 6.09 -79.35
N GLY X 513 71.15 5.45 -80.45
CA GLY X 513 69.90 4.71 -80.45
C GLY X 513 69.66 3.44 -79.65
N ASP X 514 70.77 2.70 -79.64
CA ASP X 514 70.91 1.47 -78.91
C ASP X 514 71.14 1.56 -77.41
N ALA X 515 71.85 2.63 -77.05
CA ALA X 515 72.24 2.91 -75.68
C ALA X 515 71.47 3.98 -74.91
N ILE X 516 71.19 5.04 -75.65
CA ILE X 516 70.52 6.15 -74.98
C ILE X 516 69.07 6.05 -75.43
N PRO X 517 68.07 6.20 -74.55
CA PRO X 517 66.66 6.11 -74.87
C PRO X 517 66.02 7.34 -75.49
N VAL X 518 66.53 7.44 -76.72
CA VAL X 518 65.98 8.35 -77.71
C VAL X 518 65.02 7.66 -78.67
N ALA X 519 64.45 6.57 -78.16
CA ALA X 519 63.33 5.86 -78.74
C ALA X 519 62.08 6.73 -78.75
N SER X 520 60.91 6.14 -78.92
CA SER X 520 59.67 6.90 -78.95
C SER X 520 59.27 7.78 -77.77
N ARG X 521 59.55 9.06 -78.05
CA ARG X 521 59.25 10.25 -77.28
C ARG X 521 59.80 10.36 -75.86
N THR X 522 60.74 9.47 -75.54
CA THR X 522 61.39 9.52 -74.25
C THR X 522 62.46 10.58 -74.07
N ASP X 523 62.06 11.74 -73.54
CA ASP X 523 63.05 12.74 -73.19
C ASP X 523 63.74 12.43 -71.87
N ASP X 524 65.01 12.06 -71.96
CA ASP X 524 65.90 11.75 -70.85
C ASP X 524 67.05 12.73 -70.72
N SER X 525 67.35 13.03 -69.46
CA SER X 525 68.57 13.71 -69.04
C SER X 525 69.89 13.57 -69.79
N ALA X 526 70.05 12.35 -70.32
CA ALA X 526 71.07 12.13 -71.31
C ALA X 526 71.22 13.17 -72.40
N THR X 527 70.07 13.68 -72.85
CA THR X 527 70.05 14.65 -73.93
C THR X 527 70.56 16.05 -73.63
N SER X 528 71.07 16.18 -72.40
CA SER X 528 71.50 17.43 -71.82
C SER X 528 72.63 18.30 -72.34
N ALA X 529 73.57 17.61 -73.00
CA ALA X 529 74.67 18.13 -73.78
C ALA X 529 74.39 19.20 -74.83
N ILE X 530 73.45 18.81 -75.69
CA ILE X 530 72.91 19.77 -76.63
C ILE X 530 72.14 20.96 -76.09
N VAL X 531 71.43 20.61 -75.01
CA VAL X 531 70.68 21.69 -74.40
C VAL X 531 71.56 22.72 -73.71
N SER X 532 72.65 22.26 -73.06
CA SER X 532 73.56 23.14 -72.36
C SER X 532 74.30 24.10 -73.28
N ARG X 533 74.62 23.65 -74.49
CA ARG X 533 75.13 24.50 -75.54
C ARG X 533 74.10 25.52 -76.04
N LEU X 534 72.89 25.01 -76.23
CA LEU X 534 71.76 25.87 -76.56
C LEU X 534 71.46 26.95 -75.53
N ALA X 535 71.51 26.48 -74.28
CA ALA X 535 71.18 27.42 -73.23
C ALA X 535 72.06 28.66 -73.13
N VAL X 536 73.36 28.43 -73.32
CA VAL X 536 74.33 29.51 -73.27
C VAL X 536 74.41 30.42 -74.49
N GLN X 537 74.22 29.71 -75.61
CA GLN X 537 74.02 30.45 -76.84
C GLN X 537 72.86 31.43 -76.97
N HIS X 538 71.77 31.08 -76.27
CA HIS X 538 70.63 31.95 -76.33
C HIS X 538 70.73 33.25 -75.55
N LYS X 539 71.96 33.69 -75.26
CA LYS X 539 72.10 34.87 -74.42
C LYS X 539 72.01 36.15 -75.22
N LEU X 540 70.80 36.27 -75.77
CA LEU X 540 70.41 37.44 -76.54
C LEU X 540 69.98 38.60 -75.68
N SER X 541 70.96 39.31 -75.13
CA SER X 541 70.66 40.42 -74.24
C SER X 541 70.82 41.72 -75.02
N GLN X 542 69.86 42.61 -74.74
CA GLN X 542 69.91 43.93 -75.33
C GLN X 542 69.99 44.82 -74.09
N VAL X 543 69.36 45.99 -74.23
CA VAL X 543 69.19 47.06 -73.27
C VAL X 543 67.81 46.99 -72.64
N GLY X 544 67.79 47.08 -71.31
CA GLY X 544 66.50 47.05 -70.65
C GLY X 544 65.93 45.65 -70.44
N GLN X 545 64.83 45.46 -71.18
CA GLN X 545 64.23 44.16 -71.38
C GLN X 545 64.85 43.34 -72.50
N ALA X 546 65.85 42.53 -72.12
CA ALA X 546 66.37 41.46 -72.93
C ALA X 546 65.35 40.35 -73.14
N SER X 547 65.66 39.37 -73.99
CA SER X 547 64.91 38.21 -74.45
C SER X 547 64.24 37.58 -73.25
N PRO X 548 62.91 37.68 -73.13
CA PRO X 548 62.20 37.03 -72.06
C PRO X 548 61.71 35.60 -72.24
N THR X 549 62.79 34.82 -72.20
CA THR X 549 62.74 33.39 -72.43
C THR X 549 62.58 32.56 -71.16
N PRO X 550 61.37 32.09 -70.84
CA PRO X 550 61.11 31.29 -69.67
C PRO X 550 62.11 30.14 -69.67
N PRO X 551 62.96 30.08 -68.64
CA PRO X 551 64.18 29.31 -68.67
C PRO X 551 64.36 28.07 -69.55
N ASP X 552 65.48 27.94 -70.23
CA ASP X 552 65.82 26.99 -71.27
C ASP X 552 65.40 25.53 -71.21
N TYR X 553 65.09 25.26 -69.93
CA TYR X 553 64.96 23.90 -69.46
C TYR X 553 63.78 23.06 -69.94
N PRO X 554 62.60 23.66 -70.09
CA PRO X 554 61.54 23.03 -70.87
C PRO X 554 61.78 23.31 -72.35
N LEU X 555 61.73 24.62 -72.59
CA LEU X 555 61.75 25.23 -73.89
C LEU X 555 62.64 24.69 -75.01
N LEU X 556 63.93 24.93 -74.81
CA LEU X 556 65.08 24.53 -75.59
C LEU X 556 65.35 23.03 -75.56
N TRP X 557 65.06 22.45 -74.39
CA TRP X 557 65.11 21.03 -74.17
C TRP X 557 64.24 20.27 -75.18
N ARG X 558 63.00 20.73 -75.34
CA ARG X 558 62.12 20.08 -76.28
C ARG X 558 62.46 20.27 -77.75
N ARG X 559 62.86 21.51 -78.06
CA ARG X 559 63.40 21.87 -79.34
C ARG X 559 64.62 21.06 -79.79
N ALA X 560 65.47 20.85 -78.79
CA ALA X 560 66.70 20.06 -78.87
C ALA X 560 66.46 18.56 -78.97
N LYS X 561 65.46 17.93 -78.35
CA LYS X 561 65.08 16.57 -78.69
C LYS X 561 64.66 16.39 -80.14
N ARG X 562 63.76 17.31 -80.51
CA ARG X 562 63.37 17.40 -81.89
C ARG X 562 64.38 17.37 -83.03
N ALA X 563 65.36 18.26 -82.88
CA ALA X 563 66.59 18.28 -83.65
C ALA X 563 67.61 17.17 -83.42
N ALA X 564 67.78 16.64 -82.21
CA ALA X 564 68.44 15.36 -82.07
C ALA X 564 67.96 14.15 -82.86
N SER X 565 66.64 14.03 -82.77
CA SER X 565 65.74 13.10 -83.43
C SER X 565 65.88 13.22 -84.93
N MET X 566 65.78 14.42 -85.51
CA MET X 566 66.18 14.70 -86.87
C MET X 566 67.60 14.33 -87.29
N PHE X 567 68.58 14.66 -86.45
CA PHE X 567 69.85 14.04 -86.70
C PHE X 567 69.96 12.52 -86.79
N VAL X 568 69.32 11.86 -85.82
CA VAL X 568 69.21 10.42 -85.71
C VAL X 568 68.54 9.67 -86.86
N SER X 569 67.37 10.18 -87.22
CA SER X 569 66.60 9.83 -88.41
C SER X 569 67.18 9.93 -89.81
N ASN X 570 68.07 10.92 -89.98
CA ASN X 570 69.01 11.09 -91.05
C ASN X 570 70.27 11.88 -90.71
N PRO X 571 71.36 11.13 -90.52
CA PRO X 571 72.66 11.73 -90.30
C PRO X 571 73.30 12.81 -91.16
N SER X 572 73.02 12.68 -92.46
CA SER X 572 73.35 13.75 -93.37
C SER X 572 72.89 15.19 -93.24
N LEU X 573 71.73 15.36 -92.61
CA LEU X 573 71.23 16.66 -92.22
C LEU X 573 72.17 17.62 -91.51
N ALA X 574 73.16 17.00 -90.86
CA ALA X 574 74.27 17.69 -90.25
C ALA X 574 75.17 18.52 -91.14
N LEU X 575 75.20 17.97 -92.36
CA LEU X 575 75.94 18.59 -93.43
C LEU X 575 75.13 19.51 -94.32
N GLN X 576 73.81 19.37 -94.14
CA GLN X 576 72.86 20.10 -94.97
C GLN X 576 72.43 21.41 -94.34
N VAL X 577 72.90 22.23 -95.29
CA VAL X 577 72.94 23.66 -95.07
C VAL X 577 71.49 24.13 -95.02
N GLY X 578 70.99 25.28 -94.55
CA GLY X 578 70.10 25.60 -93.46
C GLY X 578 69.18 24.67 -92.69
N ILE X 579 69.48 24.11 -91.51
CA ILE X 579 69.07 23.22 -90.44
C ILE X 579 68.99 23.95 -89.11
N PRO X 580 67.86 24.25 -88.46
CA PRO X 580 67.74 25.25 -87.41
C PRO X 580 68.92 25.47 -86.49
N VAL X 581 69.11 24.49 -85.61
CA VAL X 581 70.13 24.53 -84.57
C VAL X 581 71.37 23.67 -84.68
N LEU X 582 71.33 22.60 -85.49
CA LEU X 582 72.48 21.79 -85.82
C LEU X 582 73.58 22.39 -86.70
N THR X 583 73.18 23.35 -87.54
CA THR X 583 74.09 24.27 -88.18
C THR X 583 75.25 24.79 -87.33
N GLN X 584 75.05 24.86 -86.02
CA GLN X 584 76.08 25.09 -85.03
C GLN X 584 76.85 23.89 -84.49
N SER X 585 78.01 23.82 -85.13
CA SER X 585 78.98 22.76 -84.92
C SER X 585 79.41 22.40 -83.51
N GLY X 586 79.29 23.44 -82.67
CA GLY X 586 79.38 23.38 -81.23
C GLY X 586 78.50 22.33 -80.57
N MET X 587 77.23 22.43 -80.97
CA MET X 587 76.31 21.37 -80.58
C MET X 587 76.59 19.96 -81.09
N LEU X 588 77.27 19.94 -82.23
CA LEU X 588 77.61 18.59 -82.66
C LEU X 588 78.82 18.05 -81.93
N SER X 589 79.82 18.90 -81.66
CA SER X 589 80.94 18.60 -80.81
C SER X 589 80.55 18.17 -79.41
N ALA X 590 79.60 18.94 -78.87
CA ALA X 590 78.97 18.65 -77.59
C ALA X 590 78.28 17.30 -77.44
N LEU X 591 77.61 16.88 -78.53
CA LEU X 591 76.94 15.60 -78.61
C LEU X 591 77.94 14.45 -78.65
N THR X 592 78.87 14.62 -79.60
CA THR X 592 79.97 13.71 -79.88
C THR X 592 80.74 13.29 -78.62
N SER X 593 81.26 14.32 -77.95
CA SER X 593 81.92 14.18 -76.67
C SER X 593 80.99 13.64 -75.59
N GLY X 594 79.93 14.43 -75.45
CA GLY X 594 78.87 14.11 -74.51
C GLY X 594 78.48 12.64 -74.31
N VAL X 595 78.28 11.95 -75.45
CA VAL X 595 77.91 10.55 -75.39
C VAL X 595 78.79 9.59 -74.60
N GLY X 596 80.08 9.85 -74.82
CA GLY X 596 81.04 8.97 -74.19
C GLY X 596 81.05 8.92 -72.67
N THR X 597 81.03 10.11 -72.08
CA THR X 597 80.71 10.27 -70.68
C THR X 597 79.43 9.60 -70.21
N ALA X 598 78.38 9.82 -71.00
CA ALA X 598 77.08 9.19 -70.82
C ALA X 598 77.02 7.67 -70.78
N LEU X 599 77.87 7.01 -71.58
CA LEU X 599 78.09 5.58 -71.58
C LEU X 599 78.88 5.24 -70.32
N ARG X 600 80.07 5.86 -70.20
CA ARG X 600 80.99 5.80 -69.08
C ARG X 600 80.36 5.63 -67.70
N THR X 601 79.63 6.65 -67.26
CA THR X 601 79.04 6.67 -65.93
C THR X 601 77.53 6.60 -65.81
N GLY X 602 76.95 6.06 -66.88
CA GLY X 602 75.52 5.84 -66.96
C GLY X 602 75.12 4.67 -66.08
N SER X 603 74.06 4.92 -65.30
CA SER X 603 73.58 3.83 -64.46
C SER X 603 72.57 2.97 -65.19
N LEU X 604 73.13 2.04 -65.97
CA LEU X 604 72.57 1.11 -66.92
C LEU X 604 71.10 1.18 -67.34
N GLY X 605 70.98 2.00 -68.38
CA GLY X 605 69.72 2.49 -68.89
C GLY X 605 68.67 1.50 -69.34
N LYS X 606 67.70 1.27 -68.45
CA LYS X 606 66.64 0.37 -68.84
C LYS X 606 65.23 0.97 -68.80
N GLY X 607 64.87 1.48 -69.97
CA GLY X 607 63.56 2.09 -70.13
C GLY X 607 62.31 1.44 -69.58
N VAL X 608 61.78 2.14 -68.57
CA VAL X 608 60.61 1.63 -67.90
C VAL X 608 59.48 0.99 -68.71
N THR X 609 59.10 1.70 -69.77
CA THR X 609 58.23 1.21 -70.82
C THR X 609 58.60 -0.18 -71.31
N ASP X 610 59.84 -0.21 -71.82
CA ASP X 610 60.35 -1.43 -72.42
C ASP X 610 60.40 -2.61 -71.46
N ALA X 611 60.68 -2.29 -70.20
CA ALA X 611 60.72 -3.33 -69.19
C ALA X 611 59.43 -4.11 -69.04
N SER X 612 58.38 -3.36 -68.68
CA SER X 612 57.01 -3.83 -68.61
C SER X 612 56.48 -4.64 -69.78
N GLU X 613 56.86 -4.05 -70.92
CA GLU X 613 56.54 -4.68 -72.17
C GLU X 613 57.16 -6.02 -72.53
N LYS X 614 58.44 -6.03 -72.14
CA LYS X 614 59.20 -7.26 -72.21
C LYS X 614 58.77 -8.36 -71.25
N LEU X 615 58.53 -7.90 -70.03
CA LEU X 615 57.79 -8.72 -69.08
C LEU X 615 56.49 -9.45 -69.39
N ARG X 616 55.62 -8.61 -69.96
CA ARG X 616 54.35 -9.01 -70.50
C ARG X 616 54.46 -9.96 -71.68
N ALA X 617 55.20 -9.56 -72.72
CA ALA X 617 55.42 -10.42 -73.85
C ALA X 617 56.00 -11.79 -73.56
N ARG X 618 56.92 -11.69 -72.60
CA ARG X 618 57.58 -12.88 -72.09
C ARG X 618 56.78 -13.96 -71.38
N GLN X 619 55.84 -13.34 -70.66
CA GLN X 619 54.90 -14.16 -69.92
C GLN X 619 53.97 -14.93 -70.84
N SER X 620 53.36 -14.18 -71.76
CA SER X 620 52.50 -14.70 -72.80
C SER X 620 53.08 -15.75 -73.74
N LEU X 621 54.37 -15.57 -73.98
CA LEU X 621 55.16 -16.61 -74.62
C LEU X 621 55.27 -17.98 -73.97
N THR X 622 55.63 -17.88 -72.70
CA THR X 622 55.59 -18.94 -71.72
C THR X 622 54.20 -19.56 -71.71
N VAL X 623 53.12 -18.78 -71.57
CA VAL X 623 51.78 -19.32 -71.67
C VAL X 623 51.49 -20.25 -72.84
N ALA X 624 51.71 -19.70 -74.03
CA ALA X 624 51.59 -20.44 -75.25
C ALA X 624 52.53 -21.65 -75.33
N LYS X 625 53.75 -21.62 -74.80
CA LYS X 625 54.57 -22.79 -74.65
C LYS X 625 54.05 -23.95 -73.81
N GLN X 626 53.60 -23.51 -72.63
CA GLN X 626 52.72 -24.35 -71.85
C GLN X 626 51.56 -25.03 -72.57
N ALA X 627 50.75 -24.18 -73.21
CA ALA X 627 49.71 -24.69 -74.09
C ALA X 627 50.15 -25.64 -75.21
N PHE X 628 51.30 -25.39 -75.84
CA PHE X 628 51.92 -26.33 -76.76
C PHE X 628 52.28 -27.71 -76.22
N PHE X 629 52.99 -27.62 -75.10
CA PHE X 629 53.34 -28.82 -74.37
C PHE X 629 52.11 -29.62 -74.01
N ASP X 630 51.11 -28.86 -73.56
CA ASP X 630 49.80 -29.42 -73.27
C ASP X 630 49.12 -30.27 -74.34
N GLN X 631 49.16 -29.68 -75.53
CA GLN X 631 48.78 -30.34 -76.76
C GLN X 631 49.60 -31.60 -76.98
N ILE X 632 50.92 -31.52 -76.79
CA ILE X 632 51.83 -32.65 -76.82
C ILE X 632 51.49 -33.70 -75.77
N GLY X 633 51.21 -33.23 -74.56
CA GLY X 633 50.65 -34.11 -73.53
C GLY X 633 49.42 -34.90 -73.92
N SER X 634 48.52 -34.20 -74.62
CA SER X 634 47.30 -34.74 -75.19
C SER X 634 47.42 -35.84 -76.24
N LEU X 635 48.36 -35.55 -77.15
CA LEU X 635 48.54 -36.38 -78.32
C LEU X 635 49.37 -37.65 -78.18
N TRP X 636 50.33 -37.49 -77.26
CA TRP X 636 50.94 -38.65 -76.65
C TRP X 636 51.35 -38.44 -75.20
N PRO X 637 50.38 -38.74 -74.31
CA PRO X 637 50.57 -38.73 -72.88
C PRO X 637 51.56 -39.85 -72.58
N GLY X 638 52.84 -39.60 -72.87
CA GLY X 638 53.92 -40.51 -72.57
C GLY X 638 54.01 -40.97 -71.12
N LYS X 639 53.65 -42.22 -70.85
CA LYS X 639 53.67 -42.79 -69.52
C LYS X 639 53.12 -41.98 -68.36
N MET Y 1 64.51 26.10 -91.87
CA MET Y 1 65.23 26.54 -93.08
C MET Y 1 66.10 27.77 -92.85
N PRO Y 2 67.36 27.44 -92.53
CA PRO Y 2 68.59 28.15 -92.81
C PRO Y 2 69.09 27.77 -94.19
N LEU Y 3 69.32 28.89 -94.89
CA LEU Y 3 69.81 28.88 -96.24
C LEU Y 3 71.14 28.16 -96.43
N HIS Y 4 71.08 27.37 -97.51
CA HIS Y 4 72.34 26.82 -97.96
C HIS Y 4 72.57 26.81 -99.47
N MET Y 5 73.85 26.71 -99.85
CA MET Y 5 74.30 27.17 -101.15
C MET Y 5 73.87 28.59 -101.45
N ILE Y 6 74.38 29.47 -100.58
CA ILE Y 6 73.81 30.80 -100.53
C ILE Y 6 73.83 31.59 -101.83
N PRO Y 7 74.97 31.80 -102.48
CA PRO Y 7 75.01 32.52 -103.74
C PRO Y 7 74.09 32.03 -104.85
N GLN Y 8 73.76 30.74 -104.91
CA GLN Y 8 72.88 30.08 -105.85
C GLN Y 8 71.37 30.16 -105.75
N VAL Y 9 70.97 29.83 -104.52
CA VAL Y 9 69.61 30.10 -104.10
C VAL Y 9 69.21 31.57 -104.12
N ALA Y 10 70.24 32.38 -103.92
CA ALA Y 10 70.26 33.80 -104.23
C ALA Y 10 70.06 34.17 -105.69
N HIS Y 11 70.79 33.39 -106.49
CA HIS Y 11 70.65 33.31 -107.93
C HIS Y 11 69.26 33.16 -108.55
N ALA Y 12 68.69 32.12 -107.95
CA ALA Y 12 67.31 31.74 -108.18
C ALA Y 12 66.26 32.74 -107.73
N MET Y 13 66.52 33.24 -106.53
CA MET Y 13 65.70 34.35 -106.06
C MET Y 13 65.55 35.47 -107.07
N VAL Y 14 66.75 35.91 -107.45
CA VAL Y 14 66.92 37.00 -108.39
C VAL Y 14 66.42 36.77 -109.81
N ARG Y 15 66.40 35.49 -110.20
CA ARG Y 15 65.75 35.03 -111.40
C ARG Y 15 64.22 35.13 -111.50
N ALA Y 16 63.66 34.93 -110.31
CA ALA Y 16 62.31 35.39 -110.05
C ALA Y 16 61.92 36.86 -110.08
N ALA Y 17 62.90 37.60 -109.56
CA ALA Y 17 62.93 39.05 -109.70
C ALA Y 17 63.04 39.53 -111.14
N ALA Y 18 63.97 38.89 -111.86
CA ALA Y 18 64.24 39.27 -113.24
C ALA Y 18 63.15 39.04 -114.26
N ALA Y 19 62.34 38.01 -113.94
CA ALA Y 19 61.12 37.65 -114.62
C ALA Y 19 59.83 37.96 -113.88
N GLY Y 20 59.96 39.10 -113.21
CA GLY Y 20 58.94 39.85 -112.51
C GLY Y 20 58.30 39.25 -111.27
N ARG Y 21 57.78 38.02 -111.39
CA ARG Y 21 57.26 37.21 -110.31
C ARG Y 21 58.22 36.65 -109.26
N LEU Y 22 58.30 37.47 -108.21
CA LEU Y 22 59.07 37.09 -107.04
C LEU Y 22 58.11 37.23 -105.87
N THR Y 23 57.81 36.16 -105.13
CA THR Y 23 57.07 36.26 -103.90
C THR Y 23 57.71 36.97 -102.70
N LEU Y 24 57.56 38.30 -102.76
CA LEU Y 24 58.14 39.21 -101.80
C LEU Y 24 57.42 39.62 -100.52
N TYR Y 25 57.14 38.58 -99.74
CA TYR Y 25 56.17 38.74 -98.66
C TYR Y 25 56.65 38.93 -97.24
N THR Y 26 56.49 40.16 -96.73
CA THR Y 26 56.75 40.31 -95.31
C THR Y 26 55.49 40.03 -94.49
N ARG Y 27 55.73 39.77 -93.20
CA ARG Y 27 54.81 39.05 -92.36
C ARG Y 27 53.34 38.95 -92.77
N THR Y 28 52.66 40.08 -92.61
CA THR Y 28 51.29 40.29 -93.04
C THR Y 28 51.01 40.82 -94.44
N ARG Y 29 51.97 41.58 -94.97
CA ARG Y 29 51.85 42.28 -96.23
C ARG Y 29 52.58 41.62 -97.40
N THR Y 30 51.75 41.32 -98.39
CA THR Y 30 52.11 40.53 -99.55
C THR Y 30 53.26 40.91 -100.47
N GLU Y 31 53.50 42.22 -100.59
CA GLU Y 31 54.71 42.62 -101.27
C GLU Y 31 55.41 43.62 -100.37
N THR Y 32 56.74 43.55 -100.27
CA THR Y 32 57.64 44.54 -99.73
C THR Y 32 57.73 45.71 -100.71
N THR Y 33 56.59 46.41 -100.73
CA THR Y 33 56.36 47.61 -101.51
C THR Y 33 57.16 48.83 -101.08
N ASN Y 34 56.88 49.18 -99.81
CA ASN Y 34 57.75 49.97 -98.95
C ASN Y 34 58.81 49.00 -98.44
N PHE Y 35 59.91 49.63 -98.02
CA PHE Y 35 61.09 48.90 -97.60
C PHE Y 35 61.19 48.11 -96.31
N ASP Y 36 60.03 47.57 -95.96
CA ASP Y 36 59.85 46.69 -94.82
C ASP Y 36 60.09 45.21 -95.05
N HIS Y 37 61.41 44.97 -95.09
CA HIS Y 37 62.09 43.70 -95.09
C HIS Y 37 61.09 42.55 -95.02
N ALA Y 38 61.04 41.88 -96.18
CA ALA Y 38 60.32 40.63 -96.34
C ALA Y 38 60.67 39.48 -95.41
N GLU Y 39 59.75 38.54 -95.26
CA GLU Y 39 59.84 37.32 -94.48
C GLU Y 39 59.74 36.02 -95.25
N TYR Y 40 58.89 36.00 -96.29
CA TYR Y 40 58.66 34.84 -97.13
C TYR Y 40 58.64 35.00 -98.64
N VAL Y 41 59.86 34.90 -99.19
CA VAL Y 41 60.03 34.77 -100.62
C VAL Y 41 60.34 33.33 -100.97
N THR Y 42 59.36 32.60 -101.49
CA THR Y 42 59.29 31.19 -101.82
C THR Y 42 60.29 30.74 -102.88
N CYS Y 43 61.56 30.51 -102.53
CA CYS Y 43 62.47 30.08 -103.55
C CYS Y 43 62.47 28.57 -103.71
N GLY Y 44 61.41 28.12 -104.38
CA GLY Y 44 61.10 26.71 -104.41
C GLY Y 44 61.09 26.00 -103.06
N ARG Y 45 60.10 26.40 -102.27
CA ARG Y 45 60.12 26.16 -100.84
C ARG Y 45 61.04 26.95 -99.91
N TYR Y 46 62.21 27.43 -100.31
CA TYR Y 46 63.04 28.29 -99.50
C TYR Y 46 62.48 29.68 -99.27
N THR Y 47 61.72 29.91 -98.21
CA THR Y 47 61.31 31.21 -97.71
C THR Y 47 62.38 32.19 -97.27
N ILE Y 48 62.88 32.92 -98.28
CA ILE Y 48 63.72 34.09 -98.14
C ILE Y 48 63.19 35.28 -97.36
N CYS Y 49 64.10 35.72 -96.49
CA CYS Y 49 63.85 36.70 -95.45
C CYS Y 49 64.83 37.87 -95.55
N ALA Y 50 64.22 38.92 -96.11
CA ALA Y 50 64.88 40.19 -96.35
C ALA Y 50 65.39 40.98 -95.14
N PHE Y 51 64.62 40.74 -94.08
CA PHE Y 51 65.10 40.93 -92.72
C PHE Y 51 66.56 40.65 -92.36
N CYS Y 52 67.01 39.52 -92.92
CA CYS Y 52 68.40 39.15 -92.73
C CYS Y 52 69.13 38.86 -94.03
N LEU Y 53 68.52 39.21 -95.16
CA LEU Y 53 68.91 38.63 -96.42
C LEU Y 53 68.96 37.11 -96.61
N THR Y 54 69.18 36.48 -95.46
CA THR Y 54 69.05 35.06 -95.26
C THR Y 54 67.59 34.59 -95.33
N THR Y 55 67.13 33.61 -94.55
CA THR Y 55 65.82 32.99 -94.66
C THR Y 55 65.16 32.75 -93.31
N LEU Y 56 63.83 32.80 -93.38
CA LEU Y 56 62.85 32.75 -92.32
C LEU Y 56 62.87 33.85 -91.27
N ALA Y 57 63.97 33.79 -90.53
CA ALA Y 57 64.08 34.63 -89.35
C ALA Y 57 65.03 35.79 -89.62
N PRO Y 58 64.73 36.96 -89.06
CA PRO Y 58 65.63 38.09 -88.98
C PRO Y 58 66.94 37.91 -88.21
N HIS Y 59 67.98 38.64 -88.64
CA HIS Y 59 69.23 38.67 -87.91
C HIS Y 59 69.30 39.25 -86.50
N ALA Y 60 68.57 40.36 -86.41
CA ALA Y 60 68.32 40.93 -85.11
C ALA Y 60 66.96 41.57 -84.95
N ASN Y 61 66.71 42.09 -83.74
CA ASN Y 61 65.69 43.08 -83.46
C ASN Y 61 65.96 44.55 -83.72
N VAL Y 62 66.98 44.78 -84.56
CA VAL Y 62 67.47 46.09 -84.92
C VAL Y 62 66.89 46.40 -86.30
N LYS Y 63 65.62 46.82 -86.23
CA LYS Y 63 64.86 47.14 -87.42
C LYS Y 63 65.52 48.11 -88.40
N THR Y 64 66.48 48.91 -87.95
CA THR Y 64 67.36 49.63 -88.84
C THR Y 64 68.29 48.81 -89.72
N ILE Y 65 69.04 47.85 -89.17
CA ILE Y 65 69.87 46.96 -89.96
C ILE Y 65 69.14 45.93 -90.82
N GLN Y 66 68.03 45.52 -90.22
CA GLN Y 66 67.07 44.59 -90.76
C GLN Y 66 66.32 45.02 -92.02
N ASP Y 67 65.92 46.29 -91.95
CA ASP Y 67 65.61 47.07 -93.12
C ASP Y 67 66.75 47.37 -94.10
N SER Y 68 67.94 47.55 -93.51
CA SER Y 68 69.18 47.64 -94.25
C SER Y 68 69.48 46.41 -95.09
N HIS Y 69 69.30 45.20 -94.53
CA HIS Y 69 69.25 43.95 -95.26
C HIS Y 69 68.37 44.02 -96.51
N ALA Y 70 67.21 44.61 -96.25
CA ALA Y 70 66.22 44.98 -97.25
C ALA Y 70 66.70 45.96 -98.31
N CYS Y 71 66.96 47.20 -97.87
CA CYS Y 71 67.72 48.16 -98.64
C CYS Y 71 68.90 47.74 -99.51
N SER Y 72 69.66 46.76 -99.01
CA SER Y 72 70.68 46.07 -99.77
C SER Y 72 70.35 45.46 -101.12
N ARG Y 73 69.19 44.78 -101.06
CA ARG Y 73 68.47 44.40 -102.25
C ARG Y 73 67.50 45.42 -102.84
N GLN Y 74 67.78 46.71 -102.66
CA GLN Y 74 67.19 47.73 -103.52
C GLN Y 74 67.31 47.48 -105.03
N PRO Y 75 68.43 46.96 -105.53
CA PRO Y 75 68.49 46.45 -106.89
C PRO Y 75 67.52 45.36 -107.27
N ASN Y 76 67.25 44.44 -106.34
CA ASN Y 76 66.37 43.31 -106.53
C ASN Y 76 64.90 43.71 -106.54
N GLU Y 77 64.61 44.53 -105.52
CA GLU Y 77 63.29 45.11 -105.44
C GLU Y 77 62.81 45.88 -106.66
N ALA Y 78 63.63 46.88 -107.00
CA ALA Y 78 63.53 47.66 -108.22
C ALA Y 78 63.48 46.98 -109.58
N ILE Y 79 64.34 45.96 -109.71
CA ILE Y 79 64.23 45.14 -110.89
C ILE Y 79 62.94 44.35 -111.02
N ARG Y 80 62.58 43.76 -109.87
CA ARG Y 80 61.36 42.96 -109.81
C ARG Y 80 60.13 43.74 -110.23
N SER Y 81 60.02 44.87 -109.53
CA SER Y 81 58.87 45.72 -109.79
C SER Y 81 58.71 46.24 -111.21
N LEU Y 82 59.89 46.65 -111.67
CA LEU Y 82 60.16 47.27 -112.95
C LEU Y 82 59.82 46.34 -114.12
N VAL Y 83 60.26 45.09 -114.01
CA VAL Y 83 60.01 44.04 -114.97
C VAL Y 83 58.55 43.64 -115.00
N GLU Y 84 57.96 43.60 -113.80
CA GLU Y 84 56.52 43.48 -113.72
C GLU Y 84 55.83 44.53 -114.58
N VAL Y 85 56.05 45.78 -114.18
CA VAL Y 85 55.69 46.98 -114.91
C VAL Y 85 55.80 46.87 -116.42
N SER Y 86 57.00 46.74 -116.99
CA SER Y 86 57.26 46.69 -118.41
C SER Y 86 56.43 45.63 -119.13
N ASP Y 87 56.18 44.54 -118.40
CA ASP Y 87 55.51 43.33 -118.82
C ASP Y 87 54.06 43.21 -118.37
N LYS Y 88 53.50 44.41 -118.52
CA LYS Y 88 52.17 44.86 -118.15
C LYS Y 88 51.69 46.20 -118.66
N ALA Y 89 52.56 47.18 -118.47
CA ALA Y 89 52.38 48.51 -119.00
C ALA Y 89 53.58 49.42 -118.76
N GLN Y 90 54.00 50.06 -119.85
CA GLN Y 90 55.20 50.84 -119.98
C GLN Y 90 55.14 51.74 -121.21
N THR Y 91 56.22 52.52 -121.29
CA THR Y 91 56.44 53.65 -122.16
C THR Y 91 55.75 53.55 -123.51
N ALA Y 92 54.64 54.27 -123.69
CA ALA Y 92 53.86 53.99 -124.87
C ALA Y 92 54.42 54.02 -126.28
N LEU Y 93 53.95 53.16 -127.19
CA LEU Y 93 54.26 53.12 -128.60
C LEU Y 93 53.86 54.41 -129.30
N VAL Y 94 54.74 55.41 -129.15
CA VAL Y 94 54.70 56.69 -129.85
C VAL Y 94 55.41 56.54 -131.18
N GLY Y 95 54.54 56.34 -132.18
CA GLY Y 95 54.97 56.14 -133.55
C GLY Y 95 55.78 54.91 -133.95
N SER Y 96 55.80 54.44 -135.20
CA SER Y 96 56.55 53.23 -135.53
C SER Y 96 57.34 53.38 -136.82
N ARG Y 97 58.59 52.99 -136.56
CA ARG Y 97 59.76 53.29 -137.36
C ARG Y 97 59.91 53.14 -138.87
N THR Y 98 59.78 51.89 -139.33
CA THR Y 98 60.02 51.53 -140.72
C THR Y 98 58.94 51.79 -141.75
N VAL Y 99 58.34 52.95 -141.53
CA VAL Y 99 57.13 53.28 -142.25
C VAL Y 99 56.05 52.22 -142.30
N ASP Y 100 56.18 51.29 -143.25
CA ASP Y 100 55.27 50.20 -143.53
C ASP Y 100 55.73 49.11 -144.49
N TYR Y 101 56.43 48.09 -143.99
CA TYR Y 101 56.88 46.95 -144.76
C TYR Y 101 55.94 45.75 -144.74
N HIS Y 102 54.71 45.98 -144.27
CA HIS Y 102 53.69 44.96 -144.19
C HIS Y 102 52.31 45.36 -144.70
N GLU Y 103 51.51 44.33 -144.97
CA GLU Y 103 50.15 44.51 -145.45
C GLU Y 103 49.15 43.44 -145.07
N LEU Y 104 47.95 43.90 -144.72
CA LEU Y 104 46.71 43.18 -144.47
C LEU Y 104 45.57 43.29 -145.48
N ASP Y 105 45.64 42.36 -146.45
CA ASP Y 105 44.68 42.45 -147.53
C ASP Y 105 43.55 41.45 -147.35
N VAL Y 106 42.55 41.80 -146.54
CA VAL Y 106 41.50 40.85 -146.19
C VAL Y 106 40.41 40.45 -147.18
N LYS Y 107 40.93 40.23 -148.39
CA LYS Y 107 40.10 40.40 -149.57
C LYS Y 107 39.78 39.04 -150.18
N ALA Y 108 38.93 38.30 -149.47
CA ALA Y 108 38.58 36.91 -149.62
C ALA Y 108 39.66 35.90 -149.25
N GLY Y 109 40.70 35.89 -150.10
CA GLY Y 109 41.96 35.28 -149.77
C GLY Y 109 42.85 36.33 -149.14
N PHE Y 110 43.22 36.11 -147.89
CA PHE Y 110 43.95 37.09 -147.11
C PHE Y 110 45.41 37.20 -147.51
N VAL Y 111 45.62 38.21 -148.37
CA VAL Y 111 46.92 38.62 -148.82
C VAL Y 111 47.66 39.40 -147.72
N ALA Y 112 48.38 38.72 -146.82
CA ALA Y 112 49.11 39.36 -145.75
C ALA Y 112 50.61 39.14 -145.90
N PRO Y 113 51.23 40.07 -146.62
CA PRO Y 113 52.67 40.24 -146.67
C PRO Y 113 53.39 40.89 -145.49
N THR Y 114 54.47 40.15 -145.21
CA THR Y 114 55.60 40.49 -144.38
C THR Y 114 56.84 40.70 -145.23
N ALA Y 115 57.39 41.92 -145.22
CA ALA Y 115 58.57 42.24 -146.01
C ALA Y 115 59.72 42.83 -145.21
N ASP Y 116 60.87 42.17 -145.27
CA ASP Y 116 62.06 42.58 -144.57
C ASP Y 116 61.83 43.04 -143.14
N GLU Y 117 61.82 44.37 -142.99
CA GLU Y 117 61.91 45.08 -141.73
C GLU Y 117 60.63 45.85 -141.41
N THR Y 118 59.61 45.05 -141.10
CA THR Y 118 58.25 45.56 -141.06
C THR Y 118 57.83 46.92 -140.53
N ILE Y 119 57.14 46.84 -139.39
CA ILE Y 119 56.80 47.82 -138.38
C ILE Y 119 56.06 47.24 -137.18
N ALA Y 120 55.72 48.03 -136.15
CA ALA Y 120 55.08 47.58 -134.93
C ALA Y 120 53.81 48.30 -134.47
N PRO Y 121 52.64 47.86 -134.93
CA PRO Y 121 51.39 48.11 -134.24
C PRO Y 121 51.22 47.53 -132.84
N SER Y 122 51.72 46.30 -132.76
CA SER Y 122 51.64 45.57 -131.51
C SER Y 122 52.25 46.23 -130.28
N LYS Y 123 51.46 46.18 -129.20
CA LYS Y 123 51.92 46.56 -127.89
C LYS Y 123 52.11 45.46 -126.84
N ASP Y 124 51.24 44.45 -126.92
CA ASP Y 124 51.25 43.37 -125.95
C ASP Y 124 51.23 43.59 -124.45
N ILE Y 125 52.33 44.15 -123.93
CA ILE Y 125 52.42 44.37 -122.51
C ILE Y 125 52.14 43.32 -121.43
N VAL Y 126 50.84 43.30 -121.15
CA VAL Y 126 50.20 42.71 -119.98
C VAL Y 126 50.49 41.24 -119.74
N GLU Y 127 50.06 40.84 -118.54
CA GLU Y 127 49.96 39.45 -118.13
C GLU Y 127 51.28 38.70 -117.99
N LEU Y 128 52.33 39.39 -117.51
CA LEU Y 128 53.54 38.69 -117.13
C LEU Y 128 53.40 37.52 -116.15
N PRO Y 129 52.58 37.54 -115.10
CA PRO Y 129 52.22 36.37 -114.33
C PRO Y 129 51.45 35.32 -115.13
N PHE Y 130 52.29 34.53 -115.79
CA PHE Y 130 52.02 33.31 -116.52
C PHE Y 130 50.82 33.27 -117.46
N ARG Y 131 50.53 34.41 -118.08
CA ARG Y 131 49.47 34.46 -119.06
C ARG Y 131 49.82 35.13 -120.37
N THR Y 132 48.96 34.94 -121.37
CA THR Y 132 49.22 35.59 -122.64
C THR Y 132 48.90 37.09 -122.68
N CYS Y 133 49.98 37.83 -122.97
CA CYS Y 133 49.90 39.25 -122.68
C CYS Y 133 48.58 39.97 -122.89
N ASP Y 134 48.09 39.82 -124.12
CA ASP Y 134 46.77 40.34 -124.41
C ASP Y 134 45.73 39.23 -124.39
N LEU Y 135 45.09 39.11 -123.22
CA LEU Y 135 44.12 38.09 -122.90
C LEU Y 135 44.52 36.63 -123.00
N ASP Y 136 43.79 35.88 -123.84
CA ASP Y 136 44.28 34.66 -124.45
C ASP Y 136 44.56 34.73 -125.95
N ASP Y 137 44.95 35.95 -126.34
CA ASP Y 137 44.87 36.21 -127.76
C ASP Y 137 46.23 36.37 -128.44
N SER Y 138 47.23 36.84 -127.68
CA SER Y 138 48.63 36.81 -128.04
C SER Y 138 49.27 35.82 -129.00
N SER Y 139 48.80 34.64 -128.60
CA SER Y 139 49.09 33.43 -129.35
C SER Y 139 48.75 33.44 -130.84
N ALA Y 140 47.47 33.68 -131.11
CA ALA Y 140 46.82 33.76 -132.40
C ALA Y 140 47.21 35.02 -133.17
N THR Y 141 47.24 36.17 -132.49
CA THR Y 141 47.55 37.37 -133.23
C THR Y 141 49.00 37.48 -133.71
N ALA Y 142 49.90 36.98 -132.88
CA ALA Y 142 51.28 36.82 -133.34
C ALA Y 142 51.58 35.97 -134.56
N CYS Y 143 50.74 34.97 -134.83
CA CYS Y 143 50.68 34.21 -136.06
C CYS Y 143 50.75 35.05 -137.33
N VAL Y 144 49.74 35.92 -137.34
CA VAL Y 144 49.66 37.03 -138.27
C VAL Y 144 50.86 37.96 -138.14
N ARG Y 145 51.17 38.40 -136.92
CA ARG Y 145 52.20 39.39 -136.69
C ARG Y 145 53.64 38.93 -136.75
N ASN Y 146 53.90 37.82 -137.42
CA ASN Y 146 55.26 37.42 -137.73
C ASN Y 146 55.43 36.90 -139.14
N HIS Y 147 54.54 35.94 -139.42
CA HIS Y 147 54.60 35.28 -140.71
C HIS Y 147 53.82 35.98 -141.81
N CYS Y 148 52.59 36.29 -141.39
CA CYS Y 148 51.62 36.94 -142.25
C CYS Y 148 51.76 38.43 -142.55
N GLN Y 149 51.63 39.16 -141.45
CA GLN Y 149 51.72 40.60 -141.41
C GLN Y 149 52.35 41.16 -140.15
N ALA Y 150 53.65 40.86 -140.16
CA ALA Y 150 54.48 40.99 -138.99
C ALA Y 150 54.56 42.30 -138.20
N GLY Y 151 53.74 42.40 -137.16
CA GLY Y 151 53.61 43.66 -136.46
C GLY Y 151 54.53 44.00 -135.30
N HIS Y 152 55.78 43.60 -135.58
CA HIS Y 152 56.85 43.64 -134.61
C HIS Y 152 58.16 44.29 -135.01
N ASP Y 153 58.86 43.52 -135.86
CA ASP Y 153 60.14 43.81 -136.46
C ASP Y 153 60.27 45.17 -137.14
N GLY Y 154 61.49 45.52 -137.56
CA GLY Y 154 61.78 46.76 -138.26
C GLY Y 154 63.27 46.99 -138.44
N VAL Y 155 63.65 48.20 -138.04
CA VAL Y 155 65.01 48.65 -138.26
C VAL Y 155 66.09 47.74 -137.69
N ILE Y 156 66.34 47.81 -136.39
CA ILE Y 156 67.37 46.96 -135.82
C ILE Y 156 66.79 45.74 -135.12
N HIS Y 157 65.89 45.07 -135.84
CA HIS Y 157 64.88 44.22 -135.24
C HIS Y 157 64.46 42.84 -135.73
N LEU Y 158 64.49 41.87 -134.81
CA LEU Y 158 64.11 40.50 -135.14
C LEU Y 158 64.75 39.92 -136.38
N PRO Y 159 65.67 38.95 -136.23
CA PRO Y 159 66.45 38.40 -137.33
C PRO Y 159 65.71 37.15 -137.80
N ILE Y 160 64.56 37.42 -138.42
CA ILE Y 160 63.69 36.35 -138.88
C ILE Y 160 64.19 35.57 -140.09
N LEU Y 161 63.86 36.13 -141.25
CA LEU Y 161 63.99 35.48 -142.54
C LEU Y 161 65.37 35.24 -143.12
N SER Y 162 66.31 35.58 -142.22
CA SER Y 162 67.68 35.12 -142.03
C SER Y 162 68.07 34.62 -140.66
N GLY Y 163 67.87 33.34 -140.35
CA GLY Y 163 68.08 32.79 -139.03
C GLY Y 163 66.90 32.11 -138.35
N ASP Y 164 66.15 32.99 -137.68
CA ASP Y 164 64.95 32.62 -136.97
C ASP Y 164 63.62 32.78 -137.69
N PHE Y 165 63.62 32.17 -138.87
CA PHE Y 165 62.62 32.10 -139.91
C PHE Y 165 61.17 32.53 -139.70
N LYS Y 166 60.51 31.64 -138.96
CA LYS Y 166 59.09 31.81 -138.71
C LYS Y 166 58.95 31.75 -137.20
N LEU Y 167 58.63 32.89 -136.56
CA LEU Y 167 58.19 32.92 -135.18
C LEU Y 167 56.77 32.53 -134.81
N PRO Y 168 55.87 32.23 -135.73
CA PRO Y 168 54.91 31.17 -135.47
C PRO Y 168 55.35 29.78 -135.04
N ASN Y 169 56.57 29.45 -135.47
CA ASN Y 169 57.09 28.11 -135.25
C ASN Y 169 58.30 27.76 -134.41
N GLU Y 170 59.10 28.82 -134.46
CA GLU Y 170 60.35 28.96 -133.74
C GLU Y 170 60.37 29.79 -132.46
N HIS Y 171 60.92 29.22 -131.38
CA HIS Y 171 60.92 29.83 -130.07
C HIS Y 171 61.01 31.29 -129.67
N PRO Y 172 61.97 32.09 -130.15
CA PRO Y 172 62.32 33.32 -129.50
C PRO Y 172 61.34 34.49 -129.48
N THR Y 173 61.82 35.69 -129.18
CA THR Y 173 60.96 36.84 -128.95
C THR Y 173 61.14 37.95 -129.97
N LYS Y 174 60.09 38.74 -130.17
CA LYS Y 174 59.87 39.68 -131.25
C LYS Y 174 59.92 41.14 -130.83
N PRO Y 175 60.93 41.90 -131.28
CA PRO Y 175 61.09 43.31 -130.98
C PRO Y 175 60.13 44.25 -131.70
N LEU Y 176 59.78 45.24 -130.88
CA LEU Y 176 58.84 46.29 -131.23
C LEU Y 176 59.52 47.50 -131.86
N ASP Y 177 59.31 47.59 -133.17
CA ASP Y 177 59.65 48.69 -134.05
C ASP Y 177 58.85 49.88 -133.53
N ASP Y 178 59.52 50.74 -132.76
CA ASP Y 178 58.91 51.95 -132.22
C ASP Y 178 59.82 53.16 -132.17
N THR Y 179 59.33 54.26 -132.75
CA THR Y 179 60.01 55.54 -132.66
C THR Y 179 60.37 56.04 -131.27
N HIS Y 180 59.33 55.99 -130.44
CA HIS Y 180 59.59 56.10 -129.02
C HIS Y 180 60.64 55.21 -128.37
N PRO Y 181 61.52 55.88 -127.64
CA PRO Y 181 62.80 55.35 -127.20
C PRO Y 181 62.75 53.97 -126.56
N HIS Y 182 63.19 53.04 -127.42
CA HIS Y 182 63.35 51.67 -126.99
C HIS Y 182 62.26 50.92 -126.23
N ASP Y 183 60.99 51.22 -126.51
CA ASP Y 183 59.86 50.54 -125.92
C ASP Y 183 59.55 49.13 -126.41
N LYS Y 184 60.64 48.45 -126.77
CA LYS Y 184 60.76 47.09 -127.25
C LYS Y 184 60.29 45.91 -126.40
N VAL Y 185 58.98 45.67 -126.51
CA VAL Y 185 58.23 44.67 -125.78
C VAL Y 185 58.20 43.42 -126.64
N LEU Y 186 59.20 42.60 -126.35
CA LEU Y 186 59.46 41.39 -127.12
C LEU Y 186 58.53 40.19 -126.93
N THR Y 187 57.41 40.28 -127.65
CA THR Y 187 56.40 39.25 -127.70
C THR Y 187 56.90 37.85 -128.06
N ARG Y 188 56.64 36.86 -127.21
CA ARG Y 188 57.06 35.50 -127.41
C ARG Y 188 56.45 34.82 -128.63
N CYS Y 189 57.00 33.73 -129.16
CA CYS Y 189 56.42 32.93 -130.22
C CYS Y 189 55.09 32.24 -129.93
N PRO Y 190 54.20 32.18 -130.93
CA PRO Y 190 52.99 31.38 -130.83
C PRO Y 190 53.22 29.94 -130.39
N LYS Y 191 54.25 29.27 -130.89
CA LYS Y 191 54.58 27.95 -130.40
C LYS Y 191 55.01 27.66 -128.97
N THR Y 192 55.66 28.70 -128.45
CA THR Y 192 55.98 28.85 -127.04
C THR Y 192 54.73 28.64 -126.18
N GLY Y 193 53.53 28.76 -126.77
CA GLY Y 193 52.30 28.53 -126.06
C GLY Y 193 51.84 29.56 -125.04
N LEU Y 194 52.80 29.93 -124.19
CA LEU Y 194 52.56 31.04 -123.28
C LEU Y 194 53.32 32.29 -123.66
N LEU Y 195 52.55 33.25 -124.18
CA LEU Y 195 53.11 34.46 -124.75
C LEU Y 195 53.15 35.64 -123.79
N LEU Y 196 54.35 35.74 -123.20
CA LEU Y 196 54.79 36.84 -122.39
C LEU Y 196 55.59 37.81 -123.24
N VAL Y 197 55.73 38.96 -122.58
CA VAL Y 197 56.44 40.10 -123.13
C VAL Y 197 57.65 40.44 -122.29
N HIS Y 198 58.83 40.63 -122.88
CA HIS Y 198 60.05 41.14 -122.29
C HIS Y 198 60.62 42.39 -122.94
N ASP Y 199 60.24 43.51 -122.32
CA ASP Y 199 60.80 44.77 -122.77
C ASP Y 199 62.30 44.87 -122.58
N THR Y 200 63.03 44.81 -123.69
CA THR Y 200 64.45 45.15 -123.73
C THR Y 200 64.86 46.60 -123.63
N HIS Y 201 64.87 47.06 -122.37
CA HIS Y 201 65.33 48.34 -121.90
C HIS Y 201 66.63 48.91 -122.45
N ALA Y 202 67.48 47.98 -122.89
CA ALA Y 202 68.65 48.22 -123.72
C ALA Y 202 68.84 47.06 -124.68
N HIS Y 203 68.64 47.44 -125.94
CA HIS Y 203 68.26 46.55 -127.02
C HIS Y 203 69.38 46.12 -127.95
N ALA Y 204 69.91 44.95 -127.57
CA ALA Y 204 70.65 44.02 -128.38
C ALA Y 204 70.86 42.74 -127.59
N THR Y 205 71.63 42.79 -126.50
CA THR Y 205 71.92 41.60 -125.74
C THR Y 205 70.94 41.17 -124.66
N ALA Y 206 71.28 40.29 -123.71
CA ALA Y 206 70.45 39.87 -122.59
C ALA Y 206 70.37 40.88 -121.45
N VAL Y 207 71.29 41.84 -121.41
CA VAL Y 207 71.46 42.85 -120.38
C VAL Y 207 71.17 42.80 -118.89
N VAL Y 208 69.93 42.40 -118.58
CA VAL Y 208 69.56 42.16 -117.21
C VAL Y 208 70.35 41.13 -116.39
N ALA Y 209 70.81 40.12 -117.13
CA ALA Y 209 71.52 39.03 -116.51
C ALA Y 209 72.67 39.34 -115.58
N THR Y 210 73.56 40.26 -115.97
CA THR Y 210 74.61 40.69 -115.07
C THR Y 210 74.03 41.55 -113.95
N ALA Y 211 73.32 42.56 -114.45
CA ALA Y 211 72.69 43.50 -113.53
C ALA Y 211 71.94 42.93 -112.34
N ALA Y 212 71.13 41.92 -112.69
CA ALA Y 212 70.38 41.22 -111.68
C ALA Y 212 71.22 40.39 -110.73
N THR Y 213 71.98 39.43 -111.27
CA THR Y 213 72.91 38.65 -110.49
C THR Y 213 73.98 39.26 -109.59
N ARG Y 214 74.49 40.41 -110.05
CA ARG Y 214 75.25 41.37 -109.29
C ARG Y 214 74.67 41.83 -107.96
N ALA Y 215 73.34 41.93 -107.79
CA ALA Y 215 72.67 42.17 -106.54
C ALA Y 215 72.76 41.11 -105.45
N ILE Y 216 73.15 39.92 -105.87
CA ILE Y 216 73.54 38.87 -104.94
C ILE Y 216 74.83 39.24 -104.23
N LEU Y 217 75.68 40.12 -104.76
CA LEU Y 217 76.79 40.59 -103.96
C LEU Y 217 76.32 41.21 -102.65
N MET Y 218 75.42 42.17 -102.72
CA MET Y 218 74.72 42.72 -101.58
C MET Y 218 74.07 41.69 -100.67
N HIS Y 219 73.31 40.74 -101.21
CA HIS Y 219 72.95 39.51 -100.53
C HIS Y 219 74.07 38.86 -99.76
N ASP Y 220 75.05 38.26 -100.44
CA ASP Y 220 76.18 37.57 -99.86
C ASP Y 220 76.99 38.23 -98.75
N LEU Y 221 77.04 39.56 -98.81
CA LEU Y 221 77.76 40.33 -97.81
C LEU Y 221 77.03 40.35 -96.48
N LEU Y 222 75.76 40.75 -96.44
CA LEU Y 222 75.01 40.81 -95.20
C LEU Y 222 74.30 39.57 -94.68
N THR Y 223 74.24 38.60 -95.59
CA THR Y 223 74.06 37.24 -95.13
C THR Y 223 75.24 36.45 -94.58
N SER Y 224 76.23 36.26 -95.46
CA SER Y 224 77.40 35.49 -95.12
C SER Y 224 78.71 36.26 -95.03
N ALA Y 225 78.48 37.33 -94.26
CA ALA Y 225 79.54 38.26 -93.92
C ALA Y 225 80.31 39.07 -94.95
N ASN Y 226 80.84 38.40 -95.99
CA ASN Y 226 81.36 39.03 -97.18
C ASN Y 226 81.21 38.15 -98.42
N ALA Y 227 80.91 38.87 -99.49
CA ALA Y 227 80.69 38.29 -100.81
C ALA Y 227 81.94 37.66 -101.40
N ASP Y 228 82.02 36.35 -101.21
CA ASP Y 228 83.16 35.58 -101.68
C ASP Y 228 83.25 35.40 -103.18
N ASP Y 229 84.21 36.11 -103.80
CA ASP Y 229 84.43 36.33 -105.21
C ASP Y 229 83.25 36.86 -106.02
N GLY Y 230 82.16 36.09 -106.09
CA GLY Y 230 80.87 36.43 -106.65
C GLY Y 230 80.96 37.00 -108.05
N HIS Y 231 80.87 38.34 -108.11
CA HIS Y 231 81.02 39.06 -109.36
C HIS Y 231 82.24 38.76 -110.22
N GLN Y 232 83.38 38.45 -109.59
CA GLN Y 232 84.60 38.09 -110.27
C GLN Y 232 84.40 37.02 -111.34
N ALA Y 233 83.50 36.11 -110.96
CA ALA Y 233 82.83 35.07 -111.72
C ALA Y 233 81.53 35.42 -112.43
N ARG Y 234 80.63 36.12 -111.72
CA ARG Y 234 79.40 36.69 -112.24
C ARG Y 234 79.38 37.65 -113.42
N SER Y 235 80.49 38.36 -113.54
CA SER Y 235 80.77 39.36 -114.56
C SER Y 235 80.75 38.75 -115.94
N ALA Y 236 81.61 37.76 -116.20
CA ALA Y 236 81.45 36.91 -117.36
C ALA Y 236 80.20 36.07 -117.50
N CYS Y 237 79.97 35.29 -116.44
CA CYS Y 237 78.84 34.39 -116.31
C CYS Y 237 77.43 34.73 -116.79
N TYR Y 238 77.13 35.99 -116.48
CA TYR Y 238 75.85 36.53 -116.84
C TYR Y 238 75.75 37.64 -117.88
N GLY Y 239 75.02 37.34 -118.96
CA GLY Y 239 74.69 38.22 -120.06
C GLY Y 239 74.79 39.72 -119.85
N PRO Y 240 75.48 40.45 -120.73
CA PRO Y 240 76.13 41.71 -120.41
C PRO Y 240 75.25 42.91 -120.07
N ALA Y 241 75.46 43.51 -118.90
CA ALA Y 241 74.90 44.82 -118.60
C ALA Y 241 75.61 45.94 -119.36
N PHE Y 242 74.85 46.46 -120.32
CA PHE Y 242 75.11 47.70 -121.02
C PHE Y 242 73.96 48.70 -120.99
N ASN Y 243 74.45 49.89 -120.61
CA ASN Y 243 73.60 51.05 -120.35
C ASN Y 243 72.58 50.90 -119.23
N ASN Y 244 72.13 52.06 -118.74
CA ASN Y 244 71.04 52.27 -117.82
C ASN Y 244 69.90 51.34 -117.43
N LEU Y 245 69.53 50.59 -118.47
CA LEU Y 245 68.30 49.83 -118.46
C LEU Y 245 66.92 50.42 -118.21
N THR Y 246 66.87 51.58 -118.85
CA THR Y 246 65.63 52.30 -119.03
C THR Y 246 65.57 52.74 -120.49
N PHE Y 247 64.59 52.12 -121.14
CA PHE Y 247 64.31 52.25 -122.56
C PHE Y 247 65.22 53.15 -123.38
N ALA Y 248 66.39 52.58 -123.69
CA ALA Y 248 67.54 53.08 -124.40
C ALA Y 248 68.25 52.12 -125.34
N CYS Y 249 68.77 52.79 -126.38
CA CYS Y 249 69.54 52.14 -127.42
C CYS Y 249 70.06 50.72 -127.27
N HIS Y 250 71.20 50.58 -126.58
CA HIS Y 250 72.14 49.49 -126.70
C HIS Y 250 72.66 49.11 -128.08
N SER Y 251 71.83 49.16 -129.12
CA SER Y 251 72.25 49.06 -130.51
C SER Y 251 73.08 47.86 -130.94
N THR Y 252 74.30 48.05 -131.45
CA THR Y 252 75.31 47.02 -131.38
C THR Y 252 74.98 45.74 -132.14
N CYS Y 253 74.67 44.66 -131.42
CA CYS Y 253 74.22 43.39 -131.93
C CYS Y 253 72.89 43.35 -132.67
N ALA Y 254 71.85 43.90 -132.03
CA ALA Y 254 70.59 44.08 -132.70
C ALA Y 254 70.70 45.04 -133.89
N SER Y 255 71.67 45.95 -133.86
CA SER Y 255 72.03 46.81 -134.98
C SER Y 255 72.55 46.20 -136.27
N ASP Y 256 73.17 45.03 -136.10
CA ASP Y 256 73.81 44.30 -137.19
C ASP Y 256 72.99 43.08 -137.57
N MET Y 257 73.02 42.12 -136.64
CA MET Y 257 72.16 40.96 -136.78
C MET Y 257 70.69 41.09 -137.13
N ALA Y 258 69.88 41.57 -136.18
CA ALA Y 258 68.45 41.75 -136.32
C ALA Y 258 68.01 42.68 -137.44
N HIS Y 259 68.82 43.72 -137.66
CA HIS Y 259 68.53 44.73 -138.67
C HIS Y 259 68.55 44.01 -140.01
N PHE Y 260 69.68 43.40 -140.38
CA PHE Y 260 69.70 42.64 -141.62
C PHE Y 260 69.01 41.29 -141.78
N ASP Y 261 69.27 40.47 -140.76
CA ASP Y 261 68.66 39.16 -140.73
C ASP Y 261 67.16 39.08 -140.46
N CYS Y 262 66.59 40.29 -140.47
CA CYS Y 262 65.15 40.38 -140.48
C CYS Y 262 64.45 39.82 -141.72
N GLY Y 263 65.20 40.21 -142.76
CA GLY Y 263 64.88 39.87 -144.14
C GLY Y 263 66.03 38.98 -144.61
N GLN Y 264 67.14 39.66 -144.91
CA GLN Y 264 68.38 39.23 -145.53
C GLN Y 264 68.41 38.18 -146.63
N ILE Y 265 68.15 36.93 -146.26
CA ILE Y 265 67.96 35.89 -147.25
C ILE Y 265 66.60 35.97 -147.94
N VAL Y 266 65.67 35.16 -147.43
CA VAL Y 266 64.36 34.99 -148.03
C VAL Y 266 63.64 36.34 -148.12
N GLY Y 267 63.85 37.23 -147.16
CA GLY Y 267 63.33 38.58 -147.12
C GLY Y 267 61.84 38.75 -146.87
N LEU Y 268 61.13 37.75 -147.39
CA LEU Y 268 59.68 37.65 -147.45
C LEU Y 268 59.07 36.56 -146.59
N ASP Y 269 57.92 36.93 -146.01
CA ASP Y 269 57.02 36.01 -145.37
C ASP Y 269 55.57 36.28 -145.74
N LEU Y 270 54.81 35.32 -146.28
CA LEU Y 270 53.40 35.45 -146.59
C LEU Y 270 52.30 34.54 -146.10
N HIS Y 271 51.12 35.14 -145.96
CA HIS Y 271 49.86 34.46 -145.79
C HIS Y 271 48.83 34.96 -146.78
N VAL Y 272 48.19 33.98 -147.44
CA VAL Y 272 47.02 34.25 -148.25
C VAL Y 272 45.62 33.74 -147.96
N GLU Y 273 45.55 32.91 -146.92
CA GLU Y 273 44.33 32.28 -146.49
C GLU Y 273 43.46 33.02 -145.48
N PRO Y 274 42.15 33.03 -145.74
CA PRO Y 274 41.23 33.67 -144.81
C PRO Y 274 41.39 33.21 -143.36
N SER Y 275 42.02 34.06 -142.55
CA SER Y 275 42.37 33.86 -141.16
C SER Y 275 42.70 35.14 -140.42
N ASP Y 276 43.93 35.59 -140.71
CA ASP Y 276 44.49 36.88 -140.37
C ASP Y 276 43.55 38.00 -139.95
#